data_7RD1
#
_entry.id   7RD1
#
loop_
_entity.id
_entity.type
_entity.pdbx_description
1 polymer 'Pre-protein VI'
2 polymer 'Hexon protein'
3 polymer 'Penton protein'
4 polymer 'Hexon-interlacing protein'
5 polymer 'Pre-hexon-linking protein IIIa'
6 polymer 'Pre-hexon-linking protein VIII'
#
loop_
_entity_poly.entity_id
_entity_poly.type
_entity_poly.pdbx_seq_one_letter_code
_entity_poly.pdbx_strand_id
1 'polypeptide(L)'
;MEDINFSSLAPRHGTRPFMGTWSDIGTSQLNGGAFNWSSLWSGLKNFGSTLKTYGSKAWNSTTGQALRDKLKEQNFQQKV
VDGLASGINGVVDLANQAVQRQINSRLDPVPPAGSVEMPQVEEELPPLDKRGEKRPRPDAEETLLTHTDEPPPYEEAVKL
GLPTTRPIAPLATGVLKPESNKPATLDLPPPASRPSTVAKPLPPVAVARARPGGSARPHANWQSTLNSIVGLGVQSVKRR
RCY
;
0,U,1,V,2,W,3,X,4,Y,8,Z
2 'polypeptide(L)'
;MATPSMLPQWAYMHIAGQDASEYLSPGLVQFARATDTYFSLGNKFRNPTVAPTHDVTTDRSQRLTLRFVPVDREDNTYSY
KVRYTLAVGDNRVLDMASTYFDIRGVLDRGPSFKPYSGTAYNSLAPKGAPNSSQWEQKKAGNGDTMETHTFGVAPMGGEN
ITIDGLQIGTDATADQDKPIYADKTFQPEPQVGEENWQETESFYGGRALKKDTSMKPCYGSYARPTNVKGGQAKLKVGAD
GVPTKEFDIDLAFFDTPGGTVNGQDEYKADIVMYTENTYLETPDTHVVYKPGKDDASSEINLVQQSMPNRPNYIGFRDNF
IGLMYYNSTGNMGVLAGQASQLNAVVDLQDRNTELSYQLLLDSLGDRTRYFSMWNQAVDSYDPDVRIIENHGVEDELPNY
CFPLDGSGTNAAYQGVKVKNGNDGDVESEWENDDTVAARNQLCKGNIFAMEINLQANLWRSFLYSNVALYLPDSYKYTPA
NITLPTNTNTYDYMNGRVVPPSLVDAYINIGARWSLDPMDNVNPFNHHRNAGLRYRSMLLGNGRYVPFHIQVPQKFFAIK
SLLLLPGSYTYEWNFRKDVNMILQSSLGNDLRTDGASISFTSINLYATFFPMAHNTASTLEAMLRNDTNDQSFNDYLSAA
NMLYPIPANATNVPISIPSRNWAAFRGWSFTRLKTKETPSLGSGFDPYFVYSGSIPYLDGTFYLNHTFKKVSITFDSSVS
WPGNDRLLTPNEFEIKRTVDGEGYNVAQCNMTKDWFLVQMLAHYNIGYQGFYVPEGYKDRMYSFFRNFQPMSRQVVDEVN
YKDYQAVTLAYQHNNSGFVGYLAPTMRQGQPYPANYPYPLIGKSAVTSVTQKKFLCDRVMWRIPFSSNFMSMGALTDLGQ
NMLYANSAHALDMNFEVDPMDESTLLYVVFEVFDVVRVHQPHRGVIEAVYLRTPFSAGNATT
;
A,B,C,D,E,F,G,H,I,J,K,L
3 'polypeptide(L)'
;MMRRAYPEGPPPSYESVMQQAMAAAAAMQPPLEAPYVPPRYLAPTEGRNSIRYSELAPLYDTTRLYLVDNKSADIASLNY
QNDHSNFLTTVVQNNDFTPTEASTQTINFDERSRWGGQLKTIMHTNMPNVNEFMYSNKFKARVMVSRKTPNGVTVTDGSQ
DILEYEWVEFELPEGNFSVTMTIDLMNNAIIDNYLAVGRQNGVLESDIGVKFDTRNFRLGWDPVTELVMPGVYTNEAFHP
DIVLLPGCGVDFTESRLSNLLGIRKRQPFQEGFQIMYEDLEGGNIPALLDVDAYEKSKEESAAAATAAVATASTEVRGDN
FASPAAVAAAEAAETESKIVIQPVEKDSKDRSYNVLPDKINTAYRSWYLAYNYGDPEKGVRSWTLLTTSDVTCGVEQVYW
SLPDMMQDPVTFRSTRQVSNYPVVGAELLPVYSKSFFNEQAVYSQQLRAFTSLTHVFNRFPENQILVRPPAPTITTVSEN
VPALTDHGTLPLRSSIRGVQRVTVTDARRRTCPYVYKALGIVAPRVLSSRTF
;
M
4 'polypeptide(L)'
;MSGSGSFEGGVFSPYLTGRLPSWAGVRQNVMGSTVDGRPVQPANSSTLTYATLSSSSVDAAAAAAAASAASAVRGMAMGA
GYYGTLVANSSSTNNPASLNEEKLLLLMAQLEALTQRLGELTQQVAQLQEQTRAAVATVKSK
;
N,O,P,Q
5 'polypeptide(L)'
;MQQQPPPDPAMRAALQSQPSGINSSDDWTQAMQRIMALTTRNPEAFRQQPQANRLSAILEAVVPSRSNPTHEKVLAIVNA
LVENKAIRGDEAGLVYNALLERVARYNSTNVQTNLDRMVTDVREAVAQRERFHRESNLGSMVALNAFLSTQPANVPRGQE
DYTNFISALRLMVTEVPQSEVYQSGPDYFFQTSRQGLQTVNLSQAFKNLQGLWGVQAPVGDRATVSSLLTPNSRLLLLLV
APFTDSGSINRNSYLGYLINLYREAIGQAHVDEQTYQEITHVSRALGQDDPGNLEATLNFLLTNRSQKIPPQYTLSAEEE
RILRYVQQSVGLFLMQEGATPSAALDMTARNMEPSMYASNRPFINKLMDYLHRAAAMNSDYFTNAILNPHWLPPPGFYTG
EYDMPDPNDGFLWDDVDSSVFSPRPGANERPLWKKEGSDRRPSSALSGREGAAAAVPEAASPFPSLPFSLNSIRSSELGR
ITRPRLLGEEEYLNDSLLRPEREKNFPNNGIESLVDKMSRWKTYAQEHRDDPSQGATSRGSAARKRRWHDRQRGLMWDDE
DSADDSSVLDLGGSGNPFAHLRPRIGRMM
;
R
6 'polypeptide(L)'
;MSKEIPTPYMWSYQPQMGLAAGAAQDYSTRMNWLSAGPAMISRVNDIRAHRNQILLEQSALTATPRNHLNPRNWPAALVY
QEIPQPTTVLLPRDAQAEVQLTNSGVQLAGGATLCRHRPAQGIKRLVIRGRGTQLNDEVVSSSLGLRPDGVFQLAGSGRS
SFTPRQAVLTLESSSSQPRSGGIGTLQFVEEFTPSVYFNPFSGSPGHYPDEFIPNFDAISESVDGYD
;
S,T
#
# COMPACT_ATOMS: atom_id res chain seq x y z
N ASP A 3 29.25 67.82 -42.44
CA ASP A 3 28.41 68.40 -43.52
C ASP A 3 27.29 69.21 -42.92
N ILE A 4 26.95 70.35 -43.58
CA ILE A 4 25.84 71.24 -43.30
C ILE A 4 26.13 72.06 -42.08
N ASN A 5 26.11 73.41 -42.23
CA ASN A 5 26.37 74.36 -41.17
C ASN A 5 25.10 75.14 -41.02
N PHE A 6 24.63 75.32 -39.76
CA PHE A 6 23.50 76.14 -39.44
C PHE A 6 23.66 76.36 -37.94
N SER A 7 22.89 77.30 -37.34
CA SER A 7 23.12 77.66 -35.95
C SER A 7 21.82 78.06 -35.30
N SER A 8 21.83 78.00 -33.95
CA SER A 8 20.78 78.43 -33.09
C SER A 8 21.53 79.01 -31.93
N LEU A 9 21.17 80.25 -31.51
CA LEU A 9 21.85 80.95 -30.46
C LEU A 9 20.79 81.48 -29.54
N ASP B 3 7.30 -39.37 52.98
CA ASP B 3 8.76 -39.66 53.10
C ASP B 3 9.14 -39.53 54.55
N ILE B 4 10.27 -38.84 54.85
CA ILE B 4 10.71 -38.58 56.20
C ILE B 4 10.98 -37.09 56.23
N ASN B 5 10.22 -36.38 57.10
CA ASN B 5 10.24 -34.95 57.20
C ASN B 5 10.26 -34.63 58.66
N PHE B 6 11.22 -33.75 59.06
CA PHE B 6 11.38 -33.22 60.40
C PHE B 6 11.95 -34.22 61.38
N SER B 7 12.71 -33.77 62.38
CA SER B 7 13.27 -34.63 63.43
C SER B 7 12.27 -34.87 64.58
N SER B 8 12.70 -35.35 65.75
CA SER B 8 11.77 -35.51 66.89
C SER B 8 11.30 -34.15 67.43
N LEU B 9 10.01 -33.84 67.29
CA LEU B 9 9.43 -32.53 67.64
C LEU B 9 8.66 -32.57 68.97
N ALA B 10 9.18 -33.36 69.90
CA ALA B 10 8.60 -33.62 71.20
C ALA B 10 9.71 -33.42 72.19
N PRO B 11 9.58 -32.62 73.26
CA PRO B 11 10.55 -32.56 74.34
C PRO B 11 10.81 -33.90 74.95
N ARG B 12 12.08 -34.17 75.25
CA ARG B 12 12.51 -35.34 76.01
C ARG B 12 12.17 -35.10 77.48
N HIS B 13 11.32 -35.96 78.05
CA HIS B 13 10.72 -35.72 79.33
C HIS B 13 11.62 -36.30 80.37
N ASP C 3 47.71 15.34 -14.94
CA ASP C 3 47.68 14.11 -14.09
C ASP C 3 46.31 13.49 -14.11
N ILE C 4 46.17 12.36 -13.38
CA ILE C 4 44.94 11.62 -13.25
C ILE C 4 44.64 11.63 -11.77
N ASN C 5 45.63 11.19 -10.98
CA ASN C 5 45.58 11.06 -9.54
C ASN C 5 45.44 12.40 -8.89
N PHE C 6 44.78 12.44 -7.72
CA PHE C 6 44.74 13.55 -6.81
C PHE C 6 43.73 13.20 -5.76
N SER C 7 44.21 13.00 -4.51
CA SER C 7 43.40 12.62 -3.39
C SER C 7 44.06 13.28 -2.22
N SER C 8 43.24 13.81 -1.29
CA SER C 8 43.69 14.53 -0.13
C SER C 8 42.59 14.46 0.88
N LEU C 9 41.60 13.56 0.64
CA LEU C 9 40.55 13.22 1.56
C LEU C 9 40.83 11.77 1.85
N ALA C 10 41.21 11.48 3.07
CA ALA C 10 41.39 10.15 3.59
C ALA C 10 41.39 10.24 5.12
N PRO C 11 41.03 9.16 5.82
CA PRO C 11 41.08 9.14 7.28
C PRO C 11 42.42 9.57 7.82
N ARG C 12 42.45 10.60 8.66
CA ARG C 12 43.61 10.94 9.49
C ARG C 12 43.33 10.66 10.97
N HIS C 13 42.23 9.94 11.24
CA HIS C 13 41.78 9.55 12.56
C HIS C 13 42.84 8.82 13.35
N SER C 23 29.33 9.71 27.87
CA SER C 23 29.92 10.99 28.23
C SER C 23 31.30 11.18 27.61
N ASP C 24 31.48 10.74 26.37
CA ASP C 24 32.78 10.49 25.71
C ASP C 24 33.47 11.77 25.14
N ILE C 25 33.32 12.88 25.85
CA ILE C 25 33.52 14.27 25.38
C ILE C 25 34.23 15.08 26.47
N GLY C 26 34.99 16.08 26.05
CA GLY C 26 35.59 17.11 26.90
C GLY C 26 34.59 18.21 27.29
N THR C 27 34.71 19.38 26.67
CA THR C 27 33.95 20.60 26.99
C THR C 27 33.16 21.12 25.78
N SER C 28 31.91 21.51 26.01
CA SER C 28 31.00 22.16 25.05
C SER C 28 29.92 22.98 25.75
N ASP D 3 -7.97 -54.22 82.53
CA ASP D 3 -6.54 -54.07 82.92
C ASP D 3 -5.88 -55.41 83.19
N ILE D 4 -4.60 -55.40 83.64
CA ILE D 4 -3.87 -56.60 83.94
C ILE D 4 -2.78 -56.17 84.89
N ASN D 5 -2.20 -57.11 85.68
CA ASN D 5 -1.13 -56.82 86.62
C ASN D 5 -0.01 -57.81 86.45
N PHE D 6 0.98 -57.68 87.36
CA PHE D 6 2.15 -58.49 87.59
C PHE D 6 3.32 -57.70 87.08
N SER D 7 3.98 -56.98 88.02
CA SER D 7 5.09 -56.13 87.76
C SER D 7 6.23 -56.65 88.59
N SER D 8 7.46 -56.55 88.05
CA SER D 8 8.67 -57.02 88.65
C SER D 8 9.69 -56.04 88.16
N LEU D 9 10.80 -55.87 88.90
CA LEU D 9 11.75 -54.84 88.58
C LEU D 9 13.09 -55.34 88.96
N ALA D 10 14.07 -55.06 88.06
CA ALA D 10 15.45 -55.38 88.23
C ALA D 10 16.10 -54.10 88.69
N PRO D 11 17.14 -54.13 89.52
CA PRO D 11 18.03 -53.03 89.85
C PRO D 11 18.45 -52.07 88.73
N PHE D 18 33.73 -48.03 81.43
CA PHE D 18 33.96 -49.32 82.08
C PHE D 18 33.71 -50.50 81.14
N MET D 19 34.60 -51.50 81.19
CA MET D 19 34.63 -52.68 80.32
C MET D 19 35.04 -53.93 81.12
N GLY D 20 34.67 -55.13 80.66
CA GLY D 20 34.76 -56.32 81.51
C GLY D 20 33.44 -56.56 82.23
N THR D 21 32.90 -57.77 82.13
CA THR D 21 31.46 -58.02 82.32
C THR D 21 30.97 -58.02 83.77
N TRP D 22 31.86 -57.91 84.76
CA TRP D 22 31.53 -57.87 86.19
C TRP D 22 32.59 -57.13 87.02
N SER D 23 32.19 -56.56 88.16
CA SER D 23 32.99 -56.29 89.38
C SER D 23 32.07 -55.75 90.49
N ASP D 24 32.09 -56.32 91.71
CA ASP D 24 31.20 -55.89 92.80
C ASP D 24 31.72 -56.12 94.24
N ILE D 25 31.14 -55.36 95.20
CA ILE D 25 31.36 -55.46 96.65
C ILE D 25 30.03 -55.74 97.39
N GLY D 26 29.15 -56.56 96.80
CA GLY D 26 27.86 -56.98 97.36
C GLY D 26 27.99 -58.10 98.38
N THR D 27 27.84 -57.77 99.67
CA THR D 27 27.85 -58.70 100.82
C THR D 27 26.86 -58.22 101.89
N SER D 28 26.51 -59.11 102.82
CA SER D 28 25.79 -58.76 104.07
C SER D 28 26.47 -57.68 104.89
N ASP E 3 52.13 -8.44 3.15
CA ASP E 3 53.20 -7.66 3.84
C ASP E 3 54.32 -7.42 2.87
N ILE E 4 54.80 -8.51 2.22
CA ILE E 4 55.85 -8.53 1.24
C ILE E 4 57.14 -8.59 2.01
N ASN E 5 57.33 -9.75 2.70
CA ASN E 5 58.45 -10.03 3.54
C ASN E 5 58.66 -11.49 3.32
N PHE E 6 59.89 -11.99 3.36
CA PHE E 6 60.16 -13.42 3.18
C PHE E 6 61.31 -13.85 4.10
N SER E 7 61.45 -13.13 5.21
CA SER E 7 62.59 -13.16 6.11
C SER E 7 62.11 -12.78 7.51
N SER E 8 62.24 -13.68 8.47
CA SER E 8 61.87 -13.42 9.85
C SER E 8 62.72 -12.29 10.43
N LEU E 9 62.22 -11.69 11.51
CA LEU E 9 63.10 -10.98 12.44
C LEU E 9 63.76 -11.98 13.41
N ALA E 10 64.85 -11.54 14.02
CA ALA E 10 65.29 -12.00 15.31
C ALA E 10 64.79 -10.99 16.29
N PRO E 11 64.49 -11.36 17.54
CA PRO E 11 64.09 -10.40 18.56
C PRO E 11 65.29 -9.61 19.02
N ARG E 12 66.49 -10.25 19.01
CA ARG E 12 67.78 -9.71 19.34
C ARG E 12 67.99 -9.76 20.84
N HIS E 13 67.16 -10.55 21.56
CA HIS E 13 67.29 -10.71 22.99
C HIS E 13 66.77 -12.07 23.33
N GLY E 14 67.45 -12.75 24.28
CA GLY E 14 67.13 -14.08 24.77
C GLY E 14 65.92 -14.03 25.64
N THR E 15 65.43 -15.23 26.03
CA THR E 15 64.22 -15.35 26.82
C THR E 15 64.56 -15.02 28.25
N ARG E 16 63.60 -14.35 28.92
CA ARG E 16 63.61 -13.80 30.29
C ARG E 16 64.69 -12.70 30.55
N PRO E 17 64.29 -11.42 30.64
CA PRO E 17 65.08 -10.37 31.27
C PRO E 17 65.36 -10.65 32.74
N PHE E 18 64.41 -11.20 33.48
CA PHE E 18 64.41 -11.18 34.95
C PHE E 18 65.25 -12.32 35.54
N MET E 19 66.09 -12.00 36.51
CA MET E 19 67.15 -12.89 37.00
C MET E 19 66.99 -13.22 38.48
N GLY E 20 67.41 -14.43 38.84
CA GLY E 20 67.38 -14.98 40.19
C GLY E 20 68.77 -15.16 40.78
N THR E 21 68.88 -15.11 42.11
CA THR E 21 70.13 -15.29 42.84
C THR E 21 70.59 -16.74 42.85
N TRP E 22 71.89 -16.97 42.82
CA TRP E 22 72.47 -18.26 43.17
C TRP E 22 72.18 -18.56 44.65
N SER E 23 71.89 -19.81 44.98
CA SER E 23 71.42 -20.23 46.29
C SER E 23 72.55 -20.36 47.32
N ASP F 3 30.74 -66.79 70.54
CA ASP F 3 30.13 -65.56 69.97
C ASP F 3 31.04 -64.95 68.91
N ILE F 4 30.85 -65.26 67.62
CA ILE F 4 31.61 -64.66 66.50
C ILE F 4 31.08 -63.23 66.28
N ASN F 5 31.89 -62.20 66.52
CA ASN F 5 31.37 -60.85 66.78
C ASN F 5 32.41 -59.72 66.62
N PHE F 6 31.93 -58.47 66.63
CA PHE F 6 32.70 -57.21 66.61
C PHE F 6 32.42 -56.35 67.86
N SER F 7 33.19 -55.28 68.11
CA SER F 7 32.84 -54.18 69.03
C SER F 7 33.53 -52.86 68.65
N SER F 8 32.86 -51.73 68.88
CA SER F 8 33.17 -50.40 68.31
C SER F 8 33.14 -49.29 69.37
N LEU F 9 33.64 -48.08 69.10
CA LEU F 9 33.48 -46.92 69.99
C LEU F 9 32.00 -46.57 70.21
N ALA F 10 31.49 -46.82 71.41
CA ALA F 10 30.09 -46.75 71.80
C ALA F 10 29.79 -46.21 73.22
N PRO F 11 30.73 -46.22 74.21
CA PRO F 11 30.50 -45.57 75.50
C PRO F 11 30.37 -44.04 75.49
N ARG F 12 30.38 -43.42 74.30
CA ARG F 12 30.14 -41.98 74.07
C ARG F 12 29.08 -41.79 72.97
N HIS F 13 28.27 -40.75 73.08
CA HIS F 13 26.97 -40.64 72.42
C HIS F 13 26.80 -39.33 71.66
N GLY F 14 25.82 -39.23 70.75
CA GLY F 14 25.46 -37.96 70.12
C GLY F 14 24.86 -37.00 71.15
N THR F 15 25.64 -35.99 71.55
CA THR F 15 25.34 -35.05 72.65
C THR F 15 24.56 -33.80 72.22
N ARG F 16 24.11 -33.72 70.96
CA ARG F 16 23.60 -32.50 70.31
C ARG F 16 22.41 -31.81 71.00
N PRO F 17 22.32 -30.47 70.98
CA PRO F 17 21.15 -29.73 71.47
C PRO F 17 20.00 -29.58 70.44
N PHE F 18 18.78 -29.30 70.89
CA PHE F 18 17.66 -28.83 70.04
C PHE F 18 17.77 -27.33 69.72
N MET F 19 18.94 -27.00 69.17
CA MET F 19 19.34 -25.74 68.54
C MET F 19 20.64 -25.91 67.71
N GLY F 20 20.99 -27.14 67.32
CA GLY F 20 22.20 -27.43 66.54
C GLY F 20 22.50 -28.93 66.45
N THR F 21 22.54 -29.53 65.25
CA THR F 21 22.76 -30.99 65.12
C THR F 21 24.21 -31.45 65.24
N TRP F 22 25.08 -30.62 65.80
CA TRP F 22 26.53 -30.80 65.85
C TRP F 22 27.05 -30.24 67.16
N SER F 23 27.67 -31.08 67.98
CA SER F 23 28.05 -30.78 69.38
C SER F 23 29.34 -29.95 69.58
N ASP F 24 29.82 -29.26 68.54
CA ASP F 24 31.07 -28.48 68.50
C ASP F 24 32.37 -29.28 68.72
N ILE F 25 33.50 -28.69 68.33
CA ILE F 25 34.87 -29.17 68.60
C ILE F 25 35.81 -27.96 68.65
N GLY F 26 36.65 -27.87 69.69
CA GLY F 26 37.55 -26.73 69.94
C GLY F 26 38.62 -26.51 68.88
N ASP G 3 66.01 -17.18 6.20
CA ASP G 3 65.86 -18.09 5.03
C ASP G 3 66.99 -17.87 4.03
N ILE G 4 66.80 -17.09 2.99
CA ILE G 4 67.86 -16.59 2.10
C ILE G 4 67.98 -15.08 2.37
N ASN G 5 69.16 -14.62 2.79
CA ASN G 5 69.22 -13.43 3.63
C ASN G 5 69.07 -12.11 2.87
N PHE G 6 68.18 -11.25 3.38
CA PHE G 6 68.22 -9.80 3.20
C PHE G 6 67.80 -9.11 4.50
N SER G 7 68.49 -8.04 4.90
CA SER G 7 68.10 -7.18 6.03
C SER G 7 68.85 -5.85 5.95
N SER G 8 68.15 -4.71 5.87
CA SER G 8 68.72 -3.41 5.42
C SER G 8 68.12 -2.17 6.10
N LEU G 9 68.79 -1.00 6.02
CA LEU G 9 68.37 0.29 6.63
C LEU G 9 66.95 0.76 6.26
N ALA G 10 66.45 1.78 6.95
CA ALA G 10 65.08 2.31 6.92
C ALA G 10 64.04 1.34 7.52
N PRO G 11 64.09 1.07 8.84
CA PRO G 11 63.25 0.06 9.48
C PRO G 11 61.79 0.50 9.68
N ARG G 12 61.56 1.81 9.74
CA ARG G 12 60.25 2.47 9.94
C ARG G 12 60.06 3.63 8.97
N HIS G 13 58.93 4.30 9.07
CA HIS G 13 58.63 5.57 8.41
C HIS G 13 59.78 6.61 8.47
N GLY G 14 60.13 7.20 7.32
CA GLY G 14 61.04 8.34 7.22
C GLY G 14 60.33 9.67 7.49
N THR G 15 60.52 10.24 8.67
CA THR G 15 59.82 11.45 9.10
C THR G 15 59.90 12.63 8.13
N ARG G 16 58.75 13.25 7.90
CA ARG G 16 58.50 14.42 7.04
C ARG G 16 57.16 15.06 7.43
N PRO G 17 57.11 16.33 7.86
CA PRO G 17 55.91 16.89 8.49
C PRO G 17 54.81 17.05 7.43
N PHE G 18 53.87 16.09 7.31
CA PHE G 18 53.15 15.74 6.06
C PHE G 18 52.32 16.79 5.34
N MET G 19 52.08 17.93 5.93
CA MET G 19 51.81 19.13 5.12
C MET G 19 52.93 19.38 4.06
N GLY G 20 54.16 18.85 4.23
CA GLY G 20 55.29 18.88 3.30
C GLY G 20 56.09 17.56 3.25
N THR G 21 57.11 17.45 2.40
CA THR G 21 57.82 16.17 2.12
C THR G 21 59.34 16.25 2.25
N TRP G 22 59.83 16.68 3.40
CA TRP G 22 61.23 17.05 3.62
C TRP G 22 61.58 17.00 5.12
N SER G 23 62.79 17.39 5.49
CA SER G 23 63.18 17.80 6.86
C SER G 23 64.41 18.67 6.71
N ASP G 24 65.61 18.08 6.66
CA ASP G 24 66.87 18.73 6.26
C ASP G 24 67.93 17.67 5.92
N ILE G 25 69.03 18.12 5.36
CA ILE G 25 70.26 17.34 5.09
C ILE G 25 71.07 17.03 6.37
N GLY G 26 70.55 17.37 7.55
CA GLY G 26 71.32 17.60 8.78
C GLY G 26 71.66 19.09 9.00
N THR G 27 72.63 19.36 9.85
CA THR G 27 73.07 20.73 10.20
C THR G 27 74.60 20.81 10.36
N SER G 28 75.18 21.93 9.91
CA SER G 28 76.63 22.22 9.93
C SER G 28 76.85 23.72 9.70
N ASP H 3 -22.02 4.96 51.64
CA ASP H 3 -23.12 5.05 52.63
C ASP H 3 -23.93 3.78 52.56
N ILE H 4 -25.16 3.86 52.01
CA ILE H 4 -26.11 2.77 51.91
C ILE H 4 -25.61 1.66 51.00
N ASN H 5 -24.86 2.04 49.94
CA ASN H 5 -24.11 1.13 49.11
C ASN H 5 -22.82 1.87 48.92
N PHE H 6 -21.69 1.15 49.03
CA PHE H 6 -20.35 1.71 49.00
C PHE H 6 -19.99 2.47 47.76
N SER H 7 -19.08 3.46 47.92
CA SER H 7 -18.61 4.27 46.83
C SER H 7 -17.50 5.16 47.33
N SER H 8 -17.12 5.05 48.62
CA SER H 8 -16.11 5.90 49.22
C SER H 8 -14.73 5.49 48.77
N LEU H 9 -14.09 6.37 47.98
CA LEU H 9 -12.85 6.13 47.30
C LEU H 9 -12.23 7.50 47.17
N ALA H 10 -11.06 7.61 46.48
CA ALA H 10 -10.51 8.83 45.95
C ALA H 10 -9.51 9.45 46.90
N PRO H 11 -8.21 9.34 46.66
CA PRO H 11 -7.20 10.23 47.19
C PRO H 11 -6.82 11.25 46.15
N ARG H 12 -7.78 12.04 45.62
CA ARG H 12 -7.48 12.97 44.56
C ARG H 12 -8.20 14.26 44.79
N HIS H 13 -7.63 15.34 44.23
CA HIS H 13 -8.16 16.68 44.28
C HIS H 13 -8.13 17.20 42.88
N GLY H 14 -6.93 17.12 42.26
CA GLY H 14 -6.63 17.69 40.97
C GLY H 14 -6.07 19.06 41.20
N THR H 15 -5.13 19.49 40.33
CA THR H 15 -4.56 20.81 40.42
C THR H 15 -4.01 21.13 39.07
N ARG H 16 -3.87 22.44 38.79
CA ARG H 16 -3.27 22.95 37.59
C ARG H 16 -2.47 24.13 38.07
N PRO H 17 -1.14 24.14 38.04
CA PRO H 17 -0.31 25.31 38.25
C PRO H 17 -0.67 26.54 37.47
N PHE H 18 -0.38 27.71 38.02
CA PHE H 18 -0.69 28.98 37.36
C PHE H 18 0.20 29.22 36.12
N MET H 19 -0.02 30.37 35.48
CA MET H 19 0.54 30.84 34.25
C MET H 19 -0.32 30.26 33.18
N GLY H 20 -1.62 30.66 33.22
CA GLY H 20 -2.69 29.99 32.54
C GLY H 20 -3.20 29.02 33.53
N THR H 21 -3.97 28.04 33.08
CA THR H 21 -4.08 26.79 33.81
C THR H 21 -3.22 25.83 33.02
N TRP H 22 -2.22 25.27 33.69
CA TRP H 22 -1.21 24.49 33.04
C TRP H 22 -1.31 23.22 33.83
N SER H 23 -1.83 22.12 33.22
CA SER H 23 -2.02 20.86 33.91
C SER H 23 -0.72 20.13 34.08
N ASP H 24 -0.65 19.26 35.11
CA ASP H 24 0.53 18.57 35.57
C ASP H 24 1.48 19.51 36.28
N ILE H 25 1.79 19.22 37.57
CA ILE H 25 2.89 19.83 38.28
C ILE H 25 4.02 18.82 38.31
N GLY H 26 3.70 17.54 38.01
CA GLY H 26 4.63 16.44 37.91
C GLY H 26 5.21 16.05 39.23
N THR H 27 4.40 16.11 40.30
CA THR H 27 4.79 15.86 41.67
C THR H 27 5.54 17.07 42.16
N SER H 28 5.45 17.37 43.47
CA SER H 28 6.24 18.39 44.11
C SER H 28 7.17 17.63 45.05
N ASP I 3 12.26 57.72 -25.98
CA ASP I 3 11.85 58.60 -24.86
C ASP I 3 11.62 57.76 -23.58
N ILE I 4 11.10 58.36 -22.51
CA ILE I 4 10.74 57.67 -21.25
C ILE I 4 9.73 56.53 -21.50
N ASN I 5 9.87 55.46 -20.74
CA ASN I 5 8.90 54.38 -20.67
C ASN I 5 8.91 53.76 -19.25
N PHE I 6 8.25 52.62 -19.04
CA PHE I 6 7.99 52.02 -17.72
C PHE I 6 9.20 51.37 -17.02
N SER I 7 8.99 51.00 -15.76
CA SER I 7 9.98 50.36 -14.85
C SER I 7 11.28 51.18 -14.66
N SER I 8 11.19 52.49 -14.85
CA SER I 8 12.31 53.45 -14.87
C SER I 8 11.99 54.78 -14.15
N LEU I 9 10.90 54.79 -13.38
CA LEU I 9 10.31 55.99 -12.75
C LEU I 9 10.82 56.16 -11.31
N ALA I 10 12.14 56.23 -11.15
CA ALA I 10 12.82 56.02 -9.87
C ALA I 10 13.01 57.32 -9.07
N PRO I 11 12.50 57.42 -7.83
CA PRO I 11 12.75 58.57 -6.97
C PRO I 11 14.01 58.42 -6.11
N ARG I 12 14.46 57.17 -5.86
CA ARG I 12 15.45 56.73 -4.83
C ARG I 12 15.13 57.14 -3.38
N HIS I 13 14.94 58.44 -3.12
CA HIS I 13 14.77 59.05 -1.80
C HIS I 13 13.41 58.71 -1.18
N GLY I 14 13.39 58.59 0.16
CA GLY I 14 12.21 58.31 0.97
C GLY I 14 11.26 59.50 1.07
N THR I 15 10.93 59.90 2.30
CA THR I 15 9.90 60.92 2.57
C THR I 15 10.07 61.68 3.90
N ARG I 16 10.18 60.99 5.05
CA ARG I 16 9.89 61.59 6.38
C ARG I 16 10.98 61.55 7.45
N PRO I 17 11.64 60.42 7.79
CA PRO I 17 12.54 60.39 8.95
C PRO I 17 13.85 61.19 8.78
N PHE I 18 14.19 61.63 7.56
CA PHE I 18 15.28 62.58 7.33
C PHE I 18 14.98 63.97 7.92
N MET I 19 13.71 64.38 7.91
CA MET I 19 13.22 65.64 8.42
C MET I 19 13.09 65.50 9.94
N GLY I 20 14.03 66.06 10.69
CA GLY I 20 14.34 65.68 12.07
C GLY I 20 13.14 65.55 13.02
N THR I 21 13.08 64.42 13.70
CA THR I 21 12.09 64.09 14.72
C THR I 21 12.78 63.43 15.90
N TRP I 22 12.44 63.80 17.14
CA TRP I 22 12.99 63.15 18.32
C TRP I 22 11.97 62.88 19.42
N SER I 23 12.09 61.73 20.05
CA SER I 23 11.06 61.05 20.83
C SER I 23 10.73 61.70 22.19
N ASP I 24 9.52 61.46 22.69
CA ASP I 24 9.12 61.71 24.07
C ASP I 24 9.52 60.57 25.03
N ASP J 3 -10.74 20.76 24.06
CA ASP J 3 -12.05 20.90 23.40
C ASP J 3 -11.93 21.79 22.15
N ILE J 4 -13.03 22.05 21.47
CA ILE J 4 -13.19 23.24 20.63
C ILE J 4 -13.09 24.52 21.52
N ASN J 5 -12.62 25.65 20.97
CA ASN J 5 -11.92 26.65 21.78
C ASN J 5 -12.81 27.50 22.73
N PHE J 6 -12.58 27.41 24.04
CA PHE J 6 -13.45 28.05 25.04
C PHE J 6 -12.76 28.56 26.32
N SER J 7 -11.43 28.49 26.46
CA SER J 7 -10.74 28.98 27.68
C SER J 7 -10.83 30.49 27.90
N SER J 8 -11.46 31.20 26.97
CA SER J 8 -11.84 32.61 26.95
C SER J 8 -12.81 32.96 28.09
N LEU J 9 -12.26 32.96 29.31
CA LEU J 9 -12.96 33.01 30.59
C LEU J 9 -12.53 34.27 31.40
N ALA J 10 -13.20 34.48 32.53
CA ALA J 10 -13.05 35.62 33.43
C ALA J 10 -11.66 35.71 34.10
N PRO J 11 -11.34 36.81 34.80
CA PRO J 11 -10.38 36.73 35.88
C PRO J 11 -10.79 35.62 36.83
N ARG J 12 -9.82 34.85 37.34
CA ARG J 12 -10.04 33.76 38.31
C ARG J 12 -9.87 34.28 39.73
N HIS J 13 -10.63 35.34 39.97
CA HIS J 13 -10.96 35.88 41.27
C HIS J 13 -11.80 34.91 42.12
N GLY J 14 -12.12 35.32 43.32
CA GLY J 14 -13.31 34.89 44.05
C GLY J 14 -14.16 36.10 44.44
N THR J 15 -15.41 35.89 44.87
CA THR J 15 -16.27 36.99 45.32
C THR J 15 -15.68 37.72 46.52
N ARG J 16 -15.96 39.03 46.62
CA ARG J 16 -15.44 39.93 47.64
C ARG J 16 -16.07 39.63 49.04
N PRO J 17 -15.32 39.72 50.16
CA PRO J 17 -15.86 39.45 51.50
C PRO J 17 -16.80 40.55 52.03
N PHE J 18 -17.85 40.18 52.76
CA PHE J 18 -18.88 41.09 53.29
C PHE J 18 -19.47 40.63 54.63
N MET J 19 -20.18 41.55 55.29
CA MET J 19 -20.99 41.32 56.48
C MET J 19 -22.46 41.63 56.14
N GLY J 20 -23.36 40.65 56.22
CA GLY J 20 -24.73 40.80 55.70
C GLY J 20 -24.86 40.45 54.20
N THR J 21 -24.14 39.41 53.76
CA THR J 21 -24.17 38.79 52.43
C THR J 21 -23.78 39.62 51.20
N TRP J 22 -24.14 40.91 51.05
CA TRP J 22 -23.76 41.70 49.86
C TRP J 22 -23.49 43.19 50.13
N SER J 23 -22.78 43.84 49.21
CA SER J 23 -22.43 45.27 49.09
C SER J 23 -21.67 45.56 47.77
N ASP J 24 -21.13 46.76 47.56
CA ASP J 24 -20.16 47.06 46.49
C ASP J 24 -18.97 47.90 47.01
N ILE J 25 -17.75 47.48 46.68
CA ILE J 25 -16.48 48.08 47.09
C ILE J 25 -15.66 48.67 45.92
N GLY J 26 -16.04 48.40 44.67
CA GLY J 26 -15.33 48.85 43.47
C GLY J 26 -13.85 48.46 43.44
N THR J 27 -12.99 49.39 43.10
CA THR J 27 -11.53 49.24 42.97
C THR J 27 -10.76 49.07 44.30
N SER J 28 -11.42 49.00 45.47
CA SER J 28 -10.79 49.00 46.80
C SER J 28 -9.91 47.78 47.08
N ILE K 4 8.65 46.10 -17.66
CA ILE K 4 9.71 45.71 -18.65
C ILE K 4 10.92 46.66 -18.59
N ASN K 5 12.17 46.18 -18.68
CA ASN K 5 13.33 46.86 -18.10
C ASN K 5 14.21 47.67 -19.08
N PHE K 6 14.42 48.97 -18.86
CA PHE K 6 15.03 49.87 -19.84
C PHE K 6 16.13 50.79 -19.27
N SER K 7 16.68 50.47 -18.11
CA SER K 7 17.62 51.31 -17.34
C SER K 7 19.14 51.11 -17.64
N SER K 8 19.65 51.40 -18.86
CA SER K 8 21.03 51.22 -19.19
C SER K 8 21.54 52.58 -19.50
N LEU K 9 22.43 53.13 -18.64
CA LEU K 9 22.84 54.51 -18.75
C LEU K 9 24.28 54.63 -18.31
N ALA K 10 24.74 55.87 -18.16
CA ALA K 10 26.01 56.27 -17.63
C ALA K 10 25.87 57.78 -17.47
N PRO K 11 25.22 58.30 -16.41
CA PRO K 11 25.13 59.72 -16.03
C PRO K 11 26.38 60.55 -16.13
N ARG K 12 26.16 61.89 -16.23
CA ARG K 12 27.09 62.94 -16.54
C ARG K 12 27.09 63.09 -18.02
N HIS K 13 25.94 62.79 -18.66
CA HIS K 13 25.71 62.83 -20.09
C HIS K 13 25.89 64.24 -20.61
N GLY K 14 26.37 64.35 -21.88
CA GLY K 14 26.60 65.59 -22.56
C GLY K 14 28.07 65.77 -22.70
N THR K 15 28.50 66.41 -23.81
CA THR K 15 29.88 66.66 -24.17
C THR K 15 30.53 67.66 -23.25
N ARG K 16 31.90 67.61 -23.19
CA ARG K 16 32.77 68.45 -22.38
C ARG K 16 32.55 69.93 -22.72
N PRO K 17 32.79 70.91 -21.83
CA PRO K 17 33.07 72.31 -22.17
C PRO K 17 33.94 72.51 -23.39
N PHE K 18 33.57 73.47 -24.29
CA PHE K 18 34.30 73.74 -25.50
C PHE K 18 34.44 75.21 -25.69
N MET K 19 35.45 75.58 -26.51
CA MET K 19 35.90 76.93 -26.78
C MET K 19 35.71 77.20 -28.24
N GLY K 20 34.88 76.40 -28.92
CA GLY K 20 34.62 76.61 -30.32
C GLY K 20 33.54 75.67 -30.78
N THR K 21 33.23 74.63 -29.96
CA THR K 21 32.29 73.55 -30.22
C THR K 21 32.98 72.48 -31.04
N TRP K 22 33.35 71.35 -30.39
CA TRP K 22 33.93 70.22 -31.08
C TRP K 22 33.38 68.98 -30.41
N SER K 23 34.14 67.85 -30.36
CA SER K 23 33.66 66.61 -29.75
C SER K 23 34.81 66.01 -28.99
N ASP K 24 35.30 64.78 -29.32
CA ASP K 24 36.29 64.07 -28.53
C ASP K 24 37.69 64.34 -29.00
N ILE K 25 38.54 64.81 -28.07
CA ILE K 25 39.95 64.95 -28.31
C ILE K 25 40.58 65.10 -26.96
N GLY K 26 39.76 65.02 -25.88
CA GLY K 26 40.24 65.13 -24.51
C GLY K 26 39.39 64.27 -23.63
N THR K 27 39.86 64.11 -22.37
CA THR K 27 39.22 63.34 -21.35
C THR K 27 39.09 64.30 -20.17
N ASP L 3 -36.49 39.39 43.52
CA ASP L 3 -37.90 39.87 43.61
C ASP L 3 -38.57 39.20 44.75
N ILE L 4 -39.16 38.00 44.52
CA ILE L 4 -39.87 37.23 45.49
C ILE L 4 -38.92 36.14 45.86
N ASN L 5 -38.44 36.13 47.12
CA ASN L 5 -37.33 35.29 47.50
C ASN L 5 -37.32 35.18 49.00
N PHE L 6 -36.56 34.19 49.51
CA PHE L 6 -36.19 34.05 50.90
C PHE L 6 -34.76 33.62 50.90
N SER L 7 -33.92 34.30 51.68
CA SER L 7 -32.50 33.99 51.86
C SER L 7 -32.23 33.66 53.33
N SER L 8 -31.46 32.61 53.55
CA SER L 8 -31.26 32.05 54.87
C SER L 8 -29.95 31.31 54.85
N LEU L 9 -29.47 30.91 56.05
CA LEU L 9 -28.23 30.20 56.30
C LEU L 9 -28.22 28.87 55.58
N MET M 1 22.40 -6.13 65.25
CA MET M 1 23.76 -6.41 65.74
C MET M 1 24.64 -6.70 64.56
N ALA M 2 24.77 -8.00 64.23
CA ALA M 2 25.44 -8.47 63.05
C ALA M 2 24.91 -9.85 62.79
N THR M 3 23.95 -10.30 63.64
CA THR M 3 23.24 -11.54 63.56
C THR M 3 22.34 -11.53 62.33
N PRO M 4 22.00 -12.67 61.73
CA PRO M 4 20.86 -12.83 60.84
C PRO M 4 19.64 -12.03 61.21
N SER M 5 18.93 -11.49 60.20
CA SER M 5 17.90 -10.52 60.38
C SER M 5 16.57 -11.20 60.40
N MET M 6 16.53 -12.52 60.10
CA MET M 6 15.33 -13.33 60.12
C MET M 6 15.29 -14.11 61.38
N LEU M 7 16.32 -13.94 62.23
CA LEU M 7 16.43 -14.56 63.53
C LEU M 7 15.32 -14.18 64.48
N PRO M 8 14.76 -12.96 64.57
CA PRO M 8 13.69 -12.69 65.52
C PRO M 8 12.42 -13.37 65.11
N GLN M 9 12.13 -13.42 63.79
CA GLN M 9 10.98 -14.09 63.25
C GLN M 9 10.96 -15.57 63.47
N TRP M 10 12.12 -16.22 63.24
CA TRP M 10 12.36 -17.63 63.43
C TRP M 10 12.24 -18.06 64.85
N ALA M 11 12.79 -17.25 65.78
CA ALA M 11 12.84 -17.52 67.20
C ALA M 11 11.46 -17.62 67.78
N TYR M 12 10.57 -16.71 67.35
CA TYR M 12 9.20 -16.57 67.71
C TYR M 12 8.39 -17.78 67.31
N MET M 13 8.61 -18.25 66.07
CA MET M 13 7.71 -19.12 65.38
C MET M 13 8.30 -20.51 65.37
N HIS M 14 9.44 -20.72 66.06
CA HIS M 14 10.08 -22.00 66.28
C HIS M 14 10.55 -22.68 65.03
N ILE M 15 11.32 -21.96 64.20
CA ILE M 15 12.01 -22.52 63.06
C ILE M 15 13.45 -22.59 63.47
N ALA M 16 13.87 -21.69 64.39
CA ALA M 16 15.17 -21.68 64.97
C ALA M 16 14.96 -21.25 66.38
N GLY M 17 16.00 -21.13 67.19
CA GLY M 17 15.90 -20.67 68.57
C GLY M 17 16.08 -21.81 69.55
N GLN M 18 15.29 -21.87 70.61
CA GLN M 18 15.46 -22.78 71.73
C GLN M 18 14.33 -23.77 71.90
N ASP M 19 14.65 -24.96 72.41
CA ASP M 19 13.75 -26.11 72.57
C ASP M 19 12.51 -25.75 73.40
N ALA M 20 11.30 -26.20 73.06
CA ALA M 20 10.16 -25.91 73.88
C ALA M 20 10.19 -26.80 75.08
N SER M 21 10.90 -26.29 76.11
CA SER M 21 11.20 -26.88 77.39
C SER M 21 12.27 -25.98 77.96
N GLU M 22 12.75 -24.99 77.20
CA GLU M 22 13.50 -23.79 77.59
C GLU M 22 12.70 -22.54 77.20
N TYR M 23 11.65 -22.68 76.38
CA TYR M 23 10.91 -21.58 75.82
C TYR M 23 9.69 -21.46 76.69
N LEU M 24 9.17 -22.61 77.17
CA LEU M 24 7.99 -22.71 77.99
C LEU M 24 8.33 -22.33 79.39
N SER M 25 7.31 -21.89 80.16
CA SER M 25 7.42 -21.53 81.56
C SER M 25 7.78 -22.76 82.37
N PRO M 26 8.52 -22.69 83.48
CA PRO M 26 9.04 -23.88 84.14
C PRO M 26 7.96 -24.72 84.77
N GLY M 27 6.83 -24.09 85.18
CA GLY M 27 5.72 -24.76 85.81
C GLY M 27 5.01 -25.67 84.86
N LEU M 28 4.83 -25.23 83.59
CA LEU M 28 4.23 -26.01 82.53
C LEU M 28 5.07 -27.21 82.19
N VAL M 29 6.41 -27.06 82.21
CA VAL M 29 7.35 -28.12 81.91
C VAL M 29 7.21 -29.26 82.89
N GLN M 30 7.06 -28.96 84.20
CA GLN M 30 6.93 -30.00 85.20
C GLN M 30 5.54 -30.60 85.20
N PHE M 31 4.51 -29.85 84.74
CA PHE M 31 3.16 -30.32 84.62
C PHE M 31 3.08 -31.38 83.57
N ALA M 32 3.74 -31.14 82.41
CA ALA M 32 3.76 -32.02 81.28
C ALA M 32 4.39 -33.34 81.59
N ARG M 33 5.53 -33.31 82.31
CA ARG M 33 6.26 -34.48 82.74
C ARG M 33 5.48 -35.33 83.71
N ALA M 34 4.75 -34.71 84.65
CA ALA M 34 3.93 -35.40 85.62
C ALA M 34 2.79 -36.18 85.01
N THR M 35 2.13 -35.60 83.98
CA THR M 35 0.94 -36.11 83.37
C THR M 35 1.31 -36.69 82.02
N ASP M 36 2.58 -37.10 81.84
CA ASP M 36 3.08 -37.62 80.60
C ASP M 36 2.55 -39.01 80.30
N THR M 37 2.06 -39.71 81.34
CA THR M 37 1.69 -41.09 81.26
C THR M 37 0.23 -41.28 80.93
N TYR M 38 -0.51 -40.21 80.61
CA TYR M 38 -1.92 -40.36 80.32
C TYR M 38 -2.47 -39.14 79.64
N PHE M 39 -1.65 -38.13 79.32
CA PHE M 39 -2.19 -36.90 78.79
C PHE M 39 -1.00 -36.15 78.26
N SER M 40 -0.45 -36.63 77.12
CA SER M 40 0.65 -36.00 76.41
C SER M 40 0.36 -34.60 75.95
N LEU M 41 1.36 -33.72 76.12
CA LEU M 41 1.31 -32.33 75.77
C LEU M 41 2.55 -32.06 74.96
N GLY M 42 3.35 -33.11 74.64
CA GLY M 42 4.59 -32.98 73.94
C GLY M 42 4.43 -32.62 72.50
N ASN M 43 3.31 -33.05 71.88
CA ASN M 43 3.10 -32.92 70.46
C ASN M 43 2.37 -31.63 70.19
N LYS M 44 2.21 -30.79 71.22
CA LYS M 44 1.51 -29.54 71.13
C LYS M 44 2.51 -28.44 70.92
N PHE M 45 3.81 -28.77 70.81
CA PHE M 45 4.88 -27.80 70.82
C PHE M 45 5.90 -28.28 69.85
N ARG M 46 6.84 -27.37 69.49
CA ARG M 46 7.87 -27.64 68.52
C ARG M 46 9.20 -27.50 69.18
N ASN M 47 10.13 -28.33 68.74
CA ASN M 47 11.55 -28.23 69.04
C ASN M 47 12.24 -27.71 67.75
N PRO M 48 12.97 -26.60 67.77
CA PRO M 48 13.76 -26.19 66.62
C PRO M 48 14.87 -27.20 66.34
N THR M 49 15.06 -27.61 65.10
CA THR M 49 16.18 -28.49 64.72
C THR M 49 16.93 -27.87 63.57
N VAL M 50 18.24 -27.62 63.72
CA VAL M 50 19.00 -26.68 62.91
C VAL M 50 20.36 -27.25 62.54
N ALA M 51 20.74 -27.22 61.27
CA ALA M 51 22.05 -27.71 60.82
C ALA M 51 23.20 -26.82 61.30
N PRO M 52 24.40 -27.35 61.53
CA PRO M 52 25.59 -26.51 61.62
C PRO M 52 25.80 -25.76 60.30
N THR M 53 26.17 -24.48 60.37
CA THR M 53 26.33 -23.64 59.20
C THR M 53 27.78 -23.50 58.81
N HIS M 54 28.72 -23.97 59.61
CA HIS M 54 30.15 -23.81 59.35
C HIS M 54 30.91 -24.98 59.93
N ASP M 55 32.14 -25.16 59.47
CA ASP M 55 33.05 -26.26 59.80
C ASP M 55 32.57 -27.68 59.43
N VAL M 56 31.36 -27.86 58.92
CA VAL M 56 30.81 -29.19 58.60
C VAL M 56 31.28 -29.68 57.23
N THR M 57 30.90 -29.01 56.14
CA THR M 57 31.10 -29.45 54.79
C THR M 57 31.34 -28.22 53.96
N THR M 58 32.24 -28.39 52.96
CA THR M 58 32.53 -27.39 51.97
C THR M 58 32.64 -28.24 50.75
N ASP M 59 31.77 -27.95 49.75
CA ASP M 59 31.66 -28.69 48.51
C ASP M 59 32.41 -28.00 47.41
N ARG M 60 33.18 -26.92 47.72
CA ARG M 60 33.90 -26.08 46.80
C ARG M 60 35.00 -26.82 46.13
N SER M 61 34.86 -27.02 44.80
CA SER M 61 35.86 -27.57 43.93
C SER M 61 36.18 -29.01 44.25
N GLN M 62 35.15 -29.82 44.55
CA GLN M 62 35.35 -31.21 44.88
C GLN M 62 34.18 -31.94 44.34
N ARG M 63 34.44 -33.07 43.65
CA ARG M 63 33.43 -34.04 43.32
C ARG M 63 33.21 -34.92 44.52
N LEU M 64 32.02 -35.55 44.58
CA LEU M 64 31.62 -36.38 45.68
C LEU M 64 31.91 -37.81 45.33
N THR M 65 32.45 -38.07 44.13
CA THR M 65 32.87 -39.39 43.75
C THR M 65 33.82 -39.16 42.62
N LEU M 66 34.74 -40.13 42.42
CA LEU M 66 35.71 -40.12 41.35
C LEU M 66 35.65 -41.48 40.76
N ARG M 67 36.15 -41.59 39.52
CA ARG M 67 36.26 -42.79 38.76
C ARG M 67 37.73 -42.86 38.53
N PHE M 68 38.32 -44.08 38.58
CA PHE M 68 39.72 -44.25 38.37
C PHE M 68 39.81 -45.34 37.36
N VAL M 69 40.52 -45.06 36.24
CA VAL M 69 40.74 -46.02 35.19
C VAL M 69 41.81 -46.97 35.66
N PRO M 70 41.86 -48.22 35.21
CA PRO M 70 42.99 -49.11 35.39
C PRO M 70 44.29 -48.49 34.93
N VAL M 71 45.42 -48.83 35.56
CA VAL M 71 46.74 -48.46 35.08
C VAL M 71 47.53 -49.72 34.88
N ASP M 72 46.98 -50.90 35.27
CA ASP M 72 47.55 -52.20 34.95
C ASP M 72 46.39 -52.97 34.45
N ARG M 73 46.61 -53.88 33.48
CA ARG M 73 45.63 -54.83 33.06
C ARG M 73 46.41 -56.04 32.71
N GLU M 74 45.97 -57.20 33.23
CA GLU M 74 46.45 -58.49 32.85
C GLU M 74 45.18 -59.17 32.49
N ASP M 75 45.16 -59.86 31.32
CA ASP M 75 43.95 -60.43 30.79
C ASP M 75 44.28 -61.88 30.57
N ASN M 76 44.85 -62.53 31.62
CA ASN M 76 45.16 -63.95 31.74
C ASN M 76 43.96 -64.83 31.50
N THR M 77 44.12 -66.16 31.69
CA THR M 77 43.23 -67.13 31.13
C THR M 77 42.19 -67.56 32.13
N TYR M 78 42.24 -67.01 33.36
CA TYR M 78 41.51 -67.53 34.48
C TYR M 78 41.55 -66.49 35.56
N SER M 79 42.23 -65.36 35.31
CA SER M 79 42.40 -64.32 36.28
C SER M 79 42.61 -63.07 35.50
N TYR M 80 42.50 -61.92 36.20
CA TYR M 80 42.55 -60.62 35.62
C TYR M 80 43.18 -59.85 36.74
N LYS M 81 44.14 -58.93 36.47
CA LYS M 81 44.71 -58.09 37.52
C LYS M 81 44.50 -56.68 37.08
N VAL M 82 44.18 -55.76 38.03
CA VAL M 82 44.06 -54.36 37.73
C VAL M 82 44.66 -53.59 38.87
N ARG M 83 45.51 -52.58 38.58
CA ARG M 83 46.01 -51.66 39.57
C ARG M 83 45.36 -50.33 39.32
N TYR M 84 45.31 -49.47 40.35
CA TYR M 84 44.79 -48.13 40.33
C TYR M 84 45.73 -47.31 41.15
N THR M 85 46.22 -46.16 40.66
CA THR M 85 46.95 -45.25 41.51
C THR M 85 45.95 -44.27 42.07
N LEU M 86 45.50 -44.48 43.32
CA LEU M 86 44.57 -43.62 44.03
C LEU M 86 45.21 -42.30 44.30
N ALA M 87 44.41 -41.22 44.27
CA ALA M 87 44.88 -39.93 44.71
C ALA M 87 43.83 -39.47 45.65
N VAL M 88 44.23 -39.31 46.93
CA VAL M 88 43.41 -38.78 47.99
C VAL M 88 43.94 -37.39 48.15
N GLY M 89 43.14 -36.36 47.78
CA GLY M 89 43.57 -34.98 47.77
C GLY M 89 43.86 -34.50 49.16
N ASP M 90 44.47 -33.32 49.28
CA ASP M 90 44.83 -32.75 50.55
C ASP M 90 43.61 -32.07 51.09
N ASN M 91 43.27 -32.37 52.37
CA ASN M 91 42.16 -31.81 53.09
C ASN M 91 40.91 -32.59 52.76
N ARG M 92 41.09 -33.87 52.40
CA ARG M 92 40.02 -34.76 52.04
C ARG M 92 40.28 -35.96 52.87
N VAL M 93 39.29 -36.86 52.98
CA VAL M 93 39.48 -38.09 53.67
C VAL M 93 38.60 -39.01 52.89
N LEU M 94 39.03 -40.28 52.83
CA LEU M 94 38.41 -41.35 52.10
C LEU M 94 37.99 -42.36 53.10
N ASP M 95 36.82 -42.98 52.87
CA ASP M 95 36.39 -44.11 53.65
C ASP M 95 36.39 -45.21 52.63
N MET M 96 36.89 -46.39 53.02
CA MET M 96 37.10 -47.49 52.12
C MET M 96 35.89 -48.36 52.10
N ALA M 97 34.86 -47.99 52.90
CA ALA M 97 33.59 -48.66 52.91
C ALA M 97 32.79 -48.30 51.70
N SER M 98 33.17 -47.20 51.01
CA SER M 98 32.49 -46.74 49.83
C SER M 98 33.36 -46.87 48.61
N THR M 99 34.45 -47.69 48.67
CA THR M 99 35.20 -48.10 47.51
C THR M 99 34.60 -49.38 47.01
N TYR M 100 34.29 -49.45 45.71
CA TYR M 100 33.73 -50.64 45.13
C TYR M 100 34.19 -50.63 43.70
N PHE M 101 34.45 -51.82 43.10
CA PHE M 101 34.93 -51.88 41.74
C PHE M 101 33.70 -51.94 40.89
N ASP M 102 33.84 -51.70 39.57
CA ASP M 102 32.76 -51.80 38.63
C ASP M 102 33.22 -52.69 37.55
N ILE M 103 32.73 -53.95 37.51
CA ILE M 103 33.17 -54.95 36.57
C ILE M 103 32.12 -54.98 35.52
N ARG M 104 32.51 -54.99 34.24
CA ARG M 104 31.58 -55.02 33.14
C ARG M 104 32.24 -55.97 32.23
N GLY M 105 31.47 -56.53 31.27
CA GLY M 105 32.00 -57.48 30.37
C GLY M 105 30.87 -58.18 29.73
N VAL M 106 31.13 -59.42 29.24
CA VAL M 106 30.14 -60.25 28.60
C VAL M 106 30.10 -61.51 29.41
N LEU M 107 28.88 -62.04 29.63
CA LEU M 107 28.63 -63.26 30.33
C LEU M 107 27.93 -64.14 29.38
N ASP M 108 28.44 -65.36 29.21
CA ASP M 108 27.90 -66.34 28.32
C ASP M 108 27.55 -67.45 29.25
N ARG M 109 26.38 -68.06 29.05
CA ARG M 109 25.90 -69.13 29.85
C ARG M 109 25.74 -70.15 28.80
N GLY M 110 26.11 -71.41 29.08
CA GLY M 110 26.06 -72.48 28.12
C GLY M 110 24.66 -72.82 27.70
N PRO M 111 24.48 -73.90 26.98
CA PRO M 111 23.19 -74.34 26.51
C PRO M 111 22.46 -75.06 27.61
N SER M 112 23.04 -75.11 28.83
CA SER M 112 22.48 -75.75 29.99
C SER M 112 21.44 -74.88 30.61
N PHE M 113 21.54 -73.54 30.37
CA PHE M 113 20.69 -72.51 30.91
C PHE M 113 19.28 -72.67 30.40
N LYS M 114 18.28 -72.36 31.25
CA LYS M 114 16.89 -72.54 30.96
C LYS M 114 16.18 -72.16 32.24
N PRO M 115 15.77 -70.94 32.50
CA PRO M 115 15.38 -70.51 33.83
C PRO M 115 13.87 -70.54 33.96
N TYR M 116 13.21 -71.64 33.56
CA TYR M 116 11.78 -71.72 33.66
C TYR M 116 11.50 -73.19 33.67
N SER M 117 10.31 -73.61 34.14
CA SER M 117 10.05 -74.99 34.45
C SER M 117 9.22 -75.69 33.42
N GLY M 118 8.60 -74.96 32.47
CA GLY M 118 7.69 -75.54 31.50
C GLY M 118 8.36 -75.64 30.18
N THR M 119 7.52 -75.62 29.12
CA THR M 119 7.92 -75.46 27.76
C THR M 119 7.28 -74.16 27.38
N ALA M 120 7.92 -73.40 26.47
CA ALA M 120 7.49 -72.09 26.11
C ALA M 120 6.83 -72.16 24.77
N TYR M 121 6.62 -73.39 24.24
CA TYR M 121 6.04 -73.63 22.94
C TYR M 121 5.07 -74.74 23.13
N ASN M 122 3.80 -74.56 22.73
CA ASN M 122 2.74 -75.55 22.82
C ASN M 122 2.63 -76.19 24.18
N SER M 123 2.43 -75.38 25.23
CA SER M 123 2.37 -75.84 26.60
C SER M 123 1.06 -76.49 26.93
N LEU M 124 -0.02 -76.28 26.14
CA LEU M 124 -1.30 -76.88 26.41
C LEU M 124 -1.53 -78.03 25.48
N ALA M 125 -0.54 -78.38 24.63
CA ALA M 125 -0.59 -79.62 23.89
C ALA M 125 -0.52 -80.82 24.79
N PRO M 126 -1.25 -81.90 24.58
CA PRO M 126 -0.93 -83.24 25.06
C PRO M 126 0.48 -83.62 24.74
N LYS M 127 1.09 -84.53 25.52
CA LYS M 127 2.47 -84.88 25.36
C LYS M 127 2.63 -86.05 24.43
N GLY M 128 1.55 -86.41 23.70
CA GLY M 128 1.52 -87.56 22.83
C GLY M 128 0.98 -87.14 21.51
N ALA M 129 0.45 -85.89 21.38
CA ALA M 129 0.00 -85.33 20.11
C ALA M 129 1.19 -85.19 19.18
N PRO M 130 1.14 -85.44 17.86
CA PRO M 130 2.37 -85.67 17.13
C PRO M 130 2.62 -84.59 16.11
N ASN M 131 1.70 -83.62 15.92
CA ASN M 131 1.68 -82.66 14.82
C ASN M 131 1.05 -83.31 13.63
N SER M 132 0.40 -82.50 12.78
CA SER M 132 -0.04 -82.92 11.47
C SER M 132 1.19 -83.12 10.63
N SER M 133 1.36 -84.34 10.11
CA SER M 133 2.59 -84.82 9.56
C SER M 133 2.23 -85.88 8.58
N GLN M 134 3.25 -86.37 7.85
CA GLN M 134 3.08 -87.47 6.94
C GLN M 134 4.43 -88.07 6.87
N TRP M 135 4.50 -89.31 6.38
CA TRP M 135 5.70 -90.08 6.35
C TRP M 135 5.49 -91.02 5.20
N GLU M 136 6.54 -91.78 4.85
CA GLU M 136 6.53 -92.76 3.81
C GLU M 136 6.92 -94.10 4.33
N GLN M 137 6.26 -95.15 3.83
CA GLN M 137 6.64 -96.50 4.18
C GLN M 137 6.07 -97.32 3.06
N LYS M 138 6.41 -98.63 3.08
CA LYS M 138 6.06 -99.57 2.04
C LYS M 138 4.60 -99.75 1.86
N LYS M 139 4.20 -99.96 0.58
CA LYS M 139 2.87 -100.34 0.19
C LYS M 139 2.61 -101.72 0.70
N ALA M 140 1.36 -102.00 1.16
CA ALA M 140 0.94 -103.30 1.64
C ALA M 140 0.89 -104.24 0.47
N GLY M 141 1.90 -105.15 0.39
CA GLY M 141 2.19 -105.96 -0.77
C GLY M 141 2.45 -105.11 -1.98
N ASN M 142 2.24 -105.69 -3.19
CA ASN M 142 2.26 -104.99 -4.45
C ASN M 142 3.63 -104.45 -4.78
N GLY M 143 4.67 -105.32 -4.63
CA GLY M 143 6.06 -104.95 -4.73
C GLY M 143 6.47 -103.99 -3.65
N ASP M 144 7.47 -103.14 -3.96
CA ASP M 144 7.94 -102.11 -3.07
C ASP M 144 7.76 -100.79 -3.77
N THR M 145 6.87 -99.96 -3.22
CA THR M 145 6.62 -98.60 -3.62
C THR M 145 6.43 -97.91 -2.31
N MET M 146 6.52 -96.56 -2.30
CA MET M 146 6.44 -95.82 -1.08
C MET M 146 5.18 -95.03 -1.14
N GLU M 147 4.15 -95.51 -0.42
CA GLU M 147 2.95 -94.78 -0.07
C GLU M 147 3.31 -93.66 0.87
N THR M 148 2.53 -92.55 0.86
CA THR M 148 2.69 -91.48 1.81
C THR M 148 1.47 -91.47 2.68
N HIS M 149 1.65 -91.92 3.94
CA HIS M 149 0.64 -92.03 4.96
C HIS M 149 0.62 -90.76 5.72
N THR M 150 -0.58 -90.19 5.96
CA THR M 150 -0.74 -88.88 6.55
C THR M 150 -1.56 -89.09 7.79
N PHE M 151 -1.20 -88.40 8.89
CA PHE M 151 -1.94 -88.38 10.13
C PHE M 151 -2.02 -86.93 10.47
N GLY M 152 -3.23 -86.34 10.50
CA GLY M 152 -3.32 -84.92 10.74
C GLY M 152 -4.72 -84.52 11.03
N VAL M 153 -4.96 -83.20 10.89
CA VAL M 153 -6.22 -82.57 11.14
C VAL M 153 -6.25 -81.40 10.22
N ALA M 154 -7.42 -81.17 9.57
CA ALA M 154 -7.64 -80.08 8.65
C ALA M 154 -8.74 -79.24 9.23
N PRO M 155 -8.52 -78.03 9.74
CA PRO M 155 -9.53 -77.35 10.51
C PRO M 155 -10.18 -76.24 9.73
N MET M 156 -9.49 -75.55 8.79
CA MET M 156 -10.06 -74.40 8.12
C MET M 156 -11.20 -74.83 7.25
N GLY M 157 -12.32 -74.07 7.26
CA GLY M 157 -13.43 -74.26 6.35
C GLY M 157 -13.03 -73.92 4.95
N GLY M 158 -13.79 -74.41 3.96
CA GLY M 158 -13.54 -74.17 2.57
C GLY M 158 -14.84 -73.86 1.94
N GLU M 159 -14.86 -73.82 0.60
CA GLU M 159 -16.06 -73.56 -0.17
C GLU M 159 -15.97 -74.47 -1.35
N ASN M 160 -14.73 -74.79 -1.78
CA ASN M 160 -14.52 -75.75 -2.83
C ASN M 160 -13.07 -76.10 -2.68
N ILE M 161 -12.67 -77.28 -3.21
CA ILE M 161 -11.30 -77.70 -3.31
C ILE M 161 -11.14 -78.00 -4.75
N THR M 162 -10.09 -77.42 -5.36
CA THR M 162 -9.90 -77.43 -6.78
C THR M 162 -8.46 -77.84 -6.95
N ILE M 163 -7.82 -77.48 -8.09
CA ILE M 163 -6.43 -77.74 -8.34
C ILE M 163 -5.55 -76.78 -7.56
N ASP M 164 -6.11 -75.62 -7.15
CA ASP M 164 -5.46 -74.63 -6.32
C ASP M 164 -5.92 -74.80 -4.89
N GLY M 165 -6.61 -75.94 -4.63
CA GLY M 165 -7.20 -76.32 -3.37
C GLY M 165 -8.24 -75.38 -2.85
N LEU M 166 -8.32 -75.30 -1.52
CA LEU M 166 -9.16 -74.46 -0.67
C LEU M 166 -9.51 -73.11 -1.21
N GLN M 167 -10.79 -72.68 -1.04
CA GLN M 167 -11.19 -71.34 -1.40
C GLN M 167 -11.68 -70.70 -0.14
N ILE M 168 -11.10 -69.52 0.14
CA ILE M 168 -11.30 -68.78 1.36
C ILE M 168 -12.31 -67.67 1.11
N GLY M 169 -12.76 -67.51 -0.16
CA GLY M 169 -13.83 -66.59 -0.47
C GLY M 169 -14.12 -66.76 -1.92
N THR M 170 -15.05 -65.94 -2.47
CA THR M 170 -15.32 -65.88 -3.89
C THR M 170 -15.72 -64.46 -4.17
N ASP M 171 -15.17 -63.86 -5.26
CA ASP M 171 -15.59 -62.56 -5.74
C ASP M 171 -16.72 -62.80 -6.71
N ALA M 172 -17.87 -62.12 -6.50
CA ALA M 172 -19.05 -62.25 -7.33
C ALA M 172 -19.14 -61.01 -8.18
N THR M 173 -18.07 -60.75 -8.98
CA THR M 173 -18.00 -59.67 -9.95
C THR M 173 -17.80 -58.40 -9.15
N ALA M 174 -16.92 -58.47 -8.12
CA ALA M 174 -16.55 -57.36 -7.28
C ALA M 174 -15.35 -56.68 -7.88
N ASP M 175 -14.78 -57.30 -8.92
CA ASP M 175 -13.76 -56.74 -9.77
C ASP M 175 -13.98 -57.57 -10.99
N GLN M 176 -13.72 -58.89 -10.86
CA GLN M 176 -13.99 -59.88 -11.86
C GLN M 176 -14.61 -61.00 -11.07
N ASP M 177 -15.33 -61.90 -11.77
CA ASP M 177 -16.01 -63.02 -11.15
C ASP M 177 -15.05 -64.17 -11.13
N LYS M 178 -14.47 -64.48 -9.95
CA LYS M 178 -13.58 -65.62 -9.84
C LYS M 178 -13.56 -66.02 -8.39
N PRO M 179 -13.35 -67.28 -8.06
CA PRO M 179 -12.98 -67.74 -6.73
C PRO M 179 -11.68 -67.14 -6.27
N ILE M 180 -11.50 -67.01 -4.94
CA ILE M 180 -10.28 -66.51 -4.34
C ILE M 180 -9.78 -67.67 -3.54
N TYR M 181 -8.61 -68.19 -3.95
CA TYR M 181 -7.95 -69.31 -3.34
C TYR M 181 -7.14 -68.89 -2.17
N ALA M 182 -6.88 -69.83 -1.24
CA ALA M 182 -5.97 -69.64 -0.15
C ALA M 182 -4.57 -69.66 -0.69
N ASP M 183 -3.68 -68.88 -0.05
CA ASP M 183 -2.26 -68.78 -0.38
C ASP M 183 -1.61 -69.92 0.34
N LYS M 184 -0.28 -70.07 0.20
CA LYS M 184 0.38 -71.28 0.59
C LYS M 184 1.23 -70.97 1.80
N THR M 185 1.32 -69.69 2.22
CA THR M 185 2.22 -69.29 3.26
C THR M 185 1.54 -68.31 4.18
N PHE M 186 0.51 -67.60 3.70
CA PHE M 186 -0.03 -66.47 4.44
C PHE M 186 -1.36 -66.89 4.98
N GLN M 187 -2.25 -67.40 4.08
CA GLN M 187 -3.64 -67.64 4.37
C GLN M 187 -4.01 -68.96 5.01
N PRO M 188 -3.32 -70.11 5.06
CA PRO M 188 -3.91 -71.31 5.61
C PRO M 188 -3.34 -71.51 7.01
N GLU M 189 -3.42 -70.46 7.86
CA GLU M 189 -2.84 -70.42 9.19
C GLU M 189 -3.40 -71.50 10.07
N PRO M 190 -2.60 -72.20 10.86
CA PRO M 190 -3.03 -73.38 11.57
C PRO M 190 -3.74 -73.03 12.85
N GLN M 191 -3.97 -71.74 13.17
CA GLN M 191 -4.60 -71.37 14.42
C GLN M 191 -5.97 -70.88 14.11
N VAL M 192 -6.48 -71.13 12.89
CA VAL M 192 -7.79 -70.72 12.47
C VAL M 192 -8.50 -71.98 12.16
N GLY M 193 -9.75 -72.10 12.63
CA GLY M 193 -10.59 -73.24 12.37
C GLY M 193 -11.98 -72.72 12.44
N GLU M 194 -12.92 -73.60 12.85
CA GLU M 194 -14.32 -73.29 13.08
C GLU M 194 -14.42 -72.36 14.26
N GLU M 195 -15.44 -71.47 14.28
CA GLU M 195 -15.69 -70.62 15.43
C GLU M 195 -16.76 -71.18 16.31
N ASN M 196 -17.47 -72.26 15.87
CA ASN M 196 -18.56 -72.79 16.62
C ASN M 196 -18.79 -74.19 16.11
N TRP M 197 -19.61 -74.99 16.84
CA TRP M 197 -19.79 -76.40 16.52
C TRP M 197 -21.00 -76.62 15.65
N GLN M 198 -21.67 -75.56 15.15
CA GLN M 198 -22.78 -75.72 14.24
C GLN M 198 -22.34 -75.58 12.81
N GLU M 199 -21.01 -75.38 12.56
CA GLU M 199 -20.49 -75.23 11.22
C GLU M 199 -20.50 -76.55 10.49
N THR M 200 -21.15 -76.55 9.30
CA THR M 200 -21.41 -77.71 8.48
C THR M 200 -20.18 -78.37 7.91
N GLU M 201 -20.28 -79.72 7.73
CA GLU M 201 -19.26 -80.54 7.14
C GLU M 201 -19.25 -80.31 5.65
N SER M 202 -18.06 -79.98 5.11
CA SER M 202 -17.93 -79.56 3.73
C SER M 202 -16.48 -79.80 3.38
N PHE M 203 -15.90 -78.90 2.57
CA PHE M 203 -14.49 -78.79 2.28
C PHE M 203 -13.72 -78.34 3.49
N TYR M 204 -12.48 -78.86 3.66
CA TYR M 204 -11.61 -78.50 4.75
C TYR M 204 -10.22 -78.54 4.27
N GLY M 205 -9.39 -77.58 4.72
CA GLY M 205 -7.99 -77.51 4.39
C GLY M 205 -7.23 -77.42 5.66
N GLY M 206 -5.90 -77.61 5.60
CA GLY M 206 -5.08 -77.51 6.77
C GLY M 206 -3.67 -77.43 6.32
N ARG M 207 -2.74 -77.99 7.09
CA ARG M 207 -1.34 -78.04 6.77
C ARG M 207 -0.90 -79.38 7.24
N ALA M 208 0.32 -79.79 6.84
CA ALA M 208 0.94 -80.98 7.34
C ALA M 208 2.39 -80.76 7.16
N LEU M 209 3.21 -81.69 7.67
CA LEU M 209 4.65 -81.60 7.65
C LEU M 209 5.10 -82.78 6.86
N LYS M 210 5.79 -82.53 5.73
CA LYS M 210 6.39 -83.49 4.85
C LYS M 210 7.14 -84.62 5.52
N LYS M 211 7.34 -85.71 4.76
CA LYS M 211 8.10 -86.88 5.12
C LYS M 211 9.52 -86.58 5.49
N ASP M 212 10.12 -85.57 4.84
CA ASP M 212 11.49 -85.15 5.04
C ASP M 212 11.71 -84.48 6.37
N THR M 213 10.62 -83.99 7.03
CA THR M 213 10.69 -83.37 8.34
C THR M 213 10.43 -84.46 9.32
N SER M 214 11.45 -84.81 10.14
CA SER M 214 11.38 -85.82 11.17
C SER M 214 10.39 -85.43 12.22
N MET M 215 9.53 -86.39 12.63
CA MET M 215 8.56 -86.22 13.68
C MET M 215 9.20 -85.97 15.01
N LYS M 216 8.59 -85.04 15.77
CA LYS M 216 8.86 -84.84 17.17
C LYS M 216 7.48 -84.59 17.71
N PRO M 217 7.21 -84.77 19.00
CA PRO M 217 5.97 -84.40 19.65
C PRO M 217 5.57 -82.97 19.45
N CYS M 218 4.27 -82.69 19.61
CA CYS M 218 3.70 -81.38 19.47
C CYS M 218 4.02 -80.55 20.69
N TYR M 219 4.42 -81.21 21.80
CA TYR M 219 4.59 -80.61 23.09
C TYR M 219 5.59 -79.49 23.13
N GLY M 220 6.69 -79.52 22.37
CA GLY M 220 7.68 -78.48 22.47
C GLY M 220 8.16 -78.12 21.12
N SER M 221 7.42 -78.52 20.06
CA SER M 221 7.74 -78.25 18.68
C SER M 221 7.80 -76.78 18.39
N TYR M 222 8.80 -76.37 17.59
CA TYR M 222 8.96 -75.00 17.20
C TYR M 222 9.59 -75.04 15.85
N ALA M 223 9.22 -74.11 14.95
CA ALA M 223 9.96 -73.89 13.75
C ALA M 223 9.84 -72.43 13.52
N ARG M 224 10.96 -71.75 13.19
CA ARG M 224 11.03 -70.32 12.99
C ARG M 224 10.21 -69.88 11.81
N PRO M 225 9.54 -68.73 11.81
CA PRO M 225 8.92 -68.16 10.63
C PRO M 225 9.92 -67.85 9.55
N THR M 226 9.49 -67.94 8.27
CA THR M 226 10.32 -67.65 7.14
C THR M 226 9.65 -66.55 6.32
N ASN M 227 8.48 -66.06 6.78
CA ASN M 227 7.73 -65.01 6.14
C ASN M 227 7.37 -64.02 7.19
N VAL M 228 7.00 -62.81 6.74
CA VAL M 228 6.58 -61.71 7.56
C VAL M 228 5.24 -62.06 8.17
N LYS M 229 4.41 -62.80 7.39
CA LYS M 229 3.08 -63.14 7.76
C LYS M 229 3.12 -64.63 7.77
N GLY M 230 3.04 -65.24 8.98
CA GLY M 230 2.94 -66.66 9.18
C GLY M 230 4.10 -67.37 8.58
N GLY M 231 3.86 -68.58 8.03
CA GLY M 231 4.80 -69.37 7.27
C GLY M 231 5.95 -69.83 8.12
N GLN M 232 6.76 -70.72 7.55
CA GLN M 232 7.86 -71.36 8.23
C GLN M 232 8.38 -72.42 7.33
N ALA M 233 7.84 -72.49 6.09
CA ALA M 233 8.26 -73.40 5.06
C ALA M 233 9.65 -73.06 4.60
N LYS M 234 10.50 -74.08 4.36
CA LYS M 234 11.81 -73.93 3.79
C LYS M 234 11.75 -73.39 2.40
N LEU M 235 12.83 -72.71 1.94
CA LEU M 235 13.03 -72.32 0.56
C LEU M 235 13.48 -73.55 -0.20
N LYS M 236 13.13 -73.63 -1.50
CA LYS M 236 13.59 -74.69 -2.36
C LYS M 236 15.05 -74.54 -2.70
N VAL M 237 15.70 -75.68 -3.02
CA VAL M 237 17.04 -75.70 -3.58
C VAL M 237 16.80 -75.85 -5.06
N GLY M 238 17.42 -74.99 -5.88
CA GLY M 238 17.17 -75.00 -7.30
C GLY M 238 18.24 -74.21 -7.98
N ALA M 239 17.87 -73.54 -9.08
CA ALA M 239 18.73 -72.66 -9.84
C ALA M 239 18.79 -71.33 -9.13
N ASP M 240 19.93 -70.62 -9.28
CA ASP M 240 20.25 -69.36 -8.67
C ASP M 240 20.90 -69.66 -7.34
N GLY M 241 21.66 -70.78 -7.29
CA GLY M 241 22.24 -71.32 -6.09
C GLY M 241 21.21 -71.97 -5.22
N VAL M 242 21.66 -72.32 -3.99
CA VAL M 242 20.86 -72.95 -2.97
C VAL M 242 19.63 -72.16 -2.54
N PRO M 243 19.61 -70.85 -2.31
CA PRO M 243 18.37 -70.15 -1.97
C PRO M 243 17.62 -69.83 -3.24
N THR M 244 16.28 -69.93 -3.20
CA THR M 244 15.39 -69.55 -4.27
C THR M 244 14.29 -68.79 -3.59
N LYS M 245 13.42 -68.13 -4.39
CA LYS M 245 12.39 -67.25 -3.87
C LYS M 245 11.14 -68.06 -3.59
N GLU M 246 11.11 -69.34 -4.02
CA GLU M 246 10.03 -70.27 -3.85
C GLU M 246 10.10 -70.89 -2.50
N PHE M 247 8.95 -71.49 -2.06
CA PHE M 247 8.83 -72.20 -0.82
C PHE M 247 8.47 -73.60 -1.18
N ASP M 248 9.02 -74.57 -0.41
CA ASP M 248 8.85 -75.98 -0.59
C ASP M 248 7.56 -76.39 0.07
N ILE M 249 6.44 -76.32 -0.70
CA ILE M 249 5.10 -76.54 -0.22
C ILE M 249 4.42 -77.23 -1.36
N ASP M 250 3.65 -78.29 -1.07
CA ASP M 250 2.92 -79.08 -2.04
C ASP M 250 1.56 -79.28 -1.46
N LEU M 251 0.57 -79.69 -2.30
CA LEU M 251 -0.79 -79.87 -1.85
C LEU M 251 -1.09 -81.31 -2.13
N ALA M 252 -1.72 -81.97 -1.13
CA ALA M 252 -2.13 -83.35 -1.13
C ALA M 252 -3.60 -83.35 -0.94
N PHE M 253 -4.36 -84.12 -1.73
CA PHE M 253 -5.80 -84.07 -1.70
C PHE M 253 -6.24 -85.44 -1.29
N PHE M 254 -7.34 -85.54 -0.52
CA PHE M 254 -7.81 -86.80 0.01
C PHE M 254 -9.30 -86.71 -0.06
N ASP M 255 -9.98 -87.88 0.04
CA ASP M 255 -11.37 -88.02 -0.25
C ASP M 255 -11.85 -89.13 0.63
N THR M 256 -13.10 -89.06 1.15
CA THR M 256 -13.71 -90.13 1.91
C THR M 256 -13.88 -91.36 1.04
N PRO M 257 -13.79 -92.58 1.53
CA PRO M 257 -14.13 -93.75 0.74
C PRO M 257 -15.62 -93.88 0.81
N GLY M 258 -16.30 -93.95 -0.36
CA GLY M 258 -17.72 -94.08 -0.41
C GLY M 258 -18.04 -95.13 -1.41
N GLY M 259 -19.37 -95.37 -1.60
CA GLY M 259 -19.92 -96.33 -2.54
C GLY M 259 -19.77 -95.88 -3.95
N THR M 260 -20.66 -96.37 -4.85
CA THR M 260 -20.66 -96.07 -6.27
C THR M 260 -20.86 -94.59 -6.52
N VAL M 261 -21.71 -93.93 -5.69
CA VAL M 261 -21.92 -92.51 -5.73
C VAL M 261 -21.26 -91.97 -4.50
N ASN M 262 -20.43 -90.92 -4.68
CA ASN M 262 -19.67 -90.20 -3.68
C ASN M 262 -18.50 -90.99 -3.18
N GLY M 263 -17.43 -90.28 -2.75
CA GLY M 263 -16.18 -90.86 -2.35
C GLY M 263 -15.52 -91.48 -3.53
N GLN M 264 -15.08 -92.77 -3.41
CA GLN M 264 -14.50 -93.52 -4.51
C GLN M 264 -15.51 -93.73 -5.61
N ASP M 265 -15.01 -93.82 -6.88
CA ASP M 265 -15.74 -94.07 -8.11
C ASP M 265 -16.47 -92.84 -8.60
N GLU M 266 -16.52 -91.78 -7.77
CA GLU M 266 -17.10 -90.50 -8.07
C GLU M 266 -16.25 -89.58 -7.24
N TYR M 267 -14.94 -89.61 -7.54
CA TYR M 267 -13.86 -88.97 -6.84
C TYR M 267 -14.05 -87.48 -6.79
N LYS M 268 -13.59 -86.90 -5.67
CA LYS M 268 -13.72 -85.50 -5.36
C LYS M 268 -12.66 -85.31 -4.33
N ALA M 269 -12.49 -84.09 -3.80
CA ALA M 269 -11.54 -83.86 -2.75
C ALA M 269 -12.28 -83.14 -1.67
N ASP M 270 -12.10 -83.59 -0.41
CA ASP M 270 -12.81 -83.07 0.73
C ASP M 270 -11.80 -82.47 1.65
N ILE M 271 -10.55 -82.95 1.60
CA ILE M 271 -9.46 -82.58 2.46
C ILE M 271 -8.36 -82.11 1.56
N VAL M 272 -7.62 -81.06 1.95
CA VAL M 272 -6.42 -80.65 1.27
C VAL M 272 -5.52 -80.31 2.41
N MET M 273 -4.20 -80.56 2.26
CA MET M 273 -3.23 -80.29 3.28
C MET M 273 -2.08 -79.70 2.56
N TYR M 274 -1.58 -78.56 3.08
CA TYR M 274 -0.44 -77.87 2.55
C TYR M 274 0.77 -78.43 3.26
N THR M 275 1.33 -79.54 2.71
CA THR M 275 2.51 -80.24 3.16
C THR M 275 3.72 -79.34 3.01
N GLU M 276 4.68 -79.31 3.97
CA GLU M 276 5.84 -78.45 3.84
C GLU M 276 6.95 -78.93 4.72
N ASN M 277 8.21 -78.58 4.34
CA ASN M 277 9.38 -78.76 5.19
C ASN M 277 9.45 -77.57 6.08
N THR M 278 9.95 -77.73 7.32
CA THR M 278 10.10 -76.65 8.27
C THR M 278 11.39 -76.89 8.98
N TYR M 279 11.88 -75.86 9.73
CA TYR M 279 13.05 -75.97 10.57
C TYR M 279 12.63 -76.41 11.95
N LEU M 280 11.93 -77.56 12.05
CA LEU M 280 11.41 -78.14 13.27
C LEU M 280 12.52 -78.49 14.21
N GLU M 281 12.31 -78.21 15.51
CA GLU M 281 13.24 -78.48 16.56
C GLU M 281 12.40 -78.48 17.80
N THR M 282 12.93 -79.09 18.88
CA THR M 282 12.40 -78.96 20.22
C THR M 282 13.52 -78.29 20.99
N PRO M 283 13.43 -77.04 21.43
CA PRO M 283 14.60 -76.36 21.96
C PRO M 283 14.64 -76.49 23.46
N ASP M 284 13.71 -77.23 24.09
CA ASP M 284 13.48 -77.09 25.50
C ASP M 284 12.67 -78.25 26.01
N THR M 285 12.52 -79.34 25.21
CA THR M 285 11.88 -80.55 25.69
C THR M 285 12.70 -81.67 25.12
N HIS M 286 12.79 -82.79 25.87
CA HIS M 286 13.57 -83.94 25.46
C HIS M 286 12.61 -85.06 25.34
N VAL M 287 12.79 -85.97 24.35
CA VAL M 287 12.04 -87.21 24.23
C VAL M 287 12.34 -88.11 25.40
N VAL M 288 11.32 -88.80 25.92
CA VAL M 288 11.38 -89.52 27.17
C VAL M 288 10.88 -90.91 26.90
N TYR M 289 10.19 -91.08 25.76
CA TYR M 289 9.70 -92.34 25.31
C TYR M 289 9.70 -92.19 23.83
N LYS M 290 9.92 -93.31 23.15
CA LYS M 290 10.05 -93.40 21.73
C LYS M 290 10.30 -94.87 21.61
N PRO M 291 9.64 -95.60 20.72
CA PRO M 291 9.75 -97.04 20.73
C PRO M 291 10.71 -97.45 19.65
N GLY M 292 11.00 -96.57 18.67
CA GLY M 292 11.94 -96.84 17.62
C GLY M 292 13.35 -96.57 18.05
N LYS M 293 14.23 -96.56 17.03
CA LYS M 293 15.64 -96.25 17.14
C LYS M 293 15.91 -95.29 16.04
N ASP M 294 14.99 -95.21 15.05
CA ASP M 294 15.03 -94.26 13.97
C ASP M 294 14.28 -93.07 14.45
N ASP M 295 14.73 -91.88 14.04
CA ASP M 295 14.08 -90.64 14.42
C ASP M 295 13.39 -90.10 13.20
N ALA M 296 13.67 -90.69 12.01
CA ALA M 296 13.00 -90.39 10.78
C ALA M 296 11.57 -90.84 10.85
N SER M 297 10.64 -89.92 10.54
CA SER M 297 9.19 -90.05 10.57
C SER M 297 8.66 -91.41 10.20
N SER M 298 7.70 -91.91 10.99
CA SER M 298 7.28 -93.28 10.90
C SER M 298 5.95 -93.28 11.59
N GLU M 299 5.21 -94.41 11.53
CA GLU M 299 3.94 -94.53 12.20
C GLU M 299 4.15 -94.76 13.68
N ILE M 300 5.37 -95.19 14.07
CA ILE M 300 5.74 -95.48 15.43
C ILE M 300 6.44 -94.29 16.04
N ASN M 301 6.47 -93.15 15.34
CA ASN M 301 7.06 -91.93 15.86
C ASN M 301 5.96 -90.93 16.05
N LEU M 302 4.67 -91.37 15.97
CA LEU M 302 3.56 -90.56 16.39
C LEU M 302 3.41 -90.65 17.88
N VAL M 303 3.94 -91.73 18.50
CA VAL M 303 3.71 -92.07 19.87
C VAL M 303 4.85 -91.68 20.74
N GLN M 304 5.76 -90.82 20.25
CA GLN M 304 6.82 -90.22 21.02
C GLN M 304 6.25 -89.31 22.06
N GLN M 305 6.98 -89.10 23.17
CA GLN M 305 6.52 -88.32 24.29
C GLN M 305 7.69 -87.52 24.75
N SER M 306 7.43 -86.36 25.38
CA SER M 306 8.46 -85.45 25.78
C SER M 306 8.06 -84.75 27.03
N MET M 307 9.04 -84.58 27.94
CA MET M 307 8.90 -83.89 29.19
C MET M 307 9.85 -82.74 29.08
N PRO M 308 9.54 -81.56 29.60
CA PRO M 308 10.38 -80.38 29.51
C PRO M 308 11.70 -80.60 30.20
N ASN M 309 12.75 -79.89 29.73
CA ASN M 309 14.07 -79.94 30.31
C ASN M 309 14.04 -79.31 31.69
N ARG M 310 14.97 -79.72 32.57
CA ARG M 310 15.05 -79.29 33.94
C ARG M 310 15.25 -77.79 34.06
N PRO M 311 14.60 -77.05 34.94
CA PRO M 311 14.89 -75.64 35.17
C PRO M 311 16.29 -75.48 35.72
N ASN M 312 17.15 -74.71 35.02
CA ASN M 312 18.50 -74.45 35.43
C ASN M 312 18.60 -72.95 35.45
N TYR M 313 18.64 -72.37 36.65
CA TYR M 313 18.88 -70.96 36.89
C TYR M 313 20.36 -70.81 37.14
N ILE M 314 21.02 -69.95 36.33
CA ILE M 314 22.42 -69.61 36.47
C ILE M 314 22.41 -68.14 36.66
N GLY M 315 23.15 -67.63 37.68
CA GLY M 315 23.36 -66.22 37.88
C GLY M 315 24.67 -66.12 38.60
N PHE M 316 25.00 -64.95 39.19
CA PHE M 316 26.15 -64.79 40.05
C PHE M 316 25.83 -65.35 41.40
N ARG M 317 26.84 -65.39 42.30
CA ARG M 317 26.72 -65.93 43.63
C ARG M 317 26.14 -64.91 44.58
N ASP M 318 26.00 -65.31 45.86
CA ASP M 318 25.24 -64.70 46.93
C ASP M 318 25.58 -63.28 47.22
N ASN M 319 26.79 -62.80 46.83
CA ASN M 319 27.21 -61.47 47.20
C ASN M 319 28.34 -61.09 46.31
N PHE M 320 28.58 -61.88 45.23
CA PHE M 320 29.74 -61.82 44.36
C PHE M 320 30.84 -62.58 45.02
N ILE M 321 30.47 -63.72 45.66
CA ILE M 321 31.36 -64.61 46.34
C ILE M 321 32.25 -65.25 45.31
N GLY M 322 33.58 -65.21 45.55
CA GLY M 322 34.59 -65.81 44.73
C GLY M 322 34.76 -65.15 43.40
N LEU M 323 34.49 -63.83 43.30
CA LEU M 323 34.72 -63.06 42.09
C LEU M 323 36.00 -62.28 42.26
N MET M 324 36.58 -62.34 43.47
CA MET M 324 37.82 -61.72 43.80
C MET M 324 38.54 -62.77 44.56
N TYR M 325 39.89 -62.71 44.58
CA TYR M 325 40.65 -63.66 45.32
C TYR M 325 40.77 -63.13 46.69
N TYR M 326 40.68 -64.03 47.68
CA TYR M 326 40.86 -63.70 49.06
C TYR M 326 41.54 -64.92 49.55
N ASN M 327 42.53 -64.75 50.45
CA ASN M 327 43.04 -65.83 51.27
C ASN M 327 43.82 -66.77 50.39
N SER M 328 44.77 -66.21 49.62
CA SER M 328 45.37 -66.85 48.48
C SER M 328 46.83 -66.50 48.44
N THR M 329 47.61 -67.38 47.77
CA THR M 329 49.00 -67.19 47.50
C THR M 329 49.16 -66.46 46.20
N GLY M 330 49.89 -65.32 46.26
CA GLY M 330 50.40 -64.61 45.12
C GLY M 330 49.36 -64.11 44.17
N ASN M 331 48.21 -63.69 44.70
CA ASN M 331 47.17 -63.08 43.95
C ASN M 331 46.12 -62.84 44.97
N MET M 332 46.23 -61.72 45.69
CA MET M 332 45.16 -61.25 46.52
C MET M 332 45.04 -59.81 46.14
N GLY M 333 46.13 -59.04 46.28
CA GLY M 333 46.14 -57.64 45.95
C GLY M 333 46.82 -56.94 47.06
N VAL M 334 47.00 -55.61 46.90
CA VAL M 334 47.80 -54.82 47.78
C VAL M 334 47.13 -53.50 47.89
N LEU M 335 47.09 -52.93 49.10
CA LEU M 335 46.75 -51.57 49.39
C LEU M 335 47.98 -51.10 50.08
N ALA M 336 48.68 -50.08 49.53
CA ALA M 336 49.96 -49.69 50.06
C ALA M 336 50.18 -48.32 49.56
N GLY M 337 51.15 -47.59 50.15
CA GLY M 337 51.50 -46.28 49.67
C GLY M 337 52.36 -46.39 48.48
N GLN M 338 52.56 -45.26 47.77
CA GLN M 338 53.50 -45.18 46.68
C GLN M 338 54.74 -44.51 47.20
N ALA M 339 54.65 -43.95 48.43
CA ALA M 339 55.76 -43.28 49.07
C ALA M 339 56.31 -44.26 50.08
N SER M 340 55.59 -45.39 50.27
CA SER M 340 56.01 -46.50 51.09
C SER M 340 56.99 -47.28 50.29
N GLN M 341 57.97 -47.88 51.00
CA GLN M 341 59.00 -48.70 50.43
C GLN M 341 59.37 -49.71 51.49
N LEU M 342 58.46 -49.89 52.47
CA LEU M 342 58.57 -50.80 53.58
C LEU M 342 57.32 -51.63 53.49
N ASN M 343 57.44 -52.97 53.59
CA ASN M 343 56.42 -53.92 53.17
C ASN M 343 55.49 -54.33 54.29
N ALA M 344 54.32 -54.96 53.93
CA ALA M 344 53.24 -55.39 54.79
C ALA M 344 51.92 -55.35 54.03
N VAL M 345 50.83 -55.80 54.72
CA VAL M 345 49.52 -56.21 54.24
C VAL M 345 49.60 -57.63 53.75
N VAL M 346 48.90 -58.54 54.45
CA VAL M 346 49.01 -59.96 54.24
C VAL M 346 47.63 -60.52 54.42
N ASP M 347 47.28 -61.49 53.54
CA ASP M 347 46.09 -62.29 53.63
C ASP M 347 46.68 -63.66 53.80
N LEU M 348 46.00 -64.51 54.60
CA LEU M 348 46.55 -65.74 55.07
C LEU M 348 45.73 -66.80 54.42
N GLN M 349 46.37 -67.93 54.10
CA GLN M 349 45.81 -69.02 53.34
C GLN M 349 44.61 -69.63 54.00
N ASP M 350 44.70 -69.84 55.32
CA ASP M 350 43.68 -70.47 56.11
C ASP M 350 43.07 -69.42 56.99
N ARG M 351 42.42 -68.46 56.32
CA ARG M 351 41.55 -67.46 56.88
C ARG M 351 40.47 -67.51 55.84
N ASN M 352 39.26 -67.01 56.16
CA ASN M 352 38.14 -67.15 55.27
C ASN M 352 37.38 -65.89 55.47
N THR M 353 37.45 -64.94 54.50
CA THR M 353 36.81 -63.67 54.66
C THR M 353 35.62 -63.60 53.76
N GLU M 354 35.47 -64.59 52.85
CA GLU M 354 34.26 -64.77 52.08
C GLU M 354 33.10 -65.16 52.96
N LEU M 355 33.34 -66.11 53.91
CA LEU M 355 32.36 -66.59 54.85
C LEU M 355 32.17 -65.65 56.00
N SER M 356 33.21 -64.85 56.32
CA SER M 356 33.18 -63.89 57.39
C SER M 356 32.14 -62.84 57.11
N TYR M 357 32.04 -62.42 55.84
CA TYR M 357 31.23 -61.32 55.40
C TYR M 357 29.82 -61.77 55.19
N GLN M 358 29.59 -63.10 55.02
CA GLN M 358 28.25 -63.66 55.04
C GLN M 358 27.61 -63.51 56.39
N LEU M 359 28.39 -63.78 57.43
CA LEU M 359 27.97 -63.82 58.82
C LEU M 359 27.84 -62.41 59.37
N LEU M 360 28.71 -61.47 59.00
CA LEU M 360 28.59 -60.07 59.36
C LEU M 360 27.29 -59.43 58.87
N LEU M 361 26.80 -59.76 57.68
CA LEU M 361 25.68 -59.09 57.06
C LEU M 361 24.41 -59.70 57.53
N ASP M 362 24.49 -60.68 58.44
CA ASP M 362 23.33 -61.24 59.07
C ASP M 362 23.27 -60.72 60.48
N SER M 363 24.34 -60.08 60.98
CA SER M 363 24.40 -59.35 62.24
C SER M 363 24.19 -57.85 62.05
N LEU M 364 24.10 -57.39 60.80
CA LEU M 364 23.80 -56.03 60.39
C LEU M 364 22.64 -56.12 59.41
N GLY M 365 21.46 -55.68 59.83
CA GLY M 365 20.22 -55.87 59.12
C GLY M 365 19.83 -57.29 58.88
N ASP M 366 18.79 -57.48 58.03
CA ASP M 366 18.22 -58.75 57.67
C ASP M 366 18.78 -59.13 56.34
N ARG M 367 18.70 -60.43 56.00
CA ARG M 367 19.12 -60.93 54.72
C ARG M 367 17.93 -61.42 53.96
N THR M 368 16.72 -60.99 54.38
CA THR M 368 15.50 -61.26 53.66
C THR M 368 15.23 -60.09 52.72
N ARG M 369 16.03 -59.01 52.81
CA ARG M 369 15.95 -57.89 51.91
C ARG M 369 16.88 -58.20 50.78
N TYR M 370 16.36 -58.24 49.54
CA TYR M 370 17.12 -58.62 48.37
C TYR M 370 17.32 -57.34 47.65
N PHE M 371 18.58 -56.85 47.60
CA PHE M 371 18.90 -55.61 46.93
C PHE M 371 20.15 -55.77 46.14
N SER M 372 20.04 -55.35 44.87
CA SER M 372 20.89 -55.67 43.74
C SER M 372 22.22 -55.00 43.75
N MET M 373 22.39 -53.91 44.52
CA MET M 373 23.53 -53.03 44.46
C MET M 373 24.83 -53.75 44.63
N TRP M 374 24.91 -54.65 45.64
CA TRP M 374 26.04 -55.49 45.86
C TRP M 374 25.64 -56.93 45.80
N ASN M 375 24.39 -57.18 45.37
CA ASN M 375 23.87 -58.43 44.94
C ASN M 375 23.50 -59.33 46.06
N GLN M 376 23.02 -58.73 47.17
CA GLN M 376 22.46 -59.43 48.28
C GLN M 376 21.21 -60.15 47.89
N ALA M 377 21.02 -61.35 48.48
CA ALA M 377 19.96 -62.27 48.23
C ALA M 377 20.58 -63.51 48.75
N VAL M 378 20.05 -64.03 49.87
CA VAL M 378 20.62 -65.18 50.53
C VAL M 378 19.95 -66.36 49.92
N ASP M 379 20.67 -67.50 49.82
CA ASP M 379 20.14 -68.76 49.34
C ASP M 379 19.19 -69.30 50.36
N SER M 380 18.05 -69.84 49.90
CA SER M 380 16.99 -70.24 50.77
C SER M 380 16.34 -71.38 50.09
N TYR M 381 16.03 -72.47 50.84
CA TYR M 381 15.21 -73.55 50.36
C TYR M 381 13.80 -73.21 50.78
N ASP M 382 12.83 -74.08 50.43
CA ASP M 382 11.45 -73.90 50.82
C ASP M 382 11.18 -74.96 51.86
N PRO M 383 10.48 -74.69 52.95
CA PRO M 383 10.30 -75.62 54.05
C PRO M 383 9.24 -76.65 53.74
N ASP M 384 8.72 -76.71 52.50
CA ASP M 384 7.71 -77.64 52.08
C ASP M 384 8.30 -78.49 50.99
N VAL M 385 9.64 -78.42 50.84
CA VAL M 385 10.39 -79.18 49.88
C VAL M 385 11.41 -79.90 50.71
N ARG M 386 12.15 -79.16 51.56
CA ARG M 386 13.13 -79.69 52.47
C ARG M 386 12.54 -80.64 53.47
N ILE M 387 11.39 -80.28 54.06
CA ILE M 387 10.68 -81.13 54.98
C ILE M 387 9.34 -81.25 54.35
N ILE M 388 8.92 -82.48 54.00
CA ILE M 388 7.69 -82.70 53.28
C ILE M 388 6.67 -82.90 54.35
N GLU M 389 5.73 -81.94 54.46
CA GLU M 389 4.71 -81.93 55.46
C GLU M 389 3.45 -82.39 54.80
N ASN M 390 3.44 -83.66 54.34
CA ASN M 390 2.35 -84.30 53.63
C ASN M 390 1.13 -84.32 54.51
N HIS M 391 -0.05 -83.98 53.96
CA HIS M 391 -1.21 -83.80 54.76
C HIS M 391 -2.42 -84.09 53.92
N GLY M 392 -2.23 -84.85 52.82
CA GLY M 392 -3.27 -85.18 51.87
C GLY M 392 -3.78 -84.00 51.09
N VAL M 393 -4.86 -84.24 50.31
CA VAL M 393 -5.47 -83.26 49.45
C VAL M 393 -6.90 -83.10 49.86
N GLU M 394 -7.46 -81.88 49.68
CA GLU M 394 -8.79 -81.53 50.12
C GLU M 394 -9.78 -81.78 49.02
N ASP M 395 -9.73 -83.03 48.48
CA ASP M 395 -10.59 -83.52 47.44
C ASP M 395 -11.58 -84.32 48.23
N GLU M 396 -12.83 -83.84 48.27
CA GLU M 396 -13.87 -84.42 49.09
C GLU M 396 -15.14 -84.02 48.38
N LEU M 397 -15.01 -83.52 47.13
CA LEU M 397 -16.11 -83.07 46.32
C LEU M 397 -15.63 -83.40 44.93
N PRO M 398 -16.29 -84.22 44.11
CA PRO M 398 -15.89 -84.53 42.74
C PRO M 398 -15.85 -83.34 41.83
N ASN M 399 -14.95 -83.37 40.82
CA ASN M 399 -14.78 -82.34 39.82
C ASN M 399 -15.05 -83.04 38.54
N TYR M 400 -15.67 -82.34 37.57
CA TYR M 400 -16.21 -82.92 36.37
C TYR M 400 -15.89 -82.04 35.22
N CYS M 401 -15.84 -82.66 34.02
CA CYS M 401 -15.53 -82.03 32.78
C CYS M 401 -16.76 -82.31 31.96
N PHE M 402 -17.09 -81.45 30.97
CA PHE M 402 -18.35 -81.49 30.28
C PHE M 402 -18.10 -81.15 28.83
N PRO M 403 -18.79 -81.69 27.83
CA PRO M 403 -18.69 -81.27 26.43
C PRO M 403 -18.95 -79.81 26.22
N LEU M 404 -18.44 -79.25 25.09
CA LEU M 404 -18.60 -77.86 24.71
C LEU M 404 -20.05 -77.49 24.53
N ASP M 405 -20.86 -78.38 23.91
CA ASP M 405 -22.25 -78.10 23.64
C ASP M 405 -23.08 -78.31 24.89
N GLY M 406 -22.52 -79.04 25.89
CA GLY M 406 -23.05 -79.15 27.23
C GLY M 406 -24.34 -79.90 27.27
N SER M 407 -24.52 -80.90 26.37
CA SER M 407 -25.73 -81.65 26.30
C SER M 407 -25.38 -83.06 25.92
N GLY M 408 -24.16 -83.51 26.26
CA GLY M 408 -23.70 -84.87 25.98
C GLY M 408 -23.82 -85.29 24.55
N THR M 409 -24.18 -86.57 24.37
CA THR M 409 -24.52 -87.16 23.09
C THR M 409 -25.99 -86.93 22.87
N ASN M 410 -26.40 -86.82 21.59
CA ASN M 410 -27.74 -86.42 21.22
C ASN M 410 -28.19 -87.39 20.17
N ALA M 411 -29.50 -87.40 19.87
CA ALA M 411 -30.06 -88.21 18.84
C ALA M 411 -31.31 -87.54 18.39
N ALA M 412 -31.81 -87.94 17.19
CA ALA M 412 -33.04 -87.50 16.60
C ALA M 412 -34.25 -87.93 17.38
N TYR M 413 -35.25 -87.04 17.53
CA TYR M 413 -36.54 -87.37 18.07
C TYR M 413 -37.56 -86.57 17.32
N GLN M 414 -38.46 -87.24 16.57
CA GLN M 414 -39.60 -86.65 15.90
C GLN M 414 -40.63 -86.15 16.88
N GLY M 415 -41.33 -85.03 16.57
CA GLY M 415 -42.44 -84.55 17.36
C GLY M 415 -43.62 -85.47 17.23
N VAL M 416 -44.44 -85.63 18.30
CA VAL M 416 -45.63 -86.44 18.31
C VAL M 416 -46.63 -85.72 19.17
N LYS M 417 -47.91 -86.13 19.10
CA LYS M 417 -48.96 -85.57 19.92
C LYS M 417 -50.01 -86.63 20.06
N VAL M 418 -50.79 -86.58 21.16
CA VAL M 418 -51.98 -87.40 21.34
C VAL M 418 -53.10 -86.92 20.45
N LYS M 419 -54.00 -87.85 20.06
CA LYS M 419 -55.21 -87.54 19.31
C LYS M 419 -56.39 -87.77 20.20
N ASN M 420 -56.17 -88.35 21.40
CA ASN M 420 -57.24 -88.67 22.32
C ASN M 420 -56.65 -88.51 23.69
N GLY M 421 -57.37 -87.81 24.59
CA GLY M 421 -56.99 -87.68 25.98
C GLY M 421 -57.28 -88.97 26.68
N ASN M 422 -56.22 -89.74 26.99
CA ASN M 422 -56.36 -91.03 27.61
C ASN M 422 -54.99 -91.32 28.15
N ASP M 423 -54.89 -92.39 28.96
CA ASP M 423 -53.67 -92.90 29.54
C ASP M 423 -53.24 -94.05 28.68
N GLY M 424 -51.94 -94.38 28.72
CA GLY M 424 -51.36 -95.42 27.89
C GLY M 424 -50.37 -94.74 27.01
N ASP M 425 -49.54 -95.56 26.33
CA ASP M 425 -48.47 -95.09 25.48
C ASP M 425 -48.76 -95.50 24.05
N VAL M 426 -50.02 -95.88 23.75
CA VAL M 426 -50.42 -96.21 22.39
C VAL M 426 -51.92 -96.07 22.38
N GLU M 427 -52.55 -95.96 23.58
CA GLU M 427 -53.98 -96.01 23.76
C GLU M 427 -54.49 -94.60 23.86
N SER M 428 -53.55 -93.62 23.80
CA SER M 428 -53.85 -92.20 23.78
C SER M 428 -53.81 -91.77 22.34
N GLU M 429 -53.63 -92.74 21.40
CA GLU M 429 -53.70 -92.55 19.98
C GLU M 429 -52.66 -91.56 19.53
N TRP M 430 -51.38 -91.91 19.72
CA TRP M 430 -50.27 -91.06 19.43
C TRP M 430 -50.05 -91.09 17.95
N GLU M 431 -49.61 -89.95 17.38
CA GLU M 431 -49.41 -89.82 15.96
C GLU M 431 -48.47 -88.66 15.80
N ASN M 432 -47.75 -88.62 14.66
CA ASN M 432 -46.77 -87.63 14.29
C ASN M 432 -47.34 -86.23 14.24
N ASP M 433 -46.53 -85.25 14.70
CA ASP M 433 -46.89 -83.87 14.83
C ASP M 433 -45.96 -83.17 13.86
N ASP M 434 -46.55 -82.35 12.96
CA ASP M 434 -45.84 -81.75 11.85
C ASP M 434 -45.75 -80.25 11.97
N THR M 435 -46.18 -79.67 13.11
CA THR M 435 -45.97 -78.26 13.38
C THR M 435 -44.83 -78.16 14.36
N VAL M 436 -44.31 -79.33 14.76
CA VAL M 436 -43.14 -79.49 15.57
C VAL M 436 -42.19 -80.17 14.63
N ALA M 437 -40.94 -79.67 14.59
CA ALA M 437 -39.88 -80.15 13.75
C ALA M 437 -39.56 -81.58 14.06
N ALA M 438 -39.07 -82.32 13.06
CA ALA M 438 -38.76 -83.71 13.16
C ALA M 438 -37.27 -83.78 13.18
N ARG M 439 -36.69 -84.67 14.01
CA ARG M 439 -35.27 -84.89 14.11
C ARG M 439 -34.62 -83.97 15.12
N ASN M 440 -35.36 -83.58 16.18
CA ASN M 440 -34.87 -82.75 17.27
C ASN M 440 -33.76 -83.40 18.03
N GLN M 441 -32.71 -82.63 18.38
CA GLN M 441 -31.54 -83.11 19.07
C GLN M 441 -31.70 -83.00 20.55
N LEU M 442 -31.96 -84.13 21.24
CA LEU M 442 -32.27 -84.13 22.65
C LEU M 442 -31.41 -85.21 23.24
N CYS M 443 -31.25 -85.16 24.58
CA CYS M 443 -30.42 -86.05 25.34
C CYS M 443 -31.30 -86.65 26.38
N LYS M 444 -31.15 -87.97 26.64
CA LYS M 444 -31.84 -88.67 27.70
C LYS M 444 -30.86 -88.85 28.82
N GLY M 445 -31.38 -88.88 30.06
CA GLY M 445 -30.60 -88.87 31.28
C GLY M 445 -29.69 -87.69 31.40
N ASN M 446 -28.68 -87.81 32.28
CA ASN M 446 -27.68 -86.82 32.56
C ASN M 446 -26.77 -86.62 31.38
N ILE M 447 -26.19 -85.40 31.26
CA ILE M 447 -25.21 -85.00 30.26
C ILE M 447 -23.95 -85.80 30.44
N PHE M 448 -23.13 -85.98 29.37
CA PHE M 448 -21.84 -86.67 29.42
C PHE M 448 -20.87 -85.94 30.32
N ALA M 449 -19.96 -86.67 31.01
CA ALA M 449 -18.98 -86.02 31.86
C ALA M 449 -17.86 -86.96 32.12
N MET M 450 -16.67 -86.39 32.43
CA MET M 450 -15.49 -87.16 32.75
C MET M 450 -14.88 -86.59 33.99
N GLU M 451 -14.86 -87.41 35.04
CA GLU M 451 -14.38 -87.16 36.38
C GLU M 451 -12.89 -86.96 36.45
N ILE M 452 -12.44 -86.03 37.32
CA ILE M 452 -11.04 -85.67 37.45
C ILE M 452 -10.92 -85.21 38.89
N ASN M 453 -9.72 -85.30 39.49
CA ASN M 453 -9.49 -84.92 40.86
C ASN M 453 -8.39 -83.92 40.79
N LEU M 454 -8.75 -82.64 40.64
CA LEU M 454 -7.83 -81.54 40.44
C LEU M 454 -6.85 -81.37 41.55
N GLN M 455 -7.34 -81.44 42.81
CA GLN M 455 -6.54 -81.24 44.00
C GLN M 455 -5.49 -82.30 44.11
N ALA M 456 -5.85 -83.57 43.82
CA ALA M 456 -4.96 -84.70 43.82
C ALA M 456 -3.88 -84.60 42.80
N ASN M 457 -4.22 -84.15 41.57
CA ASN M 457 -3.29 -83.97 40.47
C ASN M 457 -2.29 -82.90 40.71
N LEU M 458 -2.70 -81.77 41.32
CA LEU M 458 -1.83 -80.68 41.68
C LEU M 458 -0.76 -81.04 42.66
N TRP M 459 -1.12 -81.79 43.72
CA TRP M 459 -0.22 -82.27 44.74
C TRP M 459 0.78 -83.25 44.22
N ARG M 460 0.31 -84.16 43.33
CA ARG M 460 1.11 -85.18 42.70
C ARG M 460 2.20 -84.60 41.86
N SER M 461 1.87 -83.55 41.07
CA SER M 461 2.78 -82.91 40.16
C SER M 461 3.67 -81.96 40.89
N PHE M 462 3.23 -81.45 42.05
CA PHE M 462 4.06 -80.65 42.91
C PHE M 462 5.23 -81.42 43.45
N LEU M 463 5.03 -82.66 43.94
CA LEU M 463 6.13 -83.32 44.59
C LEU M 463 7.04 -83.94 43.62
N TYR M 464 6.56 -84.35 42.43
CA TYR M 464 7.43 -84.92 41.45
C TYR M 464 8.44 -83.91 40.96
N SER M 465 8.01 -82.65 40.75
CA SER M 465 8.90 -81.66 40.22
C SER M 465 9.83 -81.06 41.23
N ASN M 466 9.56 -81.24 42.55
CA ASN M 466 10.41 -80.60 43.55
C ASN M 466 11.19 -81.56 44.38
N VAL M 467 10.97 -82.88 44.23
CA VAL M 467 11.52 -83.82 45.17
C VAL M 467 12.09 -84.93 44.36
N ALA M 468 11.31 -85.44 43.39
CA ALA M 468 11.66 -86.67 42.73
C ALA M 468 12.67 -86.44 41.66
N LEU M 469 12.89 -85.17 41.25
CA LEU M 469 13.87 -84.88 40.23
C LEU M 469 15.18 -84.52 40.87
N TYR M 470 15.23 -84.48 42.21
CA TYR M 470 16.38 -83.97 42.94
C TYR M 470 16.97 -85.08 43.75
N LEU M 471 16.52 -86.34 43.53
CA LEU M 471 17.04 -87.51 44.18
C LEU M 471 18.42 -87.84 43.67
N PRO M 472 19.26 -88.59 44.39
CA PRO M 472 20.42 -89.30 43.85
C PRO M 472 20.16 -90.09 42.59
N ASP M 473 21.23 -90.51 41.88
CA ASP M 473 21.09 -91.16 40.59
C ASP M 473 20.92 -92.64 40.72
N SER M 474 20.82 -93.15 41.96
CA SER M 474 20.61 -94.55 42.21
C SER M 474 19.14 -94.85 42.04
N TYR M 475 18.30 -93.80 42.08
CA TYR M 475 16.87 -93.87 41.94
C TYR M 475 16.48 -93.49 40.54
N LYS M 476 17.48 -93.12 39.71
CA LYS M 476 17.31 -92.78 38.33
C LYS M 476 17.63 -93.96 37.48
N TYR M 477 17.26 -93.88 36.19
CA TYR M 477 17.62 -94.86 35.21
C TYR M 477 17.53 -94.15 33.90
N THR M 478 18.19 -94.70 32.85
CA THR M 478 18.20 -94.10 31.53
C THR M 478 16.96 -94.65 30.85
N PRO M 479 15.99 -93.88 30.37
CA PRO M 479 14.86 -94.37 29.60
C PRO M 479 15.30 -95.12 28.37
N ALA M 480 14.53 -96.14 27.94
CA ALA M 480 14.88 -97.00 26.84
C ALA M 480 14.97 -96.25 25.55
N ASN M 481 16.01 -96.57 24.74
CA ASN M 481 16.27 -96.05 23.41
C ASN M 481 16.86 -94.68 23.44
N ILE M 482 17.39 -94.24 24.61
CA ILE M 482 17.95 -92.93 24.81
C ILE M 482 19.36 -93.21 25.23
N THR M 483 20.32 -92.40 24.72
CA THR M 483 21.72 -92.53 25.00
C THR M 483 22.12 -91.18 25.51
N LEU M 484 23.03 -91.14 26.52
CA LEU M 484 23.36 -89.95 27.26
C LEU M 484 24.86 -89.91 27.36
N PRO M 485 25.49 -88.77 27.66
CA PRO M 485 26.90 -88.67 27.99
C PRO M 485 27.38 -89.61 29.06
N THR M 486 28.70 -89.88 29.09
CA THR M 486 29.32 -90.79 30.02
C THR M 486 29.98 -89.99 31.12
N ASN M 487 29.75 -88.65 31.13
CA ASN M 487 30.16 -87.75 32.18
C ASN M 487 28.88 -87.40 32.89
N THR M 488 28.90 -87.47 34.24
CA THR M 488 27.71 -87.45 35.04
C THR M 488 27.44 -86.06 35.57
N ASN M 489 28.29 -85.07 35.22
CA ASN M 489 28.20 -83.72 35.72
C ASN M 489 27.80 -82.83 34.58
N THR M 490 27.27 -83.44 33.50
CA THR M 490 26.84 -82.77 32.31
C THR M 490 25.38 -82.50 32.54
N TYR M 491 24.87 -81.41 31.94
CA TYR M 491 23.47 -81.06 31.95
C TYR M 491 22.64 -82.13 31.31
N ASP M 492 23.08 -82.62 30.13
CA ASP M 492 22.40 -83.57 29.28
C ASP M 492 22.18 -84.86 30.01
N TYR M 493 23.19 -85.28 30.81
CA TYR M 493 23.18 -86.51 31.56
C TYR M 493 22.04 -86.54 32.56
N MET M 494 21.79 -85.43 33.29
CA MET M 494 20.84 -85.46 34.38
C MET M 494 19.51 -84.98 33.92
N ASN M 495 19.45 -84.35 32.73
CA ASN M 495 18.23 -84.00 32.05
C ASN M 495 17.47 -85.23 31.62
N GLY M 496 18.19 -86.19 31.01
CA GLY M 496 17.65 -87.34 30.35
C GLY M 496 17.11 -88.36 31.28
N ARG M 497 17.82 -88.63 32.39
CA ARG M 497 17.50 -89.65 33.34
C ARG M 497 16.28 -89.36 34.14
N VAL M 498 15.29 -90.28 34.07
CA VAL M 498 14.01 -90.11 34.71
C VAL M 498 13.96 -90.94 35.93
N VAL M 499 13.02 -90.58 36.83
CA VAL M 499 12.82 -91.15 38.13
C VAL M 499 11.40 -91.63 38.06
N PRO M 500 11.04 -92.81 38.53
CA PRO M 500 9.66 -93.22 38.69
C PRO M 500 8.81 -92.26 39.48
N PRO M 501 7.64 -91.79 39.06
CA PRO M 501 6.80 -90.94 39.87
C PRO M 501 6.05 -91.78 40.88
N SER M 502 6.39 -93.08 41.00
CA SER M 502 5.80 -94.04 41.89
C SER M 502 6.71 -94.18 43.08
N LEU M 503 7.80 -93.39 43.11
CA LEU M 503 8.76 -93.36 44.19
C LEU M 503 8.40 -92.21 45.10
N VAL M 504 7.41 -91.38 44.68
CA VAL M 504 6.78 -90.44 45.56
C VAL M 504 5.34 -90.51 45.11
N ASP M 505 4.51 -91.24 45.87
CA ASP M 505 3.08 -91.40 45.63
C ASP M 505 2.40 -90.06 45.66
N ALA M 506 2.83 -89.24 46.64
CA ALA M 506 2.20 -88.05 47.13
C ALA M 506 1.22 -88.46 48.18
N TYR M 507 1.39 -89.70 48.68
CA TYR M 507 0.54 -90.39 49.59
C TYR M 507 1.47 -91.38 50.22
N ILE M 508 2.70 -90.93 50.52
CA ILE M 508 3.73 -91.74 51.12
C ILE M 508 4.33 -90.84 52.16
N ASN M 509 4.34 -91.34 53.42
CA ASN M 509 4.68 -90.64 54.64
C ASN M 509 3.58 -89.64 54.89
N ILE M 510 2.33 -90.05 54.55
CA ILE M 510 1.18 -89.21 54.66
C ILE M 510 0.82 -88.95 56.08
N GLY M 511 0.69 -87.65 56.41
CA GLY M 511 0.31 -87.20 57.72
C GLY M 511 1.47 -87.04 58.64
N ALA M 512 2.70 -86.76 58.13
CA ALA M 512 3.85 -86.55 58.98
C ALA M 512 4.80 -85.67 58.25
N ARG M 513 5.76 -85.09 59.01
CA ARG M 513 6.71 -84.12 58.55
C ARG M 513 8.01 -84.86 58.39
N TRP M 514 8.14 -85.74 57.40
CA TRP M 514 9.36 -86.45 57.19
C TRP M 514 10.03 -85.85 55.99
N SER M 515 11.34 -85.59 56.11
CA SER M 515 12.19 -85.00 55.09
C SER M 515 12.29 -85.84 53.85
N LEU M 516 12.44 -87.17 54.04
CA LEU M 516 12.62 -88.21 53.05
C LEU M 516 14.07 -88.55 53.22
N ASP M 517 14.36 -89.84 53.46
CA ASP M 517 15.69 -90.32 53.78
C ASP M 517 16.79 -90.03 52.78
N PRO M 518 16.73 -90.16 51.46
CA PRO M 518 17.90 -90.00 50.62
C PRO M 518 18.14 -88.55 50.28
N MET M 519 17.35 -87.60 50.85
CA MET M 519 17.36 -86.21 50.49
C MET M 519 18.04 -85.42 51.56
N ASP M 520 18.46 -86.08 52.66
CA ASP M 520 19.39 -85.55 53.62
C ASP M 520 20.79 -85.52 53.07
N ASN M 521 21.11 -86.46 52.14
CA ASN M 521 22.35 -86.52 51.40
C ASN M 521 22.51 -85.30 50.51
N VAL M 522 21.40 -84.91 49.84
CA VAL M 522 21.34 -83.90 48.81
C VAL M 522 21.43 -82.52 49.43
N ASN M 523 22.03 -81.54 48.71
CA ASN M 523 22.19 -80.17 49.14
C ASN M 523 20.94 -79.44 48.75
N PRO M 524 20.26 -78.67 49.59
CA PRO M 524 18.89 -78.29 49.31
C PRO M 524 18.88 -76.92 48.70
N PHE M 525 20.06 -76.31 48.49
CA PHE M 525 20.18 -75.00 47.89
C PHE M 525 20.52 -75.16 46.43
N ASN M 526 20.62 -76.41 45.95
CA ASN M 526 20.81 -76.73 44.56
C ASN M 526 19.48 -77.22 44.14
N HIS M 527 18.48 -76.34 44.31
CA HIS M 527 17.11 -76.60 44.00
C HIS M 527 16.68 -75.43 43.19
N HIS M 528 15.57 -75.56 42.43
CA HIS M 528 15.18 -74.56 41.47
C HIS M 528 14.20 -73.59 42.03
N ARG M 529 13.71 -73.82 43.27
CA ARG M 529 12.84 -72.89 43.94
C ARG M 529 13.62 -72.26 45.04
N ASN M 530 14.96 -72.16 44.84
CA ASN M 530 15.85 -71.38 45.66
C ASN M 530 15.53 -69.97 45.28
N ALA M 531 14.90 -69.21 46.21
CA ALA M 531 14.43 -67.87 45.99
C ALA M 531 15.54 -66.92 45.70
N GLY M 532 16.69 -67.11 46.38
CA GLY M 532 17.88 -66.32 46.19
C GLY M 532 18.49 -66.49 44.83
N LEU M 533 18.60 -67.74 44.31
CA LEU M 533 19.29 -67.96 43.06
C LEU M 533 18.40 -67.67 41.90
N ARG M 534 17.07 -67.72 42.10
CA ARG M 534 16.08 -67.29 41.14
C ARG M 534 16.18 -65.83 40.89
N TYR M 535 16.42 -65.04 41.97
CA TYR M 535 16.54 -63.61 41.92
C TYR M 535 17.69 -63.14 41.07
N ARG M 536 18.91 -63.74 41.25
CA ARG M 536 20.11 -63.41 40.50
C ARG M 536 20.04 -63.70 39.05
N SER M 537 19.43 -64.83 38.69
CA SER M 537 19.25 -65.29 37.34
C SER M 537 18.40 -64.33 36.55
N MET M 538 17.35 -63.77 37.20
CA MET M 538 16.36 -62.95 36.54
C MET M 538 16.70 -61.49 36.63
N LEU M 539 17.81 -61.18 37.34
CA LEU M 539 18.32 -59.86 37.51
C LEU M 539 19.35 -59.63 36.45
N LEU M 540 19.66 -60.68 35.68
CA LEU M 540 20.51 -60.64 34.53
C LEU M 540 19.68 -60.86 33.29
N GLY M 541 18.48 -61.47 33.43
CA GLY M 541 17.53 -61.65 32.37
C GLY M 541 17.45 -63.06 31.90
N ASN M 542 16.63 -63.26 30.84
CA ASN M 542 16.23 -64.55 30.33
C ASN M 542 17.11 -65.01 29.20
N GLY M 543 18.08 -64.20 28.73
CA GLY M 543 18.96 -64.57 27.65
C GLY M 543 20.09 -65.41 28.18
N ARG M 544 20.83 -66.08 27.27
CA ARG M 544 22.02 -66.81 27.62
C ARG M 544 23.21 -66.00 27.19
N TYR M 545 22.98 -64.81 26.60
CA TYR M 545 23.99 -63.89 26.15
C TYR M 545 23.61 -62.63 26.85
N VAL M 546 24.38 -62.26 27.89
CA VAL M 546 24.05 -61.23 28.82
C VAL M 546 25.28 -60.40 28.98
N PRO M 547 25.48 -59.26 28.34
CA PRO M 547 26.41 -58.24 28.82
C PRO M 547 25.97 -57.74 30.17
N PHE M 548 26.91 -57.49 31.12
CA PHE M 548 26.54 -57.27 32.50
C PHE M 548 27.30 -56.07 32.98
N HIS M 549 26.77 -55.48 34.07
CA HIS M 549 27.33 -54.35 34.74
C HIS M 549 27.05 -54.63 36.19
N ILE M 550 28.07 -54.65 37.08
CA ILE M 550 27.92 -55.06 38.45
C ILE M 550 28.87 -54.23 39.27
N GLN M 551 28.55 -54.07 40.58
CA GLN M 551 29.35 -53.31 41.52
C GLN M 551 29.75 -54.35 42.53
N VAL M 552 31.06 -54.46 42.89
CA VAL M 552 31.56 -55.57 43.67
C VAL M 552 32.23 -54.94 44.86
N PRO M 553 31.88 -55.24 46.11
CA PRO M 553 32.47 -54.60 47.26
C PRO M 553 33.74 -55.29 47.70
N GLN M 554 34.52 -54.61 48.56
CA GLN M 554 35.71 -55.10 49.20
C GLN M 554 35.25 -55.76 50.47
N LYS M 555 35.59 -57.05 50.65
CA LYS M 555 35.12 -57.87 51.73
C LYS M 555 36.24 -58.18 52.69
N PHE M 556 37.45 -57.61 52.50
CA PHE M 556 38.59 -57.99 53.30
C PHE M 556 38.58 -57.16 54.55
N PHE M 557 38.64 -57.82 55.70
CA PHE M 557 38.45 -57.30 57.04
C PHE M 557 39.67 -56.59 57.61
N ALA M 558 40.10 -55.53 56.91
CA ALA M 558 41.17 -54.70 57.36
C ALA M 558 41.16 -53.44 56.54
N ILE M 559 40.36 -53.39 55.44
CA ILE M 559 40.37 -52.27 54.53
C ILE M 559 38.98 -52.07 53.99
N LYS M 560 37.96 -52.70 54.60
CA LYS M 560 36.60 -52.57 54.14
C LYS M 560 35.86 -51.58 54.99
N SER M 561 36.48 -51.03 56.02
CA SER M 561 35.89 -50.08 56.93
C SER M 561 36.96 -49.11 57.40
N LEU M 562 38.11 -49.14 56.75
CA LEU M 562 39.27 -48.34 57.05
C LEU M 562 39.01 -46.94 56.62
N LEU M 563 39.58 -45.94 57.35
CA LEU M 563 39.54 -44.57 56.94
C LEU M 563 40.96 -44.30 56.49
N LEU M 564 41.11 -43.73 55.28
CA LEU M 564 42.38 -43.56 54.64
C LEU M 564 42.58 -42.10 54.42
N LEU M 565 43.71 -41.57 54.93
CA LEU M 565 44.03 -40.17 54.99
C LEU M 565 44.68 -39.75 53.68
N PRO M 566 44.94 -38.47 53.39
CA PRO M 566 45.72 -37.98 52.26
C PRO M 566 46.96 -38.71 51.87
N GLY M 567 47.28 -38.70 50.57
CA GLY M 567 48.44 -39.35 50.00
C GLY M 567 48.03 -40.11 48.80
N SER M 568 49.01 -40.80 48.19
CA SER M 568 48.88 -41.54 46.97
C SER M 568 49.12 -42.96 47.31
N TYR M 569 48.28 -43.88 46.79
CA TYR M 569 48.34 -45.27 47.16
C TYR M 569 48.25 -45.99 45.86
N THR M 570 48.65 -47.27 45.89
CA THR M 570 48.66 -48.22 44.83
C THR M 570 47.79 -49.34 45.31
N TYR M 571 46.65 -49.53 44.64
CA TYR M 571 45.64 -50.45 45.07
C TYR M 571 45.52 -51.36 43.89
N GLU M 572 45.50 -52.68 44.13
CA GLU M 572 45.39 -53.67 43.10
C GLU M 572 44.64 -54.76 43.78
N TRP M 573 43.74 -55.43 43.04
CA TRP M 573 43.07 -56.60 43.52
C TRP M 573 42.78 -57.43 42.33
N ASN M 574 42.88 -58.78 42.43
CA ASN M 574 42.81 -59.59 41.25
C ASN M 574 41.45 -60.26 41.29
N PHE M 575 41.00 -60.78 40.14
CA PHE M 575 39.64 -61.19 39.90
C PHE M 575 39.73 -62.54 39.29
N ARG M 576 38.61 -63.29 39.30
CA ARG M 576 38.59 -64.68 38.95
C ARG M 576 37.65 -64.79 37.79
N LYS M 577 38.08 -65.47 36.71
CA LYS M 577 37.32 -65.63 35.49
C LYS M 577 36.87 -67.05 35.33
N ASP M 578 37.07 -67.91 36.36
CA ASP M 578 36.55 -69.26 36.40
C ASP M 578 35.07 -69.21 36.60
N VAL M 579 34.29 -69.93 35.75
CA VAL M 579 32.85 -69.81 35.75
C VAL M 579 32.19 -70.79 36.68
N ASN M 580 32.97 -71.48 37.52
CA ASN M 580 32.47 -72.44 38.49
C ASN M 580 32.65 -71.85 39.85
N MET M 581 33.06 -70.57 39.92
CA MET M 581 33.42 -69.92 41.14
C MET M 581 32.75 -68.59 41.18
N ILE M 582 32.18 -68.14 40.03
CA ILE M 582 31.61 -66.81 39.94
C ILE M 582 30.19 -66.96 39.52
N LEU M 583 29.73 -68.19 39.22
CA LEU M 583 28.37 -68.45 38.86
C LEU M 583 27.93 -69.56 39.74
N GLN M 584 26.60 -69.73 39.85
CA GLN M 584 26.00 -70.74 40.65
C GLN M 584 25.05 -71.39 39.70
N SER M 585 24.63 -72.63 40.00
CA SER M 585 23.81 -73.42 39.14
C SER M 585 22.76 -73.97 40.03
N SER M 586 21.64 -74.41 39.43
CA SER M 586 20.50 -74.89 40.16
C SER M 586 20.51 -76.40 40.19
N LEU M 587 21.34 -77.07 39.36
CA LEU M 587 21.45 -78.49 39.38
C LEU M 587 22.82 -78.84 39.85
N GLY M 588 23.73 -77.83 39.91
CA GLY M 588 25.09 -77.99 40.35
C GLY M 588 25.91 -78.64 39.28
N ASN M 589 25.40 -78.66 38.02
CA ASN M 589 26.07 -79.16 36.85
C ASN M 589 27.24 -78.26 36.54
N ASP M 590 28.37 -78.87 36.10
CA ASP M 590 29.57 -78.20 35.69
C ASP M 590 29.29 -77.28 34.52
N LEU M 591 29.85 -76.04 34.55
CA LEU M 591 29.62 -75.05 33.55
C LEU M 591 30.88 -74.87 32.74
N ARG M 592 31.85 -75.79 32.89
CA ARG M 592 33.01 -75.86 32.04
C ARG M 592 32.99 -77.15 31.26
N THR M 593 31.85 -77.85 31.25
CA THR M 593 31.58 -78.92 30.32
C THR M 593 30.41 -78.42 29.51
N ASP M 594 30.09 -77.12 29.67
CA ASP M 594 29.06 -76.41 28.96
C ASP M 594 29.72 -75.12 28.62
N GLY M 595 29.12 -74.38 27.66
CA GLY M 595 29.74 -73.24 27.02
C GLY M 595 29.75 -71.96 27.80
N ALA M 596 29.60 -71.98 29.14
CA ALA M 596 29.73 -70.78 29.93
C ALA M 596 31.14 -70.29 29.91
N SER M 597 31.31 -68.96 29.79
CA SER M 597 32.58 -68.31 29.70
C SER M 597 32.30 -66.89 30.13
N ILE M 598 33.36 -66.11 30.38
CA ILE M 598 33.18 -64.75 30.82
C ILE M 598 34.39 -64.03 30.30
N SER M 599 34.25 -62.71 30.09
CA SER M 599 35.33 -61.86 29.70
C SER M 599 35.02 -60.59 30.40
N PHE M 600 36.09 -59.85 30.79
CA PHE M 600 35.98 -58.58 31.44
C PHE M 600 36.61 -57.60 30.51
N THR M 601 35.92 -56.47 30.32
CA THR M 601 36.37 -55.35 29.56
C THR M 601 36.12 -54.19 30.46
N SER M 602 37.21 -53.56 30.96
CA SER M 602 37.18 -52.42 31.83
C SER M 602 36.67 -52.68 33.22
N ILE M 603 37.55 -52.48 34.24
CA ILE M 603 37.15 -52.53 35.62
C ILE M 603 37.61 -51.21 36.17
N ASN M 604 36.65 -50.40 36.68
CA ASN M 604 36.87 -49.11 37.27
C ASN M 604 36.85 -49.25 38.76
N LEU M 605 37.34 -48.23 39.50
CA LEU M 605 37.18 -48.12 40.93
C LEU M 605 36.40 -46.85 41.09
N TYR M 606 35.36 -46.86 41.94
CA TYR M 606 34.60 -45.70 42.31
C TYR M 606 34.73 -45.49 43.78
N ALA M 607 35.44 -44.41 44.18
CA ALA M 607 35.61 -44.03 45.56
C ALA M 607 34.78 -42.81 45.82
N THR M 608 33.96 -42.80 46.89
CA THR M 608 32.98 -41.77 47.16
C THR M 608 33.45 -40.97 48.36
N PHE M 609 33.79 -39.68 48.16
CA PHE M 609 34.41 -38.83 49.16
C PHE M 609 33.38 -37.96 49.82
N PHE M 610 33.39 -37.93 51.17
CA PHE M 610 32.63 -37.02 52.00
C PHE M 610 33.22 -35.63 51.81
N PRO M 611 32.49 -34.56 51.53
CA PRO M 611 33.09 -33.28 51.20
C PRO M 611 33.32 -32.47 52.45
N MET M 612 34.44 -32.74 53.16
CA MET M 612 34.86 -32.05 54.35
C MET M 612 35.06 -30.58 54.14
N ALA M 613 34.82 -29.77 55.20
CA ALA M 613 35.32 -28.42 55.25
C ALA M 613 36.80 -28.55 55.48
N HIS M 614 37.62 -27.73 54.78
CA HIS M 614 39.06 -27.89 54.75
C HIS M 614 39.73 -27.78 56.09
N ASN M 615 39.31 -26.81 56.92
CA ASN M 615 39.85 -26.58 58.25
C ASN M 615 39.54 -27.74 59.15
N THR M 616 38.31 -28.26 59.13
CA THR M 616 37.91 -29.44 59.90
C THR M 616 38.63 -30.69 59.42
N ALA M 617 38.84 -30.82 58.12
CA ALA M 617 39.54 -31.94 57.53
C ALA M 617 40.92 -32.10 58.06
N SER M 618 41.67 -30.99 58.23
CA SER M 618 43.06 -31.01 58.59
C SER M 618 43.22 -31.25 60.06
N THR M 619 42.25 -30.83 60.86
CA THR M 619 42.15 -31.16 62.28
C THR M 619 41.96 -32.67 62.45
N LEU M 620 41.08 -33.27 61.66
CA LEU M 620 40.79 -34.69 61.67
C LEU M 620 41.99 -35.49 61.30
N GLU M 621 42.75 -35.06 60.27
CA GLU M 621 43.94 -35.70 59.77
C GLU M 621 45.02 -35.72 60.80
N ALA M 622 45.24 -34.58 61.50
CA ALA M 622 46.28 -34.39 62.48
C ALA M 622 46.12 -35.34 63.64
N MET M 623 44.89 -35.53 64.10
CA MET M 623 44.56 -36.46 65.17
C MET M 623 44.91 -37.87 64.75
N LEU M 624 44.60 -38.26 63.51
CA LEU M 624 44.70 -39.62 63.08
C LEU M 624 46.02 -39.83 62.41
N ARG M 625 46.98 -38.91 62.64
CA ARG M 625 48.36 -39.06 62.31
C ARG M 625 49.12 -39.25 63.60
N ASN M 626 48.42 -39.20 64.76
CA ASN M 626 48.97 -39.51 66.06
C ASN M 626 48.93 -41.00 66.19
N ASP M 627 49.85 -41.56 67.00
CA ASP M 627 50.04 -42.98 67.10
C ASP M 627 49.26 -43.53 68.25
N THR M 628 48.39 -42.70 68.89
CA THR M 628 47.52 -43.11 69.96
C THR M 628 46.12 -43.23 69.43
N ASN M 629 45.91 -42.84 68.15
CA ASN M 629 44.61 -42.83 67.53
C ASN M 629 44.73 -43.69 66.32
N ASP M 630 45.23 -44.93 66.52
CA ASP M 630 45.40 -45.88 65.46
C ASP M 630 44.13 -46.64 65.43
N GLN M 631 43.61 -46.92 64.22
CA GLN M 631 42.37 -47.61 64.03
C GLN M 631 42.61 -49.06 64.29
N SER M 632 41.58 -49.87 64.47
CA SER M 632 41.74 -51.24 64.93
C SER M 632 40.54 -52.07 64.54
N PHE M 633 40.77 -53.15 63.80
CA PHE M 633 39.71 -53.97 63.21
C PHE M 633 39.91 -55.42 63.61
N ASN M 634 38.84 -56.21 63.57
CA ASN M 634 38.90 -57.64 63.82
C ASN M 634 38.02 -58.37 62.81
N ASP M 635 38.41 -59.55 62.38
CA ASP M 635 37.63 -60.30 61.41
C ASP M 635 36.31 -60.76 62.05
N TYR M 636 35.16 -60.69 61.39
CA TYR M 636 33.91 -60.99 62.09
C TYR M 636 33.87 -62.44 62.57
N LEU M 637 34.11 -63.37 61.64
CA LEU M 637 34.47 -64.73 61.95
C LEU M 637 35.96 -64.77 62.28
N SER M 638 36.42 -64.21 63.40
CA SER M 638 37.84 -64.31 63.74
C SER M 638 38.19 -65.78 63.98
N ALA M 639 39.05 -66.35 63.14
CA ALA M 639 39.03 -67.76 62.88
C ALA M 639 40.35 -68.18 62.35
N ALA M 640 40.56 -69.51 62.36
CA ALA M 640 41.65 -70.16 61.72
C ALA M 640 40.98 -71.40 61.24
N ASN M 641 41.19 -71.79 59.97
CA ASN M 641 40.33 -72.75 59.32
C ASN M 641 41.22 -73.89 59.01
N MET M 642 40.77 -75.11 59.36
CA MET M 642 41.53 -76.31 59.16
C MET M 642 40.53 -77.27 58.64
N LEU M 643 40.72 -77.86 57.44
CA LEU M 643 39.74 -78.78 56.90
C LEU M 643 40.42 -80.11 56.88
N TYR M 644 40.03 -81.01 57.80
CA TYR M 644 40.62 -82.32 57.94
C TYR M 644 39.87 -83.25 57.03
N PRO M 645 40.50 -84.09 56.19
CA PRO M 645 39.77 -85.00 55.31
C PRO M 645 39.04 -86.14 56.03
N ILE M 646 37.87 -86.52 55.53
CA ILE M 646 37.08 -87.62 56.04
C ILE M 646 37.06 -88.58 54.88
N PRO M 647 37.62 -89.79 54.91
CA PRO M 647 37.51 -90.74 53.80
C PRO M 647 36.07 -91.18 53.51
N ALA M 648 35.79 -91.73 52.33
CA ALA M 648 34.48 -92.29 52.04
C ALA M 648 34.14 -93.44 52.98
N ASN M 649 32.90 -93.54 53.44
CA ASN M 649 32.44 -94.52 54.43
C ASN M 649 33.25 -94.58 55.75
N ALA M 650 34.06 -93.58 56.07
CA ALA M 650 34.69 -93.50 57.38
C ALA M 650 33.66 -93.17 58.47
N THR M 651 33.90 -93.59 59.70
CA THR M 651 33.08 -93.22 60.88
C THR M 651 33.81 -92.33 61.84
N ASN M 652 35.11 -92.52 62.05
CA ASN M 652 35.88 -91.83 63.07
C ASN M 652 36.97 -90.98 62.43
N VAL M 653 37.21 -89.82 63.01
CA VAL M 653 38.06 -88.78 62.45
C VAL M 653 38.90 -88.22 63.59
N PRO M 654 40.09 -88.79 63.85
CA PRO M 654 41.02 -88.22 64.78
C PRO M 654 41.61 -86.91 64.25
N ILE M 655 42.25 -86.15 65.14
CA ILE M 655 42.73 -84.81 64.91
C ILE M 655 44.01 -84.76 65.67
N SER M 656 45.09 -84.21 65.06
CA SER M 656 46.36 -84.02 65.70
C SER M 656 46.68 -82.56 65.62
N ILE M 657 46.81 -81.89 66.79
CA ILE M 657 47.20 -80.51 66.82
C ILE M 657 48.43 -80.45 67.69
N PRO M 658 49.64 -80.28 67.14
CA PRO M 658 50.84 -79.85 67.85
C PRO M 658 50.63 -78.71 68.80
N SER M 659 51.25 -78.77 69.99
CA SER M 659 51.26 -77.78 71.03
C SER M 659 51.35 -76.34 70.58
N ARG M 660 50.48 -75.50 71.14
CA ARG M 660 50.35 -74.12 70.80
C ARG M 660 50.13 -73.54 72.15
N ASN M 661 50.12 -72.19 72.24
CA ASN M 661 49.57 -71.48 73.36
C ASN M 661 48.09 -71.45 73.11
N TRP M 662 47.27 -71.51 74.18
CA TRP M 662 45.83 -71.46 74.09
C TRP M 662 45.38 -70.25 74.83
N ALA M 663 46.31 -69.31 75.11
CA ALA M 663 46.00 -68.02 75.65
C ALA M 663 45.16 -67.24 74.69
N ALA M 664 44.03 -66.69 75.18
CA ALA M 664 43.03 -65.98 74.41
C ALA M 664 42.43 -66.80 73.30
N PHE M 665 41.88 -67.97 73.65
CA PHE M 665 41.27 -68.88 72.71
C PHE M 665 39.82 -68.80 73.02
N ARG M 666 38.98 -69.11 72.03
CA ARG M 666 37.52 -69.09 72.12
C ARG M 666 37.02 -70.43 71.59
N GLY M 667 35.73 -70.64 71.43
CA GLY M 667 35.24 -71.98 71.12
C GLY M 667 35.72 -72.61 69.82
N TRP M 668 35.64 -73.92 69.72
CA TRP M 668 35.58 -74.63 68.46
C TRP M 668 34.24 -74.39 67.80
N SER M 669 34.17 -74.44 66.47
CA SER M 669 32.95 -74.35 65.73
C SER M 669 33.18 -75.26 64.56
N PHE M 670 32.20 -76.07 64.11
CA PHE M 670 32.51 -77.10 63.15
C PHE M 670 31.27 -77.57 62.44
N THR M 671 31.46 -78.13 61.23
CA THR M 671 30.40 -78.56 60.35
C THR M 671 31.07 -79.52 59.39
N ARG M 672 30.29 -80.25 58.59
CA ARG M 672 30.79 -81.28 57.70
C ARG M 672 30.47 -80.80 56.32
N LEU M 673 31.48 -80.84 55.42
CA LEU M 673 31.34 -80.39 54.05
C LEU M 673 31.09 -81.60 53.22
N LYS M 674 31.78 -81.73 52.08
CA LYS M 674 31.35 -82.51 50.96
C LYS M 674 32.38 -82.15 49.96
N THR M 675 32.90 -83.13 49.20
CA THR M 675 34.02 -82.88 48.35
C THR M 675 33.97 -83.80 47.17
N LYS M 676 34.97 -83.63 46.28
CA LYS M 676 35.43 -84.50 45.22
C LYS M 676 35.54 -83.72 43.94
N GLU M 677 35.16 -82.42 43.96
CA GLU M 677 34.95 -81.66 42.75
C GLU M 677 35.40 -80.26 43.07
N THR M 678 35.79 -79.47 42.03
CA THR M 678 36.43 -78.15 42.02
C THR M 678 37.71 -78.06 42.86
N PRO M 679 38.61 -77.10 42.62
CA PRO M 679 39.85 -76.98 43.37
C PRO M 679 39.63 -76.08 44.57
N SER M 680 40.73 -75.71 45.28
CA SER M 680 40.71 -74.84 46.44
C SER M 680 41.28 -73.51 46.05
N LEU M 681 41.06 -72.50 46.92
CA LEU M 681 41.53 -71.14 46.78
C LEU M 681 43.04 -71.12 46.75
N GLY M 682 43.60 -70.30 45.82
CA GLY M 682 45.02 -70.04 45.73
C GLY M 682 45.38 -69.83 44.29
N SER M 683 44.52 -70.27 43.35
CA SER M 683 44.82 -70.20 41.94
C SER M 683 43.52 -70.18 41.20
N GLY M 684 42.43 -70.71 41.84
CA GLY M 684 41.07 -70.68 41.36
C GLY M 684 40.89 -71.15 39.94
N PHE M 685 41.61 -72.22 39.53
CA PHE M 685 41.44 -72.78 38.21
C PHE M 685 41.95 -74.18 38.32
N ASP M 686 41.66 -75.00 37.29
CA ASP M 686 41.99 -76.40 37.18
C ASP M 686 40.93 -76.91 36.22
N PRO M 687 41.18 -77.13 34.92
CA PRO M 687 40.13 -77.25 33.91
C PRO M 687 39.44 -78.60 33.91
N TYR M 688 39.63 -79.46 34.92
CA TYR M 688 39.02 -80.78 34.96
C TYR M 688 37.81 -80.70 35.87
N PHE M 689 37.22 -79.49 35.99
CA PHE M 689 36.05 -79.10 36.76
C PHE M 689 34.90 -80.07 36.75
N VAL M 690 34.08 -80.06 37.82
CA VAL M 690 33.01 -81.02 37.95
C VAL M 690 31.92 -80.48 38.84
N TYR M 691 31.90 -79.15 39.13
CA TYR M 691 30.92 -78.63 40.05
C TYR M 691 30.76 -77.17 39.75
N SER M 692 29.62 -76.56 40.19
CA SER M 692 29.35 -75.18 39.91
C SER M 692 28.21 -74.72 40.76
N GLY M 693 27.54 -75.60 41.53
CA GLY M 693 26.44 -75.24 42.40
C GLY M 693 26.90 -74.50 43.62
N SER M 694 26.03 -74.40 44.66
CA SER M 694 26.28 -73.70 45.90
C SER M 694 27.48 -74.30 46.58
N ILE M 695 28.41 -73.46 47.08
CA ILE M 695 29.62 -73.90 47.72
C ILE M 695 29.39 -73.63 49.17
N PRO M 696 29.27 -74.60 50.08
CA PRO M 696 28.89 -74.33 51.45
C PRO M 696 30.00 -73.66 52.20
N TYR M 697 31.26 -73.90 51.78
CA TYR M 697 32.47 -73.41 52.38
C TYR M 697 32.53 -71.90 52.43
N LEU M 698 32.09 -71.23 51.33
CA LEU M 698 32.31 -69.82 51.13
C LEU M 698 31.01 -69.08 51.37
N ASP M 699 29.87 -69.78 51.21
CA ASP M 699 28.54 -69.27 51.48
C ASP M 699 28.25 -69.56 52.93
N GLY M 700 27.15 -69.01 53.48
CA GLY M 700 26.74 -69.27 54.84
C GLY M 700 26.08 -70.62 54.97
N THR M 701 25.68 -71.23 53.83
CA THR M 701 25.03 -72.50 53.75
C THR M 701 25.87 -73.63 54.31
N PHE M 702 25.19 -74.59 54.94
CA PHE M 702 25.71 -75.83 55.44
C PHE M 702 24.45 -76.63 55.45
N TYR M 703 24.53 -77.97 55.60
CA TYR M 703 23.33 -78.75 55.53
C TYR M 703 23.62 -80.13 56.06
N LEU M 704 24.86 -80.39 56.50
CA LEU M 704 25.23 -81.63 57.11
C LEU M 704 25.76 -81.19 58.44
N ASN M 705 24.98 -81.45 59.50
CA ASN M 705 25.26 -81.05 60.85
C ASN M 705 24.54 -82.04 61.70
N HIS M 706 23.62 -82.78 61.08
CA HIS M 706 22.78 -83.74 61.72
C HIS M 706 23.38 -85.09 61.42
N THR M 707 24.68 -85.12 61.05
CA THR M 707 25.38 -86.32 60.68
C THR M 707 26.45 -86.59 61.68
N PHE M 708 26.85 -85.58 62.50
CA PHE M 708 27.63 -85.79 63.68
C PHE M 708 26.92 -86.62 64.70
N LYS M 709 27.67 -87.48 65.41
CA LYS M 709 27.13 -88.36 66.40
C LYS M 709 27.78 -88.07 67.71
N LYS M 710 29.12 -87.95 67.77
CA LYS M 710 29.80 -87.61 69.00
C LYS M 710 31.03 -86.81 68.67
N VAL M 711 31.58 -86.14 69.71
CA VAL M 711 32.80 -85.38 69.60
C VAL M 711 33.37 -85.35 70.99
N SER M 712 34.72 -85.40 71.14
CA SER M 712 35.34 -85.37 72.45
C SER M 712 36.56 -84.54 72.27
N ILE M 713 37.04 -83.96 73.38
CA ILE M 713 38.14 -83.03 73.41
C ILE M 713 39.09 -83.57 74.44
N THR M 714 40.41 -83.39 74.23
CA THR M 714 41.43 -83.96 75.06
C THR M 714 42.52 -82.94 75.00
N PHE M 715 43.20 -82.66 76.14
CA PHE M 715 44.39 -81.86 76.16
C PHE M 715 45.37 -82.66 76.96
N ASP M 716 46.47 -83.08 76.29
CA ASP M 716 47.58 -83.85 76.80
C ASP M 716 47.23 -85.29 76.93
N SER M 717 45.97 -85.65 76.59
CA SER M 717 45.40 -86.97 76.69
C SER M 717 45.31 -87.39 78.12
N SER M 718 44.84 -86.49 78.98
CA SER M 718 44.85 -86.74 80.39
C SER M 718 43.97 -85.71 81.03
N VAL M 719 43.44 -84.73 80.25
CA VAL M 719 42.41 -83.90 80.77
C VAL M 719 41.37 -83.92 79.69
N SER M 720 40.15 -84.39 80.01
CA SER M 720 38.97 -84.21 79.19
C SER M 720 38.60 -82.77 79.36
N TRP M 721 38.43 -81.99 78.26
CA TRP M 721 37.90 -80.66 78.42
C TRP M 721 36.49 -80.57 78.97
N PRO M 722 35.47 -81.29 78.54
CA PRO M 722 34.12 -81.00 79.03
C PRO M 722 33.91 -81.93 80.19
N GLY M 723 34.86 -82.86 80.43
CA GLY M 723 34.77 -83.88 81.44
C GLY M 723 35.42 -83.42 82.70
N ASN M 724 34.70 -82.52 83.41
CA ASN M 724 35.00 -82.13 84.75
C ASN M 724 33.76 -82.43 85.53
N ASP M 725 32.86 -83.23 84.91
CA ASP M 725 31.65 -83.76 85.47
C ASP M 725 30.67 -82.64 85.47
N ARG M 726 29.98 -82.44 84.31
CA ARG M 726 29.11 -81.31 84.13
C ARG M 726 28.27 -81.57 82.92
N LEU M 727 28.25 -82.81 82.41
CA LEU M 727 27.29 -83.26 81.44
C LEU M 727 26.95 -84.66 81.87
N LEU M 728 25.87 -85.23 81.29
CA LEU M 728 25.47 -86.61 81.53
C LEU M 728 26.04 -87.46 80.43
N THR M 729 26.91 -86.84 79.61
CA THR M 729 27.77 -87.48 78.64
C THR M 729 29.09 -86.78 78.88
N PRO M 730 29.80 -87.03 79.98
CA PRO M 730 30.75 -86.08 80.54
C PRO M 730 32.00 -85.94 79.75
N ASN M 731 32.61 -87.03 79.23
CA ASN M 731 33.90 -86.95 78.61
C ASN M 731 33.76 -86.74 77.14
N GLU M 732 32.52 -86.58 76.64
CA GLU M 732 32.25 -86.49 75.24
C GLU M 732 31.12 -85.52 75.12
N PHE M 733 30.42 -85.59 73.99
CA PHE M 733 29.31 -84.77 73.64
C PHE M 733 28.58 -85.71 72.74
N GLU M 734 27.25 -85.73 72.79
CA GLU M 734 26.47 -86.60 71.96
C GLU M 734 25.55 -85.70 71.25
N ILE M 735 25.57 -85.76 69.91
CA ILE M 735 24.86 -84.85 69.07
C ILE M 735 23.63 -85.56 68.60
N LYS M 736 23.67 -86.92 68.63
CA LYS M 736 22.56 -87.77 68.28
C LYS M 736 22.64 -88.88 69.27
N ARG M 737 21.58 -89.69 69.33
CA ARG M 737 21.49 -90.81 70.20
C ARG M 737 20.26 -91.49 69.74
N THR M 738 20.43 -92.57 68.95
CA THR M 738 19.36 -93.44 68.54
C THR M 738 19.40 -94.60 69.49
N VAL M 739 18.20 -95.02 69.96
CA VAL M 739 17.99 -95.97 71.03
C VAL M 739 18.35 -95.24 72.30
N ASP M 740 17.31 -94.78 73.02
CA ASP M 740 17.43 -93.97 74.21
C ASP M 740 18.13 -94.71 75.31
N GLY M 741 18.92 -93.97 76.12
CA GLY M 741 19.69 -94.52 77.20
C GLY M 741 18.77 -94.57 78.38
N GLU M 742 18.77 -93.47 79.16
CA GLU M 742 17.79 -93.25 80.20
C GLU M 742 16.74 -92.29 79.71
N GLY M 743 16.72 -92.00 78.40
CA GLY M 743 15.88 -90.98 77.87
C GLY M 743 16.50 -89.64 78.06
N TYR M 744 17.72 -89.44 77.50
CA TYR M 744 18.39 -88.17 77.59
C TYR M 744 17.87 -87.25 76.51
N ASN M 745 17.17 -87.78 75.49
CA ASN M 745 16.75 -87.05 74.31
C ASN M 745 15.82 -85.90 74.66
N VAL M 746 16.00 -84.73 74.00
CA VAL M 746 15.03 -83.66 73.97
C VAL M 746 13.95 -84.03 73.00
N ALA M 747 12.75 -83.43 73.23
CA ALA M 747 11.49 -83.75 72.59
C ALA M 747 11.52 -83.96 71.11
N GLN M 748 11.23 -85.22 70.74
CA GLN M 748 10.85 -85.68 69.44
C GLN M 748 11.93 -85.53 68.40
N CYS M 749 13.19 -85.80 68.82
CA CYS M 749 14.29 -85.93 67.92
C CYS M 749 15.37 -86.65 68.65
N ASN M 750 16.43 -87.06 67.91
CA ASN M 750 17.57 -87.81 68.38
C ASN M 750 18.36 -87.06 69.41
N MET M 751 18.61 -85.75 69.16
CA MET M 751 19.41 -84.83 69.92
C MET M 751 19.34 -85.02 71.42
N THR M 752 20.49 -85.06 72.12
CA THR M 752 20.52 -85.26 73.54
C THR M 752 20.27 -83.94 74.22
N LYS M 753 19.77 -83.99 75.47
CA LYS M 753 19.56 -82.86 76.34
C LYS M 753 20.80 -82.11 76.65
N ASP M 754 21.92 -82.84 76.82
CA ASP M 754 23.22 -82.28 77.14
C ASP M 754 23.71 -81.38 76.06
N TRP M 755 23.60 -81.81 74.79
CA TRP M 755 23.95 -81.04 73.63
C TRP M 755 23.09 -79.84 73.43
N PHE M 756 21.76 -79.99 73.62
CA PHE M 756 20.78 -78.97 73.40
C PHE M 756 21.02 -77.81 74.34
N LEU M 757 21.40 -78.11 75.59
CA LEU M 757 21.79 -77.15 76.57
C LEU M 757 22.99 -76.33 76.17
N VAL M 758 24.05 -76.96 75.64
CA VAL M 758 25.26 -76.29 75.21
C VAL M 758 25.00 -75.33 74.09
N GLN M 759 24.17 -75.73 73.10
CA GLN M 759 23.76 -74.96 71.97
C GLN M 759 23.02 -73.71 72.32
N MET M 760 22.12 -73.74 73.32
CA MET M 760 21.29 -72.62 73.61
C MET M 760 21.96 -71.72 74.60
N LEU M 761 23.12 -72.13 75.17
CA LEU M 761 23.97 -71.27 75.96
C LEU M 761 25.07 -70.73 75.10
N ALA M 762 25.25 -71.22 73.89
CA ALA M 762 26.24 -70.69 72.98
C ALA M 762 25.62 -69.53 72.20
N HIS M 763 24.40 -69.73 71.70
CA HIS M 763 23.73 -68.81 70.79
C HIS M 763 22.87 -67.70 71.43
N TYR M 764 22.42 -67.80 72.68
CA TYR M 764 21.42 -66.92 73.23
C TYR M 764 21.59 -66.82 74.71
N ASN M 765 22.42 -67.68 75.34
CA ASN M 765 22.69 -67.66 76.75
C ASN M 765 21.45 -67.92 77.56
N ILE M 766 20.80 -69.09 77.37
CA ILE M 766 19.60 -69.40 78.08
C ILE M 766 19.68 -70.88 78.31
N GLY M 767 19.23 -71.36 79.49
CA GLY M 767 19.25 -72.76 79.81
C GLY M 767 19.49 -72.99 81.26
N TYR M 768 20.01 -71.98 82.01
CA TYR M 768 20.24 -72.12 83.43
C TYR M 768 19.12 -71.46 84.19
N GLN M 769 18.27 -70.70 83.47
CA GLN M 769 17.15 -69.97 84.00
C GLN M 769 15.93 -70.55 83.35
N GLY M 770 16.07 -71.75 82.75
CA GLY M 770 15.01 -72.45 82.07
C GLY M 770 15.04 -72.05 80.64
N PHE M 771 14.73 -72.99 79.74
CA PHE M 771 14.64 -72.77 78.32
C PHE M 771 13.46 -71.89 78.01
N TYR M 772 13.59 -71.09 76.95
CA TYR M 772 12.58 -70.15 76.50
C TYR M 772 12.79 -70.06 75.04
N VAL M 773 12.00 -69.19 74.38
CA VAL M 773 12.05 -69.00 72.95
C VAL M 773 12.92 -67.77 72.79
N PRO M 774 14.03 -67.77 72.05
CA PRO M 774 14.80 -66.59 71.72
C PRO M 774 14.01 -65.44 71.17
N GLU M 775 14.50 -64.20 71.39
CA GLU M 775 13.97 -63.03 70.76
C GLU M 775 14.38 -63.02 69.31
N GLY M 776 13.65 -62.26 68.48
CA GLY M 776 13.82 -62.25 67.05
C GLY M 776 15.10 -61.58 66.61
N TYR M 777 15.62 -60.65 67.44
CA TYR M 777 16.82 -59.90 67.15
C TYR M 777 17.99 -60.47 67.91
N LYS M 778 17.78 -61.58 68.66
CA LYS M 778 18.82 -62.22 69.43
C LYS M 778 19.04 -63.58 68.85
N ASP M 779 18.40 -63.86 67.69
CA ASP M 779 18.68 -65.03 66.89
C ASP M 779 18.46 -64.53 65.50
N ARG M 780 19.18 -65.11 64.53
CA ARG M 780 19.27 -64.56 63.19
C ARG M 780 19.10 -65.72 62.28
N MET M 781 19.37 -65.53 60.96
CA MET M 781 19.24 -66.53 59.94
C MET M 781 20.12 -67.74 60.17
N TYR M 782 21.35 -67.52 60.67
CA TYR M 782 22.32 -68.59 60.83
C TYR M 782 22.35 -69.09 62.25
N SER M 783 21.49 -68.56 63.15
CA SER M 783 21.45 -69.01 64.52
C SER M 783 20.75 -70.33 64.63
N PHE M 784 21.09 -71.08 65.69
CA PHE M 784 20.63 -72.41 65.97
C PHE M 784 19.15 -72.59 66.04
N PHE M 785 18.44 -71.70 66.78
CA PHE M 785 17.05 -71.89 67.10
C PHE M 785 16.16 -71.91 65.88
N ARG M 786 16.40 -71.00 64.90
CA ARG M 786 15.60 -70.91 63.70
C ARG M 786 15.64 -72.15 62.87
N ASN M 787 16.83 -72.78 62.77
CA ASN M 787 17.12 -73.74 61.75
C ASN M 787 16.95 -75.16 62.25
N PHE M 788 16.68 -75.33 63.55
CA PHE M 788 16.54 -76.59 64.22
C PHE M 788 15.12 -77.05 64.11
N GLN M 789 14.87 -78.12 63.33
CA GLN M 789 13.54 -78.65 63.13
C GLN M 789 13.58 -80.12 63.48
N PRO M 790 13.06 -80.52 64.64
CA PRO M 790 12.60 -81.85 64.99
C PRO M 790 11.58 -82.45 64.08
N MET M 791 11.55 -83.79 63.99
CA MET M 791 10.52 -84.47 63.25
C MET M 791 10.50 -85.89 63.70
N SER M 792 9.42 -86.64 63.37
CA SER M 792 9.38 -88.06 63.56
C SER M 792 8.34 -88.62 62.63
N ARG M 793 8.39 -89.94 62.39
CA ARG M 793 7.43 -90.70 61.64
C ARG M 793 7.22 -92.00 62.36
N GLN M 794 6.16 -92.74 61.99
CA GLN M 794 6.01 -94.13 62.36
C GLN M 794 5.78 -94.83 61.06
N VAL M 795 6.48 -95.97 60.87
CA VAL M 795 6.44 -96.80 59.69
C VAL M 795 6.35 -98.20 60.17
N VAL M 796 6.03 -99.15 59.26
CA VAL M 796 5.75 -100.54 59.54
C VAL M 796 6.90 -101.22 60.23
N ASP M 797 6.59 -102.02 61.28
CA ASP M 797 7.54 -102.79 62.02
C ASP M 797 7.51 -104.10 61.29
N GLU M 798 8.68 -104.54 60.78
CA GLU M 798 8.80 -105.70 59.95
C GLU M 798 9.14 -106.95 60.73
N VAL M 799 9.16 -106.85 62.08
CA VAL M 799 9.53 -107.94 62.94
C VAL M 799 8.27 -108.36 63.65
N ASN M 800 7.48 -107.38 64.10
CA ASN M 800 6.34 -107.63 64.96
C ASN M 800 5.06 -107.62 64.17
N TYR M 801 5.13 -107.49 62.83
CA TYR M 801 3.97 -107.55 61.98
C TYR M 801 4.24 -108.79 61.18
N LYS M 802 3.30 -109.75 61.25
CA LYS M 802 3.52 -111.10 60.82
C LYS M 802 3.00 -111.34 59.44
N ASP M 803 2.34 -110.32 58.85
CA ASP M 803 1.83 -110.40 57.51
C ASP M 803 2.65 -109.46 56.67
N TYR M 804 3.82 -109.03 57.19
CA TYR M 804 4.74 -108.16 56.51
C TYR M 804 5.36 -108.91 55.38
N GLN M 805 5.13 -108.42 54.15
CA GLN M 805 5.82 -108.85 52.95
C GLN M 805 6.63 -107.65 52.62
N ALA M 806 7.70 -107.83 51.83
CA ALA M 806 8.50 -106.71 51.41
C ALA M 806 8.29 -106.61 49.94
N VAL M 807 7.46 -105.63 49.53
CA VAL M 807 7.15 -105.39 48.14
C VAL M 807 8.09 -104.28 47.80
N THR M 808 8.79 -104.45 46.66
CA THR M 808 9.79 -103.54 46.20
C THR M 808 9.21 -102.85 45.02
N LEU M 809 9.77 -101.66 44.69
CA LEU M 809 9.25 -100.79 43.67
C LEU M 809 9.43 -101.46 42.34
N ALA M 810 8.30 -101.69 41.64
CA ALA M 810 8.14 -102.34 40.36
C ALA M 810 7.04 -103.34 40.52
N TYR M 811 6.53 -103.49 41.76
CA TYR M 811 5.54 -104.48 42.14
C TYR M 811 4.58 -103.79 43.03
N GLN M 812 4.94 -102.57 43.47
CA GLN M 812 4.11 -101.65 44.19
C GLN M 812 3.19 -100.98 43.22
N HIS M 813 1.88 -100.99 43.53
CA HIS M 813 0.91 -100.39 42.68
C HIS M 813 -0.04 -99.67 43.59
N ASN M 814 -0.24 -98.38 43.29
CA ASN M 814 -1.21 -97.54 43.91
C ASN M 814 -1.55 -96.58 42.80
N ASN M 815 -2.83 -96.17 42.69
CA ASN M 815 -3.36 -95.34 41.61
C ASN M 815 -3.28 -96.11 40.33
N SER M 816 -3.46 -97.43 40.39
CA SER M 816 -3.23 -98.32 39.29
C SER M 816 -4.23 -98.05 38.21
N GLY M 817 -3.76 -97.84 36.96
CA GLY M 817 -4.60 -97.59 35.82
C GLY M 817 -4.74 -96.13 35.54
N PHE M 818 -4.08 -95.27 36.35
CA PHE M 818 -4.28 -93.84 36.28
C PHE M 818 -2.92 -93.19 36.22
N VAL M 819 -1.84 -93.94 36.56
CA VAL M 819 -0.49 -93.44 36.50
C VAL M 819 0.26 -94.35 35.59
N GLY M 820 1.34 -93.82 34.96
CA GLY M 820 2.23 -94.57 34.11
C GLY M 820 3.02 -95.55 34.93
N TYR M 821 3.58 -96.58 34.27
CA TYR M 821 4.33 -97.61 34.94
C TYR M 821 5.78 -97.20 35.00
N LEU M 822 6.23 -96.72 36.18
CA LEU M 822 7.61 -96.42 36.51
C LEU M 822 8.22 -95.35 35.65
N ALA M 823 7.40 -94.45 35.06
CA ALA M 823 7.91 -93.42 34.21
C ALA M 823 6.88 -92.34 34.20
N PRO M 824 7.22 -91.09 33.89
CA PRO M 824 6.26 -90.00 33.83
C PRO M 824 5.45 -90.05 32.55
N THR M 825 5.51 -91.15 31.77
CA THR M 825 4.72 -91.41 30.59
C THR M 825 3.25 -91.51 30.90
N MET M 826 2.41 -91.67 29.84
CA MET M 826 0.99 -91.91 29.91
C MET M 826 0.56 -93.03 30.80
N ARG M 827 -0.69 -92.91 31.29
CA ARG M 827 -1.40 -93.82 32.16
C ARG M 827 -1.51 -95.18 31.53
N GLN M 828 -1.51 -96.24 32.37
CA GLN M 828 -1.65 -97.58 31.87
C GLN M 828 -2.00 -98.42 33.04
N GLY M 829 -2.63 -99.60 32.78
CA GLY M 829 -3.01 -100.55 33.79
C GLY M 829 -4.51 -100.55 33.89
N GLN M 830 -5.04 -100.91 35.07
CA GLN M 830 -6.44 -101.06 35.32
C GLN M 830 -6.72 -100.59 36.72
N PRO M 831 -7.87 -99.99 37.05
CA PRO M 831 -8.39 -99.86 38.41
C PRO M 831 -8.36 -101.16 39.18
N TYR M 832 -7.67 -101.19 40.33
CA TYR M 832 -7.55 -102.42 41.08
C TYR M 832 -7.23 -101.97 42.46
N PRO M 833 -7.50 -102.71 43.55
CA PRO M 833 -7.02 -102.43 44.89
C PRO M 833 -5.55 -102.11 44.94
N ALA M 834 -5.16 -101.12 45.74
CA ALA M 834 -3.79 -100.73 45.95
C ALA M 834 -3.18 -101.73 46.87
N ASN M 835 -1.86 -101.62 47.15
CA ASN M 835 -1.22 -102.62 47.95
C ASN M 835 0.03 -102.05 48.52
N TYR M 836 0.41 -100.81 48.15
CA TYR M 836 1.67 -100.25 48.57
C TYR M 836 1.67 -99.74 49.98
N PRO M 837 1.31 -98.52 50.37
CA PRO M 837 1.28 -98.13 51.78
C PRO M 837 0.54 -99.10 52.66
N TYR M 838 0.95 -99.23 53.93
CA TYR M 838 0.26 -100.06 54.89
C TYR M 838 -0.50 -99.09 55.73
N PRO M 839 -1.77 -99.27 56.08
CA PRO M 839 -2.48 -98.51 57.08
C PRO M 839 -1.71 -98.29 58.35
N LEU M 840 -1.82 -97.12 58.97
CA LEU M 840 -1.11 -96.83 60.18
C LEU M 840 -2.05 -96.06 61.05
N ILE M 841 -3.23 -95.65 60.53
CA ILE M 841 -4.08 -94.68 61.18
C ILE M 841 -5.45 -95.25 61.32
N GLY M 842 -5.76 -96.34 60.58
CA GLY M 842 -7.10 -96.82 60.46
C GLY M 842 -7.48 -97.68 61.63
N LYS M 843 -8.43 -98.58 61.35
CA LYS M 843 -8.88 -99.62 62.22
C LYS M 843 -8.25 -100.90 61.72
N SER M 844 -7.43 -100.78 60.65
CA SER M 844 -6.68 -101.85 60.03
C SER M 844 -5.20 -101.57 60.20
N ALA M 845 -4.82 -100.68 61.14
CA ALA M 845 -3.46 -100.21 61.33
C ALA M 845 -2.52 -101.32 61.69
N VAL M 846 -1.32 -101.31 61.07
CA VAL M 846 -0.30 -102.32 61.27
C VAL M 846 0.59 -101.84 62.38
N THR M 847 1.47 -102.72 62.90
CA THR M 847 2.40 -102.43 63.97
C THR M 847 3.37 -101.33 63.58
N SER M 848 3.52 -100.34 64.48
CA SER M 848 4.17 -99.07 64.27
C SER M 848 5.37 -98.95 65.18
N VAL M 849 6.54 -98.60 64.61
CA VAL M 849 7.78 -98.40 65.33
C VAL M 849 8.25 -97.01 64.95
N THR M 850 8.55 -96.15 65.96
CA THR M 850 8.87 -94.74 65.80
C THR M 850 10.32 -94.58 65.43
N GLN M 851 10.60 -93.76 64.38
CA GLN M 851 11.93 -93.30 64.07
C GLN M 851 11.93 -91.81 64.01
N LYS M 852 12.90 -91.14 64.67
CA LYS M 852 12.92 -89.71 64.85
C LYS M 852 14.22 -89.23 64.28
N LYS M 853 14.32 -87.92 63.92
CA LYS M 853 15.56 -87.29 63.50
C LYS M 853 15.37 -85.80 63.59
N PHE M 854 16.44 -85.01 63.35
CA PHE M 854 16.39 -83.57 63.27
C PHE M 854 17.19 -83.15 62.06
N LEU M 855 17.00 -81.87 61.64
CA LEU M 855 17.78 -81.26 60.60
C LEU M 855 18.13 -79.90 61.10
N CYS M 856 19.44 -79.54 60.99
CA CYS M 856 19.97 -78.23 61.25
C CYS M 856 20.72 -77.92 60.00
N ASP M 857 20.44 -76.74 59.40
CA ASP M 857 21.05 -76.31 58.17
C ASP M 857 21.43 -74.90 58.44
N ARG M 858 22.47 -74.38 57.75
CA ARG M 858 22.82 -72.99 57.78
C ARG M 858 23.43 -72.59 59.09
N VAL M 859 23.93 -73.56 59.88
CA VAL M 859 24.42 -73.26 61.20
C VAL M 859 25.55 -74.20 61.45
N MET M 860 26.65 -73.68 61.98
CA MET M 860 27.77 -74.46 62.51
C MET M 860 27.57 -74.72 63.99
N TRP M 861 27.84 -75.93 64.42
CA TRP M 861 27.91 -76.30 65.81
C TRP M 861 28.93 -75.48 66.50
N ARG M 862 28.72 -75.17 67.76
CA ARG M 862 29.62 -74.40 68.58
C ARG M 862 29.82 -75.15 69.87
N ILE M 863 31.02 -75.10 70.39
CA ILE M 863 31.28 -75.48 71.74
C ILE M 863 32.01 -74.26 72.17
N PRO M 864 31.45 -73.35 72.98
CA PRO M 864 32.18 -72.22 73.51
C PRO M 864 33.18 -72.66 74.57
N PHE M 865 34.35 -72.08 74.59
CA PHE M 865 35.44 -72.42 75.48
C PHE M 865 35.37 -71.53 76.67
N SER M 866 34.59 -71.96 77.69
CA SER M 866 34.39 -71.21 78.90
C SER M 866 34.01 -72.24 79.93
N SER M 867 34.34 -71.99 81.22
CA SER M 867 34.01 -72.84 82.35
C SER M 867 32.52 -72.96 82.51
N ASN M 868 31.84 -71.83 82.31
CA ASN M 868 30.42 -71.69 82.33
C ASN M 868 30.16 -71.44 80.88
N PHE M 869 29.35 -72.28 80.20
CA PHE M 869 29.22 -72.30 78.76
C PHE M 869 28.64 -71.03 78.18
N MET M 870 28.00 -70.18 79.01
CA MET M 870 27.55 -68.86 78.65
C MET M 870 28.65 -67.95 78.21
N SER M 871 28.36 -67.18 77.17
CA SER M 871 29.21 -66.09 76.68
C SER M 871 29.01 -64.84 77.53
N MET M 872 30.08 -64.15 77.93
CA MET M 872 30.03 -63.05 78.89
C MET M 872 31.23 -62.13 78.72
N GLY M 873 31.58 -61.84 77.47
CA GLY M 873 32.79 -61.13 77.06
C GLY M 873 33.48 -61.90 75.94
N ALA M 874 34.05 -61.21 74.96
CA ALA M 874 34.70 -61.86 73.82
C ALA M 874 35.92 -62.67 74.24
N LEU M 875 36.75 -62.12 75.12
CA LEU M 875 37.81 -62.85 75.75
C LEU M 875 37.22 -63.63 76.88
N THR M 876 37.45 -64.95 76.89
CA THR M 876 36.78 -65.89 77.76
C THR M 876 37.52 -65.93 79.06
N ASP M 877 36.99 -66.68 80.05
CA ASP M 877 37.54 -66.77 81.37
C ASP M 877 38.52 -67.92 81.43
N LEU M 878 38.56 -68.80 80.40
CA LEU M 878 39.57 -69.80 80.26
C LEU M 878 40.62 -69.31 79.31
N GLY M 879 40.45 -68.11 78.72
CA GLY M 879 41.42 -67.51 77.85
C GLY M 879 42.41 -66.76 78.70
N GLN M 880 41.99 -66.26 79.86
CA GLN M 880 42.83 -65.58 80.81
C GLN M 880 43.44 -66.54 81.82
N ASN M 881 42.98 -67.80 81.90
CA ASN M 881 43.58 -68.73 82.82
C ASN M 881 44.76 -69.35 82.15
N MET M 882 44.89 -69.12 80.84
CA MET M 882 45.94 -69.66 80.01
C MET M 882 46.99 -68.61 79.83
N LEU M 883 46.61 -67.31 79.98
CA LEU M 883 47.55 -66.21 80.04
C LEU M 883 48.52 -66.39 81.18
N TYR M 884 47.98 -66.67 82.39
CA TYR M 884 48.77 -66.81 83.57
C TYR M 884 49.15 -68.25 83.70
N ALA M 885 50.47 -68.49 83.88
CA ALA M 885 51.07 -69.77 84.12
C ALA M 885 50.94 -70.61 82.89
N ASN M 886 51.25 -70.00 81.72
CA ASN M 886 51.08 -70.61 80.43
C ASN M 886 52.09 -71.72 80.30
N SER M 887 51.58 -72.95 80.06
CA SER M 887 52.36 -74.15 80.00
C SER M 887 51.64 -75.03 79.03
N ALA M 888 50.98 -74.40 78.04
CA ALA M 888 50.15 -75.02 77.04
C ALA M 888 50.86 -76.03 76.17
N HIS M 889 50.10 -77.09 75.79
CA HIS M 889 50.58 -78.23 75.08
C HIS M 889 49.45 -78.76 74.23
N ALA M 890 49.39 -80.11 74.02
CA ALA M 890 48.56 -80.84 73.08
C ALA M 890 47.10 -80.52 73.08
N LEU M 891 46.45 -80.87 71.95
CA LEU M 891 45.03 -80.93 71.79
C LEU M 891 44.86 -82.02 70.79
N ASP M 892 43.77 -82.80 70.89
CA ASP M 892 43.40 -83.78 69.90
C ASP M 892 41.93 -83.89 70.07
N MET M 893 41.22 -84.27 69.00
CA MET M 893 39.80 -84.44 69.05
C MET M 893 39.48 -85.71 68.35
N ASN M 894 38.30 -86.23 68.68
CA ASN M 894 37.69 -87.43 68.22
C ASN M 894 36.39 -87.04 67.60
N PHE M 895 36.16 -87.11 66.28
CA PHE M 895 34.88 -86.73 65.72
C PHE M 895 34.36 -87.96 65.07
N GLU M 896 33.08 -88.26 65.36
CA GLU M 896 32.39 -89.42 64.90
C GLU M 896 31.27 -88.86 64.11
N VAL M 897 31.09 -89.40 62.88
CA VAL M 897 30.08 -88.96 61.95
C VAL M 897 29.55 -90.23 61.37
N ASP M 898 28.37 -90.18 60.71
CA ASP M 898 27.72 -91.36 60.21
C ASP M 898 28.28 -91.56 58.83
N PRO M 899 28.53 -92.76 58.31
CA PRO M 899 29.03 -92.98 56.97
C PRO M 899 28.29 -92.31 55.85
N MET M 900 29.01 -91.94 54.78
CA MET M 900 28.47 -91.32 53.60
C MET M 900 29.30 -91.89 52.52
N ASP M 901 28.66 -92.35 51.43
CA ASP M 901 29.29 -92.98 50.29
C ASP M 901 30.26 -92.06 49.61
N GLU M 902 29.87 -90.79 49.43
CA GLU M 902 30.72 -89.73 48.96
C GLU M 902 31.74 -89.38 50.01
N SER M 903 32.94 -88.96 49.57
CA SER M 903 33.97 -88.47 50.43
C SER M 903 33.57 -87.08 50.82
N THR M 904 33.98 -86.64 52.02
CA THR M 904 33.47 -85.48 52.69
C THR M 904 34.69 -84.89 53.32
N LEU M 905 34.61 -83.62 53.76
CA LEU M 905 35.63 -83.04 54.57
C LEU M 905 34.97 -82.70 55.85
N LEU M 906 35.81 -82.33 56.81
CA LEU M 906 35.44 -81.86 58.10
C LEU M 906 35.95 -80.47 58.03
N TYR M 907 35.24 -79.53 58.63
CA TYR M 907 35.60 -78.15 58.64
C TYR M 907 35.56 -77.81 60.09
N VAL M 908 36.71 -77.39 60.64
CA VAL M 908 36.86 -77.06 62.02
C VAL M 908 37.36 -75.66 61.93
N VAL M 909 36.73 -74.81 62.72
CA VAL M 909 37.05 -73.40 62.89
C VAL M 909 37.51 -73.24 64.31
N PHE M 910 38.67 -72.63 64.50
CA PHE M 910 39.24 -72.37 65.79
C PHE M 910 39.04 -70.92 65.95
N GLU M 911 38.11 -70.55 66.84
CA GLU M 911 37.82 -69.16 67.11
C GLU M 911 38.97 -68.56 67.89
N VAL M 912 39.54 -67.50 67.35
CA VAL M 912 40.79 -66.92 67.76
C VAL M 912 40.59 -65.46 67.60
N PHE M 913 41.43 -64.61 68.22
CA PHE M 913 41.41 -63.18 67.96
C PHE M 913 42.23 -62.93 66.73
N ASP M 914 41.59 -62.36 65.68
CA ASP M 914 42.19 -61.97 64.44
C ASP M 914 42.00 -60.48 64.42
N VAL M 915 43.08 -59.68 64.55
CA VAL M 915 42.99 -58.27 64.84
C VAL M 915 44.15 -57.61 64.17
N VAL M 916 43.94 -56.38 63.63
CA VAL M 916 44.91 -55.63 62.87
C VAL M 916 44.73 -54.22 63.32
N ARG M 917 45.87 -53.51 63.54
CA ARG M 917 45.98 -52.16 64.03
C ARG M 917 46.62 -51.35 62.95
N VAL M 918 45.90 -50.36 62.39
CA VAL M 918 46.26 -49.66 61.19
C VAL M 918 46.53 -48.25 61.56
N HIS M 919 47.69 -47.71 61.14
CA HIS M 919 48.08 -46.36 61.43
C HIS M 919 48.57 -45.81 60.12
N GLN M 920 48.60 -44.47 59.99
CA GLN M 920 49.20 -43.79 58.88
C GLN M 920 50.19 -42.92 59.59
N PRO M 921 51.49 -43.09 59.55
CA PRO M 921 52.37 -42.23 60.32
C PRO M 921 52.54 -40.89 59.65
N HIS M 922 52.62 -40.89 58.31
CA HIS M 922 52.95 -39.76 57.49
C HIS M 922 52.05 -39.82 56.31
N ARG M 923 52.04 -38.73 55.51
CA ARG M 923 51.28 -38.65 54.29
C ARG M 923 51.74 -39.67 53.29
N GLY M 924 50.79 -40.45 52.73
CA GLY M 924 51.02 -41.44 51.72
C GLY M 924 51.65 -42.69 52.26
N VAL M 925 51.62 -42.90 53.59
CA VAL M 925 52.17 -44.10 54.17
C VAL M 925 51.05 -44.65 54.96
N ILE M 926 50.78 -45.97 54.78
CA ILE M 926 49.91 -46.76 55.59
C ILE M 926 50.74 -47.90 56.09
N GLU M 927 50.73 -48.18 57.41
CA GLU M 927 51.39 -49.30 58.02
C GLU M 927 50.28 -50.13 58.58
N ALA M 928 50.50 -51.45 58.74
CA ALA M 928 49.55 -52.29 59.42
C ALA M 928 50.38 -53.11 60.37
N VAL M 929 49.73 -53.66 61.41
CA VAL M 929 50.32 -54.58 62.36
C VAL M 929 49.26 -55.62 62.48
N TYR M 930 49.61 -56.90 62.28
CA TYR M 930 48.68 -58.01 62.31
C TYR M 930 49.15 -58.89 63.42
N LEU M 931 48.22 -59.32 64.30
CA LEU M 931 48.57 -60.27 65.32
C LEU M 931 47.35 -61.07 65.61
N ARG M 932 47.57 -62.36 65.95
CA ARG M 932 46.56 -63.29 66.40
C ARG M 932 47.20 -63.91 67.59
N THR M 933 46.42 -64.54 68.50
CA THR M 933 47.00 -65.07 69.72
C THR M 933 47.14 -66.57 69.68
N PRO M 934 46.16 -67.46 69.54
CA PRO M 934 46.41 -68.90 69.67
C PRO M 934 47.13 -69.48 68.49
N PHE M 935 46.82 -69.04 67.25
CA PHE M 935 47.45 -69.57 66.06
C PHE M 935 48.10 -68.40 65.39
N SER M 936 49.44 -68.36 65.39
CA SER M 936 50.20 -67.20 65.01
C SER M 936 51.39 -67.69 64.26
N ALA M 937 52.04 -66.80 63.48
CA ALA M 937 53.38 -67.03 62.97
C ALA M 937 54.33 -66.53 64.02
N GLY M 938 55.31 -67.38 64.43
CA GLY M 938 56.37 -67.01 65.33
C GLY M 938 57.39 -66.10 64.67
N ASN M 939 57.69 -66.37 63.38
CA ASN M 939 58.60 -65.60 62.55
C ASN M 939 60.03 -65.62 63.05
N ALA M 940 60.53 -66.82 63.44
CA ALA M 940 61.88 -67.13 63.85
C ALA M 940 62.41 -66.35 65.03
N THR M 941 63.57 -66.84 65.58
CA THR M 941 64.26 -66.41 66.79
C THR M 941 63.30 -66.14 67.95
N THR M 942 62.35 -67.07 68.17
CA THR M 942 61.31 -66.95 69.16
C THR M 942 61.72 -67.83 70.36
N MET N 1 55.21 -70.06 75.39
CA MET N 1 54.39 -70.24 76.60
C MET N 1 54.93 -69.36 77.69
N ALA N 2 55.66 -69.95 78.67
CA ALA N 2 56.35 -69.29 79.75
C ALA N 2 55.47 -68.38 80.59
N THR N 3 56.11 -67.52 81.42
CA THR N 3 55.48 -66.47 82.20
C THR N 3 54.87 -65.41 81.29
N PRO N 4 53.77 -64.73 81.66
CA PRO N 4 53.04 -63.77 80.84
C PRO N 4 53.87 -62.79 80.06
N SER N 5 53.42 -62.46 78.83
CA SER N 5 54.17 -61.64 77.91
C SER N 5 53.23 -61.27 76.80
N MET N 6 51.97 -61.78 76.85
CA MET N 6 50.99 -61.55 75.84
C MET N 6 50.08 -60.46 76.33
N LEU N 7 50.06 -60.19 77.66
CA LEU N 7 49.26 -59.16 78.28
C LEU N 7 49.56 -57.73 77.82
N PRO N 8 50.79 -57.24 77.59
CA PRO N 8 51.02 -55.88 77.11
C PRO N 8 50.63 -55.77 75.66
N GLN N 9 50.58 -56.89 74.91
CA GLN N 9 50.35 -56.88 73.49
C GLN N 9 48.88 -57.15 73.26
N TRP N 10 48.10 -57.30 74.34
CA TRP N 10 46.68 -57.38 74.30
C TRP N 10 46.15 -56.05 74.74
N ALA N 11 47.03 -55.15 75.21
CA ALA N 11 46.66 -53.80 75.55
C ALA N 11 47.06 -52.91 74.42
N TYR N 12 47.66 -53.50 73.36
CA TYR N 12 48.16 -52.78 72.23
C TYR N 12 47.22 -53.07 71.10
N MET N 13 46.75 -54.34 71.00
CA MET N 13 45.91 -54.78 69.91
C MET N 13 44.48 -54.76 70.36
N HIS N 14 44.21 -54.37 71.62
CA HIS N 14 42.87 -54.17 72.14
C HIS N 14 42.10 -55.46 72.24
N ILE N 15 42.73 -56.47 72.86
CA ILE N 15 42.17 -57.78 73.08
C ILE N 15 41.76 -57.81 74.53
N ALA N 16 42.29 -56.88 75.35
CA ALA N 16 42.00 -56.81 76.75
C ALA N 16 42.55 -55.53 77.27
N GLY N 17 42.53 -54.44 76.49
CA GLY N 17 43.02 -53.13 76.93
C GLY N 17 42.00 -52.35 77.74
N GLN N 18 41.91 -51.04 77.51
CA GLN N 18 40.89 -50.16 78.07
C GLN N 18 39.85 -49.71 77.05
N ASP N 19 38.83 -48.94 77.42
CA ASP N 19 37.77 -48.46 76.50
C ASP N 19 38.30 -47.57 75.35
N ALA N 20 37.61 -47.52 74.21
CA ALA N 20 37.99 -46.68 73.07
C ALA N 20 37.97 -45.20 73.41
N SER N 21 36.95 -44.74 74.11
CA SER N 21 36.88 -43.36 74.57
C SER N 21 37.99 -43.01 75.58
N GLU N 22 38.75 -43.99 76.03
CA GLU N 22 39.79 -43.83 77.02
C GLU N 22 41.20 -44.10 76.49
N TYR N 23 41.44 -44.63 75.28
CA TYR N 23 42.79 -44.70 74.75
C TYR N 23 42.98 -43.68 73.67
N LEU N 24 41.91 -43.05 73.19
CA LEU N 24 41.94 -41.98 72.22
C LEU N 24 42.11 -40.61 72.89
N SER N 25 42.71 -39.65 72.19
CA SER N 25 42.82 -38.26 72.59
C SER N 25 41.44 -37.70 72.81
N PRO N 26 41.26 -36.78 73.78
CA PRO N 26 39.95 -36.22 74.07
C PRO N 26 39.45 -35.32 72.95
N GLY N 27 40.35 -34.73 72.15
CA GLY N 27 40.00 -34.01 70.94
C GLY N 27 39.32 -34.91 69.90
N LEU N 28 39.86 -36.09 69.63
CA LEU N 28 39.22 -37.02 68.68
C LEU N 28 37.92 -37.60 69.21
N VAL N 29 37.82 -37.86 70.51
CA VAL N 29 36.58 -38.31 71.13
C VAL N 29 35.50 -37.23 71.11
N GLN N 30 35.83 -35.96 71.34
CA GLN N 30 34.93 -34.82 71.14
C GLN N 30 34.47 -34.73 69.67
N PHE N 31 35.38 -34.86 68.71
CA PHE N 31 35.05 -34.82 67.28
C PHE N 31 34.08 -35.93 66.88
N ALA N 32 34.30 -37.16 67.35
CA ALA N 32 33.49 -38.31 67.00
C ALA N 32 32.06 -38.18 67.53
N ARG N 33 31.87 -37.58 68.71
CA ARG N 33 30.52 -37.24 69.22
C ARG N 33 29.87 -36.17 68.38
N ALA N 34 30.57 -35.07 68.09
CA ALA N 34 30.03 -33.93 67.37
C ALA N 34 29.54 -34.26 65.97
N THR N 35 30.23 -35.14 65.25
CA THR N 35 29.92 -35.55 63.88
C THR N 35 29.14 -36.86 63.77
N ASP N 36 28.65 -37.44 64.87
CA ASP N 36 28.11 -38.80 64.91
C ASP N 36 26.96 -39.03 63.91
N THR N 37 26.15 -37.99 63.73
CA THR N 37 24.90 -38.01 62.97
C THR N 37 25.08 -38.09 61.47
N TYR N 38 26.30 -37.87 60.93
CA TYR N 38 26.52 -37.84 59.49
C TYR N 38 27.87 -38.38 59.01
N PHE N 39 28.76 -38.84 59.90
CA PHE N 39 30.07 -39.28 59.52
C PHE N 39 30.57 -40.05 60.70
N SER N 40 30.00 -41.26 60.92
CA SER N 40 30.33 -42.10 62.04
C SER N 40 31.72 -42.66 61.93
N LEU N 41 32.54 -42.38 62.95
CA LEU N 41 33.86 -42.99 63.16
C LEU N 41 33.81 -44.22 64.07
N GLY N 42 32.71 -44.51 64.75
CA GLY N 42 32.65 -45.49 65.83
C GLY N 42 33.24 -46.86 65.49
N ASN N 43 32.95 -47.39 64.30
CA ASN N 43 33.40 -48.70 63.85
C ASN N 43 34.90 -48.81 63.52
N LYS N 44 35.64 -47.70 63.47
CA LYS N 44 37.07 -47.70 63.18
C LYS N 44 37.93 -48.14 64.36
N PHE N 45 37.40 -48.19 65.58
CA PHE N 45 38.16 -48.43 66.80
C PHE N 45 37.63 -49.64 67.56
N ARG N 46 38.48 -50.59 67.94
CA ARG N 46 38.07 -51.72 68.77
C ARG N 46 37.71 -51.24 70.17
N ASN N 47 36.66 -51.80 70.74
CA ASN N 47 36.40 -51.74 72.16
C ASN N 47 36.59 -53.14 72.76
N PRO N 48 37.43 -53.36 73.78
CA PRO N 48 37.65 -54.68 74.37
C PRO N 48 36.44 -55.18 75.16
N THR N 49 36.25 -56.49 75.27
CA THR N 49 35.37 -57.10 76.29
C THR N 49 35.97 -58.37 76.88
N VAL N 50 35.89 -58.55 78.20
CA VAL N 50 36.52 -59.67 78.91
C VAL N 50 35.61 -60.28 79.96
N ALA N 51 35.58 -61.60 80.06
CA ALA N 51 34.81 -62.30 81.09
C ALA N 51 35.41 -62.10 82.49
N PRO N 52 34.63 -62.19 83.58
CA PRO N 52 35.20 -62.20 84.92
C PRO N 52 35.95 -63.50 85.20
N THR N 53 37.07 -63.45 85.91
CA THR N 53 37.84 -64.64 86.28
C THR N 53 37.48 -65.24 87.65
N HIS N 54 36.95 -64.46 88.61
CA HIS N 54 36.77 -64.91 90.00
C HIS N 54 35.33 -65.10 90.47
N ASP N 55 34.35 -64.57 89.73
CA ASP N 55 32.95 -64.59 90.15
C ASP N 55 32.28 -65.97 90.01
N VAL N 56 32.56 -66.75 88.94
CA VAL N 56 31.66 -67.81 88.55
C VAL N 56 32.38 -69.13 88.43
N THR N 57 33.68 -69.18 88.79
CA THR N 57 34.45 -70.39 88.66
C THR N 57 35.66 -70.19 89.53
N THR N 58 36.21 -71.32 90.06
CA THR N 58 37.55 -71.41 90.57
C THR N 58 37.92 -72.85 90.26
N ASP N 59 37.64 -73.81 91.19
CA ASP N 59 38.09 -75.18 91.14
C ASP N 59 37.81 -75.80 92.48
N ARG N 60 36.65 -76.50 92.60
CA ARG N 60 36.25 -77.14 93.83
C ARG N 60 35.09 -78.04 93.51
N SER N 61 35.26 -78.93 92.49
CA SER N 61 34.34 -79.98 92.10
C SER N 61 33.13 -79.42 91.40
N GLN N 62 32.48 -80.22 90.52
CA GLN N 62 31.45 -79.67 89.67
C GLN N 62 30.42 -80.74 89.43
N ARG N 63 29.14 -80.30 89.29
CA ARG N 63 28.07 -81.03 88.64
C ARG N 63 27.30 -80.00 87.86
N LEU N 64 26.15 -80.38 87.21
CA LEU N 64 25.44 -79.39 86.43
C LEU N 64 24.02 -79.81 86.12
N THR N 65 23.65 -81.10 86.23
CA THR N 65 22.28 -81.55 85.98
C THR N 65 22.08 -82.90 86.64
N LEU N 66 20.83 -83.25 87.09
CA LEU N 66 20.58 -84.46 87.84
C LEU N 66 19.17 -84.93 87.51
N ARG N 67 18.79 -86.14 88.00
CA ARG N 67 17.59 -86.85 87.60
C ARG N 67 16.89 -87.46 88.80
N PHE N 68 16.38 -86.62 89.73
CA PHE N 68 15.76 -86.97 90.98
C PHE N 68 14.79 -88.15 91.05
N VAL N 69 14.56 -88.65 92.31
CA VAL N 69 13.79 -89.81 92.77
C VAL N 69 12.52 -90.05 92.02
N PRO N 70 12.25 -91.23 91.50
CA PRO N 70 10.97 -91.41 90.85
C PRO N 70 10.32 -92.67 91.36
N VAL N 71 11.01 -93.56 92.13
CA VAL N 71 10.50 -94.89 92.47
C VAL N 71 9.72 -94.88 93.77
N ASP N 72 8.52 -95.53 93.75
CA ASP N 72 7.58 -95.61 94.84
C ASP N 72 6.77 -96.87 94.52
N ARG N 73 5.40 -96.82 94.61
CA ARG N 73 4.48 -97.89 94.22
C ARG N 73 3.10 -97.61 94.77
N GLU N 74 2.07 -97.72 93.90
CA GLU N 74 0.66 -97.65 94.27
C GLU N 74 -0.10 -98.16 93.07
N ASP N 75 -0.02 -97.39 91.95
CA ASP N 75 -0.59 -97.63 90.63
C ASP N 75 -2.07 -97.35 90.59
N ASN N 76 -2.48 -96.42 89.70
CA ASN N 76 -3.80 -95.83 89.70
C ASN N 76 -4.18 -95.69 88.24
N THR N 77 -5.50 -95.61 87.95
CA THR N 77 -6.03 -95.62 86.60
C THR N 77 -6.60 -94.28 86.19
N TYR N 78 -6.87 -93.38 87.16
CA TYR N 78 -7.50 -92.10 86.87
C TYR N 78 -6.42 -91.07 86.70
N SER N 79 -5.18 -91.41 87.10
CA SER N 79 -4.15 -90.45 87.29
C SER N 79 -2.92 -91.25 87.56
N TYR N 80 -1.86 -90.54 87.96
CA TYR N 80 -0.57 -91.10 88.21
C TYR N 80 -0.07 -90.07 89.16
N LYS N 81 1.03 -90.34 89.87
CA LYS N 81 1.60 -89.34 90.73
C LYS N 81 2.99 -89.86 90.89
N VAL N 82 3.97 -88.97 91.20
CA VAL N 82 5.29 -89.42 91.52
C VAL N 82 5.82 -88.43 92.52
N ARG N 83 6.38 -88.91 93.66
CA ARG N 83 7.21 -88.16 94.59
C ARG N 83 8.62 -88.05 94.07
N TYR N 84 9.36 -87.00 94.47
CA TYR N 84 10.75 -86.76 94.16
C TYR N 84 11.31 -86.24 95.43
N THR N 85 12.64 -86.35 95.62
CA THR N 85 13.25 -85.69 96.73
C THR N 85 14.38 -84.94 96.11
N LEU N 86 14.21 -83.60 96.08
CA LEU N 86 15.20 -82.63 95.67
C LEU N 86 16.31 -82.62 96.65
N ALA N 87 17.55 -82.54 96.15
CA ALA N 87 18.70 -82.41 96.99
C ALA N 87 19.44 -81.30 96.35
N VAL N 88 19.56 -80.17 97.08
CA VAL N 88 20.23 -78.99 96.64
C VAL N 88 21.34 -78.94 97.62
N GLY N 89 22.57 -79.20 97.15
CA GLY N 89 23.77 -79.21 97.95
C GLY N 89 24.07 -77.84 98.45
N ASP N 90 25.10 -77.73 99.31
CA ASP N 90 25.44 -76.50 99.96
C ASP N 90 26.26 -75.74 98.96
N ASN N 91 25.99 -74.43 98.78
CA ASN N 91 26.73 -73.55 97.91
C ASN N 91 26.29 -73.75 96.49
N ARG N 92 25.10 -74.34 96.27
CA ARG N 92 24.49 -74.47 94.98
C ARG N 92 23.14 -73.87 95.14
N VAL N 93 22.67 -73.12 94.13
CA VAL N 93 21.35 -72.53 94.12
C VAL N 93 20.69 -73.05 92.88
N LEU N 94 19.36 -73.29 92.94
CA LEU N 94 18.62 -73.88 91.86
C LEU N 94 17.51 -72.94 91.53
N ASP N 95 17.32 -72.63 90.24
CA ASP N 95 16.18 -71.88 89.75
C ASP N 95 15.16 -72.90 89.39
N MET N 96 13.87 -72.68 89.69
CA MET N 96 12.81 -73.63 89.46
C MET N 96 12.21 -73.43 88.10
N ALA N 97 12.77 -72.49 87.33
CA ALA N 97 12.37 -72.24 85.98
C ALA N 97 12.97 -73.27 85.07
N SER N 98 14.04 -73.94 85.53
CA SER N 98 14.79 -74.91 84.78
C SER N 98 14.45 -76.29 85.26
N THR N 99 13.33 -76.46 86.02
CA THR N 99 12.87 -77.76 86.42
C THR N 99 11.73 -78.08 85.51
N TYR N 100 11.74 -79.33 85.00
CA TYR N 100 10.73 -79.81 84.08
C TYR N 100 10.74 -81.29 84.26
N PHE N 101 9.59 -81.96 84.07
CA PHE N 101 9.56 -83.40 84.22
C PHE N 101 9.87 -83.93 82.86
N ASP N 102 10.16 -85.23 82.77
CA ASP N 102 10.26 -85.93 81.53
C ASP N 102 9.31 -87.06 81.70
N ILE N 103 8.18 -87.06 81.00
CA ILE N 103 7.19 -88.09 81.06
C ILE N 103 7.43 -88.91 79.82
N ARG N 104 7.42 -90.25 79.96
CA ARG N 104 7.67 -91.12 78.83
C ARG N 104 6.63 -92.16 78.98
N GLY N 105 6.33 -92.89 77.90
CA GLY N 105 5.20 -93.78 77.94
C GLY N 105 4.82 -94.09 76.55
N VAL N 106 3.66 -94.76 76.39
CA VAL N 106 3.11 -95.10 75.11
C VAL N 106 1.77 -94.42 75.08
N LEU N 107 1.39 -93.91 73.90
CA LEU N 107 0.17 -93.21 73.61
C LEU N 107 -0.45 -94.02 72.53
N ASP N 108 -1.73 -94.35 72.67
CA ASP N 108 -2.48 -95.03 71.65
C ASP N 108 -3.53 -94.04 71.31
N ARG N 109 -3.98 -94.08 70.04
CA ARG N 109 -4.96 -93.19 69.51
C ARG N 109 -5.97 -94.15 69.00
N GLY N 110 -7.25 -93.73 68.95
CA GLY N 110 -8.31 -94.59 68.48
C GLY N 110 -8.26 -94.69 66.99
N PRO N 111 -9.23 -95.35 66.38
CA PRO N 111 -9.29 -95.53 64.95
C PRO N 111 -9.87 -94.29 64.31
N SER N 112 -10.16 -93.25 65.12
CA SER N 112 -10.74 -92.01 64.69
C SER N 112 -9.72 -91.09 64.09
N PHE N 113 -8.43 -91.31 64.44
CA PHE N 113 -7.28 -90.58 63.98
C PHE N 113 -7.14 -90.69 62.47
N LYS N 114 -6.73 -89.58 61.81
CA LYS N 114 -6.56 -89.53 60.39
C LYS N 114 -5.91 -88.20 60.15
N PRO N 115 -4.60 -88.07 60.13
CA PRO N 115 -3.90 -86.81 59.91
C PRO N 115 -3.81 -86.38 58.46
N TYR N 116 -4.85 -86.59 57.62
CA TYR N 116 -4.78 -86.16 56.25
C TYR N 116 -6.18 -86.04 55.72
N SER N 117 -6.37 -85.24 54.65
CA SER N 117 -7.69 -84.92 54.13
C SER N 117 -8.08 -85.77 52.97
N GLY N 118 -7.11 -86.37 52.27
CA GLY N 118 -7.38 -87.17 51.10
C GLY N 118 -7.65 -88.57 51.48
N THR N 119 -7.20 -89.48 50.59
CA THR N 119 -7.19 -90.90 50.79
C THR N 119 -5.81 -91.20 50.32
N ALA N 120 -5.28 -92.38 50.65
CA ALA N 120 -3.93 -92.73 50.30
C ALA N 120 -3.95 -93.92 49.41
N TYR N 121 -5.15 -94.36 48.96
CA TYR N 121 -5.30 -95.55 48.16
C TYR N 121 -6.19 -95.20 47.02
N ASN N 122 -5.68 -95.36 45.77
CA ASN N 122 -6.31 -95.03 44.50
C ASN N 122 -6.92 -93.66 44.52
N SER N 123 -6.11 -92.66 44.90
CA SER N 123 -6.44 -91.26 44.97
C SER N 123 -6.87 -90.62 43.69
N LEU N 124 -6.30 -91.05 42.54
CA LEU N 124 -6.69 -90.52 41.25
C LEU N 124 -7.85 -91.22 40.62
N ALA N 125 -8.36 -92.32 41.22
CA ALA N 125 -9.55 -92.98 40.73
C ALA N 125 -10.76 -92.10 40.84
N PRO N 126 -11.72 -92.10 39.92
CA PRO N 126 -13.07 -91.58 40.11
C PRO N 126 -13.72 -92.07 41.38
N LYS N 127 -14.63 -91.28 41.98
CA LYS N 127 -15.25 -91.61 43.24
C LYS N 127 -16.24 -92.73 43.10
N GLY N 128 -16.71 -93.01 41.86
CA GLY N 128 -17.75 -93.98 41.60
C GLY N 128 -17.24 -95.23 40.95
N ALA N 129 -15.99 -95.25 40.43
CA ALA N 129 -15.42 -96.36 39.69
C ALA N 129 -15.39 -97.64 40.53
N PRO N 130 -15.52 -98.87 40.01
CA PRO N 130 -15.88 -99.98 40.87
C PRO N 130 -14.77 -100.97 41.19
N ASN N 131 -13.66 -101.05 40.41
CA ASN N 131 -12.70 -102.14 40.41
C ASN N 131 -13.14 -103.17 39.40
N SER N 132 -12.18 -103.94 38.87
CA SER N 132 -12.45 -105.11 38.09
C SER N 132 -12.86 -106.18 39.07
N SER N 133 -14.10 -106.68 38.92
CA SER N 133 -14.78 -107.46 39.92
C SER N 133 -15.75 -108.31 39.18
N GLN N 134 -16.42 -109.24 39.88
CA GLN N 134 -17.41 -110.09 39.29
C GLN N 134 -18.32 -110.46 40.41
N TRP N 135 -19.53 -110.90 40.05
CA TRP N 135 -20.62 -111.17 40.94
C TRP N 135 -21.31 -112.35 40.34
N GLU N 136 -22.22 -112.96 41.12
CA GLU N 136 -23.03 -114.04 40.64
C GLU N 136 -24.44 -113.65 40.90
N GLN N 137 -25.31 -113.90 39.91
CA GLN N 137 -26.72 -113.72 40.12
C GLN N 137 -27.32 -114.74 39.22
N LYS N 138 -28.45 -115.35 39.66
CA LYS N 138 -29.20 -116.32 38.91
C LYS N 138 -29.89 -115.68 37.74
N LYS N 139 -29.71 -116.26 36.54
CA LYS N 139 -30.32 -115.76 35.32
C LYS N 139 -30.60 -116.95 34.46
N ALA N 140 -29.78 -118.02 34.63
CA ALA N 140 -30.00 -119.29 34.01
C ALA N 140 -30.89 -120.01 34.97
N GLY N 141 -32.02 -120.55 34.46
CA GLY N 141 -33.09 -121.13 35.24
C GLY N 141 -33.68 -120.17 36.24
N ASN N 142 -34.50 -120.72 37.16
CA ASN N 142 -35.05 -119.98 38.27
C ASN N 142 -34.77 -120.84 39.46
N GLY N 143 -34.25 -120.21 40.54
CA GLY N 143 -33.73 -120.88 41.70
C GLY N 143 -32.31 -121.26 41.41
N ASP N 144 -32.13 -122.52 40.95
CA ASP N 144 -30.85 -123.11 40.62
C ASP N 144 -30.17 -122.41 39.48
N THR N 145 -28.81 -122.47 39.49
CA THR N 145 -27.91 -122.07 38.46
C THR N 145 -27.67 -120.59 38.51
N MET N 146 -26.39 -120.23 38.75
CA MET N 146 -25.88 -118.92 38.96
C MET N 146 -24.98 -118.63 37.81
N GLU N 147 -25.03 -117.39 37.27
CA GLU N 147 -24.18 -116.99 36.18
C GLU N 147 -23.24 -115.98 36.74
N THR N 148 -21.94 -116.12 36.39
CA THR N 148 -20.87 -115.29 36.87
C THR N 148 -20.69 -114.19 35.86
N HIS N 149 -21.17 -112.98 36.20
CA HIS N 149 -21.07 -111.78 35.42
C HIS N 149 -19.82 -111.05 35.82
N THR N 150 -19.01 -110.58 34.85
CA THR N 150 -17.73 -109.96 35.10
C THR N 150 -17.81 -108.60 34.48
N PHE N 151 -17.32 -107.57 35.20
CA PHE N 151 -17.22 -106.20 34.75
C PHE N 151 -15.81 -105.81 35.04
N GLY N 152 -14.98 -105.58 34.00
CA GLY N 152 -13.59 -105.26 34.25
C GLY N 152 -12.96 -104.61 33.07
N VAL N 153 -11.61 -104.61 33.08
CA VAL N 153 -10.77 -104.05 32.06
C VAL N 153 -9.54 -104.91 32.11
N ALA N 154 -9.04 -105.31 30.94
CA ALA N 154 -7.88 -106.15 30.78
C ALA N 154 -6.84 -105.39 30.01
N PRO N 155 -5.68 -105.02 30.55
CA PRO N 155 -4.84 -104.02 29.90
C PRO N 155 -3.59 -104.64 29.33
N MET N 156 -3.02 -105.71 29.93
CA MET N 156 -1.75 -106.29 29.54
C MET N 156 -1.80 -106.90 28.18
N GLY N 157 -0.81 -106.59 27.32
CA GLY N 157 -0.64 -107.17 26.00
C GLY N 157 -0.41 -108.65 26.05
N GLY N 158 -1.07 -109.40 25.13
CA GLY N 158 -0.98 -110.83 25.08
C GLY N 158 -0.50 -111.22 23.73
N GLU N 159 0.03 -112.47 23.64
CA GLU N 159 0.54 -113.01 22.41
C GLU N 159 -0.34 -114.17 22.04
N ASN N 160 -0.82 -114.93 23.05
CA ASN N 160 -1.76 -116.01 22.83
C ASN N 160 -2.37 -116.29 24.17
N ILE N 161 -3.55 -116.93 24.20
CA ILE N 161 -4.23 -117.29 25.42
C ILE N 161 -4.50 -118.75 25.22
N THR N 162 -4.06 -119.56 26.21
CA THR N 162 -4.12 -121.00 26.16
C THR N 162 -4.83 -121.38 27.44
N ILE N 163 -4.61 -122.61 27.93
CA ILE N 163 -5.14 -123.13 29.17
C ILE N 163 -4.34 -122.58 30.33
N ASP N 164 -3.12 -122.07 30.04
CA ASP N 164 -2.24 -121.44 31.00
C ASP N 164 -2.38 -119.94 30.84
N GLY N 165 -3.44 -119.51 30.10
CA GLY N 165 -3.81 -118.15 29.79
C GLY N 165 -2.74 -117.38 29.08
N LEU N 166 -2.71 -116.05 29.35
CA LEU N 166 -1.78 -115.04 28.91
C LEU N 166 -0.38 -115.50 28.65
N GLN N 167 0.23 -115.02 27.54
CA GLN N 167 1.63 -115.21 27.27
C GLN N 167 2.17 -113.84 27.26
N ILE N 168 3.15 -113.62 28.15
CA ILE N 168 3.70 -112.33 28.44
C ILE N 168 5.08 -112.29 27.81
N GLY N 169 5.51 -113.41 27.20
CA GLY N 169 6.74 -113.46 26.47
C GLY N 169 6.67 -114.72 25.66
N THR N 170 7.63 -114.88 24.73
CA THR N 170 7.75 -116.09 23.96
C THR N 170 9.23 -116.26 23.76
N ASP N 171 9.75 -117.47 24.06
CA ASP N 171 11.14 -117.82 23.86
C ASP N 171 11.26 -118.40 22.48
N ALA N 172 12.43 -118.18 21.84
CA ALA N 172 12.75 -118.65 20.52
C ALA N 172 14.15 -119.17 20.67
N THR N 173 14.37 -119.90 21.80
CA THR N 173 15.60 -120.54 22.21
C THR N 173 16.37 -119.49 22.98
N ALA N 174 15.70 -118.92 24.01
CA ALA N 174 16.37 -118.20 25.07
C ALA N 174 16.97 -119.18 26.04
N ASP N 175 16.40 -120.42 26.09
CA ASP N 175 16.95 -121.53 26.83
C ASP N 175 16.28 -122.78 26.32
N GLN N 176 15.32 -122.60 25.38
CA GLN N 176 14.52 -123.60 24.73
C GLN N 176 13.44 -122.75 24.15
N ASP N 177 12.93 -123.14 22.96
CA ASP N 177 11.87 -122.45 22.26
C ASP N 177 10.58 -122.99 22.78
N LYS N 178 9.89 -122.15 23.58
CA LYS N 178 8.62 -122.49 24.15
C LYS N 178 7.96 -121.17 24.48
N PRO N 179 6.64 -121.05 24.49
CA PRO N 179 5.94 -119.90 25.05
C PRO N 179 6.24 -119.72 26.52
N ILE N 180 6.18 -118.47 27.01
CA ILE N 180 6.35 -118.19 28.42
C ILE N 180 5.04 -117.58 28.84
N TYR N 181 4.34 -118.30 29.72
CA TYR N 181 3.08 -117.90 30.30
C TYR N 181 3.31 -116.96 31.44
N ALA N 182 2.25 -116.19 31.79
CA ALA N 182 2.26 -115.31 32.93
C ALA N 182 1.87 -116.15 34.12
N ASP N 183 2.34 -115.77 35.33
CA ASP N 183 2.09 -116.48 36.55
C ASP N 183 0.74 -116.06 37.06
N LYS N 184 0.57 -115.98 38.40
CA LYS N 184 -0.72 -115.99 39.01
C LYS N 184 -0.72 -114.89 40.03
N THR N 185 0.45 -114.32 40.36
CA THR N 185 0.57 -113.33 41.40
C THR N 185 1.82 -112.54 41.18
N PHE N 186 2.69 -112.97 40.24
CA PHE N 186 4.04 -112.51 40.10
C PHE N 186 4.02 -111.66 38.87
N GLN N 187 3.96 -112.33 37.68
CA GLN N 187 4.01 -111.74 36.37
C GLN N 187 2.73 -111.11 35.87
N PRO N 188 1.48 -111.33 36.30
CA PRO N 188 0.39 -110.45 35.94
C PRO N 188 0.44 -109.31 36.93
N GLU N 189 0.32 -108.06 36.45
CA GLU N 189 0.47 -106.89 37.26
C GLU N 189 -0.58 -105.92 36.83
N PRO N 190 -1.32 -105.28 37.72
CA PRO N 190 -2.46 -104.47 37.33
C PRO N 190 -1.99 -103.12 36.88
N GLN N 191 -0.72 -102.73 37.10
CA GLN N 191 -0.26 -101.39 36.80
C GLN N 191 0.45 -101.41 35.47
N VAL N 192 0.52 -102.56 34.79
CA VAL N 192 1.11 -102.69 33.49
C VAL N 192 0.00 -102.78 32.50
N GLY N 193 0.10 -101.99 31.42
CA GLY N 193 -0.84 -101.98 30.34
C GLY N 193 -0.06 -101.68 29.10
N GLU N 194 -0.72 -101.04 28.11
CA GLU N 194 -0.16 -100.62 26.85
C GLU N 194 0.64 -99.36 27.09
N GLU N 195 1.58 -99.03 26.18
CA GLU N 195 2.43 -97.87 26.34
C GLU N 195 2.17 -96.83 25.28
N ASN N 196 1.13 -97.02 24.44
CA ASN N 196 0.82 -96.10 23.36
C ASN N 196 -0.56 -96.47 22.88
N TRP N 197 -1.06 -95.74 21.85
CA TRP N 197 -2.36 -95.96 21.25
C TRP N 197 -2.17 -96.61 19.89
N GLN N 198 -0.96 -97.14 19.61
CA GLN N 198 -0.65 -97.85 18.39
C GLN N 198 -0.39 -99.30 18.72
N GLU N 199 -0.94 -99.79 19.86
CA GLU N 199 -0.77 -101.15 20.29
C GLU N 199 -1.87 -102.00 19.70
N THR N 200 -1.50 -103.07 18.97
CA THR N 200 -2.39 -104.02 18.32
C THR N 200 -3.26 -104.76 19.31
N GLU N 201 -4.55 -104.97 18.92
CA GLU N 201 -5.48 -105.75 19.69
C GLU N 201 -5.39 -107.15 19.19
N SER N 202 -5.30 -108.13 20.11
CA SER N 202 -5.12 -109.49 19.72
C SER N 202 -5.53 -110.37 20.87
N PHE N 203 -4.83 -110.25 22.01
CA PHE N 203 -5.15 -110.96 23.23
C PHE N 203 -4.81 -110.01 24.33
N TYR N 204 -5.53 -110.10 25.47
CA TYR N 204 -5.29 -109.25 26.61
C TYR N 204 -5.57 -110.00 27.86
N GLY N 205 -4.71 -109.78 28.88
CA GLY N 205 -4.83 -110.36 30.20
C GLY N 205 -5.17 -109.27 31.15
N GLY N 206 -5.56 -109.63 32.37
CA GLY N 206 -5.91 -108.66 33.37
C GLY N 206 -6.04 -109.39 34.66
N ARG N 207 -6.86 -108.85 35.57
CA ARG N 207 -7.11 -109.44 36.85
C ARG N 207 -8.52 -109.04 37.16
N ALA N 208 -9.14 -109.74 38.10
CA ALA N 208 -10.47 -109.40 38.53
C ALA N 208 -10.59 -109.95 39.90
N LEU N 209 -11.71 -109.64 40.59
CA LEU N 209 -11.92 -110.01 41.97
C LEU N 209 -13.14 -110.86 41.97
N LYS N 210 -13.00 -112.11 42.46
CA LYS N 210 -14.04 -113.08 42.72
C LYS N 210 -15.28 -112.54 43.39
N LYS N 211 -16.38 -113.32 43.27
CA LYS N 211 -17.68 -113.08 43.83
C LYS N 211 -17.72 -113.18 45.32
N ASP N 212 -16.69 -113.81 45.93
CA ASP N 212 -16.64 -114.01 47.37
C ASP N 212 -15.99 -112.81 48.01
N THR N 213 -15.48 -111.87 47.20
CA THR N 213 -14.93 -110.61 47.64
C THR N 213 -16.08 -109.67 47.43
N SER N 214 -16.54 -109.03 48.53
CA SER N 214 -17.62 -108.07 48.49
C SER N 214 -17.03 -106.77 48.06
N MET N 215 -17.47 -106.30 46.86
CA MET N 215 -16.94 -105.17 46.16
C MET N 215 -17.15 -103.89 46.90
N LYS N 216 -16.17 -102.97 46.73
CA LYS N 216 -16.18 -101.65 47.28
C LYS N 216 -15.79 -100.80 46.11
N PRO N 217 -16.05 -99.48 46.10
CA PRO N 217 -15.56 -98.57 45.09
C PRO N 217 -14.07 -98.59 44.99
N CYS N 218 -13.54 -98.13 43.85
CA CYS N 218 -12.14 -97.96 43.61
C CYS N 218 -11.93 -96.50 43.88
N TYR N 219 -11.32 -96.20 45.05
CA TYR N 219 -11.08 -94.86 45.52
C TYR N 219 -10.59 -95.05 46.94
N GLY N 220 -10.36 -96.29 47.38
CA GLY N 220 -10.02 -96.49 48.76
C GLY N 220 -9.70 -97.92 48.91
N SER N 221 -9.95 -98.72 47.85
CA SER N 221 -9.71 -100.13 47.83
C SER N 221 -8.25 -100.38 48.05
N TYR N 222 -7.96 -101.31 48.97
CA TYR N 222 -6.64 -101.66 49.39
C TYR N 222 -6.74 -103.09 49.77
N ALA N 223 -5.69 -103.90 49.47
CA ALA N 223 -5.63 -105.23 49.96
C ALA N 223 -4.18 -105.42 50.18
N ARG N 224 -3.79 -106.14 51.25
CA ARG N 224 -2.40 -106.26 51.63
C ARG N 224 -1.72 -107.25 50.73
N PRO N 225 -0.43 -107.11 50.44
CA PRO N 225 0.43 -108.15 49.90
C PRO N 225 0.32 -109.48 50.62
N THR N 226 0.42 -110.58 49.87
CA THR N 226 0.45 -111.92 50.42
C THR N 226 1.67 -112.57 49.79
N ASN N 227 2.43 -111.81 48.99
CA ASN N 227 3.54 -112.30 48.22
C ASN N 227 4.53 -111.15 48.21
N VAL N 228 5.81 -111.43 47.90
CA VAL N 228 6.88 -110.45 47.89
C VAL N 228 7.05 -109.86 46.51
N LYS N 229 6.14 -110.22 45.57
CA LYS N 229 6.29 -109.93 44.18
C LYS N 229 5.06 -109.13 43.84
N GLY N 230 4.32 -108.65 44.88
CA GLY N 230 3.24 -107.72 44.73
C GLY N 230 1.93 -108.39 44.49
N GLY N 231 1.88 -109.74 44.61
CA GLY N 231 0.66 -110.49 44.63
C GLY N 231 -0.09 -110.15 45.87
N GLN N 232 -1.39 -110.46 45.92
CA GLN N 232 -2.17 -110.04 47.05
C GLN N 232 -3.38 -110.92 47.19
N ALA N 233 -3.38 -112.08 46.50
CA ALA N 233 -4.42 -113.07 46.59
C ALA N 233 -4.24 -113.85 47.86
N LYS N 234 -5.37 -114.18 48.52
CA LYS N 234 -5.48 -115.03 49.66
C LYS N 234 -5.05 -116.45 49.35
N LEU N 235 -4.50 -117.16 50.37
CA LEU N 235 -4.22 -118.57 50.30
C LEU N 235 -5.51 -119.34 50.34
N LYS N 236 -5.54 -120.51 49.64
CA LYS N 236 -6.59 -121.48 49.76
C LYS N 236 -6.61 -122.10 51.13
N VAL N 237 -7.81 -122.54 51.57
CA VAL N 237 -7.98 -123.23 52.83
C VAL N 237 -8.76 -124.49 52.59
N GLY N 238 -8.43 -125.55 53.36
CA GLY N 238 -9.15 -126.80 53.37
C GLY N 238 -8.20 -127.95 53.19
N ALA N 239 -6.88 -127.65 53.16
CA ALA N 239 -5.87 -128.65 52.98
C ALA N 239 -4.67 -128.15 53.72
N ASP N 240 -3.79 -129.11 54.13
CA ASP N 240 -2.55 -128.88 54.84
C ASP N 240 -2.89 -128.41 56.23
N GLY N 241 -3.88 -129.11 56.87
CA GLY N 241 -4.58 -128.62 58.02
C GLY N 241 -5.60 -127.64 57.54
N VAL N 242 -5.33 -126.34 57.74
CA VAL N 242 -6.13 -125.26 57.23
C VAL N 242 -5.36 -124.51 56.17
N PRO N 243 -4.13 -123.98 56.32
CA PRO N 243 -3.58 -123.09 55.32
C PRO N 243 -2.83 -123.88 54.27
N THR N 244 -3.42 -123.97 53.05
CA THR N 244 -2.83 -124.47 51.83
C THR N 244 -1.74 -123.49 51.43
N LYS N 245 -0.67 -123.97 50.76
CA LYS N 245 0.48 -123.16 50.43
C LYS N 245 0.30 -122.60 49.03
N GLU N 246 -0.88 -122.80 48.39
CA GLU N 246 -1.13 -122.41 47.03
C GLU N 246 -2.18 -121.36 47.08
N PHE N 247 -1.92 -120.23 46.37
CA PHE N 247 -2.76 -119.09 46.23
C PHE N 247 -4.03 -119.40 45.47
N ASP N 248 -5.11 -118.67 45.81
CA ASP N 248 -6.43 -118.84 45.24
C ASP N 248 -6.59 -117.92 44.05
N ILE N 249 -6.37 -118.45 42.83
CA ILE N 249 -6.47 -117.72 41.59
C ILE N 249 -7.04 -118.71 40.61
N ASP N 250 -8.08 -118.28 39.86
CA ASP N 250 -8.74 -119.06 38.83
C ASP N 250 -8.66 -118.21 37.60
N LEU N 251 -8.91 -118.79 36.40
CA LEU N 251 -8.83 -118.09 35.15
C LEU N 251 -10.18 -118.23 34.53
N ALA N 252 -10.71 -117.10 34.03
CA ALA N 252 -11.98 -116.97 33.37
C ALA N 252 -11.66 -116.51 31.99
N PHE N 253 -12.26 -117.13 30.95
CA PHE N 253 -11.89 -116.85 29.57
C PHE N 253 -13.14 -116.34 28.92
N PHE N 254 -13.00 -115.38 27.97
CA PHE N 254 -14.13 -114.75 27.33
C PHE N 254 -13.74 -114.57 25.88
N ASP N 255 -14.72 -114.25 25.03
CA ASP N 255 -14.54 -114.17 23.60
C ASP N 255 -15.61 -113.23 23.15
N THR N 256 -15.37 -112.40 22.10
CA THR N 256 -16.36 -111.58 21.46
C THR N 256 -17.49 -112.44 20.90
N PRO N 257 -18.77 -112.09 20.96
CA PRO N 257 -19.83 -112.93 20.46
C PRO N 257 -20.12 -112.48 19.06
N GLY N 258 -19.19 -112.77 18.11
CA GLY N 258 -19.27 -112.41 16.71
C GLY N 258 -20.47 -112.98 16.01
N GLY N 259 -20.69 -112.52 14.75
CA GLY N 259 -21.74 -112.97 13.87
C GLY N 259 -21.19 -114.06 12.99
N THR N 260 -19.84 -114.20 12.97
CA THR N 260 -19.12 -115.19 12.24
C THR N 260 -18.07 -115.66 13.23
N VAL N 261 -17.11 -116.49 12.75
CA VAL N 261 -15.95 -117.03 13.43
C VAL N 261 -15.37 -116.14 14.50
N ASN N 262 -15.03 -116.75 15.67
CA ASN N 262 -14.56 -116.08 16.86
C ASN N 262 -15.74 -115.49 17.60
N GLY N 263 -16.71 -116.37 17.95
CA GLY N 263 -17.89 -115.99 18.67
C GLY N 263 -19.15 -116.57 18.08
N GLN N 264 -19.05 -117.51 17.09
CA GLN N 264 -20.26 -118.01 16.48
C GLN N 264 -20.00 -119.42 16.03
N ASP N 265 -19.13 -119.62 15.01
CA ASP N 265 -18.90 -120.92 14.43
C ASP N 265 -17.65 -121.51 15.00
N GLU N 266 -16.81 -120.65 15.62
CA GLU N 266 -15.55 -121.02 16.18
C GLU N 266 -15.42 -120.08 17.33
N TYR N 267 -14.61 -120.45 18.35
CA TYR N 267 -14.40 -119.63 19.51
C TYR N 267 -12.94 -119.70 19.76
N LYS N 268 -12.43 -118.74 20.56
CA LYS N 268 -11.07 -118.70 20.97
C LYS N 268 -10.98 -117.48 21.80
N ALA N 269 -10.47 -117.66 23.03
CA ALA N 269 -10.37 -116.65 24.05
C ALA N 269 -9.57 -115.47 23.62
N ASP N 270 -10.05 -114.27 24.02
CA ASP N 270 -9.55 -113.00 23.59
C ASP N 270 -9.15 -112.28 24.84
N ILE N 271 -9.88 -112.53 25.95
CA ILE N 271 -9.67 -111.93 27.24
C ILE N 271 -9.55 -113.04 28.22
N VAL N 272 -8.54 -112.95 29.12
CA VAL N 272 -8.36 -113.83 30.23
C VAL N 272 -8.24 -112.89 31.41
N MET N 273 -8.89 -113.25 32.54
CA MET N 273 -8.82 -112.50 33.76
C MET N 273 -8.41 -113.47 34.81
N TYR N 274 -7.41 -113.08 35.60
CA TYR N 274 -6.93 -113.83 36.72
C TYR N 274 -7.75 -113.39 37.91
N THR N 275 -8.91 -114.06 38.12
CA THR N 275 -9.85 -113.90 39.21
C THR N 275 -9.23 -114.31 40.53
N GLU N 276 -9.50 -113.58 41.65
CA GLU N 276 -8.87 -113.93 42.91
C GLU N 276 -9.61 -113.31 44.07
N ASN N 277 -9.42 -113.88 45.28
CA ASN N 277 -9.92 -113.34 46.53
C ASN N 277 -8.77 -112.65 47.14
N THR N 278 -9.03 -111.47 47.75
CA THR N 278 -8.02 -110.62 48.35
C THR N 278 -8.58 -110.17 49.66
N TYR N 279 -7.72 -109.55 50.52
CA TYR N 279 -8.10 -109.03 51.82
C TYR N 279 -8.52 -107.59 51.65
N LEU N 280 -9.44 -107.33 50.69
CA LEU N 280 -10.00 -106.05 50.34
C LEU N 280 -10.76 -105.42 51.47
N GLU N 281 -10.20 -104.33 52.05
CA GLU N 281 -10.89 -103.54 53.01
C GLU N 281 -10.42 -102.14 52.75
N THR N 282 -11.38 -101.18 52.69
CA THR N 282 -11.14 -99.78 52.50
C THR N 282 -10.77 -99.18 53.83
N PRO N 283 -9.63 -98.54 54.07
CA PRO N 283 -9.17 -98.35 55.43
C PRO N 283 -9.34 -96.90 55.79
N ASP N 284 -9.94 -96.06 54.94
CA ASP N 284 -9.97 -94.64 55.20
C ASP N 284 -10.97 -93.95 54.32
N THR N 285 -11.97 -94.67 53.75
CA THR N 285 -13.05 -94.03 53.04
C THR N 285 -14.30 -94.71 53.55
N HIS N 286 -15.45 -94.04 53.38
CA HIS N 286 -16.74 -94.54 53.75
C HIS N 286 -17.57 -94.56 52.51
N VAL N 287 -18.42 -95.58 52.33
CA VAL N 287 -19.35 -95.66 51.23
C VAL N 287 -20.46 -94.71 51.54
N VAL N 288 -20.66 -93.71 50.65
CA VAL N 288 -21.48 -92.56 50.92
C VAL N 288 -22.76 -92.72 50.16
N TYR N 289 -22.82 -93.66 49.20
CA TYR N 289 -24.01 -93.88 48.44
C TYR N 289 -23.95 -95.29 47.99
N LYS N 290 -25.15 -95.91 47.88
CA LYS N 290 -25.33 -97.24 47.39
C LYS N 290 -26.82 -97.32 47.21
N PRO N 291 -27.35 -98.15 46.32
CA PRO N 291 -28.78 -98.28 46.17
C PRO N 291 -29.29 -99.53 46.82
N GLY N 292 -28.45 -100.57 47.01
CA GLY N 292 -28.83 -101.78 47.73
C GLY N 292 -28.71 -101.57 49.21
N LYS N 293 -28.88 -102.67 49.97
CA LYS N 293 -28.79 -102.66 51.41
C LYS N 293 -27.55 -103.44 51.77
N ASP N 294 -26.80 -103.94 50.76
CA ASP N 294 -25.66 -104.80 50.93
C ASP N 294 -24.56 -104.20 50.10
N ASP N 295 -23.30 -104.58 50.40
CA ASP N 295 -22.16 -104.29 49.58
C ASP N 295 -21.67 -105.60 49.03
N ALA N 296 -22.40 -106.71 49.30
CA ALA N 296 -22.11 -108.03 48.79
C ALA N 296 -22.45 -108.09 47.34
N SER N 297 -21.41 -108.29 46.50
CA SER N 297 -21.33 -108.14 45.06
C SER N 297 -22.60 -108.34 44.27
N SER N 298 -22.94 -107.33 43.45
CA SER N 298 -24.15 -107.30 42.66
C SER N 298 -23.84 -106.40 41.52
N GLU N 299 -24.80 -106.30 40.57
CA GLU N 299 -24.72 -105.43 39.41
C GLU N 299 -24.92 -104.00 39.84
N ILE N 300 -25.73 -103.79 40.89
CA ILE N 300 -26.08 -102.49 41.39
C ILE N 300 -25.14 -102.06 42.49
N ASN N 301 -24.02 -102.78 42.71
CA ASN N 301 -23.02 -102.38 43.67
C ASN N 301 -21.79 -101.93 42.93
N LEU N 302 -21.92 -101.70 41.61
CA LEU N 302 -20.85 -101.14 40.81
C LEU N 302 -20.96 -99.63 40.87
N VAL N 303 -22.13 -99.11 41.28
CA VAL N 303 -22.47 -97.71 41.22
C VAL N 303 -22.35 -97.10 42.58
N GLN N 304 -21.79 -97.84 43.56
CA GLN N 304 -21.47 -97.32 44.87
C GLN N 304 -20.44 -96.25 44.74
N GLN N 305 -20.47 -95.25 45.64
CA GLN N 305 -19.57 -94.14 45.60
C GLN N 305 -19.11 -93.99 47.00
N SER N 306 -17.98 -93.27 47.19
CA SER N 306 -17.39 -93.11 48.49
C SER N 306 -16.79 -91.76 48.57
N MET N 307 -16.87 -91.14 49.76
CA MET N 307 -16.23 -89.90 50.11
C MET N 307 -15.24 -90.28 51.14
N PRO N 308 -14.04 -89.70 51.16
CA PRO N 308 -13.02 -89.99 52.15
C PRO N 308 -13.48 -89.72 53.55
N ASN N 309 -12.86 -90.40 54.55
CA ASN N 309 -13.03 -90.13 55.95
C ASN N 309 -12.52 -88.74 56.23
N ARG N 310 -13.07 -88.07 57.26
CA ARG N 310 -12.77 -86.68 57.48
C ARG N 310 -11.51 -86.58 58.27
N PRO N 311 -10.62 -85.61 58.07
CA PRO N 311 -9.42 -85.42 58.85
C PRO N 311 -9.73 -85.24 60.31
N ASN N 312 -8.76 -85.56 61.17
CA ASN N 312 -8.96 -85.58 62.58
C ASN N 312 -7.56 -85.74 63.08
N TYR N 313 -6.89 -84.59 63.27
CA TYR N 313 -5.57 -84.49 63.84
C TYR N 313 -5.74 -84.57 65.32
N ILE N 314 -5.04 -85.51 65.97
CA ILE N 314 -5.04 -85.71 67.39
C ILE N 314 -3.62 -85.51 67.79
N GLY N 315 -3.35 -84.62 68.78
CA GLY N 315 -2.04 -84.42 69.32
C GLY N 315 -2.22 -84.21 70.78
N PHE N 316 -1.37 -83.35 71.38
CA PHE N 316 -1.51 -82.88 72.74
C PHE N 316 -2.08 -81.47 72.68
N ARG N 317 -1.70 -80.58 73.63
CA ARG N 317 -2.29 -79.28 73.81
C ARG N 317 -1.19 -78.26 73.88
N ASP N 318 -1.57 -76.96 73.89
CA ASP N 318 -0.74 -75.78 73.71
C ASP N 318 0.54 -75.72 74.50
N ASN N 319 0.60 -76.30 75.71
CA ASN N 319 1.78 -76.24 76.53
C ASN N 319 1.77 -77.46 77.40
N PHE N 320 1.06 -78.51 76.96
CA PHE N 320 0.81 -79.71 77.73
C PHE N 320 -0.24 -79.38 78.76
N ILE N 321 -1.31 -78.68 78.31
CA ILE N 321 -2.43 -78.29 79.11
C ILE N 321 -3.13 -79.56 79.56
N GLY N 322 -3.57 -79.61 80.83
CA GLY N 322 -4.38 -80.65 81.38
C GLY N 322 -3.65 -81.95 81.56
N LEU N 323 -2.34 -81.89 81.83
CA LEU N 323 -1.50 -83.06 81.96
C LEU N 323 -0.99 -83.07 83.37
N MET N 324 -1.30 -82.03 84.15
CA MET N 324 -1.01 -81.97 85.55
C MET N 324 -2.21 -81.34 86.15
N TYR N 325 -2.62 -81.87 87.29
CA TYR N 325 -3.62 -81.27 88.14
C TYR N 325 -3.17 -79.95 88.69
N TYR N 326 -4.06 -78.95 88.55
CA TYR N 326 -3.91 -77.63 89.09
C TYR N 326 -5.28 -77.32 89.57
N ASN N 327 -5.38 -76.73 90.79
CA ASN N 327 -6.58 -76.12 91.30
C ASN N 327 -7.55 -77.20 91.67
N SER N 328 -7.07 -78.19 92.47
CA SER N 328 -7.77 -79.43 92.69
C SER N 328 -8.12 -79.63 94.14
N THR N 329 -9.10 -80.55 94.33
CA THR N 329 -9.75 -80.84 95.59
C THR N 329 -9.13 -82.05 96.23
N GLY N 330 -8.01 -82.59 95.70
CA GLY N 330 -7.43 -83.73 96.35
C GLY N 330 -6.16 -84.09 95.70
N ASN N 331 -5.93 -83.55 94.48
CA ASN N 331 -4.74 -83.85 93.72
C ASN N 331 -3.78 -82.78 94.09
N MET N 332 -2.62 -83.21 94.60
CA MET N 332 -1.67 -82.36 95.26
C MET N 332 -0.68 -81.78 94.32
N GLY N 333 -0.02 -80.74 94.82
CA GLY N 333 1.28 -80.36 94.37
C GLY N 333 1.96 -80.06 95.65
N VAL N 334 3.20 -80.53 95.81
CA VAL N 334 3.92 -80.41 97.04
C VAL N 334 5.20 -79.79 96.63
N LEU N 335 5.64 -78.78 97.38
CA LEU N 335 7.01 -78.41 97.50
C LEU N 335 7.07 -78.07 98.94
N ALA N 336 8.00 -78.70 99.67
CA ALA N 336 7.98 -78.63 101.10
C ALA N 336 9.32 -79.09 101.53
N GLY N 337 9.71 -78.85 102.81
CA GLY N 337 10.98 -79.26 103.36
C GLY N 337 10.88 -80.69 103.78
N GLN N 338 11.18 -80.94 105.07
CA GLN N 338 11.10 -82.24 105.70
C GLN N 338 11.62 -82.05 107.10
N ALA N 339 10.80 -81.36 107.93
CA ALA N 339 11.24 -80.89 109.20
C ALA N 339 10.08 -80.35 110.02
N SER N 340 8.81 -80.44 109.54
CA SER N 340 7.70 -79.87 110.29
C SER N 340 6.38 -80.39 109.76
N GLN N 341 6.40 -81.21 108.68
CA GLN N 341 5.34 -82.07 108.20
C GLN N 341 4.33 -81.27 107.38
N LEU N 342 3.96 -81.75 106.15
CA LEU N 342 2.85 -81.29 105.31
C LEU N 342 3.41 -80.67 104.03
N ASN N 343 2.84 -79.53 103.54
CA ASN N 343 3.38 -78.81 102.40
C ASN N 343 3.14 -77.33 102.48
N ALA N 344 3.74 -76.59 101.51
CA ALA N 344 3.75 -75.14 101.47
C ALA N 344 3.12 -74.62 100.20
N VAL N 345 2.25 -75.43 99.54
CA VAL N 345 1.62 -75.06 98.29
C VAL N 345 0.14 -75.01 98.56
N VAL N 346 -0.53 -73.96 98.05
CA VAL N 346 -1.93 -73.67 98.28
C VAL N 346 -2.54 -73.72 96.92
N ASP N 347 -3.57 -74.58 96.74
CA ASP N 347 -4.30 -74.67 95.50
C ASP N 347 -5.74 -74.54 95.86
N LEU N 348 -6.50 -73.84 94.99
CA LEU N 348 -7.86 -73.48 95.23
C LEU N 348 -8.38 -73.13 93.87
N GLN N 349 -9.72 -73.12 93.68
CA GLN N 349 -10.32 -72.88 92.39
C GLN N 349 -10.67 -71.43 92.13
N ASP N 350 -10.20 -70.49 92.98
CA ASP N 350 -10.18 -69.08 92.66
C ASP N 350 -9.26 -68.88 91.47
N ARG N 351 -8.13 -69.62 91.48
CA ARG N 351 -7.09 -69.53 90.50
C ARG N 351 -7.43 -70.40 89.33
N ASN N 352 -6.70 -70.17 88.22
CA ASN N 352 -6.76 -70.93 87.02
C ASN N 352 -5.42 -70.63 86.44
N THR N 353 -4.40 -71.44 86.81
CA THR N 353 -3.02 -71.13 86.48
C THR N 353 -2.61 -71.74 85.17
N GLU N 354 -3.54 -72.47 84.52
CA GLU N 354 -3.31 -72.97 83.19
C GLU N 354 -3.68 -71.93 82.17
N LEU N 355 -4.50 -70.92 82.52
CA LEU N 355 -4.89 -69.86 81.62
C LEU N 355 -4.07 -68.66 81.95
N SER N 356 -3.50 -68.59 83.16
CA SER N 356 -2.70 -67.48 83.56
C SER N 356 -1.35 -67.59 82.90
N TYR N 357 -0.94 -68.84 82.57
CA TYR N 357 0.31 -69.14 81.95
C TYR N 357 0.24 -68.88 80.47
N GLN N 358 -0.98 -68.81 79.88
CA GLN N 358 -1.10 -68.56 78.46
C GLN N 358 -0.89 -67.12 78.15
N LEU N 359 -1.15 -66.24 79.14
CA LEU N 359 -1.11 -64.83 78.88
C LEU N 359 0.18 -64.28 79.41
N LEU N 360 0.97 -65.11 80.13
CA LEU N 360 2.32 -64.78 80.51
C LEU N 360 3.22 -65.08 79.36
N LEU N 361 2.78 -66.03 78.50
CA LEU N 361 3.59 -66.58 77.46
C LEU N 361 3.26 -65.88 76.18
N ASP N 362 2.43 -64.83 76.26
CA ASP N 362 2.05 -64.02 75.14
C ASP N 362 2.66 -62.69 75.40
N SER N 363 2.56 -62.20 76.65
CA SER N 363 3.09 -60.93 77.07
C SER N 363 4.60 -60.93 76.92
N LEU N 364 5.25 -62.05 77.31
CA LEU N 364 6.67 -62.22 77.13
C LEU N 364 6.81 -63.10 75.93
N GLY N 365 7.66 -62.69 74.96
CA GLY N 365 7.87 -63.38 73.69
C GLY N 365 6.65 -63.45 72.80
N ASP N 366 6.74 -64.30 71.75
CA ASP N 366 5.75 -64.43 70.70
C ASP N 366 5.22 -65.83 70.78
N ARG N 367 3.93 -65.99 70.39
CA ARG N 367 3.24 -67.26 70.36
C ARG N 367 3.19 -67.83 68.98
N THR N 368 3.74 -67.11 67.97
CA THR N 368 3.71 -67.57 66.60
C THR N 368 5.00 -68.28 66.29
N ARG N 369 5.95 -68.30 67.25
CA ARG N 369 7.12 -69.12 67.23
C ARG N 369 6.74 -70.42 67.88
N TYR N 370 7.28 -71.53 67.36
CA TYR N 370 6.98 -72.86 67.84
C TYR N 370 8.21 -73.33 68.51
N PHE N 371 8.03 -73.99 69.68
CA PHE N 371 9.11 -74.49 70.47
C PHE N 371 8.70 -75.90 70.74
N SER N 372 9.52 -76.88 70.30
CA SER N 372 9.08 -78.24 70.18
C SER N 372 9.24 -78.94 71.50
N MET N 373 10.21 -78.48 72.32
CA MET N 373 10.51 -79.02 73.62
C MET N 373 9.38 -78.92 74.60
N TRP N 374 8.72 -77.75 74.69
CA TRP N 374 7.66 -77.52 75.64
C TRP N 374 6.34 -77.41 74.95
N ASN N 375 6.32 -77.62 73.63
CA ASN N 375 5.16 -77.98 72.86
C ASN N 375 4.35 -76.77 72.49
N GLN N 376 4.99 -75.58 72.45
CA GLN N 376 4.39 -74.35 72.04
C GLN N 376 3.96 -74.41 70.61
N ALA N 377 2.78 -73.86 70.36
CA ALA N 377 2.05 -73.94 69.14
C ALA N 377 0.73 -73.45 69.61
N VAL N 378 0.27 -72.33 69.06
CA VAL N 378 -0.89 -71.63 69.52
C VAL N 378 -1.99 -72.09 68.62
N ASP N 379 -3.20 -72.30 69.18
CA ASP N 379 -4.38 -72.66 68.43
C ASP N 379 -4.77 -71.48 67.61
N SER N 380 -4.96 -71.72 66.30
CA SER N 380 -5.18 -70.66 65.36
C SER N 380 -6.08 -71.23 64.32
N TYR N 381 -6.60 -70.36 63.44
CA TYR N 381 -7.45 -70.73 62.36
C TYR N 381 -6.98 -69.87 61.23
N ASP N 382 -7.41 -70.19 60.00
CA ASP N 382 -7.09 -69.39 58.84
C ASP N 382 -8.18 -68.35 58.83
N PRO N 383 -7.91 -67.05 58.80
CA PRO N 383 -8.94 -66.03 58.96
C PRO N 383 -9.76 -65.85 57.70
N ASP N 384 -9.56 -66.70 56.66
CA ASP N 384 -10.28 -66.62 55.42
C ASP N 384 -11.19 -67.82 55.34
N VAL N 385 -11.28 -68.60 56.45
CA VAL N 385 -12.14 -69.73 56.60
C VAL N 385 -13.15 -69.33 57.62
N ARG N 386 -12.69 -68.68 58.70
CA ARG N 386 -13.51 -68.04 59.70
C ARG N 386 -14.37 -66.94 59.15
N ILE N 387 -13.81 -66.06 58.28
CA ILE N 387 -14.56 -65.05 57.58
C ILE N 387 -14.40 -65.44 56.15
N ILE N 388 -15.51 -65.75 55.45
CA ILE N 388 -15.48 -66.16 54.07
C ILE N 388 -15.50 -64.88 53.28
N GLU N 389 -14.38 -64.59 52.58
CA GLU N 389 -14.23 -63.37 51.84
C GLU N 389 -14.40 -63.67 50.39
N ASN N 390 -15.64 -64.09 50.02
CA ASN N 390 -16.01 -64.56 48.69
C ASN N 390 -15.78 -63.42 47.75
N HIS N 391 -15.17 -63.67 46.58
CA HIS N 391 -14.66 -62.63 45.74
C HIS N 391 -14.68 -63.21 44.35
N GLY N 392 -15.54 -64.24 44.15
CA GLY N 392 -15.69 -64.96 42.90
C GLY N 392 -14.48 -65.78 42.57
N VAL N 393 -14.34 -66.13 41.27
CA VAL N 393 -13.24 -66.88 40.75
C VAL N 393 -12.69 -66.11 39.59
N GLU N 394 -11.44 -66.42 39.19
CA GLU N 394 -10.68 -65.68 38.22
C GLU N 394 -10.90 -66.24 36.83
N ASP N 395 -12.01 -67.01 36.64
CA ASP N 395 -12.38 -67.67 35.41
C ASP N 395 -12.63 -66.64 34.34
N GLU N 396 -11.99 -66.78 33.16
CA GLU N 396 -12.20 -65.94 32.03
C GLU N 396 -12.04 -66.82 30.84
N LEU N 397 -10.80 -67.36 30.66
CA LEU N 397 -10.48 -68.27 29.58
C LEU N 397 -11.11 -69.60 29.93
N PRO N 398 -11.73 -70.32 29.01
CA PRO N 398 -12.20 -71.65 29.24
C PRO N 398 -11.06 -72.63 29.14
N ASN N 399 -11.00 -73.61 30.07
CA ASN N 399 -9.94 -74.60 30.13
C ASN N 399 -10.47 -75.83 29.46
N TYR N 400 -9.57 -76.72 28.97
CA TYR N 400 -9.94 -77.82 28.10
C TYR N 400 -9.16 -79.06 28.40
N CYS N 401 -9.72 -80.23 28.02
CA CYS N 401 -9.05 -81.50 28.10
C CYS N 401 -9.09 -81.93 26.68
N PHE N 402 -8.01 -82.57 26.21
CA PHE N 402 -7.80 -82.90 24.81
C PHE N 402 -7.37 -84.34 24.75
N PRO N 403 -7.84 -85.16 23.81
CA PRO N 403 -7.39 -86.51 23.54
C PRO N 403 -5.91 -86.76 23.56
N LEU N 404 -5.48 -87.97 23.97
CA LEU N 404 -4.09 -88.41 23.95
C LEU N 404 -3.59 -88.46 22.53
N ASP N 405 -4.48 -88.87 21.60
CA ASP N 405 -4.27 -89.00 20.17
C ASP N 405 -3.86 -87.69 19.57
N GLY N 406 -4.55 -86.60 20.00
CA GLY N 406 -4.23 -85.26 19.61
C GLY N 406 -4.87 -84.92 18.32
N SER N 407 -5.99 -85.59 17.98
CA SER N 407 -6.69 -85.35 16.76
C SER N 407 -8.10 -85.80 16.95
N GLY N 408 -8.45 -86.29 18.16
CA GLY N 408 -9.76 -86.83 18.48
C GLY N 408 -10.16 -87.93 17.56
N THR N 409 -11.46 -87.94 17.16
CA THR N 409 -12.00 -88.84 16.17
C THR N 409 -11.38 -88.61 14.81
N ASN N 410 -11.15 -89.71 14.08
CA ASN N 410 -10.48 -89.72 12.81
C ASN N 410 -11.28 -90.63 11.94
N ALA N 411 -10.99 -90.65 10.63
CA ALA N 411 -11.68 -91.51 9.70
C ALA N 411 -10.76 -91.71 8.55
N ALA N 412 -11.00 -92.79 7.77
CA ALA N 412 -10.28 -93.15 6.58
C ALA N 412 -10.46 -92.12 5.49
N TYR N 413 -9.39 -91.80 4.75
CA TYR N 413 -9.44 -90.95 3.60
C TYR N 413 -8.43 -91.48 2.64
N GLN N 414 -8.87 -91.68 1.39
CA GLN N 414 -8.16 -92.27 0.29
C GLN N 414 -7.56 -91.10 -0.44
N GLY N 415 -6.25 -91.13 -0.75
CA GLY N 415 -5.62 -90.10 -1.55
C GLY N 415 -6.23 -90.02 -2.93
N VAL N 416 -6.25 -88.82 -3.53
CA VAL N 416 -6.79 -88.57 -4.85
C VAL N 416 -5.87 -87.57 -5.48
N LYS N 417 -6.00 -87.39 -6.82
CA LYS N 417 -5.15 -86.52 -7.59
C LYS N 417 -6.04 -85.95 -8.66
N VAL N 418 -5.71 -84.74 -9.17
CA VAL N 418 -6.34 -84.21 -10.35
C VAL N 418 -5.65 -84.84 -11.53
N LYS N 419 -6.40 -85.08 -12.63
CA LYS N 419 -5.83 -85.60 -13.85
C LYS N 419 -6.06 -84.64 -14.98
N ASN N 420 -6.63 -83.46 -14.67
CA ASN N 420 -6.91 -82.47 -15.67
C ASN N 420 -6.94 -81.16 -14.91
N GLY N 421 -6.98 -80.03 -15.64
CA GLY N 421 -6.98 -78.70 -15.08
C GLY N 421 -8.36 -78.36 -14.60
N ASN N 422 -8.73 -77.06 -14.68
CA ASN N 422 -10.02 -76.51 -14.32
C ASN N 422 -10.26 -76.57 -12.83
N ASP N 423 -11.44 -76.03 -12.42
CA ASP N 423 -11.88 -75.93 -11.06
C ASP N 423 -13.09 -76.79 -10.92
N GLY N 424 -13.45 -77.13 -9.66
CA GLY N 424 -14.53 -78.02 -9.33
C GLY N 424 -13.95 -79.16 -8.58
N ASP N 425 -14.83 -79.86 -7.83
CA ASP N 425 -14.49 -81.06 -7.09
C ASP N 425 -15.00 -82.25 -7.87
N VAL N 426 -15.36 -82.06 -9.16
CA VAL N 426 -15.75 -83.13 -10.04
C VAL N 426 -15.54 -82.63 -11.44
N GLU N 427 -15.37 -81.29 -11.61
CA GLU N 427 -15.25 -80.67 -12.91
C GLU N 427 -13.80 -80.35 -13.16
N SER N 428 -12.91 -80.73 -12.21
CA SER N 428 -11.49 -80.64 -12.39
C SER N 428 -10.98 -82.04 -12.71
N GLU N 429 -11.81 -83.08 -12.50
CA GLU N 429 -11.54 -84.47 -12.79
C GLU N 429 -10.57 -85.05 -11.82
N TRP N 430 -11.02 -86.08 -11.07
CA TRP N 430 -10.28 -86.65 -9.98
C TRP N 430 -10.26 -88.13 -10.18
N GLU N 431 -9.24 -88.79 -9.60
CA GLU N 431 -9.12 -90.22 -9.63
C GLU N 431 -8.26 -90.56 -8.46
N ASN N 432 -8.44 -91.77 -7.89
CA ASN N 432 -7.66 -92.27 -6.77
C ASN N 432 -6.20 -92.38 -7.07
N ASP N 433 -5.38 -92.04 -6.06
CA ASP N 433 -3.95 -91.90 -6.15
C ASP N 433 -3.40 -93.09 -5.39
N ASP N 434 -2.45 -93.82 -6.00
CA ASP N 434 -1.86 -95.02 -5.45
C ASP N 434 -0.41 -94.83 -5.09
N THR N 435 0.09 -93.58 -5.08
CA THR N 435 1.39 -93.26 -4.54
C THR N 435 1.17 -92.59 -3.20
N VAL N 436 -0.12 -92.40 -2.84
CA VAL N 436 -0.56 -91.92 -1.56
C VAL N 436 -1.31 -93.07 -1.00
N ALA N 437 -1.14 -93.30 0.32
CA ALA N 437 -1.72 -94.37 1.07
C ALA N 437 -3.21 -94.30 1.09
N ALA N 438 -3.84 -95.44 1.41
CA ALA N 438 -5.26 -95.56 1.52
C ALA N 438 -5.48 -95.79 2.98
N ARG N 439 -6.57 -95.22 3.54
CA ARG N 439 -6.98 -95.40 4.90
C ARG N 439 -6.33 -94.41 5.82
N ASN N 440 -5.89 -93.23 5.32
CA ASN N 440 -5.25 -92.22 6.15
C ASN N 440 -6.21 -91.69 7.17
N GLN N 441 -5.70 -91.48 8.40
CA GLN N 441 -6.47 -91.02 9.52
C GLN N 441 -6.36 -89.55 9.63
N LEU N 442 -7.42 -88.80 9.29
CA LEU N 442 -7.39 -87.36 9.26
C LEU N 442 -8.65 -86.94 9.95
N CYS N 443 -8.72 -85.65 10.34
CA CYS N 443 -9.82 -85.12 11.09
C CYS N 443 -10.31 -83.91 10.37
N LYS N 444 -11.62 -83.63 10.48
CA LYS N 444 -12.27 -82.49 9.90
C LYS N 444 -12.67 -81.59 11.03
N GLY N 445 -12.67 -80.26 10.77
CA GLY N 445 -12.81 -79.23 11.77
C GLY N 445 -11.83 -79.34 12.90
N ASN N 446 -12.13 -78.61 14.00
CA ASN N 446 -11.38 -78.55 15.23
C ASN N 446 -11.31 -79.90 15.90
N ILE N 447 -10.19 -80.15 16.63
CA ILE N 447 -9.97 -81.37 17.39
C ILE N 447 -10.98 -81.48 18.50
N PHE N 448 -11.31 -82.71 18.92
CA PHE N 448 -12.27 -83.00 19.98
C PHE N 448 -11.76 -82.47 21.30
N ALA N 449 -12.67 -81.99 22.19
CA ALA N 449 -12.24 -81.37 23.41
C ALA N 449 -13.40 -81.37 24.36
N MET N 450 -13.13 -81.18 25.67
CA MET N 450 -14.12 -81.12 26.70
C MET N 450 -13.75 -80.01 27.62
N GLU N 451 -14.72 -79.13 27.89
CA GLU N 451 -14.61 -77.87 28.59
C GLU N 451 -14.84 -78.02 30.07
N ILE N 452 -14.02 -77.36 30.90
CA ILE N 452 -14.00 -77.47 32.34
C ILE N 452 -13.56 -76.12 32.82
N ASN N 453 -13.95 -75.74 34.06
CA ASN N 453 -13.52 -74.50 34.69
C ASN N 453 -12.82 -74.92 35.92
N LEU N 454 -11.48 -74.81 35.92
CA LEU N 454 -10.67 -75.25 37.02
C LEU N 454 -10.67 -74.26 38.13
N GLN N 455 -10.90 -72.96 37.82
CA GLN N 455 -10.97 -71.92 38.82
C GLN N 455 -12.15 -72.11 39.72
N ALA N 456 -13.31 -72.42 39.10
CA ALA N 456 -14.58 -72.66 39.75
C ALA N 456 -14.56 -73.87 40.62
N ASN N 457 -13.99 -75.00 40.10
CA ASN N 457 -13.90 -76.27 40.78
C ASN N 457 -13.07 -76.20 42.02
N LEU N 458 -11.90 -75.53 41.95
CA LEU N 458 -10.98 -75.39 43.05
C LEU N 458 -11.57 -74.62 44.19
N TRP N 459 -12.27 -73.51 43.90
CA TRP N 459 -12.88 -72.63 44.87
C TRP N 459 -13.99 -73.29 45.63
N ARG N 460 -14.87 -74.02 44.92
CA ARG N 460 -16.01 -74.72 45.45
C ARG N 460 -15.57 -75.81 46.40
N SER N 461 -14.52 -76.57 46.04
CA SER N 461 -13.96 -77.67 46.81
C SER N 461 -13.43 -77.21 48.14
N PHE N 462 -12.71 -76.07 48.17
CA PHE N 462 -12.09 -75.48 49.34
C PHE N 462 -13.14 -75.11 50.33
N LEU N 463 -14.20 -74.46 49.82
CA LEU N 463 -15.32 -73.97 50.55
C LEU N 463 -16.09 -75.08 51.17
N TYR N 464 -16.31 -76.19 50.44
CA TYR N 464 -17.01 -77.35 50.94
C TYR N 464 -16.31 -77.97 52.11
N SER N 465 -14.98 -78.14 52.02
CA SER N 465 -14.27 -78.92 53.00
C SER N 465 -14.01 -78.18 54.28
N ASN N 466 -13.99 -76.83 54.25
CA ASN N 466 -13.62 -76.04 55.40
C ASN N 466 -14.77 -75.18 55.84
N VAL N 467 -16.01 -75.46 55.42
CA VAL N 467 -17.17 -74.71 55.84
C VAL N 467 -18.19 -75.73 56.13
N ALA N 468 -18.63 -76.46 55.08
CA ALA N 468 -19.78 -77.33 55.03
C ALA N 468 -19.70 -78.41 56.05
N LEU N 469 -18.50 -78.97 56.28
CA LEU N 469 -18.31 -80.18 57.03
C LEU N 469 -18.08 -79.84 58.48
N TYR N 470 -18.16 -78.54 58.82
CA TYR N 470 -18.07 -78.03 60.17
C TYR N 470 -19.34 -77.30 60.51
N LEU N 471 -20.39 -77.36 59.64
CA LEU N 471 -21.72 -76.90 59.99
C LEU N 471 -22.28 -77.76 61.09
N PRO N 472 -23.13 -77.28 62.00
CA PRO N 472 -23.87 -78.09 62.97
C PRO N 472 -24.57 -79.30 62.41
N ASP N 473 -24.89 -80.28 63.29
CA ASP N 473 -25.47 -81.59 63.03
C ASP N 473 -26.79 -81.48 62.31
N SER N 474 -27.58 -80.45 62.68
CA SER N 474 -28.91 -80.16 62.18
C SER N 474 -28.94 -79.98 60.68
N TYR N 475 -27.89 -79.34 60.12
CA TYR N 475 -27.76 -79.08 58.70
C TYR N 475 -27.37 -80.31 57.92
N LYS N 476 -26.79 -81.33 58.59
CA LYS N 476 -26.36 -82.55 57.97
C LYS N 476 -27.56 -83.46 57.93
N TYR N 477 -27.45 -84.59 57.21
CA TYR N 477 -28.48 -85.59 57.17
C TYR N 477 -27.75 -86.86 56.91
N THR N 478 -28.33 -88.00 57.35
CA THR N 478 -27.75 -89.32 57.22
C THR N 478 -28.08 -89.81 55.82
N PRO N 479 -27.12 -90.14 54.94
CA PRO N 479 -27.38 -90.68 53.61
C PRO N 479 -28.12 -91.98 53.69
N ALA N 480 -29.04 -92.26 52.73
CA ALA N 480 -29.89 -93.42 52.72
C ALA N 480 -29.10 -94.68 52.58
N ASN N 481 -29.51 -95.73 53.35
CA ASN N 481 -29.01 -97.08 53.32
C ASN N 481 -27.76 -97.21 54.13
N ILE N 482 -27.42 -96.17 54.92
CA ILE N 482 -26.28 -96.17 55.80
C ILE N 482 -26.87 -95.99 57.16
N THR N 483 -26.44 -96.82 58.13
CA THR N 483 -26.84 -96.73 59.52
C THR N 483 -25.63 -96.19 60.22
N LEU N 484 -25.84 -95.25 61.17
CA LEU N 484 -24.77 -94.61 61.90
C LEU N 484 -25.07 -94.77 63.37
N PRO N 485 -24.07 -94.83 64.26
CA PRO N 485 -24.21 -94.94 65.71
C PRO N 485 -25.30 -94.14 66.38
N THR N 486 -25.93 -94.72 67.43
CA THR N 486 -26.92 -94.09 68.26
C THR N 486 -26.33 -92.89 68.96
N ASN N 487 -25.08 -93.03 69.48
CA ASN N 487 -24.29 -91.94 70.00
C ASN N 487 -23.98 -90.96 68.93
N THR N 488 -24.07 -89.66 69.26
CA THR N 488 -23.78 -88.59 68.35
C THR N 488 -22.40 -88.11 68.72
N ASN N 489 -21.88 -88.68 69.82
CA ASN N 489 -20.64 -88.39 70.49
C ASN N 489 -19.49 -88.76 69.59
N THR N 490 -19.63 -89.94 68.96
CA THR N 490 -18.65 -90.68 68.21
C THR N 490 -18.19 -90.00 66.96
N TYR N 491 -16.95 -90.36 66.55
CA TYR N 491 -16.32 -90.03 65.31
C TYR N 491 -17.09 -90.58 64.15
N ASP N 492 -17.54 -91.84 64.26
CA ASP N 492 -18.19 -92.59 63.22
C ASP N 492 -19.47 -91.93 62.80
N TYR N 493 -20.21 -91.35 63.77
CA TYR N 493 -21.40 -90.58 63.54
C TYR N 493 -21.15 -89.35 62.70
N MET N 494 -20.06 -88.59 63.00
CA MET N 494 -19.84 -87.30 62.39
C MET N 494 -19.25 -87.44 61.02
N ASN N 495 -18.51 -88.54 60.82
CA ASN N 495 -17.86 -88.92 59.62
C ASN N 495 -18.86 -89.22 58.52
N GLY N 496 -19.95 -89.94 58.88
CA GLY N 496 -20.86 -90.56 57.96
C GLY N 496 -21.95 -89.67 57.45
N ARG N 497 -22.33 -88.60 58.18
CA ARG N 497 -23.41 -87.74 57.76
C ARG N 497 -22.93 -86.79 56.70
N VAL N 498 -23.63 -86.76 55.55
CA VAL N 498 -23.36 -85.87 54.44
C VAL N 498 -23.99 -84.54 54.69
N VAL N 499 -23.47 -83.49 54.02
CA VAL N 499 -23.94 -82.14 54.14
C VAL N 499 -24.21 -81.73 52.72
N PRO N 500 -25.33 -81.12 52.33
CA PRO N 500 -25.54 -80.57 51.01
C PRO N 500 -24.46 -79.58 50.65
N PRO N 501 -23.77 -79.60 49.52
CA PRO N 501 -22.83 -78.57 49.13
C PRO N 501 -23.56 -77.35 48.59
N SER N 502 -24.90 -77.26 48.76
CA SER N 502 -25.70 -76.17 48.29
C SER N 502 -26.08 -75.29 49.44
N LEU N 503 -25.68 -75.66 50.68
CA LEU N 503 -25.80 -74.79 51.85
C LEU N 503 -24.70 -73.79 51.86
N VAL N 504 -23.63 -74.08 51.12
CA VAL N 504 -22.50 -73.21 50.98
C VAL N 504 -22.01 -73.53 49.61
N ASP N 505 -22.78 -73.05 48.60
CA ASP N 505 -22.37 -73.03 47.21
C ASP N 505 -21.35 -71.94 47.10
N ALA N 506 -20.65 -71.85 45.94
CA ALA N 506 -19.43 -71.10 45.86
C ALA N 506 -19.74 -69.69 45.44
N TYR N 507 -21.05 -69.34 45.47
CA TYR N 507 -21.55 -68.06 45.08
C TYR N 507 -22.55 -67.77 46.17
N ILE N 508 -22.06 -67.74 47.44
CA ILE N 508 -22.86 -67.43 48.61
C ILE N 508 -22.22 -66.24 49.25
N ASN N 509 -23.03 -65.18 49.51
CA ASN N 509 -22.58 -63.89 49.98
C ASN N 509 -21.49 -63.35 49.11
N ILE N 510 -21.71 -63.45 47.77
CA ILE N 510 -20.68 -63.26 46.79
C ILE N 510 -20.27 -61.82 46.73
N GLY N 511 -18.96 -61.58 46.86
CA GLY N 511 -18.39 -60.26 46.86
C GLY N 511 -18.54 -59.54 48.16
N ALA N 512 -18.67 -60.26 49.29
CA ALA N 512 -18.77 -59.64 50.60
C ALA N 512 -17.96 -60.49 51.51
N ARG N 513 -17.60 -59.95 52.69
CA ARG N 513 -16.90 -60.69 53.69
C ARG N 513 -17.90 -60.80 54.78
N TRP N 514 -18.27 -62.06 55.08
CA TRP N 514 -19.25 -62.35 56.06
C TRP N 514 -18.85 -63.71 56.52
N SER N 515 -18.95 -63.95 57.84
CA SER N 515 -18.85 -65.27 58.41
C SER N 515 -20.27 -65.71 58.47
N LEU N 516 -20.54 -66.97 58.05
CA LEU N 516 -21.87 -67.54 58.04
C LEU N 516 -22.42 -67.58 59.43
N ASP N 517 -23.74 -67.32 59.54
CA ASP N 517 -24.45 -67.26 60.80
C ASP N 517 -24.43 -68.54 61.60
N PRO N 518 -24.63 -69.78 61.11
CA PRO N 518 -24.50 -70.97 61.93
C PRO N 518 -23.06 -71.38 62.13
N MET N 519 -22.07 -70.56 61.70
CA MET N 519 -20.67 -70.86 61.90
C MET N 519 -20.05 -69.94 62.91
N ASP N 520 -20.81 -68.96 63.44
CA ASP N 520 -20.32 -68.05 64.43
C ASP N 520 -20.24 -68.69 65.78
N ASN N 521 -21.09 -69.70 66.03
CA ASN N 521 -21.21 -70.32 67.33
C ASN N 521 -20.51 -71.64 67.31
N VAL N 522 -19.80 -71.96 66.22
CA VAL N 522 -19.00 -73.15 66.06
C VAL N 522 -17.62 -72.75 66.51
N ASN N 523 -16.88 -73.66 67.17
CA ASN N 523 -15.55 -73.42 67.70
C ASN N 523 -14.58 -73.45 66.53
N PRO N 524 -13.96 -72.36 66.09
CA PRO N 524 -13.06 -72.39 64.95
C PRO N 524 -11.70 -72.94 65.27
N PHE N 525 -11.43 -73.40 66.51
CA PHE N 525 -10.18 -74.01 66.86
C PHE N 525 -10.32 -75.50 66.85
N ASN N 526 -11.48 -76.02 66.39
CA ASN N 526 -11.71 -77.41 66.12
C ASN N 526 -11.82 -77.43 64.63
N HIS N 527 -10.70 -77.18 63.93
CA HIS N 527 -10.69 -77.23 62.50
C HIS N 527 -9.41 -77.89 62.13
N HIS N 528 -9.34 -78.43 60.89
CA HIS N 528 -8.25 -79.24 60.45
C HIS N 528 -7.23 -78.36 59.78
N ARG N 529 -7.55 -77.05 59.61
CA ARG N 529 -6.67 -76.08 59.05
C ARG N 529 -6.00 -75.36 60.18
N ASN N 530 -6.27 -75.77 61.43
CA ASN N 530 -5.64 -75.27 62.63
C ASN N 530 -4.16 -75.60 62.56
N ALA N 531 -3.33 -74.56 62.38
CA ALA N 531 -1.90 -74.65 62.19
C ALA N 531 -1.21 -75.22 63.38
N GLY N 532 -1.65 -74.83 64.60
CA GLY N 532 -1.03 -75.22 65.83
C GLY N 532 -1.29 -76.66 66.12
N LEU N 533 -2.55 -77.12 65.94
CA LEU N 533 -2.92 -78.49 66.13
C LEU N 533 -2.26 -79.42 65.16
N ARG N 534 -2.08 -79.03 63.88
CA ARG N 534 -1.34 -79.83 62.91
C ARG N 534 0.07 -80.06 63.35
N TYR N 535 0.71 -79.03 63.94
CA TYR N 535 2.07 -79.08 64.37
C TYR N 535 2.28 -80.13 65.43
N ARG N 536 1.35 -80.20 66.41
CA ARG N 536 1.43 -81.10 67.54
C ARG N 536 1.03 -82.51 67.20
N SER N 537 0.32 -82.71 66.08
CA SER N 537 -0.17 -84.01 65.69
C SER N 537 0.76 -84.65 64.70
N MET N 538 1.84 -83.95 64.31
CA MET N 538 2.80 -84.46 63.36
C MET N 538 4.14 -84.43 63.97
N LEU N 539 4.22 -83.98 65.23
CA LEU N 539 5.43 -83.96 66.00
C LEU N 539 5.42 -85.23 66.81
N LEU N 540 4.33 -86.02 66.71
CA LEU N 540 4.16 -87.33 67.27
C LEU N 540 4.07 -88.32 66.11
N GLY N 541 4.27 -87.87 64.85
CA GLY N 541 4.26 -88.73 63.69
C GLY N 541 2.88 -89.16 63.26
N ASN N 542 2.81 -90.03 62.23
CA ASN N 542 1.61 -90.40 61.52
C ASN N 542 1.05 -91.72 61.97
N GLY N 543 1.55 -92.31 63.07
CA GLY N 543 1.10 -93.58 63.58
C GLY N 543 -0.07 -93.43 64.48
N ARG N 544 -0.73 -94.57 64.74
CA ARG N 544 -1.81 -94.69 65.67
C ARG N 544 -1.26 -95.12 67.00
N TYR N 545 -0.02 -95.65 67.02
CA TYR N 545 0.61 -96.15 68.21
C TYR N 545 1.91 -95.45 68.21
N VAL N 546 2.09 -94.57 69.22
CA VAL N 546 3.16 -93.64 69.28
C VAL N 546 3.77 -93.73 70.64
N PRO N 547 4.91 -94.37 70.84
CA PRO N 547 5.81 -94.12 71.96
C PRO N 547 6.24 -92.68 71.95
N PHE N 548 6.22 -92.00 73.12
CA PHE N 548 6.43 -90.58 73.16
C PHE N 548 7.39 -90.34 74.28
N HIS N 549 8.00 -89.15 74.23
CA HIS N 549 8.93 -88.67 75.19
C HIS N 549 8.62 -87.21 75.18
N ILE N 550 8.40 -86.56 76.34
CA ILE N 550 7.93 -85.19 76.37
C ILE N 550 8.54 -84.59 77.60
N GLN N 551 8.72 -83.26 77.57
CA GLN N 551 9.31 -82.47 78.63
C GLN N 551 8.20 -81.56 79.04
N VAL N 552 7.84 -81.49 80.34
CA VAL N 552 6.59 -80.91 80.76
C VAL N 552 6.94 -79.89 81.83
N PRO N 553 6.76 -78.59 81.65
CA PRO N 553 7.25 -77.59 82.59
C PRO N 553 6.21 -77.29 83.63
N GLN N 554 6.63 -76.69 84.76
CA GLN N 554 5.80 -76.07 85.76
C GLN N 554 5.09 -74.85 85.24
N LYS N 555 3.92 -74.56 85.83
CA LYS N 555 3.05 -73.50 85.38
C LYS N 555 2.44 -72.86 86.58
N PHE N 556 2.69 -73.41 87.80
CA PHE N 556 2.23 -72.83 89.05
C PHE N 556 3.06 -71.59 89.26
N PHE N 557 2.48 -70.54 89.84
CA PHE N 557 3.06 -69.21 89.81
C PHE N 557 3.91 -68.90 91.00
N ALA N 558 4.11 -69.86 91.92
CA ALA N 558 4.99 -69.66 93.05
C ALA N 558 6.12 -70.63 92.95
N ILE N 559 6.19 -71.42 91.84
CA ILE N 559 7.19 -72.42 91.64
C ILE N 559 7.40 -72.43 90.15
N LYS N 560 8.00 -71.35 89.61
CA LYS N 560 8.29 -71.26 88.20
C LYS N 560 9.23 -70.10 88.05
N SER N 561 9.61 -69.47 89.18
CA SER N 561 10.53 -68.38 89.19
C SER N 561 11.15 -68.37 90.54
N LEU N 562 10.83 -69.35 91.40
CA LEU N 562 11.38 -69.48 92.72
C LEU N 562 12.85 -69.81 92.61
N LEU N 563 13.68 -69.25 93.51
CA LEU N 563 15.06 -69.62 93.60
C LEU N 563 15.11 -70.30 94.92
N LEU N 564 15.66 -71.52 94.90
CA LEU N 564 15.61 -72.48 95.96
C LEU N 564 17.00 -72.54 96.47
N LEU N 565 17.17 -72.45 97.80
CA LEU N 565 18.46 -72.34 98.44
C LEU N 565 18.82 -73.73 98.88
N PRO N 566 20.05 -74.06 99.28
CA PRO N 566 20.41 -75.29 99.95
C PRO N 566 19.43 -75.88 100.91
N GLY N 567 19.31 -77.22 100.92
CA GLY N 567 18.35 -77.89 101.75
C GLY N 567 17.90 -79.12 101.07
N SER N 568 16.96 -79.81 101.73
CA SER N 568 16.36 -81.03 101.25
C SER N 568 14.92 -80.65 101.20
N TYR N 569 14.26 -81.01 100.09
CA TYR N 569 12.89 -80.67 99.86
C TYR N 569 12.33 -81.91 99.29
N THR N 570 11.01 -81.99 99.21
CA THR N 570 10.36 -83.10 98.58
C THR N 570 9.41 -82.38 97.71
N TYR N 571 8.93 -83.12 96.70
CA TYR N 571 8.15 -82.54 95.65
C TYR N 571 7.26 -83.67 95.28
N GLU N 572 6.10 -83.38 94.66
CA GLU N 572 5.31 -84.44 94.11
C GLU N 572 4.38 -83.69 93.24
N TRP N 573 3.81 -84.35 92.22
CA TRP N 573 2.78 -83.71 91.47
C TRP N 573 2.03 -84.85 90.91
N ASN N 574 0.74 -84.61 90.59
CA ASN N 574 -0.15 -85.63 90.13
C ASN N 574 -0.38 -85.30 88.69
N PHE N 575 -0.20 -86.28 87.80
CA PHE N 575 -0.34 -86.14 86.37
C PHE N 575 -1.66 -86.76 86.07
N ARG N 576 -2.29 -86.47 84.92
CA ARG N 576 -3.58 -87.01 84.60
C ARG N 576 -3.32 -88.09 83.61
N LYS N 577 -4.30 -89.01 83.45
CA LYS N 577 -4.25 -90.04 82.45
C LYS N 577 -5.56 -89.95 81.72
N ASP N 578 -6.31 -88.85 81.93
CA ASP N 578 -7.57 -88.55 81.30
C ASP N 578 -7.31 -88.20 79.87
N VAL N 579 -7.87 -89.01 78.96
CA VAL N 579 -7.64 -89.00 77.54
C VAL N 579 -8.07 -87.69 76.92
N ASN N 580 -9.23 -87.12 77.36
CA ASN N 580 -9.84 -86.01 76.68
C ASN N 580 -9.47 -84.73 77.35
N MET N 581 -8.51 -84.76 78.30
CA MET N 581 -7.96 -83.57 78.89
C MET N 581 -6.58 -83.37 78.36
N ILE N 582 -6.01 -84.41 77.71
CA ILE N 582 -4.62 -84.42 77.35
C ILE N 582 -4.54 -84.34 75.87
N LEU N 583 -5.41 -85.09 75.17
CA LEU N 583 -5.44 -85.10 73.74
C LEU N 583 -6.45 -84.12 73.27
N GLN N 584 -6.15 -83.45 72.14
CA GLN N 584 -6.99 -82.49 71.50
C GLN N 584 -7.36 -83.16 70.21
N SER N 585 -8.44 -82.70 69.54
CA SER N 585 -8.98 -83.34 68.36
C SER N 585 -9.42 -82.23 67.47
N SER N 586 -9.63 -82.54 66.16
CA SER N 586 -10.07 -81.56 65.19
C SER N 586 -11.52 -81.74 64.93
N LEU N 587 -12.22 -82.56 65.74
CA LEU N 587 -13.64 -82.70 65.64
C LEU N 587 -14.22 -82.63 67.02
N GLY N 588 -13.40 -82.90 68.05
CA GLY N 588 -13.84 -82.82 69.42
C GLY N 588 -14.63 -84.02 69.84
N ASN N 589 -14.36 -85.18 69.20
CA ASN N 589 -15.06 -86.44 69.40
C ASN N 589 -14.75 -86.96 70.78
N ASP N 590 -15.66 -87.75 71.40
CA ASP N 590 -15.37 -88.45 72.62
C ASP N 590 -14.33 -89.49 72.32
N LEU N 591 -13.48 -89.85 73.30
CA LEU N 591 -12.49 -90.87 73.10
C LEU N 591 -12.71 -91.88 74.19
N ARG N 592 -13.88 -92.56 74.14
CA ARG N 592 -14.21 -93.68 74.97
C ARG N 592 -14.50 -94.76 73.97
N THR N 593 -15.41 -94.44 73.03
CA THR N 593 -15.95 -95.38 72.07
C THR N 593 -15.22 -95.16 70.77
N ASP N 594 -14.16 -94.32 70.81
CA ASP N 594 -13.32 -94.03 69.70
C ASP N 594 -11.96 -94.19 70.27
N GLY N 595 -11.70 -95.39 70.82
CA GLY N 595 -10.46 -95.89 71.37
C GLY N 595 -9.68 -94.90 72.19
N ALA N 596 -8.35 -94.98 72.06
CA ALA N 596 -7.36 -94.12 72.68
C ALA N 596 -7.18 -94.46 74.12
N SER N 597 -5.90 -94.46 74.55
CA SER N 597 -5.49 -94.76 75.89
C SER N 597 -4.13 -94.16 76.00
N ILE N 598 -3.58 -94.13 77.23
CA ILE N 598 -2.28 -93.60 77.46
C ILE N 598 -1.76 -94.41 78.60
N SER N 599 -0.43 -94.47 78.70
CA SER N 599 0.28 -95.20 79.69
C SER N 599 1.48 -94.36 79.92
N PHE N 600 1.95 -94.28 81.18
CA PHE N 600 3.18 -93.63 81.50
C PHE N 600 4.01 -94.74 82.04
N THR N 601 5.29 -94.75 81.61
CA THR N 601 6.30 -95.60 82.16
C THR N 601 7.39 -94.63 82.40
N SER N 602 7.71 -94.37 83.68
CA SER N 602 8.80 -93.53 84.12
C SER N 602 8.58 -92.06 83.92
N ILE N 603 8.66 -91.31 85.04
CA ILE N 603 8.66 -89.86 84.99
C ILE N 603 9.83 -89.52 85.85
N ASN N 604 10.65 -88.54 85.42
CA ASN N 604 11.87 -88.14 86.08
C ASN N 604 11.82 -86.66 86.12
N LEU N 605 12.65 -86.04 86.97
CA LEU N 605 12.68 -84.62 87.15
C LEU N 605 14.08 -84.21 86.82
N TYR N 606 14.23 -83.32 85.83
CA TYR N 606 15.47 -82.70 85.42
C TYR N 606 15.57 -81.34 86.00
N ALA N 607 16.71 -81.01 86.65
CA ALA N 607 16.96 -79.72 87.22
C ALA N 607 18.33 -79.30 86.81
N THR N 608 18.48 -78.10 86.17
CA THR N 608 19.74 -77.64 85.65
C THR N 608 20.24 -76.59 86.60
N PHE N 609 21.42 -76.83 87.20
CA PHE N 609 22.06 -75.96 88.16
C PHE N 609 23.00 -75.04 87.43
N PHE N 610 23.17 -73.81 87.95
CA PHE N 610 24.10 -72.84 87.41
C PHE N 610 25.45 -73.11 88.02
N PRO N 611 26.55 -73.15 87.27
CA PRO N 611 27.84 -73.45 87.85
C PRO N 611 28.40 -72.14 88.31
N MET N 612 28.47 -71.93 89.65
CA MET N 612 29.10 -70.77 90.20
C MET N 612 29.96 -71.18 91.33
N ALA N 613 30.92 -70.30 91.67
CA ALA N 613 31.85 -70.45 92.76
C ALA N 613 31.14 -70.49 94.06
N HIS N 614 31.69 -71.24 95.02
CA HIS N 614 31.09 -71.47 96.31
C HIS N 614 31.28 -70.31 97.23
N ASN N 615 32.19 -69.38 96.96
CA ASN N 615 32.35 -68.15 97.73
C ASN N 615 31.16 -67.21 97.48
N THR N 616 30.73 -67.09 96.23
CA THR N 616 29.61 -66.21 95.87
C THR N 616 28.27 -66.86 96.16
N ALA N 617 28.18 -68.19 96.28
CA ALA N 617 26.94 -68.89 96.43
C ALA N 617 26.72 -69.14 97.89
N SER N 618 27.59 -68.58 98.75
CA SER N 618 27.48 -68.60 100.18
C SER N 618 27.31 -67.18 100.63
N THR N 619 27.21 -66.24 99.69
CA THR N 619 26.89 -64.85 99.91
C THR N 619 25.50 -64.62 99.34
N LEU N 620 25.19 -65.20 98.18
CA LEU N 620 23.87 -65.22 97.59
C LEU N 620 22.90 -65.95 98.48
N GLU N 621 23.34 -67.10 99.04
CA GLU N 621 22.60 -67.89 100.00
C GLU N 621 22.34 -67.12 101.26
N ALA N 622 23.37 -66.40 101.76
CA ALA N 622 23.36 -65.66 102.99
C ALA N 622 22.34 -64.56 102.98
N MET N 623 22.26 -63.85 101.84
CA MET N 623 21.45 -62.68 101.60
C MET N 623 19.97 -63.00 101.37
N LEU N 624 19.64 -64.25 101.03
CA LEU N 624 18.29 -64.64 100.70
C LEU N 624 17.70 -65.47 101.79
N ARG N 625 18.45 -65.69 102.90
CA ARG N 625 17.91 -66.29 104.09
C ARG N 625 17.45 -65.20 105.02
N ASN N 626 17.93 -63.95 104.79
CA ASN N 626 17.52 -62.78 105.51
C ASN N 626 16.21 -62.31 104.96
N ASP N 627 15.43 -61.57 105.79
CA ASP N 627 14.36 -60.69 105.34
C ASP N 627 14.96 -59.58 104.52
N THR N 628 14.93 -59.79 103.20
CA THR N 628 15.28 -58.83 102.19
C THR N 628 13.98 -58.47 101.52
N ASN N 629 12.84 -58.96 102.09
CA ASN N 629 11.61 -59.28 101.40
C ASN N 629 11.85 -60.17 100.22
N ASP N 630 12.46 -61.33 100.54
CA ASP N 630 12.80 -62.43 99.67
C ASP N 630 11.62 -63.00 98.91
N GLN N 631 11.96 -63.55 97.72
CA GLN N 631 11.15 -64.28 96.77
C GLN N 631 9.67 -63.93 96.72
N SER N 632 9.29 -62.86 96.00
CA SER N 632 7.95 -62.33 96.01
C SER N 632 7.50 -62.34 94.58
N PHE N 633 6.26 -62.80 94.28
CA PHE N 633 5.80 -62.94 92.91
C PHE N 633 4.30 -62.95 92.97
N ASN N 634 3.66 -62.96 91.78
CA ASN N 634 2.24 -62.81 91.66
C ASN N 634 1.85 -63.53 90.40
N ASP N 635 0.60 -64.04 90.33
CA ASP N 635 -0.01 -64.56 89.13
C ASP N 635 -0.13 -63.47 88.10
N TYR N 636 0.07 -63.81 86.81
CA TYR N 636 -0.02 -62.89 85.71
C TYR N 636 -1.45 -62.45 85.56
N LEU N 637 -2.38 -63.43 85.63
CA LEU N 637 -3.79 -63.25 85.55
C LEU N 637 -4.24 -63.65 86.90
N SER N 638 -4.78 -62.68 87.65
CA SER N 638 -5.12 -62.87 89.03
C SER N 638 -6.62 -62.77 89.04
N ALA N 639 -7.28 -63.68 89.77
CA ALA N 639 -8.64 -63.97 89.44
C ALA N 639 -9.33 -64.58 90.62
N ALA N 640 -10.68 -64.58 90.53
CA ALA N 640 -11.56 -65.34 91.36
C ALA N 640 -12.76 -65.51 90.49
N ASN N 641 -13.59 -66.55 90.74
CA ASN N 641 -14.67 -66.93 89.85
C ASN N 641 -15.77 -67.47 90.73
N MET N 642 -17.03 -66.96 90.60
CA MET N 642 -18.17 -67.49 91.36
C MET N 642 -19.36 -67.65 90.45
N LEU N 643 -19.83 -68.90 90.28
CA LEU N 643 -20.59 -69.30 89.10
C LEU N 643 -21.92 -69.96 89.52
N TYR N 644 -23.03 -69.63 88.81
CA TYR N 644 -24.42 -69.94 89.14
C TYR N 644 -25.27 -69.73 87.87
N PRO N 645 -26.51 -70.24 87.62
CA PRO N 645 -26.93 -70.44 86.21
C PRO N 645 -28.43 -70.14 85.96
N ILE N 646 -28.89 -69.98 84.68
CA ILE N 646 -30.25 -69.50 84.34
C ILE N 646 -30.76 -70.03 82.99
N PRO N 647 -31.94 -70.68 82.77
CA PRO N 647 -32.39 -71.14 81.44
C PRO N 647 -33.69 -70.58 80.83
N ALA N 648 -33.60 -70.05 79.59
CA ALA N 648 -34.66 -69.68 78.65
C ALA N 648 -35.27 -68.30 78.78
N ASN N 649 -34.76 -67.29 78.03
CA ASN N 649 -35.36 -65.99 77.69
C ASN N 649 -34.72 -64.86 78.47
N ALA N 650 -34.14 -63.86 77.74
CA ALA N 650 -33.92 -62.43 78.05
C ALA N 650 -34.54 -61.77 79.28
N THR N 651 -33.82 -60.72 79.82
CA THR N 651 -34.22 -59.72 80.81
C THR N 651 -33.60 -60.01 82.18
N ASN N 652 -34.34 -59.77 83.32
CA ASN N 652 -33.78 -59.51 84.64
C ASN N 652 -34.67 -60.20 85.68
N VAL N 653 -34.06 -60.80 86.73
CA VAL N 653 -34.81 -61.30 87.89
C VAL N 653 -33.93 -61.02 89.13
N PRO N 654 -34.38 -60.99 90.41
CA PRO N 654 -33.72 -60.26 91.48
C PRO N 654 -32.60 -61.00 92.16
N ILE N 655 -31.70 -60.25 92.85
CA ILE N 655 -31.10 -60.70 94.09
C ILE N 655 -30.55 -59.47 94.78
N SER N 656 -30.07 -59.63 96.03
CA SER N 656 -29.13 -58.73 96.64
C SER N 656 -28.35 -59.62 97.57
N ILE N 657 -27.09 -59.24 97.91
CA ILE N 657 -26.09 -60.15 98.44
C ILE N 657 -25.41 -59.35 99.54
N PRO N 658 -24.90 -59.98 100.61
CA PRO N 658 -24.71 -59.32 101.89
C PRO N 658 -23.33 -58.71 102.12
N SER N 659 -23.00 -58.55 103.43
CA SER N 659 -21.71 -58.43 104.10
C SER N 659 -20.65 -57.56 103.45
N ARG N 660 -19.34 -57.85 103.75
CA ARG N 660 -18.27 -56.88 103.63
C ARG N 660 -17.01 -57.42 102.99
N ASN N 661 -16.19 -56.47 102.42
CA ASN N 661 -14.84 -56.59 101.87
C ASN N 661 -14.75 -56.25 100.40
N TRP N 662 -14.15 -55.07 100.07
CA TRP N 662 -13.69 -54.65 98.76
C TRP N 662 -12.54 -53.74 99.11
N ALA N 663 -11.55 -53.64 98.18
CA ALA N 663 -10.31 -52.94 98.36
C ALA N 663 -9.29 -53.67 97.57
N ALA N 664 -8.44 -52.92 96.84
CA ALA N 664 -7.47 -53.41 95.90
C ALA N 664 -8.09 -54.24 94.82
N PHE N 665 -9.29 -53.80 94.39
CA PHE N 665 -10.11 -54.34 93.35
C PHE N 665 -9.69 -53.68 92.08
N ARG N 666 -9.72 -54.43 90.97
CA ARG N 666 -9.17 -54.06 89.70
C ARG N 666 -10.34 -54.43 88.83
N GLY N 667 -10.16 -54.77 87.55
CA GLY N 667 -11.29 -54.91 86.65
C GLY N 667 -12.23 -56.06 86.89
N TRP N 668 -12.96 -56.37 85.82
CA TRP N 668 -13.93 -57.43 85.68
C TRP N 668 -13.64 -57.82 84.28
N SER N 669 -13.62 -59.13 83.96
CA SER N 669 -13.33 -59.59 82.64
C SER N 669 -14.17 -60.78 82.46
N PHE N 670 -14.70 -61.00 81.24
CA PHE N 670 -15.78 -61.91 81.11
C PHE N 670 -15.87 -62.27 79.68
N THR N 671 -16.44 -63.46 79.44
CA THR N 671 -16.55 -64.03 78.15
C THR N 671 -17.59 -65.07 78.35
N ARG N 672 -18.15 -65.60 77.25
CA ARG N 672 -19.15 -66.61 77.27
C ARG N 672 -18.44 -67.84 76.83
N LEU N 673 -18.71 -68.97 77.52
CA LEU N 673 -18.14 -70.25 77.18
C LEU N 673 -19.30 -71.09 76.80
N LYS N 674 -19.05 -72.40 76.70
CA LYS N 674 -20.03 -73.38 76.32
C LYS N 674 -19.61 -74.49 77.19
N THR N 675 -20.57 -75.24 77.75
CA THR N 675 -20.25 -76.34 78.62
C THR N 675 -19.66 -77.49 77.85
N LYS N 676 -18.34 -77.68 78.09
CA LYS N 676 -17.47 -78.47 77.28
C LYS N 676 -16.49 -79.06 78.25
N GLU N 677 -15.24 -79.30 77.80
CA GLU N 677 -14.45 -80.47 78.12
C GLU N 677 -14.25 -80.80 79.58
N THR N 678 -13.92 -79.78 80.40
CA THR N 678 -13.61 -79.89 81.82
C THR N 678 -14.86 -80.29 82.58
N PRO N 679 -14.95 -81.43 83.27
CA PRO N 679 -16.03 -81.75 84.19
C PRO N 679 -15.96 -81.00 85.49
N SER N 680 -14.74 -80.63 85.92
CA SER N 680 -14.41 -79.87 87.09
C SER N 680 -13.02 -80.33 87.37
N LEU N 681 -12.22 -79.47 88.03
CA LEU N 681 -10.82 -79.73 88.26
C LEU N 681 -10.73 -80.43 89.59
N GLY N 682 -9.96 -81.55 89.63
CA GLY N 682 -9.75 -82.35 90.81
C GLY N 682 -10.52 -83.64 90.73
N SER N 683 -10.81 -84.13 89.51
CA SER N 683 -11.67 -85.26 89.31
C SER N 683 -11.18 -85.91 88.05
N GLY N 684 -11.79 -87.05 87.65
CA GLY N 684 -11.42 -87.67 86.41
C GLY N 684 -12.29 -88.86 86.20
N PHE N 685 -12.56 -89.19 84.91
CA PHE N 685 -13.46 -90.24 84.47
C PHE N 685 -14.87 -89.99 85.00
N ASP N 686 -15.43 -88.79 84.73
CA ASP N 686 -16.74 -88.39 85.20
C ASP N 686 -17.78 -88.63 84.13
N PRO N 687 -19.07 -88.77 84.47
CA PRO N 687 -20.19 -88.65 83.53
C PRO N 687 -20.48 -87.20 83.22
N TYR N 688 -19.66 -86.26 83.73
CA TYR N 688 -19.84 -84.85 83.53
C TYR N 688 -18.83 -84.43 82.50
N PHE N 689 -17.98 -85.39 82.06
CA PHE N 689 -16.87 -85.17 81.19
C PHE N 689 -17.49 -85.24 79.83
N VAL N 690 -17.06 -84.36 78.91
CA VAL N 690 -17.65 -84.19 77.61
C VAL N 690 -16.52 -83.81 76.67
N TYR N 691 -16.73 -83.91 75.32
CA TYR N 691 -15.90 -83.44 74.22
C TYR N 691 -14.43 -83.81 74.29
N SER N 692 -13.57 -83.22 73.43
CA SER N 692 -12.15 -83.51 73.42
C SER N 692 -11.46 -82.47 72.59
N GLY N 693 -12.19 -81.45 72.08
CA GLY N 693 -11.62 -80.41 71.26
C GLY N 693 -10.91 -79.40 72.13
N SER N 694 -10.71 -78.18 71.61
CA SER N 694 -10.10 -77.07 72.32
C SER N 694 -10.94 -76.72 73.52
N ILE N 695 -10.28 -76.37 74.65
CA ILE N 695 -10.94 -75.98 75.87
C ILE N 695 -10.73 -74.50 75.93
N PRO N 696 -11.70 -73.62 75.74
CA PRO N 696 -11.50 -72.20 75.94
C PRO N 696 -11.40 -71.77 77.37
N TYR N 697 -11.39 -72.68 78.37
CA TYR N 697 -11.28 -72.29 79.75
C TYR N 697 -9.84 -72.42 80.18
N LEU N 698 -9.05 -73.31 79.53
CA LEU N 698 -7.69 -73.54 79.91
C LEU N 698 -6.79 -73.11 78.79
N ASP N 699 -7.36 -72.66 77.65
CA ASP N 699 -6.65 -72.04 76.56
C ASP N 699 -7.21 -70.67 76.44
N GLY N 700 -6.46 -69.76 75.80
CA GLY N 700 -6.84 -68.38 75.62
C GLY N 700 -7.84 -68.21 74.51
N THR N 701 -8.26 -69.33 73.87
CA THR N 701 -9.30 -69.38 72.89
C THR N 701 -10.61 -68.96 73.49
N PHE N 702 -11.44 -68.24 72.71
CA PHE N 702 -12.76 -67.78 73.06
C PHE N 702 -13.32 -67.52 71.71
N TYR N 703 -14.65 -67.56 71.53
CA TYR N 703 -15.18 -67.42 70.19
C TYR N 703 -16.64 -67.08 70.27
N LEU N 704 -17.17 -66.87 71.49
CA LEU N 704 -18.53 -66.52 71.74
C LEU N 704 -18.50 -65.19 72.41
N ASN N 705 -17.37 -64.47 72.27
CA ASN N 705 -17.12 -63.19 72.85
C ASN N 705 -17.66 -62.13 71.92
N HIS N 706 -18.93 -62.26 71.51
CA HIS N 706 -19.53 -61.39 70.53
C HIS N 706 -21.01 -61.58 70.62
N THR N 707 -21.51 -62.26 71.68
CA THR N 707 -22.87 -62.69 71.80
C THR N 707 -23.51 -61.89 72.92
N PHE N 708 -23.01 -60.68 73.22
CA PHE N 708 -23.44 -59.91 74.37
C PHE N 708 -24.14 -58.68 73.88
N LYS N 709 -25.20 -58.27 74.60
CA LYS N 709 -25.98 -57.13 74.22
C LYS N 709 -25.73 -56.03 75.22
N LYS N 710 -25.55 -56.37 76.51
CA LYS N 710 -25.31 -55.41 77.55
C LYS N 710 -24.77 -56.15 78.72
N VAL N 711 -24.26 -55.36 79.71
CA VAL N 711 -23.55 -55.87 80.85
C VAL N 711 -23.60 -54.80 81.90
N SER N 712 -24.79 -54.48 82.44
CA SER N 712 -24.92 -53.53 83.53
C SER N 712 -24.19 -54.04 84.76
N ILE N 713 -23.42 -53.14 85.39
CA ILE N 713 -22.58 -53.40 86.53
C ILE N 713 -23.06 -52.37 87.49
N THR N 714 -23.45 -52.77 88.72
CA THR N 714 -23.87 -51.77 89.68
C THR N 714 -23.25 -52.19 90.99
N PHE N 715 -23.70 -51.61 92.12
CA PHE N 715 -23.23 -51.93 93.45
C PHE N 715 -24.42 -51.69 94.29
N ASP N 716 -24.39 -52.17 95.55
CA ASP N 716 -25.34 -51.86 96.59
C ASP N 716 -26.68 -52.44 96.21
N SER N 717 -27.50 -51.62 95.51
CA SER N 717 -28.80 -51.93 95.00
C SER N 717 -29.42 -50.63 94.61
N SER N 718 -28.63 -49.54 94.53
CA SER N 718 -29.18 -48.25 94.19
C SER N 718 -28.07 -47.32 93.76
N VAL N 719 -26.86 -47.85 93.57
CA VAL N 719 -25.68 -47.14 93.16
C VAL N 719 -25.42 -47.78 91.84
N SER N 720 -25.01 -47.01 90.82
CA SER N 720 -24.76 -47.55 89.52
C SER N 720 -23.36 -47.10 89.33
N TRP N 721 -22.46 -48.10 89.21
CA TRP N 721 -21.05 -47.85 89.08
C TRP N 721 -20.59 -47.08 87.85
N PRO N 722 -21.01 -47.28 86.60
CA PRO N 722 -20.60 -46.40 85.52
C PRO N 722 -21.37 -45.10 85.54
N GLY N 723 -21.98 -44.72 86.70
CA GLY N 723 -22.70 -43.50 86.92
C GLY N 723 -21.78 -42.33 86.87
N ASN N 724 -22.37 -41.15 86.62
CA ASN N 724 -21.83 -39.81 86.56
C ASN N 724 -21.93 -39.39 85.12
N ASP N 725 -22.66 -40.17 84.29
CA ASP N 725 -22.99 -39.86 82.92
C ASP N 725 -21.74 -39.97 82.10
N ARG N 726 -20.89 -40.99 82.40
CA ARG N 726 -19.64 -41.23 81.75
C ARG N 726 -19.84 -41.59 80.30
N LEU N 727 -20.92 -42.36 80.03
CA LEU N 727 -21.18 -42.95 78.74
C LEU N 727 -22.42 -42.28 78.20
N LEU N 728 -22.75 -42.54 76.90
CA LEU N 728 -23.89 -41.95 76.25
C LEU N 728 -25.13 -42.78 76.48
N THR N 729 -24.96 -43.99 77.06
CA THR N 729 -26.02 -44.75 77.65
C THR N 729 -25.40 -45.08 78.98
N PRO N 730 -25.75 -44.50 80.12
CA PRO N 730 -24.79 -44.40 81.20
C PRO N 730 -25.05 -45.44 82.24
N ASN N 731 -26.18 -46.18 82.18
CA ASN N 731 -26.61 -47.01 83.28
C ASN N 731 -26.22 -48.43 82.98
N GLU N 732 -25.59 -48.68 81.82
CA GLU N 732 -25.16 -49.96 81.41
C GLU N 732 -24.13 -49.70 80.37
N PHE N 733 -23.23 -50.67 80.17
CA PHE N 733 -22.32 -50.72 79.07
C PHE N 733 -23.00 -51.57 78.06
N GLU N 734 -23.17 -51.12 76.79
CA GLU N 734 -23.70 -52.02 75.80
C GLU N 734 -22.50 -52.68 75.20
N ILE N 735 -22.70 -53.61 74.25
CA ILE N 735 -21.59 -54.22 73.55
C ILE N 735 -21.95 -54.27 72.11
N LYS N 736 -23.25 -54.40 71.78
CA LYS N 736 -23.66 -54.35 70.41
C LYS N 736 -25.05 -53.84 70.50
N ARG N 737 -25.51 -53.16 69.44
CA ARG N 737 -26.78 -52.53 69.43
C ARG N 737 -27.35 -52.98 68.12
N THR N 738 -28.47 -53.73 68.20
CA THR N 738 -29.21 -54.15 67.03
C THR N 738 -30.29 -53.12 66.88
N VAL N 739 -30.28 -52.42 65.73
CA VAL N 739 -31.18 -51.33 65.42
C VAL N 739 -30.66 -50.11 66.15
N ASP N 740 -29.95 -49.24 65.41
CA ASP N 740 -29.36 -48.04 65.92
C ASP N 740 -30.01 -46.93 65.18
N GLY N 741 -30.47 -45.89 65.91
CA GLY N 741 -31.16 -44.76 65.34
C GLY N 741 -30.58 -43.49 65.85
N GLU N 742 -29.66 -43.54 66.83
CA GLU N 742 -29.06 -42.37 67.41
C GLU N 742 -27.65 -42.21 66.91
N GLY N 743 -27.12 -43.19 66.16
CA GLY N 743 -25.80 -43.12 65.58
C GLY N 743 -24.73 -43.44 66.57
N TYR N 744 -25.02 -44.34 67.54
CA TYR N 744 -24.10 -44.68 68.59
C TYR N 744 -23.44 -45.99 68.26
N ASN N 745 -22.78 -46.08 67.08
CA ASN N 745 -22.12 -47.27 66.59
C ASN N 745 -20.79 -46.83 66.06
N VAL N 746 -19.89 -47.80 65.86
CA VAL N 746 -18.57 -47.65 65.27
C VAL N 746 -18.77 -48.22 63.90
N ALA N 747 -18.16 -47.56 62.88
CA ALA N 747 -18.30 -47.83 61.46
C ALA N 747 -18.34 -49.27 61.08
N GLN N 748 -19.50 -49.66 60.51
CA GLN N 748 -19.78 -50.88 59.83
C GLN N 748 -19.76 -52.09 60.72
N CYS N 749 -20.27 -51.94 61.96
CA CYS N 749 -20.59 -53.05 62.82
C CYS N 749 -21.56 -52.55 63.84
N ASN N 750 -22.07 -53.48 64.68
CA ASN N 750 -23.08 -53.20 65.68
C ASN N 750 -22.48 -52.59 66.91
N MET N 751 -21.15 -52.74 67.12
CA MET N 751 -20.49 -52.30 68.33
C MET N 751 -20.69 -50.84 68.59
N THR N 752 -20.98 -50.47 69.86
CA THR N 752 -21.29 -49.12 70.24
C THR N 752 -20.01 -48.38 70.46
N LYS N 753 -20.03 -47.05 70.30
CA LYS N 753 -18.83 -46.27 70.37
C LYS N 753 -18.45 -45.98 71.78
N ASP N 754 -19.43 -46.10 72.70
CA ASP N 754 -19.20 -46.08 74.13
C ASP N 754 -18.37 -47.28 74.56
N TRP N 755 -18.72 -48.48 74.06
CA TRP N 755 -18.02 -49.71 74.35
C TRP N 755 -16.63 -49.73 73.81
N PHE N 756 -16.46 -49.25 72.56
CA PHE N 756 -15.22 -49.26 71.82
C PHE N 756 -14.19 -48.43 72.54
N LEU N 757 -14.60 -47.27 73.11
CA LEU N 757 -13.78 -46.38 73.88
C LEU N 757 -13.22 -47.04 75.11
N VAL N 758 -14.07 -47.80 75.85
CA VAL N 758 -13.73 -48.51 77.08
C VAL N 758 -12.70 -49.55 76.80
N GLN N 759 -12.81 -50.28 75.65
CA GLN N 759 -11.91 -51.36 75.36
C GLN N 759 -10.62 -50.85 74.79
N MET N 760 -10.60 -49.63 74.21
CA MET N 760 -9.38 -49.05 73.76
C MET N 760 -8.59 -48.40 74.85
N LEU N 761 -9.22 -48.08 76.00
CA LEU N 761 -8.53 -47.47 77.11
C LEU N 761 -8.07 -48.52 78.07
N ALA N 762 -8.47 -49.79 77.86
CA ALA N 762 -8.19 -50.85 78.77
C ALA N 762 -7.14 -51.75 78.20
N HIS N 763 -6.90 -51.67 76.87
CA HIS N 763 -5.99 -52.55 76.20
C HIS N 763 -4.88 -51.76 75.58
N TYR N 764 -4.91 -50.41 75.63
CA TYR N 764 -3.86 -49.67 74.98
C TYR N 764 -3.74 -48.31 75.56
N ASN N 765 -4.78 -47.80 76.25
CA ASN N 765 -4.76 -46.49 76.88
C ASN N 765 -4.80 -45.39 75.85
N ILE N 766 -5.74 -45.46 74.88
CA ILE N 766 -5.83 -44.48 73.83
C ILE N 766 -7.30 -44.20 73.67
N GLY N 767 -7.65 -42.95 73.30
CA GLY N 767 -9.02 -42.58 73.11
C GLY N 767 -9.25 -41.16 73.50
N TYR N 768 -8.34 -40.55 74.28
CA TYR N 768 -8.47 -39.16 74.67
C TYR N 768 -7.58 -38.29 73.84
N GLN N 769 -6.65 -38.89 73.08
CA GLN N 769 -5.79 -38.19 72.17
C GLN N 769 -6.16 -38.66 70.79
N GLY N 770 -7.29 -39.39 70.65
CA GLY N 770 -7.80 -39.87 69.39
C GLY N 770 -7.57 -41.34 69.34
N PHE N 771 -8.23 -42.04 68.39
CA PHE N 771 -8.08 -43.46 68.21
C PHE N 771 -7.07 -43.68 67.15
N TYR N 772 -6.14 -44.62 67.37
CA TYR N 772 -5.08 -44.94 66.45
C TYR N 772 -4.81 -46.39 66.63
N VAL N 773 -4.11 -46.97 65.62
CA VAL N 773 -3.68 -48.34 65.59
C VAL N 773 -2.64 -48.55 66.69
N PRO N 774 -2.76 -49.50 67.60
CA PRO N 774 -1.72 -49.86 68.57
C PRO N 774 -0.40 -50.22 67.95
N GLU N 775 0.68 -50.23 68.75
CA GLU N 775 1.94 -50.80 68.35
C GLU N 775 1.87 -52.31 68.47
N GLY N 776 2.86 -53.02 67.90
CA GLY N 776 2.91 -54.47 67.91
C GLY N 776 3.21 -54.98 69.27
N TYR N 777 3.95 -54.17 70.07
CA TYR N 777 4.21 -54.39 71.46
C TYR N 777 2.92 -54.38 72.26
N LYS N 778 2.06 -53.38 71.99
CA LYS N 778 0.86 -53.12 72.74
C LYS N 778 -0.23 -54.12 72.60
N ASP N 779 -0.54 -54.56 71.35
CA ASP N 779 -1.63 -55.48 71.13
C ASP N 779 -1.05 -56.66 70.43
N ARG N 780 -1.33 -57.85 71.00
CA ARG N 780 -0.74 -59.13 70.66
C ARG N 780 -1.84 -60.10 70.32
N MET N 781 -1.62 -61.41 70.57
CA MET N 781 -2.56 -62.49 70.27
C MET N 781 -3.86 -62.34 70.97
N TYR N 782 -3.82 -61.97 72.27
CA TYR N 782 -4.95 -62.01 73.15
C TYR N 782 -5.37 -60.61 73.48
N SER N 783 -5.09 -59.65 72.59
CA SER N 783 -5.51 -58.28 72.76
C SER N 783 -6.53 -57.96 71.71
N PHE N 784 -7.42 -57.02 72.09
CA PHE N 784 -8.58 -56.52 71.40
C PHE N 784 -8.47 -56.29 69.92
N PHE N 785 -7.55 -55.38 69.52
CA PHE N 785 -7.48 -54.80 68.21
C PHE N 785 -7.27 -55.80 67.10
N ARG N 786 -6.42 -56.83 67.34
CA ARG N 786 -5.99 -57.78 66.35
C ARG N 786 -7.09 -58.75 66.02
N ASN N 787 -8.11 -58.83 66.89
CA ASN N 787 -9.11 -59.86 66.85
C ASN N 787 -10.45 -59.28 66.53
N PHE N 788 -10.54 -57.95 66.37
CA PHE N 788 -11.76 -57.22 66.14
C PHE N 788 -11.94 -57.06 64.66
N GLN N 789 -12.92 -57.79 64.06
CA GLN N 789 -13.17 -57.69 62.65
C GLN N 789 -14.65 -57.37 62.46
N PRO N 790 -15.00 -56.14 62.10
CA PRO N 790 -16.24 -55.71 61.47
C PRO N 790 -16.57 -56.39 60.17
N MET N 791 -17.87 -56.48 59.80
CA MET N 791 -18.25 -57.06 58.54
C MET N 791 -19.65 -56.62 58.22
N SER N 792 -20.09 -56.76 56.94
CA SER N 792 -21.47 -56.52 56.55
C SER N 792 -21.76 -57.21 55.24
N ARG N 793 -23.06 -57.45 54.97
CA ARG N 793 -23.57 -58.00 53.74
C ARG N 793 -24.84 -57.27 53.43
N GLN N 794 -25.35 -57.39 52.19
CA GLN N 794 -26.68 -56.94 51.86
C GLN N 794 -27.40 -58.18 51.44
N VAL N 795 -28.68 -58.30 51.88
CA VAL N 795 -29.56 -59.41 51.69
C VAL N 795 -30.90 -58.87 51.30
N VAL N 796 -31.81 -59.71 50.77
CA VAL N 796 -33.08 -59.24 50.26
C VAL N 796 -34.10 -59.75 51.23
N ASP N 797 -35.12 -58.92 51.52
CA ASP N 797 -36.16 -59.22 52.47
C ASP N 797 -37.43 -58.98 51.72
N GLU N 798 -38.54 -59.53 52.24
CA GLU N 798 -39.82 -59.52 51.57
C GLU N 798 -40.64 -58.35 52.01
N VAL N 799 -40.09 -57.49 52.88
CA VAL N 799 -40.79 -56.38 53.47
C VAL N 799 -40.53 -55.12 52.68
N ASN N 800 -40.06 -55.26 51.42
CA ASN N 800 -39.66 -54.13 50.62
C ASN N 800 -39.49 -54.59 49.20
N TYR N 801 -39.67 -55.89 48.92
CA TYR N 801 -39.47 -56.46 47.60
C TYR N 801 -40.58 -57.46 47.54
N LYS N 802 -41.48 -57.33 46.54
CA LYS N 802 -42.72 -58.08 46.53
C LYS N 802 -42.72 -59.13 45.45
N ASP N 803 -41.55 -59.39 44.85
CA ASP N 803 -41.38 -60.48 43.91
C ASP N 803 -40.51 -61.51 44.57
N TYR N 804 -40.26 -61.35 45.90
CA TYR N 804 -39.55 -62.28 46.74
C TYR N 804 -40.35 -63.55 46.85
N GLN N 805 -39.67 -64.71 46.75
CA GLN N 805 -40.22 -66.01 47.02
C GLN N 805 -39.31 -66.61 48.03
N ALA N 806 -39.90 -67.28 49.06
CA ALA N 806 -39.14 -67.97 50.06
C ALA N 806 -38.95 -69.38 49.57
N VAL N 807 -37.92 -69.60 48.72
CA VAL N 807 -37.60 -70.91 48.18
C VAL N 807 -36.69 -71.53 49.19
N THR N 808 -36.92 -72.84 49.49
CA THR N 808 -36.14 -73.59 50.43
C THR N 808 -34.99 -74.19 49.66
N LEU N 809 -34.09 -74.89 50.39
CA LEU N 809 -32.85 -75.45 49.93
C LEU N 809 -33.03 -76.43 48.82
N ALA N 810 -34.10 -77.25 48.86
CA ALA N 810 -34.33 -78.31 47.93
C ALA N 810 -34.75 -77.79 46.58
N TYR N 811 -35.33 -76.56 46.55
CA TYR N 811 -35.86 -75.97 45.34
C TYR N 811 -34.92 -74.95 44.77
N GLN N 812 -33.72 -74.79 45.36
CA GLN N 812 -32.69 -73.91 44.88
C GLN N 812 -31.81 -74.69 43.97
N HIS N 813 -31.72 -74.25 42.70
CA HIS N 813 -30.90 -74.88 41.73
C HIS N 813 -30.02 -73.82 41.16
N ASN N 814 -28.72 -74.09 41.17
CA ASN N 814 -27.70 -73.26 40.62
C ASN N 814 -26.67 -74.30 40.29
N ASN N 815 -26.01 -74.19 39.10
CA ASN N 815 -25.08 -75.16 38.56
C ASN N 815 -25.84 -76.41 38.27
N SER N 816 -27.05 -76.25 37.71
CA SER N 816 -27.99 -77.31 37.51
C SER N 816 -27.46 -78.19 36.41
N GLY N 817 -27.30 -79.50 36.68
CA GLY N 817 -26.84 -80.46 35.70
C GLY N 817 -25.37 -80.66 35.76
N PHE N 818 -24.67 -80.00 36.72
CA PHE N 818 -23.24 -79.99 36.76
C PHE N 818 -22.81 -80.28 38.17
N VAL N 819 -23.76 -80.44 39.12
CA VAL N 819 -23.45 -80.77 40.50
C VAL N 819 -24.45 -81.80 40.91
N GLY N 820 -24.14 -82.55 41.99
CA GLY N 820 -25.01 -83.55 42.56
C GLY N 820 -26.17 -82.90 43.24
N TYR N 821 -27.24 -83.68 43.48
CA TYR N 821 -28.45 -83.19 44.08
C TYR N 821 -28.32 -83.37 45.57
N LEU N 822 -27.97 -82.27 46.27
CA LEU N 822 -27.94 -82.13 47.71
C LEU N 822 -26.96 -83.07 48.36
N ALA N 823 -25.89 -83.44 47.65
CA ALA N 823 -24.95 -84.39 48.15
C ALA N 823 -23.69 -84.18 47.36
N PRO N 824 -22.52 -84.57 47.84
CA PRO N 824 -21.29 -84.56 47.07
C PRO N 824 -21.19 -85.74 46.12
N THR N 825 -22.32 -86.33 45.69
CA THR N 825 -22.39 -87.41 44.73
C THR N 825 -22.28 -86.85 43.34
N MET N 826 -22.27 -87.76 42.33
CA MET N 826 -22.19 -87.44 40.93
C MET N 826 -23.25 -86.51 40.44
N ARG N 827 -22.89 -85.72 39.38
CA ARG N 827 -23.68 -84.70 38.75
C ARG N 827 -24.97 -85.23 38.22
N GLN N 828 -26.04 -84.40 38.20
CA GLN N 828 -27.29 -84.86 37.71
C GLN N 828 -28.12 -83.65 37.43
N GLY N 829 -29.06 -83.79 36.47
CA GLY N 829 -29.99 -82.76 36.10
C GLY N 829 -29.67 -82.29 34.73
N GLN N 830 -30.16 -81.09 34.38
CA GLN N 830 -30.04 -80.48 33.09
C GLN N 830 -29.58 -79.07 33.30
N PRO N 831 -28.85 -78.42 32.39
CA PRO N 831 -28.63 -76.98 32.39
C PRO N 831 -29.91 -76.20 32.30
N TYR N 832 -30.07 -75.16 33.14
CA TYR N 832 -31.30 -74.42 33.20
C TYR N 832 -30.87 -73.13 33.86
N PRO N 833 -31.55 -71.97 33.71
CA PRO N 833 -31.32 -70.78 34.52
C PRO N 833 -31.36 -71.06 36.00
N ALA N 834 -30.53 -70.38 36.81
CA ALA N 834 -30.52 -70.55 38.24
C ALA N 834 -31.62 -69.69 38.83
N ASN N 835 -31.82 -69.75 40.16
CA ASN N 835 -32.88 -69.01 40.81
C ASN N 835 -32.50 -68.84 42.26
N TYR N 836 -31.25 -69.14 42.65
CA TYR N 836 -30.87 -69.10 44.04
C TYR N 836 -30.51 -67.70 44.50
N PRO N 837 -29.30 -67.15 44.50
CA PRO N 837 -29.08 -65.79 44.92
C PRO N 837 -29.83 -64.79 44.09
N TYR N 838 -30.19 -63.64 44.67
CA TYR N 838 -30.90 -62.60 43.99
C TYR N 838 -29.81 -61.63 43.64
N PRO N 839 -29.70 -61.08 42.43
CA PRO N 839 -28.58 -60.24 42.05
C PRO N 839 -28.70 -58.95 42.80
N LEU N 840 -27.58 -58.34 43.25
CA LEU N 840 -27.60 -57.16 44.06
C LEU N 840 -26.68 -56.13 43.47
N ILE N 841 -26.06 -56.42 42.30
CA ILE N 841 -24.91 -55.66 41.84
C ILE N 841 -25.27 -54.73 40.71
N GLY N 842 -26.55 -54.74 40.29
CA GLY N 842 -27.06 -53.84 39.31
C GLY N 842 -27.25 -54.58 38.05
N LYS N 843 -28.09 -53.98 37.17
CA LYS N 843 -28.54 -54.47 35.89
C LYS N 843 -29.86 -55.17 36.08
N SER N 844 -30.10 -55.74 37.28
CA SER N 844 -31.29 -56.47 37.59
C SER N 844 -31.36 -56.55 39.09
N ALA N 845 -30.55 -55.74 39.82
CA ALA N 845 -30.55 -55.66 41.26
C ALA N 845 -31.86 -55.33 41.87
N VAL N 846 -32.05 -55.87 43.09
CA VAL N 846 -33.26 -55.80 43.85
C VAL N 846 -32.86 -55.10 45.12
N THR N 847 -33.78 -54.32 45.71
CA THR N 847 -33.62 -53.61 46.96
C THR N 847 -33.28 -54.51 48.12
N SER N 848 -32.55 -53.96 49.13
CA SER N 848 -32.00 -54.80 50.15
C SER N 848 -31.77 -54.08 51.45
N VAL N 849 -31.78 -54.90 52.52
CA VAL N 849 -31.49 -54.71 53.92
C VAL N 849 -30.04 -54.97 54.21
N THR N 850 -29.35 -54.03 54.90
CA THR N 850 -27.95 -54.12 55.22
C THR N 850 -27.81 -54.58 56.65
N GLN N 851 -27.16 -55.74 56.85
CA GLN N 851 -26.98 -56.41 58.12
C GLN N 851 -25.50 -56.40 58.37
N LYS N 852 -25.10 -56.00 59.59
CA LYS N 852 -23.71 -55.77 59.95
C LYS N 852 -23.49 -56.28 61.33
N LYS N 853 -22.32 -56.92 61.59
CA LYS N 853 -22.01 -57.51 62.87
C LYS N 853 -20.51 -57.58 62.95
N PHE N 854 -19.93 -58.10 64.06
CA PHE N 854 -18.50 -58.25 64.24
C PHE N 854 -18.25 -59.62 64.81
N LEU N 855 -16.98 -60.09 64.71
CA LEU N 855 -16.44 -61.19 65.47
C LEU N 855 -15.35 -60.65 66.35
N CYS N 856 -15.28 -61.10 67.63
CA CYS N 856 -14.10 -61.00 68.47
C CYS N 856 -13.85 -62.37 68.99
N ASP N 857 -12.65 -62.94 68.67
CA ASP N 857 -12.24 -64.25 69.14
C ASP N 857 -10.94 -64.08 69.84
N ARG N 858 -10.79 -64.72 71.03
CA ARG N 858 -9.55 -64.82 71.77
C ARG N 858 -9.36 -63.60 72.63
N VAL N 859 -10.45 -62.91 72.95
CA VAL N 859 -10.44 -61.69 73.68
C VAL N 859 -11.32 -62.01 74.84
N MET N 860 -10.96 -61.47 76.02
CA MET N 860 -11.90 -61.34 77.09
C MET N 860 -12.12 -59.88 77.17
N TRP N 861 -13.40 -59.50 77.34
CA TRP N 861 -13.84 -58.16 77.56
C TRP N 861 -13.34 -57.72 78.89
N ARG N 862 -13.00 -56.43 79.07
CA ARG N 862 -12.35 -55.97 80.26
C ARG N 862 -12.99 -54.67 80.55
N ILE N 863 -13.38 -54.47 81.82
CA ILE N 863 -13.93 -53.24 82.30
C ILE N 863 -13.04 -52.95 83.47
N PRO N 864 -12.12 -51.99 83.41
CA PRO N 864 -11.37 -51.47 84.55
C PRO N 864 -12.21 -50.97 85.67
N PHE N 865 -11.65 -50.90 86.90
CA PHE N 865 -12.30 -50.33 88.03
C PHE N 865 -11.56 -49.05 88.28
N SER N 866 -11.78 -48.08 87.38
CA SER N 866 -11.02 -46.87 87.31
C SER N 866 -12.02 -45.84 86.91
N SER N 867 -11.73 -44.56 87.22
CA SER N 867 -12.62 -43.46 86.99
C SER N 867 -12.31 -42.76 85.69
N ASN N 868 -11.38 -43.31 84.89
CA ASN N 868 -11.12 -42.80 83.58
C ASN N 868 -10.95 -43.96 82.64
N PHE N 869 -11.24 -45.19 83.11
CA PHE N 869 -11.07 -46.45 82.43
C PHE N 869 -9.69 -46.70 81.92
N MET N 870 -8.67 -46.03 82.48
CA MET N 870 -7.30 -46.19 82.10
C MET N 870 -6.61 -47.06 83.09
N SER N 871 -5.51 -47.66 82.62
CA SER N 871 -4.66 -48.50 83.39
C SER N 871 -3.46 -47.65 83.62
N MET N 872 -3.26 -47.24 84.89
CA MET N 872 -2.20 -46.34 85.25
C MET N 872 -1.28 -47.19 86.08
N GLY N 873 -1.64 -47.40 87.37
CA GLY N 873 -0.90 -48.28 88.24
C GLY N 873 -1.66 -49.55 88.29
N ALA N 874 -1.02 -50.63 88.78
CA ALA N 874 -1.65 -51.91 88.99
C ALA N 874 -2.73 -51.80 90.03
N LEU N 875 -2.44 -51.06 91.12
CA LEU N 875 -3.40 -50.72 92.14
C LEU N 875 -4.12 -49.50 91.66
N THR N 876 -5.43 -49.67 91.32
CA THR N 876 -6.27 -48.65 90.77
C THR N 876 -6.60 -47.59 91.78
N ASP N 877 -7.03 -46.41 91.26
CA ASP N 877 -7.36 -45.24 92.02
C ASP N 877 -8.69 -45.36 92.73
N LEU N 878 -9.57 -46.30 92.32
CA LEU N 878 -10.84 -46.54 92.98
C LEU N 878 -10.70 -47.71 93.90
N GLY N 879 -9.61 -48.50 93.76
CA GLY N 879 -9.27 -49.57 94.67
C GLY N 879 -8.68 -49.04 95.94
N GLN N 880 -8.30 -47.75 95.96
CA GLN N 880 -7.78 -47.07 97.12
C GLN N 880 -8.83 -46.20 97.75
N ASN N 881 -10.06 -46.18 97.19
CA ASN N 881 -11.17 -45.47 97.79
C ASN N 881 -12.08 -46.49 98.42
N MET N 882 -12.01 -47.75 97.95
CA MET N 882 -12.63 -48.88 98.58
C MET N 882 -11.87 -49.34 99.78
N LEU N 883 -10.57 -48.93 99.88
CA LEU N 883 -9.67 -49.23 100.97
C LEU N 883 -10.25 -48.63 102.21
N TYR N 884 -10.79 -47.39 102.06
CA TYR N 884 -11.71 -46.75 102.97
C TYR N 884 -13.01 -47.51 102.99
N ALA N 885 -13.23 -48.30 104.07
CA ALA N 885 -14.44 -49.04 104.29
C ALA N 885 -15.41 -48.10 104.93
N ASN N 886 -16.66 -48.11 104.42
CA ASN N 886 -17.70 -47.22 104.86
C ASN N 886 -18.89 -47.50 103.99
N SER N 887 -20.02 -47.87 104.66
CA SER N 887 -21.31 -48.16 104.09
C SER N 887 -21.32 -49.46 103.33
N ALA N 888 -22.48 -50.15 103.39
CA ALA N 888 -22.72 -51.42 102.76
C ALA N 888 -22.69 -51.32 101.26
N HIS N 889 -22.06 -52.32 100.63
CA HIS N 889 -21.94 -52.46 99.20
C HIS N 889 -22.21 -53.92 98.96
N ALA N 890 -22.63 -54.23 97.73
CA ALA N 890 -22.93 -55.56 97.30
C ALA N 890 -22.46 -55.50 95.89
N LEU N 891 -22.90 -56.43 95.04
CA LEU N 891 -22.61 -56.30 93.63
C LEU N 891 -23.80 -56.94 93.02
N ASP N 892 -24.33 -56.33 91.94
CA ASP N 892 -25.36 -56.89 91.12
C ASP N 892 -24.77 -56.79 89.75
N MET N 893 -24.94 -57.83 88.90
CA MET N 893 -24.57 -57.69 87.52
C MET N 893 -25.58 -58.46 86.78
N ASN N 894 -26.15 -57.82 85.76
CA ASN N 894 -27.17 -58.33 84.90
C ASN N 894 -26.60 -58.17 83.54
N PHE N 895 -26.75 -59.22 82.73
CA PHE N 895 -26.13 -59.31 81.44
C PHE N 895 -27.27 -59.82 80.62
N GLU N 896 -27.12 -59.68 79.30
CA GLU N 896 -28.07 -60.16 78.36
C GLU N 896 -27.19 -60.49 77.22
N VAL N 897 -27.60 -61.53 76.49
CA VAL N 897 -26.81 -62.18 75.52
C VAL N 897 -27.80 -62.71 74.55
N ASP N 898 -27.29 -63.22 73.41
CA ASP N 898 -28.08 -63.71 72.32
C ASP N 898 -28.54 -65.08 72.72
N PRO N 899 -29.76 -65.52 72.46
CA PRO N 899 -30.19 -66.88 72.70
C PRO N 899 -29.32 -67.90 72.02
N MET N 900 -28.91 -68.94 72.75
CA MET N 900 -28.14 -70.04 72.23
C MET N 900 -28.64 -71.17 73.05
N ASP N 901 -28.86 -72.33 72.40
CA ASP N 901 -29.53 -73.45 73.02
C ASP N 901 -28.56 -74.56 72.77
N GLU N 902 -27.37 -74.45 73.41
CA GLU N 902 -26.26 -75.35 73.24
C GLU N 902 -25.73 -75.72 74.59
N SER N 903 -26.46 -75.33 75.66
CA SER N 903 -26.11 -75.52 77.05
C SER N 903 -24.97 -74.66 77.52
N THR N 904 -25.16 -74.01 78.69
CA THR N 904 -24.28 -72.99 79.21
C THR N 904 -24.62 -72.92 80.70
N LEU N 905 -23.81 -72.23 81.56
CA LEU N 905 -23.99 -72.13 82.99
C LEU N 905 -23.62 -70.72 83.57
N LEU N 906 -22.31 -70.28 83.61
CA LEU N 906 -21.86 -68.91 83.98
C LEU N 906 -20.34 -68.82 84.10
N TYR N 907 -19.64 -67.84 83.42
CA TYR N 907 -18.23 -67.52 83.70
C TYR N 907 -18.03 -66.03 83.84
N VAL N 908 -17.33 -65.59 84.91
CA VAL N 908 -16.89 -64.24 85.22
C VAL N 908 -15.57 -64.29 85.91
N VAL N 909 -14.65 -63.33 85.63
CA VAL N 909 -13.31 -63.29 86.16
C VAL N 909 -13.29 -61.99 86.94
N PHE N 910 -12.88 -62.02 88.23
CA PHE N 910 -12.86 -60.87 89.08
C PHE N 910 -11.41 -60.66 89.34
N GLU N 911 -10.84 -59.54 88.83
CA GLU N 911 -9.41 -59.35 88.92
C GLU N 911 -9.15 -58.73 90.25
N VAL N 912 -8.07 -59.21 90.91
CA VAL N 912 -7.69 -58.85 92.26
C VAL N 912 -6.22 -59.10 92.33
N PHE N 913 -5.52 -58.62 93.38
CA PHE N 913 -4.16 -59.03 93.67
C PHE N 913 -4.11 -60.47 94.14
N ASP N 914 -3.00 -61.19 93.87
CA ASP N 914 -2.88 -62.58 94.22
C ASP N 914 -1.42 -62.85 94.50
N VAL N 915 -0.75 -61.88 95.15
CA VAL N 915 0.64 -61.91 95.55
C VAL N 915 0.97 -62.96 96.58
N VAL N 916 1.85 -63.92 96.21
CA VAL N 916 2.35 -64.97 97.05
C VAL N 916 3.82 -64.72 97.24
N ARG N 917 4.35 -64.84 98.47
CA ARG N 917 5.74 -64.56 98.70
C ARG N 917 6.20 -65.51 99.74
N VAL N 918 7.43 -66.05 99.56
CA VAL N 918 7.95 -67.12 100.35
C VAL N 918 9.27 -66.70 100.94
N HIS N 919 9.52 -67.14 102.19
CA HIS N 919 10.72 -66.84 102.92
C HIS N 919 11.40 -68.17 103.07
N GLN N 920 12.73 -68.18 103.28
CA GLN N 920 13.45 -69.38 103.63
C GLN N 920 14.31 -68.98 104.79
N PRO N 921 14.25 -69.55 105.98
CA PRO N 921 15.02 -68.99 107.07
C PRO N 921 16.21 -69.83 107.40
N HIS N 922 16.26 -71.11 106.95
CA HIS N 922 17.26 -72.04 107.40
C HIS N 922 17.34 -73.06 106.32
N ARG N 923 18.42 -73.88 106.37
CA ARG N 923 18.72 -74.89 105.39
C ARG N 923 17.67 -75.97 105.43
N GLY N 924 16.88 -76.07 104.34
CA GLY N 924 15.88 -77.09 104.17
C GLY N 924 14.55 -76.67 104.68
N VAL N 925 14.33 -75.35 104.90
CA VAL N 925 13.04 -74.88 105.37
C VAL N 925 12.59 -73.90 104.33
N ILE N 926 11.36 -74.13 103.82
CA ILE N 926 10.60 -73.29 102.95
C ILE N 926 9.34 -72.91 103.67
N GLU N 927 8.91 -71.63 103.58
CA GLU N 927 7.79 -71.12 104.34
C GLU N 927 7.11 -70.17 103.43
N ALA N 928 5.76 -70.21 103.38
CA ALA N 928 4.98 -69.40 102.50
C ALA N 928 4.18 -68.53 103.39
N VAL N 929 4.12 -67.23 103.05
CA VAL N 929 3.34 -66.27 103.78
C VAL N 929 2.52 -65.58 102.76
N TYR N 930 1.26 -66.01 102.69
CA TYR N 930 0.23 -65.33 101.98
C TYR N 930 -0.98 -66.12 102.29
N LEU N 931 -1.82 -65.52 103.17
CA LEU N 931 -3.13 -66.00 103.49
C LEU N 931 -4.03 -65.65 102.34
N ARG N 932 -4.58 -66.68 101.68
CA ARG N 932 -5.45 -66.56 100.54
C ARG N 932 -6.72 -67.12 101.10
N THR N 933 -7.88 -66.59 100.66
CA THR N 933 -9.17 -66.87 101.21
C THR N 933 -9.25 -66.61 102.72
N PRO N 934 -9.05 -65.37 103.19
CA PRO N 934 -9.05 -64.99 104.61
C PRO N 934 -10.38 -65.22 105.30
N PHE N 935 -10.51 -64.72 106.55
CA PHE N 935 -11.45 -65.13 107.57
C PHE N 935 -10.95 -66.38 108.20
N SER N 936 -11.27 -66.56 109.51
CA SER N 936 -11.15 -67.80 110.22
C SER N 936 -11.36 -67.42 111.66
N ALA N 937 -12.61 -67.58 112.14
CA ALA N 937 -12.90 -67.35 113.53
C ALA N 937 -14.10 -68.19 113.88
N GLY N 938 -14.15 -68.67 115.15
CA GLY N 938 -15.18 -69.57 115.62
C GLY N 938 -14.53 -70.77 116.22
N ASN N 939 -15.19 -71.95 116.09
CA ASN N 939 -14.78 -73.18 116.71
C ASN N 939 -15.70 -74.32 116.28
N ALA N 940 -15.59 -74.81 115.00
CA ALA N 940 -16.44 -75.87 114.49
C ALA N 940 -15.79 -76.63 113.37
N THR N 941 -15.89 -76.16 112.08
CA THR N 941 -15.17 -76.71 110.94
C THR N 941 -14.35 -75.64 110.25
N THR N 942 -13.02 -75.89 110.13
CA THR N 942 -12.06 -75.00 109.50
C THR N 942 -12.21 -75.18 107.98
N MET O 1 -12.07 -39.26 98.70
CA MET O 1 -11.25 -40.34 98.08
C MET O 1 -10.74 -41.22 99.19
N ALA O 2 -9.39 -41.29 99.35
CA ALA O 2 -8.76 -42.06 100.39
C ALA O 2 -8.85 -41.26 101.66
N THR O 3 -9.53 -41.80 102.69
CA THR O 3 -9.83 -41.09 103.91
C THR O 3 -9.72 -42.09 105.06
N PRO O 4 -9.39 -41.67 106.28
CA PRO O 4 -9.42 -42.47 107.52
C PRO O 4 -10.55 -43.46 107.68
N SER O 5 -10.20 -44.67 108.18
CA SER O 5 -11.02 -45.84 108.44
C SER O 5 -10.56 -46.89 107.45
N MET O 6 -9.36 -46.70 106.86
CA MET O 6 -8.86 -47.49 105.76
C MET O 6 -7.63 -48.23 106.19
N LEU O 7 -7.19 -48.02 107.44
CA LEU O 7 -6.08 -48.73 108.06
C LEU O 7 -6.30 -50.21 108.31
N PRO O 8 -7.43 -50.79 108.74
CA PRO O 8 -7.58 -52.23 108.92
C PRO O 8 -7.50 -53.02 107.63
N GLN O 9 -7.88 -52.41 106.48
CA GLN O 9 -7.80 -53.03 105.18
C GLN O 9 -6.38 -52.99 104.65
N TRP O 10 -5.58 -52.04 105.18
CA TRP O 10 -4.22 -51.79 104.79
C TRP O 10 -3.34 -52.66 105.62
N ALA O 11 -2.21 -53.10 105.01
CA ALA O 11 -1.06 -53.69 105.64
C ALA O 11 -0.26 -54.28 104.50
N TYR O 12 -0.21 -53.52 103.38
CA TYR O 12 0.01 -54.06 102.05
C TYR O 12 1.47 -54.10 101.76
N MET O 13 1.97 -55.30 101.38
CA MET O 13 3.36 -55.52 101.10
C MET O 13 3.48 -56.22 99.79
N HIS O 14 3.98 -55.43 98.81
CA HIS O 14 4.26 -55.78 97.46
C HIS O 14 2.99 -55.68 96.66
N ILE O 15 2.05 -54.84 97.15
CA ILE O 15 0.84 -54.45 96.48
C ILE O 15 0.97 -52.95 96.42
N ALA O 16 1.47 -52.37 97.52
CA ALA O 16 1.77 -50.97 97.63
C ALA O 16 3.00 -50.91 98.47
N GLY O 17 3.69 -49.76 98.47
CA GLY O 17 4.90 -49.55 99.22
C GLY O 17 6.01 -49.25 98.26
N GLN O 18 7.24 -49.17 98.80
CA GLN O 18 8.46 -48.86 98.11
C GLN O 18 8.84 -49.90 97.09
N ASP O 19 9.48 -49.44 95.98
CA ASP O 19 9.94 -50.24 94.86
C ASP O 19 10.83 -51.39 95.26
N ALA O 20 10.90 -52.40 94.35
CA ALA O 20 11.64 -53.63 94.50
C ALA O 20 13.09 -53.43 94.75
N SER O 21 13.69 -52.39 94.15
CA SER O 21 15.11 -52.16 94.19
C SER O 21 15.47 -51.34 95.41
N GLU O 22 14.55 -51.25 96.40
CA GLU O 22 14.74 -50.45 97.58
C GLU O 22 14.27 -51.25 98.76
N TYR O 23 13.43 -52.29 98.56
CA TYR O 23 13.03 -53.23 99.58
C TYR O 23 14.24 -53.97 100.08
N LEU O 24 15.08 -54.42 99.12
CA LEU O 24 16.20 -55.30 99.32
C LEU O 24 17.24 -54.67 100.17
N SER O 25 17.99 -55.54 100.88
CA SER O 25 19.22 -55.23 101.57
C SER O 25 20.19 -54.65 100.57
N PRO O 26 21.05 -53.71 100.91
CA PRO O 26 21.77 -52.90 99.94
C PRO O 26 22.83 -53.71 99.26
N GLY O 27 23.36 -54.75 99.90
CA GLY O 27 24.36 -55.64 99.32
C GLY O 27 23.80 -56.53 98.23
N LEU O 28 22.53 -56.91 98.32
CA LEU O 28 21.94 -57.78 97.33
C LEU O 28 21.58 -56.98 96.10
N VAL O 29 21.39 -55.64 96.24
CA VAL O 29 21.21 -54.74 95.13
C VAL O 29 22.44 -54.73 94.27
N GLN O 30 23.62 -54.59 94.87
CA GLN O 30 24.90 -54.59 94.15
C GLN O 30 25.16 -55.92 93.44
N PHE O 31 24.96 -57.03 94.14
CA PHE O 31 25.21 -58.37 93.58
C PHE O 31 24.35 -58.61 92.34
N ALA O 32 23.10 -58.19 92.40
CA ALA O 32 22.13 -58.40 91.36
C ALA O 32 22.50 -57.66 90.11
N ARG O 33 22.95 -56.39 90.23
CA ARG O 33 23.36 -55.56 89.12
C ARG O 33 24.53 -56.12 88.37
N ALA O 34 25.55 -56.57 89.08
CA ALA O 34 26.76 -57.08 88.46
C ALA O 34 26.50 -58.36 87.66
N THR O 35 25.64 -59.23 88.18
CA THR O 35 25.47 -60.59 87.63
C THR O 35 24.26 -60.73 86.71
N ASP O 36 23.40 -59.72 86.55
CA ASP O 36 22.24 -59.83 85.69
C ASP O 36 22.74 -59.62 84.30
N THR O 37 23.23 -60.69 83.71
CA THR O 37 23.57 -60.89 82.30
C THR O 37 23.74 -62.39 82.02
N TYR O 38 24.23 -63.14 83.02
CA TYR O 38 24.24 -64.61 83.04
C TYR O 38 23.26 -65.24 84.07
N PHE O 39 22.54 -64.48 84.90
CA PHE O 39 21.95 -65.04 86.09
C PHE O 39 21.03 -63.97 86.61
N SER O 40 19.74 -64.01 86.18
CA SER O 40 18.71 -63.08 86.60
C SER O 40 18.31 -63.22 88.04
N LEU O 41 17.79 -62.12 88.61
CA LEU O 41 17.27 -62.04 89.96
C LEU O 41 16.25 -60.93 89.93
N GLY O 42 15.89 -60.42 88.74
CA GLY O 42 14.91 -59.37 88.60
C GLY O 42 13.49 -59.83 88.74
N ASN O 43 13.19 -61.09 88.39
CA ASN O 43 11.83 -61.60 88.41
C ASN O 43 11.54 -62.29 89.71
N LYS O 44 12.49 -62.28 90.66
CA LYS O 44 12.35 -62.92 91.93
C LYS O 44 11.84 -61.93 92.92
N PHE O 45 11.49 -60.70 92.48
CA PHE O 45 10.97 -59.68 93.34
C PHE O 45 9.86 -59.05 92.59
N ARG O 46 8.85 -58.55 93.34
CA ARG O 46 7.62 -58.04 92.80
C ARG O 46 7.72 -56.59 93.15
N ASN O 47 7.44 -55.73 92.16
CA ASN O 47 7.62 -54.31 92.23
C ASN O 47 6.23 -53.73 92.36
N PRO O 48 5.79 -53.17 93.47
CA PRO O 48 4.53 -52.45 93.57
C PRO O 48 4.48 -51.25 92.67
N THR O 49 3.33 -51.03 91.99
CA THR O 49 3.08 -49.87 91.17
C THR O 49 1.72 -49.44 91.61
N VAL O 50 1.57 -48.16 92.03
CA VAL O 50 0.34 -47.62 92.53
C VAL O 50 -0.02 -46.45 91.67
N ALA O 51 -1.34 -46.15 91.56
CA ALA O 51 -1.87 -45.10 90.75
C ALA O 51 -2.05 -43.87 91.62
N PRO O 52 -1.99 -42.63 91.11
CA PRO O 52 -2.33 -41.43 91.87
C PRO O 52 -3.76 -41.46 92.33
N THR O 53 -4.04 -41.06 93.59
CA THR O 53 -5.35 -41.14 94.17
C THR O 53 -5.97 -39.76 94.16
N HIS O 54 -5.22 -38.74 93.72
CA HIS O 54 -5.70 -37.38 93.71
C HIS O 54 -4.89 -36.67 92.69
N ASP O 55 -5.45 -35.57 92.12
CA ASP O 55 -4.79 -34.67 91.21
C ASP O 55 -4.62 -35.36 89.90
N VAL O 56 -5.70 -36.03 89.43
CA VAL O 56 -5.63 -36.81 88.22
C VAL O 56 -7.00 -36.79 87.60
N THR O 57 -8.04 -37.28 88.30
CA THR O 57 -9.34 -37.47 87.72
C THR O 57 -10.34 -37.18 88.77
N THR O 58 -11.32 -36.32 88.43
CA THR O 58 -12.57 -36.22 89.15
C THR O 58 -13.54 -36.26 88.03
N ASP O 59 -14.32 -37.37 87.95
CA ASP O 59 -15.25 -37.59 86.86
C ASP O 59 -16.65 -37.41 87.38
N ARG O 60 -16.78 -36.81 88.59
CA ARG O 60 -18.04 -36.49 89.21
C ARG O 60 -18.68 -35.34 88.49
N SER O 61 -19.75 -35.66 87.71
CA SER O 61 -20.56 -34.76 86.92
C SER O 61 -19.91 -34.49 85.58
N GLN O 62 -19.08 -35.43 85.09
CA GLN O 62 -18.34 -35.29 83.85
C GLN O 62 -18.72 -36.38 82.94
N ARG O 63 -18.75 -36.06 81.63
CA ARG O 63 -19.07 -36.99 80.58
C ARG O 63 -17.82 -37.12 79.80
N LEU O 64 -17.56 -38.34 79.29
CA LEU O 64 -16.36 -38.64 78.57
C LEU O 64 -16.61 -38.51 77.09
N THR O 65 -17.84 -38.19 76.68
CA THR O 65 -18.17 -37.95 75.30
C THR O 65 -19.39 -37.10 75.31
N LEU O 66 -19.54 -36.25 74.26
CA LEU O 66 -20.74 -35.51 74.03
C LEU O 66 -20.84 -35.39 72.55
N ARG O 67 -22.09 -35.45 72.04
CA ARG O 67 -22.45 -35.14 70.68
C ARG O 67 -22.82 -33.70 70.61
N PHE O 68 -22.52 -33.05 69.48
CA PHE O 68 -22.93 -31.70 69.22
C PHE O 68 -23.70 -31.83 67.95
N VAL O 69 -24.98 -31.40 67.98
CA VAL O 69 -25.91 -31.45 66.88
C VAL O 69 -25.61 -30.21 66.06
N PRO O 70 -25.71 -30.16 64.73
CA PRO O 70 -25.64 -28.94 63.96
C PRO O 70 -26.57 -27.86 64.42
N VAL O 71 -26.09 -26.60 64.41
CA VAL O 71 -26.89 -25.44 64.70
C VAL O 71 -27.21 -24.76 63.40
N ASP O 72 -26.69 -25.30 62.28
CA ASP O 72 -27.02 -24.82 60.97
C ASP O 72 -26.66 -25.97 60.09
N ARG O 73 -27.34 -26.08 58.95
CA ARG O 73 -27.00 -27.02 57.93
C ARG O 73 -27.45 -26.29 56.72
N GLU O 74 -26.79 -26.54 55.58
CA GLU O 74 -27.13 -25.91 54.34
C GLU O 74 -26.81 -26.95 53.33
N ASP O 75 -27.65 -27.03 52.30
CA ASP O 75 -27.56 -28.02 51.26
C ASP O 75 -27.37 -27.25 50.00
N ASN O 76 -26.37 -27.66 49.20
CA ASN O 76 -26.02 -27.06 47.95
C ASN O 76 -25.75 -28.28 47.15
N THR O 77 -25.75 -28.13 45.81
CA THR O 77 -25.68 -29.23 44.88
C THR O 77 -24.44 -30.06 45.03
N TYR O 78 -23.28 -29.39 45.22
CA TYR O 78 -21.98 -30.00 45.22
C TYR O 78 -21.39 -30.02 46.60
N SER O 79 -22.06 -29.45 47.62
CA SER O 79 -21.46 -29.25 48.91
C SER O 79 -22.53 -29.33 49.95
N TYR O 80 -22.20 -29.90 51.13
CA TYR O 80 -23.08 -29.92 52.28
C TYR O 80 -22.30 -29.22 53.35
N LYS O 81 -22.86 -28.20 54.04
CA LYS O 81 -22.17 -27.37 55.00
C LYS O 81 -22.86 -27.50 56.32
N VAL O 82 -22.12 -27.74 57.43
CA VAL O 82 -22.68 -27.91 58.76
C VAL O 82 -21.83 -27.19 59.76
N ARG O 83 -22.47 -26.32 60.60
CA ARG O 83 -21.82 -25.60 61.67
C ARG O 83 -22.24 -26.22 62.97
N TYR O 84 -21.38 -26.11 64.01
CA TYR O 84 -21.56 -26.66 65.33
C TYR O 84 -21.17 -25.59 66.28
N THR O 85 -21.57 -25.72 67.56
CA THR O 85 -21.02 -24.95 68.65
C THR O 85 -20.36 -25.93 69.57
N LEU O 86 -19.05 -25.75 69.84
CA LEU O 86 -18.32 -26.55 70.79
C LEU O 86 -18.58 -25.90 72.12
N ALA O 87 -18.95 -26.73 73.11
CA ALA O 87 -19.19 -26.32 74.44
C ALA O 87 -18.11 -26.98 75.24
N VAL O 88 -17.14 -26.18 75.71
CA VAL O 88 -16.08 -26.66 76.55
C VAL O 88 -16.30 -25.88 77.80
N GLY O 89 -16.76 -26.56 78.87
CA GLY O 89 -17.10 -25.93 80.11
C GLY O 89 -15.85 -25.53 80.82
N ASP O 90 -15.98 -24.73 81.89
CA ASP O 90 -14.88 -24.45 82.79
C ASP O 90 -14.44 -25.71 83.46
N ASN O 91 -13.11 -25.85 83.61
CA ASN O 91 -12.47 -26.96 84.28
C ASN O 91 -12.60 -28.24 83.49
N ARG O 92 -12.50 -28.12 82.16
CA ARG O 92 -12.57 -29.21 81.24
C ARG O 92 -11.53 -28.79 80.26
N VAL O 93 -11.05 -29.73 79.41
CA VAL O 93 -10.20 -29.34 78.32
C VAL O 93 -10.46 -30.34 77.24
N LEU O 94 -10.71 -29.85 76.02
CA LEU O 94 -10.96 -30.62 74.83
C LEU O 94 -9.66 -30.70 74.10
N ASP O 95 -9.40 -31.85 73.46
CA ASP O 95 -8.27 -32.05 72.60
C ASP O 95 -8.94 -32.33 71.28
N MET O 96 -8.42 -31.70 70.20
CA MET O 96 -9.01 -31.70 68.90
C MET O 96 -8.45 -32.80 68.07
N ALA O 97 -7.75 -33.75 68.71
CA ALA O 97 -7.24 -34.92 68.08
C ALA O 97 -8.19 -36.06 68.33
N SER O 98 -9.27 -35.80 69.10
CA SER O 98 -10.24 -36.79 69.47
C SER O 98 -11.60 -36.28 69.07
N THR O 99 -11.66 -35.57 67.92
CA THR O 99 -12.88 -35.09 67.34
C THR O 99 -13.05 -35.69 65.98
N TYR O 100 -14.27 -36.14 65.64
CA TYR O 100 -14.55 -36.69 64.34
C TYR O 100 -15.98 -36.42 64.00
N PHE O 101 -16.27 -36.06 62.74
CA PHE O 101 -17.61 -36.03 62.18
C PHE O 101 -18.12 -37.43 62.03
N ASP O 102 -19.45 -37.62 62.15
CA ASP O 102 -20.13 -38.87 62.01
C ASP O 102 -21.18 -38.72 60.95
N ILE O 103 -20.98 -39.30 59.74
CA ILE O 103 -21.76 -39.03 58.56
C ILE O 103 -22.59 -40.24 58.28
N ARG O 104 -23.89 -40.04 57.96
CA ARG O 104 -24.84 -41.09 57.73
C ARG O 104 -25.58 -40.66 56.51
N GLY O 105 -26.24 -41.60 55.82
CA GLY O 105 -26.87 -41.33 54.55
C GLY O 105 -26.86 -42.59 53.77
N VAL O 106 -27.32 -42.55 52.50
CA VAL O 106 -27.33 -43.72 51.67
C VAL O 106 -26.45 -43.42 50.49
N LEU O 107 -25.74 -44.49 50.07
CA LEU O 107 -24.82 -44.57 48.99
C LEU O 107 -25.42 -45.48 47.99
N ASP O 108 -25.78 -44.96 46.81
CA ASP O 108 -26.16 -45.75 45.67
C ASP O 108 -24.89 -45.90 44.88
N ARG O 109 -24.71 -47.06 44.23
CA ARG O 109 -23.59 -47.38 43.40
C ARG O 109 -24.30 -47.73 42.13
N GLY O 110 -23.76 -47.32 40.96
CA GLY O 110 -24.37 -47.63 39.69
C GLY O 110 -24.32 -49.10 39.36
N PRO O 111 -24.82 -49.51 38.20
CA PRO O 111 -24.81 -50.88 37.77
C PRO O 111 -23.44 -51.27 37.25
N SER O 112 -22.44 -50.38 37.45
CA SER O 112 -21.05 -50.59 37.13
C SER O 112 -20.39 -51.39 38.20
N PHE O 113 -20.98 -51.41 39.42
CA PHE O 113 -20.50 -52.11 40.59
C PHE O 113 -20.54 -53.60 40.37
N LYS O 114 -19.56 -54.35 40.93
CA LYS O 114 -19.51 -55.79 40.80
C LYS O 114 -18.34 -56.23 41.64
N PRO O 115 -18.48 -56.61 42.89
CA PRO O 115 -17.36 -56.83 43.78
C PRO O 115 -16.95 -58.28 43.79
N TYR O 116 -16.94 -58.96 42.63
CA TYR O 116 -16.50 -60.32 42.54
C TYR O 116 -16.10 -60.47 41.11
N SER O 117 -15.35 -61.55 40.78
CA SER O 117 -14.73 -61.67 39.50
C SER O 117 -15.38 -62.71 38.65
N GLY O 118 -16.05 -63.69 39.26
CA GLY O 118 -16.68 -64.77 38.53
C GLY O 118 -18.01 -64.38 37.98
N THR O 119 -18.89 -65.38 37.86
CA THR O 119 -20.29 -65.25 37.62
C THR O 119 -20.84 -65.93 38.84
N ALA O 120 -22.10 -65.62 39.21
CA ALA O 120 -22.69 -66.09 40.41
C ALA O 120 -23.76 -67.09 40.07
N TYR O 121 -23.92 -67.42 38.76
CA TYR O 121 -24.99 -68.26 38.30
C TYR O 121 -24.47 -69.16 37.25
N ASN O 122 -24.63 -70.50 37.43
CA ASN O 122 -24.18 -71.52 36.52
C ASN O 122 -22.75 -71.35 36.12
N SER O 123 -21.87 -71.16 37.10
CA SER O 123 -20.45 -70.98 36.92
C SER O 123 -19.79 -72.17 36.30
N LEU O 124 -20.21 -73.39 36.65
CA LEU O 124 -19.59 -74.61 36.18
C LEU O 124 -19.94 -74.95 34.77
N ALA O 125 -20.99 -74.32 34.19
CA ALA O 125 -21.38 -74.54 32.82
C ALA O 125 -20.28 -74.16 31.86
N PRO O 126 -19.99 -74.90 30.80
CA PRO O 126 -19.33 -74.42 29.58
C PRO O 126 -19.83 -73.09 29.11
N LYS O 127 -18.94 -72.23 28.56
CA LYS O 127 -19.27 -70.89 28.12
C LYS O 127 -20.22 -70.90 26.95
N GLY O 128 -20.14 -71.95 26.11
CA GLY O 128 -20.94 -72.09 24.91
C GLY O 128 -22.26 -72.77 25.12
N ALA O 129 -22.42 -73.61 26.17
CA ALA O 129 -23.61 -74.40 26.42
C ALA O 129 -24.88 -73.56 26.54
N PRO O 130 -26.10 -73.93 26.09
CA PRO O 130 -27.06 -72.90 25.72
C PRO O 130 -28.37 -72.97 26.47
N ASN O 131 -28.58 -73.87 27.45
CA ASN O 131 -29.85 -74.12 28.13
C ASN O 131 -30.68 -75.04 27.28
N SER O 132 -31.61 -75.78 27.92
CA SER O 132 -32.67 -76.48 27.23
C SER O 132 -33.67 -75.45 26.81
N SER O 133 -33.89 -75.34 25.49
CA SER O 133 -34.60 -74.24 24.91
C SER O 133 -35.14 -74.68 23.59
N GLN O 134 -35.99 -73.86 22.96
CA GLN O 134 -36.51 -74.13 21.66
C GLN O 134 -36.61 -72.83 20.94
N TRP O 135 -36.76 -72.92 19.61
CA TRP O 135 -36.79 -71.81 18.70
C TRP O 135 -37.63 -72.33 17.59
N GLU O 136 -37.95 -71.47 16.61
CA GLU O 136 -38.69 -71.92 15.47
C GLU O 136 -38.07 -71.34 14.24
N GLN O 137 -38.35 -71.97 13.09
CA GLN O 137 -37.93 -71.55 11.80
C GLN O 137 -38.89 -72.28 10.93
N LYS O 138 -39.15 -71.79 9.69
CA LYS O 138 -39.95 -72.50 8.73
C LYS O 138 -39.09 -72.91 7.59
N LYS O 139 -37.76 -72.73 7.74
CA LYS O 139 -36.77 -72.96 6.72
C LYS O 139 -36.21 -74.34 6.88
N ALA O 140 -36.87 -75.16 7.73
CA ALA O 140 -36.60 -76.56 7.91
C ALA O 140 -37.61 -77.32 7.08
N GLY O 141 -38.34 -76.60 6.20
CA GLY O 141 -39.35 -77.15 5.34
C GLY O 141 -40.69 -76.88 5.92
N ASN O 142 -41.72 -77.41 5.23
CA ASN O 142 -43.12 -77.36 5.60
C ASN O 142 -43.67 -76.00 5.30
N GLY O 143 -43.49 -75.53 4.04
CA GLY O 143 -43.89 -74.23 3.55
C GLY O 143 -43.40 -73.10 4.43
N ASP O 144 -44.32 -72.19 4.79
CA ASP O 144 -44.03 -71.03 5.59
C ASP O 144 -44.55 -71.31 6.98
N THR O 145 -45.06 -72.53 7.23
CA THR O 145 -45.48 -73.01 8.54
C THR O 145 -44.26 -73.24 9.38
N MET O 146 -44.26 -72.67 10.61
CA MET O 146 -43.20 -72.76 11.56
C MET O 146 -43.08 -74.15 12.10
N GLU O 147 -41.83 -74.57 12.35
CA GLU O 147 -41.49 -75.86 12.88
C GLU O 147 -40.78 -75.54 14.15
N THR O 148 -41.16 -76.19 15.27
CA THR O 148 -40.63 -75.88 16.58
C THR O 148 -39.53 -76.86 16.84
N HIS O 149 -38.26 -76.39 16.74
CA HIS O 149 -37.07 -77.13 17.02
C HIS O 149 -36.69 -77.01 18.46
N THR O 150 -36.36 -78.14 19.13
CA THR O 150 -36.01 -78.15 20.52
C THR O 150 -34.62 -78.74 20.59
N PHE O 151 -33.74 -78.14 21.42
CA PHE O 151 -32.43 -78.64 21.73
C PHE O 151 -32.35 -78.61 23.21
N GLY O 152 -32.21 -79.77 23.88
CA GLY O 152 -32.16 -79.76 25.31
C GLY O 152 -31.77 -81.11 25.80
N VAL O 153 -32.16 -81.41 27.06
CA VAL O 153 -31.81 -82.61 27.75
C VAL O 153 -32.97 -82.86 28.68
N ALA O 154 -33.34 -84.15 28.84
CA ALA O 154 -34.42 -84.60 29.67
C ALA O 154 -33.84 -85.59 30.64
N PRO O 155 -33.67 -85.31 31.94
CA PRO O 155 -32.78 -86.13 32.73
C PRO O 155 -33.55 -87.01 33.67
N MET O 156 -34.73 -86.58 34.20
CA MET O 156 -35.49 -87.32 35.18
C MET O 156 -35.98 -88.64 34.66
N GLY O 157 -35.91 -89.71 35.49
CA GLY O 157 -36.55 -90.98 35.24
C GLY O 157 -38.04 -90.86 35.27
N GLY O 158 -38.74 -91.66 34.44
CA GLY O 158 -40.18 -91.66 34.34
C GLY O 158 -40.65 -93.07 34.44
N GLU O 159 -41.98 -93.27 34.26
CA GLU O 159 -42.59 -94.57 34.35
C GLU O 159 -43.62 -94.65 33.25
N ASN O 160 -44.16 -93.49 32.81
CA ASN O 160 -45.06 -93.47 31.70
C ASN O 160 -45.13 -92.04 31.28
N ILE O 161 -45.51 -91.81 30.01
CA ILE O 161 -45.78 -90.51 29.46
C ILE O 161 -47.15 -90.66 28.88
N THR O 162 -48.04 -89.72 29.26
CA THR O 162 -49.45 -89.75 28.94
C THR O 162 -49.70 -88.34 28.48
N ILE O 163 -50.97 -87.87 28.51
CA ILE O 163 -51.35 -86.51 28.21
C ILE O 163 -51.01 -85.61 29.38
N ASP O 164 -50.79 -86.19 30.57
CA ASP O 164 -50.38 -85.50 31.78
C ASP O 164 -48.90 -85.71 31.95
N GLY O 165 -48.24 -86.20 30.89
CA GLY O 165 -46.83 -86.49 30.74
C GLY O 165 -46.28 -87.39 31.81
N LEU O 166 -45.02 -87.11 32.21
CA LEU O 166 -44.22 -87.73 33.24
C LEU O 166 -44.97 -88.31 34.41
N GLN O 167 -44.61 -89.54 34.81
CA GLN O 167 -45.08 -90.16 36.02
C GLN O 167 -43.85 -90.37 36.84
N ILE O 168 -43.83 -89.75 38.03
CA ILE O 168 -42.66 -89.71 38.86
C ILE O 168 -42.86 -90.71 39.98
N GLY O 169 -44.05 -91.35 40.04
CA GLY O 169 -44.27 -92.42 40.96
C GLY O 169 -45.56 -93.06 40.57
N THR O 170 -45.93 -94.14 41.26
CA THR O 170 -47.22 -94.76 41.12
C THR O 170 -47.56 -95.29 42.47
N ASP O 171 -48.81 -95.07 42.90
CA ASP O 171 -49.32 -95.60 44.15
C ASP O 171 -49.91 -96.93 43.81
N ALA O 172 -49.48 -97.99 44.54
CA ALA O 172 -50.02 -99.31 44.41
C ALA O 172 -50.74 -99.47 45.73
N THR O 173 -51.70 -98.54 45.95
CA THR O 173 -52.58 -98.47 47.10
C THR O 173 -51.82 -97.71 48.15
N ALA O 174 -52.26 -96.46 48.41
CA ALA O 174 -51.73 -95.63 49.47
C ALA O 174 -52.78 -94.59 49.75
N ASP O 175 -53.97 -94.80 49.14
CA ASP O 175 -55.19 -94.08 49.31
C ASP O 175 -56.04 -94.84 48.34
N GLN O 176 -55.51 -94.99 47.10
CA GLN O 176 -56.05 -95.76 46.03
C GLN O 176 -54.87 -96.07 45.16
N ASP O 177 -55.08 -97.00 44.20
CA ASP O 177 -54.10 -97.44 43.25
C ASP O 177 -54.27 -96.55 42.05
N LYS O 178 -53.33 -95.62 41.83
CA LYS O 178 -53.44 -94.68 40.74
C LYS O 178 -52.05 -94.19 40.43
N PRO O 179 -51.72 -93.79 39.20
CA PRO O 179 -50.50 -93.09 38.84
C PRO O 179 -50.37 -91.76 39.52
N ILE O 180 -49.12 -91.28 39.73
CA ILE O 180 -48.84 -89.96 40.24
C ILE O 180 -48.05 -89.28 39.16
N TYR O 181 -48.65 -88.23 38.56
CA TYR O 181 -48.05 -87.39 37.56
C TYR O 181 -47.22 -86.32 38.21
N ALA O 182 -46.30 -85.71 37.45
CA ALA O 182 -45.50 -84.61 37.91
C ALA O 182 -46.30 -83.35 37.75
N ASP O 183 -46.00 -82.33 38.59
CA ASP O 183 -46.65 -81.04 38.58
C ASP O 183 -45.94 -80.22 37.53
N LYS O 184 -46.37 -78.96 37.35
CA LYS O 184 -46.06 -78.25 36.15
C LYS O 184 -44.89 -77.36 36.43
N THR O 185 -44.49 -77.22 37.72
CA THR O 185 -43.46 -76.26 38.10
C THR O 185 -42.92 -76.61 39.46
N PHE O 186 -43.58 -77.53 40.19
CA PHE O 186 -43.35 -77.67 41.62
C PHE O 186 -42.54 -78.90 41.89
N GLN O 187 -42.26 -79.71 40.84
CA GLN O 187 -41.54 -80.95 40.97
C GLN O 187 -41.02 -81.57 39.68
N PRO O 188 -41.02 -81.06 38.44
CA PRO O 188 -40.17 -81.60 37.39
C PRO O 188 -38.87 -80.81 37.43
N GLU O 189 -38.27 -80.65 38.63
CA GLU O 189 -37.12 -79.84 38.90
C GLU O 189 -35.91 -80.17 38.05
N PRO O 190 -35.14 -79.19 37.58
CA PRO O 190 -34.12 -79.38 36.58
C PRO O 190 -32.84 -79.90 37.20
N GLN O 191 -32.80 -80.13 38.52
CA GLN O 191 -31.61 -80.43 39.26
C GLN O 191 -31.60 -81.87 39.67
N VAL O 192 -32.69 -82.60 39.34
CA VAL O 192 -32.85 -84.00 39.61
C VAL O 192 -32.62 -84.70 38.30
N GLY O 193 -31.89 -85.83 38.33
CA GLY O 193 -31.63 -86.61 37.16
C GLY O 193 -31.55 -88.03 37.60
N GLU O 194 -30.58 -88.78 37.04
CA GLU O 194 -30.25 -90.13 37.42
C GLU O 194 -29.26 -90.04 38.55
N GLU O 195 -28.90 -91.18 39.18
CA GLU O 195 -27.87 -91.21 40.19
C GLU O 195 -26.89 -92.30 39.87
N ASN O 196 -27.15 -93.07 38.79
CA ASN O 196 -26.41 -94.26 38.44
C ASN O 196 -26.25 -94.21 36.95
N TRP O 197 -25.38 -95.10 36.42
CA TRP O 197 -25.19 -95.31 35.01
C TRP O 197 -25.69 -96.69 34.68
N GLN O 198 -26.47 -97.32 35.59
CA GLN O 198 -27.10 -98.59 35.33
C GLN O 198 -28.56 -98.38 35.05
N GLU O 199 -29.06 -97.12 35.02
CA GLU O 199 -30.46 -96.84 34.82
C GLU O 199 -30.77 -96.78 33.35
N THR O 200 -31.51 -97.81 32.87
CA THR O 200 -31.89 -98.02 31.49
C THR O 200 -32.95 -97.05 31.05
N GLU O 201 -32.95 -96.76 29.73
CA GLU O 201 -33.85 -95.84 29.07
C GLU O 201 -35.28 -96.35 29.10
N SER O 202 -36.24 -95.42 29.26
CA SER O 202 -37.61 -95.79 29.46
C SER O 202 -38.46 -94.62 29.04
N PHE O 203 -38.80 -93.73 29.99
CA PHE O 203 -39.42 -92.45 29.74
C PHE O 203 -38.56 -91.47 30.47
N TYR O 204 -38.53 -90.20 29.98
CA TYR O 204 -37.74 -89.14 30.57
C TYR O 204 -38.48 -87.86 30.48
N GLY O 205 -38.50 -87.08 31.57
CA GLY O 205 -39.08 -85.76 31.63
C GLY O 205 -37.97 -84.75 31.63
N GLY O 206 -38.31 -83.45 31.52
CA GLY O 206 -37.31 -82.41 31.54
C GLY O 206 -38.02 -81.11 31.57
N ARG O 207 -37.36 -80.05 31.06
CA ARG O 207 -37.90 -78.72 30.97
C ARG O 207 -37.28 -78.11 29.75
N ALA O 208 -37.87 -77.00 29.29
CA ALA O 208 -37.28 -76.26 28.21
C ALA O 208 -37.80 -74.88 28.34
N LEU O 209 -37.28 -73.98 27.50
CA LEU O 209 -37.58 -72.57 27.49
C LEU O 209 -38.23 -72.30 26.18
N LYS O 210 -39.40 -71.63 26.18
CA LYS O 210 -40.11 -71.15 25.01
C LYS O 210 -39.25 -70.47 23.95
N LYS O 211 -39.82 -70.32 22.75
CA LYS O 211 -39.21 -69.60 21.66
C LYS O 211 -39.61 -68.15 21.74
N ASP O 212 -40.26 -67.74 22.85
CA ASP O 212 -40.67 -66.39 23.10
C ASP O 212 -39.76 -65.80 24.15
N THR O 213 -38.75 -66.56 24.61
CA THR O 213 -37.75 -66.07 25.53
C THR O 213 -36.45 -66.20 24.81
N SER O 214 -35.81 -65.04 24.54
CA SER O 214 -34.59 -64.92 23.78
C SER O 214 -33.46 -65.63 24.45
N MET O 215 -32.83 -66.55 23.70
CA MET O 215 -31.76 -67.41 24.12
C MET O 215 -30.54 -66.65 24.54
N LYS O 216 -29.95 -67.08 25.68
CA LYS O 216 -28.70 -66.59 26.19
C LYS O 216 -27.97 -67.87 26.49
N PRO O 217 -26.64 -67.93 26.60
CA PRO O 217 -25.92 -69.07 27.13
C PRO O 217 -26.35 -69.39 28.52
N CYS O 218 -26.08 -70.62 29.02
CA CYS O 218 -26.48 -70.97 30.34
C CYS O 218 -25.34 -70.70 31.27
N TYR O 219 -24.26 -70.05 30.79
CA TYR O 219 -23.15 -69.62 31.60
C TYR O 219 -23.50 -68.58 32.64
N GLY O 220 -24.37 -67.61 32.34
CA GLY O 220 -24.67 -66.54 33.26
C GLY O 220 -26.12 -66.50 33.64
N SER O 221 -26.99 -67.23 32.90
CA SER O 221 -28.42 -67.32 33.06
C SER O 221 -28.95 -67.31 34.47
N TYR O 222 -30.01 -66.52 34.70
CA TYR O 222 -30.68 -66.40 35.96
C TYR O 222 -32.09 -66.10 35.58
N ALA O 223 -33.06 -66.65 36.32
CA ALA O 223 -34.43 -66.27 36.18
C ALA O 223 -35.02 -66.39 37.55
N ARG O 224 -35.90 -65.42 37.90
CA ARG O 224 -36.51 -65.34 39.20
C ARG O 224 -37.35 -66.54 39.50
N PRO O 225 -37.41 -67.07 40.72
CA PRO O 225 -38.52 -67.91 41.15
C PRO O 225 -39.81 -67.14 41.12
N THR O 226 -40.94 -67.81 40.86
CA THR O 226 -42.25 -67.21 40.77
C THR O 226 -43.19 -67.94 41.69
N ASN O 227 -42.67 -68.91 42.46
CA ASN O 227 -43.45 -69.63 43.43
C ASN O 227 -42.47 -70.16 44.43
N VAL O 228 -42.97 -70.72 45.55
CA VAL O 228 -42.18 -71.18 46.66
C VAL O 228 -41.47 -72.48 46.38
N LYS O 229 -41.80 -73.12 45.24
CA LYS O 229 -41.37 -74.46 44.94
C LYS O 229 -40.29 -74.34 43.89
N GLY O 230 -39.87 -73.09 43.58
CA GLY O 230 -38.74 -72.76 42.75
C GLY O 230 -39.03 -72.84 41.29
N GLY O 231 -40.32 -72.87 40.86
CA GLY O 231 -40.69 -72.76 39.47
C GLY O 231 -40.39 -71.36 39.01
N GLN O 232 -40.07 -71.19 37.72
CA GLN O 232 -39.64 -69.91 37.19
C GLN O 232 -40.57 -69.49 36.10
N ALA O 233 -41.64 -70.27 35.84
CA ALA O 233 -42.60 -69.99 34.80
C ALA O 233 -43.31 -68.69 35.02
N LYS O 234 -43.42 -67.87 33.96
CA LYS O 234 -44.18 -66.64 33.96
C LYS O 234 -45.65 -66.91 33.98
N LEU O 235 -46.44 -66.07 34.68
CA LEU O 235 -47.88 -66.05 34.62
C LEU O 235 -48.33 -65.64 33.25
N LYS O 236 -49.39 -66.30 32.72
CA LYS O 236 -49.99 -65.92 31.47
C LYS O 236 -50.71 -64.61 31.62
N VAL O 237 -50.71 -63.79 30.55
CA VAL O 237 -51.39 -62.51 30.52
C VAL O 237 -52.72 -62.77 29.89
N GLY O 238 -53.70 -61.89 30.15
CA GLY O 238 -55.05 -62.02 29.65
C GLY O 238 -55.78 -63.09 30.42
N ALA O 239 -57.13 -63.08 30.30
CA ALA O 239 -58.04 -64.03 30.92
C ALA O 239 -58.11 -63.70 32.38
N ASP O 240 -59.03 -62.76 32.72
CA ASP O 240 -59.23 -62.16 34.03
C ASP O 240 -58.34 -60.95 34.09
N GLY O 241 -58.10 -60.31 32.92
CA GLY O 241 -57.12 -59.28 32.72
C GLY O 241 -55.73 -59.83 32.81
N VAL O 242 -54.74 -58.92 32.93
CA VAL O 242 -53.36 -59.23 33.15
C VAL O 242 -53.10 -60.09 34.38
N PRO O 243 -53.65 -59.89 35.59
CA PRO O 243 -53.55 -60.87 36.66
C PRO O 243 -54.21 -62.17 36.29
N THR O 244 -53.53 -63.30 36.56
CA THR O 244 -54.03 -64.63 36.32
C THR O 244 -53.32 -65.42 37.37
N LYS O 245 -53.84 -66.61 37.72
CA LYS O 245 -53.33 -67.45 38.76
C LYS O 245 -52.72 -68.66 38.12
N GLU O 246 -52.50 -68.62 36.78
CA GLU O 246 -52.05 -69.74 36.03
C GLU O 246 -50.71 -69.40 35.47
N PHE O 247 -49.74 -70.32 35.64
CA PHE O 247 -48.43 -70.23 35.08
C PHE O 247 -48.52 -70.84 33.72
N ASP O 248 -47.70 -70.37 32.77
CA ASP O 248 -47.74 -70.83 31.40
C ASP O 248 -46.73 -71.95 31.22
N ILE O 249 -47.24 -73.20 31.12
CA ILE O 249 -46.44 -74.38 30.90
C ILE O 249 -47.23 -75.20 29.93
N ASP O 250 -46.57 -75.62 28.82
CA ASP O 250 -47.12 -76.43 27.76
C ASP O 250 -46.24 -77.64 27.65
N LEU O 251 -46.84 -78.84 27.51
CA LEU O 251 -46.07 -80.06 27.37
C LEU O 251 -45.84 -80.28 25.90
N ALA O 252 -44.61 -80.70 25.56
CA ALA O 252 -44.16 -81.01 24.23
C ALA O 252 -43.73 -82.45 24.26
N PHE O 253 -44.14 -83.27 23.28
CA PHE O 253 -43.88 -84.70 23.32
C PHE O 253 -43.06 -85.03 22.11
N PHE O 254 -42.12 -86.00 22.25
CA PHE O 254 -41.22 -86.40 21.20
C PHE O 254 -41.07 -87.87 21.36
N ASP O 255 -40.67 -88.56 20.28
CA ASP O 255 -40.62 -90.00 20.20
C ASP O 255 -39.47 -90.24 19.29
N THR O 256 -38.74 -91.37 19.46
CA THR O 256 -37.65 -91.73 18.57
C THR O 256 -38.24 -92.09 17.22
N PRO O 257 -37.64 -91.83 16.07
CA PRO O 257 -38.21 -92.21 14.79
C PRO O 257 -37.72 -93.59 14.44
N GLY O 258 -38.41 -94.64 14.94
CA GLY O 258 -38.08 -96.03 14.68
C GLY O 258 -38.47 -96.52 13.32
N GLY O 259 -38.59 -97.87 13.21
CA GLY O 259 -38.94 -98.59 12.01
C GLY O 259 -40.43 -98.77 11.99
N THR O 260 -40.91 -99.88 12.60
CA THR O 260 -42.32 -100.20 12.70
C THR O 260 -42.68 -100.14 14.16
N VAL O 261 -41.69 -99.88 15.05
CA VAL O 261 -41.90 -99.70 16.46
C VAL O 261 -41.34 -98.33 16.74
N ASN O 262 -42.24 -97.37 17.07
CA ASN O 262 -41.96 -95.97 17.36
C ASN O 262 -41.69 -95.22 16.08
N GLY O 263 -41.92 -95.85 14.92
CA GLY O 263 -41.72 -95.28 13.62
C GLY O 263 -42.94 -94.52 13.24
N GLN O 264 -43.39 -94.72 11.98
CA GLN O 264 -44.54 -94.02 11.44
C GLN O 264 -45.75 -94.93 11.55
N ASP O 265 -45.58 -96.09 12.22
CA ASP O 265 -46.65 -97.03 12.46
C ASP O 265 -47.01 -96.86 13.91
N GLU O 266 -46.21 -97.45 14.83
CA GLU O 266 -46.40 -97.29 16.24
C GLU O 266 -45.77 -96.01 16.68
N TYR O 267 -46.29 -95.43 17.78
CA TYR O 267 -45.85 -94.18 18.31
C TYR O 267 -46.07 -94.33 19.79
N LYS O 268 -45.51 -93.37 20.52
CA LYS O 268 -45.64 -93.25 21.94
C LYS O 268 -44.98 -91.93 22.15
N ALA O 269 -44.39 -91.68 23.32
CA ALA O 269 -43.55 -90.55 23.51
C ALA O 269 -42.55 -91.04 24.49
N ASP O 270 -41.27 -90.68 24.26
CA ASP O 270 -40.16 -91.16 25.05
C ASP O 270 -39.66 -90.03 25.88
N ILE O 271 -40.03 -88.78 25.53
CA ILE O 271 -39.54 -87.56 26.12
C ILE O 271 -40.72 -86.63 26.16
N VAL O 272 -40.86 -85.93 27.29
CA VAL O 272 -41.79 -84.85 27.51
C VAL O 272 -40.92 -83.76 28.05
N MET O 273 -41.12 -82.52 27.57
CA MET O 273 -40.43 -81.36 28.05
C MET O 273 -41.50 -80.41 28.46
N TYR O 274 -41.33 -79.84 29.68
CA TYR O 274 -42.20 -78.88 30.29
C TYR O 274 -41.68 -77.54 29.87
N THR O 275 -42.22 -77.01 28.75
CA THR O 275 -41.77 -75.78 28.13
C THR O 275 -42.38 -74.64 28.89
N GLU O 276 -41.60 -73.60 29.23
CA GLU O 276 -42.13 -72.50 30.02
C GLU O 276 -41.36 -71.27 29.67
N ASN O 277 -42.03 -70.09 29.70
CA ASN O 277 -41.39 -68.80 29.63
C ASN O 277 -40.77 -68.51 30.95
N THR O 278 -39.65 -67.76 31.00
CA THR O 278 -39.02 -67.41 32.25
C THR O 278 -38.53 -66.00 32.04
N TYR O 279 -38.05 -65.35 33.13
CA TYR O 279 -37.43 -64.05 33.08
C TYR O 279 -35.97 -64.29 32.88
N LEU O 280 -35.55 -64.58 31.63
CA LEU O 280 -34.23 -65.04 31.29
C LEU O 280 -33.38 -63.85 31.02
N GLU O 281 -32.54 -63.46 32.00
CA GLU O 281 -31.65 -62.35 31.82
C GLU O 281 -30.43 -62.65 32.61
N THR O 282 -29.26 -62.35 32.00
CA THR O 282 -27.95 -62.63 32.50
C THR O 282 -27.50 -61.37 33.22
N PRO O 283 -27.22 -61.33 34.52
CA PRO O 283 -27.15 -60.05 35.21
C PRO O 283 -25.72 -59.76 35.55
N ASP O 284 -24.73 -60.50 34.99
CA ASP O 284 -23.36 -60.34 35.42
C ASP O 284 -22.42 -60.96 34.42
N THR O 285 -22.91 -61.28 33.20
CA THR O 285 -22.10 -61.78 32.11
C THR O 285 -22.57 -61.01 30.92
N HIS O 286 -21.76 -61.01 29.85
CA HIS O 286 -22.06 -60.31 28.62
C HIS O 286 -21.73 -61.30 27.55
N VAL O 287 -22.32 -61.10 26.35
CA VAL O 287 -22.11 -61.96 25.21
C VAL O 287 -20.94 -61.40 24.48
N VAL O 288 -19.91 -62.25 24.25
CA VAL O 288 -18.66 -61.86 23.69
C VAL O 288 -18.63 -62.35 22.27
N TYR O 289 -19.51 -63.30 21.91
CA TYR O 289 -19.55 -63.83 20.59
C TYR O 289 -20.99 -64.18 20.34
N LYS O 290 -21.50 -63.79 19.16
CA LYS O 290 -22.77 -64.25 18.68
C LYS O 290 -22.63 -64.15 17.20
N PRO O 291 -23.14 -65.06 16.40
CA PRO O 291 -23.07 -64.94 14.96
C PRO O 291 -24.36 -64.28 14.57
N GLY O 292 -24.38 -63.50 13.47
CA GLY O 292 -25.52 -62.73 13.05
C GLY O 292 -25.80 -61.60 13.99
N LYS O 293 -26.88 -60.84 13.68
CA LYS O 293 -27.32 -59.71 14.47
C LYS O 293 -28.59 -60.07 15.16
N ASP O 294 -28.92 -61.38 15.20
CA ASP O 294 -30.14 -61.89 15.78
C ASP O 294 -29.93 -61.98 17.26
N ASP O 295 -30.85 -61.35 18.03
CA ASP O 295 -30.84 -61.39 19.46
C ASP O 295 -32.02 -62.22 19.89
N ALA O 296 -32.77 -62.80 18.92
CA ALA O 296 -33.92 -63.63 19.16
C ALA O 296 -33.49 -65.05 19.48
N SER O 297 -34.29 -66.05 19.07
CA SER O 297 -34.03 -67.46 19.30
C SER O 297 -33.92 -68.07 17.94
N SER O 298 -32.86 -68.87 17.73
CA SER O 298 -32.45 -69.33 16.45
C SER O 298 -31.64 -70.56 16.72
N GLU O 299 -31.22 -71.26 15.65
CA GLU O 299 -30.38 -72.43 15.75
C GLU O 299 -28.95 -72.00 15.91
N ILE O 300 -28.61 -70.78 15.42
CA ILE O 300 -27.27 -70.26 15.48
C ILE O 300 -27.09 -69.36 16.68
N ASN O 301 -28.08 -69.31 17.60
CA ASN O 301 -27.91 -68.60 18.83
C ASN O 301 -27.71 -69.62 19.92
N LEU O 302 -27.60 -70.92 19.54
CA LEU O 302 -27.14 -71.96 20.42
C LEU O 302 -25.67 -71.82 20.68
N VAL O 303 -24.93 -71.13 19.79
CA VAL O 303 -23.49 -71.10 19.81
C VAL O 303 -22.99 -69.76 20.27
N GLN O 304 -23.84 -68.94 20.92
CA GLN O 304 -23.42 -67.77 21.65
C GLN O 304 -22.51 -68.17 22.79
N GLN O 305 -21.53 -67.31 23.13
CA GLN O 305 -20.63 -67.56 24.24
C GLN O 305 -20.64 -66.32 25.05
N SER O 306 -20.45 -66.46 26.38
CA SER O 306 -20.47 -65.35 27.31
C SER O 306 -19.26 -65.47 28.19
N MET O 307 -18.89 -64.34 28.83
CA MET O 307 -17.70 -64.19 29.62
C MET O 307 -18.11 -63.23 30.71
N PRO O 308 -17.56 -63.28 31.91
CA PRO O 308 -17.92 -62.40 33.02
C PRO O 308 -17.71 -60.94 32.75
N ASN O 309 -18.56 -60.07 33.34
CA ASN O 309 -18.33 -58.65 33.40
C ASN O 309 -17.14 -58.41 34.29
N ARG O 310 -16.36 -57.34 34.04
CA ARG O 310 -15.12 -57.07 34.76
C ARG O 310 -15.41 -56.84 36.22
N PRO O 311 -14.63 -57.29 37.19
CA PRO O 311 -14.73 -56.82 38.57
C PRO O 311 -14.55 -55.32 38.64
N ASN O 312 -15.13 -54.68 39.67
CA ASN O 312 -15.11 -53.25 39.77
C ASN O 312 -15.62 -53.00 41.16
N TYR O 313 -14.66 -52.89 42.11
CA TYR O 313 -14.90 -52.69 43.51
C TYR O 313 -14.98 -51.21 43.71
N ILE O 314 -16.12 -50.75 44.25
CA ILE O 314 -16.36 -49.37 44.59
C ILE O 314 -16.46 -49.36 46.08
N GLY O 315 -15.73 -48.43 46.74
CA GLY O 315 -15.87 -48.21 48.14
C GLY O 315 -15.51 -46.78 48.36
N PHE O 316 -15.55 -46.32 49.64
CA PHE O 316 -15.05 -45.02 50.04
C PHE O 316 -13.57 -44.96 49.90
N ARG O 317 -13.05 -43.73 49.73
CA ARG O 317 -11.64 -43.38 49.64
C ARG O 317 -10.76 -43.88 50.75
N ASP O 318 -9.44 -43.84 50.48
CA ASP O 318 -8.34 -44.39 51.24
C ASP O 318 -8.35 -44.06 52.70
N ASN O 319 -8.80 -42.86 53.09
CA ASN O 319 -8.75 -42.43 54.45
C ASN O 319 -9.79 -41.35 54.54
N PHE O 320 -10.84 -41.46 53.69
CA PHE O 320 -11.89 -40.50 53.49
C PHE O 320 -11.36 -39.29 52.80
N ILE O 321 -10.56 -39.52 51.73
CA ILE O 321 -9.91 -38.49 50.97
C ILE O 321 -10.97 -37.81 50.14
N GLY O 322 -11.03 -36.47 50.20
CA GLY O 322 -11.89 -35.66 49.36
C GLY O 322 -13.30 -35.67 49.82
N LEU O 323 -13.57 -36.05 51.08
CA LEU O 323 -14.91 -36.08 51.61
C LEU O 323 -15.15 -34.79 52.34
N MET O 324 -14.07 -34.07 52.69
CA MET O 324 -14.10 -32.75 53.24
C MET O 324 -13.30 -31.86 52.33
N TYR O 325 -13.69 -30.57 52.27
CA TYR O 325 -12.96 -29.58 51.54
C TYR O 325 -11.79 -29.14 52.35
N TYR O 326 -10.58 -29.37 51.80
CA TYR O 326 -9.35 -28.87 52.34
C TYR O 326 -8.70 -28.17 51.20
N ASN O 327 -8.06 -27.02 51.49
CA ASN O 327 -7.15 -26.34 50.60
C ASN O 327 -7.92 -25.60 49.54
N SER O 328 -9.20 -25.30 49.82
CA SER O 328 -10.11 -24.73 48.87
C SER O 328 -10.66 -23.53 49.56
N THR O 329 -10.43 -22.33 49.00
CA THR O 329 -11.01 -21.11 49.51
C THR O 329 -12.40 -21.04 48.96
N GLY O 330 -13.35 -20.58 49.79
CA GLY O 330 -14.73 -20.47 49.41
C GLY O 330 -15.44 -21.73 49.78
N ASN O 331 -14.82 -22.54 50.66
CA ASN O 331 -15.33 -23.80 51.13
C ASN O 331 -14.53 -24.13 52.36
N MET O 332 -13.61 -23.23 52.80
CA MET O 332 -12.73 -23.49 53.92
C MET O 332 -13.43 -23.44 55.24
N GLY O 333 -12.93 -24.24 56.21
CA GLY O 333 -13.45 -24.36 57.56
C GLY O 333 -13.26 -23.14 58.42
N VAL O 334 -13.77 -23.25 59.67
CA VAL O 334 -13.82 -22.21 60.66
C VAL O 334 -13.46 -22.85 61.97
N LEU O 335 -12.47 -22.32 62.72
CA LEU O 335 -12.43 -22.59 64.14
C LEU O 335 -12.10 -21.27 64.71
N ALA O 336 -13.09 -20.65 65.34
CA ALA O 336 -13.01 -19.27 65.72
C ALA O 336 -13.81 -19.21 66.96
N GLY O 337 -13.40 -18.36 67.91
CA GLY O 337 -14.15 -18.06 69.12
C GLY O 337 -15.46 -17.47 68.72
N GLN O 338 -16.54 -17.88 69.41
CA GLN O 338 -17.88 -17.49 69.07
C GLN O 338 -18.18 -16.18 69.75
N ALA O 339 -17.63 -15.09 69.21
CA ALA O 339 -17.78 -13.77 69.73
C ALA O 339 -16.83 -12.85 69.02
N SER O 340 -16.09 -13.33 67.98
CA SER O 340 -15.09 -12.49 67.38
C SER O 340 -14.97 -12.72 65.91
N GLN O 341 -15.28 -13.95 65.45
CA GLN O 341 -15.29 -14.31 64.04
C GLN O 341 -13.95 -14.09 63.35
N LEU O 342 -12.89 -14.75 63.87
CA LEU O 342 -11.54 -14.63 63.38
C LEU O 342 -11.11 -16.06 63.30
N ASN O 343 -10.91 -16.61 62.09
CA ASN O 343 -10.57 -18.03 61.95
C ASN O 343 -9.17 -18.28 62.40
N ALA O 344 -8.94 -19.52 62.86
CA ALA O 344 -7.65 -20.03 63.24
C ALA O 344 -7.30 -21.06 62.19
N VAL O 345 -8.05 -21.03 61.07
CA VAL O 345 -7.93 -21.91 59.94
C VAL O 345 -7.58 -21.01 58.80
N VAL O 346 -6.51 -21.34 58.05
CA VAL O 346 -6.10 -20.65 56.86
C VAL O 346 -5.83 -21.76 55.90
N ASP O 347 -6.57 -21.81 54.78
CA ASP O 347 -6.42 -22.83 53.78
C ASP O 347 -6.05 -22.10 52.52
N LEU O 348 -5.06 -22.64 51.79
CA LEU O 348 -4.52 -22.05 50.59
C LEU O 348 -4.51 -23.14 49.57
N GLN O 349 -4.60 -22.77 48.28
CA GLN O 349 -4.51 -23.65 47.14
C GLN O 349 -3.18 -24.35 47.03
N ASP O 350 -2.07 -23.64 47.35
CA ASP O 350 -0.72 -24.17 47.29
C ASP O 350 -0.31 -24.82 48.58
N ARG O 351 -1.29 -25.15 49.44
CA ARG O 351 -1.09 -26.00 50.58
C ARG O 351 -1.78 -27.25 50.12
N ASN O 352 -1.31 -28.43 50.58
CA ASN O 352 -1.94 -29.69 50.32
C ASN O 352 -1.83 -30.39 51.64
N THR O 353 -2.95 -30.94 52.15
CA THR O 353 -2.98 -31.50 53.48
C THR O 353 -3.57 -32.87 53.43
N GLU O 354 -4.33 -33.21 52.37
CA GLU O 354 -4.84 -34.54 52.18
C GLU O 354 -3.75 -35.53 51.91
N LEU O 355 -2.78 -35.16 51.04
CA LEU O 355 -1.56 -35.88 50.76
C LEU O 355 -0.71 -35.98 51.98
N SER O 356 -0.63 -34.90 52.77
CA SER O 356 0.35 -34.76 53.80
C SER O 356 -0.04 -35.58 55.00
N TYR O 357 -1.33 -35.99 55.08
CA TYR O 357 -1.82 -36.79 56.17
C TYR O 357 -1.54 -38.25 55.91
N GLN O 358 -1.26 -38.65 54.65
CA GLN O 358 -0.90 -40.01 54.32
C GLN O 358 0.54 -40.24 54.61
N LEU O 359 1.35 -39.15 54.57
CA LEU O 359 2.75 -39.22 54.85
C LEU O 359 2.98 -39.21 56.33
N LEU O 360 2.07 -38.57 57.08
CA LEU O 360 2.08 -38.53 58.53
C LEU O 360 1.88 -39.90 59.10
N LEU O 361 0.99 -40.72 58.48
CA LEU O 361 0.62 -42.00 59.02
C LEU O 361 1.48 -43.10 58.47
N ASP O 362 2.53 -42.79 57.67
CA ASP O 362 3.51 -43.77 57.28
C ASP O 362 4.68 -43.62 58.18
N SER O 363 4.71 -42.53 58.96
CA SER O 363 5.78 -42.20 59.86
C SER O 363 5.36 -42.58 61.25
N LEU O 364 4.08 -43.01 61.41
CA LEU O 364 3.54 -43.44 62.66
C LEU O 364 2.90 -44.76 62.38
N GLY O 365 3.48 -45.85 62.94
CA GLY O 365 3.08 -47.22 62.72
C GLY O 365 2.98 -47.65 61.29
N ASP O 366 2.45 -48.89 61.09
CA ASP O 366 2.35 -49.54 59.80
C ASP O 366 1.07 -49.10 59.16
N ARG O 367 1.09 -49.00 57.82
CA ARG O 367 -0.03 -48.66 57.01
C ARG O 367 -0.74 -49.89 56.51
N THR O 368 -0.20 -51.08 56.84
CA THR O 368 -0.71 -52.34 56.31
C THR O 368 -1.61 -52.97 57.34
N ARG O 369 -1.66 -52.40 58.56
CA ARG O 369 -2.60 -52.77 59.58
C ARG O 369 -3.82 -51.93 59.34
N TYR O 370 -4.95 -52.59 59.03
CA TYR O 370 -6.16 -51.94 58.61
C TYR O 370 -6.98 -51.59 59.82
N PHE O 371 -7.70 -50.45 59.72
CA PHE O 371 -8.45 -49.88 60.80
C PHE O 371 -9.68 -49.41 60.08
N SER O 372 -10.86 -49.88 60.52
CA SER O 372 -12.08 -49.69 59.78
C SER O 372 -12.83 -48.48 60.25
N MET O 373 -12.30 -47.77 61.27
CA MET O 373 -13.01 -46.68 61.87
C MET O 373 -12.79 -45.45 61.08
N TRP O 374 -11.52 -45.09 60.83
CA TRP O 374 -11.15 -43.93 60.08
C TRP O 374 -10.74 -44.33 58.70
N ASN O 375 -10.85 -45.64 58.43
CA ASN O 375 -10.89 -46.23 57.12
C ASN O 375 -9.52 -46.38 56.53
N GLN O 376 -8.49 -46.45 57.40
CA GLN O 376 -7.13 -46.70 57.03
C GLN O 376 -7.04 -48.09 56.49
N ALA O 377 -6.44 -48.23 55.30
CA ALA O 377 -6.40 -49.47 54.58
C ALA O 377 -5.77 -49.02 53.32
N VAL O 378 -4.44 -48.87 53.35
CA VAL O 378 -3.65 -48.29 52.28
C VAL O 378 -3.81 -49.05 51.00
N ASP O 379 -3.82 -48.31 49.87
CA ASP O 379 -3.82 -48.83 48.53
C ASP O 379 -2.52 -49.56 48.28
N SER O 380 -2.60 -50.68 47.55
CA SER O 380 -1.48 -51.53 47.30
C SER O 380 -1.74 -52.13 45.96
N TYR O 381 -0.71 -52.75 45.38
CA TYR O 381 -0.82 -53.54 44.20
C TYR O 381 -0.03 -54.74 44.56
N ASP O 382 -0.29 -55.88 43.89
CA ASP O 382 0.41 -57.10 44.16
C ASP O 382 1.63 -57.02 43.28
N PRO O 383 2.85 -57.24 43.75
CA PRO O 383 4.03 -57.07 42.94
C PRO O 383 4.25 -58.23 42.00
N ASP O 384 3.30 -59.19 41.89
CA ASP O 384 3.39 -60.29 40.95
C ASP O 384 2.50 -59.99 39.78
N VAL O 385 1.78 -58.85 39.81
CA VAL O 385 0.91 -58.45 38.74
C VAL O 385 1.69 -57.44 37.94
N ARG O 386 2.19 -56.37 38.60
CA ARG O 386 2.90 -55.31 37.93
C ARG O 386 4.18 -55.81 37.33
N ILE O 387 4.99 -56.53 38.12
CA ILE O 387 6.21 -57.14 37.67
C ILE O 387 5.82 -58.56 37.48
N ILE O 388 6.17 -59.17 36.32
CA ILE O 388 5.69 -60.47 35.94
C ILE O 388 6.91 -61.31 35.96
N GLU O 389 6.94 -62.29 36.87
CA GLU O 389 8.06 -63.16 37.12
C GLU O 389 7.70 -64.49 36.57
N ASN O 390 7.56 -64.56 35.23
CA ASN O 390 7.18 -65.74 34.50
C ASN O 390 8.33 -66.70 34.62
N HIS O 391 8.06 -67.89 35.17
CA HIS O 391 9.07 -68.85 35.52
C HIS O 391 8.51 -70.17 35.11
N GLY O 392 7.62 -70.16 34.11
CA GLY O 392 6.96 -71.32 33.58
C GLY O 392 6.07 -72.03 34.55
N VAL O 393 5.63 -73.23 34.14
CA VAL O 393 4.63 -74.01 34.81
C VAL O 393 5.29 -75.32 35.12
N GLU O 394 4.86 -75.99 36.21
CA GLU O 394 5.51 -77.17 36.71
C GLU O 394 4.90 -78.43 36.16
N ASP O 395 4.45 -78.41 34.88
CA ASP O 395 4.07 -79.59 34.14
C ASP O 395 5.29 -80.44 33.95
N GLU O 396 5.19 -81.71 34.39
CA GLU O 396 6.28 -82.65 34.41
C GLU O 396 5.63 -84.00 34.51
N LEU O 397 4.31 -84.04 34.82
CA LEU O 397 3.51 -85.23 34.83
C LEU O 397 2.27 -84.86 34.09
N PRO O 398 1.78 -85.60 33.09
CA PRO O 398 0.49 -85.37 32.49
C PRO O 398 -0.59 -85.57 33.52
N ASN O 399 -1.75 -84.88 33.38
CA ASN O 399 -2.84 -85.06 34.30
C ASN O 399 -3.91 -85.55 33.39
N TYR O 400 -4.89 -86.28 33.93
CA TYR O 400 -5.81 -87.04 33.12
C TYR O 400 -7.19 -86.92 33.66
N CYS O 401 -8.18 -87.18 32.79
CA CYS O 401 -9.57 -87.01 33.05
C CYS O 401 -10.13 -88.35 32.66
N PHE O 402 -10.87 -89.04 33.56
CA PHE O 402 -11.22 -90.43 33.43
C PHE O 402 -12.72 -90.55 33.42
N PRO O 403 -13.35 -91.45 32.66
CA PRO O 403 -14.78 -91.71 32.67
C PRO O 403 -15.34 -92.06 34.02
N LEU O 404 -16.66 -91.82 34.18
CA LEU O 404 -17.41 -92.03 35.39
C LEU O 404 -17.44 -93.47 35.84
N ASP O 405 -17.54 -94.43 34.90
CA ASP O 405 -17.59 -95.84 35.21
C ASP O 405 -16.21 -96.41 35.29
N GLY O 406 -15.19 -95.63 34.88
CA GLY O 406 -13.78 -95.95 35.02
C GLY O 406 -13.40 -97.16 34.22
N SER O 407 -13.98 -97.32 33.02
CA SER O 407 -13.72 -98.48 32.19
C SER O 407 -13.92 -98.10 30.76
N GLY O 408 -14.19 -96.80 30.49
CA GLY O 408 -14.45 -96.25 29.19
C GLY O 408 -15.47 -96.99 28.38
N THR O 409 -15.23 -97.07 27.06
CA THR O 409 -15.99 -97.87 26.12
C THR O 409 -15.87 -99.34 26.46
N ASN O 410 -17.00 -100.07 26.34
CA ASN O 410 -17.09 -101.45 26.71
C ASN O 410 -17.81 -102.14 25.60
N ALA O 411 -17.79 -103.49 25.62
CA ALA O 411 -18.45 -104.28 24.63
C ALA O 411 -18.69 -105.60 25.28
N ALA O 412 -19.65 -106.36 24.71
CA ALA O 412 -20.02 -107.70 25.09
C ALA O 412 -18.92 -108.69 24.87
N TYR O 413 -18.81 -109.67 25.79
CA TYR O 413 -17.95 -110.81 25.65
C TYR O 413 -18.64 -111.92 26.36
N GLN O 414 -18.85 -113.07 25.68
CA GLN O 414 -19.45 -114.25 26.24
C GLN O 414 -18.36 -115.08 26.87
N GLY O 415 -18.71 -115.89 27.90
CA GLY O 415 -17.80 -116.84 28.48
C GLY O 415 -17.56 -118.01 27.56
N VAL O 416 -16.31 -118.53 27.56
CA VAL O 416 -15.92 -119.70 26.80
C VAL O 416 -14.98 -120.43 27.72
N LYS O 417 -14.68 -121.71 27.40
CA LYS O 417 -13.86 -122.56 28.21
C LYS O 417 -13.12 -123.52 27.33
N VAL O 418 -11.94 -124.00 27.80
CA VAL O 418 -11.18 -125.08 27.23
C VAL O 418 -11.90 -126.39 27.43
N LYS O 419 -11.70 -127.35 26.51
CA LYS O 419 -12.17 -128.71 26.66
C LYS O 419 -10.99 -129.62 26.85
N ASN O 420 -9.78 -129.11 26.51
CA ASN O 420 -8.55 -129.86 26.63
C ASN O 420 -7.47 -128.81 26.60
N GLY O 421 -6.26 -129.14 27.12
CA GLY O 421 -5.18 -128.20 27.31
C GLY O 421 -4.26 -128.23 26.15
N ASN O 422 -2.95 -127.96 26.45
CA ASN O 422 -1.81 -127.99 25.54
C ASN O 422 -1.69 -126.71 24.77
N ASP O 423 -0.43 -126.39 24.39
CA ASP O 423 0.00 -125.17 23.73
C ASP O 423 -0.70 -124.95 22.41
N GLY O 424 -0.97 -123.66 22.09
CA GLY O 424 -1.76 -123.23 20.96
C GLY O 424 -3.20 -123.24 21.32
N ASP O 425 -3.93 -122.16 20.95
CA ASP O 425 -5.33 -121.99 21.27
C ASP O 425 -6.19 -122.84 20.35
N VAL O 426 -5.65 -123.22 19.18
CA VAL O 426 -6.25 -124.11 18.21
C VAL O 426 -6.45 -125.48 18.79
N GLU O 427 -5.44 -125.94 19.57
CA GLU O 427 -5.31 -127.29 20.03
C GLU O 427 -5.65 -127.36 21.50
N SER O 428 -6.33 -126.32 22.02
CA SER O 428 -6.98 -126.33 23.30
C SER O 428 -8.36 -125.81 23.02
N GLU O 429 -9.08 -126.53 22.10
CA GLU O 429 -10.42 -126.29 21.63
C GLU O 429 -11.40 -125.71 22.60
N TRP O 430 -11.86 -124.50 22.24
CA TRP O 430 -12.78 -123.64 22.91
C TRP O 430 -14.21 -124.03 22.66
N GLU O 431 -15.10 -123.80 23.64
CA GLU O 431 -16.50 -124.06 23.52
C GLU O 431 -17.15 -123.17 24.52
N ASN O 432 -18.41 -122.77 24.26
CA ASN O 432 -19.22 -121.89 25.05
C ASN O 432 -19.44 -122.38 26.46
N ASP O 433 -19.46 -121.43 27.42
CA ASP O 433 -19.64 -121.69 28.82
C ASP O 433 -20.90 -120.94 29.15
N ASP O 434 -21.88 -121.63 29.77
CA ASP O 434 -23.20 -121.08 30.07
C ASP O 434 -23.39 -120.84 31.54
N THR O 435 -22.35 -121.08 32.37
CA THR O 435 -22.36 -120.74 33.77
C THR O 435 -21.60 -119.46 33.98
N VAL O 436 -21.15 -118.86 32.86
CA VAL O 436 -20.56 -117.55 32.81
C VAL O 436 -21.49 -116.84 31.90
N ALA O 437 -22.05 -115.71 32.38
CA ALA O 437 -23.03 -114.94 31.67
C ALA O 437 -22.50 -114.43 30.37
N ALA O 438 -23.37 -114.40 29.35
CA ALA O 438 -23.04 -113.89 28.06
C ALA O 438 -23.33 -112.41 28.12
N ARG O 439 -22.55 -111.59 27.40
CA ARG O 439 -22.72 -110.16 27.28
C ARG O 439 -22.00 -109.42 28.38
N ASN O 440 -20.88 -109.96 28.92
CA ASN O 440 -20.08 -109.27 29.91
C ASN O 440 -19.47 -108.01 29.35
N GLN O 441 -19.44 -106.93 30.15
CA GLN O 441 -18.89 -105.65 29.76
C GLN O 441 -17.45 -105.59 30.12
N LEU O 442 -16.53 -105.65 29.14
CA LEU O 442 -15.11 -105.70 29.42
C LEU O 442 -14.48 -104.70 28.49
N CYS O 443 -13.23 -104.31 28.78
CA CYS O 443 -12.49 -103.33 28.03
C CYS O 443 -11.17 -103.95 27.67
N LYS O 444 -10.73 -103.76 26.40
CA LYS O 444 -9.42 -104.14 25.94
C LYS O 444 -8.54 -102.93 26.03
N GLY O 445 -7.23 -103.16 26.31
CA GLY O 445 -6.28 -102.13 26.64
C GLY O 445 -6.67 -101.25 27.79
N ASN O 446 -6.01 -100.07 27.85
CA ASN O 446 -6.19 -99.06 28.87
C ASN O 446 -7.53 -98.39 28.77
N ILE O 447 -8.04 -97.90 29.92
CA ILE O 447 -9.26 -97.15 30.08
C ILE O 447 -9.19 -95.86 29.31
N PHE O 448 -10.34 -95.33 28.83
CA PHE O 448 -10.43 -94.11 28.08
C PHE O 448 -9.97 -92.94 28.92
N ALA O 449 -9.35 -91.90 28.31
CA ALA O 449 -8.85 -90.78 29.05
C ALA O 449 -8.63 -89.65 28.11
N MET O 450 -8.50 -88.40 28.67
CA MET O 450 -8.13 -87.24 27.91
C MET O 450 -7.16 -86.52 28.78
N GLU O 451 -5.99 -86.14 28.22
CA GLU O 451 -4.98 -85.35 28.88
C GLU O 451 -5.42 -83.94 29.14
N ILE O 452 -4.93 -83.32 30.24
CA ILE O 452 -5.14 -81.93 30.52
C ILE O 452 -3.87 -81.49 31.20
N ASN O 453 -3.47 -80.22 31.02
CA ASN O 453 -2.24 -79.72 31.60
C ASN O 453 -2.70 -78.65 32.53
N LEU O 454 -2.87 -79.01 33.82
CA LEU O 454 -3.43 -78.14 34.82
C LEU O 454 -2.61 -76.93 35.12
N GLN O 455 -1.27 -77.05 35.24
CA GLN O 455 -0.43 -75.95 35.61
C GLN O 455 -0.37 -74.90 34.54
N ALA O 456 -0.36 -75.35 33.26
CA ALA O 456 -0.37 -74.50 32.09
C ALA O 456 -1.61 -73.67 32.07
N ASN O 457 -2.79 -74.30 32.32
CA ASN O 457 -4.08 -73.64 32.38
C ASN O 457 -4.20 -72.63 33.47
N LEU O 458 -3.70 -72.92 34.68
CA LEU O 458 -3.79 -72.06 35.82
C LEU O 458 -3.07 -70.75 35.63
N TRP O 459 -1.85 -70.79 35.04
CA TRP O 459 -1.01 -69.62 34.91
C TRP O 459 -1.43 -68.75 33.76
N ARG O 460 -2.03 -69.36 32.71
CA ARG O 460 -2.56 -68.70 31.55
C ARG O 460 -3.71 -67.80 31.89
N SER O 461 -4.64 -68.33 32.72
CA SER O 461 -5.86 -67.73 33.19
C SER O 461 -5.57 -66.61 34.15
N PHE O 462 -4.55 -66.80 35.01
CA PHE O 462 -4.09 -65.89 36.04
C PHE O 462 -3.61 -64.63 35.40
N LEU O 463 -2.84 -64.78 34.32
CA LEU O 463 -2.09 -63.72 33.72
C LEU O 463 -3.00 -62.98 32.80
N TYR O 464 -4.01 -63.68 32.24
CA TYR O 464 -5.01 -63.06 31.41
C TYR O 464 -5.91 -62.14 32.20
N SER O 465 -6.31 -62.52 33.42
CA SER O 465 -7.33 -61.81 34.15
C SER O 465 -6.77 -60.73 35.03
N ASN O 466 -5.45 -60.48 34.98
CA ASN O 466 -4.80 -59.58 35.90
C ASN O 466 -3.96 -58.62 35.12
N VAL O 467 -3.55 -58.97 33.89
CA VAL O 467 -2.57 -58.19 33.17
C VAL O 467 -3.20 -57.83 31.87
N ALA O 468 -3.85 -58.80 31.19
CA ALA O 468 -4.23 -58.62 29.81
C ALA O 468 -5.44 -57.73 29.69
N LEU O 469 -6.31 -57.69 30.72
CA LEU O 469 -7.53 -56.93 30.69
C LEU O 469 -7.29 -55.55 31.25
N TYR O 470 -6.02 -55.22 31.61
CA TYR O 470 -5.67 -53.94 32.14
C TYR O 470 -4.77 -53.23 31.18
N LEU O 471 -4.57 -53.80 29.98
CA LEU O 471 -3.87 -53.16 28.89
C LEU O 471 -4.70 -52.03 28.34
N PRO O 472 -4.12 -50.96 27.79
CA PRO O 472 -4.81 -49.92 27.04
C PRO O 472 -5.84 -50.36 26.03
N ASP O 473 -6.77 -49.44 25.69
CA ASP O 473 -7.87 -49.59 24.75
C ASP O 473 -7.36 -49.91 23.38
N SER O 474 -6.16 -49.38 23.03
CA SER O 474 -5.54 -49.50 21.73
C SER O 474 -5.31 -50.93 21.36
N TYR O 475 -4.84 -51.76 22.32
CA TYR O 475 -4.70 -53.20 22.16
C TYR O 475 -6.01 -53.91 21.98
N LYS O 476 -7.05 -53.52 22.75
CA LYS O 476 -8.39 -54.05 22.70
C LYS O 476 -9.10 -53.73 21.41
N TYR O 477 -10.11 -54.55 21.05
CA TYR O 477 -10.88 -54.39 19.84
C TYR O 477 -12.30 -54.78 20.22
N THR O 478 -13.31 -54.37 19.41
CA THR O 478 -14.70 -54.71 19.64
C THR O 478 -15.02 -55.99 18.91
N PRO O 479 -15.73 -56.96 19.46
CA PRO O 479 -16.32 -58.08 18.73
C PRO O 479 -17.20 -57.66 17.57
N ALA O 480 -17.41 -58.59 16.61
CA ALA O 480 -18.03 -58.34 15.33
C ALA O 480 -19.46 -57.86 15.39
N ASN O 481 -20.30 -58.45 16.27
CA ASN O 481 -21.73 -58.23 16.26
C ASN O 481 -22.15 -57.60 17.56
N ILE O 482 -21.21 -56.95 18.27
CA ILE O 482 -21.46 -56.33 19.55
C ILE O 482 -21.17 -54.87 19.32
N THR O 483 -22.05 -53.97 19.81
CA THR O 483 -21.90 -52.54 19.68
C THR O 483 -21.88 -51.97 21.08
N LEU O 484 -21.01 -50.94 21.30
CA LEU O 484 -20.71 -50.41 22.61
C LEU O 484 -20.95 -48.92 22.58
N PRO O 485 -21.19 -48.27 23.72
CA PRO O 485 -21.24 -46.82 23.86
C PRO O 485 -20.09 -46.07 23.28
N THR O 486 -20.35 -44.85 22.77
CA THR O 486 -19.35 -43.97 22.23
C THR O 486 -18.41 -43.51 23.32
N ASN O 487 -18.96 -43.22 24.52
CA ASN O 487 -18.24 -42.78 25.70
C ASN O 487 -17.30 -43.88 26.09
N THR O 488 -16.04 -43.54 26.46
CA THR O 488 -15.03 -44.53 26.75
C THR O 488 -14.79 -44.58 28.22
N ASN O 489 -15.48 -43.73 28.99
CA ASN O 489 -15.30 -43.60 30.41
C ASN O 489 -16.45 -44.26 31.11
N THR O 490 -17.43 -44.79 30.33
CA THR O 490 -18.52 -45.56 30.86
C THR O 490 -18.02 -46.97 31.08
N TYR O 491 -18.67 -47.70 32.00
CA TYR O 491 -18.42 -49.08 32.32
C TYR O 491 -18.58 -50.01 31.15
N ASP O 492 -19.68 -49.84 30.40
CA ASP O 492 -20.13 -50.72 29.33
C ASP O 492 -19.12 -50.80 28.22
N TYR O 493 -18.44 -49.68 27.93
CA TYR O 493 -17.38 -49.59 26.96
C TYR O 493 -16.22 -50.48 27.29
N MET O 494 -15.83 -50.58 28.59
CA MET O 494 -14.61 -51.29 28.92
C MET O 494 -14.99 -52.70 29.27
N ASN O 495 -16.29 -53.03 29.17
CA ASN O 495 -16.80 -54.32 29.52
C ASN O 495 -16.99 -55.11 28.25
N GLY O 496 -16.85 -54.45 27.08
CA GLY O 496 -17.14 -55.03 25.80
C GLY O 496 -15.92 -55.09 24.96
N ARG O 497 -14.93 -54.26 25.30
CA ARG O 497 -13.64 -54.22 24.67
C ARG O 497 -12.87 -55.41 25.16
N VAL O 498 -12.46 -56.31 24.23
CA VAL O 498 -11.77 -57.54 24.57
C VAL O 498 -10.40 -57.52 23.95
N VAL O 499 -9.42 -58.05 24.70
CA VAL O 499 -8.04 -58.12 24.33
C VAL O 499 -7.81 -59.48 23.72
N PRO O 500 -6.94 -59.68 22.73
CA PRO O 500 -6.41 -60.99 22.36
C PRO O 500 -5.69 -61.65 23.52
N PRO O 501 -5.87 -62.92 23.88
CA PRO O 501 -5.12 -63.56 24.94
C PRO O 501 -3.76 -63.98 24.46
N SER O 502 -3.40 -63.71 23.20
CA SER O 502 -2.15 -64.13 22.62
C SER O 502 -1.16 -63.02 22.82
N LEU O 503 -1.67 -61.79 23.08
CA LEU O 503 -0.88 -60.63 23.40
C LEU O 503 -0.12 -60.79 24.69
N VAL O 504 -0.80 -61.31 25.74
CA VAL O 504 -0.17 -61.64 26.99
C VAL O 504 -0.71 -63.00 27.22
N ASP O 505 0.12 -64.03 26.94
CA ASP O 505 -0.31 -65.40 27.01
C ASP O 505 0.28 -66.03 28.24
N ALA O 506 1.49 -66.61 28.13
CA ALA O 506 2.13 -67.31 29.21
C ALA O 506 3.51 -67.65 28.73
N TYR O 507 3.97 -66.96 27.67
CA TYR O 507 5.23 -67.17 27.01
C TYR O 507 5.93 -65.84 27.00
N ILE O 508 5.33 -64.81 27.64
CA ILE O 508 5.83 -63.48 27.66
C ILE O 508 6.96 -63.33 28.62
N ASN O 509 8.16 -63.02 28.07
CA ASN O 509 9.43 -62.83 28.75
C ASN O 509 9.72 -63.93 29.71
N ILE O 510 9.58 -65.19 29.25
CA ILE O 510 9.67 -66.35 30.08
C ILE O 510 11.09 -66.54 30.54
N GLY O 511 11.30 -66.40 31.86
CA GLY O 511 12.57 -66.61 32.49
C GLY O 511 13.12 -65.34 33.03
N ALA O 512 12.27 -64.32 33.28
CA ALA O 512 12.77 -63.02 33.63
C ALA O 512 11.68 -62.33 34.37
N ARG O 513 12.06 -61.24 35.06
CA ARG O 513 11.17 -60.43 35.82
C ARG O 513 11.26 -59.15 35.08
N TRP O 514 10.13 -58.77 34.47
CA TRP O 514 10.03 -57.61 33.66
C TRP O 514 8.59 -57.22 33.79
N SER O 515 8.34 -55.91 33.86
CA SER O 515 7.01 -55.35 33.82
C SER O 515 6.86 -54.97 32.39
N LEU O 516 5.70 -55.30 31.79
CA LEU O 516 5.38 -54.94 30.43
C LEU O 516 5.44 -53.45 30.25
N ASP O 517 5.98 -53.03 29.08
CA ASP O 517 6.09 -51.65 28.67
C ASP O 517 4.75 -50.94 28.56
N PRO O 518 3.65 -51.44 27.99
CA PRO O 518 2.37 -50.78 28.08
C PRO O 518 1.68 -50.97 29.42
N MET O 519 2.36 -51.50 30.46
CA MET O 519 1.80 -51.57 31.79
C MET O 519 2.55 -50.69 32.75
N ASP O 520 3.61 -50.00 32.30
CA ASP O 520 4.39 -49.13 33.16
C ASP O 520 3.74 -47.80 33.33
N ASN O 521 2.92 -47.42 32.33
CA ASN O 521 2.23 -46.16 32.30
C ASN O 521 0.79 -46.35 32.66
N VAL O 522 0.40 -47.59 33.02
CA VAL O 522 -0.93 -47.92 33.48
C VAL O 522 -0.86 -47.79 34.97
N ASN O 523 -1.95 -47.32 35.61
CA ASN O 523 -2.06 -47.15 37.05
C ASN O 523 -2.18 -48.52 37.66
N PRO O 524 -1.38 -48.95 38.64
CA PRO O 524 -1.43 -50.32 39.10
C PRO O 524 -2.32 -50.40 40.31
N PHE O 525 -2.86 -49.26 40.78
CA PHE O 525 -3.73 -49.19 41.92
C PHE O 525 -5.16 -49.20 41.45
N ASN O 526 -5.34 -49.22 40.11
CA ASN O 526 -6.60 -49.44 39.45
C ASN O 526 -6.51 -50.85 39.01
N HIS O 527 -6.54 -51.76 40.00
CA HIS O 527 -6.47 -53.17 39.76
C HIS O 527 -7.37 -53.71 40.81
N HIS O 528 -7.92 -54.92 40.56
CA HIS O 528 -8.95 -55.48 41.39
C HIS O 528 -8.32 -56.36 42.44
N ARG O 529 -6.98 -56.57 42.40
CA ARG O 529 -6.26 -57.27 43.44
C ARG O 529 -5.52 -56.27 44.26
N ASN O 530 -5.97 -54.99 44.22
CA ASN O 530 -5.64 -53.97 45.17
C ASN O 530 -6.44 -54.40 46.37
N ALA O 531 -5.77 -54.74 47.49
CA ALA O 531 -6.41 -55.41 48.58
C ALA O 531 -6.79 -54.42 49.62
N GLY O 532 -6.39 -53.15 49.42
CA GLY O 532 -6.80 -52.03 50.23
C GLY O 532 -8.14 -51.62 49.79
N LEU O 533 -8.37 -51.56 48.45
CA LEU O 533 -9.61 -51.11 47.89
C LEU O 533 -10.62 -52.21 47.85
N ARG O 534 -10.20 -53.50 47.91
CA ARG O 534 -11.10 -54.59 48.17
C ARG O 534 -11.67 -54.54 49.56
N TYR O 535 -10.84 -54.18 50.55
CA TYR O 535 -11.25 -54.11 51.92
C TYR O 535 -12.32 -53.09 52.16
N ARG O 536 -12.15 -51.86 51.61
CA ARG O 536 -13.08 -50.77 51.75
C ARG O 536 -14.40 -51.03 51.10
N SER O 537 -14.37 -51.69 49.93
CA SER O 537 -15.55 -52.07 49.19
C SER O 537 -16.45 -53.02 49.93
N MET O 538 -15.86 -54.03 50.62
CA MET O 538 -16.61 -55.13 51.18
C MET O 538 -16.87 -54.88 52.63
N LEU O 539 -16.34 -53.75 53.14
CA LEU O 539 -16.60 -53.25 54.46
C LEU O 539 -17.95 -52.58 54.46
N LEU O 540 -18.47 -52.25 53.26
CA LEU O 540 -19.77 -51.68 53.06
C LEU O 540 -20.71 -52.74 52.53
N GLY O 541 -20.22 -53.98 52.27
CA GLY O 541 -21.02 -55.10 51.83
C GLY O 541 -21.16 -55.14 50.34
N ASN O 542 -21.90 -56.15 49.82
CA ASN O 542 -21.97 -56.53 48.42
C ASN O 542 -23.16 -55.97 47.70
N GLY O 543 -24.01 -55.15 48.35
CA GLY O 543 -25.14 -54.53 47.71
C GLY O 543 -24.70 -53.28 47.04
N ARG O 544 -25.52 -52.77 46.11
CA ARG O 544 -25.30 -51.47 45.50
C ARG O 544 -26.04 -50.41 46.27
N TYR O 545 -26.68 -50.76 47.41
CA TYR O 545 -27.44 -49.84 48.21
C TYR O 545 -26.94 -50.03 49.61
N VAL O 546 -26.31 -48.98 50.19
CA VAL O 546 -25.64 -49.09 51.45
C VAL O 546 -26.10 -47.93 52.31
N PRO O 547 -26.66 -48.09 53.51
CA PRO O 547 -26.89 -47.01 54.43
C PRO O 547 -25.66 -46.93 55.31
N PHE O 548 -24.61 -46.26 54.83
CA PHE O 548 -23.33 -46.13 55.48
C PHE O 548 -23.38 -45.37 56.78
N HIS O 549 -22.48 -45.74 57.72
CA HIS O 549 -22.22 -45.02 58.93
C HIS O 549 -20.72 -44.99 58.95
N ILE O 550 -20.11 -43.80 59.08
CA ILE O 550 -18.67 -43.61 58.94
C ILE O 550 -18.28 -42.51 59.89
N GLN O 551 -17.02 -42.54 60.37
CA GLN O 551 -16.42 -41.55 61.22
C GLN O 551 -15.26 -40.99 60.46
N VAL O 552 -15.11 -39.64 60.41
CA VAL O 552 -14.27 -38.95 59.46
C VAL O 552 -13.38 -38.05 60.30
N PRO O 553 -12.05 -38.13 60.24
CA PRO O 553 -11.18 -37.38 61.12
C PRO O 553 -10.85 -36.02 60.56
N GLN O 554 -10.16 -35.17 61.38
CA GLN O 554 -9.66 -33.87 60.99
C GLN O 554 -8.26 -34.09 60.48
N LYS O 555 -7.86 -33.34 59.42
CA LYS O 555 -6.59 -33.50 58.77
C LYS O 555 -5.90 -32.16 58.61
N PHE O 556 -6.56 -31.02 58.91
CA PHE O 556 -5.93 -29.72 58.78
C PHE O 556 -4.95 -29.56 59.90
N PHE O 557 -3.69 -29.21 59.56
CA PHE O 557 -2.56 -29.27 60.47
C PHE O 557 -2.50 -27.95 61.16
N ALA O 558 -3.06 -27.90 62.37
CA ALA O 558 -3.12 -26.73 63.20
C ALA O 558 -4.15 -27.02 64.24
N ILE O 559 -5.22 -27.76 63.86
CA ILE O 559 -6.34 -27.99 64.72
C ILE O 559 -6.64 -29.45 64.80
N LYS O 560 -5.74 -30.32 64.30
CA LYS O 560 -5.93 -31.76 64.39
C LYS O 560 -5.19 -32.29 65.58
N SER O 561 -4.59 -31.39 66.39
CA SER O 561 -3.82 -31.80 67.54
C SER O 561 -3.82 -30.65 68.49
N LEU O 562 -4.64 -29.61 68.26
CA LEU O 562 -4.79 -28.48 69.14
C LEU O 562 -5.39 -28.90 70.45
N LEU O 563 -5.02 -28.22 71.57
CA LEU O 563 -5.65 -28.47 72.84
C LEU O 563 -6.42 -27.21 73.06
N LEU O 564 -7.75 -27.33 72.97
CA LEU O 564 -8.68 -26.24 72.95
C LEU O 564 -9.15 -26.02 74.36
N LEU O 565 -8.88 -24.83 74.93
CA LEU O 565 -9.20 -24.47 76.28
C LEU O 565 -10.66 -24.11 76.39
N PRO O 566 -11.27 -24.02 77.58
CA PRO O 566 -12.58 -23.48 77.84
C PRO O 566 -13.05 -22.30 77.04
N GLY O 567 -14.27 -22.39 76.50
CA GLY O 567 -14.83 -21.37 75.68
C GLY O 567 -15.94 -21.97 74.91
N SER O 568 -16.57 -21.13 74.08
CA SER O 568 -17.63 -21.45 73.17
C SER O 568 -17.02 -21.11 71.85
N TYR O 569 -17.15 -21.98 70.83
CA TYR O 569 -16.42 -21.79 69.60
C TYR O 569 -17.31 -22.28 68.51
N THR O 570 -17.28 -21.61 67.35
CA THR O 570 -17.92 -22.00 66.12
C THR O 570 -16.96 -22.85 65.35
N TYR O 571 -17.48 -23.95 64.78
CA TYR O 571 -16.73 -24.95 64.09
C TYR O 571 -17.59 -25.26 62.89
N GLU O 572 -17.08 -25.13 61.64
CA GLU O 572 -17.92 -25.32 60.48
C GLU O 572 -17.04 -25.90 59.43
N TRP O 573 -17.54 -26.93 58.68
CA TRP O 573 -16.79 -27.54 57.61
C TRP O 573 -17.72 -27.90 56.50
N ASN O 574 -17.27 -27.78 55.23
CA ASN O 574 -17.98 -28.22 54.04
C ASN O 574 -17.57 -29.64 53.69
N PHE O 575 -18.47 -30.40 53.01
CA PHE O 575 -18.31 -31.80 52.67
C PHE O 575 -18.64 -32.03 51.22
N ARG O 576 -17.70 -32.55 50.39
CA ARG O 576 -17.90 -32.78 48.98
C ARG O 576 -18.87 -33.91 48.76
N LYS O 577 -19.88 -33.69 47.90
CA LYS O 577 -20.95 -34.62 47.64
C LYS O 577 -20.75 -35.28 46.31
N ASP O 578 -19.68 -34.90 45.55
CA ASP O 578 -19.32 -35.46 44.26
C ASP O 578 -18.90 -36.89 44.41
N VAL O 579 -19.54 -37.82 43.64
CA VAL O 579 -19.27 -39.23 43.63
C VAL O 579 -17.89 -39.62 43.21
N ASN O 580 -17.32 -39.02 42.14
CA ASN O 580 -16.01 -39.37 41.63
C ASN O 580 -14.95 -39.11 42.64
N MET O 581 -15.08 -37.97 43.34
CA MET O 581 -14.18 -37.48 44.33
C MET O 581 -14.10 -38.41 45.52
N ILE O 582 -15.25 -38.94 46.00
CA ILE O 582 -15.34 -39.62 47.27
C ILE O 582 -15.59 -41.09 47.12
N LEU O 583 -15.34 -41.69 45.94
CA LEU O 583 -15.50 -43.11 45.73
C LEU O 583 -14.38 -43.47 44.83
N GLN O 584 -13.89 -44.73 44.96
CA GLN O 584 -12.74 -45.18 44.24
C GLN O 584 -13.14 -46.42 43.53
N SER O 585 -12.78 -46.54 42.24
CA SER O 585 -13.13 -47.62 41.37
C SER O 585 -11.88 -48.36 41.03
N SER O 586 -12.01 -49.64 40.64
CA SER O 586 -10.90 -50.49 40.28
C SER O 586 -10.65 -50.44 38.81
N LEU O 587 -11.54 -49.81 38.03
CA LEU O 587 -11.33 -49.61 36.62
C LEU O 587 -11.08 -48.16 36.40
N GLY O 588 -11.56 -47.30 37.32
CA GLY O 588 -11.34 -45.88 37.28
C GLY O 588 -12.29 -45.20 36.34
N ASN O 589 -13.42 -45.88 36.03
CA ASN O 589 -14.51 -45.37 35.24
C ASN O 589 -15.21 -44.22 35.92
N ASP O 590 -15.80 -43.32 35.11
CA ASP O 590 -16.64 -42.22 35.52
C ASP O 590 -17.86 -42.79 36.20
N LEU O 591 -18.31 -42.17 37.32
CA LEU O 591 -19.40 -42.66 38.12
C LEU O 591 -20.50 -41.65 38.15
N ARG O 592 -20.38 -40.54 37.40
CA ARG O 592 -21.46 -39.60 37.22
C ARG O 592 -22.21 -39.94 35.97
N THR O 593 -21.63 -40.81 35.10
CA THR O 593 -22.30 -41.29 33.92
C THR O 593 -22.95 -42.60 34.27
N ASP O 594 -22.79 -43.03 35.55
CA ASP O 594 -23.32 -44.26 36.08
C ASP O 594 -24.20 -43.82 37.21
N GLY O 595 -24.99 -44.77 37.74
CA GLY O 595 -26.01 -44.53 38.72
C GLY O 595 -25.55 -44.22 40.12
N ALA O 596 -24.23 -43.99 40.37
CA ALA O 596 -23.77 -43.62 41.67
C ALA O 596 -24.26 -42.25 42.05
N SER O 597 -24.77 -42.15 43.29
CA SER O 597 -25.27 -40.93 43.86
C SER O 597 -25.11 -41.17 45.32
N ILE O 598 -24.92 -40.11 46.10
CA ILE O 598 -24.64 -40.23 47.49
C ILE O 598 -25.23 -39.01 48.09
N SER O 599 -25.87 -39.17 49.27
CA SER O 599 -26.46 -38.06 49.94
C SER O 599 -26.24 -38.32 51.39
N PHE O 600 -26.38 -37.23 52.17
CA PHE O 600 -26.03 -37.17 53.56
C PHE O 600 -27.26 -36.77 54.28
N THR O 601 -27.62 -37.53 55.32
CA THR O 601 -28.70 -37.19 56.21
C THR O 601 -28.07 -37.30 57.56
N SER O 602 -27.98 -36.16 58.29
CA SER O 602 -27.42 -36.10 59.63
C SER O 602 -25.93 -36.26 59.70
N ILE O 603 -25.22 -35.20 60.14
CA ILE O 603 -23.81 -35.28 60.41
C ILE O 603 -23.75 -34.68 61.78
N ASN O 604 -23.18 -35.43 62.75
CA ASN O 604 -22.94 -35.08 64.12
C ASN O 604 -21.49 -34.93 64.35
N LEU O 605 -21.06 -34.23 65.43
CA LEU O 605 -19.68 -34.08 65.80
C LEU O 605 -19.52 -34.67 67.18
N TYR O 606 -18.47 -35.49 67.41
CA TYR O 606 -18.19 -36.14 68.68
C TYR O 606 -16.89 -35.63 69.21
N ALA O 607 -16.88 -35.27 70.50
CA ALA O 607 -15.79 -34.74 71.27
C ALA O 607 -15.62 -35.65 72.43
N THR O 608 -14.39 -36.09 72.72
CA THR O 608 -14.13 -37.07 73.75
C THR O 608 -13.27 -36.35 74.74
N PHE O 609 -13.81 -36.10 75.93
CA PHE O 609 -13.21 -35.27 76.94
C PHE O 609 -12.58 -36.17 77.95
N PHE O 610 -11.28 -35.95 78.24
CA PHE O 610 -10.59 -36.54 79.35
C PHE O 610 -11.20 -36.00 80.63
N PRO O 611 -11.57 -36.77 81.65
CA PRO O 611 -12.17 -36.23 82.85
C PRO O 611 -11.03 -35.94 83.79
N MET O 612 -10.23 -34.92 83.46
CA MET O 612 -9.23 -34.31 84.29
C MET O 612 -9.90 -33.72 85.49
N ALA O 613 -9.20 -33.74 86.64
CA ALA O 613 -9.65 -33.17 87.88
C ALA O 613 -9.81 -31.68 87.71
N HIS O 614 -10.78 -31.11 88.46
CA HIS O 614 -11.21 -29.74 88.38
C HIS O 614 -10.13 -28.74 88.67
N ASN O 615 -9.24 -29.03 89.63
CA ASN O 615 -8.36 -28.01 90.16
C ASN O 615 -6.97 -28.24 89.67
N THR O 616 -6.75 -29.25 88.79
CA THR O 616 -5.47 -29.38 88.13
C THR O 616 -5.72 -29.03 86.69
N ALA O 617 -7.00 -28.94 86.28
CA ALA O 617 -7.41 -28.49 84.98
C ALA O 617 -7.41 -26.99 84.94
N SER O 618 -7.57 -26.32 86.12
CA SER O 618 -7.60 -24.88 86.17
C SER O 618 -6.19 -24.36 86.24
N THR O 619 -5.24 -25.17 86.76
CA THR O 619 -3.83 -24.91 86.76
C THR O 619 -3.30 -24.90 85.35
N LEU O 620 -3.71 -25.92 84.56
CA LEU O 620 -3.35 -26.13 83.19
C LEU O 620 -3.85 -25.00 82.33
N GLU O 621 -5.09 -24.54 82.55
CA GLU O 621 -5.72 -23.48 81.80
C GLU O 621 -4.98 -22.19 81.95
N ALA O 622 -4.60 -21.84 83.20
CA ALA O 622 -3.92 -20.62 83.57
C ALA O 622 -2.60 -20.49 82.90
N MET O 623 -1.86 -21.61 82.83
CA MET O 623 -0.58 -21.77 82.18
C MET O 623 -0.64 -21.49 80.72
N LEU O 624 -1.71 -21.94 80.04
CA LEU O 624 -1.78 -21.93 78.61
C LEU O 624 -2.55 -20.73 78.13
N ARG O 625 -2.82 -19.74 79.01
CA ARG O 625 -3.34 -18.46 78.61
C ARG O 625 -2.17 -17.53 78.43
N ASN O 626 -0.92 -18.00 78.66
CA ASN O 626 0.29 -17.21 78.53
C ASN O 626 0.65 -17.21 77.08
N ASP O 627 1.34 -16.14 76.63
CA ASP O 627 1.73 -15.96 75.25
C ASP O 627 3.13 -16.47 75.06
N THR O 628 3.68 -17.17 76.08
CA THR O 628 4.96 -17.83 76.00
C THR O 628 4.72 -19.31 76.07
N ASN O 629 3.47 -19.75 76.31
CA ASN O 629 3.13 -21.14 76.44
C ASN O 629 2.21 -21.49 75.31
N ASP O 630 2.05 -20.59 74.33
CA ASP O 630 1.20 -20.78 73.19
C ASP O 630 1.73 -21.88 72.32
N GLN O 631 0.81 -22.79 71.95
CA GLN O 631 1.03 -24.01 71.21
C GLN O 631 1.52 -23.72 69.82
N SER O 632 2.28 -24.66 69.22
CA SER O 632 2.91 -24.45 67.96
C SER O 632 2.82 -25.77 67.26
N PHE O 633 2.57 -25.73 65.94
CA PHE O 633 2.34 -26.89 65.13
C PHE O 633 2.98 -26.57 63.83
N ASN O 634 3.12 -27.58 62.96
CA ASN O 634 3.67 -27.41 61.66
C ASN O 634 3.02 -28.48 60.87
N ASP O 635 2.96 -28.30 59.53
CA ASP O 635 2.48 -29.28 58.59
C ASP O 635 3.56 -30.31 58.45
N TYR O 636 3.19 -31.61 58.33
CA TYR O 636 4.15 -32.70 58.28
C TYR O 636 5.00 -32.61 57.05
N LEU O 637 4.35 -32.44 55.89
CA LEU O 637 5.01 -32.10 54.67
C LEU O 637 4.67 -30.67 54.50
N SER O 638 5.67 -29.81 54.77
CA SER O 638 5.55 -28.39 54.62
C SER O 638 5.87 -28.13 53.19
N ALA O 639 4.91 -27.52 52.48
CA ALA O 639 4.92 -27.55 51.05
C ALA O 639 4.28 -26.33 50.50
N ALA O 640 4.80 -25.93 49.32
CA ALA O 640 4.22 -24.97 48.44
C ALA O 640 4.15 -25.80 47.19
N ASN O 641 2.95 -25.94 46.62
CA ASN O 641 2.60 -27.00 45.71
C ASN O 641 2.26 -26.32 44.44
N MET O 642 2.84 -26.83 43.32
CA MET O 642 2.72 -26.19 42.05
C MET O 642 2.57 -27.31 41.06
N LEU O 643 1.67 -27.13 40.07
CA LEU O 643 1.39 -28.07 39.02
C LEU O 643 1.65 -27.30 37.75
N TYR O 644 2.45 -27.89 36.84
CA TYR O 644 2.86 -27.30 35.60
C TYR O 644 2.52 -28.27 34.52
N PRO O 645 1.61 -28.02 33.58
CA PRO O 645 1.30 -28.94 32.50
C PRO O 645 2.48 -29.40 31.70
N ILE O 646 2.44 -30.65 31.21
CA ILE O 646 3.34 -31.22 30.26
C ILE O 646 2.45 -31.50 29.07
N PRO O 647 2.51 -30.86 27.92
CA PRO O 647 1.78 -31.25 26.72
C PRO O 647 2.00 -32.68 26.32
N ALA O 648 1.13 -33.26 25.45
CA ALA O 648 1.28 -34.61 24.97
C ALA O 648 2.50 -34.76 24.11
N ASN O 649 3.45 -35.61 24.58
CA ASN O 649 4.67 -36.01 23.92
C ASN O 649 5.75 -34.99 24.06
N ALA O 650 5.58 -33.98 24.95
CA ALA O 650 6.60 -33.02 25.27
C ALA O 650 7.71 -33.69 26.01
N THR O 651 8.96 -33.26 25.75
CA THR O 651 10.14 -33.92 26.23
C THR O 651 10.79 -33.07 27.29
N ASN O 652 10.40 -31.79 27.43
CA ASN O 652 11.04 -30.87 28.35
C ASN O 652 9.98 -29.96 28.83
N VAL O 653 10.02 -29.61 30.14
CA VAL O 653 9.20 -28.56 30.69
C VAL O 653 10.12 -27.70 31.52
N PRO O 654 10.53 -26.53 31.03
CA PRO O 654 11.07 -25.42 31.82
C PRO O 654 10.16 -24.91 32.88
N ILE O 655 10.73 -24.46 34.03
CA ILE O 655 10.07 -23.79 35.12
C ILE O 655 10.81 -22.50 35.27
N SER O 656 10.08 -21.38 35.45
CA SER O 656 10.64 -20.10 35.79
C SER O 656 9.97 -19.71 37.07
N ILE O 657 10.68 -18.98 37.97
CA ILE O 657 10.12 -18.45 39.19
C ILE O 657 10.78 -17.09 39.30
N PRO O 658 10.07 -15.98 39.53
CA PRO O 658 10.62 -14.68 39.87
C PRO O 658 11.54 -14.66 41.06
N SER O 659 12.31 -13.57 41.26
CA SER O 659 13.20 -13.42 42.39
C SER O 659 12.44 -13.47 43.69
N ARG O 660 12.99 -14.18 44.70
CA ARG O 660 12.38 -14.43 45.97
C ARG O 660 13.47 -14.52 46.98
N ASN O 661 13.24 -14.07 48.22
CA ASN O 661 14.12 -14.36 49.33
C ASN O 661 13.87 -15.81 49.70
N TRP O 662 14.91 -16.65 49.63
CA TRP O 662 14.83 -18.09 49.80
C TRP O 662 15.26 -18.49 51.19
N ALA O 663 15.07 -17.60 52.18
CA ALA O 663 15.35 -17.88 53.57
C ALA O 663 14.51 -19.02 54.06
N ALA O 664 15.17 -20.00 54.70
CA ALA O 664 14.60 -21.17 55.31
C ALA O 664 13.96 -22.10 54.31
N PHE O 665 14.64 -22.33 53.17
CA PHE O 665 14.17 -23.18 52.12
C PHE O 665 14.74 -24.54 52.37
N ARG O 666 14.04 -25.59 51.88
CA ARG O 666 14.46 -26.96 51.98
C ARG O 666 14.18 -27.53 50.63
N GLY O 667 14.78 -28.70 50.35
CA GLY O 667 14.78 -29.41 49.09
C GLY O 667 13.51 -29.48 48.28
N TRP O 668 13.66 -29.47 46.95
CA TRP O 668 12.67 -29.82 45.96
C TRP O 668 12.31 -31.28 46.05
N SER O 669 11.07 -31.64 45.66
CA SER O 669 10.63 -33.00 45.56
C SER O 669 9.69 -32.96 44.42
N PHE O 670 9.60 -34.03 43.61
CA PHE O 670 8.86 -33.97 42.38
C PHE O 670 8.47 -35.33 41.95
N THR O 671 7.38 -35.40 41.15
CA THR O 671 6.77 -36.62 40.72
C THR O 671 5.96 -36.23 39.52
N ARG O 672 5.43 -37.20 38.74
CA ARG O 672 4.68 -36.92 37.54
C ARG O 672 3.32 -37.51 37.76
N LEU O 673 2.27 -36.78 37.34
CA LEU O 673 0.88 -37.16 37.49
C LEU O 673 0.31 -37.19 36.10
N LYS O 674 -1.01 -37.45 36.00
CA LYS O 674 -1.78 -37.42 34.78
C LYS O 674 -2.86 -36.43 34.95
N THR O 675 -3.11 -35.65 33.87
CA THR O 675 -4.10 -34.60 33.81
C THR O 675 -5.50 -35.11 34.04
N LYS O 676 -5.84 -36.31 33.51
CA LYS O 676 -7.16 -36.87 33.69
C LYS O 676 -7.35 -37.43 35.07
N GLU O 677 -6.27 -37.67 35.84
CA GLU O 677 -6.34 -38.37 37.10
C GLU O 677 -6.18 -37.43 38.24
N THR O 678 -5.99 -36.12 37.97
CA THR O 678 -5.75 -35.14 39.00
C THR O 678 -6.89 -34.17 38.86
N PRO O 679 -7.65 -33.85 39.91
CA PRO O 679 -8.70 -32.86 39.83
C PRO O 679 -8.09 -31.52 40.14
N SER O 680 -8.70 -30.42 39.63
CA SER O 680 -8.32 -29.06 39.95
C SER O 680 -8.55 -28.77 41.42
N LEU O 681 -7.62 -28.00 42.04
CA LEU O 681 -7.67 -27.68 43.45
C LEU O 681 -7.74 -26.19 43.57
N GLY O 682 -8.56 -25.72 44.53
CA GLY O 682 -8.78 -24.32 44.82
C GLY O 682 -10.18 -23.96 44.43
N SER O 683 -10.85 -24.88 43.68
CA SER O 683 -12.19 -24.68 43.19
C SER O 683 -12.93 -25.92 43.54
N GLY O 684 -14.05 -25.77 44.27
CA GLY O 684 -14.89 -26.86 44.67
C GLY O 684 -15.71 -27.28 43.50
N PHE O 685 -15.69 -28.60 43.20
CA PHE O 685 -16.28 -29.24 42.04
C PHE O 685 -15.41 -28.97 40.85
N ASP O 686 -14.98 -30.04 40.16
CA ASP O 686 -14.27 -29.95 38.91
C ASP O 686 -15.16 -30.66 37.95
N PRO O 687 -15.76 -30.04 36.93
CA PRO O 687 -16.71 -30.70 36.09
C PRO O 687 -16.04 -31.57 35.06
N TYR O 688 -14.73 -31.42 34.83
CA TYR O 688 -14.04 -32.05 33.72
C TYR O 688 -13.35 -33.29 34.20
N PHE O 689 -13.46 -33.59 35.51
CA PHE O 689 -12.85 -34.72 36.15
C PHE O 689 -13.81 -35.86 36.02
N VAL O 690 -13.52 -36.82 35.13
CA VAL O 690 -14.42 -37.90 34.80
C VAL O 690 -13.77 -39.23 35.10
N TYR O 691 -12.90 -39.24 36.13
CA TYR O 691 -12.12 -40.37 36.52
C TYR O 691 -12.46 -40.64 37.96
N SER O 692 -12.51 -41.91 38.38
CA SER O 692 -12.83 -42.26 39.75
C SER O 692 -11.79 -43.17 40.33
N GLY O 693 -10.72 -43.53 39.60
CA GLY O 693 -9.65 -44.35 40.14
C GLY O 693 -8.81 -43.59 41.11
N SER O 694 -7.70 -44.19 41.59
CA SER O 694 -6.82 -43.58 42.57
C SER O 694 -6.25 -42.28 42.10
N ILE O 695 -6.27 -41.26 42.97
CA ILE O 695 -5.84 -39.92 42.63
C ILE O 695 -4.47 -39.86 43.25
N PRO O 696 -3.36 -39.85 42.53
CA PRO O 696 -2.04 -39.92 43.11
C PRO O 696 -1.66 -38.64 43.79
N TYR O 697 -2.32 -37.53 43.43
CA TYR O 697 -2.12 -36.21 43.96
C TYR O 697 -2.41 -36.19 45.44
N LEU O 698 -3.47 -36.92 45.86
CA LEU O 698 -4.00 -36.83 47.20
C LEU O 698 -3.81 -38.11 47.97
N ASP O 699 -3.45 -39.22 47.30
CA ASP O 699 -3.36 -40.52 47.95
C ASP O 699 -1.92 -40.94 48.06
N GLY O 700 -1.02 -40.30 47.28
CA GLY O 700 0.41 -40.60 47.28
C GLY O 700 0.71 -41.86 46.52
N THR O 701 -0.17 -42.26 45.59
CA THR O 701 -0.06 -43.46 44.80
C THR O 701 0.61 -43.15 43.49
N PHE O 702 1.82 -42.54 43.54
CA PHE O 702 2.67 -42.21 42.41
C PHE O 702 3.14 -43.45 41.72
N TYR O 703 3.44 -43.39 40.40
CA TYR O 703 3.84 -44.57 39.68
C TYR O 703 4.50 -44.20 38.38
N LEU O 704 4.71 -42.89 38.09
CA LEU O 704 5.27 -42.48 36.83
C LEU O 704 6.68 -42.00 37.06
N ASN O 705 7.26 -42.31 38.23
CA ASN O 705 8.60 -41.93 38.58
C ASN O 705 9.52 -42.99 38.07
N HIS O 706 9.97 -42.83 36.82
CA HIS O 706 10.79 -43.76 36.09
C HIS O 706 10.76 -43.27 34.68
N THR O 707 10.18 -42.06 34.44
CA THR O 707 10.08 -41.46 33.12
C THR O 707 11.01 -40.28 33.13
N PHE O 708 11.26 -39.69 34.32
CA PHE O 708 12.18 -38.61 34.54
C PHE O 708 13.56 -38.97 34.10
N LYS O 709 14.31 -37.99 33.57
CA LYS O 709 15.52 -38.25 32.84
C LYS O 709 16.54 -37.20 33.17
N LYS O 710 16.15 -35.98 33.59
CA LYS O 710 17.14 -35.04 34.09
C LYS O 710 16.41 -34.02 34.89
N VAL O 711 17.15 -33.27 35.72
CA VAL O 711 16.68 -32.11 36.43
C VAL O 711 17.82 -31.14 36.48
N SER O 712 17.58 -29.86 36.18
CA SER O 712 18.57 -28.81 36.21
C SER O 712 18.06 -27.83 37.22
N ILE O 713 18.95 -27.27 38.07
CA ILE O 713 18.59 -26.24 39.03
C ILE O 713 19.54 -25.13 38.69
N THR O 714 19.06 -23.88 38.68
CA THR O 714 19.81 -22.71 38.29
C THR O 714 19.33 -21.60 39.19
N PHE O 715 20.21 -20.73 39.72
CA PHE O 715 19.80 -19.53 40.40
C PHE O 715 20.40 -18.42 39.61
N ASP O 716 19.53 -17.45 39.25
CA ASP O 716 19.82 -16.20 38.59
C ASP O 716 19.99 -16.42 37.10
N SER O 717 19.75 -17.67 36.64
CA SER O 717 19.68 -18.05 35.25
C SER O 717 21.06 -18.06 34.66
N SER O 718 22.10 -18.23 35.51
CA SER O 718 23.46 -18.13 35.04
C SER O 718 24.37 -18.92 35.93
N VAL O 719 23.89 -19.48 37.07
CA VAL O 719 24.76 -20.22 37.95
C VAL O 719 24.01 -21.47 38.28
N SER O 720 24.61 -22.64 37.95
CA SER O 720 24.12 -23.93 38.34
C SER O 720 24.28 -24.15 39.81
N TRP O 721 23.23 -24.64 40.48
CA TRP O 721 23.30 -25.04 41.86
C TRP O 721 24.21 -26.25 42.06
N PRO O 722 24.25 -27.24 41.17
CA PRO O 722 25.35 -28.22 41.18
C PRO O 722 26.42 -27.60 40.30
N GLY O 723 27.17 -26.63 40.86
CA GLY O 723 28.13 -25.83 40.15
C GLY O 723 29.43 -25.81 40.87
N ASN O 724 29.52 -26.49 42.04
CA ASN O 724 30.76 -26.63 42.76
C ASN O 724 31.40 -27.92 42.31
N ASP O 725 30.87 -28.52 41.22
CA ASP O 725 31.37 -29.69 40.54
C ASP O 725 31.28 -30.85 41.45
N ARG O 726 30.04 -31.14 41.94
CA ARG O 726 29.79 -32.14 42.94
C ARG O 726 29.40 -33.43 42.29
N LEU O 727 29.25 -33.45 40.94
CA LEU O 727 28.64 -34.54 40.24
C LEU O 727 29.53 -34.84 39.08
N LEU O 728 29.51 -36.12 38.61
CA LEU O 728 30.28 -36.63 37.50
C LEU O 728 29.94 -35.94 36.21
N THR O 729 28.62 -35.69 35.99
CA THR O 729 28.15 -34.83 34.92
C THR O 729 27.96 -33.49 35.59
N PRO O 730 28.72 -32.43 35.31
CA PRO O 730 28.98 -31.39 36.30
C PRO O 730 27.76 -30.54 36.51
N ASN O 731 27.12 -30.07 35.43
CA ASN O 731 25.88 -29.33 35.48
C ASN O 731 24.85 -30.40 35.30
N GLU O 732 23.74 -30.32 36.07
CA GLU O 732 22.59 -31.20 36.01
C GLU O 732 22.82 -32.47 36.77
N PHE O 733 21.74 -32.96 37.41
CA PHE O 733 21.58 -34.32 37.88
C PHE O 733 20.97 -35.01 36.70
N GLU O 734 21.30 -36.31 36.48
CA GLU O 734 20.62 -37.11 35.50
C GLU O 734 20.03 -38.21 36.29
N ILE O 735 18.78 -38.57 35.95
CA ILE O 735 17.98 -39.49 36.72
C ILE O 735 18.26 -40.87 36.20
N LYS O 736 18.52 -40.96 34.88
CA LYS O 736 18.81 -42.22 34.28
C LYS O 736 19.54 -41.93 33.01
N ARG O 737 20.18 -42.97 32.43
CA ARG O 737 21.01 -42.83 31.28
C ARG O 737 20.37 -43.60 30.17
N THR O 738 20.27 -42.93 29.01
CA THR O 738 19.92 -43.50 27.75
C THR O 738 21.13 -43.13 26.95
N VAL O 739 21.80 -44.15 26.36
CA VAL O 739 23.08 -44.08 25.69
C VAL O 739 24.11 -44.01 26.79
N ASP O 740 24.47 -45.18 27.36
CA ASP O 740 25.45 -45.27 28.42
C ASP O 740 26.54 -46.14 27.89
N GLY O 741 27.74 -45.55 27.74
CA GLY O 741 28.92 -46.24 27.26
C GLY O 741 30.05 -45.95 28.19
N GLU O 742 29.79 -45.10 29.22
CA GLU O 742 30.79 -44.64 30.16
C GLU O 742 30.54 -45.23 31.51
N GLY O 743 29.60 -46.21 31.58
CA GLY O 743 29.32 -47.05 32.71
C GLY O 743 28.95 -46.36 33.98
N TYR O 744 28.00 -45.39 33.91
CA TYR O 744 27.64 -44.59 35.07
C TYR O 744 26.34 -45.08 35.64
N ASN O 745 25.97 -46.36 35.47
CA ASN O 745 24.70 -46.88 35.92
C ASN O 745 24.94 -47.82 37.05
N VAL O 746 24.04 -47.78 38.07
CA VAL O 746 23.97 -48.74 39.16
C VAL O 746 23.26 -49.97 38.70
N ALA O 747 23.40 -51.06 39.51
CA ALA O 747 23.17 -52.44 39.15
C ALA O 747 21.87 -52.76 38.46
N GLN O 748 21.99 -53.06 37.15
CA GLN O 748 21.03 -53.67 36.30
C GLN O 748 19.77 -52.88 36.11
N CYS O 749 19.95 -51.56 35.92
CA CYS O 749 18.88 -50.65 35.64
C CYS O 749 19.54 -49.46 35.02
N ASN O 750 18.73 -48.48 34.57
CA ASN O 750 19.21 -47.30 33.90
C ASN O 750 19.68 -46.25 34.84
N MET O 751 19.35 -46.35 36.16
CA MET O 751 19.57 -45.30 37.13
C MET O 751 21.02 -44.93 37.22
N THR O 752 21.31 -43.62 37.36
CA THR O 752 22.65 -43.08 37.38
C THR O 752 23.23 -43.32 38.74
N LYS O 753 24.57 -43.47 38.84
CA LYS O 753 25.30 -43.57 40.09
C LYS O 753 25.16 -42.34 40.91
N ASP O 754 25.21 -41.17 40.24
CA ASP O 754 25.02 -39.88 40.86
C ASP O 754 23.66 -39.74 41.45
N TRP O 755 22.61 -40.17 40.73
CA TRP O 755 21.25 -40.10 41.20
C TRP O 755 21.00 -40.98 42.39
N PHE O 756 21.54 -42.22 42.36
CA PHE O 756 21.40 -43.21 43.39
C PHE O 756 21.97 -42.73 44.68
N LEU O 757 23.14 -42.07 44.63
CA LEU O 757 23.81 -41.47 45.76
C LEU O 757 22.98 -40.40 46.42
N VAL O 758 22.36 -39.50 45.63
CA VAL O 758 21.54 -38.40 46.09
C VAL O 758 20.34 -38.91 46.83
N GLN O 759 19.64 -39.94 46.29
CA GLN O 759 18.45 -40.52 46.86
C GLN O 759 18.69 -41.23 48.16
N MET O 760 19.80 -41.98 48.27
CA MET O 760 20.18 -42.67 49.47
C MET O 760 20.53 -41.73 50.58
N LEU O 761 21.22 -40.62 50.26
CA LEU O 761 21.50 -39.53 51.17
C LEU O 761 20.28 -38.82 51.66
N ALA O 762 19.29 -38.58 50.75
CA ALA O 762 18.07 -37.88 51.02
C ALA O 762 17.22 -38.58 52.05
N HIS O 763 17.11 -39.92 51.96
CA HIS O 763 16.13 -40.66 52.70
C HIS O 763 16.76 -41.46 53.80
N TYR O 764 18.10 -41.41 54.00
CA TYR O 764 18.64 -42.24 55.07
C TYR O 764 20.03 -41.83 55.43
N ASN O 765 20.71 -40.98 54.63
CA ASN O 765 22.03 -40.45 54.94
C ASN O 765 23.08 -41.51 54.78
N ILE O 766 23.25 -42.10 53.58
CA ILE O 766 24.24 -43.14 53.43
C ILE O 766 24.77 -43.01 52.04
N GLY O 767 26.10 -43.14 51.89
CA GLY O 767 26.74 -42.94 50.63
C GLY O 767 28.20 -42.84 50.87
N TYR O 768 28.62 -42.29 52.03
CA TYR O 768 30.00 -42.06 52.34
C TYR O 768 30.52 -43.14 53.25
N GLN O 769 29.65 -44.08 53.68
CA GLN O 769 30.01 -45.19 54.51
C GLN O 769 29.62 -46.43 53.75
N GLY O 770 29.31 -46.32 52.43
CA GLY O 770 28.90 -47.44 51.63
C GLY O 770 27.47 -47.25 51.28
N PHE O 771 26.81 -48.33 50.82
CA PHE O 771 25.42 -48.34 50.45
C PHE O 771 24.82 -49.60 50.98
N TYR O 772 25.05 -49.89 52.27
CA TYR O 772 24.42 -50.97 52.99
C TYR O 772 22.95 -50.65 53.17
N VAL O 773 22.09 -51.69 53.27
CA VAL O 773 20.65 -51.54 53.33
C VAL O 773 20.25 -50.74 54.56
N PRO O 774 19.29 -49.82 54.50
CA PRO O 774 18.75 -49.14 55.66
C PRO O 774 18.07 -50.10 56.60
N GLU O 775 17.86 -49.70 57.87
CA GLU O 775 17.08 -50.43 58.83
C GLU O 775 15.63 -50.20 58.51
N GLY O 776 14.75 -51.14 58.92
CA GLY O 776 13.34 -51.14 58.62
C GLY O 776 12.61 -50.02 59.31
N TYR O 777 13.19 -49.51 60.42
CA TYR O 777 12.72 -48.38 61.20
C TYR O 777 12.68 -47.13 60.36
N LYS O 778 13.69 -46.95 59.49
CA LYS O 778 13.93 -45.72 58.78
C LYS O 778 13.64 -45.95 57.32
N ASP O 779 13.07 -47.12 56.96
CA ASP O 779 12.74 -47.46 55.60
C ASP O 779 11.27 -47.77 55.66
N ARG O 780 10.45 -46.77 55.34
CA ARG O 780 9.01 -46.78 55.52
C ARG O 780 8.38 -47.28 54.26
N MET O 781 7.04 -47.17 54.18
CA MET O 781 6.23 -47.62 53.07
C MET O 781 6.37 -46.75 51.85
N TYR O 782 6.85 -45.49 52.03
CA TYR O 782 6.91 -44.50 50.99
C TYR O 782 8.35 -44.09 50.78
N SER O 783 9.29 -44.75 51.47
CA SER O 783 10.71 -44.51 51.35
C SER O 783 11.20 -45.06 50.03
N PHE O 784 12.26 -44.45 49.48
CA PHE O 784 12.84 -44.77 48.20
C PHE O 784 13.30 -46.19 48.05
N PHE O 785 14.07 -46.69 49.03
CA PHE O 785 14.77 -47.94 48.96
C PHE O 785 13.88 -49.12 48.77
N ARG O 786 12.76 -49.15 49.49
CA ARG O 786 11.79 -50.21 49.54
C ARG O 786 11.14 -50.45 48.21
N ASN O 787 10.91 -49.37 47.44
CA ASN O 787 10.06 -49.37 46.26
C ASN O 787 10.87 -49.41 45.00
N PHE O 788 12.22 -49.44 45.10
CA PHE O 788 13.13 -49.44 43.98
C PHE O 788 13.34 -50.86 43.50
N GLN O 789 12.97 -51.19 42.24
CA GLN O 789 13.09 -52.52 41.71
C GLN O 789 13.75 -52.43 40.34
N PRO O 790 15.05 -52.73 40.18
CA PRO O 790 15.71 -53.10 38.93
C PRO O 790 15.14 -54.30 38.21
N MET O 791 15.26 -54.34 36.87
CA MET O 791 14.80 -55.43 36.07
C MET O 791 15.48 -55.42 34.73
N SER O 792 15.57 -56.59 34.04
CA SER O 792 16.11 -56.66 32.71
C SER O 792 15.61 -57.89 32.00
N ARG O 793 15.59 -57.84 30.66
CA ARG O 793 15.29 -58.96 29.79
C ARG O 793 16.24 -58.85 28.65
N GLN O 794 16.36 -59.93 27.85
CA GLN O 794 17.07 -59.95 26.60
C GLN O 794 16.03 -60.31 25.56
N VAL O 795 15.97 -59.54 24.44
CA VAL O 795 15.00 -59.70 23.39
C VAL O 795 15.67 -59.49 22.07
N VAL O 796 15.25 -60.27 21.05
CA VAL O 796 15.83 -60.38 19.73
C VAL O 796 15.79 -59.08 18.99
N ASP O 797 16.89 -58.78 18.26
CA ASP O 797 17.06 -57.58 17.47
C ASP O 797 16.78 -57.90 16.02
N GLU O 798 17.56 -57.31 15.10
CA GLU O 798 17.39 -57.46 13.68
C GLU O 798 18.66 -56.96 13.06
N VAL O 799 19.55 -56.35 13.88
CA VAL O 799 20.78 -55.77 13.41
C VAL O 799 21.91 -56.70 13.72
N ASN O 800 21.62 -57.93 14.20
CA ASN O 800 22.61 -58.95 14.36
C ASN O 800 21.98 -60.26 13.99
N TYR O 801 20.64 -60.42 14.10
CA TYR O 801 20.00 -61.68 13.85
C TYR O 801 19.49 -61.63 12.44
N LYS O 802 19.85 -62.65 11.64
CA LYS O 802 19.71 -62.60 10.21
C LYS O 802 18.62 -63.50 9.71
N ASP O 803 17.86 -64.14 10.63
CA ASP O 803 16.74 -64.99 10.26
C ASP O 803 15.51 -64.39 10.88
N TYR O 804 15.61 -63.14 11.38
CA TYR O 804 14.54 -62.38 11.97
C TYR O 804 13.47 -62.11 10.94
N GLN O 805 12.19 -62.33 11.32
CA GLN O 805 11.04 -61.90 10.57
C GLN O 805 10.25 -61.20 11.63
N ALA O 806 9.70 -60.01 11.33
CA ALA O 806 8.80 -59.34 12.24
C ALA O 806 7.42 -59.83 11.96
N VAL O 807 6.93 -60.79 12.78
CA VAL O 807 5.62 -61.33 12.65
C VAL O 807 4.79 -60.58 13.65
N THR O 808 3.66 -60.01 13.19
CA THR O 808 2.73 -59.24 14.00
C THR O 808 1.77 -60.22 14.61
N LEU O 809 1.00 -59.76 15.62
CA LEU O 809 0.21 -60.54 16.54
C LEU O 809 -0.79 -61.45 15.88
N ALA O 810 -1.45 -60.97 14.80
CA ALA O 810 -2.43 -61.72 14.06
C ALA O 810 -1.89 -62.99 13.48
N TYR O 811 -0.64 -62.94 12.98
CA TYR O 811 -0.04 -64.00 12.22
C TYR O 811 0.87 -64.85 13.06
N GLN O 812 1.11 -64.44 14.32
CA GLN O 812 1.74 -65.26 15.32
C GLN O 812 0.81 -66.37 15.69
N HIS O 813 1.37 -67.57 15.95
CA HIS O 813 0.59 -68.69 16.37
C HIS O 813 1.51 -69.44 17.23
N ASN O 814 0.95 -70.02 18.30
CA ASN O 814 1.69 -70.75 19.28
C ASN O 814 0.60 -71.22 20.17
N ASN O 815 0.51 -72.55 20.30
CA ASN O 815 -0.41 -73.25 21.15
C ASN O 815 -1.66 -73.53 20.37
N SER O 816 -1.53 -73.67 19.03
CA SER O 816 -2.60 -73.78 18.08
C SER O 816 -3.40 -75.02 18.32
N GLY O 817 -4.74 -74.91 18.23
CA GLY O 817 -5.65 -76.02 18.30
C GLY O 817 -6.10 -76.22 19.71
N PHE O 818 -5.70 -75.32 20.63
CA PHE O 818 -5.88 -75.52 22.03
C PHE O 818 -6.30 -74.20 22.62
N VAL O 819 -6.32 -73.11 21.83
CA VAL O 819 -6.67 -71.79 22.31
C VAL O 819 -7.48 -71.13 21.24
N GLY O 820 -8.34 -70.16 21.62
CA GLY O 820 -9.13 -69.36 20.72
C GLY O 820 -8.26 -68.43 19.92
N TYR O 821 -8.75 -68.00 18.74
CA TYR O 821 -7.98 -67.19 17.83
C TYR O 821 -8.28 -65.75 18.09
N LEU O 822 -7.34 -65.06 18.78
CA LEU O 822 -7.34 -63.63 19.03
C LEU O 822 -8.54 -63.22 19.84
N ALA O 823 -9.07 -64.13 20.68
CA ALA O 823 -10.24 -63.87 21.45
C ALA O 823 -10.24 -64.86 22.57
N PRO O 824 -10.90 -64.64 23.70
CA PRO O 824 -11.06 -65.63 24.75
C PRO O 824 -12.10 -66.69 24.41
N THR O 825 -12.50 -66.86 23.12
CA THR O 825 -13.42 -67.86 22.64
C THR O 825 -12.88 -69.26 22.80
N MET O 826 -13.69 -70.28 22.41
CA MET O 826 -13.34 -71.67 22.33
C MET O 826 -12.21 -71.92 21.38
N ARG O 827 -11.47 -73.03 21.64
CA ARG O 827 -10.32 -73.48 20.92
C ARG O 827 -10.61 -73.72 19.47
N GLN O 828 -9.61 -73.48 18.60
CA GLN O 828 -9.80 -73.66 17.19
C GLN O 828 -8.45 -73.82 16.61
N GLY O 829 -8.35 -74.54 15.47
CA GLY O 829 -7.12 -74.71 14.75
C GLY O 829 -6.67 -76.12 14.94
N GLN O 830 -5.40 -76.40 14.57
CA GLN O 830 -4.79 -77.70 14.61
C GLN O 830 -3.53 -77.63 15.42
N PRO O 831 -3.08 -78.68 16.13
CA PRO O 831 -1.73 -78.82 16.61
C PRO O 831 -0.72 -78.74 15.49
N TYR O 832 0.29 -77.85 15.62
CA TYR O 832 1.23 -77.61 14.57
C TYR O 832 2.40 -77.00 15.30
N PRO O 833 3.64 -76.99 14.80
CA PRO O 833 4.74 -76.23 15.36
C PRO O 833 4.43 -74.79 15.62
N ALA O 834 4.92 -74.23 16.74
CA ALA O 834 4.81 -72.83 17.06
C ALA O 834 5.76 -72.07 16.19
N ASN O 835 5.73 -70.72 16.27
CA ASN O 835 6.54 -69.91 15.41
C ASN O 835 6.66 -68.56 16.06
N TYR O 836 6.11 -68.38 17.28
CA TYR O 836 6.11 -67.07 17.91
C TYR O 836 7.42 -66.74 18.55
N PRO O 837 7.68 -66.91 19.85
CA PRO O 837 8.92 -66.47 20.45
C PRO O 837 10.13 -67.15 19.86
N TYR O 838 11.34 -66.60 20.10
CA TYR O 838 12.56 -67.10 19.52
C TYR O 838 13.32 -67.69 20.67
N PRO O 839 13.99 -68.84 20.56
CA PRO O 839 14.71 -69.47 21.65
C PRO O 839 15.80 -68.59 22.21
N LEU O 840 16.16 -68.80 23.49
CA LEU O 840 17.24 -68.15 24.17
C LEU O 840 17.71 -69.17 25.18
N ILE O 841 17.55 -70.47 24.86
CA ILE O 841 17.83 -71.57 25.75
C ILE O 841 19.22 -72.04 25.44
N GLY O 842 19.42 -72.73 24.30
CA GLY O 842 20.74 -73.19 23.97
C GLY O 842 20.73 -73.84 22.64
N LYS O 843 19.53 -74.18 22.14
CA LYS O 843 19.37 -74.88 20.88
C LYS O 843 18.70 -73.85 20.04
N SER O 844 19.47 -73.29 19.08
CA SER O 844 19.07 -72.25 18.18
C SER O 844 18.76 -70.98 18.92
N ALA O 845 19.60 -70.63 19.91
CA ALA O 845 19.41 -69.47 20.73
C ALA O 845 19.93 -68.30 19.94
N VAL O 846 19.06 -67.29 19.76
CA VAL O 846 19.28 -66.21 18.83
C VAL O 846 20.01 -65.11 19.53
N THR O 847 20.67 -64.20 18.76
CA THR O 847 21.36 -63.03 19.28
C THR O 847 20.34 -62.06 19.81
N SER O 848 20.61 -61.45 20.98
CA SER O 848 19.61 -60.64 21.62
C SER O 848 20.24 -59.52 22.36
N VAL O 849 19.47 -58.43 22.57
CA VAL O 849 19.88 -57.17 23.11
C VAL O 849 19.15 -56.92 24.42
N THR O 850 19.91 -56.62 25.49
CA THR O 850 19.42 -56.28 26.81
C THR O 850 18.62 -54.99 26.86
N GLN O 851 17.45 -55.02 27.55
CA GLN O 851 16.60 -53.90 27.86
C GLN O 851 16.65 -53.86 29.37
N LYS O 852 16.99 -52.71 29.99
CA LYS O 852 17.11 -52.54 31.42
C LYS O 852 16.20 -51.42 31.84
N LYS O 853 15.48 -51.55 32.98
CA LYS O 853 14.75 -50.41 33.51
C LYS O 853 14.44 -50.67 34.96
N PHE O 854 13.88 -49.66 35.63
CA PHE O 854 13.54 -49.66 37.02
C PHE O 854 12.14 -49.14 37.15
N LEU O 855 11.52 -49.34 38.34
CA LEU O 855 10.25 -48.77 38.66
C LEU O 855 10.35 -48.32 40.09
N CYS O 856 9.82 -47.11 40.39
CA CYS O 856 9.60 -46.66 41.74
C CYS O 856 8.16 -46.24 41.76
N ASP O 857 7.41 -46.72 42.77
CA ASP O 857 6.01 -46.39 42.94
C ASP O 857 5.87 -46.01 44.38
N ARG O 858 5.20 -44.87 44.65
CA ARG O 858 4.89 -44.34 45.96
C ARG O 858 6.06 -43.56 46.49
N VAL O 859 6.99 -43.18 45.59
CA VAL O 859 8.19 -42.47 45.93
C VAL O 859 8.03 -41.17 45.21
N MET O 860 8.40 -40.06 45.88
CA MET O 860 8.66 -38.81 45.21
C MET O 860 10.14 -38.68 45.29
N TRP O 861 10.73 -38.25 44.16
CA TRP O 861 12.12 -37.89 44.00
C TRP O 861 12.40 -36.72 44.86
N ARG O 862 13.62 -36.59 45.40
CA ARG O 862 13.88 -35.55 46.34
C ARG O 862 15.32 -35.17 46.21
N ILE O 863 15.59 -33.86 46.21
CA ILE O 863 16.94 -33.36 46.22
C ILE O 863 16.86 -32.43 47.38
N PRO O 864 17.57 -32.64 48.47
CA PRO O 864 17.78 -31.68 49.55
C PRO O 864 18.37 -30.39 49.08
N PHE O 865 18.15 -29.28 49.82
CA PHE O 865 18.79 -28.00 49.54
C PHE O 865 19.83 -27.90 50.62
N SER O 866 20.93 -28.66 50.46
CA SER O 866 21.94 -28.78 51.48
C SER O 866 23.21 -28.95 50.71
N SER O 867 24.34 -28.48 51.28
CA SER O 867 25.62 -28.46 50.61
C SER O 867 26.20 -29.85 50.46
N ASN O 868 25.83 -30.74 51.39
CA ASN O 868 26.08 -32.14 51.35
C ASN O 868 24.70 -32.67 51.59
N PHE O 869 24.22 -33.57 50.73
CA PHE O 869 22.81 -33.89 50.62
C PHE O 869 22.26 -34.64 51.78
N MET O 870 23.12 -35.22 52.66
CA MET O 870 22.69 -35.75 53.94
C MET O 870 21.97 -34.73 54.77
N SER O 871 20.97 -35.21 55.53
CA SER O 871 20.08 -34.40 56.32
C SER O 871 20.77 -34.03 57.60
N MET O 872 20.58 -32.81 58.10
CA MET O 872 21.17 -32.32 59.35
C MET O 872 20.15 -31.48 60.12
N GLY O 873 19.02 -32.06 60.45
CA GLY O 873 17.92 -31.33 61.06
C GLY O 873 17.12 -30.53 60.05
N ALA O 874 15.97 -30.04 60.50
CA ALA O 874 14.94 -29.50 59.64
C ALA O 874 15.41 -28.26 58.89
N LEU O 875 15.95 -27.26 59.60
CA LEU O 875 16.41 -26.07 58.95
C LEU O 875 17.77 -26.41 58.43
N THR O 876 17.93 -26.38 57.09
CA THR O 876 19.14 -26.76 56.40
C THR O 876 20.13 -25.65 56.52
N ASP O 877 21.38 -25.90 56.07
CA ASP O 877 22.47 -25.01 56.26
C ASP O 877 22.54 -24.03 55.11
N LEU O 878 21.64 -24.17 54.12
CA LEU O 878 21.57 -23.29 52.99
C LEU O 878 20.33 -22.44 53.11
N GLY O 879 19.49 -22.69 54.14
CA GLY O 879 18.36 -21.87 54.47
C GLY O 879 18.82 -20.72 55.30
N GLN O 880 19.94 -20.92 56.02
CA GLN O 880 20.53 -19.96 56.91
C GLN O 880 21.67 -19.29 56.18
N ASN O 881 21.96 -19.73 54.93
CA ASN O 881 22.98 -19.16 54.10
C ASN O 881 22.33 -18.20 53.15
N MET O 882 21.01 -17.93 53.31
CA MET O 882 20.29 -16.86 52.63
C MET O 882 20.04 -15.75 53.61
N LEU O 883 20.77 -15.85 54.74
CA LEU O 883 20.94 -14.86 55.77
C LEU O 883 22.41 -14.58 55.82
N TYR O 884 23.22 -15.43 55.12
CA TYR O 884 24.60 -15.15 54.84
C TYR O 884 24.65 -14.99 53.36
N ALA O 885 23.50 -14.69 52.74
CA ALA O 885 23.42 -14.32 51.35
C ALA O 885 22.07 -13.71 51.22
N ASN O 886 21.84 -12.58 51.95
CA ASN O 886 20.59 -11.83 51.93
C ASN O 886 20.48 -11.25 50.57
N SER O 887 19.33 -11.51 49.91
CA SER O 887 19.12 -11.19 48.55
C SER O 887 17.96 -12.02 48.14
N ALA O 888 17.45 -11.75 46.93
CA ALA O 888 16.43 -12.52 46.30
C ALA O 888 17.00 -13.00 45.00
N HIS O 889 16.90 -14.32 44.69
CA HIS O 889 17.43 -14.82 43.43
C HIS O 889 16.28 -15.40 42.66
N ALA O 890 16.35 -15.38 41.32
CA ALA O 890 15.50 -16.14 40.44
C ALA O 890 15.81 -17.60 40.55
N LEU O 891 14.80 -18.49 40.42
CA LEU O 891 14.99 -19.92 40.37
C LEU O 891 14.39 -20.41 39.09
N ASP O 892 15.21 -20.91 38.15
CA ASP O 892 14.75 -21.49 36.91
C ASP O 892 15.23 -22.91 36.93
N MET O 893 14.41 -23.84 36.39
CA MET O 893 14.70 -25.26 36.40
C MET O 893 14.30 -25.78 35.06
N ASN O 894 14.75 -27.00 34.74
CA ASN O 894 14.44 -27.63 33.48
C ASN O 894 14.33 -29.07 33.84
N PHE O 895 13.44 -29.83 33.16
CA PHE O 895 13.20 -31.23 33.44
C PHE O 895 13.12 -31.84 32.10
N GLU O 896 13.31 -33.18 32.03
CA GLU O 896 13.29 -33.92 30.80
C GLU O 896 12.61 -35.19 31.19
N VAL O 897 11.66 -35.65 30.35
CA VAL O 897 10.80 -36.76 30.65
C VAL O 897 10.64 -37.52 29.39
N ASP O 898 10.14 -38.77 29.47
CA ASP O 898 9.77 -39.59 28.34
C ASP O 898 8.55 -38.99 27.69
N PRO O 899 8.36 -39.00 26.38
CA PRO O 899 7.08 -38.77 25.74
C PRO O 899 5.96 -39.64 26.26
N MET O 900 4.72 -39.12 26.31
CA MET O 900 3.56 -39.91 26.65
C MET O 900 2.44 -39.33 25.84
N ASP O 901 1.61 -40.21 25.24
CA ASP O 901 0.48 -39.85 24.43
C ASP O 901 -0.55 -39.10 25.23
N GLU O 902 -0.78 -39.53 26.50
CA GLU O 902 -1.61 -38.86 27.45
C GLU O 902 -0.95 -37.61 27.95
N SER O 903 -1.78 -36.58 28.28
CA SER O 903 -1.33 -35.34 28.85
C SER O 903 -1.04 -35.62 30.30
N THR O 904 0.01 -34.97 30.82
CA THR O 904 0.64 -35.28 32.08
C THR O 904 0.89 -33.98 32.75
N LEU O 905 1.20 -34.01 34.06
CA LEU O 905 1.46 -32.83 34.84
C LEU O 905 2.72 -33.12 35.55
N LEU O 906 3.38 -32.04 35.98
CA LEU O 906 4.62 -32.05 36.70
C LEU O 906 4.24 -31.45 38.00
N TYR O 907 4.51 -32.15 39.11
CA TYR O 907 4.07 -31.78 40.41
C TYR O 907 5.34 -31.61 41.15
N VAL O 908 5.61 -30.38 41.61
CA VAL O 908 6.83 -30.04 42.29
C VAL O 908 6.41 -29.49 43.61
N VAL O 909 6.85 -30.18 44.67
CA VAL O 909 6.70 -29.77 46.02
C VAL O 909 7.96 -29.02 46.36
N PHE O 910 7.85 -27.72 46.65
CA PHE O 910 8.91 -26.90 47.14
C PHE O 910 8.75 -27.00 48.61
N GLU O 911 9.76 -27.53 49.34
CA GLU O 911 9.62 -27.77 50.75
C GLU O 911 10.00 -26.53 51.48
N VAL O 912 9.23 -26.18 52.53
CA VAL O 912 9.26 -24.87 53.15
C VAL O 912 9.11 -25.14 54.63
N PHE O 913 8.65 -24.14 55.42
CA PHE O 913 8.14 -24.36 56.74
C PHE O 913 6.77 -23.76 56.73
N ASP O 914 5.71 -24.60 56.90
CA ASP O 914 4.36 -24.17 57.19
C ASP O 914 4.27 -24.35 58.66
N VAL O 915 4.08 -23.25 59.42
CA VAL O 915 4.14 -23.31 60.85
C VAL O 915 3.15 -22.31 61.37
N VAL O 916 2.37 -22.70 62.40
CA VAL O 916 1.32 -21.90 62.99
C VAL O 916 1.59 -21.85 64.46
N ARG O 917 1.22 -20.72 65.10
CA ARG O 917 1.29 -20.56 66.52
C ARG O 917 -0.07 -20.13 66.96
N VAL O 918 -0.70 -20.96 67.84
CA VAL O 918 -2.07 -20.82 68.26
C VAL O 918 -2.06 -20.41 69.70
N HIS O 919 -2.70 -19.28 70.02
CA HIS O 919 -2.75 -18.74 71.36
C HIS O 919 -4.21 -18.64 71.69
N GLN O 920 -4.56 -18.82 72.98
CA GLN O 920 -5.87 -18.43 73.48
C GLN O 920 -5.50 -17.49 74.59
N PRO O 921 -5.76 -16.18 74.53
CA PRO O 921 -5.51 -15.28 75.62
C PRO O 921 -6.56 -15.33 76.69
N HIS O 922 -7.82 -15.66 76.35
CA HIS O 922 -8.94 -15.46 77.22
C HIS O 922 -9.93 -16.48 76.80
N ARG O 923 -10.97 -16.69 77.64
CA ARG O 923 -12.01 -17.66 77.44
C ARG O 923 -12.76 -17.41 76.16
N GLY O 924 -12.86 -18.44 75.30
CA GLY O 924 -13.57 -18.40 74.04
C GLY O 924 -12.94 -17.49 73.04
N VAL O 925 -11.59 -17.38 73.07
CA VAL O 925 -10.85 -16.52 72.19
C VAL O 925 -9.76 -17.42 71.73
N ILE O 926 -9.55 -17.46 70.41
CA ILE O 926 -8.52 -18.25 69.80
C ILE O 926 -8.10 -17.44 68.64
N GLU O 927 -6.80 -17.50 68.31
CA GLU O 927 -6.24 -16.68 67.30
C GLU O 927 -4.99 -17.37 66.89
N ALA O 928 -4.38 -16.95 65.76
CA ALA O 928 -3.15 -17.56 65.36
C ALA O 928 -2.44 -16.62 64.46
N VAL O 929 -1.10 -16.81 64.36
CA VAL O 929 -0.24 -16.14 63.44
C VAL O 929 0.33 -17.30 62.70
N TYR O 930 0.32 -17.24 61.36
CA TYR O 930 0.76 -18.30 60.51
C TYR O 930 1.92 -17.75 59.72
N LEU O 931 2.91 -18.60 59.38
CA LEU O 931 4.08 -18.17 58.66
C LEU O 931 4.42 -19.27 57.72
N ARG O 932 4.68 -18.91 56.44
CA ARG O 932 5.32 -19.75 55.48
C ARG O 932 6.52 -18.97 55.04
N THR O 933 7.70 -19.61 54.96
CA THR O 933 8.96 -18.91 54.85
C THR O 933 9.31 -18.51 53.43
N PRO O 934 9.98 -19.25 52.55
CA PRO O 934 10.45 -18.74 51.27
C PRO O 934 9.32 -18.48 50.31
N PHE O 935 8.21 -19.24 50.38
CA PHE O 935 7.01 -18.95 49.64
C PHE O 935 6.15 -18.18 50.56
N SER O 936 5.26 -17.32 50.00
CA SER O 936 4.59 -16.24 50.68
C SER O 936 3.80 -16.71 51.85
N ALA O 937 3.79 -15.89 52.92
CA ALA O 937 3.29 -16.28 54.22
C ALA O 937 1.83 -16.00 54.37
N GLY O 938 1.19 -15.37 53.38
CA GLY O 938 -0.20 -15.02 53.49
C GLY O 938 -0.54 -14.06 52.41
N ASN O 939 -1.87 -13.91 52.19
CA ASN O 939 -2.55 -13.25 51.09
C ASN O 939 -2.64 -14.33 50.05
N ALA O 940 -1.49 -14.53 49.36
CA ALA O 940 -1.16 -15.60 48.46
C ALA O 940 -2.25 -16.01 47.51
N THR O 941 -2.26 -17.33 47.19
CA THR O 941 -3.12 -17.94 46.22
C THR O 941 -4.46 -18.17 46.87
N THR O 942 -5.54 -18.05 46.08
CA THR O 942 -6.88 -18.33 46.50
C THR O 942 -7.18 -19.79 46.09
N MET P 1 30.52 45.85 -4.13
CA MET P 1 31.03 45.03 -5.26
C MET P 1 31.40 43.67 -4.75
N ALA P 2 32.73 43.39 -4.68
CA ALA P 2 33.38 42.16 -4.30
C ALA P 2 33.90 41.60 -5.58
N THR P 3 35.16 41.94 -5.91
CA THR P 3 35.79 41.52 -7.13
C THR P 3 36.69 40.30 -7.04
N PRO P 4 37.37 39.85 -5.95
CA PRO P 4 38.31 38.75 -6.14
C PRO P 4 38.46 37.91 -4.88
N SER P 5 39.54 37.10 -4.77
CA SER P 5 39.83 36.30 -3.59
C SER P 5 41.32 36.18 -3.37
N MET P 6 42.12 36.29 -4.44
CA MET P 6 43.57 36.34 -4.48
C MET P 6 44.34 35.18 -3.82
N LEU P 7 45.69 35.35 -3.63
CA LEU P 7 46.67 34.35 -3.25
C LEU P 7 46.55 33.67 -1.90
N PRO P 8 46.33 34.25 -0.69
CA PRO P 8 46.27 33.47 0.55
C PRO P 8 44.96 32.73 0.70
N GLN P 9 44.23 32.57 -0.43
CA GLN P 9 43.08 31.75 -0.61
C GLN P 9 43.58 30.35 -0.78
N TRP P 10 44.85 30.18 -1.17
CA TRP P 10 45.50 28.90 -1.34
C TRP P 10 45.81 28.27 -0.01
N ALA P 11 45.95 29.07 1.07
CA ALA P 11 46.16 28.57 2.40
C ALA P 11 44.92 28.71 3.23
N TYR P 12 43.74 28.85 2.57
CA TYR P 12 42.45 28.95 3.19
C TYR P 12 41.52 27.95 2.57
N MET P 13 41.85 27.48 1.34
CA MET P 13 41.13 26.43 0.68
C MET P 13 41.84 25.13 0.95
N HIS P 14 42.88 25.19 1.80
CA HIS P 14 43.68 24.09 2.26
C HIS P 14 44.39 23.34 1.17
N ILE P 15 45.13 24.06 0.31
CA ILE P 15 45.95 23.43 -0.69
C ILE P 15 47.37 23.79 -0.39
N ALA P 16 47.68 24.49 0.72
CA ALA P 16 49.04 24.85 1.14
C ALA P 16 49.19 25.15 2.65
N GLY P 17 48.17 24.99 3.48
CA GLY P 17 48.21 25.35 4.90
C GLY P 17 48.68 24.24 5.84
N GLN P 18 47.77 23.71 6.67
CA GLN P 18 48.01 22.74 7.73
C GLN P 18 47.14 21.50 7.60
N ASP P 19 47.43 20.39 8.29
CA ASP P 19 46.58 19.20 8.29
C ASP P 19 45.20 19.48 8.90
N ALA P 20 44.21 18.62 8.64
CA ALA P 20 42.92 18.71 9.25
C ALA P 20 43.00 18.06 10.59
N SER P 21 43.90 18.60 11.43
CA SER P 21 44.15 18.15 12.77
C SER P 21 44.85 19.30 13.42
N GLU P 22 45.12 20.39 12.69
CA GLU P 22 45.79 21.59 13.13
C GLU P 22 44.87 22.79 12.90
N TYR P 23 43.97 22.75 11.89
CA TYR P 23 43.14 23.91 11.60
C TYR P 23 41.77 23.71 12.17
N LEU P 24 41.42 22.47 12.58
CA LEU P 24 40.17 22.18 13.22
C LEU P 24 40.36 22.43 14.68
N SER P 25 39.27 22.78 15.39
CA SER P 25 39.24 22.98 16.83
C SER P 25 39.62 21.69 17.53
N PRO P 26 40.31 21.70 18.66
CA PRO P 26 40.77 20.48 19.30
C PRO P 26 39.68 19.72 20.02
N GLY P 27 38.43 20.18 20.01
CA GLY P 27 37.28 19.40 20.45
C GLY P 27 36.79 18.48 19.34
N LEU P 28 36.65 19.01 18.12
CA LEU P 28 36.23 18.23 16.96
C LEU P 28 37.29 17.19 16.59
N VAL P 29 38.58 17.52 16.78
CA VAL P 29 39.65 16.57 16.54
C VAL P 29 39.56 15.42 17.51
N GLN P 30 39.31 15.66 18.80
CA GLN P 30 39.16 14.59 19.80
C GLN P 30 37.94 13.71 19.55
N PHE P 31 36.81 14.32 19.18
CA PHE P 31 35.62 13.59 18.79
C PHE P 31 35.89 12.65 17.61
N ALA P 32 36.61 13.13 16.60
CA ALA P 32 37.00 12.37 15.44
C ALA P 32 37.92 11.22 15.79
N ARG P 33 38.83 11.38 16.79
CA ARG P 33 39.75 10.33 17.21
C ARG P 33 38.98 9.13 17.71
N ALA P 34 37.96 9.44 18.51
CA ALA P 34 37.14 8.53 19.28
C ALA P 34 35.98 7.94 18.47
N THR P 35 35.68 8.48 17.30
CA THR P 35 34.57 8.05 16.50
C THR P 35 35.13 7.96 15.13
N ASP P 36 35.35 6.72 14.68
CA ASP P 36 36.08 6.43 13.48
C ASP P 36 35.84 4.98 13.18
N THR P 37 35.12 4.30 14.10
CA THR P 37 34.94 2.89 14.14
C THR P 37 33.48 2.61 13.90
N TYR P 38 32.68 3.62 13.63
CA TYR P 38 31.25 3.51 13.38
C TYR P 38 30.72 4.76 12.66
N PHE P 39 31.52 5.82 12.58
CA PHE P 39 31.13 6.98 11.82
C PHE P 39 32.46 7.58 11.48
N SER P 40 32.66 8.02 10.22
CA SER P 40 33.94 8.53 9.76
C SER P 40 33.73 9.96 9.35
N LEU P 41 34.65 10.84 9.81
CA LEU P 41 34.60 12.27 9.55
C LEU P 41 35.88 12.68 8.90
N GLY P 42 36.75 11.72 8.50
CA GLY P 42 38.08 12.01 8.05
C GLY P 42 38.17 12.38 6.60
N ASN P 43 37.15 12.00 5.80
CA ASN P 43 37.15 12.17 4.38
C ASN P 43 36.38 13.41 4.00
N LYS P 44 36.15 14.31 4.98
CA LYS P 44 35.40 15.52 4.78
C LYS P 44 36.27 16.70 5.06
N PHE P 45 37.59 16.49 5.23
CA PHE P 45 38.48 17.58 5.54
C PHE P 45 39.77 17.33 4.83
N ARG P 46 40.34 18.43 4.28
CA ARG P 46 41.52 18.49 3.46
C ARG P 46 42.81 18.28 4.20
N ASN P 47 43.78 17.67 3.56
CA ASN P 47 45.14 17.68 4.04
C ASN P 47 46.00 18.23 2.91
N PRO P 48 46.57 19.44 3.02
CA PRO P 48 47.54 19.90 2.06
C PRO P 48 48.78 19.01 2.04
N THR P 49 49.51 18.97 0.93
CA THR P 49 50.67 18.12 0.77
C THR P 49 51.58 18.79 -0.24
N VAL P 50 52.65 19.43 0.20
CA VAL P 50 53.43 20.36 -0.61
C VAL P 50 54.82 19.79 -0.90
N ALA P 51 55.25 19.77 -2.16
CA ALA P 51 56.60 19.36 -2.51
C ALA P 51 57.62 20.40 -2.06
N PRO P 52 58.84 20.02 -1.62
CA PRO P 52 59.86 20.98 -1.25
C PRO P 52 60.30 21.81 -2.46
N THR P 53 60.49 23.12 -2.28
CA THR P 53 60.70 24.02 -3.40
C THR P 53 62.17 24.24 -3.57
N HIS P 54 63.03 23.76 -2.67
CA HIS P 54 64.47 24.03 -2.65
C HIS P 54 65.26 22.75 -2.44
N ASP P 55 66.53 22.77 -2.84
CA ASP P 55 67.52 21.73 -2.55
C ASP P 55 67.38 20.40 -3.29
N VAL P 56 66.40 20.24 -4.19
CA VAL P 56 66.22 19.09 -5.11
C VAL P 56 65.91 19.47 -6.58
N THR P 57 65.56 20.74 -6.81
CA THR P 57 65.63 21.46 -8.05
C THR P 57 67.11 21.47 -8.36
N THR P 58 67.51 21.73 -9.62
CA THR P 58 68.91 21.95 -9.89
C THR P 58 68.99 23.33 -10.46
N ASP P 59 68.16 23.62 -11.49
CA ASP P 59 68.02 24.93 -12.10
C ASP P 59 69.26 25.20 -12.91
N ARG P 60 69.82 24.15 -13.52
CA ARG P 60 71.04 24.14 -14.27
C ARG P 60 70.79 23.02 -15.20
N SER P 61 71.40 23.07 -16.41
CA SER P 61 71.21 22.07 -17.42
C SER P 61 71.98 20.81 -17.14
N GLN P 62 71.24 19.68 -17.05
CA GLN P 62 71.79 18.37 -16.90
C GLN P 62 70.85 17.47 -17.61
N ARG P 63 71.38 16.44 -18.30
CA ARG P 63 70.57 15.41 -18.89
C ARG P 63 70.36 14.41 -17.81
N LEU P 64 69.17 13.79 -17.81
CA LEU P 64 68.80 12.86 -16.78
C LEU P 64 69.12 11.47 -17.24
N THR P 65 69.57 11.32 -18.50
CA THR P 65 69.90 10.06 -19.08
C THR P 65 71.01 10.31 -20.05
N LEU P 66 72.03 9.42 -20.05
CA LEU P 66 73.15 9.52 -20.94
C LEU P 66 73.39 8.13 -21.39
N ARG P 67 74.21 7.97 -22.44
CA ARG P 67 74.62 6.68 -22.90
C ARG P 67 76.03 6.90 -23.29
N PHE P 68 76.85 5.85 -23.07
CA PHE P 68 78.27 5.90 -23.24
C PHE P 68 78.59 4.88 -24.27
N VAL P 69 79.22 5.31 -25.38
CA VAL P 69 79.69 4.44 -26.42
C VAL P 69 80.96 3.75 -25.93
N PRO P 70 81.29 2.53 -26.36
CA PRO P 70 82.57 1.88 -26.17
C PRO P 70 83.80 2.72 -26.36
N VAL P 71 84.84 2.54 -25.50
CA VAL P 71 86.13 3.13 -25.71
C VAL P 71 87.10 2.06 -26.11
N ASP P 72 86.65 0.79 -26.13
CA ASP P 72 87.40 -0.31 -26.68
C ASP P 72 86.33 -1.34 -26.91
N ARG P 73 86.55 -2.28 -27.83
CA ARG P 73 85.61 -3.35 -28.03
C ARG P 73 86.38 -4.44 -28.69
N GLU P 74 85.78 -5.65 -28.71
CA GLU P 74 86.39 -6.83 -29.22
C GLU P 74 85.26 -7.68 -29.66
N ASP P 75 85.48 -8.43 -30.75
CA ASP P 75 84.59 -9.43 -31.24
C ASP P 75 85.42 -10.67 -31.21
N ASN P 76 84.77 -11.81 -30.99
CA ASN P 76 85.45 -13.06 -30.82
C ASN P 76 84.41 -14.05 -31.28
N THR P 77 84.78 -15.35 -31.27
CA THR P 77 83.97 -16.41 -31.79
C THR P 77 83.09 -16.99 -30.72
N TYR P 78 82.96 -16.30 -29.56
CA TYR P 78 82.17 -16.80 -28.48
C TYR P 78 81.98 -15.71 -27.47
N SER P 79 82.53 -14.50 -27.70
CA SER P 79 82.34 -13.44 -26.74
C SER P 79 82.52 -12.12 -27.42
N TYR P 80 82.14 -11.05 -26.69
CA TYR P 80 82.24 -9.69 -27.11
C TYR P 80 82.71 -9.00 -25.86
N LYS P 81 83.83 -8.26 -25.84
CA LYS P 81 84.39 -7.71 -24.63
C LYS P 81 84.40 -6.23 -24.85
N VAL P 82 83.66 -5.44 -24.03
CA VAL P 82 83.42 -4.04 -24.32
C VAL P 82 83.75 -3.24 -23.11
N ARG P 83 84.74 -2.32 -23.25
CA ARG P 83 85.17 -1.39 -22.24
C ARG P 83 84.39 -0.12 -22.47
N TYR P 84 84.13 0.65 -21.39
CA TYR P 84 83.46 1.92 -21.39
C TYR P 84 84.23 2.77 -20.46
N THR P 85 84.00 4.10 -20.56
CA THR P 85 84.42 5.02 -19.56
C THR P 85 83.10 5.57 -19.09
N LEU P 86 82.91 5.49 -17.76
CA LEU P 86 81.70 5.86 -17.11
C LEU P 86 82.16 7.00 -16.28
N ALA P 87 81.54 8.16 -16.48
CA ALA P 87 81.92 9.35 -15.79
C ALA P 87 80.71 9.73 -15.02
N VAL P 88 80.94 10.19 -13.78
CA VAL P 88 79.93 10.68 -12.91
C VAL P 88 80.47 12.06 -12.75
N GLY P 89 79.68 13.08 -13.12
CA GLY P 89 80.09 14.46 -13.05
C GLY P 89 80.08 14.92 -11.65
N ASP P 90 80.76 16.05 -11.37
CA ASP P 90 80.82 16.63 -10.06
C ASP P 90 79.46 17.18 -9.74
N ASN P 91 78.97 16.89 -8.52
CA ASN P 91 77.67 17.26 -8.06
C ASN P 91 76.61 16.42 -8.68
N ARG P 92 76.89 15.12 -8.86
CA ARG P 92 75.92 14.17 -9.36
C ARG P 92 76.26 12.90 -8.66
N VAL P 93 75.24 12.07 -8.37
CA VAL P 93 75.42 10.80 -7.72
C VAL P 93 74.63 9.87 -8.56
N LEU P 94 75.32 8.85 -9.11
CA LEU P 94 74.78 7.80 -9.93
C LEU P 94 74.37 6.65 -9.06
N ASP P 95 73.35 5.89 -9.50
CA ASP P 95 72.95 4.64 -8.89
C ASP P 95 73.14 3.63 -9.98
N MET P 96 73.74 2.47 -9.65
CA MET P 96 74.15 1.46 -10.58
C MET P 96 73.05 0.49 -10.84
N ALA P 97 71.85 0.73 -10.25
CA ALA P 97 70.67 -0.02 -10.55
C ALA P 97 70.05 0.44 -11.84
N SER P 98 70.32 1.69 -12.27
CA SER P 98 69.66 2.30 -13.39
C SER P 98 70.44 2.17 -14.66
N THR P 99 71.68 1.64 -14.57
CA THR P 99 72.50 1.30 -15.70
C THR P 99 71.99 0.05 -16.35
N TYR P 100 72.17 -0.08 -17.68
CA TYR P 100 71.86 -1.29 -18.39
C TYR P 100 72.61 -1.20 -19.68
N PHE P 101 72.75 -2.34 -20.36
CA PHE P 101 73.44 -2.47 -21.62
C PHE P 101 72.43 -2.68 -22.68
N ASP P 102 72.38 -1.78 -23.67
CA ASP P 102 71.44 -1.84 -24.73
C ASP P 102 72.14 -2.52 -25.87
N ILE P 103 71.87 -3.83 -26.06
CA ILE P 103 72.51 -4.67 -27.03
C ILE P 103 71.61 -4.61 -28.23
N ARG P 104 72.18 -4.52 -29.45
CA ARG P 104 71.41 -4.60 -30.67
C ARG P 104 72.23 -5.55 -31.47
N GLY P 105 71.63 -6.14 -32.51
CA GLY P 105 72.35 -7.08 -33.32
C GLY P 105 71.35 -7.79 -34.14
N VAL P 106 71.73 -8.92 -34.75
CA VAL P 106 70.84 -9.73 -35.53
C VAL P 106 70.94 -11.14 -35.04
N LEU P 107 69.77 -11.66 -34.62
CA LEU P 107 69.46 -12.98 -34.15
C LEU P 107 69.00 -13.74 -35.34
N ASP P 108 69.32 -15.03 -35.39
CA ASP P 108 68.86 -15.91 -36.43
C ASP P 108 68.62 -17.18 -35.68
N ARG P 109 67.45 -17.81 -35.95
CA ARG P 109 67.15 -19.12 -35.46
C ARG P 109 67.29 -19.99 -36.66
N GLY P 110 67.66 -21.27 -36.46
CA GLY P 110 67.70 -22.24 -37.52
C GLY P 110 66.34 -22.55 -38.08
N PRO P 111 66.23 -23.59 -38.88
CA PRO P 111 65.00 -24.06 -39.43
C PRO P 111 64.29 -24.90 -38.39
N SER P 112 64.91 -25.09 -37.20
CA SER P 112 64.35 -25.75 -36.07
C SER P 112 63.15 -25.00 -35.53
N PHE P 113 63.23 -23.66 -35.57
CA PHE P 113 62.25 -22.71 -35.11
C PHE P 113 60.93 -22.91 -35.82
N LYS P 114 59.82 -22.73 -35.07
CA LYS P 114 58.48 -22.96 -35.52
C LYS P 114 57.64 -22.57 -34.35
N PRO P 115 57.13 -21.35 -34.23
CA PRO P 115 56.50 -20.90 -33.01
C PRO P 115 55.00 -21.09 -33.07
N TYR P 116 54.51 -22.27 -33.45
CA TYR P 116 53.10 -22.56 -33.46
C TYR P 116 53.02 -24.07 -33.51
N SER P 117 51.82 -24.66 -33.31
CA SER P 117 51.68 -26.08 -33.12
C SER P 117 51.06 -26.77 -34.29
N GLY P 118 50.34 -26.04 -35.17
CA GLY P 118 49.60 -26.64 -36.26
C GLY P 118 50.41 -26.68 -37.50
N THR P 119 49.73 -26.36 -38.62
CA THR P 119 50.33 -26.17 -39.91
C THR P 119 49.67 -24.89 -40.34
N ALA P 120 50.25 -24.18 -41.32
CA ALA P 120 49.77 -22.89 -41.74
C ALA P 120 49.22 -22.99 -43.13
N TYR P 121 49.18 -24.21 -43.72
CA TYR P 121 48.77 -24.41 -45.09
C TYR P 121 47.88 -25.59 -45.04
N ASN P 122 46.64 -25.48 -45.57
CA ASN P 122 45.69 -26.56 -45.73
C ASN P 122 45.48 -27.33 -44.45
N SER P 123 45.14 -26.60 -43.36
CA SER P 123 44.78 -27.16 -42.08
C SER P 123 43.47 -27.86 -42.02
N LEU P 124 42.52 -27.62 -42.94
CA LEU P 124 41.21 -28.22 -42.84
C LEU P 124 41.16 -29.45 -43.67
N ALA P 125 42.26 -29.75 -44.40
CA ALA P 125 42.34 -30.91 -45.22
C ALA P 125 42.42 -32.17 -44.40
N PRO P 126 41.88 -33.31 -44.84
CA PRO P 126 42.27 -34.63 -44.38
C PRO P 126 43.75 -34.81 -44.53
N LYS P 127 44.41 -35.56 -43.63
CA LYS P 127 45.83 -35.75 -43.71
C LYS P 127 46.19 -36.74 -44.77
N GLY P 128 45.20 -37.53 -45.25
CA GLY P 128 45.38 -38.54 -46.26
C GLY P 128 45.15 -37.97 -47.63
N ALA P 129 44.52 -36.78 -47.75
CA ALA P 129 44.19 -36.12 -49.01
C ALA P 129 45.43 -35.85 -49.86
N PRO P 130 45.42 -35.82 -51.21
CA PRO P 130 46.69 -35.97 -51.92
C PRO P 130 46.99 -34.82 -52.86
N ASN P 131 46.07 -33.86 -53.10
CA ASN P 131 46.12 -32.89 -54.19
C ASN P 131 45.63 -33.55 -55.44
N SER P 132 45.14 -32.73 -56.39
CA SER P 132 44.89 -33.14 -57.74
C SER P 132 46.21 -33.16 -58.46
N SER P 133 46.61 -34.34 -58.98
CA SER P 133 47.95 -34.56 -59.45
C SER P 133 47.93 -35.68 -60.43
N GLN P 134 49.08 -35.92 -61.09
CA GLN P 134 49.25 -36.94 -62.10
C GLN P 134 50.50 -37.69 -61.80
N TRP P 135 50.61 -38.90 -62.39
CA TRP P 135 51.76 -39.74 -62.27
C TRP P 135 51.80 -40.50 -63.55
N GLU P 136 53.01 -40.78 -64.07
CA GLU P 136 53.19 -41.61 -65.23
C GLU P 136 53.35 -43.00 -64.69
N GLN P 137 52.97 -44.00 -65.49
CA GLN P 137 52.91 -45.37 -65.06
C GLN P 137 53.27 -46.15 -66.28
N LYS P 138 53.90 -47.33 -66.08
CA LYS P 138 54.50 -48.10 -67.14
C LYS P 138 53.81 -49.42 -67.35
N LYS P 139 52.65 -49.63 -66.67
CA LYS P 139 51.89 -50.87 -66.72
C LYS P 139 51.42 -51.21 -68.12
N ALA P 140 50.91 -50.19 -68.83
CA ALA P 140 50.49 -50.33 -70.21
C ALA P 140 51.16 -49.19 -70.93
N GLY P 141 52.24 -48.63 -70.33
CA GLY P 141 53.06 -47.59 -70.87
C GLY P 141 54.03 -48.18 -71.84
N ASN P 142 55.23 -47.55 -71.95
CA ASN P 142 56.37 -48.03 -72.71
C ASN P 142 56.20 -47.64 -74.16
N GLY P 143 57.31 -47.19 -74.80
CA GLY P 143 57.30 -46.83 -76.20
C GLY P 143 56.76 -45.44 -76.36
N ASP P 144 55.86 -45.25 -77.36
CA ASP P 144 55.36 -43.95 -77.75
C ASP P 144 54.04 -43.68 -77.07
N THR P 145 53.62 -44.60 -76.17
CA THR P 145 52.46 -44.44 -75.33
C THR P 145 53.00 -44.56 -73.93
N MET P 146 52.55 -43.68 -73.02
CA MET P 146 52.94 -43.77 -71.64
C MET P 146 51.71 -43.35 -70.91
N GLU P 147 51.18 -44.21 -70.03
CA GLU P 147 49.98 -43.93 -69.27
C GLU P 147 50.20 -42.85 -68.27
N THR P 148 49.58 -41.68 -68.46
CA THR P 148 49.65 -40.61 -67.50
C THR P 148 48.28 -40.55 -66.88
N HIS P 149 48.18 -41.07 -65.64
CA HIS P 149 46.93 -41.16 -64.91
C HIS P 149 46.69 -39.87 -64.20
N THR P 150 45.45 -39.64 -63.70
CA THR P 150 45.10 -38.42 -63.01
C THR P 150 44.20 -38.82 -61.89
N PHE P 151 44.44 -38.28 -60.67
CA PHE P 151 43.57 -38.38 -59.55
C PHE P 151 43.29 -36.95 -59.23
N GLY P 152 42.02 -36.53 -59.10
CA GLY P 152 41.78 -35.14 -58.81
C GLY P 152 40.32 -34.87 -58.75
N VAL P 153 39.98 -33.58 -58.91
CA VAL P 153 38.63 -33.08 -58.85
C VAL P 153 38.64 -31.82 -59.69
N ALA P 154 37.53 -31.55 -60.39
CA ALA P 154 37.34 -30.38 -61.21
C ALA P 154 36.15 -29.68 -60.64
N PRO P 155 36.21 -28.49 -60.04
CA PRO P 155 35.19 -28.12 -59.07
C PRO P 155 34.25 -27.10 -59.61
N MET P 156 34.60 -26.33 -60.66
CA MET P 156 33.76 -25.22 -61.09
C MET P 156 33.34 -25.45 -62.50
N GLY P 157 32.06 -25.13 -62.79
CA GLY P 157 31.40 -25.32 -64.06
C GLY P 157 31.79 -24.31 -65.08
N GLY P 158 31.55 -24.65 -66.36
CA GLY P 158 31.72 -23.77 -67.50
C GLY P 158 30.46 -23.89 -68.29
N GLU P 159 30.55 -23.73 -69.63
CA GLU P 159 29.40 -23.83 -70.49
C GLU P 159 29.77 -24.64 -71.69
N ASN P 160 31.09 -24.79 -71.98
CA ASN P 160 31.52 -25.62 -73.06
C ASN P 160 32.98 -25.89 -72.79
N ILE P 161 33.53 -26.92 -73.45
CA ILE P 161 34.95 -27.18 -73.45
C ILE P 161 35.24 -27.35 -74.90
N THR P 162 36.22 -26.55 -75.36
CA THR P 162 36.75 -26.53 -76.69
C THR P 162 38.21 -26.82 -76.46
N ILE P 163 39.06 -26.54 -77.47
CA ILE P 163 40.47 -26.83 -77.41
C ILE P 163 41.21 -25.66 -76.80
N ASP P 164 40.45 -24.63 -76.33
CA ASP P 164 40.95 -23.50 -75.59
C ASP P 164 40.65 -23.74 -74.14
N GLY P 165 40.14 -24.95 -73.82
CA GLY P 165 39.79 -25.38 -72.50
C GLY P 165 38.40 -25.02 -72.20
N LEU P 166 38.09 -24.85 -70.90
CA LEU P 166 36.82 -24.41 -70.39
C LEU P 166 36.49 -23.05 -70.91
N GLN P 167 35.22 -22.79 -71.28
CA GLN P 167 34.78 -21.46 -71.63
C GLN P 167 33.96 -21.09 -70.44
N ILE P 168 34.42 -20.07 -69.67
CA ILE P 168 33.88 -19.78 -68.38
C ILE P 168 32.91 -18.63 -68.45
N GLY P 169 32.83 -17.94 -69.60
CA GLY P 169 31.90 -16.85 -69.74
C GLY P 169 31.51 -16.76 -71.17
N THR P 170 30.76 -15.67 -71.48
CA THR P 170 30.36 -15.35 -72.82
C THR P 170 30.32 -13.85 -72.85
N ASP P 171 30.76 -13.27 -73.97
CA ASP P 171 30.78 -11.85 -74.21
C ASP P 171 29.39 -11.43 -74.59
N ALA P 172 28.86 -10.37 -73.94
CA ALA P 172 27.56 -9.81 -74.17
C ALA P 172 27.44 -9.28 -75.58
N THR P 173 26.24 -9.43 -76.17
CA THR P 173 25.93 -9.10 -77.55
C THR P 173 26.18 -7.65 -77.85
N ALA P 174 26.75 -7.37 -79.03
CA ALA P 174 27.04 -6.05 -79.51
C ALA P 174 27.00 -6.13 -81.02
N ASP P 175 26.47 -7.26 -81.54
CA ASP P 175 26.34 -7.68 -82.92
C ASP P 175 27.31 -8.81 -83.10
N GLN P 176 27.76 -9.42 -81.97
CA GLN P 176 28.73 -10.46 -82.00
C GLN P 176 28.55 -11.25 -80.75
N ASP P 177 29.02 -12.52 -80.77
CA ASP P 177 28.94 -13.36 -79.62
C ASP P 177 30.17 -14.21 -79.76
N LYS P 178 30.96 -14.29 -78.68
CA LYS P 178 32.17 -15.06 -78.67
C LYS P 178 32.29 -15.58 -77.27
N PRO P 179 32.65 -16.82 -77.03
CA PRO P 179 32.80 -17.36 -75.70
C PRO P 179 34.13 -16.97 -75.16
N ILE P 180 34.14 -16.51 -73.89
CA ILE P 180 35.31 -16.07 -73.18
C ILE P 180 35.93 -17.31 -72.61
N TYR P 181 37.21 -17.60 -72.95
CA TYR P 181 37.91 -18.76 -72.44
C TYR P 181 38.46 -18.40 -71.08
N ALA P 182 38.64 -19.41 -70.21
CA ALA P 182 39.28 -19.25 -68.92
C ALA P 182 40.76 -19.26 -69.11
N ASP P 183 41.47 -18.23 -68.56
CA ASP P 183 42.91 -18.07 -68.61
C ASP P 183 43.64 -19.24 -68.02
N LYS P 184 44.77 -19.63 -68.64
CA LYS P 184 45.50 -20.80 -68.24
C LYS P 184 46.38 -20.46 -67.07
N THR P 185 46.63 -19.15 -66.83
CA THR P 185 47.59 -18.71 -65.86
C THR P 185 47.06 -18.69 -64.46
N PHE P 186 45.72 -18.71 -64.25
CA PHE P 186 45.21 -18.63 -62.90
C PHE P 186 43.77 -19.04 -62.86
N GLN P 187 43.12 -19.36 -64.00
CA GLN P 187 41.73 -19.71 -64.00
C GLN P 187 41.54 -21.08 -64.59
N PRO P 188 41.55 -22.05 -63.70
CA PRO P 188 40.36 -22.19 -62.88
C PRO P 188 40.93 -22.02 -61.51
N GLU P 189 40.49 -20.99 -60.75
CA GLU P 189 40.94 -20.77 -59.41
C GLU P 189 40.50 -21.94 -58.55
N PRO P 190 41.35 -22.55 -57.75
CA PRO P 190 40.99 -23.73 -56.99
C PRO P 190 40.19 -23.39 -55.77
N GLN P 191 39.79 -22.11 -55.57
CA GLN P 191 39.01 -21.72 -54.42
C GLN P 191 37.58 -21.53 -54.85
N VAL P 192 37.34 -21.51 -56.18
CA VAL P 192 36.05 -21.26 -56.79
C VAL P 192 35.48 -22.60 -57.14
N GLY P 193 34.17 -22.79 -56.86
CA GLY P 193 33.49 -24.05 -57.03
C GLY P 193 32.10 -23.78 -57.52
N GLU P 194 31.10 -24.44 -56.88
CA GLU P 194 29.70 -24.27 -57.14
C GLU P 194 29.05 -23.95 -55.83
N GLU P 195 27.87 -23.28 -55.87
CA GLU P 195 27.09 -22.97 -54.68
C GLU P 195 25.73 -23.62 -54.70
N ASN P 196 25.57 -24.76 -55.42
CA ASN P 196 24.42 -25.63 -55.28
C ASN P 196 24.67 -26.40 -54.01
N TRP P 197 25.47 -27.48 -54.10
CA TRP P 197 25.99 -28.23 -52.98
C TRP P 197 26.77 -29.41 -53.50
N GLN P 198 26.91 -29.51 -54.84
CA GLN P 198 27.70 -30.47 -55.61
C GLN P 198 26.80 -30.90 -56.72
N GLU P 199 27.34 -30.94 -57.96
CA GLU P 199 26.61 -31.33 -59.14
C GLU P 199 27.58 -32.12 -59.98
N THR P 200 27.01 -32.85 -60.98
CA THR P 200 27.73 -33.70 -61.87
C THR P 200 26.94 -33.59 -63.15
N GLU P 201 27.64 -33.69 -64.30
CA GLU P 201 27.10 -33.66 -65.64
C GLU P 201 26.86 -32.23 -66.06
N SER P 202 27.85 -31.67 -66.79
CA SER P 202 27.83 -30.36 -67.39
C SER P 202 29.20 -30.34 -68.00
N PHE P 203 29.93 -29.20 -67.91
CA PHE P 203 31.31 -29.07 -68.29
C PHE P 203 31.96 -28.56 -67.04
N TYR P 204 33.19 -29.02 -66.77
CA TYR P 204 33.91 -28.72 -65.55
C TYR P 204 35.37 -28.64 -65.89
N GLY P 205 36.10 -27.74 -65.22
CA GLY P 205 37.51 -27.55 -65.39
C GLY P 205 38.09 -27.44 -64.02
N GLY P 206 39.33 -27.91 -63.84
CA GLY P 206 40.02 -27.86 -62.57
C GLY P 206 41.46 -27.67 -62.86
N ARG P 207 42.33 -28.12 -61.94
CA ARG P 207 43.75 -27.99 -62.07
C ARG P 207 44.33 -29.29 -61.63
N ALA P 208 45.62 -29.51 -61.95
CA ALA P 208 46.31 -30.70 -61.54
C ALA P 208 47.75 -30.35 -61.49
N LEU P 209 48.56 -31.28 -60.97
CA LEU P 209 50.00 -31.16 -60.96
C LEU P 209 50.48 -32.15 -61.97
N LYS P 210 51.71 -31.95 -62.46
CA LYS P 210 52.39 -32.81 -63.38
C LYS P 210 52.99 -33.94 -62.58
N LYS P 211 53.63 -34.91 -63.25
CA LYS P 211 54.32 -35.99 -62.62
C LYS P 211 55.77 -35.63 -62.45
N ASP P 212 56.14 -34.39 -62.81
CA ASP P 212 57.47 -33.86 -62.64
C ASP P 212 57.50 -33.04 -61.39
N THR P 213 56.34 -32.91 -60.71
CA THR P 213 56.24 -32.32 -59.41
C THR P 213 55.88 -33.50 -58.58
N SER P 214 56.82 -33.93 -57.70
CA SER P 214 56.66 -35.03 -56.79
C SER P 214 55.52 -34.80 -55.85
N MET P 215 54.70 -35.84 -55.62
CA MET P 215 53.58 -35.82 -54.71
C MET P 215 53.98 -35.60 -53.29
N LYS P 216 53.11 -34.88 -52.56
CA LYS P 216 53.20 -34.69 -51.15
C LYS P 216 51.75 -34.58 -50.77
N PRO P 217 51.32 -34.98 -49.59
CA PRO P 217 49.95 -34.84 -49.12
C PRO P 217 49.44 -33.44 -49.19
N CYS P 218 48.12 -33.26 -49.36
CA CYS P 218 47.51 -31.95 -49.32
C CYS P 218 47.20 -31.71 -47.88
N TYR P 219 48.16 -31.13 -47.13
CA TYR P 219 47.92 -30.87 -45.75
C TYR P 219 49.00 -29.93 -45.29
N GLY P 220 50.11 -29.83 -46.01
CA GLY P 220 51.15 -28.90 -45.70
C GLY P 220 51.54 -28.22 -46.95
N SER P 221 50.98 -28.69 -48.08
CA SER P 221 51.26 -28.24 -49.43
C SER P 221 51.14 -26.78 -49.57
N TYR P 222 52.17 -26.19 -50.19
CA TYR P 222 52.31 -24.79 -50.40
C TYR P 222 53.11 -24.71 -51.65
N ALA P 223 52.83 -23.69 -52.47
CA ALA P 223 53.70 -23.35 -53.54
C ALA P 223 53.53 -21.89 -53.63
N ARG P 224 54.65 -21.14 -53.74
CA ARG P 224 54.62 -19.71 -53.82
C ARG P 224 54.00 -19.25 -55.10
N PRO P 225 53.24 -18.17 -55.12
CA PRO P 225 52.75 -17.58 -56.35
C PRO P 225 53.89 -17.11 -57.22
N THR P 226 53.78 -17.29 -58.55
CA THR P 226 54.79 -16.89 -59.50
C THR P 226 54.09 -15.90 -60.40
N ASN P 227 52.95 -15.35 -59.94
CA ASN P 227 52.14 -14.44 -60.70
C ASN P 227 51.37 -13.65 -59.69
N VAL P 228 50.81 -12.48 -60.05
CA VAL P 228 50.17 -11.57 -59.12
C VAL P 228 48.69 -11.84 -59.08
N LYS P 229 48.22 -12.85 -59.84
CA LYS P 229 46.83 -13.15 -60.02
C LYS P 229 46.61 -14.48 -59.37
N GLY P 230 47.61 -14.96 -58.59
CA GLY P 230 47.49 -16.11 -57.74
C GLY P 230 47.91 -17.34 -58.47
N GLY P 231 48.45 -17.19 -59.70
CA GLY P 231 49.04 -18.29 -60.45
C GLY P 231 50.24 -18.76 -59.70
N GLN P 232 50.72 -19.98 -59.98
CA GLN P 232 51.81 -20.51 -59.22
C GLN P 232 52.56 -21.52 -60.02
N ALA P 233 52.33 -21.54 -61.35
CA ALA P 233 53.02 -22.41 -62.26
C ALA P 233 54.43 -21.93 -62.42
N LYS P 234 55.41 -22.84 -62.61
CA LYS P 234 56.77 -22.46 -62.94
C LYS P 234 56.83 -21.88 -64.32
N LEU P 235 57.71 -20.89 -64.54
CA LEU P 235 58.01 -20.38 -65.86
C LEU P 235 58.77 -21.40 -66.65
N LYS P 236 58.48 -21.46 -67.97
CA LYS P 236 59.19 -22.22 -68.95
C LYS P 236 60.63 -21.81 -69.01
N VAL P 237 61.52 -22.77 -69.30
CA VAL P 237 62.94 -22.52 -69.36
C VAL P 237 63.30 -23.05 -70.71
N GLY P 238 63.85 -22.17 -71.58
CA GLY P 238 64.39 -22.55 -72.87
C GLY P 238 65.86 -22.70 -72.72
N ALA P 239 66.45 -21.80 -71.89
CA ALA P 239 67.81 -21.91 -71.43
C ALA P 239 67.90 -20.97 -70.26
N ASP P 240 66.87 -20.10 -70.10
CA ASP P 240 66.78 -19.09 -69.08
C ASP P 240 65.30 -18.99 -68.84
N GLY P 241 64.91 -18.80 -67.57
CA GLY P 241 63.53 -18.67 -67.18
C GLY P 241 63.23 -17.22 -66.96
N VAL P 242 64.29 -16.39 -66.82
CA VAL P 242 64.23 -14.97 -66.60
C VAL P 242 63.53 -14.21 -67.72
N PRO P 243 63.72 -14.42 -69.03
CA PRO P 243 63.10 -13.56 -70.02
C PRO P 243 61.89 -14.29 -70.54
N THR P 244 61.74 -15.59 -70.22
CA THR P 244 60.67 -16.42 -70.71
C THR P 244 59.51 -16.14 -69.80
N LYS P 245 58.39 -15.65 -70.38
CA LYS P 245 57.22 -15.28 -69.63
C LYS P 245 56.06 -16.16 -70.01
N GLU P 246 56.35 -17.28 -70.70
CA GLU P 246 55.39 -18.32 -70.94
C GLU P 246 55.42 -19.21 -69.74
N PHE P 247 54.25 -19.46 -69.14
CA PHE P 247 54.09 -20.32 -68.00
C PHE P 247 53.85 -21.71 -68.50
N ASP P 248 54.08 -22.70 -67.62
CA ASP P 248 53.97 -24.10 -67.92
C ASP P 248 52.61 -24.57 -67.46
N ILE P 249 51.61 -24.57 -68.36
CA ILE P 249 50.31 -25.14 -68.09
C ILE P 249 49.94 -25.83 -69.37
N ASP P 250 49.56 -27.12 -69.30
CA ASP P 250 49.13 -27.94 -70.42
C ASP P 250 47.78 -28.51 -70.09
N LEU P 251 46.75 -28.28 -70.96
CA LEU P 251 45.44 -28.90 -70.83
C LEU P 251 45.49 -30.39 -71.04
N ALA P 252 44.65 -31.14 -70.28
CA ALA P 252 44.42 -32.56 -70.44
C ALA P 252 42.94 -32.73 -70.41
N PHE P 253 42.31 -33.33 -71.45
CA PHE P 253 40.86 -33.45 -71.49
C PHE P 253 40.49 -34.85 -71.11
N PHE P 254 39.21 -35.07 -70.75
CA PHE P 254 38.70 -36.35 -70.31
C PHE P 254 37.27 -36.38 -70.71
N ASP P 255 36.63 -37.55 -70.62
CA ASP P 255 35.28 -37.76 -71.07
C ASP P 255 34.84 -39.04 -70.40
N THR P 256 33.50 -39.28 -70.32
CA THR P 256 32.92 -40.50 -69.79
C THR P 256 33.38 -41.72 -70.55
N PRO P 257 33.60 -42.86 -69.90
CA PRO P 257 34.44 -43.92 -70.40
C PRO P 257 33.70 -44.78 -71.39
N GLY P 258 32.44 -44.41 -71.75
CA GLY P 258 31.69 -45.07 -72.79
C GLY P 258 32.33 -44.80 -74.13
N GLY P 259 32.04 -45.66 -75.13
CA GLY P 259 32.56 -45.54 -76.47
C GLY P 259 31.43 -45.26 -77.39
N THR P 260 30.21 -45.64 -76.96
CA THR P 260 28.98 -45.37 -77.66
C THR P 260 28.26 -44.28 -76.91
N VAL P 261 28.80 -43.88 -75.72
CA VAL P 261 28.34 -42.74 -74.97
C VAL P 261 29.54 -41.83 -74.94
N ASN P 262 29.47 -40.77 -75.80
CA ASN P 262 30.42 -39.69 -75.93
C ASN P 262 31.76 -40.15 -76.47
N GLY P 263 32.63 -39.17 -76.82
CA GLY P 263 33.96 -39.40 -77.33
C GLY P 263 33.93 -39.87 -78.74
N GLN P 264 34.25 -41.18 -78.95
CA GLN P 264 34.37 -41.84 -80.22
C GLN P 264 33.11 -41.75 -81.04
N ASP P 265 31.96 -41.92 -80.37
CA ASP P 265 30.66 -41.76 -80.96
C ASP P 265 30.12 -40.61 -80.18
N GLU P 266 29.66 -39.55 -80.88
CA GLU P 266 29.05 -38.38 -80.28
C GLU P 266 30.10 -37.54 -79.61
N TYR P 267 30.92 -36.86 -80.46
CA TYR P 267 32.14 -36.16 -80.08
C TYR P 267 31.87 -35.05 -79.07
N LYS P 268 32.79 -34.91 -78.08
CA LYS P 268 32.81 -33.94 -77.00
C LYS P 268 33.73 -34.49 -75.94
N ALA P 269 34.06 -33.63 -74.94
CA ALA P 269 34.86 -33.96 -73.78
C ALA P 269 34.20 -33.23 -72.63
N ASP P 270 34.25 -33.82 -71.41
CA ASP P 270 33.44 -33.37 -70.29
C ASP P 270 34.23 -32.68 -69.23
N ILE P 271 35.56 -32.90 -69.12
CA ILE P 271 36.36 -32.33 -68.05
C ILE P 271 37.63 -31.87 -68.73
N VAL P 272 38.36 -30.93 -68.10
CA VAL P 272 39.63 -30.45 -68.57
C VAL P 272 40.37 -30.15 -67.29
N MET P 273 41.69 -30.40 -67.26
CA MET P 273 42.49 -30.17 -66.09
C MET P 273 43.69 -29.43 -66.58
N TYR P 274 43.99 -28.31 -65.93
CA TYR P 274 45.05 -27.40 -66.26
C TYR P 274 46.23 -27.85 -65.45
N THR P 275 47.09 -28.68 -66.08
CA THR P 275 48.15 -29.42 -65.46
C THR P 275 49.37 -28.54 -65.44
N GLU P 276 50.07 -28.37 -64.30
CA GLU P 276 51.19 -27.46 -64.24
C GLU P 276 52.27 -28.03 -63.37
N ASN P 277 53.52 -27.54 -63.55
CA ASN P 277 54.60 -27.72 -62.61
C ASN P 277 54.44 -26.62 -61.61
N THR P 278 54.88 -26.85 -60.35
CA THR P 278 54.76 -25.86 -59.31
C THR P 278 55.86 -26.18 -58.34
N TYR P 279 56.25 -25.21 -57.48
CA TYR P 279 57.29 -25.39 -56.49
C TYR P 279 56.66 -25.94 -55.25
N LEU P 280 56.52 -27.29 -55.15
CA LEU P 280 55.76 -27.89 -54.08
C LEU P 280 56.63 -28.11 -52.88
N GLU P 281 56.25 -27.43 -51.78
CA GLU P 281 56.95 -27.35 -50.53
C GLU P 281 56.02 -27.79 -49.45
N THR P 282 56.50 -28.56 -48.46
CA THR P 282 55.79 -28.76 -47.23
C THR P 282 56.72 -28.15 -46.20
N PRO P 283 56.50 -26.96 -45.64
CA PRO P 283 57.55 -26.32 -44.86
C PRO P 283 57.21 -26.40 -43.38
N ASP P 284 56.41 -27.40 -42.95
CA ASP P 284 55.89 -27.39 -41.60
C ASP P 284 55.15 -28.67 -41.33
N THR P 285 55.16 -29.65 -42.27
CA THR P 285 54.58 -30.94 -42.05
C THR P 285 55.59 -31.90 -42.58
N HIS P 286 55.74 -33.05 -41.88
CA HIS P 286 56.70 -34.05 -42.24
C HIS P 286 55.90 -35.28 -42.54
N VAL P 287 56.25 -35.99 -43.63
CA VAL P 287 55.66 -37.25 -44.03
C VAL P 287 55.93 -38.23 -42.92
N VAL P 288 54.94 -39.06 -42.56
CA VAL P 288 55.02 -39.86 -41.36
C VAL P 288 54.59 -41.25 -41.74
N TYR P 289 53.96 -41.40 -42.91
CA TYR P 289 53.67 -42.68 -43.44
C TYR P 289 53.74 -42.53 -44.92
N LYS P 290 54.30 -43.56 -45.57
CA LYS P 290 54.36 -43.67 -46.99
C LYS P 290 54.52 -45.14 -47.21
N PRO P 291 54.10 -45.74 -48.32
CA PRO P 291 54.10 -47.18 -48.41
C PRO P 291 55.25 -47.59 -49.28
N GLY P 292 55.60 -46.80 -50.31
CA GLY P 292 56.76 -47.03 -51.13
C GLY P 292 57.96 -46.44 -50.48
N LYS P 293 59.03 -46.28 -51.28
CA LYS P 293 60.24 -45.62 -50.89
C LYS P 293 60.57 -44.59 -51.94
N ASP P 294 59.76 -44.53 -53.03
CA ASP P 294 59.87 -43.53 -54.07
C ASP P 294 59.44 -42.20 -53.51
N ASP P 295 60.03 -41.10 -54.04
CA ASP P 295 59.54 -39.77 -53.78
C ASP P 295 58.86 -39.31 -55.04
N ALA P 296 59.22 -39.90 -56.21
CA ALA P 296 58.57 -39.67 -57.48
C ALA P 296 57.12 -40.07 -57.45
N SER P 297 56.28 -39.33 -58.22
CA SER P 297 54.84 -39.49 -58.28
C SER P 297 54.50 -40.88 -58.73
N SER P 298 53.53 -41.51 -58.04
CA SER P 298 53.15 -42.87 -58.28
C SER P 298 51.73 -42.96 -57.87
N GLU P 299 51.11 -44.13 -58.12
CA GLU P 299 49.74 -44.42 -57.77
C GLU P 299 49.61 -44.59 -56.28
N ILE P 300 50.70 -45.02 -55.62
CA ILE P 300 50.70 -45.37 -54.21
C ILE P 300 51.17 -44.19 -53.39
N ASN P 301 51.51 -43.05 -54.03
CA ASN P 301 51.98 -41.89 -53.32
C ASN P 301 50.84 -40.94 -53.13
N LEU P 302 49.60 -41.44 -53.33
CA LEU P 302 48.41 -40.72 -53.01
C LEU P 302 48.04 -41.06 -51.59
N VAL P 303 48.70 -42.09 -51.00
CA VAL P 303 48.29 -42.69 -49.76
C VAL P 303 49.16 -42.18 -48.63
N GLN P 304 50.16 -41.32 -48.94
CA GLN P 304 51.05 -40.72 -47.97
C GLN P 304 50.28 -39.86 -47.01
N GLN P 305 50.73 -39.78 -45.73
CA GLN P 305 50.05 -39.00 -44.73
C GLN P 305 51.13 -38.15 -44.16
N SER P 306 50.77 -37.01 -43.52
CA SER P 306 51.72 -36.16 -42.87
C SER P 306 51.08 -35.56 -41.68
N MET P 307 51.81 -35.57 -40.54
CA MET P 307 51.45 -34.85 -39.36
C MET P 307 52.35 -33.63 -39.28
N PRO P 308 51.96 -32.53 -38.64
CA PRO P 308 52.76 -31.35 -38.41
C PRO P 308 54.03 -31.61 -37.64
N ASN P 309 55.03 -30.70 -37.78
CA ASN P 309 56.25 -30.71 -37.04
C ASN P 309 55.96 -30.24 -35.63
N ARG P 310 56.84 -30.60 -34.69
CA ARG P 310 56.82 -30.21 -33.30
C ARG P 310 56.80 -28.71 -33.12
N PRO P 311 56.00 -28.09 -32.26
CA PRO P 311 56.18 -26.71 -31.86
C PRO P 311 57.50 -26.51 -31.20
N ASN P 312 58.30 -25.52 -31.65
CA ASN P 312 59.58 -25.25 -31.06
C ASN P 312 59.73 -23.77 -31.02
N TYR P 313 59.50 -23.17 -29.83
CA TYR P 313 59.62 -21.77 -29.57
C TYR P 313 61.03 -21.56 -29.11
N ILE P 314 61.71 -20.50 -29.62
CA ILE P 314 63.07 -20.18 -29.29
C ILE P 314 63.06 -18.72 -28.97
N GLY P 315 63.70 -18.30 -27.86
CA GLY P 315 63.70 -16.92 -27.43
C GLY P 315 64.89 -16.77 -26.57
N PHE P 316 65.21 -15.53 -26.15
CA PHE P 316 66.21 -15.23 -25.14
C PHE P 316 65.76 -15.75 -23.81
N ARG P 317 66.72 -16.13 -22.94
CA ARG P 317 66.50 -16.53 -21.57
C ARG P 317 65.79 -15.55 -20.68
N ASP P 318 65.44 -16.01 -19.46
CA ASP P 318 64.48 -15.42 -18.56
C ASP P 318 64.77 -14.01 -18.14
N ASN P 319 66.02 -13.69 -17.75
CA ASN P 319 66.39 -12.34 -17.40
C ASN P 319 67.63 -12.07 -18.17
N PHE P 320 67.79 -12.75 -19.33
CA PHE P 320 68.97 -12.66 -20.15
C PHE P 320 70.09 -13.38 -19.47
N ILE P 321 69.78 -14.60 -18.97
CA ILE P 321 70.68 -15.49 -18.31
C ILE P 321 71.76 -15.89 -19.27
N GLY P 322 73.03 -15.83 -18.82
CA GLY P 322 74.17 -16.30 -19.53
C GLY P 322 74.52 -15.44 -20.70
N LEU P 323 74.00 -14.20 -20.77
CA LEU P 323 74.28 -13.27 -21.83
C LEU P 323 75.35 -12.33 -21.36
N MET P 324 75.81 -12.51 -20.12
CA MET P 324 76.95 -11.84 -19.58
C MET P 324 77.62 -12.89 -18.77
N TYR P 325 78.97 -12.86 -18.73
CA TYR P 325 79.74 -13.78 -17.94
C TYR P 325 79.75 -13.32 -16.52
N TYR P 326 79.38 -14.24 -15.63
CA TYR P 326 79.49 -14.07 -14.20
C TYR P 326 80.18 -15.30 -13.76
N ASN P 327 81.00 -15.18 -12.69
CA ASN P 327 81.61 -16.29 -11.99
C ASN P 327 82.51 -17.03 -12.92
N SER P 328 83.51 -16.30 -13.46
CA SER P 328 84.24 -16.71 -14.63
C SER P 328 85.69 -16.38 -14.45
N THR P 329 86.51 -16.91 -15.36
CA THR P 329 87.95 -16.81 -15.32
C THR P 329 88.32 -16.14 -16.59
N GLY P 330 88.82 -14.90 -16.49
CA GLY P 330 89.34 -14.16 -17.61
C GLY P 330 88.28 -13.43 -18.36
N ASN P 331 86.99 -13.72 -18.05
CA ASN P 331 85.86 -13.08 -18.67
C ASN P 331 85.15 -12.28 -17.63
N MET P 332 85.74 -12.19 -16.41
CA MET P 332 85.15 -11.45 -15.32
C MET P 332 85.18 -9.98 -15.58
N GLY P 333 84.13 -9.26 -15.09
CA GLY P 333 83.95 -7.85 -15.27
C GLY P 333 84.90 -7.03 -14.47
N VAL P 334 84.87 -5.70 -14.73
CA VAL P 334 85.73 -4.72 -14.15
C VAL P 334 84.84 -3.58 -13.75
N LEU P 335 84.91 -3.14 -12.48
CA LEU P 335 84.46 -1.80 -12.17
C LEU P 335 85.55 -1.37 -11.26
N ALA P 336 86.22 -0.27 -11.65
CA ALA P 336 87.47 0.12 -11.06
C ALA P 336 87.59 1.57 -11.31
N GLY P 337 88.54 2.26 -10.65
CA GLY P 337 88.84 3.65 -10.96
C GLY P 337 89.44 3.76 -12.33
N GLN P 338 89.65 5.00 -12.81
CA GLN P 338 90.18 5.22 -14.14
C GLN P 338 91.64 5.57 -14.00
N ALA P 339 92.07 5.91 -12.77
CA ALA P 339 93.43 6.25 -12.47
C ALA P 339 94.00 5.09 -11.74
N SER P 340 93.45 4.80 -10.54
CA SER P 340 93.94 3.78 -9.65
C SER P 340 93.86 2.40 -10.25
N GLN P 341 92.74 2.08 -10.95
CA GLN P 341 92.48 0.82 -11.59
C GLN P 341 92.42 -0.34 -10.64
N LEU P 342 91.82 -0.11 -9.45
CA LEU P 342 91.66 -1.11 -8.43
C LEU P 342 90.30 -1.66 -8.63
N ASN P 343 90.23 -2.93 -9.06
CA ASN P 343 89.03 -3.61 -9.45
C ASN P 343 88.30 -3.97 -8.18
N ALA P 344 87.02 -3.59 -8.11
CA ALA P 344 86.17 -3.75 -6.96
C ALA P 344 85.18 -4.84 -7.25
N VAL P 345 85.51 -5.69 -8.26
CA VAL P 345 84.73 -6.83 -8.64
C VAL P 345 85.67 -7.98 -8.44
N VAL P 346 85.31 -8.89 -7.52
CA VAL P 346 86.01 -10.12 -7.28
C VAL P 346 84.94 -11.13 -7.53
N ASP P 347 85.12 -11.99 -8.56
CA ASP P 347 84.16 -13.00 -8.93
C ASP P 347 84.78 -14.29 -8.55
N LEU P 348 83.95 -15.21 -8.02
CA LEU P 348 84.37 -16.47 -7.50
C LEU P 348 83.63 -17.46 -8.32
N GLN P 349 84.32 -18.57 -8.64
CA GLN P 349 83.79 -19.72 -9.34
C GLN P 349 82.67 -20.38 -8.56
N ASP P 350 82.81 -20.46 -7.22
CA ASP P 350 81.89 -21.15 -6.34
C ASP P 350 80.87 -20.18 -5.80
N ARG P 351 80.34 -19.33 -6.69
CA ARG P 351 79.31 -18.38 -6.39
C ARG P 351 78.44 -18.45 -7.61
N ASN P 352 77.13 -18.17 -7.46
CA ASN P 352 76.19 -18.20 -8.55
C ASN P 352 75.39 -16.95 -8.34
N THR P 353 75.51 -15.96 -9.26
CA THR P 353 74.86 -14.67 -9.14
C THR P 353 73.76 -14.55 -10.15
N GLU P 354 73.37 -15.66 -10.81
CA GLU P 354 72.26 -15.64 -11.72
C GLU P 354 71.13 -16.33 -11.05
N LEU P 355 71.38 -17.45 -10.32
CA LEU P 355 70.41 -18.10 -9.48
C LEU P 355 70.00 -17.18 -8.35
N SER P 356 70.99 -16.49 -7.76
CA SER P 356 70.82 -15.59 -6.64
C SER P 356 69.90 -14.46 -7.01
N TYR P 357 70.02 -13.95 -8.25
CA TYR P 357 69.18 -12.94 -8.83
C TYR P 357 67.75 -13.37 -8.98
N GLN P 358 67.49 -14.65 -9.37
CA GLN P 358 66.16 -15.22 -9.52
C GLN P 358 65.39 -15.23 -8.23
N LEU P 359 66.07 -15.72 -7.18
CA LEU P 359 65.52 -15.89 -5.86
C LEU P 359 65.23 -14.54 -5.21
N LEU P 360 66.02 -13.51 -5.52
CA LEU P 360 65.79 -12.15 -5.06
C LEU P 360 64.48 -11.56 -5.59
N LEU P 361 64.02 -11.96 -6.77
CA LEU P 361 62.82 -11.39 -7.34
C LEU P 361 61.61 -12.06 -6.75
N ASP P 362 61.80 -12.99 -5.79
CA ASP P 362 60.74 -13.56 -5.01
C ASP P 362 60.89 -13.06 -3.60
N SER P 363 61.75 -12.09 -3.36
CA SER P 363 61.90 -11.37 -2.11
C SER P 363 61.25 -10.00 -2.29
N LEU P 364 61.35 -9.48 -3.51
CA LEU P 364 60.73 -8.28 -4.02
C LEU P 364 59.27 -8.52 -4.43
N GLY P 365 58.84 -8.13 -5.63
CA GLY P 365 57.44 -8.17 -5.99
C GLY P 365 56.99 -9.55 -6.37
N ASP P 366 55.75 -9.62 -6.93
CA ASP P 366 55.17 -10.79 -7.56
C ASP P 366 55.97 -11.14 -8.78
N ARG P 367 56.12 -12.45 -9.03
CA ARG P 367 56.96 -12.97 -10.08
C ARG P 367 56.08 -13.42 -11.21
N THR P 368 54.75 -13.24 -11.08
CA THR P 368 53.77 -13.74 -12.03
C THR P 368 53.36 -12.65 -12.98
N ARG P 369 53.96 -11.44 -12.87
CA ARG P 369 53.74 -10.35 -13.78
C ARG P 369 54.94 -10.25 -14.65
N TYR P 370 54.70 -10.18 -15.97
CA TYR P 370 55.73 -10.13 -16.97
C TYR P 370 56.16 -8.70 -17.15
N PHE P 371 57.45 -8.52 -17.49
CA PHE P 371 58.04 -7.24 -17.76
C PHE P 371 58.81 -7.49 -19.02
N SER P 372 59.00 -6.46 -19.85
CA SER P 372 59.49 -6.65 -21.20
C SER P 372 60.80 -5.99 -21.35
N MET P 373 61.10 -4.94 -20.54
CA MET P 373 62.37 -4.25 -20.59
C MET P 373 63.52 -5.12 -20.21
N TRP P 374 63.34 -5.87 -19.11
CA TRP P 374 64.36 -6.74 -18.59
C TRP P 374 64.01 -8.17 -18.92
N ASN P 375 62.89 -8.37 -19.65
CA ASN P 375 62.54 -9.60 -20.29
C ASN P 375 62.06 -10.64 -19.32
N GLN P 376 61.64 -10.21 -18.12
CA GLN P 376 61.17 -11.08 -17.07
C GLN P 376 59.92 -11.78 -17.51
N ALA P 377 59.82 -13.08 -17.17
CA ALA P 377 58.71 -13.90 -17.50
C ALA P 377 59.16 -15.24 -17.09
N VAL P 378 58.82 -15.64 -15.86
CA VAL P 378 59.24 -16.85 -15.21
C VAL P 378 58.77 -18.05 -16.00
N ASP P 379 59.59 -19.12 -16.02
CA ASP P 379 59.23 -20.38 -16.64
C ASP P 379 58.21 -21.06 -15.76
N SER P 380 57.05 -21.43 -16.35
CA SER P 380 56.00 -22.07 -15.60
C SER P 380 55.34 -22.99 -16.57
N TYR P 381 55.08 -24.24 -16.16
CA TYR P 381 54.42 -25.24 -16.97
C TYR P 381 52.96 -25.19 -16.65
N ASP P 382 52.10 -25.79 -17.53
CA ASP P 382 50.70 -25.97 -17.24
C ASP P 382 50.64 -27.11 -16.25
N PRO P 383 50.03 -26.98 -15.07
CA PRO P 383 50.09 -28.00 -14.03
C PRO P 383 49.19 -29.18 -14.32
N ASP P 384 48.34 -29.14 -15.36
CA ASP P 384 47.45 -30.23 -15.71
C ASP P 384 48.09 -31.04 -16.81
N VAL P 385 49.32 -30.67 -17.19
CA VAL P 385 50.12 -31.36 -18.17
C VAL P 385 51.14 -32.08 -17.35
N ARG P 386 51.67 -31.42 -16.29
CA ARG P 386 52.61 -31.98 -15.36
C ARG P 386 52.03 -33.14 -14.62
N ILE P 387 50.79 -32.96 -14.11
CA ILE P 387 50.08 -33.99 -13.39
C ILE P 387 48.86 -34.13 -14.21
N ILE P 388 48.72 -35.29 -14.89
CA ILE P 388 47.58 -35.60 -15.69
C ILE P 388 46.50 -36.01 -14.74
N GLU P 389 45.37 -35.28 -14.77
CA GLU P 389 44.24 -35.57 -13.92
C GLU P 389 43.18 -35.95 -14.89
N ASN P 390 42.90 -37.27 -14.99
CA ASN P 390 41.83 -37.78 -15.81
C ASN P 390 40.59 -37.65 -15.00
N HIS P 391 39.46 -37.51 -15.72
CA HIS P 391 38.17 -37.29 -15.16
C HIS P 391 37.25 -37.77 -16.22
N GLY P 392 37.77 -38.57 -17.19
CA GLY P 392 37.03 -39.02 -18.34
C GLY P 392 36.71 -37.84 -19.19
N VAL P 393 35.57 -37.91 -19.91
CA VAL P 393 35.08 -36.85 -20.72
C VAL P 393 33.59 -36.84 -20.50
N GLU P 394 32.97 -35.65 -20.31
CA GLU P 394 31.54 -35.53 -20.08
C GLU P 394 30.88 -35.69 -21.42
N ASP P 395 30.24 -36.85 -21.65
CA ASP P 395 29.87 -37.24 -22.98
C ASP P 395 28.83 -38.30 -22.82
N GLU P 396 27.62 -37.88 -22.37
CA GLU P 396 26.48 -38.75 -22.17
C GLU P 396 25.43 -38.35 -23.16
N LEU P 397 25.79 -37.47 -24.12
CA LEU P 397 24.91 -36.93 -25.13
C LEU P 397 25.65 -37.14 -26.43
N PRO P 398 25.14 -37.88 -27.43
CA PRO P 398 25.90 -38.19 -28.63
C PRO P 398 25.79 -37.08 -29.64
N ASN P 399 26.88 -36.82 -30.40
CA ASN P 399 26.95 -35.72 -31.32
C ASN P 399 26.82 -36.32 -32.69
N TYR P 400 26.42 -35.52 -33.69
CA TYR P 400 26.06 -36.02 -34.99
C TYR P 400 26.59 -35.09 -36.02
N CYS P 401 26.51 -35.53 -37.28
CA CYS P 401 27.00 -34.84 -38.43
C CYS P 401 25.99 -35.25 -39.46
N PHE P 402 25.71 -34.38 -40.45
CA PHE P 402 24.55 -34.50 -41.29
C PHE P 402 24.93 -34.02 -42.65
N PRO P 403 24.39 -34.53 -43.76
CA PRO P 403 24.54 -33.94 -45.09
C PRO P 403 24.07 -32.52 -45.12
N LEU P 404 24.62 -31.70 -46.05
CA LEU P 404 24.29 -30.30 -46.14
C LEU P 404 23.15 -30.10 -47.09
N ASP P 405 22.66 -31.21 -47.70
CA ASP P 405 21.47 -31.27 -48.54
C ASP P 405 20.27 -30.92 -47.71
N GLY P 406 20.27 -31.41 -46.44
CA GLY P 406 19.28 -31.08 -45.44
C GLY P 406 18.15 -32.04 -45.44
N SER P 407 18.33 -33.21 -46.10
CA SER P 407 17.33 -34.24 -46.19
C SER P 407 18.07 -35.49 -46.60
N GLY P 408 19.40 -35.37 -46.83
CA GLY P 408 20.27 -36.45 -47.23
C GLY P 408 19.82 -37.15 -48.46
N THR P 409 19.98 -38.49 -48.44
CA THR P 409 19.61 -39.38 -49.51
C THR P 409 18.14 -39.30 -49.83
N ASN P 410 17.81 -39.19 -51.13
CA ASN P 410 16.48 -38.98 -51.60
C ASN P 410 16.31 -39.94 -52.74
N ALA P 411 15.06 -40.15 -53.19
CA ALA P 411 14.81 -41.10 -54.23
C ALA P 411 13.61 -40.64 -55.00
N ALA P 412 13.35 -41.37 -56.10
CA ALA P 412 12.29 -41.18 -57.04
C ALA P 412 10.95 -41.47 -56.43
N TYR P 413 10.03 -40.50 -56.54
CA TYR P 413 8.68 -40.61 -56.06
C TYR P 413 7.91 -39.81 -57.03
N GLN P 414 6.58 -39.90 -56.97
CA GLN P 414 5.73 -39.20 -57.89
C GLN P 414 4.44 -39.13 -57.18
N GLY P 415 3.54 -38.22 -57.64
CA GLY P 415 2.22 -38.06 -57.10
C GLY P 415 1.37 -39.27 -57.33
N VAL P 416 0.36 -39.44 -56.47
CA VAL P 416 -0.65 -40.45 -56.66
C VAL P 416 -1.79 -39.86 -55.89
N LYS P 417 -3.03 -40.23 -56.24
CA LYS P 417 -4.18 -39.59 -55.68
C LYS P 417 -5.25 -40.63 -55.69
N VAL P 418 -6.14 -40.58 -54.67
CA VAL P 418 -7.30 -41.42 -54.57
C VAL P 418 -8.38 -40.80 -55.41
N LYS P 419 -8.90 -41.59 -56.38
CA LYS P 419 -9.83 -41.12 -57.37
C LYS P 419 -11.21 -41.53 -56.94
N ASN P 420 -11.31 -42.18 -55.77
CA ASN P 420 -12.55 -42.57 -55.15
C ASN P 420 -12.23 -42.51 -53.68
N GLY P 421 -13.23 -42.18 -52.85
CA GLY P 421 -13.12 -42.21 -51.41
C GLY P 421 -13.01 -43.61 -50.87
N ASN P 422 -13.38 -43.73 -49.57
CA ASN P 422 -13.38 -44.94 -48.79
C ASN P 422 -11.99 -45.33 -48.36
N ASP P 423 -11.90 -45.90 -47.13
CA ASP P 423 -10.72 -46.56 -46.64
C ASP P 423 -10.63 -47.88 -47.37
N GLY P 424 -9.39 -48.37 -47.58
CA GLY P 424 -9.19 -49.59 -48.30
C GLY P 424 -7.81 -49.53 -48.84
N ASP P 425 -7.62 -50.25 -49.97
CA ASP P 425 -6.32 -50.45 -50.54
C ASP P 425 -6.55 -51.24 -51.80
N VAL P 426 -7.74 -51.09 -52.41
CA VAL P 426 -8.06 -51.70 -53.68
C VAL P 426 -9.32 -51.02 -54.16
N GLU P 427 -9.99 -50.25 -53.26
CA GLU P 427 -11.23 -49.58 -53.53
C GLU P 427 -11.00 -48.10 -53.41
N SER P 428 -9.74 -47.70 -53.15
CA SER P 428 -9.39 -46.32 -52.87
C SER P 428 -8.91 -45.68 -54.14
N GLU P 429 -8.81 -46.47 -55.25
CA GLU P 429 -8.47 -46.00 -56.57
C GLU P 429 -7.21 -45.20 -56.65
N TRP P 430 -6.07 -45.87 -56.40
CA TRP P 430 -4.78 -45.26 -56.43
C TRP P 430 -4.36 -45.25 -57.87
N GLU P 431 -4.13 -44.04 -58.40
CA GLU P 431 -3.82 -43.83 -59.78
C GLU P 431 -3.13 -42.51 -59.79
N ASN P 432 -2.28 -42.30 -60.82
CA ASN P 432 -1.39 -41.18 -60.99
C ASN P 432 -2.13 -39.86 -61.09
N ASP P 433 -1.53 -38.78 -60.53
CA ASP P 433 -2.03 -37.44 -60.66
C ASP P 433 -0.91 -36.63 -61.29
N ASP P 434 -1.27 -35.78 -62.28
CA ASP P 434 -0.33 -35.02 -63.08
C ASP P 434 -0.24 -33.60 -62.58
N THR P 435 -1.08 -33.24 -61.58
CA THR P 435 -0.99 -31.95 -60.92
C THR P 435 0.05 -32.00 -59.84
N VAL P 436 0.43 -33.21 -59.41
CA VAL P 436 1.33 -33.44 -58.30
C VAL P 436 2.67 -33.82 -58.87
N ALA P 437 2.83 -33.67 -60.21
CA ALA P 437 4.08 -33.86 -60.92
C ALA P 437 4.66 -35.24 -60.77
N ALA P 438 5.96 -35.38 -61.06
CA ALA P 438 6.65 -36.62 -60.95
C ALA P 438 8.08 -36.25 -60.76
N ARG P 439 8.86 -37.12 -60.10
CA ARG P 439 10.28 -36.98 -59.86
C ARG P 439 10.51 -36.18 -58.60
N ASN P 440 9.55 -36.29 -57.64
CA ASN P 440 9.61 -35.78 -56.30
C ASN P 440 10.73 -36.47 -55.58
N GLN P 441 11.40 -35.75 -54.67
CA GLN P 441 12.58 -36.23 -54.00
C GLN P 441 12.20 -36.16 -52.57
N LEU P 442 12.13 -37.34 -51.92
CA LEU P 442 11.66 -37.48 -50.57
C LEU P 442 12.54 -38.52 -49.99
N CYS P 443 12.56 -38.59 -48.64
CA CYS P 443 13.41 -39.47 -47.89
C CYS P 443 12.49 -40.19 -46.96
N LYS P 444 12.50 -41.53 -46.95
CA LYS P 444 11.77 -42.31 -45.99
C LYS P 444 12.68 -42.54 -44.82
N GLY P 445 12.10 -42.63 -43.60
CA GLY P 445 12.83 -42.69 -42.36
C GLY P 445 13.59 -41.45 -42.07
N ASN P 446 14.44 -41.52 -41.03
CA ASN P 446 15.30 -40.46 -40.55
C ASN P 446 16.33 -40.09 -41.60
N ILE P 447 16.73 -38.80 -41.61
CA ILE P 447 17.75 -38.25 -42.48
C ILE P 447 19.07 -38.93 -42.22
N PHE P 448 19.95 -39.02 -43.25
CA PHE P 448 21.27 -39.62 -43.16
C PHE P 448 22.12 -38.92 -42.13
N ALA P 449 22.98 -39.65 -41.40
CA ALA P 449 23.70 -39.09 -40.29
C ALA P 449 24.87 -39.96 -39.97
N MET P 450 25.84 -39.38 -39.22
CA MET P 450 27.06 -40.02 -38.82
C MET P 450 27.22 -39.51 -37.42
N GLU P 451 27.93 -40.28 -36.57
CA GLU P 451 28.09 -40.06 -35.15
C GLU P 451 29.54 -39.89 -34.81
N ILE P 452 29.84 -38.94 -33.89
CA ILE P 452 31.19 -38.59 -33.54
C ILE P 452 31.12 -38.23 -32.09
N ASN P 453 32.23 -38.41 -31.34
CA ASN P 453 32.32 -38.03 -29.96
C ASN P 453 33.34 -36.95 -29.96
N LEU P 454 32.87 -35.68 -29.90
CA LEU P 454 33.72 -34.52 -29.94
C LEU P 454 34.57 -34.41 -28.72
N GLN P 455 33.97 -34.67 -27.56
CA GLN P 455 34.59 -34.57 -26.26
C GLN P 455 35.74 -35.50 -26.10
N ALA P 456 35.55 -36.77 -26.53
CA ALA P 456 36.51 -37.84 -26.47
C ALA P 456 37.71 -37.54 -27.29
N ASN P 457 37.49 -37.01 -28.52
CA ASN P 457 38.50 -36.59 -29.45
C ASN P 457 39.36 -35.47 -28.97
N LEU P 458 38.80 -34.48 -28.25
CA LEU P 458 39.56 -33.33 -27.81
C LEU P 458 40.44 -33.65 -26.65
N TRP P 459 40.19 -34.77 -25.95
CA TRP P 459 40.97 -35.16 -24.81
C TRP P 459 42.05 -36.10 -25.25
N ARG P 460 41.85 -36.80 -26.39
CA ARG P 460 42.89 -37.55 -27.05
C ARG P 460 43.97 -36.67 -27.58
N SER P 461 43.56 -35.57 -28.25
CA SER P 461 44.41 -34.57 -28.87
C SER P 461 45.22 -33.84 -27.86
N PHE P 462 44.61 -33.50 -26.70
CA PHE P 462 45.28 -32.75 -25.65
C PHE P 462 46.41 -33.56 -25.10
N LEU P 463 46.14 -34.84 -24.79
CA LEU P 463 47.12 -35.71 -24.21
C LEU P 463 48.20 -36.06 -25.16
N TYR P 464 47.87 -36.34 -26.44
CA TYR P 464 48.88 -36.74 -27.39
C TYR P 464 49.89 -35.66 -27.61
N SER P 465 49.46 -34.39 -27.81
CA SER P 465 50.40 -33.31 -28.01
C SER P 465 51.23 -32.96 -26.80
N ASN P 466 50.63 -32.98 -25.59
CA ASN P 466 51.24 -32.43 -24.42
C ASN P 466 51.89 -33.46 -23.53
N VAL P 467 51.87 -34.75 -23.89
CA VAL P 467 52.31 -35.81 -23.00
C VAL P 467 53.16 -36.69 -23.83
N ALA P 468 52.56 -37.35 -24.85
CA ALA P 468 53.12 -38.42 -25.65
C ALA P 468 54.37 -38.00 -26.36
N LEU P 469 54.42 -36.77 -26.90
CA LEU P 469 55.49 -36.25 -27.73
C LEU P 469 56.71 -35.94 -26.91
N TYR P 470 56.57 -35.87 -25.59
CA TYR P 470 57.58 -35.43 -24.66
C TYR P 470 57.97 -36.58 -23.79
N LEU P 471 57.52 -37.81 -24.15
CA LEU P 471 58.05 -39.04 -23.62
C LEU P 471 59.47 -39.21 -24.09
N PRO P 472 60.37 -39.88 -23.36
CA PRO P 472 61.61 -40.46 -23.86
C PRO P 472 61.55 -41.13 -25.21
N ASP P 473 62.71 -41.30 -25.89
CA ASP P 473 62.77 -41.81 -27.23
C ASP P 473 62.93 -43.31 -27.18
N SER P 474 62.82 -43.89 -25.96
CA SER P 474 62.77 -45.30 -25.72
C SER P 474 61.39 -45.82 -26.05
N TYR P 475 60.40 -44.91 -26.07
CA TYR P 475 59.02 -45.21 -26.34
C TYR P 475 58.66 -44.88 -27.75
N LYS P 476 59.64 -44.52 -28.59
CA LYS P 476 59.39 -44.10 -29.93
C LYS P 476 60.05 -45.07 -30.84
N TYR P 477 59.80 -44.91 -32.15
CA TYR P 477 60.34 -45.79 -33.15
C TYR P 477 60.41 -44.92 -34.35
N THR P 478 61.31 -45.23 -35.30
CA THR P 478 61.43 -44.52 -36.54
C THR P 478 60.59 -45.29 -37.51
N PRO P 479 59.65 -44.72 -38.25
CA PRO P 479 58.93 -45.35 -39.35
C PRO P 479 59.77 -46.07 -40.37
N ALA P 480 59.16 -47.02 -41.09
CA ALA P 480 59.81 -47.94 -42.00
C ALA P 480 60.57 -47.32 -43.14
N ASN P 481 60.00 -46.28 -43.79
CA ASN P 481 60.61 -45.69 -44.97
C ASN P 481 61.10 -44.31 -44.70
N ILE P 482 61.41 -43.99 -43.43
CA ILE P 482 61.88 -42.69 -43.03
C ILE P 482 63.26 -42.92 -42.47
N THR P 483 64.22 -42.03 -42.83
CA THR P 483 65.59 -42.07 -42.38
C THR P 483 65.78 -40.76 -41.66
N LEU P 484 66.40 -40.83 -40.45
CA LEU P 484 66.61 -39.68 -39.59
C LEU P 484 68.09 -39.58 -39.35
N PRO P 485 68.64 -38.40 -39.01
CA PRO P 485 70.01 -38.22 -38.56
C PRO P 485 70.47 -39.14 -37.46
N THR P 486 71.78 -39.40 -37.40
CA THR P 486 72.38 -40.24 -36.40
C THR P 486 72.64 -39.43 -35.14
N ASN P 487 72.63 -38.08 -35.22
CA ASN P 487 72.72 -37.22 -34.07
C ASN P 487 71.37 -37.21 -33.42
N THR P 488 71.32 -37.29 -32.07
CA THR P 488 70.09 -37.45 -31.35
C THR P 488 69.67 -36.13 -30.75
N ASN P 489 70.46 -35.07 -30.99
CA ASN P 489 70.24 -33.76 -30.42
C ASN P 489 69.78 -32.83 -31.50
N THR P 490 69.77 -33.28 -32.78
CA THR P 490 69.17 -32.57 -33.89
C THR P 490 67.70 -32.43 -33.71
N TYR P 491 67.12 -31.35 -34.29
CA TYR P 491 65.70 -31.14 -34.37
C TYR P 491 65.02 -32.22 -35.16
N ASP P 492 65.63 -32.63 -36.29
CA ASP P 492 65.05 -33.56 -37.23
C ASP P 492 64.80 -34.91 -36.62
N TYR P 493 65.76 -35.38 -35.80
CA TYR P 493 65.67 -36.63 -35.10
C TYR P 493 64.54 -36.66 -34.11
N MET P 494 64.39 -35.59 -33.29
CA MET P 494 63.38 -35.46 -32.27
C MET P 494 62.01 -35.43 -32.89
N ASN P 495 61.87 -34.65 -33.97
CA ASN P 495 60.68 -34.44 -34.72
C ASN P 495 60.21 -35.72 -35.36
N GLY P 496 61.14 -36.50 -35.94
CA GLY P 496 60.84 -37.53 -36.90
C GLY P 496 60.41 -38.82 -36.29
N ARG P 497 60.82 -39.13 -35.04
CA ARG P 497 60.40 -40.33 -34.35
C ARG P 497 58.96 -40.20 -33.93
N VAL P 498 58.23 -41.34 -33.98
CA VAL P 498 56.80 -41.43 -33.81
C VAL P 498 56.57 -42.18 -32.55
N VAL P 499 55.57 -41.77 -31.75
CA VAL P 499 55.23 -42.36 -30.48
C VAL P 499 53.82 -42.89 -30.63
N PRO P 500 53.45 -44.09 -30.16
CA PRO P 500 52.09 -44.59 -30.22
C PRO P 500 51.12 -43.71 -29.45
N PRO P 501 49.95 -43.33 -29.94
CA PRO P 501 48.97 -42.59 -29.16
C PRO P 501 48.22 -43.50 -28.20
N SER P 502 48.64 -44.76 -28.02
CA SER P 502 47.95 -45.72 -27.20
C SER P 502 48.75 -45.98 -25.96
N LEU P 503 49.96 -45.38 -25.88
CA LEU P 503 50.75 -45.34 -24.68
C LEU P 503 50.27 -44.27 -23.74
N VAL P 504 49.54 -43.26 -24.28
CA VAL P 504 48.92 -42.22 -23.50
C VAL P 504 47.54 -42.33 -24.06
N ASP P 505 46.87 -43.43 -23.64
CA ASP P 505 45.63 -43.97 -24.12
C ASP P 505 44.52 -42.98 -24.12
N ALA P 506 44.42 -42.21 -23.02
CA ALA P 506 43.47 -41.15 -22.74
C ALA P 506 42.36 -41.72 -21.94
N TYR P 507 42.58 -42.96 -21.46
CA TYR P 507 41.66 -43.75 -20.71
C TYR P 507 42.59 -44.65 -19.97
N ILE P 508 43.63 -44.04 -19.34
CA ILE P 508 44.57 -44.76 -18.51
C ILE P 508 44.94 -43.82 -17.39
N ASN P 509 44.94 -44.37 -16.15
CA ASN P 509 45.10 -43.68 -14.89
C ASN P 509 43.80 -42.97 -14.60
N ILE P 510 42.70 -43.44 -15.24
CA ILE P 510 41.46 -42.76 -15.33
C ILE P 510 40.82 -42.61 -13.98
N GLY P 511 40.76 -41.36 -13.49
CA GLY P 511 40.08 -41.00 -12.29
C GLY P 511 41.03 -40.74 -11.17
N ALA P 512 42.34 -40.54 -11.46
CA ALA P 512 43.38 -40.41 -10.48
C ALA P 512 44.18 -39.24 -10.92
N ARG P 513 44.82 -38.53 -9.96
CA ARG P 513 45.83 -37.55 -10.25
C ARG P 513 47.07 -38.36 -10.17
N TRP P 514 47.85 -38.37 -11.25
CA TRP P 514 49.03 -39.17 -11.27
C TRP P 514 49.83 -38.53 -12.33
N SER P 515 51.16 -38.56 -12.16
CA SER P 515 52.09 -38.07 -13.13
C SER P 515 52.81 -39.31 -13.51
N LEU P 516 52.90 -39.58 -14.84
CA LEU P 516 53.57 -40.73 -15.41
C LEU P 516 55.00 -40.80 -14.96
N ASP P 517 55.45 -42.04 -14.65
CA ASP P 517 56.80 -42.35 -14.26
C ASP P 517 57.87 -41.99 -15.28
N PRO P 518 57.80 -42.23 -16.59
CA PRO P 518 58.78 -41.69 -17.53
C PRO P 518 58.54 -40.23 -17.85
N MET P 519 57.84 -39.45 -17.00
CA MET P 519 57.69 -38.04 -17.15
C MET P 519 58.13 -37.36 -15.90
N ASP P 520 58.57 -38.11 -14.88
CA ASP P 520 59.07 -37.57 -13.64
C ASP P 520 60.52 -37.24 -13.76
N ASN P 521 61.16 -37.62 -14.89
CA ASN P 521 62.57 -37.43 -15.12
C ASN P 521 62.71 -36.63 -16.38
N VAL P 522 61.59 -36.02 -16.86
CA VAL P 522 61.57 -35.19 -18.03
C VAL P 522 61.40 -33.82 -17.49
N ASN P 523 62.16 -32.85 -18.04
CA ASN P 523 62.19 -31.47 -17.59
C ASN P 523 60.87 -30.85 -18.02
N PRO P 524 59.97 -30.39 -17.15
CA PRO P 524 58.67 -29.91 -17.56
C PRO P 524 58.72 -28.50 -18.08
N PHE P 525 59.90 -27.84 -18.08
CA PHE P 525 60.05 -26.50 -18.54
C PHE P 525 60.61 -26.55 -19.95
N ASN P 526 60.66 -27.76 -20.55
CA ASN P 526 60.97 -27.95 -21.94
C ASN P 526 59.68 -28.37 -22.53
N HIS P 527 58.78 -27.41 -22.78
CA HIS P 527 57.45 -27.74 -23.19
C HIS P 527 56.99 -26.55 -23.94
N HIS P 528 55.98 -26.72 -24.81
CA HIS P 528 55.49 -25.65 -25.64
C HIS P 528 54.33 -25.01 -24.95
N ARG P 529 54.03 -25.43 -23.71
CA ARG P 529 53.01 -24.85 -22.89
C ARG P 529 53.69 -24.21 -21.72
N ASN P 530 55.04 -24.06 -21.82
CA ASN P 530 55.80 -23.22 -20.92
C ASN P 530 55.44 -21.83 -21.36
N ALA P 531 54.66 -21.12 -20.53
CA ALA P 531 54.03 -19.89 -20.92
C ALA P 531 54.99 -18.74 -20.90
N GLY P 532 56.11 -18.86 -20.16
CA GLY P 532 57.12 -17.84 -20.07
C GLY P 532 57.94 -17.85 -21.30
N LEU P 533 58.34 -19.05 -21.74
CA LEU P 533 59.12 -19.27 -22.93
C LEU P 533 58.41 -18.82 -24.17
N ARG P 534 57.08 -19.05 -24.26
CA ARG P 534 56.26 -18.54 -25.34
C ARG P 534 56.23 -17.06 -25.41
N TYR P 535 56.15 -16.36 -24.25
CA TYR P 535 56.11 -14.92 -24.21
C TYR P 535 57.38 -14.31 -24.74
N ARG P 536 58.54 -14.86 -24.32
CA ARG P 536 59.86 -14.43 -24.70
C ARG P 536 60.15 -14.60 -26.17
N SER P 537 59.68 -15.72 -26.73
CA SER P 537 59.75 -16.07 -28.13
C SER P 537 58.98 -15.11 -29.01
N MET P 538 57.81 -14.62 -28.54
CA MET P 538 56.87 -13.87 -29.33
C MET P 538 57.09 -12.39 -29.19
N LEU P 539 58.08 -11.98 -28.38
CA LEU P 539 58.49 -10.60 -28.26
C LEU P 539 59.63 -10.36 -29.18
N LEU P 540 59.98 -11.36 -30.01
CA LEU P 540 60.96 -11.26 -31.05
C LEU P 540 60.29 -11.41 -32.38
N GLY P 541 59.06 -11.95 -32.43
CA GLY P 541 58.30 -12.11 -33.66
C GLY P 541 58.29 -13.54 -34.09
N ASN P 542 57.66 -13.82 -35.25
CA ASN P 542 57.36 -15.14 -35.70
C ASN P 542 58.24 -15.66 -36.80
N GLY P 543 59.26 -14.90 -37.23
CA GLY P 543 60.12 -15.28 -38.32
C GLY P 543 61.46 -15.57 -37.76
N ARG P 544 62.31 -16.30 -38.50
CA ARG P 544 63.67 -16.62 -38.14
C ARG P 544 64.57 -15.44 -37.96
N TYR P 545 64.48 -14.48 -38.89
CA TYR P 545 65.45 -13.42 -39.04
C TYR P 545 64.95 -12.28 -38.22
N VAL P 546 65.62 -11.98 -37.09
CA VAL P 546 65.13 -11.01 -36.14
C VAL P 546 66.27 -10.09 -35.80
N PRO P 547 66.37 -8.87 -36.31
CA PRO P 547 67.06 -7.78 -35.63
C PRO P 547 66.41 -7.46 -34.31
N PHE P 548 67.18 -7.30 -33.21
CA PHE P 548 66.62 -7.23 -31.89
C PHE P 548 67.26 -6.06 -31.23
N HIS P 549 66.61 -5.59 -30.16
CA HIS P 549 67.07 -4.53 -29.31
C HIS P 549 66.62 -4.97 -27.96
N ILE P 550 67.51 -5.03 -26.95
CA ILE P 550 67.19 -5.59 -25.66
C ILE P 550 67.96 -4.79 -24.65
N GLN P 551 67.44 -4.69 -23.38
CA GLN P 551 68.11 -3.94 -22.33
C GLN P 551 68.41 -5.03 -21.35
N VAL P 552 69.68 -5.14 -20.92
CA VAL P 552 70.19 -6.27 -20.17
C VAL P 552 70.69 -5.74 -18.84
N PRO P 553 70.15 -6.08 -17.67
CA PRO P 553 70.54 -5.43 -16.42
C PRO P 553 71.80 -6.06 -15.86
N GLN P 554 72.47 -5.34 -14.93
CA GLN P 554 73.61 -5.81 -14.17
C GLN P 554 73.08 -6.63 -13.03
N LYS P 555 73.56 -7.89 -12.85
CA LYS P 555 73.08 -8.79 -11.84
C LYS P 555 74.09 -9.03 -10.76
N PHE P 556 75.36 -8.56 -10.91
CA PHE P 556 76.39 -8.85 -9.92
C PHE P 556 76.10 -8.04 -8.69
N PHE P 557 76.08 -8.69 -7.53
CA PHE P 557 75.53 -8.18 -6.28
C PHE P 557 76.28 -7.01 -5.67
N ALA P 558 77.61 -6.96 -5.77
CA ALA P 558 78.35 -5.88 -5.17
C ALA P 558 78.04 -4.53 -5.80
N ILE P 559 77.94 -4.47 -7.14
CA ILE P 559 77.69 -3.25 -7.88
C ILE P 559 76.26 -3.21 -8.36
N LYS P 560 75.36 -4.01 -7.75
CA LYS P 560 73.96 -4.05 -8.10
C LYS P 560 73.23 -2.78 -7.76
N SER P 561 73.46 -2.26 -6.54
CA SER P 561 72.75 -1.12 -6.02
C SER P 561 73.71 -0.12 -5.50
N LEU P 562 74.97 -0.12 -5.97
CA LEU P 562 76.00 0.79 -5.55
C LEU P 562 75.66 2.22 -5.89
N LEU P 563 75.98 3.18 -4.99
CA LEU P 563 75.90 4.59 -5.31
C LEU P 563 77.29 5.01 -5.63
N LEU P 564 77.54 5.29 -6.92
CA LEU P 564 78.82 5.65 -7.44
C LEU P 564 78.90 7.15 -7.34
N LEU P 565 79.98 7.68 -6.72
CA LEU P 565 80.15 9.09 -6.42
C LEU P 565 81.05 9.64 -7.50
N PRO P 566 81.24 10.95 -7.70
CA PRO P 566 82.11 11.54 -8.71
C PRO P 566 83.48 10.92 -8.91
N GLY P 567 83.96 10.96 -10.17
CA GLY P 567 85.20 10.37 -10.59
C GLY P 567 84.90 9.68 -11.88
N SER P 568 85.95 9.09 -12.47
CA SER P 568 85.90 8.38 -13.73
C SER P 568 86.24 6.97 -13.41
N TYR P 569 85.57 6.01 -14.09
CA TYR P 569 85.63 4.62 -13.71
C TYR P 569 85.65 3.84 -14.99
N THR P 570 86.43 2.73 -14.97
CA THR P 570 86.58 1.77 -16.02
C THR P 570 85.54 0.74 -15.79
N TYR P 571 84.61 0.57 -16.74
CA TYR P 571 83.52 -0.37 -16.62
C TYR P 571 83.65 -1.18 -17.85
N GLU P 572 83.76 -2.52 -17.73
CA GLU P 572 83.96 -3.38 -18.87
C GLU P 572 83.29 -4.64 -18.45
N TRP P 573 82.64 -5.33 -19.41
CA TRP P 573 82.00 -6.59 -19.15
C TRP P 573 82.02 -7.35 -20.43
N ASN P 574 82.06 -8.69 -20.34
CA ASN P 574 82.04 -9.56 -21.49
C ASN P 574 80.63 -10.04 -21.67
N PHE P 575 80.29 -10.43 -22.91
CA PHE P 575 78.98 -10.83 -23.34
C PHE P 575 79.23 -12.10 -24.05
N ARG P 576 78.21 -12.97 -24.13
CA ARG P 576 78.35 -14.34 -24.53
C ARG P 576 77.63 -14.42 -25.85
N LYS P 577 78.27 -15.04 -26.86
CA LYS P 577 77.74 -15.12 -28.21
C LYS P 577 77.39 -16.55 -28.54
N ASP P 578 77.55 -17.47 -27.57
CA ASP P 578 77.15 -18.85 -27.67
C ASP P 578 75.64 -18.93 -27.66
N VAL P 579 75.05 -19.51 -28.72
CA VAL P 579 73.63 -19.60 -28.93
C VAL P 579 72.93 -20.45 -27.91
N ASN P 580 73.54 -21.56 -27.43
CA ASN P 580 72.90 -22.46 -26.48
C ASN P 580 72.89 -21.89 -25.10
N MET P 581 73.81 -20.96 -24.79
CA MET P 581 73.97 -20.42 -23.47
C MET P 581 73.05 -19.26 -23.28
N ILE P 582 72.57 -18.62 -24.38
CA ILE P 582 71.76 -17.43 -24.28
C ILE P 582 70.37 -17.63 -24.81
N LEU P 583 70.07 -18.75 -25.50
CA LEU P 583 68.75 -18.97 -26.07
C LEU P 583 68.18 -20.20 -25.47
N GLN P 584 66.89 -20.11 -25.05
CA GLN P 584 66.14 -21.24 -24.55
C GLN P 584 65.34 -21.75 -25.71
N SER P 585 65.02 -23.06 -25.68
CA SER P 585 64.32 -23.77 -26.72
C SER P 585 63.33 -24.64 -26.01
N SER P 586 62.28 -25.12 -26.71
CA SER P 586 61.23 -25.91 -26.10
C SER P 586 61.52 -27.37 -26.23
N LEU P 587 62.55 -27.76 -26.99
CA LEU P 587 62.85 -29.14 -27.27
C LEU P 587 64.21 -29.46 -26.72
N GLY P 588 65.02 -28.44 -26.39
CA GLY P 588 66.30 -28.62 -25.77
C GLY P 588 67.30 -29.23 -26.70
N ASN P 589 67.14 -28.96 -28.01
CA ASN P 589 67.98 -29.40 -29.09
C ASN P 589 69.26 -28.59 -29.11
N ASP P 590 70.19 -28.93 -30.01
CA ASP P 590 71.44 -28.22 -30.16
C ASP P 590 71.19 -27.21 -31.23
N LEU P 591 71.41 -25.90 -30.97
CA LEU P 591 71.07 -24.86 -31.90
C LEU P 591 72.29 -24.45 -32.65
N ARG P 592 73.50 -24.88 -32.20
CA ARG P 592 74.71 -24.70 -32.95
C ARG P 592 74.66 -25.50 -34.22
N THR P 593 74.21 -26.78 -34.11
CA THR P 593 74.02 -27.66 -35.22
C THR P 593 72.92 -27.19 -36.16
N ASP P 594 71.79 -26.70 -35.59
CA ASP P 594 70.62 -26.30 -36.34
C ASP P 594 70.85 -25.18 -37.30
N GLY P 595 71.57 -24.11 -36.87
CA GLY P 595 71.89 -23.01 -37.74
C GLY P 595 71.57 -21.70 -37.11
N ALA P 596 71.26 -21.69 -35.79
CA ALA P 596 71.13 -20.47 -35.03
C ALA P 596 72.48 -19.80 -34.92
N SER P 597 72.49 -18.47 -34.92
CA SER P 597 73.67 -17.67 -34.84
C SER P 597 73.23 -16.34 -34.30
N ILE P 598 74.17 -15.55 -33.75
CA ILE P 598 73.86 -14.25 -33.21
C ILE P 598 75.10 -13.45 -33.43
N SER P 599 74.93 -12.13 -33.65
CA SER P 599 76.02 -11.22 -33.86
C SER P 599 75.59 -9.96 -33.21
N PHE P 600 76.49 -9.32 -32.44
CA PHE P 600 76.21 -8.08 -31.77
C PHE P 600 76.77 -6.99 -32.62
N THR P 601 76.01 -5.89 -32.77
CA THR P 601 76.50 -4.69 -33.39
C THR P 601 76.04 -3.65 -32.44
N SER P 602 76.98 -2.92 -31.81
CA SER P 602 76.69 -1.80 -30.95
C SER P 602 76.14 -2.27 -29.62
N ILE P 603 76.89 -2.05 -28.53
CA ILE P 603 76.40 -2.27 -27.19
C ILE P 603 76.79 -1.00 -26.52
N ASN P 604 75.80 -0.28 -25.92
CA ASN P 604 76.03 0.98 -25.28
C ASN P 604 75.56 0.86 -23.87
N LEU P 605 76.40 1.29 -22.92
CA LEU P 605 76.05 1.53 -21.54
C LEU P 605 75.04 2.64 -21.46
N TYR P 606 74.13 2.61 -20.47
CA TYR P 606 73.12 3.61 -20.25
C TYR P 606 73.20 3.94 -18.80
N ALA P 607 72.70 5.12 -18.43
CA ALA P 607 72.83 5.65 -17.10
C ALA P 607 71.69 6.57 -16.93
N THR P 608 71.24 6.76 -15.68
CA THR P 608 70.15 7.66 -15.40
C THR P 608 70.55 8.23 -14.08
N PHE P 609 70.53 9.57 -13.98
CA PHE P 609 71.09 10.30 -12.86
C PHE P 609 69.93 11.02 -12.31
N PHE P 610 69.84 11.05 -10.96
CA PHE P 610 68.82 11.72 -10.21
C PHE P 610 69.21 13.17 -10.20
N PRO P 611 68.43 14.12 -10.72
CA PRO P 611 68.77 15.52 -10.67
C PRO P 611 68.54 16.00 -9.27
N MET P 612 69.48 16.77 -8.73
CA MET P 612 69.30 17.36 -7.43
C MET P 612 70.24 18.51 -7.40
N ALA P 613 70.02 19.41 -6.41
CA ALA P 613 70.80 20.60 -6.21
C ALA P 613 72.23 20.25 -6.02
N HIS P 614 73.13 21.14 -6.46
CA HIS P 614 74.54 20.92 -6.33
C HIS P 614 74.96 21.12 -4.92
N ASN P 615 74.18 21.81 -4.07
CA ASN P 615 74.37 21.89 -2.63
C ASN P 615 74.08 20.57 -1.90
N THR P 616 72.94 19.95 -2.19
CA THR P 616 72.59 18.63 -1.68
C THR P 616 73.53 17.57 -2.18
N ALA P 617 73.93 17.65 -3.45
CA ALA P 617 74.73 16.64 -4.09
C ALA P 617 76.06 16.51 -3.41
N SER P 618 76.70 17.67 -3.09
CA SER P 618 77.97 17.70 -2.43
C SER P 618 77.91 17.40 -0.95
N THR P 619 76.80 17.66 -0.29
CA THR P 619 76.66 17.30 1.12
C THR P 619 76.50 15.80 1.28
N LEU P 620 75.72 15.16 0.42
CA LEU P 620 75.62 13.72 0.34
C LEU P 620 76.96 13.04 0.03
N GLU P 621 77.76 13.60 -0.87
CA GLU P 621 79.07 13.08 -1.17
C GLU P 621 80.00 13.11 0.00
N ALA P 622 80.02 14.23 0.72
CA ALA P 622 80.89 14.40 1.87
C ALA P 622 80.55 13.41 2.98
N MET P 623 79.29 13.03 3.12
CA MET P 623 78.86 11.99 4.06
C MET P 623 79.31 10.60 3.63
N LEU P 624 79.28 10.28 2.34
CA LEU P 624 79.46 8.94 1.84
C LEU P 624 80.90 8.75 1.45
N ARG P 625 81.76 9.74 1.75
CA ARG P 625 83.19 9.66 1.61
C ARG P 625 83.79 9.31 2.94
N ASN P 626 82.99 9.25 4.01
CA ASN P 626 83.38 8.72 5.32
C ASN P 626 83.32 7.19 5.31
N ASP P 627 84.14 6.56 6.13
CA ASP P 627 84.33 5.13 6.13
C ASP P 627 83.43 4.50 7.15
N THR P 628 82.58 5.31 7.82
CA THR P 628 81.59 4.84 8.75
C THR P 628 80.28 4.74 8.01
N ASN P 629 80.19 5.34 6.81
CA ASN P 629 79.06 5.31 5.91
C ASN P 629 79.38 4.42 4.70
N ASP P 630 80.14 3.36 4.93
CA ASP P 630 80.46 2.36 3.94
C ASP P 630 79.19 1.69 3.49
N GLN P 631 79.03 1.48 2.17
CA GLN P 631 77.84 0.85 1.64
C GLN P 631 78.06 -0.62 1.62
N SER P 632 77.20 -1.38 2.31
CA SER P 632 77.36 -2.79 2.51
C SER P 632 76.28 -3.52 1.82
N PHE P 633 76.64 -4.64 1.16
CA PHE P 633 75.80 -5.38 0.27
C PHE P 633 76.08 -6.80 0.61
N ASN P 634 75.24 -7.73 0.19
CA ASN P 634 75.36 -9.14 0.50
C ASN P 634 74.76 -9.92 -0.66
N ASP P 635 75.34 -11.03 -1.06
CA ASP P 635 74.72 -11.85 -2.10
C ASP P 635 73.39 -12.40 -1.57
N TYR P 636 72.33 -12.48 -2.37
CA TYR P 636 71.05 -12.92 -1.83
C TYR P 636 71.11 -14.39 -1.45
N LEU P 637 71.35 -15.28 -2.40
CA LEU P 637 71.78 -16.65 -2.12
C LEU P 637 73.25 -16.62 -1.71
N SER P 638 73.59 -16.05 -0.56
CA SER P 638 74.98 -16.04 -0.12
C SER P 638 75.38 -17.45 0.25
N ALA P 639 76.19 -18.06 -0.59
CA ALA P 639 76.50 -19.44 -0.50
C ALA P 639 77.74 -19.73 -1.28
N ALA P 640 78.43 -20.83 -0.89
CA ALA P 640 79.48 -21.44 -1.64
C ALA P 640 78.80 -22.56 -2.36
N ASN P 641 78.92 -22.58 -3.69
CA ASN P 641 78.14 -23.40 -4.58
C ASN P 641 79.09 -24.34 -5.20
N MET P 642 78.81 -25.65 -5.12
CA MET P 642 79.76 -26.59 -5.63
C MET P 642 79.04 -27.87 -5.90
N LEU P 643 79.59 -28.66 -6.84
CA LEU P 643 78.97 -29.85 -7.36
C LEU P 643 79.72 -31.05 -6.95
N TYR P 644 79.08 -32.23 -7.09
CA TYR P 644 79.71 -33.51 -6.99
C TYR P 644 79.02 -34.37 -8.01
N PRO P 645 79.63 -34.92 -9.05
CA PRO P 645 79.03 -35.92 -9.92
C PRO P 645 78.45 -37.14 -9.24
N ILE P 646 77.25 -37.56 -9.68
CA ILE P 646 76.69 -38.85 -9.39
C ILE P 646 77.03 -39.66 -10.64
N PRO P 647 77.73 -40.78 -10.65
CA PRO P 647 77.78 -41.70 -11.79
C PRO P 647 76.43 -42.17 -12.29
N ALA P 648 76.38 -42.85 -13.45
CA ALA P 648 75.15 -43.35 -14.00
C ALA P 648 74.87 -44.67 -13.34
N ASN P 649 73.58 -44.90 -12.98
CA ASN P 649 73.09 -46.06 -12.27
C ASN P 649 73.80 -46.28 -10.96
N ALA P 650 73.77 -45.25 -10.09
CA ALA P 650 74.52 -45.22 -8.87
C ALA P 650 73.56 -44.69 -7.86
N THR P 651 73.61 -45.23 -6.61
CA THR P 651 72.64 -44.89 -5.59
C THR P 651 73.32 -44.17 -4.47
N ASN P 652 74.60 -43.76 -4.58
CA ASN P 652 75.29 -43.17 -3.45
C ASN P 652 76.24 -42.16 -4.01
N VAL P 653 76.37 -40.99 -3.32
CA VAL P 653 76.97 -39.80 -3.89
C VAL P 653 78.17 -39.46 -3.02
N PRO P 654 79.31 -38.95 -3.57
CA PRO P 654 80.49 -38.64 -2.77
C PRO P 654 80.48 -37.21 -2.28
N ILE P 655 80.52 -36.98 -0.95
CA ILE P 655 80.70 -35.65 -0.43
C ILE P 655 81.56 -35.82 0.78
N SER P 656 82.49 -34.87 0.95
CA SER P 656 83.50 -34.80 1.97
C SER P 656 83.74 -33.32 2.03
N ILE P 657 84.08 -32.76 3.21
CA ILE P 657 84.62 -31.43 3.30
C ILE P 657 85.67 -31.59 4.36
N PRO P 658 86.95 -31.28 4.16
CA PRO P 658 87.97 -31.14 5.18
C PRO P 658 87.64 -30.21 6.33
N SER P 659 88.57 -30.08 7.30
CA SER P 659 88.43 -29.20 8.43
C SER P 659 88.29 -27.77 8.00
N ARG P 660 87.23 -27.11 8.53
CA ARG P 660 86.93 -25.73 8.35
C ARG P 660 86.56 -25.32 9.73
N ASN P 661 86.38 -24.00 9.96
CA ASN P 661 86.16 -23.48 11.28
C ASN P 661 84.67 -23.51 11.58
N TRP P 662 83.81 -23.39 10.53
CA TRP P 662 82.35 -23.45 10.62
C TRP P 662 81.79 -22.42 11.56
N ALA P 663 82.16 -21.14 11.38
CA ALA P 663 81.63 -20.08 12.20
C ALA P 663 80.93 -19.16 11.28
N ALA P 664 79.64 -18.89 11.59
CA ALA P 664 78.71 -18.12 10.81
C ALA P 664 78.10 -18.97 9.72
N PHE P 665 78.08 -20.31 9.93
CA PHE P 665 77.58 -21.25 8.97
C PHE P 665 76.10 -21.35 9.12
N ARG P 666 75.40 -21.08 8.03
CA ARG P 666 73.95 -21.25 7.89
C ARG P 666 73.68 -22.69 7.47
N GLY P 667 72.58 -23.01 6.83
CA GLY P 667 72.22 -24.37 6.49
C GLY P 667 72.92 -24.93 5.29
N TRP P 668 72.23 -25.85 4.60
CA TRP P 668 72.61 -26.39 3.33
C TRP P 668 71.36 -26.30 2.53
N SER P 669 71.47 -26.34 1.22
CA SER P 669 70.38 -26.58 0.29
C SER P 669 70.90 -27.55 -0.74
N PHE P 670 70.10 -28.45 -1.26
CA PHE P 670 70.59 -29.39 -2.24
C PHE P 670 69.51 -29.76 -3.23
N THR P 671 69.94 -30.15 -4.40
CA THR P 671 69.07 -30.44 -5.51
C THR P 671 69.88 -31.33 -6.40
N ARG P 672 69.18 -32.11 -7.23
CA ARG P 672 69.71 -33.12 -8.10
C ARG P 672 69.38 -32.62 -9.46
N LEU P 673 70.30 -32.76 -10.43
CA LEU P 673 70.22 -32.08 -11.70
C LEU P 673 70.89 -33.02 -12.64
N LYS P 674 70.62 -32.84 -13.95
CA LYS P 674 71.11 -33.72 -14.99
C LYS P 674 72.32 -33.13 -15.61
N THR P 675 72.94 -33.88 -16.54
CA THR P 675 74.15 -33.44 -17.18
C THR P 675 74.11 -34.03 -18.57
N LYS P 676 75.32 -34.23 -19.15
CA LYS P 676 75.67 -34.85 -20.41
C LYS P 676 76.00 -33.69 -21.32
N GLU P 677 76.04 -32.48 -20.72
CA GLU P 677 76.20 -31.19 -21.33
C GLU P 677 76.75 -30.34 -20.20
N THR P 678 77.47 -29.24 -20.53
CA THR P 678 78.15 -28.40 -19.56
C THR P 678 77.71 -26.96 -19.75
N PRO P 679 77.02 -26.27 -18.84
CA PRO P 679 76.63 -24.88 -19.03
C PRO P 679 77.56 -24.01 -18.23
N SER P 680 78.88 -24.33 -18.21
CA SER P 680 79.87 -23.55 -17.51
C SER P 680 80.12 -22.19 -18.10
N LEU P 681 80.04 -21.16 -17.22
CA LEU P 681 80.50 -19.83 -17.51
C LEU P 681 81.86 -19.74 -16.83
N GLY P 682 82.31 -20.86 -16.20
CA GLY P 682 83.60 -21.06 -15.61
C GLY P 682 84.66 -21.20 -16.66
N SER P 683 84.25 -21.56 -17.90
CA SER P 683 85.12 -21.57 -19.05
C SER P 683 84.52 -20.63 -20.05
N GLY P 684 85.37 -20.11 -20.96
CA GLY P 684 84.99 -19.22 -22.04
C GLY P 684 84.06 -19.84 -23.04
N PHE P 685 84.22 -21.16 -23.33
CA PHE P 685 83.38 -21.82 -24.29
C PHE P 685 83.38 -23.25 -23.85
N ASP P 686 82.24 -23.93 -24.07
CA ASP P 686 82.08 -25.33 -23.77
C ASP P 686 81.75 -25.96 -25.08
N PRO P 687 82.58 -26.78 -25.70
CA PRO P 687 82.24 -27.40 -26.97
C PRO P 687 81.20 -28.44 -26.74
N TYR P 688 81.16 -29.03 -25.53
CA TYR P 688 80.20 -30.04 -25.16
C TYR P 688 79.21 -29.32 -24.31
N PHE P 689 77.98 -29.15 -24.83
CA PHE P 689 76.96 -28.32 -24.25
C PHE P 689 75.97 -28.27 -25.35
N VAL P 690 75.44 -29.45 -25.73
CA VAL P 690 74.66 -29.64 -26.92
C VAL P 690 73.22 -29.72 -26.49
N TYR P 691 72.77 -28.72 -25.71
CA TYR P 691 71.45 -28.66 -25.18
C TYR P 691 71.15 -27.20 -25.02
N SER P 692 69.90 -26.78 -25.30
CA SER P 692 69.54 -25.38 -25.26
C SER P 692 68.26 -25.21 -24.52
N GLY P 693 67.78 -26.22 -23.76
CA GLY P 693 66.55 -26.14 -23.02
C GLY P 693 66.76 -25.30 -21.80
N SER P 694 65.82 -25.36 -20.83
CA SER P 694 65.95 -24.66 -19.57
C SER P 694 67.15 -25.19 -18.82
N ILE P 695 67.95 -24.31 -18.18
CA ILE P 695 69.17 -24.70 -17.50
C ILE P 695 68.77 -24.65 -16.05
N PRO P 696 68.77 -25.72 -15.28
CA PRO P 696 68.32 -25.69 -13.91
C PRO P 696 69.27 -24.98 -12.99
N TYR P 697 70.58 -25.03 -13.27
CA TYR P 697 71.60 -24.38 -12.51
C TYR P 697 71.45 -22.88 -12.42
N LEU P 698 71.13 -22.20 -13.55
CA LEU P 698 71.23 -20.77 -13.66
C LEU P 698 69.87 -20.15 -13.60
N ASP P 699 68.81 -20.96 -13.49
CA ASP P 699 67.44 -20.52 -13.48
C ASP P 699 66.87 -21.20 -12.27
N GLY P 700 65.68 -20.79 -11.82
CA GLY P 700 65.03 -21.34 -10.66
C GLY P 700 64.50 -22.74 -10.85
N THR P 701 64.45 -23.22 -12.12
CA THR P 701 63.87 -24.49 -12.50
C THR P 701 64.61 -25.64 -11.86
N PHE P 702 63.89 -26.62 -11.29
CA PHE P 702 64.42 -27.81 -10.68
C PHE P 702 63.27 -28.76 -10.77
N TYR P 703 63.49 -30.08 -10.64
CA TYR P 703 62.43 -31.01 -10.96
C TYR P 703 62.76 -32.41 -10.54
N LEU P 704 63.87 -32.62 -9.80
CA LEU P 704 64.28 -33.93 -9.37
C LEU P 704 64.41 -33.94 -7.89
N ASN P 705 63.64 -33.18 -7.13
CA ASN P 705 63.81 -33.19 -5.68
C ASN P 705 63.15 -34.42 -5.06
N HIS P 706 62.21 -35.03 -5.76
CA HIS P 706 61.56 -36.26 -5.33
C HIS P 706 62.42 -37.52 -5.51
N THR P 707 63.59 -37.43 -6.15
CA THR P 707 64.47 -38.58 -6.39
C THR P 707 65.50 -38.82 -5.29
N PHE P 708 65.42 -38.13 -4.15
CA PHE P 708 66.22 -38.39 -2.97
C PHE P 708 65.55 -39.41 -2.07
N LYS P 709 66.33 -40.30 -1.46
CA LYS P 709 65.83 -41.31 -0.52
C LYS P 709 66.17 -40.90 0.92
N LYS P 710 67.44 -40.70 1.25
CA LYS P 710 67.88 -40.17 2.54
C LYS P 710 69.16 -39.35 2.41
N VAL P 711 69.36 -38.37 3.29
CA VAL P 711 70.66 -37.76 3.51
C VAL P 711 71.07 -38.00 4.94
N SER P 712 72.26 -38.52 5.17
CA SER P 712 72.88 -38.51 6.50
C SER P 712 74.00 -37.51 6.53
N ILE P 713 73.93 -36.53 7.41
CA ILE P 713 74.96 -35.53 7.61
C ILE P 713 75.84 -36.04 8.73
N THR P 714 76.67 -37.01 8.41
CA THR P 714 77.49 -37.69 9.41
C THR P 714 78.45 -36.69 10.02
N PHE P 715 78.57 -36.71 11.32
CA PHE P 715 79.75 -36.28 11.99
C PHE P 715 79.87 -37.44 12.94
N ASP P 716 80.88 -38.33 12.64
CA ASP P 716 81.37 -39.41 13.46
C ASP P 716 80.51 -40.63 13.23
N SER P 717 80.98 -41.84 13.65
CA SER P 717 80.27 -43.08 13.40
C SER P 717 79.99 -43.69 14.76
N SER P 718 79.34 -42.90 15.62
CA SER P 718 78.67 -43.29 16.86
C SER P 718 77.52 -42.32 17.24
N VAL P 719 77.35 -41.25 16.45
CA VAL P 719 76.40 -40.13 16.50
C VAL P 719 76.34 -39.50 15.08
N SER P 720 75.47 -38.54 14.81
CA SER P 720 75.25 -37.91 13.50
C SER P 720 74.69 -36.50 13.72
N TRP P 721 74.59 -35.61 12.73
CA TRP P 721 74.53 -34.17 13.02
C TRP P 721 73.48 -33.72 14.06
N PRO P 722 72.16 -33.74 13.80
CA PRO P 722 71.20 -33.21 14.77
C PRO P 722 71.00 -34.18 15.93
N GLY P 723 71.73 -35.29 15.93
CA GLY P 723 71.36 -36.59 16.45
C GLY P 723 71.47 -36.75 17.94
N ASN P 724 71.29 -35.68 18.70
CA ASN P 724 70.98 -35.77 20.11
C ASN P 724 69.50 -36.15 20.29
N ASP P 725 69.14 -37.34 19.84
CA ASP P 725 67.82 -37.97 19.93
C ASP P 725 66.67 -37.26 19.22
N ARG P 726 66.89 -36.17 18.47
CA ARG P 726 65.83 -35.22 18.08
C ARG P 726 64.76 -35.77 17.15
N LEU P 727 65.12 -36.32 15.99
CA LEU P 727 64.19 -36.80 14.95
C LEU P 727 63.63 -38.21 15.21
N LEU P 728 62.55 -38.63 14.53
CA LEU P 728 62.03 -40.00 14.58
C LEU P 728 63.03 -41.04 14.02
N THR P 729 63.90 -40.65 13.10
CA THR P 729 65.12 -41.39 12.73
C THR P 729 66.34 -40.49 12.96
N PRO P 730 66.94 -40.44 14.16
CA PRO P 730 67.90 -39.40 14.49
C PRO P 730 69.21 -39.40 13.70
N ASN P 731 69.54 -40.49 13.00
CA ASN P 731 70.80 -40.60 12.26
C ASN P 731 70.72 -40.27 10.75
N GLU P 732 69.53 -40.20 10.17
CA GLU P 732 69.32 -39.84 8.77
C GLU P 732 68.11 -38.92 8.64
N PHE P 733 68.15 -37.94 7.76
CA PHE P 733 66.94 -37.35 7.23
C PHE P 733 66.45 -38.28 6.13
N GLU P 734 65.44 -39.10 6.39
CA GLU P 734 64.72 -39.76 5.30
C GLU P 734 63.81 -38.75 4.63
N ILE P 735 64.02 -38.48 3.35
CA ILE P 735 63.10 -37.69 2.56
C ILE P 735 61.81 -38.48 2.37
N LYS P 736 61.91 -39.77 2.00
CA LYS P 736 60.76 -40.61 1.67
C LYS P 736 60.95 -42.07 2.05
N ARG P 737 59.86 -42.81 2.19
CA ARG P 737 59.82 -44.24 2.55
C ARG P 737 59.34 -45.04 1.34
N THR P 738 59.97 -46.15 0.97
CA THR P 738 59.41 -47.06 -0.06
C THR P 738 58.35 -47.98 0.53
N VAL P 739 58.60 -48.59 1.69
CA VAL P 739 57.63 -49.36 2.46
C VAL P 739 57.69 -48.91 3.91
N ASP P 740 56.55 -48.85 4.59
CA ASP P 740 56.44 -48.20 5.90
C ASP P 740 55.60 -49.02 6.89
N GLY P 741 56.26 -49.76 7.77
CA GLY P 741 55.59 -50.45 8.87
C GLY P 741 55.19 -49.51 10.00
N GLU P 742 56.06 -48.56 10.36
CA GLU P 742 55.90 -47.66 11.50
C GLU P 742 54.76 -46.64 11.33
N GLY P 743 54.39 -46.31 10.10
CA GLY P 743 53.41 -45.26 9.79
C GLY P 743 54.03 -43.87 9.78
N TYR P 744 55.32 -43.75 9.50
CA TYR P 744 56.04 -42.48 9.43
C TYR P 744 55.82 -41.70 8.14
N ASN P 745 55.10 -42.19 7.14
CA ASN P 745 54.60 -41.33 6.06
C ASN P 745 53.69 -40.21 6.58
N VAL P 746 53.56 -39.08 5.86
CA VAL P 746 52.53 -38.05 6.07
C VAL P 746 51.55 -38.00 4.91
N ALA P 747 50.28 -37.72 5.23
CA ALA P 747 49.11 -38.18 4.49
C ALA P 747 49.20 -38.11 2.96
N GLN P 748 48.88 -39.26 2.39
CA GLN P 748 48.71 -39.50 0.98
C GLN P 748 49.94 -39.29 0.09
N CYS P 749 51.14 -39.26 0.66
CA CYS P 749 52.38 -39.48 -0.07
C CYS P 749 53.47 -40.17 0.75
N ASN P 750 54.64 -40.37 0.15
CA ASN P 750 55.77 -41.12 0.71
C ASN P 750 56.59 -40.36 1.75
N MET P 751 56.38 -39.06 1.88
CA MET P 751 57.30 -38.19 2.59
C MET P 751 57.32 -38.51 4.08
N THR P 752 58.48 -38.55 4.70
CA THR P 752 58.57 -38.85 6.13
C THR P 752 58.01 -37.70 6.94
N LYS P 753 57.32 -37.99 8.03
CA LYS P 753 56.86 -37.02 9.03
C LYS P 753 57.98 -36.12 9.52
N ASP P 754 59.16 -36.66 9.80
CA ASP P 754 60.37 -35.89 10.12
C ASP P 754 60.74 -34.88 9.06
N TRP P 755 60.73 -35.25 7.79
CA TRP P 755 61.11 -34.37 6.71
C TRP P 755 60.12 -33.24 6.52
N PHE P 756 58.83 -33.56 6.53
CA PHE P 756 57.80 -32.56 6.45
C PHE P 756 57.92 -31.54 7.59
N LEU P 757 58.22 -31.97 8.82
CA LEU P 757 58.41 -31.04 9.92
C LEU P 757 59.56 -30.11 9.68
N VAL P 758 60.68 -30.62 9.21
CA VAL P 758 61.89 -29.85 8.93
C VAL P 758 61.66 -28.84 7.81
N GLN P 759 60.87 -29.15 6.79
CA GLN P 759 60.71 -28.30 5.63
C GLN P 759 59.56 -27.36 5.80
N MET P 760 58.85 -27.35 6.96
CA MET P 760 57.85 -26.35 7.26
C MET P 760 58.40 -25.45 8.32
N LEU P 761 59.63 -25.71 8.81
CA LEU P 761 60.29 -24.88 9.78
C LEU P 761 61.50 -24.31 9.11
N ALA P 762 61.88 -24.78 7.93
CA ALA P 762 62.95 -24.22 7.13
C ALA P 762 62.41 -23.06 6.31
N HIS P 763 61.23 -23.22 5.71
CA HIS P 763 60.59 -22.26 4.82
C HIS P 763 59.63 -21.29 5.49
N TYR P 764 59.10 -21.61 6.67
CA TYR P 764 57.97 -20.86 7.23
C TYR P 764 57.99 -20.64 8.75
N ASN P 765 58.57 -21.53 9.54
CA ASN P 765 58.41 -21.59 11.00
C ASN P 765 56.98 -21.96 11.43
N ILE P 766 56.54 -23.18 11.14
CA ILE P 766 55.34 -23.71 11.71
C ILE P 766 55.66 -25.17 11.88
N GLY P 767 55.25 -25.77 13.01
CA GLY P 767 55.48 -27.17 13.24
C GLY P 767 55.26 -27.44 14.68
N TYR P 768 55.59 -26.46 15.54
CA TYR P 768 55.56 -26.64 16.98
C TYR P 768 54.32 -26.00 17.52
N GLN P 769 53.52 -25.38 16.62
CA GLN P 769 52.22 -24.82 16.91
C GLN P 769 51.22 -25.56 16.06
N GLY P 770 51.61 -26.69 15.44
CA GLY P 770 50.79 -27.47 14.55
C GLY P 770 50.75 -26.87 13.20
N PHE P 771 50.71 -27.72 12.16
CA PHE P 771 50.75 -27.32 10.77
C PHE P 771 49.56 -26.52 10.37
N TYR P 772 49.77 -25.53 9.49
CA TYR P 772 48.76 -24.64 8.99
C TYR P 772 49.26 -24.29 7.62
N VAL P 773 48.37 -23.74 6.77
CA VAL P 773 48.71 -23.32 5.43
C VAL P 773 49.46 -22.02 5.59
N PRO P 774 50.69 -21.84 5.13
CA PRO P 774 51.40 -20.58 5.11
C PRO P 774 50.65 -19.43 4.51
N GLU P 775 50.99 -18.20 4.94
CA GLU P 775 50.43 -16.97 4.43
C GLU P 775 50.90 -16.75 3.02
N GLY P 776 50.31 -15.76 2.31
CA GLY P 776 50.51 -15.55 0.90
C GLY P 776 51.84 -14.91 0.61
N TYR P 777 52.44 -14.23 1.61
CA TYR P 777 53.69 -13.53 1.42
C TYR P 777 54.83 -14.37 1.95
N LYS P 778 54.54 -15.39 2.75
CA LYS P 778 55.48 -16.39 3.25
C LYS P 778 55.66 -17.51 2.23
N ASP P 779 54.75 -17.62 1.26
CA ASP P 779 54.73 -18.70 0.33
C ASP P 779 54.93 -18.04 -0.99
N ARG P 780 56.07 -18.34 -1.65
CA ARG P 780 56.51 -17.72 -2.88
C ARG P 780 56.58 -18.80 -3.91
N MET P 781 57.07 -18.48 -5.14
CA MET P 781 57.08 -19.41 -6.24
C MET P 781 58.13 -20.48 -6.08
N TYR P 782 59.15 -20.23 -5.23
CA TYR P 782 60.22 -21.16 -5.01
C TYR P 782 60.10 -21.77 -3.65
N SER P 783 59.09 -21.35 -2.86
CA SER P 783 58.87 -21.86 -1.53
C SER P 783 58.23 -23.21 -1.63
N PHE P 784 58.49 -24.08 -0.63
CA PHE P 784 58.16 -25.48 -0.62
C PHE P 784 56.70 -25.78 -0.78
N PHE P 785 55.82 -25.03 -0.08
CA PHE P 785 54.46 -25.42 0.14
C PHE P 785 53.65 -25.54 -1.13
N ARG P 786 53.82 -24.62 -2.12
CA ARG P 786 52.92 -24.59 -3.24
C ARG P 786 53.45 -25.41 -4.39
N ASN P 787 54.62 -26.05 -4.23
CA ASN P 787 55.23 -26.88 -5.22
C ASN P 787 55.11 -28.31 -4.79
N PHE P 788 54.71 -28.59 -3.56
CA PHE P 788 54.47 -29.93 -3.04
C PHE P 788 53.14 -30.46 -3.56
N GLN P 789 53.16 -31.62 -4.20
CA GLN P 789 52.01 -32.22 -4.82
C GLN P 789 51.95 -33.70 -4.53
N PRO P 790 51.35 -34.15 -3.42
CA PRO P 790 51.01 -35.54 -3.18
C PRO P 790 50.15 -36.15 -4.28
N MET P 791 50.18 -37.46 -4.44
CA MET P 791 49.37 -38.12 -5.43
C MET P 791 49.31 -39.58 -5.09
N SER P 792 48.31 -40.29 -5.65
CA SER P 792 48.10 -41.68 -5.36
C SER P 792 47.32 -42.24 -6.52
N ARG P 793 47.39 -43.57 -6.73
CA ARG P 793 46.58 -44.25 -7.70
C ARG P 793 46.57 -45.67 -7.26
N GLN P 794 45.71 -46.48 -7.92
CA GLN P 794 45.64 -47.91 -7.71
C GLN P 794 46.05 -48.53 -9.02
N VAL P 795 46.89 -49.58 -8.92
CA VAL P 795 47.43 -50.35 -9.99
C VAL P 795 47.07 -51.76 -9.64
N VAL P 796 46.76 -52.61 -10.66
CA VAL P 796 46.32 -53.98 -10.51
C VAL P 796 47.36 -54.77 -9.75
N ASP P 797 46.89 -55.67 -8.85
CA ASP P 797 47.74 -56.50 -8.03
C ASP P 797 48.09 -57.68 -8.87
N GLU P 798 49.40 -57.86 -9.17
CA GLU P 798 49.82 -58.71 -10.26
C GLU P 798 50.15 -60.06 -9.72
N VAL P 799 49.92 -60.28 -8.41
CA VAL P 799 50.31 -61.47 -7.72
C VAL P 799 49.05 -62.10 -7.21
N ASN P 800 48.12 -61.27 -6.67
CA ASN P 800 46.92 -61.77 -6.02
C ASN P 800 45.72 -61.69 -6.92
N TYR P 801 45.85 -61.13 -8.13
CA TYR P 801 44.80 -61.21 -9.12
C TYR P 801 45.20 -62.37 -9.97
N LYS P 802 44.31 -63.38 -10.09
CA LYS P 802 44.65 -64.68 -10.59
C LYS P 802 44.23 -64.86 -12.01
N ASP P 803 43.63 -63.82 -12.60
CA ASP P 803 43.28 -63.80 -14.00
C ASP P 803 44.14 -62.75 -14.65
N TYR P 804 45.20 -62.30 -13.93
CA TYR P 804 46.19 -61.39 -14.43
C TYR P 804 46.94 -61.97 -15.61
N GLN P 805 47.18 -61.12 -16.62
CA GLN P 805 47.93 -61.43 -17.81
C GLN P 805 48.65 -60.14 -18.06
N ALA P 806 49.96 -60.22 -18.37
CA ALA P 806 50.70 -59.06 -18.79
C ALA P 806 50.64 -59.03 -20.28
N VAL P 807 50.03 -57.96 -20.84
CA VAL P 807 49.90 -57.78 -22.26
C VAL P 807 50.74 -56.59 -22.61
N THR P 808 51.48 -56.66 -23.75
CA THR P 808 52.40 -55.64 -24.15
C THR P 808 51.59 -54.60 -24.87
N LEU P 809 52.22 -53.48 -25.28
CA LEU P 809 51.56 -52.38 -25.91
C LEU P 809 51.11 -52.72 -27.31
N ALA P 810 51.67 -53.80 -27.90
CA ALA P 810 51.31 -54.23 -29.22
C ALA P 810 50.18 -55.22 -29.19
N TYR P 811 49.70 -55.60 -27.98
CA TYR P 811 48.70 -56.63 -27.82
C TYR P 811 47.54 -56.08 -27.06
N GLN P 812 47.65 -54.80 -26.65
CA GLN P 812 46.60 -54.03 -26.06
C GLN P 812 45.76 -53.52 -27.18
N HIS P 813 44.43 -53.41 -26.96
CA HIS P 813 43.57 -52.77 -27.91
C HIS P 813 42.46 -52.20 -27.10
N ASN P 814 41.86 -51.13 -27.63
CA ASN P 814 40.94 -50.26 -26.95
C ASN P 814 40.77 -49.19 -27.97
N ASN P 815 39.50 -48.88 -28.35
CA ASN P 815 39.15 -48.08 -29.50
C ASN P 815 39.53 -48.77 -30.76
N SER P 816 39.45 -50.11 -30.77
CA SER P 816 39.79 -50.90 -31.92
C SER P 816 38.85 -50.58 -33.05
N GLY P 817 39.39 -50.33 -34.26
CA GLY P 817 38.62 -50.00 -35.43
C GLY P 817 38.33 -48.56 -35.56
N PHE P 818 38.92 -47.69 -34.70
CA PHE P 818 38.61 -46.29 -34.68
C PHE P 818 39.88 -45.49 -34.55
N VAL P 819 41.02 -46.14 -34.27
CA VAL P 819 42.29 -45.45 -34.14
C VAL P 819 43.30 -46.19 -34.95
N GLY P 820 44.42 -45.53 -35.28
CA GLY P 820 45.54 -46.11 -35.98
C GLY P 820 46.26 -47.08 -35.09
N TYR P 821 47.04 -48.00 -35.70
CA TYR P 821 47.73 -49.04 -34.97
C TYR P 821 49.11 -48.53 -34.70
N LEU P 822 49.32 -48.05 -33.45
CA LEU P 822 50.59 -47.62 -32.89
C LEU P 822 51.19 -46.46 -33.63
N ALA P 823 50.34 -45.56 -34.16
CA ALA P 823 50.79 -44.45 -34.96
C ALA P 823 49.63 -43.50 -35.01
N PRO P 824 49.83 -42.21 -35.25
CA PRO P 824 48.73 -41.28 -35.43
C PRO P 824 48.37 -41.24 -36.89
N THR P 825 47.71 -42.30 -37.39
CA THR P 825 47.41 -42.51 -38.78
C THR P 825 45.97 -42.95 -38.80
N MET P 826 45.39 -43.15 -40.01
CA MET P 826 44.03 -43.57 -40.21
C MET P 826 43.65 -44.83 -39.49
N ARG P 827 42.33 -44.97 -39.23
CA ARG P 827 41.72 -46.01 -38.45
C ARG P 827 42.00 -47.39 -38.99
N GLN P 828 42.11 -48.39 -38.09
CA GLN P 828 42.46 -49.73 -38.47
C GLN P 828 41.76 -50.61 -37.52
N GLY P 829 41.22 -51.74 -38.02
CA GLY P 829 40.66 -52.76 -37.18
C GLY P 829 39.18 -52.73 -37.24
N GLN P 830 38.54 -53.38 -36.25
CA GLN P 830 37.12 -53.54 -36.18
C GLN P 830 36.66 -53.17 -34.79
N PRO P 831 35.41 -52.75 -34.58
CA PRO P 831 34.80 -52.66 -33.26
C PRO P 831 34.80 -53.99 -32.57
N TYR P 832 35.44 -54.10 -31.38
CA TYR P 832 35.55 -55.34 -30.69
C TYR P 832 35.69 -54.92 -29.25
N PRO P 833 35.34 -55.71 -28.22
CA PRO P 833 35.57 -55.38 -26.83
C PRO P 833 37.00 -55.05 -26.52
N ALA P 834 37.26 -54.02 -25.70
CA ALA P 834 38.58 -53.61 -25.29
C ALA P 834 39.17 -54.65 -24.39
N ASN P 835 40.46 -54.52 -24.01
CA ASN P 835 41.04 -55.51 -23.17
C ASN P 835 42.15 -54.92 -22.38
N TYR P 836 42.42 -53.60 -22.54
CA TYR P 836 43.59 -53.01 -21.97
C TYR P 836 43.35 -52.68 -20.52
N PRO P 837 42.87 -51.54 -20.02
CA PRO P 837 42.75 -51.30 -18.59
C PRO P 837 41.95 -52.35 -17.88
N TYR P 838 42.28 -52.69 -16.62
CA TYR P 838 41.51 -53.61 -15.85
C TYR P 838 40.62 -52.69 -15.06
N PRO P 839 39.31 -52.86 -14.97
CA PRO P 839 38.46 -52.03 -14.14
C PRO P 839 38.87 -52.07 -12.71
N LEU P 840 38.99 -50.89 -12.06
CA LEU P 840 39.33 -50.80 -10.66
C LEU P 840 38.10 -50.38 -9.93
N ILE P 841 36.97 -50.11 -10.66
CA ILE P 841 35.76 -49.59 -10.09
C ILE P 841 34.63 -50.39 -10.63
N GLY P 842 33.45 -50.25 -9.97
CA GLY P 842 32.24 -50.95 -10.29
C GLY P 842 32.34 -52.41 -10.00
N LYS P 843 31.33 -53.17 -10.48
CA LYS P 843 31.24 -54.60 -10.36
C LYS P 843 32.38 -55.21 -11.14
N SER P 844 33.03 -56.23 -10.56
CA SER P 844 34.11 -56.96 -11.18
C SER P 844 35.36 -56.11 -11.23
N ALA P 845 35.63 -55.36 -10.12
CA ALA P 845 36.85 -54.60 -9.98
C ALA P 845 37.88 -55.58 -9.53
N VAL P 846 39.09 -55.47 -10.11
CA VAL P 846 40.20 -56.34 -9.84
C VAL P 846 40.84 -55.96 -8.54
N THR P 847 41.62 -56.92 -7.95
CA THR P 847 42.45 -56.71 -6.78
C THR P 847 43.50 -55.72 -7.15
N SER P 848 43.75 -54.70 -6.30
CA SER P 848 44.67 -53.64 -6.67
C SER P 848 45.39 -53.13 -5.47
N VAL P 849 46.72 -52.91 -5.62
CA VAL P 849 47.57 -52.23 -4.68
C VAL P 849 47.47 -50.74 -4.87
N THR P 850 48.05 -49.95 -3.94
CA THR P 850 48.11 -48.51 -3.99
C THR P 850 49.54 -48.21 -4.35
N GLN P 851 49.79 -46.99 -4.85
CA GLN P 851 51.08 -46.44 -5.15
C GLN P 851 50.95 -44.99 -4.81
N LYS P 852 51.99 -44.42 -4.26
CA LYS P 852 52.05 -43.06 -3.75
C LYS P 852 53.36 -42.46 -4.16
N LYS P 853 53.37 -41.16 -4.38
CA LYS P 853 54.54 -40.33 -4.61
C LYS P 853 54.15 -38.88 -4.42
N PHE P 854 55.10 -38.01 -4.54
CA PHE P 854 54.88 -36.58 -4.57
C PHE P 854 55.78 -36.04 -5.66
N LEU P 855 55.57 -34.80 -6.02
CA LEU P 855 56.50 -34.08 -6.86
C LEU P 855 56.85 -32.83 -6.13
N CYS P 856 58.04 -32.29 -6.44
CA CYS P 856 58.41 -30.95 -6.08
C CYS P 856 59.32 -30.54 -7.18
N ASP P 857 59.13 -29.28 -7.60
CA ASP P 857 59.83 -28.68 -8.70
C ASP P 857 60.06 -27.31 -8.19
N ARG P 858 61.31 -26.81 -8.32
CA ARG P 858 61.69 -25.44 -8.08
C ARG P 858 62.02 -25.20 -6.64
N VAL P 859 62.28 -26.27 -5.87
CA VAL P 859 62.53 -26.20 -4.46
C VAL P 859 63.88 -26.81 -4.30
N MET P 860 64.74 -26.21 -3.49
CA MET P 860 65.93 -26.86 -2.98
C MET P 860 65.69 -27.25 -1.54
N TRP P 861 66.06 -28.47 -1.20
CA TRP P 861 65.82 -29.05 0.09
C TRP P 861 66.69 -28.38 1.14
N ARG P 862 66.12 -27.60 2.06
CA ARG P 862 66.83 -26.76 3.00
C ARG P 862 66.91 -27.46 4.35
N ILE P 863 68.11 -27.56 4.91
CA ILE P 863 68.37 -28.02 6.27
C ILE P 863 69.09 -26.88 7.00
N PRO P 864 68.48 -26.17 7.95
CA PRO P 864 69.19 -25.19 8.80
C PRO P 864 70.33 -25.77 9.67
N PHE P 865 71.16 -24.98 10.35
CA PHE P 865 72.27 -25.50 11.12
C PHE P 865 72.49 -24.65 12.34
N SER P 866 72.77 -25.31 13.51
CA SER P 866 73.20 -24.80 14.80
C SER P 866 72.20 -25.22 15.87
N SER P 867 71.35 -24.31 16.44
CA SER P 867 70.46 -24.65 17.54
C SER P 867 69.15 -23.89 17.49
N ASN P 868 68.04 -24.66 17.65
CA ASN P 868 66.66 -24.27 17.85
C ASN P 868 66.03 -24.12 16.49
N PHE P 869 65.29 -25.14 16.03
CA PHE P 869 65.04 -25.33 14.59
C PHE P 869 64.27 -24.17 13.92
N MET P 870 63.49 -23.38 14.69
CA MET P 870 62.84 -22.18 14.21
C MET P 870 63.89 -21.27 13.63
N SER P 871 63.68 -20.75 12.42
CA SER P 871 64.64 -19.89 11.73
C SER P 871 64.45 -18.43 12.14
N MET P 872 65.23 -17.95 13.11
CA MET P 872 65.26 -16.57 13.52
C MET P 872 66.70 -16.23 13.45
N GLY P 873 67.01 -14.97 13.16
CA GLY P 873 68.39 -14.54 12.92
C GLY P 873 69.01 -15.19 11.69
N ALA P 874 70.29 -14.89 11.47
CA ALA P 874 71.14 -15.54 10.48
C ALA P 874 72.51 -15.98 11.03
N LEU P 875 72.98 -15.48 12.18
CA LEU P 875 74.35 -15.68 12.64
C LEU P 875 74.43 -16.98 13.42
N THR P 876 75.61 -17.67 13.37
CA THR P 876 75.89 -18.91 14.09
C THR P 876 77.09 -18.66 14.93
N ASP P 877 76.90 -18.86 16.25
CA ASP P 877 77.92 -18.65 17.23
C ASP P 877 78.62 -19.94 17.54
N LEU P 878 79.60 -20.29 16.68
CA LEU P 878 80.51 -21.40 16.84
C LEU P 878 81.91 -20.84 16.86
N GLY P 879 82.03 -19.49 16.83
CA GLY P 879 83.29 -18.79 16.90
C GLY P 879 83.72 -18.67 18.33
N GLN P 880 82.79 -18.94 19.26
CA GLN P 880 82.98 -18.77 20.67
C GLN P 880 83.03 -20.12 21.33
N ASN P 881 83.01 -21.19 20.54
CA ASN P 881 83.12 -22.57 20.98
C ASN P 881 84.55 -23.04 20.79
N MET P 882 85.21 -22.69 19.68
CA MET P 882 86.64 -22.78 19.52
C MET P 882 87.00 -22.00 18.31
N LEU P 883 88.24 -21.45 18.30
CA LEU P 883 88.69 -20.50 17.31
C LEU P 883 89.31 -21.25 16.14
N TYR P 884 89.77 -22.49 16.42
CA TYR P 884 90.30 -23.45 15.47
C TYR P 884 90.94 -24.43 16.41
N ALA P 885 90.47 -25.69 16.40
CA ALA P 885 90.96 -26.73 17.27
C ALA P 885 90.51 -28.05 16.72
N ASN P 886 90.02 -28.04 15.46
CA ASN P 886 89.45 -29.14 14.71
C ASN P 886 90.42 -30.29 14.54
N SER P 887 89.87 -31.49 14.28
CA SER P 887 90.57 -32.72 14.02
C SER P 887 89.62 -33.36 13.04
N ALA P 888 89.27 -34.64 13.24
CA ALA P 888 88.34 -35.36 12.40
C ALA P 888 87.22 -35.66 13.32
N HIS P 889 86.02 -35.93 12.78
CA HIS P 889 84.84 -36.17 13.55
C HIS P 889 83.76 -36.33 12.53
N ALA P 890 84.12 -36.98 11.40
CA ALA P 890 83.51 -36.97 10.08
C ALA P 890 82.75 -35.73 9.65
N LEU P 891 82.28 -35.78 8.39
CA LEU P 891 81.50 -34.77 7.73
C LEU P 891 81.41 -35.32 6.37
N ASP P 892 80.57 -36.36 6.23
CA ASP P 892 80.29 -36.96 4.97
C ASP P 892 78.82 -36.82 4.88
N MET P 893 78.36 -36.15 3.82
CA MET P 893 76.97 -36.09 3.51
C MET P 893 76.82 -37.21 2.52
N ASN P 894 75.84 -38.11 2.71
CA ASN P 894 75.69 -39.26 1.87
C ASN P 894 74.27 -39.24 1.51
N PHE P 895 74.02 -39.16 0.23
CA PHE P 895 72.71 -39.04 -0.33
C PHE P 895 72.42 -40.35 -1.02
N GLU P 896 71.47 -41.12 -0.52
CA GLU P 896 70.95 -42.21 -1.29
C GLU P 896 70.05 -41.60 -2.33
N VAL P 897 70.10 -42.05 -3.58
CA VAL P 897 69.38 -41.43 -4.67
C VAL P 897 68.77 -42.55 -5.46
N ASP P 898 67.75 -42.20 -6.24
CA ASP P 898 67.07 -43.13 -7.14
C ASP P 898 67.82 -43.21 -8.46
N PRO P 899 68.10 -44.40 -9.01
CA PRO P 899 68.85 -44.46 -10.24
C PRO P 899 67.85 -44.67 -11.35
N MET P 900 68.22 -44.45 -12.63
CA MET P 900 67.33 -44.77 -13.73
C MET P 900 68.25 -45.10 -14.88
N ASP P 901 69.05 -44.12 -15.37
CA ASP P 901 69.85 -44.36 -16.54
C ASP P 901 71.00 -43.36 -16.51
N GLU P 902 71.09 -42.46 -17.50
CA GLU P 902 72.21 -41.56 -17.72
C GLU P 902 72.44 -40.59 -16.61
N SER P 903 73.73 -40.19 -16.46
CA SER P 903 74.33 -39.32 -15.47
C SER P 903 73.52 -38.19 -14.90
N THR P 904 73.89 -37.83 -13.66
CA THR P 904 73.32 -36.78 -12.87
C THR P 904 74.47 -36.16 -12.17
N LEU P 905 74.23 -34.99 -11.58
CA LEU P 905 75.14 -34.16 -10.86
C LEU P 905 74.37 -33.86 -9.61
N LEU P 906 75.06 -33.52 -8.52
CA LEU P 906 74.38 -33.15 -7.31
C LEU P 906 74.96 -31.81 -7.06
N TYR P 907 74.15 -30.93 -6.47
CA TYR P 907 74.46 -29.57 -6.21
C TYR P 907 74.23 -29.44 -4.76
N VAL P 908 75.27 -29.09 -3.97
CA VAL P 908 75.15 -28.84 -2.57
C VAL P 908 75.57 -27.41 -2.41
N VAL P 909 74.61 -26.58 -1.97
CA VAL P 909 74.75 -25.20 -1.64
C VAL P 909 75.09 -25.18 -0.18
N PHE P 910 76.24 -24.58 0.19
CA PHE P 910 76.69 -24.41 1.55
C PHE P 910 76.43 -22.97 1.86
N GLU P 911 75.48 -22.68 2.71
CA GLU P 911 75.03 -21.31 2.93
C GLU P 911 75.93 -20.56 3.90
N VAL P 912 76.36 -19.37 3.51
CA VAL P 912 77.36 -18.56 4.21
C VAL P 912 76.95 -17.08 4.17
N PHE P 913 77.80 -16.16 4.59
CA PHE P 913 77.65 -14.75 4.27
C PHE P 913 78.55 -14.37 3.09
N ASP P 914 78.08 -13.54 2.17
CA ASP P 914 78.84 -12.98 1.05
C ASP P 914 78.86 -11.45 1.17
N VAL P 915 79.07 -10.95 2.37
CA VAL P 915 79.14 -9.54 2.63
C VAL P 915 80.29 -8.84 1.99
N VAL P 916 80.09 -7.55 1.65
CA VAL P 916 81.10 -6.74 1.00
C VAL P 916 80.83 -5.37 1.55
N ARG P 917 81.90 -4.58 1.79
CA ARG P 917 81.76 -3.16 2.05
C ARG P 917 82.44 -2.53 0.88
N VAL P 918 81.83 -1.49 0.30
CA VAL P 918 82.31 -0.78 -0.85
C VAL P 918 82.45 0.64 -0.38
N HIS P 919 83.68 1.18 -0.34
CA HIS P 919 83.92 2.48 0.19
C HIS P 919 84.69 3.26 -0.82
N GLN P 920 84.33 4.56 -0.97
CA GLN P 920 84.99 5.47 -1.86
C GLN P 920 85.54 6.55 -0.97
N PRO P 921 86.84 6.80 -0.87
CA PRO P 921 87.32 7.76 0.10
C PRO P 921 87.64 9.04 -0.62
N HIS P 922 87.71 9.02 -1.96
CA HIS P 922 88.13 10.13 -2.76
C HIS P 922 87.56 9.91 -4.13
N ARG P 923 87.54 10.97 -4.97
CA ARG P 923 87.08 10.94 -6.34
C ARG P 923 87.89 9.99 -7.17
N GLY P 924 87.21 9.06 -7.87
CA GLY P 924 87.82 8.12 -8.76
C GLY P 924 88.58 7.06 -8.03
N VAL P 925 88.15 6.74 -6.79
CA VAL P 925 88.79 5.73 -5.98
C VAL P 925 87.64 4.97 -5.44
N ILE P 926 87.72 3.63 -5.52
CA ILE P 926 86.74 2.73 -5.04
C ILE P 926 87.50 1.53 -4.58
N GLU P 927 87.08 0.91 -3.46
CA GLU P 927 87.71 -0.24 -2.90
C GLU P 927 86.59 -1.09 -2.41
N ALA P 928 86.89 -2.37 -2.15
CA ALA P 928 85.94 -3.28 -1.62
C ALA P 928 86.69 -4.26 -0.80
N VAL P 929 86.07 -4.72 0.30
CA VAL P 929 86.63 -5.74 1.14
C VAL P 929 85.53 -6.75 1.06
N TYR P 930 85.90 -8.04 0.92
CA TYR P 930 85.00 -9.16 0.75
C TYR P 930 85.25 -10.08 1.90
N LEU P 931 84.17 -10.64 2.47
CA LEU P 931 84.30 -11.58 3.54
C LEU P 931 83.31 -12.66 3.29
N ARG P 932 83.75 -13.90 3.54
CA ARG P 932 82.94 -15.07 3.57
C ARG P 932 83.69 -15.84 4.62
N THR P 933 82.98 -16.51 5.56
CA THR P 933 83.63 -16.99 6.76
C THR P 933 83.64 -18.50 6.84
N PRO P 934 82.58 -19.29 6.60
CA PRO P 934 82.66 -20.73 6.71
C PRO P 934 83.42 -21.31 5.55
N PHE P 935 83.32 -20.67 4.37
CA PHE P 935 84.11 -21.01 3.21
C PHE P 935 84.62 -19.68 2.80
N SER P 936 85.95 -19.46 2.94
CA SER P 936 86.58 -18.18 2.69
C SER P 936 87.12 -18.18 1.31
N ALA P 937 87.32 -16.98 0.75
CA ALA P 937 87.82 -16.84 -0.60
C ALA P 937 89.27 -16.42 -0.60
N GLY P 938 89.89 -16.16 0.58
CA GLY P 938 91.25 -15.69 0.64
C GLY P 938 91.99 -16.39 1.73
N ASN P 939 93.34 -16.25 1.68
CA ASN P 939 94.33 -16.75 2.61
C ASN P 939 94.92 -18.00 2.01
N ALA P 940 96.01 -17.81 1.22
CA ALA P 940 96.74 -18.87 0.61
C ALA P 940 97.89 -18.21 -0.10
N THR P 941 97.58 -17.17 -0.91
CA THR P 941 98.56 -16.32 -1.57
C THR P 941 98.42 -14.94 -0.94
N THR P 942 97.36 -14.73 -0.12
CA THR P 942 97.08 -13.47 0.50
C THR P 942 97.98 -13.35 1.74
N MET Q 1 87.88 -14.00 26.08
CA MET Q 1 89.00 -14.66 25.36
C MET Q 1 88.61 -14.91 23.92
N ALA Q 2 87.72 -15.90 23.70
CA ALA Q 2 87.21 -16.27 22.40
C ALA Q 2 86.42 -15.17 21.74
N THR Q 3 85.56 -14.46 22.52
CA THR Q 3 84.72 -13.39 22.03
C THR Q 3 85.51 -12.20 21.47
N PRO Q 4 86.56 -11.62 22.07
CA PRO Q 4 87.29 -10.54 21.42
C PRO Q 4 88.18 -11.02 20.30
N SER Q 5 88.64 -12.30 20.34
CA SER Q 5 89.44 -12.91 19.29
C SER Q 5 88.73 -12.99 17.97
N MET Q 6 87.43 -13.38 18.00
CA MET Q 6 86.60 -13.38 16.83
C MET Q 6 85.31 -12.71 17.15
N LEU Q 7 85.06 -11.56 16.48
CA LEU Q 7 83.87 -10.76 16.52
C LEU Q 7 84.21 -9.40 15.97
N PRO Q 8 85.37 -8.72 16.10
CA PRO Q 8 85.59 -7.44 15.45
C PRO Q 8 85.71 -7.54 13.95
N GLN Q 9 86.05 -8.73 13.42
CA GLN Q 9 86.03 -9.04 12.01
C GLN Q 9 84.62 -8.96 11.48
N TRP Q 10 83.65 -9.50 12.26
CA TRP Q 10 82.29 -9.57 11.83
C TRP Q 10 81.52 -8.30 12.04
N ALA Q 11 81.96 -7.39 12.95
CA ALA Q 11 81.24 -6.15 13.07
C ALA Q 11 81.95 -5.04 12.38
N TYR Q 12 83.04 -5.34 11.63
CA TYR Q 12 83.60 -4.50 10.60
C TYR Q 12 82.63 -4.39 9.46
N MET Q 13 82.08 -5.57 9.13
CA MET Q 13 81.01 -5.79 8.22
C MET Q 13 79.80 -5.67 9.11
N HIS Q 14 78.67 -6.28 8.75
CA HIS Q 14 77.47 -5.99 9.47
C HIS Q 14 76.71 -7.26 9.45
N ILE Q 15 77.36 -8.31 9.99
CA ILE Q 15 76.74 -9.58 10.26
C ILE Q 15 76.79 -9.88 11.72
N ALA Q 16 77.09 -8.89 12.59
CA ALA Q 16 77.16 -9.15 14.00
C ALA Q 16 77.23 -7.87 14.76
N GLY Q 17 77.27 -6.71 14.07
CA GLY Q 17 77.35 -5.41 14.69
C GLY Q 17 76.02 -4.94 15.18
N GLN Q 18 75.70 -3.67 14.85
CA GLN Q 18 74.51 -2.97 15.24
C GLN Q 18 73.85 -2.59 13.96
N ASP Q 19 72.57 -2.19 14.01
CA ASP Q 19 71.79 -1.81 12.84
C ASP Q 19 72.25 -0.47 12.23
N ALA Q 20 71.97 -0.24 10.96
CA ALA Q 20 72.48 0.91 10.22
C ALA Q 20 72.08 2.26 10.79
N SER Q 21 70.89 2.40 11.38
CA SER Q 21 70.47 3.63 12.08
C SER Q 21 71.41 4.04 13.21
N GLU Q 22 72.32 3.17 13.64
CA GLU Q 22 73.24 3.37 14.75
C GLU Q 22 74.72 3.45 14.33
N TYR Q 23 75.16 2.99 13.15
CA TYR Q 23 76.54 3.02 12.76
C TYR Q 23 76.75 4.04 11.68
N LEU Q 24 75.70 4.49 10.99
CA LEU Q 24 75.80 5.60 10.06
C LEU Q 24 75.92 6.90 10.82
N SER Q 25 76.57 7.91 10.26
CA SER Q 25 76.60 9.22 10.90
C SER Q 25 75.19 9.79 10.99
N PRO Q 26 74.82 10.51 12.07
CA PRO Q 26 73.44 10.92 12.27
C PRO Q 26 72.89 11.82 11.16
N GLY Q 27 73.72 12.64 10.52
CA GLY Q 27 73.34 13.45 9.36
C GLY Q 27 72.87 12.63 8.16
N LEU Q 28 73.48 11.48 7.91
CA LEU Q 28 73.09 10.60 6.82
C LEU Q 28 71.79 9.87 7.13
N VAL Q 29 71.57 9.43 8.37
CA VAL Q 29 70.28 8.84 8.77
C VAL Q 29 69.17 9.86 8.64
N GLN Q 30 69.40 11.10 9.07
CA GLN Q 30 68.47 12.22 8.95
C GLN Q 30 68.12 12.51 7.48
N PHE Q 31 69.10 12.56 6.59
CA PHE Q 31 68.88 12.72 5.15
C PHE Q 31 68.14 11.53 4.53
N ALA Q 32 68.50 10.30 4.88
CA ALA Q 32 67.84 9.12 4.35
C ALA Q 32 66.36 9.12 4.71
N ARG Q 33 66.00 9.44 5.97
CA ARG Q 33 64.60 9.62 6.38
C ARG Q 33 63.92 10.71 5.57
N ALA Q 34 64.51 11.89 5.46
CA ALA Q 34 63.90 13.04 4.80
C ALA Q 34 63.54 12.76 3.33
N THR Q 35 64.42 12.06 2.62
CA THR Q 35 64.38 11.87 1.17
C THR Q 35 63.78 10.52 0.77
N ASP Q 36 63.36 9.70 1.74
CA ASP Q 36 62.95 8.30 1.59
C ASP Q 36 61.97 8.06 0.44
N THR Q 37 61.01 8.98 0.30
CA THR Q 37 59.86 8.85 -0.57
C THR Q 37 60.16 9.06 -2.05
N TYR Q 38 61.37 9.46 -2.42
CA TYR Q 38 61.77 9.68 -3.81
C TYR Q 38 63.23 9.35 -4.16
N PHE Q 39 64.04 8.83 -3.23
CA PHE Q 39 65.45 8.59 -3.45
C PHE Q 39 65.86 7.80 -2.24
N SER Q 40 65.54 6.50 -2.23
CA SER Q 40 65.90 5.55 -1.20
C SER Q 40 67.39 5.31 -1.09
N LEU Q 41 67.81 5.20 0.17
CA LEU Q 41 69.11 4.75 0.66
C LEU Q 41 68.95 3.45 1.48
N GLY Q 42 67.73 3.09 1.91
CA GLY Q 42 67.42 1.96 2.79
C GLY Q 42 67.54 0.57 2.14
N ASN Q 43 68.71 0.32 1.59
CA ASN Q 43 69.01 -0.74 0.63
C ASN Q 43 70.53 -0.88 0.48
N LYS Q 44 71.24 0.25 0.49
CA LYS Q 44 72.70 0.40 0.38
C LYS Q 44 73.48 0.04 1.65
N PHE Q 45 72.81 -0.31 2.74
CA PHE Q 45 73.42 -0.59 4.04
C PHE Q 45 72.78 -1.83 4.65
N ARG Q 46 73.56 -2.80 5.10
CA ARG Q 46 73.08 -4.04 5.73
C ARG Q 46 72.89 -3.87 7.22
N ASN Q 47 71.81 -4.45 7.73
CA ASN Q 47 71.57 -4.62 9.16
C ASN Q 47 71.96 -6.05 9.56
N PRO Q 48 72.73 -6.24 10.63
CA PRO Q 48 72.95 -7.54 11.21
C PRO Q 48 71.65 -8.09 11.78
N THR Q 49 71.56 -9.39 11.95
CA THR Q 49 70.34 -10.10 12.35
C THR Q 49 70.79 -11.36 13.08
N VAL Q 50 70.80 -11.36 14.41
CA VAL Q 50 71.57 -12.30 15.18
C VAL Q 50 70.59 -13.06 16.01
N ALA Q 51 70.58 -14.41 15.89
CA ALA Q 51 69.72 -15.29 16.65
C ALA Q 51 70.05 -15.26 18.12
N PRO Q 52 69.12 -15.34 19.07
CA PRO Q 52 69.41 -15.53 20.48
C PRO Q 52 70.18 -16.82 20.72
N THR Q 53 71.21 -16.79 21.60
CA THR Q 53 72.13 -17.88 21.77
C THR Q 53 71.85 -18.67 23.02
N HIS Q 54 70.91 -18.21 23.88
CA HIS Q 54 70.73 -18.81 25.17
C HIS Q 54 69.31 -18.65 25.58
N ASP Q 55 68.87 -19.57 26.45
CA ASP Q 55 67.55 -19.62 27.03
C ASP Q 55 66.52 -19.97 25.99
N VAL Q 56 66.87 -20.94 25.12
CA VAL Q 56 65.98 -21.41 24.09
C VAL Q 56 66.65 -22.66 23.55
N THR Q 57 67.91 -22.91 23.98
CA THR Q 57 68.75 -24.03 23.61
C THR Q 57 68.16 -25.28 24.19
N THR Q 58 68.18 -26.40 23.44
CA THR Q 58 67.65 -27.68 23.86
C THR Q 58 68.34 -28.26 25.10
N ASP Q 59 69.67 -28.03 25.24
CA ASP Q 59 70.48 -28.34 26.40
C ASP Q 59 70.86 -29.80 26.33
N ARG Q 60 70.24 -30.63 27.20
CA ARG Q 60 70.41 -32.08 27.34
C ARG Q 60 70.06 -32.77 26.04
N SER Q 61 68.95 -32.31 25.46
CA SER Q 61 68.47 -32.65 24.16
C SER Q 61 67.76 -33.96 24.25
N GLN Q 62 66.46 -33.91 23.91
CA GLN Q 62 65.52 -34.99 24.00
C GLN Q 62 64.62 -34.76 22.82
N ARG Q 63 63.84 -35.78 22.44
CA ARG Q 63 62.99 -35.91 21.25
C ARG Q 63 62.16 -34.68 20.87
N LEU Q 64 61.83 -34.56 19.58
CA LEU Q 64 61.05 -33.47 19.03
C LEU Q 64 59.65 -33.94 18.80
N THR Q 65 59.39 -35.26 18.88
CA THR Q 65 58.17 -35.84 18.41
C THR Q 65 58.00 -37.04 19.28
N LEU Q 66 56.74 -37.44 19.55
CA LEU Q 66 56.43 -38.66 20.25
C LEU Q 66 55.30 -39.28 19.51
N ARG Q 67 55.13 -40.60 19.67
CA ARG Q 67 53.94 -41.33 19.28
C ARG Q 67 53.53 -42.23 20.43
N PHE Q 68 52.24 -42.40 20.66
CA PHE Q 68 51.69 -42.99 21.86
C PHE Q 68 50.93 -44.19 21.38
N VAL Q 69 50.70 -45.17 22.27
CA VAL Q 69 50.95 -46.56 21.94
C VAL Q 69 49.70 -47.40 21.74
N PRO Q 70 49.84 -48.60 21.14
CA PRO Q 70 48.80 -49.65 21.11
C PRO Q 70 48.75 -50.58 22.29
N VAL Q 71 47.51 -50.78 22.84
CA VAL Q 71 47.18 -51.91 23.68
C VAL Q 71 45.71 -52.21 23.36
N ASP Q 72 44.85 -52.51 24.37
CA ASP Q 72 43.50 -53.04 24.23
C ASP Q 72 42.46 -52.02 24.65
N ARG Q 73 41.17 -52.31 24.32
CA ARG Q 73 40.06 -51.41 24.55
C ARG Q 73 38.87 -52.25 24.92
N GLU Q 74 37.70 -51.56 25.11
CA GLU Q 74 36.40 -52.18 25.18
C GLU Q 74 35.76 -52.01 23.82
N ASP Q 75 35.29 -53.14 23.24
CA ASP Q 75 34.71 -53.24 21.91
C ASP Q 75 33.39 -52.52 21.76
N ASN Q 76 33.16 -51.93 20.56
CA ASN Q 76 31.91 -51.29 20.19
C ASN Q 76 31.77 -51.51 18.71
N THR Q 77 30.49 -51.69 18.26
CA THR Q 77 30.12 -52.02 16.90
C THR Q 77 30.39 -50.95 15.88
N TYR Q 78 30.07 -49.66 16.19
CA TYR Q 78 30.03 -48.59 15.21
C TYR Q 78 30.94 -47.46 15.60
N SER Q 79 31.66 -47.58 16.74
CA SER Q 79 32.58 -46.59 17.21
C SER Q 79 33.85 -47.31 17.55
N TYR Q 80 35.00 -46.59 17.53
CA TYR Q 80 36.29 -47.13 17.84
C TYR Q 80 36.78 -46.33 19.04
N LYS Q 81 36.93 -46.97 20.23
CA LYS Q 81 37.27 -46.32 21.48
C LYS Q 81 38.77 -46.40 21.71
N VAL Q 82 39.49 -45.27 21.76
CA VAL Q 82 40.94 -45.23 21.91
C VAL Q 82 41.30 -44.47 23.16
N ARG Q 83 42.28 -44.96 23.95
CA ARG Q 83 42.75 -44.30 25.15
C ARG Q 83 44.26 -44.17 25.11
N TYR Q 84 44.82 -43.12 25.73
CA TYR Q 84 46.24 -42.89 25.88
C TYR Q 84 46.40 -42.42 27.27
N THR Q 85 47.59 -42.64 27.86
CA THR Q 85 47.88 -42.18 29.19
C THR Q 85 49.10 -41.31 29.13
N LEU Q 86 49.58 -40.97 27.91
CA LEU Q 86 50.69 -40.08 27.64
C LEU Q 86 52.01 -40.49 28.24
N ALA Q 87 53.10 -39.90 27.71
CA ALA Q 87 54.45 -40.18 28.14
C ALA Q 87 54.87 -38.95 28.88
N VAL Q 88 55.83 -39.15 29.80
CA VAL Q 88 56.33 -38.09 30.65
C VAL Q 88 57.78 -38.40 30.87
N GLY Q 89 58.55 -37.34 31.17
CA GLY Q 89 59.99 -37.31 31.15
C GLY Q 89 60.22 -36.12 32.01
N ASP Q 90 60.86 -35.04 31.47
CA ASP Q 90 61.20 -33.85 32.24
C ASP Q 90 61.21 -32.59 31.41
N ASN Q 91 60.59 -31.51 31.99
CA ASN Q 91 60.74 -30.09 31.68
C ASN Q 91 60.45 -29.70 30.25
N ARG Q 92 59.24 -30.04 29.72
CA ARG Q 92 58.82 -29.56 28.43
C ARG Q 92 57.38 -29.16 28.56
N VAL Q 93 56.88 -28.35 27.59
CA VAL Q 93 55.53 -27.83 27.58
C VAL Q 93 55.00 -28.21 26.23
N LEU Q 94 53.87 -28.95 26.22
CA LEU Q 94 53.19 -29.44 25.05
C LEU Q 94 52.19 -28.42 24.60
N ASP Q 95 52.00 -28.29 23.28
CA ASP Q 95 51.00 -27.44 22.68
C ASP Q 95 50.08 -28.42 22.01
N MET Q 96 48.75 -28.25 22.20
CA MET Q 96 47.77 -29.20 21.76
C MET Q 96 47.30 -28.90 20.38
N ALA Q 97 47.83 -27.83 19.75
CA ALA Q 97 47.59 -27.56 18.36
C ALA Q 97 48.44 -28.46 17.51
N SER Q 98 49.55 -28.97 18.07
CA SER Q 98 50.51 -29.80 17.39
C SER Q 98 50.33 -31.25 17.71
N THR Q 99 49.09 -31.68 18.07
CA THR Q 99 48.76 -33.06 18.27
C THR Q 99 47.77 -33.42 17.20
N TYR Q 100 47.83 -34.64 16.73
CA TYR Q 100 46.88 -35.19 15.78
C TYR Q 100 46.88 -36.70 15.90
N PHE Q 101 45.80 -37.34 15.47
CA PHE Q 101 45.74 -38.78 15.45
C PHE Q 101 46.14 -39.20 14.07
N ASP Q 102 47.12 -40.05 13.94
CA ASP Q 102 47.48 -40.72 12.72
C ASP Q 102 46.66 -42.01 12.64
N ILE Q 103 45.79 -42.11 11.64
CA ILE Q 103 44.84 -43.19 11.49
C ILE Q 103 45.07 -43.88 10.18
N ARG Q 104 45.10 -45.20 10.16
CA ARG Q 104 45.10 -45.97 8.92
C ARG Q 104 44.13 -47.12 8.98
N GLY Q 105 43.83 -47.70 7.83
CA GLY Q 105 42.92 -48.80 7.81
C GLY Q 105 42.84 -49.28 6.41
N VAL Q 106 41.63 -49.76 6.02
CA VAL Q 106 41.31 -50.16 4.69
C VAL Q 106 39.91 -49.67 4.50
N LEU Q 107 39.69 -48.97 3.37
CA LEU Q 107 38.47 -48.36 2.96
C LEU Q 107 38.13 -49.05 1.68
N ASP Q 108 36.88 -49.52 1.55
CA ASP Q 108 36.42 -50.09 0.32
C ASP Q 108 35.20 -49.30 0.01
N ARG Q 109 35.19 -48.62 -1.15
CA ARG Q 109 34.00 -47.98 -1.65
C ARG Q 109 33.25 -49.06 -2.36
N GLY Q 110 31.91 -49.02 -2.32
CA GLY Q 110 31.07 -49.90 -3.08
C GLY Q 110 31.24 -49.73 -4.56
N PRO Q 111 30.52 -50.49 -5.37
CA PRO Q 111 30.56 -50.37 -6.82
C PRO Q 111 29.79 -49.17 -7.32
N SER Q 112 29.39 -48.22 -6.44
CA SER Q 112 28.71 -47.01 -6.81
C SER Q 112 29.71 -45.99 -7.25
N PHE Q 113 30.97 -46.15 -6.80
CA PHE Q 113 32.12 -45.33 -7.07
C PHE Q 113 32.45 -45.32 -8.54
N LYS Q 114 32.88 -44.15 -9.07
CA LYS Q 114 33.20 -43.97 -10.46
C LYS Q 114 33.74 -42.57 -10.55
N PRO Q 115 35.01 -42.31 -10.34
CA PRO Q 115 35.60 -40.98 -10.42
C PRO Q 115 35.87 -40.49 -11.83
N TYR Q 116 34.98 -40.72 -12.81
CA TYR Q 116 35.18 -40.18 -14.14
C TYR Q 116 33.83 -40.10 -14.76
N SER Q 117 33.72 -39.33 -15.88
CA SER Q 117 32.46 -39.03 -16.50
C SER Q 117 32.23 -39.71 -17.82
N GLY Q 118 33.25 -40.39 -18.39
CA GLY Q 118 33.09 -41.10 -19.64
C GLY Q 118 32.93 -42.56 -19.41
N THR Q 119 33.58 -43.34 -20.30
CA THR Q 119 33.76 -44.75 -20.20
C THR Q 119 35.21 -44.88 -20.57
N ALA Q 120 35.82 -46.04 -20.25
CA ALA Q 120 37.24 -46.23 -20.38
C ALA Q 120 37.48 -47.27 -21.42
N TYR Q 121 36.40 -47.79 -22.05
CA TYR Q 121 36.47 -48.90 -22.97
C TYR Q 121 35.66 -48.46 -24.14
N ASN Q 122 36.26 -48.47 -25.36
CA ASN Q 122 35.67 -48.06 -26.62
C ASN Q 122 34.94 -46.74 -26.51
N SER Q 123 35.62 -45.72 -25.96
CA SER Q 123 35.10 -44.39 -25.80
C SER Q 123 35.47 -43.60 -27.04
N LEU Q 124 35.07 -44.11 -28.22
CA LEU Q 124 35.23 -43.36 -29.44
C LEU Q 124 34.34 -44.02 -30.45
N ALA Q 125 33.74 -45.16 -30.07
CA ALA Q 125 32.75 -45.86 -30.85
C ALA Q 125 31.47 -45.05 -30.89
N PRO Q 126 30.66 -45.10 -31.94
CA PRO Q 126 29.22 -44.86 -31.89
C PRO Q 126 28.56 -45.54 -30.73
N LYS Q 127 27.48 -44.95 -30.18
CA LYS Q 127 26.79 -45.56 -29.07
C LYS Q 127 25.75 -46.54 -29.55
N GLY Q 128 25.71 -46.85 -30.86
CA GLY Q 128 24.75 -47.74 -31.45
C GLY Q 128 25.39 -48.96 -32.02
N ALA Q 129 26.69 -48.91 -32.40
CA ALA Q 129 27.45 -49.98 -33.01
C ALA Q 129 27.49 -51.24 -32.15
N PRO Q 130 27.52 -52.50 -32.62
CA PRO Q 130 27.21 -53.62 -31.75
C PRO Q 130 28.31 -54.66 -31.69
N ASN Q 131 29.61 -54.29 -31.80
CA ASN Q 131 30.70 -55.24 -31.97
C ASN Q 131 30.53 -56.03 -33.26
N SER Q 132 31.22 -57.17 -33.34
CA SER Q 132 31.08 -58.15 -34.38
C SER Q 132 30.64 -59.35 -33.60
N SER Q 133 29.51 -59.97 -34.00
CA SER Q 133 28.81 -60.90 -33.16
C SER Q 133 27.97 -61.82 -34.01
N GLN Q 134 27.41 -62.89 -33.38
CA GLN Q 134 26.54 -63.85 -33.99
C GLN Q 134 25.31 -64.00 -33.15
N TRP Q 135 24.25 -64.57 -33.77
CA TRP Q 135 23.00 -64.88 -33.11
C TRP Q 135 22.45 -66.05 -33.87
N GLU Q 136 21.42 -66.72 -33.31
CA GLU Q 136 20.80 -67.84 -33.96
C GLU Q 136 19.32 -67.61 -33.86
N GLN Q 137 18.65 -67.51 -35.02
CA GLN Q 137 17.22 -67.48 -35.10
C GLN Q 137 16.78 -68.59 -35.99
N LYS Q 138 15.68 -69.29 -35.59
CA LYS Q 138 15.13 -70.40 -36.33
C LYS Q 138 14.29 -69.84 -37.43
N LYS Q 139 14.93 -69.61 -38.60
CA LYS Q 139 14.29 -69.08 -39.77
C LYS Q 139 14.27 -70.19 -40.77
N ALA Q 140 14.90 -71.34 -40.42
CA ALA Q 140 14.92 -72.52 -41.22
C ALA Q 140 13.90 -73.49 -40.68
N GLY Q 141 13.08 -73.04 -39.70
CA GLY Q 141 12.06 -73.84 -39.06
C GLY Q 141 12.68 -74.83 -38.12
N ASN Q 142 11.82 -75.65 -37.46
CA ASN Q 142 12.21 -76.62 -36.46
C ASN Q 142 12.86 -75.95 -35.28
N GLY Q 143 13.59 -76.73 -34.45
CA GLY Q 143 14.33 -76.22 -33.33
C GLY Q 143 15.72 -76.79 -33.40
N ASP Q 144 15.94 -77.73 -34.34
CA ASP Q 144 17.21 -78.36 -34.55
C ASP Q 144 17.87 -77.77 -35.78
N THR Q 145 17.20 -76.81 -36.46
CA THR Q 145 17.78 -76.14 -37.59
C THR Q 145 17.63 -74.68 -37.27
N MET Q 146 18.77 -73.95 -37.29
CA MET Q 146 18.77 -72.55 -36.99
C MET Q 146 19.87 -71.88 -37.75
N GLU Q 147 19.47 -70.83 -38.49
CA GLU Q 147 20.26 -69.95 -39.29
C GLU Q 147 21.12 -69.12 -38.40
N THR Q 148 22.46 -69.28 -38.46
CA THR Q 148 23.37 -68.62 -37.55
C THR Q 148 23.92 -67.48 -38.33
N HIS Q 149 23.41 -66.27 -37.99
CA HIS Q 149 23.69 -65.03 -38.67
C HIS Q 149 24.90 -64.41 -38.05
N THR Q 150 25.49 -63.45 -38.76
CA THR Q 150 26.72 -62.81 -38.40
C THR Q 150 26.57 -61.39 -38.89
N PHE Q 151 27.05 -60.42 -38.10
CA PHE Q 151 27.04 -59.03 -38.46
C PHE Q 151 28.34 -58.55 -37.91
N GLY Q 152 29.14 -57.83 -38.71
CA GLY Q 152 30.45 -57.45 -38.26
C GLY Q 152 31.25 -56.95 -39.41
N VAL Q 153 32.59 -56.94 -39.21
CA VAL Q 153 33.52 -56.37 -40.13
C VAL Q 153 34.79 -57.18 -39.98
N ALA Q 154 35.43 -57.50 -41.12
CA ALA Q 154 36.66 -58.25 -41.21
C ALA Q 154 37.68 -57.30 -41.77
N PRO Q 155 38.75 -56.90 -41.08
CA PRO Q 155 39.44 -55.69 -41.50
C PRO Q 155 40.73 -56.02 -42.19
N MET Q 156 41.50 -57.03 -41.75
CA MET Q 156 42.84 -57.27 -42.23
C MET Q 156 42.86 -58.27 -43.34
N GLY Q 157 43.48 -57.88 -44.48
CA GLY Q 157 43.61 -58.69 -45.65
C GLY Q 157 44.56 -59.83 -45.45
N GLY Q 158 44.53 -60.82 -46.37
CA GLY Q 158 45.39 -61.97 -46.36
C GLY Q 158 45.75 -62.21 -47.78
N GLU Q 159 45.85 -63.48 -48.19
CA GLU Q 159 46.26 -63.80 -49.54
C GLU Q 159 45.74 -65.16 -49.89
N ASN Q 160 45.17 -65.90 -48.92
CA ASN Q 160 44.46 -67.10 -49.23
C ASN Q 160 43.68 -67.41 -47.99
N ILE Q 161 42.60 -68.21 -48.12
CA ILE Q 161 41.83 -68.73 -47.02
C ILE Q 161 41.76 -70.18 -47.31
N THR Q 162 42.14 -71.00 -46.30
CA THR Q 162 42.25 -72.42 -46.42
C THR Q 162 41.39 -72.96 -45.31
N ILE Q 163 41.66 -74.21 -44.89
CA ILE Q 163 40.95 -74.94 -43.87
C ILE Q 163 41.32 -74.42 -42.51
N ASP Q 164 42.45 -73.68 -42.41
CA ASP Q 164 42.99 -73.15 -41.19
C ASP Q 164 42.84 -71.65 -41.16
N GLY Q 165 41.88 -71.10 -41.95
CA GLY Q 165 41.56 -69.70 -41.98
C GLY Q 165 42.52 -68.95 -42.83
N LEU Q 166 42.68 -67.65 -42.52
CA LEU Q 166 43.49 -66.70 -43.25
C LEU Q 166 44.92 -67.13 -43.25
N GLN Q 167 45.62 -66.94 -44.38
CA GLN Q 167 47.04 -67.16 -44.51
C GLN Q 167 47.57 -65.77 -44.59
N ILE Q 168 48.28 -65.32 -43.54
CA ILE Q 168 48.64 -63.94 -43.38
C ILE Q 168 50.11 -63.78 -43.70
N GLY Q 169 50.83 -64.90 -43.89
CA GLY Q 169 52.23 -64.89 -44.24
C GLY Q 169 52.42 -65.90 -45.32
N THR Q 170 53.70 -66.16 -45.65
CA THR Q 170 54.06 -67.21 -46.55
C THR Q 170 55.50 -67.48 -46.22
N ASP Q 171 55.97 -68.69 -46.57
CA ASP Q 171 57.30 -69.16 -46.27
C ASP Q 171 58.20 -68.80 -47.42
N ALA Q 172 59.51 -68.72 -47.12
CA ALA Q 172 60.53 -68.20 -48.00
C ALA Q 172 61.80 -68.21 -47.19
N THR Q 173 61.73 -68.75 -45.95
CA THR Q 173 62.84 -68.94 -45.04
C THR Q 173 63.18 -70.42 -45.06
N ALA Q 174 62.81 -71.09 -46.16
CA ALA Q 174 63.09 -72.47 -46.40
C ALA Q 174 63.05 -72.61 -47.89
N ASP Q 175 63.53 -73.77 -48.40
CA ASP Q 175 63.55 -74.11 -49.81
C ASP Q 175 62.14 -74.33 -50.31
N GLN Q 176 61.26 -74.82 -49.40
CA GLN Q 176 59.87 -75.04 -49.68
C GLN Q 176 59.13 -73.79 -49.31
N ASP Q 177 58.07 -73.49 -50.09
CA ASP Q 177 57.21 -72.36 -49.86
C ASP Q 177 55.89 -72.96 -49.50
N LYS Q 178 55.32 -72.51 -48.35
CA LYS Q 178 54.06 -72.98 -47.84
C LYS Q 178 53.43 -71.75 -47.26
N PRO Q 179 52.15 -71.45 -47.50
CA PRO Q 179 51.39 -70.43 -46.78
C PRO Q 179 51.45 -70.57 -45.28
N ILE Q 180 51.55 -69.44 -44.54
CA ILE Q 180 51.72 -69.46 -43.11
C ILE Q 180 50.46 -68.92 -42.52
N TYR Q 181 49.89 -69.75 -41.61
CA TYR Q 181 48.63 -69.59 -40.92
C TYR Q 181 48.68 -68.43 -39.97
N ALA Q 182 47.51 -67.78 -39.78
CA ALA Q 182 47.29 -66.88 -38.68
C ALA Q 182 46.76 -67.71 -37.54
N ASP Q 183 47.38 -67.58 -36.34
CA ASP Q 183 47.03 -68.28 -35.12
C ASP Q 183 45.62 -67.95 -34.72
N LYS Q 184 44.86 -68.96 -34.26
CA LYS Q 184 43.49 -68.75 -33.87
C LYS Q 184 43.42 -67.99 -32.57
N THR Q 185 44.46 -68.15 -31.72
CA THR Q 185 44.57 -67.58 -30.40
C THR Q 185 44.52 -66.07 -30.37
N PHE Q 186 45.17 -65.35 -31.32
CA PHE Q 186 45.18 -63.91 -31.21
C PHE Q 186 45.56 -63.25 -32.51
N GLN Q 187 46.11 -63.99 -33.50
CA GLN Q 187 46.71 -63.41 -34.68
C GLN Q 187 45.86 -62.55 -35.57
N PRO Q 188 44.58 -62.76 -35.85
CA PRO Q 188 43.82 -61.79 -36.62
C PRO Q 188 43.31 -60.77 -35.63
N GLU Q 189 44.23 -59.90 -35.14
CA GLU Q 189 44.00 -58.88 -34.15
C GLU Q 189 42.93 -57.93 -34.59
N PRO Q 190 42.07 -57.45 -33.70
CA PRO Q 190 41.03 -56.53 -34.05
C PRO Q 190 41.56 -55.12 -34.17
N GLN Q 191 42.87 -54.87 -34.03
CA GLN Q 191 43.43 -53.54 -34.08
C GLN Q 191 44.23 -53.39 -35.35
N VAL Q 192 44.30 -54.44 -36.19
CA VAL Q 192 45.11 -54.45 -37.39
C VAL Q 192 44.15 -54.41 -38.53
N GLY Q 193 44.45 -53.56 -39.56
CA GLY Q 193 43.59 -53.37 -40.68
C GLY Q 193 44.40 -53.02 -41.87
N GLU Q 194 43.82 -52.18 -42.76
CA GLU Q 194 44.39 -51.69 -43.99
C GLU Q 194 44.89 -50.28 -43.76
N GLU Q 195 45.72 -49.76 -44.69
CA GLU Q 195 46.22 -48.41 -44.62
C GLU Q 195 46.22 -47.84 -46.03
N ASN Q 196 45.07 -47.95 -46.72
CA ASN Q 196 44.92 -47.51 -48.09
C ASN Q 196 43.43 -47.35 -48.26
N TRP Q 197 43.00 -46.62 -49.32
CA TRP Q 197 41.62 -46.49 -49.71
C TRP Q 197 41.16 -47.84 -50.19
N GLN Q 198 40.00 -48.30 -49.67
CA GLN Q 198 39.38 -49.61 -49.77
C GLN Q 198 39.74 -50.48 -50.96
N GLU Q 199 40.00 -51.78 -50.69
CA GLU Q 199 40.32 -52.78 -51.68
C GLU Q 199 39.25 -53.84 -51.62
N THR Q 200 39.05 -54.54 -52.76
CA THR Q 200 38.01 -55.53 -52.95
C THR Q 200 38.65 -56.68 -53.68
N GLU Q 201 37.97 -57.85 -53.63
CA GLU Q 201 38.33 -59.08 -54.32
C GLU Q 201 39.60 -59.67 -53.76
N SER Q 202 39.71 -59.67 -52.42
CA SER Q 202 40.84 -60.18 -51.70
C SER Q 202 40.25 -60.90 -50.54
N PHE Q 203 41.10 -61.65 -49.83
CA PHE Q 203 40.76 -62.39 -48.66
C PHE Q 203 40.84 -61.48 -47.47
N TYR Q 204 40.03 -61.75 -46.42
CA TYR Q 204 39.99 -60.94 -45.22
C TYR Q 204 39.64 -61.85 -44.10
N GLY Q 205 40.18 -61.57 -42.90
CA GLY Q 205 39.89 -62.27 -41.68
C GLY Q 205 39.34 -61.29 -40.70
N GLY Q 206 38.75 -61.79 -39.58
CA GLY Q 206 38.29 -60.94 -38.52
C GLY Q 206 38.19 -61.76 -37.27
N ARG Q 207 37.36 -61.30 -36.32
CA ARG Q 207 37.07 -61.98 -35.08
C ARG Q 207 35.66 -61.60 -34.83
N ALA Q 208 34.83 -62.53 -34.34
CA ALA Q 208 33.46 -62.25 -34.04
C ALA Q 208 33.19 -62.91 -32.74
N LEU Q 209 32.11 -62.49 -32.07
CA LEU Q 209 31.67 -63.06 -30.82
C LEU Q 209 30.62 -64.06 -31.20
N LYS Q 210 30.35 -65.02 -30.30
CA LYS Q 210 29.36 -66.04 -30.52
C LYS Q 210 28.03 -65.61 -30.00
N LYS Q 211 27.00 -66.46 -30.22
CA LYS Q 211 25.67 -66.34 -29.70
C LYS Q 211 25.66 -66.70 -28.24
N ASP Q 212 26.74 -67.38 -27.79
CA ASP Q 212 27.00 -67.78 -26.44
C ASP Q 212 27.10 -66.58 -25.53
N THR Q 213 27.77 -65.49 -26.00
CA THR Q 213 27.90 -64.24 -25.29
C THR Q 213 26.61 -63.49 -25.44
N SER Q 214 26.26 -62.65 -24.46
CA SER Q 214 25.16 -61.72 -24.59
C SER Q 214 25.66 -60.46 -25.24
N MET Q 215 24.90 -59.96 -26.23
CA MET Q 215 25.21 -58.73 -26.93
C MET Q 215 25.14 -57.53 -26.04
N LYS Q 216 26.20 -56.70 -26.12
CA LYS Q 216 26.32 -55.43 -25.46
C LYS Q 216 26.66 -54.59 -26.66
N PRO Q 217 26.22 -53.36 -26.84
CA PRO Q 217 26.77 -52.46 -27.83
C PRO Q 217 28.23 -52.22 -27.60
N CYS Q 218 28.99 -51.95 -28.67
CA CYS Q 218 30.36 -51.55 -28.60
C CYS Q 218 30.38 -50.11 -28.18
N TYR Q 219 30.55 -49.86 -26.87
CA TYR Q 219 30.75 -48.54 -26.41
C TYR Q 219 31.28 -48.63 -25.02
N GLY Q 220 31.10 -49.77 -24.33
CA GLY Q 220 31.69 -49.93 -23.02
C GLY Q 220 32.01 -51.38 -22.84
N SER Q 221 32.04 -52.16 -23.94
CA SER Q 221 32.37 -53.55 -23.93
C SER Q 221 33.80 -53.77 -23.56
N TYR Q 222 34.03 -54.75 -22.67
CA TYR Q 222 35.33 -55.07 -22.16
C TYR Q 222 35.35 -56.55 -21.97
N ALA Q 223 36.48 -57.20 -22.33
CA ALA Q 223 36.67 -58.60 -22.13
C ALA Q 223 38.09 -58.69 -21.67
N ARG Q 224 38.34 -59.34 -20.52
CA ARG Q 224 39.66 -59.42 -19.95
C ARG Q 224 40.50 -60.41 -20.71
N PRO Q 225 41.81 -60.22 -20.90
CA PRO Q 225 42.72 -61.18 -21.52
C PRO Q 225 42.68 -62.55 -20.91
N THR Q 226 42.86 -63.60 -21.74
CA THR Q 226 42.88 -64.97 -21.30
C THR Q 226 44.24 -65.52 -21.64
N ASN Q 227 45.13 -64.71 -22.24
CA ASN Q 227 46.49 -65.12 -22.51
C ASN Q 227 47.30 -63.88 -22.65
N VAL Q 228 48.64 -64.04 -22.65
CA VAL Q 228 49.61 -62.98 -22.65
C VAL Q 228 49.76 -62.27 -23.97
N LYS Q 229 49.18 -62.81 -25.06
CA LYS Q 229 49.34 -62.23 -26.38
C LYS Q 229 48.10 -61.44 -26.70
N GLY Q 230 47.24 -61.21 -25.69
CA GLY Q 230 46.09 -60.34 -25.78
C GLY Q 230 44.93 -60.95 -26.49
N GLY Q 231 44.83 -62.30 -26.50
CA GLY Q 231 43.62 -62.98 -26.89
C GLY Q 231 42.72 -62.93 -25.70
N GLN Q 232 41.46 -63.40 -25.82
CA GLN Q 232 40.52 -63.15 -24.78
C GLN Q 232 39.36 -64.09 -24.88
N ALA Q 233 39.56 -65.23 -25.59
CA ALA Q 233 38.57 -66.26 -25.71
C ALA Q 233 38.66 -67.15 -24.51
N LYS Q 234 37.48 -67.53 -23.96
CA LYS Q 234 37.30 -68.43 -22.85
C LYS Q 234 37.82 -69.80 -23.20
N LEU Q 235 38.43 -70.51 -22.22
CA LEU Q 235 38.89 -71.87 -22.37
C LEU Q 235 37.73 -72.81 -22.57
N LYS Q 236 37.94 -73.89 -23.36
CA LYS Q 236 36.97 -74.94 -23.55
C LYS Q 236 36.81 -75.73 -22.28
N VAL Q 237 35.63 -76.35 -22.10
CA VAL Q 237 35.31 -77.14 -20.94
C VAL Q 237 35.14 -78.53 -21.47
N GLY Q 238 36.01 -79.47 -21.02
CA GLY Q 238 35.92 -80.88 -21.34
C GLY Q 238 35.13 -81.59 -20.28
N ALA Q 239 35.17 -81.05 -19.05
CA ALA Q 239 34.44 -81.49 -17.89
C ALA Q 239 34.98 -80.68 -16.73
N ASP Q 240 35.87 -79.71 -17.05
CA ASP Q 240 36.50 -78.81 -16.13
C ASP Q 240 37.36 -78.01 -17.07
N GLY Q 241 37.19 -76.67 -17.07
CA GLY Q 241 37.82 -75.79 -18.01
C GLY Q 241 39.24 -75.46 -17.64
N VAL Q 242 39.57 -75.49 -16.34
CA VAL Q 242 40.90 -75.23 -15.84
C VAL Q 242 41.95 -76.20 -16.37
N PRO Q 243 41.77 -77.53 -16.44
CA PRO Q 243 42.78 -78.43 -16.97
C PRO Q 243 42.93 -78.28 -18.46
N THR Q 244 41.83 -77.99 -19.18
CA THR Q 244 41.80 -77.73 -20.61
C THR Q 244 42.62 -76.50 -20.91
N LYS Q 245 43.44 -76.55 -21.97
CA LYS Q 245 44.41 -75.53 -22.27
C LYS Q 245 44.16 -75.05 -23.68
N GLU Q 246 43.15 -75.63 -24.35
CA GLU Q 246 42.67 -75.18 -25.65
C GLU Q 246 41.57 -74.19 -25.46
N PHE Q 247 41.62 -73.10 -26.26
CA PHE Q 247 40.69 -72.00 -26.23
C PHE Q 247 39.52 -72.34 -27.12
N ASP Q 248 38.35 -71.70 -26.85
CA ASP Q 248 37.10 -71.94 -27.53
C ASP Q 248 37.00 -71.00 -28.70
N ILE Q 249 37.51 -71.41 -29.89
CA ILE Q 249 37.60 -70.57 -31.06
C ILE Q 249 37.27 -71.45 -32.22
N ASP Q 250 36.43 -70.96 -33.16
CA ASP Q 250 35.97 -71.71 -34.31
C ASP Q 250 36.10 -70.79 -35.49
N LEU Q 251 36.05 -71.33 -36.73
CA LEU Q 251 36.16 -70.58 -37.96
C LEU Q 251 34.86 -70.71 -38.67
N ALA Q 252 34.30 -69.57 -39.15
CA ALA Q 252 33.13 -69.54 -39.97
C ALA Q 252 33.54 -68.87 -41.23
N PHE Q 253 33.35 -69.53 -42.40
CA PHE Q 253 33.78 -69.04 -43.68
C PHE Q 253 32.56 -68.49 -44.34
N PHE Q 254 32.75 -67.56 -45.31
CA PHE Q 254 31.68 -66.90 -46.00
C PHE Q 254 32.22 -66.60 -47.36
N ASP Q 255 31.33 -66.57 -48.37
CA ASP Q 255 31.69 -66.23 -49.71
C ASP Q 255 30.57 -65.38 -50.19
N THR Q 256 30.81 -64.51 -51.19
CA THR Q 256 29.76 -63.73 -51.82
C THR Q 256 28.80 -64.66 -52.55
N PRO Q 257 27.50 -64.41 -52.58
CA PRO Q 257 26.53 -65.25 -53.27
C PRO Q 257 26.46 -64.80 -54.71
N GLY Q 258 27.58 -64.25 -55.26
CA GLY Q 258 27.74 -63.70 -56.58
C GLY Q 258 27.30 -64.58 -57.72
N GLY Q 259 27.20 -63.96 -58.92
CA GLY Q 259 26.85 -64.57 -60.17
C GLY Q 259 27.77 -65.65 -60.64
N THR Q 260 27.62 -66.05 -61.92
CA THR Q 260 28.39 -67.06 -62.59
C THR Q 260 29.87 -66.70 -62.62
N VAL Q 261 30.15 -65.39 -62.84
CA VAL Q 261 31.48 -64.83 -62.68
C VAL Q 261 31.60 -64.57 -61.20
N ASN Q 262 32.64 -65.16 -60.56
CA ASN Q 262 32.94 -65.04 -59.15
C ASN Q 262 31.85 -65.72 -58.35
N GLY Q 263 31.57 -65.22 -57.11
CA GLY Q 263 30.58 -65.81 -56.21
C GLY Q 263 31.02 -67.14 -55.68
N GLN Q 264 30.04 -67.99 -55.29
CA GLN Q 264 30.27 -69.36 -54.91
C GLN Q 264 29.87 -70.25 -56.06
N ASP Q 265 29.86 -69.69 -57.29
CA ASP Q 265 29.75 -70.47 -58.51
C ASP Q 265 31.18 -70.76 -58.92
N GLU Q 266 32.14 -70.14 -58.19
CA GLU Q 266 33.55 -70.33 -58.32
C GLU Q 266 33.97 -70.63 -56.91
N TYR Q 267 34.93 -71.60 -56.75
CA TYR Q 267 35.49 -72.02 -55.48
C TYR Q 267 36.24 -70.89 -54.83
N LYS Q 268 36.06 -70.70 -53.50
CA LYS Q 268 36.71 -69.69 -52.69
C LYS Q 268 35.79 -69.39 -51.54
N ALA Q 269 36.37 -68.72 -50.53
CA ALA Q 269 35.71 -68.12 -49.41
C ALA Q 269 36.43 -66.83 -49.28
N ASP Q 270 35.71 -65.69 -49.19
CA ASP Q 270 36.28 -64.37 -49.24
C ASP Q 270 36.54 -63.82 -47.87
N ILE Q 271 35.87 -64.37 -46.84
CA ILE Q 271 35.89 -63.82 -45.50
C ILE Q 271 35.94 -65.03 -44.62
N VAL Q 272 36.79 -65.01 -43.57
CA VAL Q 272 36.75 -65.94 -42.49
C VAL Q 272 36.61 -65.07 -41.28
N MET Q 273 35.79 -65.50 -40.28
CA MET Q 273 35.63 -64.81 -39.03
C MET Q 273 36.03 -65.80 -38.00
N TYR Q 274 36.87 -65.37 -37.04
CA TYR Q 274 37.32 -66.20 -35.96
C TYR Q 274 36.35 -66.00 -34.82
N THR Q 275 35.20 -66.72 -34.87
CA THR Q 275 34.16 -66.70 -33.87
C THR Q 275 34.71 -67.23 -32.58
N GLU Q 276 34.34 -66.63 -31.43
CA GLU Q 276 34.85 -67.06 -30.16
C GLU Q 276 33.93 -66.59 -29.09
N ASN Q 277 33.91 -67.34 -27.96
CA ASN Q 277 33.14 -67.04 -26.80
C ASN Q 277 34.09 -66.34 -25.85
N THR Q 278 33.70 -65.19 -25.25
CA THR Q 278 34.57 -64.35 -24.47
C THR Q 278 33.79 -63.96 -23.24
N TYR Q 279 34.49 -63.41 -22.22
CA TYR Q 279 33.86 -62.74 -21.10
C TYR Q 279 33.41 -61.39 -21.58
N LEU Q 280 32.38 -60.80 -20.96
CA LEU Q 280 31.92 -59.49 -21.34
C LEU Q 280 31.50 -58.83 -20.08
N GLU Q 281 31.87 -57.54 -19.98
CA GLU Q 281 31.50 -56.69 -18.91
C GLU Q 281 31.20 -55.38 -19.57
N THR Q 282 30.46 -54.53 -18.85
CA THR Q 282 30.18 -53.17 -19.23
C THR Q 282 30.28 -52.49 -17.89
N PRO Q 283 31.47 -52.38 -17.30
CA PRO Q 283 31.63 -52.00 -15.92
C PRO Q 283 31.46 -50.52 -15.66
N ASP Q 284 30.96 -49.73 -16.64
CA ASP Q 284 30.92 -48.30 -16.51
C ASP Q 284 30.05 -47.73 -17.59
N THR Q 285 29.23 -48.57 -18.26
CA THR Q 285 28.19 -48.11 -19.15
C THR Q 285 27.02 -48.96 -18.82
N HIS Q 286 25.82 -48.51 -19.21
CA HIS Q 286 24.61 -49.21 -18.96
C HIS Q 286 23.73 -48.91 -20.12
N VAL Q 287 22.89 -49.91 -20.51
CA VAL Q 287 21.91 -49.83 -21.57
C VAL Q 287 20.93 -48.74 -21.24
N VAL Q 288 20.50 -47.96 -22.26
CA VAL Q 288 19.66 -46.81 -22.09
C VAL Q 288 18.56 -46.95 -23.09
N TYR Q 289 18.73 -47.81 -24.11
CA TYR Q 289 17.64 -48.17 -24.97
C TYR Q 289 17.91 -49.56 -25.44
N LYS Q 290 16.84 -50.38 -25.49
CA LYS Q 290 16.90 -51.71 -26.02
C LYS Q 290 15.48 -52.03 -26.40
N PRO Q 291 15.20 -52.82 -27.42
CA PRO Q 291 13.82 -52.97 -27.87
C PRO Q 291 13.34 -54.33 -27.43
N GLY Q 292 14.25 -55.26 -27.10
CA GLY Q 292 13.94 -56.59 -26.63
C GLY Q 292 13.37 -56.61 -25.25
N LYS Q 293 13.43 -57.82 -24.64
CA LYS Q 293 13.04 -58.10 -23.28
C LYS Q 293 14.15 -58.98 -22.75
N ASP Q 294 15.26 -59.09 -23.51
CA ASP Q 294 16.41 -59.87 -23.15
C ASP Q 294 17.61 -59.20 -23.77
N ASP Q 295 18.81 -59.48 -23.19
CA ASP Q 295 20.08 -59.05 -23.72
C ASP Q 295 20.69 -60.17 -24.52
N ALA Q 296 19.97 -61.31 -24.65
CA ALA Q 296 20.37 -62.43 -25.48
C ALA Q 296 20.46 -62.03 -26.92
N SER Q 297 21.41 -62.65 -27.64
CA SER Q 297 21.76 -62.36 -29.00
C SER Q 297 20.60 -62.54 -29.93
N SER Q 298 20.39 -61.54 -30.79
CA SER Q 298 19.27 -61.50 -31.68
C SER Q 298 19.66 -60.48 -32.70
N GLU Q 299 18.83 -60.30 -33.74
CA GLU Q 299 19.05 -59.32 -34.77
C GLU Q 299 18.66 -57.96 -34.27
N ILE Q 300 17.79 -57.89 -33.23
CA ILE Q 300 17.28 -56.65 -32.70
C ILE Q 300 18.05 -56.25 -31.46
N ASN Q 301 19.16 -56.95 -31.15
CA ASN Q 301 19.98 -56.61 -30.02
C ASN Q 301 21.24 -56.01 -30.57
N LEU Q 302 21.23 -55.67 -31.88
CA LEU Q 302 22.28 -54.91 -32.50
C LEU Q 302 22.00 -53.45 -32.32
N VAL Q 303 20.74 -53.07 -32.05
CA VAL Q 303 20.30 -51.71 -32.11
C VAL Q 303 20.13 -51.13 -30.73
N GLN Q 304 20.85 -51.69 -29.73
CA GLN Q 304 20.83 -51.21 -28.37
C GLN Q 304 21.71 -49.99 -28.32
N GLN Q 305 21.53 -49.16 -27.28
CA GLN Q 305 22.27 -47.95 -27.09
C GLN Q 305 22.75 -48.10 -25.69
N SER Q 306 23.88 -47.44 -25.32
CA SER Q 306 24.34 -47.41 -23.96
C SER Q 306 24.95 -46.07 -23.67
N MET Q 307 24.47 -45.47 -22.57
CA MET Q 307 24.90 -44.21 -22.01
C MET Q 307 25.89 -44.53 -20.92
N PRO Q 308 26.92 -43.75 -20.62
CA PRO Q 308 27.82 -43.97 -19.51
C PRO Q 308 27.12 -43.96 -18.18
N ASN Q 309 27.67 -44.66 -17.18
CA ASN Q 309 27.26 -44.59 -15.80
C ASN Q 309 27.60 -43.22 -15.26
N ARG Q 310 26.86 -42.76 -14.22
CA ARG Q 310 27.01 -41.44 -13.64
C ARG Q 310 28.35 -41.25 -12.96
N PRO Q 311 29.11 -40.15 -13.11
CA PRO Q 311 30.19 -39.80 -12.21
C PRO Q 311 29.74 -39.69 -10.78
N ASN Q 312 30.34 -40.50 -9.88
CA ASN Q 312 30.03 -40.50 -8.48
C ASN Q 312 31.35 -40.52 -7.79
N TYR Q 313 31.72 -39.40 -7.15
CA TYR Q 313 32.98 -39.23 -6.48
C TYR Q 313 32.76 -39.46 -5.03
N ILE Q 314 33.55 -40.36 -4.43
CA ILE Q 314 33.44 -40.73 -3.04
C ILE Q 314 34.82 -40.57 -2.50
N GLY Q 315 34.97 -39.70 -1.49
CA GLY Q 315 36.22 -39.41 -0.86
C GLY Q 315 35.87 -39.17 0.58
N PHE Q 316 36.80 -38.57 1.35
CA PHE Q 316 36.56 -38.19 2.73
C PHE Q 316 35.87 -36.86 2.75
N ARG Q 317 35.45 -36.40 3.95
CA ARG Q 317 34.87 -35.11 4.22
C ARG Q 317 35.90 -34.02 4.27
N ASP Q 318 35.44 -32.75 4.34
CA ASP Q 318 36.19 -31.53 4.17
C ASP Q 318 37.37 -31.37 5.10
N ASN Q 319 37.25 -31.74 6.38
CA ASN Q 319 38.34 -31.64 7.31
C ASN Q 319 38.27 -32.87 8.15
N PHE Q 320 37.95 -34.03 7.56
CA PHE Q 320 37.62 -35.27 8.26
C PHE Q 320 36.45 -35.06 9.22
N ILE Q 321 35.35 -34.50 8.71
CA ILE Q 321 34.17 -34.21 9.46
C ILE Q 321 33.42 -35.48 9.66
N GLY Q 322 32.99 -35.75 10.91
CA GLY Q 322 32.19 -36.90 11.23
C GLY Q 322 33.04 -38.13 11.25
N LEU Q 323 34.32 -37.98 11.65
CA LEU Q 323 35.23 -39.07 11.77
C LEU Q 323 35.59 -39.14 13.23
N MET Q 324 35.38 -38.05 13.98
CA MET Q 324 35.57 -38.00 15.40
C MET Q 324 34.28 -37.48 15.95
N TYR Q 325 33.76 -38.15 17.01
CA TYR Q 325 32.57 -37.74 17.71
C TYR Q 325 32.81 -36.47 18.47
N TYR Q 326 31.94 -35.49 18.26
CA TYR Q 326 31.88 -34.29 19.04
C TYR Q 326 30.42 -34.10 19.23
N ASN Q 327 30.05 -33.28 20.23
CA ASN Q 327 28.71 -32.85 20.48
C ASN Q 327 27.75 -33.99 20.71
N SER Q 328 28.11 -34.85 21.67
CA SER Q 328 27.48 -36.12 21.85
C SER Q 328 27.83 -36.44 23.27
N THR Q 329 27.01 -37.28 23.93
CA THR Q 329 27.36 -37.87 25.19
C THR Q 329 27.17 -39.35 24.99
N GLY Q 330 28.06 -40.15 25.61
CA GLY Q 330 28.08 -41.58 25.50
C GLY Q 330 29.10 -41.98 24.47
N ASN Q 331 29.61 -40.99 23.71
CA ASN Q 331 30.73 -41.14 22.83
C ASN Q 331 31.60 -39.93 23.04
N MET Q 332 31.40 -39.21 24.17
CA MET Q 332 32.21 -38.10 24.59
C MET Q 332 33.65 -38.45 24.86
N GLY Q 333 34.59 -37.55 24.45
CA GLY Q 333 36.01 -37.69 24.67
C GLY Q 333 36.34 -37.13 26.01
N VAL Q 334 37.37 -37.68 26.68
CA VAL Q 334 37.83 -37.25 27.98
C VAL Q 334 39.29 -36.98 27.90
N LEU Q 335 39.71 -35.77 28.31
CA LEU Q 335 41.09 -35.44 28.54
C LEU Q 335 41.08 -35.01 29.97
N ALA Q 336 41.93 -35.62 30.82
CA ALA Q 336 41.79 -35.47 32.24
C ALA Q 336 43.08 -35.80 32.88
N GLY Q 337 43.29 -35.36 34.14
CA GLY Q 337 44.44 -35.66 34.95
C GLY Q 337 44.62 -37.14 35.13
N GLN Q 338 45.84 -37.59 35.54
CA GLN Q 338 46.06 -38.98 35.82
C GLN Q 338 45.96 -39.19 37.31
N ALA Q 339 45.74 -38.09 38.08
CA ALA Q 339 45.61 -38.12 39.50
C ALA Q 339 44.16 -38.31 39.83
N SER Q 340 43.42 -37.20 40.04
CA SER Q 340 42.03 -37.16 40.38
C SER Q 340 41.15 -37.70 39.28
N GLN Q 341 41.49 -37.33 38.03
CA GLN Q 341 40.90 -37.79 36.79
C GLN Q 341 39.62 -37.07 36.51
N LEU Q 342 39.65 -35.72 36.59
CA LEU Q 342 38.50 -34.87 36.38
C LEU Q 342 38.52 -34.50 34.93
N ASN Q 343 37.41 -34.75 34.21
CA ASN Q 343 37.25 -34.47 32.80
C ASN Q 343 37.38 -33.00 32.53
N ALA Q 344 38.07 -32.64 31.43
CA ALA Q 344 38.32 -31.28 31.06
C ALA Q 344 37.65 -31.01 29.74
N VAL Q 345 36.77 -31.94 29.30
CA VAL Q 345 36.06 -31.88 28.06
C VAL Q 345 34.63 -32.04 28.47
N VAL Q 346 33.79 -31.02 28.17
CA VAL Q 346 32.36 -31.13 28.30
C VAL Q 346 31.82 -30.84 26.95
N ASP Q 347 31.11 -31.82 26.36
CA ASP Q 347 30.48 -31.70 25.08
C ASP Q 347 29.02 -31.59 25.37
N LEU Q 348 28.34 -30.71 24.61
CA LEU Q 348 26.93 -30.43 24.73
C LEU Q 348 26.44 -30.65 23.35
N GLN Q 349 25.12 -30.94 23.21
CA GLN Q 349 24.56 -31.33 21.95
C GLN Q 349 24.00 -30.12 21.25
N ASP Q 350 24.03 -28.93 21.91
CA ASP Q 350 23.54 -27.68 21.36
C ASP Q 350 24.72 -26.83 21.00
N ARG Q 351 25.88 -27.46 20.80
CA ARG Q 351 27.12 -26.85 20.39
C ARG Q 351 27.35 -27.60 19.13
N ASN Q 352 27.90 -26.95 18.10
CA ASN Q 352 28.22 -27.60 16.85
C ASN Q 352 29.62 -27.17 16.61
N THR Q 353 30.62 -28.04 16.91
CA THR Q 353 31.98 -27.61 16.82
C THR Q 353 32.59 -28.08 15.54
N GLU Q 354 31.90 -28.94 14.76
CA GLU Q 354 32.28 -29.24 13.41
C GLU Q 354 32.12 -28.08 12.46
N LEU Q 355 30.96 -27.37 12.54
CA LEU Q 355 30.66 -26.16 11.82
C LEU Q 355 31.56 -25.05 12.19
N SER Q 356 31.83 -24.91 13.51
CA SER Q 356 32.56 -23.82 14.11
C SER Q 356 33.96 -23.78 13.55
N TYR Q 357 34.57 -24.97 13.40
CA TYR Q 357 35.88 -25.18 12.87
C TYR Q 357 35.99 -24.73 11.43
N GLN Q 358 34.95 -24.97 10.59
CA GLN Q 358 34.92 -24.58 9.20
C GLN Q 358 35.01 -23.10 9.03
N LEU Q 359 34.28 -22.34 9.88
CA LEU Q 359 34.18 -20.91 9.77
C LEU Q 359 35.42 -20.25 10.32
N LEU Q 360 36.12 -20.91 11.28
CA LEU Q 360 37.37 -20.45 11.85
C LEU Q 360 38.46 -20.38 10.82
N LEU Q 361 38.53 -21.41 9.94
CA LEU Q 361 39.50 -21.57 8.88
C LEU Q 361 39.42 -20.45 7.91
N ASP Q 362 38.20 -19.99 7.60
CA ASP Q 362 37.96 -19.00 6.60
C ASP Q 362 38.29 -17.63 7.17
N SER Q 363 38.22 -17.49 8.52
CA SER Q 363 38.66 -16.30 9.22
C SER Q 363 40.16 -16.14 9.07
N LEU Q 364 40.93 -17.26 9.17
CA LEU Q 364 42.36 -17.31 9.00
C LEU Q 364 42.74 -16.92 7.59
N GLY Q 365 41.97 -17.43 6.60
CA GLY Q 365 42.20 -17.21 5.19
C GLY Q 365 42.82 -18.45 4.64
N ASP Q 366 43.06 -18.46 3.31
CA ASP Q 366 43.68 -19.55 2.59
C ASP Q 366 42.71 -20.70 2.50
N ARG Q 367 41.45 -20.39 2.13
CA ARG Q 367 40.40 -21.38 2.16
C ARG Q 367 40.19 -21.92 0.78
N THR Q 368 40.95 -21.41 -0.21
CA THR Q 368 40.90 -21.89 -1.57
C THR Q 368 42.23 -22.52 -1.89
N ARG Q 369 43.15 -22.51 -0.90
CA ARG Q 369 44.38 -23.27 -0.91
C ARG Q 369 44.01 -24.61 -0.35
N TYR Q 370 44.64 -25.69 -0.86
CA TYR Q 370 44.28 -27.03 -0.53
C TYR Q 370 45.47 -27.56 0.20
N PHE Q 371 45.24 -28.19 1.36
CA PHE Q 371 46.27 -28.71 2.21
C PHE Q 371 45.95 -30.15 2.31
N SER Q 372 46.85 -30.99 1.81
CA SER Q 372 46.63 -32.42 1.72
C SER Q 372 46.58 -33.11 3.07
N MET Q 373 47.34 -32.64 4.08
CA MET Q 373 47.51 -33.39 5.32
C MET Q 373 46.27 -33.43 6.19
N TRP Q 374 45.50 -32.36 6.24
CA TRP Q 374 44.29 -32.28 7.03
C TRP Q 374 43.09 -32.28 6.14
N ASN Q 375 43.30 -32.43 4.83
CA ASN Q 375 42.32 -32.80 3.85
C ASN Q 375 41.47 -31.63 3.48
N GLN Q 376 41.97 -30.40 3.75
CA GLN Q 376 41.32 -29.15 3.48
C GLN Q 376 41.13 -29.01 1.99
N ALA Q 377 39.92 -28.56 1.60
CA ALA Q 377 39.52 -28.44 0.23
C ALA Q 377 38.07 -28.23 0.34
N VAL Q 378 37.66 -26.96 0.59
CA VAL Q 378 36.28 -26.59 0.78
C VAL Q 378 35.49 -26.89 -0.46
N ASP Q 379 34.23 -27.37 -0.28
CA ASP Q 379 33.30 -27.65 -1.33
C ASP Q 379 32.98 -26.39 -2.08
N SER Q 380 32.86 -26.53 -3.41
CA SER Q 380 32.70 -25.42 -4.29
C SER Q 380 31.74 -25.92 -5.33
N TYR Q 381 31.14 -24.99 -6.10
CA TYR Q 381 30.32 -25.30 -7.22
C TYR Q 381 30.91 -24.44 -8.29
N ASP Q 382 30.67 -24.77 -9.57
CA ASP Q 382 31.08 -23.91 -10.66
C ASP Q 382 29.93 -22.95 -10.82
N PRO Q 383 30.12 -21.64 -10.84
CA PRO Q 383 29.02 -20.68 -10.79
C PRO Q 383 28.36 -20.53 -12.13
N ASP Q 384 28.71 -21.37 -13.14
CA ASP Q 384 28.12 -21.37 -14.45
C ASP Q 384 27.22 -22.59 -14.57
N VAL Q 385 27.03 -23.34 -13.46
CA VAL Q 385 26.18 -24.48 -13.38
C VAL Q 385 25.09 -24.03 -12.46
N ARG Q 386 25.48 -23.35 -11.37
CA ARG Q 386 24.58 -22.77 -10.41
C ARG Q 386 23.72 -21.67 -11.00
N ILE Q 387 24.32 -20.77 -11.82
CA ILE Q 387 23.59 -19.75 -12.52
C ILE Q 387 23.97 -19.97 -13.95
N ILE Q 388 22.98 -20.29 -14.82
CA ILE Q 388 23.23 -20.58 -16.20
C ILE Q 388 23.21 -19.27 -16.92
N GLU Q 389 24.36 -18.86 -17.51
CA GLU Q 389 24.46 -17.69 -18.32
C GLU Q 389 24.51 -18.28 -19.70
N ASN Q 390 23.39 -18.18 -20.44
CA ASN Q 390 23.29 -18.64 -21.78
C ASN Q 390 23.59 -17.45 -22.64
N HIS Q 391 24.29 -17.67 -23.76
CA HIS Q 391 24.83 -16.64 -24.60
C HIS Q 391 24.84 -17.22 -25.99
N GLY Q 392 24.07 -18.31 -26.21
CA GLY Q 392 23.99 -18.96 -27.48
C GLY Q 392 25.27 -19.66 -27.76
N VAL Q 393 25.57 -19.86 -29.05
CA VAL Q 393 26.71 -20.58 -29.53
C VAL Q 393 27.43 -19.60 -30.41
N GLU Q 394 28.77 -19.67 -30.49
CA GLU Q 394 29.53 -18.80 -31.37
C GLU Q 394 29.82 -19.51 -32.66
N ASP Q 395 28.76 -19.86 -33.43
CA ASP Q 395 28.87 -20.70 -34.61
C ASP Q 395 28.24 -19.88 -35.69
N GLU Q 396 29.07 -19.28 -36.55
CA GLU Q 396 28.62 -18.46 -37.65
C GLU Q 396 29.42 -18.86 -38.86
N LEU Q 397 30.31 -19.87 -38.70
CA LEU Q 397 31.18 -20.33 -39.74
C LEU Q 397 30.91 -21.83 -39.76
N PRO Q 398 30.46 -22.45 -40.84
CA PRO Q 398 30.05 -23.85 -40.85
C PRO Q 398 31.25 -24.77 -40.85
N ASN Q 399 31.12 -25.96 -40.22
CA ASN Q 399 32.23 -26.87 -40.02
C ASN Q 399 31.87 -28.07 -40.82
N TYR Q 400 32.89 -28.83 -41.28
CA TYR Q 400 32.70 -29.86 -42.27
C TYR Q 400 33.57 -31.05 -42.00
N CYS Q 401 33.15 -32.22 -42.54
CA CYS Q 401 33.88 -33.46 -42.50
C CYS Q 401 33.99 -33.80 -43.96
N PHE Q 402 35.06 -34.53 -44.36
CA PHE Q 402 35.36 -34.78 -45.75
C PHE Q 402 35.89 -36.18 -45.79
N PRO Q 403 35.82 -36.94 -46.88
CA PRO Q 403 36.41 -38.26 -47.03
C PRO Q 403 37.88 -38.34 -46.77
N LEU Q 404 38.41 -39.55 -46.50
CA LEU Q 404 39.79 -39.77 -46.17
C LEU Q 404 40.69 -39.65 -47.38
N ASP Q 405 40.11 -39.75 -48.58
CA ASP Q 405 40.85 -39.65 -49.83
C ASP Q 405 40.65 -38.26 -50.38
N GLY Q 406 39.82 -37.42 -49.70
CA GLY Q 406 39.61 -36.01 -49.97
C GLY Q 406 39.31 -35.72 -51.40
N SER Q 407 38.32 -36.43 -51.98
CA SER Q 407 37.98 -36.22 -53.36
C SER Q 407 36.55 -36.64 -53.57
N GLY Q 408 35.79 -36.91 -52.48
CA GLY Q 408 34.38 -37.21 -52.62
C GLY Q 408 34.18 -38.56 -53.25
N THR Q 409 33.21 -38.63 -54.18
CA THR Q 409 32.91 -39.82 -54.93
C THR Q 409 33.47 -39.55 -56.30
N ASN Q 410 34.24 -40.53 -56.82
CA ASN Q 410 34.94 -40.42 -58.07
C ASN Q 410 34.30 -41.38 -59.03
N ALA Q 411 34.60 -41.21 -60.33
CA ALA Q 411 34.19 -42.14 -61.34
C ALA Q 411 35.28 -42.16 -62.36
N ALA Q 412 35.30 -43.23 -63.19
CA ALA Q 412 36.17 -43.43 -64.31
C ALA Q 412 35.93 -42.42 -65.39
N TYR Q 413 37.00 -41.91 -66.03
CA TYR Q 413 36.89 -41.03 -67.16
C TYR Q 413 38.07 -41.34 -68.03
N GLN Q 414 37.81 -41.77 -69.28
CA GLN Q 414 38.81 -42.00 -70.30
C GLN Q 414 39.46 -40.70 -70.65
N GLY Q 415 40.77 -40.69 -70.91
CA GLY Q 415 41.46 -39.51 -71.39
C GLY Q 415 41.11 -39.31 -72.84
N VAL Q 416 41.08 -38.04 -73.31
CA VAL Q 416 40.69 -37.71 -74.65
C VAL Q 416 41.62 -36.63 -75.10
N LYS Q 417 42.17 -36.76 -76.32
CA LYS Q 417 43.00 -35.77 -76.96
C LYS Q 417 42.43 -35.59 -78.33
N VAL Q 418 42.15 -34.33 -78.75
CA VAL Q 418 41.56 -34.04 -80.04
C VAL Q 418 42.45 -34.52 -81.18
N LYS Q 419 41.79 -35.04 -82.24
CA LYS Q 419 42.44 -35.69 -83.35
C LYS Q 419 42.48 -34.76 -84.53
N ASN Q 420 41.95 -33.54 -84.37
CA ASN Q 420 41.97 -32.57 -85.43
C ASN Q 420 41.80 -31.26 -84.73
N GLY Q 421 42.09 -30.15 -85.42
CA GLY Q 421 41.93 -28.81 -84.92
C GLY Q 421 40.47 -28.41 -84.96
N ASN Q 422 40.23 -27.08 -84.88
CA ASN Q 422 38.94 -26.43 -84.98
C ASN Q 422 38.39 -26.20 -83.61
N ASP Q 423 37.77 -25.02 -83.41
CA ASP Q 423 37.18 -24.64 -82.15
C ASP Q 423 35.74 -25.06 -82.25
N GLY Q 424 35.44 -26.27 -81.76
CA GLY Q 424 34.11 -26.76 -81.67
C GLY Q 424 34.11 -27.68 -80.50
N ASP Q 425 33.03 -28.46 -80.37
CA ASP Q 425 32.88 -29.43 -79.30
C ASP Q 425 32.34 -30.67 -79.94
N VAL Q 426 32.45 -30.76 -81.29
CA VAL Q 426 32.02 -31.93 -82.00
C VAL Q 426 32.74 -31.91 -83.34
N GLU Q 427 33.40 -30.78 -83.70
CA GLU Q 427 34.16 -30.66 -84.92
C GLU Q 427 35.62 -30.84 -84.63
N SER Q 428 36.00 -31.03 -83.35
CA SER Q 428 37.39 -31.10 -82.97
C SER Q 428 37.79 -32.55 -82.97
N GLU Q 429 36.81 -33.47 -83.13
CA GLU Q 429 37.04 -34.90 -83.25
C GLU Q 429 37.72 -35.43 -82.03
N TRP Q 430 36.93 -35.53 -80.97
CA TRP Q 430 37.33 -35.89 -79.65
C TRP Q 430 37.38 -37.39 -79.60
N GLU Q 431 38.57 -38.00 -79.40
CA GLU Q 431 38.66 -39.43 -79.43
C GLU Q 431 39.89 -39.80 -78.66
N ASN Q 432 39.88 -41.07 -78.20
CA ASN Q 432 40.73 -41.65 -77.18
C ASN Q 432 42.18 -41.60 -77.54
N ASP Q 433 43.02 -41.24 -76.54
CA ASP Q 433 44.45 -41.23 -76.64
C ASP Q 433 44.98 -42.00 -75.46
N ASP Q 434 46.10 -42.75 -75.64
CA ASP Q 434 46.64 -43.67 -74.66
C ASP Q 434 47.86 -43.08 -74.01
N THR Q 435 48.21 -41.82 -74.33
CA THR Q 435 49.24 -41.10 -73.62
C THR Q 435 48.66 -40.51 -72.35
N VAL Q 436 47.32 -40.48 -72.23
CA VAL Q 436 46.60 -39.88 -71.14
C VAL Q 436 45.78 -40.94 -70.45
N ALA Q 437 46.14 -42.23 -70.64
CA ALA Q 437 45.55 -43.37 -69.97
C ALA Q 437 44.06 -43.50 -70.14
N ALA Q 438 43.42 -44.35 -69.31
CA ALA Q 438 41.99 -44.55 -69.33
C ALA Q 438 41.56 -44.93 -67.96
N ARG Q 439 40.33 -44.52 -67.58
CA ARG Q 439 39.63 -44.92 -66.38
C ARG Q 439 40.08 -44.12 -65.18
N ASN Q 440 40.55 -42.87 -65.42
CA ASN Q 440 41.05 -41.93 -64.43
C ASN Q 440 39.99 -41.55 -63.43
N GLN Q 441 40.36 -41.46 -62.14
CA GLN Q 441 39.45 -41.13 -61.06
C GLN Q 441 39.37 -39.66 -60.88
N LEU Q 442 38.18 -39.06 -61.12
CA LEU Q 442 37.99 -37.64 -61.12
C LEU Q 442 36.61 -37.41 -60.60
N CYS Q 443 36.42 -36.23 -59.96
CA CYS Q 443 35.20 -35.84 -59.32
C CYS Q 443 34.74 -34.59 -60.01
N LYS Q 444 33.41 -34.45 -60.22
CA LYS Q 444 32.80 -33.26 -60.77
C LYS Q 444 32.18 -32.53 -59.63
N GLY Q 445 32.11 -31.18 -59.74
CA GLY Q 445 31.72 -30.30 -58.66
C GLY Q 445 32.57 -30.41 -57.45
N ASN Q 446 32.10 -29.85 -56.32
CA ASN Q 446 32.78 -29.87 -55.05
C ASN Q 446 32.83 -31.25 -54.49
N ILE Q 447 33.90 -31.55 -53.72
CA ILE Q 447 34.11 -32.78 -52.99
C ILE Q 447 33.00 -32.99 -51.99
N PHE Q 448 32.62 -34.25 -51.69
CA PHE Q 448 31.61 -34.61 -50.72
C PHE Q 448 31.96 -34.10 -49.34
N ALA Q 449 30.93 -33.70 -48.56
CA ALA Q 449 31.16 -33.18 -47.24
C ALA Q 449 29.88 -33.32 -46.47
N MET Q 450 29.98 -33.25 -45.13
CA MET Q 450 28.87 -33.37 -44.22
C MET Q 450 29.09 -32.34 -43.16
N GLU Q 451 28.09 -31.46 -42.96
CA GLU Q 451 28.10 -30.32 -42.10
C GLU Q 451 27.72 -30.70 -40.69
N ILE Q 452 28.32 -30.01 -39.70
CA ILE Q 452 28.16 -30.23 -38.29
C ILE Q 452 28.39 -28.86 -37.71
N ASN Q 453 27.79 -28.57 -36.53
CA ASN Q 453 28.02 -27.33 -35.82
C ASN Q 453 28.68 -27.73 -34.55
N LEU Q 454 30.01 -27.54 -34.45
CA LEU Q 454 30.80 -27.97 -33.31
C LEU Q 454 30.46 -27.23 -32.06
N GLN Q 455 30.29 -25.88 -32.11
CA GLN Q 455 30.03 -25.08 -30.94
C GLN Q 455 28.75 -25.44 -30.28
N ALA Q 456 27.69 -25.66 -31.08
CA ALA Q 456 26.36 -26.03 -30.62
C ALA Q 456 26.34 -27.35 -29.94
N ASN Q 457 27.03 -28.37 -30.50
CA ASN Q 457 27.12 -29.70 -29.95
C ASN Q 457 27.85 -29.71 -28.63
N LEU Q 458 28.94 -28.95 -28.49
CA LEU Q 458 29.68 -28.84 -27.25
C LEU Q 458 28.89 -28.23 -26.10
N TRP Q 459 28.10 -27.18 -26.39
CA TRP Q 459 27.23 -26.52 -25.45
C TRP Q 459 26.08 -27.39 -24.99
N ARG Q 460 25.50 -28.18 -25.92
CA ARG Q 460 24.41 -29.10 -25.72
C ARG Q 460 24.77 -30.17 -24.75
N SER Q 461 25.98 -30.76 -24.91
CA SER Q 461 26.56 -31.78 -24.06
C SER Q 461 26.89 -31.28 -22.69
N PHE Q 462 27.39 -30.03 -22.58
CA PHE Q 462 27.76 -29.38 -21.34
C PHE Q 462 26.57 -29.25 -20.44
N LEU Q 463 25.44 -28.82 -21.02
CA LEU Q 463 24.28 -28.41 -20.28
C LEU Q 463 23.51 -29.64 -19.92
N TYR Q 464 23.58 -30.72 -20.75
CA TYR Q 464 23.00 -32.00 -20.40
C TYR Q 464 23.65 -32.63 -19.19
N SER Q 465 25.00 -32.64 -19.16
CA SER Q 465 25.71 -33.40 -18.16
C SER Q 465 25.73 -32.74 -16.83
N ASN Q 466 25.61 -31.39 -16.79
CA ASN Q 466 25.84 -30.65 -15.59
C ASN Q 466 24.56 -30.18 -14.98
N VAL Q 467 23.41 -30.25 -15.70
CA VAL Q 467 22.21 -29.59 -15.25
C VAL Q 467 21.09 -30.57 -15.37
N ALA Q 468 20.89 -31.17 -16.56
CA ALA Q 468 19.77 -32.04 -16.86
C ALA Q 468 19.76 -33.28 -16.01
N LEU Q 469 20.93 -33.87 -15.74
CA LEU Q 469 21.07 -35.08 -14.97
C LEU Q 469 20.93 -34.83 -13.50
N TYR Q 470 21.01 -33.55 -13.06
CA TYR Q 470 20.96 -33.17 -11.67
C TYR Q 470 19.60 -32.65 -11.29
N LEU Q 471 18.63 -32.63 -12.24
CA LEU Q 471 17.24 -32.35 -11.97
C LEU Q 471 16.69 -33.34 -10.96
N PRO Q 472 15.77 -32.98 -10.06
CA PRO Q 472 14.96 -33.91 -9.26
C PRO Q 472 14.40 -35.08 -10.02
N ASP Q 473 14.19 -36.24 -9.35
CA ASP Q 473 13.69 -37.44 -10.00
C ASP Q 473 12.20 -37.32 -9.96
N SER Q 474 11.65 -36.57 -10.93
CA SER Q 474 10.27 -36.29 -11.09
C SER Q 474 10.14 -35.59 -12.42
N TYR Q 475 11.31 -35.31 -13.04
CA TYR Q 475 11.46 -34.74 -14.35
C TYR Q 475 11.96 -35.85 -15.23
N LYS Q 476 12.45 -36.94 -14.60
CA LYS Q 476 13.00 -38.09 -15.23
C LYS Q 476 11.90 -39.08 -15.40
N TYR Q 477 12.23 -40.26 -15.97
CA TYR Q 477 11.30 -41.32 -16.18
C TYR Q 477 12.18 -42.54 -16.27
N THR Q 478 11.60 -43.76 -16.29
CA THR Q 478 12.33 -45.00 -16.46
C THR Q 478 12.05 -45.47 -17.88
N PRO Q 479 13.02 -45.85 -18.70
CA PRO Q 479 12.83 -46.57 -19.96
C PRO Q 479 11.94 -47.78 -19.88
N ALA Q 480 11.37 -48.19 -21.04
CA ALA Q 480 10.40 -49.24 -21.14
C ALA Q 480 10.84 -50.60 -20.65
N ASN Q 481 12.08 -51.02 -21.01
CA ASN Q 481 12.52 -52.38 -20.80
C ASN Q 481 13.66 -52.42 -19.83
N ILE Q 482 13.83 -51.35 -19.02
CA ILE Q 482 14.88 -51.26 -18.02
C ILE Q 482 14.10 -51.17 -16.75
N THR Q 483 14.45 -52.03 -15.75
CA THR Q 483 13.81 -52.04 -14.45
C THR Q 483 14.88 -51.80 -13.43
N LEU Q 484 14.54 -50.97 -12.41
CA LEU Q 484 15.46 -50.45 -11.45
C LEU Q 484 14.94 -50.81 -10.08
N PRO Q 485 15.73 -50.79 -9.01
CA PRO Q 485 15.27 -50.96 -7.63
C PRO Q 485 14.13 -50.09 -7.22
N THR Q 486 13.39 -50.51 -6.17
CA THR Q 486 12.26 -49.76 -5.67
C THR Q 486 12.73 -48.82 -4.58
N ASN Q 487 14.01 -48.95 -4.16
CA ASN Q 487 14.65 -48.01 -3.28
C ASN Q 487 15.26 -46.97 -4.17
N THR Q 488 15.02 -45.68 -3.86
CA THR Q 488 15.36 -44.59 -4.73
C THR Q 488 16.64 -43.96 -4.26
N ASN Q 489 17.26 -44.51 -3.19
CA ASN Q 489 18.45 -43.97 -2.60
C ASN Q 489 19.64 -44.77 -3.03
N THR Q 490 19.42 -45.86 -3.80
CA THR Q 490 20.45 -46.66 -4.38
C THR Q 490 21.10 -45.87 -5.48
N TYR Q 491 22.38 -46.17 -5.76
CA TYR Q 491 23.09 -45.69 -6.91
C TYR Q 491 22.44 -46.13 -8.20
N ASP Q 492 22.01 -47.41 -8.26
CA ASP Q 492 21.45 -48.05 -9.44
C ASP Q 492 20.23 -47.35 -9.94
N TYR Q 493 19.33 -46.96 -9.02
CA TYR Q 493 18.13 -46.23 -9.34
C TYR Q 493 18.42 -44.89 -9.96
N MET Q 494 19.35 -44.11 -9.37
CA MET Q 494 19.71 -42.78 -9.83
C MET Q 494 20.34 -42.81 -11.20
N ASN Q 495 21.24 -43.78 -11.40
CA ASN Q 495 22.02 -44.00 -12.57
C ASN Q 495 21.15 -44.33 -13.76
N GLY Q 496 20.14 -45.21 -13.54
CA GLY Q 496 19.37 -45.84 -14.57
C GLY Q 496 18.31 -44.95 -15.14
N ARG Q 497 17.79 -43.99 -14.33
CA ARG Q 497 16.77 -43.05 -14.73
C ARG Q 497 17.25 -42.15 -15.84
N VAL Q 498 16.36 -41.84 -16.81
CA VAL Q 498 16.68 -41.12 -18.02
C VAL Q 498 15.86 -39.88 -17.98
N VAL Q 499 16.45 -38.73 -18.38
CA VAL Q 499 15.82 -37.44 -18.36
C VAL Q 499 15.81 -36.97 -19.80
N PRO Q 500 14.79 -36.29 -20.33
CA PRO Q 500 14.82 -35.69 -21.66
C PRO Q 500 15.95 -34.72 -21.81
N PRO Q 501 16.77 -34.68 -22.87
CA PRO Q 501 17.82 -33.69 -23.05
C PRO Q 501 17.27 -32.39 -23.57
N SER Q 502 15.94 -32.30 -23.78
CA SER Q 502 15.30 -31.11 -24.31
C SER Q 502 14.66 -30.36 -23.18
N LEU Q 503 14.71 -30.93 -21.95
CA LEU Q 503 14.27 -30.31 -20.73
C LEU Q 503 15.18 -29.17 -20.37
N VAL Q 504 16.49 -29.36 -20.63
CA VAL Q 504 17.49 -28.33 -20.57
C VAL Q 504 17.93 -28.20 -22.00
N ASP Q 505 17.07 -27.52 -22.81
CA ASP Q 505 17.30 -27.09 -24.18
C ASP Q 505 18.55 -26.26 -24.18
N ALA Q 506 19.31 -26.22 -25.30
CA ALA Q 506 20.58 -25.54 -25.33
C ALA Q 506 20.36 -24.09 -25.64
N TYR Q 507 19.07 -23.67 -25.64
CA TYR Q 507 18.60 -22.36 -25.94
C TYR Q 507 17.48 -22.18 -24.96
N ILE Q 508 17.74 -22.46 -23.65
CA ILE Q 508 16.80 -22.29 -22.57
C ILE Q 508 17.22 -21.09 -21.79
N ASN Q 509 16.26 -20.17 -21.51
CA ASN Q 509 16.48 -18.86 -20.93
C ASN Q 509 17.57 -18.14 -21.64
N ILE Q 510 17.48 -18.08 -22.99
CA ILE Q 510 18.61 -17.72 -23.79
C ILE Q 510 18.87 -16.25 -23.72
N GLY Q 511 20.08 -15.90 -23.26
CA GLY Q 511 20.55 -14.56 -23.15
C GLY Q 511 20.23 -13.99 -21.80
N ALA Q 512 20.02 -14.87 -20.80
CA ALA Q 512 19.66 -14.46 -19.47
C ALA Q 512 20.69 -15.02 -18.55
N ARG Q 513 20.79 -14.39 -17.37
CA ARG Q 513 21.60 -14.85 -16.28
C ARG Q 513 20.54 -15.28 -15.35
N TRP Q 514 20.32 -16.60 -15.22
CA TRP Q 514 19.19 -17.10 -14.51
C TRP Q 514 19.52 -18.51 -14.11
N SER Q 515 19.08 -18.90 -12.91
CA SER Q 515 19.24 -20.23 -12.40
C SER Q 515 17.94 -20.89 -12.74
N LEU Q 516 17.94 -22.19 -13.14
CA LEU Q 516 16.71 -22.91 -13.36
C LEU Q 516 15.93 -23.03 -12.08
N ASP Q 517 14.59 -22.93 -12.19
CA ASP Q 517 13.65 -23.03 -11.10
C ASP Q 517 13.67 -24.33 -10.34
N PRO Q 518 13.70 -25.56 -10.88
CA PRO Q 518 13.77 -26.77 -10.09
C PRO Q 518 15.15 -27.05 -9.59
N MET Q 519 16.16 -26.22 -9.92
CA MET Q 519 17.51 -26.42 -9.47
C MET Q 519 17.87 -25.53 -8.32
N ASP Q 520 16.92 -24.73 -7.80
CA ASP Q 520 17.16 -23.84 -6.69
C ASP Q 520 17.15 -24.55 -5.37
N ASN Q 521 16.46 -25.71 -5.30
CA ASN Q 521 16.28 -26.44 -4.06
C ASN Q 521 17.05 -27.72 -4.14
N VAL Q 522 18.08 -27.77 -5.00
CA VAL Q 522 18.92 -28.92 -5.20
C VAL Q 522 20.25 -28.47 -4.73
N ASN Q 523 20.94 -29.30 -3.91
CA ASN Q 523 22.23 -29.04 -3.32
C ASN Q 523 23.29 -28.93 -4.39
N PRO Q 524 23.94 -27.80 -4.65
CA PRO Q 524 24.90 -27.67 -5.73
C PRO Q 524 26.26 -28.20 -5.36
N PHE Q 525 26.46 -28.65 -4.10
CA PHE Q 525 27.73 -29.15 -3.62
C PHE Q 525 27.65 -30.64 -3.61
N ASN Q 526 26.58 -31.18 -4.19
CA ASN Q 526 26.43 -32.58 -4.43
C ASN Q 526 26.33 -32.68 -5.93
N HIS Q 527 27.41 -32.24 -6.59
CA HIS Q 527 27.54 -32.16 -8.01
C HIS Q 527 28.93 -32.63 -8.30
N HIS Q 528 29.21 -33.06 -9.56
CA HIS Q 528 30.45 -33.73 -9.90
C HIS Q 528 31.52 -32.78 -10.33
N ARG Q 529 31.20 -31.49 -10.55
CA ARG Q 529 32.20 -30.49 -10.85
C ARG Q 529 32.60 -29.80 -9.58
N ASN Q 530 32.18 -30.32 -8.40
CA ASN Q 530 32.62 -29.87 -7.11
C ASN Q 530 34.07 -30.21 -7.01
N ALA Q 531 34.95 -29.18 -7.10
CA ALA Q 531 36.37 -29.38 -7.24
C ALA Q 531 37.01 -29.69 -5.93
N GLY Q 532 36.35 -29.35 -4.81
CA GLY Q 532 36.80 -29.65 -3.48
C GLY Q 532 36.67 -31.11 -3.24
N LEU Q 533 35.52 -31.69 -3.63
CA LEU Q 533 35.23 -33.10 -3.55
C LEU Q 533 36.15 -33.92 -4.40
N ARG Q 534 36.49 -33.49 -5.64
CA ARG Q 534 37.33 -34.31 -6.47
C ARG Q 534 38.78 -34.30 -6.04
N TYR Q 535 39.20 -33.31 -5.24
CA TYR Q 535 40.50 -33.26 -4.64
C TYR Q 535 40.74 -34.41 -3.70
N ARG Q 536 39.71 -34.74 -2.90
CA ARG Q 536 39.80 -35.64 -1.77
C ARG Q 536 39.62 -37.04 -2.28
N SER Q 537 38.72 -37.22 -3.27
CA SER Q 537 38.42 -38.48 -3.90
C SER Q 537 39.61 -39.04 -4.63
N MET Q 538 40.39 -38.16 -5.31
CA MET Q 538 41.47 -38.56 -6.17
C MET Q 538 42.77 -38.50 -5.42
N LEU Q 539 42.75 -38.06 -4.16
CA LEU Q 539 43.84 -38.17 -3.18
C LEU Q 539 43.94 -39.57 -2.65
N LEU Q 540 42.89 -40.37 -2.84
CA LEU Q 540 42.87 -41.74 -2.39
C LEU Q 540 43.08 -42.63 -3.59
N GLY Q 541 43.14 -42.07 -4.81
CA GLY Q 541 43.41 -42.82 -6.00
C GLY Q 541 42.11 -43.17 -6.65
N ASN Q 542 42.15 -44.04 -7.66
CA ASN Q 542 41.04 -44.25 -8.57
C ASN Q 542 40.37 -45.58 -8.38
N GLY Q 543 40.82 -46.43 -7.43
CA GLY Q 543 40.24 -47.74 -7.23
C GLY Q 543 39.38 -47.72 -6.02
N ARG Q 544 38.52 -48.77 -5.87
CA ARG Q 544 37.67 -48.99 -4.74
C ARG Q 544 38.43 -49.21 -3.47
N TYR Q 545 39.44 -50.10 -3.57
CA TYR Q 545 40.17 -50.68 -2.47
C TYR Q 545 41.37 -49.82 -2.25
N VAL Q 546 41.45 -49.11 -1.10
CA VAL Q 546 42.52 -48.18 -0.85
C VAL Q 546 42.82 -48.39 0.60
N PRO Q 547 44.07 -48.64 1.00
CA PRO Q 547 44.50 -48.58 2.37
C PRO Q 547 44.97 -47.19 2.73
N PHE Q 548 44.05 -46.31 3.15
CA PHE Q 548 44.24 -44.93 3.53
C PHE Q 548 45.17 -44.74 4.70
N HIS Q 549 45.91 -43.63 4.76
CA HIS Q 549 46.68 -43.23 5.95
C HIS Q 549 46.59 -41.73 6.14
N ILE Q 550 45.87 -41.29 7.16
CA ILE Q 550 45.41 -39.91 7.33
C ILE Q 550 45.87 -39.31 8.66
N GLN Q 551 46.10 -38.00 8.70
CA GLN Q 551 46.33 -37.26 9.93
C GLN Q 551 45.05 -36.52 10.22
N VAL Q 552 44.50 -36.63 11.42
CA VAL Q 552 43.19 -36.11 11.74
C VAL Q 552 43.36 -35.12 12.87
N PRO Q 553 42.96 -33.86 12.76
CA PRO Q 553 43.24 -32.85 13.78
C PRO Q 553 42.12 -32.79 14.81
N GLN Q 554 42.32 -31.96 15.86
CA GLN Q 554 41.32 -31.57 16.83
C GLN Q 554 40.44 -30.48 16.27
N LYS Q 555 39.23 -30.32 16.85
CA LYS Q 555 38.30 -29.32 16.41
C LYS Q 555 37.59 -28.79 17.61
N PHE Q 556 37.82 -29.38 18.80
CA PHE Q 556 37.10 -29.01 20.00
C PHE Q 556 37.83 -27.85 20.63
N PHE Q 557 37.13 -26.69 20.75
CA PHE Q 557 37.74 -25.44 21.14
C PHE Q 557 37.75 -25.40 22.63
N ALA Q 558 38.92 -25.70 23.21
CA ALA Q 558 39.11 -25.82 24.64
C ALA Q 558 40.39 -26.56 24.82
N ILE Q 559 40.69 -27.51 23.91
CA ILE Q 559 41.91 -28.25 23.92
C ILE Q 559 42.53 -28.13 22.58
N LYS Q 560 41.94 -27.36 21.65
CA LYS Q 560 42.49 -27.13 20.34
C LYS Q 560 43.77 -26.32 20.40
N SER Q 561 43.82 -25.27 21.25
CA SER Q 561 44.92 -24.34 21.29
C SER Q 561 45.51 -24.28 22.68
N LEU Q 562 45.18 -25.24 23.56
CA LEU Q 562 45.70 -25.34 24.91
C LEU Q 562 47.20 -25.51 24.97
N LEU Q 563 47.90 -24.96 26.00
CA LEU Q 563 49.25 -25.44 26.28
C LEU Q 563 49.05 -26.28 27.49
N LEU Q 564 49.35 -27.59 27.31
CA LEU Q 564 49.31 -28.61 28.30
C LEU Q 564 50.63 -28.64 29.01
N LEU Q 565 50.63 -28.46 30.34
CA LEU Q 565 51.82 -28.20 31.11
C LEU Q 565 52.23 -29.55 31.64
N PRO Q 566 53.41 -29.71 32.24
CA PRO Q 566 53.83 -30.87 33.01
C PRO Q 566 52.80 -31.63 33.80
N GLY Q 567 52.82 -32.96 33.67
CA GLY Q 567 51.87 -33.85 34.28
C GLY Q 567 51.69 -34.95 33.30
N SER Q 568 50.99 -36.02 33.71
CA SER Q 568 50.58 -37.10 32.84
C SER Q 568 49.09 -37.03 32.81
N TYR Q 569 48.45 -37.43 31.68
CA TYR Q 569 47.04 -37.19 31.50
C TYR Q 569 46.52 -38.35 30.71
N THR Q 570 45.19 -38.59 30.79
CA THR Q 570 44.44 -39.43 29.90
C THR Q 570 44.07 -38.62 28.70
N TYR Q 571 43.69 -39.28 27.60
CA TYR Q 571 43.21 -38.63 26.43
C TYR Q 571 42.42 -39.75 25.83
N GLU Q 572 41.14 -39.52 25.51
CA GLU Q 572 40.28 -40.53 24.93
C GLU Q 572 39.39 -39.84 23.96
N TRP Q 573 39.12 -40.47 22.81
CA TRP Q 573 38.25 -39.93 21.81
C TRP Q 573 37.72 -41.10 21.06
N ASN Q 574 36.50 -40.97 20.49
CA ASN Q 574 35.80 -42.03 19.81
C ASN Q 574 35.70 -41.62 18.38
N PHE Q 575 35.78 -42.62 17.47
CA PHE Q 575 35.87 -42.38 16.05
C PHE Q 575 34.75 -43.15 15.41
N ARG Q 576 33.98 -42.47 14.55
CA ARG Q 576 32.87 -42.96 13.78
C ARG Q 576 33.30 -43.95 12.75
N LYS Q 577 32.46 -44.98 12.47
CA LYS Q 577 32.76 -46.00 11.50
C LYS Q 577 31.63 -46.06 10.50
N ASP Q 578 30.69 -45.06 10.52
CA ASP Q 578 29.62 -44.96 9.55
C ASP Q 578 30.20 -44.46 8.27
N VAL Q 579 29.64 -44.88 7.12
CA VAL Q 579 30.12 -44.48 5.84
C VAL Q 579 29.29 -43.37 5.27
N ASN Q 580 28.24 -42.94 6.00
CA ASN Q 580 27.42 -41.85 5.57
C ASN Q 580 27.87 -40.62 6.30
N MET Q 581 28.79 -40.77 7.28
CA MET Q 581 29.21 -39.69 8.14
C MET Q 581 30.64 -39.37 7.84
N ILE Q 582 31.34 -40.22 7.07
CA ILE Q 582 32.76 -40.10 6.87
C ILE Q 582 32.98 -39.85 5.42
N LEU Q 583 32.26 -40.56 4.55
CA LEU Q 583 32.44 -40.44 3.13
C LEU Q 583 31.44 -39.47 2.58
N GLN Q 584 31.82 -38.73 1.54
CA GLN Q 584 30.96 -37.78 0.88
C GLN Q 584 30.82 -38.28 -0.52
N SER Q 585 29.59 -38.66 -0.91
CA SER Q 585 29.21 -38.99 -2.27
C SER Q 585 28.96 -37.75 -3.06
N SER Q 586 28.82 -37.90 -4.38
CA SER Q 586 28.65 -36.81 -5.30
C SER Q 586 27.26 -36.90 -5.86
N LEU Q 587 26.55 -38.04 -5.65
CA LEU Q 587 25.16 -38.17 -5.97
C LEU Q 587 24.35 -38.29 -4.71
N GLY Q 588 25.01 -38.45 -3.54
CA GLY Q 588 24.37 -38.44 -2.25
C GLY Q 588 23.58 -39.69 -1.95
N ASN Q 589 23.87 -40.81 -2.66
CA ASN Q 589 23.26 -42.10 -2.47
C ASN Q 589 23.63 -42.67 -1.14
N ASP Q 590 22.75 -43.54 -0.57
CA ASP Q 590 23.03 -44.29 0.63
C ASP Q 590 24.19 -45.24 0.38
N LEU Q 591 25.27 -45.13 1.19
CA LEU Q 591 26.46 -45.92 1.00
C LEU Q 591 26.48 -47.11 1.91
N ARG Q 592 25.41 -47.34 2.69
CA ARG Q 592 25.29 -48.52 3.51
C ARG Q 592 24.64 -49.61 2.71
N THR Q 593 23.89 -49.25 1.64
CA THR Q 593 23.22 -50.22 0.81
C THR Q 593 24.01 -50.41 -0.45
N ASP Q 594 25.07 -49.59 -0.67
CA ASP Q 594 25.95 -49.74 -1.80
C ASP Q 594 27.14 -50.53 -1.37
N GLY Q 595 27.35 -50.71 -0.04
CA GLY Q 595 28.35 -51.60 0.46
C GLY Q 595 29.71 -50.99 0.63
N ALA Q 596 29.79 -49.74 1.10
CA ALA Q 596 31.05 -49.15 1.48
C ALA Q 596 31.24 -49.49 2.93
N SER Q 597 32.49 -49.76 3.36
CA SER Q 597 32.80 -50.11 4.73
C SER Q 597 34.19 -49.61 5.00
N ILE Q 598 34.44 -49.14 6.25
CA ILE Q 598 35.71 -48.58 6.64
C ILE Q 598 36.19 -49.38 7.83
N SER Q 599 37.51 -49.62 7.90
CA SER Q 599 38.19 -50.35 8.93
C SER Q 599 39.14 -49.37 9.55
N PHE Q 600 39.51 -49.58 10.83
CA PHE Q 600 40.66 -48.91 11.38
C PHE Q 600 41.56 -49.98 11.90
N THR Q 601 42.85 -49.90 11.52
CA THR Q 601 43.91 -50.65 12.13
C THR Q 601 44.93 -49.58 12.34
N SER Q 602 45.31 -49.32 13.60
CA SER Q 602 46.20 -48.24 13.99
C SER Q 602 45.45 -46.94 14.06
N ILE Q 603 45.16 -46.49 15.28
CA ILE Q 603 44.72 -45.17 15.59
C ILE Q 603 45.74 -44.73 16.57
N ASN Q 604 46.65 -43.89 16.14
CA ASN Q 604 47.87 -43.59 16.84
C ASN Q 604 47.97 -42.08 17.06
N LEU Q 605 48.62 -41.62 18.11
CA LEU Q 605 48.60 -40.25 18.56
C LEU Q 605 49.98 -39.75 18.40
N TYR Q 606 50.14 -38.53 17.90
CA TYR Q 606 51.41 -37.87 17.67
C TYR Q 606 51.40 -36.50 18.35
N ALA Q 607 52.58 -36.00 18.71
CA ALA Q 607 52.71 -34.78 19.46
C ALA Q 607 54.02 -34.24 19.02
N THR Q 608 54.19 -32.89 19.05
CA THR Q 608 55.43 -32.26 18.65
C THR Q 608 55.67 -31.29 19.77
N PHE Q 609 56.92 -31.21 20.25
CA PHE Q 609 57.31 -30.41 21.37
C PHE Q 609 58.30 -29.42 20.87
N PHE Q 610 58.21 -28.16 21.38
CA PHE Q 610 59.16 -27.13 21.11
C PHE Q 610 60.34 -27.41 22.01
N PRO Q 611 61.54 -27.72 21.55
CA PRO Q 611 62.70 -27.89 22.41
C PRO Q 611 63.08 -26.56 23.00
N MET Q 612 63.38 -26.52 24.30
CA MET Q 612 63.72 -25.29 24.93
C MET Q 612 64.44 -25.66 26.16
N ALA Q 613 65.19 -24.69 26.72
CA ALA Q 613 65.99 -24.83 27.90
C ALA Q 613 65.11 -25.24 29.03
N HIS Q 614 65.67 -25.98 30.00
CA HIS Q 614 64.89 -26.51 31.07
C HIS Q 614 64.84 -25.53 32.20
N ASN Q 615 65.34 -24.28 31.97
CA ASN Q 615 65.20 -23.20 32.89
C ASN Q 615 64.15 -22.30 32.31
N THR Q 616 64.12 -22.16 30.97
CA THR Q 616 63.09 -21.45 30.24
C THR Q 616 61.76 -22.13 30.39
N ALA Q 617 61.76 -23.48 30.27
CA ALA Q 617 60.61 -24.33 30.43
C ALA Q 617 60.05 -24.23 31.82
N SER Q 618 60.92 -24.26 32.85
CA SER Q 618 60.46 -24.32 34.22
C SER Q 618 60.00 -22.98 34.73
N THR Q 619 60.48 -21.86 34.14
CA THR Q 619 60.01 -20.53 34.41
C THR Q 619 58.59 -20.37 33.97
N LEU Q 620 58.28 -20.90 32.76
CA LEU Q 620 56.98 -20.82 32.12
C LEU Q 620 55.96 -21.56 32.94
N GLU Q 621 56.30 -22.74 33.49
CA GLU Q 621 55.42 -23.56 34.28
C GLU Q 621 54.94 -22.85 35.51
N ALA Q 622 55.86 -22.18 36.21
CA ALA Q 622 55.55 -21.45 37.41
C ALA Q 622 54.65 -20.24 37.13
N MET Q 623 54.85 -19.55 36.01
CA MET Q 623 54.01 -18.45 35.57
C MET Q 623 52.59 -18.85 35.29
N LEU Q 624 52.38 -20.03 34.68
CA LEU Q 624 51.08 -20.49 34.27
C LEU Q 624 50.57 -21.49 35.27
N ARG Q 625 51.07 -21.49 36.52
CA ARG Q 625 50.45 -22.19 37.61
C ARG Q 625 49.85 -21.24 38.59
N ASN Q 626 49.77 -19.95 38.23
CA ASN Q 626 49.03 -18.92 38.95
C ASN Q 626 47.67 -18.74 38.29
N ASP Q 627 46.62 -18.46 39.07
CA ASP Q 627 45.26 -18.50 38.61
C ASP Q 627 44.87 -17.14 38.09
N THR Q 628 45.85 -16.21 38.01
CA THR Q 628 45.71 -14.93 37.36
C THR Q 628 46.33 -15.05 36.00
N ASN Q 629 46.91 -16.22 35.68
CA ASN Q 629 47.53 -16.52 34.42
C ASN Q 629 46.82 -17.68 33.81
N ASP Q 630 45.54 -17.89 34.19
CA ASP Q 630 44.68 -18.90 33.65
C ASP Q 630 44.44 -18.64 32.18
N GLN Q 631 44.60 -19.68 31.34
CA GLN Q 631 44.36 -19.63 29.92
C GLN Q 631 42.89 -19.69 29.66
N SER Q 632 42.45 -19.06 28.55
CA SER Q 632 41.06 -18.95 28.23
C SER Q 632 40.93 -18.95 26.73
N PHE Q 633 39.83 -19.55 26.26
CA PHE Q 633 39.59 -19.98 24.91
C PHE Q 633 38.13 -19.81 24.70
N ASN Q 634 37.66 -19.59 23.45
CA ASN Q 634 36.24 -19.50 23.21
C ASN Q 634 36.05 -19.99 21.80
N ASP Q 635 34.82 -20.48 21.49
CA ASP Q 635 34.45 -21.01 20.20
C ASP Q 635 34.38 -19.90 19.21
N TYR Q 636 34.74 -20.16 17.94
CA TYR Q 636 34.62 -19.22 16.86
C TYR Q 636 33.18 -18.88 16.61
N LEU Q 637 32.34 -19.92 16.53
CA LEU Q 637 30.92 -19.79 16.48
C LEU Q 637 30.53 -20.27 17.83
N SER Q 638 30.21 -19.31 18.72
CA SER Q 638 29.76 -19.60 20.04
C SER Q 638 28.30 -19.37 19.99
N ALA Q 639 27.52 -20.47 20.01
CA ALA Q 639 26.12 -20.36 19.81
C ALA Q 639 25.42 -21.55 20.39
N ALA Q 640 24.17 -21.33 20.84
CA ALA Q 640 23.20 -22.35 21.15
C ALA Q 640 22.50 -22.69 19.88
N ASN Q 641 22.45 -23.98 19.51
CA ASN Q 641 22.04 -24.43 18.20
C ASN Q 641 20.85 -25.28 18.40
N MET Q 642 19.75 -24.92 17.70
CA MET Q 642 18.43 -25.45 17.94
C MET Q 642 17.85 -25.66 16.59
N LEU Q 643 17.22 -26.83 16.36
CA LEU Q 643 16.64 -27.16 15.08
C LEU Q 643 15.18 -27.32 15.37
N TYR Q 644 14.33 -26.73 14.50
CA TYR Q 644 12.89 -26.75 14.67
C TYR Q 644 12.40 -27.37 13.39
N PRO Q 645 11.50 -28.34 13.35
CA PRO Q 645 10.92 -28.82 12.11
C PRO Q 645 10.15 -27.77 11.37
N ILE Q 646 10.06 -27.96 10.04
CA ILE Q 646 9.18 -27.27 9.16
C ILE Q 646 8.44 -28.44 8.55
N PRO Q 647 7.16 -28.70 8.80
CA PRO Q 647 6.35 -29.62 8.03
C PRO Q 647 6.41 -29.39 6.55
N ALA Q 648 6.23 -30.45 5.71
CA ALA Q 648 6.23 -30.29 4.27
C ALA Q 648 5.06 -29.43 3.84
N ASN Q 649 5.37 -28.40 3.03
CA ASN Q 649 4.44 -27.39 2.57
C ASN Q 649 3.92 -26.53 3.68
N ALA Q 650 4.81 -26.05 4.58
CA ALA Q 650 4.43 -25.15 5.64
C ALA Q 650 4.85 -23.81 5.16
N THR Q 651 4.24 -22.75 5.71
CA THR Q 651 4.49 -21.40 5.28
C THR Q 651 4.87 -20.57 6.48
N ASN Q 652 4.90 -21.18 7.69
CA ASN Q 652 5.23 -20.46 8.89
C ASN Q 652 5.86 -21.45 9.82
N VAL Q 653 6.78 -20.95 10.68
CA VAL Q 653 7.29 -21.70 11.79
C VAL Q 653 7.19 -20.75 12.94
N PRO Q 654 6.41 -21.03 13.99
CA PRO Q 654 6.47 -20.21 15.19
C PRO Q 654 7.49 -20.80 16.11
N ILE Q 655 8.21 -19.94 16.85
CA ILE Q 655 9.15 -20.27 17.89
C ILE Q 655 8.65 -19.58 19.12
N SER Q 656 8.59 -20.28 20.27
CA SER Q 656 8.36 -19.64 21.54
C SER Q 656 9.49 -20.06 22.42
N ILE Q 657 10.11 -19.11 23.13
CA ILE Q 657 11.18 -19.37 24.06
C ILE Q 657 10.62 -18.90 25.40
N PRO Q 658 10.73 -19.64 26.49
CA PRO Q 658 10.47 -19.23 27.87
C PRO Q 658 11.09 -17.94 28.31
N SER Q 659 10.59 -17.35 29.42
CA SER Q 659 11.18 -16.18 30.04
C SER Q 659 12.56 -16.49 30.57
N ARG Q 660 13.57 -15.78 30.04
CA ARG Q 660 14.97 -16.11 30.17
C ARG Q 660 15.72 -14.82 30.17
N ASN Q 661 16.76 -14.69 31.03
CA ASN Q 661 17.65 -13.55 31.03
C ASN Q 661 18.49 -13.54 29.75
N TRP Q 662 18.66 -12.36 29.12
CA TRP Q 662 19.33 -12.21 27.84
C TRP Q 662 20.52 -11.32 28.04
N ALA Q 663 21.14 -11.29 29.24
CA ALA Q 663 22.39 -10.61 29.44
C ALA Q 663 23.47 -11.26 28.64
N ALA Q 664 24.22 -10.43 27.88
CA ALA Q 664 25.37 -10.80 27.09
C ALA Q 664 24.97 -11.59 25.90
N PHE Q 665 23.93 -11.11 25.20
CA PHE Q 665 23.30 -11.80 24.11
C PHE Q 665 23.68 -11.02 22.90
N ARG Q 666 24.05 -11.73 21.82
CA ARG Q 666 24.43 -11.17 20.57
C ARG Q 666 23.28 -11.55 19.69
N GLY Q 667 23.47 -11.53 18.37
CA GLY Q 667 22.46 -11.75 17.35
C GLY Q 667 21.87 -13.13 17.31
N TRP Q 668 21.32 -13.44 16.13
CA TRP Q 668 20.72 -14.69 15.77
C TRP Q 668 21.23 -14.88 14.39
N SER Q 669 21.27 -16.13 13.90
CA SER Q 669 21.53 -16.37 12.52
C SER Q 669 20.57 -17.46 12.19
N PHE Q 670 20.28 -17.65 10.89
CA PHE Q 670 19.32 -18.64 10.51
C PHE Q 670 19.52 -19.04 9.10
N THR Q 671 19.15 -20.30 8.80
CA THR Q 671 19.32 -20.89 7.52
C THR Q 671 18.40 -22.06 7.56
N ARG Q 672 18.14 -22.69 6.41
CA ARG Q 672 17.21 -23.76 6.27
C ARG Q 672 18.03 -24.92 5.82
N LEU Q 673 17.71 -26.13 6.32
CA LEU Q 673 18.41 -27.38 6.06
C LEU Q 673 17.34 -28.29 5.54
N LYS Q 674 17.58 -29.62 5.46
CA LYS Q 674 16.53 -30.54 5.16
C LYS Q 674 16.67 -31.67 6.14
N THR Q 675 15.56 -32.40 6.34
CA THR Q 675 15.44 -33.50 7.26
C THR Q 675 16.35 -34.63 6.93
N LYS Q 676 16.41 -34.98 5.62
CA LYS Q 676 17.15 -36.13 5.18
C LYS Q 676 18.62 -35.86 5.06
N GLU Q 677 19.01 -34.57 4.98
CA GLU Q 677 20.38 -34.19 4.82
C GLU Q 677 20.95 -33.77 6.14
N THR Q 678 20.28 -34.07 7.28
CA THR Q 678 20.79 -33.69 8.59
C THR Q 678 20.73 -34.92 9.46
N PRO Q 679 21.83 -35.38 10.07
CA PRO Q 679 21.81 -36.48 11.02
C PRO Q 679 21.68 -35.88 12.40
N SER Q 680 21.32 -36.69 13.43
CA SER Q 680 21.37 -36.25 14.81
C SER Q 680 22.70 -36.63 15.40
N LEU Q 681 23.33 -35.68 16.12
CA LEU Q 681 24.62 -35.88 16.74
C LEU Q 681 24.45 -36.26 18.19
N GLY Q 682 23.21 -36.09 18.73
CA GLY Q 682 22.91 -36.41 20.10
C GLY Q 682 22.83 -37.88 20.34
N SER Q 683 22.47 -38.66 19.30
CA SER Q 683 22.44 -40.09 19.38
C SER Q 683 23.51 -40.52 18.42
N GLY Q 684 24.44 -41.38 18.90
CA GLY Q 684 25.51 -41.95 18.11
C GLY Q 684 25.00 -43.02 17.20
N PHE Q 685 23.81 -43.54 17.53
CA PHE Q 685 23.02 -44.46 16.75
C PHE Q 685 22.12 -43.58 15.89
N ASP Q 686 21.89 -43.96 14.62
CA ASP Q 686 21.23 -43.10 13.67
C ASP Q 686 21.03 -43.93 12.42
N PRO Q 687 20.00 -44.76 12.35
CA PRO Q 687 19.83 -45.69 11.26
C PRO Q 687 18.95 -45.13 10.17
N TYR Q 688 18.40 -43.92 10.34
CA TYR Q 688 17.45 -43.35 9.41
C TYR Q 688 18.12 -42.44 8.43
N PHE Q 689 19.46 -42.32 8.52
CA PHE Q 689 20.23 -41.42 7.71
C PHE Q 689 20.66 -42.20 6.50
N VAL Q 690 20.16 -41.82 5.31
CA VAL Q 690 20.28 -42.57 4.09
C VAL Q 690 20.97 -41.69 3.08
N TYR Q 691 21.41 -40.50 3.52
CA TYR Q 691 22.03 -39.51 2.69
C TYR Q 691 23.50 -39.74 2.87
N SER Q 692 24.34 -39.11 2.03
CA SER Q 692 25.75 -39.36 2.07
C SER Q 692 26.41 -38.24 1.32
N GLY Q 693 25.64 -37.28 0.78
CA GLY Q 693 26.16 -36.13 0.08
C GLY Q 693 26.76 -35.15 1.04
N SER Q 694 26.74 -33.86 0.67
CA SER Q 694 27.32 -32.81 1.45
C SER Q 694 26.31 -32.44 2.49
N ILE Q 695 26.71 -32.47 3.79
CA ILE Q 695 25.79 -32.34 4.91
C ILE Q 695 25.90 -30.87 5.21
N PRO Q 696 24.93 -30.01 4.96
CA PRO Q 696 25.06 -28.58 5.17
C PRO Q 696 24.92 -28.18 6.60
N TYR Q 697 24.89 -29.12 7.56
CA TYR Q 697 24.80 -28.83 8.96
C TYR Q 697 26.18 -28.75 9.52
N LEU Q 698 27.07 -29.69 9.11
CA LEU Q 698 28.38 -29.86 9.71
C LEU Q 698 29.42 -29.19 8.85
N ASP Q 699 29.00 -28.64 7.70
CA ASP Q 699 29.85 -27.97 6.76
C ASP Q 699 28.99 -26.82 6.36
N GLY Q 700 29.57 -25.61 6.20
CA GLY Q 700 28.85 -24.44 5.78
C GLY Q 700 28.65 -24.48 4.30
N THR Q 701 27.63 -25.23 3.86
CA THR Q 701 27.34 -25.46 2.48
C THR Q 701 25.86 -25.28 2.37
N PHE Q 702 25.32 -24.24 3.04
CA PHE Q 702 23.94 -23.80 3.01
C PHE Q 702 23.58 -23.38 1.61
N TYR Q 703 22.30 -23.49 1.22
CA TYR Q 703 21.91 -23.19 -0.13
C TYR Q 703 20.45 -22.88 -0.17
N LEU Q 704 19.79 -22.68 0.99
CA LEU Q 704 18.39 -22.40 1.05
C LEU Q 704 18.26 -21.15 1.88
N ASN Q 705 18.75 -20.02 1.34
CA ASN Q 705 18.72 -18.73 1.99
C ASN Q 705 18.24 -17.80 0.93
N HIS Q 706 17.02 -18.09 0.45
CA HIS Q 706 16.38 -17.33 -0.57
C HIS Q 706 14.96 -17.79 -0.54
N THR Q 707 14.61 -18.53 0.54
CA THR Q 707 13.38 -19.22 0.71
C THR Q 707 12.74 -18.66 1.95
N PHE Q 708 13.19 -17.46 2.40
CA PHE Q 708 12.74 -16.78 3.58
C PHE Q 708 12.08 -15.56 3.07
N LYS Q 709 10.95 -15.17 3.70
CA LYS Q 709 10.12 -14.09 3.25
C LYS Q 709 10.01 -13.07 4.32
N LYS Q 710 9.96 -13.47 5.61
CA LYS Q 710 9.84 -12.52 6.69
C LYS Q 710 10.33 -13.21 7.92
N VAL Q 711 10.64 -12.39 8.94
CA VAL Q 711 10.90 -12.85 10.28
C VAL Q 711 10.37 -11.73 11.13
N SER Q 712 9.66 -12.07 12.22
CA SER Q 712 9.09 -11.15 13.16
C SER Q 712 9.70 -11.52 14.47
N ILE Q 713 10.17 -10.53 15.24
CA ILE Q 713 10.84 -10.70 16.51
C ILE Q 713 10.05 -9.89 17.50
N THR Q 714 9.67 -10.46 18.68
CA THR Q 714 8.87 -9.74 19.63
C THR Q 714 9.23 -10.26 21.00
N PHE Q 715 9.08 -9.42 22.04
CA PHE Q 715 9.37 -9.71 23.43
C PHE Q 715 8.14 -9.47 24.23
N ASP Q 716 7.60 -10.54 24.85
CA ASP Q 716 6.49 -10.51 25.77
C ASP Q 716 5.22 -10.48 24.98
N SER Q 717 5.29 -10.88 23.69
CA SER Q 717 4.22 -10.95 22.73
C SER Q 717 3.46 -9.65 22.60
N SER Q 718 4.19 -8.51 22.54
CA SER Q 718 3.53 -7.22 22.57
C SER Q 718 4.51 -6.12 22.24
N VAL Q 719 5.82 -6.43 22.08
CA VAL Q 719 6.82 -5.45 21.78
C VAL Q 719 7.52 -5.91 20.53
N SER Q 720 7.44 -5.20 19.39
CA SER Q 720 8.15 -5.57 18.18
C SER Q 720 9.51 -4.96 18.30
N TRP Q 721 10.55 -5.82 18.47
CA TRP Q 721 11.90 -5.44 18.85
C TRP Q 721 12.60 -4.35 18.05
N PRO Q 722 12.64 -4.27 16.73
CA PRO Q 722 13.36 -3.19 16.07
C PRO Q 722 12.30 -2.17 15.68
N GLY Q 723 11.20 -2.10 16.46
CA GLY Q 723 10.04 -1.31 16.20
C GLY Q 723 10.09 -0.04 16.96
N ASN Q 724 11.21 0.68 16.86
CA ASN Q 724 11.33 2.06 17.28
C ASN Q 724 11.33 2.83 15.99
N ASP Q 725 10.69 2.25 14.96
CA ASP Q 725 10.44 2.78 13.65
C ASP Q 725 11.68 2.67 12.82
N ARG Q 726 12.70 1.89 13.30
CA ARG Q 726 14.01 1.82 12.70
C ARG Q 726 13.98 1.38 11.27
N LEU Q 727 13.20 0.33 10.97
CA LEU Q 727 13.10 -0.24 9.67
C LEU Q 727 12.07 0.55 8.92
N LEU Q 728 12.11 0.53 7.56
CA LEU Q 728 11.18 1.26 6.73
C LEU Q 728 9.83 0.57 6.73
N THR Q 729 9.82 -0.74 7.09
CA THR Q 729 8.62 -1.48 7.38
C THR Q 729 8.85 -1.84 8.84
N PRO Q 730 8.19 -1.25 9.83
CA PRO Q 730 8.75 -1.15 11.17
C PRO Q 730 8.66 -2.47 11.91
N ASN Q 731 7.52 -3.18 11.82
CA ASN Q 731 7.15 -4.20 12.76
C ASN Q 731 7.80 -5.52 12.44
N GLU Q 732 8.28 -5.71 11.20
CA GLU Q 732 8.90 -6.94 10.81
C GLU Q 732 10.03 -6.59 9.89
N PHE Q 733 10.97 -7.54 9.73
CA PHE Q 733 11.89 -7.55 8.64
C PHE Q 733 11.16 -8.31 7.57
N GLU Q 734 11.44 -8.03 6.29
CA GLU Q 734 11.04 -8.86 5.20
C GLU Q 734 12.35 -9.12 4.56
N ILE Q 735 12.66 -10.40 4.28
CA ILE Q 735 13.81 -10.80 3.54
C ILE Q 735 13.60 -10.53 2.07
N LYS Q 736 12.37 -10.72 1.56
CA LYS Q 736 12.11 -10.51 0.17
C LYS Q 736 10.65 -10.29 0.04
N ARG Q 737 10.25 -9.68 -1.09
CA ARG Q 737 8.88 -9.43 -1.41
C ARG Q 737 8.74 -9.34 -2.88
N THR Q 738 7.54 -9.70 -3.37
CA THR Q 738 7.13 -9.60 -4.75
C THR Q 738 6.22 -8.41 -4.82
N VAL Q 739 6.39 -7.60 -5.88
CA VAL Q 739 5.76 -6.31 -6.08
C VAL Q 739 6.51 -5.31 -5.27
N ASP Q 740 7.13 -4.31 -5.95
CA ASP Q 740 8.02 -3.32 -5.36
C ASP Q 740 7.31 -2.52 -4.30
N GLY Q 741 6.07 -2.06 -4.60
CA GLY Q 741 5.21 -1.35 -3.67
C GLY Q 741 5.77 -0.01 -3.29
N GLU Q 742 6.41 0.67 -4.27
CA GLU Q 742 7.01 1.98 -4.18
C GLU Q 742 8.48 1.83 -3.93
N GLY Q 743 9.09 0.78 -4.51
CA GLY Q 743 10.53 0.70 -4.67
C GLY Q 743 11.20 0.24 -3.43
N TYR Q 744 10.58 -0.72 -2.73
CA TYR Q 744 11.08 -1.22 -1.48
C TYR Q 744 12.01 -2.37 -1.71
N ASN Q 745 12.35 -2.71 -2.96
CA ASN Q 745 13.39 -3.67 -3.25
C ASN Q 745 14.69 -2.92 -3.45
N VAL Q 746 15.78 -3.67 -3.66
CA VAL Q 746 17.06 -3.18 -4.13
C VAL Q 746 17.28 -3.81 -5.48
N ALA Q 747 18.14 -3.16 -6.30
CA ALA Q 747 18.22 -3.32 -7.75
C ALA Q 747 18.31 -4.72 -8.27
N GLN Q 748 17.24 -5.08 -9.00
CA GLN Q 748 17.14 -6.18 -9.91
C GLN Q 748 17.11 -7.52 -9.26
N CYS Q 749 16.40 -7.59 -8.10
CA CYS Q 749 16.16 -8.83 -7.41
C CYS Q 749 15.04 -8.53 -6.47
N ASN Q 750 14.42 -9.60 -5.91
CA ASN Q 750 13.46 -9.51 -4.85
C ASN Q 750 14.22 -9.56 -3.57
N MET Q 751 14.64 -8.40 -3.03
CA MET Q 751 15.22 -8.38 -1.73
C MET Q 751 14.87 -7.02 -1.29
N THR Q 752 14.37 -6.88 -0.04
CA THR Q 752 13.97 -5.63 0.53
C THR Q 752 15.19 -4.77 0.71
N LYS Q 753 15.00 -3.44 0.61
CA LYS Q 753 16.01 -2.45 0.89
C LYS Q 753 16.42 -2.51 2.32
N ASP Q 754 15.43 -2.72 3.22
CA ASP Q 754 15.60 -2.85 4.64
C ASP Q 754 16.46 -4.01 5.00
N TRP Q 755 16.25 -5.17 4.34
CA TRP Q 755 17.03 -6.36 4.57
C TRP Q 755 18.45 -6.19 4.14
N PHE Q 756 18.65 -5.57 2.95
CA PHE Q 756 19.93 -5.38 2.33
C PHE Q 756 20.80 -4.54 3.21
N LEU Q 757 20.21 -3.48 3.81
CA LEU Q 757 20.84 -2.57 4.73
C LEU Q 757 21.32 -3.29 5.97
N VAL Q 758 20.47 -4.16 6.56
CA VAL Q 758 20.72 -4.90 7.79
C VAL Q 758 21.88 -5.82 7.61
N GLN Q 759 21.96 -6.55 6.48
CA GLN Q 759 23.00 -7.48 6.15
C GLN Q 759 24.33 -6.81 5.97
N MET Q 760 24.38 -5.66 5.25
CA MET Q 760 25.60 -4.93 5.00
C MET Q 760 26.18 -4.37 6.26
N LEU Q 761 25.34 -3.84 7.16
CA LEU Q 761 25.69 -3.33 8.47
C LEU Q 761 26.24 -4.40 9.35
N ALA Q 762 25.58 -5.58 9.33
CA ALA Q 762 25.83 -6.72 10.15
C ALA Q 762 27.21 -7.28 9.95
N HIS Q 763 27.68 -7.33 8.68
CA HIS Q 763 28.86 -8.07 8.34
C HIS Q 763 30.00 -7.13 8.05
N TYR Q 764 29.79 -5.80 7.92
CA TYR Q 764 30.87 -4.94 7.48
C TYR Q 764 30.84 -3.58 8.12
N ASN Q 765 29.64 -3.10 8.55
CA ASN Q 765 29.39 -1.80 9.15
C ASN Q 765 29.19 -0.77 8.07
N ILE Q 766 28.76 -1.20 6.87
CA ILE Q 766 28.60 -0.36 5.72
C ILE Q 766 27.12 -0.11 5.63
N GLY Q 767 26.70 1.17 5.52
CA GLY Q 767 25.30 1.47 5.30
C GLY Q 767 25.01 2.92 5.54
N TYR Q 768 25.72 3.56 6.49
CA TYR Q 768 25.43 4.93 6.87
C TYR Q 768 26.35 5.91 6.21
N GLN Q 769 27.43 5.42 5.57
CA GLN Q 769 28.37 6.22 4.84
C GLN Q 769 28.17 5.89 3.39
N GLY Q 770 27.00 5.31 3.04
CA GLY Q 770 26.68 4.88 1.71
C GLY Q 770 27.15 3.48 1.52
N PHE Q 771 26.69 2.85 0.42
CA PHE Q 771 27.01 1.47 0.10
C PHE Q 771 28.19 1.51 -0.80
N TYR Q 772 29.08 0.53 -0.64
CA TYR Q 772 30.21 0.38 -1.49
C TYR Q 772 30.65 -1.03 -1.26
N VAL Q 773 31.46 -1.57 -2.20
CA VAL Q 773 31.97 -2.90 -2.15
C VAL Q 773 32.89 -3.02 -0.94
N PRO Q 774 32.77 -4.00 -0.04
CA PRO Q 774 33.65 -4.20 1.09
C PRO Q 774 35.09 -4.36 0.68
N GLU Q 775 36.05 -4.36 1.63
CA GLU Q 775 37.40 -4.76 1.33
C GLU Q 775 37.45 -6.26 1.22
N GLY Q 776 38.56 -6.80 0.69
CA GLY Q 776 38.65 -8.19 0.33
C GLY Q 776 39.04 -9.04 1.51
N TYR Q 777 39.49 -8.41 2.62
CA TYR Q 777 39.97 -9.14 3.78
C TYR Q 777 38.87 -9.22 4.80
N LYS Q 778 37.73 -8.53 4.57
CA LYS Q 778 36.57 -8.67 5.39
C LYS Q 778 35.47 -9.36 4.63
N ASP Q 779 35.72 -9.65 3.33
CA ASP Q 779 34.77 -10.32 2.50
C ASP Q 779 35.38 -11.64 2.18
N ARG Q 780 34.76 -12.71 2.71
CA ARG Q 780 35.29 -14.04 2.67
C ARG Q 780 34.24 -14.86 1.98
N MET Q 781 34.44 -16.19 1.92
CA MET Q 781 33.59 -17.08 1.18
C MET Q 781 32.31 -17.40 1.88
N TYR Q 782 32.21 -17.10 3.20
CA TYR Q 782 30.99 -17.27 3.93
C TYR Q 782 30.31 -15.95 4.16
N SER Q 783 30.86 -14.82 3.63
CA SER Q 783 30.33 -13.50 3.87
C SER Q 783 29.33 -13.17 2.78
N PHE Q 784 28.38 -12.26 3.11
CA PHE Q 784 27.17 -11.99 2.36
C PHE Q 784 27.38 -11.54 0.95
N PHE Q 785 28.33 -10.61 0.74
CA PHE Q 785 28.44 -9.82 -0.46
C PHE Q 785 28.66 -10.64 -1.70
N ARG Q 786 29.56 -11.65 -1.64
CA ARG Q 786 30.01 -12.31 -2.84
C ARG Q 786 29.25 -13.58 -3.08
N ASN Q 787 28.26 -13.87 -2.22
CA ASN Q 787 27.44 -15.04 -2.36
C ASN Q 787 26.11 -14.60 -2.89
N PHE Q 788 25.84 -13.28 -2.85
CA PHE Q 788 24.61 -12.66 -3.25
C PHE Q 788 24.62 -12.40 -4.73
N GLN Q 789 23.72 -13.07 -5.47
CA GLN Q 789 23.64 -12.95 -6.90
C GLN Q 789 22.24 -12.55 -7.23
N PRO Q 790 21.93 -11.28 -7.50
CA PRO Q 790 20.76 -10.84 -8.24
C PRO Q 790 20.62 -11.49 -9.59
N MET Q 791 19.38 -11.69 -10.08
CA MET Q 791 19.17 -12.25 -11.38
C MET Q 791 17.78 -11.87 -11.80
N SER Q 792 17.54 -11.86 -13.13
CA SER Q 792 16.30 -11.41 -13.69
C SER Q 792 16.19 -12.08 -15.03
N ARG Q 793 14.96 -12.36 -15.49
CA ARG Q 793 14.72 -12.76 -16.85
C ARG Q 793 13.32 -12.40 -17.17
N GLN Q 794 13.00 -12.31 -18.48
CA GLN Q 794 11.65 -12.14 -18.93
C GLN Q 794 11.17 -13.50 -19.32
N VAL Q 795 9.86 -13.73 -19.18
CA VAL Q 795 9.18 -14.95 -19.52
C VAL Q 795 7.93 -14.46 -20.16
N VAL Q 796 7.30 -15.25 -21.05
CA VAL Q 796 6.14 -14.87 -21.81
C VAL Q 796 5.00 -14.57 -20.86
N ASP Q 797 4.24 -13.49 -21.15
CA ASP Q 797 3.08 -13.10 -20.41
C ASP Q 797 1.96 -13.89 -21.02
N GLU Q 798 1.20 -14.63 -20.19
CA GLU Q 798 0.33 -15.66 -20.70
C GLU Q 798 -1.07 -15.14 -20.81
N VAL Q 799 -1.34 -13.92 -20.30
CA VAL Q 799 -2.68 -13.38 -20.26
C VAL Q 799 -2.81 -12.16 -21.10
N ASN Q 800 -1.70 -11.58 -21.61
CA ASN Q 800 -1.74 -10.38 -22.42
C ASN Q 800 -1.16 -10.71 -23.77
N TYR Q 801 -0.94 -12.01 -24.04
CA TYR Q 801 -0.51 -12.48 -25.32
C TYR Q 801 -1.57 -13.48 -25.69
N LYS Q 802 -2.22 -13.27 -26.86
CA LYS Q 802 -3.44 -13.98 -27.21
C LYS Q 802 -3.15 -15.07 -28.19
N ASP Q 803 -1.87 -15.32 -28.49
CA ASP Q 803 -1.44 -16.42 -29.32
C ASP Q 803 -0.65 -17.35 -28.45
N TYR Q 804 -0.75 -17.18 -27.10
CA TYR Q 804 -0.17 -18.06 -26.12
C TYR Q 804 -0.89 -19.38 -26.16
N GLN Q 805 -0.12 -20.47 -26.34
CA GLN Q 805 -0.59 -21.82 -26.23
C GLN Q 805 0.33 -22.44 -25.23
N ALA Q 806 -0.21 -23.34 -24.38
CA ALA Q 806 0.58 -24.10 -23.46
C ALA Q 806 0.92 -25.40 -24.10
N VAL Q 807 2.24 -25.68 -24.24
CA VAL Q 807 2.74 -26.87 -24.88
C VAL Q 807 3.61 -27.51 -23.83
N THR Q 808 3.41 -28.83 -23.61
CA THR Q 808 4.19 -29.62 -22.69
C THR Q 808 5.35 -30.20 -23.47
N LEU Q 809 6.30 -30.89 -22.80
CA LEU Q 809 7.56 -31.34 -23.37
C LEU Q 809 7.40 -32.22 -24.58
N ALA Q 810 6.38 -33.10 -24.60
CA ALA Q 810 6.08 -34.00 -25.68
C ALA Q 810 5.79 -33.27 -26.96
N TYR Q 811 5.08 -32.12 -26.86
CA TYR Q 811 4.56 -31.41 -28.00
C TYR Q 811 5.41 -30.24 -28.34
N GLN Q 812 6.49 -30.02 -27.57
CA GLN Q 812 7.52 -29.07 -27.87
C GLN Q 812 8.52 -29.76 -28.74
N HIS Q 813 9.11 -29.02 -29.68
CA HIS Q 813 10.12 -29.56 -30.54
C HIS Q 813 10.95 -28.41 -30.98
N ASN Q 814 12.24 -28.67 -31.25
CA ASN Q 814 13.20 -27.65 -31.55
C ASN Q 814 14.44 -28.47 -31.75
N ASN Q 815 15.01 -28.43 -32.98
CA ASN Q 815 16.15 -29.20 -33.42
C ASN Q 815 15.65 -30.49 -34.00
N SER Q 816 14.46 -30.48 -34.63
CA SER Q 816 13.77 -31.66 -35.05
C SER Q 816 14.54 -32.38 -36.11
N GLY Q 817 14.69 -33.72 -35.99
CA GLY Q 817 15.34 -34.52 -36.98
C GLY Q 817 16.82 -34.48 -36.87
N PHE Q 818 17.34 -34.10 -35.69
CA PHE Q 818 18.75 -33.91 -35.48
C PHE Q 818 19.02 -34.24 -34.04
N VAL Q 819 17.96 -34.52 -33.23
CA VAL Q 819 18.08 -34.84 -31.84
C VAL Q 819 17.12 -35.96 -31.61
N GLY Q 820 17.36 -36.75 -30.53
CA GLY Q 820 16.50 -37.84 -30.11
C GLY Q 820 15.23 -37.30 -29.52
N TYR Q 821 14.23 -38.18 -29.29
CA TYR Q 821 12.96 -37.79 -28.76
C TYR Q 821 12.92 -38.29 -27.34
N LEU Q 822 13.06 -37.34 -26.38
CA LEU Q 822 12.87 -37.53 -24.96
C LEU Q 822 13.96 -38.34 -24.32
N ALA Q 823 15.11 -38.56 -25.00
CA ALA Q 823 16.16 -39.35 -24.46
C ALA Q 823 17.39 -38.98 -25.23
N PRO Q 824 18.60 -39.24 -24.75
CA PRO Q 824 19.81 -38.99 -25.50
C PRO Q 824 20.13 -40.21 -26.35
N THR Q 825 19.19 -40.64 -27.20
CA THR Q 825 19.29 -41.79 -28.06
C THR Q 825 19.59 -41.26 -29.44
N MET Q 826 19.54 -42.13 -30.48
CA MET Q 826 19.75 -41.74 -31.87
C MET Q 826 18.75 -40.75 -32.36
N ARG Q 827 19.19 -39.89 -33.31
CA ARG Q 827 18.47 -38.78 -33.88
C ARG Q 827 17.25 -39.28 -34.58
N GLN Q 828 16.15 -38.51 -34.60
CA GLN Q 828 14.97 -38.96 -35.25
C GLN Q 828 14.10 -37.78 -35.48
N GLY Q 829 13.19 -37.89 -36.48
CA GLY Q 829 12.27 -36.84 -36.86
C GLY Q 829 12.69 -36.32 -38.18
N GLN Q 830 12.32 -35.06 -38.48
CA GLN Q 830 12.60 -34.42 -39.73
C GLN Q 830 12.84 -32.97 -39.43
N PRO Q 831 13.66 -32.21 -40.16
CA PRO Q 831 13.72 -30.75 -40.11
C PRO Q 831 12.38 -30.09 -40.32
N TYR Q 832 12.02 -29.14 -39.45
CA TYR Q 832 10.74 -28.50 -39.54
C TYR Q 832 10.92 -27.26 -38.69
N PRO Q 833 10.21 -26.14 -38.87
CA PRO Q 833 10.15 -25.03 -37.94
C PRO Q 833 9.95 -25.42 -36.49
N ALA Q 834 10.64 -24.74 -35.56
CA ALA Q 834 10.53 -24.94 -34.14
C ALA Q 834 9.26 -24.33 -33.61
N ASN Q 835 8.96 -24.50 -32.30
CA ASN Q 835 7.75 -23.96 -31.72
C ASN Q 835 7.91 -23.83 -30.25
N TYR Q 836 9.09 -24.13 -29.68
CA TYR Q 836 9.26 -24.18 -28.24
C TYR Q 836 9.43 -22.81 -27.67
N PRO Q 837 10.61 -22.20 -27.50
CA PRO Q 837 10.70 -20.86 -26.96
C PRO Q 837 10.00 -19.87 -27.84
N TYR Q 838 9.67 -18.70 -27.27
CA TYR Q 838 8.93 -17.67 -27.93
C TYR Q 838 9.93 -16.57 -28.02
N PRO Q 839 10.05 -15.81 -29.09
CA PRO Q 839 11.10 -14.82 -29.21
C PRO Q 839 10.72 -13.68 -28.31
N LEU Q 840 11.62 -13.27 -27.40
CA LEU Q 840 11.34 -12.19 -26.48
C LEU Q 840 12.06 -10.97 -26.98
N ILE Q 841 12.82 -11.10 -28.09
CA ILE Q 841 13.66 -10.05 -28.60
C ILE Q 841 13.38 -9.98 -30.07
N GLY Q 842 13.84 -8.87 -30.69
CA GLY Q 842 13.72 -8.62 -32.11
C GLY Q 842 12.33 -8.32 -32.53
N LYS Q 843 12.09 -8.30 -33.86
CA LYS Q 843 10.78 -8.14 -34.44
C LYS Q 843 10.00 -9.39 -34.13
N SER Q 844 8.69 -9.23 -33.80
CA SER Q 844 7.77 -10.30 -33.54
C SER Q 844 7.95 -10.82 -32.14
N ALA Q 845 8.59 -10.02 -31.27
CA ALA Q 845 8.74 -10.29 -29.86
C ALA Q 845 7.41 -10.30 -29.18
N VAL Q 846 7.27 -11.16 -28.16
CA VAL Q 846 6.01 -11.42 -27.52
C VAL Q 846 5.98 -10.60 -26.27
N THR Q 847 4.76 -10.34 -25.74
CA THR Q 847 4.52 -9.65 -24.49
C THR Q 847 5.11 -10.47 -23.38
N SER Q 848 5.66 -9.83 -22.30
CA SER Q 848 6.38 -10.57 -21.32
C SER Q 848 6.33 -9.86 -20.00
N VAL Q 849 6.52 -10.65 -18.92
CA VAL Q 849 6.54 -10.26 -17.54
C VAL Q 849 7.89 -10.63 -16.99
N THR Q 850 8.38 -9.83 -16.02
CA THR Q 850 9.68 -9.98 -15.41
C THR Q 850 9.59 -10.90 -14.21
N GLN Q 851 10.60 -11.78 -14.05
CA GLN Q 851 10.80 -12.69 -12.94
C GLN Q 851 12.09 -12.20 -12.34
N LYS Q 852 12.18 -12.18 -11.00
CA LYS Q 852 13.30 -11.64 -10.27
C LYS Q 852 13.53 -12.54 -9.09
N LYS Q 853 14.80 -12.85 -8.77
CA LYS Q 853 15.10 -13.60 -7.58
C LYS Q 853 16.55 -13.37 -7.32
N PHE Q 854 17.05 -13.93 -6.21
CA PHE Q 854 18.43 -13.91 -5.85
C PHE Q 854 18.71 -15.28 -5.31
N LEU Q 855 20.00 -15.64 -5.23
CA LEU Q 855 20.45 -16.87 -4.60
C LEU Q 855 21.61 -16.49 -3.73
N CYS Q 856 21.56 -16.91 -2.45
CA CYS Q 856 22.66 -16.76 -1.53
C CYS Q 856 22.94 -18.13 -1.02
N ASP Q 857 24.21 -18.57 -1.16
CA ASP Q 857 24.63 -19.91 -0.84
C ASP Q 857 25.83 -19.73 0.01
N ARG Q 858 25.88 -20.45 1.16
CA ARG Q 858 27.00 -20.54 2.06
C ARG Q 858 26.98 -19.43 3.05
N VAL Q 859 25.82 -18.77 3.22
CA VAL Q 859 25.68 -17.63 4.09
C VAL Q 859 24.63 -18.08 5.06
N MET Q 860 24.68 -17.52 6.28
CA MET Q 860 23.62 -17.65 7.23
C MET Q 860 23.19 -16.24 7.34
N TRP Q 861 21.86 -16.01 7.28
CA TRP Q 861 21.26 -14.72 7.53
C TRP Q 861 21.57 -14.31 8.92
N ARG Q 862 21.73 -13.00 9.19
CA ARG Q 862 22.18 -12.59 10.49
C ARG Q 862 21.40 -11.37 10.83
N ILE Q 863 20.80 -11.37 12.04
CA ILE Q 863 20.19 -10.21 12.62
C ILE Q 863 20.96 -9.98 13.89
N PRO Q 864 21.80 -8.96 14.01
CA PRO Q 864 22.43 -8.54 15.27
C PRO Q 864 21.49 -8.23 16.40
N PHE Q 865 22.03 -7.92 17.59
CA PHE Q 865 21.24 -7.58 18.74
C PHE Q 865 21.89 -6.33 19.24
N SER Q 866 21.89 -5.29 18.38
CA SER Q 866 22.54 -4.05 18.62
C SER Q 866 21.52 -3.06 18.18
N SER Q 867 21.64 -1.79 18.63
CA SER Q 867 20.71 -0.75 18.29
C SER Q 867 20.98 -0.20 16.92
N ASN Q 868 22.23 -0.33 16.40
CA ASN Q 868 22.61 0.19 15.12
C ASN Q 868 22.60 -0.90 14.10
N PHE Q 869 22.62 -2.18 14.54
CA PHE Q 869 22.82 -3.35 13.73
C PHE Q 869 24.28 -3.49 13.34
N MET Q 870 25.18 -2.73 14.00
CA MET Q 870 26.59 -2.73 13.73
C MET Q 870 27.26 -3.27 14.93
N SER Q 871 28.37 -4.01 14.72
CA SER Q 871 29.17 -4.58 15.77
C SER Q 871 30.27 -3.59 16.04
N MET Q 872 30.26 -3.01 17.26
CA MET Q 872 31.23 -2.06 17.72
C MET Q 872 31.97 -2.66 18.89
N GLY Q 873 31.87 -4.00 19.04
CA GLY Q 873 32.43 -4.73 20.13
C GLY Q 873 31.63 -5.98 20.18
N ALA Q 874 32.25 -7.09 20.66
CA ALA Q 874 31.65 -8.40 20.72
C ALA Q 874 30.48 -8.42 21.66
N LEU Q 875 30.61 -7.75 22.82
CA LEU Q 875 29.59 -7.64 23.81
C LEU Q 875 28.81 -6.42 23.46
N THR Q 876 27.70 -6.63 22.71
CA THR Q 876 26.76 -5.66 22.21
C THR Q 876 26.24 -4.71 23.28
N ASP Q 877 25.54 -3.65 22.84
CA ASP Q 877 25.16 -2.55 23.71
C ASP Q 877 23.78 -2.81 24.26
N LEU Q 878 23.07 -3.84 23.76
CA LEU Q 878 21.81 -4.29 24.29
C LEU Q 878 22.00 -5.58 25.02
N GLY Q 879 23.23 -6.14 25.01
CA GLY Q 879 23.63 -7.21 25.88
C GLY Q 879 23.94 -6.70 27.25
N GLN Q 880 24.15 -5.37 27.36
CA GLN Q 880 24.46 -4.72 28.60
C GLN Q 880 23.31 -3.82 28.95
N ASN Q 881 22.16 -3.97 28.26
CA ASN Q 881 20.93 -3.28 28.54
C ASN Q 881 20.06 -4.18 29.39
N MET Q 882 20.51 -5.44 29.63
CA MET Q 882 19.93 -6.37 30.57
C MET Q 882 20.88 -6.48 31.72
N LEU Q 883 21.81 -5.50 31.82
CA LEU Q 883 22.60 -5.21 33.00
C LEU Q 883 22.43 -3.73 33.27
N TYR Q 884 21.67 -3.03 32.39
CA TYR Q 884 21.12 -1.70 32.57
C TYR Q 884 19.86 -2.02 33.33
N ALA Q 885 19.22 -3.14 32.91
CA ALA Q 885 18.07 -3.73 33.53
C ALA Q 885 18.59 -4.94 34.28
N ASN Q 886 18.12 -6.14 33.87
CA ASN Q 886 18.41 -7.46 34.35
C ASN Q 886 17.11 -7.96 34.85
N SER Q 887 16.39 -8.62 33.94
CA SER Q 887 15.04 -9.10 34.09
C SER Q 887 14.98 -10.22 33.11
N ALA Q 888 13.85 -10.96 33.06
CA ALA Q 888 13.67 -12.05 32.14
C ALA Q 888 12.49 -11.72 31.29
N HIS Q 889 12.57 -12.00 29.97
CA HIS Q 889 11.51 -11.69 29.05
C HIS Q 889 11.37 -12.92 28.22
N ALA Q 890 10.17 -13.13 27.62
CA ALA Q 890 9.92 -14.17 26.67
C ALA Q 890 10.21 -13.65 25.31
N LEU Q 891 10.69 -14.52 24.39
CA LEU Q 891 11.01 -14.21 23.03
C LEU Q 891 10.13 -15.08 22.18
N ASP Q 892 9.37 -14.51 21.22
CA ASP Q 892 8.59 -15.25 20.25
C ASP Q 892 9.08 -14.80 18.89
N MET Q 893 9.44 -15.75 18.00
CA MET Q 893 9.90 -15.46 16.66
C MET Q 893 9.03 -16.22 15.73
N ASN Q 894 8.55 -15.61 14.62
CA ASN Q 894 7.72 -16.27 13.66
C ASN Q 894 8.39 -16.06 12.33
N PHE Q 895 8.71 -17.13 11.57
CA PHE Q 895 9.43 -17.00 10.32
C PHE Q 895 8.49 -17.48 9.26
N GLU Q 896 8.36 -16.71 8.17
CA GLU Q 896 7.59 -17.05 7.02
C GLU Q 896 8.48 -17.69 5.98
N VAL Q 897 8.46 -19.03 5.86
CA VAL Q 897 9.21 -19.78 4.88
C VAL Q 897 8.38 -20.00 3.64
N ASP Q 898 9.03 -20.41 2.52
CA ASP Q 898 8.39 -20.81 1.29
C ASP Q 898 7.95 -22.24 1.42
N PRO Q 899 6.88 -22.72 0.80
CA PRO Q 899 6.56 -24.13 0.68
C PRO Q 899 7.65 -24.96 0.03
N MET Q 900 7.92 -26.15 0.59
CA MET Q 900 8.83 -27.12 0.05
C MET Q 900 8.06 -28.39 -0.06
N ASP Q 901 8.28 -29.15 -1.15
CA ASP Q 901 7.71 -30.46 -1.37
C ASP Q 901 8.16 -31.45 -0.31
N GLU Q 902 9.45 -31.36 0.11
CA GLU Q 902 10.06 -32.22 1.09
C GLU Q 902 10.08 -31.54 2.43
N SER Q 903 10.20 -32.35 3.51
CA SER Q 903 10.37 -31.91 4.87
C SER Q 903 11.69 -31.19 5.04
N THR Q 904 11.68 -30.12 5.84
CA THR Q 904 12.77 -29.20 5.98
C THR Q 904 12.91 -28.91 7.43
N LEU Q 905 14.06 -28.32 7.82
CA LEU Q 905 14.37 -27.94 9.17
C LEU Q 905 14.73 -26.50 9.07
N LEU Q 906 14.61 -25.80 10.21
CA LEU Q 906 14.96 -24.42 10.36
C LEU Q 906 16.02 -24.54 11.39
N TYR Q 907 17.13 -23.82 11.19
CA TYR Q 907 18.30 -23.88 12.00
C TYR Q 907 18.44 -22.47 12.44
N VAL Q 908 18.35 -22.25 13.76
CA VAL Q 908 18.43 -20.99 14.40
C VAL Q 908 19.62 -21.10 15.29
N VAL Q 909 20.47 -20.08 15.22
CA VAL Q 909 21.69 -19.96 15.93
C VAL Q 909 21.36 -18.83 16.86
N PHE Q 910 21.65 -18.95 18.16
CA PHE Q 910 21.37 -17.93 19.14
C PHE Q 910 22.74 -17.68 19.66
N GLU Q 911 23.29 -16.50 19.34
CA GLU Q 911 24.67 -16.24 19.54
C GLU Q 911 24.91 -15.80 20.94
N VAL Q 912 25.95 -16.39 21.57
CA VAL Q 912 26.22 -16.30 22.97
C VAL Q 912 27.70 -16.16 23.07
N PHE Q 913 28.21 -15.94 24.29
CA PHE Q 913 29.59 -16.21 24.64
C PHE Q 913 29.63 -17.61 25.14
N ASP Q 914 30.63 -18.41 24.69
CA ASP Q 914 30.88 -19.75 25.16
C ASP Q 914 32.36 -19.76 25.37
N VAL Q 915 32.81 -19.67 26.65
CA VAL Q 915 34.16 -19.39 27.04
C VAL Q 915 34.54 -20.43 28.03
N VAL Q 916 35.75 -21.03 27.91
CA VAL Q 916 36.25 -21.99 28.86
C VAL Q 916 37.53 -21.41 29.43
N ARG Q 917 37.65 -21.44 30.77
CA ARG Q 917 38.84 -21.15 31.55
C ARG Q 917 39.49 -22.50 31.71
N VAL Q 918 40.73 -22.69 31.25
CA VAL Q 918 41.43 -23.94 31.32
C VAL Q 918 42.75 -23.65 31.96
N HIS Q 919 43.02 -24.24 33.13
CA HIS Q 919 44.28 -23.97 33.76
C HIS Q 919 44.56 -25.10 34.70
N GLN Q 920 45.88 -25.27 34.94
CA GLN Q 920 46.47 -26.39 35.62
C GLN Q 920 47.19 -25.84 36.81
N PRO Q 921 46.84 -26.14 38.05
CA PRO Q 921 47.46 -25.46 39.16
C PRO Q 921 48.52 -26.34 39.76
N HIS Q 922 48.70 -27.58 39.27
CA HIS Q 922 49.65 -28.51 39.84
C HIS Q 922 49.93 -29.52 38.78
N ARG Q 923 50.98 -30.35 39.00
CA ARG Q 923 51.39 -31.39 38.09
C ARG Q 923 50.35 -32.46 38.00
N GLY Q 924 49.79 -32.63 36.78
CA GLY Q 924 48.82 -33.66 36.48
C GLY Q 924 47.45 -33.30 36.96
N VAL Q 925 47.18 -32.00 37.16
CA VAL Q 925 45.90 -31.51 37.60
C VAL Q 925 45.55 -30.52 36.55
N ILE Q 926 44.40 -30.72 35.88
CA ILE Q 926 43.84 -29.82 34.92
C ILE Q 926 42.42 -29.62 35.37
N GLU Q 927 41.93 -28.37 35.32
CA GLU Q 927 40.56 -28.09 35.69
C GLU Q 927 40.07 -27.14 34.65
N ALA Q 928 38.73 -27.03 34.53
CA ALA Q 928 38.12 -26.09 33.63
C ALA Q 928 36.80 -25.66 34.19
N VAL Q 929 36.40 -24.39 33.90
CA VAL Q 929 35.11 -23.84 34.21
C VAL Q 929 34.56 -23.49 32.86
N TYR Q 930 33.32 -23.91 32.56
CA TYR Q 930 32.63 -23.64 31.31
C TYR Q 930 31.46 -22.76 31.63
N LEU Q 931 31.45 -21.54 31.07
CA LEU Q 931 30.36 -20.63 31.17
C LEU Q 931 29.89 -20.35 29.78
N ARG Q 932 28.56 -20.23 29.64
CA ARG Q 932 27.88 -19.88 28.42
C ARG Q 932 26.88 -18.93 29.00
N THR Q 933 26.74 -17.72 28.41
CA THR Q 933 25.99 -16.66 29.04
C THR Q 933 24.47 -16.78 28.96
N PRO Q 934 23.63 -16.29 28.03
CA PRO Q 934 22.19 -16.26 28.23
C PRO Q 934 21.61 -17.64 28.15
N PHE Q 935 22.20 -18.53 27.31
CA PHE Q 935 21.85 -19.92 27.29
C PHE Q 935 22.98 -20.59 27.96
N SER Q 936 22.74 -21.09 29.19
CA SER Q 936 23.70 -21.77 30.01
C SER Q 936 23.60 -23.24 29.71
N ALA Q 937 24.32 -24.07 30.48
CA ALA Q 937 24.41 -25.49 30.25
C ALA Q 937 23.34 -26.22 31.02
N GLY Q 938 22.37 -25.49 31.61
CA GLY Q 938 21.25 -26.05 32.32
C GLY Q 938 19.99 -25.41 31.80
N ASN Q 939 20.12 -24.36 30.96
CA ASN Q 939 19.02 -23.60 30.43
C ASN Q 939 18.97 -23.88 28.96
N ALA Q 940 17.78 -24.29 28.48
CA ALA Q 940 17.54 -24.56 27.08
C ALA Q 940 16.06 -24.48 26.89
N THR Q 941 15.64 -24.37 25.61
CA THR Q 941 14.27 -24.37 25.20
C THR Q 941 13.90 -25.79 24.83
N THR Q 942 12.58 -26.09 24.77
CA THR Q 942 12.03 -27.39 24.46
C THR Q 942 12.30 -27.71 22.98
N MET R 1 26.41 -24.94 48.85
CA MET R 1 26.57 -23.46 48.71
C MET R 1 25.29 -22.82 48.22
N ALA R 2 25.02 -21.57 48.67
CA ALA R 2 23.89 -20.79 48.22
C ALA R 2 24.36 -19.39 47.97
N THR R 3 25.53 -19.00 48.53
CA THR R 3 26.14 -17.69 48.33
C THR R 3 26.49 -17.45 46.88
N PRO R 4 27.08 -18.37 46.09
CA PRO R 4 27.34 -18.12 44.68
C PRO R 4 26.06 -18.41 43.94
N SER R 5 25.51 -17.38 43.28
CA SER R 5 24.29 -17.45 42.52
C SER R 5 24.35 -16.31 41.56
N MET R 6 25.53 -15.65 41.46
CA MET R 6 25.80 -14.64 40.47
C MET R 6 27.19 -14.90 40.02
N LEU R 7 27.57 -14.25 38.90
CA LEU R 7 28.90 -14.36 38.38
C LEU R 7 29.49 -12.98 38.40
N PRO R 8 30.39 -12.65 39.34
CA PRO R 8 31.43 -11.65 39.12
C PRO R 8 32.52 -12.32 38.33
N GLN R 9 32.21 -13.55 37.87
CA GLN R 9 32.98 -14.45 37.10
C GLN R 9 32.53 -14.38 35.67
N TRP R 10 31.98 -13.22 35.31
CA TRP R 10 31.69 -12.81 33.95
C TRP R 10 32.80 -11.86 33.58
N ALA R 11 33.77 -11.67 34.53
CA ALA R 11 35.03 -11.03 34.33
C ALA R 11 36.12 -12.02 34.67
N TYR R 12 35.74 -13.23 35.17
CA TYR R 12 36.67 -14.32 35.42
C TYR R 12 36.87 -15.03 34.10
N MET R 13 35.80 -15.06 33.30
CA MET R 13 35.81 -15.37 31.90
C MET R 13 35.91 -14.02 31.30
N HIS R 14 36.87 -13.77 30.39
CA HIS R 14 37.24 -12.41 30.10
C HIS R 14 36.41 -12.02 28.92
N ILE R 15 35.20 -11.48 29.21
CA ILE R 15 34.27 -10.95 28.25
C ILE R 15 33.87 -9.59 28.70
N ALA R 16 34.48 -9.12 29.81
CA ALA R 16 34.37 -7.77 30.28
C ALA R 16 35.54 -7.60 31.19
N GLY R 17 35.80 -6.35 31.62
CA GLY R 17 36.95 -6.01 32.42
C GLY R 17 38.21 -5.90 31.61
N GLN R 18 39.34 -6.24 32.27
CA GLN R 18 40.70 -6.11 31.85
C GLN R 18 41.10 -6.86 30.61
N ASP R 19 42.02 -6.27 29.82
CA ASP R 19 42.69 -6.89 28.70
C ASP R 19 43.88 -7.64 29.23
N ALA R 20 44.45 -8.56 28.40
CA ALA R 20 45.51 -9.44 28.78
C ALA R 20 46.80 -8.70 28.60
N SER R 21 47.24 -8.08 29.70
CA SER R 21 48.46 -7.36 29.88
C SER R 21 48.26 -6.61 31.17
N GLU R 22 47.16 -6.93 31.89
CA GLU R 22 46.73 -6.20 33.03
C GLU R 22 46.24 -7.22 34.00
N TYR R 23 45.74 -8.37 33.52
CA TYR R 23 45.26 -9.40 34.41
C TYR R 23 46.30 -10.48 34.49
N LEU R 24 47.32 -10.46 33.61
CA LEU R 24 48.43 -11.38 33.66
C LEU R 24 49.46 -10.81 34.58
N SER R 25 50.28 -11.69 35.21
CA SER R 25 51.39 -11.31 36.06
C SER R 25 52.40 -10.57 35.24
N PRO R 26 53.16 -9.62 35.80
CA PRO R 26 54.08 -8.81 35.02
C PRO R 26 55.24 -9.62 34.47
N GLY R 27 55.48 -10.83 34.98
CA GLY R 27 56.60 -11.65 34.62
C GLY R 27 56.26 -12.43 33.39
N LEU R 28 54.98 -12.86 33.28
CA LEU R 28 54.42 -13.53 32.13
C LEU R 28 54.38 -12.61 30.94
N VAL R 29 54.03 -11.33 31.15
CA VAL R 29 53.95 -10.34 30.10
C VAL R 29 55.31 -10.12 29.48
N GLN R 30 56.37 -10.02 30.32
CA GLN R 30 57.75 -9.89 29.86
C GLN R 30 58.22 -11.09 29.08
N PHE R 31 57.89 -12.31 29.55
CA PHE R 31 58.23 -13.56 28.92
C PHE R 31 57.59 -13.66 27.54
N ALA R 32 56.31 -13.26 27.44
CA ALA R 32 55.46 -13.30 26.27
C ALA R 32 55.97 -12.45 25.15
N ARG R 33 56.50 -11.25 25.45
CA ARG R 33 56.89 -10.29 24.43
C ARG R 33 58.37 -10.41 24.17
N ALA R 34 59.05 -11.41 24.79
CA ALA R 34 60.44 -11.70 24.57
C ALA R 34 60.56 -13.06 23.94
N THR R 35 59.43 -13.64 23.49
CA THR R 35 59.38 -14.95 22.89
C THR R 35 58.06 -14.93 22.18
N ASP R 36 58.08 -14.71 20.86
CA ASP R 36 56.89 -14.50 20.10
C ASP R 36 57.28 -14.60 18.66
N THR R 37 58.59 -14.77 18.40
CA THR R 37 59.15 -14.84 17.07
C THR R 37 59.38 -16.31 16.78
N TYR R 38 59.06 -17.22 17.74
CA TYR R 38 59.43 -18.60 17.62
C TYR R 38 58.60 -19.44 18.55
N PHE R 39 57.61 -18.83 19.24
CA PHE R 39 56.74 -19.58 20.11
C PHE R 39 55.77 -18.55 20.59
N SER R 40 54.58 -18.51 19.95
CA SER R 40 53.55 -17.55 20.23
C SER R 40 52.68 -18.13 21.31
N LEU R 41 52.18 -17.27 22.22
CA LEU R 41 51.31 -17.69 23.29
C LEU R 41 50.41 -16.54 23.59
N GLY R 42 49.97 -15.82 22.53
CA GLY R 42 49.09 -14.69 22.64
C GLY R 42 47.68 -15.09 22.32
N ASN R 43 47.48 -16.35 21.89
CA ASN R 43 46.20 -16.87 21.45
C ASN R 43 45.55 -17.63 22.58
N LYS R 44 46.23 -17.69 23.75
CA LYS R 44 45.82 -18.53 24.84
C LYS R 44 45.12 -17.65 25.85
N PHE R 45 44.94 -16.34 25.54
CA PHE R 45 44.49 -15.39 26.51
C PHE R 45 43.51 -14.49 25.83
N ARG R 46 42.25 -14.53 26.29
CA ARG R 46 41.14 -13.73 25.83
C ARG R 46 41.33 -12.27 26.11
N ASN R 47 40.82 -11.41 25.20
CA ASN R 47 40.77 -9.99 25.39
C ASN R 47 39.31 -9.68 25.24
N PRO R 48 38.67 -8.96 26.15
CA PRO R 48 37.29 -8.56 25.99
C PRO R 48 37.21 -7.37 25.08
N THR R 49 36.14 -7.33 24.25
CA THR R 49 35.78 -6.18 23.46
C THR R 49 34.37 -5.90 23.85
N VAL R 50 34.09 -4.64 24.24
CA VAL R 50 32.86 -4.24 24.86
C VAL R 50 32.45 -3.02 24.11
N ALA R 51 31.26 -3.07 23.47
CA ALA R 51 30.71 -2.00 22.67
C ALA R 51 30.36 -0.81 23.52
N PRO R 52 30.42 0.45 23.04
CA PRO R 52 29.99 1.62 23.80
C PRO R 52 28.51 1.51 24.18
N THR R 53 28.16 1.84 25.43
CA THR R 53 26.86 1.60 26.00
C THR R 53 26.14 2.93 26.07
N HIS R 54 26.74 4.04 25.64
CA HIS R 54 26.13 5.37 25.63
C HIS R 54 26.63 6.13 24.39
N ASP R 55 25.93 7.18 23.98
CA ASP R 55 26.37 8.06 22.89
C ASP R 55 26.36 7.46 21.46
N VAL R 56 25.69 6.33 21.23
CA VAL R 56 25.59 5.66 19.96
C VAL R 56 24.19 5.15 19.88
N THR R 57 23.50 5.01 21.05
CA THR R 57 22.18 4.48 21.18
C THR R 57 21.17 5.36 20.50
N THR R 58 20.19 4.70 19.84
CA THR R 58 19.11 5.34 19.12
C THR R 58 18.27 6.19 20.05
N ASP R 59 17.92 5.63 21.24
CA ASP R 59 17.22 6.28 22.33
C ASP R 59 15.77 6.32 21.92
N ARG R 60 15.32 7.51 21.46
CA ARG R 60 14.00 7.83 20.99
C ARG R 60 13.78 7.11 19.70
N SER R 61 12.51 6.86 19.35
CA SER R 61 12.13 6.37 18.05
C SER R 61 12.47 7.33 16.94
N GLN R 62 13.20 6.85 15.92
CA GLN R 62 13.42 7.59 14.71
C GLN R 62 13.72 6.53 13.70
N ARG R 63 13.43 6.82 12.41
CA ARG R 63 13.66 5.91 11.33
C ARG R 63 15.07 6.08 10.92
N LEU R 64 15.66 5.00 10.36
CA LEU R 64 17.04 5.00 9.95
C LEU R 64 17.08 5.03 8.47
N THR R 65 15.91 5.10 7.81
CA THR R 65 15.74 5.18 6.38
C THR R 65 14.50 5.98 6.18
N LEU R 66 14.51 6.95 5.24
CA LEU R 66 13.36 7.72 4.88
C LEU R 66 13.38 7.75 3.40
N ARG R 67 12.25 8.10 2.77
CA ARG R 67 12.17 8.27 1.36
C ARG R 67 11.25 9.42 1.16
N PHE R 68 11.62 10.34 0.25
CA PHE R 68 10.95 11.59 0.07
C PHE R 68 10.45 11.53 -1.34
N VAL R 69 9.12 11.69 -1.54
CA VAL R 69 8.53 11.75 -2.85
C VAL R 69 8.78 13.15 -3.37
N PRO R 70 8.92 13.42 -4.66
CA PRO R 70 8.98 14.76 -5.21
C PRO R 70 7.93 15.72 -4.74
N VAL R 71 8.28 17.03 -4.71
CA VAL R 71 7.39 18.09 -4.34
C VAL R 71 7.03 18.80 -5.63
N ASP R 72 7.75 18.50 -6.73
CA ASP R 72 7.46 19.03 -8.03
C ASP R 72 8.14 18.11 -8.98
N ARG R 73 7.57 17.93 -10.18
CA ARG R 73 8.21 17.21 -11.23
C ARG R 73 7.76 17.81 -12.51
N GLU R 74 8.71 17.96 -13.47
CA GLU R 74 8.44 18.43 -14.79
C GLU R 74 8.90 17.32 -15.67
N ASP R 75 8.19 17.13 -16.79
CA ASP R 75 8.49 16.10 -17.76
C ASP R 75 8.76 16.85 -19.03
N ASN R 76 9.83 16.44 -19.73
CA ASN R 76 10.25 17.01 -20.98
C ASN R 76 10.63 15.79 -21.74
N THR R 77 10.78 15.92 -23.07
CA THR R 77 11.07 14.80 -23.92
C THR R 77 12.54 14.45 -23.87
N TYR R 78 13.41 15.37 -23.42
CA TYR R 78 14.83 15.20 -23.46
C TYR R 78 15.35 15.08 -22.06
N SER R 79 14.52 15.41 -21.03
CA SER R 79 15.00 15.52 -19.69
C SER R 79 13.85 15.29 -18.77
N TYR R 80 14.13 15.25 -17.46
CA TYR R 80 13.14 15.02 -16.45
C TYR R 80 13.66 15.85 -15.32
N LYS R 81 12.83 16.24 -14.36
CA LYS R 81 13.24 17.11 -13.29
C LYS R 81 12.44 16.64 -12.13
N VAL R 82 13.07 16.53 -10.95
CA VAL R 82 12.39 16.16 -9.74
C VAL R 82 13.02 17.02 -8.71
N ARG R 83 12.17 17.68 -7.91
CA ARG R 83 12.54 18.58 -6.87
C ARG R 83 12.06 17.86 -5.68
N TYR R 84 12.79 17.99 -4.56
CA TYR R 84 12.49 17.34 -3.32
C TYR R 84 12.68 18.39 -2.29
N THR R 85 12.17 18.13 -1.07
CA THR R 85 12.53 18.84 0.11
C THR R 85 13.16 17.75 0.89
N LEU R 86 14.45 17.93 1.24
CA LEU R 86 15.25 16.96 1.90
C LEU R 86 15.42 17.61 3.21
N ALA R 87 14.86 16.97 4.25
CA ALA R 87 14.78 17.56 5.56
C ALA R 87 15.53 16.65 6.44
N VAL R 88 16.35 17.27 7.31
CA VAL R 88 17.14 16.59 8.29
C VAL R 88 16.60 17.19 9.55
N GLY R 89 16.08 16.35 10.48
CA GLY R 89 15.52 16.79 11.73
C GLY R 89 16.60 17.24 12.65
N ASP R 90 16.23 17.93 13.76
CA ASP R 90 17.18 18.34 14.77
C ASP R 90 17.73 17.12 15.45
N ASN R 91 19.06 17.14 15.68
CA ASN R 91 19.80 16.11 16.36
C ASN R 91 19.92 14.90 15.47
N ARG R 92 20.12 15.14 14.16
CA ARG R 92 20.32 14.09 13.20
C ARG R 92 21.26 14.70 12.23
N VAL R 93 22.19 13.89 11.70
CA VAL R 93 23.17 14.36 10.75
C VAL R 93 23.08 13.37 9.63
N LEU R 94 22.82 13.88 8.41
CA LEU R 94 22.73 13.12 7.20
C LEU R 94 24.09 13.09 6.58
N ASP R 95 24.40 12.00 5.84
CA ASP R 95 25.59 11.89 5.04
C ASP R 95 25.03 11.76 3.66
N MET R 96 25.61 12.48 2.68
CA MET R 96 25.08 12.64 1.36
C MET R 96 25.72 11.62 0.46
N ALA R 97 26.50 10.71 1.07
CA ALA R 97 27.05 9.55 0.43
C ALA R 97 26.01 8.46 0.39
N SER R 98 25.00 8.50 1.29
CA SER R 98 24.01 7.47 1.43
C SER R 98 22.71 7.83 0.79
N THR R 99 22.63 9.00 0.12
CA THR R 99 21.47 9.39 -0.65
C THR R 99 21.59 8.85 -2.05
N TYR R 100 20.44 8.50 -2.68
CA TYR R 100 20.38 8.05 -4.04
C TYR R 100 18.98 8.22 -4.50
N PHE R 101 18.76 8.32 -5.82
CA PHE R 101 17.46 8.41 -6.44
C PHE R 101 17.10 7.05 -6.92
N ASP R 102 15.91 6.56 -6.54
CA ASP R 102 15.44 5.27 -6.93
C ASP R 102 14.48 5.50 -8.07
N ILE R 103 14.92 5.16 -9.29
CA ILE R 103 14.26 5.39 -10.55
C ILE R 103 13.51 4.13 -10.92
N ARG R 104 12.26 4.25 -11.39
CA ARG R 104 11.49 3.13 -11.87
C ARG R 104 10.88 3.59 -13.14
N GLY R 105 10.40 2.65 -13.99
CA GLY R 105 9.81 2.98 -15.25
C GLY R 105 9.87 1.80 -16.15
N VAL R 106 9.76 2.04 -17.48
CA VAL R 106 9.77 0.99 -18.47
C VAL R 106 10.87 1.37 -19.42
N LEU R 107 11.68 0.37 -19.77
CA LEU R 107 12.78 0.40 -20.67
C LEU R 107 12.42 -0.55 -21.75
N ASP R 108 12.49 -0.13 -23.01
CA ASP R 108 12.18 -0.99 -24.10
C ASP R 108 13.41 -0.87 -24.94
N ARG R 109 14.09 -2.01 -25.16
CA ARG R 109 15.18 -2.15 -26.08
C ARG R 109 14.59 -2.20 -27.45
N GLY R 110 15.33 -1.75 -28.48
CA GLY R 110 14.88 -1.88 -29.84
C GLY R 110 14.86 -3.30 -30.30
N PRO R 111 14.49 -3.55 -31.54
CA PRO R 111 14.46 -4.86 -32.15
C PRO R 111 15.87 -5.20 -32.61
N SER R 112 16.86 -4.35 -32.31
CA SER R 112 18.24 -4.57 -32.58
C SER R 112 18.84 -5.48 -31.55
N PHE R 113 18.21 -5.57 -30.36
CA PHE R 113 18.68 -6.32 -29.22
C PHE R 113 18.67 -7.80 -29.50
N LYS R 114 19.71 -8.51 -29.01
CA LYS R 114 19.87 -9.92 -29.25
C LYS R 114 20.99 -10.29 -28.31
N PRO R 115 20.75 -10.63 -27.06
CA PRO R 115 21.77 -10.95 -26.08
C PRO R 115 22.37 -12.33 -26.23
N TYR R 116 22.59 -12.84 -27.45
CA TYR R 116 23.23 -14.11 -27.62
C TYR R 116 23.83 -14.07 -28.97
N SER R 117 24.79 -14.97 -29.26
CA SER R 117 25.49 -14.99 -30.52
C SER R 117 25.07 -16.13 -31.40
N GLY R 118 24.17 -17.01 -30.93
CA GLY R 118 23.73 -18.16 -31.69
C GLY R 118 22.48 -17.90 -32.45
N THR R 119 21.67 -18.96 -32.55
CA THR R 119 20.33 -18.93 -33.07
C THR R 119 19.66 -19.83 -32.08
N ALA R 120 18.50 -19.39 -31.54
CA ALA R 120 17.80 -20.11 -30.52
C ALA R 120 16.94 -21.20 -31.10
N TYR R 121 16.74 -21.19 -32.43
CA TYR R 121 15.81 -22.05 -33.12
C TYR R 121 16.63 -22.88 -34.03
N ASN R 122 16.45 -24.23 -33.95
CA ASN R 122 17.22 -25.22 -34.66
C ASN R 122 18.67 -25.04 -34.27
N SER R 123 19.61 -25.10 -35.22
CA SER R 123 21.00 -24.79 -35.00
C SER R 123 21.78 -25.99 -34.53
N LEU R 124 21.26 -27.19 -34.83
CA LEU R 124 22.06 -28.37 -35.02
C LEU R 124 21.85 -28.71 -36.47
N ALA R 125 20.91 -28.01 -37.14
CA ALA R 125 20.69 -28.10 -38.55
C ALA R 125 21.86 -27.55 -39.32
N PRO R 126 22.28 -28.10 -40.46
CA PRO R 126 22.98 -27.39 -41.52
C PRO R 126 22.39 -26.05 -41.84
N LYS R 127 23.23 -25.06 -42.19
CA LYS R 127 22.80 -23.73 -42.49
C LYS R 127 22.12 -23.64 -43.84
N GLY R 128 22.30 -24.68 -44.69
CA GLY R 128 21.77 -24.73 -46.03
C GLY R 128 20.53 -25.57 -46.14
N ALA R 129 20.10 -26.28 -45.05
CA ALA R 129 18.96 -27.18 -45.03
C ALA R 129 17.67 -26.45 -45.36
N PRO R 130 16.65 -27.01 -45.98
CA PRO R 130 15.59 -26.19 -46.55
C PRO R 130 14.28 -26.25 -45.82
N ASN R 131 14.03 -27.26 -44.95
CA ASN R 131 12.71 -27.65 -44.46
C ASN R 131 12.04 -28.49 -45.50
N SER R 132 11.14 -29.39 -45.06
CA SER R 132 10.23 -30.07 -45.93
C SER R 132 9.18 -29.08 -46.36
N SER R 133 9.11 -28.78 -47.67
CA SER R 133 8.28 -27.72 -48.17
C SER R 133 7.98 -27.99 -49.61
N GLN R 134 6.94 -27.32 -50.14
CA GLN R 134 6.49 -27.42 -51.50
C GLN R 134 6.74 -26.13 -52.23
N TRP R 135 6.77 -26.22 -53.59
CA TRP R 135 6.76 -25.08 -54.47
C TRP R 135 5.95 -25.56 -55.64
N GLU R 136 5.45 -24.64 -56.49
CA GLU R 136 4.75 -25.01 -57.70
C GLU R 136 5.53 -24.44 -58.85
N GLN R 137 5.44 -25.09 -60.02
CA GLN R 137 6.09 -24.61 -61.21
C GLN R 137 5.07 -24.67 -62.31
N LYS R 138 5.32 -23.86 -63.35
CA LYS R 138 4.44 -23.71 -64.47
C LYS R 138 5.35 -23.50 -65.65
N LYS R 139 6.50 -24.21 -65.64
CA LYS R 139 7.48 -24.15 -66.71
C LYS R 139 7.30 -25.40 -67.54
N ALA R 140 6.44 -26.33 -67.07
CA ALA R 140 6.03 -27.50 -67.77
C ALA R 140 4.77 -27.93 -67.05
N GLY R 141 4.19 -26.99 -66.27
CA GLY R 141 2.95 -27.16 -65.57
C GLY R 141 1.84 -26.66 -66.45
N ASN R 142 1.29 -25.48 -66.09
CA ASN R 142 0.22 -24.79 -66.79
C ASN R 142 -1.11 -25.44 -66.48
N GLY R 143 -2.20 -24.65 -66.53
CA GLY R 143 -3.55 -25.13 -66.32
C GLY R 143 -3.78 -25.75 -64.98
N ASP R 144 -4.66 -26.79 -64.96
CA ASP R 144 -5.06 -27.47 -63.75
C ASP R 144 -4.20 -28.69 -63.52
N THR R 145 -3.21 -28.94 -64.40
CA THR R 145 -2.27 -30.02 -64.29
C THR R 145 -0.90 -29.41 -64.09
N MET R 146 -0.84 -28.17 -63.55
CA MET R 146 0.40 -27.51 -63.20
C MET R 146 1.15 -28.27 -62.15
N GLU R 147 2.49 -28.30 -62.28
CA GLU R 147 3.39 -29.03 -61.42
C GLU R 147 3.39 -28.51 -60.02
N THR R 148 3.56 -29.43 -59.05
CA THR R 148 3.71 -29.12 -57.66
C THR R 148 4.66 -30.18 -57.23
N HIS R 149 5.65 -29.81 -56.40
CA HIS R 149 6.69 -30.73 -56.03
C HIS R 149 6.88 -30.55 -54.56
N THR R 150 7.46 -31.59 -53.93
CA THR R 150 7.82 -31.63 -52.54
C THR R 150 9.27 -31.98 -52.50
N PHE R 151 10.06 -31.31 -51.64
CA PHE R 151 11.41 -31.72 -51.37
C PHE R 151 11.35 -31.82 -49.89
N GLY R 152 11.60 -33.02 -49.32
CA GLY R 152 11.39 -33.18 -47.91
C GLY R 152 11.72 -34.56 -47.47
N VAL R 153 11.11 -34.98 -46.35
CA VAL R 153 11.42 -36.18 -45.65
C VAL R 153 10.18 -36.57 -44.90
N ALA R 154 9.90 -37.89 -44.85
CA ALA R 154 8.82 -38.50 -44.13
C ALA R 154 9.45 -39.43 -43.13
N PRO R 155 9.41 -39.25 -41.82
CA PRO R 155 10.28 -40.02 -40.96
C PRO R 155 9.55 -41.10 -40.23
N MET R 156 8.30 -40.91 -39.75
CA MET R 156 7.72 -41.90 -38.87
C MET R 156 6.89 -42.84 -39.70
N GLY R 157 7.02 -44.16 -39.41
CA GLY R 157 6.35 -45.25 -40.09
C GLY R 157 4.90 -45.37 -39.74
N GLY R 158 4.17 -46.24 -40.47
CA GLY R 158 2.79 -46.54 -40.20
C GLY R 158 2.60 -47.99 -40.49
N GLU R 159 1.47 -48.34 -41.16
CA GLU R 159 1.17 -49.71 -41.44
C GLU R 159 0.11 -49.75 -42.50
N ASN R 160 -0.49 -48.59 -42.85
CA ASN R 160 -1.34 -48.50 -44.01
C ASN R 160 -1.47 -47.03 -44.28
N ILE R 161 -1.88 -46.64 -45.51
CA ILE R 161 -2.23 -45.29 -45.86
C ILE R 161 -3.59 -45.45 -46.48
N THR R 162 -4.55 -44.60 -46.06
CA THR R 162 -5.90 -44.61 -46.56
C THR R 162 -6.13 -43.21 -47.06
N ILE R 163 -7.42 -42.82 -47.21
CA ILE R 163 -7.84 -41.49 -47.59
C ILE R 163 -7.73 -40.57 -46.41
N ASP R 164 -7.60 -41.16 -45.19
CA ASP R 164 -7.51 -40.47 -43.92
C ASP R 164 -6.07 -40.33 -43.54
N GLY R 165 -5.15 -40.62 -44.49
CA GLY R 165 -3.72 -40.52 -44.34
C GLY R 165 -3.22 -41.72 -43.62
N LEU R 166 -2.02 -41.60 -43.03
CA LEU R 166 -1.29 -42.66 -42.36
C LEU R 166 -2.11 -43.24 -41.24
N GLN R 167 -2.08 -44.57 -41.08
CA GLN R 167 -2.72 -45.26 -39.98
C GLN R 167 -1.63 -45.90 -39.20
N ILE R 168 -1.72 -45.87 -37.85
CA ILE R 168 -0.59 -46.25 -37.05
C ILE R 168 -1.07 -46.65 -35.68
N GLY R 169 -2.32 -46.30 -35.30
CA GLY R 169 -2.95 -46.85 -34.13
C GLY R 169 -3.63 -48.13 -34.49
N THR R 170 -4.06 -48.88 -33.44
CA THR R 170 -4.91 -50.03 -33.58
C THR R 170 -5.69 -50.11 -32.30
N ASP R 171 -6.98 -50.52 -32.35
CA ASP R 171 -7.76 -50.73 -31.15
C ASP R 171 -7.52 -52.15 -30.73
N ALA R 172 -7.21 -52.34 -29.44
CA ALA R 172 -6.85 -53.61 -28.87
C ALA R 172 -8.06 -54.09 -28.14
N THR R 173 -9.15 -54.37 -28.90
CA THR R 173 -10.46 -54.79 -28.43
C THR R 173 -11.02 -53.83 -27.40
N ALA R 174 -11.13 -52.55 -27.81
CA ALA R 174 -11.76 -51.49 -27.05
C ALA R 174 -13.26 -51.64 -27.10
N ASP R 175 -13.72 -52.44 -28.09
CA ASP R 175 -15.09 -52.80 -28.38
C ASP R 175 -15.01 -53.30 -29.81
N GLN R 176 -14.08 -52.71 -30.59
CA GLN R 176 -13.85 -52.98 -31.97
C GLN R 176 -12.36 -53.13 -32.07
N ASP R 177 -11.89 -53.68 -33.20
CA ASP R 177 -10.50 -53.76 -33.53
C ASP R 177 -10.42 -53.17 -34.91
N LYS R 178 -9.73 -52.02 -35.05
CA LYS R 178 -9.60 -51.37 -36.32
C LYS R 178 -8.37 -50.50 -36.24
N PRO R 179 -7.70 -50.22 -37.35
CA PRO R 179 -6.70 -49.18 -37.47
C PRO R 179 -7.24 -47.81 -37.18
N ILE R 180 -6.46 -46.95 -36.50
CA ILE R 180 -6.90 -45.61 -36.18
C ILE R 180 -5.93 -44.76 -36.94
N TYR R 181 -6.46 -43.85 -37.79
CA TYR R 181 -5.71 -42.85 -38.51
C TYR R 181 -5.05 -41.83 -37.61
N ALA R 182 -3.87 -41.32 -38.02
CA ALA R 182 -3.20 -40.23 -37.35
C ALA R 182 -3.95 -38.94 -37.57
N ASP R 183 -4.02 -38.10 -36.52
CA ASP R 183 -4.66 -36.80 -36.48
C ASP R 183 -3.98 -35.85 -37.42
N LYS R 184 -4.77 -35.05 -38.18
CA LYS R 184 -4.29 -34.10 -39.15
C LYS R 184 -3.51 -33.02 -38.47
N THR R 185 -4.01 -32.58 -37.29
CA THR R 185 -3.53 -31.45 -36.54
C THR R 185 -2.09 -31.58 -36.11
N PHE R 186 -1.63 -32.76 -35.62
CA PHE R 186 -0.29 -32.80 -35.11
C PHE R 186 0.31 -34.19 -35.07
N GLN R 187 -0.49 -35.29 -35.18
CA GLN R 187 0.04 -36.62 -34.90
C GLN R 187 1.21 -37.16 -35.68
N PRO R 188 1.51 -36.89 -36.95
CA PRO R 188 2.80 -37.25 -37.50
C PRO R 188 3.74 -36.12 -37.19
N GLU R 189 4.11 -36.00 -35.89
CA GLU R 189 4.96 -35.00 -35.29
C GLU R 189 6.30 -34.98 -35.96
N PRO R 190 6.95 -33.84 -36.13
CA PRO R 190 8.24 -33.78 -36.77
C PRO R 190 9.35 -34.18 -35.84
N GLN R 191 9.10 -34.48 -34.55
CA GLN R 191 10.17 -34.81 -33.64
C GLN R 191 10.25 -36.30 -33.50
N VAL R 192 9.24 -37.04 -34.02
CA VAL R 192 9.13 -38.47 -33.90
C VAL R 192 9.52 -39.04 -35.22
N GLY R 193 10.36 -40.09 -35.20
CA GLY R 193 10.79 -40.80 -36.37
C GLY R 193 11.03 -42.22 -35.96
N GLU R 194 11.91 -42.93 -36.70
CA GLU R 194 12.34 -44.29 -36.43
C GLU R 194 13.15 -44.32 -35.15
N GLU R 195 13.09 -45.43 -34.39
CA GLU R 195 13.89 -45.58 -33.19
C GLU R 195 15.13 -46.41 -33.43
N ASN R 196 15.28 -47.02 -34.63
CA ASN R 196 16.40 -47.89 -34.95
C ASN R 196 16.75 -47.60 -36.37
N TRP R 197 17.80 -48.29 -36.87
CA TRP R 197 18.20 -48.22 -38.24
C TRP R 197 17.63 -49.44 -38.96
N GLN R 198 16.86 -50.28 -38.23
CA GLN R 198 16.29 -51.50 -38.75
C GLN R 198 14.79 -51.44 -38.86
N GLU R 199 14.19 -50.23 -39.01
CA GLU R 199 12.76 -50.09 -39.17
C GLU R 199 12.40 -49.95 -40.63
N THR R 200 13.41 -49.98 -41.52
CA THR R 200 13.30 -49.66 -42.92
C THR R 200 12.29 -50.48 -43.70
N GLU R 201 11.62 -49.80 -44.65
CA GLU R 201 10.55 -50.29 -45.50
C GLU R 201 9.25 -50.51 -44.78
N SER R 202 8.19 -49.86 -45.29
CA SER R 202 6.82 -49.80 -44.79
C SER R 202 6.29 -48.47 -45.27
N PHE R 203 5.04 -48.14 -44.89
CA PHE R 203 4.35 -46.88 -45.06
C PHE R 203 5.02 -45.81 -44.23
N TYR R 204 5.02 -44.53 -44.67
CA TYR R 204 5.65 -43.45 -43.93
C TYR R 204 4.83 -42.22 -44.13
N GLY R 205 4.77 -41.37 -43.08
CA GLY R 205 4.10 -40.09 -43.10
C GLY R 205 5.08 -39.04 -42.72
N GLY R 206 4.73 -37.76 -42.92
CA GLY R 206 5.58 -36.65 -42.58
C GLY R 206 4.74 -35.43 -42.50
N ARG R 207 5.36 -34.25 -42.67
CA ARG R 207 4.68 -32.98 -42.69
C ARG R 207 5.47 -32.14 -43.63
N ALA R 208 4.80 -31.25 -44.36
CA ALA R 208 5.46 -30.39 -45.32
C ALA R 208 4.81 -29.06 -45.16
N LEU R 209 5.42 -28.01 -45.74
CA LEU R 209 4.85 -26.70 -45.78
C LEU R 209 4.16 -26.57 -47.09
N LYS R 210 3.24 -25.59 -47.21
CA LYS R 210 2.55 -25.26 -48.42
C LYS R 210 3.43 -24.39 -49.26
N LYS R 211 3.04 -24.21 -50.53
CA LYS R 211 3.70 -23.32 -51.45
C LYS R 211 3.06 -21.96 -51.43
N ASP R 212 2.28 -21.67 -50.37
CA ASP R 212 1.64 -20.41 -50.12
C ASP R 212 2.41 -19.71 -49.03
N THR R 213 3.41 -20.40 -48.44
CA THR R 213 4.28 -19.84 -47.43
C THR R 213 5.64 -19.99 -48.02
N SER R 214 6.45 -18.91 -47.93
CA SER R 214 7.83 -18.79 -48.36
C SER R 214 8.74 -19.90 -47.90
N MET R 215 10.01 -19.85 -48.34
CA MET R 215 11.02 -20.78 -47.96
C MET R 215 12.02 -20.00 -47.20
N LYS R 216 12.45 -20.57 -46.07
CA LYS R 216 13.48 -20.04 -45.22
C LYS R 216 14.32 -21.26 -45.01
N PRO R 217 15.63 -21.20 -44.87
CA PRO R 217 16.44 -22.29 -44.39
C PRO R 217 15.98 -22.81 -43.06
N CYS R 218 16.15 -24.12 -42.81
CA CYS R 218 15.89 -24.72 -41.53
C CYS R 218 17.16 -24.51 -40.80
N TYR R 219 17.23 -23.43 -40.01
CA TYR R 219 18.40 -23.16 -39.23
C TYR R 219 18.03 -22.11 -38.24
N GLY R 220 16.87 -21.47 -38.41
CA GLY R 220 16.44 -20.48 -37.49
C GLY R 220 15.07 -20.14 -37.89
N SER R 221 14.36 -21.15 -38.43
CA SER R 221 12.97 -21.06 -38.78
C SER R 221 12.21 -21.30 -37.52
N TYR R 222 11.05 -20.63 -37.40
CA TYR R 222 10.23 -20.72 -36.24
C TYR R 222 8.84 -20.47 -36.74
N ALA R 223 7.87 -21.18 -36.14
CA ALA R 223 6.48 -20.98 -36.41
C ALA R 223 5.87 -21.14 -35.06
N ARG R 224 4.98 -20.21 -34.65
CA ARG R 224 4.35 -20.29 -33.36
C ARG R 224 3.38 -21.43 -33.31
N PRO R 225 3.23 -22.20 -32.25
CA PRO R 225 2.17 -23.18 -32.11
C PRO R 225 0.83 -22.48 -32.07
N THR R 226 -0.20 -23.07 -32.69
CA THR R 226 -1.50 -22.48 -32.84
C THR R 226 -2.52 -23.27 -32.04
N ASN R 227 -2.09 -24.33 -31.35
CA ASN R 227 -2.97 -25.10 -30.51
C ASN R 227 -2.12 -25.73 -29.46
N VAL R 228 -2.81 -26.34 -28.47
CA VAL R 228 -2.28 -26.97 -27.27
C VAL R 228 -1.28 -28.05 -27.58
N LYS R 229 -1.49 -28.80 -28.69
CA LYS R 229 -0.74 -29.99 -28.99
C LYS R 229 0.36 -29.67 -29.95
N GLY R 230 0.62 -28.36 -30.17
CA GLY R 230 1.80 -27.86 -30.83
C GLY R 230 1.76 -27.88 -32.32
N GLY R 231 0.60 -28.14 -32.96
CA GLY R 231 0.43 -27.97 -34.39
C GLY R 231 0.59 -26.52 -34.75
N GLN R 232 1.09 -26.22 -35.96
CA GLN R 232 1.51 -24.89 -36.31
C GLN R 232 0.68 -24.34 -37.43
N ALA R 233 -0.36 -25.09 -37.85
CA ALA R 233 -1.21 -24.75 -38.97
C ALA R 233 -1.93 -23.46 -38.78
N LYS R 234 -2.09 -22.66 -39.86
CA LYS R 234 -2.94 -21.49 -39.87
C LYS R 234 -4.36 -21.95 -40.00
N LEU R 235 -5.32 -21.17 -39.45
CA LEU R 235 -6.73 -21.43 -39.59
C LEU R 235 -7.16 -21.13 -41.00
N LYS R 236 -8.17 -21.87 -41.52
CA LYS R 236 -8.83 -21.55 -42.76
C LYS R 236 -9.55 -20.22 -42.70
N VAL R 237 -9.71 -19.55 -43.85
CA VAL R 237 -10.41 -18.29 -43.94
C VAL R 237 -11.60 -18.59 -44.80
N GLY R 238 -12.80 -18.29 -44.27
CA GLY R 238 -14.05 -18.35 -44.97
C GLY R 238 -14.36 -16.95 -45.38
N ALA R 239 -15.28 -16.30 -44.64
CA ALA R 239 -15.57 -14.89 -44.75
C ALA R 239 -14.84 -14.15 -43.67
N ASP R 240 -13.96 -14.86 -42.91
CA ASP R 240 -13.27 -14.38 -41.73
C ASP R 240 -12.61 -15.64 -41.21
N GLY R 241 -11.32 -15.56 -40.86
CA GLY R 241 -10.55 -16.66 -40.32
C GLY R 241 -10.69 -16.80 -38.84
N VAL R 242 -11.12 -15.72 -38.15
CA VAL R 242 -11.29 -15.69 -36.71
C VAL R 242 -12.31 -16.71 -36.18
N PRO R 243 -13.51 -16.94 -36.70
CA PRO R 243 -14.49 -17.75 -35.99
C PRO R 243 -14.35 -19.19 -36.41
N THR R 244 -13.52 -19.49 -37.44
CA THR R 244 -13.29 -20.85 -37.90
C THR R 244 -12.46 -21.55 -36.86
N LYS R 245 -12.70 -22.88 -36.71
CA LYS R 245 -12.00 -23.68 -35.72
C LYS R 245 -11.30 -24.81 -36.39
N GLU R 246 -11.34 -24.87 -37.74
CA GLU R 246 -10.61 -25.86 -38.50
C GLU R 246 -9.35 -25.23 -39.00
N PHE R 247 -8.33 -26.08 -39.21
CA PHE R 247 -7.03 -25.70 -39.68
C PHE R 247 -6.94 -26.02 -41.13
N ASP R 248 -5.96 -25.39 -41.82
CA ASP R 248 -5.73 -25.57 -43.23
C ASP R 248 -4.61 -26.57 -43.36
N ILE R 249 -4.97 -27.86 -43.58
CA ILE R 249 -4.05 -28.97 -43.60
C ILE R 249 -4.64 -29.86 -44.65
N ASP R 250 -3.78 -30.44 -45.53
CA ASP R 250 -4.20 -31.27 -46.63
C ASP R 250 -3.22 -32.40 -46.69
N LEU R 251 -3.53 -33.44 -47.49
CA LEU R 251 -2.70 -34.62 -47.64
C LEU R 251 -2.29 -34.69 -49.07
N ALA R 252 -1.00 -35.01 -49.32
CA ALA R 252 -0.44 -35.22 -50.63
C ALA R 252 0.23 -36.54 -50.58
N PHE R 253 -0.19 -37.50 -51.43
CA PHE R 253 0.29 -38.86 -51.39
C PHE R 253 1.29 -39.01 -52.48
N PHE R 254 2.25 -39.95 -52.30
CA PHE R 254 3.33 -40.17 -53.22
C PHE R 254 3.66 -41.64 -53.19
N ASP R 255 4.18 -42.18 -54.30
CA ASP R 255 4.60 -43.55 -54.39
C ASP R 255 5.64 -43.64 -55.44
N THR R 256 6.41 -44.75 -55.45
CA THR R 256 7.49 -44.99 -56.38
C THR R 256 6.98 -45.07 -57.80
N PRO R 257 7.71 -44.63 -58.82
CA PRO R 257 7.17 -44.40 -60.15
C PRO R 257 6.93 -45.72 -60.84
N GLY R 258 7.77 -46.74 -60.55
CA GLY R 258 7.66 -48.05 -61.13
C GLY R 258 6.58 -48.79 -60.41
N GLY R 259 6.36 -48.40 -59.12
CA GLY R 259 5.35 -48.92 -58.25
C GLY R 259 5.84 -50.15 -57.57
N THR R 260 7.19 -50.28 -57.46
CA THR R 260 7.88 -51.38 -56.82
C THR R 260 7.56 -51.53 -55.35
N VAL R 261 7.50 -50.41 -54.60
CA VAL R 261 7.13 -50.42 -53.20
C VAL R 261 5.93 -49.53 -53.10
N ASN R 262 4.78 -50.14 -52.72
CA ASN R 262 3.51 -49.51 -52.47
C ASN R 262 3.10 -48.60 -53.61
N GLY R 263 3.20 -49.13 -54.84
CA GLY R 263 2.86 -48.47 -56.07
C GLY R 263 1.41 -48.17 -56.25
N GLN R 264 1.11 -47.59 -57.44
CA GLN R 264 -0.22 -47.26 -57.90
C GLN R 264 -0.67 -48.39 -58.76
N ASP R 265 0.19 -49.43 -58.93
CA ASP R 265 -0.12 -50.67 -59.57
C ASP R 265 -0.16 -51.73 -58.50
N GLU R 266 -0.17 -51.31 -57.22
CA GLU R 266 -0.37 -52.19 -56.09
C GLU R 266 -1.55 -51.71 -55.30
N TYR R 267 -2.17 -50.58 -55.70
CA TYR R 267 -3.26 -49.96 -54.99
C TYR R 267 -2.82 -49.47 -53.63
N LYS R 268 -1.79 -48.60 -53.60
CA LYS R 268 -1.20 -48.12 -52.37
C LYS R 268 -0.55 -46.79 -52.65
N ALA R 269 -0.16 -46.10 -51.55
CA ALA R 269 0.77 -45.00 -51.56
C ALA R 269 1.85 -45.43 -50.62
N ASP R 270 3.07 -44.91 -50.82
CA ASP R 270 4.23 -45.29 -50.04
C ASP R 270 4.54 -44.23 -49.03
N ILE R 271 4.07 -42.98 -49.25
CA ILE R 271 4.43 -41.82 -48.49
C ILE R 271 3.19 -40.97 -48.49
N VAL R 272 2.96 -40.19 -47.41
CA VAL R 272 1.90 -39.21 -47.33
C VAL R 272 2.55 -38.07 -46.61
N MET R 273 2.24 -36.82 -47.03
CA MET R 273 2.78 -35.61 -46.46
C MET R 273 1.64 -34.76 -46.05
N TYR R 274 1.66 -34.32 -44.78
CA TYR R 274 0.65 -33.50 -44.16
C TYR R 274 1.03 -32.06 -44.36
N THR R 275 0.70 -31.49 -45.54
CA THR R 275 0.98 -30.11 -45.86
C THR R 275 0.20 -29.15 -44.98
N GLU R 276 0.81 -28.03 -44.52
CA GLU R 276 0.13 -27.04 -43.74
C GLU R 276 0.79 -25.70 -43.98
N ASN R 277 0.03 -24.58 -43.90
CA ASN R 277 0.58 -23.25 -43.83
C ASN R 277 1.13 -23.04 -42.45
N THR R 278 2.15 -22.17 -42.29
CA THR R 278 2.78 -21.92 -41.02
C THR R 278 3.20 -20.48 -41.07
N TYR R 279 3.40 -19.87 -39.89
CA TYR R 279 4.06 -18.60 -39.74
C TYR R 279 5.53 -18.86 -39.84
N LEU R 280 6.26 -18.04 -40.61
CA LEU R 280 7.65 -18.24 -40.89
C LEU R 280 8.33 -16.99 -40.51
N GLU R 281 9.17 -17.12 -39.46
CA GLU R 281 9.75 -16.02 -38.77
C GLU R 281 11.13 -16.51 -38.51
N THR R 282 12.12 -15.64 -38.79
CA THR R 282 13.51 -15.91 -38.59
C THR R 282 14.02 -14.81 -37.69
N PRO R 283 13.71 -14.76 -36.40
CA PRO R 283 13.91 -13.56 -35.59
C PRO R 283 15.28 -13.54 -34.96
N ASP R 284 16.35 -13.91 -35.68
CA ASP R 284 17.68 -14.08 -35.14
C ASP R 284 18.56 -14.73 -36.17
N THR R 285 18.08 -14.84 -37.43
CA THR R 285 18.85 -15.30 -38.55
C THR R 285 18.51 -14.39 -39.67
N HIS R 286 19.38 -14.33 -40.68
CA HIS R 286 19.16 -13.51 -41.83
C HIS R 286 19.83 -14.24 -42.94
N VAL R 287 19.21 -14.23 -44.15
CA VAL R 287 19.72 -14.86 -45.34
C VAL R 287 21.04 -14.20 -45.71
N VAL R 288 22.07 -15.01 -46.01
CA VAL R 288 23.40 -14.56 -46.33
C VAL R 288 23.66 -14.89 -47.78
N TYR R 289 22.92 -15.88 -48.33
CA TYR R 289 23.04 -16.29 -49.69
C TYR R 289 21.67 -16.70 -50.12
N LYS R 290 21.22 -16.12 -51.25
CA LYS R 290 20.07 -16.61 -51.97
C LYS R 290 20.42 -16.36 -53.41
N PRO R 291 19.94 -17.13 -54.36
CA PRO R 291 20.31 -16.92 -55.74
C PRO R 291 19.13 -16.31 -56.44
N GLY R 292 17.90 -16.50 -55.90
CA GLY R 292 16.69 -15.90 -56.41
C GLY R 292 16.71 -14.41 -56.29
N LYS R 293 15.75 -13.75 -56.98
CA LYS R 293 15.58 -12.33 -56.91
C LYS R 293 14.69 -12.04 -55.74
N ASP R 294 13.66 -12.89 -55.52
CA ASP R 294 12.76 -12.79 -54.39
C ASP R 294 12.32 -14.18 -54.06
N ASP R 295 11.94 -14.40 -52.78
CA ASP R 295 11.36 -15.65 -52.30
C ASP R 295 9.94 -15.72 -52.76
N ALA R 296 9.48 -16.96 -53.00
CA ALA R 296 8.11 -17.23 -53.37
C ALA R 296 7.95 -18.72 -53.41
N SER R 297 8.99 -19.48 -53.00
CA SER R 297 9.09 -20.92 -53.08
C SER R 297 9.42 -21.31 -54.49
N SER R 298 10.59 -21.97 -54.65
CA SER R 298 11.14 -22.35 -55.92
C SER R 298 11.99 -23.53 -55.59
N GLU R 299 12.65 -24.13 -56.60
CA GLU R 299 13.58 -25.21 -56.36
C GLU R 299 14.95 -24.62 -56.17
N ILE R 300 15.07 -23.27 -56.30
CA ILE R 300 16.32 -22.57 -56.17
C ILE R 300 16.33 -21.81 -54.89
N ASN R 301 15.32 -22.02 -54.01
CA ASN R 301 15.24 -21.37 -52.73
C ASN R 301 15.39 -22.45 -51.70
N LEU R 302 15.68 -23.69 -52.14
CA LEU R 302 16.10 -24.76 -51.28
C LEU R 302 17.56 -24.62 -50.96
N VAL R 303 18.32 -23.87 -51.80
CA VAL R 303 19.75 -23.71 -51.65
C VAL R 303 20.12 -22.44 -50.96
N GLN R 304 19.16 -21.72 -50.34
CA GLN R 304 19.43 -20.52 -49.57
C GLN R 304 20.18 -20.91 -48.33
N GLN R 305 20.94 -19.97 -47.75
CA GLN R 305 21.73 -20.23 -46.58
C GLN R 305 21.49 -19.05 -45.70
N SER R 306 21.77 -19.19 -44.40
CA SER R 306 21.51 -18.15 -43.44
C SER R 306 22.56 -18.23 -42.39
N MET R 307 22.97 -17.04 -41.91
CA MET R 307 24.00 -16.84 -40.93
C MET R 307 23.25 -16.25 -39.76
N PRO R 308 23.62 -16.51 -38.51
CA PRO R 308 23.07 -15.85 -37.34
C PRO R 308 23.25 -14.36 -37.36
N ASN R 309 22.37 -13.62 -36.66
CA ASN R 309 22.47 -12.20 -36.57
C ASN R 309 23.58 -11.90 -35.59
N ARG R 310 24.04 -10.64 -35.57
CA ARG R 310 25.02 -10.16 -34.64
C ARG R 310 24.50 -10.26 -33.24
N PRO R 311 25.25 -10.63 -32.21
CA PRO R 311 24.95 -10.27 -30.83
C PRO R 311 24.89 -8.78 -30.67
N ASN R 312 24.14 -8.28 -29.68
CA ASN R 312 24.03 -6.88 -29.45
C ASN R 312 23.40 -6.85 -28.10
N TYR R 313 24.20 -6.51 -27.07
CA TYR R 313 23.80 -6.46 -25.69
C TYR R 313 23.60 -5.01 -25.38
N ILE R 314 22.40 -4.62 -24.89
CA ILE R 314 22.10 -3.22 -24.59
C ILE R 314 22.49 -2.93 -23.16
N GLY R 315 21.58 -2.99 -22.16
CA GLY R 315 21.88 -2.60 -20.78
C GLY R 315 22.14 -1.13 -20.61
N PHE R 316 22.33 -0.68 -19.34
CA PHE R 316 22.62 0.70 -19.00
C PHE R 316 24.09 0.97 -19.17
N ARG R 317 24.67 1.92 -18.39
CA ARG R 317 26.08 2.22 -18.42
C ARG R 317 26.71 1.94 -17.10
N ASP R 318 28.07 1.93 -17.09
CA ASP R 318 28.99 1.47 -16.07
C ASP R 318 28.61 1.80 -14.65
N ASN R 319 28.23 3.05 -14.33
CA ASN R 319 27.78 3.37 -13.00
C ASN R 319 26.54 4.18 -13.13
N PHE R 320 25.92 4.16 -14.33
CA PHE R 320 24.75 4.91 -14.68
C PHE R 320 25.22 6.25 -15.15
N ILE R 321 26.41 6.32 -15.81
CA ILE R 321 26.93 7.58 -16.29
C ILE R 321 26.03 8.09 -17.38
N GLY R 322 25.75 9.41 -17.34
CA GLY R 322 24.94 10.08 -18.33
C GLY R 322 23.47 9.91 -18.06
N LEU R 323 23.07 9.48 -16.85
CA LEU R 323 21.68 9.32 -16.49
C LEU R 323 21.28 10.47 -15.62
N MET R 324 22.26 11.30 -15.21
CA MET R 324 22.02 12.55 -14.56
C MET R 324 22.82 13.56 -15.33
N TYR R 325 22.38 14.83 -15.28
CA TYR R 325 23.09 15.92 -15.87
C TYR R 325 24.09 16.44 -14.88
N TYR R 326 25.38 16.31 -15.24
CA TYR R 326 26.47 16.96 -14.56
C TYR R 326 27.10 17.76 -15.64
N ASN R 327 27.50 19.01 -15.32
CA ASN R 327 28.37 19.83 -16.14
C ASN R 327 27.63 20.47 -17.26
N SER R 328 26.29 20.57 -17.12
CA SER R 328 25.44 21.26 -18.04
C SER R 328 25.04 22.47 -17.28
N THR R 329 25.14 23.65 -17.93
CA THR R 329 24.87 24.91 -17.28
C THR R 329 23.44 25.32 -17.56
N GLY R 330 22.69 24.48 -18.31
CA GLY R 330 21.31 24.70 -18.65
C GLY R 330 20.44 23.75 -17.90
N ASN R 331 21.02 22.65 -17.37
CA ASN R 331 20.31 21.63 -16.65
C ASN R 331 21.07 21.41 -15.37
N MET R 332 21.58 22.49 -14.77
CA MET R 332 22.40 22.46 -13.59
C MET R 332 21.60 21.96 -12.42
N GLY R 333 22.17 21.01 -11.65
CA GLY R 333 21.59 20.50 -10.42
C GLY R 333 21.55 21.57 -9.35
N VAL R 334 20.90 21.26 -8.21
CA VAL R 334 20.66 22.24 -7.16
C VAL R 334 20.82 21.51 -5.87
N LEU R 335 21.55 22.10 -4.91
CA LEU R 335 21.39 21.79 -3.52
C LEU R 335 21.54 23.14 -2.93
N ALA R 336 20.53 23.57 -2.17
CA ALA R 336 20.44 24.92 -1.73
C ALA R 336 19.66 24.86 -0.48
N GLY R 337 19.77 25.88 0.40
CA GLY R 337 18.90 26.05 1.54
C GLY R 337 17.52 26.28 1.04
N GLN R 338 16.49 25.88 1.83
CA GLN R 338 15.09 26.00 1.48
C GLN R 338 14.70 27.44 1.21
N ALA R 339 15.21 28.37 2.04
CA ALA R 339 14.76 29.73 2.04
C ALA R 339 15.89 30.66 1.71
N SER R 340 17.02 30.13 1.20
CA SER R 340 18.18 30.94 0.90
C SER R 340 18.24 31.25 -0.55
N GLN R 341 18.02 30.23 -1.41
CA GLN R 341 18.03 30.36 -2.85
C GLN R 341 19.39 30.74 -3.39
N LEU R 342 20.45 30.16 -2.76
CA LEU R 342 21.82 30.33 -3.15
C LEU R 342 22.23 28.93 -3.41
N ASN R 343 22.61 28.64 -4.67
CA ASN R 343 22.83 27.28 -5.09
C ASN R 343 24.25 26.95 -4.76
N ALA R 344 24.46 25.95 -3.88
CA ALA R 344 25.76 25.61 -3.35
C ALA R 344 26.36 24.51 -4.18
N VAL R 345 25.75 24.23 -5.35
CA VAL R 345 26.24 23.35 -6.38
C VAL R 345 26.34 24.26 -7.56
N VAL R 346 27.56 24.54 -8.07
CA VAL R 346 27.71 25.26 -9.32
C VAL R 346 28.56 24.40 -10.19
N ASP R 347 27.95 23.88 -11.28
CA ASP R 347 28.58 22.98 -12.22
C ASP R 347 29.22 23.85 -13.26
N LEU R 348 30.38 23.40 -13.78
CA LEU R 348 31.22 24.18 -14.63
C LEU R 348 31.36 23.38 -15.90
N GLN R 349 31.44 24.09 -17.04
CA GLN R 349 31.40 23.54 -18.38
C GLN R 349 32.52 22.57 -18.66
N ASP R 350 33.77 22.90 -18.24
CA ASP R 350 34.97 22.17 -18.58
C ASP R 350 35.39 21.39 -17.37
N ARG R 351 34.49 20.54 -16.88
CA ARG R 351 34.74 19.66 -15.77
C ARG R 351 34.04 18.42 -16.19
N ASN R 352 34.61 17.25 -15.84
CA ASN R 352 34.15 15.99 -16.33
C ASN R 352 33.92 15.18 -15.09
N THR R 353 32.76 15.42 -14.46
CA THR R 353 32.34 14.77 -13.24
C THR R 353 32.16 13.29 -13.41
N GLU R 354 31.59 12.85 -14.55
CA GLU R 354 31.38 11.45 -14.82
C GLU R 354 32.65 10.65 -14.93
N LEU R 355 33.67 11.17 -15.66
CA LEU R 355 34.98 10.54 -15.79
C LEU R 355 35.71 10.47 -14.51
N SER R 356 35.64 11.56 -13.70
CA SER R 356 36.34 11.75 -12.47
C SER R 356 35.98 10.68 -11.49
N TYR R 357 34.68 10.34 -11.46
CA TYR R 357 34.05 9.38 -10.60
C TYR R 357 34.56 7.98 -10.88
N GLN R 358 34.76 7.61 -12.17
CA GLN R 358 35.21 6.29 -12.59
C GLN R 358 36.58 6.04 -12.03
N LEU R 359 37.45 7.07 -12.12
CA LEU R 359 38.81 7.09 -11.66
C LEU R 359 38.90 6.96 -10.16
N LEU R 360 37.98 7.61 -9.42
CA LEU R 360 37.91 7.60 -7.98
C LEU R 360 37.70 6.22 -7.43
N LEU R 361 36.79 5.44 -8.05
CA LEU R 361 36.44 4.09 -7.70
C LEU R 361 37.64 3.18 -7.81
N ASP R 362 38.42 3.36 -8.89
CA ASP R 362 39.59 2.59 -9.21
C ASP R 362 40.65 2.73 -8.16
N SER R 363 40.86 3.96 -7.64
CA SER R 363 41.93 4.26 -6.70
C SER R 363 41.59 3.74 -5.34
N LEU R 364 40.28 3.55 -5.06
CA LEU R 364 39.80 3.04 -3.79
C LEU R 364 39.77 1.54 -3.88
N GLY R 365 38.59 0.94 -4.15
CA GLY R 365 38.43 -0.48 -4.30
C GLY R 365 38.99 -0.98 -5.60
N ASP R 366 38.79 -2.30 -5.87
CA ASP R 366 39.09 -2.93 -7.13
C ASP R 366 37.87 -2.80 -7.99
N ARG R 367 38.06 -2.80 -9.32
CA ARG R 367 36.98 -2.64 -10.25
C ARG R 367 36.55 -3.96 -10.81
N THR R 368 37.22 -5.06 -10.43
CA THR R 368 36.91 -6.38 -10.94
C THR R 368 35.82 -7.03 -10.14
N ARG R 369 35.48 -6.48 -8.95
CA ARG R 369 34.31 -6.89 -8.23
C ARG R 369 33.15 -6.11 -8.70
N TYR R 370 32.09 -6.82 -9.15
CA TYR R 370 30.89 -6.25 -9.67
C TYR R 370 29.96 -6.03 -8.52
N PHE R 371 29.13 -4.99 -8.63
CA PHE R 371 28.18 -4.58 -7.62
C PHE R 371 26.96 -4.38 -8.47
N SER R 372 25.76 -4.42 -7.86
CA SER R 372 24.53 -4.46 -8.60
C SER R 372 23.71 -3.26 -8.23
N MET R 373 23.71 -2.85 -6.94
CA MET R 373 22.94 -1.74 -6.45
C MET R 373 23.29 -0.43 -7.11
N TRP R 374 24.60 -0.14 -7.26
CA TRP R 374 25.07 1.05 -7.91
C TRP R 374 25.63 0.71 -9.26
N ASN R 375 25.60 -0.59 -9.63
CA ASN R 375 25.67 -1.07 -10.98
C ASN R 375 27.08 -1.14 -11.50
N GLN R 376 28.10 -1.19 -10.61
CA GLN R 376 29.49 -1.29 -10.97
C GLN R 376 29.74 -2.54 -11.76
N ALA R 377 30.53 -2.41 -12.84
CA ALA R 377 30.82 -3.49 -13.74
C ALA R 377 31.60 -2.84 -14.82
N VAL R 378 32.93 -2.73 -14.61
CA VAL R 378 33.86 -2.07 -15.49
C VAL R 378 33.84 -2.71 -16.85
N ASP R 379 33.93 -1.88 -17.91
CA ASP R 379 33.99 -2.32 -19.29
C ASP R 379 35.28 -3.03 -19.54
N SER R 380 35.25 -4.06 -20.41
CA SER R 380 36.34 -4.99 -20.54
C SER R 380 36.41 -5.44 -21.96
N TYR R 381 37.45 -6.23 -22.26
CA TYR R 381 37.63 -6.90 -23.50
C TYR R 381 38.44 -8.07 -23.11
N ASP R 382 38.39 -9.16 -23.91
CA ASP R 382 39.21 -10.32 -23.63
C ASP R 382 40.54 -10.03 -24.28
N PRO R 383 41.67 -10.34 -23.64
CA PRO R 383 43.00 -9.97 -24.12
C PRO R 383 43.48 -10.89 -25.21
N ASP R 384 42.62 -11.77 -25.77
CA ASP R 384 42.95 -12.72 -26.80
C ASP R 384 42.11 -12.39 -28.00
N VAL R 385 41.53 -11.17 -28.00
CA VAL R 385 40.70 -10.63 -29.04
C VAL R 385 41.46 -9.39 -29.41
N ARG R 386 41.75 -8.51 -28.43
CA ARG R 386 42.48 -7.30 -28.62
C ARG R 386 43.88 -7.54 -29.12
N ILE R 387 44.60 -8.52 -28.53
CA ILE R 387 45.92 -8.92 -29.01
C ILE R 387 45.75 -10.37 -29.28
N ILE R 388 45.82 -10.76 -30.57
CA ILE R 388 45.57 -12.10 -31.02
C ILE R 388 46.89 -12.80 -30.97
N GLU R 389 46.93 -14.03 -30.43
CA GLU R 389 48.12 -14.82 -30.38
C GLU R 389 47.74 -16.06 -31.10
N ASN R 390 48.60 -16.50 -32.04
CA ASN R 390 48.36 -17.73 -32.74
C ASN R 390 49.43 -18.62 -32.22
N HIS R 391 49.01 -19.76 -31.68
CA HIS R 391 49.87 -20.76 -31.14
C HIS R 391 49.51 -21.99 -31.92
N GLY R 392 48.81 -21.82 -33.07
CA GLY R 392 48.42 -22.88 -33.96
C GLY R 392 47.35 -23.69 -33.32
N VAL R 393 47.22 -24.97 -33.75
CA VAL R 393 46.20 -25.87 -33.29
C VAL R 393 46.86 -27.19 -33.09
N GLU R 394 46.24 -28.11 -32.33
CA GLU R 394 46.79 -29.42 -32.10
C GLU R 394 46.17 -30.37 -33.12
N ASP R 395 46.89 -30.64 -34.21
CA ASP R 395 46.36 -31.37 -35.34
C ASP R 395 47.39 -32.42 -35.59
N GLU R 396 47.79 -33.14 -34.52
CA GLU R 396 48.79 -34.19 -34.63
C GLU R 396 48.12 -35.50 -34.33
N LEU R 397 46.78 -35.48 -34.12
CA LEU R 397 46.00 -36.66 -33.90
C LEU R 397 44.81 -36.46 -34.81
N PRO R 398 44.50 -37.30 -35.80
CA PRO R 398 43.41 -37.05 -36.73
C PRO R 398 42.13 -37.56 -36.15
N ASN R 399 41.01 -36.84 -36.37
CA ASN R 399 39.75 -37.17 -35.74
C ASN R 399 38.87 -37.67 -36.84
N TYR R 400 37.89 -38.51 -36.48
CA TYR R 400 37.10 -39.25 -37.41
C TYR R 400 35.69 -39.23 -36.95
N CYS R 401 34.80 -39.67 -37.84
CA CYS R 401 33.38 -39.57 -37.73
C CYS R 401 32.99 -40.87 -38.37
N PHE R 402 31.88 -41.51 -37.92
CA PHE R 402 31.63 -42.91 -38.22
C PHE R 402 30.15 -43.08 -38.41
N PRO R 403 29.64 -43.95 -39.28
CA PRO R 403 28.22 -44.30 -39.37
C PRO R 403 27.67 -44.82 -38.07
N LEU R 404 26.34 -44.72 -37.88
CA LEU R 404 25.66 -45.10 -36.65
C LEU R 404 25.83 -46.55 -36.29
N ASP R 405 25.76 -47.44 -37.30
CA ASP R 405 25.86 -48.87 -37.12
C ASP R 405 27.30 -49.29 -36.91
N GLY R 406 28.27 -48.39 -37.22
CA GLY R 406 29.68 -48.58 -37.01
C GLY R 406 30.21 -49.73 -37.81
N SER R 407 29.74 -49.87 -39.07
CA SER R 407 30.12 -50.98 -39.89
C SER R 407 30.08 -50.58 -41.34
N GLY R 408 29.83 -49.27 -41.64
CA GLY R 408 29.77 -48.74 -42.98
C GLY R 408 28.83 -49.46 -43.89
N THR R 409 29.27 -49.65 -45.14
CA THR R 409 28.53 -50.38 -46.15
C THR R 409 28.77 -51.85 -45.93
N ASN R 410 27.72 -52.67 -46.13
CA ASN R 410 27.74 -54.08 -45.87
C ASN R 410 27.32 -54.73 -47.15
N ALA R 411 28.02 -55.80 -47.56
CA ALA R 411 27.67 -56.55 -48.75
C ALA R 411 27.00 -57.82 -48.34
N ALA R 412 26.31 -58.46 -49.31
CA ALA R 412 25.71 -59.77 -49.23
C ALA R 412 26.75 -60.84 -49.04
N TYR R 413 26.45 -61.86 -48.22
CA TYR R 413 27.36 -62.93 -47.90
C TYR R 413 26.50 -64.11 -47.58
N GLN R 414 27.10 -65.31 -47.60
CA GLN R 414 26.39 -66.52 -47.27
C GLN R 414 27.39 -67.44 -46.65
N GLY R 415 26.90 -68.34 -45.77
CA GLY R 415 27.68 -69.35 -45.11
C GLY R 415 28.28 -70.31 -46.10
N VAL R 416 29.50 -70.78 -45.79
CA VAL R 416 30.26 -71.64 -46.63
C VAL R 416 30.98 -72.54 -45.67
N LYS R 417 31.04 -73.84 -46.02
CA LYS R 417 31.66 -74.90 -45.28
C LYS R 417 32.67 -75.49 -46.19
N VAL R 418 33.86 -75.77 -45.64
CA VAL R 418 34.95 -76.44 -46.31
C VAL R 418 34.72 -77.93 -46.12
N LYS R 419 34.75 -78.72 -47.23
CA LYS R 419 34.33 -80.11 -47.20
C LYS R 419 35.41 -81.05 -47.61
N ASN R 420 36.67 -80.56 -47.68
CA ASN R 420 37.80 -81.39 -48.01
C ASN R 420 38.99 -80.71 -47.37
N GLY R 421 40.04 -81.49 -47.04
CA GLY R 421 41.30 -81.00 -46.52
C GLY R 421 42.07 -80.25 -47.57
N ASN R 422 43.39 -80.06 -47.31
CA ASN R 422 44.33 -79.40 -48.19
C ASN R 422 44.25 -77.91 -48.02
N ASP R 423 45.29 -77.22 -48.52
CA ASP R 423 45.40 -75.79 -48.58
C ASP R 423 45.07 -75.45 -50.02
N GLY R 424 44.40 -74.30 -50.22
CA GLY R 424 43.99 -73.83 -51.53
C GLY R 424 42.61 -73.26 -51.38
N ASP R 425 42.20 -72.45 -52.38
CA ASP R 425 40.91 -71.81 -52.42
C ASP R 425 40.09 -72.55 -53.45
N VAL R 426 40.47 -73.80 -53.77
CA VAL R 426 39.90 -74.57 -54.85
C VAL R 426 40.22 -76.01 -54.58
N GLU R 427 41.19 -76.29 -53.66
CA GLU R 427 41.64 -77.63 -53.36
C GLU R 427 40.95 -78.11 -52.12
N SER R 428 40.21 -77.20 -51.44
CA SER R 428 39.62 -77.50 -50.16
C SER R 428 38.13 -77.69 -50.33
N GLU R 429 37.62 -77.55 -51.56
CA GLU R 429 36.23 -77.80 -51.92
C GLU R 429 35.21 -77.07 -51.10
N TRP R 430 34.93 -75.84 -51.54
CA TRP R 430 34.10 -74.83 -50.95
C TRP R 430 32.72 -74.97 -51.49
N GLU R 431 31.71 -75.10 -50.61
CA GLU R 431 30.34 -75.32 -51.01
C GLU R 431 29.49 -74.86 -49.86
N ASN R 432 28.18 -74.62 -50.16
CA ASN R 432 27.19 -73.97 -49.32
C ASN R 432 26.95 -74.65 -48.01
N ASP R 433 26.74 -73.83 -46.96
CA ASP R 433 26.45 -74.28 -45.63
C ASP R 433 25.13 -73.63 -45.28
N ASP R 434 24.18 -74.43 -44.76
CA ASP R 434 22.82 -74.00 -44.53
C ASP R 434 22.53 -73.92 -43.05
N THR R 435 23.58 -74.03 -42.20
CA THR R 435 23.45 -73.78 -40.79
C THR R 435 24.17 -72.50 -40.44
N VAL R 436 24.90 -71.90 -41.42
CA VAL R 436 25.64 -70.67 -41.27
C VAL R 436 24.93 -69.64 -42.11
N ALA R 437 23.61 -69.87 -42.34
CA ALA R 437 22.70 -68.95 -42.96
C ALA R 437 23.05 -68.55 -44.35
N ALA R 438 22.28 -67.59 -44.87
CA ALA R 438 22.48 -66.94 -46.13
C ALA R 438 21.91 -65.59 -45.85
N ARG R 439 22.50 -64.54 -46.45
CA ARG R 439 22.10 -63.14 -46.27
C ARG R 439 22.77 -62.54 -45.06
N ASN R 440 23.99 -63.02 -44.72
CA ASN R 440 24.88 -62.40 -43.75
C ASN R 440 25.27 -61.05 -44.28
N GLN R 441 25.56 -60.08 -43.37
CA GLN R 441 25.94 -58.75 -43.75
C GLN R 441 27.25 -58.51 -43.09
N LEU R 442 28.30 -58.30 -43.90
CA LEU R 442 29.64 -58.15 -43.41
C LEU R 442 30.27 -57.09 -44.26
N CYS R 443 31.30 -56.46 -43.69
CA CYS R 443 32.00 -55.34 -44.25
C CYS R 443 33.37 -55.91 -44.44
N LYS R 444 33.96 -55.74 -45.65
CA LYS R 444 35.28 -56.20 -45.94
C LYS R 444 36.14 -54.98 -45.94
N GLY R 445 37.33 -55.08 -45.31
CA GLY R 445 38.19 -53.96 -45.01
C GLY R 445 37.64 -53.11 -43.92
N ASN R 446 38.30 -51.96 -43.64
CA ASN R 446 37.98 -51.03 -42.58
C ASN R 446 36.62 -50.38 -42.77
N ILE R 447 35.98 -50.02 -41.63
CA ILE R 447 34.71 -49.32 -41.59
C ILE R 447 34.82 -47.94 -42.18
N PHE R 448 33.74 -47.47 -42.85
CA PHE R 448 33.63 -46.17 -43.44
C PHE R 448 33.77 -45.07 -42.40
N ALA R 449 34.35 -43.92 -42.78
CA ALA R 449 34.66 -42.86 -41.86
C ALA R 449 34.84 -41.62 -42.69
N MET R 450 34.92 -40.46 -42.01
CA MET R 450 35.07 -39.18 -42.64
C MET R 450 35.95 -38.49 -41.63
N GLU R 451 36.73 -37.49 -42.06
CA GLU R 451 37.78 -36.90 -41.29
C GLU R 451 37.51 -35.44 -41.11
N ILE R 452 37.82 -34.92 -39.92
CA ILE R 452 37.58 -33.54 -39.56
C ILE R 452 38.71 -33.19 -38.64
N ASN R 453 39.10 -31.90 -38.59
CA ASN R 453 40.07 -31.42 -37.65
C ASN R 453 39.26 -30.57 -36.75
N LEU R 454 38.96 -31.07 -35.54
CA LEU R 454 38.15 -30.37 -34.59
C LEU R 454 38.86 -29.16 -34.08
N GLN R 455 40.16 -29.26 -33.80
CA GLN R 455 40.95 -28.19 -33.26
C GLN R 455 41.08 -27.00 -34.17
N ALA R 456 41.32 -27.26 -35.49
CA ALA R 456 41.45 -26.26 -36.52
C ALA R 456 40.18 -25.47 -36.71
N ASN R 457 39.02 -26.16 -36.75
CA ASN R 457 37.71 -25.60 -36.91
C ASN R 457 37.31 -24.70 -35.79
N LEU R 458 37.59 -25.09 -34.53
CA LEU R 458 37.29 -24.31 -33.35
C LEU R 458 38.03 -23.01 -33.31
N TRP R 459 39.32 -23.03 -33.70
CA TRP R 459 40.17 -21.87 -33.78
C TRP R 459 39.74 -20.89 -34.84
N ARG R 460 39.32 -21.41 -36.02
CA ARG R 460 38.86 -20.64 -37.14
C ARG R 460 37.62 -19.85 -36.83
N SER R 461 36.64 -20.52 -36.17
CA SER R 461 35.36 -19.99 -35.77
C SER R 461 35.51 -18.93 -34.74
N PHE R 462 36.46 -19.11 -33.79
CA PHE R 462 36.77 -18.20 -32.72
C PHE R 462 37.22 -16.88 -33.27
N LEU R 463 38.14 -16.90 -34.25
CA LEU R 463 38.67 -15.75 -34.90
C LEU R 463 37.64 -15.05 -35.70
N TYR R 464 36.80 -15.79 -36.45
CA TYR R 464 35.82 -15.16 -37.30
C TYR R 464 34.77 -14.37 -36.53
N SER R 465 34.21 -14.94 -35.44
CA SER R 465 33.22 -14.28 -34.64
C SER R 465 33.70 -13.05 -33.93
N ASN R 466 34.94 -13.10 -33.41
CA ASN R 466 35.41 -12.13 -32.46
C ASN R 466 36.30 -11.09 -33.07
N VAL R 467 36.72 -11.24 -34.34
CA VAL R 467 37.72 -10.36 -34.90
C VAL R 467 37.23 -9.93 -36.24
N ALA R 468 36.87 -10.89 -37.11
CA ALA R 468 36.49 -10.66 -38.48
C ALA R 468 35.25 -9.83 -38.61
N LEU R 469 34.25 -10.04 -37.73
CA LEU R 469 32.99 -9.34 -37.79
C LEU R 469 33.13 -7.92 -37.29
N TYR R 470 34.26 -7.61 -36.62
CA TYR R 470 34.50 -6.34 -35.99
C TYR R 470 35.46 -5.51 -36.80
N LEU R 471 35.92 -6.01 -37.98
CA LEU R 471 36.71 -5.22 -38.92
C LEU R 471 35.88 -4.02 -39.36
N PRO R 472 36.42 -2.86 -39.71
CA PRO R 472 35.75 -1.79 -40.42
C PRO R 472 34.89 -2.21 -41.59
N ASP R 473 33.94 -1.36 -42.02
CA ASP R 473 32.95 -1.65 -43.04
C ASP R 473 33.57 -1.65 -44.40
N SER R 474 34.80 -1.10 -44.53
CA SER R 474 35.52 -0.98 -45.77
C SER R 474 36.04 -2.32 -46.23
N TYR R 475 36.05 -3.33 -45.33
CA TYR R 475 36.54 -4.66 -45.61
C TYR R 475 35.36 -5.60 -45.73
N LYS R 476 34.16 -5.08 -46.01
CA LYS R 476 32.95 -5.87 -46.08
C LYS R 476 32.31 -5.56 -47.39
N TYR R 477 31.29 -6.35 -47.76
CA TYR R 477 30.61 -6.22 -49.02
C TYR R 477 29.20 -6.67 -48.75
N THR R 478 28.23 -6.20 -49.55
CA THR R 478 26.85 -6.64 -49.47
C THR R 478 26.72 -7.81 -50.43
N PRO R 479 26.12 -8.93 -50.09
CA PRO R 479 25.72 -9.99 -51.02
C PRO R 479 24.89 -9.52 -52.20
N ALA R 480 24.85 -10.33 -53.29
CA ALA R 480 24.27 -9.99 -54.55
C ALA R 480 22.82 -9.64 -54.53
N ASN R 481 21.99 -10.40 -53.78
CA ASN R 481 20.55 -10.29 -53.85
C ASN R 481 20.01 -9.82 -52.53
N ILE R 482 20.89 -9.27 -51.66
CA ILE R 482 20.52 -8.74 -50.39
C ILE R 482 20.65 -7.26 -50.55
N THR R 483 19.61 -6.50 -50.13
CA THR R 483 19.58 -5.06 -50.19
C THR R 483 19.44 -4.62 -48.76
N LEU R 484 20.08 -3.47 -48.43
CA LEU R 484 20.25 -3.02 -47.07
C LEU R 484 19.90 -1.56 -47.04
N PRO R 485 19.65 -0.95 -45.88
CA PRO R 485 19.55 0.48 -45.69
C PRO R 485 20.73 1.26 -46.22
N THR R 486 20.51 2.57 -46.45
CA THR R 486 21.54 3.49 -46.87
C THR R 486 22.03 4.22 -45.64
N ASN R 487 21.44 3.91 -44.46
CA ASN R 487 21.86 4.44 -43.18
C ASN R 487 22.84 3.40 -42.69
N THR R 488 24.06 3.83 -42.31
CA THR R 488 25.12 2.91 -41.99
C THR R 488 25.25 2.74 -40.50
N ASN R 489 24.43 3.46 -39.71
CA ASN R 489 24.48 3.44 -38.27
C ASN R 489 23.35 2.61 -37.75
N THR R 490 22.42 2.17 -38.63
CA THR R 490 21.38 1.23 -38.28
C THR R 490 21.99 -0.12 -38.05
N TYR R 491 21.34 -0.91 -37.17
CA TYR R 491 21.67 -2.28 -36.87
C TYR R 491 21.56 -3.16 -38.08
N ASP R 492 20.52 -2.94 -38.92
CA ASP R 492 20.20 -3.72 -40.09
C ASP R 492 21.31 -3.69 -41.09
N TYR R 493 21.92 -2.50 -41.32
CA TYR R 493 23.02 -2.36 -42.23
C TYR R 493 24.24 -3.13 -41.78
N MET R 494 24.61 -3.01 -40.48
CA MET R 494 25.79 -3.63 -39.91
C MET R 494 25.75 -5.12 -40.00
N ASN R 495 24.58 -5.68 -39.68
CA ASN R 495 24.25 -7.08 -39.67
C ASN R 495 24.35 -7.69 -41.04
N GLY R 496 23.87 -6.97 -42.08
CA GLY R 496 23.71 -7.48 -43.41
C GLY R 496 24.97 -7.49 -44.20
N ARG R 497 25.96 -6.64 -43.84
CA ARG R 497 27.28 -6.61 -44.44
C ARG R 497 28.05 -7.84 -44.04
N VAL R 498 28.77 -8.44 -45.00
CA VAL R 498 29.43 -9.72 -44.85
C VAL R 498 30.89 -9.50 -45.07
N VAL R 499 31.73 -10.17 -44.26
CA VAL R 499 33.15 -10.00 -44.26
C VAL R 499 33.70 -11.33 -44.74
N PRO R 500 34.70 -11.40 -45.62
CA PRO R 500 35.40 -12.62 -45.97
C PRO R 500 36.06 -13.27 -44.77
N PRO R 501 35.99 -14.57 -44.51
CA PRO R 501 36.71 -15.20 -43.42
C PRO R 501 38.17 -15.39 -43.74
N SER R 502 38.68 -14.83 -44.85
CA SER R 502 40.04 -15.05 -45.31
C SER R 502 40.89 -13.87 -44.96
N LEU R 503 40.26 -12.74 -44.57
CA LEU R 503 40.95 -11.56 -44.10
C LEU R 503 41.55 -11.85 -42.75
N VAL R 504 40.78 -12.57 -41.92
CA VAL R 504 41.24 -13.09 -40.67
C VAL R 504 41.21 -14.58 -40.91
N ASP R 505 42.12 -15.04 -41.80
CA ASP R 505 42.47 -16.41 -42.07
C ASP R 505 42.96 -16.99 -40.78
N ALA R 506 42.82 -18.31 -40.56
CA ALA R 506 43.04 -18.89 -39.26
C ALA R 506 44.51 -19.08 -39.00
N TYR R 507 45.35 -18.79 -40.00
CA TYR R 507 46.78 -18.97 -39.95
C TYR R 507 47.40 -17.79 -40.60
N ILE R 508 47.17 -16.59 -40.02
CA ILE R 508 47.81 -15.37 -40.43
C ILE R 508 48.33 -14.77 -39.15
N ASN R 509 49.59 -14.29 -39.19
CA ASN R 509 50.38 -13.86 -38.05
C ASN R 509 50.59 -15.04 -37.18
N ILE R 510 50.98 -16.16 -37.82
CA ILE R 510 50.97 -17.47 -37.28
C ILE R 510 52.22 -17.67 -36.48
N GLY R 511 52.07 -17.60 -35.14
CA GLY R 511 53.15 -17.73 -34.21
C GLY R 511 53.61 -16.41 -33.70
N ALA R 512 52.83 -15.34 -33.98
CA ALA R 512 53.14 -14.01 -33.54
C ALA R 512 52.05 -13.57 -32.62
N ARG R 513 52.44 -12.71 -31.67
CA ARG R 513 51.58 -12.04 -30.74
C ARG R 513 51.44 -10.69 -31.35
N TRP R 514 50.31 -10.43 -32.04
CA TRP R 514 50.17 -9.22 -32.80
C TRP R 514 48.71 -8.92 -32.89
N SER R 515 48.34 -7.64 -32.69
CA SER R 515 47.01 -7.13 -32.88
C SER R 515 46.93 -6.70 -34.30
N LEU R 516 45.83 -7.02 -35.03
CA LEU R 516 45.68 -6.65 -36.43
C LEU R 516 45.70 -5.17 -36.60
N ASP R 517 46.31 -4.69 -37.70
CA ASP R 517 46.40 -3.29 -38.03
C ASP R 517 45.06 -2.60 -38.23
N PRO R 518 44.02 -3.08 -38.93
CA PRO R 518 42.75 -2.38 -39.00
C PRO R 518 41.91 -2.57 -37.77
N MET R 519 42.42 -3.23 -36.71
CA MET R 519 41.71 -3.44 -35.47
C MET R 519 42.27 -2.58 -34.38
N ASP R 520 43.30 -1.77 -34.69
CA ASP R 520 43.88 -0.84 -33.73
C ASP R 520 43.01 0.38 -33.52
N ASN R 521 42.21 0.75 -34.53
CA ASN R 521 41.44 1.97 -34.55
C ASN R 521 39.98 1.65 -34.33
N VAL R 522 39.68 0.43 -33.81
CA VAL R 522 38.36 -0.05 -33.56
C VAL R 522 38.30 -0.10 -32.07
N ASN R 523 37.20 0.42 -31.48
CA ASN R 523 36.97 0.49 -30.06
C ASN R 523 36.83 -0.92 -29.54
N PRO R 524 37.72 -1.48 -28.71
CA PRO R 524 37.62 -2.85 -28.30
C PRO R 524 36.59 -3.08 -27.24
N PHE R 525 35.90 -2.02 -26.75
CA PHE R 525 34.90 -2.15 -25.73
C PHE R 525 33.55 -2.16 -26.37
N ASN R 526 33.46 -2.02 -27.71
CA ASN R 526 32.30 -2.43 -28.46
C ASN R 526 32.61 -3.80 -28.94
N HIS R 527 32.26 -4.80 -28.13
CA HIS R 527 32.54 -6.15 -28.48
C HIS R 527 31.57 -6.90 -27.66
N HIS R 528 31.24 -8.15 -28.07
CA HIS R 528 30.18 -8.89 -27.45
C HIS R 528 30.73 -9.77 -26.37
N ARG R 529 32.04 -9.70 -26.07
CA ARG R 529 32.65 -10.43 -25.00
C ARG R 529 33.23 -9.44 -24.05
N ASN R 530 32.75 -8.17 -24.12
CA ASN R 530 32.88 -7.19 -23.07
C ASN R 530 32.00 -7.69 -21.95
N ALA R 531 32.61 -8.02 -20.80
CA ALA R 531 32.00 -8.81 -19.77
C ALA R 531 31.40 -7.94 -18.73
N GLY R 532 31.58 -6.61 -18.86
CA GLY R 532 31.00 -5.67 -17.96
C GLY R 532 29.69 -5.30 -18.53
N LEU R 533 29.64 -5.09 -19.86
CA LEU R 533 28.44 -4.82 -20.62
C LEU R 533 27.49 -5.96 -20.59
N ARG R 534 28.00 -7.23 -20.74
CA ARG R 534 27.18 -8.41 -20.64
C ARG R 534 26.51 -8.58 -19.32
N TYR R 535 27.23 -8.30 -18.22
CA TYR R 535 26.68 -8.40 -16.89
C TYR R 535 25.50 -7.49 -16.69
N ARG R 536 25.62 -6.22 -17.15
CA ARG R 536 24.60 -5.21 -17.07
C ARG R 536 23.34 -5.53 -17.82
N SER R 537 23.49 -6.04 -19.04
CA SER R 537 22.41 -6.38 -19.94
C SER R 537 21.55 -7.50 -19.46
N MET R 538 22.17 -8.52 -18.82
CA MET R 538 21.54 -9.74 -18.40
C MET R 538 21.00 -9.59 -17.02
N LEU R 539 21.32 -8.45 -16.39
CA LEU R 539 20.85 -8.05 -15.09
C LEU R 539 19.56 -7.29 -15.30
N LEU R 540 19.12 -7.15 -16.57
CA LEU R 540 17.83 -6.64 -16.95
C LEU R 540 17.05 -7.70 -17.68
N GLY R 541 17.47 -8.98 -17.61
CA GLY R 541 16.78 -10.05 -18.28
C GLY R 541 17.06 -10.14 -19.74
N ASN R 542 16.31 -11.03 -20.42
CA ASN R 542 16.58 -11.45 -21.78
C ASN R 542 15.52 -11.04 -22.77
N GLY R 543 14.60 -10.13 -22.42
CA GLY R 543 13.56 -9.66 -23.28
C GLY R 543 13.85 -8.23 -23.53
N ARG R 544 13.27 -7.63 -24.60
CA ARG R 544 13.41 -6.23 -24.88
C ARG R 544 12.56 -5.39 -23.97
N TYR R 545 11.42 -5.94 -23.52
CA TYR R 545 10.44 -5.25 -22.72
C TYR R 545 10.81 -5.49 -21.29
N VAL R 546 11.36 -4.48 -20.59
CA VAL R 546 11.87 -4.64 -19.24
C VAL R 546 11.36 -3.49 -18.41
N PRO R 547 10.39 -3.60 -17.51
CA PRO R 547 10.26 -2.73 -16.35
C PRO R 547 11.47 -2.79 -15.44
N PHE R 548 12.23 -1.67 -15.28
CA PHE R 548 13.47 -1.61 -14.53
C PHE R 548 13.22 -0.93 -13.20
N HIS R 549 14.14 -1.18 -12.24
CA HIS R 549 14.16 -0.61 -10.93
C HIS R 549 15.61 -0.47 -10.59
N ILE R 550 16.14 0.77 -10.38
CA ILE R 550 17.55 1.02 -10.23
C ILE R 550 17.73 2.07 -9.18
N GLN R 551 18.93 2.16 -8.56
CA GLN R 551 19.30 3.21 -7.63
C GLN R 551 20.50 3.88 -8.24
N VAL R 552 20.57 5.24 -8.18
CA VAL R 552 21.60 6.02 -8.84
C VAL R 552 22.35 6.87 -7.83
N PRO R 553 23.65 6.81 -7.61
CA PRO R 553 24.34 7.62 -6.62
C PRO R 553 24.80 8.95 -7.19
N GLN R 554 25.04 9.95 -6.31
CA GLN R 554 25.70 11.20 -6.64
C GLN R 554 27.13 10.99 -7.09
N LYS R 555 27.60 11.83 -8.03
CA LYS R 555 28.95 11.77 -8.52
C LYS R 555 29.56 13.13 -8.41
N PHE R 556 28.79 14.17 -8.00
CA PHE R 556 29.27 15.53 -7.96
C PHE R 556 30.05 15.64 -6.70
N PHE R 557 31.33 16.10 -6.81
CA PHE R 557 32.33 16.00 -5.79
C PHE R 557 31.97 16.73 -4.52
N ALA R 558 31.33 17.91 -4.65
CA ALA R 558 31.01 18.77 -3.55
C ALA R 558 30.07 18.15 -2.56
N ILE R 559 29.04 17.42 -3.06
CA ILE R 559 27.94 16.98 -2.24
C ILE R 559 27.86 15.49 -2.16
N LYS R 560 28.90 14.71 -2.51
CA LYS R 560 28.79 13.27 -2.50
C LYS R 560 29.37 12.67 -1.25
N SER R 561 29.78 13.50 -0.27
CA SER R 561 30.44 12.99 0.91
C SER R 561 30.31 14.05 1.97
N LEU R 562 29.23 14.84 1.89
CA LEU R 562 29.00 15.99 2.71
C LEU R 562 28.19 15.56 3.89
N LEU R 563 28.37 16.20 5.07
CA LEU R 563 27.52 15.97 6.20
C LEU R 563 26.60 17.14 6.21
N LEU R 564 25.32 16.88 5.94
CA LEU R 564 24.31 17.87 5.85
C LEU R 564 23.73 17.97 7.24
N LEU R 565 23.75 19.18 7.83
CA LEU R 565 23.36 19.43 9.20
C LEU R 565 21.88 19.75 9.19
N PRO R 566 21.14 19.81 10.29
CA PRO R 566 19.72 20.10 10.33
C PRO R 566 19.22 21.31 9.55
N GLY R 567 17.94 21.28 9.18
CA GLY R 567 17.25 22.29 8.43
C GLY R 567 16.72 21.67 7.18
N SER R 568 15.86 22.42 6.47
CA SER R 568 15.23 22.05 5.23
C SER R 568 16.10 22.51 4.12
N TYR R 569 16.14 21.72 3.02
CA TYR R 569 16.97 22.00 1.88
C TYR R 569 16.13 21.65 0.69
N THR R 570 16.54 22.15 -0.47
CA THR R 570 15.95 21.95 -1.75
C THR R 570 16.98 21.20 -2.51
N TYR R 571 16.66 19.96 -2.89
CA TYR R 571 17.55 19.11 -3.60
C TYR R 571 16.80 18.78 -4.84
N GLU R 572 17.38 19.04 -6.03
CA GLU R 572 16.67 18.93 -7.27
C GLU R 572 17.69 18.52 -8.27
N TRP R 573 17.33 17.64 -9.22
CA TRP R 573 18.29 17.18 -10.18
C TRP R 573 17.53 16.76 -11.39
N ASN R 574 18.24 16.64 -12.53
CA ASN R 574 17.66 16.37 -13.83
C ASN R 574 18.23 15.05 -14.28
N PHE R 575 17.48 14.32 -15.13
CA PHE R 575 17.79 13.00 -15.59
C PHE R 575 17.59 13.09 -17.06
N ARG R 576 18.13 12.12 -17.83
CA ARG R 576 18.20 12.20 -19.27
C ARG R 576 17.42 11.06 -19.79
N LYS R 577 16.60 11.33 -20.82
CA LYS R 577 15.74 10.35 -21.43
C LYS R 577 16.28 10.03 -22.81
N ASP R 578 17.48 10.55 -23.16
CA ASP R 578 18.18 10.24 -24.39
C ASP R 578 18.68 8.83 -24.30
N VAL R 579 18.40 7.99 -25.32
CA VAL R 579 18.64 6.58 -25.31
C VAL R 579 19.95 6.21 -25.90
N ASN R 580 20.78 7.20 -26.31
CA ASN R 580 22.12 6.94 -26.77
C ASN R 580 23.03 7.26 -25.65
N MET R 581 22.52 7.88 -24.58
CA MET R 581 23.33 8.51 -23.58
C MET R 581 23.20 7.76 -22.30
N ILE R 582 22.25 6.81 -22.21
CA ILE R 582 22.00 6.11 -20.97
C ILE R 582 22.08 4.64 -21.23
N LEU R 583 22.20 4.21 -22.51
CA LEU R 583 22.25 2.81 -22.87
C LEU R 583 23.50 2.62 -23.67
N GLN R 584 24.25 1.54 -23.38
CA GLN R 584 25.44 1.15 -24.10
C GLN R 584 25.02 0.05 -25.04
N SER R 585 25.88 -0.30 -26.02
CA SER R 585 25.62 -1.30 -27.03
C SER R 585 26.93 -1.98 -27.30
N SER R 586 26.87 -3.14 -27.99
CA SER R 586 28.03 -3.95 -28.29
C SER R 586 28.44 -3.69 -29.70
N LEU R 587 27.75 -2.77 -30.40
CA LEU R 587 28.02 -2.48 -31.77
C LEU R 587 28.07 -1.00 -31.92
N GLY R 588 27.38 -0.27 -31.04
CA GLY R 588 27.38 1.17 -31.03
C GLY R 588 26.45 1.72 -32.06
N ASN R 589 25.41 0.94 -32.43
CA ASN R 589 24.37 1.35 -33.35
C ASN R 589 23.55 2.45 -32.74
N ASP R 590 22.94 3.31 -33.58
CA ASP R 590 22.11 4.41 -33.15
C ASP R 590 20.84 3.79 -32.60
N LEU R 591 20.47 4.12 -31.34
CA LEU R 591 19.37 3.47 -30.67
C LEU R 591 18.16 4.35 -30.72
N ARG R 592 18.26 5.55 -31.35
CA ARG R 592 17.12 6.39 -31.54
C ARG R 592 16.38 5.98 -32.77
N THR R 593 17.04 5.28 -33.71
CA THR R 593 16.39 4.91 -34.95
C THR R 593 16.03 3.46 -34.91
N ASP R 594 16.68 2.66 -34.01
CA ASP R 594 16.31 1.29 -33.76
C ASP R 594 14.94 1.18 -33.16
N GLY R 595 14.63 2.05 -32.17
CA GLY R 595 13.33 2.10 -31.54
C GLY R 595 13.43 1.82 -30.07
N ALA R 596 14.60 2.03 -29.45
CA ALA R 596 14.73 2.01 -28.02
C ALA R 596 14.09 3.24 -27.44
N SER R 597 13.51 3.13 -26.24
CA SER R 597 12.73 4.17 -25.64
C SER R 597 12.87 3.96 -24.17
N ILE R 598 12.62 5.00 -23.38
CA ILE R 598 12.63 4.88 -21.94
C ILE R 598 11.50 5.76 -21.50
N SER R 599 11.00 5.52 -20.28
CA SER R 599 10.02 6.36 -19.67
C SER R 599 10.30 6.20 -18.21
N PHE R 600 9.96 7.23 -17.43
CA PHE R 600 10.19 7.31 -16.01
C PHE R 600 8.87 7.39 -15.34
N THR R 601 8.57 6.39 -14.50
CA THR R 601 7.39 6.33 -13.69
C THR R 601 7.94 6.31 -12.30
N SER R 602 7.82 7.43 -11.56
CA SER R 602 8.26 7.55 -10.19
C SER R 602 9.75 7.56 -9.99
N ILE R 603 10.27 8.69 -9.44
CA ILE R 603 11.62 8.77 -8.94
C ILE R 603 11.44 9.24 -7.53
N ASN R 604 11.91 8.45 -6.54
CA ASN R 604 11.93 8.80 -5.15
C ASN R 604 13.34 9.09 -4.80
N LEU R 605 13.57 9.71 -3.63
CA LEU R 605 14.83 10.00 -3.05
C LEU R 605 14.88 9.15 -1.82
N TYR R 606 16.01 8.49 -1.51
CA TYR R 606 16.19 7.68 -0.34
C TYR R 606 17.35 8.27 0.39
N ALA R 607 17.38 8.05 1.71
CA ALA R 607 18.34 8.64 2.61
C ALA R 607 18.46 7.66 3.72
N THR R 608 19.62 7.64 4.41
CA THR R 608 19.86 6.70 5.48
C THR R 608 20.58 7.55 6.48
N PHE R 609 20.14 7.46 7.76
CA PHE R 609 20.54 8.31 8.84
C PHE R 609 21.10 7.41 9.89
N PHE R 610 22.30 7.76 10.39
CA PHE R 610 22.98 7.07 11.46
C PHE R 610 22.24 7.31 12.76
N PRO R 611 21.75 6.33 13.51
CA PRO R 611 21.16 6.55 14.81
C PRO R 611 22.27 6.93 15.75
N MET R 612 22.15 8.08 16.43
CA MET R 612 23.13 8.43 17.41
C MET R 612 22.36 9.21 18.41
N ALA R 613 22.83 9.15 19.68
CA ALA R 613 22.23 9.83 20.80
C ALA R 613 22.13 11.29 20.54
N HIS R 614 20.99 11.88 20.94
CA HIS R 614 20.65 13.25 20.70
C HIS R 614 21.60 14.21 21.33
N ASN R 615 22.14 13.94 22.51
CA ASN R 615 23.10 14.82 23.16
C ASN R 615 24.46 14.84 22.44
N THR R 616 24.91 13.69 21.99
CA THR R 616 26.11 13.55 21.14
C THR R 616 25.90 14.19 19.79
N ALA R 617 24.72 14.08 19.20
CA ALA R 617 24.41 14.62 17.91
C ALA R 617 24.48 16.11 17.88
N SER R 618 23.90 16.76 18.88
CA SER R 618 23.82 18.21 18.94
C SER R 618 25.17 18.81 19.24
N THR R 619 26.02 18.13 20.00
CA THR R 619 27.41 18.57 20.21
C THR R 619 28.20 18.60 18.90
N LEU R 620 28.05 17.61 18.03
CA LEU R 620 28.65 17.53 16.73
C LEU R 620 28.23 18.65 15.82
N GLU R 621 26.93 18.99 15.82
CA GLU R 621 26.33 20.07 15.07
C GLU R 621 26.86 21.39 15.48
N ALA R 622 26.92 21.64 16.78
CA ALA R 622 27.43 22.88 17.32
C ALA R 622 28.90 23.09 16.98
N MET R 623 29.72 22.03 16.96
CA MET R 623 31.11 22.11 16.51
C MET R 623 31.23 22.41 15.01
N LEU R 624 30.35 21.93 14.15
CA LEU R 624 30.49 22.06 12.71
C LEU R 624 29.75 23.25 12.19
N ARG R 625 29.22 24.13 13.07
CA ARG R 625 28.67 25.39 12.67
C ARG R 625 29.64 26.49 12.96
N ASN R 626 30.82 26.17 13.53
CA ASN R 626 31.96 27.08 13.55
C ASN R 626 32.53 27.22 12.15
N ASP R 627 33.31 28.26 11.91
CA ASP R 627 33.78 28.67 10.62
C ASP R 627 35.20 28.20 10.44
N THR R 628 35.76 27.48 11.44
CA THR R 628 37.07 26.89 11.36
C THR R 628 36.92 25.41 11.12
N ASN R 629 35.66 24.93 11.10
CA ASN R 629 35.35 23.53 11.03
C ASN R 629 34.52 23.36 9.81
N ASP R 630 34.96 24.02 8.71
CA ASP R 630 34.27 24.01 7.44
C ASP R 630 34.87 22.88 6.70
N GLN R 631 33.99 22.01 6.17
CA GLN R 631 34.28 20.90 5.33
C GLN R 631 34.89 21.37 4.04
N SER R 632 35.79 20.57 3.44
CA SER R 632 36.45 20.97 2.24
C SER R 632 36.65 19.69 1.49
N PHE R 633 36.49 19.74 0.15
CA PHE R 633 36.45 18.58 -0.70
C PHE R 633 37.21 18.97 -1.93
N ASN R 634 37.60 17.99 -2.76
CA ASN R 634 38.30 18.27 -3.98
C ASN R 634 37.88 17.21 -4.93
N ASP R 635 37.90 17.52 -6.24
CA ASP R 635 37.57 16.57 -7.28
C ASP R 635 38.74 15.63 -7.41
N TYR R 636 38.49 14.33 -7.67
CA TYR R 636 39.54 13.35 -7.84
C TYR R 636 40.40 13.68 -9.04
N LEU R 637 39.74 14.04 -10.15
CA LEU R 637 40.38 14.48 -11.35
C LEU R 637 39.99 15.91 -11.35
N SER R 638 40.91 16.77 -10.89
CA SER R 638 40.69 18.18 -10.86
C SER R 638 41.31 18.66 -12.11
N ALA R 639 40.50 19.16 -13.06
CA ALA R 639 41.07 19.56 -14.30
C ALA R 639 40.10 20.41 -15.05
N ALA R 640 40.67 21.19 -16.00
CA ALA R 640 39.98 21.87 -17.05
C ALA R 640 40.08 20.97 -18.22
N ASN R 641 38.94 20.63 -18.84
CA ASN R 641 38.86 19.57 -19.81
C ASN R 641 38.57 20.21 -21.13
N MET R 642 39.53 20.07 -22.06
CA MET R 642 39.56 20.82 -23.29
C MET R 642 39.52 19.82 -24.40
N LEU R 643 38.74 20.07 -25.48
CA LEU R 643 38.71 19.22 -26.65
C LEU R 643 39.12 20.09 -27.79
N TYR R 644 40.13 19.66 -28.59
CA TYR R 644 40.66 20.43 -29.68
C TYR R 644 40.56 19.54 -30.88
N PRO R 645 39.75 19.83 -31.90
CA PRO R 645 39.65 19.02 -33.10
C PRO R 645 40.96 18.72 -33.77
N ILE R 646 41.06 17.49 -34.31
CA ILE R 646 42.12 17.06 -35.16
C ILE R 646 41.37 16.80 -36.44
N PRO R 647 41.49 17.52 -37.54
CA PRO R 647 40.90 17.17 -38.83
C PRO R 647 41.25 15.77 -39.28
N ALA R 648 40.46 15.18 -40.21
CA ALA R 648 40.72 13.87 -40.72
C ALA R 648 41.93 13.89 -41.61
N ASN R 649 42.97 13.11 -41.22
CA ASN R 649 44.22 12.92 -41.89
C ASN R 649 45.18 14.03 -41.56
N ALA R 650 44.91 14.78 -40.46
CA ALA R 650 45.85 15.76 -39.95
C ALA R 650 46.80 15.04 -39.08
N THR R 651 48.06 15.52 -39.04
CA THR R 651 49.12 14.89 -38.32
C THR R 651 49.63 15.86 -37.31
N ASN R 652 48.99 17.04 -37.16
CA ASN R 652 49.40 18.02 -36.20
C ASN R 652 48.18 18.73 -35.75
N VAL R 653 48.09 19.01 -34.43
CA VAL R 653 47.10 19.88 -33.88
C VAL R 653 47.88 20.76 -32.94
N PRO R 654 47.98 22.07 -33.16
CA PRO R 654 48.61 22.98 -32.24
C PRO R 654 47.57 23.51 -31.30
N ILE R 655 48.00 23.89 -30.09
CA ILE R 655 47.20 24.48 -29.05
C ILE R 655 47.91 25.77 -28.75
N SER R 656 47.14 26.87 -28.58
CA SER R 656 47.68 28.12 -28.10
C SER R 656 46.77 28.49 -26.97
N ILE R 657 47.35 28.78 -25.78
CA ILE R 657 46.60 29.15 -24.60
C ILE R 657 47.03 30.59 -24.39
N PRO R 658 46.15 31.58 -24.30
CA PRO R 658 46.46 32.95 -23.90
C PRO R 658 47.26 33.10 -22.63
N SER R 659 48.00 34.21 -22.49
CA SER R 659 48.87 34.45 -21.37
C SER R 659 48.09 34.70 -20.10
N ARG R 660 48.21 33.79 -19.09
CA ARG R 660 47.48 33.83 -17.86
C ARG R 660 48.38 33.14 -16.85
N ASN R 661 48.09 33.29 -15.52
CA ASN R 661 48.82 32.68 -14.41
C ASN R 661 48.82 31.18 -14.45
N TRP R 662 49.92 30.57 -13.94
CA TRP R 662 50.07 29.15 -13.78
C TRP R 662 50.31 28.84 -12.35
N ALA R 663 49.74 29.66 -11.44
CA ALA R 663 49.80 29.46 -10.01
C ALA R 663 49.12 28.19 -9.62
N ALA R 664 49.85 27.32 -8.88
CA ALA R 664 49.39 26.05 -8.36
C ALA R 664 48.99 25.08 -9.43
N PHE R 665 49.76 25.02 -10.54
CA PHE R 665 49.52 24.14 -11.66
C PHE R 665 50.16 22.81 -11.35
N ARG R 666 49.55 21.72 -11.86
CA ARG R 666 49.97 20.37 -11.66
C ARG R 666 50.21 19.93 -13.07
N GLY R 667 50.28 18.62 -13.34
CA GLY R 667 50.59 18.04 -14.62
C GLY R 667 49.62 18.32 -15.75
N TRP R 668 49.75 17.52 -16.82
CA TRP R 668 48.88 17.54 -17.97
C TRP R 668 48.65 16.09 -18.19
N SER R 669 47.57 15.72 -18.91
CA SER R 669 47.38 14.41 -19.42
C SER R 669 46.76 14.63 -20.75
N PHE R 670 46.76 13.61 -21.61
CA PHE R 670 46.17 13.73 -22.90
C PHE R 670 45.91 12.37 -23.43
N THR R 671 44.95 12.28 -24.36
CA THR R 671 44.55 11.05 -24.99
C THR R 671 43.79 11.52 -26.19
N ARG R 672 43.46 10.62 -27.11
CA ARG R 672 42.84 10.93 -28.37
C ARG R 672 41.53 10.21 -28.34
N LEU R 673 40.47 10.84 -28.90
CA LEU R 673 39.13 10.30 -28.90
C LEU R 673 38.73 10.33 -30.34
N LYS R 674 37.42 10.17 -30.63
CA LYS R 674 36.91 10.21 -31.97
C LYS R 674 35.67 11.02 -31.85
N THR R 675 35.42 11.86 -32.88
CA THR R 675 34.38 12.85 -32.92
C THR R 675 33.00 12.25 -32.84
N LYS R 676 32.80 11.08 -33.50
CA LYS R 676 31.48 10.48 -33.57
C LYS R 676 31.09 9.85 -32.26
N GLU R 677 32.07 9.59 -31.38
CA GLU R 677 31.88 8.84 -30.17
C GLU R 677 31.79 9.74 -28.97
N THR R 678 31.93 11.07 -29.14
CA THR R 678 32.03 11.99 -28.02
C THR R 678 30.91 13.00 -28.15
N PRO R 679 29.94 13.07 -27.23
CA PRO R 679 28.91 14.09 -27.23
C PRO R 679 29.38 15.22 -26.36
N SER R 680 28.74 16.40 -26.46
CA SER R 680 29.07 17.54 -25.63
C SER R 680 28.22 17.47 -24.38
N LEU R 681 28.71 18.03 -23.25
CA LEU R 681 28.00 18.03 -21.99
C LEU R 681 27.39 19.37 -21.70
N GLY R 682 27.67 20.39 -22.56
CA GLY R 682 27.07 21.70 -22.43
C GLY R 682 25.66 21.69 -22.92
N SER R 683 25.37 20.78 -23.88
CA SER R 683 24.07 20.65 -24.49
C SER R 683 23.32 19.60 -23.75
N GLY R 684 21.97 19.72 -23.75
CA GLY R 684 21.06 18.78 -23.16
C GLY R 684 20.77 17.65 -24.10
N PHE R 685 20.88 17.87 -25.41
CA PHE R 685 20.63 16.85 -26.39
C PHE R 685 21.66 17.11 -27.45
N ASP R 686 22.03 16.06 -28.21
CA ASP R 686 23.01 16.19 -29.25
C ASP R 686 22.36 15.56 -30.45
N PRO R 687 21.92 16.27 -31.46
CA PRO R 687 21.22 15.66 -32.57
C PRO R 687 22.15 14.90 -33.49
N TYR R 688 23.44 15.24 -33.42
CA TYR R 688 24.47 14.71 -34.28
C TYR R 688 25.16 13.52 -33.67
N PHE R 689 24.80 13.13 -32.42
CA PHE R 689 25.38 12.03 -31.72
C PHE R 689 24.53 10.81 -32.02
N VAL R 690 25.08 9.89 -32.83
CA VAL R 690 24.36 8.77 -33.39
C VAL R 690 25.07 7.49 -33.03
N TYR R 691 25.77 7.49 -31.89
CA TYR R 691 26.56 6.39 -31.42
C TYR R 691 26.06 6.03 -30.05
N SER R 692 25.99 4.72 -29.72
CA SER R 692 25.52 4.28 -28.43
C SER R 692 26.48 3.31 -27.85
N GLY R 693 27.71 3.21 -28.34
CA GLY R 693 28.72 2.37 -27.77
C GLY R 693 29.33 3.00 -26.55
N SER R 694 30.46 2.44 -26.11
CA SER R 694 31.21 2.88 -24.96
C SER R 694 31.78 4.25 -25.25
N ILE R 695 31.69 5.20 -24.29
CA ILE R 695 32.07 6.57 -24.52
C ILE R 695 33.41 6.67 -23.87
N PRO R 696 34.53 6.89 -24.53
CA PRO R 696 35.84 6.89 -23.90
C PRO R 696 35.98 8.09 -23.01
N TYR R 697 35.32 9.21 -23.36
CA TYR R 697 35.33 10.46 -22.65
C TYR R 697 34.80 10.31 -21.23
N LEU R 698 33.73 9.53 -21.04
CA LEU R 698 33.00 9.51 -19.79
C LEU R 698 33.22 8.23 -19.05
N ASP R 699 33.74 7.18 -19.71
CA ASP R 699 33.89 5.87 -19.09
C ASP R 699 35.33 5.62 -18.78
N GLY R 700 36.25 6.40 -19.40
CA GLY R 700 37.67 6.30 -19.17
C GLY R 700 38.25 5.13 -19.91
N THR R 701 37.57 4.70 -20.99
CA THR R 701 37.88 3.53 -21.76
C THR R 701 38.50 3.99 -23.02
N PHE R 702 39.68 4.64 -22.91
CA PHE R 702 40.49 5.13 -24.00
C PHE R 702 41.13 3.97 -24.70
N TYR R 703 41.64 4.19 -25.93
CA TYR R 703 42.19 3.09 -26.68
C TYR R 703 43.05 3.62 -27.78
N LEU R 704 43.23 4.97 -27.86
CA LEU R 704 44.05 5.58 -28.89
C LEU R 704 45.08 6.32 -28.10
N ASN R 705 46.32 5.83 -28.13
CA ASN R 705 47.42 6.35 -27.34
C ASN R 705 48.67 5.87 -28.01
N HIS R 706 48.51 4.98 -29.00
CA HIS R 706 49.55 4.42 -29.81
C HIS R 706 49.52 5.21 -31.10
N THR R 707 48.63 6.23 -31.15
CA THR R 707 48.38 7.07 -32.28
C THR R 707 49.04 8.41 -32.07
N PHE R 708 49.88 8.54 -31.02
CA PHE R 708 50.68 9.74 -30.83
C PHE R 708 52.01 9.47 -31.42
N LYS R 709 52.77 10.55 -31.70
CA LYS R 709 54.10 10.48 -32.20
C LYS R 709 54.96 11.28 -31.27
N LYS R 710 54.56 12.51 -30.93
CA LYS R 710 55.32 13.31 -30.01
C LYS R 710 54.44 14.41 -29.51
N VAL R 711 54.91 15.13 -28.48
CA VAL R 711 54.29 16.32 -27.97
C VAL R 711 55.45 17.23 -27.71
N SER R 712 55.21 18.54 -27.53
CA SER R 712 56.21 19.48 -27.12
C SER R 712 55.46 20.53 -26.35
N ILE R 713 56.15 21.10 -25.35
CA ILE R 713 55.61 22.01 -24.39
C ILE R 713 56.57 23.15 -24.39
N THR R 714 56.08 24.37 -24.67
CA THR R 714 56.90 25.54 -24.74
C THR R 714 56.09 26.65 -24.18
N PHE R 715 56.62 27.32 -23.15
CA PHE R 715 56.03 28.48 -22.53
C PHE R 715 56.51 29.65 -23.29
N ASP R 716 55.56 30.53 -23.68
CA ASP R 716 55.76 31.80 -24.32
C ASP R 716 55.71 31.56 -25.80
N SER R 717 56.87 31.38 -26.46
CA SER R 717 56.87 31.03 -27.84
C SER R 717 58.25 30.51 -28.17
N SER R 718 59.18 30.45 -27.19
CA SER R 718 60.52 30.05 -27.50
C SER R 718 61.28 29.82 -26.23
N VAL R 719 60.61 29.35 -25.17
CA VAL R 719 61.25 29.03 -23.92
C VAL R 719 60.67 27.69 -23.57
N SER R 720 61.31 26.60 -24.07
CA SER R 720 60.84 25.24 -23.96
C SER R 720 60.84 24.81 -22.52
N TRP R 721 59.81 24.06 -22.08
CA TRP R 721 59.71 23.58 -20.72
C TRP R 721 60.82 22.64 -20.29
N PRO R 722 61.21 21.62 -21.04
CA PRO R 722 62.45 20.90 -20.74
C PRO R 722 63.55 21.61 -21.49
N GLY R 723 63.95 22.79 -20.96
CA GLY R 723 64.92 23.68 -21.56
C GLY R 723 66.21 23.58 -20.83
N ASN R 724 66.24 22.78 -19.74
CA ASN R 724 67.44 22.49 -18.99
C ASN R 724 67.98 21.19 -19.49
N ASP R 725 67.58 20.78 -20.72
CA ASP R 725 68.16 19.70 -21.47
C ASP R 725 68.05 18.42 -20.70
N ARG R 726 66.81 18.05 -20.31
CA ARG R 726 66.59 16.99 -19.36
C ARG R 726 66.25 15.72 -20.09
N LEU R 727 66.17 15.76 -21.44
CA LEU R 727 65.88 14.58 -22.22
C LEU R 727 66.86 14.55 -23.36
N LEU R 728 67.02 13.35 -23.97
CA LEU R 728 67.87 13.09 -25.11
C LEU R 728 67.50 13.92 -26.31
N THR R 729 66.18 14.02 -26.62
CA THR R 729 65.67 14.93 -27.62
C THR R 729 65.46 16.20 -26.84
N PRO R 730 66.06 17.33 -27.19
CA PRO R 730 66.15 18.46 -26.27
C PRO R 730 64.85 19.19 -26.06
N ASN R 731 64.13 19.58 -27.13
CA ASN R 731 63.09 20.57 -27.01
C ASN R 731 61.77 19.94 -27.30
N GLU R 732 61.71 18.59 -27.28
CA GLU R 732 60.50 17.88 -27.57
C GLU R 732 60.54 16.64 -26.74
N PHE R 733 59.35 16.18 -26.33
CA PHE R 733 59.10 14.82 -25.90
C PHE R 733 58.98 14.01 -27.15
N GLU R 734 59.01 12.68 -27.03
CA GLU R 734 58.85 11.76 -28.13
C GLU R 734 58.17 10.63 -27.48
N ILE R 735 57.25 9.97 -28.19
CA ILE R 735 56.39 8.94 -27.63
C ILE R 735 56.74 7.68 -28.33
N LYS R 736 57.10 7.74 -29.62
CA LYS R 736 57.52 6.57 -30.34
C LYS R 736 58.35 7.06 -31.47
N ARG R 737 59.23 6.17 -31.99
CA ARG R 737 60.14 6.51 -33.04
C ARG R 737 60.23 5.29 -33.88
N THR R 738 60.25 5.49 -35.21
CA THR R 738 60.48 4.43 -36.16
C THR R 738 61.57 5.04 -36.99
N VAL R 739 62.74 4.35 -37.06
CA VAL R 739 63.98 4.83 -37.64
C VAL R 739 64.60 5.75 -36.63
N ASP R 740 65.79 5.37 -36.12
CA ASP R 740 66.46 6.13 -35.10
C ASP R 740 67.92 5.72 -35.05
N GLY R 741 68.31 4.73 -35.88
CA GLY R 741 69.69 4.33 -36.05
C GLY R 741 70.31 3.78 -34.80
N GLU R 742 69.56 2.88 -34.10
CA GLU R 742 69.94 2.21 -32.87
C GLU R 742 69.78 3.12 -31.68
N GLY R 743 69.38 2.50 -30.54
CA GLY R 743 69.09 3.17 -29.30
C GLY R 743 67.86 3.99 -29.41
N TYR R 744 67.49 4.63 -28.29
CA TYR R 744 66.40 5.56 -28.18
C TYR R 744 65.08 4.86 -28.15
N ASN R 745 65.06 3.53 -27.94
CA ASN R 745 63.83 2.79 -27.79
C ASN R 745 63.96 2.12 -26.47
N VAL R 746 62.88 1.45 -26.05
CA VAL R 746 62.85 0.56 -24.93
C VAL R 746 62.35 -0.70 -25.52
N ALA R 747 62.71 -1.82 -24.88
CA ALA R 747 62.73 -3.12 -25.48
C ALA R 747 61.43 -3.59 -26.05
N GLN R 748 61.56 -4.21 -27.24
CA GLN R 748 60.60 -5.07 -27.87
C GLN R 748 59.47 -4.30 -28.51
N CYS R 749 59.55 -2.95 -28.59
CA CYS R 749 58.57 -2.17 -29.29
C CYS R 749 59.19 -0.86 -29.66
N ASN R 750 58.43 -0.05 -30.41
CA ASN R 750 58.75 1.32 -30.72
C ASN R 750 58.05 2.17 -29.70
N MET R 751 58.82 2.63 -28.70
CA MET R 751 58.41 3.58 -27.71
C MET R 751 59.74 4.13 -27.34
N THR R 752 59.82 5.43 -27.00
CA THR R 752 61.10 6.07 -26.73
C THR R 752 61.52 5.72 -25.34
N LYS R 753 62.85 5.70 -25.10
CA LYS R 753 63.45 5.51 -23.81
C LYS R 753 63.09 6.61 -22.88
N ASP R 754 63.12 7.85 -23.40
CA ASP R 754 62.78 9.07 -22.72
C ASP R 754 61.37 9.06 -22.25
N TRP R 755 60.46 8.57 -23.12
CA TRP R 755 59.06 8.50 -22.81
C TRP R 755 58.79 7.55 -21.70
N PHE R 756 59.43 6.35 -21.74
CA PHE R 756 59.24 5.30 -20.78
C PHE R 756 59.63 5.78 -19.40
N LEU R 757 60.75 6.54 -19.30
CA LEU R 757 61.23 7.08 -18.05
C LEU R 757 60.25 8.00 -17.40
N VAL R 758 59.64 8.92 -18.16
CA VAL R 758 58.68 9.92 -17.71
C VAL R 758 57.45 9.27 -17.14
N GLN R 759 56.91 8.24 -17.83
CA GLN R 759 55.73 7.51 -17.45
C GLN R 759 55.87 6.76 -16.16
N MET R 760 57.05 6.14 -15.93
CA MET R 760 57.30 5.36 -14.75
C MET R 760 57.48 6.22 -13.55
N LEU R 761 57.96 7.47 -13.73
CA LEU R 761 58.13 8.43 -12.67
C LEU R 761 56.81 9.10 -12.35
N ALA R 762 55.84 9.06 -13.29
CA ALA R 762 54.61 9.80 -13.17
C ALA R 762 53.48 8.94 -12.70
N HIS R 763 53.75 7.67 -12.36
CA HIS R 763 52.73 6.73 -12.01
C HIS R 763 53.23 5.92 -10.86
N TYR R 764 54.53 6.03 -10.49
CA TYR R 764 55.03 5.21 -9.43
C TYR R 764 56.28 5.80 -8.83
N ASN R 765 56.89 6.84 -9.46
CA ASN R 765 58.09 7.49 -8.94
C ASN R 765 59.27 6.56 -9.04
N ILE R 766 59.55 6.01 -10.24
CA ILE R 766 60.66 5.10 -10.35
C ILE R 766 61.26 5.31 -11.69
N GLY R 767 62.59 5.11 -11.78
CA GLY R 767 63.31 5.25 -13.01
C GLY R 767 64.68 5.77 -12.74
N TYR R 768 64.91 6.38 -11.54
CA TYR R 768 66.23 6.85 -11.19
C TYR R 768 66.94 5.82 -10.35
N GLN R 769 66.23 4.76 -9.92
CA GLN R 769 66.75 3.69 -9.12
C GLN R 769 66.57 2.43 -9.93
N GLY R 770 66.47 2.55 -11.27
CA GLY R 770 66.27 1.45 -12.19
C GLY R 770 64.82 1.13 -12.30
N PHE R 771 64.44 0.34 -13.34
CA PHE R 771 63.07 0.06 -13.67
C PHE R 771 62.76 -1.30 -13.16
N TYR R 772 61.57 -1.49 -12.61
CA TYR R 772 61.15 -2.77 -12.10
C TYR R 772 59.66 -2.72 -11.99
N VAL R 773 59.02 -3.88 -11.79
CA VAL R 773 57.58 -4.06 -11.78
C VAL R 773 57.02 -3.31 -10.59
N PRO R 774 56.13 -2.32 -10.72
CA PRO R 774 55.44 -1.64 -9.63
C PRO R 774 54.82 -2.52 -8.60
N GLU R 775 54.59 -1.99 -7.38
CA GLU R 775 53.80 -2.65 -6.36
C GLU R 775 52.37 -2.72 -6.82
N GLY R 776 51.62 -3.72 -6.33
CA GLY R 776 50.28 -4.03 -6.81
C GLY R 776 49.22 -3.07 -6.36
N TYR R 777 49.48 -2.24 -5.32
CA TYR R 777 48.50 -1.28 -4.85
C TYR R 777 48.79 0.08 -5.39
N LYS R 778 49.82 0.24 -6.25
CA LYS R 778 50.08 1.49 -6.92
C LYS R 778 49.97 1.23 -8.39
N ASP R 779 49.43 0.05 -8.76
CA ASP R 779 49.26 -0.35 -10.11
C ASP R 779 47.82 -0.77 -10.13
N ARG R 780 47.00 -0.06 -10.91
CA ARG R 780 45.58 -0.16 -10.90
C ARG R 780 45.16 -0.38 -12.31
N MET R 781 43.83 -0.36 -12.58
CA MET R 781 43.23 -0.57 -13.88
C MET R 781 43.70 0.43 -14.90
N TYR R 782 43.79 1.69 -14.47
CA TYR R 782 44.05 2.81 -15.34
C TYR R 782 45.49 3.24 -15.22
N SER R 783 46.36 2.41 -14.62
CA SER R 783 47.76 2.69 -14.47
C SER R 783 48.48 2.17 -15.68
N PHE R 784 49.60 2.82 -16.04
CA PHE R 784 50.38 2.59 -17.23
C PHE R 784 50.89 1.20 -17.38
N PHE R 785 51.44 0.60 -16.29
CA PHE R 785 52.26 -0.57 -16.37
C PHE R 785 51.53 -1.77 -16.94
N ARG R 786 50.27 -2.01 -16.53
CA ARG R 786 49.62 -3.26 -16.85
C ARG R 786 48.80 -3.13 -18.10
N ASN R 787 48.78 -1.93 -18.71
CA ASN R 787 48.08 -1.68 -19.94
C ASN R 787 49.06 -1.65 -21.06
N PHE R 788 50.38 -1.59 -20.76
CA PHE R 788 51.44 -1.48 -21.73
C PHE R 788 51.83 -2.85 -22.20
N GLN R 789 51.59 -3.15 -23.50
CA GLN R 789 51.93 -4.42 -24.09
C GLN R 789 52.72 -4.17 -25.36
N PRO R 790 54.04 -4.35 -25.42
CA PRO R 790 54.81 -4.56 -26.64
C PRO R 790 54.33 -5.68 -27.53
N MET R 791 54.61 -5.60 -28.84
CA MET R 791 54.29 -6.63 -29.77
C MET R 791 55.19 -6.51 -30.97
N SER R 792 55.38 -7.61 -31.74
CA SER R 792 56.31 -7.67 -32.84
C SER R 792 55.85 -8.76 -33.77
N ARG R 793 56.22 -8.64 -35.06
CA ARG R 793 55.99 -9.67 -36.03
C ARG R 793 57.03 -9.48 -37.07
N GLN R 794 57.19 -10.48 -37.97
CA GLN R 794 58.01 -10.40 -39.15
C GLN R 794 57.06 -10.44 -40.31
N VAL R 795 57.32 -9.60 -41.33
CA VAL R 795 56.58 -9.54 -42.57
C VAL R 795 57.54 -9.72 -43.68
N VAL R 796 57.07 -10.29 -44.81
CA VAL R 796 57.82 -10.56 -46.01
C VAL R 796 58.32 -9.27 -46.62
N ASP R 797 59.61 -9.22 -47.04
CA ASP R 797 60.20 -8.11 -47.75
C ASP R 797 59.63 -8.03 -49.12
N GLU R 798 59.39 -6.80 -49.60
CA GLU R 798 58.65 -6.61 -50.81
C GLU R 798 59.61 -6.18 -51.88
N VAL R 799 60.92 -6.07 -51.54
CA VAL R 799 61.92 -5.59 -52.46
C VAL R 799 63.18 -6.39 -52.31
N ASN R 800 63.38 -7.10 -51.17
CA ASN R 800 64.60 -7.84 -50.94
C ASN R 800 64.30 -9.31 -51.03
N TYR R 801 63.01 -9.67 -51.26
CA TYR R 801 62.63 -11.01 -51.58
C TYR R 801 62.29 -10.88 -53.03
N LYS R 802 62.86 -11.75 -53.88
CA LYS R 802 62.86 -11.53 -55.31
C LYS R 802 61.81 -12.36 -55.99
N ASP R 803 61.06 -13.18 -55.24
CA ASP R 803 59.97 -13.96 -55.77
C ASP R 803 58.71 -13.48 -55.11
N TYR R 804 58.75 -12.25 -54.53
CA TYR R 804 57.60 -11.56 -54.01
C TYR R 804 56.61 -11.30 -55.13
N GLN R 805 55.31 -11.47 -54.83
CA GLN R 805 54.24 -11.16 -55.73
C GLN R 805 53.19 -10.59 -54.82
N ALA R 806 52.50 -9.52 -55.26
CA ALA R 806 51.41 -8.95 -54.50
C ALA R 806 50.17 -9.66 -54.96
N VAL R 807 49.66 -10.58 -54.12
CA VAL R 807 48.48 -11.35 -54.40
C VAL R 807 47.47 -10.80 -53.45
N THR R 808 46.34 -10.30 -54.00
CA THR R 808 45.27 -9.70 -53.24
C THR R 808 44.36 -10.79 -52.77
N LEU R 809 43.34 -10.41 -51.96
CA LEU R 809 42.47 -11.27 -51.21
C LEU R 809 41.71 -12.21 -52.10
N ALA R 810 41.29 -11.74 -53.29
CA ALA R 810 40.53 -12.47 -54.27
C ALA R 810 41.25 -13.68 -54.77
N TYR R 811 42.59 -13.59 -54.94
CA TYR R 811 43.37 -14.59 -55.64
C TYR R 811 44.17 -15.43 -54.69
N GLN R 812 44.12 -15.13 -53.39
CA GLN R 812 44.65 -15.97 -52.33
C GLN R 812 43.84 -17.22 -52.19
N HIS R 813 44.49 -18.34 -51.83
CA HIS R 813 43.81 -19.55 -51.52
C HIS R 813 44.67 -20.23 -50.53
N ASN R 814 44.02 -20.97 -49.61
CA ASN R 814 44.64 -21.73 -48.55
C ASN R 814 43.42 -22.25 -47.86
N ASN R 815 43.27 -23.59 -47.85
CA ASN R 815 42.11 -24.33 -47.40
C ASN R 815 41.21 -24.53 -48.57
N SER R 816 41.81 -24.73 -49.76
CA SER R 816 41.12 -24.77 -51.02
C SER R 816 40.22 -25.97 -51.04
N GLY R 817 38.91 -25.78 -51.29
CA GLY R 817 38.00 -26.90 -51.39
C GLY R 817 37.37 -27.26 -50.10
N PHE R 818 37.72 -26.55 -49.01
CA PHE R 818 37.34 -26.94 -47.68
C PHE R 818 36.68 -25.77 -47.01
N VAL R 819 36.67 -24.60 -47.68
CA VAL R 819 36.04 -23.39 -47.18
C VAL R 819 35.41 -22.77 -48.38
N GLY R 820 34.42 -21.87 -48.16
CA GLY R 820 33.77 -21.13 -49.22
C GLY R 820 34.65 -20.06 -49.80
N TYR R 821 34.16 -19.41 -50.88
CA TYR R 821 34.90 -18.39 -51.58
C TYR R 821 34.45 -17.07 -51.03
N LEU R 822 35.27 -16.50 -50.12
CA LEU R 822 35.18 -15.15 -49.60
C LEU R 822 33.87 -14.87 -48.92
N ALA R 823 33.31 -15.88 -48.24
CA ALA R 823 32.02 -15.78 -47.61
C ALA R 823 31.99 -16.89 -46.59
N PRO R 824 31.21 -16.80 -45.52
CA PRO R 824 30.96 -17.89 -44.59
C PRO R 824 29.99 -18.91 -45.14
N THR R 825 29.76 -18.96 -46.46
CA THR R 825 28.93 -19.93 -47.13
C THR R 825 29.64 -21.26 -47.21
N MET R 826 28.97 -22.30 -47.77
CA MET R 826 29.49 -23.63 -47.99
C MET R 826 30.78 -23.69 -48.75
N ARG R 827 31.50 -24.83 -48.59
CA ARG R 827 32.75 -25.15 -49.22
C ARG R 827 32.70 -25.15 -50.71
N GLN R 828 33.81 -24.73 -51.34
CA GLN R 828 33.92 -24.53 -52.76
C GLN R 828 35.35 -24.80 -53.11
N GLY R 829 35.59 -25.36 -54.31
CA GLY R 829 36.91 -25.53 -54.86
C GLY R 829 37.38 -26.94 -54.70
N GLN R 830 38.68 -27.14 -54.96
CA GLN R 830 39.35 -28.41 -54.98
C GLN R 830 40.51 -28.31 -54.03
N PRO R 831 41.01 -29.37 -53.43
CA PRO R 831 42.30 -29.42 -52.76
C PRO R 831 43.43 -28.96 -53.65
N TYR R 832 44.34 -28.08 -53.18
CA TYR R 832 45.38 -27.58 -54.04
C TYR R 832 46.42 -27.04 -53.08
N PRO R 833 47.70 -26.93 -53.41
CA PRO R 833 48.68 -26.20 -52.62
C PRO R 833 48.29 -24.78 -52.38
N ALA R 834 48.37 -24.30 -51.13
CA ALA R 834 48.14 -22.92 -50.72
C ALA R 834 49.10 -21.96 -51.37
N ASN R 835 48.98 -20.65 -51.09
CA ASN R 835 49.87 -19.71 -51.70
C ASN R 835 49.86 -18.42 -50.94
N TYR R 836 49.12 -18.34 -49.82
CA TYR R 836 48.88 -17.08 -49.17
C TYR R 836 50.03 -16.66 -48.28
N PRO R 837 50.17 -16.95 -46.99
CA PRO R 837 51.35 -16.54 -46.25
C PRO R 837 52.59 -17.16 -46.81
N TYR R 838 53.72 -16.45 -46.79
CA TYR R 838 54.98 -17.00 -47.23
C TYR R 838 55.58 -17.58 -45.99
N PRO R 839 56.16 -18.77 -45.98
CA PRO R 839 56.93 -19.28 -44.85
C PRO R 839 57.96 -18.31 -44.35
N LEU R 840 57.94 -18.01 -43.03
CA LEU R 840 58.93 -17.20 -42.38
C LEU R 840 59.74 -18.10 -41.50
N ILE R 841 59.47 -19.43 -41.49
CA ILE R 841 60.15 -20.37 -40.65
C ILE R 841 60.54 -21.53 -41.48
N GLY R 842 61.43 -22.39 -40.94
CA GLY R 842 61.90 -23.60 -41.58
C GLY R 842 62.74 -23.30 -42.77
N LYS R 843 62.99 -24.35 -43.58
CA LYS R 843 63.76 -24.26 -44.80
C LYS R 843 62.95 -23.46 -45.78
N SER R 844 63.62 -22.62 -46.59
CA SER R 844 62.98 -21.78 -47.58
C SER R 844 62.12 -20.73 -46.94
N ALA R 845 62.64 -20.10 -45.85
CA ALA R 845 62.02 -19.00 -45.19
C ALA R 845 62.41 -17.80 -45.97
N VAL R 846 61.46 -16.88 -46.18
CA VAL R 846 61.65 -15.73 -47.04
C VAL R 846 62.19 -14.63 -46.20
N THR R 847 62.94 -13.68 -46.83
CA THR R 847 63.51 -12.52 -46.18
C THR R 847 62.43 -11.65 -45.60
N SER R 848 62.72 -11.01 -44.46
CA SER R 848 61.71 -10.36 -43.69
C SER R 848 62.30 -9.26 -42.87
N VAL R 849 61.44 -8.33 -42.40
CA VAL R 849 61.81 -7.18 -41.62
C VAL R 849 60.84 -7.14 -40.48
N THR R 850 61.21 -6.45 -39.38
CA THR R 850 60.45 -6.42 -38.15
C THR R 850 59.54 -5.23 -38.20
N GLN R 851 58.31 -5.38 -37.68
CA GLN R 851 57.40 -4.33 -37.36
C GLN R 851 57.24 -4.38 -35.88
N LYS R 852 57.26 -3.20 -35.22
CA LYS R 852 57.27 -3.07 -33.79
C LYS R 852 56.25 -2.02 -33.44
N LYS R 853 55.37 -2.32 -32.45
CA LYS R 853 54.42 -1.35 -31.98
C LYS R 853 54.02 -1.81 -30.63
N PHE R 854 53.15 -1.04 -29.95
CA PHE R 854 52.64 -1.34 -28.65
C PHE R 854 51.19 -0.93 -28.72
N LEU R 855 50.39 -1.32 -27.70
CA LEU R 855 49.07 -0.81 -27.48
C LEU R 855 49.07 -0.38 -26.05
N CYS R 856 48.13 0.50 -25.68
CA CYS R 856 48.10 1.02 -24.35
C CYS R 856 46.72 1.61 -24.30
N ASP R 857 45.83 0.98 -23.52
CA ASP R 857 44.43 1.31 -23.48
C ASP R 857 44.12 1.60 -22.05
N ARG R 858 43.18 2.53 -21.81
CA ARG R 858 42.59 2.84 -20.53
C ARG R 858 43.45 3.73 -19.70
N VAL R 859 44.45 4.39 -20.30
CA VAL R 859 45.36 5.19 -19.53
C VAL R 859 45.65 6.36 -20.40
N MET R 860 45.64 7.55 -19.78
CA MET R 860 46.03 8.77 -20.43
C MET R 860 47.48 8.95 -20.15
N TRP R 861 48.20 9.44 -21.17
CA TRP R 861 49.55 9.89 -21.07
C TRP R 861 49.59 11.05 -20.13
N ARG R 862 50.68 11.24 -19.38
CA ARG R 862 50.70 12.30 -18.40
C ARG R 862 52.10 12.77 -18.30
N ILE R 863 52.28 14.09 -18.14
CA ILE R 863 53.55 14.71 -17.97
C ILE R 863 53.34 15.51 -16.72
N PRO R 864 53.94 15.17 -15.58
CA PRO R 864 53.97 16.00 -14.38
C PRO R 864 54.59 17.34 -14.61
N PHE R 865 54.22 18.34 -13.81
CA PHE R 865 54.74 19.67 -13.91
C PHE R 865 55.63 19.86 -12.73
N SER R 866 56.82 19.24 -12.76
CA SER R 866 57.79 19.40 -11.72
C SER R 866 59.15 19.16 -12.32
N SER R 867 60.19 19.68 -11.63
CA SER R 867 61.58 19.68 -12.02
C SER R 867 62.11 18.29 -12.26
N ASN R 868 61.68 17.36 -11.38
CA ASN R 868 61.92 15.95 -11.49
C ASN R 868 60.53 15.50 -11.79
N PHE R 869 60.33 14.54 -12.70
CA PHE R 869 58.99 14.18 -13.12
C PHE R 869 58.29 13.42 -12.04
N MET R 870 59.02 12.83 -11.08
CA MET R 870 58.46 12.28 -9.87
C MET R 870 57.77 13.32 -9.02
N SER R 871 56.68 12.92 -8.33
CA SER R 871 55.89 13.79 -7.49
C SER R 871 56.25 13.62 -6.06
N MET R 872 56.73 14.69 -5.42
CA MET R 872 57.04 14.72 -3.98
C MET R 872 55.91 15.37 -3.17
N GLY R 873 54.74 15.56 -3.74
CA GLY R 873 53.59 16.20 -3.10
C GLY R 873 52.57 16.69 -4.11
N ALA R 874 51.38 17.00 -3.64
CA ALA R 874 50.26 17.38 -4.47
C ALA R 874 50.50 18.68 -5.17
N LEU R 875 51.06 19.66 -4.42
CA LEU R 875 51.32 20.98 -4.88
C LEU R 875 52.77 20.95 -5.26
N THR R 876 53.06 21.01 -6.58
CA THR R 876 54.35 20.80 -7.17
C THR R 876 55.32 21.91 -6.85
N ASP R 877 56.61 21.73 -7.21
CA ASP R 877 57.67 22.66 -6.90
C ASP R 877 57.83 23.72 -7.96
N LEU R 878 57.17 23.58 -9.13
CA LEU R 878 57.23 24.55 -10.20
C LEU R 878 55.93 25.28 -10.27
N GLY R 879 54.93 24.85 -9.46
CA GLY R 879 53.69 25.56 -9.31
C GLY R 879 53.88 26.64 -8.29
N GLN R 880 54.92 26.50 -7.44
CA GLN R 880 55.25 27.40 -6.37
C GLN R 880 56.25 28.44 -6.77
N ASN R 881 56.76 28.38 -8.02
CA ASN R 881 57.50 29.45 -8.65
C ASN R 881 56.61 30.65 -8.79
N MET R 882 55.34 30.39 -9.21
CA MET R 882 54.37 31.39 -9.58
C MET R 882 53.47 31.69 -8.41
N LEU R 883 53.80 31.23 -7.18
CA LEU R 883 53.00 31.46 -5.98
C LEU R 883 53.84 32.25 -5.01
N TYR R 884 55.17 32.27 -5.22
CA TYR R 884 56.11 33.02 -4.43
C TYR R 884 56.59 34.19 -5.24
N ALA R 885 56.03 34.37 -6.47
CA ALA R 885 56.33 35.45 -7.36
C ALA R 885 55.57 35.10 -8.59
N ASN R 886 54.28 35.52 -8.65
CA ASN R 886 53.37 35.28 -9.73
C ASN R 886 53.88 35.89 -11.01
N SER R 887 53.67 35.19 -12.13
CA SER R 887 53.92 35.74 -13.43
C SER R 887 53.00 35.03 -14.37
N ALA R 888 52.52 35.75 -15.41
CA ALA R 888 51.66 35.22 -16.42
C ALA R 888 52.50 34.75 -17.55
N HIS R 889 52.17 33.60 -18.20
CA HIS R 889 52.92 33.15 -19.32
C HIS R 889 51.91 32.62 -20.26
N ALA R 890 52.27 32.56 -21.56
CA ALA R 890 51.51 31.88 -22.57
C ALA R 890 52.03 30.49 -22.62
N LEU R 891 51.27 29.58 -23.25
CA LEU R 891 51.66 28.21 -23.36
C LEU R 891 51.21 27.79 -24.71
N ASP R 892 52.10 27.18 -25.51
CA ASP R 892 51.74 26.58 -26.76
C ASP R 892 52.17 25.15 -26.61
N MET R 893 51.31 24.19 -27.00
CA MET R 893 51.66 22.80 -27.04
C MET R 893 51.43 22.36 -28.43
N ASN R 894 52.42 21.71 -29.04
CA ASN R 894 52.35 21.26 -30.41
C ASN R 894 52.41 19.78 -30.30
N PHE R 895 51.39 19.11 -30.85
CA PHE R 895 51.19 17.69 -30.83
C PHE R 895 51.36 17.24 -32.23
N GLU R 896 51.98 16.06 -32.40
CA GLU R 896 52.09 15.40 -33.67
C GLU R 896 51.47 14.08 -33.39
N VAL R 897 50.56 13.63 -34.28
CA VAL R 897 49.78 12.45 -34.11
C VAL R 897 49.81 11.78 -35.46
N ASP R 898 49.47 10.46 -35.47
CA ASP R 898 49.32 9.65 -36.65
C ASP R 898 48.15 10.15 -37.48
N PRO R 899 48.13 10.07 -38.81
CA PRO R 899 46.92 10.28 -39.59
C PRO R 899 45.86 9.26 -39.27
N MET R 900 44.57 9.65 -39.35
CA MET R 900 43.48 8.72 -39.24
C MET R 900 42.41 9.24 -40.14
N ASP R 901 41.76 8.31 -40.87
CA ASP R 901 40.72 8.59 -41.83
C ASP R 901 39.51 9.27 -41.26
N GLU R 902 39.09 8.86 -40.03
CA GLU R 902 37.95 9.46 -39.35
C GLU R 902 38.35 10.67 -38.57
N SER R 903 37.38 11.60 -38.37
CA SER R 903 37.56 12.79 -37.56
C SER R 903 37.75 12.41 -36.12
N THR R 904 38.71 13.08 -35.48
CA THR R 904 39.29 12.72 -34.21
C THR R 904 39.35 13.96 -33.40
N LEU R 905 39.52 13.81 -32.07
CA LEU R 905 39.62 14.95 -31.20
C LEU R 905 40.81 14.65 -30.36
N LEU R 906 41.35 15.70 -29.72
CA LEU R 906 42.43 15.60 -28.82
C LEU R 906 41.78 16.04 -27.57
N TYR R 907 42.06 15.36 -26.47
CA TYR R 907 41.48 15.64 -25.19
C TYR R 907 42.70 15.91 -24.39
N VAL R 908 42.85 17.16 -23.90
CA VAL R 908 43.96 17.57 -23.09
C VAL R 908 43.34 17.95 -21.80
N VAL R 909 43.93 17.45 -20.72
CA VAL R 909 43.50 17.59 -19.37
C VAL R 909 44.57 18.49 -18.82
N PHE R 910 44.19 19.57 -18.13
CA PHE R 910 45.12 20.47 -17.53
C PHE R 910 44.76 20.33 -16.11
N GLU R 911 45.64 19.72 -15.30
CA GLU R 911 45.30 19.33 -13.97
C GLU R 911 45.51 20.51 -13.07
N VAL R 912 44.50 20.83 -12.25
CA VAL R 912 44.44 22.00 -11.42
C VAL R 912 44.15 21.51 -10.04
N PHE R 913 43.78 22.44 -9.13
CA PHE R 913 43.18 22.13 -7.86
C PHE R 913 41.80 22.65 -8.05
N ASP R 914 40.77 21.81 -7.80
CA ASP R 914 39.40 22.20 -7.83
C ASP R 914 38.93 21.83 -6.46
N VAL R 915 38.65 22.87 -5.64
CA VAL R 915 38.33 22.79 -4.24
C VAL R 915 37.07 23.55 -3.98
N VAL R 916 36.15 22.97 -3.20
CA VAL R 916 34.95 23.59 -2.69
C VAL R 916 35.09 23.54 -1.20
N ARG R 917 34.78 24.66 -0.50
CA ARG R 917 34.85 24.76 0.93
C ARG R 917 33.47 25.15 1.37
N VAL R 918 32.75 24.18 1.95
CA VAL R 918 31.36 24.21 2.30
C VAL R 918 31.24 24.59 3.74
N HIS R 919 30.47 25.66 4.05
CA HIS R 919 30.23 26.07 5.41
C HIS R 919 28.75 26.10 5.57
N GLN R 920 28.24 25.56 6.69
CA GLN R 920 26.85 25.67 7.05
C GLN R 920 26.84 26.37 8.36
N PRO R 921 26.41 27.62 8.49
CA PRO R 921 26.66 28.35 9.73
C PRO R 921 25.44 28.42 10.57
N HIS R 922 24.25 28.07 10.01
CA HIS R 922 23.00 28.34 10.64
C HIS R 922 22.08 27.28 10.14
N ARG R 923 21.02 26.95 10.90
CA ARG R 923 20.04 25.95 10.55
C ARG R 923 19.32 26.29 9.28
N GLY R 924 19.46 25.41 8.26
CA GLY R 924 18.79 25.53 6.98
C GLY R 924 19.52 26.44 6.05
N VAL R 925 20.86 26.51 6.17
CA VAL R 925 21.65 27.40 5.37
C VAL R 925 22.87 26.59 5.05
N ILE R 926 23.32 26.67 3.78
CA ILE R 926 24.51 26.03 3.31
C ILE R 926 25.10 27.03 2.37
N GLU R 927 26.44 27.14 2.39
CA GLU R 927 27.21 28.13 1.69
C GLU R 927 28.37 27.39 1.10
N ALA R 928 29.00 27.91 0.03
CA ALA R 928 30.16 27.26 -0.55
C ALA R 928 30.94 28.28 -1.33
N VAL R 929 32.27 28.06 -1.46
CA VAL R 929 33.17 28.90 -2.21
C VAL R 929 33.97 27.97 -3.05
N TYR R 930 34.03 28.18 -4.40
CA TYR R 930 34.74 27.34 -5.32
C TYR R 930 35.97 28.04 -5.81
N LEU R 931 37.16 27.54 -5.43
CA LEU R 931 38.45 27.93 -5.95
C LEU R 931 38.84 26.99 -7.05
N ARG R 932 39.40 27.52 -8.15
CA ARG R 932 39.99 26.72 -9.18
C ARG R 932 41.14 27.56 -9.62
N THR R 933 42.32 26.94 -9.75
CA THR R 933 43.57 27.67 -9.75
C THR R 933 43.96 28.12 -11.14
N PRO R 934 44.84 27.57 -11.99
CA PRO R 934 45.29 28.27 -13.17
C PRO R 934 44.30 28.21 -14.31
N PHE R 935 43.06 27.69 -14.08
CA PHE R 935 41.99 27.78 -15.04
C PHE R 935 40.78 28.02 -14.23
N SER R 936 40.69 29.23 -13.65
CA SER R 936 39.57 29.70 -12.87
C SER R 936 38.27 29.69 -13.60
N ALA R 937 37.17 29.51 -12.83
CA ALA R 937 35.84 29.52 -13.35
C ALA R 937 35.45 30.91 -13.80
N GLY R 938 35.15 31.03 -15.11
CA GLY R 938 34.67 32.25 -15.73
C GLY R 938 33.17 32.32 -15.60
N ASN R 939 32.53 31.14 -15.44
CA ASN R 939 31.11 31.02 -15.16
C ASN R 939 30.88 31.20 -13.69
N ALA R 940 29.58 31.31 -13.34
CA ALA R 940 29.09 31.47 -11.99
C ALA R 940 27.60 31.54 -12.17
N THR R 941 27.12 30.79 -13.19
CA THR R 941 25.79 30.69 -13.71
C THR R 941 24.82 30.22 -12.66
N THR R 942 23.53 30.61 -12.83
CA THR R 942 22.41 30.30 -11.97
C THR R 942 22.30 28.78 -11.72
N MET S 1 8.87 36.05 6.81
CA MET S 1 7.54 36.11 7.45
C MET S 1 7.17 34.71 7.83
N ALA S 2 7.38 34.34 9.11
CA ALA S 2 7.24 32.96 9.54
C ALA S 2 7.29 32.92 11.06
N THR S 3 8.01 31.92 11.60
CA THR S 3 8.14 31.52 12.99
C THR S 3 8.74 32.58 13.91
N PRO S 4 9.73 33.42 13.57
CA PRO S 4 10.21 34.46 14.47
C PRO S 4 9.28 35.65 14.72
N SER S 5 7.95 35.44 14.76
CA SER S 5 6.99 36.47 15.10
C SER S 5 5.71 35.78 15.53
N MET S 6 5.77 34.44 15.72
CA MET S 6 4.74 33.64 16.33
C MET S 6 5.08 33.46 17.79
N LEU S 7 6.26 32.86 18.05
CA LEU S 7 6.75 32.47 19.35
C LEU S 7 6.87 33.59 20.39
N PRO S 8 7.37 34.81 20.15
CA PRO S 8 7.44 35.86 21.17
C PRO S 8 6.06 36.45 21.41
N GLN S 9 5.14 36.33 20.42
CA GLN S 9 3.88 37.02 20.32
C GLN S 9 2.75 36.19 20.89
N TRP S 10 3.05 34.95 21.32
CA TRP S 10 2.13 34.05 21.98
C TRP S 10 1.73 34.63 23.30
N ALA S 11 2.68 35.17 24.06
CA ALA S 11 2.47 35.78 25.35
C ALA S 11 1.62 37.02 25.20
N TYR S 12 1.91 37.84 24.17
CA TYR S 12 1.31 39.12 23.88
C TYR S 12 -0.17 38.96 23.59
N MET S 13 -0.56 37.90 22.87
CA MET S 13 -1.87 37.73 22.31
C MET S 13 -2.64 36.73 23.15
N HIS S 14 -1.99 36.13 24.16
CA HIS S 14 -2.61 35.30 25.17
C HIS S 14 -2.98 33.94 24.65
N ILE S 15 -2.06 33.29 23.92
CA ILE S 15 -2.18 31.93 23.47
C ILE S 15 -1.47 31.09 24.49
N ALA S 16 -0.45 31.71 25.13
CA ALA S 16 0.41 31.10 26.10
C ALA S 16 0.69 32.21 27.04
N GLY S 17 1.32 31.90 28.20
CA GLY S 17 1.72 32.90 29.16
C GLY S 17 0.69 32.93 30.26
N GLN S 18 0.72 34.01 31.06
CA GLN S 18 -0.08 34.21 32.24
C GLN S 18 -1.55 34.37 31.97
N ASP S 19 -2.43 34.09 32.95
CA ASP S 19 -3.90 34.25 32.83
C ASP S 19 -4.40 35.63 33.25
N ALA S 20 -5.66 35.96 32.95
CA ALA S 20 -6.22 37.29 33.15
C ALA S 20 -5.98 37.83 34.56
N SER S 21 -6.07 37.00 35.59
CA SER S 21 -5.88 37.37 36.98
C SER S 21 -4.49 37.93 37.25
N GLU S 22 -3.44 37.48 36.56
CA GLU S 22 -2.09 37.90 36.77
C GLU S 22 -1.67 38.84 35.67
N TYR S 23 -2.59 39.16 34.73
CA TYR S 23 -2.29 39.93 33.56
C TYR S 23 -2.80 41.33 33.79
N LEU S 24 -4.09 41.44 34.12
CA LEU S 24 -4.78 42.69 34.34
C LEU S 24 -4.21 43.43 35.53
N SER S 25 -4.39 44.74 35.51
CA SER S 25 -3.98 45.62 36.58
C SER S 25 -4.78 45.31 37.81
N PRO S 26 -4.27 45.45 39.05
CA PRO S 26 -4.96 44.99 40.24
C PRO S 26 -6.29 45.70 40.51
N GLY S 27 -6.38 47.01 40.24
CA GLY S 27 -7.63 47.76 40.41
C GLY S 27 -8.75 47.21 39.54
N LEU S 28 -8.46 46.80 38.30
CA LEU S 28 -9.47 46.21 37.44
C LEU S 28 -9.92 44.84 37.92
N VAL S 29 -9.04 44.00 38.48
CA VAL S 29 -9.44 42.73 39.09
C VAL S 29 -10.27 42.93 40.36
N GLN S 30 -9.97 43.92 41.21
CA GLN S 30 -10.86 44.25 42.33
C GLN S 30 -12.22 44.74 41.86
N PHE S 31 -12.29 45.59 40.84
CA PHE S 31 -13.56 46.00 40.23
C PHE S 31 -14.32 44.81 39.68
N ALA S 32 -13.69 43.98 38.86
CA ALA S 32 -14.33 42.91 38.13
C ALA S 32 -15.09 41.93 39.01
N ARG S 33 -14.59 41.66 40.23
CA ARG S 33 -15.25 40.78 41.20
C ARG S 33 -16.24 41.48 42.13
N ALA S 34 -16.17 42.81 42.28
CA ALA S 34 -17.16 43.57 43.02
C ALA S 34 -18.47 43.74 42.25
N THR S 35 -18.45 43.89 40.92
CA THR S 35 -19.66 44.07 40.12
C THR S 35 -20.25 42.79 39.54
N ASP S 36 -19.54 41.66 39.59
CA ASP S 36 -19.87 40.49 38.76
C ASP S 36 -21.29 39.96 38.92
N THR S 37 -21.88 40.13 40.10
CA THR S 37 -23.26 39.72 40.39
C THR S 37 -24.27 40.40 39.46
N TYR S 38 -23.96 41.60 38.95
CA TYR S 38 -24.87 42.42 38.16
C TYR S 38 -24.32 42.89 36.80
N PHE S 39 -23.04 43.20 36.67
CA PHE S 39 -22.43 43.58 35.39
C PHE S 39 -21.08 42.91 35.28
N SER S 40 -20.85 42.08 34.25
CA SER S 40 -19.72 41.15 34.23
C SER S 40 -18.67 41.50 33.19
N LEU S 41 -17.41 41.59 33.64
CA LEU S 41 -16.22 41.63 32.82
C LEU S 41 -15.68 40.24 32.49
N GLY S 42 -16.35 39.17 32.92
CA GLY S 42 -15.97 37.81 32.57
C GLY S 42 -16.17 37.52 31.08
N ASN S 43 -15.39 36.60 30.51
CA ASN S 43 -15.44 36.27 29.09
C ASN S 43 -15.04 37.42 28.15
N LYS S 44 -14.16 38.34 28.60
CA LYS S 44 -13.62 39.43 27.77
C LYS S 44 -12.09 39.56 27.74
N PHE S 45 -11.31 38.65 28.34
CA PHE S 45 -9.88 38.84 28.60
C PHE S 45 -8.92 37.70 28.25
N ARG S 46 -9.38 36.51 27.83
CA ARG S 46 -8.57 35.28 27.59
C ARG S 46 -7.75 34.77 28.78
N ASN S 47 -7.91 33.49 29.12
CA ASN S 47 -6.96 32.76 29.94
C ASN S 47 -6.22 31.75 29.06
N PRO S 48 -4.89 31.77 29.00
CA PRO S 48 -4.13 30.73 28.34
C PRO S 48 -4.30 29.38 29.04
N THR S 49 -4.10 28.29 28.32
CA THR S 49 -4.32 26.94 28.80
C THR S 49 -3.36 26.03 28.06
N VAL S 50 -2.40 25.46 28.78
CA VAL S 50 -1.16 24.97 28.24
C VAL S 50 -1.04 23.55 28.71
N ALA S 51 -0.89 22.60 27.77
CA ALA S 51 -0.73 21.19 28.06
C ALA S 51 0.70 20.92 28.47
N PRO S 52 1.04 19.80 29.10
CA PRO S 52 2.41 19.32 29.32
C PRO S 52 3.21 19.28 28.05
N THR S 53 4.55 19.43 28.12
CA THR S 53 5.40 19.47 26.95
C THR S 53 5.94 18.12 26.57
N HIS S 54 5.05 17.12 26.38
CA HIS S 54 5.33 15.78 25.90
C HIS S 54 6.08 14.97 26.93
N ASP S 55 5.99 15.40 28.21
CA ASP S 55 6.76 14.89 29.32
C ASP S 55 5.94 13.89 30.07
N VAL S 56 4.71 13.61 29.54
CA VAL S 56 3.74 12.75 30.13
C VAL S 56 3.43 11.66 29.14
N THR S 57 4.17 11.58 28.02
CA THR S 57 3.87 10.67 26.94
C THR S 57 5.17 10.11 26.44
N THR S 58 5.08 8.84 25.98
CA THR S 58 6.10 8.02 25.38
C THR S 58 6.70 8.67 24.17
N ASP S 59 7.91 8.23 23.81
CA ASP S 59 8.63 8.76 22.69
C ASP S 59 9.50 7.66 22.15
N ARG S 60 9.25 6.38 22.57
CA ARG S 60 10.05 5.25 22.18
C ARG S 60 9.17 4.22 21.52
N SER S 61 7.90 4.58 21.21
CA SER S 61 7.01 3.82 20.36
C SER S 61 6.41 2.62 21.04
N GLN S 62 5.10 2.68 21.33
CA GLN S 62 4.38 1.57 21.86
C GLN S 62 2.99 1.67 21.36
N ARG S 63 2.38 0.52 21.04
CA ARG S 63 0.99 0.38 20.68
C ARG S 63 0.08 0.77 21.79
N LEU S 64 -1.06 1.37 21.42
CA LEU S 64 -2.08 1.79 22.34
C LEU S 64 -2.95 0.59 22.50
N THR S 65 -3.39 0.05 21.36
CA THR S 65 -4.39 -0.97 21.25
C THR S 65 -3.67 -2.27 20.95
N LEU S 66 -4.00 -3.34 21.69
CA LEU S 66 -3.38 -4.63 21.54
C LEU S 66 -4.46 -5.64 21.75
N ARG S 67 -4.21 -6.87 21.29
CA ARG S 67 -5.03 -8.00 21.58
C ARG S 67 -4.17 -9.18 21.77
N PHE S 68 -4.57 -10.01 22.74
CA PHE S 68 -3.85 -11.18 23.16
C PHE S 68 -4.66 -12.30 22.66
N VAL S 69 -4.09 -13.13 21.75
CA VAL S 69 -4.72 -14.33 21.28
C VAL S 69 -4.66 -15.36 22.38
N PRO S 70 -5.59 -16.29 22.48
CA PRO S 70 -5.55 -17.44 23.37
C PRO S 70 -4.30 -18.25 23.29
N VAL S 71 -3.90 -18.86 24.41
CA VAL S 71 -2.77 -19.73 24.51
C VAL S 71 -3.36 -21.09 24.75
N ASP S 72 -4.67 -21.17 25.08
CA ASP S 72 -5.37 -22.40 25.23
C ASP S 72 -6.81 -22.07 25.04
N ARG S 73 -7.59 -23.03 24.53
CA ARG S 73 -9.01 -22.90 24.40
C ARG S 73 -9.44 -24.29 24.64
N GLU S 74 -10.54 -24.42 25.39
CA GLU S 74 -11.21 -25.64 25.70
C GLU S 74 -12.62 -25.41 25.31
N ASP S 75 -13.23 -26.35 24.56
CA ASP S 75 -14.59 -26.21 24.13
C ASP S 75 -15.23 -27.39 24.80
N ASN S 76 -16.50 -27.23 25.21
CA ASN S 76 -17.23 -28.22 25.96
C ASN S 76 -18.64 -28.15 25.48
N THR S 77 -19.54 -28.84 26.20
CA THR S 77 -20.90 -29.05 25.82
C THR S 77 -21.81 -28.03 26.46
N TYR S 78 -21.27 -27.06 27.22
CA TYR S 78 -22.12 -26.15 27.95
C TYR S 78 -21.27 -24.98 28.40
N SER S 79 -19.97 -24.96 28.05
CA SER S 79 -19.08 -23.95 28.53
C SER S 79 -17.97 -23.86 27.55
N TYR S 80 -17.09 -22.87 27.73
CA TYR S 80 -15.99 -22.59 26.88
C TYR S 80 -15.04 -22.05 27.90
N LYS S 81 -13.74 -22.33 27.80
CA LYS S 81 -12.75 -21.81 28.71
C LYS S 81 -11.68 -21.27 27.84
N VAL S 82 -11.25 -20.01 28.05
CA VAL S 82 -10.24 -19.38 27.23
C VAL S 82 -9.21 -18.83 28.15
N ARG S 83 -7.93 -19.21 27.94
CA ARG S 83 -6.80 -18.79 28.73
C ARG S 83 -5.98 -17.96 27.82
N TYR S 84 -5.37 -16.87 28.34
CA TYR S 84 -4.57 -15.94 27.57
C TYR S 84 -3.38 -15.70 28.43
N THR S 85 -2.35 -15.08 27.85
CA THR S 85 -1.25 -14.52 28.62
C THR S 85 -1.44 -13.07 28.35
N LEU S 86 -1.54 -12.31 29.45
CA LEU S 86 -1.78 -10.91 29.43
C LEU S 86 -0.47 -10.41 29.93
N ALA S 87 0.26 -9.71 29.06
CA ALA S 87 1.62 -9.33 29.32
C ALA S 87 1.62 -7.85 29.25
N VAL S 88 2.45 -7.24 30.12
CA VAL S 88 2.60 -5.82 30.22
C VAL S 88 4.09 -5.69 30.09
N GLY S 89 4.53 -4.90 29.09
CA GLY S 89 5.93 -4.63 28.84
C GLY S 89 6.44 -3.72 29.89
N ASP S 90 7.78 -3.66 30.08
CA ASP S 90 8.39 -2.85 31.08
C ASP S 90 8.13 -1.39 30.83
N ASN S 91 7.73 -0.66 31.90
CA ASN S 91 7.55 0.77 31.89
C ASN S 91 6.22 1.12 31.26
N ARG S 92 5.26 0.18 31.27
CA ARG S 92 3.93 0.37 30.76
C ARG S 92 3.01 0.15 31.92
N VAL S 93 1.89 0.88 31.91
CA VAL S 93 0.86 0.89 32.92
C VAL S 93 -0.34 0.32 32.24
N LEU S 94 -0.96 -0.73 32.81
CA LEU S 94 -2.13 -1.35 32.25
C LEU S 94 -3.20 -1.16 33.26
N ASP S 95 -4.42 -0.85 32.79
CA ASP S 95 -5.58 -0.69 33.60
C ASP S 95 -6.48 -1.78 33.12
N MET S 96 -7.20 -2.42 34.07
CA MET S 96 -8.01 -3.57 33.83
C MET S 96 -9.42 -3.12 33.58
N ALA S 97 -9.65 -1.80 33.56
CA ALA S 97 -10.90 -1.21 33.16
C ALA S 97 -11.00 -1.18 31.67
N SER S 98 -9.85 -1.14 30.96
CA SER S 98 -9.78 -0.99 29.53
C SER S 98 -9.60 -2.31 28.82
N THR S 99 -9.58 -3.44 29.57
CA THR S 99 -9.57 -4.77 29.02
C THR S 99 -10.98 -5.23 28.81
N TYR S 100 -11.24 -5.98 27.71
CA TYR S 100 -12.52 -6.57 27.51
C TYR S 100 -12.33 -7.72 26.57
N PHE S 101 -13.17 -8.77 26.71
CA PHE S 101 -13.33 -9.88 25.79
C PHE S 101 -13.97 -9.41 24.53
N ASP S 102 -13.57 -9.98 23.38
CA ASP S 102 -14.19 -9.78 22.12
C ASP S 102 -14.56 -11.17 21.69
N ILE S 103 -15.87 -11.47 21.70
CA ILE S 103 -16.44 -12.78 21.47
C ILE S 103 -17.10 -12.64 20.14
N ARG S 104 -16.95 -13.63 19.26
CA ARG S 104 -17.57 -13.60 17.95
C ARG S 104 -18.01 -15.02 17.81
N GLY S 105 -18.97 -15.26 16.92
CA GLY S 105 -19.51 -16.57 16.74
C GLY S 105 -20.66 -16.44 15.80
N VAL S 106 -21.46 -17.52 15.71
CA VAL S 106 -22.66 -17.61 14.91
C VAL S 106 -23.77 -17.93 15.87
N LEU S 107 -24.88 -17.18 15.77
CA LEU S 107 -26.03 -17.28 16.64
C LEU S 107 -27.16 -17.58 15.73
N ASP S 108 -27.97 -18.57 16.14
CA ASP S 108 -29.17 -18.97 15.50
C ASP S 108 -30.21 -18.88 16.56
N ARG S 109 -31.23 -18.02 16.34
CA ARG S 109 -32.37 -17.89 17.21
C ARG S 109 -33.32 -18.92 16.69
N GLY S 110 -34.19 -19.47 17.54
CA GLY S 110 -35.16 -20.47 17.16
C GLY S 110 -36.16 -19.99 16.16
N PRO S 111 -37.10 -20.83 15.77
CA PRO S 111 -38.26 -20.45 14.99
C PRO S 111 -39.30 -19.80 15.87
N SER S 112 -38.97 -19.42 17.12
CA SER S 112 -39.85 -18.76 18.04
C SER S 112 -39.65 -17.27 17.94
N PHE S 113 -38.57 -16.83 17.26
CA PHE S 113 -38.23 -15.45 17.04
C PHE S 113 -39.26 -14.81 16.13
N LYS S 114 -39.58 -13.53 16.37
CA LYS S 114 -40.52 -12.78 15.58
C LYS S 114 -40.51 -11.38 16.12
N PRO S 115 -39.64 -10.48 15.67
CA PRO S 115 -39.63 -9.10 16.10
C PRO S 115 -40.67 -8.24 15.40
N TYR S 116 -41.75 -8.81 14.80
CA TYR S 116 -42.79 -8.06 14.13
C TYR S 116 -43.86 -7.91 15.17
N SER S 117 -45.13 -7.65 14.75
CA SER S 117 -46.25 -7.61 15.65
C SER S 117 -47.51 -7.77 14.88
N GLY S 118 -47.43 -7.76 13.52
CA GLY S 118 -48.56 -8.04 12.69
C GLY S 118 -48.19 -9.20 11.85
N THR S 119 -48.26 -9.00 10.53
CA THR S 119 -47.83 -9.95 9.55
C THR S 119 -47.13 -9.10 8.54
N ALA S 120 -46.28 -9.73 7.71
CA ALA S 120 -45.47 -9.04 6.74
C ALA S 120 -46.00 -9.44 5.39
N TYR S 121 -47.12 -10.21 5.36
CA TYR S 121 -47.67 -10.78 4.16
C TYR S 121 -49.11 -10.46 4.25
N ASN S 122 -49.61 -9.67 3.29
CA ASN S 122 -50.87 -8.97 3.34
C ASN S 122 -50.86 -8.11 4.58
N SER S 123 -52.03 -7.86 5.21
CA SER S 123 -52.17 -7.17 6.48
C SER S 123 -53.20 -6.10 6.27
N LEU S 124 -53.66 -5.90 5.01
CA LEU S 124 -54.74 -5.01 4.70
C LEU S 124 -55.87 -5.88 4.28
N ALA S 125 -55.73 -7.21 4.48
CA ALA S 125 -56.74 -8.18 4.20
C ALA S 125 -57.60 -8.28 5.41
N PRO S 126 -58.90 -8.53 5.30
CA PRO S 126 -59.71 -9.16 6.34
C PRO S 126 -59.08 -10.41 6.89
N LYS S 127 -59.38 -10.82 8.13
CA LYS S 127 -58.80 -12.01 8.70
C LYS S 127 -59.45 -13.23 8.10
N GLY S 128 -60.64 -13.06 7.49
CA GLY S 128 -61.52 -14.14 7.13
C GLY S 128 -61.50 -14.36 5.65
N ALA S 129 -61.03 -13.37 4.85
CA ALA S 129 -60.90 -13.47 3.41
C ALA S 129 -60.08 -14.69 2.99
N PRO S 130 -60.38 -15.44 1.93
CA PRO S 130 -59.87 -16.79 1.83
C PRO S 130 -58.81 -16.96 0.76
N ASN S 131 -58.64 -16.00 -0.18
CA ASN S 131 -57.86 -16.12 -1.40
C ASN S 131 -58.76 -16.67 -2.46
N SER S 132 -58.42 -16.40 -3.74
CA SER S 132 -59.06 -17.03 -4.86
C SER S 132 -58.52 -18.44 -4.91
N SER S 133 -59.41 -19.43 -4.72
CA SER S 133 -59.00 -20.80 -4.53
C SER S 133 -60.19 -21.63 -4.89
N GLN S 134 -59.95 -22.88 -5.33
CA GLN S 134 -60.98 -23.78 -5.75
C GLN S 134 -60.70 -25.08 -5.06
N TRP S 135 -61.73 -25.93 -5.03
CA TRP S 135 -61.76 -27.14 -4.25
C TRP S 135 -62.59 -28.07 -5.05
N GLU S 136 -62.61 -29.37 -4.68
CA GLU S 136 -63.48 -30.34 -5.25
C GLU S 136 -64.31 -30.92 -4.15
N GLN S 137 -65.58 -31.23 -4.46
CA GLN S 137 -66.50 -31.83 -3.52
C GLN S 137 -67.48 -32.53 -4.39
N LYS S 138 -68.28 -33.43 -3.78
CA LYS S 138 -69.31 -34.16 -4.45
C LYS S 138 -70.58 -33.36 -4.45
N LYS S 139 -71.38 -33.52 -5.51
CA LYS S 139 -72.72 -33.01 -5.61
C LYS S 139 -73.47 -34.17 -6.19
N ALA S 140 -73.40 -34.29 -7.53
CA ALA S 140 -73.83 -35.44 -8.26
C ALA S 140 -72.57 -36.06 -8.80
N GLY S 141 -71.49 -35.24 -8.91
CA GLY S 141 -70.16 -35.68 -9.25
C GLY S 141 -69.62 -36.55 -8.15
N ASN S 142 -68.93 -37.65 -8.53
CA ASN S 142 -68.35 -38.60 -7.62
C ASN S 142 -66.98 -38.87 -8.13
N GLY S 143 -66.13 -39.49 -7.27
CA GLY S 143 -64.79 -39.88 -7.59
C GLY S 143 -63.88 -38.68 -7.51
N ASP S 144 -62.80 -38.70 -8.31
CA ASP S 144 -61.85 -37.61 -8.42
C ASP S 144 -62.21 -36.81 -9.65
N THR S 145 -63.38 -37.14 -10.25
CA THR S 145 -63.94 -36.49 -11.41
C THR S 145 -65.17 -35.74 -10.94
N MET S 146 -65.28 -35.52 -9.61
CA MET S 146 -66.38 -34.81 -8.99
C MET S 146 -66.27 -33.35 -9.32
N GLU S 147 -67.32 -32.57 -8.96
CA GLU S 147 -67.42 -31.17 -9.30
C GLU S 147 -66.31 -30.36 -8.71
N THR S 148 -65.90 -29.29 -9.44
CA THR S 148 -64.87 -28.37 -9.04
C THR S 148 -65.61 -27.09 -8.84
N HIS S 149 -65.36 -26.44 -7.70
CA HIS S 149 -66.05 -25.28 -7.21
C HIS S 149 -65.06 -24.19 -7.01
N THR S 150 -65.28 -23.02 -7.62
CA THR S 150 -64.29 -21.98 -7.68
C THR S 150 -64.88 -20.79 -6.99
N PHE S 151 -64.09 -20.17 -6.10
CA PHE S 151 -64.39 -18.95 -5.41
C PHE S 151 -63.28 -18.03 -5.81
N GLY S 152 -63.56 -16.73 -6.05
CA GLY S 152 -62.48 -15.85 -6.37
C GLY S 152 -63.01 -14.57 -6.91
N VAL S 153 -62.09 -13.84 -7.58
CA VAL S 153 -62.38 -12.59 -8.21
C VAL S 153 -61.44 -12.53 -9.37
N ALA S 154 -61.93 -12.01 -10.51
CA ALA S 154 -61.19 -11.87 -11.73
C ALA S 154 -61.07 -10.39 -11.95
N PRO S 155 -59.93 -9.73 -11.86
CA PRO S 155 -59.94 -8.32 -11.58
C PRO S 155 -59.59 -7.51 -12.79
N MET S 156 -58.91 -8.06 -13.82
CA MET S 156 -58.39 -7.24 -14.89
C MET S 156 -59.01 -7.65 -16.18
N GLY S 157 -59.40 -6.61 -16.97
CA GLY S 157 -60.07 -6.69 -18.25
C GLY S 157 -59.23 -7.29 -19.33
N GLY S 158 -59.81 -7.42 -20.54
CA GLY S 158 -59.15 -8.04 -21.67
C GLY S 158 -60.19 -8.26 -22.72
N GLU S 159 -59.82 -8.02 -24.00
CA GLU S 159 -60.72 -7.94 -25.13
C GLU S 159 -61.49 -9.20 -25.42
N ASN S 160 -60.80 -10.36 -25.48
CA ASN S 160 -61.40 -11.60 -25.93
C ASN S 160 -60.91 -12.66 -24.98
N ILE S 161 -61.62 -13.81 -24.93
CA ILE S 161 -61.17 -15.01 -24.25
C ILE S 161 -61.24 -16.08 -25.28
N THR S 162 -60.09 -16.72 -25.60
CA THR S 162 -60.02 -17.74 -26.62
C THR S 162 -59.66 -19.01 -25.89
N ILE S 163 -58.88 -19.90 -26.54
CA ILE S 163 -58.35 -21.12 -25.98
C ILE S 163 -57.07 -20.82 -25.27
N ASP S 164 -56.51 -19.61 -25.51
CA ASP S 164 -55.29 -19.13 -24.91
C ASP S 164 -55.65 -18.22 -23.78
N GLY S 165 -56.96 -18.18 -23.42
CA GLY S 165 -57.49 -17.33 -22.39
C GLY S 165 -57.53 -15.91 -22.85
N LEU S 166 -57.53 -15.01 -21.86
CA LEU S 166 -57.64 -13.59 -21.96
C LEU S 166 -56.55 -13.02 -22.81
N GLN S 167 -56.85 -11.95 -23.59
CA GLN S 167 -55.88 -11.35 -24.48
C GLN S 167 -55.88 -9.95 -24.00
N ILE S 168 -54.68 -9.47 -23.65
CA ILE S 168 -54.51 -8.26 -22.89
C ILE S 168 -54.00 -7.18 -23.80
N GLY S 169 -53.59 -7.54 -25.05
CA GLY S 169 -53.05 -6.58 -25.97
C GLY S 169 -53.39 -7.00 -27.37
N THR S 170 -52.91 -6.19 -28.34
CA THR S 170 -53.06 -6.43 -29.75
C THR S 170 -51.79 -5.86 -30.32
N ASP S 171 -51.20 -6.60 -31.30
CA ASP S 171 -49.98 -6.31 -31.99
C ASP S 171 -50.14 -5.06 -32.82
N ALA S 172 -49.03 -4.31 -32.97
CA ALA S 172 -48.92 -3.09 -33.73
C ALA S 172 -49.02 -3.37 -35.19
N THR S 173 -49.35 -2.32 -35.98
CA THR S 173 -49.48 -2.38 -37.42
C THR S 173 -48.19 -2.81 -38.07
N ALA S 174 -48.35 -3.61 -39.13
CA ALA S 174 -47.30 -4.09 -39.98
C ALA S 174 -48.01 -4.55 -41.23
N ASP S 175 -49.29 -4.12 -41.36
CA ASP S 175 -50.26 -4.34 -42.42
C ASP S 175 -51.12 -5.48 -41.97
N GLN S 176 -50.92 -5.94 -40.70
CA GLN S 176 -51.73 -6.95 -40.10
C GLN S 176 -51.59 -6.71 -38.63
N ASP S 177 -52.63 -7.07 -37.86
CA ASP S 177 -52.68 -6.99 -36.42
C ASP S 177 -53.06 -8.38 -36.00
N LYS S 178 -52.73 -8.76 -34.75
CA LYS S 178 -52.93 -10.08 -34.25
C LYS S 178 -53.10 -9.90 -32.76
N PRO S 179 -53.86 -10.72 -32.05
CA PRO S 179 -53.91 -10.70 -30.60
C PRO S 179 -52.61 -10.98 -29.90
N ILE S 180 -52.38 -10.36 -28.72
CA ILE S 180 -51.28 -10.72 -27.87
C ILE S 180 -51.99 -11.25 -26.67
N TYR S 181 -51.90 -12.58 -26.47
CA TYR S 181 -52.40 -13.29 -25.33
C TYR S 181 -51.65 -12.99 -24.07
N ALA S 182 -52.37 -13.00 -22.92
CA ALA S 182 -51.75 -12.93 -21.63
C ALA S 182 -51.08 -14.26 -21.32
N ASP S 183 -49.79 -14.21 -20.93
CA ASP S 183 -48.97 -15.36 -20.56
C ASP S 183 -49.56 -16.05 -19.36
N LYS S 184 -49.38 -17.38 -19.28
CA LYS S 184 -49.87 -18.13 -18.16
C LYS S 184 -48.94 -17.94 -16.99
N THR S 185 -47.67 -17.55 -17.24
CA THR S 185 -46.63 -17.46 -16.24
C THR S 185 -46.88 -16.44 -15.16
N PHE S 186 -47.41 -15.25 -15.50
CA PHE S 186 -47.55 -14.21 -14.51
C PHE S 186 -48.48 -13.13 -15.02
N GLN S 187 -48.81 -13.14 -16.33
CA GLN S 187 -49.33 -11.97 -17.00
C GLN S 187 -50.63 -11.40 -16.48
N PRO S 188 -51.68 -12.12 -16.07
CA PRO S 188 -52.79 -11.49 -15.39
C PRO S 188 -52.42 -11.43 -13.94
N GLU S 189 -51.57 -10.43 -13.58
CA GLU S 189 -50.97 -10.24 -12.29
C GLU S 189 -52.04 -10.00 -11.26
N PRO S 190 -51.93 -10.49 -10.04
CA PRO S 190 -52.91 -10.23 -9.01
C PRO S 190 -52.83 -8.86 -8.41
N GLN S 191 -51.92 -7.97 -8.85
CA GLN S 191 -51.84 -6.63 -8.32
C GLN S 191 -52.42 -5.68 -9.33
N VAL S 192 -52.90 -6.18 -10.49
CA VAL S 192 -53.41 -5.36 -11.56
C VAL S 192 -54.88 -5.64 -11.68
N GLY S 193 -55.68 -4.55 -11.79
CA GLY S 193 -57.11 -4.60 -11.89
C GLY S 193 -57.52 -3.36 -12.62
N GLU S 194 -58.81 -2.95 -12.48
CA GLU S 194 -59.38 -1.74 -13.00
C GLU S 194 -58.73 -0.53 -12.37
N GLU S 195 -58.57 0.59 -13.12
CA GLU S 195 -57.96 1.79 -12.61
C GLU S 195 -59.02 2.84 -12.35
N ASN S 196 -60.27 2.58 -12.76
CA ASN S 196 -61.41 3.45 -12.60
C ASN S 196 -62.33 2.75 -11.65
N TRP S 197 -63.36 3.47 -11.14
CA TRP S 197 -64.38 2.84 -10.34
C TRP S 197 -65.43 2.38 -11.31
N GLN S 198 -65.57 3.08 -12.47
CA GLN S 198 -66.50 2.73 -13.50
C GLN S 198 -65.83 1.77 -14.42
N GLU S 199 -66.34 0.52 -14.41
CA GLU S 199 -65.82 -0.61 -15.13
C GLU S 199 -65.81 -0.40 -16.61
N THR S 200 -64.77 -0.97 -17.25
CA THR S 200 -64.49 -0.80 -18.64
C THR S 200 -65.05 -1.99 -19.39
N GLU S 201 -65.73 -2.90 -18.64
CA GLU S 201 -66.45 -4.05 -19.15
C GLU S 201 -65.50 -5.00 -19.82
N SER S 202 -66.05 -5.87 -20.70
CA SER S 202 -65.35 -6.84 -21.49
C SER S 202 -65.12 -8.03 -20.60
N PHE S 203 -64.51 -9.09 -21.16
CA PHE S 203 -64.13 -10.27 -20.44
C PHE S 203 -63.03 -10.02 -19.43
N TYR S 204 -63.14 -10.64 -18.25
CA TYR S 204 -62.25 -10.53 -17.12
C TYR S 204 -61.48 -11.79 -16.97
N GLY S 205 -60.39 -11.77 -16.20
CA GLY S 205 -59.71 -12.99 -15.87
C GLY S 205 -58.72 -12.73 -14.79
N GLY S 206 -58.67 -13.62 -13.78
CA GLY S 206 -57.78 -13.54 -12.65
C GLY S 206 -56.99 -14.80 -12.58
N ARG S 207 -56.42 -15.10 -11.39
CA ARG S 207 -55.63 -16.25 -11.07
C ARG S 207 -56.30 -16.93 -9.90
N ALA S 208 -56.41 -18.27 -9.92
CA ALA S 208 -57.02 -19.02 -8.84
C ALA S 208 -55.99 -19.99 -8.38
N LEU S 209 -56.29 -20.75 -7.31
CA LEU S 209 -55.37 -21.71 -6.75
C LEU S 209 -56.08 -23.02 -6.74
N LYS S 210 -55.44 -24.08 -7.27
CA LYS S 210 -55.92 -25.43 -7.32
C LYS S 210 -56.31 -26.03 -5.99
N LYS S 211 -57.12 -27.11 -6.06
CA LYS S 211 -57.52 -27.99 -4.98
C LYS S 211 -56.33 -28.60 -4.29
N ASP S 212 -55.27 -28.87 -5.08
CA ASP S 212 -54.01 -29.46 -4.70
C ASP S 212 -53.36 -28.75 -3.53
N THR S 213 -53.39 -27.40 -3.53
CA THR S 213 -52.86 -26.59 -2.45
C THR S 213 -53.99 -26.33 -1.48
N SER S 214 -53.72 -26.55 -0.17
CA SER S 214 -54.62 -26.32 0.94
C SER S 214 -54.98 -24.87 1.08
N MET S 215 -56.25 -24.58 1.44
CA MET S 215 -56.71 -23.28 1.85
C MET S 215 -56.05 -22.74 3.08
N LYS S 216 -55.77 -21.42 3.06
CA LYS S 216 -55.33 -20.67 4.20
C LYS S 216 -55.84 -19.28 3.95
N PRO S 217 -56.14 -18.43 4.95
CA PRO S 217 -56.74 -17.13 4.72
C PRO S 217 -55.76 -16.23 4.03
N CYS S 218 -56.26 -15.17 3.37
CA CYS S 218 -55.48 -14.21 2.63
C CYS S 218 -54.49 -13.52 3.53
N TYR S 219 -54.92 -13.21 4.77
CA TYR S 219 -54.13 -12.61 5.80
C TYR S 219 -52.99 -13.53 6.18
N GLY S 220 -51.76 -13.16 5.79
CA GLY S 220 -50.56 -13.85 6.17
C GLY S 220 -50.10 -14.88 5.18
N SER S 221 -50.88 -15.16 4.11
CA SER S 221 -50.47 -16.07 3.07
C SER S 221 -49.29 -15.57 2.28
N TYR S 222 -48.36 -16.49 1.94
CA TYR S 222 -47.14 -16.19 1.25
C TYR S 222 -46.89 -17.38 0.37
N ALA S 223 -46.32 -17.14 -0.82
CA ALA S 223 -45.89 -18.18 -1.71
C ALA S 223 -44.66 -17.60 -2.31
N ARG S 224 -43.53 -18.36 -2.26
CA ARG S 224 -42.28 -17.95 -2.86
C ARG S 224 -42.38 -17.77 -4.34
N PRO S 225 -41.75 -16.77 -4.98
CA PRO S 225 -41.61 -16.70 -6.42
C PRO S 225 -40.83 -17.87 -6.94
N THR S 226 -41.34 -18.49 -8.02
CA THR S 226 -40.75 -19.64 -8.66
C THR S 226 -40.36 -19.19 -10.05
N ASN S 227 -40.48 -17.88 -10.33
CA ASN S 227 -40.19 -17.33 -11.62
C ASN S 227 -39.59 -15.98 -11.35
N VAL S 228 -38.84 -15.46 -12.33
CA VAL S 228 -38.16 -14.18 -12.28
C VAL S 228 -39.14 -13.06 -12.48
N LYS S 229 -40.32 -13.37 -13.07
CA LYS S 229 -41.26 -12.38 -13.52
C LYS S 229 -42.42 -12.39 -12.55
N GLY S 230 -42.25 -13.02 -11.37
CA GLY S 230 -43.17 -12.91 -10.26
C GLY S 230 -44.17 -14.00 -10.24
N GLY S 231 -44.04 -15.02 -11.11
CA GLY S 231 -44.83 -16.24 -11.06
C GLY S 231 -44.55 -16.97 -9.79
N GLN S 232 -45.50 -17.81 -9.33
CA GLN S 232 -45.43 -18.42 -8.03
C GLN S 232 -45.77 -19.87 -8.16
N ALA S 233 -46.24 -20.29 -9.35
CA ALA S 233 -46.62 -21.65 -9.64
C ALA S 233 -45.43 -22.57 -9.57
N LYS S 234 -45.64 -23.77 -9.00
CA LYS S 234 -44.67 -24.86 -8.96
C LYS S 234 -44.37 -25.30 -10.36
N LEU S 235 -43.17 -25.89 -10.58
CA LEU S 235 -42.81 -26.52 -11.84
C LEU S 235 -43.75 -27.69 -12.05
N LYS S 236 -44.14 -27.93 -13.32
CA LYS S 236 -45.11 -28.94 -13.75
C LYS S 236 -45.00 -30.24 -13.03
N VAL S 237 -46.14 -30.67 -12.44
CA VAL S 237 -46.27 -31.93 -11.76
C VAL S 237 -47.66 -32.39 -12.06
N GLY S 238 -47.82 -33.72 -12.16
CA GLY S 238 -49.05 -34.38 -12.52
C GLY S 238 -48.69 -35.59 -13.31
N ALA S 239 -47.45 -35.60 -13.86
CA ALA S 239 -46.86 -36.74 -14.52
C ALA S 239 -45.43 -36.40 -14.78
N ASP S 240 -45.04 -35.11 -14.58
CA ASP S 240 -43.71 -34.61 -14.86
C ASP S 240 -42.98 -34.59 -13.56
N GLY S 241 -41.64 -34.76 -13.66
CA GLY S 241 -40.69 -34.60 -12.58
C GLY S 241 -40.71 -33.22 -11.99
N VAL S 242 -40.08 -33.09 -10.81
CA VAL S 242 -39.83 -31.84 -10.13
C VAL S 242 -38.98 -30.89 -10.95
N PRO S 243 -37.89 -31.28 -11.63
CA PRO S 243 -37.21 -30.38 -12.54
C PRO S 243 -37.84 -30.49 -13.92
N THR S 244 -38.52 -29.43 -14.36
CA THR S 244 -39.10 -29.34 -15.67
C THR S 244 -39.26 -27.86 -15.91
N LYS S 245 -39.21 -27.44 -17.19
CA LYS S 245 -39.29 -26.05 -17.58
C LYS S 245 -40.70 -25.55 -17.59
N GLU S 246 -41.68 -26.47 -17.62
CA GLU S 246 -43.09 -26.14 -17.59
C GLU S 246 -43.50 -25.81 -16.18
N PHE S 247 -44.71 -25.23 -16.04
CA PHE S 247 -45.27 -24.86 -14.76
C PHE S 247 -46.61 -25.52 -14.71
N ASP S 248 -47.13 -25.70 -13.46
CA ASP S 248 -48.36 -26.38 -13.18
C ASP S 248 -49.44 -25.33 -13.17
N ILE S 249 -49.97 -24.96 -14.37
CA ILE S 249 -50.91 -23.89 -14.53
C ILE S 249 -51.87 -24.35 -15.57
N ASP S 250 -53.20 -24.24 -15.30
CA ASP S 250 -54.24 -24.61 -16.22
C ASP S 250 -55.16 -23.43 -16.31
N LEU S 251 -56.09 -23.46 -17.30
CA LEU S 251 -57.06 -22.41 -17.52
C LEU S 251 -58.39 -23.07 -17.30
N ALA S 252 -59.27 -22.37 -16.55
CA ALA S 252 -60.61 -22.79 -16.26
C ALA S 252 -61.54 -21.69 -16.70
N PHE S 253 -62.40 -21.94 -17.70
CA PHE S 253 -63.28 -20.93 -18.24
C PHE S 253 -64.61 -21.03 -17.54
N PHE S 254 -65.33 -19.90 -17.46
CA PHE S 254 -66.60 -19.82 -16.79
C PHE S 254 -67.41 -18.88 -17.63
N ASP S 255 -68.74 -18.91 -17.48
CA ASP S 255 -69.68 -18.15 -18.24
C ASP S 255 -70.78 -17.92 -17.27
N THR S 256 -71.49 -16.78 -17.34
CA THR S 256 -72.69 -16.57 -16.55
C THR S 256 -73.81 -17.44 -17.11
N PRO S 257 -74.69 -18.06 -16.32
CA PRO S 257 -75.95 -18.61 -16.79
C PRO S 257 -76.79 -17.48 -17.30
N GLY S 258 -77.28 -17.55 -18.55
CA GLY S 258 -77.96 -16.43 -19.14
C GLY S 258 -78.93 -16.94 -20.15
N GLY S 259 -79.36 -16.01 -21.04
CA GLY S 259 -80.33 -16.26 -22.07
C GLY S 259 -79.65 -16.61 -23.35
N THR S 260 -80.01 -15.84 -24.40
CA THR S 260 -79.59 -16.00 -25.77
C THR S 260 -78.09 -15.87 -25.97
N VAL S 261 -77.44 -14.92 -25.26
CA VAL S 261 -76.03 -14.62 -25.39
C VAL S 261 -75.44 -14.84 -24.03
N ASN S 262 -74.27 -15.54 -23.96
CA ASN S 262 -73.51 -15.81 -22.76
C ASN S 262 -74.35 -16.57 -21.77
N GLY S 263 -74.83 -17.75 -22.18
CA GLY S 263 -75.76 -18.48 -21.38
C GLY S 263 -75.91 -19.84 -21.95
N GLN S 264 -77.14 -20.39 -21.81
CA GLN S 264 -77.48 -21.74 -22.15
C GLN S 264 -77.68 -21.92 -23.64
N ASP S 265 -78.11 -20.85 -24.35
CA ASP S 265 -78.34 -20.91 -25.78
C ASP S 265 -77.07 -20.65 -26.52
N GLU S 266 -76.06 -20.05 -25.85
CA GLU S 266 -74.82 -19.73 -26.49
C GLU S 266 -73.84 -19.51 -25.40
N TYR S 267 -73.09 -20.58 -25.08
CA TYR S 267 -72.02 -20.57 -24.10
C TYR S 267 -70.90 -19.79 -24.71
N LYS S 268 -70.10 -19.11 -23.87
CA LYS S 268 -69.02 -18.28 -24.32
C LYS S 268 -68.48 -17.73 -23.06
N ALA S 269 -67.21 -18.05 -22.77
CA ALA S 269 -66.47 -17.58 -21.63
C ALA S 269 -66.48 -16.10 -21.44
N ASP S 270 -66.53 -15.71 -20.14
CA ASP S 270 -66.68 -14.35 -19.71
C ASP S 270 -65.61 -14.14 -18.69
N ILE S 271 -65.25 -15.20 -17.93
CA ILE S 271 -64.22 -15.18 -16.93
C ILE S 271 -63.30 -16.32 -17.28
N VAL S 272 -61.97 -16.12 -17.17
CA VAL S 272 -61.03 -17.20 -17.24
C VAL S 272 -60.18 -17.04 -16.03
N MET S 273 -59.93 -18.14 -15.28
CA MET S 273 -59.10 -18.09 -14.11
C MET S 273 -57.94 -18.95 -14.43
N TYR S 274 -56.72 -18.45 -14.22
CA TYR S 274 -55.51 -19.20 -14.40
C TYR S 274 -55.24 -19.88 -13.09
N THR S 275 -55.89 -21.04 -12.88
CA THR S 275 -55.73 -21.90 -11.73
C THR S 275 -54.32 -22.45 -11.72
N GLU S 276 -53.68 -22.57 -10.54
CA GLU S 276 -52.31 -23.03 -10.46
C GLU S 276 -52.09 -23.61 -9.12
N ASN S 277 -51.11 -24.54 -9.03
CA ASN S 277 -50.67 -25.14 -7.80
C ASN S 277 -49.46 -24.34 -7.40
N THR S 278 -49.35 -24.00 -6.10
CA THR S 278 -48.33 -23.09 -5.62
C THR S 278 -47.97 -23.57 -4.24
N TYR S 279 -46.82 -23.07 -3.70
CA TYR S 279 -46.43 -23.25 -2.31
C TYR S 279 -47.28 -22.30 -1.51
N LEU S 280 -47.80 -22.73 -0.35
CA LEU S 280 -48.63 -21.87 0.46
C LEU S 280 -48.01 -21.99 1.81
N GLU S 281 -47.83 -20.84 2.48
CA GLU S 281 -47.08 -20.76 3.68
C GLU S 281 -47.73 -19.67 4.47
N THR S 282 -47.69 -19.79 5.80
CA THR S 282 -48.05 -18.73 6.69
C THR S 282 -46.88 -18.70 7.64
N PRO S 283 -45.92 -17.78 7.52
CA PRO S 283 -44.70 -17.93 8.29
C PRO S 283 -44.75 -16.99 9.46
N ASP S 284 -45.94 -16.45 9.81
CA ASP S 284 -46.03 -15.53 10.92
C ASP S 284 -47.45 -15.34 11.36
N THR S 285 -48.37 -16.26 10.98
CA THR S 285 -49.76 -16.17 11.37
C THR S 285 -50.14 -17.58 11.68
N HIS S 286 -51.26 -17.75 12.40
CA HIS S 286 -51.71 -19.04 12.86
C HIS S 286 -53.19 -19.02 12.74
N VAL S 287 -53.77 -20.11 12.22
CA VAL S 287 -55.19 -20.23 11.96
C VAL S 287 -55.88 -20.50 13.27
N VAL S 288 -56.77 -19.57 13.67
CA VAL S 288 -57.27 -19.46 15.02
C VAL S 288 -58.73 -19.86 15.06
N TYR S 289 -59.31 -20.20 13.90
CA TYR S 289 -60.66 -20.69 13.83
C TYR S 289 -60.66 -21.52 12.59
N LYS S 290 -61.49 -22.58 12.58
CA LYS S 290 -61.54 -23.48 11.48
C LYS S 290 -62.68 -24.36 11.87
N PRO S 291 -63.81 -24.40 11.19
CA PRO S 291 -64.96 -25.17 11.62
C PRO S 291 -64.73 -26.65 11.43
N GLY S 292 -64.10 -27.06 10.30
CA GLY S 292 -63.74 -28.42 10.04
C GLY S 292 -62.62 -28.92 10.90
N LYS S 293 -62.11 -30.12 10.55
CA LYS S 293 -61.04 -30.80 11.22
C LYS S 293 -60.02 -31.22 10.20
N ASP S 294 -60.25 -30.86 8.92
CA ASP S 294 -59.33 -31.13 7.83
C ASP S 294 -58.80 -29.82 7.37
N ASP S 295 -57.56 -29.85 6.81
CA ASP S 295 -56.91 -28.69 6.26
C ASP S 295 -57.08 -28.71 4.76
N ALA S 296 -57.63 -29.82 4.20
CA ALA S 296 -57.97 -29.94 2.81
C ALA S 296 -59.05 -28.97 2.44
N SER S 297 -59.00 -28.45 1.19
CA SER S 297 -59.86 -27.41 0.70
C SER S 297 -61.30 -27.81 0.74
N SER S 298 -62.21 -26.89 1.09
CA SER S 298 -63.60 -27.18 1.26
C SER S 298 -64.28 -25.87 1.05
N GLU S 299 -65.62 -25.88 0.97
CA GLU S 299 -66.41 -24.69 0.88
C GLU S 299 -66.51 -24.07 2.25
N ILE S 300 -66.29 -24.88 3.31
CA ILE S 300 -66.42 -24.43 4.68
C ILE S 300 -65.06 -24.09 5.22
N ASN S 301 -63.98 -24.29 4.42
CA ASN S 301 -62.64 -23.88 4.78
C ASN S 301 -62.37 -22.56 4.11
N LEU S 302 -63.35 -21.99 3.37
CA LEU S 302 -63.32 -20.60 2.99
C LEU S 302 -63.37 -19.77 4.24
N VAL S 303 -64.23 -20.16 5.20
CA VAL S 303 -64.32 -19.46 6.44
C VAL S 303 -63.30 -20.08 7.35
N GLN S 304 -62.31 -19.28 7.71
CA GLN S 304 -61.25 -19.59 8.62
C GLN S 304 -60.95 -18.25 9.19
N GLN S 305 -59.88 -18.13 10.01
CA GLN S 305 -59.47 -16.85 10.52
C GLN S 305 -58.01 -17.06 10.73
N SER S 306 -57.26 -15.95 10.84
CA SER S 306 -55.86 -15.97 11.16
C SER S 306 -55.63 -14.73 11.91
N MET S 307 -54.75 -14.79 12.93
CA MET S 307 -54.35 -13.62 13.65
C MET S 307 -52.85 -13.76 13.75
N PRO S 308 -52.09 -12.70 13.99
CA PRO S 308 -50.65 -12.72 14.17
C PRO S 308 -50.16 -13.65 15.23
N ASN S 309 -48.94 -14.19 15.08
CA ASN S 309 -48.21 -14.85 16.15
C ASN S 309 -47.76 -13.81 17.14
N ARG S 310 -47.56 -14.18 18.42
CA ARG S 310 -47.14 -13.25 19.45
C ARG S 310 -45.74 -12.72 19.16
N PRO S 311 -45.41 -11.47 19.37
CA PRO S 311 -44.05 -10.95 19.26
C PRO S 311 -43.11 -11.61 20.23
N ASN S 312 -41.89 -11.94 19.78
CA ASN S 312 -40.92 -12.53 20.63
C ASN S 312 -39.63 -11.96 20.16
N TYR S 313 -38.99 -11.12 21.00
CA TYR S 313 -37.76 -10.45 20.68
C TYR S 313 -36.76 -11.19 21.49
N ILE S 314 -35.70 -11.70 20.84
CA ILE S 314 -34.67 -12.50 21.45
C ILE S 314 -33.41 -11.72 21.21
N GLY S 315 -32.43 -11.80 22.14
CA GLY S 315 -31.18 -11.12 22.01
C GLY S 315 -30.57 -11.10 23.36
N PHE S 316 -29.28 -10.72 23.42
CA PHE S 316 -28.44 -10.73 24.59
C PHE S 316 -28.93 -9.86 25.69
N ARG S 317 -28.55 -10.25 26.91
CA ARG S 317 -28.91 -9.71 28.20
C ARG S 317 -28.50 -8.27 28.39
N ASP S 318 -28.80 -7.69 29.57
CA ASP S 318 -28.69 -6.28 29.88
C ASP S 318 -27.32 -5.70 29.69
N ASN S 319 -26.24 -6.47 30.00
CA ASN S 319 -24.88 -6.03 29.80
C ASN S 319 -24.10 -7.28 29.52
N PHE S 320 -24.78 -8.35 29.08
CA PHE S 320 -24.21 -9.63 28.76
C PHE S 320 -24.13 -10.35 30.05
N ILE S 321 -25.29 -10.43 30.73
CA ILE S 321 -25.45 -10.93 32.07
C ILE S 321 -25.38 -12.42 31.95
N GLY S 322 -24.43 -13.04 32.66
CA GLY S 322 -24.28 -14.46 32.70
C GLY S 322 -23.72 -15.02 31.42
N LEU S 323 -22.84 -14.26 30.73
CA LEU S 323 -22.18 -14.72 29.54
C LEU S 323 -20.79 -15.14 29.94
N MET S 324 -20.34 -14.71 31.14
CA MET S 324 -19.16 -15.19 31.81
C MET S 324 -19.71 -15.81 33.04
N TYR S 325 -19.15 -16.97 33.44
CA TYR S 325 -19.45 -17.54 34.74
C TYR S 325 -18.86 -16.68 35.82
N TYR S 326 -19.73 -16.12 36.68
CA TYR S 326 -19.37 -15.42 37.88
C TYR S 326 -20.13 -16.15 38.93
N ASN S 327 -19.49 -16.41 40.09
CA ASN S 327 -20.14 -16.89 41.29
C ASN S 327 -20.46 -18.34 41.21
N SER S 328 -19.81 -19.06 40.28
CA SER S 328 -20.07 -20.45 40.04
C SER S 328 -18.73 -21.07 40.24
N THR S 329 -18.65 -22.00 41.23
CA THR S 329 -17.41 -22.65 41.59
C THR S 329 -17.28 -23.84 40.70
N GLY S 330 -16.05 -24.05 40.19
CA GLY S 330 -15.74 -25.07 39.22
C GLY S 330 -15.82 -24.46 37.86
N ASN S 331 -16.00 -23.12 37.79
CA ASN S 331 -16.07 -22.37 36.57
C ASN S 331 -15.50 -21.02 36.91
N MET S 332 -14.68 -20.93 37.99
CA MET S 332 -14.04 -19.72 38.40
C MET S 332 -13.05 -19.19 37.40
N GLY S 333 -12.91 -17.84 37.40
CA GLY S 333 -11.88 -17.13 36.70
C GLY S 333 -10.58 -17.28 37.42
N VAL S 334 -9.50 -16.85 36.76
CA VAL S 334 -8.14 -16.96 37.22
C VAL S 334 -7.49 -15.68 36.83
N LEU S 335 -6.81 -15.01 37.77
CA LEU S 335 -5.85 -14.01 37.41
C LEU S 335 -4.74 -14.30 38.36
N ALA S 336 -3.54 -14.58 37.82
CA ALA S 336 -2.45 -15.06 38.62
C ALA S 336 -1.23 -14.66 37.89
N GLY S 337 -0.07 -14.62 38.57
CA GLY S 337 1.22 -14.44 37.93
C GLY S 337 1.48 -15.64 37.07
N GLN S 338 2.10 -15.43 35.89
CA GLN S 338 2.37 -16.46 34.92
C GLN S 338 3.28 -17.51 35.49
N ALA S 339 4.32 -17.08 36.23
CA ALA S 339 5.39 -17.94 36.65
C ALA S 339 5.44 -18.02 38.16
N SER S 340 4.45 -17.42 38.86
CA SER S 340 4.40 -17.41 40.31
C SER S 340 3.17 -18.16 40.77
N GLN S 341 2.18 -18.31 39.87
CA GLN S 341 0.88 -18.97 40.01
C GLN S 341 0.21 -18.83 41.35
N LEU S 342 -0.08 -17.56 41.74
CA LEU S 342 -0.83 -17.25 42.93
C LEU S 342 -2.13 -16.67 42.45
N ASN S 343 -3.23 -17.44 42.58
CA ASN S 343 -4.56 -17.07 42.13
C ASN S 343 -5.07 -15.91 42.94
N ALA S 344 -5.80 -14.98 42.31
CA ALA S 344 -6.20 -13.75 42.93
C ALA S 344 -7.54 -13.37 42.39
N VAL S 345 -8.39 -14.40 42.20
CA VAL S 345 -9.78 -14.25 41.86
C VAL S 345 -10.38 -15.28 42.75
N VAL S 346 -11.38 -14.89 43.57
CA VAL S 346 -12.13 -15.86 44.32
C VAL S 346 -13.54 -15.37 44.25
N ASP S 347 -14.44 -16.27 43.83
CA ASP S 347 -15.84 -15.99 43.67
C ASP S 347 -16.49 -16.91 44.65
N LEU S 348 -17.46 -16.36 45.39
CA LEU S 348 -18.15 -17.06 46.44
C LEU S 348 -19.57 -17.08 45.98
N GLN S 349 -20.39 -17.99 46.54
CA GLN S 349 -21.78 -18.17 46.21
C GLN S 349 -22.59 -17.06 46.84
N ASP S 350 -21.97 -16.31 47.79
CA ASP S 350 -22.58 -15.26 48.55
C ASP S 350 -22.24 -13.93 47.94
N ARG S 351 -21.55 -13.90 46.78
CA ARG S 351 -21.34 -12.70 46.02
C ARG S 351 -22.26 -12.80 44.84
N ASN S 352 -22.77 -11.64 44.37
CA ASN S 352 -23.63 -11.58 43.22
C ASN S 352 -23.04 -10.48 42.39
N THR S 353 -21.98 -10.81 41.63
CA THR S 353 -21.24 -9.90 40.80
C THR S 353 -22.07 -9.28 39.73
N GLU S 354 -22.93 -10.08 39.06
CA GLU S 354 -23.78 -9.62 37.99
C GLU S 354 -24.80 -8.59 38.41
N LEU S 355 -25.48 -8.81 39.56
CA LEU S 355 -26.45 -7.91 40.15
C LEU S 355 -25.82 -6.62 40.54
N SER S 356 -24.62 -6.71 41.14
CA SER S 356 -23.99 -5.59 41.80
C SER S 356 -23.36 -4.69 40.78
N TYR S 357 -23.13 -5.19 39.55
CA TYR S 357 -22.67 -4.39 38.44
C TYR S 357 -23.72 -3.40 38.02
N GLN S 358 -25.01 -3.82 37.99
CA GLN S 358 -26.13 -3.01 37.56
C GLN S 358 -26.31 -1.78 38.40
N LEU S 359 -26.17 -1.96 39.72
CA LEU S 359 -26.29 -0.93 40.73
C LEU S 359 -25.22 0.10 40.60
N LEU S 360 -23.99 -0.33 40.26
CA LEU S 360 -22.83 0.50 40.01
C LEU S 360 -23.06 1.41 38.84
N LEU S 361 -23.72 0.89 37.78
CA LEU S 361 -24.00 1.59 36.55
C LEU S 361 -25.09 2.59 36.77
N ASP S 362 -25.92 2.38 37.82
CA ASP S 362 -26.99 3.27 38.18
C ASP S 362 -26.51 4.30 39.16
N SER S 363 -25.19 4.49 39.27
CA SER S 363 -24.59 5.44 40.17
C SER S 363 -23.39 5.95 39.45
N LEU S 364 -23.59 6.24 38.16
CA LEU S 364 -22.59 6.73 37.25
C LEU S 364 -23.34 6.73 35.97
N GLY S 365 -23.79 7.93 35.55
CA GLY S 365 -24.56 8.13 34.35
C GLY S 365 -25.96 7.60 34.44
N ASP S 366 -26.74 7.83 33.36
CA ASP S 366 -28.11 7.42 33.26
C ASP S 366 -28.12 6.09 32.59
N ARG S 367 -28.97 5.19 33.10
CA ARG S 367 -29.20 3.87 32.58
C ARG S 367 -30.11 3.89 31.39
N THR S 368 -30.80 5.02 31.17
CA THR S 368 -31.74 5.20 30.09
C THR S 368 -31.08 5.81 28.88
N ARG S 369 -29.74 5.95 28.88
CA ARG S 369 -28.98 6.25 27.69
C ARG S 369 -28.27 5.01 27.32
N TYR S 370 -28.53 4.52 26.08
CA TYR S 370 -28.08 3.24 25.60
C TYR S 370 -26.70 3.35 25.03
N PHE S 371 -26.00 2.21 25.02
CA PHE S 371 -24.65 2.11 24.56
C PHE S 371 -24.66 0.76 23.93
N SER S 372 -24.18 0.64 22.69
CA SER S 372 -24.18 -0.60 21.96
C SER S 372 -22.84 -1.27 22.07
N MET S 373 -21.91 -0.63 22.79
CA MET S 373 -20.58 -1.11 22.98
C MET S 373 -20.56 -2.25 23.94
N TRP S 374 -21.03 -1.99 25.18
CA TRP S 374 -21.04 -2.95 26.25
C TRP S 374 -22.44 -3.38 26.50
N ASN S 375 -23.35 -2.98 25.59
CA ASN S 375 -24.68 -3.50 25.45
C ASN S 375 -25.62 -2.95 26.48
N GLN S 376 -25.27 -1.78 27.07
CA GLN S 376 -26.10 -1.08 28.01
C GLN S 376 -27.41 -0.72 27.39
N ALA S 377 -28.49 -0.98 28.14
CA ALA S 377 -29.84 -0.76 27.75
C ALA S 377 -30.54 -1.45 28.84
N VAL S 378 -31.28 -0.70 29.67
CA VAL S 378 -31.90 -1.20 30.86
C VAL S 378 -33.27 -1.63 30.47
N ASP S 379 -33.77 -2.73 31.07
CA ASP S 379 -35.12 -3.23 30.90
C ASP S 379 -36.11 -2.24 31.44
N SER S 380 -37.31 -2.22 30.83
CA SER S 380 -38.30 -1.24 31.15
C SER S 380 -39.61 -1.80 30.74
N TYR S 381 -40.69 -1.10 31.11
CA TYR S 381 -42.03 -1.44 30.76
C TYR S 381 -42.66 -0.12 30.46
N ASP S 382 -43.84 -0.13 29.81
CA ASP S 382 -44.59 1.08 29.56
C ASP S 382 -45.40 1.28 30.82
N PRO S 383 -45.50 2.46 31.40
CA PRO S 383 -46.26 2.69 32.62
C PRO S 383 -47.75 2.72 32.35
N ASP S 384 -48.22 2.66 31.09
CA ASP S 384 -49.63 2.64 30.76
C ASP S 384 -50.06 1.23 30.47
N VAL S 385 -49.13 0.26 30.59
CA VAL S 385 -49.41 -1.14 30.43
C VAL S 385 -49.45 -1.69 31.82
N ARG S 386 -48.43 -1.34 32.63
CA ARG S 386 -48.26 -1.80 33.98
C ARG S 386 -49.38 -1.37 34.88
N ILE S 387 -49.75 -0.08 34.82
CA ILE S 387 -50.85 0.48 35.56
C ILE S 387 -51.73 0.95 34.48
N ILE S 388 -52.99 0.47 34.42
CA ILE S 388 -53.85 0.79 33.31
C ILE S 388 -54.61 1.98 33.80
N GLU S 389 -54.20 3.11 33.22
CA GLU S 389 -54.72 4.44 33.29
C GLU S 389 -55.70 4.51 32.18
N ASN S 390 -56.95 4.89 32.48
CA ASN S 390 -58.02 4.72 31.55
C ASN S 390 -58.86 5.92 31.82
N HIS S 391 -59.37 6.47 30.71
CA HIS S 391 -60.02 7.73 30.64
C HIS S 391 -60.96 7.62 29.49
N GLY S 392 -61.34 6.37 29.12
CA GLY S 392 -62.15 6.05 27.98
C GLY S 392 -61.60 6.54 26.69
N VAL S 393 -62.46 6.49 25.65
CA VAL S 393 -62.23 6.93 24.31
C VAL S 393 -62.47 8.42 24.28
N GLU S 394 -62.14 9.09 23.15
CA GLU S 394 -62.27 10.53 23.03
C GLU S 394 -63.32 10.84 22.00
N ASP S 395 -64.07 9.81 21.52
CA ASP S 395 -65.02 9.98 20.43
C ASP S 395 -66.24 10.66 20.95
N GLU S 396 -66.74 11.62 20.16
CA GLU S 396 -67.81 12.51 20.53
C GLU S 396 -68.33 13.06 19.24
N LEU S 397 -67.67 12.71 18.11
CA LEU S 397 -68.04 13.17 16.80
C LEU S 397 -67.98 11.95 15.92
N PRO S 398 -69.06 11.39 15.36
CA PRO S 398 -69.05 10.16 14.56
C PRO S 398 -68.15 10.24 13.35
N ASN S 399 -67.51 9.11 12.98
CA ASN S 399 -66.62 9.01 11.84
C ASN S 399 -67.35 8.17 10.85
N TYR S 400 -67.03 8.30 9.55
CA TYR S 400 -67.83 7.71 8.49
C TYR S 400 -66.97 7.27 7.34
N CYS S 401 -67.38 6.16 6.69
CA CYS S 401 -66.85 5.69 5.43
C CYS S 401 -67.83 6.15 4.39
N PHE S 402 -67.38 6.27 3.13
CA PHE S 402 -68.19 6.74 2.04
C PHE S 402 -67.69 5.94 0.87
N PRO S 403 -68.51 5.50 -0.09
CA PRO S 403 -68.06 4.77 -1.27
C PRO S 403 -67.07 5.52 -2.11
N LEU S 404 -66.39 4.83 -3.05
CA LEU S 404 -65.36 5.41 -3.89
C LEU S 404 -65.86 6.55 -4.75
N ASP S 405 -67.07 6.41 -5.33
CA ASP S 405 -67.64 7.43 -6.18
C ASP S 405 -68.19 8.55 -5.34
N GLY S 406 -68.43 8.28 -4.03
CA GLY S 406 -68.90 9.22 -3.04
C GLY S 406 -70.23 9.81 -3.36
N SER S 407 -71.09 9.05 -4.08
CA SER S 407 -72.41 9.50 -4.43
C SER S 407 -73.41 8.46 -3.99
N GLY S 408 -73.01 7.45 -3.19
CA GLY S 408 -73.93 6.49 -2.63
C GLY S 408 -74.57 5.62 -3.68
N THR S 409 -75.89 5.37 -3.52
CA THR S 409 -76.67 4.54 -4.42
C THR S 409 -77.36 5.51 -5.34
N ASN S 410 -77.11 5.36 -6.66
CA ASN S 410 -77.68 6.19 -7.69
C ASN S 410 -78.65 5.35 -8.47
N ALA S 411 -79.64 6.01 -9.13
CA ALA S 411 -80.62 5.32 -9.92
C ALA S 411 -80.80 6.06 -11.21
N ALA S 412 -81.46 5.42 -12.19
CA ALA S 412 -81.84 5.95 -13.48
C ALA S 412 -82.82 7.10 -13.38
N TYR S 413 -82.62 8.14 -14.21
CA TYR S 413 -83.39 9.35 -14.23
C TYR S 413 -83.31 9.85 -15.63
N GLN S 414 -84.27 10.71 -16.03
CA GLN S 414 -84.26 11.30 -17.35
C GLN S 414 -84.69 12.71 -17.17
N GLY S 415 -84.40 13.56 -18.18
CA GLY S 415 -84.82 14.94 -18.20
C GLY S 415 -86.27 15.08 -18.49
N VAL S 416 -86.91 16.09 -17.85
CA VAL S 416 -88.28 16.44 -18.11
C VAL S 416 -88.27 17.93 -18.10
N LYS S 417 -89.32 18.58 -18.63
CA LYS S 417 -89.43 20.01 -18.61
C LYS S 417 -90.86 20.40 -18.48
N VAL S 418 -91.08 21.54 -17.80
CA VAL S 418 -92.31 22.29 -17.71
C VAL S 418 -92.70 22.81 -19.08
N LYS S 419 -94.01 23.01 -19.31
CA LYS S 419 -94.47 23.75 -20.47
C LYS S 419 -94.70 25.20 -20.12
N ASN S 420 -94.32 25.58 -18.87
CA ASN S 420 -94.44 26.91 -18.29
C ASN S 420 -95.86 27.25 -17.96
N GLY S 421 -96.53 26.35 -17.22
CA GLY S 421 -97.87 26.54 -16.77
C GLY S 421 -97.81 27.01 -15.34
N ASN S 422 -98.99 27.12 -14.69
CA ASN S 422 -99.18 27.63 -13.34
C ASN S 422 -98.69 26.64 -12.32
N ASP S 423 -98.68 27.06 -11.03
CA ASP S 423 -98.30 26.28 -9.87
C ASP S 423 -99.09 25.01 -9.73
N GLY S 424 -98.44 23.99 -9.10
CA GLY S 424 -98.86 22.62 -9.09
C GLY S 424 -98.44 21.93 -10.34
N ASP S 425 -98.18 20.61 -10.23
CA ASP S 425 -97.70 19.76 -11.30
C ASP S 425 -98.71 19.68 -12.43
N VAL S 426 -100.01 19.60 -12.07
CA VAL S 426 -101.08 19.45 -13.03
C VAL S 426 -101.18 20.62 -13.97
N GLU S 427 -101.09 21.87 -13.45
CA GLU S 427 -101.22 23.04 -14.28
C GLU S 427 -99.96 23.36 -15.04
N SER S 428 -98.79 22.97 -14.48
CA SER S 428 -97.50 23.17 -15.12
C SER S 428 -97.36 22.41 -16.41
N GLU S 429 -97.81 21.12 -16.41
CA GLU S 429 -97.70 20.20 -17.51
C GLU S 429 -96.27 19.85 -17.80
N TRP S 430 -96.00 18.59 -18.18
CA TRP S 430 -94.65 18.13 -18.20
C TRP S 430 -94.51 17.17 -19.34
N GLU S 431 -93.35 17.24 -20.00
CA GLU S 431 -93.06 16.46 -21.17
C GLU S 431 -91.62 16.06 -21.02
N ASN S 432 -91.16 15.06 -21.79
CA ASN S 432 -89.77 14.68 -21.89
C ASN S 432 -88.95 15.82 -22.45
N ASP S 433 -87.71 15.97 -21.94
CA ASP S 433 -86.77 16.94 -22.42
C ASP S 433 -85.85 16.10 -23.23
N ASP S 434 -85.62 16.48 -24.51
CA ASP S 434 -84.87 15.70 -25.46
C ASP S 434 -83.52 16.29 -25.72
N THR S 435 -83.15 17.39 -25.03
CA THR S 435 -81.81 17.94 -25.06
C THR S 435 -81.12 17.59 -23.76
N VAL S 436 -81.83 16.88 -22.86
CA VAL S 436 -81.31 16.32 -21.65
C VAL S 436 -81.59 14.86 -21.79
N ALA S 437 -80.65 14.01 -21.34
CA ALA S 437 -80.63 12.61 -21.64
C ALA S 437 -81.31 11.84 -20.56
N ALA S 438 -81.74 10.59 -20.91
CA ALA S 438 -82.05 9.55 -19.97
C ALA S 438 -80.73 8.92 -19.65
N ARG S 439 -80.65 8.06 -18.61
CA ARG S 439 -79.44 7.36 -18.23
C ARG S 439 -78.64 8.23 -17.28
N ASN S 440 -79.32 9.11 -16.51
CA ASN S 440 -78.68 10.03 -15.60
C ASN S 440 -78.67 9.37 -14.27
N GLN S 441 -77.56 9.51 -13.52
CA GLN S 441 -77.38 8.79 -12.29
C GLN S 441 -77.32 9.82 -11.23
N LEU S 442 -78.45 9.92 -10.50
CA LEU S 442 -78.67 10.85 -9.44
C LEU S 442 -79.04 10.06 -8.23
N CYS S 443 -78.47 10.46 -7.07
CA CYS S 443 -78.77 9.92 -5.78
C CYS S 443 -79.82 10.83 -5.21
N LYS S 444 -80.80 10.28 -4.45
CA LYS S 444 -81.78 11.08 -3.76
C LYS S 444 -81.59 10.80 -2.31
N GLY S 445 -81.69 11.86 -1.47
CA GLY S 445 -81.31 11.82 -0.09
C GLY S 445 -79.81 11.82 0.03
N ASN S 446 -79.30 11.62 1.27
CA ASN S 446 -77.89 11.61 1.58
C ASN S 446 -77.20 10.42 1.00
N ILE S 447 -75.87 10.57 0.75
CA ILE S 447 -74.99 9.55 0.24
C ILE S 447 -74.85 8.43 1.23
N PHE S 448 -74.59 7.19 0.76
CA PHE S 448 -74.42 6.01 1.59
C PHE S 448 -73.20 6.16 2.48
N ALA S 449 -73.24 5.64 3.72
CA ALA S 449 -72.13 5.72 4.62
C ALA S 449 -72.26 4.60 5.62
N MET S 450 -71.14 4.17 6.23
CA MET S 450 -71.15 3.22 7.31
C MET S 450 -70.30 3.81 8.40
N GLU S 451 -70.88 4.03 9.59
CA GLU S 451 -70.26 4.57 10.78
C GLU S 451 -69.20 3.66 11.38
N ILE S 452 -68.13 4.24 11.96
CA ILE S 452 -67.12 3.52 12.71
C ILE S 452 -66.68 4.44 13.81
N ASN S 453 -66.42 3.90 15.02
CA ASN S 453 -65.88 4.64 16.13
C ASN S 453 -64.41 4.34 16.17
N LEU S 454 -63.59 5.26 15.61
CA LEU S 454 -62.15 5.12 15.49
C LEU S 454 -61.43 5.05 16.81
N GLN S 455 -61.82 5.92 17.77
CA GLN S 455 -61.17 6.04 19.05
C GLN S 455 -61.31 4.78 19.85
N ALA S 456 -62.52 4.18 19.84
CA ALA S 456 -62.85 2.96 20.53
C ALA S 456 -62.10 1.79 20.03
N ASN S 457 -61.96 1.65 18.70
CA ASN S 457 -61.21 0.60 18.08
C ASN S 457 -59.75 0.68 18.40
N LEU S 458 -59.12 1.87 18.35
CA LEU S 458 -57.72 2.05 18.65
C LEU S 458 -57.39 1.72 20.06
N TRP S 459 -58.24 2.17 21.03
CA TRP S 459 -58.07 1.91 22.43
C TRP S 459 -58.16 0.45 22.75
N ARG S 460 -59.13 -0.28 22.14
CA ARG S 460 -59.33 -1.70 22.34
C ARG S 460 -58.17 -2.54 21.87
N SER S 461 -57.62 -2.25 20.67
CA SER S 461 -56.56 -3.02 20.05
C SER S 461 -55.30 -3.00 20.84
N PHE S 462 -54.92 -1.79 21.33
CA PHE S 462 -53.71 -1.55 22.08
C PHE S 462 -53.74 -2.26 23.38
N LEU S 463 -54.90 -2.16 24.07
CA LEU S 463 -55.15 -2.70 25.37
C LEU S 463 -55.13 -4.20 25.34
N TYR S 464 -55.75 -4.82 24.33
CA TYR S 464 -55.78 -6.24 24.10
C TYR S 464 -54.42 -6.82 23.87
N SER S 465 -53.60 -6.14 23.04
CA SER S 465 -52.34 -6.69 22.62
C SER S 465 -51.30 -6.58 23.70
N ASN S 466 -51.42 -5.59 24.61
CA ASN S 466 -50.35 -5.34 25.55
C ASN S 466 -50.71 -5.83 26.91
N VAL S 467 -51.98 -6.21 27.17
CA VAL S 467 -52.42 -6.54 28.50
C VAL S 467 -52.96 -7.92 28.48
N ALA S 468 -53.91 -8.21 27.56
CA ALA S 468 -54.71 -9.39 27.65
C ALA S 468 -53.97 -10.61 27.21
N LEU S 469 -52.90 -10.47 26.40
CA LEU S 469 -52.15 -11.60 25.91
C LEU S 469 -50.98 -11.87 26.80
N TYR S 470 -50.87 -11.13 27.92
CA TYR S 470 -49.85 -11.30 28.92
C TYR S 470 -50.50 -11.73 30.20
N LEU S 471 -51.81 -12.05 30.20
CA LEU S 471 -52.49 -12.68 31.30
C LEU S 471 -51.99 -14.09 31.49
N PRO S 472 -51.96 -14.67 32.70
CA PRO S 472 -51.76 -16.08 32.95
C PRO S 472 -52.55 -17.00 32.07
N ASP S 473 -52.11 -18.27 31.90
CA ASP S 473 -52.68 -19.19 30.95
C ASP S 473 -53.77 -19.99 31.61
N SER S 474 -54.31 -19.48 32.74
CA SER S 474 -55.45 -20.04 33.42
C SER S 474 -56.66 -19.21 33.06
N TYR S 475 -56.49 -18.18 32.19
CA TYR S 475 -57.55 -17.33 31.72
C TYR S 475 -57.77 -17.58 30.26
N LYS S 476 -56.85 -18.33 29.61
CA LYS S 476 -56.91 -18.60 28.20
C LYS S 476 -57.55 -19.92 28.00
N TYR S 477 -57.74 -20.33 26.73
CA TYR S 477 -58.35 -21.59 26.40
C TYR S 477 -57.87 -21.83 24.99
N THR S 478 -58.08 -23.07 24.48
CA THR S 478 -57.61 -23.48 23.17
C THR S 478 -58.85 -23.55 22.31
N PRO S 479 -58.95 -22.92 21.15
CA PRO S 479 -59.95 -23.19 20.11
C PRO S 479 -60.21 -24.66 19.85
N ALA S 480 -61.48 -25.04 19.56
CA ALA S 480 -61.87 -26.40 19.32
C ALA S 480 -61.72 -26.76 17.87
N ASN S 481 -60.47 -26.87 17.39
CA ASN S 481 -60.21 -27.25 16.02
C ASN S 481 -58.72 -27.40 15.84
N ILE S 482 -57.93 -27.12 16.90
CA ILE S 482 -56.49 -27.15 16.84
C ILE S 482 -56.06 -27.84 18.09
N THR S 483 -54.83 -28.42 18.05
CA THR S 483 -54.19 -29.05 19.16
C THR S 483 -52.87 -28.37 19.34
N LEU S 484 -52.40 -28.31 20.61
CA LEU S 484 -51.19 -27.62 20.98
C LEU S 484 -50.32 -28.67 21.63
N PRO S 485 -49.00 -28.52 21.67
CA PRO S 485 -48.11 -29.19 22.60
C PRO S 485 -48.58 -29.24 24.04
N THR S 486 -48.08 -30.23 24.81
CA THR S 486 -48.39 -30.36 26.21
C THR S 486 -47.30 -29.75 27.06
N ASN S 487 -46.31 -29.09 26.42
CA ASN S 487 -45.26 -28.36 27.08
C ASN S 487 -45.80 -26.96 27.12
N THR S 488 -45.79 -26.31 28.29
CA THR S 488 -46.42 -25.02 28.45
C THR S 488 -45.39 -23.93 28.31
N ASN S 489 -44.12 -24.30 28.08
CA ASN S 489 -43.03 -23.36 28.00
C ASN S 489 -42.57 -23.22 26.58
N THR S 490 -43.18 -23.95 25.63
CA THR S 490 -42.83 -23.86 24.24
C THR S 490 -43.60 -22.72 23.64
N TYR S 491 -43.08 -22.14 22.54
CA TYR S 491 -43.63 -21.01 21.84
C TYR S 491 -44.99 -21.31 21.27
N ASP S 492 -45.17 -22.54 20.74
CA ASP S 492 -46.34 -22.99 20.03
C ASP S 492 -47.55 -22.94 20.92
N TYR S 493 -47.36 -23.31 22.20
CA TYR S 493 -48.33 -23.29 23.25
C TYR S 493 -48.85 -21.90 23.50
N MET S 494 -47.98 -20.88 23.45
CA MET S 494 -48.32 -19.56 23.92
C MET S 494 -48.82 -18.67 22.82
N ASN S 495 -48.90 -19.17 21.57
CA ASN S 495 -49.42 -18.36 20.48
C ASN S 495 -50.57 -19.12 19.89
N GLY S 496 -51.17 -20.06 20.66
CA GLY S 496 -52.12 -21.00 20.16
C GLY S 496 -53.34 -20.98 21.02
N ARG S 497 -53.28 -20.23 22.14
CA ARG S 497 -54.34 -20.12 23.10
C ARG S 497 -54.76 -18.69 23.02
N VAL S 498 -56.06 -18.45 22.75
CA VAL S 498 -56.62 -17.13 22.74
C VAL S 498 -57.23 -16.88 24.07
N VAL S 499 -57.44 -15.59 24.36
CA VAL S 499 -58.01 -15.11 25.58
C VAL S 499 -59.22 -14.34 25.10
N PRO S 500 -60.35 -14.30 25.81
CA PRO S 500 -61.46 -13.41 25.51
C PRO S 500 -61.03 -11.96 25.47
N PRO S 501 -61.33 -11.12 24.48
CA PRO S 501 -61.09 -9.69 24.53
C PRO S 501 -62.13 -8.96 25.35
N SER S 502 -62.98 -9.68 26.11
CA SER S 502 -63.99 -9.09 26.95
C SER S 502 -63.57 -9.24 28.38
N LEU S 503 -62.43 -9.93 28.61
CA LEU S 503 -61.82 -10.07 29.91
C LEU S 503 -61.01 -8.85 30.22
N VAL S 504 -60.47 -8.21 29.17
CA VAL S 504 -59.84 -6.93 29.27
C VAL S 504 -60.39 -6.26 28.06
N ASP S 505 -61.35 -5.31 28.25
CA ASP S 505 -62.10 -4.77 27.17
C ASP S 505 -61.70 -3.34 26.98
N ALA S 506 -62.28 -2.42 27.78
CA ALA S 506 -62.07 -1.01 27.66
C ALA S 506 -62.90 -0.36 28.72
N TYR S 507 -63.51 -1.19 29.59
CA TYR S 507 -64.37 -0.76 30.68
C TYR S 507 -63.72 -1.17 31.95
N ILE S 508 -62.51 -1.74 31.86
CA ILE S 508 -61.78 -2.27 32.96
C ILE S 508 -61.33 -1.12 33.82
N ASN S 509 -61.90 -1.02 35.05
CA ASN S 509 -61.74 0.05 36.01
C ASN S 509 -61.69 1.40 35.35
N ILE S 510 -62.76 1.73 34.60
CA ILE S 510 -62.83 2.90 33.77
C ILE S 510 -62.84 4.14 34.59
N GLY S 511 -61.90 5.05 34.30
CA GLY S 511 -61.80 6.31 34.98
C GLY S 511 -60.96 6.22 36.21
N ALA S 512 -59.93 5.35 36.21
CA ALA S 512 -59.10 5.12 37.36
C ALA S 512 -57.83 4.61 36.80
N ARG S 513 -56.79 4.56 37.67
CA ARG S 513 -55.49 4.09 37.35
C ARG S 513 -55.35 2.99 38.31
N TRP S 514 -55.01 1.79 37.80
CA TRP S 514 -55.17 0.60 38.56
C TRP S 514 -54.63 -0.48 37.70
N SER S 515 -53.54 -1.11 38.16
CA SER S 515 -52.96 -2.31 37.62
C SER S 515 -53.91 -3.44 37.88
N LEU S 516 -54.09 -4.35 36.91
CA LEU S 516 -54.84 -5.57 37.10
C LEU S 516 -54.24 -6.43 38.17
N ASP S 517 -55.12 -7.08 38.95
CA ASP S 517 -54.79 -8.06 39.96
C ASP S 517 -54.08 -9.30 39.42
N PRO S 518 -54.43 -9.99 38.33
CA PRO S 518 -53.64 -11.11 37.83
C PRO S 518 -52.43 -10.69 37.05
N MET S 519 -52.17 -9.38 36.87
CA MET S 519 -51.01 -8.88 36.17
C MET S 519 -49.89 -8.55 37.10
N ASP S 520 -50.02 -8.80 38.41
CA ASP S 520 -49.00 -8.46 39.38
C ASP S 520 -48.21 -9.66 39.77
N ASN S 521 -48.52 -10.83 39.18
CA ASN S 521 -47.78 -12.05 39.37
C ASN S 521 -47.16 -12.38 38.05
N VAL S 522 -47.26 -11.46 37.08
CA VAL S 522 -46.68 -11.57 35.77
C VAL S 522 -45.53 -10.62 35.84
N ASN S 523 -44.35 -11.06 35.34
CA ASN S 523 -43.15 -10.28 35.25
C ASN S 523 -43.35 -9.19 34.21
N PRO S 524 -43.30 -7.89 34.48
CA PRO S 524 -43.68 -6.87 33.51
C PRO S 524 -42.58 -6.59 32.53
N PHE S 525 -41.41 -7.26 32.65
CA PHE S 525 -40.28 -7.09 31.79
C PHE S 525 -40.26 -8.21 30.77
N ASN S 526 -41.31 -9.04 30.73
CA ASN S 526 -41.49 -10.07 29.73
C ASN S 526 -42.59 -9.54 28.89
N HIS S 527 -42.32 -8.44 28.18
CA HIS S 527 -43.32 -7.78 27.42
C HIS S 527 -42.68 -7.33 26.17
N HIS S 528 -43.49 -7.15 25.09
CA HIS S 528 -42.99 -6.77 23.80
C HIS S 528 -42.62 -5.32 23.78
N ARG S 529 -43.19 -4.47 24.69
CA ARG S 529 -42.98 -3.04 24.66
C ARG S 529 -41.86 -2.70 25.59
N ASN S 530 -41.16 -3.71 26.18
CA ASN S 530 -39.92 -3.57 26.90
C ASN S 530 -38.95 -3.06 25.90
N ALA S 531 -38.45 -1.83 26.10
CA ALA S 531 -37.78 -1.12 25.03
C ALA S 531 -36.31 -1.20 25.20
N GLY S 532 -35.85 -1.78 26.32
CA GLY S 532 -34.48 -2.17 26.48
C GLY S 532 -34.26 -3.42 25.72
N LEU S 533 -35.19 -4.40 25.87
CA LEU S 533 -35.18 -5.65 25.17
C LEU S 533 -35.33 -5.49 23.70
N ARG S 534 -36.21 -4.58 23.21
CA ARG S 534 -36.39 -4.33 21.80
C ARG S 534 -35.13 -3.84 21.15
N TYR S 535 -34.36 -2.99 21.86
CA TYR S 535 -33.13 -2.41 21.39
C TYR S 535 -32.09 -3.43 21.03
N ARG S 536 -31.88 -4.44 21.91
CA ARG S 536 -30.80 -5.37 21.83
C ARG S 536 -31.07 -6.44 20.83
N SER S 537 -32.37 -6.73 20.58
CA SER S 537 -32.88 -7.64 19.61
C SER S 537 -32.55 -7.19 18.21
N MET S 538 -32.68 -5.86 17.99
CA MET S 538 -32.60 -5.26 16.69
C MET S 538 -31.22 -4.72 16.47
N LEU S 539 -30.33 -4.96 17.44
CA LEU S 539 -28.94 -4.57 17.38
C LEU S 539 -28.19 -5.71 16.77
N LEU S 540 -28.91 -6.81 16.47
CA LEU S 540 -28.43 -7.95 15.74
C LEU S 540 -29.32 -8.16 14.54
N GLY S 541 -30.17 -7.18 14.18
CA GLY S 541 -30.96 -7.25 12.98
C GLY S 541 -32.20 -8.07 13.18
N ASN S 542 -32.83 -8.46 12.06
CA ASN S 542 -34.20 -8.91 12.01
C ASN S 542 -34.32 -10.33 11.52
N GLY S 543 -33.25 -11.14 11.58
CA GLY S 543 -33.30 -12.51 11.10
C GLY S 543 -32.90 -13.38 12.23
N ARG S 544 -33.18 -14.71 12.11
CA ARG S 544 -32.83 -15.73 13.07
C ARG S 544 -31.35 -15.91 13.16
N TYR S 545 -30.74 -16.06 11.97
CA TYR S 545 -29.39 -16.45 11.76
C TYR S 545 -28.59 -15.18 11.68
N VAL S 546 -27.78 -14.89 12.71
CA VAL S 546 -27.00 -13.68 12.79
C VAL S 546 -25.61 -14.09 13.21
N PRO S 547 -24.61 -14.09 12.35
CA PRO S 547 -23.21 -13.99 12.72
C PRO S 547 -22.87 -12.74 13.51
N PHE S 548 -22.61 -12.87 14.83
CA PHE S 548 -22.50 -11.76 15.75
C PHE S 548 -21.06 -11.49 16.06
N HIS S 549 -20.79 -10.25 16.50
CA HIS S 549 -19.51 -9.78 16.94
C HIS S 549 -19.85 -8.88 18.09
N ILE S 550 -19.37 -9.14 19.33
CA ILE S 550 -19.76 -8.38 20.50
C ILE S 550 -18.53 -8.10 21.31
N GLN S 551 -18.60 -7.07 22.20
CA GLN S 551 -17.54 -6.64 23.08
C GLN S 551 -18.14 -6.86 24.43
N VAL S 552 -17.43 -7.50 25.38
CA VAL S 552 -18.02 -8.01 26.59
C VAL S 552 -17.09 -7.62 27.72
N PRO S 553 -17.47 -6.90 28.77
CA PRO S 553 -16.54 -6.43 29.79
C PRO S 553 -16.39 -7.45 30.90
N GLN S 554 -15.43 -7.22 31.84
CA GLN S 554 -15.37 -7.94 33.10
C GLN S 554 -16.20 -7.18 34.09
N LYS S 555 -16.80 -7.88 35.07
CA LYS S 555 -17.66 -7.28 36.04
C LYS S 555 -17.17 -7.59 37.42
N PHE S 556 -16.18 -8.51 37.58
CA PHE S 556 -15.71 -8.95 38.87
C PHE S 556 -14.97 -7.80 39.50
N PHE S 557 -15.11 -7.61 40.84
CA PHE S 557 -14.80 -6.36 41.48
C PHE S 557 -13.38 -6.21 41.93
N ALA S 558 -12.53 -7.24 41.78
CA ALA S 558 -11.15 -7.17 42.21
C ALA S 558 -10.27 -6.89 41.03
N ILE S 559 -10.84 -6.98 39.80
CA ILE S 559 -10.14 -6.79 38.56
C ILE S 559 -10.87 -5.74 37.78
N LYS S 560 -11.85 -5.06 38.40
CA LYS S 560 -12.69 -4.05 37.81
C LYS S 560 -11.90 -2.87 37.33
N SER S 561 -10.95 -2.39 38.16
CA SER S 561 -10.25 -1.16 37.94
C SER S 561 -8.88 -1.24 38.52
N LEU S 562 -8.32 -2.46 38.67
CA LEU S 562 -6.97 -2.68 39.12
C LEU S 562 -5.99 -2.11 38.13
N LEU S 563 -4.84 -1.57 38.61
CA LEU S 563 -3.76 -1.22 37.72
C LEU S 563 -2.80 -2.36 37.86
N LEU S 564 -2.62 -3.08 36.75
CA LEU S 564 -1.76 -4.20 36.65
C LEU S 564 -0.47 -3.64 36.13
N LEU S 565 0.63 -3.90 36.85
CA LEU S 565 1.93 -3.33 36.65
C LEU S 565 2.68 -4.27 35.74
N PRO S 566 3.87 -3.99 35.20
CA PRO S 566 4.71 -4.91 34.44
C PRO S 566 4.80 -6.34 34.90
N GLY S 567 4.90 -7.30 33.95
CA GLY S 567 4.96 -8.71 34.26
C GLY S 567 4.01 -9.42 33.35
N SER S 568 3.99 -10.76 33.44
CA SER S 568 3.15 -11.62 32.64
C SER S 568 2.23 -12.29 33.60
N TYR S 569 0.97 -12.48 33.20
CA TYR S 569 -0.07 -12.94 34.07
C TYR S 569 -0.89 -13.84 33.23
N THR S 570 -1.18 -15.06 33.74
CA THR S 570 -2.22 -15.90 33.20
C THR S 570 -3.54 -15.27 33.53
N TYR S 571 -4.52 -15.41 32.64
CA TYR S 571 -5.83 -14.90 32.83
C TYR S 571 -6.65 -15.92 32.14
N GLU S 572 -7.75 -16.38 32.77
CA GLU S 572 -8.57 -17.40 32.19
C GLU S 572 -9.95 -17.14 32.71
N TRP S 573 -10.99 -17.34 31.88
CA TRP S 573 -12.34 -17.11 32.32
C TRP S 573 -13.18 -18.06 31.52
N ASN S 574 -14.33 -18.50 32.09
CA ASN S 574 -15.19 -19.45 31.42
C ASN S 574 -16.36 -18.65 30.90
N PHE S 575 -17.05 -19.18 29.87
CA PHE S 575 -18.11 -18.50 29.18
C PHE S 575 -19.19 -19.52 29.00
N ARG S 576 -20.45 -19.17 29.31
CA ARG S 576 -21.58 -20.06 29.22
C ARG S 576 -22.00 -20.15 27.79
N LYS S 577 -22.70 -21.25 27.43
CA LYS S 577 -23.19 -21.51 26.10
C LYS S 577 -24.64 -21.89 26.20
N ASP S 578 -25.24 -21.87 27.43
CA ASP S 578 -26.63 -22.17 27.64
C ASP S 578 -27.44 -21.02 27.10
N VAL S 579 -28.30 -21.30 26.10
CA VAL S 579 -29.10 -20.31 25.40
C VAL S 579 -30.08 -19.60 26.29
N ASN S 580 -30.70 -20.31 27.27
CA ASN S 580 -31.63 -19.72 28.21
C ASN S 580 -30.96 -18.66 29.03
N MET S 581 -29.73 -18.95 29.52
CA MET S 581 -28.97 -18.07 30.36
C MET S 581 -28.57 -16.78 29.71
N ILE S 582 -28.17 -16.80 28.41
CA ILE S 582 -27.50 -15.69 27.80
C ILE S 582 -28.40 -14.98 26.82
N LEU S 583 -29.65 -15.45 26.61
CA LEU S 583 -30.58 -14.82 25.71
C LEU S 583 -31.86 -14.60 26.45
N GLN S 584 -32.31 -13.33 26.46
CA GLN S 584 -33.56 -12.88 27.02
C GLN S 584 -34.62 -13.03 25.96
N SER S 585 -35.89 -13.20 26.35
CA SER S 585 -37.02 -13.36 25.46
C SER S 585 -38.10 -12.48 25.99
N SER S 586 -39.10 -12.17 25.13
CA SER S 586 -40.21 -11.31 25.48
C SER S 586 -41.40 -12.11 25.92
N LEU S 587 -41.32 -13.45 25.91
CA LEU S 587 -42.40 -14.29 26.33
C LEU S 587 -41.90 -15.24 27.35
N GLY S 588 -40.56 -15.43 27.44
CA GLY S 588 -39.94 -16.26 28.44
C GLY S 588 -40.21 -17.70 28.19
N ASN S 589 -40.02 -18.14 26.92
CA ASN S 589 -40.13 -19.51 26.46
C ASN S 589 -39.07 -20.38 27.10
N ASP S 590 -38.71 -21.48 26.40
CA ASP S 590 -37.62 -22.31 26.75
C ASP S 590 -36.95 -22.35 25.42
N LEU S 591 -35.79 -21.66 25.30
CA LEU S 591 -35.11 -21.50 24.05
C LEU S 591 -34.32 -22.73 23.73
N ARG S 592 -34.00 -23.57 24.73
CA ARG S 592 -33.42 -24.86 24.49
C ARG S 592 -34.35 -25.76 23.74
N THR S 593 -35.64 -25.79 24.16
CA THR S 593 -36.69 -26.54 23.50
C THR S 593 -36.98 -26.03 22.10
N ASP S 594 -37.06 -24.68 21.96
CA ASP S 594 -37.42 -24.02 20.73
C ASP S 594 -36.46 -24.26 19.62
N GLY S 595 -35.13 -24.20 19.88
CA GLY S 595 -34.17 -24.53 18.86
C GLY S 595 -33.14 -23.48 18.73
N ALA S 596 -33.02 -22.55 19.71
CA ALA S 596 -31.92 -21.62 19.76
C ALA S 596 -30.64 -22.38 20.01
N SER S 597 -29.54 -21.92 19.40
CA SER S 597 -28.26 -22.56 19.46
C SER S 597 -27.24 -21.49 19.23
N ILE S 598 -26.04 -21.66 19.77
CA ILE S 598 -25.01 -20.66 19.69
C ILE S 598 -23.72 -21.42 19.68
N SER S 599 -22.70 -20.86 19.02
CA SER S 599 -21.38 -21.41 19.05
C SER S 599 -20.46 -20.25 18.97
N PHE S 600 -19.37 -20.30 19.79
CA PHE S 600 -18.33 -19.30 19.84
C PHE S 600 -17.25 -19.70 18.91
N THR S 601 -16.89 -18.80 17.97
CA THR S 601 -15.79 -19.00 17.06
C THR S 601 -14.96 -17.77 17.25
N SER S 602 -13.71 -17.88 17.75
CA SER S 602 -12.83 -16.75 17.96
C SER S 602 -13.19 -15.95 19.18
N ILE S 603 -12.28 -15.89 20.17
CA ILE S 603 -12.43 -15.02 21.31
C ILE S 603 -11.03 -14.52 21.53
N ASN S 604 -10.87 -13.18 21.69
CA ASN S 604 -9.60 -12.52 21.88
C ASN S 604 -9.80 -11.59 23.02
N LEU S 605 -8.71 -11.11 23.64
CA LEU S 605 -8.77 -10.21 24.75
C LEU S 605 -8.10 -8.95 24.32
N TYR S 606 -8.88 -7.87 24.12
CA TYR S 606 -8.40 -6.54 23.87
C TYR S 606 -7.97 -5.88 25.15
N ALA S 607 -7.07 -4.89 25.03
CA ALA S 607 -6.50 -4.15 26.13
C ALA S 607 -6.08 -2.86 25.55
N THR S 608 -6.02 -1.77 26.36
CA THR S 608 -5.50 -0.53 25.81
C THR S 608 -4.66 0.06 26.91
N PHE S 609 -3.41 0.37 26.53
CA PHE S 609 -2.40 0.99 27.32
C PHE S 609 -2.46 2.47 27.10
N PHE S 610 -2.35 3.26 28.18
CA PHE S 610 -2.11 4.69 28.09
C PHE S 610 -0.68 4.87 27.63
N PRO S 611 -0.32 5.76 26.68
CA PRO S 611 1.06 5.91 26.28
C PRO S 611 1.57 6.90 27.26
N MET S 612 2.68 6.57 27.94
CA MET S 612 3.12 7.35 29.04
C MET S 612 4.59 7.37 28.94
N ALA S 613 5.23 8.49 29.37
CA ALA S 613 6.65 8.63 29.43
C ALA S 613 7.19 7.58 30.34
N HIS S 614 8.31 6.95 29.96
CA HIS S 614 8.82 5.78 30.63
C HIS S 614 9.44 6.12 31.94
N ASN S 615 10.02 7.34 32.06
CA ASN S 615 10.52 7.88 33.31
C ASN S 615 9.42 8.05 34.33
N THR S 616 8.23 8.52 33.90
CA THR S 616 7.15 8.86 34.80
C THR S 616 6.34 7.63 35.12
N ALA S 617 6.47 6.56 34.31
CA ALA S 617 5.68 5.36 34.47
C ALA S 617 6.50 4.34 35.19
N SER S 618 7.77 4.66 35.50
CA SER S 618 8.60 3.82 36.33
C SER S 618 8.69 4.44 37.69
N THR S 619 8.42 5.77 37.78
CA THR S 619 8.22 6.45 39.04
C THR S 619 6.96 5.97 39.67
N LEU S 620 5.88 5.84 38.86
CA LEU S 620 4.59 5.36 39.27
C LEU S 620 4.65 3.93 39.72
N GLU S 621 5.41 3.08 38.98
CA GLU S 621 5.63 1.68 39.26
C GLU S 621 6.25 1.49 40.60
N ALA S 622 7.27 2.33 40.94
CA ALA S 622 8.03 2.30 42.17
C ALA S 622 7.13 2.50 43.36
N MET S 623 6.12 3.40 43.21
CA MET S 623 5.22 3.82 44.25
C MET S 623 3.96 2.99 44.21
N LEU S 624 3.91 1.86 43.50
CA LEU S 624 2.77 0.98 43.52
C LEU S 624 3.24 -0.43 43.75
N ARG S 625 4.57 -0.63 43.84
CA ARG S 625 5.15 -1.90 44.16
C ARG S 625 5.46 -1.94 45.62
N ASN S 626 5.21 -0.81 46.32
CA ASN S 626 5.45 -0.62 47.71
C ASN S 626 4.24 -1.07 48.48
N ASP S 627 4.47 -1.58 49.71
CA ASP S 627 3.50 -2.17 50.60
C ASP S 627 2.42 -1.22 51.02
N THR S 628 2.77 0.06 51.28
CA THR S 628 1.86 1.02 51.86
C THR S 628 1.10 1.76 50.78
N ASN S 629 1.30 1.37 49.51
CA ASN S 629 0.66 1.96 48.37
C ASN S 629 -0.18 0.91 47.70
N ASP S 630 -0.74 0.00 48.53
CA ASP S 630 -1.65 -1.05 48.14
C ASP S 630 -2.93 -0.47 47.59
N GLN S 631 -3.46 -1.03 46.50
CA GLN S 631 -4.76 -0.71 45.94
C GLN S 631 -5.82 -1.44 46.70
N SER S 632 -7.05 -0.90 46.78
CA SER S 632 -8.08 -1.51 47.56
C SER S 632 -9.38 -1.15 46.90
N PHE S 633 -10.35 -2.09 46.90
CA PHE S 633 -11.62 -1.91 46.24
C PHE S 633 -12.67 -2.46 47.15
N ASN S 634 -13.93 -2.07 46.88
CA ASN S 634 -15.12 -2.50 47.56
C ASN S 634 -15.95 -3.15 46.51
N ASP S 635 -16.84 -4.06 46.92
CA ASP S 635 -17.89 -4.58 46.07
C ASP S 635 -19.01 -3.60 46.27
N TYR S 636 -19.67 -3.11 45.18
CA TYR S 636 -20.59 -1.98 45.25
C TYR S 636 -21.75 -2.29 46.17
N LEU S 637 -22.30 -3.49 46.00
CA LEU S 637 -23.26 -4.07 46.89
C LEU S 637 -22.49 -5.18 47.50
N SER S 638 -22.15 -5.03 48.81
CA SER S 638 -21.51 -6.08 49.55
C SER S 638 -22.63 -6.81 50.18
N ALA S 639 -22.61 -8.14 50.02
CA ALA S 639 -23.78 -8.92 50.21
C ALA S 639 -23.37 -10.25 50.69
N ALA S 640 -24.26 -10.87 51.48
CA ALA S 640 -24.21 -12.28 51.68
C ALA S 640 -25.54 -12.69 51.13
N ASN S 641 -25.52 -13.60 50.13
CA ASN S 641 -26.71 -13.95 49.38
C ASN S 641 -27.25 -15.17 50.04
N MET S 642 -28.46 -15.05 50.61
CA MET S 642 -29.12 -16.17 51.21
C MET S 642 -30.49 -16.15 50.64
N LEU S 643 -30.90 -17.25 49.98
CA LEU S 643 -32.19 -17.35 49.35
C LEU S 643 -32.83 -18.48 50.08
N TYR S 644 -34.09 -18.28 50.52
CA TYR S 644 -34.80 -19.18 51.38
C TYR S 644 -36.04 -19.57 50.64
N PRO S 645 -36.43 -20.84 50.54
CA PRO S 645 -37.68 -21.23 49.91
C PRO S 645 -38.90 -20.66 50.55
N ILE S 646 -39.93 -20.37 49.73
CA ILE S 646 -41.26 -20.06 50.17
C ILE S 646 -42.05 -21.14 49.47
N PRO S 647 -42.62 -22.16 50.10
CA PRO S 647 -43.57 -23.08 49.49
C PRO S 647 -44.75 -22.38 48.86
N ALA S 648 -45.44 -23.01 47.89
CA ALA S 648 -46.62 -22.44 47.27
C ALA S 648 -47.72 -22.33 48.28
N ASN S 649 -48.19 -21.10 48.51
CA ASN S 649 -49.30 -20.71 49.35
C ASN S 649 -48.86 -20.55 50.79
N ALA S 650 -47.54 -20.38 51.04
CA ALA S 650 -47.02 -20.14 52.37
C ALA S 650 -47.19 -18.69 52.68
N THR S 651 -47.44 -18.37 53.97
CA THR S 651 -47.62 -17.02 54.44
C THR S 651 -46.64 -16.72 55.53
N ASN S 652 -45.62 -17.56 55.75
CA ASN S 652 -44.63 -17.34 56.76
C ASN S 652 -43.38 -17.92 56.19
N VAL S 653 -42.23 -17.29 56.47
CA VAL S 653 -40.98 -17.78 55.97
C VAL S 653 -40.10 -17.88 57.19
N PRO S 654 -39.48 -19.03 57.47
CA PRO S 654 -38.63 -19.20 58.63
C PRO S 654 -37.23 -18.78 58.25
N ILE S 655 -36.54 -18.08 59.17
CA ILE S 655 -35.19 -17.58 59.00
C ILE S 655 -34.45 -18.14 60.18
N SER S 656 -33.19 -18.55 59.97
CA SER S 656 -32.34 -19.11 61.00
C SER S 656 -30.97 -18.56 60.74
N ILE S 657 -30.38 -17.84 61.72
CA ILE S 657 -29.02 -17.36 61.61
C ILE S 657 -28.33 -17.71 62.93
N PRO S 658 -27.22 -18.45 62.96
CA PRO S 658 -26.39 -18.74 64.11
C PRO S 658 -25.90 -17.56 64.92
N SER S 659 -25.31 -17.85 66.10
CA SER S 659 -24.66 -16.86 66.92
C SER S 659 -23.36 -16.47 66.28
N ARG S 660 -23.22 -15.14 66.03
CA ARG S 660 -22.19 -14.55 65.23
C ARG S 660 -21.94 -13.21 65.80
N ASN S 661 -20.68 -12.71 65.68
CA ASN S 661 -20.35 -11.32 65.92
C ASN S 661 -20.96 -10.51 64.77
N TRP S 662 -21.52 -9.32 65.07
CA TRP S 662 -22.25 -8.50 64.12
C TRP S 662 -21.55 -7.20 63.95
N ALA S 663 -20.25 -7.13 64.32
CA ALA S 663 -19.45 -5.96 64.14
C ALA S 663 -19.25 -5.65 62.69
N ALA S 664 -19.51 -4.38 62.31
CA ALA S 664 -19.45 -3.82 60.98
C ALA S 664 -20.52 -4.37 60.11
N PHE S 665 -21.74 -4.46 60.64
CA PHE S 665 -22.90 -4.91 59.93
C PHE S 665 -23.60 -3.65 59.51
N ARG S 666 -24.16 -3.65 58.29
CA ARG S 666 -24.93 -2.56 57.76
C ARG S 666 -26.33 -3.10 57.77
N GLY S 667 -27.20 -2.60 56.89
CA GLY S 667 -28.60 -2.97 56.85
C GLY S 667 -28.89 -4.38 56.43
N TRP S 668 -30.10 -4.54 55.88
CA TRP S 668 -30.67 -5.73 55.35
C TRP S 668 -31.31 -5.21 54.12
N SER S 669 -31.53 -6.08 53.13
CA SER S 669 -32.25 -5.70 51.96
C SER S 669 -32.95 -6.96 51.62
N PHE S 670 -34.12 -6.90 50.96
CA PHE S 670 -34.82 -8.12 50.65
C PHE S 670 -35.79 -7.82 49.56
N THR S 671 -36.19 -8.88 48.85
CA THR S 671 -37.04 -8.81 47.70
C THR S 671 -37.53 -10.23 47.55
N ARG S 672 -38.58 -10.45 46.72
CA ARG S 672 -39.16 -11.76 46.52
C ARG S 672 -38.99 -12.06 45.07
N LEU S 673 -38.64 -13.33 44.75
CA LEU S 673 -38.35 -13.82 43.41
C LEU S 673 -39.33 -14.94 43.17
N LYS S 674 -39.27 -15.55 41.96
CA LYS S 674 -40.04 -16.73 41.63
C LYS S 674 -38.98 -17.78 41.41
N THR S 675 -39.30 -19.04 41.78
CA THR S 675 -38.40 -20.16 41.70
C THR S 675 -37.97 -20.47 40.29
N LYS S 676 -38.90 -20.40 39.31
CA LYS S 676 -38.61 -20.78 37.95
C LYS S 676 -37.83 -19.73 37.23
N GLU S 677 -37.83 -18.48 37.75
CA GLU S 677 -37.18 -17.37 37.12
C GLU S 677 -35.83 -17.14 37.73
N THR S 678 -35.41 -18.00 38.68
CA THR S 678 -34.15 -17.86 39.37
C THR S 678 -33.36 -19.09 39.04
N PRO S 679 -32.18 -19.02 38.44
CA PRO S 679 -31.36 -20.19 38.18
C PRO S 679 -30.50 -20.42 39.39
N SER S 680 -30.00 -21.66 39.55
CA SER S 680 -29.10 -22.01 40.63
C SER S 680 -27.73 -21.83 40.05
N LEU S 681 -26.81 -21.20 40.82
CA LEU S 681 -25.45 -20.97 40.39
C LEU S 681 -24.54 -21.93 41.12
N GLY S 682 -25.12 -22.94 41.81
CA GLY S 682 -24.40 -24.00 42.50
C GLY S 682 -23.71 -24.90 41.52
N SER S 683 -24.26 -24.97 40.29
CA SER S 683 -23.74 -25.75 39.21
C SER S 683 -23.79 -24.84 38.01
N GLY S 684 -23.11 -25.24 36.93
CA GLY S 684 -22.97 -24.43 35.74
C GLY S 684 -24.01 -24.79 34.73
N PHE S 685 -24.82 -25.84 34.97
CA PHE S 685 -25.90 -26.18 34.09
C PHE S 685 -27.00 -26.65 34.98
N ASP S 686 -28.24 -26.18 34.70
CA ASP S 686 -29.43 -26.59 35.39
C ASP S 686 -30.29 -27.15 34.30
N PRO S 687 -30.71 -28.41 34.32
CA PRO S 687 -31.60 -28.93 33.31
C PRO S 687 -33.04 -28.57 33.64
N TYR S 688 -33.30 -27.83 34.73
CA TYR S 688 -34.62 -27.49 35.18
C TYR S 688 -34.88 -26.03 35.02
N PHE S 689 -33.96 -25.28 34.37
CA PHE S 689 -34.15 -23.89 34.11
C PHE S 689 -34.71 -23.85 32.73
N VAL S 690 -36.04 -23.63 32.64
CA VAL S 690 -36.80 -23.73 31.41
C VAL S 690 -37.37 -22.38 31.08
N TYR S 691 -36.75 -21.33 31.64
CA TYR S 691 -37.22 -19.97 31.55
C TYR S 691 -36.11 -19.25 30.86
N SER S 692 -36.45 -18.45 29.83
CA SER S 692 -35.49 -17.67 29.10
C SER S 692 -35.84 -16.21 29.16
N GLY S 693 -36.85 -15.83 29.97
CA GLY S 693 -37.30 -14.47 30.11
C GLY S 693 -36.32 -13.63 30.85
N SER S 694 -36.78 -12.52 31.46
CA SER S 694 -35.96 -11.59 32.18
C SER S 694 -35.77 -12.11 33.58
N ILE S 695 -34.50 -12.33 34.01
CA ILE S 695 -34.18 -12.96 35.28
C ILE S 695 -34.08 -11.84 36.29
N PRO S 696 -34.88 -11.72 37.34
CA PRO S 696 -34.81 -10.62 38.28
C PRO S 696 -33.61 -10.72 39.17
N TYR S 697 -33.14 -11.94 39.46
CA TYR S 697 -32.04 -12.21 40.38
C TYR S 697 -30.76 -11.53 39.94
N LEU S 698 -30.47 -11.54 38.62
CA LEU S 698 -29.19 -11.15 38.10
C LEU S 698 -29.27 -9.85 37.36
N ASP S 699 -30.49 -9.37 37.02
CA ASP S 699 -30.68 -8.18 36.22
C ASP S 699 -31.20 -7.07 37.07
N GLY S 700 -31.65 -7.38 38.30
CA GLY S 700 -32.12 -6.42 39.27
C GLY S 700 -33.50 -5.90 38.95
N THR S 701 -34.30 -6.69 38.19
CA THR S 701 -35.55 -6.25 37.64
C THR S 701 -36.68 -6.89 38.42
N PHE S 702 -36.72 -6.59 39.75
CA PHE S 702 -37.68 -7.08 40.72
C PHE S 702 -39.05 -6.53 40.47
N TYR S 703 -40.10 -7.17 41.02
CA TYR S 703 -41.45 -6.75 40.74
C TYR S 703 -42.42 -7.30 41.75
N LEU S 704 -41.94 -8.03 42.78
CA LEU S 704 -42.79 -8.55 43.83
C LEU S 704 -42.21 -7.92 45.05
N ASN S 705 -42.93 -6.95 45.63
CA ASN S 705 -42.44 -6.17 46.74
C ASN S 705 -43.64 -5.67 47.47
N HIS S 706 -44.80 -5.72 46.81
CA HIS S 706 -46.07 -5.27 47.30
C HIS S 706 -46.76 -6.44 47.94
N THR S 707 -46.02 -7.55 48.11
CA THR S 707 -46.52 -8.81 48.60
C THR S 707 -45.98 -9.03 49.99
N PHE S 708 -45.13 -8.14 50.52
CA PHE S 708 -44.64 -8.24 51.87
C PHE S 708 -45.58 -7.48 52.72
N LYS S 709 -45.94 -8.09 53.87
CA LYS S 709 -46.99 -7.60 54.69
C LYS S 709 -46.48 -7.32 56.07
N LYS S 710 -45.21 -7.64 56.39
CA LYS S 710 -44.65 -7.44 57.72
C LYS S 710 -43.40 -8.25 57.84
N VAL S 711 -42.47 -7.81 58.72
CA VAL S 711 -41.22 -8.48 58.96
C VAL S 711 -40.90 -8.18 60.40
N SER S 712 -40.24 -9.14 61.10
CA SER S 712 -39.84 -9.04 62.49
C SER S 712 -38.37 -9.23 62.47
N ILE S 713 -37.64 -8.62 63.42
CA ILE S 713 -36.20 -8.78 63.46
C ILE S 713 -35.90 -8.89 64.93
N THR S 714 -35.03 -9.84 65.31
CA THR S 714 -34.73 -10.12 66.69
C THR S 714 -33.30 -10.52 66.77
N PHE S 715 -32.58 -9.99 67.78
CA PHE S 715 -31.31 -10.51 68.21
C PHE S 715 -31.57 -10.88 69.62
N ASP S 716 -31.51 -12.19 69.94
CA ASP S 716 -31.59 -12.72 71.29
C ASP S 716 -33.04 -12.69 71.66
N SER S 717 -33.69 -13.86 71.73
CA SER S 717 -35.11 -13.95 71.96
C SER S 717 -35.60 -13.25 73.20
N SER S 718 -36.62 -12.38 72.99
CA SER S 718 -37.53 -11.82 73.95
C SER S 718 -37.23 -10.37 74.19
N VAL S 719 -36.34 -9.76 73.37
CA VAL S 719 -35.97 -8.36 73.48
C VAL S 719 -35.00 -8.13 72.35
N SER S 720 -35.22 -7.03 71.57
CA SER S 720 -34.43 -6.80 70.39
C SER S 720 -34.37 -5.34 70.03
N TRP S 721 -33.56 -5.06 68.98
CA TRP S 721 -33.18 -3.79 68.42
C TRP S 721 -34.30 -2.87 67.96
N PRO S 722 -35.34 -3.25 67.20
CA PRO S 722 -36.33 -2.30 66.75
C PRO S 722 -37.49 -2.49 67.70
N GLY S 723 -37.17 -2.42 69.02
CA GLY S 723 -38.09 -2.68 70.09
C GLY S 723 -37.77 -1.75 71.21
N ASN S 724 -37.05 -0.63 70.91
CA ASN S 724 -36.86 0.44 71.86
C ASN S 724 -37.99 1.41 71.71
N ASP S 725 -39.10 0.98 71.08
CA ASP S 725 -40.33 1.72 70.94
C ASP S 725 -40.13 2.84 69.98
N ARG S 726 -39.59 2.52 68.78
CA ARG S 726 -39.25 3.47 67.77
C ARG S 726 -40.28 3.49 66.69
N LEU S 727 -41.33 2.63 66.79
CA LEU S 727 -42.28 2.42 65.73
C LEU S 727 -43.64 2.33 66.35
N LEU S 728 -44.71 2.45 65.52
CA LEU S 728 -46.08 2.49 65.98
C LEU S 728 -46.56 1.13 66.41
N THR S 729 -45.98 0.04 65.84
CA THR S 729 -46.15 -1.29 66.37
C THR S 729 -44.73 -1.77 66.48
N PRO S 730 -44.10 -1.86 67.66
CA PRO S 730 -42.64 -1.90 67.70
C PRO S 730 -42.21 -3.30 68.06
N ASN S 731 -42.85 -4.34 67.48
CA ASN S 731 -42.27 -5.66 67.44
C ASN S 731 -42.02 -6.03 66.02
N GLU S 732 -42.32 -5.14 65.07
CA GLU S 732 -42.31 -5.51 63.69
C GLU S 732 -42.25 -4.24 62.91
N PHE S 733 -41.94 -4.37 61.61
CA PHE S 733 -42.17 -3.36 60.63
C PHE S 733 -43.35 -3.85 59.87
N GLU S 734 -44.52 -3.18 59.99
CA GLU S 734 -45.65 -3.48 59.14
C GLU S 734 -45.31 -2.85 57.82
N ILE S 735 -45.72 -3.48 56.71
CA ILE S 735 -45.33 -3.01 55.40
C ILE S 735 -46.56 -2.52 54.75
N LYS S 736 -47.66 -3.27 54.91
CA LYS S 736 -48.93 -2.84 54.44
C LYS S 736 -49.87 -3.43 55.42
N ARG S 737 -50.91 -2.65 55.78
CA ARG S 737 -51.97 -3.10 56.61
C ARG S 737 -53.18 -2.74 55.83
N THR S 738 -54.09 -3.71 55.62
CA THR S 738 -55.28 -3.54 54.84
C THR S 738 -56.39 -3.52 55.85
N VAL S 739 -57.05 -2.35 55.95
CA VAL S 739 -58.10 -2.00 56.88
C VAL S 739 -57.43 -1.61 58.16
N ASP S 740 -57.39 -0.28 58.42
CA ASP S 740 -56.80 0.27 59.61
C ASP S 740 -57.92 0.98 60.31
N GLY S 741 -57.95 0.84 61.65
CA GLY S 741 -58.90 1.51 62.49
C GLY S 741 -58.22 2.65 63.18
N GLU S 742 -56.87 2.66 63.20
CA GLU S 742 -56.11 3.74 63.77
C GLU S 742 -55.53 4.61 62.69
N GLY S 743 -55.82 4.27 61.41
CA GLY S 743 -55.37 4.97 60.23
C GLY S 743 -53.90 5.21 60.15
N TYR S 744 -53.07 4.15 60.15
CA TYR S 744 -51.63 4.30 60.09
C TYR S 744 -51.17 4.34 58.66
N ASN S 745 -52.06 4.05 57.69
CA ASN S 745 -51.83 4.15 56.27
C ASN S 745 -51.57 5.56 55.82
N VAL S 746 -50.64 5.73 54.86
CA VAL S 746 -50.25 7.02 54.34
C VAL S 746 -49.95 6.83 52.88
N ALA S 747 -50.07 7.95 52.14
CA ALA S 747 -49.70 8.15 50.77
C ALA S 747 -50.82 7.70 49.87
N GLN S 748 -52.01 7.50 50.47
CA GLN S 748 -53.26 7.26 49.79
C GLN S 748 -53.31 5.88 49.18
N CYS S 749 -52.85 4.90 49.97
CA CYS S 749 -52.77 3.52 49.60
C CYS S 749 -52.65 2.80 50.90
N ASN S 750 -52.80 1.46 50.87
CA ASN S 750 -52.55 0.63 52.01
C ASN S 750 -51.07 0.34 52.09
N MET S 751 -50.30 1.26 52.72
CA MET S 751 -48.91 1.13 53.04
C MET S 751 -48.82 1.92 54.30
N THR S 752 -48.13 1.40 55.35
CA THR S 752 -48.10 2.02 56.65
C THR S 752 -47.09 3.13 56.67
N LYS S 753 -47.05 3.87 57.80
CA LYS S 753 -46.23 5.04 58.01
C LYS S 753 -44.98 4.64 58.75
N ASP S 754 -44.84 3.36 59.11
CA ASP S 754 -43.64 2.78 59.67
C ASP S 754 -42.80 2.23 58.56
N TRP S 755 -43.09 2.64 57.31
CA TRP S 755 -42.48 2.04 56.16
C TRP S 755 -42.55 3.05 55.06
N PHE S 756 -42.87 4.31 55.42
CA PHE S 756 -42.71 5.41 54.54
C PHE S 756 -41.59 6.15 55.20
N LEU S 757 -41.58 6.14 56.55
CA LEU S 757 -40.55 6.70 57.37
C LEU S 757 -39.21 6.05 57.13
N VAL S 758 -39.17 4.69 57.10
CA VAL S 758 -37.95 3.92 57.09
C VAL S 758 -37.39 3.87 55.69
N GLN S 759 -38.25 3.97 54.67
CA GLN S 759 -37.85 3.81 53.30
C GLN S 759 -37.55 5.14 52.68
N MET S 760 -37.78 6.25 53.40
CA MET S 760 -37.38 7.58 52.98
C MET S 760 -36.23 8.04 53.79
N LEU S 761 -35.70 7.17 54.68
CA LEU S 761 -34.51 7.45 55.44
C LEU S 761 -33.47 6.49 54.95
N ALA S 762 -33.49 6.18 53.64
CA ALA S 762 -32.62 5.20 53.06
C ALA S 762 -32.65 5.42 51.58
N HIS S 763 -33.19 6.57 51.13
CA HIS S 763 -33.44 6.84 49.74
C HIS S 763 -33.73 8.32 49.66
N TYR S 764 -33.25 9.08 50.67
CA TYR S 764 -33.36 10.50 50.69
C TYR S 764 -32.56 10.90 51.90
N ASN S 765 -32.80 10.22 53.05
CA ASN S 765 -32.11 10.39 54.31
C ASN S 765 -32.73 11.52 55.06
N ILE S 766 -33.98 11.88 54.73
CA ILE S 766 -34.68 12.95 55.36
C ILE S 766 -36.09 12.46 55.43
N GLY S 767 -36.70 12.64 56.63
CA GLY S 767 -38.03 12.24 56.96
C GLY S 767 -38.35 12.79 58.31
N TYR S 768 -37.34 13.36 59.01
CA TYR S 768 -37.48 13.86 60.36
C TYR S 768 -37.80 15.33 60.38
N GLN S 769 -37.82 15.99 59.19
CA GLN S 769 -37.99 17.40 59.08
C GLN S 769 -38.80 17.58 57.83
N GLY S 770 -39.94 16.88 57.72
CA GLY S 770 -40.86 16.97 56.61
C GLY S 770 -40.48 15.98 55.56
N PHE S 771 -41.46 15.59 54.70
CA PHE S 771 -41.25 14.73 53.58
C PHE S 771 -41.39 15.58 52.36
N TYR S 772 -40.40 15.50 51.45
CA TYR S 772 -40.35 16.28 50.24
C TYR S 772 -39.91 15.32 49.20
N VAL S 773 -40.10 15.68 47.91
CA VAL S 773 -39.64 14.88 46.80
C VAL S 773 -38.13 15.00 46.76
N PRO S 774 -37.33 13.93 46.70
CA PRO S 774 -35.89 14.01 46.53
C PRO S 774 -35.51 14.68 45.23
N GLU S 775 -34.24 15.13 45.12
CA GLU S 775 -33.68 15.68 43.91
C GLU S 775 -33.44 14.57 42.92
N GLY S 776 -32.98 14.91 41.69
CA GLY S 776 -32.81 13.95 40.60
C GLY S 776 -31.61 13.08 40.81
N TYR S 777 -30.70 13.49 41.74
CA TYR S 777 -29.48 12.80 42.08
C TYR S 777 -29.71 11.90 43.27
N LYS S 778 -30.92 11.95 43.86
CA LYS S 778 -31.32 11.12 44.96
C LYS S 778 -32.50 10.30 44.52
N ASP S 779 -32.77 10.27 43.21
CA ASP S 779 -33.78 9.44 42.62
C ASP S 779 -33.07 8.84 41.46
N ARG S 780 -32.76 7.53 41.56
CA ARG S 780 -32.04 6.80 40.55
C ARG S 780 -33.11 5.95 39.93
N MET S 781 -32.74 4.86 39.23
CA MET S 781 -33.68 4.02 38.55
C MET S 781 -34.09 2.87 39.42
N TYR S 782 -33.45 2.73 40.61
CA TYR S 782 -33.69 1.66 41.53
C TYR S 782 -34.00 2.23 42.90
N SER S 783 -34.38 3.52 43.00
CA SER S 783 -34.72 4.16 44.25
C SER S 783 -36.16 3.90 44.60
N PHE S 784 -36.51 4.04 45.91
CA PHE S 784 -37.85 3.84 46.43
C PHE S 784 -38.82 4.79 45.81
N PHE S 785 -38.43 6.08 45.73
CA PHE S 785 -39.33 7.11 45.31
C PHE S 785 -38.91 7.37 43.89
N ARG S 786 -39.69 6.84 42.95
CA ARG S 786 -39.41 6.80 41.54
C ARG S 786 -40.26 5.67 41.04
N ASN S 787 -40.43 4.62 41.87
CA ASN S 787 -41.08 3.41 41.49
C ASN S 787 -42.26 3.15 42.36
N PHE S 788 -42.51 4.00 43.38
CA PHE S 788 -43.62 3.88 44.29
C PHE S 788 -44.84 4.45 43.63
N GLN S 789 -45.93 3.66 43.55
CA GLN S 789 -47.10 4.00 42.78
C GLN S 789 -48.35 3.64 43.54
N PRO S 790 -48.85 4.42 44.49
CA PRO S 790 -50.23 4.40 44.97
C PRO S 790 -51.30 4.36 43.90
N MET S 791 -52.42 3.65 44.16
CA MET S 791 -53.51 3.55 43.22
C MET S 791 -54.74 3.18 43.98
N SER S 792 -55.94 3.52 43.46
CA SER S 792 -57.20 3.23 44.10
C SER S 792 -58.23 3.11 43.02
N ARG S 793 -59.24 2.24 43.23
CA ARG S 793 -60.43 2.21 42.44
C ARG S 793 -61.50 1.70 43.34
N GLN S 794 -62.76 2.09 43.11
CA GLN S 794 -63.91 1.59 43.82
C GLN S 794 -64.50 0.47 43.03
N VAL S 795 -65.17 -0.50 43.70
CA VAL S 795 -65.88 -1.58 43.07
C VAL S 795 -67.18 -1.72 43.77
N VAL S 796 -68.17 -2.37 43.12
CA VAL S 796 -69.50 -2.65 43.62
C VAL S 796 -69.49 -3.46 44.90
N ASP S 797 -70.37 -3.12 45.87
CA ASP S 797 -70.52 -3.85 47.11
C ASP S 797 -71.29 -5.09 46.81
N GLU S 798 -70.95 -6.19 47.49
CA GLU S 798 -71.47 -7.49 47.17
C GLU S 798 -72.44 -7.91 48.22
N VAL S 799 -72.74 -7.02 49.21
CA VAL S 799 -73.67 -7.32 50.27
C VAL S 799 -74.56 -6.14 50.52
N ASN S 800 -74.18 -4.93 50.06
CA ASN S 800 -74.91 -3.72 50.38
C ASN S 800 -75.55 -3.20 49.13
N TYR S 801 -75.45 -3.97 48.02
CA TYR S 801 -76.12 -3.66 46.79
C TYR S 801 -77.02 -4.86 46.62
N LYS S 802 -78.33 -4.60 46.40
CA LYS S 802 -79.35 -5.61 46.53
C LYS S 802 -79.75 -6.16 45.20
N ASP S 803 -79.20 -5.59 44.11
CA ASP S 803 -79.48 -6.03 42.77
C ASP S 803 -78.19 -6.57 42.22
N TYR S 804 -77.21 -6.86 43.11
CA TYR S 804 -75.96 -7.50 42.80
C TYR S 804 -76.23 -8.90 42.31
N GLN S 805 -75.52 -9.30 41.23
CA GLN S 805 -75.62 -10.58 40.61
C GLN S 805 -74.19 -10.94 40.36
N ALA S 806 -73.93 -12.24 40.15
CA ALA S 806 -72.60 -12.75 39.93
C ALA S 806 -72.53 -13.23 38.51
N VAL S 807 -72.64 -12.29 37.55
CA VAL S 807 -72.62 -12.57 36.14
C VAL S 807 -71.20 -12.90 35.78
N THR S 808 -70.94 -14.15 35.32
CA THR S 808 -69.62 -14.63 35.02
C THR S 808 -69.27 -14.19 33.63
N LEU S 809 -68.01 -14.41 33.22
CA LEU S 809 -67.40 -13.90 32.01
C LEU S 809 -68.17 -14.30 30.78
N ALA S 810 -68.68 -15.55 30.77
CA ALA S 810 -69.45 -16.13 29.69
C ALA S 810 -70.70 -15.34 29.39
N TYR S 811 -71.39 -14.84 30.44
CA TYR S 811 -72.70 -14.27 30.30
C TYR S 811 -72.66 -12.77 30.36
N GLN S 812 -71.46 -12.16 30.52
CA GLN S 812 -71.24 -10.74 30.36
C GLN S 812 -71.40 -10.36 28.92
N HIS S 813 -71.98 -9.17 28.63
CA HIS S 813 -72.13 -8.75 27.27
C HIS S 813 -72.11 -7.26 27.27
N ASN S 814 -71.52 -6.68 26.20
CA ASN S 814 -71.23 -5.29 26.08
C ASN S 814 -70.54 -5.20 24.75
N ASN S 815 -71.07 -4.37 23.82
CA ASN S 815 -70.67 -4.26 22.43
C ASN S 815 -71.30 -5.41 21.69
N SER S 816 -72.55 -5.75 22.03
CA SER S 816 -73.27 -6.86 21.47
C SER S 816 -73.57 -6.60 20.02
N GLY S 817 -73.10 -7.50 19.13
CA GLY S 817 -73.34 -7.41 17.71
C GLY S 817 -72.19 -6.77 17.00
N PHE S 818 -71.12 -6.40 17.74
CA PHE S 818 -70.07 -5.57 17.23
C PHE S 818 -68.75 -6.20 17.59
N VAL S 819 -68.76 -7.34 18.32
CA VAL S 819 -67.53 -7.97 18.75
C VAL S 819 -67.85 -9.44 18.85
N GLY S 820 -66.84 -10.31 18.65
CA GLY S 820 -66.93 -11.74 18.75
C GLY S 820 -67.25 -12.22 20.14
N TYR S 821 -67.69 -13.49 20.22
CA TYR S 821 -68.06 -14.16 21.45
C TYR S 821 -66.84 -14.87 21.96
N LEU S 822 -66.13 -14.24 22.92
CA LEU S 822 -65.12 -14.84 23.76
C LEU S 822 -63.87 -15.15 22.98
N ALA S 823 -63.66 -14.46 21.84
CA ALA S 823 -62.56 -14.76 20.98
C ALA S 823 -62.30 -13.51 20.19
N PRO S 824 -61.12 -13.30 19.64
CA PRO S 824 -60.83 -12.15 18.80
C PRO S 824 -61.17 -12.53 17.37
N THR S 825 -62.47 -12.62 17.04
CA THR S 825 -62.94 -13.12 15.76
C THR S 825 -63.97 -12.15 15.28
N MET S 826 -64.72 -12.53 14.21
CA MET S 826 -65.78 -11.73 13.61
C MET S 826 -66.88 -11.41 14.57
N ARG S 827 -67.62 -10.31 14.29
CA ARG S 827 -68.70 -9.78 15.08
C ARG S 827 -69.81 -10.80 15.21
N GLN S 828 -70.50 -10.81 16.36
CA GLN S 828 -71.51 -11.78 16.65
C GLN S 828 -72.51 -11.11 17.50
N GLY S 829 -73.81 -11.45 17.32
CA GLY S 829 -74.87 -11.00 18.16
C GLY S 829 -75.63 -9.89 17.54
N GLN S 830 -76.46 -9.22 18.37
CA GLN S 830 -77.37 -8.19 17.99
C GLN S 830 -77.11 -6.99 18.85
N PRO S 831 -77.25 -5.76 18.38
CA PRO S 831 -77.47 -4.56 19.17
C PRO S 831 -78.42 -4.73 20.32
N TYR S 832 -77.99 -4.43 21.57
CA TYR S 832 -78.81 -4.72 22.71
C TYR S 832 -78.18 -3.91 23.81
N PRO S 833 -78.87 -3.49 24.88
CA PRO S 833 -78.27 -2.99 26.11
C PRO S 833 -77.23 -3.91 26.68
N ALA S 834 -76.20 -3.34 27.35
CA ALA S 834 -75.14 -4.07 28.01
C ALA S 834 -75.60 -4.47 29.37
N ASN S 835 -74.76 -5.23 30.12
CA ASN S 835 -75.12 -5.62 31.46
C ASN S 835 -73.86 -5.84 32.25
N TYR S 836 -72.68 -5.40 31.72
CA TYR S 836 -71.42 -5.74 32.34
C TYR S 836 -71.05 -4.81 33.48
N PRO S 837 -70.24 -3.75 33.41
CA PRO S 837 -69.82 -3.00 34.60
C PRO S 837 -70.98 -2.32 35.24
N TYR S 838 -71.00 -2.18 36.58
CA TYR S 838 -72.05 -1.46 37.25
C TYR S 838 -71.60 -0.03 37.25
N PRO S 839 -72.38 0.96 36.82
CA PRO S 839 -72.01 2.36 36.93
C PRO S 839 -71.73 2.76 38.35
N LEU S 840 -70.62 3.49 38.58
CA LEU S 840 -70.20 3.94 39.87
C LEU S 840 -70.32 5.44 39.88
N ILE S 841 -70.83 6.03 38.79
CA ILE S 841 -70.85 7.45 38.56
C ILE S 841 -72.23 7.79 38.08
N GLY S 842 -72.58 9.09 38.15
CA GLY S 842 -73.83 9.64 37.69
C GLY S 842 -74.99 9.15 38.49
N LYS S 843 -76.22 9.39 37.96
CA LYS S 843 -77.46 8.91 38.51
C LYS S 843 -77.46 7.42 38.37
N SER S 844 -77.99 6.71 39.38
CA SER S 844 -78.01 5.26 39.41
C SER S 844 -76.63 4.69 39.62
N ALA S 845 -75.86 5.26 40.57
CA ALA S 845 -74.58 4.73 40.96
C ALA S 845 -74.84 3.75 42.05
N VAL S 846 -74.14 2.61 42.02
CA VAL S 846 -74.30 1.54 42.98
C VAL S 846 -73.43 1.84 44.16
N THR S 847 -73.72 1.24 45.34
CA THR S 847 -72.89 1.34 46.53
C THR S 847 -71.56 0.67 46.27
N SER S 848 -70.45 1.29 46.71
CA SER S 848 -69.14 0.85 46.29
C SER S 848 -68.13 1.11 47.36
N VAL S 849 -67.10 0.22 47.49
CA VAL S 849 -66.04 0.35 48.46
C VAL S 849 -64.73 0.38 47.77
N THR S 850 -63.79 1.20 48.31
CA THR S 850 -62.43 1.36 47.89
C THR S 850 -61.64 0.09 48.08
N GLN S 851 -60.77 -0.25 47.10
CA GLN S 851 -59.67 -1.15 47.22
C GLN S 851 -58.50 -0.27 46.90
N LYS S 852 -57.38 -0.38 47.63
CA LYS S 852 -56.25 0.47 47.36
C LYS S 852 -55.00 -0.28 47.68
N LYS S 853 -53.95 -0.04 46.86
CA LYS S 853 -52.75 -0.82 46.88
C LYS S 853 -51.72 0.04 46.24
N PHE S 854 -50.47 -0.47 46.19
CA PHE S 854 -49.34 0.23 45.62
C PHE S 854 -48.60 -0.80 44.84
N LEU S 855 -47.66 -0.36 43.97
CA LEU S 855 -46.68 -1.23 43.39
C LEU S 855 -45.34 -0.58 43.60
N CYS S 856 -44.29 -1.41 43.52
CA CYS S 856 -42.91 -1.05 43.51
C CYS S 856 -42.34 -2.10 42.62
N ASP S 857 -41.43 -1.68 41.71
CA ASP S 857 -40.78 -2.56 40.79
C ASP S 857 -39.39 -2.02 40.74
N ARG S 858 -38.39 -2.90 40.79
CA ARG S 858 -37.00 -2.59 40.57
C ARG S 858 -36.40 -2.05 41.84
N VAL S 859 -37.08 -2.32 42.98
CA VAL S 859 -36.74 -1.82 44.28
C VAL S 859 -36.53 -3.04 45.10
N MET S 860 -35.55 -2.99 46.03
CA MET S 860 -35.39 -3.96 47.07
C MET S 860 -35.60 -3.15 48.31
N TRP S 861 -36.38 -3.70 49.27
CA TRP S 861 -36.64 -3.07 50.53
C TRP S 861 -35.38 -2.91 51.32
N ARG S 862 -35.29 -1.87 52.14
CA ARG S 862 -34.11 -1.50 52.86
C ARG S 862 -34.46 -1.25 54.28
N ILE S 863 -33.89 -2.02 55.21
CA ILE S 863 -34.02 -1.74 56.62
C ILE S 863 -32.59 -1.49 57.02
N PRO S 864 -32.16 -0.27 57.34
CA PRO S 864 -30.84 0.04 57.89
C PRO S 864 -30.53 -0.66 59.19
N PHE S 865 -29.30 -0.47 59.71
CA PHE S 865 -28.93 -1.00 61.00
C PHE S 865 -28.33 0.15 61.71
N SER S 866 -29.19 1.15 62.02
CA SER S 866 -28.82 2.41 62.60
C SER S 866 -29.91 2.70 63.57
N SER S 867 -29.62 3.57 64.56
CA SER S 867 -30.59 3.95 65.55
C SER S 867 -31.54 4.98 65.01
N ASN S 868 -31.06 5.79 64.04
CA ASN S 868 -31.82 6.83 63.41
C ASN S 868 -32.45 6.32 62.14
N PHE S 869 -32.16 5.07 61.75
CA PHE S 869 -32.55 4.49 60.49
C PHE S 869 -32.00 5.24 59.30
N MET S 870 -30.87 5.96 59.43
CA MET S 870 -30.36 6.72 58.31
C MET S 870 -28.87 6.74 58.35
N SER S 871 -28.26 6.77 57.14
CA SER S 871 -26.84 6.78 56.94
C SER S 871 -26.20 8.04 57.47
N MET S 872 -25.01 7.88 58.05
CA MET S 872 -24.21 8.97 58.54
C MET S 872 -22.79 8.55 58.28
N GLY S 873 -22.60 7.61 57.34
CA GLY S 873 -21.33 7.02 57.06
C GLY S 873 -21.67 5.63 56.68
N ALA S 874 -20.73 4.95 55.97
CA ALA S 874 -20.98 3.64 55.46
C ALA S 874 -20.87 2.59 56.54
N LEU S 875 -20.06 2.88 57.59
CA LEU S 875 -19.93 2.02 58.74
C LEU S 875 -20.85 2.62 59.75
N THR S 876 -21.96 1.90 60.04
CA THR S 876 -23.00 2.34 60.95
C THR S 876 -22.49 2.39 62.36
N ASP S 877 -23.29 3.02 63.25
CA ASP S 877 -22.97 3.23 64.63
C ASP S 877 -23.29 2.00 65.45
N LEU S 878 -24.05 1.03 64.90
CA LEU S 878 -24.37 -0.19 65.60
C LEU S 878 -23.45 -1.29 65.16
N GLY S 879 -22.57 -1.05 64.18
CA GLY S 879 -21.54 -1.97 63.80
C GLY S 879 -20.34 -1.73 64.68
N GLN S 880 -20.30 -0.56 65.34
CA GLN S 880 -19.23 -0.12 66.17
C GLN S 880 -19.53 -0.31 67.64
N ASN S 881 -20.75 -0.81 67.99
CA ASN S 881 -21.14 -1.08 69.36
C ASN S 881 -21.06 -2.56 69.63
N MET S 882 -20.72 -3.36 68.60
CA MET S 882 -20.53 -4.79 68.69
C MET S 882 -19.05 -5.05 68.63
N LEU S 883 -18.27 -4.04 68.17
CA LEU S 883 -16.84 -3.95 68.35
C LEU S 883 -16.55 -3.79 69.82
N TYR S 884 -17.33 -2.93 70.52
CA TYR S 884 -17.15 -2.59 71.91
C TYR S 884 -17.30 -3.81 72.80
N ALA S 885 -18.35 -4.62 72.56
CA ALA S 885 -18.52 -5.86 73.27
C ALA S 885 -19.47 -6.68 72.47
N ASN S 886 -19.31 -8.01 72.52
CA ASN S 886 -20.14 -8.91 71.79
C ASN S 886 -20.11 -10.19 72.56
N SER S 887 -21.26 -10.88 72.62
CA SER S 887 -21.39 -12.17 73.26
C SER S 887 -21.77 -13.16 72.19
N ALA S 888 -21.92 -12.66 70.94
CA ALA S 888 -22.39 -13.35 69.78
C ALA S 888 -23.85 -13.53 69.92
N HIS S 889 -24.62 -12.84 69.05
CA HIS S 889 -26.04 -12.80 69.16
C HIS S 889 -26.50 -13.49 67.94
N ALA S 890 -27.71 -14.06 67.99
CA ALA S 890 -28.21 -14.83 66.90
C ALA S 890 -29.42 -14.09 66.45
N LEU S 891 -29.57 -13.99 65.13
CA LEU S 891 -30.55 -13.19 64.45
C LEU S 891 -31.66 -14.11 64.07
N ASP S 892 -32.88 -13.56 63.85
CA ASP S 892 -33.90 -14.25 63.10
C ASP S 892 -34.85 -13.19 62.65
N MET S 893 -35.68 -13.57 61.67
CA MET S 893 -36.73 -12.75 61.16
C MET S 893 -37.89 -13.65 60.96
N ASN S 894 -39.06 -13.03 60.79
CA ASN S 894 -40.24 -13.68 60.34
C ASN S 894 -40.64 -12.80 59.21
N PHE S 895 -41.47 -13.30 58.29
CA PHE S 895 -41.93 -12.54 57.15
C PHE S 895 -43.30 -13.05 56.96
N GLU S 896 -44.22 -12.17 56.52
CA GLU S 896 -45.51 -12.61 56.07
C GLU S 896 -45.55 -12.17 54.66
N VAL S 897 -45.78 -13.12 53.76
CA VAL S 897 -45.80 -12.93 52.35
C VAL S 897 -47.17 -13.36 51.92
N ASP S 898 -47.77 -12.65 50.94
CA ASP S 898 -49.08 -12.98 50.41
C ASP S 898 -49.01 -14.32 49.71
N PRO S 899 -50.00 -15.21 49.73
CA PRO S 899 -50.03 -16.47 48.98
C PRO S 899 -49.65 -16.39 47.52
N MET S 900 -48.96 -17.42 47.00
CA MET S 900 -48.61 -17.52 45.62
C MET S 900 -48.87 -18.93 45.23
N ASP S 901 -49.65 -19.14 44.15
CA ASP S 901 -49.87 -20.44 43.55
C ASP S 901 -48.57 -20.99 43.03
N GLU S 902 -47.76 -20.11 42.40
CA GLU S 902 -46.42 -20.38 41.92
C GLU S 902 -45.49 -20.53 43.09
N SER S 903 -44.41 -21.33 42.94
CA SER S 903 -43.35 -21.44 43.92
C SER S 903 -42.51 -20.19 43.81
N THR S 904 -41.99 -19.73 44.96
CA THR S 904 -41.40 -18.43 45.15
C THR S 904 -40.21 -18.63 46.02
N LEU S 905 -39.30 -17.64 46.04
CA LEU S 905 -38.12 -17.66 46.88
C LEU S 905 -38.12 -16.32 47.51
N LEU S 906 -37.35 -16.20 48.59
CA LEU S 906 -37.12 -14.99 49.33
C LEU S 906 -35.67 -14.79 49.07
N TYR S 907 -35.23 -13.54 48.88
CA TYR S 907 -33.85 -13.25 48.68
C TYR S 907 -33.59 -12.17 49.69
N VAL S 908 -32.68 -12.46 50.63
CA VAL S 908 -32.30 -11.59 51.70
C VAL S 908 -30.85 -11.36 51.42
N VAL S 909 -30.42 -10.09 51.48
CA VAL S 909 -29.07 -9.67 51.30
C VAL S 909 -28.73 -9.11 52.64
N PHE S 910 -27.55 -9.48 53.18
CA PHE S 910 -27.09 -9.00 54.45
C PHE S 910 -25.93 -8.18 54.03
N GLU S 911 -25.99 -6.88 54.33
CA GLU S 911 -25.08 -5.90 53.83
C GLU S 911 -23.91 -5.84 54.74
N VAL S 912 -22.71 -6.06 54.18
CA VAL S 912 -21.49 -6.28 54.92
C VAL S 912 -20.49 -5.37 54.29
N PHE S 913 -19.18 -5.67 54.42
CA PHE S 913 -18.12 -5.04 53.68
C PHE S 913 -17.46 -6.18 52.99
N ASP S 914 -17.17 -6.06 51.67
CA ASP S 914 -16.36 -7.01 50.96
C ASP S 914 -15.32 -6.13 50.38
N VAL S 915 -14.07 -6.22 50.89
CA VAL S 915 -13.02 -5.37 50.46
C VAL S 915 -11.83 -6.23 50.15
N VAL S 916 -11.31 -6.10 48.91
CA VAL S 916 -10.08 -6.72 48.51
C VAL S 916 -9.00 -5.69 48.77
N ARG S 917 -7.83 -6.09 49.30
CA ARG S 917 -6.62 -5.32 49.33
C ARG S 917 -5.78 -6.14 48.41
N VAL S 918 -5.06 -5.50 47.48
CA VAL S 918 -4.38 -6.15 46.39
C VAL S 918 -3.10 -5.42 46.13
N HIS S 919 -1.99 -6.15 45.91
CA HIS S 919 -0.70 -5.55 45.88
C HIS S 919 0.18 -6.42 45.03
N GLN S 920 1.19 -5.79 44.41
CA GLN S 920 2.17 -6.41 43.56
C GLN S 920 3.50 -6.08 44.18
N PRO S 921 4.35 -6.97 44.63
CA PRO S 921 5.52 -6.55 45.39
C PRO S 921 6.71 -6.59 44.49
N HIS S 922 6.59 -7.27 43.33
CA HIS S 922 7.69 -7.53 42.46
C HIS S 922 7.05 -7.81 41.14
N ARG S 923 7.86 -7.79 40.06
CA ARG S 923 7.42 -7.98 38.70
C ARG S 923 6.81 -9.34 38.49
N GLY S 924 5.56 -9.37 37.97
CA GLY S 924 4.84 -10.57 37.62
C GLY S 924 4.31 -11.29 38.81
N VAL S 925 3.99 -10.56 39.91
CA VAL S 925 3.51 -11.14 41.14
C VAL S 925 2.30 -10.33 41.47
N ILE S 926 1.21 -11.00 41.87
CA ILE S 926 0.00 -10.35 42.33
C ILE S 926 -0.47 -11.17 43.50
N GLU S 927 -0.88 -10.50 44.60
CA GLU S 927 -1.37 -11.13 45.79
C GLU S 927 -2.50 -10.30 46.28
N ALA S 928 -3.67 -10.93 46.53
CA ALA S 928 -4.85 -10.25 46.99
C ALA S 928 -5.43 -10.95 48.19
N VAL S 929 -5.55 -10.24 49.34
CA VAL S 929 -6.26 -10.70 50.52
C VAL S 929 -7.71 -10.24 50.45
N TYR S 930 -8.66 -11.10 50.88
CA TYR S 930 -10.08 -10.88 50.80
C TYR S 930 -10.65 -10.96 52.18
N LEU S 931 -11.25 -9.86 52.66
CA LEU S 931 -11.74 -9.76 54.01
C LEU S 931 -13.16 -9.32 53.89
N ARG S 932 -14.07 -10.09 54.53
CA ARG S 932 -15.47 -9.75 54.68
C ARG S 932 -15.65 -9.71 56.16
N THR S 933 -16.57 -8.85 56.66
CA THR S 933 -16.69 -8.58 58.07
C THR S 933 -17.63 -9.50 58.83
N PRO S 934 -18.93 -9.31 59.14
CA PRO S 934 -19.61 -10.13 60.13
C PRO S 934 -19.90 -11.50 59.57
N PHE S 935 -20.22 -11.60 58.26
CA PHE S 935 -20.47 -12.86 57.62
C PHE S 935 -19.17 -13.25 57.02
N SER S 936 -19.05 -14.53 56.66
CA SER S 936 -17.80 -15.06 56.22
C SER S 936 -18.19 -16.25 55.40
N ALA S 937 -18.78 -17.28 56.05
CA ALA S 937 -19.27 -18.50 55.44
C ALA S 937 -18.17 -19.24 54.72
N GLY S 938 -16.99 -19.37 55.39
CA GLY S 938 -15.82 -19.98 54.81
C GLY S 938 -15.15 -19.03 53.85
N ASN S 939 -15.07 -17.73 54.24
CA ASN S 939 -14.53 -16.65 53.43
C ASN S 939 -13.09 -16.92 53.09
N ALA S 940 -12.70 -16.52 51.86
CA ALA S 940 -11.39 -16.72 51.28
C ALA S 940 -10.35 -15.96 52.04
N THR S 941 -9.16 -16.60 52.19
CA THR S 941 -7.91 -16.01 52.62
C THR S 941 -8.02 -15.31 53.96
N THR S 942 -8.65 -16.00 54.94
CA THR S 942 -8.98 -15.42 56.21
C THR S 942 -7.82 -15.83 57.15
N MET T 1 -2.18 -15.18 59.81
CA MET T 1 -1.07 -14.87 58.86
C MET T 1 -0.27 -13.71 59.36
N ALA T 2 -0.93 -12.68 59.93
CA ALA T 2 -0.25 -11.59 60.59
C ALA T 2 -1.26 -10.98 61.51
N THR T 3 -0.83 -10.00 62.35
CA THR T 3 -1.62 -9.44 63.44
C THR T 3 -3.00 -8.87 63.10
N PRO T 4 -3.32 -8.15 62.01
CA PRO T 4 -4.56 -7.38 61.95
C PRO T 4 -5.86 -8.15 62.15
N SER T 5 -6.67 -7.80 63.17
CA SER T 5 -7.94 -8.40 63.47
C SER T 5 -8.75 -7.46 64.31
N MET T 6 -10.11 -7.54 64.24
CA MET T 6 -11.06 -6.59 64.83
C MET T 6 -10.77 -5.20 64.34
N LEU T 7 -10.56 -4.22 65.24
CA LEU T 7 -10.22 -2.87 64.86
C LEU T 7 -8.93 -2.78 64.07
N PRO T 8 -7.83 -3.45 64.39
CA PRO T 8 -6.68 -3.60 63.50
C PRO T 8 -6.91 -4.02 62.07
N GLN T 9 -7.89 -4.92 61.73
CA GLN T 9 -8.06 -5.31 60.34
C GLN T 9 -9.09 -4.46 59.68
N TRP T 10 -9.62 -3.44 60.37
CA TRP T 10 -10.47 -2.46 59.75
C TRP T 10 -9.63 -1.25 59.47
N ALA T 11 -8.30 -1.32 59.74
CA ALA T 11 -7.41 -0.23 59.45
C ALA T 11 -6.41 -0.68 58.46
N TYR T 12 -6.45 -1.97 58.12
CA TYR T 12 -5.57 -2.59 57.17
C TYR T 12 -6.33 -2.76 55.89
N MET T 13 -7.66 -2.91 55.97
CA MET T 13 -8.50 -3.12 54.83
C MET T 13 -9.29 -1.87 54.55
N HIS T 14 -9.12 -0.83 55.40
CA HIS T 14 -9.56 0.51 55.12
C HIS T 14 -11.05 0.62 55.26
N ILE T 15 -11.59 0.04 56.34
CA ILE T 15 -13.00 0.02 56.65
C ILE T 15 -13.27 1.13 57.64
N ALA T 16 -12.25 1.57 58.38
CA ALA T 16 -12.44 2.41 59.53
C ALA T 16 -11.15 3.03 59.92
N GLY T 17 -10.13 3.05 59.03
CA GLY T 17 -8.84 3.64 59.29
C GLY T 17 -8.87 5.14 59.09
N GLN T 18 -7.72 5.70 58.65
CA GLN T 18 -7.49 7.10 58.42
C GLN T 18 -7.85 7.43 57.00
N ASP T 19 -7.60 8.69 56.55
CA ASP T 19 -7.80 9.19 55.19
C ASP T 19 -7.23 8.27 54.14
N ALA T 20 -7.76 8.37 52.89
CA ALA T 20 -7.27 7.66 51.75
C ALA T 20 -5.99 8.23 51.22
N SER T 21 -5.67 9.48 51.62
CA SER T 21 -4.52 10.21 51.20
C SER T 21 -3.55 10.31 52.34
N GLU T 22 -3.70 9.44 53.36
CA GLU T 22 -2.78 9.37 54.47
C GLU T 22 -2.29 7.96 54.59
N TYR T 23 -2.96 6.99 53.93
CA TYR T 23 -2.46 5.64 53.81
C TYR T 23 -1.25 5.69 52.91
N LEU T 24 -1.42 6.44 51.81
CA LEU T 24 -0.51 6.54 50.72
C LEU T 24 0.64 7.40 51.07
N SER T 25 1.76 7.19 50.34
CA SER T 25 2.94 8.00 50.38
C SER T 25 2.59 9.40 49.96
N PRO T 26 3.28 10.45 50.38
CA PRO T 26 2.91 11.80 50.04
C PRO T 26 3.20 12.08 48.60
N GLY T 27 4.11 11.31 47.98
CA GLY T 27 4.51 11.49 46.61
C GLY T 27 3.54 10.88 45.67
N LEU T 28 2.82 9.80 46.09
CA LEU T 28 1.82 9.22 45.22
C LEU T 28 0.57 10.05 45.23
N VAL T 29 0.29 10.78 46.33
CA VAL T 29 -0.78 11.74 46.46
C VAL T 29 -0.62 12.91 45.53
N GLN T 30 0.63 13.41 45.41
CA GLN T 30 0.98 14.56 44.61
C GLN T 30 1.02 14.24 43.15
N PHE T 31 1.13 12.96 42.80
CA PHE T 31 1.20 12.50 41.43
C PHE T 31 -0.17 12.04 41.02
N ALA T 32 -1.17 12.11 41.92
CA ALA T 32 -2.53 11.71 41.69
C ALA T 32 -3.37 12.93 41.82
N ARG T 33 -2.72 14.11 41.70
CA ARG T 33 -3.36 15.39 41.61
C ARG T 33 -2.83 15.96 40.35
N ALA T 34 -1.52 15.78 40.08
CA ALA T 34 -0.88 16.25 38.88
C ALA T 34 -1.43 15.60 37.64
N THR T 35 -1.65 14.27 37.67
CA THR T 35 -2.01 13.55 36.47
C THR T 35 -3.48 13.24 36.45
N ASP T 36 -4.25 13.59 37.50
CA ASP T 36 -5.65 13.25 37.56
C ASP T 36 -6.43 14.40 37.04
N THR T 37 -6.47 14.45 35.69
CA THR T 37 -7.02 15.48 34.86
C THR T 37 -7.07 14.86 33.49
N TYR T 38 -6.51 13.63 33.34
CA TYR T 38 -6.43 12.96 32.07
C TYR T 38 -6.13 11.51 32.31
N PHE T 39 -5.88 11.10 33.57
CA PHE T 39 -5.47 9.75 33.85
C PHE T 39 -5.59 9.62 35.34
N SER T 40 -6.81 9.26 35.79
CA SER T 40 -7.17 9.18 37.18
C SER T 40 -6.58 7.95 37.83
N LEU T 41 -5.63 8.14 38.77
CA LEU T 41 -5.05 7.08 39.56
C LEU T 41 -5.92 6.82 40.74
N GLY T 42 -6.69 7.85 41.16
CA GLY T 42 -7.61 7.77 42.27
C GLY T 42 -8.79 6.96 41.88
N ASN T 43 -9.64 6.62 42.88
CA ASN T 43 -10.79 5.77 42.74
C ASN T 43 -10.39 4.33 42.67
N LYS T 44 -9.16 4.02 43.13
CA LYS T 44 -8.64 2.68 43.17
C LYS T 44 -8.12 2.45 44.55
N PHE T 45 -8.37 3.39 45.49
CA PHE T 45 -7.93 3.31 46.85
C PHE T 45 -9.13 3.63 47.66
N ARG T 46 -9.44 2.76 48.65
CA ARG T 46 -10.48 2.94 49.63
C ARG T 46 -10.31 4.15 50.48
N ASN T 47 -11.44 4.81 50.80
CA ASN T 47 -11.53 5.90 51.73
C ASN T 47 -12.57 5.41 52.71
N PRO T 48 -12.38 5.45 54.03
CA PRO T 48 -13.39 4.99 54.97
C PRO T 48 -14.29 6.14 55.35
N THR T 49 -15.51 5.81 55.81
CA THR T 49 -16.46 6.77 56.32
C THR T 49 -17.12 6.07 57.47
N VAL T 50 -17.36 6.79 58.58
CA VAL T 50 -17.78 6.22 59.83
C VAL T 50 -18.89 7.11 60.34
N ALA T 51 -19.68 6.58 61.29
CA ALA T 51 -20.78 7.27 61.90
C ALA T 51 -20.32 7.81 63.23
N PRO T 52 -20.91 8.88 63.79
CA PRO T 52 -20.78 9.19 65.22
C PRO T 52 -21.27 8.04 66.07
N THR T 53 -20.63 7.78 67.22
CA THR T 53 -20.90 6.61 68.01
C THR T 53 -21.40 6.97 69.38
N HIS T 54 -21.76 8.26 69.65
CA HIS T 54 -22.26 8.59 70.95
C HIS T 54 -22.95 9.92 70.95
N ASP T 55 -23.17 10.52 69.76
CA ASP T 55 -23.67 11.87 69.68
C ASP T 55 -25.11 11.89 69.28
N VAL T 56 -25.56 10.81 68.59
CA VAL T 56 -26.87 10.73 68.00
C VAL T 56 -27.60 9.56 68.61
N THR T 57 -26.92 8.84 69.52
CA THR T 57 -27.40 7.65 70.18
C THR T 57 -28.55 7.99 71.08
N THR T 58 -29.48 7.04 71.25
CA THR T 58 -30.58 7.15 72.16
C THR T 58 -30.78 5.72 72.52
N ASP T 59 -31.23 5.47 73.75
CA ASP T 59 -31.38 4.16 74.30
C ASP T 59 -32.29 4.32 75.49
N ARG T 60 -32.98 5.47 75.57
CA ARG T 60 -33.88 5.81 76.65
C ARG T 60 -35.29 5.47 76.20
N SER T 61 -35.46 5.00 74.94
CA SER T 61 -36.67 4.40 74.43
C SER T 61 -37.66 5.42 73.95
N GLN T 62 -37.20 6.61 73.54
CA GLN T 62 -38.02 7.68 73.00
C GLN T 62 -38.61 7.25 71.68
N ARG T 63 -39.80 7.78 71.31
CA ARG T 63 -40.51 7.32 70.14
C ARG T 63 -40.18 8.27 69.02
N LEU T 64 -40.44 7.84 67.77
CA LEU T 64 -40.19 8.62 66.59
C LEU T 64 -41.53 9.15 66.22
N THR T 65 -42.36 8.31 65.59
CA THR T 65 -43.68 8.65 65.13
C THR T 65 -44.63 8.64 66.29
N LEU T 66 -45.36 9.74 66.44
CA LEU T 66 -46.25 10.02 67.53
C LEU T 66 -47.47 10.60 66.91
N ARG T 67 -48.55 10.63 67.70
CA ARG T 67 -49.85 10.99 67.26
C ARG T 67 -50.73 10.72 68.41
N PHE T 68 -51.68 11.64 68.68
CA PHE T 68 -52.89 11.18 69.29
C PHE T 68 -53.91 12.24 69.01
N VAL T 69 -55.17 11.79 69.22
CA VAL T 69 -56.45 12.41 69.03
C VAL T 69 -56.59 13.84 69.51
N PRO T 70 -57.53 14.61 68.98
CA PRO T 70 -58.05 15.84 69.55
C PRO T 70 -58.44 15.80 70.99
N VAL T 71 -58.33 16.96 71.67
CA VAL T 71 -58.67 17.08 73.06
C VAL T 71 -60.01 17.77 73.09
N ASP T 72 -60.53 18.20 71.92
CA ASP T 72 -61.73 18.95 71.82
C ASP T 72 -61.88 19.10 70.35
N ARG T 73 -62.99 18.58 69.78
CA ARG T 73 -63.25 18.60 68.37
C ARG T 73 -64.68 18.96 68.21
N GLU T 74 -64.93 20.02 67.41
CA GLU T 74 -66.23 20.59 67.21
C GLU T 74 -66.56 20.53 65.75
N ASP T 75 -67.75 19.98 65.45
CA ASP T 75 -68.37 19.88 64.15
C ASP T 75 -69.34 21.02 64.03
N ASN T 76 -69.22 21.81 62.94
CA ASN T 76 -70.04 22.96 62.67
C ASN T 76 -70.39 22.81 61.21
N THR T 77 -71.43 23.55 60.74
CA THR T 77 -72.07 23.36 59.46
C THR T 77 -71.15 23.52 58.27
N TYR T 78 -70.25 24.53 58.28
CA TYR T 78 -69.44 24.84 57.14
C TYR T 78 -67.97 24.68 57.49
N SER T 79 -67.63 24.42 58.78
CA SER T 79 -66.26 24.35 59.21
C SER T 79 -66.18 23.26 60.23
N TYR T 80 -64.97 22.71 60.45
CA TYR T 80 -64.70 21.69 61.43
C TYR T 80 -63.52 22.21 62.20
N LYS T 81 -63.67 22.52 63.51
CA LYS T 81 -62.62 23.13 64.29
C LYS T 81 -62.05 22.06 65.16
N VAL T 82 -60.71 21.85 65.15
CA VAL T 82 -60.05 20.78 65.88
C VAL T 82 -58.95 21.35 66.73
N ARG T 83 -58.96 21.06 68.04
CA ARG T 83 -57.98 21.49 69.00
C ARG T 83 -57.24 20.29 69.53
N TYR T 84 -55.93 20.46 69.82
CA TYR T 84 -55.02 19.43 70.30
C TYR T 84 -54.33 20.04 71.47
N THR T 85 -53.67 19.18 72.28
CA THR T 85 -52.76 19.59 73.31
C THR T 85 -51.50 18.90 72.92
N LEU T 86 -50.83 19.48 71.90
CA LEU T 86 -49.54 19.10 71.39
C LEU T 86 -48.54 19.22 72.51
N ALA T 87 -47.52 18.36 72.55
CA ALA T 87 -46.58 18.47 73.63
C ALA T 87 -45.30 17.96 73.08
N VAL T 88 -44.22 18.34 73.77
CA VAL T 88 -42.88 18.02 73.41
C VAL T 88 -42.35 17.55 74.72
N GLY T 89 -41.77 16.33 74.76
CA GLY T 89 -41.20 15.76 75.95
C GLY T 89 -39.90 16.41 76.28
N ASP T 90 -39.29 16.03 77.42
CA ASP T 90 -38.04 16.62 77.86
C ASP T 90 -36.94 15.92 77.14
N ASN T 91 -36.06 16.72 76.49
CA ASN T 91 -34.91 16.26 75.77
C ASN T 91 -35.31 15.81 74.39
N ARG T 92 -36.45 16.34 73.88
CA ARG T 92 -36.96 15.98 72.58
C ARG T 92 -37.18 17.30 71.94
N VAL T 93 -36.67 17.47 70.70
CA VAL T 93 -36.80 18.69 69.94
C VAL T 93 -37.72 18.34 68.80
N LEU T 94 -38.87 19.01 68.72
CA LEU T 94 -39.88 18.84 67.71
C LEU T 94 -39.56 19.78 66.59
N ASP T 95 -39.77 19.36 65.33
CA ASP T 95 -39.67 20.22 64.18
C ASP T 95 -41.05 20.19 63.60
N MET T 96 -41.57 21.37 63.19
CA MET T 96 -42.92 21.56 62.76
C MET T 96 -43.06 21.33 61.29
N ALA T 97 -41.92 21.07 60.62
CA ALA T 97 -41.82 20.61 59.27
C ALA T 97 -42.46 19.24 59.12
N SER T 98 -42.29 18.39 60.15
CA SER T 98 -42.72 17.02 60.15
C SER T 98 -44.07 16.81 60.79
N THR T 99 -44.79 17.88 61.23
CA THR T 99 -46.16 17.74 61.66
C THR T 99 -47.07 17.78 60.45
N TYR T 100 -48.18 17.03 60.49
CA TYR T 100 -49.19 17.11 59.47
C TYR T 100 -50.45 16.57 60.10
N PHE T 101 -51.62 17.04 59.60
CA PHE T 101 -52.93 16.57 59.95
C PHE T 101 -53.28 15.39 59.11
N ASP T 102 -53.79 14.31 59.71
CA ASP T 102 -54.22 13.12 59.05
C ASP T 102 -55.72 13.11 59.14
N ILE T 103 -56.43 13.29 58.01
CA ILE T 103 -57.85 13.55 57.93
C ILE T 103 -58.45 12.34 57.29
N ARG T 104 -59.60 11.85 57.80
CA ARG T 104 -60.29 10.73 57.22
C ARG T 104 -61.72 11.13 57.23
N GLY T 105 -62.52 10.52 56.36
CA GLY T 105 -63.92 10.83 56.27
C GLY T 105 -64.46 10.07 55.13
N VAL T 106 -65.50 10.62 54.48
CA VAL T 106 -66.13 10.04 53.34
C VAL T 106 -66.56 11.20 52.48
N LEU T 107 -66.35 11.06 51.17
CA LEU T 107 -66.55 12.08 50.19
C LEU T 107 -67.57 11.54 49.26
N ASP T 108 -68.53 12.39 48.85
CA ASP T 108 -69.49 12.09 47.84
C ASP T 108 -69.19 13.12 46.79
N ARG T 109 -69.18 12.69 45.53
CA ARG T 109 -69.02 13.55 44.41
C ARG T 109 -70.36 13.41 43.80
N GLY T 110 -70.98 14.52 43.38
CA GLY T 110 -72.29 14.53 42.78
C GLY T 110 -72.41 13.65 41.56
N PRO T 111 -73.57 13.53 40.98
CA PRO T 111 -73.79 12.81 39.75
C PRO T 111 -73.32 13.62 38.56
N SER T 112 -72.50 14.68 38.75
CA SER T 112 -71.88 15.42 37.69
C SER T 112 -70.57 14.79 37.31
N PHE T 113 -70.00 13.99 38.24
CA PHE T 113 -68.74 13.30 38.13
C PHE T 113 -68.76 12.28 37.02
N LYS T 114 -67.63 12.12 36.32
CA LYS T 114 -67.49 11.23 35.21
C LYS T 114 -66.03 11.33 34.86
N PRO T 115 -65.11 10.66 35.52
CA PRO T 115 -63.68 10.75 35.31
C PRO T 115 -63.16 10.04 34.09
N TYR T 116 -63.95 9.95 33.00
CA TYR T 116 -63.50 9.37 31.76
C TYR T 116 -64.23 10.17 30.74
N SER T 117 -63.84 10.04 29.45
CA SER T 117 -64.35 10.85 28.38
C SER T 117 -65.20 10.07 27.41
N GLY T 118 -65.14 8.72 27.46
CA GLY T 118 -65.92 7.87 26.58
C GLY T 118 -67.28 7.57 27.11
N THR T 119 -67.76 6.35 26.78
CA THR T 119 -68.96 5.76 27.32
C THR T 119 -68.43 4.41 27.72
N ALA T 120 -69.12 3.73 28.65
CA ALA T 120 -68.69 2.47 29.17
C ALA T 120 -69.59 1.38 28.66
N TYR T 121 -70.53 1.70 27.73
CA TYR T 121 -71.52 0.75 27.29
C TYR T 121 -71.73 0.97 25.83
N ASN T 122 -71.76 -0.14 25.06
CA ASN T 122 -71.84 -0.18 23.61
C ASN T 122 -71.09 0.92 22.92
N SER T 123 -69.78 1.03 23.19
CA SER T 123 -68.86 1.96 22.59
C SER T 123 -68.75 1.84 21.11
N LEU T 124 -68.73 0.60 20.58
CA LEU T 124 -68.59 0.35 19.16
C LEU T 124 -69.82 0.64 18.37
N ALA T 125 -70.99 0.79 19.02
CA ALA T 125 -72.25 1.01 18.35
C ALA T 125 -72.26 2.26 17.52
N PRO T 126 -72.91 2.32 16.36
CA PRO T 126 -73.41 3.55 15.75
C PRO T 126 -74.25 4.31 16.73
N LYS T 127 -74.23 5.65 16.66
CA LYS T 127 -74.92 6.48 17.61
C LYS T 127 -76.34 6.74 17.19
N GLY T 128 -76.83 6.02 16.17
CA GLY T 128 -78.12 6.21 15.57
C GLY T 128 -78.79 4.86 15.51
N ALA T 129 -78.05 3.77 15.83
CA ALA T 129 -78.57 2.43 15.97
C ALA T 129 -79.49 2.36 17.17
N PRO T 130 -80.56 1.56 17.28
CA PRO T 130 -81.56 1.86 18.29
C PRO T 130 -81.88 0.69 19.19
N ASN T 131 -81.25 -0.51 19.02
CA ASN T 131 -81.61 -1.74 19.71
C ASN T 131 -82.69 -2.44 18.94
N SER T 132 -82.98 -3.69 19.33
CA SER T 132 -84.15 -4.41 18.90
C SER T 132 -85.22 -4.00 19.86
N SER T 133 -86.37 -3.49 19.35
CA SER T 133 -87.39 -2.94 20.22
C SER T 133 -88.69 -2.98 19.49
N GLN T 134 -89.80 -3.08 20.25
CA GLN T 134 -91.15 -3.00 19.76
C GLN T 134 -91.72 -1.68 20.17
N TRP T 135 -92.83 -1.29 19.50
CA TRP T 135 -93.58 -0.11 19.80
C TRP T 135 -94.94 -0.42 19.25
N GLU T 136 -95.97 0.34 19.67
CA GLU T 136 -97.29 0.20 19.13
C GLU T 136 -97.71 1.50 18.53
N GLN T 137 -98.42 1.40 17.41
CA GLN T 137 -98.92 2.52 16.66
C GLN T 137 -100.10 2.00 15.94
N LYS T 138 -100.95 2.92 15.42
CA LYS T 138 -102.14 2.53 14.72
C LYS T 138 -102.49 3.59 13.73
N LYS T 139 -101.56 4.55 13.51
CA LYS T 139 -101.66 5.54 12.45
C LYS T 139 -101.05 4.99 11.19
N ALA T 140 -99.86 4.34 11.32
CA ALA T 140 -99.24 3.62 10.22
C ALA T 140 -99.55 2.17 10.38
N GLY T 141 -100.31 1.82 11.44
CA GLY T 141 -100.90 0.52 11.64
C GLY T 141 -102.29 0.61 11.08
N ASN T 142 -103.01 -0.53 11.07
CA ASN T 142 -104.36 -0.62 10.58
C ASN T 142 -105.28 -0.34 11.73
N GLY T 143 -106.47 0.21 11.40
CA GLY T 143 -107.57 0.52 12.30
C GLY T 143 -107.18 1.35 13.48
N ASP T 144 -108.00 1.25 14.56
CA ASP T 144 -107.73 1.90 15.84
C ASP T 144 -107.10 0.86 16.73
N THR T 145 -106.96 -0.39 16.21
CA THR T 145 -106.32 -1.52 16.83
C THR T 145 -104.86 -1.20 16.91
N MET T 146 -104.23 -1.46 18.08
CA MET T 146 -102.85 -1.17 18.32
C MET T 146 -101.97 -2.26 17.78
N GLU T 147 -101.53 -2.06 16.51
CA GLU T 147 -100.58 -2.88 15.80
C GLU T 147 -99.26 -2.82 16.51
N THR T 148 -98.49 -3.93 16.48
CA THR T 148 -97.23 -4.01 17.17
C THR T 148 -96.27 -4.14 16.03
N HIS T 149 -95.23 -3.29 16.10
CA HIS T 149 -94.26 -3.06 15.08
C HIS T 149 -92.94 -3.27 15.73
N THR T 150 -92.00 -3.94 15.03
CA THR T 150 -90.78 -4.39 15.64
C THR T 150 -89.71 -4.09 14.63
N PHE T 151 -88.59 -3.55 15.13
CA PHE T 151 -87.38 -3.30 14.39
C PHE T 151 -86.42 -4.15 15.15
N GLY T 152 -85.50 -4.88 14.48
CA GLY T 152 -84.59 -5.66 15.26
C GLY T 152 -83.71 -6.48 14.40
N VAL T 153 -83.03 -7.44 15.05
CA VAL T 153 -82.16 -8.40 14.43
C VAL T 153 -82.20 -9.61 15.31
N ALA T 154 -82.26 -10.81 14.69
CA ALA T 154 -82.31 -12.09 15.34
C ALA T 154 -81.08 -12.81 14.87
N PRO T 155 -80.07 -13.11 15.68
CA PRO T 155 -78.76 -13.32 15.10
C PRO T 155 -78.37 -14.77 15.06
N MET T 156 -78.98 -15.68 15.86
CA MET T 156 -78.48 -17.05 15.91
C MET T 156 -79.53 -17.96 15.36
N GLY T 157 -79.08 -19.02 14.63
CA GLY T 157 -79.94 -20.02 14.04
C GLY T 157 -80.55 -20.96 15.03
N GLY T 158 -81.03 -22.12 14.54
CA GLY T 158 -81.66 -23.12 15.36
C GLY T 158 -82.38 -24.06 14.45
N GLU T 159 -82.56 -25.30 14.93
CA GLU T 159 -83.14 -26.42 14.23
C GLU T 159 -84.58 -26.21 13.86
N ASN T 160 -85.41 -25.71 14.80
CA ASN T 160 -86.82 -25.47 14.58
C ASN T 160 -87.20 -24.30 15.41
N ILE T 161 -88.38 -23.72 15.12
CA ILE T 161 -89.07 -22.84 16.00
C ILE T 161 -90.44 -23.44 16.11
N THR T 162 -90.82 -23.88 17.33
CA THR T 162 -92.07 -24.54 17.58
C THR T 162 -92.85 -23.56 18.43
N ILE T 163 -93.68 -24.05 19.37
CA ILE T 163 -94.48 -23.23 20.24
C ILE T 163 -93.75 -22.94 21.51
N ASP T 164 -92.50 -23.43 21.64
CA ASP T 164 -91.69 -23.26 22.83
C ASP T 164 -90.66 -22.20 22.55
N GLY T 165 -90.60 -21.69 21.30
CA GLY T 165 -89.54 -20.83 20.86
C GLY T 165 -88.52 -21.61 20.12
N LEU T 166 -87.33 -21.00 19.98
CA LEU T 166 -86.16 -21.50 19.29
C LEU T 166 -85.68 -22.78 19.89
N GLN T 167 -85.19 -23.70 19.03
CA GLN T 167 -84.65 -24.97 19.45
C GLN T 167 -83.21 -25.01 19.04
N ILE T 168 -82.32 -25.02 20.07
CA ILE T 168 -80.91 -24.85 19.92
C ILE T 168 -80.22 -26.12 19.48
N GLY T 169 -80.79 -27.31 19.81
CA GLY T 169 -80.23 -28.53 19.29
C GLY T 169 -81.15 -29.65 19.61
N THR T 170 -80.60 -30.89 19.59
CA THR T 170 -81.32 -32.10 19.91
C THR T 170 -80.36 -32.97 20.65
N ASP T 171 -80.82 -33.59 21.76
CA ASP T 171 -80.06 -34.55 22.52
C ASP T 171 -79.78 -35.76 21.65
N ALA T 172 -78.57 -36.36 21.78
CA ALA T 172 -78.12 -37.47 20.97
C ALA T 172 -78.06 -38.70 21.81
N THR T 173 -78.81 -38.71 22.94
CA THR T 173 -78.91 -39.76 23.92
C THR T 173 -77.92 -39.43 25.00
N ALA T 174 -78.47 -39.06 26.17
CA ALA T 174 -77.81 -38.62 27.38
C ALA T 174 -78.94 -38.11 28.25
N ASP T 175 -80.17 -38.58 27.92
CA ASP T 175 -81.47 -38.30 28.48
C ASP T 175 -82.40 -38.68 27.35
N GLN T 176 -81.99 -39.68 26.52
CA GLN T 176 -82.63 -40.12 25.30
C GLN T 176 -82.70 -39.02 24.26
N ASP T 177 -83.44 -39.25 23.15
CA ASP T 177 -83.62 -38.28 22.09
C ASP T 177 -84.73 -37.33 22.50
N LYS T 178 -84.41 -36.03 22.55
CA LYS T 178 -85.39 -35.01 22.86
C LYS T 178 -84.96 -33.73 22.20
N PRO T 179 -85.85 -32.82 21.77
CA PRO T 179 -85.55 -31.42 21.51
C PRO T 179 -85.07 -30.69 22.73
N ILE T 180 -84.10 -29.77 22.54
CA ILE T 180 -83.56 -28.90 23.55
C ILE T 180 -83.99 -27.53 23.09
N TYR T 181 -84.88 -26.87 23.86
CA TYR T 181 -85.34 -25.53 23.58
C TYR T 181 -84.50 -24.56 24.36
N ALA T 182 -84.47 -23.29 23.90
CA ALA T 182 -83.78 -22.21 24.55
C ALA T 182 -84.59 -21.66 25.68
N ASP T 183 -83.96 -21.48 26.87
CA ASP T 183 -84.57 -20.96 28.07
C ASP T 183 -84.96 -19.52 27.84
N LYS T 184 -86.12 -19.09 28.37
CA LYS T 184 -86.62 -17.75 28.15
C LYS T 184 -85.71 -16.69 28.69
N THR T 185 -85.15 -16.96 29.90
CA THR T 185 -84.49 -15.98 30.74
C THR T 185 -83.25 -15.37 30.15
N PHE T 186 -82.36 -16.17 29.51
CA PHE T 186 -81.06 -15.67 29.13
C PHE T 186 -80.61 -16.31 27.86
N GLN T 187 -81.16 -17.49 27.51
CA GLN T 187 -80.53 -18.43 26.61
C GLN T 187 -80.27 -17.93 25.22
N PRO T 188 -81.09 -17.15 24.50
CA PRO T 188 -80.67 -16.60 23.23
C PRO T 188 -79.93 -15.31 23.52
N GLU T 189 -78.63 -15.41 23.88
CA GLU T 189 -77.81 -14.30 24.30
C GLU T 189 -77.66 -13.33 23.18
N PRO T 190 -77.62 -12.03 23.40
CA PRO T 190 -77.32 -11.07 22.37
C PRO T 190 -75.85 -11.02 22.06
N GLN T 191 -74.98 -11.84 22.70
CA GLN T 191 -73.56 -11.80 22.41
C GLN T 191 -73.21 -12.98 21.55
N VAL T 192 -74.19 -13.83 21.20
CA VAL T 192 -73.96 -15.04 20.44
C VAL T 192 -74.73 -14.86 19.16
N GLY T 193 -74.06 -15.15 18.03
CA GLY T 193 -74.59 -15.01 16.70
C GLY T 193 -74.13 -16.21 15.97
N GLU T 194 -73.61 -16.02 14.73
CA GLU T 194 -73.04 -17.05 13.90
C GLU T 194 -71.59 -16.69 13.72
N GLU T 195 -70.72 -17.71 13.50
CA GLU T 195 -69.30 -17.49 13.43
C GLU T 195 -68.80 -17.59 12.01
N ASN T 196 -69.71 -17.61 11.02
CA ASN T 196 -69.35 -17.70 9.63
C ASN T 196 -70.11 -16.62 8.93
N TRP T 197 -69.70 -16.30 7.68
CA TRP T 197 -70.46 -15.42 6.84
C TRP T 197 -71.34 -16.30 6.00
N GLN T 198 -71.10 -17.64 6.05
CA GLN T 198 -71.90 -18.63 5.38
C GLN T 198 -72.98 -19.05 6.32
N GLU T 199 -74.20 -18.59 6.00
CA GLU T 199 -75.37 -18.77 6.80
C GLU T 199 -76.37 -19.29 5.82
N THR T 200 -76.88 -20.51 6.06
CA THR T 200 -77.74 -21.19 5.13
C THR T 200 -78.81 -21.82 5.97
N GLU T 201 -80.08 -21.69 5.50
CA GLU T 201 -81.28 -22.22 6.11
C GLU T 201 -81.41 -21.76 7.55
N SER T 202 -82.05 -22.58 8.40
CA SER T 202 -82.24 -22.32 9.81
C SER T 202 -83.44 -21.44 10.02
N PHE T 203 -83.80 -21.30 11.30
CA PHE T 203 -84.86 -20.49 11.79
C PHE T 203 -84.16 -19.69 12.85
N TYR T 204 -84.16 -18.34 12.77
CA TYR T 204 -83.30 -17.49 13.57
C TYR T 204 -84.05 -16.91 14.72
N GLY T 205 -83.53 -17.00 15.96
CA GLY T 205 -84.15 -16.39 17.12
C GLY T 205 -83.28 -15.31 17.65
N GLY T 206 -83.90 -14.31 18.31
CA GLY T 206 -83.22 -13.17 18.90
C GLY T 206 -83.90 -12.83 20.18
N ARG T 207 -83.77 -11.55 20.60
CA ARG T 207 -84.38 -10.96 21.76
C ARG T 207 -84.84 -9.62 21.30
N ALA T 208 -85.71 -8.95 22.08
CA ALA T 208 -86.14 -7.62 21.73
C ALA T 208 -86.64 -6.99 22.99
N LEU T 209 -86.99 -5.69 22.91
CA LEU T 209 -87.52 -4.95 24.02
C LEU T 209 -88.97 -4.76 23.77
N LYS T 210 -89.75 -4.44 24.83
CA LYS T 210 -91.16 -4.19 24.75
C LYS T 210 -91.37 -2.72 24.65
N LYS T 211 -92.62 -2.31 24.30
CA LYS T 211 -93.06 -0.95 24.22
C LYS T 211 -93.18 -0.36 25.59
N ASP T 212 -93.17 -1.23 26.62
CA ASP T 212 -93.21 -0.93 28.03
C ASP T 212 -92.04 -0.09 28.45
N THR T 213 -90.81 -0.40 27.93
CA THR T 213 -89.61 0.35 28.24
C THR T 213 -89.36 1.23 27.05
N SER T 214 -89.09 2.53 27.31
CA SER T 214 -88.86 3.55 26.31
C SER T 214 -87.62 3.29 25.51
N MET T 215 -87.64 3.65 24.20
CA MET T 215 -86.49 3.60 23.33
C MET T 215 -85.40 4.53 23.78
N LYS T 216 -84.13 4.08 23.58
CA LYS T 216 -82.94 4.84 23.80
C LYS T 216 -82.00 4.33 22.74
N PRO T 217 -81.04 5.10 22.21
CA PRO T 217 -80.05 4.63 21.26
C PRO T 217 -79.24 3.49 21.83
N CYS T 218 -78.76 2.58 20.95
CA CYS T 218 -77.98 1.43 21.31
C CYS T 218 -76.70 1.81 22.01
N TYR T 219 -76.06 2.89 21.54
CA TYR T 219 -74.89 3.46 22.14
C TYR T 219 -75.22 3.97 23.53
N GLY T 220 -74.46 3.51 24.54
CA GLY T 220 -74.50 4.03 25.88
C GLY T 220 -75.66 3.58 26.71
N SER T 221 -76.40 2.53 26.28
CA SER T 221 -77.50 1.97 27.02
C SER T 221 -77.07 0.79 27.83
N TYR T 222 -77.64 0.67 29.05
CA TYR T 222 -77.27 -0.34 30.00
C TYR T 222 -78.52 -0.77 30.71
N ALA T 223 -78.67 -2.10 30.89
CA ALA T 223 -79.72 -2.72 31.67
C ALA T 223 -79.03 -3.51 32.71
N ARG T 224 -79.40 -3.38 34.01
CA ARG T 224 -78.71 -4.14 35.03
C ARG T 224 -79.16 -5.58 34.97
N PRO T 225 -78.31 -6.57 35.20
CA PRO T 225 -78.72 -7.96 35.24
C PRO T 225 -79.65 -8.21 36.41
N THR T 226 -80.66 -9.09 36.21
CA THR T 226 -81.65 -9.41 37.19
C THR T 226 -81.56 -10.89 37.46
N ASN T 227 -80.48 -11.53 37.01
CA ASN T 227 -80.34 -12.96 37.00
C ASN T 227 -78.84 -13.17 36.96
N VAL T 228 -78.37 -14.39 37.32
CA VAL T 228 -76.96 -14.70 37.41
C VAL T 228 -76.43 -15.28 36.13
N LYS T 229 -77.28 -15.40 35.08
CA LYS T 229 -76.91 -15.97 33.82
C LYS T 229 -76.98 -14.84 32.83
N GLY T 230 -76.99 -13.58 33.32
CA GLY T 230 -76.90 -12.40 32.51
C GLY T 230 -78.22 -12.06 31.88
N GLY T 231 -79.34 -12.53 32.49
CA GLY T 231 -80.67 -12.16 32.10
C GLY T 231 -80.88 -10.75 32.57
N GLN T 232 -81.94 -10.07 32.08
CA GLN T 232 -82.13 -8.70 32.42
C GLN T 232 -83.55 -8.31 32.22
N ALA T 233 -84.46 -9.32 32.11
CA ALA T 233 -85.87 -9.11 32.03
C ALA T 233 -86.37 -8.98 33.44
N LYS T 234 -86.93 -7.81 33.79
CA LYS T 234 -87.52 -7.56 35.08
C LYS T 234 -88.71 -8.40 35.40
N LEU T 235 -88.87 -8.72 36.71
CA LEU T 235 -89.93 -9.53 37.28
C LEU T 235 -91.27 -8.90 37.02
N LYS T 236 -92.31 -9.76 36.81
CA LYS T 236 -93.69 -9.34 36.60
C LYS T 236 -94.26 -8.60 37.78
N VAL T 237 -95.15 -7.63 37.50
CA VAL T 237 -95.85 -6.91 38.53
C VAL T 237 -97.27 -7.42 38.53
N GLY T 238 -97.67 -8.12 37.44
CA GLY T 238 -98.95 -8.78 37.29
C GLY T 238 -98.69 -10.23 37.46
N ALA T 239 -98.58 -10.68 38.72
CA ALA T 239 -98.33 -12.05 39.06
C ALA T 239 -98.34 -12.12 40.56
N ASP T 240 -99.24 -11.30 41.19
CA ASP T 240 -99.41 -11.11 42.61
C ASP T 240 -98.41 -10.09 43.05
N GLY T 241 -98.44 -8.92 42.38
CA GLY T 241 -97.68 -7.76 42.75
C GLY T 241 -96.29 -7.86 42.21
N VAL T 242 -95.43 -6.91 42.64
CA VAL T 242 -94.01 -6.89 42.35
C VAL T 242 -93.30 -8.14 42.87
N PRO T 243 -93.53 -8.70 44.06
CA PRO T 243 -93.14 -10.06 44.39
C PRO T 243 -93.68 -11.10 43.44
N THR T 244 -92.78 -11.79 42.71
CA THR T 244 -93.10 -12.92 41.89
C THR T 244 -91.75 -13.52 41.61
N LYS T 245 -91.73 -14.73 41.04
CA LYS T 245 -90.51 -15.47 40.78
C LYS T 245 -90.40 -15.68 39.29
N GLU T 246 -91.30 -15.08 38.48
CA GLU T 246 -91.32 -15.28 37.04
C GLU T 246 -91.10 -13.99 36.32
N PHE T 247 -90.18 -14.02 35.34
CA PHE T 247 -89.74 -12.90 34.54
C PHE T 247 -90.73 -12.58 33.47
N ASP T 248 -90.77 -11.29 33.06
CA ASP T 248 -91.74 -10.76 32.14
C ASP T 248 -91.21 -10.90 30.73
N ILE T 249 -91.57 -12.00 30.04
CA ILE T 249 -91.00 -12.35 28.76
C ILE T 249 -92.13 -12.97 28.02
N ASP T 250 -92.31 -12.59 26.73
CA ASP T 250 -93.29 -13.10 25.81
C ASP T 250 -92.51 -13.49 24.59
N LEU T 251 -93.12 -14.25 23.65
CA LEU T 251 -92.48 -14.62 22.42
C LEU T 251 -93.38 -14.05 21.37
N ALA T 252 -92.77 -13.48 20.32
CA ALA T 252 -93.43 -12.95 19.16
C ALA T 252 -92.84 -13.65 17.99
N PHE T 253 -93.65 -14.43 17.25
CA PHE T 253 -93.19 -15.17 16.11
C PHE T 253 -93.48 -14.36 14.89
N PHE T 254 -92.73 -14.62 13.80
CA PHE T 254 -92.78 -13.86 12.59
C PHE T 254 -92.60 -14.84 11.48
N ASP T 255 -93.00 -14.45 10.24
CA ASP T 255 -92.91 -15.28 9.08
C ASP T 255 -92.62 -14.34 7.98
N THR T 256 -91.86 -14.80 6.95
CA THR T 256 -91.71 -14.07 5.71
C THR T 256 -93.06 -14.08 5.02
N PRO T 257 -93.59 -13.00 4.46
CA PRO T 257 -94.86 -13.00 3.75
C PRO T 257 -94.63 -13.40 2.31
N GLY T 258 -93.85 -14.47 2.07
CA GLY T 258 -93.49 -14.96 0.76
C GLY T 258 -94.66 -15.50 -0.03
N GLY T 259 -94.36 -16.03 -1.23
CA GLY T 259 -95.33 -16.65 -2.09
C GLY T 259 -95.63 -18.04 -1.61
N THR T 260 -96.75 -18.61 -2.11
CA THR T 260 -97.26 -19.95 -1.86
C THR T 260 -97.16 -20.38 -0.41
N VAL T 261 -96.82 -21.66 -0.17
CA VAL T 261 -96.67 -22.29 1.13
C VAL T 261 -95.63 -21.55 1.95
N ASN T 262 -95.97 -21.28 3.23
CA ASN T 262 -95.13 -20.62 4.21
C ASN T 262 -94.94 -19.16 3.93
N GLY T 263 -96.03 -18.48 3.52
CA GLY T 263 -96.02 -17.06 3.39
C GLY T 263 -97.39 -16.56 3.03
N GLN T 264 -98.32 -17.43 2.57
CA GLN T 264 -99.66 -16.98 2.24
C GLN T 264 -100.62 -18.12 2.03
N ASP T 265 -100.14 -19.39 2.00
CA ASP T 265 -101.01 -20.55 1.86
C ASP T 265 -100.85 -21.36 3.11
N GLU T 266 -99.76 -21.07 3.86
CA GLU T 266 -99.45 -21.72 5.10
C GLU T 266 -98.48 -20.74 5.70
N TYR T 267 -98.18 -20.89 7.00
CA TYR T 267 -97.37 -19.95 7.72
C TYR T 267 -96.46 -20.79 8.54
N LYS T 268 -95.40 -20.18 9.10
CA LYS T 268 -94.48 -20.92 9.91
C LYS T 268 -93.86 -19.89 10.77
N ALA T 269 -93.16 -20.31 11.84
CA ALA T 269 -92.30 -19.42 12.55
C ALA T 269 -90.99 -19.50 11.85
N ASP T 270 -90.42 -18.31 11.57
CA ASP T 270 -89.29 -18.15 10.71
C ASP T 270 -88.28 -17.41 11.55
N ILE T 271 -88.77 -16.42 12.32
CA ILE T 271 -88.01 -15.61 13.21
C ILE T 271 -88.81 -15.58 14.48
N VAL T 272 -88.16 -15.72 15.65
CA VAL T 272 -88.79 -15.50 16.93
C VAL T 272 -87.94 -14.45 17.59
N MET T 273 -88.57 -13.56 18.37
CA MET T 273 -87.88 -12.61 19.19
C MET T 273 -88.42 -12.88 20.54
N TYR T 274 -87.51 -12.99 21.54
CA TYR T 274 -87.90 -13.16 22.91
C TYR T 274 -87.99 -11.75 23.42
N THR T 275 -89.16 -11.12 23.18
CA THR T 275 -89.47 -9.79 23.62
C THR T 275 -89.54 -9.77 25.13
N GLU T 276 -88.95 -8.75 25.77
CA GLU T 276 -88.88 -8.69 27.21
C GLU T 276 -88.92 -7.25 27.60
N ASN T 277 -89.43 -6.96 28.82
CA ASN T 277 -89.37 -5.68 29.46
C ASN T 277 -88.15 -5.71 30.35
N THR T 278 -87.33 -4.64 30.37
CA THR T 278 -86.06 -4.60 31.08
C THR T 278 -85.97 -3.27 31.79
N TYR T 279 -85.07 -3.17 32.80
CA TYR T 279 -84.58 -1.91 33.30
C TYR T 279 -83.71 -1.31 32.25
N LEU T 280 -83.76 0.02 32.04
CA LEU T 280 -83.02 0.61 30.96
C LEU T 280 -82.60 1.98 31.38
N GLU T 281 -81.31 2.31 31.14
CA GLU T 281 -80.69 3.50 31.64
C GLU T 281 -79.76 3.94 30.55
N THR T 282 -79.27 5.19 30.66
CA THR T 282 -78.20 5.71 29.85
C THR T 282 -77.33 6.47 30.82
N PRO T 283 -76.51 5.83 31.65
CA PRO T 283 -75.93 6.45 32.82
C PRO T 283 -74.74 7.33 32.51
N ASP T 284 -74.44 7.65 31.22
CA ASP T 284 -73.22 8.35 30.88
C ASP T 284 -73.32 8.90 29.49
N THR T 285 -74.54 8.91 28.88
CA THR T 285 -74.77 9.52 27.60
C THR T 285 -76.06 10.27 27.76
N HIS T 286 -76.32 11.21 26.83
CA HIS T 286 -77.52 12.01 26.80
C HIS T 286 -77.94 12.02 25.36
N VAL T 287 -79.23 12.30 25.11
CA VAL T 287 -79.81 12.26 23.78
C VAL T 287 -79.68 13.65 23.23
N VAL T 288 -78.95 13.76 22.10
CA VAL T 288 -78.50 15.03 21.57
C VAL T 288 -79.38 15.40 20.40
N TYR T 289 -80.22 14.46 19.93
CA TYR T 289 -81.19 14.74 18.91
C TYR T 289 -82.32 13.80 19.14
N LYS T 290 -83.56 14.27 18.96
CA LYS T 290 -84.68 13.42 18.72
C LYS T 290 -85.65 14.22 17.89
N PRO T 291 -86.33 13.66 16.91
CA PRO T 291 -87.30 14.37 16.11
C PRO T 291 -88.58 14.63 16.88
N GLY T 292 -89.11 13.63 17.60
CA GLY T 292 -90.23 13.79 18.50
C GLY T 292 -89.83 14.62 19.68
N LYS T 293 -90.85 15.12 20.42
CA LYS T 293 -90.63 15.94 21.59
C LYS T 293 -91.13 15.12 22.76
N ASP T 294 -91.47 13.84 22.49
CA ASP T 294 -92.02 12.90 23.42
C ASP T 294 -91.02 11.80 23.43
N ASP T 295 -90.64 11.31 24.63
CA ASP T 295 -89.74 10.18 24.75
C ASP T 295 -90.65 9.06 25.11
N ALA T 296 -90.82 8.14 24.16
CA ALA T 296 -91.67 7.00 24.30
C ALA T 296 -91.04 6.02 23.37
N SER T 297 -91.85 5.11 22.81
CA SER T 297 -91.39 4.13 21.88
C SER T 297 -92.28 4.37 20.71
N SER T 298 -91.68 4.66 19.55
CA SER T 298 -92.41 5.04 18.38
C SER T 298 -91.49 4.78 17.24
N GLU T 299 -92.02 4.82 16.01
CA GLU T 299 -91.25 4.63 14.81
C GLU T 299 -90.22 5.71 14.62
N ILE T 300 -90.56 6.97 14.99
CA ILE T 300 -89.73 8.13 14.83
C ILE T 300 -88.62 8.18 15.85
N ASN T 301 -88.71 7.44 16.98
CA ASN T 301 -87.72 7.50 18.02
C ASN T 301 -86.77 6.35 17.86
N LEU T 302 -86.85 5.59 16.74
CA LEU T 302 -85.76 4.76 16.29
C LEU T 302 -84.61 5.63 15.90
N VAL T 303 -84.89 6.76 15.22
CA VAL T 303 -83.89 7.72 14.89
C VAL T 303 -83.82 8.68 16.03
N GLN T 304 -82.68 8.66 16.72
CA GLN T 304 -82.33 9.58 17.76
C GLN T 304 -80.84 9.57 17.62
N GLN T 305 -80.13 10.41 18.39
CA GLN T 305 -78.70 10.35 18.41
C GLN T 305 -78.37 10.55 19.83
N SER T 306 -77.12 10.25 20.19
CA SER T 306 -76.66 10.37 21.53
C SER T 306 -75.21 10.68 21.39
N MET T 307 -74.60 11.26 22.43
CA MET T 307 -73.18 11.42 22.46
C MET T 307 -72.90 11.38 23.93
N PRO T 308 -71.73 10.92 24.38
CA PRO T 308 -71.37 10.85 25.77
C PRO T 308 -71.36 12.17 26.47
N ASN T 309 -71.63 12.15 27.79
CA ASN T 309 -71.50 13.26 28.68
C ASN T 309 -70.06 13.67 28.79
N ARG T 310 -69.82 14.97 29.02
CA ARG T 310 -68.52 15.58 29.06
C ARG T 310 -67.68 15.04 30.18
N PRO T 311 -66.38 14.80 30.05
CA PRO T 311 -65.53 14.45 31.16
C PRO T 311 -65.50 15.50 32.22
N ASN T 312 -65.63 15.11 33.51
CA ASN T 312 -65.58 16.02 34.62
C ASN T 312 -64.79 15.26 35.64
N TYR T 313 -63.62 15.77 36.05
CA TYR T 313 -62.74 15.13 36.99
C TYR T 313 -62.77 15.97 38.22
N ILE T 314 -63.13 15.33 39.36
CA ILE T 314 -63.29 15.97 40.64
C ILE T 314 -62.29 15.28 41.51
N GLY T 315 -61.64 16.01 42.42
CA GLY T 315 -60.65 15.44 43.29
C GLY T 315 -60.13 16.60 44.07
N PHE T 316 -59.46 16.34 45.21
CA PHE T 316 -58.89 17.36 46.07
C PHE T 316 -57.86 18.19 45.37
N ARG T 317 -57.80 19.46 45.79
CA ARG T 317 -56.96 20.55 45.36
C ARG T 317 -55.48 20.27 45.31
N ASP T 318 -54.70 21.23 44.77
CA ASP T 318 -53.31 21.08 44.37
C ASP T 318 -52.38 20.65 45.48
N ASN T 319 -52.54 21.18 46.69
CA ASN T 319 -51.73 20.82 47.83
C ASN T 319 -52.68 20.79 48.99
N PHE T 320 -53.98 20.58 48.69
CA PHE T 320 -55.07 20.68 49.63
C PHE T 320 -55.34 22.12 49.88
N ILE T 321 -55.37 22.93 48.80
CA ILE T 321 -55.56 24.35 48.85
C ILE T 321 -56.97 24.61 49.27
N GLY T 322 -57.16 25.43 50.33
CA GLY T 322 -58.45 25.88 50.77
C GLY T 322 -59.15 24.84 51.58
N LEU T 323 -58.42 23.89 52.18
CA LEU T 323 -58.98 22.84 53.00
C LEU T 323 -58.75 23.22 54.42
N MET T 324 -57.92 24.26 54.64
CA MET T 324 -57.65 24.84 55.92
C MET T 324 -57.81 26.30 55.71
N TYR T 325 -58.51 26.97 56.65
CA TYR T 325 -58.57 28.40 56.69
C TYR T 325 -57.21 28.97 56.92
N TYR T 326 -56.88 29.99 56.11
CA TYR T 326 -55.65 30.72 56.16
C TYR T 326 -56.10 32.10 55.84
N ASN T 327 -55.55 33.10 56.55
CA ASN T 327 -55.63 34.50 56.18
C ASN T 327 -57.03 34.96 56.44
N SER T 328 -57.56 34.49 57.58
CA SER T 328 -58.89 34.74 58.02
C SER T 328 -58.73 35.05 59.46
N THR T 329 -59.68 35.81 60.00
CA THR T 329 -59.75 36.11 61.40
C THR T 329 -61.14 35.69 61.76
N GLY T 330 -61.23 34.84 62.80
CA GLY T 330 -62.46 34.24 63.26
C GLY T 330 -62.33 32.78 62.98
N ASN T 331 -61.43 32.42 62.05
CA ASN T 331 -61.06 31.08 61.74
C ASN T 331 -59.56 31.00 61.87
N MET T 332 -58.92 32.00 62.51
CA MET T 332 -57.49 32.07 62.68
C MET T 332 -56.96 30.93 63.48
N GLY T 333 -55.86 30.32 62.99
CA GLY T 333 -55.07 29.31 63.66
C GLY T 333 -54.46 29.77 64.95
N VAL T 334 -54.05 28.79 65.78
CA VAL T 334 -53.57 28.98 67.11
C VAL T 334 -52.39 28.08 67.28
N LEU T 335 -51.29 28.62 67.84
CA LEU T 335 -50.31 27.81 68.47
C LEU T 335 -49.92 28.71 69.59
N ALA T 336 -49.76 28.18 70.81
CA ALA T 336 -49.38 28.99 71.93
C ALA T 336 -48.96 28.04 72.99
N GLY T 337 -48.33 28.54 74.07
CA GLY T 337 -48.10 27.83 75.29
C GLY T 337 -49.37 27.52 76.01
N GLN T 338 -49.31 26.57 76.96
CA GLN T 338 -50.35 26.37 77.93
C GLN T 338 -50.01 27.18 79.13
N ALA T 339 -51.03 27.77 79.78
CA ALA T 339 -50.90 28.67 80.89
C ALA T 339 -50.14 29.91 80.54
N SER T 340 -50.57 30.56 79.46
CA SER T 340 -49.97 31.77 78.97
C SER T 340 -50.88 32.20 77.87
N GLN T 341 -51.20 31.29 76.93
CA GLN T 341 -52.16 31.47 75.85
C GLN T 341 -51.81 32.62 74.95
N LEU T 342 -50.50 32.85 74.71
CA LEU T 342 -50.04 33.96 73.90
C LEU T 342 -49.82 33.36 72.54
N ASN T 343 -50.73 33.70 71.61
CA ASN T 343 -50.82 33.12 70.30
C ASN T 343 -49.69 33.62 69.46
N ALA T 344 -48.99 32.69 68.79
CA ALA T 344 -47.79 32.96 68.03
C ALA T 344 -48.10 32.73 66.57
N VAL T 345 -49.41 32.72 66.21
CA VAL T 345 -49.91 32.66 64.87
C VAL T 345 -50.78 33.87 64.75
N VAL T 346 -50.38 34.84 63.90
CA VAL T 346 -51.13 36.06 63.67
C VAL T 346 -51.35 36.12 62.20
N ASP T 347 -52.61 35.99 61.76
CA ASP T 347 -52.98 35.91 60.36
C ASP T 347 -53.48 37.27 59.98
N LEU T 348 -53.15 37.68 58.74
CA LEU T 348 -53.51 38.97 58.20
C LEU T 348 -54.34 38.67 57.01
N GLN T 349 -55.30 39.55 56.68
CA GLN T 349 -56.20 39.37 55.56
C GLN T 349 -55.49 39.68 54.27
N ASP T 350 -54.49 40.59 54.32
CA ASP T 350 -53.69 41.00 53.19
C ASP T 350 -52.39 40.25 53.22
N ARG T 351 -52.51 38.91 53.31
CA ARG T 351 -51.43 37.98 53.25
C ARG T 351 -52.08 36.85 52.53
N ASN T 352 -51.31 36.10 51.72
CA ASN T 352 -51.86 34.96 51.03
C ASN T 352 -50.87 33.85 51.18
N THR T 353 -51.07 33.05 52.25
CA THR T 353 -50.30 31.90 52.64
C THR T 353 -50.41 30.81 51.62
N GLU T 354 -51.63 30.58 51.07
CA GLU T 354 -51.88 29.53 50.11
C GLU T 354 -51.09 29.69 48.84
N LEU T 355 -51.02 30.93 48.29
CA LEU T 355 -50.27 31.21 47.09
C LEU T 355 -48.80 31.35 47.37
N SER T 356 -48.42 31.70 48.62
CA SER T 356 -47.05 31.84 49.05
C SER T 356 -46.35 30.52 48.97
N TYR T 357 -47.06 29.45 49.36
CA TYR T 357 -46.54 28.12 49.46
C TYR T 357 -46.45 27.49 48.11
N GLN T 358 -47.26 27.96 47.12
CA GLN T 358 -47.18 27.51 45.75
C GLN T 358 -45.86 27.85 45.13
N LEU T 359 -45.33 29.06 45.40
CA LEU T 359 -44.18 29.52 44.69
C LEU T 359 -42.97 29.21 45.51
N LEU T 360 -43.15 28.86 46.80
CA LEU T 360 -42.13 28.30 47.65
C LEU T 360 -41.69 26.96 47.16
N LEU T 361 -42.68 26.12 46.76
CA LEU T 361 -42.51 24.77 46.25
C LEU T 361 -41.76 24.75 44.98
N ASP T 362 -42.02 25.74 44.10
CA ASP T 362 -41.39 25.85 42.80
C ASP T 362 -39.90 26.06 42.92
N SER T 363 -39.47 26.88 43.91
CA SER T 363 -38.08 27.13 44.20
C SER T 363 -37.33 25.91 44.66
N LEU T 364 -37.97 25.10 45.53
CA LEU T 364 -37.44 23.89 46.14
C LEU T 364 -37.12 22.82 45.14
N GLY T 365 -37.97 22.61 44.13
CA GLY T 365 -37.70 21.58 43.18
C GLY T 365 -38.76 21.59 42.14
N ASP T 366 -38.57 20.74 41.10
CA ASP T 366 -39.45 20.61 39.98
C ASP T 366 -40.80 20.08 40.40
N ARG T 367 -41.85 20.62 39.75
CA ARG T 367 -43.23 20.38 40.09
C ARG T 367 -43.79 19.36 39.13
N THR T 368 -42.95 18.91 38.16
CA THR T 368 -43.23 17.79 37.29
C THR T 368 -43.36 16.51 38.08
N ARG T 369 -42.48 16.31 39.09
CA ARG T 369 -42.59 15.21 40.02
C ARG T 369 -43.83 15.34 40.85
N TYR T 370 -44.56 14.21 41.00
CA TYR T 370 -45.78 14.15 41.75
C TYR T 370 -45.44 13.52 43.06
N PHE T 371 -46.28 13.78 44.08
CA PHE T 371 -46.08 13.34 45.42
C PHE T 371 -47.49 13.06 45.81
N SER T 372 -47.74 11.90 46.42
CA SER T 372 -49.06 11.38 46.63
C SER T 372 -49.44 11.54 48.05
N MET T 373 -48.56 12.14 48.88
CA MET T 373 -48.75 12.24 50.28
C MET T 373 -49.35 13.58 50.55
N TRP T 374 -48.66 14.65 50.10
CA TRP T 374 -49.09 16.01 50.32
C TRP T 374 -49.77 16.51 49.08
N ASN T 375 -49.90 15.63 48.06
CA ASN T 375 -50.85 15.74 46.98
C ASN T 375 -50.35 16.63 45.89
N GLN T 376 -49.01 16.83 45.79
CA GLN T 376 -48.38 17.61 44.75
C GLN T 376 -48.68 17.04 43.40
N ALA T 377 -49.02 17.92 42.45
CA ALA T 377 -49.40 17.57 41.11
C ALA T 377 -49.92 18.86 40.59
N VAL T 378 -49.02 19.72 40.08
CA VAL T 378 -49.31 21.06 39.62
C VAL T 378 -50.26 20.99 38.45
N ASP T 379 -51.20 21.96 38.36
CA ASP T 379 -52.13 22.10 37.27
C ASP T 379 -51.41 22.37 35.99
N SER T 380 -51.98 21.85 34.88
CA SER T 380 -51.34 21.84 33.59
C SER T 380 -52.36 22.31 32.61
N TYR T 381 -51.86 22.73 31.45
CA TYR T 381 -52.63 23.02 30.28
C TYR T 381 -51.80 22.32 29.27
N ASP T 382 -52.42 21.70 28.25
CA ASP T 382 -51.68 21.08 27.18
C ASP T 382 -51.33 22.21 26.23
N PRO T 383 -50.09 22.43 25.82
CA PRO T 383 -49.72 23.56 24.97
C PRO T 383 -50.07 23.32 23.52
N ASP T 384 -50.81 22.23 23.19
CA ASP T 384 -51.27 21.97 21.85
C ASP T 384 -52.77 22.02 21.84
N VAL T 385 -53.38 22.48 22.96
CA VAL T 385 -54.80 22.70 23.07
C VAL T 385 -54.93 24.18 23.29
N ARG T 386 -54.10 24.74 24.20
CA ARG T 386 -54.06 26.17 24.48
C ARG T 386 -53.61 26.97 23.29
N ILE T 387 -52.53 26.54 22.60
CA ILE T 387 -52.03 27.18 21.40
C ILE T 387 -52.22 26.10 20.39
N ILE T 388 -53.12 26.32 19.41
CA ILE T 388 -53.47 25.31 18.45
C ILE T 388 -52.43 25.40 17.36
N GLU T 389 -51.57 24.38 17.31
CA GLU T 389 -50.56 24.15 16.30
C GLU T 389 -51.29 23.28 15.35
N ASN T 390 -51.20 23.57 14.05
CA ASN T 390 -52.04 22.92 13.09
C ASN T 390 -51.20 23.02 11.88
N HIS T 391 -51.46 22.12 10.92
CA HIS T 391 -50.66 21.93 9.76
C HIS T 391 -51.08 20.63 9.19
N GLY T 392 -52.41 20.50 9.00
CA GLY T 392 -53.09 19.36 8.47
C GLY T 392 -52.77 18.06 9.09
N VAL T 393 -53.01 17.00 8.29
CA VAL T 393 -52.78 15.63 8.66
C VAL T 393 -51.92 15.03 7.59
N GLU T 394 -51.17 13.96 7.95
CA GLU T 394 -50.29 13.22 7.08
C GLU T 394 -51.09 12.26 6.25
N ASP T 395 -51.66 12.76 5.13
CA ASP T 395 -52.64 12.06 4.34
C ASP T 395 -52.14 12.12 2.94
N GLU T 396 -51.99 10.96 2.27
CA GLU T 396 -51.42 10.89 0.95
C GLU T 396 -51.89 9.61 0.33
N LEU T 397 -52.41 8.65 1.14
CA LEU T 397 -52.91 7.38 0.67
C LEU T 397 -54.36 7.28 1.08
N PRO T 398 -55.29 6.82 0.24
CA PRO T 398 -56.62 6.42 0.65
C PRO T 398 -56.58 5.16 1.48
N ASN T 399 -57.53 4.99 2.42
CA ASN T 399 -57.61 3.83 3.28
C ASN T 399 -58.96 3.25 2.99
N TYR T 400 -59.17 1.94 3.23
CA TYR T 400 -60.33 1.25 2.71
C TYR T 400 -60.82 0.21 3.67
N CYS T 401 -62.14 -0.04 3.62
CA CYS T 401 -62.82 -1.11 4.29
C CYS T 401 -63.06 -2.11 3.20
N PHE T 402 -63.25 -3.39 3.58
CA PHE T 402 -63.40 -4.47 2.63
C PHE T 402 -64.42 -5.40 3.23
N PRO T 403 -65.19 -6.14 2.45
CA PRO T 403 -66.12 -7.17 2.90
C PRO T 403 -65.53 -8.23 3.79
N LEU T 404 -66.38 -8.94 4.58
CA LEU T 404 -66.00 -10.04 5.42
C LEU T 404 -65.43 -11.18 4.60
N ASP T 405 -66.03 -11.44 3.41
CA ASP T 405 -65.61 -12.52 2.55
C ASP T 405 -64.54 -12.03 1.60
N GLY T 406 -64.26 -10.70 1.60
CA GLY T 406 -63.20 -10.06 0.85
C GLY T 406 -63.35 -10.25 -0.62
N SER T 407 -64.59 -10.14 -1.15
CA SER T 407 -64.83 -10.36 -2.54
C SER T 407 -66.08 -9.62 -2.91
N GLY T 408 -66.84 -9.12 -1.90
CA GLY T 408 -68.07 -8.38 -2.08
C GLY T 408 -69.11 -9.20 -2.76
N THR T 409 -69.91 -8.55 -3.63
CA THR T 409 -70.91 -9.21 -4.42
C THR T 409 -70.31 -10.17 -5.41
N ASN T 410 -70.97 -11.31 -5.61
CA ASN T 410 -70.54 -12.38 -6.47
C ASN T 410 -71.79 -12.82 -7.13
N ALA T 411 -71.65 -13.46 -8.31
CA ALA T 411 -72.78 -13.95 -9.07
C ALA T 411 -72.47 -15.36 -9.41
N ALA T 412 -73.51 -16.14 -9.80
CA ALA T 412 -73.42 -17.49 -10.28
C ALA T 412 -72.68 -17.59 -11.57
N TYR T 413 -71.88 -18.67 -11.73
CA TYR T 413 -71.13 -18.91 -12.94
C TYR T 413 -71.07 -20.40 -13.12
N GLN T 414 -71.32 -20.86 -14.36
CA GLN T 414 -71.25 -22.23 -14.78
C GLN T 414 -69.92 -22.40 -15.45
N GLY T 415 -69.38 -23.64 -15.48
CA GLY T 415 -68.16 -23.94 -16.19
C GLY T 415 -68.46 -24.14 -17.64
N VAL T 416 -67.50 -23.77 -18.53
CA VAL T 416 -67.61 -23.99 -19.95
C VAL T 416 -66.23 -24.40 -20.40
N LYS T 417 -66.15 -25.07 -21.57
CA LYS T 417 -64.93 -25.41 -22.23
C LYS T 417 -65.29 -25.34 -23.68
N VAL T 418 -64.28 -25.18 -24.57
CA VAL T 418 -64.40 -25.26 -26.01
C VAL T 418 -64.83 -26.63 -26.46
N LYS T 419 -65.60 -26.70 -27.59
CA LYS T 419 -65.91 -27.96 -28.22
C LYS T 419 -64.69 -28.33 -29.03
N ASN T 420 -64.40 -27.52 -30.07
CA ASN T 420 -63.21 -27.62 -30.88
C ASN T 420 -62.55 -26.29 -30.73
N GLY T 421 -61.24 -26.30 -30.38
CA GLY T 421 -60.45 -25.11 -30.21
C GLY T 421 -60.31 -24.34 -31.50
N ASN T 422 -60.38 -23.00 -31.36
CA ASN T 422 -60.19 -22.02 -32.41
C ASN T 422 -59.89 -20.78 -31.64
N ASP T 423 -59.46 -19.72 -32.36
CA ASP T 423 -59.29 -18.38 -31.81
C ASP T 423 -60.56 -17.59 -32.03
N GLY T 424 -61.66 -18.27 -32.44
CA GLY T 424 -62.94 -17.69 -32.78
C GLY T 424 -63.61 -17.14 -31.55
N ASP T 425 -64.73 -16.42 -31.75
CA ASP T 425 -65.43 -15.74 -30.69
C ASP T 425 -66.42 -16.71 -30.13
N VAL T 426 -67.70 -16.64 -30.56
CA VAL T 426 -68.74 -17.57 -30.18
C VAL T 426 -68.75 -18.64 -31.24
N GLU T 427 -67.83 -18.51 -32.23
CA GLU T 427 -67.78 -19.28 -33.43
C GLU T 427 -66.69 -20.32 -33.28
N SER T 428 -65.91 -20.24 -32.17
CA SER T 428 -64.98 -21.27 -31.74
C SER T 428 -65.79 -22.49 -31.35
N GLU T 429 -66.92 -22.23 -30.64
CA GLU T 429 -67.85 -23.17 -30.09
C GLU T 429 -67.40 -23.55 -28.71
N TRP T 430 -68.40 -23.53 -27.81
CA TRP T 430 -68.29 -23.56 -26.38
C TRP T 430 -69.47 -24.33 -25.92
N GLU T 431 -69.31 -25.09 -24.82
CA GLU T 431 -70.37 -25.95 -24.32
C GLU T 431 -70.11 -26.14 -22.87
N ASN T 432 -71.18 -26.48 -22.12
CA ASN T 432 -71.21 -26.66 -20.70
C ASN T 432 -70.27 -27.77 -20.27
N ASP T 433 -69.60 -27.58 -19.11
CA ASP T 433 -68.63 -28.50 -18.57
C ASP T 433 -69.28 -29.08 -17.35
N ASP T 434 -69.21 -30.43 -17.19
CA ASP T 434 -69.94 -31.13 -16.18
C ASP T 434 -69.04 -31.55 -15.04
N THR T 435 -67.71 -31.31 -15.12
CA THR T 435 -66.80 -31.63 -14.05
C THR T 435 -66.47 -30.38 -13.28
N VAL T 436 -67.17 -29.27 -13.63
CA VAL T 436 -67.06 -28.01 -12.97
C VAL T 436 -68.48 -27.67 -12.67
N ALA T 437 -68.80 -27.46 -11.37
CA ALA T 437 -70.08 -27.06 -10.84
C ALA T 437 -70.71 -25.88 -11.52
N ALA T 438 -72.01 -25.67 -11.26
CA ALA T 438 -72.71 -24.47 -11.59
C ALA T 438 -72.93 -23.83 -10.26
N ARG T 439 -72.95 -22.48 -10.23
CA ARG T 439 -73.19 -21.65 -9.07
C ARG T 439 -71.87 -21.31 -8.41
N ASN T 440 -70.77 -21.21 -9.21
CA ASN T 440 -69.48 -20.73 -8.76
C ASN T 440 -69.58 -19.26 -8.49
N GLN T 441 -68.87 -18.76 -7.45
CA GLN T 441 -68.99 -17.38 -7.02
C GLN T 441 -67.76 -16.68 -7.48
N LEU T 442 -67.88 -15.85 -8.54
CA LEU T 442 -66.81 -15.03 -9.05
C LEU T 442 -67.29 -13.61 -9.01
N CYS T 443 -66.38 -12.68 -8.64
CA CYS T 443 -66.57 -11.26 -8.70
C CYS T 443 -65.81 -10.81 -9.93
N LYS T 444 -66.32 -9.77 -10.61
CA LYS T 444 -65.68 -9.18 -11.77
C LYS T 444 -65.19 -7.82 -11.35
N GLY T 445 -64.05 -7.40 -11.93
CA GLY T 445 -63.32 -6.23 -11.54
C GLY T 445 -62.86 -6.26 -10.11
N ASN T 446 -62.50 -5.07 -9.58
CA ASN T 446 -62.00 -4.87 -8.24
C ASN T 446 -63.03 -5.23 -7.21
N ILE T 447 -62.57 -5.72 -6.04
CA ILE T 447 -63.41 -6.07 -4.91
C ILE T 447 -64.00 -4.81 -4.35
N PHE T 448 -65.24 -4.87 -3.80
CA PHE T 448 -65.97 -3.76 -3.22
C PHE T 448 -65.20 -3.14 -2.06
N ALA T 449 -65.29 -1.81 -1.85
CA ALA T 449 -64.59 -1.14 -0.78
C ALA T 449 -65.25 0.18 -0.53
N MET T 450 -65.02 0.79 0.66
CA MET T 450 -65.47 2.13 0.97
C MET T 450 -64.34 2.90 1.61
N GLU T 451 -63.97 4.06 1.01
CA GLU T 451 -62.91 4.94 1.47
C GLU T 451 -63.21 5.63 2.77
N ILE T 452 -62.17 5.81 3.62
CA ILE T 452 -62.23 6.66 4.78
C ILE T 452 -60.86 7.23 4.95
N ASN T 453 -60.75 8.55 5.30
CA ASN T 453 -59.47 9.17 5.59
C ASN T 453 -59.36 9.16 7.08
N LEU T 454 -58.61 8.17 7.63
CA LEU T 454 -58.49 7.92 9.05
C LEU T 454 -57.86 9.05 9.77
N GLN T 455 -56.75 9.56 9.21
CA GLN T 455 -55.89 10.59 9.74
C GLN T 455 -56.64 11.86 9.90
N ALA T 456 -57.45 12.21 8.88
CA ALA T 456 -58.28 13.39 8.77
C ALA T 456 -59.28 13.42 9.90
N ASN T 457 -59.86 12.25 10.25
CA ASN T 457 -60.99 12.15 11.14
C ASN T 457 -60.50 11.87 12.54
N LEU T 458 -59.17 11.69 12.76
CA LEU T 458 -58.60 11.59 14.08
C LEU T 458 -58.34 12.96 14.58
N TRP T 459 -58.13 13.93 13.67
CA TRP T 459 -57.81 15.28 14.06
C TRP T 459 -59.06 16.12 14.04
N ARG T 460 -60.12 15.67 13.33
CA ARG T 460 -61.43 16.27 13.38
C ARG T 460 -62.00 16.11 14.76
N SER T 461 -61.89 14.87 15.28
CA SER T 461 -62.34 14.45 16.58
C SER T 461 -61.62 15.14 17.69
N PHE T 462 -60.29 15.28 17.57
CA PHE T 462 -59.47 15.87 18.61
C PHE T 462 -59.80 17.31 18.82
N LEU T 463 -59.93 18.09 17.74
CA LEU T 463 -60.26 19.48 17.83
C LEU T 463 -61.63 19.72 18.37
N TYR T 464 -62.62 18.88 17.97
CA TYR T 464 -63.95 19.02 18.49
C TYR T 464 -64.06 18.84 19.98
N SER T 465 -63.39 17.81 20.54
CA SER T 465 -63.58 17.42 21.91
C SER T 465 -62.79 18.22 22.89
N ASN T 466 -61.75 18.96 22.44
CA ASN T 466 -60.81 19.58 23.34
C ASN T 466 -60.83 21.07 23.19
N VAL T 467 -61.47 21.61 22.13
CA VAL T 467 -61.34 23.01 21.82
C VAL T 467 -62.72 23.53 21.63
N ALA T 468 -63.48 22.98 20.65
CA ALA T 468 -64.81 23.42 20.30
C ALA T 468 -65.76 23.28 21.45
N LEU T 469 -65.60 22.19 22.22
CA LEU T 469 -66.36 21.82 23.37
C LEU T 469 -66.29 22.86 24.45
N TYR T 470 -65.09 23.46 24.64
CA TYR T 470 -64.78 24.36 25.71
C TYR T 470 -64.91 25.80 25.28
N LEU T 471 -65.54 26.08 24.10
CA LEU T 471 -65.86 27.43 23.69
C LEU T 471 -66.86 28.05 24.63
N PRO T 472 -66.88 29.37 24.85
CA PRO T 472 -67.90 30.09 25.61
C PRO T 472 -69.32 29.72 25.26
N ASP T 473 -70.25 29.87 26.23
CA ASP T 473 -71.63 29.44 26.16
C ASP T 473 -72.39 30.09 25.03
N SER T 474 -72.02 31.34 24.69
CA SER T 474 -72.64 32.11 23.62
C SER T 474 -72.56 31.44 22.28
N TYR T 475 -71.39 30.84 21.95
CA TYR T 475 -71.17 30.06 20.75
C TYR T 475 -72.02 28.82 20.65
N LYS T 476 -72.20 28.11 21.79
CA LYS T 476 -73.00 26.92 21.92
C LYS T 476 -74.47 27.29 21.80
N TYR T 477 -75.37 26.29 21.70
CA TYR T 477 -76.79 26.54 21.62
C TYR T 477 -77.47 25.27 22.06
N THR T 478 -78.78 25.35 22.38
CA THR T 478 -79.54 24.24 22.92
C THR T 478 -80.16 23.50 21.76
N PRO T 479 -80.00 22.18 21.57
CA PRO T 479 -80.83 21.36 20.68
C PRO T 479 -82.31 21.64 20.76
N ALA T 480 -83.03 21.56 19.63
CA ALA T 480 -84.44 21.86 19.56
C ALA T 480 -85.30 20.69 19.91
N ASN T 481 -85.19 20.16 21.13
CA ASN T 481 -85.97 19.02 21.51
C ASN T 481 -85.81 18.76 22.99
N ILE T 482 -84.95 19.52 23.69
CA ILE T 482 -84.66 19.31 25.10
C ILE T 482 -84.72 20.64 25.77
N THR T 483 -84.81 20.60 27.12
CA THR T 483 -84.83 21.76 27.98
C THR T 483 -83.70 21.59 28.96
N LEU T 484 -83.20 22.71 29.52
CA LEU T 484 -82.01 22.74 30.34
C LEU T 484 -82.40 23.46 31.62
N PRO T 485 -81.74 23.24 32.75
CA PRO T 485 -81.81 24.08 33.94
C PRO T 485 -81.70 25.57 33.75
N THR T 486 -82.38 26.34 34.64
CA THR T 486 -82.36 27.78 34.69
C THR T 486 -80.97 28.28 35.04
N ASN T 487 -80.33 27.60 36.02
CA ASN T 487 -78.95 27.80 36.43
C ASN T 487 -78.03 27.39 35.30
N THR T 488 -76.94 28.16 35.10
CA THR T 488 -76.02 27.98 34.02
C THR T 488 -74.73 27.43 34.55
N ASN T 489 -74.67 27.10 35.86
CA ASN T 489 -73.52 26.49 36.49
C ASN T 489 -73.82 25.06 36.81
N THR T 490 -75.04 24.57 36.50
CA THR T 490 -75.39 23.17 36.65
C THR T 490 -74.65 22.44 35.59
N TYR T 491 -74.23 21.18 35.90
CA TYR T 491 -73.57 20.30 34.97
C TYR T 491 -74.46 20.01 33.80
N ASP T 492 -75.76 19.79 34.06
CA ASP T 492 -76.76 19.41 33.10
C ASP T 492 -76.92 20.45 32.03
N TYR T 493 -76.91 21.75 32.39
CA TYR T 493 -77.02 22.83 31.46
C TYR T 493 -75.89 22.86 30.46
N MET T 494 -74.63 22.62 30.91
CA MET T 494 -73.48 22.83 30.06
C MET T 494 -73.07 21.54 29.41
N ASN T 495 -73.81 20.47 29.69
CA ASN T 495 -73.57 19.17 29.17
C ASN T 495 -74.53 18.96 28.03
N GLY T 496 -75.70 19.64 28.07
CA GLY T 496 -76.77 19.45 27.13
C GLY T 496 -76.59 20.26 25.89
N ARG T 497 -75.96 21.45 25.99
CA ARG T 497 -75.68 22.30 24.86
C ARG T 497 -74.69 21.71 23.89
N VAL T 498 -74.95 21.91 22.57
CA VAL T 498 -74.10 21.47 21.51
C VAL T 498 -73.46 22.70 20.95
N VAL T 499 -72.30 22.49 20.32
CA VAL T 499 -71.54 23.52 19.68
C VAL T 499 -71.33 22.97 18.30
N PRO T 500 -71.34 23.74 17.22
CA PRO T 500 -71.10 23.24 15.88
C PRO T 500 -69.72 22.64 15.76
N PRO T 501 -69.44 21.51 15.11
CA PRO T 501 -68.09 21.02 14.91
C PRO T 501 -67.40 21.75 13.78
N SER T 502 -68.07 22.75 13.16
CA SER T 502 -67.59 23.46 12.00
C SER T 502 -67.14 24.81 12.46
N LEU T 503 -67.26 25.09 13.78
CA LEU T 503 -66.79 26.29 14.40
C LEU T 503 -65.35 26.12 14.81
N VAL T 504 -64.84 24.87 14.75
CA VAL T 504 -63.43 24.58 14.82
C VAL T 504 -63.35 23.55 13.73
N ASP T 505 -63.17 24.07 12.49
CA ASP T 505 -63.30 23.42 11.22
C ASP T 505 -62.39 22.22 11.11
N ALA T 506 -61.16 22.39 11.64
CA ALA T 506 -60.03 21.48 11.64
C ALA T 506 -59.25 21.71 10.40
N TYR T 507 -59.53 22.88 9.77
CA TYR T 507 -58.95 23.33 8.55
C TYR T 507 -59.09 24.81 8.68
N ILE T 508 -59.02 25.34 9.92
CA ILE T 508 -59.11 26.75 10.21
C ILE T 508 -57.85 27.09 10.93
N ASN T 509 -57.16 28.15 10.42
CA ASN T 509 -55.87 28.62 10.84
C ASN T 509 -54.88 27.54 10.56
N ILE T 510 -55.02 26.88 9.39
CA ILE T 510 -54.25 25.71 9.04
C ILE T 510 -52.91 26.18 8.60
N GLY T 511 -51.87 25.66 9.29
CA GLY T 511 -50.50 25.95 9.00
C GLY T 511 -50.08 27.14 9.79
N ALA T 512 -50.73 27.37 10.94
CA ALA T 512 -50.51 28.50 11.81
C ALA T 512 -50.35 27.92 13.16
N ARG T 513 -49.68 28.70 14.04
CA ARG T 513 -49.51 28.42 15.42
C ARG T 513 -50.18 29.61 16.02
N TRP T 514 -51.31 29.41 16.75
CA TRP T 514 -52.20 30.49 17.05
C TRP T 514 -53.34 29.91 17.85
N SER T 515 -53.49 30.41 19.10
CA SER T 515 -54.62 30.21 19.98
C SER T 515 -55.81 30.95 19.45
N LEU T 516 -57.01 30.36 19.52
CA LEU T 516 -58.25 30.98 19.15
C LEU T 516 -58.55 32.20 19.99
N ASP T 517 -59.20 33.21 19.37
CA ASP T 517 -59.58 34.45 20.01
C ASP T 517 -60.56 34.28 21.17
N PRO T 518 -61.66 33.51 21.14
CA PRO T 518 -62.52 33.35 22.31
C PRO T 518 -61.99 32.40 23.34
N MET T 519 -60.72 31.97 23.26
CA MET T 519 -60.14 31.03 24.16
C MET T 519 -59.03 31.64 24.95
N ASP T 520 -58.93 32.98 24.93
CA ASP T 520 -57.91 33.71 25.65
C ASP T 520 -58.47 34.23 26.93
N ASN T 521 -59.80 34.12 27.10
CA ASN T 521 -60.51 34.62 28.24
C ASN T 521 -61.15 33.43 28.91
N VAL T 522 -60.70 32.20 28.55
CA VAL T 522 -61.21 30.96 29.06
C VAL T 522 -60.05 30.38 29.82
N ASN T 523 -60.33 29.90 31.05
CA ASN T 523 -59.38 29.29 31.95
C ASN T 523 -58.88 27.99 31.36
N PRO T 524 -57.59 27.71 31.22
CA PRO T 524 -57.15 26.55 30.47
C PRO T 524 -56.67 25.53 31.47
N PHE T 525 -57.11 25.65 32.73
CA PHE T 525 -56.85 24.68 33.76
C PHE T 525 -58.16 24.05 34.11
N ASN T 526 -59.20 24.33 33.30
CA ASN T 526 -60.52 23.76 33.41
C ASN T 526 -60.65 23.07 32.11
N HIS T 527 -59.85 22.02 31.93
CA HIS T 527 -59.84 21.23 30.75
C HIS T 527 -59.66 19.85 31.29
N HIS T 528 -60.06 18.82 30.52
CA HIS T 528 -60.08 17.46 30.98
C HIS T 528 -58.72 16.84 30.83
N ARG T 529 -57.82 17.48 30.05
CA ARG T 529 -56.50 16.98 29.77
C ARG T 529 -55.54 17.65 30.70
N ASN T 530 -56.05 18.39 31.72
CA ASN T 530 -55.28 18.90 32.82
C ASN T 530 -54.80 17.69 33.55
N ALA T 531 -53.47 17.49 33.58
CA ALA T 531 -52.92 16.22 33.94
C ALA T 531 -52.50 16.22 35.36
N GLY T 532 -52.55 17.38 36.04
CA GLY T 532 -52.40 17.42 37.46
C GLY T 532 -53.68 17.07 38.11
N LEU T 533 -54.80 17.59 37.59
CA LEU T 533 -56.13 17.33 38.07
C LEU T 533 -56.56 15.93 37.91
N ARG T 534 -56.28 15.28 36.76
CA ARG T 534 -56.74 13.94 36.51
C ARG T 534 -55.95 12.96 37.32
N TYR T 535 -54.70 13.33 37.71
CA TYR T 535 -53.88 12.55 38.61
C TYR T 535 -54.51 12.42 39.96
N ARG T 536 -55.04 13.55 40.51
CA ARG T 536 -55.54 13.61 41.87
C ARG T 536 -56.94 13.07 41.94
N SER T 537 -57.66 13.10 40.80
CA SER T 537 -58.98 12.54 40.63
C SER T 537 -58.98 11.05 40.80
N MET T 538 -57.94 10.39 40.26
CA MET T 538 -57.89 8.96 40.10
C MET T 538 -57.04 8.36 41.16
N LEU T 539 -56.56 9.21 42.09
CA LEU T 539 -55.83 8.79 43.25
C LEU T 539 -56.83 8.66 44.38
N LEU T 540 -58.12 8.86 44.07
CA LEU T 540 -59.23 8.59 44.93
C LEU T 540 -60.14 7.58 44.28
N GLY T 541 -59.87 7.16 43.02
CA GLY T 541 -60.59 6.08 42.38
C GLY T 541 -61.63 6.61 41.45
N ASN T 542 -62.44 5.69 40.88
CA ASN T 542 -63.40 5.99 39.84
C ASN T 542 -64.82 6.10 40.31
N GLY T 543 -65.10 5.92 41.62
CA GLY T 543 -66.44 5.93 42.14
C GLY T 543 -66.72 7.26 42.76
N ARG T 544 -68.03 7.58 42.93
CA ARG T 544 -68.49 8.74 43.64
C ARG T 544 -68.12 8.76 45.09
N TYR T 545 -68.28 7.60 45.76
CA TYR T 545 -68.21 7.50 47.18
C TYR T 545 -66.84 7.01 47.53
N VAL T 546 -66.01 7.89 48.10
CA VAL T 546 -64.63 7.58 48.38
C VAL T 546 -64.43 7.81 49.86
N PRO T 547 -64.30 6.81 50.69
CA PRO T 547 -63.63 6.91 51.98
C PRO T 547 -62.18 7.28 51.82
N PHE T 548 -61.80 8.54 52.13
CA PHE T 548 -60.50 9.07 51.80
C PHE T 548 -59.67 9.07 53.04
N HIS T 549 -58.33 9.06 52.87
CA HIS T 549 -57.40 9.22 53.95
C HIS T 549 -56.32 10.09 53.38
N ILE T 550 -56.18 11.35 53.87
CA ILE T 550 -55.31 12.34 53.31
C ILE T 550 -54.42 12.85 54.40
N GLN T 551 -53.21 13.33 54.05
CA GLN T 551 -52.22 13.90 54.95
C GLN T 551 -52.01 15.29 54.45
N VAL T 552 -52.21 16.32 55.31
CA VAL T 552 -52.36 17.69 54.89
C VAL T 552 -51.30 18.47 55.65
N PRO T 553 -50.36 19.17 55.02
CA PRO T 553 -49.25 19.81 55.70
C PRO T 553 -49.64 21.20 56.16
N GLN T 554 -48.69 21.90 56.83
CA GLN T 554 -48.85 23.28 57.22
C GLN T 554 -48.26 24.09 56.11
N LYS T 555 -48.58 25.40 56.09
CA LYS T 555 -48.17 26.28 55.04
C LYS T 555 -47.86 27.61 55.65
N PHE T 556 -48.32 27.87 56.89
CA PHE T 556 -48.14 29.15 57.55
C PHE T 556 -46.74 29.18 58.11
N PHE T 557 -46.14 30.39 58.21
CA PHE T 557 -44.76 30.59 58.56
C PHE T 557 -44.66 30.88 60.03
N ALA T 558 -44.07 29.90 60.76
CA ALA T 558 -43.89 29.83 62.19
C ALA T 558 -44.39 28.49 62.60
N ILE T 559 -44.97 27.70 61.67
CA ILE T 559 -45.47 26.39 61.98
C ILE T 559 -45.08 25.46 60.86
N LYS T 560 -44.20 25.87 59.93
CA LYS T 560 -43.77 25.01 58.86
C LYS T 560 -42.28 24.91 58.90
N SER T 561 -41.63 25.48 59.94
CA SER T 561 -40.19 25.45 59.98
C SER T 561 -39.71 25.84 61.34
N LEU T 562 -40.59 25.77 62.37
CA LEU T 562 -40.24 26.20 63.70
C LEU T 562 -39.80 25.00 64.48
N LEU T 563 -38.73 25.12 65.31
CA LEU T 563 -38.41 24.14 66.31
C LEU T 563 -39.11 24.50 67.58
N LEU T 564 -39.85 23.54 68.16
CA LEU T 564 -40.45 23.72 69.45
C LEU T 564 -39.60 22.89 70.35
N LEU T 565 -39.24 23.51 71.48
CA LEU T 565 -38.39 22.98 72.50
C LEU T 565 -39.35 22.42 73.52
N PRO T 566 -38.97 21.65 74.53
CA PRO T 566 -39.86 21.13 75.56
C PRO T 566 -40.91 22.07 76.07
N GLY T 567 -42.09 21.54 76.43
CA GLY T 567 -43.19 22.31 76.92
C GLY T 567 -44.43 21.73 76.35
N SER T 568 -45.58 22.25 76.78
CA SER T 568 -46.90 21.84 76.37
C SER T 568 -47.53 23.00 75.70
N TYR T 569 -48.29 22.76 74.61
CA TYR T 569 -48.73 23.79 73.71
C TYR T 569 -50.12 23.45 73.27
N THR T 570 -50.98 24.48 73.20
CA THR T 570 -52.31 24.49 72.63
C THR T 570 -52.16 24.72 71.17
N TYR T 571 -52.81 23.89 70.32
CA TYR T 571 -52.64 24.03 68.90
C TYR T 571 -54.03 23.76 68.40
N GLU T 572 -54.56 24.63 67.51
CA GLU T 572 -55.91 24.54 66.99
C GLU T 572 -55.92 25.07 65.61
N TRP T 573 -56.59 24.38 64.67
CA TRP T 573 -56.60 24.73 63.29
C TRP T 573 -57.93 24.34 62.75
N ASN T 574 -58.55 25.15 61.84
CA ASN T 574 -59.92 24.96 61.42
C ASN T 574 -59.86 24.62 59.95
N PHE T 575 -60.82 23.75 59.54
CA PHE T 575 -60.89 23.04 58.28
C PHE T 575 -62.15 23.37 57.57
N ARG T 576 -62.08 23.60 56.24
CA ARG T 576 -63.22 23.98 55.44
C ARG T 576 -63.92 22.75 54.96
N LYS T 577 -65.26 22.72 55.10
CA LYS T 577 -66.09 21.60 54.68
C LYS T 577 -66.80 22.02 53.42
N ASP T 578 -66.59 23.27 52.93
CA ASP T 578 -67.14 23.84 51.73
C ASP T 578 -66.61 23.07 50.54
N VAL T 579 -67.51 22.52 49.69
CA VAL T 579 -67.13 21.68 48.58
C VAL T 579 -66.58 22.40 47.39
N ASN T 580 -66.87 23.70 47.19
CA ASN T 580 -66.34 24.43 46.06
C ASN T 580 -64.92 24.82 46.32
N MET T 581 -64.59 25.09 47.59
CA MET T 581 -63.26 25.43 48.02
C MET T 581 -62.27 24.31 47.85
N ILE T 582 -62.68 23.07 48.20
CA ILE T 582 -61.75 22.00 48.41
C ILE T 582 -61.77 21.02 47.29
N LEU T 583 -62.65 21.17 46.29
CA LEU T 583 -62.69 20.26 45.18
C LEU T 583 -62.62 21.06 43.94
N GLN T 584 -61.64 20.73 43.07
CA GLN T 584 -61.42 21.28 41.77
C GLN T 584 -62.20 20.42 40.81
N SER T 585 -62.65 20.98 39.68
CA SER T 585 -63.44 20.31 38.66
C SER T 585 -62.80 20.66 37.35
N SER T 586 -63.10 19.88 36.29
CA SER T 586 -62.59 20.14 34.97
C SER T 586 -63.49 21.06 34.23
N LEU T 587 -64.68 21.37 34.80
CA LEU T 587 -65.64 22.20 34.14
C LEU T 587 -65.87 23.41 35.00
N GLY T 588 -65.78 23.24 36.34
CA GLY T 588 -65.93 24.33 37.26
C GLY T 588 -67.37 24.61 37.56
N ASN T 589 -68.24 23.59 37.36
CA ASN T 589 -69.65 23.58 37.69
C ASN T 589 -69.84 23.72 39.18
N ASP T 590 -70.95 24.33 39.65
CA ASP T 590 -71.22 24.52 41.05
C ASP T 590 -71.48 23.18 41.69
N LEU T 591 -70.59 22.72 42.58
CA LEU T 591 -70.68 21.38 43.13
C LEU T 591 -71.68 21.28 44.24
N ARG T 592 -72.06 22.40 44.88
CA ARG T 592 -73.11 22.42 45.87
C ARG T 592 -74.43 22.06 45.26
N THR T 593 -74.73 22.66 44.08
CA THR T 593 -75.91 22.40 43.30
C THR T 593 -75.92 20.99 42.81
N ASP T 594 -74.76 20.48 42.32
CA ASP T 594 -74.65 19.17 41.76
C ASP T 594 -74.94 18.08 42.76
N GLY T 595 -74.43 18.20 44.00
CA GLY T 595 -74.81 17.30 45.08
C GLY T 595 -73.62 16.75 45.80
N ALA T 596 -72.40 17.27 45.56
CA ALA T 596 -71.22 16.89 46.31
C ALA T 596 -71.33 17.27 47.76
N SER T 597 -70.77 16.44 48.67
CA SER T 597 -70.83 16.67 50.09
C SER T 597 -69.66 15.93 50.67
N ILE T 598 -69.21 16.33 51.87
CA ILE T 598 -68.02 15.83 52.49
C ILE T 598 -68.29 15.85 53.96
N SER T 599 -67.67 14.92 54.72
CA SER T 599 -67.79 14.95 56.14
C SER T 599 -66.52 14.33 56.61
N PHE T 600 -66.13 14.69 57.85
CA PHE T 600 -64.88 14.31 58.46
C PHE T 600 -65.23 13.48 59.63
N THR T 601 -64.54 12.33 59.76
CA THR T 601 -64.64 11.51 60.93
C THR T 601 -63.19 11.30 61.25
N SER T 602 -62.76 11.81 62.42
CA SER T 602 -61.39 11.70 62.90
C SER T 602 -60.39 12.53 62.15
N ILE T 603 -59.83 13.56 62.81
CA ILE T 603 -58.66 14.26 62.32
C ILE T 603 -57.69 14.03 63.44
N ASN T 604 -56.44 13.65 63.12
CA ASN T 604 -55.36 13.31 64.02
C ASN T 604 -54.22 14.22 63.71
N LEU T 605 -53.30 14.42 64.66
CA LEU T 605 -52.14 15.25 64.49
C LEU T 605 -50.95 14.37 64.69
N TYR T 606 -50.21 14.12 63.60
CA TYR T 606 -48.99 13.38 63.55
C TYR T 606 -47.83 14.31 63.72
N ALA T 607 -46.71 13.78 64.23
CA ALA T 607 -45.53 14.54 64.55
C ALA T 607 -44.42 13.55 64.52
N THR T 608 -43.17 13.98 64.33
CA THR T 608 -42.04 13.07 64.27
C THR T 608 -40.96 13.81 64.97
N PHE T 609 -40.23 13.10 65.85
CA PHE T 609 -39.23 13.69 66.70
C PHE T 609 -38.00 12.92 66.35
N PHE T 610 -36.89 13.63 66.08
CA PHE T 610 -35.60 13.02 65.84
C PHE T 610 -35.13 12.38 67.13
N PRO T 611 -34.53 11.19 67.15
CA PRO T 611 -34.07 10.59 68.39
C PRO T 611 -32.63 10.99 68.61
N MET T 612 -32.38 12.23 69.09
CA MET T 612 -31.07 12.67 69.49
C MET T 612 -30.86 12.31 70.92
N ALA T 613 -29.56 12.13 71.29
CA ALA T 613 -29.11 11.89 72.64
C ALA T 613 -29.61 12.94 73.57
N HIS T 614 -29.91 12.54 74.82
CA HIS T 614 -30.46 13.38 75.84
C HIS T 614 -29.56 14.53 76.18
N ASN T 615 -28.24 14.28 76.24
CA ASN T 615 -27.24 15.30 76.45
C ASN T 615 -27.18 16.30 75.32
N THR T 616 -27.21 15.82 74.05
CA THR T 616 -27.14 16.62 72.84
C THR T 616 -28.35 17.51 72.72
N ALA T 617 -29.53 16.96 73.06
CA ALA T 617 -30.82 17.62 73.05
C ALA T 617 -30.90 18.77 73.99
N SER T 618 -30.34 18.65 75.22
CA SER T 618 -30.44 19.66 76.23
C SER T 618 -29.44 20.76 76.01
N THR T 619 -28.31 20.45 75.32
CA THR T 619 -27.32 21.42 74.89
C THR T 619 -27.91 22.34 73.86
N LEU T 620 -28.64 21.77 72.88
CA LEU T 620 -29.34 22.46 71.83
C LEU T 620 -30.43 23.32 72.40
N GLU T 621 -31.19 22.80 73.37
CA GLU T 621 -32.27 23.47 74.04
C GLU T 621 -31.81 24.70 74.75
N ALA T 622 -30.68 24.61 75.48
CA ALA T 622 -30.10 25.69 76.24
C ALA T 622 -29.70 26.84 75.37
N MET T 623 -29.09 26.53 74.20
CA MET T 623 -28.71 27.49 73.18
C MET T 623 -29.88 28.24 72.62
N LEU T 624 -31.04 27.57 72.40
CA LEU T 624 -32.15 28.17 71.72
C LEU T 624 -33.19 28.61 72.72
N ARG T 625 -32.80 28.90 73.97
CA ARG T 625 -33.61 29.63 74.92
C ARG T 625 -32.94 30.94 75.16
N ASN T 626 -31.84 31.20 74.42
CA ASN T 626 -31.07 32.41 74.46
C ASN T 626 -31.72 33.31 73.44
N ASP T 627 -31.71 34.64 73.69
CA ASP T 627 -32.50 35.59 72.94
C ASP T 627 -31.65 36.20 71.85
N THR T 628 -30.48 35.61 71.55
CA THR T 628 -29.68 35.95 70.41
C THR T 628 -29.73 34.82 69.42
N ASN T 629 -30.59 33.81 69.68
CA ASN T 629 -30.69 32.63 68.88
C ASN T 629 -32.15 32.42 68.64
N ASP T 630 -32.84 33.46 68.13
CA ASP T 630 -34.25 33.45 67.89
C ASP T 630 -34.41 33.06 66.46
N GLN T 631 -35.36 32.15 66.20
CA GLN T 631 -35.61 31.55 64.93
C GLN T 631 -36.45 32.49 64.14
N SER T 632 -35.86 33.12 63.11
CA SER T 632 -36.49 34.15 62.31
C SER T 632 -36.52 33.73 60.89
N PHE T 633 -37.71 33.80 60.25
CA PHE T 633 -37.88 33.37 58.89
C PHE T 633 -38.95 34.22 58.28
N ASN T 634 -38.88 34.41 56.94
CA ASN T 634 -39.76 35.22 56.13
C ASN T 634 -40.80 34.36 55.53
N ASP T 635 -42.01 34.93 55.26
CA ASP T 635 -42.94 34.40 54.28
C ASP T 635 -42.28 34.44 52.93
N TYR T 636 -42.44 33.40 52.08
CA TYR T 636 -41.77 33.39 50.79
C TYR T 636 -42.23 34.50 49.88
N LEU T 637 -43.57 34.63 49.74
CA LEU T 637 -44.20 35.73 49.06
C LEU T 637 -44.43 36.75 50.12
N SER T 638 -43.42 37.60 50.37
CA SER T 638 -43.50 38.63 51.39
C SER T 638 -44.20 39.75 50.72
N ALA T 639 -45.50 39.95 51.02
CA ALA T 639 -46.25 40.91 50.29
C ALA T 639 -47.49 41.25 51.04
N ALA T 640 -48.03 42.45 50.73
CA ALA T 640 -49.37 42.88 51.03
C ALA T 640 -50.12 42.54 49.80
N ASN T 641 -51.35 42.01 49.94
CA ASN T 641 -52.10 41.49 48.82
C ASN T 641 -53.37 42.26 48.79
N MET T 642 -53.73 42.86 47.63
CA MET T 642 -54.87 43.73 47.58
C MET T 642 -55.54 43.51 46.27
N LEU T 643 -56.87 43.27 46.31
CA LEU T 643 -57.77 43.16 45.20
C LEU T 643 -58.45 44.47 45.00
N TYR T 644 -58.87 44.77 43.75
CA TYR T 644 -59.62 45.97 43.44
C TYR T 644 -60.51 45.53 42.32
N PRO T 645 -61.69 46.09 42.12
CA PRO T 645 -62.58 45.62 41.08
C PRO T 645 -62.32 46.36 39.81
N ILE T 646 -62.68 45.73 38.69
CA ILE T 646 -62.75 46.32 37.38
C ILE T 646 -64.19 45.99 37.07
N PRO T 647 -65.16 46.88 36.95
CA PRO T 647 -66.46 46.57 36.39
C PRO T 647 -66.35 46.13 34.96
N ALA T 648 -67.27 45.26 34.50
CA ALA T 648 -67.27 44.75 33.15
C ALA T 648 -67.39 45.86 32.17
N ASN T 649 -66.57 45.81 31.10
CA ASN T 649 -66.55 46.73 29.99
C ASN T 649 -65.73 47.93 30.30
N ALA T 650 -64.77 47.82 31.25
CA ALA T 650 -64.00 48.95 31.71
C ALA T 650 -62.59 48.72 31.32
N THR T 651 -61.92 49.83 30.94
CA THR T 651 -60.51 49.88 30.67
C THR T 651 -59.93 50.76 31.75
N ASN T 652 -60.69 50.97 32.85
CA ASN T 652 -60.29 51.76 33.96
C ASN T 652 -60.11 50.72 35.03
N VAL T 653 -58.84 50.51 35.41
CA VAL T 653 -58.41 49.46 36.27
C VAL T 653 -57.65 50.12 37.40
N PRO T 654 -57.75 49.84 38.72
CA PRO T 654 -57.56 50.96 39.65
C PRO T 654 -56.65 50.74 40.84
N ILE T 655 -55.72 51.72 41.06
CA ILE T 655 -55.02 52.03 42.28
C ILE T 655 -54.82 53.52 42.25
N SER T 656 -55.18 54.22 43.32
CA SER T 656 -54.68 55.56 43.56
C SER T 656 -54.80 55.66 45.03
N ILE T 657 -54.11 54.75 45.73
CA ILE T 657 -54.35 54.44 47.10
C ILE T 657 -53.13 54.77 47.93
N PRO T 658 -52.16 53.90 48.19
CA PRO T 658 -51.27 54.03 49.35
C PRO T 658 -50.50 55.34 49.47
N SER T 659 -50.66 56.03 50.63
CA SER T 659 -50.03 57.30 50.97
C SER T 659 -49.10 57.02 52.14
N ARG T 660 -48.69 55.74 52.28
CA ARG T 660 -47.69 55.15 53.12
C ARG T 660 -46.35 55.86 53.17
N ASN T 661 -45.43 55.27 53.98
CA ASN T 661 -44.02 55.55 54.00
C ASN T 661 -43.47 54.28 53.37
N TRP T 662 -42.55 54.44 52.39
CA TRP T 662 -42.12 53.40 51.49
C TRP T 662 -40.74 52.90 51.80
N ALA T 663 -40.24 53.06 53.03
CA ALA T 663 -38.97 52.50 53.43
C ALA T 663 -38.98 50.99 53.44
N ALA T 664 -37.97 50.39 52.79
CA ALA T 664 -37.76 48.98 52.58
C ALA T 664 -38.64 48.36 51.52
N PHE T 665 -39.26 49.16 50.63
CA PHE T 665 -40.14 48.66 49.61
C PHE T 665 -39.36 47.90 48.57
N ARG T 666 -39.92 46.78 48.08
CA ARG T 666 -39.35 45.99 47.02
C ARG T 666 -40.28 46.27 45.86
N GLY T 667 -40.38 45.39 44.85
CA GLY T 667 -41.21 45.61 43.67
C GLY T 667 -42.71 45.64 43.86
N TRP T 668 -43.43 45.36 42.75
CA TRP T 668 -44.84 45.20 42.60
C TRP T 668 -44.95 43.97 41.75
N SER T 669 -46.13 43.32 41.76
CA SER T 669 -46.46 42.21 40.90
C SER T 669 -47.93 42.39 40.69
N PHE T 670 -48.46 42.14 39.48
CA PHE T 670 -49.83 42.42 39.17
C PHE T 670 -50.30 41.45 38.14
N THR T 671 -51.59 41.10 38.23
CA THR T 671 -52.21 40.09 37.40
C THR T 671 -53.67 40.40 37.48
N ARG T 672 -54.47 39.87 36.55
CA ARG T 672 -55.88 40.16 36.44
C ARG T 672 -56.52 38.85 36.72
N LEU T 673 -57.64 38.86 37.47
CA LEU T 673 -58.36 37.65 37.81
C LEU T 673 -59.74 37.84 37.25
N LYS T 674 -60.65 36.88 37.50
CA LYS T 674 -62.05 37.00 37.19
C LYS T 674 -62.71 36.92 38.51
N THR T 675 -63.76 37.75 38.70
CA THR T 675 -64.44 37.97 39.96
C THR T 675 -65.09 36.72 40.47
N LYS T 676 -65.67 35.89 39.58
CA LYS T 676 -66.47 34.77 40.01
C LYS T 676 -65.62 33.55 40.18
N GLU T 677 -64.30 33.68 39.97
CA GLU T 677 -63.34 32.65 40.19
C GLU T 677 -62.53 32.89 41.45
N THR T 678 -62.79 34.00 42.18
CA THR T 678 -61.97 34.40 43.31
C THR T 678 -62.90 34.44 44.50
N PRO T 679 -62.91 33.53 45.47
CA PRO T 679 -63.65 33.67 46.72
C PRO T 679 -63.20 34.82 47.61
N SER T 680 -63.92 35.02 48.75
CA SER T 680 -63.55 35.88 49.84
C SER T 680 -63.04 34.95 50.89
N LEU T 681 -61.85 35.25 51.48
CA LEU T 681 -61.30 34.47 52.56
C LEU T 681 -61.54 35.14 53.89
N GLY T 682 -62.17 36.33 53.90
CA GLY T 682 -62.56 36.99 55.14
C GLY T 682 -63.88 36.49 55.63
N SER T 683 -64.77 36.08 54.69
CA SER T 683 -65.96 35.32 55.00
C SER T 683 -65.60 33.90 55.28
N GLY T 684 -66.42 33.24 56.14
CA GLY T 684 -66.19 31.88 56.55
C GLY T 684 -66.88 30.97 55.57
N PHE T 685 -67.96 31.47 54.93
CA PHE T 685 -68.64 30.76 53.88
C PHE T 685 -69.12 31.82 52.95
N ASP T 686 -69.05 31.53 51.63
CA ASP T 686 -69.52 32.41 50.59
C ASP T 686 -70.77 31.77 50.09
N PRO T 687 -71.96 32.29 50.27
CA PRO T 687 -73.14 31.77 49.60
C PRO T 687 -73.27 32.48 48.28
N TYR T 688 -72.22 32.46 47.44
CA TYR T 688 -72.25 33.20 46.20
C TYR T 688 -71.10 32.80 45.33
N PHE T 689 -70.27 31.83 45.78
CA PHE T 689 -69.14 31.34 45.05
C PHE T 689 -69.67 30.08 44.43
N VAL T 690 -69.85 30.08 43.09
CA VAL T 690 -70.55 29.04 42.38
C VAL T 690 -69.62 28.37 41.41
N TYR T 691 -68.30 28.54 41.62
CA TYR T 691 -67.29 28.05 40.73
C TYR T 691 -66.41 27.14 41.52
N SER T 692 -66.12 25.93 40.96
CA SER T 692 -65.27 24.97 41.60
C SER T 692 -64.13 24.66 40.69
N GLY T 693 -63.88 25.46 39.64
CA GLY T 693 -62.75 25.27 38.75
C GLY T 693 -61.51 25.73 39.45
N SER T 694 -60.40 25.87 38.70
CA SER T 694 -59.11 26.22 39.20
C SER T 694 -59.16 27.64 39.67
N ILE T 695 -58.79 27.90 40.95
CA ILE T 695 -58.87 29.21 41.54
C ILE T 695 -57.50 29.80 41.28
N PRO T 696 -57.32 30.82 40.44
CA PRO T 696 -56.01 31.28 40.05
C PRO T 696 -55.41 32.10 41.16
N TYR T 697 -56.24 32.63 42.08
CA TYR T 697 -55.82 33.41 43.22
C TYR T 697 -54.94 32.63 44.17
N LEU T 698 -55.28 31.35 44.43
CA LEU T 698 -54.65 30.56 45.47
C LEU T 698 -53.73 29.54 44.87
N ASP T 699 -53.68 29.45 43.53
CA ASP T 699 -52.88 28.52 42.78
C ASP T 699 -51.94 29.41 42.03
N GLY T 700 -50.78 28.87 41.59
CA GLY T 700 -49.80 29.65 40.84
C GLY T 700 -50.26 29.94 39.44
N THR T 701 -51.35 29.27 39.01
CA THR T 701 -52.04 29.48 37.76
C THR T 701 -52.58 30.89 37.67
N PHE T 702 -52.45 31.48 36.47
CA PHE T 702 -52.93 32.78 36.10
C PHE T 702 -52.98 32.64 34.61
N TYR T 703 -53.72 33.52 33.90
CA TYR T 703 -53.86 33.32 32.48
C TYR T 703 -54.36 34.55 31.82
N LEU T 704 -54.36 35.70 32.51
CA LEU T 704 -54.89 36.93 31.99
C LEU T 704 -53.79 37.92 32.21
N ASN T 705 -52.63 37.59 31.64
CA ASN T 705 -51.43 38.39 31.66
C ASN T 705 -51.12 38.56 30.21
N HIS T 706 -51.97 39.33 29.54
CA HIS T 706 -51.87 39.60 28.13
C HIS T 706 -53.03 40.50 27.85
N THR T 707 -53.82 40.85 28.89
CA THR T 707 -54.93 41.75 28.78
C THR T 707 -54.41 43.13 29.02
N PHE T 708 -53.36 43.26 29.87
CA PHE T 708 -52.74 44.52 30.25
C PHE T 708 -52.15 45.20 29.08
N LYS T 709 -52.39 46.52 28.96
CA LYS T 709 -52.10 47.22 27.75
C LYS T 709 -51.08 48.27 28.09
N LYS T 710 -51.14 48.88 29.29
CA LYS T 710 -50.13 49.78 29.79
C LYS T 710 -50.32 49.99 31.26
N VAL T 711 -49.28 50.47 31.98
CA VAL T 711 -49.35 50.75 33.38
C VAL T 711 -48.48 51.97 33.57
N SER T 712 -48.96 52.97 34.34
CA SER T 712 -48.27 54.19 34.62
C SER T 712 -48.17 54.31 36.10
N ILE T 713 -46.94 54.58 36.62
CA ILE T 713 -46.62 54.69 38.02
C ILE T 713 -46.28 56.15 38.28
N THR T 714 -46.81 56.72 39.40
CA THR T 714 -46.65 58.11 39.77
C THR T 714 -46.58 58.07 41.28
N PHE T 715 -45.81 59.01 41.88
CA PHE T 715 -45.67 59.17 43.30
C PHE T 715 -45.78 60.63 43.53
N ASP T 716 -46.71 61.00 44.45
CA ASP T 716 -46.99 62.33 44.89
C ASP T 716 -47.50 63.18 43.74
N SER T 717 -48.26 62.55 42.82
CA SER T 717 -48.99 63.14 41.72
C SER T 717 -48.19 64.06 40.81
N SER T 718 -46.90 63.77 40.56
CA SER T 718 -46.10 64.69 39.79
C SER T 718 -44.73 64.16 39.57
N VAL T 719 -44.41 62.96 40.10
CA VAL T 719 -43.11 62.37 39.90
C VAL T 719 -43.41 61.02 39.34
N SER T 720 -43.04 60.75 38.07
CA SER T 720 -43.23 59.42 37.54
C SER T 720 -42.00 58.69 37.97
N TRP T 721 -42.20 57.44 38.43
CA TRP T 721 -41.13 56.60 38.89
C TRP T 721 -40.17 56.06 37.85
N PRO T 722 -40.53 55.52 36.70
CA PRO T 722 -39.55 55.17 35.68
C PRO T 722 -39.06 56.40 34.95
N GLY T 723 -39.25 57.62 35.51
CA GLY T 723 -38.78 58.86 34.97
C GLY T 723 -37.29 58.91 35.06
N ASN T 724 -36.70 59.76 34.18
CA ASN T 724 -35.30 60.11 34.02
C ASN T 724 -34.94 59.59 32.67
N ASP T 725 -35.96 59.32 31.81
CA ASP T 725 -35.84 58.99 30.41
C ASP T 725 -35.38 57.58 30.28
N ARG T 726 -35.83 56.69 31.20
CA ARG T 726 -35.31 55.35 31.31
C ARG T 726 -35.83 54.42 30.25
N LEU T 727 -37.02 54.70 29.69
CA LEU T 727 -37.68 53.80 28.78
C LEU T 727 -37.82 54.52 27.48
N LEU T 728 -38.26 53.79 26.41
CA LEU T 728 -38.54 54.33 25.11
C LEU T 728 -39.76 55.23 25.15
N THR T 729 -40.73 54.94 26.05
CA THR T 729 -41.79 55.87 26.40
C THR T 729 -41.59 56.08 27.88
N PRO T 730 -41.04 57.19 28.39
CA PRO T 730 -40.43 57.18 29.70
C PRO T 730 -41.38 57.06 30.86
N ASN T 731 -42.61 57.59 30.74
CA ASN T 731 -43.48 57.85 31.86
C ASN T 731 -44.66 56.92 31.84
N GLU T 732 -44.48 55.71 31.25
CA GLU T 732 -45.53 54.73 31.18
C GLU T 732 -44.93 53.55 30.49
N PHE T 733 -44.95 52.39 31.19
CA PHE T 733 -44.65 51.11 30.60
C PHE T 733 -45.73 50.78 29.62
N GLU T 734 -45.38 50.16 28.47
CA GLU T 734 -46.35 49.69 27.52
C GLU T 734 -46.15 48.24 27.56
N ILE T 735 -47.23 47.45 27.54
CA ILE T 735 -47.15 46.02 27.63
C ILE T 735 -47.30 45.52 26.22
N LYS T 736 -48.12 46.24 25.40
CA LYS T 736 -48.38 45.87 24.04
C LYS T 736 -48.59 47.16 23.33
N ARG T 737 -48.39 47.13 22.00
CA ARG T 737 -48.78 48.19 21.12
C ARG T 737 -49.57 47.53 20.03
N THR T 738 -50.29 48.32 19.22
CA THR T 738 -51.14 47.82 18.18
C THR T 738 -50.69 48.57 16.97
N VAL T 739 -50.16 47.84 15.96
CA VAL T 739 -49.54 48.37 14.75
C VAL T 739 -48.24 49.09 15.05
N ASP T 740 -47.20 48.85 14.21
CA ASP T 740 -45.90 49.44 14.36
C ASP T 740 -45.94 50.86 13.90
N GLY T 741 -45.59 51.79 14.81
CA GLY T 741 -45.28 53.17 14.51
C GLY T 741 -43.82 53.15 14.21
N GLU T 742 -43.00 53.72 15.13
CA GLU T 742 -41.59 53.41 15.20
C GLU T 742 -41.58 52.09 15.90
N GLY T 743 -41.15 51.03 15.17
CA GLY T 743 -41.25 49.65 15.60
C GLY T 743 -40.51 49.38 16.85
N TYR T 744 -41.27 49.23 17.97
CA TYR T 744 -40.74 48.98 19.27
C TYR T 744 -41.19 47.63 19.71
N ASN T 745 -41.81 46.82 18.83
CA ASN T 745 -42.22 45.49 19.23
C ASN T 745 -41.03 44.57 19.09
N VAL T 746 -41.02 43.47 19.86
CA VAL T 746 -39.94 42.52 19.89
C VAL T 746 -40.56 41.16 19.98
N ALA T 747 -39.78 40.15 19.54
CA ALA T 747 -39.98 38.74 19.75
C ALA T 747 -41.01 38.19 18.81
N GLN T 748 -41.46 38.99 17.84
CA GLN T 748 -42.34 38.61 16.76
C GLN T 748 -43.78 38.59 17.18
N CYS T 749 -44.10 39.34 18.25
CA CYS T 749 -45.42 39.49 18.80
C CYS T 749 -45.60 40.96 18.97
N ASN T 750 -46.63 41.38 19.74
CA ASN T 750 -46.88 42.76 20.08
C ASN T 750 -46.57 42.93 21.53
N MET T 751 -45.31 42.65 21.93
CA MET T 751 -44.78 42.91 23.24
C MET T 751 -43.67 43.87 23.02
N THR T 752 -43.68 45.03 23.73
CA THR T 752 -42.79 46.12 23.46
C THR T 752 -41.43 45.78 24.05
N LYS T 753 -40.36 46.41 23.50
CA LYS T 753 -38.96 46.26 23.87
C LYS T 753 -38.78 46.64 25.30
N ASP T 754 -39.51 47.68 25.74
CA ASP T 754 -39.54 48.24 27.08
C ASP T 754 -39.92 47.20 28.08
N TRP T 755 -40.90 46.33 27.75
CA TRP T 755 -41.43 45.46 28.75
C TRP T 755 -40.87 44.08 28.60
N PHE T 756 -40.26 43.75 27.44
CA PHE T 756 -39.46 42.57 27.31
C PHE T 756 -38.21 42.66 28.14
N LEU T 757 -37.57 43.84 28.16
CA LEU T 757 -36.38 44.17 28.90
C LEU T 757 -36.57 44.05 30.39
N VAL T 758 -37.71 44.58 30.90
CA VAL T 758 -38.09 44.61 32.29
C VAL T 758 -38.30 43.23 32.84
N GLN T 759 -38.90 42.32 32.03
CA GLN T 759 -39.29 41.00 32.46
C GLN T 759 -38.18 40.02 32.23
N MET T 760 -37.04 40.46 31.65
CA MET T 760 -35.85 39.67 31.51
C MET T 760 -34.83 40.14 32.50
N LEU T 761 -35.13 41.20 33.27
CA LEU T 761 -34.28 41.71 34.31
C LEU T 761 -34.98 41.38 35.60
N ALA T 762 -35.77 40.29 35.60
CA ALA T 762 -36.54 39.88 36.73
C ALA T 762 -36.78 38.39 36.60
N HIS T 763 -36.13 37.72 35.62
CA HIS T 763 -36.37 36.32 35.35
C HIS T 763 -35.17 35.78 34.60
N TYR T 764 -34.02 36.45 34.79
CA TYR T 764 -32.76 36.07 34.23
C TYR T 764 -31.82 36.98 34.95
N ASN T 765 -32.15 38.29 34.98
CA ASN T 765 -31.40 39.35 35.61
C ASN T 765 -30.29 39.80 34.71
N ILE T 766 -30.36 39.46 33.41
CA ILE T 766 -29.41 39.92 32.42
C ILE T 766 -30.24 40.35 31.26
N GLY T 767 -29.83 41.47 30.64
CA GLY T 767 -30.46 42.05 29.50
C GLY T 767 -29.60 43.20 29.05
N TYR T 768 -28.61 43.60 29.88
CA TYR T 768 -27.66 44.66 29.58
C TYR T 768 -26.48 44.13 28.84
N GLN T 769 -26.33 42.80 28.74
CA GLN T 769 -25.20 42.19 28.11
C GLN T 769 -25.77 41.05 27.33
N GLY T 770 -26.69 41.39 26.40
CA GLY T 770 -27.36 40.47 25.51
C GLY T 770 -28.58 39.88 26.12
N PHE T 771 -29.43 39.28 25.27
CA PHE T 771 -30.60 38.56 25.65
C PHE T 771 -30.29 37.15 25.25
N TYR T 772 -30.36 36.23 26.21
CA TYR T 772 -30.01 34.85 26.00
C TYR T 772 -31.05 34.10 26.74
N VAL T 773 -31.13 32.78 26.49
CA VAL T 773 -32.04 31.88 27.14
C VAL T 773 -31.53 31.71 28.56
N PRO T 774 -32.24 32.06 29.64
CA PRO T 774 -31.81 31.79 31.00
C PRO T 774 -31.59 30.33 31.23
N GLU T 775 -30.63 29.95 32.10
CA GLU T 775 -30.38 28.58 32.50
C GLU T 775 -31.61 27.97 33.13
N GLY T 776 -31.72 26.63 33.06
CA GLY T 776 -32.90 25.89 33.41
C GLY T 776 -33.19 25.89 34.89
N TYR T 777 -32.22 26.27 35.74
CA TYR T 777 -32.39 26.23 37.17
C TYR T 777 -32.80 27.58 37.68
N LYS T 778 -32.81 28.61 36.80
CA LYS T 778 -33.27 29.94 37.14
C LYS T 778 -34.44 30.26 36.25
N ASP T 779 -34.93 29.25 35.49
CA ASP T 779 -36.09 29.36 34.66
C ASP T 779 -36.96 28.26 35.17
N ARG T 780 -38.03 28.62 35.88
CA ARG T 780 -38.81 27.71 36.68
C ARG T 780 -40.15 27.59 36.01
N MET T 781 -41.14 27.05 36.75
CA MET T 781 -42.47 26.79 36.26
C MET T 781 -43.29 28.05 36.15
N TYR T 782 -42.93 29.10 36.93
CA TYR T 782 -43.68 30.32 37.03
C TYR T 782 -42.82 31.47 36.56
N SER T 783 -41.73 31.17 35.83
CA SER T 783 -40.86 32.17 35.27
C SER T 783 -41.39 32.61 33.94
N PHE T 784 -40.96 33.81 33.52
CA PHE T 784 -41.38 34.48 32.33
C PHE T 784 -41.05 33.73 31.07
N PHE T 785 -39.80 33.23 30.96
CA PHE T 785 -39.28 32.65 29.75
C PHE T 785 -40.00 31.38 29.37
N ARG T 786 -40.35 30.57 30.39
CA ARG T 786 -40.97 29.28 30.29
C ARG T 786 -42.32 29.37 29.61
N ASN T 787 -43.11 30.44 29.90
CA ASN T 787 -44.50 30.51 29.56
C ASN T 787 -44.81 31.53 28.49
N PHE T 788 -43.79 32.24 27.99
CA PHE T 788 -43.92 33.30 27.00
C PHE T 788 -43.92 32.73 25.61
N GLN T 789 -45.10 32.73 24.93
CA GLN T 789 -45.26 32.13 23.63
C GLN T 789 -45.83 33.18 22.70
N PRO T 790 -45.04 33.86 21.87
CA PRO T 790 -45.44 34.54 20.64
C PRO T 790 -46.20 33.71 19.65
N MET T 791 -47.12 34.32 18.87
CA MET T 791 -47.89 33.63 17.88
C MET T 791 -48.37 34.62 16.85
N SER T 792 -48.62 34.15 15.61
CA SER T 792 -48.92 34.98 14.46
C SER T 792 -49.79 34.19 13.52
N ARG T 793 -50.61 34.89 12.72
CA ARG T 793 -51.38 34.29 11.66
C ARG T 793 -51.63 35.38 10.67
N GLN T 794 -51.95 35.01 9.41
CA GLN T 794 -52.49 35.91 8.43
C GLN T 794 -53.97 35.67 8.44
N VAL T 795 -54.76 36.66 7.99
CA VAL T 795 -56.20 36.57 7.85
C VAL T 795 -56.50 37.17 6.52
N VAL T 796 -57.69 36.86 5.94
CA VAL T 796 -58.22 37.56 4.79
C VAL T 796 -58.46 39.00 5.14
N ASP T 797 -58.06 39.92 4.24
CA ASP T 797 -58.19 41.33 4.46
C ASP T 797 -59.60 41.68 4.09
N GLU T 798 -60.29 42.46 4.93
CA GLU T 798 -61.66 42.85 4.70
C GLU T 798 -61.74 44.16 3.98
N VAL T 799 -60.58 44.75 3.60
CA VAL T 799 -60.53 46.08 3.07
C VAL T 799 -60.00 46.02 1.68
N ASN T 800 -58.83 45.36 1.48
CA ASN T 800 -58.12 45.39 0.22
C ASN T 800 -58.38 44.17 -0.60
N TYR T 801 -59.15 43.18 -0.09
CA TYR T 801 -59.52 42.04 -0.88
C TYR T 801 -60.85 42.44 -1.46
N LYS T 802 -60.97 42.38 -2.80
CA LYS T 802 -62.02 43.05 -3.52
C LYS T 802 -63.16 42.13 -3.80
N ASP T 803 -62.98 40.83 -3.48
CA ASP T 803 -63.97 39.81 -3.74
C ASP T 803 -64.38 39.26 -2.41
N TYR T 804 -64.06 39.98 -1.31
CA TYR T 804 -64.44 39.63 0.04
C TYR T 804 -65.94 39.62 0.19
N GLN T 805 -66.43 38.66 0.99
CA GLN T 805 -67.81 38.52 1.34
C GLN T 805 -67.72 38.10 2.77
N ALA T 806 -68.64 38.60 3.61
CA ALA T 806 -68.70 38.17 4.99
C ALA T 806 -69.77 37.13 5.01
N VAL T 807 -69.37 35.86 5.22
CA VAL T 807 -70.27 34.74 5.24
C VAL T 807 -70.27 34.29 6.67
N THR T 808 -71.47 34.02 7.21
CA THR T 808 -71.68 33.69 8.60
C THR T 808 -71.55 32.21 8.72
N LEU T 809 -71.57 31.70 9.98
CA LEU T 809 -71.36 30.33 10.34
C LEU T 809 -72.32 29.38 9.67
N ALA T 810 -73.59 29.80 9.51
CA ALA T 810 -74.62 29.04 8.85
C ALA T 810 -74.31 28.71 7.41
N TYR T 811 -73.70 29.66 6.66
CA TYR T 811 -73.59 29.57 5.23
C TYR T 811 -72.24 29.10 4.81
N GLN T 812 -71.32 28.90 5.77
CA GLN T 812 -70.05 28.26 5.56
C GLN T 812 -70.24 26.79 5.36
N HIS T 813 -69.56 26.22 4.35
CA HIS T 813 -69.69 24.82 4.08
C HIS T 813 -68.38 24.38 3.53
N ASN T 814 -67.98 23.15 3.90
CA ASN T 814 -66.67 22.61 3.74
C ASN T 814 -66.81 21.29 4.44
N ASN T 815 -66.56 20.17 3.72
CA ASN T 815 -66.78 18.81 4.14
C ASN T 815 -68.23 18.50 3.98
N SER T 816 -68.93 19.22 3.09
CA SER T 816 -70.34 19.08 2.84
C SER T 816 -70.67 17.72 2.32
N GLY T 817 -71.67 17.06 2.94
CA GLY T 817 -72.13 15.76 2.58
C GLY T 817 -71.48 14.71 3.43
N PHE T 818 -70.46 15.11 4.22
CA PHE T 818 -69.64 14.21 4.99
C PHE T 818 -69.65 14.64 6.43
N VAL T 819 -70.50 15.62 6.82
CA VAL T 819 -70.54 16.07 8.19
C VAL T 819 -71.90 16.64 8.44
N GLY T 820 -72.36 16.63 9.72
CA GLY T 820 -73.60 17.18 10.18
C GLY T 820 -73.70 18.66 9.98
N TYR T 821 -74.93 19.20 10.05
CA TYR T 821 -75.20 20.60 9.85
C TYR T 821 -75.29 21.22 11.21
N LEU T 822 -74.19 21.87 11.65
CA LEU T 822 -74.11 22.69 12.84
C LEU T 822 -74.31 21.90 14.11
N ALA T 823 -74.09 20.57 14.06
CA ALA T 823 -74.40 19.72 15.16
C ALA T 823 -73.47 18.55 15.00
N PRO T 824 -73.06 17.86 16.05
CA PRO T 824 -72.23 16.67 15.97
C PRO T 824 -73.01 15.45 15.52
N THR T 825 -74.22 15.61 14.94
CA THR T 825 -75.07 14.53 14.52
C THR T 825 -74.58 14.08 13.16
N MET T 826 -75.19 13.00 12.61
CA MET T 826 -74.87 12.36 11.34
C MET T 826 -74.64 13.27 10.18
N ARG T 827 -73.93 12.73 9.15
CA ARG T 827 -73.59 13.36 7.91
C ARG T 827 -74.81 13.73 7.12
N GLN T 828 -74.74 14.83 6.36
CA GLN T 828 -75.87 15.27 5.59
C GLN T 828 -75.37 16.24 4.59
N GLY T 829 -76.08 16.35 3.44
CA GLY T 829 -75.75 17.25 2.37
C GLY T 829 -75.20 16.46 1.24
N GLN T 830 -74.47 17.15 0.33
CA GLN T 830 -73.91 16.58 -0.87
C GLN T 830 -72.47 17.01 -0.98
N PRO T 831 -71.61 16.27 -1.66
CA PRO T 831 -70.33 16.74 -2.18
C PRO T 831 -70.46 17.96 -3.04
N TYR T 832 -69.66 19.01 -2.77
CA TYR T 832 -69.77 20.24 -3.49
C TYR T 832 -68.45 20.90 -3.18
N PRO T 833 -67.88 21.81 -3.97
CA PRO T 833 -66.83 22.73 -3.56
C PRO T 833 -67.07 23.42 -2.24
N ALA T 834 -66.00 23.68 -1.47
CA ALA T 834 -66.06 24.43 -0.24
C ALA T 834 -66.06 25.88 -0.58
N ASN T 835 -66.17 26.76 0.44
CA ASN T 835 -66.19 28.17 0.21
C ASN T 835 -65.82 28.87 1.47
N TYR T 836 -65.46 28.16 2.56
CA TYR T 836 -65.17 28.79 3.80
C TYR T 836 -63.77 29.38 3.86
N PRO T 837 -62.67 28.74 4.24
CA PRO T 837 -61.36 29.37 4.24
C PRO T 837 -61.00 30.02 2.94
N TYR T 838 -60.36 31.20 2.98
CA TYR T 838 -59.89 31.84 1.79
C TYR T 838 -58.50 31.30 1.62
N PRO T 839 -58.04 30.85 0.44
CA PRO T 839 -56.66 30.50 0.19
C PRO T 839 -55.71 31.58 0.59
N LEU T 840 -54.77 31.28 1.49
CA LEU T 840 -53.72 32.20 1.84
C LEU T 840 -52.44 31.71 1.23
N ILE T 841 -52.45 30.54 0.54
CA ILE T 841 -51.26 29.97 -0.05
C ILE T 841 -51.61 29.54 -1.44
N GLY T 842 -50.56 29.28 -2.25
CA GLY T 842 -50.68 28.85 -3.63
C GLY T 842 -50.96 30.02 -4.52
N LYS T 843 -51.30 29.72 -5.81
CA LYS T 843 -51.68 30.73 -6.77
C LYS T 843 -53.06 31.19 -6.38
N SER T 844 -53.34 32.49 -6.55
CA SER T 844 -54.64 33.08 -6.26
C SER T 844 -54.88 33.07 -4.77
N ALA T 845 -53.85 33.49 -4.00
CA ALA T 845 -53.94 33.67 -2.57
C ALA T 845 -54.49 35.05 -2.39
N VAL T 846 -55.41 35.20 -1.42
CA VAL T 846 -56.12 36.42 -1.17
C VAL T 846 -55.24 37.40 -0.47
N THR T 847 -55.56 38.72 -0.59
CA THR T 847 -54.87 39.80 0.08
C THR T 847 -55.09 39.59 1.56
N SER T 848 -54.02 39.76 2.37
CA SER T 848 -54.06 39.36 3.74
C SER T 848 -53.38 40.40 4.56
N VAL T 849 -53.55 40.33 5.90
CA VAL T 849 -52.89 41.21 6.85
C VAL T 849 -52.54 40.37 8.05
N THR T 850 -51.51 40.78 8.81
CA THR T 850 -50.95 40.07 9.94
C THR T 850 -51.64 40.49 11.19
N GLN T 851 -51.95 39.51 12.07
CA GLN T 851 -52.38 39.73 13.42
C GLN T 851 -51.36 39.00 14.21
N LYS T 852 -50.87 39.58 15.32
CA LYS T 852 -49.90 38.92 16.15
C LYS T 852 -50.16 39.26 17.57
N LYS T 853 -50.00 38.26 18.47
CA LYS T 853 -50.29 38.42 19.87
C LYS T 853 -49.42 37.42 20.57
N PHE T 854 -49.40 37.43 21.91
CA PHE T 854 -48.70 36.50 22.76
C PHE T 854 -49.66 36.04 23.80
N LEU T 855 -49.35 34.89 24.45
CA LEU T 855 -50.07 34.46 25.63
C LEU T 855 -49.01 34.09 26.61
N CYS T 856 -49.10 34.71 27.80
CA CYS T 856 -48.21 34.47 28.90
C CYS T 856 -49.13 34.04 30.02
N ASP T 857 -48.87 32.85 30.61
CA ASP T 857 -49.76 32.25 31.57
C ASP T 857 -48.92 31.84 32.73
N ARG T 858 -49.40 32.12 33.96
CA ARG T 858 -48.88 31.63 35.22
C ARG T 858 -47.77 32.48 35.73
N VAL T 859 -47.63 33.70 35.18
CA VAL T 859 -46.53 34.58 35.49
C VAL T 859 -47.19 35.85 35.89
N MET T 860 -46.77 36.44 37.03
CA MET T 860 -47.24 37.75 37.38
C MET T 860 -46.31 38.74 36.75
N TRP T 861 -46.89 39.80 36.17
CA TRP T 861 -46.22 40.95 35.63
C TRP T 861 -45.62 41.70 36.77
N ARG T 862 -44.32 42.01 36.79
CA ARG T 862 -43.68 42.43 38.00
C ARG T 862 -42.63 43.41 37.62
N ILE T 863 -42.49 44.48 38.44
CA ILE T 863 -41.52 45.51 38.16
C ILE T 863 -40.78 45.58 39.46
N PRO T 864 -39.47 45.44 39.51
CA PRO T 864 -38.63 45.84 40.61
C PRO T 864 -38.79 47.26 41.06
N PHE T 865 -38.05 47.63 42.12
CA PHE T 865 -38.07 48.95 42.68
C PHE T 865 -36.60 49.19 42.85
N SER T 866 -35.89 49.12 41.70
CA SER T 866 -34.49 49.39 41.59
C SER T 866 -34.42 50.34 40.43
N SER T 867 -33.29 51.05 40.29
CA SER T 867 -33.11 52.02 39.22
C SER T 867 -32.35 51.35 38.11
N ASN T 868 -31.95 50.08 38.31
CA ASN T 868 -31.36 49.25 37.30
C ASN T 868 -32.38 48.26 36.81
N PHE T 869 -33.58 48.24 37.43
CA PHE T 869 -34.66 47.29 37.19
C PHE T 869 -34.22 45.87 37.43
N MET T 870 -33.25 45.64 38.32
CA MET T 870 -32.82 44.30 38.65
C MET T 870 -32.47 44.32 40.10
N SER T 871 -32.90 43.27 40.83
CA SER T 871 -32.56 43.08 42.22
C SER T 871 -31.12 42.66 42.33
N MET T 872 -30.39 43.30 43.25
CA MET T 872 -29.02 42.99 43.62
C MET T 872 -28.93 42.46 45.06
N GLY T 873 -29.93 42.78 45.87
CA GLY T 873 -30.27 42.13 47.13
C GLY T 873 -31.77 42.14 47.34
N ALA T 874 -32.22 41.46 48.39
CA ALA T 874 -33.60 41.41 48.80
C ALA T 874 -34.10 42.78 49.18
N LEU T 875 -33.28 43.51 49.95
CA LEU T 875 -33.49 44.90 50.26
C LEU T 875 -32.90 45.66 49.11
N THR T 876 -33.74 46.46 48.42
CA THR T 876 -33.38 47.15 47.19
C THR T 876 -32.62 48.39 47.55
N ASP T 877 -32.09 49.08 46.52
CA ASP T 877 -31.26 50.24 46.71
C ASP T 877 -32.09 51.49 46.75
N LEU T 878 -33.40 51.41 46.40
CA LEU T 878 -34.34 52.50 46.52
C LEU T 878 -35.19 52.26 47.74
N GLY T 879 -35.00 51.14 48.45
CA GLY T 879 -35.66 50.87 49.71
C GLY T 879 -34.89 51.55 50.80
N GLN T 880 -33.60 51.80 50.54
CA GLN T 880 -32.68 52.41 51.46
C GLN T 880 -32.49 53.85 51.12
N ASN T 881 -33.20 54.38 50.10
CA ASN T 881 -33.18 55.79 49.78
C ASN T 881 -34.51 56.37 50.16
N MET T 882 -35.57 55.53 50.31
CA MET T 882 -36.89 55.96 50.72
C MET T 882 -36.97 55.97 52.23
N LEU T 883 -35.97 55.32 52.86
CA LEU T 883 -35.65 55.35 54.26
C LEU T 883 -35.32 56.74 54.73
N TYR T 884 -34.53 57.49 53.91
CA TYR T 884 -34.07 58.82 54.26
C TYR T 884 -34.87 59.86 53.50
N ALA T 885 -35.84 59.43 52.66
CA ALA T 885 -36.77 60.32 52.00
C ALA T 885 -38.07 60.25 52.74
N ASN T 886 -38.03 59.79 54.02
CA ASN T 886 -39.19 59.52 54.84
C ASN T 886 -39.94 60.80 55.07
N SER T 887 -41.13 60.88 54.46
CA SER T 887 -42.01 62.00 54.55
C SER T 887 -43.32 61.58 53.96
N ALA T 888 -43.38 60.33 53.43
CA ALA T 888 -44.54 59.76 52.81
C ALA T 888 -44.77 60.31 51.44
N HIS T 889 -45.42 59.51 50.58
CA HIS T 889 -45.72 59.90 49.23
C HIS T 889 -46.93 59.12 48.92
N ALA T 890 -47.73 59.53 47.91
CA ALA T 890 -48.89 58.80 47.53
C ALA T 890 -48.72 58.26 46.16
N LEU T 891 -48.55 56.93 46.10
CA LEU T 891 -48.53 56.12 44.91
C LEU T 891 -49.87 56.13 44.22
N ASP T 892 -49.84 56.32 42.88
CA ASP T 892 -50.98 56.32 41.99
C ASP T 892 -50.56 55.40 40.90
N MET T 893 -51.37 54.39 40.52
CA MET T 893 -51.03 53.50 39.44
C MET T 893 -52.23 53.38 38.55
N ASN T 894 -52.09 53.80 37.28
CA ASN T 894 -53.18 53.97 36.37
C ASN T 894 -53.01 52.86 35.37
N PHE T 895 -53.97 51.92 35.30
CA PHE T 895 -53.84 50.71 34.51
C PHE T 895 -54.87 50.78 33.44
N GLU T 896 -54.48 50.36 32.21
CA GLU T 896 -55.36 50.24 31.10
C GLU T 896 -55.28 48.78 30.77
N VAL T 897 -56.42 48.20 30.35
CA VAL T 897 -56.54 46.81 30.01
C VAL T 897 -57.37 46.75 28.78
N ASP T 898 -57.37 45.58 28.11
CA ASP T 898 -58.31 45.24 27.06
C ASP T 898 -59.65 45.03 27.72
N PRO T 899 -60.78 45.49 27.20
CA PRO T 899 -62.06 45.39 27.85
C PRO T 899 -62.53 43.96 27.89
N MET T 900 -63.04 43.51 29.06
CA MET T 900 -63.68 42.24 29.24
C MET T 900 -65.15 42.45 29.22
N ASP T 901 -65.92 41.35 29.10
CA ASP T 901 -67.36 41.38 29.09
C ASP T 901 -67.85 40.81 30.38
N GLU T 902 -66.93 40.49 31.33
CA GLU T 902 -67.27 39.97 32.63
C GLU T 902 -66.51 40.78 33.62
N SER T 903 -67.00 40.80 34.87
CA SER T 903 -66.34 41.44 35.98
C SER T 903 -65.06 40.71 36.27
N THR T 904 -64.00 41.48 36.56
CA THR T 904 -62.64 41.06 36.65
C THR T 904 -62.09 41.79 37.83
N LEU T 905 -60.95 41.37 38.37
CA LEU T 905 -60.34 42.01 39.51
C LEU T 905 -58.95 42.30 39.07
N LEU T 906 -58.30 43.22 39.80
CA LEU T 906 -56.94 43.57 39.59
C LEU T 906 -56.33 43.19 40.89
N TYR T 907 -55.33 42.31 40.82
CA TYR T 907 -54.65 41.78 41.96
C TYR T 907 -53.27 42.35 41.92
N VAL T 908 -52.93 43.25 42.85
CA VAL T 908 -51.67 43.95 42.92
C VAL T 908 -51.07 43.56 44.23
N VAL T 909 -49.91 42.91 44.13
CA VAL T 909 -49.15 42.34 45.20
C VAL T 909 -48.00 43.28 45.41
N PHE T 910 -48.09 44.11 46.47
CA PHE T 910 -47.05 45.03 46.87
C PHE T 910 -46.07 44.20 47.62
N GLU T 911 -44.80 44.19 47.19
CA GLU T 911 -43.78 43.33 47.74
C GLU T 911 -43.13 44.02 48.91
N VAL T 912 -43.23 43.43 50.12
CA VAL T 912 -42.81 44.03 51.36
C VAL T 912 -41.88 43.04 52.01
N PHE T 913 -41.60 43.20 53.32
CA PHE T 913 -40.91 42.22 54.13
C PHE T 913 -41.92 41.69 55.11
N ASP T 914 -41.93 40.36 55.33
CA ASP T 914 -42.75 39.72 56.34
C ASP T 914 -41.72 38.97 57.10
N VAL T 915 -41.46 39.38 58.36
CA VAL T 915 -40.48 38.78 59.22
C VAL T 915 -41.17 38.45 60.52
N VAL T 916 -41.08 37.18 60.89
CA VAL T 916 -41.57 36.55 62.10
C VAL T 916 -40.43 35.97 62.85
N ARG T 917 -40.09 36.56 64.02
CA ARG T 917 -38.94 36.25 64.81
C ARG T 917 -39.59 35.85 66.09
N VAL T 918 -39.34 34.57 66.43
CA VAL T 918 -40.14 33.77 67.31
C VAL T 918 -39.22 32.93 68.11
N HIS T 919 -39.44 32.86 69.44
CA HIS T 919 -38.50 32.22 70.31
C HIS T 919 -39.19 31.89 71.60
N GLN T 920 -38.60 30.91 72.31
CA GLN T 920 -39.08 30.39 73.55
C GLN T 920 -38.12 30.91 74.58
N PRO T 921 -38.51 31.54 75.67
CA PRO T 921 -37.55 32.04 76.65
C PRO T 921 -37.57 31.09 77.82
N HIS T 922 -38.59 30.24 77.94
CA HIS T 922 -38.76 29.35 79.06
C HIS T 922 -39.61 28.23 78.56
N ARG T 923 -39.71 27.14 79.34
CA ARG T 923 -40.37 25.92 78.96
C ARG T 923 -41.86 26.13 78.83
N GLY T 924 -42.39 25.88 77.63
CA GLY T 924 -43.81 25.98 77.34
C GLY T 924 -44.27 27.40 77.20
N VAL T 925 -43.33 28.31 76.86
CA VAL T 925 -43.57 29.71 76.69
C VAL T 925 -43.02 29.96 75.32
N ILE T 926 -43.76 30.74 74.51
CA ILE T 926 -43.37 31.07 73.17
C ILE T 926 -43.90 32.44 72.96
N GLU T 927 -43.12 33.26 72.23
CA GLU T 927 -43.39 34.65 72.00
C GLU T 927 -43.10 34.81 70.55
N ALA T 928 -43.57 35.91 69.95
CA ALA T 928 -43.22 36.23 68.59
C ALA T 928 -43.42 37.69 68.42
N VAL T 929 -42.81 38.24 67.35
CA VAL T 929 -42.90 39.62 66.98
C VAL T 929 -42.84 39.55 65.48
N TYR T 930 -43.72 40.33 64.84
CA TYR T 930 -44.04 40.36 63.44
C TYR T 930 -43.83 41.75 62.93
N LEU T 931 -42.91 41.92 61.97
CA LEU T 931 -42.62 43.22 61.43
C LEU T 931 -42.88 43.12 59.96
N ARG T 932 -43.41 44.22 59.38
CA ARG T 932 -43.50 44.48 57.98
C ARG T 932 -43.29 45.96 57.97
N THR T 933 -42.49 46.50 57.02
CA THR T 933 -42.11 47.91 57.10
C THR T 933 -42.76 48.74 56.02
N PRO T 934 -42.91 48.39 54.74
CA PRO T 934 -43.55 49.27 53.78
C PRO T 934 -45.03 49.35 53.99
N PHE T 935 -45.66 48.25 54.44
CA PHE T 935 -47.07 48.25 54.77
C PHE T 935 -47.21 47.78 56.17
N SER T 936 -48.01 48.54 56.94
CA SER T 936 -48.49 48.33 58.27
C SER T 936 -49.13 46.98 58.49
N ALA T 937 -49.50 46.74 59.76
CA ALA T 937 -50.21 45.59 60.25
C ALA T 937 -50.20 45.80 61.74
N GLY T 938 -50.22 47.09 62.17
CA GLY T 938 -50.23 47.48 63.54
C GLY T 938 -49.48 48.77 63.68
N ASN T 939 -48.67 49.14 62.66
CA ASN T 939 -47.88 50.36 62.59
C ASN T 939 -48.71 51.61 62.80
N ALA T 940 -48.08 52.63 63.45
CA ALA T 940 -48.61 53.92 63.80
C ALA T 940 -49.46 53.84 65.04
N THR T 941 -49.30 52.74 65.82
CA THR T 941 -49.88 52.50 67.13
C THR T 941 -51.39 52.56 67.10
N THR T 942 -52.00 51.89 66.10
CA THR T 942 -53.41 51.99 65.84
C THR T 942 -53.87 50.69 65.13
N MET U 1 -47.60 42.79 64.97
CA MET U 1 -47.70 44.24 64.69
C MET U 1 -46.98 44.60 63.42
N ALA U 2 -46.29 45.77 63.40
CA ALA U 2 -45.54 46.27 62.28
C ALA U 2 -44.96 47.60 62.69
N THR U 3 -45.17 47.99 63.98
CA THR U 3 -44.78 49.26 64.54
C THR U 3 -43.28 49.58 64.47
N PRO U 4 -42.31 48.70 64.75
CA PRO U 4 -40.88 48.99 64.59
C PRO U 4 -40.50 49.51 63.21
N SER U 5 -39.45 50.36 63.12
CA SER U 5 -39.08 50.98 61.86
C SER U 5 -37.67 51.47 61.99
N MET U 6 -37.04 51.80 60.83
CA MET U 6 -35.71 52.37 60.71
C MET U 6 -34.67 51.33 61.05
N LEU U 7 -33.38 51.70 60.90
CA LEU U 7 -32.26 50.79 60.98
C LEU U 7 -32.09 49.97 62.23
N PRO U 8 -32.33 50.37 63.49
CA PRO U 8 -32.08 49.49 64.62
C PRO U 8 -33.03 48.33 64.68
N GLN U 9 -34.23 48.49 64.09
CA GLN U 9 -35.25 47.48 64.10
C GLN U 9 -35.27 46.73 62.81
N TRP U 10 -34.29 47.00 61.92
CA TRP U 10 -34.11 46.23 60.72
C TRP U 10 -32.93 45.35 60.93
N ALA U 11 -32.13 45.57 61.99
CA ALA U 11 -31.04 44.69 62.32
C ALA U 11 -31.48 43.78 63.43
N TYR U 12 -32.65 44.07 64.03
CA TYR U 12 -33.23 43.26 65.06
C TYR U 12 -33.96 42.11 64.41
N MET U 13 -34.50 42.32 63.19
CA MET U 13 -35.30 41.35 62.50
C MET U 13 -34.54 40.82 61.31
N HIS U 14 -33.29 41.32 61.06
CA HIS U 14 -32.39 40.77 60.08
C HIS U 14 -32.87 41.03 58.67
N ILE U 15 -33.32 42.27 58.43
CA ILE U 15 -33.67 42.79 57.13
C ILE U 15 -32.44 43.47 56.58
N ALA U 16 -31.59 44.00 57.47
CA ALA U 16 -30.47 44.82 57.13
C ALA U 16 -29.60 44.79 58.32
N GLY U 17 -29.12 43.60 58.70
CA GLY U 17 -28.08 43.42 59.72
C GLY U 17 -26.87 42.63 59.22
N GLN U 18 -26.21 41.91 60.11
CA GLN U 18 -25.18 40.89 59.81
C GLN U 18 -25.78 39.50 59.55
N ASP U 19 -25.02 38.59 58.94
CA ASP U 19 -25.50 37.25 58.58
C ASP U 19 -25.65 36.35 59.79
N ALA U 20 -26.50 35.31 59.70
CA ALA U 20 -26.44 34.32 60.75
C ALA U 20 -25.12 33.63 60.66
N SER U 21 -24.45 33.52 61.82
CA SER U 21 -23.16 32.92 62.08
C SER U 21 -22.26 34.05 62.44
N GLU U 22 -22.79 35.29 62.53
CA GLU U 22 -22.18 36.46 63.09
C GLU U 22 -23.02 36.96 64.28
N TYR U 23 -24.33 36.67 64.33
CA TYR U 23 -25.20 37.14 65.38
C TYR U 23 -25.57 35.99 66.26
N LEU U 24 -25.39 34.74 65.78
CA LEU U 24 -25.65 33.56 66.57
C LEU U 24 -24.54 33.43 67.57
N SER U 25 -24.84 32.87 68.77
CA SER U 25 -23.86 32.54 69.79
C SER U 25 -22.86 31.56 69.22
N PRO U 26 -21.56 31.59 69.49
CA PRO U 26 -20.61 30.80 68.70
C PRO U 26 -20.62 29.34 69.04
N GLY U 27 -21.44 28.90 70.02
CA GLY U 27 -21.62 27.52 70.36
C GLY U 27 -22.60 26.90 69.43
N LEU U 28 -23.62 27.67 69.00
CA LEU U 28 -24.66 27.20 68.12
C LEU U 28 -24.19 27.17 66.70
N VAL U 29 -23.21 28.03 66.35
CA VAL U 29 -22.60 28.07 65.05
C VAL U 29 -21.89 26.78 64.76
N GLN U 30 -21.15 26.24 65.75
CA GLN U 30 -20.38 25.03 65.60
C GLN U 30 -21.22 23.81 65.80
N PHE U 31 -22.34 23.93 66.54
CA PHE U 31 -23.32 22.88 66.71
C PHE U 31 -23.99 22.61 65.40
N ALA U 32 -24.36 23.68 64.65
CA ALA U 32 -25.03 23.60 63.39
C ALA U 32 -24.20 22.89 62.36
N ARG U 33 -22.87 23.19 62.31
CA ARG U 33 -21.91 22.53 61.45
C ARG U 33 -21.73 21.08 61.79
N ALA U 34 -21.70 20.75 63.10
CA ALA U 34 -21.55 19.42 63.61
C ALA U 34 -22.68 18.49 63.23
N THR U 35 -23.93 19.00 63.26
CA THR U 35 -25.14 18.24 63.08
C THR U 35 -25.68 18.35 61.68
N ASP U 36 -25.00 19.12 60.80
CA ASP U 36 -25.51 19.65 59.55
C ASP U 36 -26.09 18.63 58.59
N THR U 37 -25.54 17.41 58.54
CA THR U 37 -25.88 16.43 57.53
C THR U 37 -27.01 15.52 57.95
N TYR U 38 -27.73 15.84 59.04
CA TYR U 38 -28.76 14.96 59.53
C TYR U 38 -29.73 15.71 60.37
N PHE U 39 -29.58 17.05 60.48
CA PHE U 39 -30.46 17.84 61.29
C PHE U 39 -30.00 19.24 61.06
N SER U 40 -30.39 19.82 59.90
CA SER U 40 -30.02 21.15 59.50
C SER U 40 -30.79 22.18 60.27
N LEU U 41 -30.12 23.29 60.61
CA LEU U 41 -30.69 24.40 61.33
C LEU U 41 -30.60 25.63 60.46
N GLY U 42 -30.28 25.46 59.15
CA GLY U 42 -29.98 26.57 58.29
C GLY U 42 -31.19 27.35 57.89
N ASN U 43 -32.37 26.72 57.92
CA ASN U 43 -33.60 27.29 57.42
C ASN U 43 -34.33 28.01 58.52
N LYS U 44 -33.74 28.07 59.72
CA LYS U 44 -34.38 28.63 60.87
C LYS U 44 -33.88 30.02 61.15
N PHE U 45 -32.84 30.50 60.42
CA PHE U 45 -32.24 31.78 60.68
C PHE U 45 -32.14 32.55 59.40
N ARG U 46 -32.67 33.79 59.40
CA ARG U 46 -32.81 34.68 58.27
C ARG U 46 -31.53 35.42 58.07
N ASN U 47 -31.03 35.43 56.83
CA ASN U 47 -29.82 36.13 56.43
C ASN U 47 -30.23 37.38 55.64
N PRO U 48 -29.79 38.58 56.04
CA PRO U 48 -30.07 39.78 55.29
C PRO U 48 -29.27 39.82 53.99
N THR U 49 -29.73 40.58 53.00
CA THR U 49 -28.99 40.78 51.74
C THR U 49 -29.38 42.13 51.19
N VAL U 50 -28.48 43.11 51.24
CA VAL U 50 -28.76 44.50 50.88
C VAL U 50 -28.11 44.85 49.55
N ALA U 51 -28.85 45.55 48.69
CA ALA U 51 -28.28 46.14 47.49
C ALA U 51 -27.31 47.28 47.83
N PRO U 52 -26.29 47.54 47.00
CA PRO U 52 -25.37 48.67 47.19
C PRO U 52 -26.10 49.99 46.91
N THR U 53 -25.89 51.03 47.71
CA THR U 53 -26.80 52.14 47.77
C THR U 53 -26.28 53.33 47.01
N HIS U 54 -25.04 53.28 46.54
CA HIS U 54 -24.31 54.37 45.92
C HIS U 54 -23.22 53.80 45.01
N ASP U 55 -22.77 54.58 44.04
CA ASP U 55 -21.71 54.21 43.10
C ASP U 55 -21.97 52.92 42.28
N VAL U 56 -23.25 52.60 42.00
CA VAL U 56 -23.68 51.53 41.08
C VAL U 56 -24.78 51.93 40.08
N THR U 57 -25.33 53.12 40.20
CA THR U 57 -26.37 53.60 39.33
C THR U 57 -26.31 55.09 39.42
N THR U 58 -26.56 55.75 38.27
CA THR U 58 -26.57 57.18 38.13
C THR U 58 -27.94 57.65 38.54
N ASP U 59 -28.04 58.91 39.01
CA ASP U 59 -29.29 59.56 39.29
C ASP U 59 -29.61 60.55 38.19
N ARG U 60 -28.70 60.71 37.20
CA ARG U 60 -28.84 61.59 36.07
C ARG U 60 -29.79 60.98 35.08
N SER U 61 -30.41 61.83 34.23
CA SER U 61 -31.24 61.40 33.13
C SER U 61 -30.38 60.73 32.10
N GLN U 62 -30.63 59.43 31.88
CA GLN U 62 -29.84 58.63 30.98
C GLN U 62 -30.80 57.60 30.50
N ARG U 63 -30.76 57.29 29.20
CA ARG U 63 -31.57 56.23 28.64
C ARG U 63 -30.85 54.93 28.76
N LEU U 64 -31.65 53.85 28.79
CA LEU U 64 -31.17 52.50 28.98
C LEU U 64 -31.27 51.83 27.64
N THR U 65 -31.81 52.54 26.62
CA THR U 65 -32.09 52.01 25.32
C THR U 65 -31.90 53.16 24.39
N LEU U 66 -31.24 52.96 23.24
CA LEU U 66 -31.13 54.01 22.26
C LEU U 66 -31.24 53.33 20.93
N ARG U 67 -31.90 54.06 20.01
CA ARG U 67 -32.16 53.62 18.67
C ARG U 67 -31.46 54.59 17.77
N PHE U 68 -30.47 54.07 17.02
CA PHE U 68 -29.68 54.81 16.09
C PHE U 68 -30.31 54.60 14.75
N VAL U 69 -30.80 55.67 14.12
CA VAL U 69 -31.35 55.63 12.80
C VAL U 69 -30.18 55.63 11.83
N PRO U 70 -30.24 55.05 10.64
CA PRO U 70 -29.22 55.17 9.61
C PRO U 70 -28.79 56.57 9.30
N VAL U 71 -27.50 56.79 8.95
CA VAL U 71 -27.03 58.08 8.53
C VAL U 71 -26.89 58.03 7.04
N ASP U 72 -26.81 56.83 6.44
CA ASP U 72 -26.80 56.63 5.01
C ASP U 72 -27.29 55.24 4.83
N ARG U 73 -28.02 54.99 3.72
CA ARG U 73 -28.45 53.67 3.37
C ARG U 73 -28.52 53.70 1.87
N GLU U 74 -28.25 52.55 1.21
CA GLU U 74 -28.55 52.43 -0.19
C GLU U 74 -28.90 51.00 -0.40
N ASP U 75 -29.98 50.78 -1.17
CA ASP U 75 -30.43 49.46 -1.54
C ASP U 75 -29.81 49.20 -2.88
N ASN U 76 -29.24 47.98 -3.04
CA ASN U 76 -28.64 47.53 -4.27
C ASN U 76 -29.69 46.64 -4.89
N THR U 77 -29.26 45.60 -5.64
CA THR U 77 -30.16 44.74 -6.36
C THR U 77 -30.30 43.44 -5.63
N TYR U 78 -29.49 43.22 -4.58
CA TYR U 78 -29.47 41.98 -3.85
C TYR U 78 -28.69 42.14 -2.57
N SER U 79 -28.42 43.40 -2.15
CA SER U 79 -27.71 43.69 -0.93
C SER U 79 -28.41 44.90 -0.41
N TYR U 80 -28.21 45.22 0.89
CA TYR U 80 -28.73 46.44 1.44
C TYR U 80 -27.59 46.85 2.32
N LYS U 81 -27.18 48.12 2.23
CA LYS U 81 -26.05 48.69 2.92
C LYS U 81 -26.60 49.70 3.87
N VAL U 82 -26.27 49.61 5.18
CA VAL U 82 -26.77 50.52 6.16
C VAL U 82 -25.63 50.91 7.04
N ARG U 83 -25.35 52.24 7.13
CA ARG U 83 -24.36 52.84 7.97
C ARG U 83 -25.08 53.51 9.12
N TYR U 84 -24.40 53.69 10.27
CA TYR U 84 -24.91 54.36 11.44
C TYR U 84 -23.76 55.13 11.98
N THR U 85 -24.06 56.04 12.92
CA THR U 85 -23.09 56.61 13.82
C THR U 85 -23.58 56.18 15.15
N LEU U 86 -22.78 55.31 15.78
CA LEU U 86 -22.98 54.71 17.06
C LEU U 86 -22.17 55.54 17.99
N ALA U 87 -22.81 56.25 18.94
CA ALA U 87 -22.12 57.13 19.82
C ALA U 87 -22.34 56.60 21.20
N VAL U 88 -21.28 56.74 22.02
CA VAL U 88 -21.24 56.32 23.39
C VAL U 88 -20.86 57.59 24.05
N GLY U 89 -21.70 58.08 24.98
CA GLY U 89 -21.47 59.32 25.67
C GLY U 89 -20.42 59.14 26.70
N ASP U 90 -20.02 60.25 27.36
CA ASP U 90 -19.05 60.23 28.41
C ASP U 90 -19.70 59.63 29.62
N ASN U 91 -19.03 58.66 30.26
CA ASN U 91 -19.45 58.05 31.49
C ASN U 91 -20.52 57.02 31.22
N ARG U 92 -20.63 56.56 29.96
CA ARG U 92 -21.52 55.51 29.57
C ARG U 92 -20.60 54.49 29.01
N VAL U 93 -20.82 53.20 29.35
CA VAL U 93 -20.07 52.10 28.82
C VAL U 93 -21.10 51.25 28.13
N LEU U 94 -20.79 50.81 26.90
CA LEU U 94 -21.66 50.06 26.03
C LEU U 94 -21.06 48.70 25.93
N ASP U 95 -21.92 47.67 25.79
CA ASP U 95 -21.51 46.31 25.51
C ASP U 95 -22.13 46.02 24.19
N MET U 96 -21.40 45.30 23.32
CA MET U 96 -21.79 45.01 21.97
C MET U 96 -22.57 43.73 21.90
N ALA U 97 -22.70 43.03 23.05
CA ALA U 97 -23.57 41.89 23.25
C ALA U 97 -25.00 42.27 23.09
N SER U 98 -25.35 43.48 23.58
CA SER U 98 -26.70 43.97 23.71
C SER U 98 -27.13 44.82 22.54
N THR U 99 -26.30 44.95 21.49
CA THR U 99 -26.68 45.60 20.25
C THR U 99 -27.29 44.59 19.30
N TYR U 100 -28.35 45.00 18.56
CA TYR U 100 -28.93 44.16 17.54
C TYR U 100 -29.67 45.02 16.55
N PHE U 101 -29.69 44.60 15.28
CA PHE U 101 -30.49 45.15 14.21
C PHE U 101 -31.96 44.91 14.39
N ASP U 102 -32.80 45.84 13.90
CA ASP U 102 -34.22 45.69 13.78
C ASP U 102 -34.41 45.83 12.31
N ILE U 103 -35.02 44.83 11.66
CA ILE U 103 -35.18 44.74 10.25
C ILE U 103 -36.64 44.54 10.08
N ARG U 104 -37.28 45.32 9.18
CA ARG U 104 -38.68 45.15 8.89
C ARG U 104 -38.75 45.21 7.40
N GLY U 105 -39.87 44.73 6.84
CA GLY U 105 -39.99 44.63 5.42
C GLY U 105 -41.17 43.80 5.10
N VAL U 106 -41.28 43.36 3.83
CA VAL U 106 -42.31 42.48 3.35
C VAL U 106 -41.60 41.30 2.77
N LEU U 107 -42.11 40.10 3.10
CA LEU U 107 -41.62 38.84 2.64
C LEU U 107 -42.73 38.25 1.85
N ASP U 108 -42.40 37.73 0.65
CA ASP U 108 -43.33 37.03 -0.19
C ASP U 108 -42.69 35.67 -0.29
N ARG U 109 -43.54 34.63 -0.32
CA ARG U 109 -43.11 33.27 -0.45
C ARG U 109 -43.82 32.88 -1.71
N GLY U 110 -43.22 32.02 -2.54
CA GLY U 110 -43.82 31.59 -3.78
C GLY U 110 -45.10 30.83 -3.56
N PRO U 111 -45.78 30.41 -4.60
CA PRO U 111 -46.95 29.56 -4.51
C PRO U 111 -46.53 28.13 -4.23
N SER U 112 -45.24 27.91 -3.91
CA SER U 112 -44.69 26.65 -3.51
C SER U 112 -44.99 26.39 -2.08
N PHE U 113 -45.19 27.46 -1.29
CA PHE U 113 -45.46 27.46 0.12
C PHE U 113 -46.74 26.71 0.41
N LYS U 114 -46.74 25.93 1.51
CA LYS U 114 -47.86 25.14 1.92
C LYS U 114 -47.45 24.62 3.26
N PRO U 115 -47.67 25.34 4.35
CA PRO U 115 -47.30 24.93 5.70
C PRO U 115 -48.25 23.90 6.30
N TYR U 116 -48.71 22.89 5.54
CA TYR U 116 -49.57 21.86 6.04
C TYR U 116 -49.42 20.73 5.08
N SER U 117 -49.85 19.51 5.47
CA SER U 117 -49.67 18.36 4.64
C SER U 117 -50.96 17.72 4.20
N GLY U 118 -52.12 18.26 4.63
CA GLY U 118 -53.41 17.78 4.18
C GLY U 118 -53.91 18.59 3.04
N THR U 119 -55.25 18.81 3.01
CA THR U 119 -55.92 19.68 2.09
C THR U 119 -56.87 20.37 3.00
N ALA U 120 -57.19 21.65 2.70
CA ALA U 120 -57.99 22.47 3.57
C ALA U 120 -59.40 22.55 3.10
N TYR U 121 -59.70 21.99 1.92
CA TYR U 121 -61.00 22.13 1.30
C TYR U 121 -61.44 20.73 1.12
N ASN U 122 -62.67 20.44 1.59
CA ASN U 122 -63.19 19.12 1.80
C ASN U 122 -62.23 18.43 2.74
N SER U 123 -61.88 17.15 2.49
CA SER U 123 -60.76 16.44 3.10
C SER U 123 -61.31 15.17 3.69
N LEU U 124 -62.64 15.10 3.91
CA LEU U 124 -63.30 13.90 4.35
C LEU U 124 -63.78 13.18 3.13
N ALA U 125 -63.73 13.86 1.96
CA ALA U 125 -64.18 13.32 0.71
C ALA U 125 -63.32 12.16 0.29
N PRO U 126 -63.84 11.10 -0.31
CA PRO U 126 -63.10 10.21 -1.18
C PRO U 126 -62.30 10.97 -2.21
N LYS U 127 -61.15 10.44 -2.66
CA LYS U 127 -60.30 11.16 -3.58
C LYS U 127 -60.74 10.90 -5.00
N GLY U 128 -61.79 10.05 -5.19
CA GLY U 128 -62.34 9.68 -6.45
C GLY U 128 -63.66 10.37 -6.64
N ALA U 129 -64.27 10.95 -5.56
CA ALA U 129 -65.54 11.64 -5.61
C ALA U 129 -65.50 12.81 -6.56
N PRO U 130 -66.53 13.19 -7.34
CA PRO U 130 -66.29 14.10 -8.45
C PRO U 130 -67.07 15.39 -8.35
N ASN U 131 -67.85 15.64 -7.26
CA ASN U 131 -68.82 16.72 -7.13
C ASN U 131 -70.08 16.35 -7.87
N SER U 132 -71.07 17.24 -7.86
CA SER U 132 -72.27 17.12 -8.66
C SER U 132 -72.03 18.04 -9.81
N SER U 133 -71.89 17.48 -11.03
CA SER U 133 -71.53 18.26 -12.19
C SER U 133 -72.14 17.58 -13.37
N GLN U 134 -72.64 18.38 -14.35
CA GLN U 134 -73.12 17.87 -15.60
C GLN U 134 -72.12 18.20 -16.67
N TRP U 135 -72.21 17.46 -17.79
CA TRP U 135 -71.33 17.55 -18.93
C TRP U 135 -72.20 17.41 -20.14
N GLU U 136 -71.67 17.79 -21.33
CA GLU U 136 -72.36 17.58 -22.57
C GLU U 136 -71.51 16.67 -23.38
N GLN U 137 -72.20 15.77 -24.12
CA GLN U 137 -71.59 14.74 -24.90
C GLN U 137 -72.63 14.37 -25.90
N LYS U 138 -72.22 13.59 -26.91
CA LYS U 138 -73.15 12.96 -27.81
C LYS U 138 -72.96 11.51 -27.45
N LYS U 139 -74.01 10.92 -26.84
CA LYS U 139 -74.02 9.54 -26.42
C LYS U 139 -74.93 8.81 -27.39
N ALA U 140 -75.53 9.59 -28.32
CA ALA U 140 -76.42 9.18 -29.36
C ALA U 140 -76.89 10.46 -30.00
N GLY U 141 -76.36 11.62 -29.51
CA GLY U 141 -76.56 12.95 -30.02
C GLY U 141 -75.98 13.11 -31.40
N ASN U 142 -76.37 14.20 -32.08
CA ASN U 142 -75.91 14.48 -33.41
C ASN U 142 -76.18 15.94 -33.61
N GLY U 143 -75.46 16.56 -34.57
CA GLY U 143 -75.57 17.98 -34.87
C GLY U 143 -75.18 18.85 -33.71
N ASP U 144 -75.97 19.92 -33.49
CA ASP U 144 -75.71 20.90 -32.46
C ASP U 144 -76.51 20.55 -31.23
N THR U 145 -77.21 19.40 -31.25
CA THR U 145 -77.93 18.89 -30.11
C THR U 145 -76.95 18.00 -29.41
N MET U 146 -76.71 18.31 -28.12
CA MET U 146 -75.86 17.52 -27.29
C MET U 146 -76.72 17.10 -26.18
N GLU U 147 -76.63 15.79 -25.87
CA GLU U 147 -77.17 15.16 -24.71
C GLU U 147 -76.50 15.76 -23.50
N THR U 148 -77.26 16.02 -22.41
CA THR U 148 -76.71 16.60 -21.22
C THR U 148 -76.97 15.54 -20.22
N HIS U 149 -75.88 15.13 -19.53
CA HIS U 149 -75.86 14.04 -18.62
C HIS U 149 -75.40 14.64 -17.34
N THR U 150 -76.11 14.35 -16.23
CA THR U 150 -75.86 14.95 -14.95
C THR U 150 -75.56 13.80 -14.05
N PHE U 151 -74.51 13.94 -13.24
CA PHE U 151 -74.16 13.02 -12.18
C PHE U 151 -74.28 13.88 -10.98
N GLY U 152 -74.90 13.39 -9.88
CA GLY U 152 -75.02 14.24 -8.73
C GLY U 152 -75.74 13.56 -7.63
N VAL U 153 -76.17 14.37 -6.66
CA VAL U 153 -76.92 13.94 -5.53
C VAL U 153 -77.78 15.11 -5.16
N ALA U 154 -79.06 14.86 -4.79
CA ALA U 154 -80.00 15.84 -4.36
C ALA U 154 -80.31 15.49 -2.93
N PRO U 155 -79.96 16.25 -1.90
CA PRO U 155 -79.93 15.70 -0.56
C PRO U 155 -81.10 16.12 0.28
N MET U 156 -81.76 17.27 0.00
CA MET U 156 -82.78 17.77 0.89
C MET U 156 -84.10 17.57 0.25
N GLY U 157 -85.11 17.19 1.08
CA GLY U 157 -86.48 16.95 0.68
C GLY U 157 -87.18 18.21 0.27
N GLY U 158 -88.40 18.05 -0.27
CA GLY U 158 -89.24 19.13 -0.72
C GLY U 158 -90.65 18.77 -0.36
N GLU U 159 -91.60 19.50 -0.98
CA GLU U 159 -93.01 19.26 -0.84
C GLU U 159 -93.57 19.27 -2.22
N ASN U 160 -93.00 20.09 -3.13
CA ASN U 160 -93.48 20.14 -4.50
C ASN U 160 -92.34 20.63 -5.35
N ILE U 161 -92.39 20.37 -6.66
CA ILE U 161 -91.48 20.90 -7.64
C ILE U 161 -92.34 21.52 -8.70
N THR U 162 -92.05 22.77 -9.12
CA THR U 162 -92.88 23.49 -10.05
C THR U 162 -91.92 24.21 -10.97
N ILE U 163 -92.25 25.45 -11.39
CA ILE U 163 -91.48 26.25 -12.30
C ILE U 163 -90.51 27.11 -11.53
N ASP U 164 -90.66 27.12 -10.18
CA ASP U 164 -89.86 27.93 -9.29
C ASP U 164 -88.94 27.02 -8.54
N GLY U 165 -88.81 25.77 -9.02
CA GLY U 165 -87.99 24.73 -8.46
C GLY U 165 -88.60 24.12 -7.24
N LEU U 166 -87.72 23.81 -6.25
CA LEU U 166 -88.07 23.24 -4.98
C LEU U 166 -88.99 24.15 -4.24
N GLN U 167 -89.95 23.55 -3.52
CA GLN U 167 -90.88 24.22 -2.67
C GLN U 167 -90.72 23.46 -1.42
N ILE U 168 -90.25 24.14 -0.36
CA ILE U 168 -89.94 23.48 0.87
C ILE U 168 -90.51 24.30 1.99
N GLY U 169 -90.50 25.65 1.89
CA GLY U 169 -91.04 26.50 2.92
C GLY U 169 -92.53 26.63 2.76
N THR U 170 -93.22 27.22 3.76
CA THR U 170 -94.62 27.51 3.66
C THR U 170 -94.86 28.76 4.47
N ASP U 171 -95.71 29.65 3.93
CA ASP U 171 -96.09 30.91 4.54
C ASP U 171 -97.28 30.62 5.42
N ALA U 172 -97.47 31.42 6.48
CA ALA U 172 -98.59 31.32 7.39
C ALA U 172 -99.83 31.91 6.76
N THR U 173 -100.99 31.74 7.43
CA THR U 173 -102.27 32.22 6.98
C THR U 173 -102.27 33.73 6.91
N ALA U 174 -102.71 34.24 5.74
CA ALA U 174 -102.85 35.65 5.47
C ALA U 174 -103.66 35.75 4.20
N ASP U 175 -103.92 34.58 3.58
CA ASP U 175 -104.79 34.34 2.46
C ASP U 175 -104.33 32.96 2.08
N GLN U 176 -104.67 31.98 2.95
CA GLN U 176 -104.23 30.60 2.89
C GLN U 176 -102.74 30.53 3.15
N ASP U 177 -102.19 29.31 3.11
CA ASP U 177 -100.76 29.09 3.23
C ASP U 177 -100.20 29.08 1.84
N LYS U 178 -99.22 29.99 1.59
CA LYS U 178 -98.66 30.22 0.28
C LYS U 178 -97.47 29.31 0.25
N PRO U 179 -97.09 28.62 -0.83
CA PRO U 179 -95.76 28.06 -0.92
C PRO U 179 -94.66 29.09 -0.84
N ILE U 180 -93.49 28.69 -0.30
CA ILE U 180 -92.29 29.48 -0.33
C ILE U 180 -91.36 28.61 -1.10
N TYR U 181 -90.73 29.16 -2.17
CA TYR U 181 -89.84 28.42 -3.02
C TYR U 181 -88.46 28.79 -2.63
N ALA U 182 -87.52 27.81 -2.71
CA ALA U 182 -86.11 28.00 -2.46
C ALA U 182 -85.53 28.98 -3.43
N ASP U 183 -84.77 29.97 -2.88
CA ASP U 183 -84.00 30.97 -3.58
C ASP U 183 -82.98 30.31 -4.45
N LYS U 184 -82.75 30.88 -5.66
CA LYS U 184 -81.77 30.38 -6.57
C LYS U 184 -80.37 30.48 -6.02
N THR U 185 -80.05 31.62 -5.37
CA THR U 185 -78.72 31.97 -4.93
C THR U 185 -78.07 31.02 -3.96
N PHE U 186 -78.78 30.48 -2.95
CA PHE U 186 -78.06 29.74 -1.92
C PHE U 186 -78.97 28.77 -1.22
N GLN U 187 -80.31 28.91 -1.34
CA GLN U 187 -81.26 28.18 -0.53
C GLN U 187 -81.24 26.68 -0.58
N PRO U 188 -80.97 25.96 -1.65
CA PRO U 188 -80.79 24.52 -1.55
C PRO U 188 -79.33 24.30 -1.26
N GLU U 189 -78.95 24.55 0.02
CA GLU U 189 -77.61 24.50 0.54
C GLU U 189 -77.04 23.11 0.40
N PRO U 190 -75.78 22.93 0.10
CA PRO U 190 -75.18 21.62 -0.03
C PRO U 190 -74.82 21.03 1.31
N GLN U 191 -74.95 21.77 2.43
CA GLN U 191 -74.58 21.27 3.73
C GLN U 191 -75.81 20.77 4.44
N VAL U 192 -77.01 21.03 3.90
CA VAL U 192 -78.26 20.64 4.50
C VAL U 192 -78.82 19.51 3.69
N GLY U 193 -79.17 18.42 4.39
CA GLY U 193 -79.82 17.25 3.82
C GLY U 193 -80.77 16.76 4.86
N GLU U 194 -81.15 15.47 4.78
CA GLU U 194 -81.96 14.76 5.77
C GLU U 194 -81.26 14.69 7.09
N GLU U 195 -82.02 14.75 8.21
CA GLU U 195 -81.48 14.66 9.54
C GLU U 195 -81.72 13.30 10.14
N ASN U 196 -82.28 12.36 9.35
CA ASN U 196 -82.65 11.05 9.82
C ASN U 196 -82.09 10.08 8.84
N TRP U 197 -82.03 8.79 9.23
CA TRP U 197 -81.69 7.71 8.33
C TRP U 197 -82.96 7.09 7.82
N GLN U 198 -84.13 7.54 8.35
CA GLN U 198 -85.43 7.27 7.79
C GLN U 198 -85.76 8.34 6.79
N GLU U 199 -86.03 7.92 5.53
CA GLU U 199 -86.21 8.76 4.38
C GLU U 199 -87.33 9.75 4.53
N THR U 200 -87.15 10.93 3.90
CA THR U 200 -88.11 12.00 3.94
C THR U 200 -88.95 11.96 2.69
N GLU U 201 -88.64 11.01 1.77
CA GLU U 201 -89.32 10.70 0.53
C GLU U 201 -89.70 11.93 -0.27
N SER U 202 -90.86 11.88 -0.97
CA SER U 202 -91.39 12.97 -1.76
C SER U 202 -90.45 13.41 -2.86
N PHE U 203 -90.22 14.72 -2.95
CA PHE U 203 -89.42 15.39 -3.95
C PHE U 203 -88.11 15.70 -3.32
N TYR U 204 -87.08 16.02 -4.13
CA TYR U 204 -85.74 16.28 -3.67
C TYR U 204 -85.19 17.32 -4.57
N GLY U 205 -84.26 18.15 -4.04
CA GLY U 205 -83.61 19.18 -4.81
C GLY U 205 -82.19 19.22 -4.36
N GLY U 206 -81.30 19.82 -5.18
CA GLY U 206 -79.89 19.82 -4.89
C GLY U 206 -79.25 20.92 -5.67
N ARG U 207 -77.95 20.75 -5.98
CA ARG U 207 -77.15 21.74 -6.65
C ARG U 207 -76.37 20.96 -7.64
N ALA U 208 -75.77 21.66 -8.60
CA ALA U 208 -74.96 21.02 -9.59
C ALA U 208 -74.09 22.10 -10.13
N LEU U 209 -73.08 21.72 -10.93
CA LEU U 209 -72.16 22.62 -11.54
C LEU U 209 -72.52 22.56 -12.99
N LYS U 210 -72.23 23.63 -13.74
CA LYS U 210 -72.37 23.68 -15.18
C LYS U 210 -71.36 22.77 -15.84
N LYS U 211 -71.48 22.62 -17.17
CA LYS U 211 -70.52 21.99 -18.02
C LYS U 211 -69.57 23.05 -18.50
N ASP U 212 -69.82 24.32 -18.09
CA ASP U 212 -68.99 25.47 -18.34
C ASP U 212 -67.90 25.51 -17.31
N THR U 213 -68.12 24.85 -16.14
CA THR U 213 -67.12 24.65 -15.12
C THR U 213 -66.50 23.33 -15.50
N SER U 214 -65.15 23.21 -15.45
CA SER U 214 -64.46 21.97 -15.72
C SER U 214 -64.50 21.15 -14.48
N MET U 215 -64.63 19.82 -14.63
CA MET U 215 -64.54 18.87 -13.56
C MET U 215 -63.19 18.82 -12.91
N LYS U 216 -63.23 18.74 -11.56
CA LYS U 216 -62.10 18.55 -10.71
C LYS U 216 -62.68 17.70 -9.63
N PRO U 217 -62.01 16.68 -9.11
CA PRO U 217 -62.51 15.85 -8.03
C PRO U 217 -62.85 16.64 -6.80
N CYS U 218 -63.85 16.13 -6.02
CA CYS U 218 -64.23 16.65 -4.75
C CYS U 218 -63.19 16.11 -3.81
N TYR U 219 -62.24 16.98 -3.42
CA TYR U 219 -61.16 16.71 -2.53
C TYR U 219 -60.26 17.85 -2.89
N GLY U 220 -60.35 18.97 -2.15
CA GLY U 220 -59.55 20.13 -2.39
C GLY U 220 -60.21 21.06 -3.35
N SER U 221 -61.49 20.82 -3.72
CA SER U 221 -62.27 21.73 -4.54
C SER U 221 -62.71 22.90 -3.72
N TYR U 222 -62.63 24.11 -4.29
CA TYR U 222 -62.92 25.33 -3.62
C TYR U 222 -63.46 26.26 -4.66
N ALA U 223 -64.52 27.01 -4.32
CA ALA U 223 -64.98 28.10 -5.13
C ALA U 223 -65.38 29.15 -4.16
N ARG U 224 -64.83 30.39 -4.31
CA ARG U 224 -65.07 31.50 -3.43
C ARG U 224 -66.53 31.90 -3.39
N PRO U 225 -67.10 32.31 -2.26
CA PRO U 225 -68.43 32.87 -2.20
C PRO U 225 -68.55 34.14 -2.99
N THR U 226 -69.73 34.41 -3.57
CA THR U 226 -70.00 35.55 -4.41
C THR U 226 -71.19 36.26 -3.81
N ASN U 227 -71.73 35.73 -2.68
CA ASN U 227 -72.85 36.27 -1.97
C ASN U 227 -72.40 36.24 -0.54
N VAL U 228 -73.11 36.97 0.34
CA VAL U 228 -72.84 37.01 1.76
C VAL U 228 -73.67 35.93 2.43
N LYS U 229 -74.31 35.09 1.59
CA LYS U 229 -75.18 34.02 1.95
C LYS U 229 -74.52 32.76 1.45
N GLY U 230 -73.25 32.85 1.00
CA GLY U 230 -72.42 31.72 0.67
C GLY U 230 -72.85 31.02 -0.59
N GLY U 231 -73.51 31.74 -1.53
CA GLY U 231 -73.71 31.28 -2.88
C GLY U 231 -72.39 31.32 -3.57
N GLN U 232 -72.19 30.48 -4.61
CA GLN U 232 -70.92 30.37 -5.28
C GLN U 232 -71.06 30.71 -6.72
N ALA U 233 -72.29 31.04 -7.19
CA ALA U 233 -72.55 31.35 -8.57
C ALA U 233 -71.87 32.60 -8.99
N LYS U 234 -71.31 32.63 -10.22
CA LYS U 234 -70.74 33.82 -10.79
C LYS U 234 -71.81 34.60 -11.49
N LEU U 235 -71.65 35.94 -11.53
CA LEU U 235 -72.54 36.87 -12.17
C LEU U 235 -72.56 36.63 -13.66
N LYS U 236 -73.74 36.80 -14.30
CA LYS U 236 -73.91 36.64 -15.72
C LYS U 236 -73.15 37.68 -16.51
N VAL U 237 -72.72 37.31 -17.74
CA VAL U 237 -72.05 38.21 -18.63
C VAL U 237 -73.15 38.91 -19.38
N GLY U 238 -73.33 40.21 -19.09
CA GLY U 238 -74.34 41.05 -19.68
C GLY U 238 -73.69 41.94 -20.68
N ALA U 239 -74.39 43.06 -20.98
CA ALA U 239 -73.93 44.15 -21.81
C ALA U 239 -72.74 44.84 -21.21
N ASP U 240 -72.74 44.99 -19.86
CA ASP U 240 -71.79 45.75 -19.09
C ASP U 240 -70.78 44.81 -18.49
N GLY U 241 -70.51 43.67 -19.18
CA GLY U 241 -69.46 42.76 -18.83
C GLY U 241 -69.96 41.83 -17.76
N VAL U 242 -69.00 41.21 -17.03
CA VAL U 242 -69.26 40.32 -15.92
C VAL U 242 -70.09 40.96 -14.82
N PRO U 243 -69.92 42.21 -14.37
CA PRO U 243 -70.87 42.87 -13.49
C PRO U 243 -72.28 42.96 -14.04
N THR U 244 -73.22 42.33 -13.31
CA THR U 244 -74.64 42.32 -13.55
C THR U 244 -75.18 42.04 -12.18
N LYS U 245 -76.52 42.01 -12.02
CA LYS U 245 -77.16 41.69 -10.77
C LYS U 245 -77.69 40.29 -10.86
N GLU U 246 -77.60 39.67 -12.07
CA GLU U 246 -78.01 38.32 -12.33
C GLU U 246 -76.91 37.38 -11.91
N PHE U 247 -77.28 36.13 -11.61
CA PHE U 247 -76.37 35.05 -11.30
C PHE U 247 -76.68 34.00 -12.30
N ASP U 248 -75.67 33.18 -12.67
CA ASP U 248 -75.80 32.17 -13.69
C ASP U 248 -76.27 30.92 -12.99
N ILE U 249 -77.61 30.76 -12.87
CA ILE U 249 -78.22 29.67 -12.14
C ILE U 249 -79.41 29.30 -12.98
N ASP U 250 -79.57 27.98 -13.25
CA ASP U 250 -80.63 27.42 -14.06
C ASP U 250 -81.22 26.29 -13.26
N LEU U 251 -82.35 25.73 -13.73
CA LEU U 251 -83.03 24.64 -13.08
C LEU U 251 -83.21 23.56 -14.12
N ALA U 252 -82.87 22.32 -13.74
CA ALA U 252 -82.91 21.14 -14.55
C ALA U 252 -83.67 20.13 -13.76
N PHE U 253 -84.72 19.53 -14.35
CA PHE U 253 -85.68 18.70 -13.64
C PHE U 253 -85.54 17.32 -14.21
N PHE U 254 -85.86 16.29 -13.40
CA PHE U 254 -85.65 14.91 -13.77
C PHE U 254 -86.73 14.10 -13.13
N ASP U 255 -87.17 12.98 -13.77
CA ASP U 255 -88.08 12.05 -13.14
C ASP U 255 -87.61 10.66 -13.49
N THR U 256 -88.12 9.65 -12.76
CA THR U 256 -87.82 8.25 -12.97
C THR U 256 -88.39 7.77 -14.30
N PRO U 257 -87.65 7.07 -15.18
CA PRO U 257 -88.11 6.56 -16.46
C PRO U 257 -89.33 5.69 -16.39
N GLY U 258 -90.03 5.57 -17.53
CA GLY U 258 -91.21 4.74 -17.69
C GLY U 258 -92.37 5.66 -17.84
N GLY U 259 -93.40 5.19 -18.59
CA GLY U 259 -94.60 5.95 -18.86
C GLY U 259 -95.59 5.71 -17.77
N THR U 260 -95.61 4.46 -17.24
CA THR U 260 -96.41 4.02 -16.12
C THR U 260 -95.96 4.76 -14.88
N VAL U 261 -94.62 4.86 -14.70
CA VAL U 261 -93.92 5.64 -13.72
C VAL U 261 -94.16 7.11 -13.99
N ASN U 262 -94.52 7.87 -12.92
CA ASN U 262 -95.05 9.23 -12.98
C ASN U 262 -96.27 9.25 -13.88
N GLY U 263 -96.58 10.39 -14.54
CA GLY U 263 -97.80 10.52 -15.30
C GLY U 263 -97.69 9.76 -16.58
N GLN U 264 -98.84 9.55 -17.25
CA GLN U 264 -98.88 8.79 -18.48
C GLN U 264 -98.57 9.76 -19.59
N ASP U 265 -98.97 11.04 -19.38
CA ASP U 265 -98.81 12.12 -20.33
C ASP U 265 -98.00 13.19 -19.66
N GLU U 266 -97.80 13.07 -18.33
CA GLU U 266 -97.02 13.99 -17.55
C GLU U 266 -95.80 13.22 -17.16
N TYR U 267 -94.73 13.95 -16.80
CA TYR U 267 -93.49 13.37 -16.37
C TYR U 267 -93.07 14.41 -15.38
N LYS U 268 -93.89 14.62 -14.34
CA LYS U 268 -93.56 15.51 -13.26
C LYS U 268 -92.30 15.12 -12.55
N ALA U 269 -91.47 16.14 -12.30
CA ALA U 269 -90.22 16.12 -11.57
C ALA U 269 -90.28 15.42 -10.26
N ASP U 270 -89.11 14.94 -9.82
CA ASP U 270 -88.91 14.14 -8.63
C ASP U 270 -87.63 14.63 -8.03
N ILE U 271 -86.79 15.26 -8.87
CA ILE U 271 -85.45 15.71 -8.61
C ILE U 271 -85.37 17.02 -9.36
N VAL U 272 -84.67 18.01 -8.81
CA VAL U 272 -84.46 19.30 -9.42
C VAL U 272 -83.06 19.63 -9.00
N MET U 273 -82.31 20.41 -9.83
CA MET U 273 -80.97 20.77 -9.46
C MET U 273 -80.81 22.16 -9.92
N TYR U 274 -80.18 22.97 -9.04
CA TYR U 274 -79.80 24.31 -9.28
C TYR U 274 -78.41 24.28 -9.83
N THR U 275 -78.30 24.11 -11.16
CA THR U 275 -77.08 24.18 -11.92
C THR U 275 -76.50 25.57 -11.85
N GLU U 276 -75.17 25.74 -11.66
CA GLU U 276 -74.60 27.05 -11.60
C GLU U 276 -73.16 26.95 -11.98
N ASN U 277 -72.62 28.03 -12.57
CA ASN U 277 -71.24 28.16 -12.94
C ASN U 277 -70.54 28.82 -11.78
N THR U 278 -69.29 28.41 -11.45
CA THR U 278 -68.61 28.83 -10.24
C THR U 278 -67.17 29.07 -10.61
N TYR U 279 -66.39 29.64 -9.65
CA TYR U 279 -64.95 29.84 -9.74
C TYR U 279 -64.26 28.68 -9.08
N LEU U 280 -64.47 27.45 -9.57
CA LEU U 280 -63.78 26.27 -9.14
C LEU U 280 -62.28 26.34 -9.31
N GLU U 281 -61.54 25.74 -8.35
CA GLU U 281 -60.12 25.85 -8.18
C GLU U 281 -59.72 24.63 -7.43
N THR U 282 -58.39 24.35 -7.39
CA THR U 282 -57.81 23.37 -6.53
C THR U 282 -56.61 24.05 -5.93
N PRO U 283 -56.69 24.74 -4.78
CA PRO U 283 -55.61 25.60 -4.33
C PRO U 283 -54.47 24.85 -3.69
N ASP U 284 -54.55 23.52 -3.51
CA ASP U 284 -53.62 22.82 -2.68
C ASP U 284 -53.66 21.35 -2.97
N THR U 285 -54.22 20.95 -4.13
CA THR U 285 -54.29 19.58 -4.57
C THR U 285 -53.89 19.61 -6.02
N HIS U 286 -53.59 18.43 -6.58
CA HIS U 286 -53.18 18.29 -7.95
C HIS U 286 -53.76 16.97 -8.35
N VAL U 287 -54.10 16.81 -9.65
CA VAL U 287 -54.71 15.62 -10.17
C VAL U 287 -53.63 14.65 -10.50
N VAL U 288 -53.68 13.47 -9.83
CA VAL U 288 -52.62 12.49 -9.82
C VAL U 288 -52.94 11.41 -10.83
N TYR U 289 -54.19 11.37 -11.33
CA TYR U 289 -54.54 10.44 -12.38
C TYR U 289 -55.76 10.99 -13.05
N LYS U 290 -55.87 10.75 -14.36
CA LYS U 290 -57.10 10.90 -15.09
C LYS U 290 -56.96 10.02 -16.30
N PRO U 291 -58.02 9.43 -16.85
CA PRO U 291 -57.95 8.70 -18.10
C PRO U 291 -57.81 9.64 -19.26
N GLY U 292 -58.50 10.79 -19.20
CA GLY U 292 -58.44 11.86 -20.18
C GLY U 292 -57.07 12.44 -20.39
N LYS U 293 -57.01 13.40 -21.32
CA LYS U 293 -55.80 14.09 -21.70
C LYS U 293 -56.08 15.55 -21.61
N ASP U 294 -57.38 15.93 -21.57
CA ASP U 294 -57.83 17.29 -21.48
C ASP U 294 -58.75 17.33 -20.29
N ASP U 295 -58.60 18.38 -19.46
CA ASP U 295 -59.51 18.64 -18.36
C ASP U 295 -60.62 19.46 -18.94
N ALA U 296 -61.84 18.91 -18.84
CA ALA U 296 -63.04 19.56 -19.27
C ALA U 296 -64.07 18.86 -18.44
N SER U 297 -65.28 18.67 -19.00
CA SER U 297 -66.35 17.96 -18.36
C SER U 297 -66.63 16.86 -19.31
N SER U 298 -66.63 15.62 -18.81
CA SER U 298 -66.78 14.46 -19.64
C SER U 298 -67.20 13.40 -18.68
N GLU U 299 -67.68 12.25 -19.20
CA GLU U 299 -68.10 11.13 -18.41
C GLU U 299 -66.91 10.44 -17.80
N ILE U 300 -65.73 10.59 -18.43
CA ILE U 300 -64.53 9.90 -18.03
C ILE U 300 -63.70 10.81 -17.17
N ASN U 301 -64.11 12.09 -16.98
CA ASN U 301 -63.43 13.04 -16.12
C ASN U 301 -64.14 13.07 -14.81
N LEU U 302 -65.18 12.22 -14.63
CA LEU U 302 -65.69 11.86 -13.32
C LEU U 302 -64.63 11.12 -12.57
N VAL U 303 -63.93 10.20 -13.28
CA VAL U 303 -62.83 9.47 -12.73
C VAL U 303 -61.62 10.32 -12.77
N GLN U 304 -61.19 10.79 -11.60
CA GLN U 304 -59.99 11.55 -11.43
C GLN U 304 -59.62 11.27 -10.03
N GLN U 305 -58.35 11.56 -9.71
CA GLN U 305 -57.75 11.25 -8.46
C GLN U 305 -57.06 12.51 -8.14
N SER U 306 -56.70 12.64 -6.87
CA SER U 306 -56.24 13.88 -6.35
C SER U 306 -55.35 13.43 -5.24
N MET U 307 -54.34 14.27 -4.94
CA MET U 307 -53.47 13.99 -3.84
C MET U 307 -53.11 15.39 -3.42
N PRO U 308 -52.96 15.72 -2.14
CA PRO U 308 -52.44 17.01 -1.71
C PRO U 308 -51.05 17.25 -2.21
N ASN U 309 -50.68 18.54 -2.35
CA ASN U 309 -49.35 18.96 -2.71
C ASN U 309 -48.42 18.68 -1.57
N ARG U 310 -47.09 18.62 -1.84
CA ARG U 310 -46.07 18.32 -0.85
C ARG U 310 -46.07 19.42 0.19
N PRO U 311 -45.99 19.19 1.50
CA PRO U 311 -45.75 20.25 2.48
C PRO U 311 -44.45 20.95 2.20
N ASN U 312 -44.44 22.30 2.22
CA ASN U 312 -43.25 23.08 2.01
C ASN U 312 -43.32 24.20 3.00
N TYR U 313 -42.35 24.27 3.95
CA TYR U 313 -42.32 25.25 5.00
C TYR U 313 -41.20 26.18 4.68
N ILE U 314 -41.44 27.50 4.77
CA ILE U 314 -40.49 28.51 4.38
C ILE U 314 -40.41 29.46 5.53
N GLY U 315 -39.21 29.97 5.89
CA GLY U 315 -39.07 30.87 7.00
C GLY U 315 -37.60 31.10 7.18
N PHE U 316 -37.20 32.18 7.89
CA PHE U 316 -35.81 32.55 8.11
C PHE U 316 -35.04 31.49 8.86
N ARG U 317 -33.76 31.29 8.51
CA ARG U 317 -32.82 30.32 9.04
C ARG U 317 -32.59 30.38 10.54
N ASP U 318 -31.76 29.46 11.08
CA ASP U 318 -31.68 29.08 12.48
C ASP U 318 -31.36 30.21 13.43
N ASN U 319 -30.41 31.09 13.10
CA ASN U 319 -30.09 32.23 13.94
C ASN U 319 -30.00 33.39 13.01
N PHE U 320 -30.76 33.36 11.90
CA PHE U 320 -30.71 34.31 10.82
C PHE U 320 -29.46 34.12 10.04
N ILE U 321 -29.14 32.85 9.74
CA ILE U 321 -27.96 32.48 9.00
C ILE U 321 -28.10 33.06 7.61
N GLY U 322 -27.03 33.67 7.10
CA GLY U 322 -26.93 34.15 5.74
C GLY U 322 -27.69 35.41 5.51
N LEU U 323 -28.06 36.16 6.58
CA LEU U 323 -28.87 37.35 6.45
C LEU U 323 -27.94 38.52 6.56
N MET U 324 -26.65 38.27 6.82
CA MET U 324 -25.61 39.26 6.82
C MET U 324 -24.41 38.63 6.21
N TYR U 325 -23.65 39.44 5.46
CA TYR U 325 -22.39 39.04 4.91
C TYR U 325 -21.35 38.98 6.00
N TYR U 326 -20.81 37.78 6.21
CA TYR U 326 -19.67 37.55 7.04
C TYR U 326 -18.77 36.81 6.13
N ASN U 327 -17.45 37.08 6.24
CA ASN U 327 -16.41 36.31 5.61
C ASN U 327 -16.44 36.50 4.13
N SER U 328 -16.57 37.76 3.69
CA SER U 328 -16.94 38.06 2.34
C SER U 328 -16.03 39.16 1.87
N THR U 329 -15.94 39.30 0.54
CA THR U 329 -15.13 40.30 -0.12
C THR U 329 -16.08 41.36 -0.58
N GLY U 330 -15.80 42.63 -0.21
CA GLY U 330 -16.50 43.77 -0.72
C GLY U 330 -17.85 43.93 -0.11
N ASN U 331 -18.05 43.28 1.05
CA ASN U 331 -19.30 43.26 1.75
C ASN U 331 -18.92 43.11 3.19
N MET U 332 -17.66 43.44 3.53
CA MET U 332 -17.15 43.43 4.88
C MET U 332 -17.84 44.47 5.70
N GLY U 333 -18.03 44.19 7.00
CA GLY U 333 -18.59 45.12 7.94
C GLY U 333 -17.60 46.18 8.26
N VAL U 334 -17.98 47.11 9.14
CA VAL U 334 -17.15 48.21 9.54
C VAL U 334 -17.44 48.42 10.98
N LEU U 335 -16.38 48.60 11.79
CA LEU U 335 -16.53 49.25 13.05
C LEU U 335 -15.24 49.98 13.07
N ALA U 336 -15.27 51.28 13.39
CA ALA U 336 -14.14 52.14 13.18
C ALA U 336 -14.36 53.28 14.08
N GLY U 337 -13.32 54.15 14.26
CA GLY U 337 -13.50 55.44 14.88
C GLY U 337 -14.31 56.31 13.96
N GLN U 338 -14.66 57.54 14.37
CA GLN U 338 -15.40 58.44 13.53
C GLN U 338 -14.45 59.43 12.93
N ALA U 339 -13.28 59.63 13.57
CA ALA U 339 -12.31 60.58 13.11
C ALA U 339 -11.22 59.81 12.43
N SER U 340 -10.79 58.68 13.04
CA SER U 340 -9.77 57.79 12.54
C SER U 340 -10.13 57.20 11.21
N GLN U 341 -11.39 56.71 11.07
CA GLN U 341 -11.96 56.15 9.87
C GLN U 341 -11.37 54.84 9.42
N LEU U 342 -10.30 54.35 10.10
CA LEU U 342 -9.65 53.11 9.78
C LEU U 342 -10.46 52.03 10.41
N ASN U 343 -10.84 51.03 9.57
CA ASN U 343 -11.61 49.88 9.95
C ASN U 343 -10.86 49.05 10.96
N ALA U 344 -11.60 48.50 11.95
CA ALA U 344 -11.10 47.73 13.06
C ALA U 344 -11.73 46.37 12.98
N VAL U 345 -12.28 46.00 11.80
CA VAL U 345 -12.82 44.70 11.51
C VAL U 345 -12.08 44.23 10.29
N VAL U 346 -11.54 42.99 10.34
CA VAL U 346 -11.03 42.31 9.17
C VAL U 346 -11.69 40.98 9.16
N ASP U 347 -12.34 40.64 8.03
CA ASP U 347 -13.06 39.41 7.84
C ASP U 347 -12.28 38.67 6.80
N LEU U 348 -12.03 37.37 7.05
CA LEU U 348 -11.20 36.56 6.21
C LEU U 348 -12.12 35.58 5.55
N GLN U 349 -11.66 34.90 4.49
CA GLN U 349 -12.48 33.98 3.71
C GLN U 349 -12.26 32.59 4.24
N ASP U 350 -11.27 32.40 5.13
CA ASP U 350 -10.94 31.14 5.74
C ASP U 350 -11.41 31.14 7.16
N ARG U 351 -12.52 31.88 7.42
CA ARG U 351 -13.21 31.91 8.67
C ARG U 351 -14.61 31.53 8.34
N ASN U 352 -15.36 31.01 9.32
CA ASN U 352 -16.71 30.56 9.10
C ASN U 352 -17.40 30.92 10.37
N THR U 353 -17.75 32.21 10.48
CA THR U 353 -18.39 32.85 11.60
C THR U 353 -19.73 32.24 11.90
N GLU U 354 -20.51 31.97 10.84
CA GLU U 354 -21.84 31.44 10.94
C GLU U 354 -21.91 30.06 11.55
N LEU U 355 -21.01 29.14 11.11
CA LEU U 355 -20.83 27.81 11.67
C LEU U 355 -20.36 27.88 13.08
N SER U 356 -19.40 28.79 13.35
CA SER U 356 -18.72 28.98 14.61
C SER U 356 -19.70 29.32 15.70
N TYR U 357 -20.72 30.14 15.38
CA TYR U 357 -21.69 30.65 16.30
C TYR U 357 -22.71 29.60 16.64
N GLN U 358 -22.94 28.59 15.75
CA GLN U 358 -23.74 27.43 16.05
C GLN U 358 -23.12 26.63 17.14
N LEU U 359 -21.81 26.41 17.05
CA LEU U 359 -21.04 25.62 17.99
C LEU U 359 -20.89 26.33 19.33
N LEU U 360 -20.83 27.65 19.34
CA LEU U 360 -20.81 28.42 20.57
C LEU U 360 -22.09 28.19 21.39
N LEU U 361 -23.27 28.21 20.78
CA LEU U 361 -24.50 28.14 21.52
C LEU U 361 -24.90 26.71 21.75
N ASP U 362 -24.08 25.75 21.27
CA ASP U 362 -24.11 24.37 21.62
C ASP U 362 -23.77 24.19 23.08
N SER U 363 -22.76 24.96 23.45
CA SER U 363 -21.87 24.86 24.59
C SER U 363 -22.23 25.85 25.70
N LEU U 364 -23.09 26.81 25.35
CA LEU U 364 -23.48 27.96 26.14
C LEU U 364 -25.01 28.02 26.15
N GLY U 365 -25.62 26.95 26.63
CA GLY U 365 -27.04 26.70 26.72
C GLY U 365 -27.44 25.56 25.85
N ASP U 366 -28.74 25.18 25.95
CA ASP U 366 -29.35 24.15 25.16
C ASP U 366 -29.88 24.76 23.89
N ARG U 367 -29.94 23.93 22.83
CA ARG U 367 -30.46 24.31 21.55
C ARG U 367 -31.81 23.68 21.35
N THR U 368 -32.36 23.01 22.39
CA THR U 368 -33.71 22.48 22.35
C THR U 368 -34.70 23.43 22.96
N ARG U 369 -34.22 24.59 23.49
CA ARG U 369 -35.08 25.65 23.91
C ARG U 369 -35.11 26.65 22.81
N TYR U 370 -36.34 26.92 22.29
CA TYR U 370 -36.57 27.85 21.21
C TYR U 370 -36.67 29.21 21.82
N PHE U 371 -36.28 30.25 21.05
CA PHE U 371 -36.29 31.60 21.50
C PHE U 371 -36.73 32.35 20.27
N SER U 372 -37.75 33.21 20.39
CA SER U 372 -38.40 33.82 19.24
C SER U 372 -37.82 35.18 18.98
N MET U 373 -36.84 35.60 19.81
CA MET U 373 -36.25 36.90 19.75
C MET U 373 -35.18 36.88 18.72
N TRP U 374 -34.26 35.90 18.82
CA TRP U 374 -33.14 35.76 17.93
C TRP U 374 -33.36 34.58 17.05
N ASN U 375 -34.57 33.97 17.11
CA ASN U 375 -35.11 33.07 16.12
C ASN U 375 -34.50 31.71 16.23
N GLN U 376 -33.91 31.40 17.41
CA GLN U 376 -33.29 30.16 17.74
C GLN U 376 -34.30 29.05 17.70
N ALA U 377 -33.90 27.95 17.06
CA ALA U 377 -34.70 26.79 16.86
C ALA U 377 -33.82 26.02 15.96
N VAL U 378 -33.29 24.88 16.45
CA VAL U 378 -32.25 24.16 15.77
C VAL U 378 -32.91 23.16 14.89
N ASP U 379 -32.37 22.98 13.66
CA ASP U 379 -32.81 21.97 12.73
C ASP U 379 -32.59 20.61 13.32
N SER U 380 -33.54 19.71 13.07
CA SER U 380 -33.55 18.42 13.67
C SER U 380 -34.34 17.54 12.76
N TYR U 381 -34.39 16.25 13.10
CA TYR U 381 -35.23 15.28 12.46
C TYR U 381 -35.82 14.51 13.59
N ASP U 382 -36.90 13.76 13.31
CA ASP U 382 -37.40 12.78 14.23
C ASP U 382 -36.64 11.51 13.93
N PRO U 383 -36.12 10.76 14.89
CA PRO U 383 -35.29 9.58 14.66
C PRO U 383 -36.10 8.36 14.28
N ASP U 384 -37.37 8.52 13.86
CA ASP U 384 -38.24 7.44 13.44
C ASP U 384 -38.60 7.69 11.99
N VAL U 385 -37.85 8.64 11.39
CA VAL U 385 -37.88 9.10 10.04
C VAL U 385 -36.56 8.55 9.57
N ARG U 386 -35.45 9.17 10.01
CA ARG U 386 -34.11 8.92 9.56
C ARG U 386 -33.68 7.49 9.78
N ILE U 387 -33.94 6.88 10.95
CA ILE U 387 -33.69 5.47 11.17
C ILE U 387 -35.06 4.88 11.31
N ILE U 388 -35.40 3.90 10.45
CA ILE U 388 -36.71 3.31 10.46
C ILE U 388 -36.65 2.14 11.38
N GLU U 389 -37.29 2.31 12.54
CA GLU U 389 -37.56 1.31 13.54
C GLU U 389 -38.92 0.82 13.18
N ASN U 390 -39.08 -0.50 13.13
CA ASN U 390 -40.24 -1.09 12.53
C ASN U 390 -40.37 -2.29 13.38
N HIS U 391 -41.64 -2.69 13.58
CA HIS U 391 -41.99 -3.65 14.56
C HIS U 391 -43.33 -4.16 14.18
N GLY U 392 -43.79 -3.90 12.94
CA GLY U 392 -45.15 -4.16 12.53
C GLY U 392 -46.12 -3.35 13.34
N VAL U 393 -47.42 -3.73 13.27
CA VAL U 393 -48.48 -3.05 13.96
C VAL U 393 -49.19 -4.08 14.78
N GLU U 394 -49.69 -3.66 15.96
CA GLU U 394 -50.48 -4.52 16.81
C GLU U 394 -51.87 -4.37 16.27
N ASP U 395 -52.47 -5.48 15.79
CA ASP U 395 -53.66 -5.40 14.99
C ASP U 395 -54.33 -6.74 15.09
N GLU U 396 -54.57 -7.17 16.33
CA GLU U 396 -54.95 -8.52 16.61
C GLU U 396 -56.43 -8.61 16.84
N LEU U 397 -57.15 -7.48 16.72
CA LEU U 397 -58.59 -7.43 16.80
C LEU U 397 -59.07 -6.86 15.49
N PRO U 398 -59.98 -7.47 14.72
CA PRO U 398 -60.63 -6.83 13.58
C PRO U 398 -61.46 -5.65 14.02
N ASN U 399 -61.54 -4.59 13.19
CA ASN U 399 -62.25 -3.37 13.47
C ASN U 399 -63.23 -3.24 12.35
N TYR U 400 -64.46 -2.73 12.60
CA TYR U 400 -65.50 -2.80 11.60
C TYR U 400 -66.19 -1.49 11.52
N CYS U 401 -66.83 -1.23 10.36
CA CYS U 401 -67.80 -0.18 10.17
C CYS U 401 -69.11 -0.89 10.08
N PHE U 402 -70.23 -0.19 10.35
CA PHE U 402 -71.55 -0.76 10.45
C PHE U 402 -72.46 0.26 9.84
N PRO U 403 -73.60 -0.06 9.23
CA PRO U 403 -74.58 0.92 8.79
C PRO U 403 -75.09 1.79 9.91
N LEU U 404 -75.65 2.98 9.57
CA LEU U 404 -76.14 3.95 10.51
C LEU U 404 -77.25 3.42 11.39
N ASP U 405 -78.18 2.60 10.83
CA ASP U 405 -79.26 2.01 11.60
C ASP U 405 -78.78 0.83 12.38
N GLY U 406 -77.62 0.25 11.98
CA GLY U 406 -76.91 -0.78 12.71
C GLY U 406 -77.61 -2.10 12.72
N SER U 407 -78.58 -2.32 11.82
CA SER U 407 -79.35 -3.54 11.76
C SER U 407 -79.22 -4.13 10.40
N GLY U 408 -78.12 -3.81 9.67
CA GLY U 408 -77.79 -4.41 8.40
C GLY U 408 -78.86 -4.19 7.36
N THR U 409 -79.22 -5.30 6.69
CA THR U 409 -80.22 -5.33 5.66
C THR U 409 -81.41 -5.99 6.30
N ASN U 410 -82.56 -5.27 6.31
CA ASN U 410 -83.78 -5.75 6.90
C ASN U 410 -84.71 -6.10 5.77
N ALA U 411 -85.68 -7.00 6.05
CA ALA U 411 -86.66 -7.42 5.07
C ALA U 411 -87.99 -7.47 5.78
N ALA U 412 -89.10 -7.54 5.01
CA ALA U 412 -90.45 -7.66 5.49
C ALA U 412 -90.73 -8.95 6.22
N TYR U 413 -91.50 -8.85 7.32
CA TYR U 413 -91.92 -9.97 8.13
C TYR U 413 -93.27 -9.64 8.67
N GLN U 414 -94.27 -10.54 8.50
CA GLN U 414 -95.57 -10.43 9.13
C GLN U 414 -95.55 -11.22 10.40
N GLY U 415 -96.51 -10.97 11.33
CA GLY U 415 -96.67 -11.72 12.55
C GLY U 415 -97.40 -13.00 12.30
N VAL U 416 -97.17 -14.03 13.16
CA VAL U 416 -97.88 -15.28 13.13
C VAL U 416 -97.98 -15.76 14.55
N LYS U 417 -98.99 -16.59 14.86
CA LYS U 417 -99.18 -17.26 16.13
C LYS U 417 -99.86 -18.54 15.81
N VAL U 418 -99.60 -19.61 16.59
CA VAL U 418 -100.28 -20.89 16.44
C VAL U 418 -101.75 -20.76 16.78
N LYS U 419 -102.59 -21.60 16.12
CA LYS U 419 -104.01 -21.67 16.40
C LYS U 419 -104.28 -22.46 17.64
N ASN U 420 -103.34 -23.38 17.97
CA ASN U 420 -103.30 -24.18 19.15
C ASN U 420 -102.23 -25.16 18.80
N GLY U 421 -101.18 -25.22 19.66
CA GLY U 421 -99.99 -26.00 19.47
C GLY U 421 -100.24 -27.47 19.32
N ASN U 422 -99.22 -28.17 18.79
CA ASN U 422 -99.27 -29.59 18.54
C ASN U 422 -97.85 -30.01 18.23
N ASP U 423 -96.90 -29.04 18.23
CA ASP U 423 -95.49 -29.19 18.00
C ASP U 423 -95.21 -29.42 16.53
N GLY U 424 -94.28 -28.61 15.98
CA GLY U 424 -93.97 -28.62 14.58
C GLY U 424 -93.72 -27.21 14.18
N ASP U 425 -93.01 -27.04 13.04
CA ASP U 425 -92.61 -25.75 12.50
C ASP U 425 -93.56 -25.42 11.37
N VAL U 426 -94.62 -26.26 11.20
CA VAL U 426 -95.65 -26.05 10.22
C VAL U 426 -96.79 -26.97 10.62
N GLU U 427 -96.54 -27.91 11.58
CA GLU U 427 -97.48 -28.94 11.92
C GLU U 427 -98.14 -28.65 13.25
N SER U 428 -97.71 -27.55 13.94
CA SER U 428 -98.42 -27.05 15.09
C SER U 428 -99.55 -26.17 14.61
N GLU U 429 -99.47 -25.75 13.32
CA GLU U 429 -100.44 -24.99 12.59
C GLU U 429 -100.42 -23.55 13.01
N TRP U 430 -100.07 -22.69 12.05
CA TRP U 430 -99.74 -21.31 12.23
C TRP U 430 -100.71 -20.51 11.43
N GLU U 431 -100.96 -19.26 11.87
CA GLU U 431 -101.89 -18.41 11.18
C GLU U 431 -101.55 -16.98 11.48
N ASN U 432 -101.90 -16.09 10.54
CA ASN U 432 -101.61 -14.67 10.55
C ASN U 432 -102.18 -13.92 11.74
N ASP U 433 -101.42 -12.93 12.28
CA ASP U 433 -101.87 -12.05 13.33
C ASP U 433 -102.31 -10.77 12.72
N ASP U 434 -103.32 -10.14 13.37
CA ASP U 434 -103.94 -8.92 12.91
C ASP U 434 -103.72 -7.90 13.99
N THR U 435 -102.97 -8.24 15.07
CA THR U 435 -102.64 -7.33 16.13
C THR U 435 -101.14 -7.12 16.12
N VAL U 436 -100.45 -7.73 15.14
CA VAL U 436 -99.05 -7.53 14.89
C VAL U 436 -99.05 -7.14 13.45
N ALA U 437 -98.42 -6.00 13.14
CA ALA U 437 -98.30 -5.44 11.82
C ALA U 437 -97.57 -6.34 10.86
N ALA U 438 -97.96 -6.25 9.57
CA ALA U 438 -97.23 -6.78 8.46
C ALA U 438 -96.18 -5.75 8.10
N ARG U 439 -95.02 -6.21 7.58
CA ARG U 439 -93.97 -5.35 7.09
C ARG U 439 -93.00 -4.91 8.17
N ASN U 440 -92.82 -5.72 9.24
CA ASN U 440 -91.81 -5.48 10.25
C ASN U 440 -90.44 -5.68 9.66
N GLN U 441 -89.49 -4.78 10.00
CA GLN U 441 -88.15 -4.76 9.48
C GLN U 441 -87.22 -5.50 10.40
N LEU U 442 -87.01 -6.80 10.17
CA LEU U 442 -86.15 -7.64 10.97
C LEU U 442 -85.04 -8.12 10.09
N CYS U 443 -83.86 -8.37 10.70
CA CYS U 443 -82.67 -8.80 10.00
C CYS U 443 -82.29 -10.12 10.58
N LYS U 444 -82.38 -11.22 9.78
CA LYS U 444 -81.90 -12.51 10.19
C LYS U 444 -80.41 -12.61 9.99
N GLY U 445 -79.73 -13.38 10.88
CA GLY U 445 -78.30 -13.46 10.97
C GLY U 445 -77.67 -12.18 11.45
N ASN U 446 -76.33 -12.13 11.44
CA ASN U 446 -75.52 -11.01 11.87
C ASN U 446 -75.68 -9.80 10.99
N ILE U 447 -75.56 -8.59 11.60
CA ILE U 447 -75.67 -7.30 10.95
C ILE U 447 -74.53 -7.08 9.99
N PHE U 448 -74.78 -6.35 8.89
CA PHE U 448 -73.82 -6.02 7.86
C PHE U 448 -72.66 -5.24 8.43
N ALA U 449 -71.43 -5.50 7.96
CA ALA U 449 -70.25 -4.84 8.43
C ALA U 449 -69.17 -5.03 7.40
N MET U 450 -68.15 -4.13 7.39
CA MET U 450 -66.99 -4.27 6.53
C MET U 450 -65.75 -4.00 7.35
N GLU U 451 -64.82 -4.98 7.41
CA GLU U 451 -63.56 -4.94 8.12
C GLU U 451 -62.56 -3.96 7.56
N ILE U 452 -61.80 -3.27 8.45
CA ILE U 452 -60.69 -2.42 8.12
C ILE U 452 -59.68 -2.62 9.20
N ASN U 453 -58.38 -2.82 8.85
CA ASN U 453 -57.33 -2.89 9.82
C ASN U 453 -56.80 -1.50 9.91
N LEU U 454 -57.31 -0.72 10.90
CA LEU U 454 -57.00 0.68 11.10
C LEU U 454 -55.55 0.91 11.37
N GLN U 455 -54.97 0.08 12.26
CA GLN U 455 -53.62 0.15 12.74
C GLN U 455 -52.64 0.02 11.62
N ALA U 456 -52.93 -0.92 10.69
CA ALA U 456 -52.17 -1.22 9.50
C ALA U 456 -52.09 -0.05 8.58
N ASN U 457 -53.19 0.74 8.42
CA ASN U 457 -53.28 1.75 7.40
C ASN U 457 -52.97 3.08 8.03
N LEU U 458 -52.58 3.09 9.32
CA LEU U 458 -52.27 4.29 10.03
C LEU U 458 -50.78 4.40 10.01
N TRP U 459 -50.09 3.26 9.84
CA TRP U 459 -48.66 3.20 9.77
C TRP U 459 -48.26 3.02 8.33
N ARG U 460 -49.18 2.57 7.44
CA ARG U 460 -48.96 2.60 6.01
C ARG U 460 -48.88 4.02 5.54
N SER U 461 -49.83 4.88 6.00
CA SER U 461 -49.94 6.27 5.63
C SER U 461 -48.78 7.12 6.07
N PHE U 462 -48.36 6.96 7.35
CA PHE U 462 -47.29 7.72 7.94
C PHE U 462 -45.98 7.38 7.33
N LEU U 463 -45.73 6.08 7.14
CA LEU U 463 -44.47 5.58 6.63
C LEU U 463 -44.23 6.04 5.22
N TYR U 464 -45.27 6.06 4.37
CA TYR U 464 -45.20 6.61 3.04
C TYR U 464 -44.88 8.08 3.01
N SER U 465 -45.49 8.89 3.91
CA SER U 465 -45.41 10.33 3.76
C SER U 465 -44.16 10.93 4.35
N ASN U 466 -43.42 10.19 5.19
CA ASN U 466 -42.25 10.73 5.83
C ASN U 466 -41.02 10.14 5.23
N VAL U 467 -41.14 9.10 4.37
CA VAL U 467 -39.99 8.37 3.88
C VAL U 467 -40.04 8.36 2.40
N ALA U 468 -41.16 7.86 1.79
CA ALA U 468 -41.26 7.55 0.38
C ALA U 468 -41.15 8.75 -0.50
N LEU U 469 -41.68 9.88 -0.05
CA LEU U 469 -41.75 11.12 -0.79
C LEU U 469 -40.38 11.76 -0.87
N TYR U 470 -39.46 11.36 0.03
CA TYR U 470 -38.19 11.99 0.24
C TYR U 470 -37.13 11.07 -0.30
N LEU U 471 -37.52 9.96 -0.96
CA LEU U 471 -36.65 9.14 -1.78
C LEU U 471 -36.13 9.98 -2.93
N PRO U 472 -34.94 9.77 -3.48
CA PRO U 472 -34.47 10.31 -4.74
C PRO U 472 -35.43 10.14 -5.89
N ASP U 473 -35.24 10.90 -6.99
CA ASP U 473 -36.18 10.93 -8.10
C ASP U 473 -35.75 9.94 -9.13
N SER U 474 -34.93 8.94 -8.73
CA SER U 474 -34.50 7.87 -9.60
C SER U 474 -35.44 6.72 -9.38
N TYR U 475 -36.39 6.86 -8.42
CA TYR U 475 -37.34 5.86 -8.07
C TYR U 475 -38.72 6.39 -8.38
N LYS U 476 -38.82 7.57 -9.02
CA LYS U 476 -40.08 8.19 -9.34
C LYS U 476 -40.32 8.14 -10.81
N TYR U 477 -41.56 8.47 -11.22
CA TYR U 477 -41.98 8.45 -12.60
C TYR U 477 -43.02 9.51 -12.69
N THR U 478 -43.22 10.07 -13.91
CA THR U 478 -44.21 11.10 -14.15
C THR U 478 -45.46 10.36 -14.55
N PRO U 479 -46.66 10.61 -13.98
CA PRO U 479 -47.94 10.11 -14.46
C PRO U 479 -48.19 10.23 -15.94
N ALA U 480 -49.04 9.35 -16.50
CA ALA U 480 -49.37 9.33 -17.90
C ALA U 480 -50.56 10.18 -18.21
N ASN U 481 -50.52 11.47 -17.84
CA ASN U 481 -51.64 12.33 -18.09
C ASN U 481 -51.26 13.77 -17.87
N ILE U 482 -50.05 14.04 -17.32
CA ILE U 482 -49.64 15.39 -17.01
C ILE U 482 -48.22 15.54 -17.45
N THR U 483 -47.81 16.81 -17.61
CA THR U 483 -46.46 17.21 -17.96
C THR U 483 -46.00 18.12 -16.86
N LEU U 484 -44.68 18.11 -16.60
CA LEU U 484 -44.08 18.77 -15.47
C LEU U 484 -43.05 19.72 -16.06
N PRO U 485 -42.69 20.83 -15.43
CA PRO U 485 -41.50 21.61 -15.72
C PRO U 485 -40.24 20.85 -16.07
N THR U 486 -39.43 21.42 -17.01
CA THR U 486 -38.15 20.89 -17.41
C THR U 486 -37.18 20.94 -16.25
N ASN U 487 -37.20 22.07 -15.51
CA ASN U 487 -36.42 22.34 -14.33
C ASN U 487 -36.83 21.38 -13.25
N THR U 488 -35.87 20.77 -12.54
CA THR U 488 -36.11 19.73 -11.57
C THR U 488 -36.08 20.28 -10.18
N ASN U 489 -35.84 21.61 -10.04
CA ASN U 489 -35.73 22.29 -8.78
C ASN U 489 -36.97 23.12 -8.57
N THR U 490 -38.03 22.89 -9.38
CA THR U 490 -39.29 23.57 -9.24
C THR U 490 -40.11 22.72 -8.32
N TYR U 491 -40.97 23.38 -7.51
CA TYR U 491 -41.91 22.75 -6.61
C TYR U 491 -42.89 21.90 -7.38
N ASP U 492 -43.34 22.43 -8.54
CA ASP U 492 -44.30 21.82 -9.41
C ASP U 492 -43.79 20.53 -9.96
N TYR U 493 -42.48 20.46 -10.30
CA TYR U 493 -41.86 19.23 -10.69
C TYR U 493 -41.82 18.23 -9.55
N MET U 494 -41.46 18.69 -8.33
CA MET U 494 -41.28 17.86 -7.17
C MET U 494 -42.53 17.19 -6.66
N ASN U 495 -43.68 17.89 -6.68
CA ASN U 495 -44.93 17.34 -6.20
C ASN U 495 -45.63 16.61 -7.33
N GLY U 496 -45.15 16.77 -8.57
CA GLY U 496 -45.76 16.21 -9.74
C GLY U 496 -45.26 14.82 -10.00
N ARG U 497 -43.98 14.55 -9.63
CA ARG U 497 -43.36 13.25 -9.64
C ARG U 497 -44.01 12.38 -8.60
N VAL U 498 -44.22 11.10 -8.95
CA VAL U 498 -45.00 10.16 -8.17
C VAL U 498 -44.08 9.03 -7.86
N VAL U 499 -44.14 8.53 -6.60
CA VAL U 499 -43.27 7.51 -6.11
C VAL U 499 -44.17 6.34 -5.81
N PRO U 500 -43.87 5.12 -6.24
CA PRO U 500 -44.63 3.93 -5.90
C PRO U 500 -44.66 3.68 -4.41
N PRO U 501 -45.76 3.31 -3.75
CA PRO U 501 -45.79 3.16 -2.31
C PRO U 501 -45.21 1.83 -1.92
N SER U 502 -44.73 1.03 -2.89
CA SER U 502 -44.31 -0.34 -2.67
C SER U 502 -42.82 -0.34 -2.42
N LEU U 503 -42.12 0.77 -2.75
CA LEU U 503 -40.71 0.96 -2.53
C LEU U 503 -40.39 0.94 -1.06
N VAL U 504 -41.21 1.64 -0.26
CA VAL U 504 -41.11 1.59 1.17
C VAL U 504 -42.50 1.41 1.64
N ASP U 505 -42.73 0.23 2.24
CA ASP U 505 -44.01 -0.21 2.70
C ASP U 505 -43.70 -0.75 4.06
N ALA U 506 -44.75 -0.99 4.87
CA ALA U 506 -44.62 -1.46 6.23
C ALA U 506 -44.37 -2.93 6.30
N TYR U 507 -43.74 -3.50 5.26
CA TYR U 507 -43.57 -4.90 5.07
C TYR U 507 -42.18 -5.10 4.52
N ILE U 508 -41.22 -4.18 4.80
CA ILE U 508 -39.85 -4.42 4.43
C ILE U 508 -38.97 -3.75 5.45
N ASN U 509 -37.92 -4.49 5.86
CA ASN U 509 -36.98 -4.19 6.93
C ASN U 509 -37.77 -4.23 8.20
N ILE U 510 -38.64 -5.26 8.32
CA ILE U 510 -39.60 -5.38 9.37
C ILE U 510 -38.92 -6.05 10.51
N GLY U 511 -38.90 -5.36 11.67
CA GLY U 511 -38.36 -5.87 12.90
C GLY U 511 -36.92 -5.51 12.99
N ALA U 512 -36.50 -4.43 12.27
CA ALA U 512 -35.14 -4.02 12.12
C ALA U 512 -35.15 -2.55 12.43
N ARG U 513 -33.96 -2.00 12.77
CA ARG U 513 -33.72 -0.59 12.94
C ARG U 513 -32.65 -0.35 11.96
N TRP U 514 -32.92 0.52 10.97
CA TRP U 514 -32.18 0.52 9.76
C TRP U 514 -32.76 1.64 8.96
N SER U 515 -31.90 2.64 8.66
CA SER U 515 -32.14 3.67 7.67
C SER U 515 -32.04 3.00 6.34
N LEU U 516 -32.91 3.35 5.36
CA LEU U 516 -32.83 2.83 4.01
C LEU U 516 -31.54 3.25 3.36
N ASP U 517 -31.00 2.40 2.48
CA ASP U 517 -29.82 2.69 1.70
C ASP U 517 -29.97 3.89 0.77
N PRO U 518 -31.06 4.19 0.05
CA PRO U 518 -31.17 5.42 -0.73
C PRO U 518 -31.48 6.63 0.11
N MET U 519 -31.61 6.49 1.44
CA MET U 519 -31.90 7.57 2.33
C MET U 519 -30.72 7.87 3.20
N ASP U 520 -29.48 7.48 2.77
CA ASP U 520 -28.29 7.81 3.52
C ASP U 520 -27.64 9.04 2.95
N ASN U 521 -28.03 9.45 1.72
CA ASN U 521 -27.39 10.55 1.04
C ASN U 521 -28.41 11.64 0.80
N VAL U 522 -29.61 11.51 1.40
CA VAL U 522 -30.64 12.51 1.33
C VAL U 522 -30.48 13.29 2.59
N ASN U 523 -30.43 14.64 2.50
CA ASN U 523 -30.33 15.55 3.63
C ASN U 523 -31.54 15.36 4.54
N PRO U 524 -31.42 15.09 5.84
CA PRO U 524 -32.57 14.77 6.65
C PRO U 524 -32.92 15.98 7.47
N PHE U 525 -32.79 17.18 6.91
CA PHE U 525 -33.19 18.40 7.55
C PHE U 525 -34.01 19.11 6.51
N ASN U 526 -34.51 18.36 5.53
CA ASN U 526 -35.34 18.81 4.45
C ASN U 526 -36.52 17.92 4.49
N HIS U 527 -37.31 17.98 5.58
CA HIS U 527 -38.54 17.26 5.64
C HIS U 527 -39.39 18.01 6.58
N HIS U 528 -40.70 17.74 6.52
CA HIS U 528 -41.74 18.47 7.18
C HIS U 528 -41.87 18.13 8.63
N ARG U 529 -40.99 17.24 9.14
CA ARG U 529 -41.02 16.76 10.49
C ARG U 529 -39.82 17.35 11.18
N ASN U 530 -39.06 18.22 10.47
CA ASN U 530 -38.04 19.09 11.01
C ASN U 530 -38.77 20.10 11.82
N ALA U 531 -38.58 20.10 13.15
CA ALA U 531 -39.48 20.82 14.01
C ALA U 531 -38.85 22.10 14.41
N GLY U 532 -37.58 22.31 14.03
CA GLY U 532 -36.97 23.61 14.15
C GLY U 532 -37.46 24.47 13.03
N LEU U 533 -37.48 23.92 11.80
CA LEU U 533 -37.95 24.58 10.60
C LEU U 533 -39.41 24.92 10.65
N ARG U 534 -40.26 24.02 11.18
CA ARG U 534 -41.68 24.24 11.34
C ARG U 534 -41.97 25.40 12.23
N TYR U 535 -41.21 25.51 13.34
CA TYR U 535 -41.35 26.56 14.30
C TYR U 535 -41.08 27.92 13.71
N ARG U 536 -39.99 28.06 12.92
CA ARG U 536 -39.58 29.29 12.30
C ARG U 536 -40.56 29.78 11.27
N SER U 537 -41.14 28.84 10.49
CA SER U 537 -42.15 29.08 9.50
C SER U 537 -43.44 29.64 10.05
N MET U 538 -43.89 29.15 11.23
CA MET U 538 -45.16 29.47 11.83
C MET U 538 -45.01 30.59 12.82
N LEU U 539 -43.81 31.17 12.90
CA LEU U 539 -43.52 32.32 13.73
C LEU U 539 -43.59 33.54 12.86
N LEU U 540 -43.93 33.35 11.57
CA LEU U 540 -44.20 34.41 10.62
C LEU U 540 -45.66 34.42 10.24
N GLY U 541 -46.28 33.24 10.02
CA GLY U 541 -47.69 33.18 9.75
C GLY U 541 -47.92 32.08 8.79
N ASN U 542 -49.14 32.03 8.21
CA ASN U 542 -49.62 30.90 7.45
C ASN U 542 -49.91 31.29 6.03
N GLY U 543 -49.63 32.55 5.61
CA GLY U 543 -49.92 33.01 4.27
C GLY U 543 -48.63 33.35 3.61
N ARG U 544 -48.66 33.51 2.27
CA ARG U 544 -47.53 33.88 1.45
C ARG U 544 -46.98 35.23 1.78
N TYR U 545 -47.90 36.21 1.93
CA TYR U 545 -47.57 37.60 2.07
C TYR U 545 -47.50 37.85 3.54
N VAL U 546 -46.29 38.15 4.04
CA VAL U 546 -46.02 38.30 5.44
C VAL U 546 -45.20 39.54 5.60
N PRO U 547 -45.73 40.69 5.96
CA PRO U 547 -45.00 41.76 6.64
C PRO U 547 -44.37 41.25 7.91
N PHE U 548 -43.08 41.56 8.17
CA PHE U 548 -42.35 40.92 9.24
C PHE U 548 -41.57 41.98 9.96
N HIS U 549 -41.19 41.65 11.21
CA HIS U 549 -40.36 42.43 12.06
C HIS U 549 -39.53 41.41 12.80
N ILE U 550 -38.19 41.47 12.72
CA ILE U 550 -37.31 40.47 13.24
C ILE U 550 -36.18 41.23 13.87
N GLN U 551 -35.49 40.63 14.86
CA GLN U 551 -34.38 41.22 15.57
C GLN U 551 -33.25 40.29 15.36
N VAL U 552 -32.09 40.78 14.87
CA VAL U 552 -31.09 39.95 14.29
C VAL U 552 -29.81 40.34 15.00
N PRO U 553 -29.04 39.45 15.62
CA PRO U 553 -27.89 39.84 16.42
C PRO U 553 -26.64 39.87 15.59
N GLN U 554 -25.60 40.56 16.08
CA GLN U 554 -24.23 40.48 15.61
C GLN U 554 -23.66 39.13 15.98
N LYS U 555 -22.71 38.59 15.17
CA LYS U 555 -22.17 37.28 15.38
C LYS U 555 -20.69 37.28 15.20
N PHE U 556 -20.09 38.33 14.59
CA PHE U 556 -18.65 38.38 14.34
C PHE U 556 -17.94 38.47 15.66
N PHE U 557 -16.96 37.57 15.87
CA PHE U 557 -16.36 37.25 17.15
C PHE U 557 -15.59 38.34 17.79
N ALA U 558 -14.94 39.21 16.99
CA ALA U 558 -14.17 40.31 17.48
C ALA U 558 -14.97 41.30 18.27
N ILE U 559 -16.20 41.62 17.79
CA ILE U 559 -17.00 42.66 18.37
C ILE U 559 -18.27 42.12 18.99
N LYS U 560 -18.44 40.78 19.07
CA LYS U 560 -19.60 40.17 19.67
C LYS U 560 -19.71 40.45 21.14
N SER U 561 -18.59 40.35 21.89
CA SER U 561 -18.58 40.49 23.31
C SER U 561 -17.70 41.63 23.74
N LEU U 562 -17.33 42.51 22.80
CA LEU U 562 -16.56 43.70 23.06
C LEU U 562 -17.31 44.69 23.91
N LEU U 563 -16.59 45.45 24.77
CA LEU U 563 -17.13 46.56 25.53
C LEU U 563 -16.53 47.77 24.88
N LEU U 564 -17.37 48.55 24.19
CA LEU U 564 -16.98 49.72 23.45
C LEU U 564 -17.04 50.88 24.38
N LEU U 565 -15.93 51.62 24.55
CA LEU U 565 -15.78 52.70 25.51
C LEU U 565 -16.32 53.97 24.90
N PRO U 566 -16.49 55.10 25.60
CA PRO U 566 -16.81 56.41 25.05
C PRO U 566 -16.13 56.80 23.77
N GLY U 567 -16.83 57.58 22.91
CA GLY U 567 -16.33 57.94 21.61
C GLY U 567 -17.44 57.80 20.65
N SER U 568 -17.21 58.27 19.40
CA SER U 568 -18.16 58.19 18.33
C SER U 568 -17.50 57.29 17.33
N TYR U 569 -18.31 56.42 16.68
CA TYR U 569 -17.82 55.29 15.94
C TYR U 569 -18.73 55.12 14.76
N THR U 570 -18.17 54.69 13.62
CA THR U 570 -18.90 54.37 12.41
C THR U 570 -19.16 52.90 12.47
N TYR U 571 -20.42 52.46 12.37
CA TYR U 571 -20.77 51.07 12.32
C TYR U 571 -21.48 50.95 11.00
N GLU U 572 -21.19 49.90 10.20
CA GLU U 572 -21.83 49.69 8.91
C GLU U 572 -21.90 48.22 8.69
N TRP U 573 -23.01 47.69 8.13
CA TRP U 573 -23.11 46.26 7.91
C TRP U 573 -23.97 46.06 6.71
N ASN U 574 -23.81 44.92 5.99
CA ASN U 574 -24.54 44.64 4.77
C ASN U 574 -25.34 43.39 5.00
N PHE U 575 -26.56 43.38 4.41
CA PHE U 575 -27.62 42.43 4.59
C PHE U 575 -27.95 41.88 3.24
N ARG U 576 -28.16 40.56 3.12
CA ARG U 576 -28.44 39.88 1.88
C ARG U 576 -29.92 39.86 1.62
N LYS U 577 -30.31 40.12 0.36
CA LYS U 577 -31.70 40.14 -0.07
C LYS U 577 -31.89 38.96 -0.99
N ASP U 578 -30.96 37.98 -0.97
CA ASP U 578 -31.04 36.78 -1.77
C ASP U 578 -31.94 35.83 -1.05
N VAL U 579 -33.09 35.45 -1.67
CA VAL U 579 -34.08 34.59 -1.09
C VAL U 579 -33.61 33.20 -0.72
N ASN U 580 -32.76 32.56 -1.56
CA ASN U 580 -32.22 31.24 -1.33
C ASN U 580 -31.38 31.21 -0.10
N MET U 581 -30.59 32.28 0.10
CA MET U 581 -29.59 32.36 1.12
C MET U 581 -30.19 32.60 2.47
N ILE U 582 -31.42 33.18 2.56
CA ILE U 582 -31.96 33.63 3.82
C ILE U 582 -33.18 32.85 4.20
N LEU U 583 -33.69 31.96 3.33
CA LEU U 583 -34.88 31.21 3.63
C LEU U 583 -34.57 29.77 3.45
N GLN U 584 -34.88 28.97 4.48
CA GLN U 584 -34.79 27.53 4.46
C GLN U 584 -36.12 27.05 3.96
N SER U 585 -36.12 25.89 3.30
CA SER U 585 -37.26 25.25 2.71
C SER U 585 -37.18 23.84 3.16
N SER U 586 -38.31 23.10 3.13
CA SER U 586 -38.34 21.72 3.57
C SER U 586 -38.28 20.80 2.40
N LEU U 587 -38.00 21.33 1.20
CA LEU U 587 -37.88 20.55 -0.01
C LEU U 587 -36.62 20.99 -0.68
N GLY U 588 -36.19 22.24 -0.44
CA GLY U 588 -34.95 22.77 -0.96
C GLY U 588 -35.05 23.13 -2.41
N ASN U 589 -36.28 23.40 -2.91
CA ASN U 589 -36.55 23.88 -4.25
C ASN U 589 -35.99 25.27 -4.42
N ASP U 590 -35.64 25.67 -5.66
CA ASP U 590 -35.08 26.97 -5.95
C ASP U 590 -36.17 28.01 -5.79
N LEU U 591 -36.02 28.90 -4.79
CA LEU U 591 -37.05 29.87 -4.46
C LEU U 591 -37.03 31.06 -5.38
N ARG U 592 -35.91 31.34 -6.07
CA ARG U 592 -35.84 32.43 -7.02
C ARG U 592 -36.78 32.20 -8.17
N THR U 593 -36.79 30.96 -8.73
CA THR U 593 -37.70 30.56 -9.77
C THR U 593 -39.13 30.55 -9.30
N ASP U 594 -39.37 30.03 -8.06
CA ASP U 594 -40.70 29.85 -7.49
C ASP U 594 -41.44 31.14 -7.31
N GLY U 595 -40.79 32.22 -6.84
CA GLY U 595 -41.41 33.52 -6.81
C GLY U 595 -41.27 34.20 -5.48
N ALA U 596 -40.45 33.69 -4.55
CA ALA U 596 -40.17 34.37 -3.30
C ALA U 596 -39.45 35.67 -3.58
N SER U 597 -39.67 36.69 -2.72
CA SER U 597 -39.09 37.99 -2.89
C SER U 597 -39.06 38.55 -1.52
N ILE U 598 -38.18 39.53 -1.27
CA ILE U 598 -37.98 40.05 0.05
C ILE U 598 -37.58 41.46 -0.19
N SER U 599 -37.87 42.36 0.76
CA SER U 599 -37.30 43.67 0.70
C SER U 599 -37.34 44.21 2.09
N PHE U 600 -36.50 45.21 2.35
CA PHE U 600 -36.31 45.80 3.64
C PHE U 600 -36.78 47.21 3.57
N THR U 601 -37.58 47.63 4.56
CA THR U 601 -37.86 49.03 4.74
C THR U 601 -37.60 49.21 6.20
N SER U 602 -36.65 50.10 6.56
CA SER U 602 -36.35 50.43 7.92
C SER U 602 -35.48 49.42 8.60
N ILE U 603 -34.17 49.71 8.73
CA ILE U 603 -33.25 48.91 9.49
C ILE U 603 -32.71 49.91 10.47
N ASN U 604 -32.63 49.56 11.77
CA ASN U 604 -32.18 50.43 12.83
C ASN U 604 -31.29 49.60 13.69
N LEU U 605 -30.57 50.24 14.61
CA LEU U 605 -29.64 49.60 15.51
C LEU U 605 -30.09 49.94 16.88
N TYR U 606 -30.16 48.93 17.76
CA TYR U 606 -30.45 49.07 19.15
C TYR U 606 -29.19 48.91 19.93
N ALA U 607 -29.22 49.40 21.17
CA ALA U 607 -28.14 49.37 22.10
C ALA U 607 -28.80 49.41 23.42
N THR U 608 -28.17 48.87 24.47
CA THR U 608 -28.73 48.87 25.78
C THR U 608 -27.53 49.15 26.63
N PHE U 609 -27.66 50.13 27.54
CA PHE U 609 -26.58 50.60 28.35
C PHE U 609 -26.99 50.30 29.74
N PHE U 610 -26.07 49.73 30.54
CA PHE U 610 -26.23 49.60 31.96
C PHE U 610 -26.17 51.01 32.52
N PRO U 611 -27.04 51.46 33.41
CA PRO U 611 -27.00 52.83 33.87
C PRO U 611 -26.08 52.85 35.05
N MET U 612 -24.77 52.94 34.77
CA MET U 612 -23.74 52.95 35.75
C MET U 612 -23.62 54.35 36.26
N ALA U 613 -23.27 54.51 37.56
CA ALA U 613 -22.92 55.78 38.15
C ALA U 613 -21.77 56.37 37.42
N HIS U 614 -21.77 57.70 37.23
CA HIS U 614 -20.80 58.41 36.43
C HIS U 614 -19.42 58.30 37.00
N ASN U 615 -19.31 58.32 38.33
CA ASN U 615 -18.06 58.16 39.05
C ASN U 615 -17.45 56.80 38.78
N THR U 616 -18.29 55.75 38.79
CA THR U 616 -17.84 54.38 38.68
C THR U 616 -17.58 54.00 37.25
N ALA U 617 -18.21 54.73 36.30
CA ALA U 617 -18.09 54.50 34.89
C ALA U 617 -16.86 55.12 34.34
N SER U 618 -16.32 56.14 35.04
CA SER U 618 -15.17 56.86 34.59
C SER U 618 -13.96 56.30 35.26
N THR U 619 -14.11 55.59 36.37
CA THR U 619 -13.03 54.77 36.92
C THR U 619 -12.78 53.57 36.01
N LEU U 620 -13.81 52.96 35.43
CA LEU U 620 -13.65 51.81 34.56
C LEU U 620 -13.22 52.21 33.19
N GLU U 621 -13.57 53.44 32.75
CA GLU U 621 -13.13 53.96 31.48
C GLU U 621 -11.64 54.13 31.46
N ALA U 622 -11.09 54.70 32.56
CA ALA U 622 -9.67 54.93 32.77
C ALA U 622 -8.89 53.66 32.81
N MET U 623 -9.41 52.65 33.52
CA MET U 623 -8.75 51.35 33.64
C MET U 623 -8.70 50.61 32.32
N LEU U 624 -9.70 50.71 31.44
CA LEU U 624 -9.69 49.94 30.22
C LEU U 624 -9.10 50.73 29.08
N ARG U 625 -8.41 51.84 29.39
CA ARG U 625 -7.68 52.66 28.45
C ARG U 625 -6.22 52.38 28.66
N ASN U 626 -5.89 51.48 29.62
CA ASN U 626 -4.56 50.99 29.89
C ASN U 626 -4.22 49.99 28.84
N ASP U 627 -2.90 49.77 28.63
CA ASP U 627 -2.40 48.96 27.54
C ASP U 627 -2.17 47.55 28.01
N THR U 628 -2.44 47.27 29.30
CA THR U 628 -2.36 45.95 29.87
C THR U 628 -3.75 45.44 30.16
N ASN U 629 -4.79 46.23 29.83
CA ASN U 629 -6.15 45.85 30.06
C ASN U 629 -6.81 45.90 28.73
N ASP U 630 -6.26 45.10 27.80
CA ASP U 630 -6.75 45.01 26.46
C ASP U 630 -7.62 43.81 26.44
N GLN U 631 -8.74 43.96 25.73
CA GLN U 631 -9.81 43.04 25.57
C GLN U 631 -9.51 42.14 24.43
N SER U 632 -9.64 40.85 24.68
CA SER U 632 -9.15 39.81 23.81
C SER U 632 -10.20 38.72 23.73
N PHE U 633 -10.48 38.25 22.53
CA PHE U 633 -11.47 37.23 22.27
C PHE U 633 -10.86 36.24 21.29
N ASN U 634 -11.52 35.11 21.09
CA ASN U 634 -11.19 34.25 19.98
C ASN U 634 -12.43 33.67 19.31
N ASP U 635 -12.29 33.30 18.06
CA ASP U 635 -13.34 32.61 17.35
C ASP U 635 -13.61 31.27 18.03
N TYR U 636 -14.85 30.85 18.22
CA TYR U 636 -15.11 29.61 18.93
C TYR U 636 -14.59 28.40 18.15
N LEU U 637 -14.97 28.32 16.88
CA LEU U 637 -14.30 27.47 15.90
C LEU U 637 -13.10 28.23 15.37
N SER U 638 -12.05 28.41 16.17
CA SER U 638 -10.87 29.10 15.68
C SER U 638 -10.15 28.22 14.69
N ALA U 639 -10.28 28.51 13.39
CA ALA U 639 -9.75 27.62 12.41
C ALA U 639 -9.57 28.32 11.11
N ALA U 640 -8.74 27.69 10.24
CA ALA U 640 -8.61 27.90 8.83
C ALA U 640 -9.56 26.93 8.22
N ASN U 641 -10.44 27.38 7.31
CA ASN U 641 -11.55 26.62 6.82
C ASN U 641 -11.33 26.57 5.36
N MET U 642 -11.30 25.37 4.75
CA MET U 642 -10.87 25.22 3.38
C MET U 642 -11.76 24.14 2.83
N LEU U 643 -12.04 24.20 1.52
CA LEU U 643 -12.85 23.25 0.81
C LEU U 643 -12.00 22.70 -0.28
N TYR U 644 -12.23 21.44 -0.68
CA TYR U 644 -11.47 20.83 -1.75
C TYR U 644 -12.49 20.01 -2.50
N PRO U 645 -12.57 20.01 -3.82
CA PRO U 645 -13.50 19.21 -4.58
C PRO U 645 -13.31 17.73 -4.39
N ILE U 646 -14.37 16.95 -4.64
CA ILE U 646 -14.30 15.53 -4.83
C ILE U 646 -14.99 15.37 -6.17
N PRO U 647 -14.40 14.83 -7.23
CA PRO U 647 -15.13 14.58 -8.48
C PRO U 647 -16.32 13.60 -8.32
N ALA U 648 -17.27 13.58 -9.24
CA ALA U 648 -18.38 12.61 -9.21
C ALA U 648 -17.88 11.16 -9.40
N ASN U 649 -18.44 10.23 -8.61
CA ASN U 649 -18.06 8.83 -8.52
C ASN U 649 -16.58 8.56 -8.16
N ALA U 650 -15.80 9.56 -7.72
CA ALA U 650 -14.39 9.39 -7.35
C ALA U 650 -14.22 8.83 -5.93
N THR U 651 -13.21 7.99 -5.70
CA THR U 651 -12.98 7.27 -4.43
C THR U 651 -11.93 7.87 -3.53
N ASN U 652 -11.17 8.88 -3.94
CA ASN U 652 -10.11 9.42 -3.13
C ASN U 652 -10.11 10.90 -3.35
N VAL U 653 -9.58 11.64 -2.35
CA VAL U 653 -9.38 13.05 -2.42
C VAL U 653 -7.91 13.26 -2.15
N PRO U 654 -7.10 13.74 -3.08
CA PRO U 654 -5.70 14.06 -2.85
C PRO U 654 -5.62 15.49 -2.37
N ILE U 655 -5.15 15.70 -1.14
CA ILE U 655 -5.07 16.97 -0.45
C ILE U 655 -3.61 17.14 -0.19
N SER U 656 -3.05 18.33 -0.47
CA SER U 656 -1.67 18.63 -0.24
C SER U 656 -1.61 20.05 0.20
N ILE U 657 -0.81 20.32 1.25
CA ILE U 657 -0.67 21.63 1.83
C ILE U 657 0.79 21.91 1.60
N PRO U 658 1.19 23.06 1.09
CA PRO U 658 2.55 23.59 1.08
C PRO U 658 3.27 23.59 2.40
N SER U 659 4.62 23.80 2.38
CA SER U 659 5.42 23.92 3.58
C SER U 659 4.96 25.10 4.39
N ARG U 660 4.62 24.85 5.67
CA ARG U 660 3.95 25.79 6.53
C ARG U 660 4.46 25.56 7.91
N ASN U 661 4.52 26.62 8.75
CA ASN U 661 4.78 26.49 10.17
C ASN U 661 3.56 25.87 10.80
N TRP U 662 3.77 25.03 11.83
CA TRP U 662 2.71 24.36 12.50
C TRP U 662 2.80 24.67 13.96
N ALA U 663 3.48 25.79 14.31
CA ALA U 663 3.56 26.27 15.66
C ALA U 663 2.20 26.66 16.16
N ALA U 664 1.79 26.07 17.32
CA ALA U 664 0.50 26.19 17.94
C ALA U 664 -0.63 25.69 17.07
N PHE U 665 -0.45 24.49 16.50
CA PHE U 665 -1.45 23.82 15.70
C PHE U 665 -2.17 22.92 16.65
N ARG U 666 -3.47 22.80 16.44
CA ARG U 666 -4.39 21.91 17.17
C ARG U 666 -4.81 20.81 16.20
N GLY U 667 -5.90 20.10 16.41
CA GLY U 667 -6.30 19.04 15.49
C GLY U 667 -6.76 19.46 14.10
N TRP U 668 -7.60 18.63 13.51
CA TRP U 668 -8.20 18.79 12.22
C TRP U 668 -9.59 18.35 12.49
N SER U 669 -10.54 18.71 11.62
CA SER U 669 -11.85 18.15 11.64
C SER U 669 -12.18 18.02 10.20
N PHE U 670 -13.16 17.16 9.85
CA PHE U 670 -13.53 16.99 8.47
C PHE U 670 -14.90 16.44 8.39
N THR U 671 -15.58 16.75 7.28
CA THR U 671 -16.93 16.36 7.03
C THR U 671 -17.07 16.51 5.55
N ARG U 672 -18.12 15.92 4.95
CA ARG U 672 -18.30 15.91 3.53
C ARG U 672 -19.56 16.68 3.32
N LEU U 673 -19.59 17.53 2.27
CA LEU U 673 -20.69 18.40 1.94
C LEU U 673 -21.08 18.03 0.54
N LYS U 674 -22.11 18.68 -0.03
CA LYS U 674 -22.41 18.53 -1.43
C LYS U 674 -22.22 19.90 -1.99
N THR U 675 -21.76 19.96 -3.25
CA THR U 675 -21.43 21.17 -3.97
C THR U 675 -22.63 22.06 -4.14
N LYS U 676 -23.81 21.46 -4.47
CA LYS U 676 -25.02 22.21 -4.74
C LYS U 676 -25.67 22.73 -3.49
N GLU U 677 -25.33 22.16 -2.32
CA GLU U 677 -25.93 22.53 -1.07
C GLU U 677 -25.07 23.54 -0.36
N THR U 678 -23.89 23.86 -0.92
CA THR U 678 -22.91 24.72 -0.30
C THR U 678 -22.84 25.96 -1.15
N PRO U 679 -23.03 27.17 -0.62
CA PRO U 679 -22.96 28.38 -1.40
C PRO U 679 -21.53 28.84 -1.37
N SER U 680 -21.14 29.71 -2.33
CA SER U 680 -19.80 30.22 -2.39
C SER U 680 -19.85 31.54 -1.66
N LEU U 681 -19.06 31.67 -0.56
CA LEU U 681 -18.88 32.91 0.15
C LEU U 681 -17.70 33.60 -0.48
N GLY U 682 -17.80 34.94 -0.58
CA GLY U 682 -16.79 35.78 -1.18
C GLY U 682 -17.39 36.32 -2.43
N SER U 683 -18.73 36.36 -2.49
CA SER U 683 -19.47 36.81 -3.63
C SER U 683 -20.70 37.43 -3.06
N GLY U 684 -21.16 38.52 -3.71
CA GLY U 684 -22.35 39.23 -3.30
C GLY U 684 -23.56 38.47 -3.77
N PHE U 685 -23.41 37.73 -4.88
CA PHE U 685 -24.49 36.95 -5.41
C PHE U 685 -23.81 35.79 -6.06
N ASP U 686 -24.39 34.58 -5.88
CA ASP U 686 -23.92 33.37 -6.50
C ASP U 686 -25.09 32.97 -7.37
N PRO U 687 -25.05 33.08 -8.69
CA PRO U 687 -26.23 32.91 -9.51
C PRO U 687 -26.47 31.45 -9.78
N TYR U 688 -25.57 30.55 -9.36
CA TYR U 688 -25.67 29.14 -9.66
C TYR U 688 -26.11 28.39 -8.43
N PHE U 689 -26.47 29.11 -7.35
CA PHE U 689 -26.92 28.51 -6.11
C PHE U 689 -28.40 28.42 -6.31
N VAL U 690 -28.93 27.19 -6.44
CA VAL U 690 -30.31 26.92 -6.78
C VAL U 690 -30.92 26.10 -5.68
N TYR U 691 -30.27 26.05 -4.51
CA TYR U 691 -30.67 25.29 -3.37
C TYR U 691 -31.21 26.27 -2.38
N SER U 692 -32.01 25.80 -1.40
CA SER U 692 -32.50 26.66 -0.37
C SER U 692 -32.94 25.79 0.78
N GLY U 693 -32.56 24.50 0.82
CA GLY U 693 -32.79 23.65 1.96
C GLY U 693 -31.77 23.98 2.99
N SER U 694 -31.63 23.12 4.03
CA SER U 694 -30.70 23.35 5.10
C SER U 694 -29.29 23.23 4.57
N ILE U 695 -28.50 24.32 4.66
CA ILE U 695 -27.15 24.41 4.15
C ILE U 695 -26.28 23.75 5.18
N PRO U 696 -25.55 22.65 4.95
CA PRO U 696 -24.85 21.95 6.02
C PRO U 696 -23.66 22.74 6.48
N TYR U 697 -23.06 23.52 5.55
CA TYR U 697 -21.84 24.25 5.71
C TYR U 697 -21.92 25.27 6.82
N LEU U 698 -23.08 25.97 6.92
CA LEU U 698 -23.24 27.07 7.83
C LEU U 698 -24.06 26.67 9.02
N ASP U 699 -24.97 25.68 8.86
CA ASP U 699 -25.89 25.30 9.92
C ASP U 699 -25.32 24.23 10.80
N GLY U 700 -24.22 23.57 10.37
CA GLY U 700 -23.54 22.57 11.17
C GLY U 700 -24.27 21.26 11.19
N THR U 701 -25.10 21.03 10.16
CA THR U 701 -26.05 19.95 10.11
C THR U 701 -25.58 19.06 9.02
N PHE U 702 -24.42 18.42 9.28
CA PHE U 702 -23.76 17.51 8.39
C PHE U 702 -24.48 16.20 8.47
N TYR U 703 -24.23 15.30 7.50
CA TYR U 703 -24.99 14.07 7.48
C TYR U 703 -24.31 13.08 6.59
N LEU U 704 -23.14 13.42 6.01
CA LEU U 704 -22.41 12.53 5.14
C LEU U 704 -21.16 12.02 5.82
N ASN U 705 -21.12 12.08 7.16
CA ASN U 705 -20.03 11.55 7.94
C ASN U 705 -20.35 10.11 8.19
N HIS U 706 -19.91 9.23 7.29
CA HIS U 706 -20.14 7.81 7.35
C HIS U 706 -19.81 7.29 5.98
N THR U 707 -19.15 8.11 5.15
CA THR U 707 -18.77 7.73 3.82
C THR U 707 -17.26 7.67 3.79
N PHE U 708 -16.59 7.97 4.93
CA PHE U 708 -15.16 7.97 5.03
C PHE U 708 -14.72 6.60 5.41
N LYS U 709 -13.59 6.11 4.83
CA LYS U 709 -13.15 4.77 5.08
C LYS U 709 -11.69 4.82 5.43
N LYS U 710 -10.98 5.93 5.13
CA LYS U 710 -9.64 6.13 5.61
C LYS U 710 -9.26 7.56 5.45
N VAL U 711 -8.19 7.96 6.16
CA VAL U 711 -7.54 9.22 6.07
C VAL U 711 -6.12 8.85 6.44
N SER U 712 -5.10 9.61 5.98
CA SER U 712 -3.74 9.31 6.33
C SER U 712 -3.07 10.65 6.33
N ILE U 713 -2.04 10.79 7.19
CA ILE U 713 -1.32 12.01 7.45
C ILE U 713 0.13 11.75 7.15
N THR U 714 0.85 12.71 6.51
CA THR U 714 2.26 12.58 6.23
C THR U 714 2.84 13.94 6.44
N PHE U 715 3.98 14.06 7.17
CA PHE U 715 4.73 15.28 7.36
C PHE U 715 6.10 15.02 6.83
N ASP U 716 6.65 16.02 6.12
CA ASP U 716 7.99 16.07 5.59
C ASP U 716 8.04 15.36 4.27
N SER U 717 6.97 14.60 3.93
CA SER U 717 6.80 13.82 2.73
C SER U 717 7.40 12.46 2.94
N SER U 718 7.50 11.97 4.20
CA SER U 718 8.24 10.75 4.45
C SER U 718 7.91 10.12 5.78
N VAL U 719 7.17 10.82 6.66
CA VAL U 719 6.89 10.35 7.99
C VAL U 719 5.40 10.31 8.14
N SER U 720 4.80 9.12 8.37
CA SER U 720 3.40 9.03 8.75
C SER U 720 3.26 9.45 10.18
N TRP U 721 2.42 10.48 10.47
CA TRP U 721 2.14 10.93 11.81
C TRP U 721 1.46 9.91 12.71
N PRO U 722 0.46 9.13 12.30
CA PRO U 722 0.03 7.98 13.08
C PRO U 722 0.88 6.80 12.61
N GLY U 723 2.20 6.87 12.89
CA GLY U 723 3.15 5.92 12.38
C GLY U 723 4.23 5.69 13.39
N ASN U 724 3.98 6.06 14.67
CA ASN U 724 4.88 5.73 15.76
C ASN U 724 4.35 4.49 16.41
N ASP U 725 3.54 3.72 15.64
CA ASP U 725 3.10 2.37 15.91
C ASP U 725 2.06 2.41 16.97
N ARG U 726 1.09 3.34 16.82
CA ARG U 726 0.13 3.65 17.85
C ARG U 726 -1.22 3.09 17.49
N LEU U 727 -1.37 2.37 16.35
CA LEU U 727 -2.65 1.94 15.87
C LEU U 727 -2.50 0.55 15.30
N LEU U 728 -3.64 -0.20 15.21
CA LEU U 728 -3.71 -1.52 14.65
C LEU U 728 -3.53 -1.54 13.16
N THR U 729 -3.85 -0.42 12.48
CA THR U 729 -3.51 -0.21 11.09
C THR U 729 -2.48 0.87 11.23
N PRO U 730 -1.18 0.66 11.01
CA PRO U 730 -0.18 1.41 11.75
C PRO U 730 0.42 2.48 10.88
N ASN U 731 -0.37 3.13 10.00
CA ASN U 731 0.19 4.11 9.11
C ASN U 731 -0.94 4.96 8.57
N GLU U 732 -2.18 4.69 9.01
CA GLU U 732 -3.31 5.46 8.60
C GLU U 732 -4.34 5.22 9.65
N PHE U 733 -5.46 5.95 9.56
CA PHE U 733 -6.68 5.66 10.26
C PHE U 733 -7.57 5.01 9.25
N GLU U 734 -8.43 4.07 9.71
CA GLU U 734 -9.51 3.54 8.93
C GLU U 734 -10.71 3.87 9.74
N ILE U 735 -11.78 4.35 9.09
CA ILE U 735 -12.98 4.79 9.76
C ILE U 735 -13.91 3.64 9.68
N LYS U 736 -14.15 3.12 8.47
CA LYS U 736 -15.00 2.00 8.23
C LYS U 736 -14.10 0.94 7.71
N ARG U 737 -14.32 -0.30 8.21
CA ARG U 737 -13.72 -1.45 7.62
C ARG U 737 -14.88 -2.30 7.21
N THR U 738 -14.92 -2.63 5.91
CA THR U 738 -15.98 -3.37 5.28
C THR U 738 -15.19 -4.51 4.73
N VAL U 739 -15.45 -5.71 5.28
CA VAL U 739 -14.70 -6.94 5.13
C VAL U 739 -13.76 -6.91 6.28
N ASP U 740 -14.16 -7.57 7.39
CA ASP U 740 -13.44 -7.60 8.63
C ASP U 740 -13.15 -9.05 8.86
N GLY U 741 -11.88 -9.36 9.19
CA GLY U 741 -11.45 -10.70 9.44
C GLY U 741 -10.38 -10.70 10.47
N GLU U 742 -10.24 -9.62 11.27
CA GLU U 742 -9.33 -9.62 12.39
C GLU U 742 -10.07 -9.18 13.60
N GLY U 743 -11.39 -8.90 13.45
CA GLY U 743 -12.27 -8.53 14.52
C GLY U 743 -12.01 -7.13 15.00
N TYR U 744 -11.60 -6.24 14.08
CA TYR U 744 -11.30 -4.87 14.42
C TYR U 744 -12.52 -4.04 14.57
N ASN U 745 -13.66 -4.45 13.99
CA ASN U 745 -14.94 -3.76 14.13
C ASN U 745 -15.40 -3.77 15.56
N VAL U 746 -16.07 -2.68 16.03
CA VAL U 746 -16.57 -2.57 17.38
C VAL U 746 -17.90 -1.92 17.32
N ALA U 747 -18.68 -2.12 18.42
CA ALA U 747 -19.88 -1.39 18.75
C ALA U 747 -21.03 -1.83 17.89
N GLN U 748 -20.89 -3.01 17.25
CA GLN U 748 -21.92 -3.68 16.51
C GLN U 748 -22.29 -2.97 15.24
N CYS U 749 -21.24 -2.57 14.47
CA CYS U 749 -21.36 -1.88 13.21
C CYS U 749 -20.03 -2.07 12.54
N ASN U 750 -19.83 -1.43 11.37
CA ASN U 750 -18.55 -1.38 10.69
C ASN U 750 -17.87 -0.10 11.05
N MET U 751 -17.18 -0.04 12.22
CA MET U 751 -16.35 1.07 12.55
C MET U 751 -15.27 0.42 13.35
N THR U 752 -13.99 0.70 13.03
CA THR U 752 -12.85 0.13 13.69
C THR U 752 -12.74 0.52 15.13
N LYS U 753 -12.07 -0.33 15.92
CA LYS U 753 -11.68 -0.11 17.30
C LYS U 753 -10.77 1.08 17.42
N ASP U 754 -9.84 1.24 16.43
CA ASP U 754 -8.89 2.33 16.33
C ASP U 754 -9.54 3.68 16.25
N TRP U 755 -10.63 3.79 15.48
CA TRP U 755 -11.25 5.05 15.22
C TRP U 755 -12.22 5.36 16.30
N PHE U 756 -12.81 4.32 16.92
CA PHE U 756 -13.70 4.46 18.03
C PHE U 756 -12.98 5.01 19.22
N LEU U 757 -11.73 4.56 19.46
CA LEU U 757 -10.84 5.05 20.50
C LEU U 757 -10.54 6.51 20.32
N VAL U 758 -10.19 6.92 19.08
CA VAL U 758 -9.78 8.25 18.69
C VAL U 758 -10.88 9.25 18.91
N GLN U 759 -12.14 8.86 18.63
CA GLN U 759 -13.26 9.77 18.64
C GLN U 759 -13.93 9.70 19.98
N MET U 760 -13.39 8.92 20.93
CA MET U 760 -13.80 8.98 22.31
C MET U 760 -12.76 9.65 23.15
N LEU U 761 -11.54 9.89 22.64
CA LEU U 761 -10.51 10.67 23.29
C LEU U 761 -10.57 12.14 22.89
N ALA U 762 -10.98 12.43 21.66
CA ALA U 762 -11.19 13.77 21.16
C ALA U 762 -12.41 14.51 21.74
N HIS U 763 -13.33 13.84 22.43
CA HIS U 763 -14.56 14.39 22.97
C HIS U 763 -14.73 14.14 24.47
N TYR U 764 -15.07 12.90 24.88
CA TYR U 764 -15.21 12.48 26.25
C TYR U 764 -13.91 12.68 26.99
N ASN U 765 -12.78 12.49 26.31
CA ASN U 765 -11.41 12.52 26.82
C ASN U 765 -11.06 11.31 27.67
N ILE U 766 -11.75 10.17 27.50
CA ILE U 766 -11.44 8.97 28.24
C ILE U 766 -11.71 7.86 27.28
N GLY U 767 -10.80 6.86 27.26
CA GLY U 767 -10.92 5.67 26.48
C GLY U 767 -9.78 4.76 26.86
N TYR U 768 -8.82 5.27 27.65
CA TYR U 768 -7.68 4.50 28.12
C TYR U 768 -7.97 3.83 29.43
N GLN U 769 -9.18 3.99 29.97
CA GLN U 769 -9.53 3.46 31.25
C GLN U 769 -10.94 3.00 31.14
N GLY U 770 -11.27 2.34 30.01
CA GLY U 770 -12.57 1.79 29.72
C GLY U 770 -13.46 2.83 29.13
N PHE U 771 -14.44 2.36 28.32
CA PHE U 771 -15.40 3.20 27.68
C PHE U 771 -16.61 3.25 28.55
N TYR U 772 -17.18 4.45 28.73
CA TYR U 772 -18.33 4.67 29.56
C TYR U 772 -19.13 5.63 28.79
N VAL U 773 -20.44 5.76 29.11
CA VAL U 773 -21.26 6.82 28.55
C VAL U 773 -20.72 8.14 29.09
N PRO U 774 -20.46 9.16 28.28
CA PRO U 774 -19.98 10.45 28.73
C PRO U 774 -21.02 11.11 29.58
N GLU U 775 -20.64 12.05 30.47
CA GLU U 775 -21.56 12.82 31.28
C GLU U 775 -22.46 13.68 30.42
N GLY U 776 -23.46 14.34 31.03
CA GLY U 776 -24.50 15.06 30.34
C GLY U 776 -24.03 16.35 29.71
N TYR U 777 -22.89 16.89 30.18
CA TYR U 777 -22.35 18.14 29.72
C TYR U 777 -21.11 17.87 28.89
N LYS U 778 -20.64 16.61 28.85
CA LYS U 778 -19.52 16.22 28.03
C LYS U 778 -19.99 15.87 26.65
N ASP U 779 -21.30 15.56 26.51
CA ASP U 779 -21.92 15.34 25.25
C ASP U 779 -22.98 16.39 25.12
N ARG U 780 -23.19 16.85 23.88
CA ARG U 780 -24.00 17.98 23.53
C ARG U 780 -24.59 17.56 22.22
N MET U 781 -25.32 18.48 21.55
CA MET U 781 -25.98 18.23 20.29
C MET U 781 -25.03 17.80 19.20
N TYR U 782 -23.83 18.41 19.15
CA TYR U 782 -22.89 18.18 18.09
C TYR U 782 -21.76 17.28 18.52
N SER U 783 -21.78 16.77 19.78
CA SER U 783 -20.85 15.78 20.26
C SER U 783 -21.09 14.43 19.61
N PHE U 784 -20.03 13.60 19.52
CA PHE U 784 -19.96 12.34 18.82
C PHE U 784 -20.94 11.30 19.30
N PHE U 785 -21.06 11.16 20.64
CA PHE U 785 -21.75 10.06 21.28
C PHE U 785 -23.22 9.99 20.96
N ARG U 786 -23.89 11.16 20.89
CA ARG U 786 -25.33 11.22 20.73
C ARG U 786 -25.81 10.88 19.36
N ASN U 787 -24.96 10.97 18.33
CA ASN U 787 -25.40 10.85 16.96
C ASN U 787 -24.85 9.61 16.35
N PHE U 788 -24.19 8.76 17.14
CA PHE U 788 -23.63 7.51 16.70
C PHE U 788 -24.68 6.46 16.81
N GLN U 789 -25.14 5.92 15.67
CA GLN U 789 -26.26 5.02 15.64
C GLN U 789 -25.88 3.81 14.82
N PRO U 790 -25.20 2.79 15.34
CA PRO U 790 -25.14 1.44 14.82
C PRO U 790 -26.46 0.83 14.44
N MET U 791 -26.48 -0.01 13.38
CA MET U 791 -27.68 -0.61 12.90
C MET U 791 -27.31 -1.80 12.09
N SER U 792 -28.24 -2.77 11.93
CA SER U 792 -28.00 -4.01 11.23
C SER U 792 -29.31 -4.51 10.73
N ARG U 793 -29.28 -5.33 9.66
CA ARG U 793 -30.44 -6.08 9.26
C ARG U 793 -29.92 -7.23 8.47
N GLN U 794 -30.73 -8.29 8.38
CA GLN U 794 -30.49 -9.44 7.56
C GLN U 794 -31.27 -9.24 6.29
N VAL U 795 -30.74 -9.79 5.18
CA VAL U 795 -31.43 -9.86 3.93
C VAL U 795 -31.05 -11.19 3.39
N VAL U 796 -31.79 -11.69 2.38
CA VAL U 796 -31.58 -12.96 1.75
C VAL U 796 -30.20 -13.06 1.14
N ASP U 797 -29.60 -14.26 1.22
CA ASP U 797 -28.28 -14.58 0.73
C ASP U 797 -28.54 -15.05 -0.64
N GLU U 798 -28.04 -14.31 -1.65
CA GLU U 798 -28.55 -14.39 -3.00
C GLU U 798 -27.78 -15.42 -3.77
N VAL U 799 -26.75 -16.01 -3.12
CA VAL U 799 -25.90 -16.99 -3.75
C VAL U 799 -26.12 -18.32 -3.08
N ASN U 800 -26.30 -18.33 -1.74
CA ASN U 800 -26.49 -19.54 -0.98
C ASN U 800 -27.93 -19.78 -0.66
N TYR U 801 -28.86 -19.11 -1.37
CA TYR U 801 -30.25 -19.48 -1.33
C TYR U 801 -30.53 -19.89 -2.73
N LYS U 802 -31.13 -21.10 -2.88
CA LYS U 802 -31.16 -21.83 -4.11
C LYS U 802 -32.48 -21.67 -4.79
N ASP U 803 -33.40 -20.89 -4.17
CA ASP U 803 -34.70 -20.59 -4.71
C ASP U 803 -34.78 -19.09 -4.83
N TYR U 804 -33.63 -18.38 -4.76
CA TYR U 804 -33.59 -16.95 -4.95
C TYR U 804 -33.90 -16.60 -6.38
N GLN U 805 -35.00 -15.84 -6.58
CA GLN U 805 -35.42 -15.28 -7.82
C GLN U 805 -35.38 -13.82 -7.55
N ALA U 806 -34.75 -13.03 -8.44
CA ALA U 806 -34.75 -11.59 -8.35
C ALA U 806 -35.96 -11.06 -9.05
N VAL U 807 -36.96 -10.60 -8.25
CA VAL U 807 -38.17 -9.99 -8.74
C VAL U 807 -37.97 -8.52 -8.56
N THR U 808 -38.43 -7.74 -9.55
CA THR U 808 -38.33 -6.30 -9.58
C THR U 808 -39.56 -5.75 -8.93
N LEU U 809 -39.66 -4.40 -8.85
CA LEU U 809 -40.74 -3.67 -8.24
C LEU U 809 -42.06 -3.96 -8.91
N ALA U 810 -42.04 -4.09 -10.24
CA ALA U 810 -43.18 -4.40 -11.09
C ALA U 810 -43.80 -5.73 -10.75
N TYR U 811 -42.97 -6.74 -10.45
CA TYR U 811 -43.38 -8.10 -10.32
C TYR U 811 -43.43 -8.50 -8.86
N GLN U 812 -43.44 -7.51 -7.95
CA GLN U 812 -43.66 -7.70 -6.54
C GLN U 812 -45.07 -7.35 -6.25
N HIS U 813 -45.72 -8.15 -5.40
CA HIS U 813 -47.07 -7.90 -4.99
C HIS U 813 -47.16 -8.38 -3.59
N ASN U 814 -48.04 -7.71 -2.83
CA ASN U 814 -48.15 -7.83 -1.41
C ASN U 814 -49.18 -6.79 -1.12
N ASN U 815 -50.27 -7.21 -0.44
CA ASN U 815 -51.51 -6.48 -0.25
C ASN U 815 -52.24 -6.48 -1.54
N SER U 816 -52.26 -7.63 -2.22
CA SER U 816 -52.87 -7.78 -3.52
C SER U 816 -54.35 -7.62 -3.35
N GLY U 817 -54.93 -6.64 -4.07
CA GLY U 817 -56.35 -6.41 -4.05
C GLY U 817 -56.77 -5.38 -3.06
N PHE U 818 -55.83 -4.75 -2.33
CA PHE U 818 -56.19 -3.87 -1.25
C PHE U 818 -55.36 -2.61 -1.37
N VAL U 819 -54.51 -2.49 -2.42
CA VAL U 819 -53.69 -1.33 -2.59
C VAL U 819 -53.54 -1.18 -4.08
N GLY U 820 -53.27 0.06 -4.56
CA GLY U 820 -53.10 0.38 -5.97
C GLY U 820 -51.87 -0.25 -6.57
N TYR U 821 -51.75 -0.20 -7.91
CA TYR U 821 -50.62 -0.75 -8.62
C TYR U 821 -49.64 0.34 -8.87
N LEU U 822 -48.53 0.32 -8.09
CA LEU U 822 -47.40 1.23 -8.12
C LEU U 822 -47.77 2.69 -8.16
N ALA U 823 -48.79 3.09 -7.38
CA ALA U 823 -49.27 4.44 -7.43
C ALA U 823 -50.05 4.61 -6.16
N PRO U 824 -50.20 5.83 -5.65
CA PRO U 824 -50.98 6.12 -4.46
C PRO U 824 -52.47 6.15 -4.77
N THR U 825 -52.92 5.54 -5.89
CA THR U 825 -54.27 5.59 -6.38
C THR U 825 -55.05 4.46 -5.73
N MET U 826 -56.37 4.37 -6.03
CA MET U 826 -57.29 3.38 -5.53
C MET U 826 -56.85 1.96 -5.74
N ARG U 827 -57.33 1.04 -4.86
CA ARG U 827 -57.11 -0.38 -4.90
C ARG U 827 -57.33 -1.06 -6.23
N GLN U 828 -56.60 -2.17 -6.48
CA GLN U 828 -56.67 -2.88 -7.73
C GLN U 828 -56.20 -4.25 -7.38
N GLY U 829 -56.62 -5.27 -8.16
CA GLY U 829 -56.15 -6.62 -8.02
C GLY U 829 -57.11 -7.49 -7.29
N GLN U 830 -56.66 -8.73 -6.99
CA GLN U 830 -57.40 -9.74 -6.29
C GLN U 830 -56.65 -10.11 -5.04
N PRO U 831 -57.27 -10.46 -3.91
CA PRO U 831 -56.71 -11.31 -2.87
C PRO U 831 -55.93 -12.51 -3.37
N TYR U 832 -54.64 -12.63 -3.01
CA TYR U 832 -53.80 -13.66 -3.55
C TYR U 832 -52.66 -13.71 -2.57
N PRO U 833 -51.92 -14.80 -2.40
CA PRO U 833 -50.64 -14.83 -1.70
C PRO U 833 -49.66 -13.77 -2.14
N ALA U 834 -48.83 -13.27 -1.19
CA ALA U 834 -47.78 -12.33 -1.45
C ALA U 834 -46.58 -13.09 -1.94
N ASN U 835 -45.50 -12.39 -2.33
CA ASN U 835 -44.31 -13.03 -2.84
C ASN U 835 -43.16 -12.08 -2.70
N TYR U 836 -43.36 -10.94 -2.00
CA TYR U 836 -42.40 -9.87 -1.94
C TYR U 836 -41.31 -10.10 -0.93
N PRO U 837 -41.33 -9.70 0.34
CA PRO U 837 -40.24 -9.99 1.26
C PRO U 837 -40.03 -11.47 1.43
N TYR U 838 -38.76 -11.90 1.63
CA TYR U 838 -38.47 -13.29 1.86
C TYR U 838 -38.52 -13.46 3.35
N PRO U 839 -39.11 -14.51 3.94
CA PRO U 839 -39.03 -14.81 5.36
C PRO U 839 -37.63 -14.80 5.89
N LEU U 840 -37.40 -14.23 7.08
CA LEU U 840 -36.11 -14.29 7.71
C LEU U 840 -36.32 -14.86 9.07
N ILE U 841 -37.59 -15.06 9.50
CA ILE U 841 -37.92 -15.51 10.82
C ILE U 841 -38.90 -16.61 10.69
N GLY U 842 -39.03 -17.40 11.77
CA GLY U 842 -39.90 -18.56 11.86
C GLY U 842 -39.38 -19.68 11.00
N LYS U 843 -40.15 -20.79 10.96
CA LYS U 843 -39.86 -21.94 10.14
C LYS U 843 -40.00 -21.51 8.71
N SER U 844 -39.06 -21.96 7.84
CA SER U 844 -39.02 -21.67 6.42
C SER U 844 -38.33 -20.35 6.17
N ALA U 845 -37.46 -19.93 7.11
CA ALA U 845 -36.62 -18.77 6.96
C ALA U 845 -35.56 -19.05 5.96
N VAL U 846 -35.19 -18.03 5.15
CA VAL U 846 -34.20 -18.17 4.11
C VAL U 846 -32.86 -17.90 4.73
N THR U 847 -31.78 -18.43 4.09
CA THR U 847 -30.39 -18.18 4.43
C THR U 847 -30.10 -16.72 4.25
N SER U 848 -29.32 -16.08 5.15
CA SER U 848 -29.16 -14.65 5.07
C SER U 848 -27.73 -14.24 5.30
N VAL U 849 -27.42 -13.00 4.85
CA VAL U 849 -26.21 -12.25 5.06
C VAL U 849 -26.51 -11.19 6.10
N THR U 850 -25.45 -10.60 6.69
CA THR U 850 -25.52 -9.52 7.66
C THR U 850 -24.91 -8.29 7.05
N GLN U 851 -25.64 -7.16 7.12
CA GLN U 851 -25.26 -5.86 6.61
C GLN U 851 -25.22 -5.03 7.86
N LYS U 852 -24.19 -4.17 8.02
CA LYS U 852 -24.01 -3.39 9.22
C LYS U 852 -23.46 -2.08 8.77
N LYS U 853 -23.92 -0.98 9.41
CA LYS U 853 -23.46 0.36 9.09
C LYS U 853 -23.78 1.21 10.28
N PHE U 854 -23.38 2.50 10.25
CA PHE U 854 -23.76 3.47 11.25
C PHE U 854 -24.10 4.73 10.50
N LEU U 855 -24.80 5.67 11.17
CA LEU U 855 -24.97 7.02 10.72
C LEU U 855 -24.35 7.91 11.76
N CYS U 856 -23.63 8.96 11.35
CA CYS U 856 -23.24 10.08 12.20
C CYS U 856 -23.71 11.34 11.55
N ASP U 857 -24.68 12.04 12.17
CA ASP U 857 -25.25 13.24 11.61
C ASP U 857 -25.01 14.31 12.63
N ARG U 858 -24.44 15.46 12.19
CA ARG U 858 -24.28 16.69 12.94
C ARG U 858 -22.98 16.67 13.68
N VAL U 859 -22.06 15.80 13.25
CA VAL U 859 -20.80 15.56 13.92
C VAL U 859 -19.79 15.69 12.85
N MET U 860 -18.74 16.48 13.09
CA MET U 860 -17.52 16.44 12.31
C MET U 860 -16.53 15.49 12.96
N TRP U 861 -15.91 14.63 12.18
CA TRP U 861 -14.81 13.82 12.61
C TRP U 861 -13.69 14.72 13.04
N ARG U 862 -12.98 14.44 14.12
CA ARG U 862 -11.83 15.24 14.50
C ARG U 862 -10.72 14.40 15.04
N ILE U 863 -9.48 14.74 14.72
CA ILE U 863 -8.33 14.00 15.18
C ILE U 863 -7.51 15.08 15.85
N PRO U 864 -7.25 15.01 17.16
CA PRO U 864 -6.39 15.96 17.84
C PRO U 864 -4.93 15.80 17.46
N PHE U 865 -4.15 16.87 17.60
CA PHE U 865 -2.77 16.90 17.24
C PHE U 865 -2.06 16.83 18.54
N SER U 866 -2.17 15.65 19.20
CA SER U 866 -1.65 15.41 20.50
C SER U 866 -1.23 13.98 20.38
N SER U 867 -0.08 13.62 21.00
CA SER U 867 0.52 12.30 20.93
C SER U 867 -0.37 11.20 21.47
N ASN U 868 -0.99 11.47 22.63
CA ASN U 868 -2.08 10.72 23.20
C ASN U 868 -3.23 11.48 22.64
N PHE U 869 -4.30 10.83 22.13
CA PHE U 869 -5.23 11.52 21.28
C PHE U 869 -6.27 12.26 22.07
N MET U 870 -5.99 12.62 23.31
CA MET U 870 -6.82 13.45 24.17
C MET U 870 -6.09 14.72 24.52
N SER U 871 -6.78 15.85 24.49
CA SER U 871 -6.14 17.14 24.76
C SER U 871 -6.41 17.52 26.20
N MET U 872 -5.35 17.79 26.98
CA MET U 872 -5.45 18.25 28.34
C MET U 872 -5.05 19.69 28.40
N GLY U 873 -5.19 20.41 27.27
CA GLY U 873 -4.89 21.81 27.24
C GLY U 873 -5.11 22.23 25.83
N ALA U 874 -5.63 23.44 25.65
CA ALA U 874 -5.96 23.99 24.33
C ALA U 874 -4.74 24.11 23.44
N LEU U 875 -3.59 24.52 23.99
CA LEU U 875 -2.35 24.58 23.27
C LEU U 875 -1.73 23.23 23.49
N THR U 876 -1.79 22.35 22.45
CA THR U 876 -1.42 20.96 22.49
C THR U 876 0.04 20.78 22.78
N ASP U 877 0.43 19.56 23.22
CA ASP U 877 1.79 19.19 23.50
C ASP U 877 2.66 19.14 22.27
N LEU U 878 2.06 18.95 21.06
CA LEU U 878 2.80 18.89 19.82
C LEU U 878 2.74 20.23 19.15
N GLY U 879 1.96 21.19 19.71
CA GLY U 879 1.99 22.57 19.30
C GLY U 879 3.16 23.26 19.92
N GLN U 880 3.74 22.67 20.99
CA GLN U 880 4.82 23.21 21.77
C GLN U 880 6.05 22.38 21.55
N ASN U 881 6.05 21.52 20.52
CA ASN U 881 7.23 20.84 20.07
C ASN U 881 7.53 21.43 18.73
N MET U 882 6.75 22.46 18.33
CA MET U 882 6.90 23.19 17.11
C MET U 882 7.40 24.58 17.43
N LEU U 883 8.04 24.73 18.61
CA LEU U 883 8.75 25.94 18.99
C LEU U 883 10.21 25.61 19.09
N TYR U 884 10.61 24.36 18.76
CA TYR U 884 11.98 23.90 18.90
C TYR U 884 12.27 22.94 17.77
N ALA U 885 11.24 22.26 17.23
CA ALA U 885 11.40 21.33 16.16
C ALA U 885 10.37 21.64 15.12
N ASN U 886 10.57 22.80 14.47
CA ASN U 886 9.74 23.28 13.41
C ASN U 886 10.63 24.17 12.58
N SER U 887 10.30 24.32 11.31
CA SER U 887 11.02 25.16 10.39
C SER U 887 10.17 25.25 9.17
N ALA U 888 8.99 24.59 9.22
CA ALA U 888 8.00 24.48 8.22
C ALA U 888 8.15 23.10 7.65
N HIS U 889 7.03 22.41 7.43
CA HIS U 889 7.04 21.09 6.86
C HIS U 889 5.84 21.04 5.97
N ALA U 890 5.82 20.09 5.01
CA ALA U 890 4.67 19.89 4.17
C ALA U 890 3.74 18.99 4.91
N LEU U 891 2.43 19.08 4.64
CA LEU U 891 1.46 18.14 5.16
C LEU U 891 0.75 17.63 3.95
N ASP U 892 0.70 16.30 3.72
CA ASP U 892 -0.06 15.71 2.66
C ASP U 892 -1.03 14.80 3.35
N MET U 893 -2.33 14.91 3.05
CA MET U 893 -3.37 14.08 3.62
C MET U 893 -4.02 13.38 2.48
N ASN U 894 -4.29 12.08 2.59
CA ASN U 894 -4.95 11.27 1.60
C ASN U 894 -6.23 10.85 2.25
N PHE U 895 -7.33 10.67 1.49
CA PHE U 895 -8.62 10.35 2.02
C PHE U 895 -9.19 9.41 1.01
N GLU U 896 -10.04 8.48 1.48
CA GLU U 896 -10.73 7.53 0.66
C GLU U 896 -12.15 7.71 1.08
N VAL U 897 -13.06 7.89 0.11
CA VAL U 897 -14.43 8.18 0.36
C VAL U 897 -15.20 7.23 -0.50
N ASP U 898 -16.50 7.01 -0.16
CA ASP U 898 -17.42 6.23 -0.95
C ASP U 898 -17.71 6.98 -2.24
N PRO U 899 -17.99 6.32 -3.37
CA PRO U 899 -18.54 6.98 -4.53
C PRO U 899 -19.87 7.70 -4.27
N MET U 900 -20.08 8.86 -4.88
CA MET U 900 -21.32 9.59 -4.84
C MET U 900 -21.65 9.79 -6.27
N ASP U 901 -22.96 9.85 -6.61
CA ASP U 901 -23.40 10.00 -7.97
C ASP U 901 -23.55 11.46 -8.30
N GLU U 902 -23.15 12.36 -7.37
CA GLU U 902 -23.18 13.77 -7.58
C GLU U 902 -21.91 14.28 -6.98
N SER U 903 -21.46 15.44 -7.46
CA SER U 903 -20.28 16.16 -6.98
C SER U 903 -20.42 16.56 -5.53
N THR U 904 -19.33 16.42 -4.79
CA THR U 904 -19.28 16.61 -3.37
C THR U 904 -18.04 17.40 -3.10
N LEU U 905 -17.90 17.94 -1.89
CA LEU U 905 -16.78 18.72 -1.45
C LEU U 905 -16.34 18.03 -0.21
N LEU U 906 -15.08 18.26 0.17
CA LEU U 906 -14.53 17.78 1.39
C LEU U 906 -14.25 19.07 2.08
N TYR U 907 -14.58 19.13 3.38
CA TYR U 907 -14.41 20.29 4.19
C TYR U 907 -13.43 19.85 5.20
N VAL U 908 -12.21 20.41 5.17
CA VAL U 908 -11.14 20.12 6.06
C VAL U 908 -10.97 21.41 6.78
N VAL U 909 -10.90 21.31 8.11
CA VAL U 909 -10.83 22.37 9.04
C VAL U 909 -9.49 22.10 9.66
N PHE U 910 -8.66 23.12 9.82
CA PHE U 910 -7.35 23.04 10.39
C PHE U 910 -7.54 23.93 11.54
N GLU U 911 -7.50 23.38 12.74
CA GLU U 911 -7.84 24.06 13.98
C GLU U 911 -6.66 24.90 14.47
N VAL U 912 -6.87 26.20 14.66
CA VAL U 912 -5.82 27.16 14.97
C VAL U 912 -6.20 27.97 16.21
N PHE U 913 -5.51 29.06 16.48
CA PHE U 913 -5.98 30.13 17.35
C PHE U 913 -6.33 31.36 16.50
N ASP U 914 -7.53 31.89 16.61
CA ASP U 914 -7.95 33.15 15.99
C ASP U 914 -8.03 34.21 17.07
N VAL U 915 -6.98 34.98 17.27
CA VAL U 915 -6.92 35.99 18.29
C VAL U 915 -7.38 37.25 17.67
N VAL U 916 -8.46 37.80 18.22
CA VAL U 916 -9.05 39.06 17.89
C VAL U 916 -8.83 39.85 19.14
N ARG U 917 -8.07 40.97 19.07
CA ARG U 917 -7.56 41.67 20.24
C ARG U 917 -7.63 43.12 19.86
N VAL U 918 -8.11 43.93 20.83
CA VAL U 918 -8.63 45.23 20.58
C VAL U 918 -8.37 46.09 21.78
N HIS U 919 -8.04 47.37 21.52
CA HIS U 919 -7.58 48.26 22.52
C HIS U 919 -8.06 49.61 22.09
N GLN U 920 -8.36 50.48 23.07
CA GLN U 920 -8.75 51.85 22.85
C GLN U 920 -7.74 52.66 23.61
N PRO U 921 -7.02 53.61 23.04
CA PRO U 921 -5.99 54.29 23.81
C PRO U 921 -6.50 55.65 24.13
N HIS U 922 -7.59 56.11 23.50
CA HIS U 922 -8.09 57.45 23.68
C HIS U 922 -9.51 57.39 23.24
N ARG U 923 -10.28 58.47 23.54
CA ARG U 923 -11.67 58.56 23.25
C ARG U 923 -11.91 58.64 21.76
N GLY U 924 -12.72 57.71 21.22
CA GLY U 924 -13.11 57.68 19.84
C GLY U 924 -12.05 57.08 18.96
N VAL U 925 -11.10 56.36 19.57
CA VAL U 925 -9.99 55.74 18.88
C VAL U 925 -10.14 54.30 19.23
N ILE U 926 -9.90 53.41 18.25
CA ILE U 926 -9.96 52.00 18.48
C ILE U 926 -8.92 51.44 17.57
N GLU U 927 -8.26 50.36 18.04
CA GLU U 927 -7.10 49.79 17.43
C GLU U 927 -7.34 48.33 17.58
N ALA U 928 -6.62 47.51 16.79
CA ALA U 928 -6.73 46.09 16.92
C ALA U 928 -5.52 45.49 16.28
N VAL U 929 -5.27 44.21 16.62
CA VAL U 929 -4.26 43.40 16.03
C VAL U 929 -4.90 42.06 16.09
N TYR U 930 -4.80 41.33 14.96
CA TYR U 930 -5.44 40.07 14.71
C TYR U 930 -4.33 39.19 14.29
N LEU U 931 -4.20 38.01 14.91
CA LEU U 931 -3.06 37.19 14.69
C LEU U 931 -3.60 35.82 14.85
N ARG U 932 -3.02 34.90 14.07
CA ARG U 932 -3.29 33.50 14.07
C ARG U 932 -1.96 32.88 13.91
N THR U 933 -1.84 31.59 14.25
CA THR U 933 -0.55 30.98 14.41
C THR U 933 -0.24 30.05 13.27
N PRO U 934 -0.70 28.81 13.10
CA PRO U 934 -0.18 27.89 12.09
C PRO U 934 -0.63 28.30 10.71
N PHE U 935 -1.81 28.94 10.55
CA PHE U 935 -2.28 29.46 9.29
C PHE U 935 -2.56 30.86 9.65
N SER U 936 -2.04 31.83 8.87
CA SER U 936 -2.27 33.20 9.18
C SER U 936 -2.17 34.03 7.94
N ALA U 937 -2.85 35.20 7.96
CA ALA U 937 -2.82 36.18 6.90
C ALA U 937 -1.76 37.18 7.24
N GLY U 938 -1.19 37.85 6.21
CA GLY U 938 -0.08 38.75 6.35
C GLY U 938 1.20 38.01 6.63
N ASN U 939 1.41 36.86 5.97
CA ASN U 939 2.53 35.98 6.20
C ASN U 939 3.32 35.90 4.92
N ALA U 940 3.11 36.82 3.96
CA ALA U 940 3.83 36.83 2.71
C ALA U 940 3.57 38.14 2.01
N THR U 941 2.86 39.04 2.72
CA THR U 941 2.68 40.41 2.31
C THR U 941 2.53 41.16 3.60
N THR U 942 2.57 42.51 3.51
CA THR U 942 2.55 43.39 4.65
C THR U 942 1.06 43.53 5.04
N MET V 1 41.18 94.47 -43.41
CA MET V 1 40.87 93.03 -43.58
C MET V 1 39.47 92.88 -44.08
N ALA V 2 39.32 92.51 -45.37
CA ALA V 2 38.04 92.34 -46.00
C ALA V 2 38.32 91.87 -47.41
N THR V 3 39.19 92.62 -48.13
CA THR V 3 39.68 92.26 -49.44
C THR V 3 40.52 90.99 -49.51
N PRO V 4 41.43 90.62 -48.60
CA PRO V 4 42.05 89.30 -48.54
C PRO V 4 41.07 88.14 -48.48
N SER V 5 41.52 86.97 -48.96
CA SER V 5 40.85 85.70 -48.80
C SER V 5 41.86 84.89 -48.02
N MET V 6 41.89 83.55 -48.24
CA MET V 6 42.86 82.63 -47.69
C MET V 6 42.91 82.60 -46.18
N LEU V 7 44.14 82.48 -45.61
CA LEU V 7 44.47 82.13 -44.25
C LEU V 7 43.84 82.98 -43.15
N PRO V 8 43.77 84.31 -43.16
CA PRO V 8 43.21 85.07 -42.05
C PRO V 8 41.71 84.93 -42.00
N GLN V 9 41.03 84.78 -43.16
CA GLN V 9 39.61 84.90 -43.26
C GLN V 9 38.83 83.73 -42.70
N TRP V 10 39.45 82.58 -42.41
CA TRP V 10 38.77 81.47 -41.74
C TRP V 10 38.27 81.85 -40.37
N ALA V 11 39.11 82.57 -39.61
CA ALA V 11 38.84 83.10 -38.30
C ALA V 11 37.72 84.12 -38.30
N TYR V 12 37.67 84.99 -39.34
CA TYR V 12 36.87 86.18 -39.26
C TYR V 12 35.55 85.96 -39.93
N MET V 13 35.34 84.81 -40.59
CA MET V 13 34.10 84.48 -41.22
C MET V 13 33.44 83.41 -40.42
N HIS V 14 34.09 82.92 -39.34
CA HIS V 14 33.47 82.09 -38.33
C HIS V 14 33.18 80.71 -38.82
N ILE V 15 34.16 80.06 -39.49
CA ILE V 15 34.02 78.67 -39.87
C ILE V 15 34.90 77.88 -38.93
N ALA V 16 35.61 78.57 -38.03
CA ALA V 16 36.43 77.96 -37.04
C ALA V 16 36.63 79.00 -35.99
N GLY V 17 37.07 78.58 -34.78
CA GLY V 17 37.45 79.48 -33.73
C GLY V 17 36.28 79.73 -32.82
N GLN V 18 36.24 80.96 -32.26
CA GLN V 18 35.31 81.44 -31.25
C GLN V 18 33.87 81.26 -31.63
N ASP V 19 33.03 80.98 -30.60
CA ASP V 19 31.59 80.89 -30.66
C ASP V 19 31.05 82.27 -30.84
N ALA V 20 29.72 82.40 -31.02
CA ALA V 20 29.05 83.66 -31.15
C ALA V 20 28.59 84.13 -29.80
N SER V 21 29.11 83.52 -28.72
CA SER V 21 28.87 83.92 -27.37
C SER V 21 30.20 84.33 -26.81
N GLU V 22 31.24 84.43 -27.68
CA GLU V 22 32.57 84.76 -27.27
C GLU V 22 33.11 85.79 -28.21
N TYR V 23 32.47 85.95 -29.39
CA TYR V 23 32.95 86.83 -30.43
C TYR V 23 32.18 88.13 -30.33
N LEU V 24 31.14 88.20 -29.48
CA LEU V 24 30.33 89.38 -29.35
C LEU V 24 30.75 90.06 -28.09
N SER V 25 30.49 91.39 -27.99
CA SER V 25 30.75 92.20 -26.82
C SER V 25 29.87 91.70 -25.70
N PRO V 26 30.29 91.73 -24.44
CA PRO V 26 29.61 91.06 -23.33
C PRO V 26 28.38 91.79 -22.85
N GLY V 27 27.85 92.79 -23.60
CA GLY V 27 26.65 93.50 -23.27
C GLY V 27 25.65 93.21 -24.33
N LEU V 28 26.11 92.82 -25.54
CA LEU V 28 25.23 92.39 -26.59
C LEU V 28 24.83 90.97 -26.35
N VAL V 29 25.66 90.18 -25.64
CA VAL V 29 25.33 88.85 -25.18
C VAL V 29 24.20 88.92 -24.17
N GLN V 30 24.27 89.87 -23.21
CA GLN V 30 23.24 90.07 -22.21
C GLN V 30 21.92 90.46 -22.81
N PHE V 31 21.96 91.34 -23.83
CA PHE V 31 20.79 91.84 -24.51
C PHE V 31 20.06 90.71 -25.18
N ALA V 32 20.82 89.79 -25.82
CA ALA V 32 20.29 88.67 -26.56
C ALA V 32 19.49 87.73 -25.72
N ARG V 33 19.99 87.39 -24.51
CA ARG V 33 19.33 86.52 -23.58
C ARG V 33 18.08 87.11 -22.99
N ALA V 34 18.11 88.41 -22.66
CA ALA V 34 17.03 89.04 -21.92
C ALA V 34 15.85 89.36 -22.80
N THR V 35 16.08 89.48 -24.13
CA THR V 35 15.09 89.87 -25.11
C THR V 35 14.95 88.70 -26.05
N ASP V 36 15.35 87.49 -25.61
CA ASP V 36 15.31 86.26 -26.38
C ASP V 36 13.92 85.90 -26.82
N THR V 37 12.93 86.11 -25.92
CA THR V 37 11.60 85.58 -26.09
C THR V 37 10.68 86.59 -26.74
N TYR V 38 11.22 87.75 -27.20
CA TYR V 38 10.42 88.81 -27.76
C TYR V 38 10.99 89.18 -29.09
N PHE V 39 12.26 88.82 -29.37
CA PHE V 39 12.92 89.34 -30.53
C PHE V 39 14.25 88.64 -30.57
N SER V 40 14.27 87.44 -31.19
CA SER V 40 15.41 86.56 -31.25
C SER V 40 16.51 87.12 -32.10
N LEU V 41 17.78 86.84 -31.70
CA LEU V 41 18.97 87.21 -32.43
C LEU V 41 19.68 85.94 -32.81
N GLY V 42 18.93 84.82 -32.92
CA GLY V 42 19.48 83.49 -33.00
C GLY V 42 20.14 83.17 -34.31
N ASN V 43 19.61 83.72 -35.43
CA ASN V 43 20.05 83.40 -36.76
C ASN V 43 20.93 84.49 -37.31
N LYS V 44 21.35 85.44 -36.45
CA LYS V 44 22.03 86.62 -36.89
C LYS V 44 23.51 86.48 -36.72
N PHE V 45 23.97 85.43 -36.00
CA PHE V 45 25.38 85.24 -35.75
C PHE V 45 25.56 83.77 -35.84
N ARG V 46 26.65 83.33 -36.50
CA ARG V 46 26.87 81.94 -36.77
C ARG V 46 27.92 81.44 -35.84
N ASN V 47 27.65 80.25 -35.27
CA ASN V 47 28.51 79.58 -34.34
C ASN V 47 29.25 78.54 -35.15
N PRO V 48 30.56 78.57 -35.32
CA PRO V 48 31.30 77.50 -35.96
C PRO V 48 31.18 76.19 -35.23
N THR V 49 31.23 75.05 -35.95
CA THR V 49 31.28 73.74 -35.37
C THR V 49 32.39 73.05 -36.12
N VAL V 50 33.40 72.56 -35.39
CA VAL V 50 34.61 72.04 -35.94
C VAL V 50 34.73 70.68 -35.35
N ALA V 51 34.73 69.63 -36.19
CA ALA V 51 34.92 68.25 -35.80
C ALA V 51 36.28 68.04 -35.20
N PRO V 52 36.51 67.18 -34.20
CA PRO V 52 37.85 66.80 -33.78
C PRO V 52 38.62 66.12 -34.88
N THR V 53 39.96 66.19 -34.86
CA THR V 53 40.76 65.50 -35.83
C THR V 53 41.96 65.06 -35.07
N HIS V 54 42.37 63.79 -35.32
CA HIS V 54 43.41 63.07 -34.63
C HIS V 54 42.86 62.61 -33.32
N ASP V 55 42.82 61.27 -33.10
CA ASP V 55 42.40 60.68 -31.85
C ASP V 55 40.91 60.46 -31.90
N VAL V 56 40.36 60.20 -33.10
CA VAL V 56 38.96 59.94 -33.25
C VAL V 56 38.79 59.08 -34.48
N THR V 57 39.76 59.09 -35.41
CA THR V 57 39.66 58.28 -36.59
C THR V 57 41.06 57.91 -36.96
N THR V 58 41.23 56.66 -37.44
CA THR V 58 42.49 56.07 -37.81
C THR V 58 43.00 56.65 -39.11
N ASP V 59 44.33 56.59 -39.28
CA ASP V 59 45.02 57.04 -40.47
C ASP V 59 45.71 55.84 -41.07
N ARG V 60 45.48 54.64 -40.49
CA ARG V 60 45.94 53.38 -40.99
C ARG V 60 44.89 52.91 -41.95
N SER V 61 45.17 51.82 -42.68
CA SER V 61 44.23 51.21 -43.56
C SER V 61 43.55 50.19 -42.70
N GLN V 62 42.21 50.26 -42.60
CA GLN V 62 41.48 49.40 -41.73
C GLN V 62 40.19 49.18 -42.42
N ARG V 63 39.77 47.91 -42.47
CA ARG V 63 38.49 47.46 -42.96
C ARG V 63 37.37 47.98 -42.14
N LEU V 64 36.21 48.19 -42.81
CA LEU V 64 34.99 48.57 -42.16
C LEU V 64 34.23 47.28 -42.11
N THR V 65 33.66 46.85 -43.24
CA THR V 65 32.89 45.62 -43.30
C THR V 65 33.84 44.48 -43.57
N LEU V 66 33.60 43.31 -42.93
CA LEU V 66 34.35 42.10 -43.18
C LEU V 66 33.32 41.03 -43.26
N ARG V 67 33.67 39.92 -43.95
CA ARG V 67 32.86 38.74 -44.07
C ARG V 67 33.69 37.58 -43.65
N PHE V 68 33.08 36.63 -42.92
CA PHE V 68 33.72 35.47 -42.39
C PHE V 68 32.88 34.35 -42.92
N VAL V 69 33.51 33.39 -43.61
CA VAL V 69 32.85 32.27 -44.22
C VAL V 69 32.95 31.13 -43.23
N PRO V 70 32.03 30.15 -43.20
CA PRO V 70 32.06 29.05 -42.26
C PRO V 70 33.34 28.28 -42.22
N VAL V 71 33.96 28.16 -41.03
CA VAL V 71 35.17 27.39 -40.86
C VAL V 71 34.83 25.93 -40.74
N ASP V 72 33.59 25.62 -40.31
CA ASP V 72 33.07 24.28 -40.25
C ASP V 72 31.59 24.46 -40.39
N ARG V 73 30.89 23.41 -40.85
CA ARG V 73 29.46 23.46 -40.93
C ARG V 73 29.01 22.05 -40.96
N GLU V 74 27.78 21.81 -40.45
CA GLU V 74 27.14 20.54 -40.44
C GLU V 74 25.74 20.84 -40.81
N ASP V 75 24.95 19.80 -41.13
CA ASP V 75 23.61 19.96 -41.60
C ASP V 75 22.89 18.80 -41.00
N ASN V 76 21.56 18.85 -41.05
CA ASN V 76 20.70 17.90 -40.41
C ASN V 76 19.42 18.09 -41.18
N THR V 77 18.42 17.22 -40.94
CA THR V 77 17.20 17.24 -41.70
C THR V 77 16.31 18.37 -41.25
N TYR V 78 16.46 18.83 -39.98
CA TYR V 78 15.63 19.88 -39.44
C TYR V 78 16.46 21.02 -38.91
N SER V 79 17.78 21.09 -39.19
CA SER V 79 18.57 22.21 -38.75
C SER V 79 19.82 22.25 -39.56
N TYR V 80 20.51 23.41 -39.50
CA TYR V 80 21.78 23.73 -40.09
C TYR V 80 22.66 24.13 -38.93
N LYS V 81 23.98 24.00 -39.05
CA LYS V 81 24.91 24.33 -37.99
C LYS V 81 26.04 24.95 -38.75
N VAL V 82 26.60 26.06 -38.27
CA VAL V 82 27.71 26.72 -38.90
C VAL V 82 28.55 27.24 -37.78
N ARG V 83 29.86 27.37 -38.04
CA ARG V 83 30.81 27.84 -37.07
C ARG V 83 31.57 28.86 -37.85
N TYR V 84 32.14 29.85 -37.15
CA TYR V 84 32.91 30.94 -37.72
C TYR V 84 34.01 31.13 -36.75
N THR V 85 35.06 31.81 -37.24
CA THR V 85 36.11 32.33 -36.41
C THR V 85 35.99 33.78 -36.65
N LEU V 86 35.63 34.52 -35.58
CA LEU V 86 35.34 35.91 -35.61
C LEU V 86 36.50 36.47 -34.87
N ALA V 87 37.38 37.19 -35.62
CA ALA V 87 38.59 37.71 -35.06
C ALA V 87 38.50 39.18 -35.21
N VAL V 88 39.01 39.86 -34.18
CA VAL V 88 39.04 41.28 -34.07
C VAL V 88 40.52 41.53 -34.02
N GLY V 89 41.04 42.37 -34.94
CA GLY V 89 42.45 42.71 -34.99
C GLY V 89 42.81 43.56 -33.81
N ASP V 90 44.11 43.76 -33.57
CA ASP V 90 44.58 44.57 -32.47
C ASP V 90 44.23 46.00 -32.76
N ASN V 91 43.68 46.69 -31.72
CA ASN V 91 43.37 48.10 -31.74
C ASN V 91 42.07 48.35 -32.43
N ARG V 92 41.20 47.32 -32.52
CA ARG V 92 39.89 47.43 -33.10
C ARG V 92 38.94 47.04 -32.03
N VAL V 93 37.77 47.69 -32.03
CA VAL V 93 36.68 47.45 -31.14
C VAL V 93 35.55 47.09 -32.05
N LEU V 94 34.83 46.00 -31.72
CA LEU V 94 33.76 45.49 -32.54
C LEU V 94 32.54 45.59 -31.70
N ASP V 95 31.43 46.10 -32.28
CA ASP V 95 30.13 46.10 -31.67
C ASP V 95 29.42 44.90 -32.24
N MET V 96 28.69 44.16 -31.38
CA MET V 96 28.03 42.94 -31.72
C MET V 96 26.59 43.18 -32.04
N ALA V 97 26.22 44.46 -32.24
CA ALA V 97 24.93 44.87 -32.71
C ALA V 97 24.99 45.12 -34.17
N SER V 98 26.19 45.00 -34.78
CA SER V 98 26.39 45.21 -36.19
C SER V 98 26.85 43.94 -36.84
N THR V 99 26.75 42.81 -36.10
CA THR V 99 26.93 41.47 -36.63
C THR V 99 25.59 40.94 -37.04
N TYR V 100 25.51 40.34 -38.25
CA TYR V 100 24.31 39.80 -38.80
C TYR V 100 24.74 38.77 -39.80
N PHE V 101 23.86 37.83 -40.16
CA PHE V 101 24.22 36.73 -41.03
C PHE V 101 23.52 36.93 -42.32
N ASP V 102 24.24 36.86 -43.47
CA ASP V 102 23.62 36.87 -44.76
C ASP V 102 23.34 35.44 -45.10
N ILE V 103 22.06 35.05 -44.92
CA ILE V 103 21.50 33.75 -45.16
C ILE V 103 20.86 33.84 -46.50
N ARG V 104 21.13 32.88 -47.40
CA ARG V 104 20.52 32.95 -48.70
C ARG V 104 20.44 31.57 -49.24
N GLY V 105 19.46 31.33 -50.13
CA GLY V 105 19.29 30.05 -50.76
C GLY V 105 18.08 30.13 -51.63
N VAL V 106 17.31 29.01 -51.73
CA VAL V 106 16.11 28.88 -52.52
C VAL V 106 14.96 28.53 -51.60
N LEU V 107 13.84 29.24 -51.79
CA LEU V 107 12.59 29.15 -51.09
C LEU V 107 11.56 28.77 -52.10
N ASP V 108 10.82 27.68 -51.84
CA ASP V 108 9.71 27.21 -52.61
C ASP V 108 8.51 27.38 -51.71
N ARG V 109 7.39 27.89 -52.26
CA ARG V 109 6.15 28.06 -51.54
C ARG V 109 5.25 27.13 -52.31
N GLY V 110 4.36 26.39 -51.64
CA GLY V 110 3.52 25.40 -52.28
C GLY V 110 2.45 25.97 -53.17
N PRO V 111 1.52 25.13 -53.60
CA PRO V 111 0.38 25.57 -54.39
C PRO V 111 -0.66 26.24 -53.54
N SER V 112 -0.40 26.40 -52.22
CA SER V 112 -1.26 27.13 -51.32
C SER V 112 -1.08 28.61 -51.46
N PHE V 113 0.10 29.06 -51.96
CA PHE V 113 0.44 30.45 -52.15
C PHE V 113 -0.49 31.11 -53.14
N LYS V 114 -0.80 32.39 -52.91
CA LYS V 114 -1.70 33.15 -53.74
C LYS V 114 -1.68 34.50 -53.12
N PRO V 115 -0.97 35.49 -53.64
CA PRO V 115 -0.82 36.75 -52.95
C PRO V 115 -1.75 37.78 -53.54
N TYR V 116 -3.01 37.40 -53.83
CA TYR V 116 -3.96 38.31 -54.40
C TYR V 116 -5.30 37.72 -54.11
N SER V 117 -6.38 38.50 -54.31
CA SER V 117 -7.71 38.15 -53.87
C SER V 117 -8.61 37.79 -55.00
N GLY V 118 -8.48 38.47 -56.15
CA GLY V 118 -9.29 38.22 -57.31
C GLY V 118 -8.86 37.01 -58.06
N THR V 119 -8.96 37.11 -59.39
CA THR V 119 -8.48 36.14 -60.32
C THR V 119 -7.75 37.02 -61.28
N ALA V 120 -6.80 36.44 -62.04
CA ALA V 120 -6.01 37.19 -62.97
C ALA V 120 -6.41 36.81 -64.36
N TYR V 121 -7.49 36.02 -64.52
CA TYR V 121 -7.89 35.51 -65.80
C TYR V 121 -9.36 35.67 -65.88
N ASN V 122 -9.86 36.42 -66.88
CA ASN V 122 -11.25 36.85 -67.00
C ASN V 122 -11.86 37.31 -65.71
N SER V 123 -11.23 38.29 -65.04
CA SER V 123 -11.72 38.94 -63.85
C SER V 123 -13.06 39.57 -64.07
N LEU V 124 -13.22 40.25 -65.23
CA LEU V 124 -14.51 40.70 -65.72
C LEU V 124 -15.02 39.52 -66.47
N ALA V 125 -16.25 39.07 -66.11
CA ALA V 125 -16.87 37.88 -66.63
C ALA V 125 -17.83 37.52 -65.54
N PRO V 126 -19.12 37.29 -65.80
CA PRO V 126 -20.02 36.58 -64.92
C PRO V 126 -19.45 35.29 -64.42
N LYS V 127 -19.77 34.90 -63.18
CA LYS V 127 -19.24 33.70 -62.58
C LYS V 127 -19.95 32.48 -63.09
N GLY V 128 -21.14 32.68 -63.69
CA GLY V 128 -21.94 31.61 -64.23
C GLY V 128 -21.62 31.31 -65.66
N ALA V 129 -21.16 32.33 -66.43
CA ALA V 129 -20.98 32.26 -67.87
C ALA V 129 -20.04 31.14 -68.28
N PRO V 130 -20.21 30.43 -69.39
CA PRO V 130 -19.55 29.15 -69.55
C PRO V 130 -18.40 29.26 -70.50
N ASN V 131 -18.39 30.29 -71.39
CA ASN V 131 -17.50 30.45 -72.52
C ASN V 131 -17.88 29.54 -73.65
N SER V 132 -17.56 29.97 -74.90
CA SER V 132 -17.90 29.30 -76.12
C SER V 132 -17.24 27.95 -76.20
N SER V 133 -18.05 26.88 -76.28
CA SER V 133 -17.59 25.50 -76.20
C SER V 133 -18.69 24.63 -76.73
N GLN V 134 -18.38 23.35 -77.02
CA GLN V 134 -19.34 22.39 -77.52
C GLN V 134 -19.19 21.16 -76.68
N TRP V 135 -20.20 20.27 -76.74
CA TRP V 135 -20.28 19.06 -75.97
C TRP V 135 -21.02 18.11 -76.87
N GLU V 136 -20.65 16.82 -76.80
CA GLU V 136 -21.26 15.80 -77.62
C GLU V 136 -21.91 14.80 -76.75
N GLN V 137 -23.25 14.74 -76.80
CA GLN V 137 -24.00 13.74 -76.10
C GLN V 137 -25.27 13.64 -76.88
N LYS V 138 -25.88 12.44 -76.85
CA LYS V 138 -27.11 12.16 -77.54
C LYS V 138 -28.24 12.66 -76.68
N LYS V 139 -28.99 13.65 -77.21
CA LYS V 139 -30.09 14.27 -76.53
C LYS V 139 -30.89 15.01 -77.56
N ALA V 140 -30.53 14.85 -78.86
CA ALA V 140 -31.16 15.52 -79.96
C ALA V 140 -31.25 14.49 -81.04
N GLY V 141 -32.14 14.72 -82.03
CA GLY V 141 -32.37 13.81 -83.13
C GLY V 141 -31.23 13.78 -84.11
N ASN V 142 -31.48 13.14 -85.28
CA ASN V 142 -30.61 13.10 -86.43
C ASN V 142 -29.72 11.88 -86.31
N GLY V 143 -30.23 10.81 -85.64
CA GLY V 143 -29.51 9.59 -85.39
C GLY V 143 -29.26 9.47 -83.91
N ASP V 144 -28.89 8.23 -83.48
CA ASP V 144 -28.69 7.87 -82.10
C ASP V 144 -27.24 7.98 -81.76
N THR V 145 -26.42 8.44 -82.72
CA THR V 145 -25.04 8.83 -82.53
C THR V 145 -25.03 10.11 -81.74
N MET V 146 -23.89 10.42 -81.08
CA MET V 146 -23.70 11.62 -80.31
C MET V 146 -23.83 12.81 -81.21
N GLU V 147 -24.45 13.88 -80.68
CA GLU V 147 -24.80 15.05 -81.46
C GLU V 147 -24.01 16.14 -80.86
N THR V 148 -23.46 17.03 -81.72
CA THR V 148 -22.59 18.11 -81.33
C THR V 148 -23.51 19.27 -81.10
N HIS V 149 -23.45 19.83 -79.88
CA HIS V 149 -24.26 20.95 -79.49
C HIS V 149 -23.28 22.00 -79.13
N THR V 150 -23.44 23.22 -79.69
CA THR V 150 -22.50 24.29 -79.53
C THR V 150 -23.27 25.43 -78.90
N PHE V 151 -22.69 26.03 -77.84
CA PHE V 151 -23.24 27.16 -77.16
C PHE V 151 -22.12 28.15 -77.19
N GLY V 152 -22.32 29.31 -77.82
CA GLY V 152 -21.23 30.23 -77.96
C GLY V 152 -21.71 31.53 -78.52
N VAL V 153 -20.76 32.32 -79.04
CA VAL V 153 -21.00 33.61 -79.63
C VAL V 153 -19.94 33.74 -80.67
N ALA V 154 -20.28 34.34 -81.83
CA ALA V 154 -19.40 34.48 -82.96
C ALA V 154 -19.30 35.95 -83.22
N PRO V 155 -18.21 36.66 -82.96
CA PRO V 155 -18.30 38.10 -82.84
C PRO V 155 -17.65 38.80 -84.00
N MET V 156 -16.78 38.11 -84.78
CA MET V 156 -15.95 38.74 -85.79
C MET V 156 -16.70 38.67 -87.08
N GLY V 157 -16.83 39.81 -87.80
CA GLY V 157 -17.47 39.90 -89.10
C GLY V 157 -16.67 39.28 -90.20
N GLY V 158 -17.22 39.28 -91.43
CA GLY V 158 -16.54 38.71 -92.56
C GLY V 158 -17.46 38.83 -93.73
N GLU V 159 -16.86 38.84 -94.95
CA GLU V 159 -17.58 39.06 -96.18
C GLU V 159 -18.26 37.82 -96.68
N ASN V 160 -17.73 36.62 -96.38
CA ASN V 160 -18.36 35.41 -96.86
C ASN V 160 -17.85 34.30 -95.99
N ILE V 161 -18.58 33.16 -95.97
CA ILE V 161 -18.18 31.94 -95.31
C ILE V 161 -18.16 30.92 -96.40
N THR V 162 -17.05 30.18 -96.53
CA THR V 162 -16.85 29.26 -97.63
C THR V 162 -16.38 27.97 -97.01
N ILE V 163 -15.74 27.13 -97.84
CA ILE V 163 -15.05 25.91 -97.50
C ILE V 163 -13.93 26.21 -96.53
N ASP V 164 -13.23 27.35 -96.73
CA ASP V 164 -12.10 27.80 -95.96
C ASP V 164 -12.56 28.75 -94.88
N GLY V 165 -13.88 28.80 -94.62
CA GLY V 165 -14.49 29.60 -93.59
C GLY V 165 -14.43 31.06 -93.86
N LEU V 166 -14.44 31.85 -92.78
CA LEU V 166 -14.63 33.28 -92.76
C LEU V 166 -13.59 34.01 -93.57
N GLN V 167 -14.00 35.08 -94.29
CA GLN V 167 -13.08 35.97 -94.94
C GLN V 167 -12.68 37.02 -93.95
N ILE V 168 -11.38 37.37 -93.93
CA ILE V 168 -10.82 38.37 -93.06
C ILE V 168 -10.62 39.61 -93.89
N GLY V 169 -10.92 39.55 -95.20
CA GLY V 169 -10.68 40.66 -96.08
C GLY V 169 -10.69 40.17 -97.48
N THR V 170 -10.47 41.13 -98.40
CA THR V 170 -10.47 40.89 -99.82
C THR V 170 -9.30 41.66 -100.32
N ASP V 171 -8.45 40.96 -101.11
CA ASP V 171 -7.23 41.41 -101.71
C ASP V 171 -7.51 42.54 -102.69
N ALA V 172 -6.59 43.53 -102.72
CA ALA V 172 -6.64 44.70 -103.56
C ALA V 172 -6.64 44.33 -105.02
N THR V 173 -5.85 43.29 -105.37
CA THR V 173 -5.66 42.72 -106.69
C THR V 173 -4.30 42.06 -106.60
N ALA V 174 -4.10 41.01 -107.42
CA ALA V 174 -2.88 40.25 -107.51
C ALA V 174 -2.79 39.94 -108.97
N ASP V 175 -3.74 39.10 -109.43
CA ASP V 175 -3.94 38.73 -110.80
C ASP V 175 -5.33 39.24 -111.09
N GLN V 176 -6.17 39.23 -110.03
CA GLN V 176 -7.52 39.68 -110.02
C GLN V 176 -7.78 39.86 -108.56
N ASP V 177 -8.90 40.52 -108.20
CA ASP V 177 -9.37 40.58 -106.82
C ASP V 177 -9.76 39.19 -106.39
N LYS V 178 -9.45 38.83 -105.12
CA LYS V 178 -9.62 37.48 -104.66
C LYS V 178 -9.79 37.53 -103.17
N PRO V 179 -10.49 36.58 -102.54
CA PRO V 179 -10.56 36.44 -101.10
C PRO V 179 -9.28 36.24 -100.37
N ILE V 180 -9.30 36.67 -99.08
CA ILE V 180 -8.27 36.41 -98.11
C ILE V 180 -9.08 35.72 -97.04
N TYR V 181 -8.62 34.55 -96.56
CA TYR V 181 -9.34 33.74 -95.60
C TYR V 181 -8.57 33.79 -94.32
N ALA V 182 -9.30 33.87 -93.19
CA ALA V 182 -8.75 33.88 -91.85
C ALA V 182 -8.08 32.57 -91.54
N ASP V 183 -6.84 32.63 -90.97
CA ASP V 183 -6.07 31.49 -90.53
C ASP V 183 -6.78 30.73 -89.45
N LYS V 184 -6.62 29.38 -89.46
CA LYS V 184 -7.18 28.51 -88.48
C LYS V 184 -6.60 28.79 -87.13
N THR V 185 -5.29 29.11 -87.10
CA THR V 185 -4.43 29.16 -85.94
C THR V 185 -4.85 30.14 -84.88
N PHE V 186 -5.30 31.37 -85.25
CA PHE V 186 -5.62 32.34 -84.25
C PHE V 186 -6.50 33.42 -84.84
N GLN V 187 -6.62 33.46 -86.18
CA GLN V 187 -7.04 34.66 -86.89
C GLN V 187 -8.39 35.22 -86.54
N PRO V 188 -9.50 34.50 -86.28
CA PRO V 188 -10.70 35.15 -85.75
C PRO V 188 -10.50 35.17 -84.26
N GLU V 189 -9.71 36.15 -83.80
CA GLU V 189 -9.26 36.33 -82.45
C GLU V 189 -10.43 36.52 -81.51
N PRO V 190 -10.38 36.00 -80.30
CA PRO V 190 -11.50 36.06 -79.39
C PRO V 190 -11.29 37.30 -78.56
N GLN V 191 -11.34 38.50 -79.16
CA GLN V 191 -11.02 39.72 -78.49
C GLN V 191 -11.32 40.81 -79.47
N VAL V 192 -11.71 40.46 -80.71
CA VAL V 192 -12.05 41.40 -81.74
C VAL V 192 -13.46 41.06 -82.14
N GLY V 193 -14.31 42.10 -82.26
CA GLY V 193 -15.69 41.95 -82.63
C GLY V 193 -16.11 43.27 -83.18
N GLU V 194 -17.43 43.54 -83.21
CA GLU V 194 -18.02 44.76 -83.74
C GLU V 194 -17.59 45.97 -82.92
N GLU V 195 -17.49 47.15 -83.55
CA GLU V 195 -17.19 48.39 -82.85
C GLU V 195 -18.39 49.29 -82.77
N ASN V 196 -19.60 48.80 -83.11
CA ASN V 196 -20.73 49.66 -83.33
C ASN V 196 -21.94 48.82 -83.05
N TRP V 197 -23.12 49.46 -83.15
CA TRP V 197 -24.41 48.82 -83.04
C TRP V 197 -25.18 49.28 -84.26
N GLN V 198 -24.59 50.17 -85.07
CA GLN V 198 -25.08 50.53 -86.38
C GLN V 198 -24.35 49.72 -87.42
N GLU V 199 -23.43 48.83 -86.99
CA GLU V 199 -22.79 47.87 -87.86
C GLU V 199 -23.75 46.77 -88.16
N THR V 200 -23.98 46.54 -89.48
CA THR V 200 -24.98 45.64 -90.00
C THR V 200 -24.44 44.24 -90.08
N GLU V 201 -25.36 43.25 -89.98
CA GLU V 201 -25.07 41.84 -90.05
C GLU V 201 -24.74 41.39 -91.45
N SER V 202 -23.89 40.34 -91.55
CA SER V 202 -23.46 39.80 -92.81
C SER V 202 -23.24 38.33 -92.54
N PHE V 203 -22.05 38.00 -92.01
CA PHE V 203 -21.58 36.68 -91.69
C PHE V 203 -20.75 36.92 -90.47
N TYR V 204 -20.75 35.97 -89.52
CA TYR V 204 -19.95 36.11 -88.33
C TYR V 204 -19.37 34.79 -88.01
N GLY V 205 -18.07 34.74 -87.72
CA GLY V 205 -17.36 33.57 -87.28
C GLY V 205 -16.74 33.87 -85.96
N GLY V 206 -16.28 32.82 -85.25
CA GLY V 206 -15.70 33.00 -83.95
C GLY V 206 -14.83 31.83 -83.67
N ARG V 207 -14.78 31.39 -82.39
CA ARG V 207 -13.98 30.28 -81.96
C ARG V 207 -14.84 29.59 -80.96
N ALA V 208 -14.50 28.33 -80.68
CA ALA V 208 -15.20 27.52 -79.74
C ALA V 208 -14.21 26.48 -79.37
N LEU V 209 -14.62 25.52 -78.50
CA LEU V 209 -13.74 24.52 -77.98
C LEU V 209 -14.46 23.24 -78.29
N LYS V 210 -13.73 22.11 -78.24
CA LYS V 210 -14.25 20.80 -78.54
C LYS V 210 -14.83 20.19 -77.31
N LYS V 211 -15.35 18.94 -77.45
CA LYS V 211 -15.96 18.18 -76.40
C LYS V 211 -14.91 17.40 -75.64
N ASP V 212 -13.63 17.56 -76.02
CA ASP V 212 -12.52 16.85 -75.42
C ASP V 212 -11.83 17.78 -74.47
N THR V 213 -12.34 19.01 -74.32
CA THR V 213 -11.86 20.00 -73.39
C THR V 213 -13.01 20.17 -72.47
N SER V 214 -12.82 19.81 -71.18
CA SER V 214 -13.78 19.94 -70.13
C SER V 214 -14.17 21.36 -69.88
N MET V 215 -15.44 21.57 -69.48
CA MET V 215 -16.00 22.86 -69.28
C MET V 215 -15.72 23.34 -67.90
N LYS V 216 -15.36 24.63 -67.79
CA LYS V 216 -15.18 25.33 -66.56
C LYS V 216 -15.57 26.74 -66.92
N PRO V 217 -16.20 27.54 -66.05
CA PRO V 217 -16.64 28.89 -66.35
C PRO V 217 -15.62 29.79 -66.99
N CYS V 218 -16.09 30.82 -67.73
CA CYS V 218 -15.28 31.83 -68.35
C CYS V 218 -14.46 32.53 -67.31
N TYR V 219 -15.08 32.85 -66.16
CA TYR V 219 -14.43 33.42 -65.00
C TYR V 219 -13.41 32.47 -64.48
N GLY V 220 -12.13 32.84 -64.62
CA GLY V 220 -11.03 32.18 -63.99
C GLY V 220 -10.25 31.31 -64.91
N SER V 221 -10.83 30.91 -66.07
CA SER V 221 -10.19 30.05 -67.05
C SER V 221 -9.00 30.67 -67.72
N TYR V 222 -7.99 29.81 -67.99
CA TYR V 222 -6.73 30.15 -68.59
C TYR V 222 -6.38 28.98 -69.45
N ALA V 223 -5.74 29.23 -70.59
CA ALA V 223 -5.22 28.20 -71.42
C ALA V 223 -4.00 28.82 -72.01
N ARG V 224 -2.83 28.13 -71.89
CA ARG V 224 -1.55 28.69 -72.27
C ARG V 224 -1.47 28.89 -73.76
N PRO V 225 -0.86 29.95 -74.28
CA PRO V 225 -0.51 30.04 -75.68
C PRO V 225 0.41 28.94 -76.13
N THR V 226 0.25 28.47 -77.38
CA THR V 226 1.05 27.43 -77.98
C THR V 226 1.73 28.01 -79.20
N ASN V 227 1.53 29.31 -79.46
CA ASN V 227 2.00 29.95 -80.65
C ASN V 227 2.17 31.40 -80.28
N VAL V 228 3.03 32.14 -81.00
CA VAL V 228 3.45 33.47 -80.64
C VAL V 228 2.50 34.50 -81.19
N LYS V 229 1.45 34.05 -81.91
CA LYS V 229 0.46 34.92 -82.47
C LYS V 229 -0.78 34.74 -81.66
N GLY V 230 -0.63 34.18 -80.44
CA GLY V 230 -1.69 33.95 -79.49
C GLY V 230 -2.54 32.78 -79.80
N GLY V 231 -2.05 31.80 -80.60
CA GLY V 231 -2.73 30.54 -80.80
C GLY V 231 -2.68 29.79 -79.50
N GLN V 232 -3.56 28.79 -79.30
CA GLN V 232 -3.59 28.11 -78.02
C GLN V 232 -4.20 26.77 -78.20
N ALA V 233 -4.45 26.37 -79.46
CA ALA V 233 -4.86 25.06 -79.83
C ALA V 233 -3.77 24.08 -79.59
N LYS V 234 -4.08 22.81 -79.23
CA LYS V 234 -3.10 21.75 -79.08
C LYS V 234 -2.61 21.33 -80.44
N LEU V 235 -1.56 20.46 -80.47
CA LEU V 235 -1.03 19.92 -81.69
C LEU V 235 -1.75 18.62 -81.98
N LYS V 236 -1.98 18.34 -83.28
CA LYS V 236 -2.44 17.06 -83.79
C LYS V 236 -1.42 16.00 -83.50
N VAL V 237 -1.87 14.73 -83.34
CA VAL V 237 -1.02 13.60 -83.14
C VAL V 237 -1.06 12.84 -84.44
N GLY V 238 0.12 12.52 -85.00
CA GLY V 238 0.26 11.72 -86.20
C GLY V 238 0.90 10.42 -85.83
N ALA V 239 1.72 10.43 -84.76
CA ALA V 239 2.23 9.25 -84.10
C ALA V 239 2.86 9.73 -82.82
N ASP V 240 3.07 11.06 -82.73
CA ASP V 240 3.43 11.77 -81.55
C ASP V 240 2.96 13.16 -81.87
N GLY V 241 2.60 13.96 -80.84
CA GLY V 241 2.03 15.26 -81.01
C GLY V 241 3.04 16.30 -81.36
N VAL V 242 4.23 16.22 -80.74
CA VAL V 242 5.29 17.19 -80.90
C VAL V 242 5.84 17.34 -82.31
N PRO V 243 6.21 16.32 -83.11
CA PRO V 243 6.77 16.54 -84.44
C PRO V 243 5.71 16.85 -85.46
N THR V 244 4.42 16.90 -85.06
CA THR V 244 3.32 17.22 -85.94
C THR V 244 3.05 18.64 -85.58
N LYS V 245 3.24 19.55 -86.55
CA LYS V 245 3.21 20.97 -86.28
C LYS V 245 1.87 21.56 -86.59
N GLU V 246 0.94 20.73 -87.14
CA GLU V 246 -0.43 21.12 -87.36
C GLU V 246 -1.13 21.27 -86.04
N PHE V 247 -2.07 22.23 -85.96
CA PHE V 247 -2.83 22.49 -84.77
C PHE V 247 -4.14 21.80 -84.98
N ASP V 248 -4.68 21.22 -83.88
CA ASP V 248 -5.94 20.52 -83.84
C ASP V 248 -7.06 21.53 -83.80
N ILE V 249 -7.48 22.00 -84.99
CA ILE V 249 -8.49 23.02 -85.16
C ILE V 249 -9.27 22.53 -86.33
N ASP V 250 -10.61 22.49 -86.20
CA ASP V 250 -11.53 22.02 -87.21
C ASP V 250 -12.59 23.09 -87.29
N LEU V 251 -13.39 23.08 -88.37
CA LEU V 251 -14.36 24.12 -88.64
C LEU V 251 -15.70 23.45 -88.56
N ALA V 252 -16.64 24.09 -87.83
CA ALA V 252 -18.00 23.65 -87.71
C ALA V 252 -18.83 24.78 -88.23
N PHE V 253 -19.80 24.50 -89.11
CA PHE V 253 -20.58 25.52 -89.78
C PHE V 253 -21.97 25.35 -89.29
N PHE V 254 -22.73 26.46 -89.25
CA PHE V 254 -24.05 26.48 -88.68
C PHE V 254 -24.76 27.50 -89.52
N ASP V 255 -26.09 27.33 -89.66
CA ASP V 255 -26.90 28.15 -90.51
C ASP V 255 -28.25 28.21 -89.85
N THR V 256 -28.84 29.42 -89.75
CA THR V 256 -30.14 29.65 -89.19
C THR V 256 -31.20 28.96 -90.05
N PRO V 257 -32.26 28.37 -89.51
CA PRO V 257 -33.28 27.71 -90.31
C PRO V 257 -34.13 28.76 -90.97
N GLY V 258 -34.21 29.96 -90.36
CA GLY V 258 -34.89 31.15 -90.82
C GLY V 258 -36.32 30.94 -91.23
N GLY V 259 -36.78 31.82 -92.16
CA GLY V 259 -38.07 31.77 -92.79
C GLY V 259 -38.00 30.82 -93.95
N THR V 260 -38.25 31.35 -95.17
CA THR V 260 -38.11 30.64 -96.42
C THR V 260 -36.81 31.07 -97.08
N VAL V 261 -35.97 31.81 -96.34
CA VAL V 261 -34.64 32.21 -96.75
C VAL V 261 -33.75 31.78 -95.63
N ASN V 262 -32.56 31.22 -95.98
CA ASN V 262 -31.57 30.63 -95.10
C ASN V 262 -32.00 29.26 -94.68
N GLY V 263 -31.00 28.38 -94.45
CA GLY V 263 -31.22 26.99 -94.17
C GLY V 263 -30.93 26.22 -95.43
N GLN V 264 -31.88 25.32 -95.80
CA GLN V 264 -31.81 24.52 -97.01
C GLN V 264 -32.75 25.13 -98.01
N ASP V 265 -33.59 26.10 -97.56
CA ASP V 265 -34.48 26.88 -98.40
C ASP V 265 -33.68 27.70 -99.36
N GLU V 266 -32.60 28.31 -98.83
CA GLU V 266 -31.55 28.89 -99.62
C GLU V 266 -30.34 28.52 -98.82
N TYR V 267 -29.33 27.90 -99.48
CA TYR V 267 -28.12 27.43 -98.85
C TYR V 267 -27.33 28.61 -98.33
N LYS V 268 -26.83 28.46 -97.08
CA LYS V 268 -26.03 29.47 -96.43
C LYS V 268 -25.16 28.73 -95.47
N ALA V 269 -24.24 29.49 -94.87
CA ALA V 269 -23.62 29.15 -93.63
C ALA V 269 -23.46 30.52 -93.06
N ASP V 270 -24.02 30.76 -91.87
CA ASP V 270 -24.11 32.08 -91.29
C ASP V 270 -23.08 32.20 -90.22
N ILE V 271 -22.57 31.06 -89.71
CA ILE V 271 -21.64 31.05 -88.62
C ILE V 271 -20.67 29.95 -88.90
N VAL V 272 -19.37 30.23 -88.66
CA VAL V 272 -18.31 29.27 -88.63
C VAL V 272 -17.72 29.39 -87.24
N MET V 273 -17.42 28.27 -86.56
CA MET V 273 -16.72 28.25 -85.30
C MET V 273 -15.50 27.43 -85.51
N TYR V 274 -14.34 27.99 -85.11
CA TYR V 274 -13.07 27.34 -85.17
C TYR V 274 -12.89 26.60 -83.86
N THR V 275 -13.46 25.38 -83.78
CA THR V 275 -13.39 24.44 -82.69
C THR V 275 -11.97 23.96 -82.47
N GLU V 276 -11.52 23.76 -81.20
CA GLU V 276 -10.16 23.36 -80.96
C GLU V 276 -10.07 22.75 -79.59
N ASN V 277 -9.02 21.92 -79.35
CA ASN V 277 -8.60 21.52 -78.03
C ASN V 277 -7.70 22.58 -77.52
N THR V 278 -7.57 22.71 -76.19
CA THR V 278 -6.73 23.72 -75.60
C THR V 278 -6.38 23.16 -74.25
N TYR V 279 -5.36 23.74 -73.56
CA TYR V 279 -4.92 23.32 -72.25
C TYR V 279 -5.62 24.14 -71.20
N LEU V 280 -6.97 24.09 -71.16
CA LEU V 280 -7.82 24.79 -70.21
C LEU V 280 -7.54 24.34 -68.80
N GLU V 281 -7.49 25.31 -67.86
CA GLU V 281 -7.18 25.08 -66.49
C GLU V 281 -7.66 26.31 -65.76
N THR V 282 -7.92 26.18 -64.45
CA THR V 282 -8.25 27.30 -63.59
C THR V 282 -7.15 27.31 -62.57
N PRO V 283 -6.18 28.21 -62.55
CA PRO V 283 -5.00 28.01 -61.72
C PRO V 283 -5.11 28.91 -60.54
N ASP V 284 -6.34 29.35 -60.18
CA ASP V 284 -6.51 30.24 -59.06
C ASP V 284 -7.98 30.33 -58.75
N THR V 285 -8.80 29.40 -59.30
CA THR V 285 -10.25 29.47 -59.17
C THR V 285 -10.63 28.07 -58.82
N HIS V 286 -11.86 27.89 -58.31
CA HIS V 286 -12.38 26.60 -57.97
C HIS V 286 -13.84 26.65 -58.23
N VAL V 287 -14.41 25.57 -58.80
CA VAL V 287 -15.81 25.45 -59.12
C VAL V 287 -16.52 25.10 -57.85
N VAL V 288 -17.42 25.98 -57.39
CA VAL V 288 -18.04 25.92 -56.09
C VAL V 288 -19.47 25.48 -56.25
N TYR V 289 -19.96 25.38 -57.49
CA TYR V 289 -21.27 24.86 -57.75
C TYR V 289 -21.12 24.12 -59.03
N LYS V 290 -21.57 22.85 -59.03
CA LYS V 290 -21.69 22.10 -60.24
C LYS V 290 -22.87 21.23 -59.95
N PRO V 291 -23.79 20.99 -60.87
CA PRO V 291 -24.99 20.22 -60.55
C PRO V 291 -24.74 18.81 -60.98
N GLY V 292 -23.73 18.59 -61.85
CA GLY V 292 -23.32 17.28 -62.27
C GLY V 292 -22.47 16.64 -61.23
N LYS V 293 -22.06 15.38 -61.51
CA LYS V 293 -21.12 14.64 -60.73
C LYS V 293 -20.06 14.17 -61.68
N ASP V 294 -20.11 14.69 -62.94
CA ASP V 294 -19.18 14.41 -64.01
C ASP V 294 -18.55 15.73 -64.35
N ASP V 295 -17.30 15.68 -64.86
CA ASP V 295 -16.56 16.86 -65.21
C ASP V 295 -16.53 16.93 -66.71
N ALA V 296 -17.05 15.88 -67.39
CA ALA V 296 -17.22 15.82 -68.83
C ALA V 296 -18.23 16.84 -69.28
N SER V 297 -18.02 17.40 -70.50
CA SER V 297 -18.82 18.43 -71.09
C SER V 297 -20.25 17.97 -71.27
N SER V 298 -21.21 18.86 -70.95
CA SER V 298 -22.62 18.54 -70.90
C SER V 298 -23.32 19.85 -70.97
N GLU V 299 -24.65 19.83 -71.19
CA GLU V 299 -25.51 21.00 -71.13
C GLU V 299 -25.68 21.40 -69.67
N ILE V 300 -25.53 20.39 -68.79
CA ILE V 300 -25.53 20.43 -67.35
C ILE V 300 -24.39 21.29 -66.86
N ASN V 301 -23.20 21.19 -67.51
CA ASN V 301 -21.99 21.83 -67.06
C ASN V 301 -21.82 23.15 -67.75
N LEU V 302 -22.88 23.67 -68.42
CA LEU V 302 -22.92 25.05 -68.83
C LEU V 302 -23.22 25.92 -67.65
N VAL V 303 -23.82 25.36 -66.59
CA VAL V 303 -24.13 26.11 -65.40
C VAL V 303 -23.22 25.58 -64.36
N GLN V 304 -22.23 26.40 -63.98
CA GLN V 304 -21.31 26.12 -62.92
C GLN V 304 -20.97 27.49 -62.44
N GLN V 305 -20.63 27.64 -61.14
CA GLN V 305 -20.25 28.90 -60.57
C GLN V 305 -18.87 28.63 -60.12
N SER V 306 -18.01 29.65 -60.18
CA SER V 306 -16.62 29.51 -59.86
C SER V 306 -16.24 30.79 -59.21
N MET V 307 -15.44 30.70 -58.13
CA MET V 307 -15.15 31.80 -57.25
C MET V 307 -13.69 31.62 -56.94
N PRO V 308 -12.93 32.71 -56.82
CA PRO V 308 -11.50 32.66 -56.62
C PRO V 308 -11.10 31.97 -55.37
N ASN V 309 -9.85 31.48 -55.33
CA ASN V 309 -9.29 30.84 -54.17
C ASN V 309 -9.00 31.88 -53.14
N ARG V 310 -8.84 31.47 -51.87
CA ARG V 310 -8.56 32.35 -50.77
C ARG V 310 -7.25 33.08 -50.97
N PRO V 311 -7.10 34.38 -50.73
CA PRO V 311 -5.81 35.02 -50.61
C PRO V 311 -5.03 34.37 -49.50
N ASN V 312 -3.76 34.01 -49.74
CA ASN V 312 -2.97 33.26 -48.84
C ASN V 312 -1.57 33.76 -49.03
N TYR V 313 -1.26 34.93 -48.46
CA TYR V 313 0.06 35.53 -48.45
C TYR V 313 0.97 34.68 -47.62
N ILE V 314 2.20 34.42 -48.09
CA ILE V 314 3.19 33.62 -47.38
C ILE V 314 4.40 34.49 -47.43
N GLY V 315 5.04 34.74 -46.28
CA GLY V 315 6.27 35.49 -46.21
C GLY V 315 7.13 34.83 -45.18
N PHE V 316 8.01 35.62 -44.54
CA PHE V 316 8.81 35.22 -43.40
C PHE V 316 8.09 35.75 -42.20
N ARG V 317 8.68 35.63 -40.98
CA ARG V 317 8.13 36.14 -39.76
C ARG V 317 8.65 37.52 -39.49
N ASP V 318 8.13 38.16 -38.42
CA ASP V 318 8.23 39.57 -38.09
C ASP V 318 9.61 40.15 -38.06
N ASN V 319 10.65 39.37 -37.70
CA ASN V 319 12.00 39.85 -37.58
C ASN V 319 12.87 38.68 -37.88
N PHE V 320 12.31 37.67 -38.56
CA PHE V 320 12.94 36.42 -38.91
C PHE V 320 12.88 35.57 -37.69
N ILE V 321 11.67 35.49 -37.08
CA ILE V 321 11.39 34.74 -35.88
C ILE V 321 11.45 33.30 -36.29
N GLY V 322 12.02 32.43 -35.42
CA GLY V 322 12.07 31.00 -35.61
C GLY V 322 12.92 30.59 -36.75
N LEU V 323 14.02 31.32 -37.01
CA LEU V 323 14.95 31.00 -38.07
C LEU V 323 16.27 30.74 -37.42
N MET V 324 16.44 31.15 -36.15
CA MET V 324 17.60 30.89 -35.36
C MET V 324 17.06 30.28 -34.12
N TYR V 325 17.64 29.15 -33.67
CA TYR V 325 17.30 28.52 -32.42
C TYR V 325 17.71 29.38 -31.28
N TYR V 326 16.77 29.61 -30.34
CA TYR V 326 16.99 30.32 -29.13
C TYR V 326 16.16 29.58 -28.16
N ASN V 327 16.69 29.40 -26.92
CA ASN V 327 15.96 28.93 -25.78
C ASN V 327 15.59 27.50 -25.98
N SER V 328 16.56 26.74 -26.52
CA SER V 328 16.37 25.37 -26.89
C SER V 328 17.66 24.81 -26.42
N THR V 329 17.62 23.76 -25.58
CA THR V 329 18.79 23.12 -25.08
C THR V 329 18.90 21.93 -26.00
N GLY V 330 19.97 21.91 -26.79
CA GLY V 330 20.26 20.86 -27.72
C GLY V 330 20.53 21.47 -29.05
N ASN V 331 20.41 22.82 -29.16
CA ASN V 331 20.64 23.56 -30.37
C ASN V 331 21.01 24.93 -29.89
N MET V 332 21.96 25.00 -28.94
CA MET V 332 22.37 26.22 -28.31
C MET V 332 23.56 26.74 -29.05
N GLY V 333 23.54 28.04 -29.44
CA GLY V 333 24.64 28.70 -30.12
C GLY V 333 25.68 29.04 -29.11
N VAL V 334 26.97 29.05 -29.53
CA VAL V 334 28.06 29.22 -28.59
C VAL V 334 28.86 30.40 -29.02
N LEU V 335 29.16 31.33 -28.09
CA LEU V 335 30.17 32.34 -28.26
C LEU V 335 31.24 31.90 -27.32
N ALA V 336 32.47 31.64 -27.79
CA ALA V 336 33.48 31.12 -26.92
C ALA V 336 34.74 31.85 -27.22
N GLY V 337 35.72 31.76 -26.30
CA GLY V 337 37.02 32.38 -26.40
C GLY V 337 37.89 31.71 -27.40
N GLN V 338 39.17 32.13 -27.41
CA GLN V 338 40.25 31.66 -28.25
C GLN V 338 40.56 30.19 -28.03
N ALA V 339 40.57 29.76 -26.75
CA ALA V 339 40.97 28.42 -26.41
C ALA V 339 40.50 28.15 -25.02
N SER V 340 39.60 29.02 -24.49
CA SER V 340 39.00 28.89 -23.18
C SER V 340 38.14 27.66 -23.08
N GLN V 341 37.32 27.40 -24.14
CA GLN V 341 36.48 26.24 -24.31
C GLN V 341 35.24 26.37 -23.46
N LEU V 342 34.89 27.62 -23.10
CA LEU V 342 33.78 27.91 -22.23
C LEU V 342 32.82 28.68 -23.07
N ASN V 343 31.54 28.25 -23.05
CA ASN V 343 30.43 28.97 -23.62
C ASN V 343 30.20 30.24 -22.84
N ALA V 344 29.78 31.30 -23.54
CA ALA V 344 29.51 32.60 -22.98
C ALA V 344 28.07 32.88 -23.29
N VAL V 345 27.33 31.83 -23.74
CA VAL V 345 25.93 31.86 -24.03
C VAL V 345 25.38 30.73 -23.22
N VAL V 346 24.34 31.00 -22.40
CA VAL V 346 23.60 30.00 -21.68
C VAL V 346 22.19 30.18 -22.12
N ASP V 347 21.54 29.12 -22.63
CA ASP V 347 20.17 29.17 -23.09
C ASP V 347 19.42 28.29 -22.15
N LEU V 348 18.24 28.77 -21.71
CA LEU V 348 17.39 28.12 -20.76
C LEU V 348 16.08 28.00 -21.47
N GLN V 349 15.35 26.89 -21.25
CA GLN V 349 14.04 26.64 -21.84
C GLN V 349 13.04 27.67 -21.40
N ASP V 350 13.09 28.04 -20.09
CA ASP V 350 12.18 28.95 -19.44
C ASP V 350 12.69 30.35 -19.57
N ARG V 351 12.97 30.78 -20.81
CA ARG V 351 13.35 32.11 -21.16
C ARG V 351 12.83 32.30 -22.55
N ASN V 352 12.54 33.56 -22.96
CA ASN V 352 11.99 33.82 -24.25
C ASN V 352 12.68 35.06 -24.74
N THR V 353 13.51 34.94 -25.80
CA THR V 353 14.30 36.03 -26.31
C THR V 353 13.75 36.53 -27.60
N GLU V 354 12.68 35.89 -28.13
CA GLU V 354 12.08 36.35 -29.35
C GLU V 354 10.83 37.09 -29.05
N LEU V 355 10.35 37.08 -27.78
CA LEU V 355 9.21 37.87 -27.39
C LEU V 355 9.70 39.10 -26.72
N SER V 356 10.96 39.12 -26.27
CA SER V 356 11.52 40.23 -25.56
C SER V 356 12.22 41.13 -26.53
N TYR V 357 12.20 40.76 -27.83
CA TYR V 357 12.83 41.51 -28.89
C TYR V 357 11.71 42.16 -29.67
N GLN V 358 10.44 41.90 -29.29
CA GLN V 358 9.29 42.55 -29.87
C GLN V 358 8.95 43.72 -29.01
N LEU V 359 9.25 43.61 -27.70
CA LEU V 359 8.90 44.60 -26.73
C LEU V 359 10.05 45.53 -26.55
N LEU V 360 11.19 45.27 -27.22
CA LEU V 360 12.38 46.07 -27.10
C LEU V 360 12.49 46.87 -28.36
N LEU V 361 11.77 46.49 -29.45
CA LEU V 361 11.73 47.26 -30.66
C LEU V 361 10.55 48.18 -30.67
N ASP V 362 9.64 48.04 -29.69
CA ASP V 362 8.61 49.01 -29.48
C ASP V 362 8.72 49.35 -28.04
N SER V 363 9.39 50.46 -27.80
CA SER V 363 9.99 50.99 -26.58
C SER V 363 11.13 51.88 -27.02
N LEU V 364 11.87 51.40 -28.02
CA LEU V 364 12.93 52.08 -28.72
C LEU V 364 12.39 52.78 -29.98
N GLY V 365 11.96 52.04 -31.00
CA GLY V 365 11.49 52.54 -32.27
C GLY V 365 10.00 52.65 -32.32
N ASP V 366 9.48 52.79 -33.56
CA ASP V 366 8.08 52.74 -33.90
C ASP V 366 8.00 51.57 -34.83
N ARG V 367 6.96 50.73 -34.66
CA ARG V 367 6.80 49.55 -35.48
C ARG V 367 5.94 49.84 -36.67
N THR V 368 5.46 51.09 -36.81
CA THR V 368 4.65 51.52 -37.93
C THR V 368 5.54 51.73 -39.14
N ARG V 369 6.85 51.98 -38.91
CA ARG V 369 7.83 52.12 -39.95
C ARG V 369 8.35 50.74 -40.27
N TYR V 370 8.51 50.44 -41.58
CA TYR V 370 8.91 49.14 -42.06
C TYR V 370 10.34 49.22 -42.46
N PHE V 371 11.12 48.20 -42.04
CA PHE V 371 12.52 48.10 -42.26
C PHE V 371 12.64 46.81 -43.00
N SER V 372 13.60 46.68 -43.93
CA SER V 372 13.64 45.56 -44.84
C SER V 372 14.92 44.85 -44.61
N MET V 373 15.95 45.59 -44.11
CA MET V 373 17.28 45.09 -43.85
C MET V 373 17.23 43.98 -42.86
N TRP V 374 16.45 44.15 -41.78
CA TRP V 374 16.28 43.14 -40.76
C TRP V 374 14.86 42.67 -40.75
N ASN V 375 14.04 43.21 -41.66
CA ASN V 375 12.73 42.74 -42.01
C ASN V 375 11.72 43.00 -40.93
N GLN V 376 11.78 44.20 -40.30
CA GLN V 376 10.80 44.66 -39.35
C GLN V 376 9.51 44.96 -40.08
N ALA V 377 8.38 44.64 -39.46
CA ALA V 377 7.06 44.72 -40.02
C ALA V 377 6.26 43.92 -39.05
N VAL V 378 5.36 44.59 -38.32
CA VAL V 378 4.67 44.01 -37.20
C VAL V 378 3.37 43.53 -37.74
N ASP V 379 2.87 42.37 -37.23
CA ASP V 379 1.56 41.88 -37.56
C ASP V 379 0.51 42.84 -37.06
N SER V 380 -0.57 42.97 -37.84
CA SER V 380 -1.55 44.01 -37.71
C SER V 380 -2.83 43.40 -38.17
N TYR V 381 -3.94 44.17 -38.05
CA TYR V 381 -5.23 43.78 -38.52
C TYR V 381 -5.90 45.09 -38.77
N ASP V 382 -6.97 45.10 -39.60
CA ASP V 382 -7.74 46.29 -39.83
C ASP V 382 -8.75 46.31 -38.71
N PRO V 383 -8.92 47.36 -37.92
CA PRO V 383 -9.86 47.38 -36.81
C PRO V 383 -11.28 47.58 -37.28
N ASP V 384 -11.52 47.56 -38.61
CA ASP V 384 -12.82 47.65 -39.22
C ASP V 384 -13.22 46.27 -39.65
N VAL V 385 -12.37 45.26 -39.35
CA VAL V 385 -12.62 43.88 -39.65
C VAL V 385 -12.71 43.20 -38.33
N ARG V 386 -11.84 43.58 -37.36
CA ARG V 386 -11.90 43.11 -36.00
C ARG V 386 -13.13 43.58 -35.30
N ILE V 387 -13.57 44.84 -35.55
CA ILE V 387 -14.78 45.37 -34.99
C ILE V 387 -15.54 45.95 -36.14
N ILE V 388 -16.73 45.39 -36.46
CA ILE V 388 -17.59 45.89 -37.51
C ILE V 388 -18.22 47.14 -36.93
N GLU V 389 -18.02 48.32 -37.55
CA GLU V 389 -18.59 49.58 -37.15
C GLU V 389 -19.70 49.88 -38.11
N ASN V 390 -20.75 49.02 -38.12
CA ASN V 390 -21.79 49.05 -39.11
C ASN V 390 -22.56 50.35 -39.02
N HIS V 391 -22.80 50.98 -40.17
CA HIS V 391 -23.47 52.25 -40.26
C HIS V 391 -24.40 52.18 -41.44
N GLY V 392 -24.62 50.97 -42.01
CA GLY V 392 -25.43 50.77 -43.18
C GLY V 392 -24.82 51.35 -44.42
N VAL V 393 -25.60 51.29 -45.52
CA VAL V 393 -25.25 51.72 -46.84
C VAL V 393 -25.38 53.22 -46.89
N GLU V 394 -24.92 53.86 -47.99
CA GLU V 394 -24.88 55.29 -48.12
C GLU V 394 -25.74 55.73 -49.27
N ASP V 395 -26.47 54.79 -49.93
CA ASP V 395 -27.30 55.11 -51.07
C ASP V 395 -28.65 55.48 -50.56
N GLU V 396 -29.03 56.74 -50.84
CA GLU V 396 -30.36 57.25 -50.69
C GLU V 396 -30.75 57.77 -52.04
N LEU V 397 -29.90 57.52 -53.06
CA LEU V 397 -30.05 58.01 -54.41
C LEU V 397 -29.90 56.77 -55.28
N PRO V 398 -30.87 56.31 -56.05
CA PRO V 398 -30.76 55.17 -56.95
C PRO V 398 -29.76 55.37 -58.05
N ASN V 399 -29.10 54.27 -58.50
CA ASN V 399 -28.07 54.31 -59.52
C ASN V 399 -28.59 53.41 -60.60
N TYR V 400 -28.19 53.63 -61.86
CA TYR V 400 -28.85 53.06 -63.01
C TYR V 400 -27.87 52.74 -64.09
N CYS V 401 -28.15 51.64 -64.84
CA CYS V 401 -27.44 51.27 -66.05
C CYS V 401 -28.36 51.67 -67.16
N PHE V 402 -27.82 51.88 -68.38
CA PHE V 402 -28.56 52.35 -69.52
C PHE V 402 -27.91 51.67 -70.68
N PRO V 403 -28.61 51.26 -71.73
CA PRO V 403 -28.03 50.59 -72.89
C PRO V 403 -26.99 51.44 -73.59
N LEU V 404 -26.10 50.82 -74.38
CA LEU V 404 -25.04 51.48 -75.13
C LEU V 404 -25.59 52.50 -76.09
N ASP V 405 -26.75 52.18 -76.72
CA ASP V 405 -27.47 52.99 -77.67
C ASP V 405 -27.92 54.27 -77.02
N GLY V 406 -28.37 54.17 -75.75
CA GLY V 406 -28.83 55.27 -74.95
C GLY V 406 -30.22 55.65 -75.33
N SER V 407 -31.06 54.68 -75.75
CA SER V 407 -32.36 54.99 -76.30
C SER V 407 -33.29 53.82 -76.12
N GLY V 408 -32.83 52.72 -75.50
CA GLY V 408 -33.63 51.53 -75.26
C GLY V 408 -34.18 50.90 -76.51
N THR V 409 -35.30 50.16 -76.37
CA THR V 409 -36.04 49.58 -77.47
C THR V 409 -36.61 50.66 -78.35
N ASN V 410 -36.58 50.44 -79.68
CA ASN V 410 -36.99 51.41 -80.65
C ASN V 410 -37.87 50.67 -81.62
N ALA V 411 -38.71 51.41 -82.37
CA ALA V 411 -39.53 50.83 -83.39
C ALA V 411 -39.54 51.83 -84.50
N ALA V 412 -39.95 51.38 -85.72
CA ALA V 412 -40.20 52.21 -86.87
C ALA V 412 -41.35 53.14 -86.66
N TYR V 413 -41.23 54.37 -87.17
CA TYR V 413 -42.31 55.30 -87.27
C TYR V 413 -42.05 55.98 -88.59
N GLN V 414 -43.03 55.98 -89.51
CA GLN V 414 -43.04 56.82 -90.68
C GLN V 414 -43.22 58.27 -90.31
N GLY V 415 -42.66 59.21 -91.11
CA GLY V 415 -43.02 60.62 -91.04
C GLY V 415 -44.43 60.86 -91.52
N VAL V 416 -45.13 61.83 -90.89
CA VAL V 416 -46.45 62.26 -91.31
C VAL V 416 -46.44 63.76 -91.17
N LYS V 417 -47.44 64.45 -91.75
CA LYS V 417 -47.51 65.89 -91.69
C LYS V 417 -48.96 66.23 -91.74
N VAL V 418 -49.33 67.41 -91.18
CA VAL V 418 -50.67 67.94 -91.19
C VAL V 418 -51.04 68.44 -92.56
N LYS V 419 -52.35 68.45 -92.83
CA LYS V 419 -52.98 69.05 -93.97
C LYS V 419 -54.22 69.62 -93.35
N ASN V 420 -54.54 70.91 -93.63
CA ASN V 420 -55.67 71.62 -93.10
C ASN V 420 -55.38 72.08 -91.69
N GLY V 421 -56.01 73.22 -91.31
CA GLY V 421 -55.90 73.79 -89.99
C GLY V 421 -56.80 73.08 -89.03
N ASN V 422 -57.32 73.85 -88.05
CA ASN V 422 -58.22 73.43 -87.00
C ASN V 422 -57.51 72.64 -85.93
N ASP V 423 -57.98 72.83 -84.67
CA ASP V 423 -57.53 72.07 -83.52
C ASP V 423 -58.26 70.75 -83.54
N GLY V 424 -57.59 69.72 -82.97
CA GLY V 424 -58.03 68.35 -83.07
C GLY V 424 -57.47 67.75 -84.32
N ASP V 425 -57.18 66.44 -84.26
CA ASP V 425 -56.63 65.69 -85.36
C ASP V 425 -57.73 65.03 -86.13
N VAL V 426 -59.01 65.33 -85.81
CA VAL V 426 -60.15 64.78 -86.51
C VAL V 426 -60.64 65.82 -87.50
N GLU V 427 -60.18 67.09 -87.37
CA GLU V 427 -60.48 68.17 -88.28
C GLU V 427 -59.21 68.55 -89.00
N SER V 428 -58.18 67.68 -88.88
CA SER V 428 -56.96 67.78 -89.63
C SER V 428 -56.83 66.42 -90.25
N GLU V 429 -56.06 66.37 -91.35
CA GLU V 429 -55.86 65.17 -92.12
C GLU V 429 -54.40 64.95 -92.03
N TRP V 430 -53.97 63.69 -92.11
CA TRP V 430 -52.60 63.34 -91.85
C TRP V 430 -52.19 62.47 -92.98
N GLU V 431 -51.23 62.98 -93.78
CA GLU V 431 -50.77 62.38 -94.98
C GLU V 431 -49.31 62.09 -94.79
N ASN V 432 -48.86 60.98 -95.39
CA ASN V 432 -47.52 60.46 -95.37
C ASN V 432 -46.54 61.44 -95.95
N ASP V 433 -45.53 61.85 -95.16
CA ASP V 433 -44.52 62.77 -95.58
C ASP V 433 -43.45 61.95 -96.28
N ASP V 434 -42.98 62.44 -97.44
CA ASP V 434 -42.02 61.73 -98.26
C ASP V 434 -40.68 62.40 -98.15
N THR V 435 -40.60 63.55 -97.44
CA THR V 435 -39.35 64.26 -97.24
C THR V 435 -38.67 63.63 -96.05
N VAL V 436 -39.47 63.02 -95.15
CA VAL V 436 -39.04 62.35 -93.97
C VAL V 436 -39.28 60.90 -94.30
N ALA V 437 -38.18 60.12 -94.48
CA ALA V 437 -38.25 58.73 -94.87
C ALA V 437 -38.83 57.89 -93.79
N ALA V 438 -39.47 56.76 -94.20
CA ALA V 438 -40.05 55.74 -93.38
C ALA V 438 -39.01 55.07 -92.52
N ARG V 439 -39.43 54.56 -91.34
CA ARG V 439 -38.58 53.83 -90.43
C ARG V 439 -37.58 54.70 -89.72
N ASN V 440 -38.07 55.37 -88.66
CA ASN V 440 -37.30 56.24 -87.81
C ASN V 440 -37.35 55.56 -86.49
N GLN V 441 -36.17 55.31 -85.89
CA GLN V 441 -36.05 54.51 -84.71
C GLN V 441 -36.17 55.42 -83.52
N LEU V 442 -37.37 55.44 -82.90
CA LEU V 442 -37.73 56.39 -81.90
C LEU V 442 -38.26 55.58 -80.76
N CYS V 443 -38.24 56.16 -79.54
CA CYS V 443 -38.70 55.49 -78.34
C CYS V 443 -39.73 56.39 -77.74
N LYS V 444 -40.63 55.81 -76.92
CA LYS V 444 -41.68 56.50 -76.20
C LYS V 444 -41.42 56.32 -74.75
N GLY V 445 -41.69 57.39 -73.95
CA GLY V 445 -41.37 57.44 -72.54
C GLY V 445 -39.90 57.31 -72.26
N ASN V 446 -39.57 57.09 -70.97
CA ASN V 446 -38.23 56.98 -70.44
C ASN V 446 -37.48 55.84 -71.06
N ILE V 447 -36.14 55.98 -71.16
CA ILE V 447 -35.26 54.98 -71.70
C ILE V 447 -35.13 53.84 -70.73
N PHE V 448 -34.90 52.62 -71.26
CA PHE V 448 -34.71 51.39 -70.52
C PHE V 448 -33.52 51.47 -69.57
N ALA V 449 -33.63 50.87 -68.37
CA ALA V 449 -32.57 50.91 -67.40
C ALA V 449 -32.69 49.73 -66.49
N MET V 450 -31.54 49.33 -65.90
CA MET V 450 -31.47 48.42 -64.78
C MET V 450 -31.16 49.31 -63.60
N GLU V 451 -31.46 48.86 -62.37
CA GLU V 451 -31.21 49.59 -61.16
C GLU V 451 -30.39 48.74 -60.21
N ILE V 452 -29.32 49.33 -59.61
CA ILE V 452 -28.40 48.62 -58.76
C ILE V 452 -28.02 49.62 -57.71
N ASN V 453 -27.81 49.15 -56.45
CA ASN V 453 -27.38 49.99 -55.37
C ASN V 453 -25.95 49.63 -55.15
N LEU V 454 -25.03 50.48 -55.63
CA LEU V 454 -23.62 50.23 -55.61
C LEU V 454 -23.08 50.17 -54.20
N GLN V 455 -23.56 51.04 -53.30
CA GLN V 455 -23.16 51.08 -51.92
C GLN V 455 -23.47 49.84 -51.15
N ALA V 456 -24.68 49.28 -51.36
CA ALA V 456 -25.17 48.10 -50.71
C ALA V 456 -24.35 46.90 -51.03
N ASN V 457 -24.02 46.75 -52.33
CA ASN V 457 -23.15 45.76 -52.89
C ASN V 457 -21.74 45.86 -52.38
N LEU V 458 -21.18 47.08 -52.28
CA LEU V 458 -19.83 47.32 -51.84
C LEU V 458 -19.63 46.88 -50.42
N TRP V 459 -20.60 47.19 -49.53
CA TRP V 459 -20.62 46.83 -48.14
C TRP V 459 -20.72 45.33 -47.96
N ARG V 460 -21.56 44.67 -48.77
CA ARG V 460 -21.81 43.25 -48.74
C ARG V 460 -20.58 42.46 -49.09
N SER V 461 -19.82 42.91 -50.10
CA SER V 461 -18.62 42.27 -50.57
C SER V 461 -17.49 42.49 -49.62
N PHE V 462 -17.47 43.63 -48.90
CA PHE V 462 -16.48 43.91 -47.89
C PHE V 462 -16.57 42.94 -46.76
N LEU V 463 -17.79 42.65 -46.27
CA LEU V 463 -17.95 41.85 -45.09
C LEU V 463 -17.88 40.40 -45.42
N TYR V 464 -18.25 40.01 -46.64
CA TYR V 464 -18.18 38.64 -47.06
C TYR V 464 -16.77 38.14 -47.11
N SER V 465 -15.84 38.98 -47.61
CA SER V 465 -14.52 38.55 -47.94
C SER V 465 -13.56 38.87 -46.83
N ASN V 466 -14.05 39.49 -45.74
CA ASN V 466 -13.22 39.84 -44.62
C ASN V 466 -13.78 39.03 -43.50
N VAL V 467 -14.78 39.55 -42.78
CA VAL V 467 -15.27 38.98 -41.55
C VAL V 467 -15.83 37.57 -41.68
N ALA V 468 -16.64 37.32 -42.73
CA ALA V 468 -17.41 36.12 -42.85
C ALA V 468 -16.62 34.95 -43.34
N LEU V 469 -15.51 35.21 -44.04
CA LEU V 469 -14.74 34.20 -44.73
C LEU V 469 -13.84 33.48 -43.77
N TYR V 470 -13.61 34.08 -42.59
CA TYR V 470 -12.67 33.64 -41.59
C TYR V 470 -13.41 33.10 -40.40
N LEU V 471 -14.74 32.89 -40.50
CA LEU V 471 -15.53 32.19 -39.52
C LEU V 471 -15.07 30.76 -39.34
N PRO V 472 -15.18 30.14 -38.17
CA PRO V 472 -14.87 28.73 -37.93
C PRO V 472 -15.52 27.76 -38.88
N ASP V 473 -14.97 26.52 -38.93
CA ASP V 473 -15.33 25.42 -39.80
C ASP V 473 -16.78 25.03 -39.66
N SER V 474 -17.31 25.08 -38.41
CA SER V 474 -18.65 24.66 -38.05
C SER V 474 -19.70 25.42 -38.82
N TYR V 475 -19.47 26.73 -39.05
CA TYR V 475 -20.40 27.60 -39.71
C TYR V 475 -20.41 27.40 -41.20
N LYS V 476 -19.33 26.83 -41.76
CA LYS V 476 -19.23 26.52 -43.17
C LYS V 476 -19.84 25.18 -43.40
N TYR V 477 -19.88 24.77 -44.68
CA TYR V 477 -20.43 23.51 -45.09
C TYR V 477 -19.72 23.25 -46.39
N THR V 478 -19.65 21.98 -46.81
CA THR V 478 -19.06 21.60 -48.08
C THR V 478 -20.22 21.52 -49.05
N PRO V 479 -20.16 22.05 -50.27
CA PRO V 479 -21.10 21.76 -51.36
C PRO V 479 -21.34 20.29 -51.57
N ALA V 480 -22.49 19.89 -52.15
CA ALA V 480 -22.91 18.50 -52.14
C ALA V 480 -22.39 17.70 -53.31
N ASN V 481 -21.67 18.33 -54.25
CA ASN V 481 -21.17 17.66 -55.43
C ASN V 481 -19.68 17.84 -55.47
N ILE V 482 -19.10 18.37 -54.38
CA ILE V 482 -17.69 18.68 -54.25
C ILE V 482 -17.21 17.80 -53.13
N THR V 483 -16.02 17.19 -53.33
CA THR V 483 -15.35 16.36 -52.35
C THR V 483 -14.04 17.06 -52.05
N LEU V 484 -13.68 17.12 -50.75
CA LEU V 484 -12.51 17.84 -50.29
C LEU V 484 -11.70 16.89 -49.46
N PRO V 485 -10.41 17.10 -49.26
CA PRO V 485 -9.56 16.27 -48.42
C PRO V 485 -10.02 16.07 -47.01
N THR V 486 -9.59 14.94 -46.41
CA THR V 486 -9.83 14.56 -45.04
C THR V 486 -9.19 15.51 -44.07
N ASN V 487 -7.93 15.93 -44.37
CA ASN V 487 -7.15 16.86 -43.57
C ASN V 487 -7.86 18.20 -43.53
N THR V 488 -7.79 18.90 -42.38
CA THR V 488 -8.52 20.11 -42.15
C THR V 488 -7.55 21.25 -42.06
N ASN V 489 -6.23 20.97 -42.19
CA ASN V 489 -5.19 21.96 -42.08
C ASN V 489 -4.63 22.16 -43.44
N THR V 490 -5.04 21.33 -44.43
CA THR V 490 -4.63 21.49 -45.80
C THR V 490 -5.39 22.65 -46.37
N TYR V 491 -4.76 23.35 -47.34
CA TYR V 491 -5.29 24.52 -47.99
C TYR V 491 -6.55 24.21 -48.75
N ASP V 492 -6.61 23.03 -49.39
CA ASP V 492 -7.70 22.62 -50.24
C ASP V 492 -9.01 22.53 -49.49
N TYR V 493 -8.98 22.02 -48.25
CA TYR V 493 -10.13 21.95 -47.38
C TYR V 493 -10.68 23.29 -47.01
N MET V 494 -9.80 24.26 -46.67
CA MET V 494 -10.15 25.60 -46.28
C MET V 494 -10.80 26.35 -47.38
N ASN V 495 -10.22 26.19 -48.58
CA ASN V 495 -10.55 26.83 -49.81
C ASN V 495 -11.94 26.46 -50.27
N GLY V 496 -12.27 25.15 -50.21
CA GLY V 496 -13.45 24.61 -50.84
C GLY V 496 -14.71 24.81 -50.05
N ARG V 497 -14.62 24.79 -48.70
CA ARG V 497 -15.75 25.04 -47.85
C ARG V 497 -16.19 26.47 -47.91
N VAL V 498 -17.52 26.67 -48.04
CA VAL V 498 -18.10 27.98 -48.18
C VAL V 498 -19.05 28.20 -47.06
N VAL V 499 -19.13 29.47 -46.65
CA VAL V 499 -19.89 29.96 -45.54
C VAL V 499 -21.09 30.62 -46.16
N PRO V 500 -22.30 30.55 -45.62
CA PRO V 500 -23.43 31.35 -46.05
C PRO V 500 -23.14 32.84 -46.03
N PRO V 501 -23.43 33.65 -47.04
CA PRO V 501 -23.34 35.11 -46.95
C PRO V 501 -24.57 35.65 -46.24
N SER V 502 -25.40 34.78 -45.64
CA SER V 502 -26.62 35.15 -44.98
C SER V 502 -26.32 35.21 -43.52
N LEU V 503 -25.21 34.56 -43.10
CA LEU V 503 -24.70 34.58 -41.75
C LEU V 503 -24.22 35.97 -41.39
N VAL V 504 -23.53 36.63 -42.34
CA VAL V 504 -23.01 37.96 -42.16
C VAL V 504 -23.58 38.67 -43.34
N ASP V 505 -24.60 39.53 -43.12
CA ASP V 505 -25.24 40.29 -44.17
C ASP V 505 -24.53 41.60 -44.33
N ALA V 506 -25.08 42.61 -43.64
CA ALA V 506 -24.81 44.00 -43.80
C ALA V 506 -25.82 44.67 -42.91
N TYR V 507 -26.59 43.87 -42.14
CA TYR V 507 -27.63 44.30 -41.24
C TYR V 507 -27.29 43.74 -39.90
N ILE V 508 -26.03 43.26 -39.74
CA ILE V 508 -25.58 42.57 -38.57
C ILE V 508 -25.11 43.59 -37.58
N ASN V 509 -25.87 43.71 -36.46
CA ASN V 509 -25.63 44.64 -35.39
C ASN V 509 -25.60 46.02 -35.93
N ILE V 510 -26.62 46.36 -36.75
CA ILE V 510 -26.62 47.56 -37.54
C ILE V 510 -26.73 48.78 -36.68
N GLY V 511 -25.74 49.68 -36.83
CA GLY V 511 -25.65 50.89 -36.09
C GLY V 511 -24.97 50.74 -34.77
N ALA V 512 -24.08 49.74 -34.63
CA ALA V 512 -23.36 49.50 -33.42
C ALA V 512 -22.00 49.14 -33.85
N ARG V 513 -21.04 49.19 -32.90
CA ARG V 513 -19.70 48.78 -33.13
C ARG V 513 -19.59 47.65 -32.17
N TRP V 514 -19.34 46.46 -32.75
CA TRP V 514 -19.40 45.24 -32.03
C TRP V 514 -18.56 44.30 -32.84
N SER V 515 -17.96 43.30 -32.18
CA SER V 515 -17.17 42.28 -32.80
C SER V 515 -18.01 41.06 -32.63
N LEU V 516 -18.19 40.27 -33.71
CA LEU V 516 -18.95 39.04 -33.69
C LEU V 516 -18.39 38.10 -32.67
N ASP V 517 -19.28 37.34 -32.00
CA ASP V 517 -18.93 36.35 -31.02
C ASP V 517 -18.06 35.22 -31.55
N PRO V 518 -18.26 34.57 -32.71
CA PRO V 518 -17.30 33.61 -33.25
C PRO V 518 -16.13 34.27 -33.93
N MET V 519 -15.84 35.56 -33.67
CA MET V 519 -14.70 36.25 -34.20
C MET V 519 -14.10 37.02 -33.07
N ASP V 520 -13.89 36.32 -31.95
CA ASP V 520 -13.29 36.88 -30.77
C ASP V 520 -12.24 35.89 -30.39
N ASN V 521 -12.43 34.62 -30.79
CA ASN V 521 -11.53 33.54 -30.52
C ASN V 521 -10.95 33.06 -31.82
N VAL V 522 -10.94 33.91 -32.86
CA VAL V 522 -10.34 33.62 -34.15
C VAL V 522 -9.27 34.65 -34.24
N ASN V 523 -8.02 34.19 -34.49
CA ASN V 523 -6.79 34.95 -34.56
C ASN V 523 -6.89 36.01 -35.64
N PRO V 524 -6.98 37.30 -35.34
CA PRO V 524 -7.17 38.34 -36.34
C PRO V 524 -5.90 38.69 -37.04
N PHE V 525 -4.76 38.10 -36.66
CA PHE V 525 -3.49 38.38 -37.27
C PHE V 525 -3.26 37.37 -38.35
N ASN V 526 -4.16 36.38 -38.50
CA ASN V 526 -4.29 35.60 -39.70
C ASN V 526 -5.41 36.24 -40.43
N HIS V 527 -5.06 37.17 -41.33
CA HIS V 527 -6.02 37.83 -42.15
C HIS V 527 -5.19 38.29 -43.29
N HIS V 528 -5.82 38.60 -44.43
CA HIS V 528 -5.14 38.93 -45.65
C HIS V 528 -5.09 40.43 -45.73
N ARG V 529 -5.58 41.13 -44.69
CA ARG V 529 -5.55 42.56 -44.59
C ARG V 529 -4.49 42.93 -43.61
N ASN V 530 -3.79 41.92 -43.03
CA ASN V 530 -2.61 42.08 -42.22
C ASN V 530 -1.54 42.68 -43.07
N ALA V 531 -1.21 43.95 -42.81
CA ALA V 531 -0.35 44.74 -43.65
C ALA V 531 1.09 44.42 -43.41
N GLY V 532 1.41 43.85 -42.23
CA GLY V 532 2.75 43.44 -41.91
C GLY V 532 3.09 42.19 -42.64
N LEU V 533 2.17 41.20 -42.67
CA LEU V 533 2.33 39.96 -43.39
C LEU V 533 2.39 40.16 -44.86
N ARG V 534 1.56 41.07 -45.42
CA ARG V 534 1.60 41.43 -46.83
C ARG V 534 2.88 42.06 -47.27
N TYR V 535 3.51 42.90 -46.43
CA TYR V 535 4.75 43.55 -46.76
C TYR V 535 5.89 42.59 -46.98
N ARG V 536 6.03 41.61 -46.08
CA ARG V 536 7.04 40.57 -46.09
C ARG V 536 6.95 39.66 -47.28
N SER V 537 5.70 39.30 -47.65
CA SER V 537 5.30 38.47 -48.75
C SER V 537 5.65 39.03 -50.12
N MET V 538 5.50 40.37 -50.31
CA MET V 538 5.57 41.03 -51.60
C MET V 538 6.91 41.61 -51.87
N LEU V 539 7.82 41.42 -50.88
CA LEU V 539 9.19 41.85 -50.89
C LEU V 539 10.03 40.65 -51.25
N LEU V 540 9.38 39.52 -51.54
CA LEU V 540 9.98 38.31 -52.01
C LEU V 540 9.40 37.98 -53.36
N GLY V 541 8.56 38.88 -53.93
CA GLY V 541 8.03 38.74 -55.25
C GLY V 541 6.75 37.98 -55.19
N ASN V 542 6.10 37.82 -56.36
CA ASN V 542 4.78 37.27 -56.50
C ASN V 542 4.80 35.85 -56.98
N GLY V 543 5.98 35.28 -57.27
CA GLY V 543 6.06 33.93 -57.76
C GLY V 543 6.26 33.04 -56.58
N ARG V 544 6.22 31.71 -56.81
CA ARG V 544 6.31 30.76 -55.73
C ARG V 544 7.72 30.21 -55.70
N TYR V 545 8.59 30.63 -56.66
CA TYR V 545 9.96 30.20 -56.73
C TYR V 545 10.77 31.44 -56.51
N VAL V 546 11.46 31.52 -55.36
CA VAL V 546 12.05 32.72 -54.84
C VAL V 546 13.50 32.43 -54.48
N PRO V 547 14.52 33.01 -55.05
CA PRO V 547 15.84 33.07 -54.43
C PRO V 547 15.85 34.28 -53.54
N PHE V 548 16.65 34.29 -52.45
CA PHE V 548 16.49 35.32 -51.44
C PHE V 548 17.80 35.59 -50.78
N HIS V 549 18.00 36.86 -50.35
CA HIS V 549 19.10 37.32 -49.52
C HIS V 549 18.45 37.98 -48.35
N ILE V 550 18.59 37.40 -47.16
CA ILE V 550 18.03 37.91 -45.94
C ILE V 550 19.17 38.11 -44.99
N GLN V 551 19.16 39.25 -44.23
CA GLN V 551 20.20 39.59 -43.30
C GLN V 551 19.54 39.54 -41.96
N VAL V 552 19.99 38.59 -41.12
CA VAL V 552 19.29 38.07 -39.97
C VAL V 552 20.04 38.46 -38.73
N PRO V 553 19.54 39.30 -37.83
CA PRO V 553 20.33 39.82 -36.72
C PRO V 553 20.25 38.90 -35.54
N GLN V 554 21.18 39.09 -34.57
CA GLN V 554 21.25 38.45 -33.28
C GLN V 554 20.14 38.98 -32.41
N LYS V 555 19.59 38.16 -31.48
CA LYS V 555 18.50 38.55 -30.63
C LYS V 555 18.72 38.11 -29.23
N PHE V 556 19.88 37.51 -28.90
CA PHE V 556 20.15 36.99 -27.58
C PHE V 556 20.75 38.14 -26.83
N PHE V 557 20.23 38.46 -25.63
CA PHE V 557 20.52 39.70 -24.93
C PHE V 557 21.96 39.95 -24.61
N ALA V 558 22.72 38.91 -24.23
CA ALA V 558 24.06 39.09 -23.72
C ALA V 558 25.04 39.45 -24.80
N ILE V 559 24.75 39.06 -26.07
CA ILE V 559 25.65 39.28 -27.17
C ILE V 559 25.00 40.12 -28.23
N LYS V 560 23.78 40.65 -28.00
CA LYS V 560 23.07 41.49 -28.95
C LYS V 560 23.65 42.86 -28.99
N SER V 561 24.16 43.33 -27.83
CA SER V 561 24.89 44.55 -27.69
C SER V 561 25.92 44.13 -26.71
N LEU V 562 27.19 44.50 -26.97
CA LEU V 562 28.34 43.94 -26.31
C LEU V 562 29.45 44.45 -27.15
N LEU V 563 30.64 44.68 -26.54
CA LEU V 563 31.79 45.05 -27.32
C LEU V 563 32.76 43.96 -27.05
N LEU V 564 33.34 43.50 -28.17
CA LEU V 564 34.34 42.49 -28.24
C LEU V 564 35.55 43.28 -28.53
N LEU V 565 36.56 43.08 -27.69
CA LEU V 565 37.83 43.74 -27.78
C LEU V 565 38.66 42.79 -28.63
N PRO V 566 39.91 43.04 -29.00
CA PRO V 566 40.76 42.11 -29.74
C PRO V 566 40.77 40.68 -29.25
N GLY V 567 41.17 39.73 -30.12
CA GLY V 567 41.21 38.32 -29.82
C GLY V 567 40.44 37.57 -30.85
N SER V 568 40.49 36.23 -30.77
CA SER V 568 39.89 35.30 -31.69
C SER V 568 38.83 34.57 -30.94
N TYR V 569 37.63 34.41 -31.55
CA TYR V 569 36.45 33.90 -30.92
C TYR V 569 35.87 32.91 -31.86
N THR V 570 35.00 32.02 -31.32
CA THR V 570 34.35 30.95 -32.03
C THR V 570 32.90 31.27 -31.90
N TYR V 571 32.20 31.47 -33.03
CA TYR V 571 30.82 31.87 -33.02
C TYR V 571 30.12 30.79 -33.81
N GLU V 572 29.22 30.03 -33.16
CA GLU V 572 28.47 28.94 -33.71
C GLU V 572 27.04 29.32 -33.54
N TRP V 573 26.13 28.96 -34.49
CA TRP V 573 24.73 29.14 -34.23
C TRP V 573 24.03 28.16 -35.13
N ASN V 574 22.78 27.78 -34.75
CA ASN V 574 22.00 26.78 -35.45
C ASN V 574 20.75 27.44 -35.94
N PHE V 575 20.32 27.09 -37.17
CA PHE V 575 19.23 27.68 -37.89
C PHE V 575 18.23 26.61 -38.16
N ARG V 576 16.93 26.85 -37.89
CA ARG V 576 15.84 25.95 -38.19
C ARG V 576 15.71 25.83 -39.69
N LYS V 577 15.29 24.65 -40.20
CA LYS V 577 14.94 24.46 -41.59
C LYS V 577 13.49 24.05 -41.67
N ASP V 578 12.70 24.32 -40.61
CA ASP V 578 11.32 23.90 -40.50
C ASP V 578 10.48 24.94 -41.17
N VAL V 579 9.67 24.54 -42.18
CA VAL V 579 8.85 25.44 -42.95
C VAL V 579 7.81 26.19 -42.16
N ASN V 580 7.20 25.57 -41.13
CA ASN V 580 6.15 26.19 -40.35
C ASN V 580 6.71 27.23 -39.41
N MET V 581 8.00 27.11 -39.03
CA MET V 581 8.57 27.96 -38.04
C MET V 581 9.18 29.18 -38.65
N ILE V 582 9.42 29.14 -39.98
CA ILE V 582 10.18 30.14 -40.67
C ILE V 582 9.23 30.97 -41.47
N LEU V 583 8.30 30.33 -42.19
CA LEU V 583 7.36 30.99 -43.04
C LEU V 583 6.11 31.25 -42.28
N GLN V 584 5.25 32.17 -42.79
CA GLN V 584 4.01 32.51 -42.15
C GLN V 584 2.95 32.55 -43.18
N SER V 585 1.88 31.71 -43.04
CA SER V 585 0.73 31.68 -43.91
C SER V 585 -0.28 32.65 -43.39
N SER V 586 -1.12 33.17 -44.30
CA SER V 586 -2.20 34.07 -43.97
C SER V 586 -3.41 33.32 -43.49
N LEU V 587 -3.52 32.01 -43.79
CA LEU V 587 -4.64 31.20 -43.36
C LEU V 587 -4.21 30.27 -42.27
N GLY V 588 -2.89 30.17 -42.02
CA GLY V 588 -2.32 29.28 -41.05
C GLY V 588 -2.44 27.83 -41.40
N ASN V 589 -2.48 27.51 -42.71
CA ASN V 589 -2.49 26.16 -43.23
C ASN V 589 -1.14 25.56 -42.99
N ASP V 590 -1.07 24.23 -42.73
CA ASP V 590 0.15 23.48 -42.59
C ASP V 590 0.89 23.51 -43.91
N LEU V 591 2.19 23.90 -43.89
CA LEU V 591 2.96 24.06 -45.09
C LEU V 591 3.84 22.86 -45.31
N ARG V 592 3.85 21.90 -44.38
CA ARG V 592 4.59 20.67 -44.55
C ARG V 592 3.82 19.71 -45.41
N THR V 593 2.47 19.82 -45.41
CA THR V 593 1.60 18.95 -46.16
C THR V 593 1.10 19.64 -47.40
N ASP V 594 1.43 20.93 -47.58
CA ASP V 594 0.92 21.70 -48.71
C ASP V 594 2.07 22.07 -49.56
N GLY V 595 3.27 21.50 -49.29
CA GLY V 595 4.49 21.84 -49.97
C GLY V 595 5.01 23.15 -49.47
N ALA V 596 6.34 23.25 -49.52
CA ALA V 596 7.13 24.40 -49.21
C ALA V 596 8.42 23.76 -48.87
N SER V 597 9.53 24.43 -49.22
CA SER V 597 10.85 23.90 -48.99
C SER V 597 11.66 25.11 -48.81
N ILE V 598 12.72 25.00 -48.00
CA ILE V 598 13.66 26.06 -47.84
C ILE V 598 14.95 25.36 -47.63
N SER V 599 16.03 25.88 -48.21
CA SER V 599 17.33 25.31 -48.01
C SER V 599 18.25 26.45 -48.25
N PHE V 600 19.47 26.36 -47.68
CA PHE V 600 20.40 27.45 -47.63
C PHE V 600 21.61 27.02 -48.38
N THR V 601 22.07 27.89 -49.28
CA THR V 601 23.30 27.75 -50.00
C THR V 601 24.08 28.97 -49.64
N SER V 602 25.16 28.82 -48.86
CA SER V 602 26.04 29.88 -48.40
C SER V 602 25.39 30.71 -47.33
N ILE V 603 25.90 30.60 -46.09
CA ILE V 603 25.51 31.43 -44.98
C ILE V 603 26.80 32.08 -44.58
N ASN V 604 26.82 33.43 -44.42
CA ASN V 604 28.01 34.19 -44.14
C ASN V 604 27.73 35.00 -42.92
N LEU V 605 28.79 35.52 -42.29
CA LEU V 605 28.75 36.38 -41.12
C LEU V 605 29.38 37.68 -41.48
N TYR V 606 28.68 38.82 -41.28
CA TYR V 606 29.24 40.13 -41.56
C TYR V 606 29.38 40.83 -40.25
N ALA V 607 30.38 41.74 -40.17
CA ALA V 607 30.74 42.48 -38.98
C ALA V 607 31.20 43.81 -39.45
N THR V 608 30.79 44.92 -38.78
CA THR V 608 31.16 46.27 -39.19
C THR V 608 31.90 46.88 -38.03
N PHE V 609 33.21 47.16 -38.25
CA PHE V 609 34.11 47.73 -37.27
C PHE V 609 34.09 49.22 -37.47
N PHE V 610 34.16 50.00 -36.37
CA PHE V 610 34.30 51.45 -36.40
C PHE V 610 35.77 51.77 -36.55
N PRO V 611 36.23 52.63 -37.45
CA PRO V 611 37.66 52.87 -37.60
C PRO V 611 38.07 54.03 -36.73
N MET V 612 38.21 53.81 -35.40
CA MET V 612 38.72 54.82 -34.50
C MET V 612 40.20 54.64 -34.44
N ALA V 613 40.92 55.74 -34.12
CA ALA V 613 42.35 55.77 -33.92
C ALA V 613 42.82 54.73 -32.98
N HIS V 614 43.99 54.15 -33.29
CA HIS V 614 44.64 53.08 -32.59
C HIS V 614 44.96 53.42 -31.18
N ASN V 615 45.41 54.67 -30.91
CA ASN V 615 45.72 55.15 -29.58
C ASN V 615 44.51 55.15 -28.68
N THR V 616 43.34 55.61 -29.19
CA THR V 616 42.16 55.77 -28.38
C THR V 616 41.40 54.49 -28.29
N ALA V 617 41.59 53.59 -29.29
CA ALA V 617 41.02 52.28 -29.31
C ALA V 617 41.58 51.46 -28.19
N SER V 618 42.91 51.56 -27.98
CA SER V 618 43.63 50.79 -27.00
C SER V 618 43.46 51.34 -25.61
N THR V 619 43.15 52.65 -25.47
CA THR V 619 42.78 53.29 -24.22
C THR V 619 41.48 52.72 -23.74
N LEU V 620 40.50 52.58 -24.66
CA LEU V 620 39.18 52.06 -24.40
C LEU V 620 39.25 50.61 -24.00
N GLU V 621 40.10 49.82 -24.68
CA GLU V 621 40.34 48.42 -24.44
C GLU V 621 40.90 48.18 -23.07
N ALA V 622 41.84 49.06 -22.63
CA ALA V 622 42.46 49.05 -21.33
C ALA V 622 41.48 49.27 -20.24
N MET V 623 40.46 50.13 -20.48
CA MET V 623 39.50 50.49 -19.49
C MET V 623 38.34 49.53 -19.52
N LEU V 624 38.30 48.58 -20.45
CA LEU V 624 37.27 47.58 -20.49
C LEU V 624 37.92 46.26 -20.21
N ARG V 625 39.15 46.28 -19.67
CA ARG V 625 39.84 45.12 -19.20
C ARG V 625 40.05 45.14 -17.73
N ASN V 626 39.33 46.03 -17.00
CA ASN V 626 39.27 45.97 -15.57
C ASN V 626 37.99 45.29 -15.25
N ASP V 627 37.90 44.80 -14.01
CA ASP V 627 36.81 44.02 -13.51
C ASP V 627 35.86 44.94 -12.80
N THR V 628 36.13 46.28 -12.83
CA THR V 628 35.28 47.30 -12.28
C THR V 628 34.65 48.04 -13.44
N ASN V 629 34.87 47.59 -14.68
CA ASN V 629 34.37 48.26 -15.86
C ASN V 629 33.69 47.27 -16.74
N ASP V 630 33.14 46.19 -16.15
CA ASP V 630 32.54 45.11 -16.90
C ASP V 630 31.19 45.53 -17.38
N GLN V 631 30.91 45.22 -18.66
CA GLN V 631 29.66 45.44 -19.34
C GLN V 631 28.59 44.60 -18.73
N SER V 632 27.34 45.08 -18.72
CA SER V 632 26.25 44.43 -18.06
C SER V 632 25.05 44.68 -18.89
N PHE V 633 24.25 43.63 -19.08
CA PHE V 633 23.11 43.65 -19.98
C PHE V 633 22.04 43.01 -19.17
N ASN V 634 20.78 43.19 -19.59
CA ASN V 634 19.66 42.61 -18.90
C ASN V 634 18.64 42.41 -19.98
N ASP V 635 17.92 41.28 -19.89
CA ASP V 635 16.84 40.91 -20.77
C ASP V 635 15.72 41.92 -20.62
N TYR V 636 15.15 42.38 -21.73
CA TYR V 636 14.16 43.44 -21.66
C TYR V 636 12.93 42.96 -20.91
N LEU V 637 12.46 41.77 -21.28
CA LEU V 637 11.45 41.10 -20.52
C LEU V 637 12.23 40.02 -19.89
N SER V 638 12.54 40.21 -18.60
CA SER V 638 13.33 39.31 -17.81
C SER V 638 12.34 38.51 -17.04
N ALA V 639 12.28 37.20 -17.32
CA ALA V 639 11.20 36.40 -16.82
C ALA V 639 11.54 34.94 -16.90
N ALA V 640 10.77 34.16 -16.13
CA ALA V 640 10.75 32.71 -16.18
C ALA V 640 9.40 32.37 -16.74
N ASN V 641 9.37 31.68 -17.89
CA ASN V 641 8.20 31.61 -18.72
C ASN V 641 7.69 30.22 -18.64
N MET V 642 6.52 30.06 -17.97
CA MET V 642 5.96 28.79 -17.60
C MET V 642 4.65 28.73 -18.34
N LEU V 643 4.33 27.57 -18.95
CA LEU V 643 3.10 27.35 -19.67
C LEU V 643 2.39 26.26 -18.92
N TYR V 644 1.04 26.29 -18.86
CA TYR V 644 0.28 25.34 -18.09
C TYR V 644 -0.88 25.00 -18.97
N PRO V 645 -1.50 23.83 -18.88
CA PRO V 645 -2.53 23.44 -19.82
C PRO V 645 -3.87 23.89 -19.33
N ILE V 646 -4.82 24.05 -20.27
CA ILE V 646 -6.22 24.25 -20.03
C ILE V 646 -6.78 23.13 -20.89
N PRO V 647 -7.59 22.20 -20.43
CA PRO V 647 -7.90 21.01 -21.19
C PRO V 647 -8.85 21.27 -22.33
N ALA V 648 -9.93 22.03 -22.11
CA ALA V 648 -10.96 22.37 -23.07
C ALA V 648 -12.22 22.33 -22.27
N ASN V 649 -13.11 23.29 -22.51
CA ASN V 649 -14.42 23.44 -21.85
C ASN V 649 -14.29 23.49 -20.32
N ALA V 650 -13.14 23.92 -19.81
CA ALA V 650 -12.84 24.06 -18.38
C ALA V 650 -12.75 25.53 -17.98
N THR V 651 -13.30 25.86 -16.82
CA THR V 651 -13.48 27.24 -16.38
C THR V 651 -12.49 27.70 -15.32
N ASN V 652 -11.77 26.81 -14.66
CA ASN V 652 -10.74 27.14 -13.67
C ASN V 652 -9.43 26.49 -14.09
N VAL V 653 -8.30 27.12 -13.78
CA VAL V 653 -7.00 26.58 -14.05
C VAL V 653 -6.26 26.72 -12.73
N PRO V 654 -5.91 25.67 -12.00
CA PRO V 654 -5.13 25.80 -10.78
C PRO V 654 -3.67 25.69 -11.16
N ILE V 655 -2.81 26.54 -10.56
CA ILE V 655 -1.43 26.72 -10.88
C ILE V 655 -0.77 26.93 -9.55
N SER V 656 0.39 26.29 -9.29
CA SER V 656 1.05 26.45 -8.01
C SER V 656 2.51 26.27 -8.25
N ILE V 657 3.32 26.92 -7.38
CA ILE V 657 4.76 26.98 -7.42
C ILE V 657 5.26 26.38 -6.13
N PRO V 658 6.22 25.46 -6.09
CA PRO V 658 7.03 25.08 -4.95
C PRO V 658 7.53 26.18 -4.06
N SER V 659 7.73 25.91 -2.76
CA SER V 659 8.24 26.86 -1.79
C SER V 659 9.60 27.36 -2.16
N ARG V 660 9.82 28.69 -2.13
CA ARG V 660 11.09 29.27 -2.55
C ARG V 660 11.12 30.68 -2.03
N ASN V 661 12.32 31.31 -2.00
CA ASN V 661 12.45 32.69 -1.58
C ASN V 661 12.10 33.55 -2.78
N TRP V 662 11.47 34.71 -2.54
CA TRP V 662 10.94 35.58 -3.56
C TRP V 662 11.62 36.90 -3.49
N ALA V 663 12.90 36.91 -3.09
CA ALA V 663 13.69 38.11 -3.04
C ALA V 663 14.07 38.51 -4.44
N ALA V 664 13.78 39.79 -4.79
CA ALA V 664 14.04 40.44 -6.05
C ALA V 664 12.93 40.15 -7.02
N PHE V 665 11.75 39.78 -6.51
CA PHE V 665 10.62 39.46 -7.36
C PHE V 665 9.95 40.73 -7.78
N ARG V 666 9.61 40.79 -9.07
CA ARG V 666 8.81 41.85 -9.68
C ARG V 666 7.38 41.29 -9.83
N GLY V 667 6.62 41.80 -10.77
CA GLY V 667 5.27 41.44 -11.09
C GLY V 667 5.06 40.07 -11.65
N TRP V 668 3.91 39.92 -12.35
CA TRP V 668 3.46 38.74 -13.03
C TRP V 668 2.88 39.34 -14.28
N SER V 669 2.72 38.53 -15.34
CA SER V 669 1.87 38.88 -16.45
C SER V 669 1.23 37.59 -16.82
N PHE V 670 0.11 37.65 -17.57
CA PHE V 670 -0.55 36.46 -18.01
C PHE V 670 -1.32 36.75 -19.25
N THR V 671 -1.50 35.70 -20.07
CA THR V 671 -2.13 35.78 -21.36
C THR V 671 -2.50 34.34 -21.67
N ARG V 672 -3.40 34.11 -22.64
CA ARG V 672 -3.91 32.80 -22.96
C ARG V 672 -3.52 32.56 -24.38
N LEU V 673 -3.05 31.33 -24.69
CA LEU V 673 -2.59 30.93 -25.99
C LEU V 673 -3.47 29.78 -26.38
N LYS V 674 -3.14 29.11 -27.51
CA LYS V 674 -3.79 27.93 -27.98
C LYS V 674 -2.71 26.90 -28.12
N THR V 675 -3.04 25.63 -27.87
CA THR V 675 -2.12 24.52 -27.98
C THR V 675 -1.85 24.20 -29.44
N LYS V 676 -2.75 24.63 -30.35
CA LYS V 676 -2.60 24.40 -31.76
C LYS V 676 -1.62 25.38 -32.36
N GLU V 677 -1.41 26.54 -31.71
CA GLU V 677 -0.70 27.64 -32.30
C GLU V 677 0.60 27.87 -31.59
N THR V 678 1.01 26.97 -30.68
CA THR V 678 2.20 27.15 -29.89
C THR V 678 3.01 25.89 -30.15
N PRO V 679 4.17 25.93 -30.81
CA PRO V 679 5.09 24.80 -30.88
C PRO V 679 5.61 24.35 -29.54
N SER V 680 6.32 23.20 -29.52
CA SER V 680 7.01 22.70 -28.36
C SER V 680 8.45 23.05 -28.61
N LEU V 681 9.11 23.69 -27.62
CA LEU V 681 10.47 24.15 -27.75
C LEU V 681 11.36 23.27 -26.91
N GLY V 682 10.78 22.20 -26.29
CA GLY V 682 11.53 21.20 -25.57
C GLY V 682 12.34 20.33 -26.49
N SER V 683 11.83 20.12 -27.73
CA SER V 683 12.54 19.47 -28.80
C SER V 683 12.86 20.51 -29.82
N GLY V 684 13.79 20.16 -30.75
CA GLY V 684 14.23 21.01 -31.82
C GLY V 684 13.25 20.91 -32.97
N PHE V 685 12.47 19.81 -33.02
CA PHE V 685 11.51 19.59 -34.05
C PHE V 685 10.31 19.06 -33.34
N ASP V 686 9.12 19.64 -33.65
CA ASP V 686 7.86 19.22 -33.09
C ASP V 686 7.09 18.73 -34.30
N PRO V 687 6.72 17.47 -34.44
CA PRO V 687 6.02 16.99 -35.62
C PRO V 687 4.54 17.30 -35.54
N TYR V 688 4.05 17.87 -34.43
CA TYR V 688 2.64 18.07 -34.18
C TYR V 688 2.31 19.51 -34.38
N PHE V 689 3.29 20.34 -34.81
CA PHE V 689 3.05 21.72 -35.09
C PHE V 689 2.67 21.72 -36.54
N VAL V 690 1.38 22.03 -36.82
CA VAL V 690 0.80 21.99 -38.14
C VAL V 690 0.11 23.30 -38.39
N TYR V 691 0.59 24.37 -37.74
CA TYR V 691 0.06 25.70 -37.89
C TYR V 691 1.22 26.46 -38.45
N SER V 692 0.93 27.43 -39.34
CA SER V 692 1.95 28.24 -39.96
C SER V 692 1.51 29.65 -39.82
N GLY V 693 0.37 29.93 -39.16
CA GLY V 693 -0.10 31.26 -38.91
C GLY V 693 0.72 31.91 -37.85
N SER V 694 0.25 33.06 -37.33
CA SER V 694 0.93 33.81 -36.29
C SER V 694 1.04 32.99 -35.05
N ILE V 695 2.13 33.18 -34.29
CA ILE V 695 2.45 32.42 -33.13
C ILE V 695 2.47 33.48 -32.07
N PRO V 696 1.54 33.58 -31.12
CA PRO V 696 1.52 34.69 -30.17
C PRO V 696 2.58 34.56 -29.13
N TYR V 697 3.12 33.34 -28.92
CA TYR V 697 4.17 33.04 -27.99
C TYR V 697 5.41 33.82 -28.32
N LEU V 698 5.75 33.97 -29.62
CA LEU V 698 7.02 34.50 -30.03
C LEU V 698 6.86 35.81 -30.73
N ASP V 699 5.66 36.10 -31.30
CA ASP V 699 5.46 37.29 -32.10
C ASP V 699 4.76 38.34 -31.30
N GLY V 700 4.19 37.97 -30.13
CA GLY V 700 3.54 38.90 -29.23
C GLY V 700 2.20 39.31 -29.73
N THR V 701 1.55 38.44 -30.54
CA THR V 701 0.33 38.73 -31.24
C THR V 701 -0.83 38.15 -30.47
N PHE V 702 -0.96 38.53 -29.19
CA PHE V 702 -2.00 38.12 -28.27
C PHE V 702 -3.32 38.66 -28.72
N TYR V 703 -4.43 37.95 -28.40
CA TYR V 703 -5.72 38.37 -28.89
C TYR V 703 -6.77 37.71 -28.05
N LEU V 704 -6.40 37.08 -26.93
CA LEU V 704 -7.29 36.19 -26.24
C LEU V 704 -7.17 36.48 -24.78
N ASN V 705 -7.11 37.78 -24.41
CA ASN V 705 -6.95 38.23 -23.05
C ASN V 705 -8.28 38.62 -22.48
N HIS V 706 -9.35 38.57 -23.27
CA HIS V 706 -10.64 39.08 -22.86
C HIS V 706 -11.45 37.93 -22.32
N THR V 707 -10.85 36.71 -22.25
CA THR V 707 -11.50 35.52 -21.81
C THR V 707 -11.32 35.34 -20.32
N PHE V 708 -10.30 35.96 -19.70
CA PHE V 708 -10.11 35.96 -18.26
C PHE V 708 -11.24 36.66 -17.56
N LYS V 709 -11.64 36.13 -16.38
CA LYS V 709 -12.72 36.70 -15.63
C LYS V 709 -12.37 36.77 -14.18
N LYS V 710 -11.34 36.03 -13.72
CA LYS V 710 -10.77 36.26 -12.41
C LYS V 710 -9.39 35.69 -12.42
N VAL V 711 -8.60 36.15 -11.43
CA VAL V 711 -7.34 35.59 -11.06
C VAL V 711 -7.35 35.84 -9.58
N SER V 712 -6.80 34.92 -8.78
CA SER V 712 -6.77 35.04 -7.36
C SER V 712 -5.42 34.52 -7.03
N ILE V 713 -4.73 35.22 -6.11
CA ILE V 713 -3.37 34.97 -5.76
C ILE V 713 -3.37 34.80 -4.28
N THR V 714 -2.75 33.72 -3.79
CA THR V 714 -2.67 33.40 -2.39
C THR V 714 -1.27 32.90 -2.21
N PHE V 715 -0.73 32.97 -0.98
CA PHE V 715 0.58 32.51 -0.64
C PHE V 715 0.37 31.66 0.57
N ASP V 716 0.64 30.34 0.45
CA ASP V 716 0.58 29.38 1.54
C ASP V 716 -0.85 29.00 1.82
N SER V 717 -1.80 29.45 0.96
CA SER V 717 -3.21 29.14 1.01
C SER V 717 -3.84 29.68 2.25
N SER V 718 -3.52 30.93 2.64
CA SER V 718 -4.03 31.51 3.86
C SER V 718 -3.67 32.97 3.91
N VAL V 719 -2.90 33.46 2.92
CA VAL V 719 -2.57 34.84 2.73
C VAL V 719 -3.15 35.09 1.38
N SER V 720 -3.81 36.24 1.16
CA SER V 720 -4.33 36.62 -0.12
C SER V 720 -3.53 37.83 -0.43
N TRP V 721 -2.79 37.77 -1.57
CA TRP V 721 -1.83 38.77 -1.92
C TRP V 721 -2.35 40.19 -2.13
N PRO V 722 -3.39 40.53 -2.87
CA PRO V 722 -3.89 41.90 -2.93
C PRO V 722 -4.74 42.18 -1.72
N GLY V 723 -4.74 41.28 -0.71
CA GLY V 723 -5.50 41.39 0.50
C GLY V 723 -4.89 42.41 1.40
N ASN V 724 -5.62 42.68 2.51
CA ASN V 724 -5.34 43.67 3.52
C ASN V 724 -6.11 44.90 3.12
N ASP V 725 -7.19 44.71 2.31
CA ASP V 725 -8.11 45.71 1.86
C ASP V 725 -7.44 46.63 0.89
N ARG V 726 -7.81 46.56 -0.38
CA ARG V 726 -7.15 47.37 -1.36
C ARG V 726 -8.19 47.53 -2.41
N LEU V 727 -8.58 46.41 -3.05
CA LEU V 727 -9.56 46.38 -4.09
C LEU V 727 -10.93 46.41 -3.46
N LEU V 728 -11.98 46.68 -4.27
CA LEU V 728 -13.36 46.69 -3.82
C LEU V 728 -13.76 45.33 -3.33
N THR V 729 -13.32 44.27 -4.04
CA THR V 729 -13.44 42.91 -3.57
C THR V 729 -12.03 42.48 -3.27
N PRO V 730 -11.55 42.39 -2.01
CA PRO V 730 -10.12 42.51 -1.75
C PRO V 730 -9.30 41.33 -2.16
N ASN V 731 -9.86 40.11 -2.11
CA ASN V 731 -9.03 38.92 -2.07
C ASN V 731 -8.92 38.29 -3.43
N GLU V 732 -9.64 38.82 -4.44
CA GLU V 732 -9.59 38.27 -5.77
C GLU V 732 -9.63 39.44 -6.69
N PHE V 733 -8.75 39.47 -7.71
CA PHE V 733 -8.94 40.32 -8.88
C PHE V 733 -10.10 39.79 -9.66
N GLU V 734 -10.84 40.68 -10.34
CA GLU V 734 -11.87 40.27 -11.24
C GLU V 734 -11.59 41.06 -12.45
N ILE V 735 -11.23 40.39 -13.58
CA ILE V 735 -11.00 41.03 -14.84
C ILE V 735 -12.29 41.62 -15.34
N LYS V 736 -13.40 40.86 -15.21
CA LYS V 736 -14.67 41.32 -15.69
C LYS V 736 -15.73 40.67 -14.85
N ARG V 737 -16.87 41.37 -14.70
CA ARG V 737 -17.96 40.95 -13.88
C ARG V 737 -19.17 41.07 -14.76
N THR V 738 -19.92 39.96 -14.89
CA THR V 738 -21.19 39.90 -15.57
C THR V 738 -22.12 39.51 -14.46
N VAL V 739 -23.25 40.25 -14.36
CA VAL V 739 -24.19 40.23 -13.25
C VAL V 739 -23.55 41.08 -12.19
N ASP V 740 -23.95 42.37 -12.17
CA ASP V 740 -23.40 43.41 -11.34
C ASP V 740 -24.56 43.90 -10.53
N GLY V 741 -24.31 44.73 -9.51
CA GLY V 741 -25.36 45.25 -8.69
C GLY V 741 -24.80 46.25 -7.76
N GLU V 742 -23.46 46.33 -7.65
CA GLU V 742 -22.79 47.28 -6.81
C GLU V 742 -22.27 48.41 -7.66
N GLY V 743 -22.40 48.29 -9.00
CA GLY V 743 -21.91 49.26 -9.95
C GLY V 743 -20.43 49.19 -10.12
N TYR V 744 -19.84 48.00 -9.91
CA TYR V 744 -18.42 47.74 -9.93
C TYR V 744 -17.82 47.99 -11.29
N ASN V 745 -18.53 47.67 -12.40
CA ASN V 745 -18.09 47.90 -13.76
C ASN V 745 -17.89 49.35 -14.12
N VAL V 746 -16.88 49.65 -14.96
CA VAL V 746 -16.54 50.99 -15.38
C VAL V 746 -16.22 50.93 -16.85
N ALA V 747 -16.20 52.13 -17.48
CA ALA V 747 -15.68 52.44 -18.79
C ALA V 747 -16.63 52.09 -19.89
N GLN V 748 -17.90 51.83 -19.55
CA GLN V 748 -18.97 51.55 -20.49
C GLN V 748 -18.80 50.20 -21.10
N CYS V 749 -18.39 49.21 -20.27
CA CYS V 749 -18.18 47.85 -20.68
C CYS V 749 -18.20 47.07 -19.40
N ASN V 750 -18.13 45.72 -19.51
CA ASN V 750 -17.96 44.87 -18.37
C ASN V 750 -16.48 44.70 -18.09
N MET V 751 -15.90 45.63 -17.32
CA MET V 751 -14.56 45.48 -16.82
C MET V 751 -14.67 46.20 -15.55
N THR V 752 -14.15 45.61 -14.45
CA THR V 752 -14.33 46.14 -13.13
C THR V 752 -13.50 47.38 -12.93
N LYS V 753 -13.88 48.18 -11.92
CA LYS V 753 -13.27 49.41 -11.50
C LYS V 753 -11.85 49.22 -11.09
N ASP V 754 -11.59 48.13 -10.35
CA ASP V 754 -10.33 47.86 -9.73
C ASP V 754 -9.62 46.77 -10.46
N TRP V 755 -9.91 46.64 -11.76
CA TRP V 755 -9.04 45.95 -12.66
C TRP V 755 -8.59 47.00 -13.62
N PHE V 756 -9.47 47.97 -13.94
CA PHE V 756 -9.13 49.09 -14.76
C PHE V 756 -8.07 49.93 -14.11
N LEU V 757 -8.17 50.13 -12.77
CA LEU V 757 -7.22 50.84 -11.95
C LEU V 757 -5.85 50.23 -11.98
N VAL V 758 -5.77 48.89 -11.86
CA VAL V 758 -4.55 48.11 -11.83
C VAL V 758 -3.76 48.25 -13.11
N GLN V 759 -4.45 48.30 -14.27
CA GLN V 759 -3.81 48.29 -15.56
C GLN V 759 -3.61 49.70 -16.03
N MET V 760 -3.84 50.71 -15.18
CA MET V 760 -3.50 52.07 -15.45
C MET V 760 -2.48 52.51 -14.46
N LEU V 761 -2.01 51.62 -13.56
CA LEU V 761 -0.96 51.91 -12.63
C LEU V 761 0.24 51.07 -13.02
N ALA V 762 0.24 50.50 -14.23
CA ALA V 762 1.41 49.97 -14.90
C ALA V 762 1.59 50.76 -16.21
N HIS V 763 0.73 50.55 -17.19
CA HIS V 763 0.69 51.22 -18.50
C HIS V 763 0.32 52.75 -18.55
N TYR V 764 0.57 53.47 -17.45
CA TYR V 764 0.45 54.93 -17.31
C TYR V 764 1.10 55.40 -16.01
N ASN V 765 1.08 54.56 -14.97
CA ASN V 765 1.57 54.83 -13.63
C ASN V 765 0.77 55.86 -12.83
N ILE V 766 -0.45 56.19 -13.23
CA ILE V 766 -1.25 57.20 -12.59
C ILE V 766 -2.67 56.72 -12.68
N GLY V 767 -3.42 56.94 -11.57
CA GLY V 767 -4.78 56.54 -11.40
C GLY V 767 -5.23 57.08 -10.09
N TYR V 768 -4.27 57.51 -9.23
CA TYR V 768 -4.53 58.14 -7.96
C TYR V 768 -4.78 59.61 -8.11
N GLN V 769 -4.36 60.21 -9.23
CA GLN V 769 -4.49 61.63 -9.48
C GLN V 769 -5.60 61.82 -10.47
N GLY V 770 -6.28 60.73 -10.90
CA GLY V 770 -7.37 60.77 -11.83
C GLY V 770 -6.97 60.07 -13.07
N PHE V 771 -7.94 59.87 -13.96
CA PHE V 771 -7.77 59.10 -15.17
C PHE V 771 -7.71 60.06 -16.31
N TYR V 772 -6.76 59.86 -17.23
CA TYR V 772 -6.48 60.76 -18.33
C TYR V 772 -5.96 59.87 -19.41
N VAL V 773 -5.68 60.45 -20.60
CA VAL V 773 -5.03 59.74 -21.67
C VAL V 773 -3.56 59.67 -21.31
N PRO V 774 -2.87 58.56 -21.53
CA PRO V 774 -1.58 58.30 -20.95
C PRO V 774 -0.41 59.05 -21.53
N GLU V 775 -0.57 59.80 -22.65
CA GLU V 775 0.49 60.49 -23.37
C GLU V 775 1.03 59.57 -24.42
N GLY V 776 1.75 60.16 -25.40
CA GLY V 776 2.08 59.49 -26.64
C GLY V 776 3.22 58.51 -26.53
N TYR V 777 4.21 58.82 -25.70
CA TYR V 777 5.43 58.02 -25.60
C TYR V 777 5.26 56.88 -24.61
N LYS V 778 4.35 57.03 -23.66
CA LYS V 778 4.01 56.06 -22.62
C LYS V 778 3.02 55.00 -23.09
N ASP V 779 2.38 55.22 -24.23
CA ASP V 779 1.38 54.40 -24.83
C ASP V 779 2.04 53.94 -26.09
N ARG V 780 2.30 52.65 -26.16
CA ARG V 780 2.99 51.97 -27.26
C ARG V 780 1.95 51.25 -28.11
N MET V 781 2.32 50.16 -28.77
CA MET V 781 1.39 49.30 -29.48
C MET V 781 1.20 48.04 -28.72
N TYR V 782 1.88 47.88 -27.56
CA TYR V 782 1.68 46.75 -26.69
C TYR V 782 1.03 47.19 -25.41
N SER V 783 0.91 48.49 -25.16
CA SER V 783 0.30 49.06 -23.97
C SER V 783 -1.19 48.83 -23.89
N PHE V 784 -1.72 48.82 -22.67
CA PHE V 784 -3.09 48.52 -22.36
C PHE V 784 -4.07 49.45 -23.02
N PHE V 785 -3.82 50.77 -22.90
CA PHE V 785 -4.75 51.80 -23.31
C PHE V 785 -5.03 51.77 -24.78
N ARG V 786 -3.97 51.58 -25.60
CA ARG V 786 -4.00 51.63 -27.04
C ARG V 786 -4.94 50.59 -27.60
N ASN V 787 -4.93 49.37 -27.03
CA ASN V 787 -5.63 48.26 -27.60
C ASN V 787 -6.88 47.94 -26.84
N PHE V 788 -7.33 48.82 -25.92
CA PHE V 788 -8.53 48.63 -25.13
C PHE V 788 -9.72 49.11 -25.92
N GLN V 789 -10.72 48.22 -26.15
CA GLN V 789 -11.82 48.46 -27.06
C GLN V 789 -13.15 48.12 -26.42
N PRO V 790 -13.71 48.84 -25.44
CA PRO V 790 -15.08 48.66 -24.98
C PRO V 790 -16.11 48.82 -26.09
N MET V 791 -17.24 48.07 -26.02
CA MET V 791 -18.20 47.99 -27.10
C MET V 791 -19.51 47.56 -26.52
N SER V 792 -20.63 47.81 -27.25
CA SER V 792 -21.96 47.56 -26.77
C SER V 792 -22.89 47.32 -27.94
N ARG V 793 -23.96 46.54 -27.71
CA ARG V 793 -25.03 46.31 -28.64
C ARG V 793 -26.23 46.01 -27.79
N GLN V 794 -27.43 46.04 -28.39
CA GLN V 794 -28.64 45.61 -27.75
C GLN V 794 -29.12 44.45 -28.56
N VAL V 795 -29.22 43.26 -27.92
CA VAL V 795 -29.80 42.08 -28.51
C VAL V 795 -31.28 42.13 -28.32
N VAL V 796 -32.02 41.41 -29.20
CA VAL V 796 -33.44 41.18 -29.10
C VAL V 796 -33.73 40.33 -27.90
N ASP V 797 -34.56 40.84 -26.96
CA ASP V 797 -34.98 40.12 -25.77
C ASP V 797 -35.80 38.93 -26.19
N GLU V 798 -35.64 37.79 -25.50
CA GLU V 798 -36.31 36.56 -25.83
C GLU V 798 -37.25 36.20 -24.72
N VAL V 799 -37.31 37.03 -23.65
CA VAL V 799 -38.02 36.69 -22.44
C VAL V 799 -39.24 37.56 -22.38
N ASN V 800 -39.05 38.90 -22.31
CA ASN V 800 -40.10 39.84 -22.08
C ASN V 800 -40.61 40.43 -23.36
N TYR V 801 -40.03 40.02 -24.50
CA TYR V 801 -40.57 40.34 -25.80
C TYR V 801 -41.46 39.16 -26.11
N LYS V 802 -42.76 39.42 -26.34
CA LYS V 802 -43.78 38.40 -26.26
C LYS V 802 -44.17 37.87 -27.60
N ASP V 803 -43.54 38.36 -28.68
CA ASP V 803 -43.83 37.96 -30.03
C ASP V 803 -42.57 37.35 -30.61
N TYR V 804 -41.59 37.02 -29.75
CA TYR V 804 -40.35 36.41 -30.13
C TYR V 804 -40.56 35.02 -30.68
N GLN V 805 -39.94 34.75 -31.85
CA GLN V 805 -39.88 33.46 -32.48
C GLN V 805 -38.42 33.25 -32.66
N ALA V 806 -37.90 32.04 -32.35
CA ALA V 806 -36.51 31.74 -32.54
C ALA V 806 -36.41 31.10 -33.89
N VAL V 807 -35.94 31.87 -34.89
CA VAL V 807 -35.91 31.43 -36.27
C VAL V 807 -34.47 31.19 -36.59
N THR V 808 -34.12 29.91 -36.86
CA THR V 808 -32.82 29.47 -37.28
C THR V 808 -32.50 29.97 -38.65
N LEU V 809 -31.19 30.21 -38.91
CA LEU V 809 -30.68 30.63 -40.19
C LEU V 809 -30.90 29.54 -41.19
N ALA V 810 -31.82 29.81 -42.14
CA ALA V 810 -32.26 28.92 -43.19
C ALA V 810 -33.59 29.44 -43.55
N TYR V 811 -34.32 29.99 -42.55
CA TYR V 811 -35.68 30.45 -42.72
C TYR V 811 -35.69 31.93 -42.47
N GLN V 812 -34.51 32.56 -42.34
CA GLN V 812 -34.38 33.98 -42.21
C GLN V 812 -34.06 34.47 -43.58
N HIS V 813 -34.90 35.38 -44.10
CA HIS V 813 -34.86 35.81 -45.46
C HIS V 813 -34.93 37.27 -45.41
N ASN V 814 -34.13 37.93 -46.27
CA ASN V 814 -33.88 39.34 -46.20
C ASN V 814 -32.93 39.50 -47.34
N ASN V 815 -33.35 40.29 -48.34
CA ASN V 815 -32.73 40.45 -49.64
C ASN V 815 -33.19 39.35 -50.52
N SER V 816 -34.34 38.70 -50.22
CA SER V 816 -34.81 37.57 -50.97
C SER V 816 -35.12 37.95 -52.38
N GLY V 817 -34.61 37.17 -53.35
CA GLY V 817 -34.82 37.38 -54.75
C GLY V 817 -33.67 38.12 -55.36
N PHE V 818 -32.64 38.44 -54.56
CA PHE V 818 -31.57 39.29 -54.97
C PHE V 818 -30.27 38.68 -54.45
N VAL V 819 -30.34 37.57 -53.68
CA VAL V 819 -29.16 36.94 -53.12
C VAL V 819 -29.36 35.46 -53.24
N GLY V 820 -28.23 34.70 -53.22
CA GLY V 820 -28.23 33.26 -53.24
C GLY V 820 -28.77 32.71 -51.96
N TYR V 821 -29.17 31.42 -51.96
CA TYR V 821 -29.70 30.77 -50.80
C TYR V 821 -28.58 30.00 -50.16
N LEU V 822 -27.99 30.59 -49.10
CA LEU V 822 -27.00 29.99 -48.23
C LEU V 822 -25.67 29.83 -48.90
N ALA V 823 -25.43 30.52 -50.03
CA ALA V 823 -24.26 30.28 -50.82
C ALA V 823 -23.96 31.56 -51.53
N PRO V 824 -22.73 31.87 -51.92
CA PRO V 824 -22.41 33.05 -52.68
C PRO V 824 -22.79 32.89 -54.13
N THR V 825 -23.53 31.81 -54.50
CA THR V 825 -24.01 31.54 -55.84
C THR V 825 -25.03 32.56 -56.29
N MET V 826 -25.48 32.45 -57.56
CA MET V 826 -26.41 33.35 -58.19
C MET V 826 -27.73 33.48 -57.49
N ARG V 827 -28.32 34.69 -57.61
CA ARG V 827 -29.54 35.15 -56.99
C ARG V 827 -30.71 34.28 -57.28
N GLN V 828 -31.66 34.20 -56.33
CA GLN V 828 -32.78 33.33 -56.50
C GLN V 828 -33.83 33.75 -55.53
N GLY V 829 -35.11 33.50 -55.88
CA GLY V 829 -36.24 33.74 -55.03
C GLY V 829 -37.05 34.86 -55.60
N GLN V 830 -37.99 35.37 -54.78
CA GLN V 830 -38.89 36.45 -55.11
C GLN V 830 -38.64 37.56 -54.14
N PRO V 831 -38.81 38.82 -54.49
CA PRO V 831 -38.89 39.93 -53.55
C PRO V 831 -40.09 39.77 -52.65
N TYR V 832 -39.91 39.92 -51.33
CA TYR V 832 -40.94 39.66 -50.37
C TYR V 832 -40.48 40.48 -49.19
N PRO V 833 -41.28 40.89 -48.20
CA PRO V 833 -40.80 41.40 -46.93
C PRO V 833 -39.77 40.54 -46.28
N ALA V 834 -38.78 41.15 -45.59
CA ALA V 834 -37.78 40.47 -44.84
C ALA V 834 -38.34 40.11 -43.51
N ASN V 835 -37.59 39.36 -42.69
CA ASN V 835 -38.09 38.88 -41.42
C ASN V 835 -36.91 38.59 -40.55
N TYR V 836 -35.69 38.98 -40.98
CA TYR V 836 -34.48 38.58 -40.31
C TYR V 836 -34.27 39.45 -39.10
N PRO V 837 -33.58 40.58 -39.05
CA PRO V 837 -33.33 41.28 -37.81
C PRO V 837 -34.63 41.86 -37.30
N TYR V 838 -34.85 41.89 -35.98
CA TYR V 838 -35.98 42.57 -35.42
C TYR V 838 -35.56 44.00 -35.28
N PRO V 839 -36.35 45.01 -35.64
CA PRO V 839 -36.02 46.42 -35.46
C PRO V 839 -35.79 46.75 -34.01
N LEU V 840 -34.83 47.65 -33.71
CA LEU V 840 -34.53 48.05 -32.36
C LEU V 840 -34.67 49.54 -32.24
N ILE V 841 -35.11 50.28 -33.29
CA ILE V 841 -34.90 51.70 -33.33
C ILE V 841 -36.13 52.43 -33.75
N GLY V 842 -37.10 51.76 -34.41
CA GLY V 842 -38.23 52.42 -35.02
C GLY V 842 -39.27 52.89 -34.05
N LYS V 843 -40.48 53.15 -34.57
CA LYS V 843 -41.68 53.47 -33.82
C LYS V 843 -42.05 52.30 -32.95
N SER V 844 -41.95 51.09 -33.54
CA SER V 844 -42.24 49.85 -32.88
C SER V 844 -40.91 49.16 -32.93
N ALA V 845 -40.26 49.10 -31.76
CA ALA V 845 -38.98 48.51 -31.56
C ALA V 845 -39.20 47.49 -30.50
N VAL V 846 -38.75 46.26 -30.76
CA VAL V 846 -38.83 45.13 -29.86
C VAL V 846 -38.07 45.38 -28.59
N THR V 847 -38.51 44.74 -27.47
CA THR V 847 -37.87 44.81 -26.16
C THR V 847 -36.49 44.23 -26.31
N SER V 848 -35.47 44.85 -25.67
CA SER V 848 -34.11 44.55 -25.96
C SER V 848 -33.29 44.68 -24.73
N VAL V 849 -32.27 43.80 -24.55
CA VAL V 849 -31.43 43.79 -23.38
C VAL V 849 -30.01 44.01 -23.85
N THR V 850 -29.27 44.88 -23.12
CA THR V 850 -27.90 45.29 -23.33
C THR V 850 -26.91 44.16 -23.13
N GLN V 851 -25.91 44.05 -24.04
CA GLN V 851 -24.75 43.19 -23.90
C GLN V 851 -23.54 44.06 -24.06
N LYS V 852 -22.42 43.74 -23.37
CA LYS V 852 -21.20 44.52 -23.42
C LYS V 852 -20.07 43.52 -23.51
N LYS V 853 -18.93 43.97 -24.08
CA LYS V 853 -17.70 43.22 -24.13
C LYS V 853 -16.64 44.28 -24.20
N PHE V 854 -15.35 43.86 -24.12
CA PHE V 854 -14.19 44.64 -24.45
C PHE V 854 -13.30 43.69 -25.20
N LEU V 855 -12.25 44.19 -25.89
CA LEU V 855 -11.23 43.34 -26.48
C LEU V 855 -9.91 44.00 -26.25
N CYS V 856 -8.89 43.20 -25.89
CA CYS V 856 -7.50 43.61 -25.78
C CYS V 856 -6.75 42.66 -26.64
N ASP V 857 -5.97 43.21 -27.60
CA ASP V 857 -5.16 42.45 -28.51
C ASP V 857 -3.81 43.06 -28.40
N ARG V 858 -2.76 42.26 -28.17
CA ARG V 858 -1.37 42.67 -28.12
C ARG V 858 -1.01 43.17 -26.77
N VAL V 859 -1.71 42.68 -25.73
CA VAL V 859 -1.52 43.17 -24.39
C VAL V 859 -1.24 41.90 -23.66
N MET V 860 -0.49 42.00 -22.55
CA MET V 860 -0.39 40.98 -21.56
C MET V 860 -0.86 41.70 -20.36
N TRP V 861 -1.74 41.06 -19.56
CA TRP V 861 -2.19 41.55 -18.28
C TRP V 861 -1.03 41.63 -17.34
N ARG V 862 -0.98 42.64 -16.50
CA ARG V 862 0.13 42.88 -15.61
C ARG V 862 -0.44 43.08 -14.26
N ILE V 863 0.11 42.44 -13.27
CA ILE V 863 -0.21 42.69 -11.91
C ILE V 863 1.16 42.96 -11.32
N PRO V 864 1.50 44.17 -10.91
CA PRO V 864 2.70 44.52 -10.16
C PRO V 864 2.89 43.74 -8.90
N PHE V 865 4.03 43.90 -8.23
CA PHE V 865 4.28 43.29 -6.96
C PHE V 865 4.68 44.41 -6.05
N SER V 866 3.69 45.30 -5.78
CA SER V 866 3.85 46.49 -4.99
C SER V 866 2.59 46.57 -4.19
N SER V 867 2.58 47.36 -3.09
CA SER V 867 1.40 47.50 -2.26
C SER V 867 0.60 48.70 -2.64
N ASN V 868 1.10 49.53 -3.57
CA ASN V 868 0.35 50.62 -4.12
C ASN V 868 0.20 50.43 -5.60
N PHE V 869 0.78 49.34 -6.16
CA PHE V 869 0.63 48.91 -7.52
C PHE V 869 1.33 49.79 -8.50
N MET V 870 2.06 50.81 -8.06
CA MET V 870 2.81 51.69 -8.95
C MET V 870 4.20 51.16 -9.21
N SER V 871 4.73 51.54 -10.37
CA SER V 871 6.14 51.47 -10.70
C SER V 871 6.86 52.63 -10.00
N MET V 872 7.94 52.36 -9.28
CA MET V 872 8.77 53.36 -8.60
C MET V 872 10.27 53.03 -8.70
N GLY V 873 10.66 52.21 -9.65
CA GLY V 873 11.96 51.55 -9.72
C GLY V 873 11.76 50.05 -9.98
N ALA V 874 12.64 49.45 -10.79
CA ALA V 874 12.48 48.08 -11.27
C ALA V 874 12.49 47.06 -10.14
N LEU V 875 13.38 47.21 -9.17
CA LEU V 875 13.34 46.43 -7.96
C LEU V 875 12.25 47.04 -7.14
N THR V 876 11.14 46.29 -6.98
CA THR V 876 9.93 46.72 -6.33
C THR V 876 10.18 46.80 -4.85
N ASP V 877 9.29 47.49 -4.10
CA ASP V 877 9.44 47.75 -2.69
C ASP V 877 9.06 46.54 -1.86
N LEU V 878 8.38 45.53 -2.45
CA LEU V 878 8.09 44.28 -1.78
C LEU V 878 9.08 43.24 -2.18
N GLY V 879 9.84 43.47 -3.27
CA GLY V 879 10.91 42.59 -3.69
C GLY V 879 12.07 42.63 -2.75
N GLN V 880 12.35 43.81 -2.17
CA GLN V 880 13.43 44.02 -1.24
C GLN V 880 12.93 43.95 0.17
N ASN V 881 11.61 43.79 0.37
CA ASN V 881 11.00 43.51 1.66
C ASN V 881 11.13 42.03 1.93
N MET V 882 11.37 41.24 0.86
CA MET V 882 11.49 39.81 0.89
C MET V 882 12.94 39.42 0.94
N LEU V 883 13.85 40.40 1.11
CA LEU V 883 15.24 40.17 1.36
C LEU V 883 15.47 40.37 2.82
N TYR V 884 14.57 41.14 3.48
CA TYR V 884 14.69 41.48 4.88
C TYR V 884 13.79 40.58 5.68
N ALA V 885 13.31 39.49 5.06
CA ALA V 885 12.45 38.57 5.75
C ALA V 885 12.61 37.29 5.02
N ASN V 886 13.86 36.76 5.02
CA ASN V 886 14.27 35.58 4.28
C ASN V 886 13.51 34.37 4.75
N SER V 887 12.54 33.94 3.91
CA SER V 887 11.65 32.88 4.25
C SER V 887 11.20 32.38 2.91
N ALA V 888 10.88 31.09 2.84
CA ALA V 888 10.34 30.48 1.65
C ALA V 888 8.86 30.49 1.79
N HIS V 889 8.13 30.51 0.67
CA HIS V 889 6.69 30.45 0.69
C HIS V 889 6.35 29.83 -0.61
N ALA V 890 5.17 29.18 -0.65
CA ALA V 890 4.51 28.70 -1.83
C ALA V 890 3.65 29.78 -2.36
N LEU V 891 3.40 29.74 -3.67
CA LEU V 891 2.55 30.63 -4.41
C LEU V 891 1.51 29.78 -5.05
N ASP V 892 0.21 30.05 -4.83
CA ASP V 892 -0.87 29.30 -5.41
C ASP V 892 -1.74 30.35 -6.05
N MET V 893 -1.93 30.23 -7.38
CA MET V 893 -2.67 31.11 -8.24
C MET V 893 -3.77 30.36 -8.92
N ASN V 894 -5.03 30.70 -8.63
CA ASN V 894 -6.17 30.15 -9.33
C ASN V 894 -6.51 31.16 -10.41
N PHE V 895 -7.17 30.73 -11.50
CA PHE V 895 -7.53 31.60 -12.59
C PHE V 895 -8.90 31.11 -12.94
N GLU V 896 -9.72 31.98 -13.57
CA GLU V 896 -10.99 31.62 -14.13
C GLU V 896 -10.94 32.11 -15.53
N VAL V 897 -11.10 31.19 -16.49
CA VAL V 897 -11.05 31.45 -17.90
C VAL V 897 -12.38 31.04 -18.42
N ASP V 898 -12.89 31.72 -19.47
CA ASP V 898 -14.10 31.31 -20.18
C ASP V 898 -13.89 29.93 -20.76
N PRO V 899 -14.86 29.02 -20.78
CA PRO V 899 -14.75 27.78 -21.52
C PRO V 899 -14.53 27.99 -22.99
N MET V 900 -13.65 27.17 -23.61
CA MET V 900 -13.37 27.23 -25.02
C MET V 900 -13.17 25.82 -25.44
N ASP V 901 -13.71 25.48 -26.63
CA ASP V 901 -13.78 24.14 -27.17
C ASP V 901 -12.42 23.56 -27.49
N GLU V 902 -11.45 24.41 -27.86
CA GLU V 902 -10.10 24.00 -28.15
C GLU V 902 -9.30 23.90 -26.88
N SER V 903 -8.27 23.02 -26.89
CA SER V 903 -7.28 22.97 -25.85
C SER V 903 -6.46 24.23 -25.95
N THR V 904 -6.11 24.83 -24.80
CA THR V 904 -5.53 26.15 -24.74
C THR V 904 -4.45 26.04 -23.74
N LEU V 905 -3.56 27.05 -23.67
CA LEU V 905 -2.50 27.10 -22.69
C LEU V 905 -2.70 28.39 -21.98
N LEU V 906 -2.10 28.49 -20.79
CA LEU V 906 -2.13 29.66 -19.98
C LEU V 906 -0.68 29.93 -19.80
N TYR V 907 -0.25 31.13 -20.20
CA TYR V 907 1.12 31.56 -20.21
C TYR V 907 1.25 32.57 -19.12
N VAL V 908 1.98 32.24 -18.04
CA VAL V 908 2.26 33.10 -16.93
C VAL V 908 3.72 33.39 -16.99
N VAL V 909 4.04 34.68 -17.07
CA VAL V 909 5.34 35.28 -17.07
C VAL V 909 5.58 35.60 -15.63
N PHE V 910 6.71 35.19 -15.04
CA PHE V 910 7.03 35.52 -13.67
C PHE V 910 8.22 36.40 -13.84
N GLU V 911 8.04 37.71 -13.55
CA GLU V 911 8.99 38.74 -13.87
C GLU V 911 10.04 38.81 -12.81
N VAL V 912 11.32 38.75 -13.24
CA VAL V 912 12.47 38.61 -12.38
C VAL V 912 13.54 39.50 -12.93
N PHE V 913 14.81 39.31 -12.48
CA PHE V 913 16.00 39.91 -13.04
C PHE V 913 16.72 38.79 -13.73
N ASP V 914 17.61 39.13 -14.67
CA ASP V 914 18.10 38.17 -15.63
C ASP V 914 19.43 38.67 -16.14
N VAL V 915 20.06 39.58 -15.36
CA VAL V 915 21.29 40.29 -15.66
C VAL V 915 22.48 39.38 -15.87
N VAL V 916 23.31 39.73 -16.86
CA VAL V 916 24.55 39.08 -17.23
C VAL V 916 25.60 40.14 -17.06
N ARG V 917 26.82 39.74 -16.66
CA ARG V 917 27.99 40.56 -16.59
C ARG V 917 29.02 39.89 -17.45
N VAL V 918 29.63 40.62 -18.42
CA VAL V 918 30.57 40.10 -19.39
C VAL V 918 31.87 40.81 -19.24
N HIS V 919 32.96 40.06 -18.96
CA HIS V 919 34.27 40.59 -18.75
C HIS V 919 35.17 39.90 -19.74
N GLN V 920 36.10 40.66 -20.37
CA GLN V 920 37.15 40.10 -21.19
C GLN V 920 38.38 40.57 -20.48
N PRO V 921 39.19 39.75 -19.81
CA PRO V 921 40.18 40.27 -18.90
C PRO V 921 41.50 40.29 -19.63
N HIS V 922 41.56 39.66 -20.82
CA HIS V 922 42.77 39.57 -21.58
C HIS V 922 42.30 39.26 -22.97
N ARG V 923 43.22 39.33 -23.94
CA ARG V 923 42.98 39.12 -25.34
C ARG V 923 42.58 37.70 -25.65
N GLY V 924 41.32 37.52 -26.09
CA GLY V 924 40.78 36.26 -26.52
C GLY V 924 40.28 35.45 -25.37
N VAL V 925 39.85 36.13 -24.29
CA VAL V 925 39.36 35.50 -23.10
C VAL V 925 38.09 36.24 -22.87
N ILE V 926 37.01 35.50 -22.53
CA ILE V 926 35.71 36.05 -22.34
C ILE V 926 35.13 35.23 -21.23
N GLU V 927 34.33 35.87 -20.36
CA GLU V 927 33.82 35.29 -19.16
C GLU V 927 32.48 35.92 -19.04
N ALA V 928 31.50 35.18 -18.54
CA ALA V 928 30.15 35.66 -18.41
C ALA V 928 29.61 34.95 -17.22
N VAL V 929 28.78 35.65 -16.42
CA VAL V 929 28.21 35.12 -15.21
C VAL V 929 26.82 35.63 -15.24
N TYR V 930 25.86 34.72 -14.97
CA TYR V 930 24.45 35.02 -15.07
C TYR V 930 23.87 34.94 -13.69
N LEU V 931 22.95 35.86 -13.37
CA LEU V 931 22.20 35.89 -12.15
C LEU V 931 20.75 35.89 -12.51
N ARG V 932 19.95 35.04 -11.86
CA ARG V 932 18.52 35.15 -11.87
C ARG V 932 18.25 34.79 -10.45
N THR V 933 17.47 35.63 -9.73
CA THR V 933 17.40 35.53 -8.28
C THR V 933 16.12 34.91 -7.76
N PRO V 934 14.91 35.21 -8.18
CA PRO V 934 13.72 34.57 -7.64
C PRO V 934 13.61 33.14 -8.08
N PHE V 935 14.14 32.79 -9.27
CA PHE V 935 14.22 31.41 -9.69
C PHE V 935 15.66 31.06 -9.87
N SER V 936 16.16 30.11 -9.05
CA SER V 936 17.51 29.65 -9.10
C SER V 936 17.52 28.21 -8.63
N ALA V 937 16.44 27.77 -7.94
CA ALA V 937 16.39 26.48 -7.28
C ALA V 937 15.38 25.62 -7.99
N GLY V 938 15.10 25.92 -9.28
CA GLY V 938 14.06 25.30 -10.05
C GLY V 938 13.27 26.37 -10.71
N ASN V 939 12.37 25.96 -11.64
CA ASN V 939 11.51 26.80 -12.45
C ASN V 939 12.29 27.82 -13.22
N ALA V 940 13.31 27.32 -13.96
CA ALA V 940 14.32 28.13 -14.60
C ALA V 940 15.15 27.21 -15.44
N THR V 941 14.84 25.88 -15.40
CA THR V 941 15.48 24.79 -16.11
C THR V 941 16.66 24.29 -15.30
N THR V 942 17.36 25.21 -14.60
CA THR V 942 18.45 24.94 -13.69
C THR V 942 17.86 24.62 -12.30
N MET W 1 36.07 37.73 -10.19
CA MET W 1 34.92 37.16 -9.46
C MET W 1 35.27 36.79 -8.07
N ALA W 2 34.53 37.35 -7.08
CA ALA W 2 34.64 37.02 -5.67
C ALA W 2 33.50 36.07 -5.48
N THR W 3 32.89 36.00 -4.27
CA THR W 3 31.72 35.17 -4.11
C THR W 3 30.62 35.92 -3.41
N PRO W 4 30.12 37.06 -3.88
CA PRO W 4 28.92 37.70 -3.35
C PRO W 4 27.64 36.86 -3.34
N SER W 5 26.73 37.13 -2.36
CA SER W 5 25.37 36.64 -2.31
C SER W 5 24.58 37.54 -1.41
N MET W 6 23.20 37.49 -1.51
CA MET W 6 22.27 38.35 -0.79
C MET W 6 22.38 39.76 -1.34
N LEU W 7 22.46 40.77 -0.46
CA LEU W 7 22.66 42.15 -0.85
C LEU W 7 23.95 42.36 -1.64
N PRO W 8 25.10 41.77 -1.29
CA PRO W 8 26.29 41.70 -2.11
C PRO W 8 26.19 41.36 -3.57
N GLN W 9 25.35 40.39 -4.01
CA GLN W 9 25.38 39.93 -5.39
C GLN W 9 24.37 40.68 -6.18
N TRP W 10 23.64 41.60 -5.53
CA TRP W 10 22.75 42.51 -6.19
C TRP W 10 23.50 43.80 -6.35
N ALA W 11 24.66 43.92 -5.67
CA ALA W 11 25.53 45.06 -5.77
C ALA W 11 26.75 44.65 -6.51
N TYR W 12 26.63 43.62 -7.37
CA TYR W 12 27.70 43.15 -8.19
C TYR W 12 27.13 42.91 -9.55
N MET W 13 25.82 42.64 -9.63
CA MET W 13 25.11 42.50 -10.88
C MET W 13 24.24 43.68 -11.12
N HIS W 14 24.24 44.67 -10.21
CA HIS W 14 23.82 46.02 -10.47
C HIS W 14 22.35 46.14 -10.56
N ILE W 15 21.65 45.51 -9.60
CA ILE W 15 20.22 45.51 -9.51
C ILE W 15 19.88 46.05 -8.15
N ALA W 16 20.84 46.58 -7.38
CA ALA W 16 20.61 47.24 -6.09
C ALA W 16 21.67 48.26 -5.62
N GLY W 17 22.86 48.30 -6.22
CA GLY W 17 23.95 49.17 -5.77
C GLY W 17 23.88 50.64 -6.22
N GLN W 18 25.02 51.16 -6.66
CA GLN W 18 25.23 52.49 -7.23
C GLN W 18 25.16 52.50 -8.75
N ASP W 19 25.05 53.68 -9.36
CA ASP W 19 24.80 53.83 -10.80
C ASP W 19 26.08 53.68 -11.65
N ALA W 20 25.96 53.54 -12.96
CA ALA W 20 27.07 53.22 -13.83
C ALA W 20 27.78 54.47 -14.22
N SER W 21 28.10 55.29 -13.22
CA SER W 21 28.93 56.44 -13.35
C SER W 21 29.53 56.65 -11.99
N GLU W 22 29.46 55.60 -11.14
CA GLU W 22 29.96 55.63 -9.80
C GLU W 22 30.62 54.32 -9.52
N TYR W 23 30.27 53.22 -10.25
CA TYR W 23 31.02 52.00 -10.13
C TYR W 23 31.94 51.88 -11.31
N LEU W 24 31.68 52.64 -12.40
CA LEU W 24 32.58 52.74 -13.51
C LEU W 24 33.67 53.70 -13.14
N SER W 25 34.85 53.53 -13.76
CA SER W 25 36.00 54.39 -13.57
C SER W 25 35.68 55.75 -14.14
N PRO W 26 36.08 56.88 -13.57
CA PRO W 26 35.76 58.19 -14.09
C PRO W 26 36.58 58.58 -15.28
N GLY W 27 37.27 57.63 -15.94
CA GLY W 27 37.99 57.85 -17.15
C GLY W 27 37.23 57.22 -18.27
N LEU W 28 36.27 56.32 -17.94
CA LEU W 28 35.45 55.61 -18.89
C LEU W 28 34.12 56.30 -19.01
N VAL W 29 33.83 57.25 -18.10
CA VAL W 29 32.58 57.97 -18.09
C VAL W 29 32.83 59.31 -18.71
N GLN W 30 34.08 59.84 -18.56
CA GLN W 30 34.59 60.90 -19.37
C GLN W 30 34.75 60.54 -20.81
N PHE W 31 35.18 59.29 -21.10
CA PHE W 31 35.30 58.77 -22.44
C PHE W 31 33.94 58.71 -23.08
N ALA W 32 32.95 58.23 -22.31
CA ALA W 32 31.64 57.92 -22.80
C ALA W 32 30.70 59.04 -22.51
N ARG W 33 31.04 60.24 -23.00
CA ARG W 33 30.19 61.39 -22.90
C ARG W 33 30.77 62.37 -23.86
N ALA W 34 31.98 62.09 -24.39
CA ALA W 34 32.66 62.92 -25.33
C ALA W 34 32.55 62.28 -26.68
N THR W 35 32.44 60.92 -26.70
CA THR W 35 32.27 60.16 -27.91
C THR W 35 30.84 59.78 -28.10
N ASP W 36 29.98 59.91 -27.07
CA ASP W 36 28.58 59.54 -27.15
C ASP W 36 27.80 60.64 -27.82
N THR W 37 27.93 60.70 -29.16
CA THR W 37 27.32 61.63 -30.07
C THR W 37 27.48 60.99 -31.43
N TYR W 38 28.19 59.84 -31.51
CA TYR W 38 28.46 59.16 -32.74
C TYR W 38 28.96 57.77 -32.42
N PHE W 39 28.99 57.39 -31.12
CA PHE W 39 29.60 56.15 -30.72
C PHE W 39 29.21 55.98 -29.28
N SER W 40 27.99 55.45 -29.05
CA SER W 40 27.42 55.19 -27.76
C SER W 40 28.11 54.06 -27.05
N LEU W 41 28.02 54.09 -25.70
CA LEU W 41 28.74 53.20 -24.82
C LEU W 41 27.93 53.10 -23.56
N GLY W 42 26.86 53.92 -23.43
CA GLY W 42 26.08 54.02 -22.22
C GLY W 42 25.10 52.91 -22.06
N ASN W 43 24.69 52.25 -23.17
CA ASN W 43 23.67 51.23 -23.13
C ASN W 43 24.30 49.88 -22.88
N LYS W 44 25.63 49.84 -22.64
CA LYS W 44 26.35 48.62 -22.37
C LYS W 44 26.49 48.41 -20.89
N PHE W 45 25.92 49.27 -20.03
CA PHE W 45 26.09 49.18 -18.61
C PHE W 45 24.74 49.39 -18.01
N ARG W 46 24.54 48.94 -16.75
CA ARG W 46 23.24 48.87 -16.11
C ARG W 46 23.25 49.78 -14.93
N ASN W 47 22.12 50.49 -14.71
CA ASN W 47 21.93 51.35 -13.56
C ASN W 47 20.83 50.70 -12.75
N PRO W 48 21.05 50.40 -11.47
CA PRO W 48 19.98 49.89 -10.62
C PRO W 48 18.96 50.99 -10.34
N THR W 49 17.69 50.70 -10.57
CA THR W 49 16.59 51.51 -10.03
C THR W 49 15.91 50.73 -8.92
N VAL W 50 15.94 51.29 -7.72
CA VAL W 50 15.43 50.65 -6.51
C VAL W 50 14.26 51.46 -5.99
N ALA W 51 13.10 50.82 -5.80
CA ALA W 51 11.93 51.49 -5.24
C ALA W 51 12.25 51.97 -3.83
N PRO W 52 11.74 53.14 -3.41
CA PRO W 52 11.92 53.59 -2.05
C PRO W 52 11.14 52.67 -1.11
N THR W 53 11.62 52.52 0.10
CA THR W 53 10.91 51.83 1.18
C THR W 53 11.07 52.61 2.48
N HIS W 54 10.25 52.30 3.48
CA HIS W 54 9.95 53.13 4.65
C HIS W 54 9.14 54.37 4.26
N ASP W 55 8.02 54.58 4.94
CA ASP W 55 7.26 55.84 4.91
C ASP W 55 6.77 56.27 3.52
N VAL W 56 6.58 55.35 2.58
CA VAL W 56 6.00 55.62 1.26
C VAL W 56 4.63 54.99 1.01
N THR W 57 4.22 54.01 1.80
CA THR W 57 2.97 53.31 1.56
C THR W 57 2.73 52.33 2.67
N THR W 58 1.50 52.36 3.21
CA THR W 58 1.00 51.41 4.17
C THR W 58 -0.46 51.34 3.82
N ASP W 59 -1.04 50.11 3.86
CA ASP W 59 -2.41 49.88 3.50
C ASP W 59 -2.91 48.87 4.48
N ARG W 60 -2.87 49.25 5.77
CA ARG W 60 -3.21 48.39 6.87
C ARG W 60 -4.69 48.56 7.05
N SER W 61 -5.45 47.74 6.30
CA SER W 61 -6.88 47.61 6.38
C SER W 61 -7.57 48.86 5.91
N GLN W 62 -7.12 49.42 4.77
CA GLN W 62 -7.70 50.62 4.23
C GLN W 62 -7.78 50.44 2.75
N ARG W 63 -9.00 50.64 2.19
CA ARG W 63 -9.24 50.47 0.79
C ARG W 63 -8.75 51.65 0.01
N LEU W 64 -8.34 51.38 -1.25
CA LEU W 64 -7.87 52.37 -2.18
C LEU W 64 -9.03 53.11 -2.78
N THR W 65 -10.24 52.51 -2.79
CA THR W 65 -11.45 53.10 -3.34
C THR W 65 -12.53 52.95 -2.32
N LEU W 66 -13.22 54.06 -1.98
CA LEU W 66 -14.35 54.07 -1.11
C LEU W 66 -15.49 54.58 -1.94
N ARG W 67 -16.66 53.91 -1.86
CA ARG W 67 -17.89 54.37 -2.44
C ARG W 67 -18.57 55.13 -1.34
N PHE W 68 -19.33 56.17 -1.71
CA PHE W 68 -20.08 56.99 -0.82
C PHE W 68 -21.43 57.05 -1.44
N VAL W 69 -22.47 56.61 -0.69
CA VAL W 69 -23.82 56.56 -1.18
C VAL W 69 -24.50 57.82 -0.68
N PRO W 70 -25.53 58.38 -1.31
CA PRO W 70 -26.15 59.62 -0.91
C PRO W 70 -26.73 59.59 0.48
N VAL W 71 -26.84 60.76 1.14
CA VAL W 71 -27.43 60.88 2.45
C VAL W 71 -28.69 61.69 2.34
N ASP W 72 -28.94 62.32 1.17
CA ASP W 72 -30.17 63.01 0.87
C ASP W 72 -30.27 62.89 -0.62
N ARG W 73 -31.52 62.93 -1.14
CA ARG W 73 -31.81 62.69 -2.53
C ARG W 73 -33.03 63.51 -2.78
N GLU W 74 -33.21 63.99 -4.02
CA GLU W 74 -34.35 64.76 -4.44
C GLU W 74 -34.53 64.31 -5.84
N ASP W 75 -35.79 64.19 -6.29
CA ASP W 75 -36.12 63.63 -7.57
C ASP W 75 -37.19 64.50 -8.18
N ASN W 76 -36.81 65.76 -8.48
CA ASN W 76 -37.65 66.75 -9.12
C ASN W 76 -37.63 66.45 -10.59
N THR W 77 -38.57 67.05 -11.35
CA THR W 77 -38.76 66.82 -12.76
C THR W 77 -37.53 67.16 -13.58
N TYR W 78 -36.83 68.26 -13.23
CA TYR W 78 -35.76 68.77 -14.05
C TYR W 78 -34.45 68.72 -13.32
N SER W 79 -34.40 68.18 -12.09
CA SER W 79 -33.16 68.16 -11.35
C SER W 79 -33.20 66.98 -10.46
N TYR W 80 -32.02 66.45 -10.12
CA TYR W 80 -31.85 65.37 -9.21
C TYR W 80 -30.76 65.87 -8.32
N LYS W 81 -30.95 65.90 -6.98
CA LYS W 81 -29.96 66.45 -6.08
C LYS W 81 -29.51 65.26 -5.31
N VAL W 82 -28.21 65.19 -4.98
CA VAL W 82 -27.70 64.16 -4.11
C VAL W 82 -26.66 64.83 -3.28
N ARG W 83 -26.68 64.51 -1.96
CA ARG W 83 -25.78 65.04 -0.99
C ARG W 83 -25.06 63.82 -0.56
N TYR W 84 -23.80 63.96 -0.14
CA TYR W 84 -22.94 62.92 0.32
C TYR W 84 -22.30 63.44 1.54
N THR W 85 -21.71 62.55 2.35
CA THR W 85 -20.80 62.95 3.38
C THR W 85 -19.53 62.32 2.92
N LEU W 86 -18.59 63.17 2.45
CA LEU W 86 -17.32 62.76 1.97
C LEU W 86 -16.43 62.89 3.16
N ALA W 87 -15.86 61.76 3.60
CA ALA W 87 -15.08 61.68 4.78
C ALA W 87 -13.72 61.30 4.32
N VAL W 88 -12.72 62.01 4.85
CA VAL W 88 -11.34 61.75 4.62
C VAL W 88 -10.93 61.45 6.02
N GLY W 89 -10.42 60.23 6.25
CA GLY W 89 -9.99 59.78 7.55
C GLY W 89 -8.74 60.47 7.97
N ASP W 90 -8.36 60.33 9.25
CA ASP W 90 -7.07 60.74 9.76
C ASP W 90 -5.99 60.01 9.03
N ASN W 91 -4.90 60.72 8.69
CA ASN W 91 -3.70 60.19 8.09
C ASN W 91 -3.98 59.74 6.68
N ARG W 92 -4.77 60.54 5.93
CA ARG W 92 -5.08 60.26 4.55
C ARG W 92 -5.22 61.59 3.91
N VAL W 93 -4.88 61.65 2.61
CA VAL W 93 -5.02 62.83 1.81
C VAL W 93 -5.77 62.33 0.61
N LEU W 94 -6.81 63.06 0.18
CA LEU W 94 -7.63 62.69 -0.94
C LEU W 94 -7.38 63.70 -2.00
N ASP W 95 -7.23 63.27 -3.27
CA ASP W 95 -7.17 64.16 -4.40
C ASP W 95 -8.56 64.13 -4.98
N MET W 96 -9.09 65.33 -5.34
CA MET W 96 -10.43 65.51 -5.84
C MET W 96 -10.44 65.45 -7.33
N ALA W 97 -9.31 65.06 -7.94
CA ALA W 97 -9.24 64.88 -9.36
C ALA W 97 -9.50 63.45 -9.71
N SER W 98 -9.72 62.58 -8.70
CA SER W 98 -10.00 61.17 -8.89
C SER W 98 -11.40 60.85 -8.43
N THR W 99 -12.22 61.89 -8.17
CA THR W 99 -13.62 61.77 -7.86
C THR W 99 -14.43 61.79 -9.14
N TYR W 100 -15.46 60.95 -9.21
CA TYR W 100 -16.34 60.88 -10.34
C TYR W 100 -17.62 60.34 -9.79
N PHE W 101 -18.76 60.63 -10.45
CA PHE W 101 -20.05 60.18 -10.01
C PHE W 101 -20.46 59.11 -10.97
N ASP W 102 -20.81 57.90 -10.45
CA ASP W 102 -21.33 56.82 -11.25
C ASP W 102 -22.83 56.91 -11.31
N ILE W 103 -23.36 57.53 -12.39
CA ILE W 103 -24.75 57.71 -12.71
C ILE W 103 -25.22 56.49 -13.43
N ARG W 104 -26.33 55.86 -12.99
CA ARG W 104 -26.83 54.67 -13.63
C ARG W 104 -28.29 54.97 -13.75
N GLY W 105 -28.87 54.78 -14.95
CA GLY W 105 -30.25 55.13 -15.19
C GLY W 105 -30.78 54.25 -16.26
N VAL W 106 -31.96 54.60 -16.82
CA VAL W 106 -32.46 54.00 -18.03
C VAL W 106 -32.68 55.15 -18.96
N LEU W 107 -31.95 55.14 -20.10
CA LEU W 107 -32.06 56.10 -21.15
C LEU W 107 -33.07 55.58 -22.11
N ASP W 108 -33.95 56.47 -22.62
CA ASP W 108 -34.84 56.17 -23.69
C ASP W 108 -34.45 57.18 -24.73
N ARG W 109 -34.25 56.72 -25.98
CA ARG W 109 -33.96 57.55 -27.12
C ARG W 109 -35.22 57.42 -27.90
N GLY W 110 -35.71 58.53 -28.49
CA GLY W 110 -36.97 58.57 -29.19
C GLY W 110 -37.07 57.65 -30.38
N PRO W 111 -38.19 57.66 -31.08
CA PRO W 111 -38.34 56.98 -32.35
C PRO W 111 -37.72 57.81 -33.46
N SER W 112 -37.07 58.94 -33.13
CA SER W 112 -36.30 59.74 -34.05
C SER W 112 -34.94 59.13 -34.25
N PHE W 113 -34.49 58.30 -33.28
CA PHE W 113 -33.22 57.61 -33.26
C PHE W 113 -33.12 56.66 -34.43
N LYS W 114 -31.93 56.58 -35.05
CA LYS W 114 -31.69 55.72 -36.18
C LYS W 114 -30.22 55.81 -36.45
N PRO W 115 -29.35 54.93 -35.98
CA PRO W 115 -27.92 55.22 -35.94
C PRO W 115 -27.26 54.54 -37.10
N TYR W 116 -27.85 54.64 -38.30
CA TYR W 116 -27.31 54.04 -39.50
C TYR W 116 -27.99 54.79 -40.58
N SER W 117 -27.40 54.81 -41.79
CA SER W 117 -27.83 55.64 -42.88
C SER W 117 -28.42 54.86 -44.01
N GLY W 118 -28.54 53.53 -43.87
CA GLY W 118 -29.20 52.71 -44.86
C GLY W 118 -30.57 52.32 -44.40
N THR W 119 -31.04 51.18 -44.93
CA THR W 119 -32.20 50.46 -44.48
C THR W 119 -31.63 49.12 -44.16
N ALA W 120 -32.28 48.36 -43.26
CA ALA W 120 -31.79 47.09 -42.80
C ALA W 120 -32.56 45.99 -43.46
N TYR W 121 -33.49 46.33 -44.39
CA TYR W 121 -34.35 45.33 -44.99
C TYR W 121 -34.36 45.59 -46.46
N ASN W 122 -34.06 44.55 -47.27
CA ASN W 122 -34.13 44.56 -48.71
C ASN W 122 -33.41 45.71 -49.35
N SER W 123 -32.11 45.88 -49.07
CA SER W 123 -31.38 47.02 -49.55
C SER W 123 -30.78 46.76 -50.90
N LEU W 124 -31.08 45.59 -51.52
CA LEU W 124 -30.68 45.31 -52.87
C LEU W 124 -31.86 45.45 -53.77
N ALA W 125 -33.03 45.82 -53.21
CA ALA W 125 -34.24 45.98 -53.98
C ALA W 125 -34.15 47.29 -54.70
N PRO W 126 -34.67 47.48 -55.90
CA PRO W 126 -35.01 48.78 -56.46
C PRO W 126 -35.80 49.63 -55.51
N LYS W 127 -35.59 50.96 -55.52
CA LYS W 127 -36.28 51.91 -54.68
C LYS W 127 -37.77 51.85 -54.87
N GLY W 128 -38.23 51.66 -56.12
CA GLY W 128 -39.60 51.48 -56.46
C GLY W 128 -39.67 50.10 -57.03
N ALA W 129 -40.26 49.15 -56.28
CA ALA W 129 -40.40 47.78 -56.71
C ALA W 129 -41.68 47.36 -56.04
N PRO W 130 -42.59 46.65 -56.67
CA PRO W 130 -43.98 46.61 -56.26
C PRO W 130 -44.18 45.76 -55.04
N ASN W 131 -43.47 44.62 -54.91
CA ASN W 131 -43.66 43.63 -53.89
C ASN W 131 -44.81 42.74 -54.30
N SER W 132 -44.67 41.39 -54.15
CA SER W 132 -45.71 40.44 -54.47
C SER W 132 -46.93 40.69 -53.62
N SER W 133 -48.01 41.19 -54.26
CA SER W 133 -49.21 41.56 -53.55
C SER W 133 -50.27 41.60 -54.60
N GLN W 134 -51.55 41.55 -54.16
CA GLN W 134 -52.67 41.57 -55.06
C GLN W 134 -53.57 42.66 -54.52
N TRP W 135 -54.49 43.12 -55.39
CA TRP W 135 -55.36 44.23 -55.14
C TRP W 135 -56.61 43.85 -55.85
N GLU W 136 -57.77 44.13 -55.27
CA GLU W 136 -59.04 43.79 -55.86
C GLU W 136 -59.74 45.07 -56.12
N GLN W 137 -60.09 45.32 -57.40
CA GLN W 137 -60.71 46.54 -57.81
C GLN W 137 -61.63 46.15 -58.92
N LYS W 138 -62.82 46.78 -58.92
CA LYS W 138 -63.92 46.53 -59.81
C LYS W 138 -63.61 46.87 -61.23
N LYS W 139 -64.03 45.99 -62.14
CA LYS W 139 -63.84 46.15 -63.55
C LYS W 139 -65.17 45.79 -64.13
N ALA W 140 -65.42 46.28 -65.37
CA ALA W 140 -66.60 45.99 -66.15
C ALA W 140 -66.69 44.52 -66.48
N GLY W 141 -65.52 43.90 -66.80
CA GLY W 141 -65.40 42.51 -67.14
C GLY W 141 -65.81 41.63 -66.00
N ASN W 142 -66.60 40.58 -66.33
CA ASN W 142 -67.08 39.55 -65.42
C ASN W 142 -68.14 40.16 -64.53
N GLY W 143 -68.99 41.04 -65.10
CA GLY W 143 -69.97 41.85 -64.41
C GLY W 143 -69.32 42.85 -63.49
N ASP W 144 -70.13 43.57 -62.69
CA ASP W 144 -69.63 44.55 -61.75
C ASP W 144 -69.44 43.83 -60.44
N THR W 145 -68.19 43.44 -60.20
CA THR W 145 -67.76 42.81 -58.98
C THR W 145 -66.29 43.05 -59.03
N MET W 146 -65.61 42.97 -57.86
CA MET W 146 -64.17 43.07 -57.77
C MET W 146 -63.50 41.96 -58.53
N GLU W 147 -62.38 42.29 -59.20
CA GLU W 147 -61.53 41.37 -59.90
C GLU W 147 -60.26 41.42 -59.13
N THR W 148 -59.71 40.27 -58.68
CA THR W 148 -58.52 40.26 -57.86
C THR W 148 -57.35 40.08 -58.79
N HIS W 149 -56.61 41.18 -59.02
CA HIS W 149 -55.46 41.28 -59.87
C HIS W 149 -54.24 41.06 -59.05
N THR W 150 -53.35 40.12 -59.45
CA THR W 150 -52.19 39.74 -58.68
C THR W 150 -51.00 40.10 -59.51
N PHE W 151 -49.98 40.76 -58.90
CA PHE W 151 -48.72 41.05 -59.55
C PHE W 151 -47.75 40.36 -58.65
N GLY W 152 -46.73 39.67 -59.21
CA GLY W 152 -45.78 39.00 -58.37
C GLY W 152 -44.81 38.24 -59.19
N VAL W 153 -44.19 37.23 -58.55
CA VAL W 153 -43.23 36.35 -59.14
C VAL W 153 -43.35 35.07 -58.34
N ALA W 154 -43.26 33.91 -59.02
CA ALA W 154 -43.39 32.61 -58.41
C ALA W 154 -42.10 31.90 -58.74
N PRO W 155 -41.17 31.63 -57.82
CA PRO W 155 -39.82 31.40 -58.25
C PRO W 155 -39.40 29.96 -58.18
N MET W 156 -39.85 29.13 -57.20
CA MET W 156 -39.39 27.76 -57.15
C MET W 156 -40.23 26.94 -58.09
N GLY W 157 -39.68 25.81 -58.60
CA GLY W 157 -40.41 24.92 -59.47
C GLY W 157 -41.36 24.05 -58.74
N GLY W 158 -41.73 22.89 -59.32
CA GLY W 158 -42.71 22.03 -58.73
C GLY W 158 -43.06 20.97 -59.71
N GLU W 159 -43.21 19.72 -59.22
CA GLU W 159 -43.59 18.57 -60.00
C GLU W 159 -45.02 18.63 -60.53
N ASN W 160 -45.98 19.15 -59.74
CA ASN W 160 -47.36 19.16 -60.15
C ASN W 160 -48.06 20.18 -59.29
N ILE W 161 -49.24 20.70 -59.73
CA ILE W 161 -50.10 21.55 -58.94
C ILE W 161 -51.41 20.85 -58.90
N THR W 162 -51.95 20.65 -57.68
CA THR W 162 -53.18 19.94 -57.44
C THR W 162 -54.03 20.88 -56.63
N ILE W 163 -55.11 20.35 -56.02
CA ILE W 163 -56.01 21.02 -55.12
C ILE W 163 -55.27 21.43 -53.86
N ASP W 164 -54.29 20.59 -53.45
CA ASP W 164 -53.47 20.78 -52.27
C ASP W 164 -52.24 21.60 -52.57
N GLY W 165 -52.21 22.33 -53.72
CA GLY W 165 -51.16 23.28 -53.99
C GLY W 165 -50.01 22.61 -54.64
N LEU W 166 -48.87 23.32 -54.65
CA LEU W 166 -47.62 22.93 -55.25
C LEU W 166 -47.14 21.63 -54.67
N GLN W 167 -46.60 20.74 -55.53
CA GLN W 167 -45.96 19.53 -55.08
C GLN W 167 -44.51 19.88 -55.15
N ILE W 168 -43.80 19.66 -54.02
CA ILE W 168 -42.42 20.05 -53.89
C ILE W 168 -41.52 18.86 -54.07
N GLY W 169 -42.06 17.62 -54.01
CA GLY W 169 -41.22 16.46 -54.18
C GLY W 169 -42.10 15.26 -54.32
N THR W 170 -41.46 14.08 -54.35
CA THR W 170 -42.17 12.83 -54.41
C THR W 170 -41.41 11.83 -53.57
N ASP W 171 -42.16 11.17 -52.67
CA ASP W 171 -41.74 10.11 -51.79
C ASP W 171 -41.33 8.91 -52.63
N ALA W 172 -40.29 8.18 -52.19
CA ALA W 172 -39.80 7.02 -52.88
C ALA W 172 -38.92 6.29 -51.90
N THR W 173 -38.90 6.77 -50.63
CA THR W 173 -38.07 6.25 -49.57
C THR W 173 -38.87 5.32 -48.70
N ALA W 174 -40.20 5.20 -48.96
CA ALA W 174 -41.07 4.30 -48.24
C ALA W 174 -41.33 3.12 -49.13
N ASP W 175 -40.78 3.15 -50.38
CA ASP W 175 -40.87 2.15 -51.43
C ASP W 175 -42.22 2.21 -52.08
N GLN W 176 -43.01 3.24 -51.70
CA GLN W 176 -44.32 3.52 -52.19
C GLN W 176 -44.19 4.97 -52.49
N ASP W 177 -44.52 5.38 -53.73
CA ASP W 177 -44.53 6.78 -54.09
C ASP W 177 -45.81 7.46 -53.70
N LYS W 178 -45.69 8.76 -53.35
CA LYS W 178 -46.74 9.58 -52.82
C LYS W 178 -46.25 10.95 -53.23
N PRO W 179 -47.10 11.94 -53.48
CA PRO W 179 -46.73 13.35 -53.46
C PRO W 179 -46.21 13.83 -52.13
N ILE W 180 -45.38 14.89 -52.16
CA ILE W 180 -45.04 15.65 -50.97
C ILE W 180 -45.53 17.01 -51.38
N TYR W 181 -46.40 17.65 -50.59
CA TYR W 181 -46.91 18.96 -50.89
C TYR W 181 -46.20 19.92 -50.01
N ALA W 182 -46.16 21.21 -50.43
CA ALA W 182 -45.47 22.24 -49.71
C ALA W 182 -46.40 22.77 -48.65
N ASP W 183 -45.93 22.85 -47.38
CA ASP W 183 -46.67 23.37 -46.25
C ASP W 183 -47.07 24.79 -46.49
N LYS W 184 -48.26 25.17 -46.01
CA LYS W 184 -48.82 26.48 -46.18
C LYS W 184 -47.96 27.51 -45.48
N THR W 185 -47.52 27.18 -44.25
CA THR W 185 -46.91 28.09 -43.31
C THR W 185 -45.63 28.75 -43.76
N PHE W 186 -44.70 28.03 -44.44
CA PHE W 186 -43.43 28.63 -44.75
C PHE W 186 -42.86 28.04 -46.01
N GLN W 187 -43.30 26.83 -46.39
CA GLN W 187 -42.57 25.95 -47.27
C GLN W 187 -42.26 26.45 -48.65
N PRO W 188 -43.08 27.18 -49.41
CA PRO W 188 -42.63 27.74 -50.69
C PRO W 188 -41.97 29.04 -50.38
N GLU W 189 -40.74 28.96 -49.82
CA GLU W 189 -39.96 30.02 -49.24
C GLU W 189 -39.68 31.08 -50.26
N PRO W 190 -39.65 32.34 -49.90
CA PRO W 190 -39.38 33.41 -50.84
C PRO W 190 -37.92 33.49 -51.17
N GLN W 191 -37.04 32.83 -50.39
CA GLN W 191 -35.61 32.93 -50.55
C GLN W 191 -35.11 31.82 -51.44
N VAL W 192 -35.97 30.84 -51.79
CA VAL W 192 -35.60 29.71 -52.60
C VAL W 192 -36.24 29.89 -53.94
N GLY W 193 -35.44 29.71 -55.00
CA GLY W 193 -35.85 29.80 -56.38
C GLY W 193 -35.05 28.79 -57.11
N GLU W 194 -34.73 29.09 -58.39
CA GLU W 194 -34.01 28.20 -59.28
C GLU W 194 -32.54 28.39 -59.06
N GLU W 195 -31.72 27.42 -59.51
CA GLU W 195 -30.28 27.44 -59.29
C GLU W 195 -29.55 27.51 -60.60
N ASN W 196 -30.27 27.56 -61.73
CA ASN W 196 -29.69 27.53 -63.05
C ASN W 196 -30.52 28.43 -63.90
N TRP W 197 -29.99 28.75 -65.11
CA TRP W 197 -30.76 29.36 -66.19
C TRP W 197 -31.04 28.30 -67.22
N GLN W 198 -30.53 27.06 -67.03
CA GLN W 198 -30.82 25.94 -67.88
C GLN W 198 -31.93 25.14 -67.26
N GLU W 199 -32.33 25.49 -66.01
CA GLU W 199 -33.47 24.93 -65.34
C GLU W 199 -34.59 25.85 -65.69
N THR W 200 -35.68 25.29 -66.27
CA THR W 200 -36.75 26.10 -66.80
C THR W 200 -37.94 25.19 -66.88
N GLU W 201 -39.12 25.80 -67.14
CA GLU W 201 -40.42 25.18 -67.30
C GLU W 201 -40.88 24.36 -66.12
N SER W 202 -42.02 23.64 -66.30
CA SER W 202 -42.76 22.92 -65.29
C SER W 202 -43.64 23.91 -64.59
N PHE W 203 -44.09 23.56 -63.36
CA PHE W 203 -45.02 24.33 -62.57
C PHE W 203 -44.19 25.16 -61.65
N TYR W 204 -44.79 26.20 -61.03
CA TYR W 204 -44.04 27.12 -60.21
C TYR W 204 -44.94 27.52 -59.10
N GLY W 205 -44.36 27.61 -57.88
CA GLY W 205 -45.01 28.04 -56.66
C GLY W 205 -44.42 29.33 -56.24
N GLY W 206 -45.14 30.10 -55.42
CA GLY W 206 -44.65 31.36 -54.94
C GLY W 206 -45.49 31.80 -53.80
N ARG W 207 -45.43 33.10 -53.47
CA ARG W 207 -46.12 33.68 -52.35
C ARG W 207 -46.55 35.03 -52.82
N ALA W 208 -47.51 35.60 -52.08
CA ALA W 208 -48.03 36.90 -52.40
C ALA W 208 -48.66 37.36 -51.13
N LEU W 209 -49.20 38.59 -51.14
CA LEU W 209 -49.82 39.18 -50.00
C LEU W 209 -51.19 39.52 -50.49
N LYS W 210 -52.13 39.73 -49.56
CA LYS W 210 -53.51 39.98 -49.87
C LYS W 210 -53.72 41.46 -50.04
N LYS W 211 -54.92 41.84 -50.52
CA LYS W 211 -55.36 43.20 -50.70
C LYS W 211 -55.61 43.87 -49.39
N ASP W 212 -55.87 43.06 -48.34
CA ASP W 212 -56.12 43.46 -46.97
C ASP W 212 -54.90 44.16 -46.41
N THR W 213 -53.70 43.64 -46.75
CA THR W 213 -52.42 44.24 -46.42
C THR W 213 -52.18 45.29 -47.48
N SER W 214 -51.92 46.55 -47.09
CA SER W 214 -51.64 47.61 -48.03
C SER W 214 -50.20 47.56 -48.40
N MET W 215 -49.95 47.47 -49.73
CA MET W 215 -48.65 47.39 -50.34
C MET W 215 -47.76 48.58 -50.11
N LYS W 216 -46.45 48.30 -49.97
CA LYS W 216 -45.39 49.27 -49.79
C LYS W 216 -44.27 48.70 -50.61
N PRO W 217 -43.26 49.44 -51.08
CA PRO W 217 -42.12 48.92 -51.82
C PRO W 217 -41.37 47.84 -51.11
N CYS W 218 -40.66 46.96 -51.86
CA CYS W 218 -39.82 45.91 -51.34
C CYS W 218 -38.73 46.48 -50.50
N TYR W 219 -38.17 47.61 -50.97
CA TYR W 219 -37.15 48.38 -50.31
C TYR W 219 -37.64 48.84 -48.97
N GLY W 220 -37.17 48.18 -47.90
CA GLY W 220 -37.38 48.60 -46.55
C GLY W 220 -38.58 47.98 -45.91
N SER W 221 -39.24 46.99 -46.56
CA SER W 221 -40.38 46.30 -46.01
C SER W 221 -39.93 45.18 -45.13
N TYR W 222 -40.71 44.89 -44.07
CA TYR W 222 -40.38 43.94 -43.06
C TYR W 222 -41.67 43.43 -42.51
N ALA W 223 -41.66 42.14 -42.11
CA ALA W 223 -42.75 41.53 -41.41
C ALA W 223 -42.13 40.59 -40.45
N ARG W 224 -42.56 40.67 -39.17
CA ARG W 224 -42.12 39.81 -38.11
C ARG W 224 -42.50 38.38 -38.35
N PRO W 225 -41.70 37.37 -38.03
CA PRO W 225 -42.14 35.99 -37.98
C PRO W 225 -43.30 35.79 -37.06
N THR W 226 -44.27 34.95 -37.44
CA THR W 226 -45.42 34.65 -36.63
C THR W 226 -45.38 33.14 -36.42
N ASN W 227 -44.36 32.48 -37.01
CA ASN W 227 -44.19 31.06 -36.96
C ASN W 227 -42.71 30.87 -36.72
N VAL W 228 -42.29 29.67 -36.29
CA VAL W 228 -40.95 29.42 -35.83
C VAL W 228 -40.14 28.87 -36.97
N LYS W 229 -40.76 28.73 -38.16
CA LYS W 229 -40.15 28.19 -39.35
C LYS W 229 -40.06 29.31 -40.33
N GLY W 230 -40.12 30.57 -39.85
CA GLY W 230 -39.94 31.76 -40.62
C GLY W 230 -41.12 32.10 -41.48
N GLY W 231 -42.33 31.61 -41.12
CA GLY W 231 -43.57 32.08 -41.70
C GLY W 231 -43.88 33.42 -41.12
N GLN W 232 -44.90 34.11 -41.61
CA GLN W 232 -45.15 35.46 -41.19
C GLN W 232 -46.58 35.81 -41.45
N ALA W 233 -47.42 34.81 -41.77
CA ALA W 233 -48.84 34.94 -41.92
C ALA W 233 -49.49 35.26 -40.60
N LYS W 234 -50.60 36.03 -40.60
CA LYS W 234 -51.36 36.31 -39.40
C LYS W 234 -52.23 35.12 -39.08
N LEU W 235 -52.77 35.07 -37.85
CA LEU W 235 -53.66 34.02 -37.41
C LEU W 235 -55.06 34.41 -37.77
N LYS W 236 -55.91 33.42 -38.12
CA LYS W 236 -57.33 33.56 -38.27
C LYS W 236 -57.96 33.96 -36.95
N VAL W 237 -59.04 34.79 -37.00
CA VAL W 237 -59.74 35.25 -35.82
C VAL W 237 -61.20 34.96 -36.00
N GLY W 238 -61.79 34.25 -35.01
CA GLY W 238 -63.21 33.97 -34.95
C GLY W 238 -63.86 34.95 -34.01
N ALA W 239 -63.17 35.25 -32.88
CA ALA W 239 -63.56 36.32 -32.00
C ALA W 239 -62.39 36.61 -31.09
N ASP W 240 -61.39 35.71 -31.09
CA ASP W 240 -60.09 35.95 -30.51
C ASP W 240 -59.19 35.18 -31.42
N GLY W 241 -58.08 35.82 -31.88
CA GLY W 241 -57.19 35.26 -32.85
C GLY W 241 -56.13 34.42 -32.20
N VAL W 242 -55.76 34.77 -30.95
CA VAL W 242 -54.75 34.10 -30.17
C VAL W 242 -55.03 32.63 -29.89
N PRO W 243 -56.22 32.13 -29.46
CA PRO W 243 -56.41 30.70 -29.21
C PRO W 243 -56.62 29.95 -30.49
N THR W 244 -56.65 30.65 -31.65
CA THR W 244 -56.77 30.04 -32.96
C THR W 244 -55.35 29.84 -33.38
N LYS W 245 -55.04 28.65 -33.95
CA LYS W 245 -53.69 28.28 -34.30
C LYS W 245 -53.61 28.07 -35.78
N GLU W 246 -54.64 28.53 -36.51
CA GLU W 246 -54.71 28.47 -37.94
C GLU W 246 -54.14 29.74 -38.45
N PHE W 247 -53.44 29.68 -39.60
CA PHE W 247 -52.80 30.79 -40.23
C PHE W 247 -53.63 31.09 -41.42
N ASP W 248 -53.88 32.40 -41.69
CA ASP W 248 -54.71 32.86 -42.77
C ASP W 248 -53.89 32.90 -44.03
N ILE W 249 -53.93 31.80 -44.79
CA ILE W 249 -53.19 31.59 -46.00
C ILE W 249 -54.17 30.89 -46.88
N ASP W 250 -54.27 31.31 -48.15
CA ASP W 250 -55.18 30.77 -49.14
C ASP W 250 -54.35 30.57 -50.38
N LEU W 251 -54.91 29.85 -51.37
CA LEU W 251 -54.21 29.48 -52.57
C LEU W 251 -54.96 30.09 -53.71
N ALA W 252 -54.22 30.74 -54.63
CA ALA W 252 -54.76 31.34 -55.82
C ALA W 252 -54.08 30.68 -56.96
N PHE W 253 -54.86 30.01 -57.84
CA PHE W 253 -54.32 29.23 -58.94
C PHE W 253 -54.46 30.10 -60.15
N PHE W 254 -53.53 29.96 -61.11
CA PHE W 254 -53.45 30.79 -62.28
C PHE W 254 -52.96 29.88 -63.35
N ASP W 255 -53.30 30.19 -64.62
CA ASP W 255 -52.92 29.40 -65.77
C ASP W 255 -52.73 30.38 -66.88
N THR W 256 -51.74 30.17 -67.77
CA THR W 256 -51.53 30.98 -68.95
C THR W 256 -52.70 30.76 -69.88
N PRO W 257 -53.16 31.72 -70.69
CA PRO W 257 -54.27 31.51 -71.60
C PRO W 257 -53.75 30.65 -72.74
N GLY W 258 -52.45 30.83 -73.10
CA GLY W 258 -51.74 30.12 -74.13
C GLY W 258 -52.41 30.09 -75.47
N GLY W 259 -52.02 29.09 -76.29
CA GLY W 259 -52.61 28.81 -77.58
C GLY W 259 -53.74 27.85 -77.37
N THR W 260 -53.59 26.64 -77.96
CA THR W 260 -54.52 25.54 -77.82
C THR W 260 -54.05 24.63 -76.70
N VAL W 261 -52.97 25.05 -76.00
CA VAL W 261 -52.44 24.41 -74.83
C VAL W 261 -52.67 25.44 -73.77
N ASN W 262 -53.08 24.99 -72.56
CA ASN W 262 -53.50 25.81 -71.44
C ASN W 262 -54.77 26.56 -71.76
N GLY W 263 -55.15 27.53 -70.90
CA GLY W 263 -56.42 28.22 -70.98
C GLY W 263 -57.52 27.29 -70.57
N GLN W 264 -58.57 27.18 -71.41
CA GLN W 264 -59.67 26.27 -71.20
C GLN W 264 -59.73 25.25 -72.30
N ASP W 265 -58.86 25.38 -73.33
CA ASP W 265 -58.69 24.38 -74.36
C ASP W 265 -58.09 23.15 -73.74
N GLU W 266 -57.09 23.37 -72.85
CA GLU W 266 -56.61 22.38 -71.93
C GLU W 266 -56.75 23.00 -70.58
N TYR W 267 -57.18 22.17 -69.60
CA TYR W 267 -57.41 22.56 -68.23
C TYR W 267 -56.08 22.39 -67.56
N LYS W 268 -55.52 23.47 -67.00
CA LYS W 268 -54.23 23.43 -66.36
C LYS W 268 -54.23 24.48 -65.29
N ALA W 269 -53.16 24.47 -64.47
CA ALA W 269 -52.79 25.50 -63.55
C ALA W 269 -51.31 25.44 -63.63
N ASP W 270 -50.65 26.60 -63.77
CA ASP W 270 -49.23 26.68 -64.01
C ASP W 270 -48.58 27.29 -62.82
N ILE W 271 -49.16 28.38 -62.27
CA ILE W 271 -48.64 29.11 -61.16
C ILE W 271 -49.62 28.96 -60.05
N VAL W 272 -49.14 28.72 -58.81
CA VAL W 272 -49.95 28.81 -57.62
C VAL W 272 -49.23 29.82 -56.76
N MET W 273 -49.96 30.76 -56.14
CA MET W 273 -49.43 31.71 -55.21
C MET W 273 -50.10 31.48 -53.90
N TYR W 274 -49.30 31.47 -52.82
CA TYR W 274 -49.72 31.35 -51.45
C TYR W 274 -49.96 32.73 -50.92
N THR W 275 -51.17 33.28 -51.15
CA THR W 275 -51.65 34.54 -50.63
C THR W 275 -51.78 34.51 -49.12
N GLU W 276 -51.42 35.61 -48.40
CA GLU W 276 -51.49 35.62 -46.97
C GLU W 276 -51.52 37.04 -46.49
N ASN W 277 -52.02 37.28 -45.25
CA ASN W 277 -51.89 38.53 -44.54
C ASN W 277 -50.58 38.53 -43.85
N THR W 278 -50.10 39.72 -43.43
CA THR W 278 -48.85 39.83 -42.74
C THR W 278 -48.87 41.14 -42.04
N TYR W 279 -48.02 41.30 -41.01
CA TYR W 279 -47.78 42.56 -40.33
C TYR W 279 -46.75 43.23 -41.17
N LEU W 280 -47.08 44.37 -41.81
CA LEU W 280 -46.18 44.98 -42.75
C LEU W 280 -45.79 46.30 -42.18
N GLU W 281 -44.47 46.55 -42.17
CA GLU W 281 -43.88 47.70 -41.54
C GLU W 281 -42.86 48.18 -42.49
N THR W 282 -42.48 49.45 -42.32
CA THR W 282 -41.39 50.08 -43.02
C THR W 282 -40.70 50.84 -41.91
N PRO W 283 -39.99 50.18 -41.00
CA PRO W 283 -39.54 50.78 -39.75
C PRO W 283 -38.32 51.67 -39.91
N ASP W 284 -37.90 52.03 -41.14
CA ASP W 284 -36.69 52.79 -41.32
C ASP W 284 -36.63 53.35 -42.72
N THR W 285 -37.77 53.39 -43.44
CA THR W 285 -37.85 53.99 -44.74
C THR W 285 -39.15 54.74 -44.73
N HIS W 286 -39.35 55.64 -45.72
CA HIS W 286 -40.52 56.46 -45.82
C HIS W 286 -40.86 56.52 -47.27
N VAL W 287 -42.15 56.36 -47.61
CA VAL W 287 -42.63 56.39 -48.98
C VAL W 287 -42.64 57.83 -49.41
N VAL W 288 -41.82 58.16 -50.43
CA VAL W 288 -41.48 59.51 -50.79
C VAL W 288 -42.17 59.86 -52.08
N TYR W 289 -42.82 58.87 -52.74
CA TYR W 289 -43.57 59.14 -53.92
C TYR W 289 -44.66 58.13 -53.89
N LYS W 290 -45.83 58.54 -54.39
CA LYS W 290 -46.98 57.70 -54.47
C LYS W 290 -47.92 58.54 -55.27
N PRO W 291 -48.61 58.01 -56.27
CA PRO W 291 -49.52 58.81 -57.07
C PRO W 291 -50.84 58.70 -56.36
N GLY W 292 -51.60 59.81 -56.30
CA GLY W 292 -52.90 59.84 -55.67
C GLY W 292 -52.79 59.85 -54.18
N LYS W 293 -53.96 60.04 -53.52
CA LYS W 293 -54.08 60.07 -52.08
C LYS W 293 -54.46 58.71 -51.56
N ASP W 294 -54.41 57.68 -52.41
CA ASP W 294 -54.77 56.32 -52.06
C ASP W 294 -53.60 55.72 -51.33
N ASP W 295 -53.87 55.10 -50.16
CA ASP W 295 -52.88 54.38 -49.40
C ASP W 295 -53.27 52.93 -49.37
N ALA W 296 -54.40 52.56 -50.02
CA ALA W 296 -54.88 51.22 -50.11
C ALA W 296 -54.38 50.62 -51.38
N SER W 297 -54.43 49.27 -51.47
CA SER W 297 -53.94 48.48 -52.56
C SER W 297 -54.60 48.82 -53.87
N SER W 298 -53.79 49.05 -54.91
CA SER W 298 -54.27 49.46 -56.20
C SER W 298 -53.15 49.19 -57.15
N GLU W 299 -53.41 49.29 -58.48
CA GLU W 299 -52.38 49.11 -59.48
C GLU W 299 -51.49 50.31 -59.56
N ILE W 300 -51.97 51.49 -59.10
CA ILE W 300 -51.21 52.71 -59.10
C ILE W 300 -50.21 52.71 -57.99
N ASN W 301 -50.43 51.89 -56.93
CA ASN W 301 -49.57 51.85 -55.78
C ASN W 301 -48.59 50.72 -55.94
N LEU W 302 -48.45 50.19 -57.17
CA LEU W 302 -47.37 49.30 -57.53
C LEU W 302 -46.17 50.17 -57.78
N VAL W 303 -46.41 51.45 -58.16
CA VAL W 303 -45.38 52.42 -58.32
C VAL W 303 -45.48 53.33 -57.16
N GLN W 304 -44.42 53.28 -56.34
CA GLN W 304 -44.22 54.08 -55.18
C GLN W 304 -42.73 54.05 -55.11
N GLN W 305 -42.14 54.87 -54.25
CA GLN W 305 -40.72 54.99 -54.17
C GLN W 305 -40.61 55.22 -52.72
N SER W 306 -39.55 54.64 -52.11
CA SER W 306 -39.38 54.71 -50.70
C SER W 306 -37.91 54.84 -50.52
N MET W 307 -37.51 55.84 -49.71
CA MET W 307 -36.16 56.28 -49.55
C MET W 307 -35.82 56.12 -48.11
N PRO W 308 -34.58 55.86 -47.72
CA PRO W 308 -34.16 55.74 -46.34
C PRO W 308 -34.43 56.97 -45.53
N ASN W 309 -34.59 56.80 -44.21
CA ASN W 309 -34.81 57.89 -43.30
C ASN W 309 -33.49 58.49 -42.99
N ARG W 310 -33.49 59.74 -42.49
CA ARG W 310 -32.28 60.47 -42.17
C ARG W 310 -31.51 59.80 -41.06
N PRO W 311 -30.19 59.69 -41.09
CA PRO W 311 -29.45 59.04 -40.02
C PRO W 311 -29.34 60.01 -38.87
N ASN W 312 -29.72 59.59 -37.65
CA ASN W 312 -29.78 60.45 -36.52
C ASN W 312 -29.10 59.69 -35.42
N TYR W 313 -27.84 60.06 -35.10
CA TYR W 313 -27.08 59.51 -34.01
C TYR W 313 -27.35 60.36 -32.80
N ILE W 314 -27.66 59.70 -31.66
CA ILE W 314 -28.05 60.34 -30.42
C ILE W 314 -27.15 59.74 -29.39
N GLY W 315 -26.62 60.55 -28.46
CA GLY W 315 -25.83 60.01 -27.40
C GLY W 315 -25.53 61.11 -26.48
N PHE W 316 -24.96 60.79 -25.30
CA PHE W 316 -24.56 61.78 -24.33
C PHE W 316 -23.54 62.72 -24.89
N ARG W 317 -23.59 64.00 -24.44
CA ARG W 317 -22.70 65.10 -24.75
C ARG W 317 -21.26 64.73 -24.53
N ASP W 318 -20.34 65.49 -25.16
CA ASP W 318 -18.92 65.25 -25.25
C ASP W 318 -18.28 64.74 -23.99
N ASN W 319 -18.15 65.58 -22.94
CA ASN W 319 -17.56 65.21 -21.68
C ASN W 319 -18.65 65.09 -20.66
N PHE W 320 -19.91 64.99 -21.12
CA PHE W 320 -21.09 64.93 -20.32
C PHE W 320 -21.46 66.32 -19.91
N ILE W 321 -21.19 67.34 -20.75
CA ILE W 321 -21.53 68.70 -20.41
C ILE W 321 -23.05 68.85 -20.40
N GLY W 322 -23.58 69.59 -19.41
CA GLY W 322 -25.00 69.80 -19.26
C GLY W 322 -25.67 68.61 -18.65
N LEU W 323 -24.97 67.94 -17.72
CA LEU W 323 -25.50 66.82 -16.96
C LEU W 323 -25.27 67.14 -15.52
N MET W 324 -24.54 68.22 -15.23
CA MET W 324 -24.28 68.73 -13.92
C MET W 324 -24.49 70.18 -14.07
N TYR W 325 -25.22 70.80 -13.11
CA TYR W 325 -25.48 72.21 -13.11
C TYR W 325 -24.25 72.95 -12.73
N TYR W 326 -23.75 73.77 -13.67
CA TYR W 326 -22.65 74.67 -13.46
C TYR W 326 -23.19 75.99 -13.87
N ASN W 327 -22.86 77.04 -13.09
CA ASN W 327 -23.02 78.42 -13.46
C ASN W 327 -24.47 78.77 -13.40
N SER W 328 -25.11 78.42 -12.27
CA SER W 328 -26.52 78.57 -12.02
C SER W 328 -26.58 79.16 -10.65
N THR W 329 -27.76 79.71 -10.28
CA THR W 329 -27.94 80.44 -9.06
C THR W 329 -28.74 79.56 -8.13
N GLY W 330 -28.14 79.25 -6.95
CA GLY W 330 -28.73 78.46 -5.89
C GLY W 330 -29.11 77.10 -6.38
N ASN W 331 -28.21 76.49 -7.17
CA ASN W 331 -28.56 75.33 -7.94
C ASN W 331 -27.27 74.74 -8.44
N MET W 332 -26.09 75.20 -7.95
CA MET W 332 -24.83 74.85 -8.56
C MET W 332 -24.19 73.68 -7.84
N GLY W 333 -24.27 73.61 -6.49
CA GLY W 333 -23.66 72.54 -5.74
C GLY W 333 -22.84 73.12 -4.64
N VAL W 334 -22.60 72.30 -3.59
CA VAL W 334 -22.02 72.68 -2.33
C VAL W 334 -20.89 71.76 -1.99
N LEU W 335 -19.66 72.28 -1.77
CA LEU W 335 -18.63 71.54 -1.08
C LEU W 335 -18.32 72.40 0.10
N ALA W 336 -18.64 71.94 1.32
CA ALA W 336 -18.54 72.73 2.50
C ALA W 336 -18.13 71.78 3.56
N GLY W 337 -17.55 72.27 4.68
CA GLY W 337 -17.30 71.47 5.86
C GLY W 337 -18.57 71.00 6.50
N GLN W 338 -18.45 70.21 7.58
CA GLN W 338 -19.57 69.81 8.39
C GLN W 338 -19.13 70.24 9.76
N ALA W 339 -19.97 71.09 10.40
CA ALA W 339 -19.73 71.79 11.64
C ALA W 339 -18.99 73.06 11.33
N SER W 340 -19.23 73.59 10.11
CA SER W 340 -18.64 74.81 9.65
C SER W 340 -19.71 75.35 8.76
N GLN W 341 -20.03 74.60 7.68
CA GLN W 341 -21.10 74.88 6.75
C GLN W 341 -20.87 76.13 5.97
N LEU W 342 -19.66 76.26 5.40
CA LEU W 342 -19.26 77.42 4.64
C LEU W 342 -18.96 76.84 3.31
N ASN W 343 -19.67 77.32 2.27
CA ASN W 343 -19.61 76.76 0.95
C ASN W 343 -18.38 77.33 0.28
N ALA W 344 -17.51 76.43 -0.24
CA ALA W 344 -16.28 76.76 -0.88
C ALA W 344 -16.47 76.81 -2.37
N VAL W 345 -17.70 76.57 -2.86
CA VAL W 345 -18.08 76.71 -4.24
C VAL W 345 -18.64 78.09 -4.36
N VAL W 346 -18.27 78.80 -5.45
CA VAL W 346 -18.68 80.16 -5.72
C VAL W 346 -19.50 80.03 -6.96
N ASP W 347 -20.68 80.68 -6.98
CA ASP W 347 -21.64 80.55 -8.05
C ASP W 347 -21.63 81.88 -8.73
N LEU W 348 -21.38 81.89 -10.06
CA LEU W 348 -21.42 83.09 -10.85
C LEU W 348 -21.95 82.68 -12.19
N GLN W 349 -22.83 83.53 -12.76
CA GLN W 349 -23.50 83.30 -14.01
C GLN W 349 -22.59 83.58 -15.17
N ASP W 350 -21.56 84.44 -14.96
CA ASP W 350 -20.73 84.95 -16.03
C ASP W 350 -19.45 84.15 -16.11
N ARG W 351 -19.31 83.06 -15.32
CA ARG W 351 -18.22 82.14 -15.44
C ARG W 351 -18.79 81.05 -16.31
N ASN W 352 -17.96 80.39 -17.14
CA ASN W 352 -18.39 79.29 -17.96
C ASN W 352 -17.34 78.25 -17.74
N THR W 353 -17.72 77.10 -17.16
CA THR W 353 -16.80 76.05 -16.76
C THR W 353 -17.09 74.80 -17.54
N GLU W 354 -18.01 74.88 -18.52
CA GLU W 354 -18.31 73.78 -19.39
C GLU W 354 -17.60 74.02 -20.68
N LEU W 355 -17.12 75.27 -20.92
CA LEU W 355 -16.35 75.63 -22.08
C LEU W 355 -14.92 75.65 -21.69
N SER W 356 -14.62 76.08 -20.44
CA SER W 356 -13.29 76.25 -19.93
C SER W 356 -12.59 74.92 -19.92
N TYR W 357 -13.36 73.86 -19.59
CA TYR W 357 -12.86 72.53 -19.46
C TYR W 357 -12.64 71.87 -20.81
N GLN W 358 -13.37 72.26 -21.88
CA GLN W 358 -13.11 71.78 -23.22
C GLN W 358 -11.77 72.22 -23.70
N LEU W 359 -11.48 73.52 -23.46
CA LEU W 359 -10.25 74.17 -23.82
C LEU W 359 -9.08 73.59 -23.09
N LEU W 360 -9.26 73.29 -21.79
CA LEU W 360 -8.24 72.74 -20.93
C LEU W 360 -7.79 71.38 -21.37
N LEU W 361 -8.76 70.51 -21.76
CA LEU W 361 -8.48 69.16 -22.22
C LEU W 361 -7.66 69.12 -23.44
N ASP W 362 -7.91 70.07 -24.37
CA ASP W 362 -7.19 70.19 -25.61
C ASP W 362 -5.72 70.48 -25.41
N SER W 363 -5.41 71.36 -24.45
CA SER W 363 -4.06 71.76 -24.11
C SER W 363 -3.22 70.65 -23.55
N LEU W 364 -3.82 69.81 -22.68
CA LEU W 364 -3.10 68.81 -21.94
C LEU W 364 -3.18 67.46 -22.58
N GLY W 365 -3.78 67.34 -23.78
CA GLY W 365 -3.92 66.03 -24.37
C GLY W 365 -4.11 66.16 -25.84
N ASP W 366 -4.57 65.06 -26.46
CA ASP W 366 -4.96 65.00 -27.84
C ASP W 366 -6.42 64.68 -27.79
N ARG W 367 -7.20 65.33 -28.68
CA ARG W 367 -8.62 65.16 -28.73
C ARG W 367 -8.94 64.16 -29.81
N THR W 368 -7.92 63.73 -30.59
CA THR W 368 -8.01 62.62 -31.51
C THR W 368 -8.22 61.30 -30.79
N ARG W 369 -7.55 61.13 -29.63
CA ARG W 369 -7.61 59.92 -28.84
C ARG W 369 -8.83 59.94 -27.98
N TYR W 370 -9.72 58.96 -28.20
CA TYR W 370 -10.98 58.84 -27.53
C TYR W 370 -10.76 58.16 -26.21
N PHE W 371 -11.69 58.41 -25.26
CA PHE W 371 -11.66 57.83 -23.96
C PHE W 371 -13.10 57.49 -23.74
N SER W 372 -13.40 56.63 -22.75
CA SER W 372 -14.72 56.11 -22.55
C SER W 372 -15.02 56.17 -21.09
N MET W 373 -13.97 56.26 -20.25
CA MET W 373 -14.08 56.37 -18.82
C MET W 373 -14.82 57.61 -18.44
N TRP W 374 -14.41 58.76 -19.02
CA TRP W 374 -14.98 60.05 -18.73
C TRP W 374 -15.62 60.59 -19.96
N ASN W 375 -15.59 59.81 -21.06
CA ASN W 375 -16.35 60.03 -22.27
C ASN W 375 -15.71 61.17 -23.01
N GLN W 376 -14.98 60.86 -24.07
CA GLN W 376 -14.29 61.85 -24.84
C GLN W 376 -14.40 61.39 -26.24
N ALA W 377 -14.62 62.36 -27.13
CA ALA W 377 -14.88 62.15 -28.51
C ALA W 377 -15.34 63.51 -28.88
N VAL W 378 -14.37 64.37 -29.20
CA VAL W 378 -14.58 65.74 -29.63
C VAL W 378 -15.40 65.77 -30.87
N ASP W 379 -16.32 66.75 -30.97
CA ASP W 379 -17.08 67.04 -32.15
C ASP W 379 -16.15 67.42 -33.26
N SER W 380 -16.45 66.96 -34.49
CA SER W 380 -15.60 67.15 -35.62
C SER W 380 -16.45 67.00 -36.82
N TYR W 381 -16.03 67.61 -37.95
CA TYR W 381 -16.69 67.49 -39.21
C TYR W 381 -15.67 66.86 -40.10
N ASP W 382 -16.10 66.27 -41.23
CA ASP W 382 -15.16 65.76 -42.21
C ASP W 382 -14.80 66.95 -43.06
N PRO W 383 -13.53 67.30 -43.25
CA PRO W 383 -13.12 68.52 -43.93
C PRO W 383 -13.23 68.42 -45.43
N ASP W 384 -13.83 67.32 -45.94
CA ASP W 384 -14.00 67.06 -47.35
C ASP W 384 -15.48 67.04 -47.63
N VAL W 385 -16.28 67.49 -46.63
CA VAL W 385 -17.71 67.59 -46.69
C VAL W 385 -17.96 69.04 -46.42
N ARG W 386 -17.30 69.61 -45.38
CA ARG W 386 -17.37 71.02 -45.09
C ARG W 386 -16.82 71.88 -46.20
N ILE W 387 -15.65 71.53 -46.78
CA ILE W 387 -15.10 72.24 -47.91
C ILE W 387 -14.99 71.19 -48.98
N ILE W 388 -15.88 71.27 -50.00
CA ILE W 388 -15.94 70.29 -51.08
C ILE W 388 -14.76 70.55 -51.99
N GLU W 389 -13.88 69.54 -52.18
CA GLU W 389 -12.76 69.61 -53.09
C GLU W 389 -13.17 68.87 -54.32
N ASN W 390 -14.26 69.32 -55.00
CA ASN W 390 -14.80 68.68 -56.18
C ASN W 390 -13.82 68.87 -57.29
N HIS W 391 -13.63 67.82 -58.11
CA HIS W 391 -12.70 67.83 -59.19
C HIS W 391 -12.89 66.58 -59.99
N GLY W 392 -14.16 66.32 -60.38
CA GLY W 392 -14.54 65.25 -61.27
C GLY W 392 -14.41 63.88 -60.72
N VAL W 393 -14.71 62.90 -61.59
CA VAL W 393 -14.60 61.49 -61.33
C VAL W 393 -13.64 60.92 -62.32
N GLU W 394 -12.97 59.80 -61.96
CA GLU W 394 -12.02 59.12 -62.82
C GLU W 394 -12.72 58.17 -63.75
N ASP W 395 -13.51 58.71 -64.69
CA ASP W 395 -14.30 57.93 -65.61
C ASP W 395 -13.67 58.24 -66.92
N GLU W 396 -13.07 57.22 -67.55
CA GLU W 396 -12.35 57.37 -68.78
C GLU W 396 -12.35 56.02 -69.43
N LEU W 397 -12.86 55.00 -68.70
CA LEU W 397 -12.91 53.64 -69.12
C LEU W 397 -14.35 53.25 -68.85
N PRO W 398 -15.18 52.87 -69.81
CA PRO W 398 -16.55 52.40 -69.56
C PRO W 398 -16.62 51.15 -68.72
N ASN W 399 -17.76 50.94 -68.01
CA ASN W 399 -18.01 49.79 -67.17
C ASN W 399 -19.27 49.19 -67.72
N TYR W 400 -19.44 47.86 -67.59
CA TYR W 400 -20.50 47.16 -68.27
C TYR W 400 -21.01 46.07 -67.39
N CYS W 401 -22.32 45.82 -67.51
CA CYS W 401 -23.04 44.72 -66.93
C CYS W 401 -23.19 43.76 -68.07
N PHE W 402 -23.38 42.47 -67.77
CA PHE W 402 -23.44 41.42 -68.77
C PHE W 402 -24.45 40.45 -68.26
N PRO W 403 -25.20 39.74 -69.10
CA PRO W 403 -26.17 38.74 -68.70
C PRO W 403 -25.50 37.58 -67.99
N LEU W 404 -26.25 36.84 -67.16
CA LEU W 404 -25.77 35.71 -66.40
C LEU W 404 -25.26 34.59 -67.26
N ASP W 405 -25.91 34.35 -68.41
CA ASP W 405 -25.56 33.28 -69.32
C ASP W 405 -24.37 33.68 -70.16
N GLY W 406 -24.03 34.99 -70.19
CA GLY W 406 -22.88 35.55 -70.85
C GLY W 406 -22.92 35.29 -72.32
N SER W 407 -24.06 35.55 -72.97
CA SER W 407 -24.21 35.16 -74.36
C SER W 407 -25.32 35.98 -74.94
N GLY W 408 -26.01 36.81 -74.12
CA GLY W 408 -27.11 37.66 -74.56
C GLY W 408 -28.20 36.92 -75.27
N THR W 409 -28.73 37.52 -76.35
CA THR W 409 -29.72 36.95 -77.24
C THR W 409 -29.15 35.74 -77.93
N ASN W 410 -30.00 34.74 -78.21
CA ASN W 410 -29.56 33.50 -78.82
C ASN W 410 -30.69 33.10 -79.72
N ALA W 411 -30.36 32.32 -80.77
CA ALA W 411 -31.34 31.84 -81.71
C ALA W 411 -30.96 30.44 -82.04
N ALA W 412 -31.91 29.67 -82.63
CA ALA W 412 -31.70 28.36 -83.18
C ALA W 412 -30.78 28.41 -84.36
N TYR W 413 -29.93 27.37 -84.51
CA TYR W 413 -29.03 27.23 -85.62
C TYR W 413 -28.91 25.77 -85.86
N GLN W 414 -28.81 25.36 -87.14
CA GLN W 414 -28.78 23.99 -87.57
C GLN W 414 -27.42 23.84 -88.14
N GLY W 415 -26.67 22.78 -87.75
CA GLY W 415 -25.39 22.47 -88.36
C GLY W 415 -25.53 22.20 -89.83
N VAL W 416 -24.56 22.67 -90.64
CA VAL W 416 -24.55 22.46 -92.06
C VAL W 416 -23.13 22.14 -92.40
N LYS W 417 -22.89 21.61 -93.62
CA LYS W 417 -21.58 21.23 -94.07
C LYS W 417 -21.54 21.36 -95.55
N VAL W 418 -20.35 21.64 -96.12
CA VAL W 418 -20.11 21.70 -97.55
C VAL W 418 -20.33 20.35 -98.17
N LYS W 419 -20.80 20.35 -99.42
CA LYS W 419 -21.02 19.16 -100.20
C LYS W 419 -19.82 18.94 -101.08
N ASN W 420 -19.20 20.06 -101.53
CA ASN W 420 -18.07 20.20 -102.43
C ASN W 420 -18.63 20.79 -103.69
N GLY W 421 -18.15 22.01 -104.02
CA GLY W 421 -18.56 22.70 -105.21
C GLY W 421 -17.62 23.85 -105.33
N ASN W 422 -18.07 24.92 -106.02
CA ASN W 422 -17.37 26.18 -106.15
C ASN W 422 -17.37 26.87 -104.81
N ASP W 423 -16.36 27.71 -104.53
CA ASP W 423 -16.29 28.51 -103.32
C ASP W 423 -17.47 29.46 -103.28
N GLY W 424 -18.09 29.61 -102.10
CA GLY W 424 -19.29 30.38 -101.97
C GLY W 424 -20.06 29.81 -100.82
N ASP W 425 -21.04 30.61 -100.35
CA ASP W 425 -21.92 30.30 -99.25
C ASP W 425 -23.22 29.74 -99.79
N VAL W 426 -23.26 29.39 -101.10
CA VAL W 426 -24.48 28.92 -101.72
C VAL W 426 -24.08 28.25 -103.00
N GLU W 427 -22.80 28.42 -103.42
CA GLU W 427 -22.29 27.84 -104.63
C GLU W 427 -21.49 26.59 -104.33
N SER W 428 -21.27 26.29 -103.02
CA SER W 428 -20.60 25.06 -102.62
C SER W 428 -21.65 24.02 -102.35
N GLU W 429 -22.92 24.46 -102.17
CA GLU W 429 -24.07 23.63 -101.84
C GLU W 429 -23.95 23.06 -100.45
N TRP W 430 -24.85 23.50 -99.56
CA TRP W 430 -24.75 23.26 -98.16
C TRP W 430 -25.84 22.32 -97.76
N GLU W 431 -25.44 21.08 -97.40
CA GLU W 431 -26.35 20.05 -96.97
C GLU W 431 -26.41 20.13 -95.47
N ASN W 432 -27.56 19.75 -94.88
CA ASN W 432 -27.76 19.67 -93.45
C ASN W 432 -26.89 18.60 -92.88
N ASP W 433 -26.12 18.93 -91.80
CA ASP W 433 -25.21 18.03 -91.13
C ASP W 433 -26.00 17.36 -90.04
N ASP W 434 -25.90 16.02 -89.96
CA ASP W 434 -26.77 15.18 -89.17
C ASP W 434 -26.06 14.69 -87.94
N THR W 435 -24.78 15.06 -87.74
CA THR W 435 -24.03 14.69 -86.56
C THR W 435 -23.93 15.91 -85.67
N VAL W 436 -24.62 17.01 -86.06
CA VAL W 436 -24.67 18.24 -85.33
C VAL W 436 -26.13 18.39 -85.03
N ALA W 437 -26.46 18.67 -83.76
CA ALA W 437 -27.79 18.82 -83.26
C ALA W 437 -28.52 19.97 -83.87
N ALA W 438 -29.84 19.79 -84.05
CA ALA W 438 -30.77 20.84 -84.39
C ALA W 438 -30.91 21.79 -83.23
N ARG W 439 -30.89 23.11 -83.53
CA ARG W 439 -31.26 24.17 -82.61
C ARG W 439 -30.20 24.47 -81.59
N ASN W 440 -28.93 24.60 -82.05
CA ASN W 440 -27.82 25.16 -81.31
C ASN W 440 -28.09 26.59 -80.96
N GLN W 441 -27.69 27.05 -79.76
CA GLN W 441 -27.97 28.39 -79.29
C GLN W 441 -26.70 29.15 -79.43
N LEU W 442 -26.66 30.09 -80.40
CA LEU W 442 -25.47 30.84 -80.73
C LEU W 442 -25.92 32.27 -80.83
N CYS W 443 -24.94 33.18 -80.73
CA CYS W 443 -25.13 34.60 -80.76
C CYS W 443 -24.21 35.09 -81.83
N LYS W 444 -24.53 36.24 -82.46
CA LYS W 444 -23.72 36.84 -83.48
C LYS W 444 -23.47 38.24 -83.03
N GLY W 445 -22.29 38.79 -83.38
CA GLY W 445 -21.80 40.04 -82.86
C GLY W 445 -21.43 39.90 -81.42
N ASN W 446 -21.32 41.04 -80.71
CA ASN W 446 -20.93 41.06 -79.33
C ASN W 446 -22.12 40.72 -78.45
N ILE W 447 -21.84 40.21 -77.24
CA ILE W 447 -22.81 39.92 -76.21
C ILE W 447 -23.47 41.19 -75.73
N PHE W 448 -24.74 41.07 -75.26
CA PHE W 448 -25.56 42.15 -74.72
C PHE W 448 -24.89 42.76 -73.50
N ALA W 449 -25.05 44.08 -73.30
CA ALA W 449 -24.49 44.76 -72.15
C ALA W 449 -25.31 45.99 -71.89
N MET W 450 -25.26 46.48 -70.62
CA MET W 450 -25.85 47.72 -70.19
C MET W 450 -24.73 48.48 -69.57
N GLU W 451 -24.47 49.71 -70.05
CA GLU W 451 -23.40 50.57 -69.62
C GLU W 451 -23.80 51.36 -68.41
N ILE W 452 -22.84 51.61 -67.49
CA ILE W 452 -23.04 52.35 -66.28
C ILE W 452 -21.68 52.97 -66.03
N ASN W 453 -21.63 54.14 -65.35
CA ASN W 453 -20.39 54.74 -64.95
C ASN W 453 -20.41 54.72 -63.46
N LEU W 454 -19.65 53.78 -62.86
CA LEU W 454 -19.61 53.55 -61.44
C LEU W 454 -19.05 54.70 -60.66
N GLN W 455 -17.96 55.32 -61.16
CA GLN W 455 -17.26 56.39 -60.51
C GLN W 455 -18.12 57.61 -60.33
N ALA W 456 -18.90 57.95 -61.39
CA ALA W 456 -19.81 59.07 -61.43
C ALA W 456 -20.90 58.92 -60.43
N ASN W 457 -21.48 57.70 -60.34
CA ASN W 457 -22.53 57.38 -59.39
C ASN W 457 -22.09 57.47 -57.97
N LEU W 458 -20.88 56.95 -57.62
CA LEU W 458 -20.38 56.96 -56.27
C LEU W 458 -20.16 58.36 -55.75
N TRP W 459 -19.59 59.24 -56.58
CA TRP W 459 -19.36 60.63 -56.25
C TRP W 459 -20.63 61.41 -56.10
N ARG W 460 -21.62 61.13 -56.96
CA ARG W 460 -22.89 61.80 -56.99
C ARG W 460 -23.72 61.55 -55.75
N SER W 461 -23.71 60.29 -55.26
CA SER W 461 -24.48 59.84 -54.13
C SER W 461 -23.80 60.23 -52.85
N PHE W 462 -22.47 60.51 -52.92
CA PHE W 462 -21.67 61.01 -51.84
C PHE W 462 -22.15 62.35 -51.40
N LEU W 463 -22.48 63.25 -52.35
CA LEU W 463 -22.76 64.60 -51.97
C LEU W 463 -24.23 64.79 -51.87
N TYR W 464 -25.06 63.85 -52.41
CA TYR W 464 -26.47 63.91 -52.14
C TYR W 464 -26.77 63.64 -50.70
N SER W 465 -26.11 62.61 -50.11
CA SER W 465 -26.43 62.21 -48.77
C SER W 465 -25.80 63.10 -47.75
N ASN W 466 -24.74 63.81 -48.16
CA ASN W 466 -24.00 64.72 -47.34
C ASN W 466 -24.57 66.08 -47.56
N VAL W 467 -23.87 66.90 -48.35
CA VAL W 467 -24.06 68.31 -48.50
C VAL W 467 -25.46 68.72 -48.89
N ALA W 468 -26.07 68.04 -49.88
CA ALA W 468 -27.37 68.37 -50.41
C ALA W 468 -28.47 68.23 -49.42
N LEU W 469 -28.39 67.21 -48.54
CA LEU W 469 -29.49 66.84 -47.69
C LEU W 469 -29.39 67.52 -46.36
N TYR W 470 -28.34 68.36 -46.15
CA TYR W 470 -28.15 69.15 -44.96
C TYR W 470 -28.26 70.61 -45.35
N LEU W 471 -28.79 70.90 -46.57
CA LEU W 471 -29.16 72.23 -47.02
C LEU W 471 -30.27 72.79 -46.14
N PRO W 472 -30.39 74.10 -45.95
CA PRO W 472 -31.52 74.77 -45.33
C PRO W 472 -32.88 74.34 -45.80
N ASP W 473 -33.93 74.58 -44.98
CA ASP W 473 -35.31 74.22 -45.19
C ASP W 473 -35.88 74.79 -46.45
N SER W 474 -35.47 76.04 -46.82
CA SER W 474 -35.99 76.79 -47.94
C SER W 474 -35.82 76.06 -49.25
N TYR W 475 -34.69 75.35 -49.44
CA TYR W 475 -34.38 74.64 -50.66
C TYR W 475 -35.14 73.34 -50.79
N LYS W 476 -35.61 72.79 -49.67
CA LYS W 476 -36.40 71.58 -49.63
C LYS W 476 -37.83 71.94 -49.99
N TYR W 477 -38.65 70.91 -50.30
CA TYR W 477 -40.04 71.11 -50.58
C TYR W 477 -40.67 69.81 -50.18
N THR W 478 -41.93 69.86 -49.68
CA THR W 478 -42.72 68.71 -49.31
C THR W 478 -43.16 67.97 -50.57
N PRO W 479 -43.00 66.66 -50.73
CA PRO W 479 -43.64 65.84 -51.75
C PRO W 479 -45.13 66.06 -51.92
N ALA W 480 -45.66 65.76 -53.13
CA ALA W 480 -46.99 66.14 -53.57
C ALA W 480 -48.14 65.63 -52.76
N ASN W 481 -48.12 64.34 -52.36
CA ASN W 481 -49.25 63.68 -51.72
C ASN W 481 -48.88 63.27 -50.32
N ILE W 482 -47.88 63.95 -49.71
CA ILE W 482 -47.38 63.64 -48.40
C ILE W 482 -47.64 64.86 -47.56
N THR W 483 -48.17 64.68 -46.32
CA THR W 483 -48.45 65.74 -45.38
C THR W 483 -47.61 65.43 -44.15
N LEU W 484 -46.93 66.48 -43.60
CA LEU W 484 -45.96 66.36 -42.54
C LEU W 484 -46.37 67.27 -41.41
N PRO W 485 -45.96 67.03 -40.15
CA PRO W 485 -46.16 67.91 -39.01
C PRO W 485 -45.82 69.36 -39.23
N THR W 486 -46.66 70.28 -38.71
CA THR W 486 -46.44 71.71 -38.76
C THR W 486 -45.19 72.15 -38.05
N ASN W 487 -44.90 71.56 -36.86
CA ASN W 487 -43.69 71.77 -36.09
C ASN W 487 -42.50 71.36 -36.92
N THR W 488 -41.49 72.25 -36.98
CA THR W 488 -40.39 72.12 -37.89
C THR W 488 -39.20 71.50 -37.21
N ASN W 489 -39.32 71.22 -35.89
CA ASN W 489 -38.26 70.65 -35.11
C ASN W 489 -38.55 69.20 -34.91
N THR W 490 -39.71 68.71 -35.42
CA THR W 490 -40.06 67.32 -35.49
C THR W 490 -39.12 66.64 -36.42
N TYR W 491 -38.73 65.40 -36.09
CA TYR W 491 -37.96 64.55 -36.94
C TYR W 491 -38.70 64.24 -38.21
N ASP W 492 -40.03 64.03 -38.11
CA ASP W 492 -40.89 63.70 -39.22
C ASP W 492 -40.90 64.75 -40.29
N TYR W 493 -40.90 66.04 -39.88
CA TYR W 493 -40.85 67.15 -40.79
C TYR W 493 -39.58 67.20 -41.59
N MET W 494 -38.42 67.01 -40.94
CA MET W 494 -37.12 67.02 -41.58
C MET W 494 -36.96 65.91 -42.56
N ASN W 495 -37.37 64.71 -42.11
CA ASN W 495 -37.25 63.44 -42.77
C ASN W 495 -38.04 63.43 -44.05
N GLY W 496 -39.25 64.02 -44.04
CA GLY W 496 -40.19 63.92 -45.11
C GLY W 496 -39.95 64.89 -46.23
N ARG W 497 -39.26 66.02 -46.00
CA ARG W 497 -39.06 67.01 -47.03
C ARG W 497 -37.83 66.66 -47.81
N VAL W 498 -38.02 66.45 -49.13
CA VAL W 498 -36.96 66.15 -50.07
C VAL W 498 -36.32 67.40 -50.56
N VAL W 499 -35.08 67.26 -51.05
CA VAL W 499 -34.28 68.33 -51.56
C VAL W 499 -34.03 67.87 -52.97
N PRO W 500 -34.00 68.72 -54.00
CA PRO W 500 -33.52 68.36 -55.31
C PRO W 500 -32.09 67.89 -55.30
N PRO W 501 -31.68 66.80 -55.94
CA PRO W 501 -30.30 66.37 -56.02
C PRO W 501 -29.55 67.17 -57.07
N SER W 502 -30.10 68.33 -57.52
CA SER W 502 -29.53 69.13 -58.55
C SER W 502 -28.78 70.27 -57.94
N LEU W 503 -28.97 70.51 -56.62
CA LEU W 503 -28.43 71.69 -55.99
C LEU W 503 -27.00 71.42 -55.62
N VAL W 504 -26.67 70.14 -55.37
CA VAL W 504 -25.31 69.68 -55.44
C VAL W 504 -25.45 68.55 -56.42
N ASP W 505 -25.04 68.80 -57.68
CA ASP W 505 -25.26 67.91 -58.79
C ASP W 505 -24.05 67.04 -58.95
N ALA W 506 -22.93 67.47 -58.32
CA ALA W 506 -21.67 66.80 -58.25
C ALA W 506 -20.82 67.18 -59.42
N TYR W 507 -21.09 68.38 -59.96
CA TYR W 507 -20.40 68.96 -61.08
C TYR W 507 -20.53 70.44 -60.84
N ILE W 508 -20.78 70.84 -59.57
CA ILE W 508 -21.02 72.21 -59.18
C ILE W 508 -19.82 72.67 -58.42
N ASN W 509 -19.15 73.71 -58.97
CA ASN W 509 -17.90 74.28 -58.53
C ASN W 509 -16.82 73.29 -58.76
N ILE W 510 -16.92 72.57 -59.90
CA ILE W 510 -16.02 71.52 -60.27
C ILE W 510 -14.70 72.10 -60.63
N GLY W 511 -13.66 71.63 -59.94
CA GLY W 511 -12.30 72.04 -60.19
C GLY W 511 -11.87 73.06 -59.20
N ALA W 512 -12.56 73.18 -58.04
CA ALA W 512 -12.26 74.21 -57.11
C ALA W 512 -12.64 73.68 -55.78
N ARG W 513 -12.07 74.30 -54.73
CA ARG W 513 -12.29 73.91 -53.37
C ARG W 513 -13.03 75.10 -52.88
N TRP W 514 -14.27 74.87 -52.44
CA TRP W 514 -15.18 75.92 -52.12
C TRP W 514 -16.13 75.26 -51.18
N SER W 515 -16.68 76.05 -50.25
CA SER W 515 -17.66 75.64 -49.31
C SER W 515 -18.84 76.42 -49.77
N LEU W 516 -19.99 75.76 -50.00
CA LEU W 516 -21.19 76.38 -50.52
C LEU W 516 -21.66 77.48 -49.61
N ASP W 517 -22.18 78.55 -50.23
CA ASP W 517 -22.75 79.70 -49.55
C ASP W 517 -23.93 79.37 -48.65
N PRO W 518 -24.93 78.54 -48.94
CA PRO W 518 -25.95 78.19 -47.97
C PRO W 518 -25.50 77.17 -46.95
N MET W 519 -24.21 76.79 -46.91
CA MET W 519 -23.70 75.83 -45.95
C MET W 519 -22.77 76.44 -44.97
N ASP W 520 -22.59 77.78 -44.97
CA ASP W 520 -21.69 78.43 -44.05
C ASP W 520 -22.42 78.95 -42.86
N ASN W 521 -23.77 78.84 -42.85
CA ASN W 521 -24.58 79.25 -41.75
C ASN W 521 -25.30 78.03 -41.25
N VAL W 522 -24.84 76.83 -41.64
CA VAL W 522 -25.40 75.57 -41.24
C VAL W 522 -24.36 74.99 -40.35
N ASN W 523 -24.78 74.49 -39.16
CA ASN W 523 -23.92 73.89 -38.15
C ASN W 523 -23.25 72.65 -38.70
N PRO W 524 -21.95 72.56 -38.95
CA PRO W 524 -21.36 71.42 -39.60
C PRO W 524 -21.12 70.26 -38.66
N PHE W 525 -21.42 70.41 -37.36
CA PHE W 525 -21.22 69.38 -36.37
C PHE W 525 -22.53 68.69 -36.15
N ASN W 526 -23.59 69.14 -36.86
CA ASN W 526 -24.84 68.45 -36.96
C ASN W 526 -24.75 67.77 -38.29
N HIS W 527 -24.00 66.66 -38.33
CA HIS W 527 -23.81 65.93 -39.54
C HIS W 527 -23.62 64.56 -39.02
N HIS W 528 -23.99 63.56 -39.84
CA HIS W 528 -23.97 62.18 -39.45
C HIS W 528 -22.59 61.62 -39.57
N ARG W 529 -21.68 62.34 -40.26
CA ARG W 529 -20.30 61.96 -40.43
C ARG W 529 -19.48 62.57 -39.35
N ASN W 530 -20.12 63.22 -38.34
CA ASN W 530 -19.48 63.70 -37.14
C ASN W 530 -19.02 62.48 -36.40
N ALA W 531 -17.69 62.29 -36.34
CA ALA W 531 -17.08 61.05 -35.91
C ALA W 531 -17.03 60.97 -34.43
N GLY W 532 -17.13 62.13 -33.74
CA GLY W 532 -17.17 62.16 -32.31
C GLY W 532 -18.50 61.73 -31.81
N LEU W 533 -19.58 62.28 -32.42
CA LEU W 533 -20.94 61.96 -32.11
C LEU W 533 -21.27 60.54 -32.41
N ARG W 534 -20.74 59.97 -33.52
CA ARG W 534 -20.91 58.57 -33.84
C ARG W 534 -20.35 57.67 -32.78
N TYR W 535 -19.16 58.00 -32.23
CA TYR W 535 -18.53 57.19 -31.23
C TYR W 535 -19.37 57.11 -29.97
N ARG W 536 -19.88 58.28 -29.54
CA ARG W 536 -20.71 58.44 -28.37
C ARG W 536 -22.03 57.72 -28.41
N SER W 537 -22.71 57.76 -29.56
CA SER W 537 -23.93 57.07 -29.86
C SER W 537 -23.81 55.57 -29.79
N MET W 538 -22.69 55.02 -30.30
CA MET W 538 -22.48 53.62 -30.54
C MET W 538 -21.86 52.93 -29.38
N LEU W 539 -21.49 53.69 -28.33
CA LEU W 539 -20.91 53.17 -27.12
C LEU W 539 -22.04 53.01 -26.13
N LEU W 540 -23.29 53.33 -26.55
CA LEU W 540 -24.50 53.04 -25.85
C LEU W 540 -25.20 51.91 -26.55
N GLY W 541 -24.74 51.51 -27.76
CA GLY W 541 -25.26 50.36 -28.47
C GLY W 541 -25.99 50.83 -29.69
N ASN W 542 -27.20 50.28 -29.95
CA ASN W 542 -27.93 50.53 -31.17
C ASN W 542 -29.40 50.32 -30.93
N GLY W 543 -29.82 50.11 -29.66
CA GLY W 543 -31.22 50.02 -29.32
C GLY W 543 -31.61 51.38 -28.84
N ARG W 544 -32.93 51.64 -28.75
CA ARG W 544 -33.43 52.90 -28.28
C ARG W 544 -33.80 52.78 -26.82
N TYR W 545 -33.48 51.65 -26.16
CA TYR W 545 -33.70 51.43 -24.76
C TYR W 545 -32.37 50.98 -24.22
N VAL W 546 -31.71 51.81 -23.40
CA VAL W 546 -30.35 51.59 -22.99
C VAL W 546 -30.28 51.83 -21.49
N PRO W 547 -30.25 50.86 -20.58
CA PRO W 547 -29.67 51.02 -19.26
C PRO W 547 -28.19 51.36 -19.34
N PHE W 548 -27.66 52.31 -18.53
CA PHE W 548 -26.35 52.85 -18.78
C PHE W 548 -25.60 52.98 -17.49
N HIS W 549 -24.26 53.07 -17.61
CA HIS W 549 -23.30 53.33 -16.58
C HIS W 549 -22.44 54.38 -17.19
N ILE W 550 -22.25 55.51 -16.48
CA ILE W 550 -21.42 56.57 -16.96
C ILE W 550 -20.76 57.06 -15.72
N GLN W 551 -19.53 57.59 -15.85
CA GLN W 551 -18.77 58.12 -14.77
C GLN W 551 -18.51 59.53 -15.21
N VAL W 552 -18.79 60.53 -14.35
CA VAL W 552 -18.92 61.89 -14.81
C VAL W 552 -18.00 62.70 -13.93
N PRO W 553 -17.04 63.46 -14.43
CA PRO W 553 -16.06 64.13 -13.58
C PRO W 553 -16.52 65.51 -13.22
N GLN W 554 -15.88 66.11 -12.18
CA GLN W 554 -15.92 67.51 -11.89
C GLN W 554 -15.31 68.34 -12.98
N LYS W 555 -15.73 69.61 -13.09
CA LYS W 555 -15.24 70.51 -14.08
C LYS W 555 -15.11 71.86 -13.43
N PHE W 556 -15.58 72.04 -12.18
CA PHE W 556 -15.45 73.28 -11.46
C PHE W 556 -13.99 73.41 -11.10
N PHE W 557 -13.43 74.62 -11.20
CA PHE W 557 -12.00 74.79 -11.26
C PHE W 557 -11.40 74.69 -9.89
N ALA W 558 -12.20 74.91 -8.83
CA ALA W 558 -11.73 74.89 -7.48
C ALA W 558 -11.79 73.51 -6.92
N ILE W 559 -12.88 72.75 -7.20
CA ILE W 559 -13.03 71.37 -6.77
C ILE W 559 -11.99 70.50 -7.42
N LYS W 560 -11.76 70.64 -8.74
CA LYS W 560 -10.78 69.87 -9.46
C LYS W 560 -9.40 70.17 -8.94
N SER W 561 -8.60 69.10 -8.77
CA SER W 561 -7.17 69.19 -8.56
C SER W 561 -6.87 69.78 -7.21
N LEU W 562 -7.70 69.48 -6.20
CA LEU W 562 -7.61 69.99 -4.86
C LEU W 562 -7.19 68.81 -4.04
N LEU W 563 -6.57 69.03 -2.86
CA LEU W 563 -6.30 67.95 -1.96
C LEU W 563 -7.08 68.31 -0.74
N LEU W 564 -8.01 67.41 -0.40
CA LEU W 564 -8.91 67.49 0.71
C LEU W 564 -8.20 66.81 1.85
N LEU W 565 -7.96 67.55 2.95
CA LEU W 565 -7.29 67.05 4.12
C LEU W 565 -8.33 66.40 5.01
N PRO W 566 -8.00 65.60 6.04
CA PRO W 566 -8.94 65.01 6.97
C PRO W 566 -10.10 65.85 7.45
N GLY W 567 -11.31 65.27 7.54
CA GLY W 567 -12.47 66.00 7.96
C GLY W 567 -13.64 65.40 7.29
N SER W 568 -14.83 65.75 7.80
CA SER W 568 -16.13 65.46 7.23
C SER W 568 -16.53 66.65 6.43
N TYR W 569 -17.11 66.43 5.23
CA TYR W 569 -17.43 67.48 4.31
C TYR W 569 -18.73 67.07 3.71
N THR W 570 -19.61 68.06 3.46
CA THR W 570 -20.88 67.98 2.78
C THR W 570 -20.65 68.28 1.34
N TYR W 571 -20.83 67.30 0.45
CA TYR W 571 -20.60 67.42 -0.96
C TYR W 571 -21.93 67.20 -1.61
N GLU W 572 -22.40 68.10 -2.49
CA GLU W 572 -23.70 67.98 -3.09
C GLU W 572 -23.57 68.58 -4.44
N TRP W 573 -24.23 67.97 -5.45
CA TRP W 573 -24.23 68.50 -6.78
C TRP W 573 -25.53 68.13 -7.39
N ASN W 574 -26.10 69.04 -8.21
CA ASN W 574 -27.41 68.90 -8.79
C ASN W 574 -27.14 68.46 -10.20
N PHE W 575 -28.00 67.59 -10.77
CA PHE W 575 -27.80 66.89 -12.01
C PHE W 575 -29.01 67.10 -12.87
N ARG W 576 -28.81 67.53 -14.13
CA ARG W 576 -29.87 67.69 -15.11
C ARG W 576 -30.56 66.43 -15.47
N LYS W 577 -31.86 66.53 -15.84
CA LYS W 577 -32.67 65.43 -16.31
C LYS W 577 -33.30 65.86 -17.62
N ASP W 578 -32.86 67.00 -18.20
CA ASP W 578 -33.40 67.58 -19.43
C ASP W 578 -32.69 66.94 -20.59
N VAL W 579 -33.42 66.39 -21.59
CA VAL W 579 -32.84 65.58 -22.63
C VAL W 579 -32.43 66.38 -23.84
N ASN W 580 -32.48 67.73 -23.77
CA ASN W 580 -31.96 68.56 -24.82
C ASN W 580 -30.58 69.02 -24.42
N MET W 581 -30.25 68.88 -23.12
CA MET W 581 -29.02 69.39 -22.56
C MET W 581 -28.10 68.24 -22.28
N ILE W 582 -28.64 67.02 -22.30
CA ILE W 582 -27.93 65.82 -21.92
C ILE W 582 -27.60 65.04 -23.14
N LEU W 583 -28.52 64.97 -24.13
CA LEU W 583 -28.30 64.23 -25.34
C LEU W 583 -28.03 65.19 -26.45
N GLN W 584 -27.44 64.67 -27.55
CA GLN W 584 -27.12 65.42 -28.73
C GLN W 584 -27.81 64.65 -29.82
N SER W 585 -27.99 65.26 -31.00
CA SER W 585 -28.64 64.66 -32.13
C SER W 585 -27.82 65.08 -33.31
N SER W 586 -27.97 64.38 -34.46
CA SER W 586 -27.24 64.69 -35.65
C SER W 586 -28.06 65.52 -36.57
N LEU W 587 -29.37 65.71 -36.30
CA LEU W 587 -30.18 66.61 -37.08
C LEU W 587 -30.49 67.79 -36.22
N GLY W 588 -30.38 67.64 -34.89
CA GLY W 588 -30.66 68.68 -33.93
C GLY W 588 -32.12 68.85 -33.66
N ASN W 589 -32.93 67.80 -33.92
CA ASN W 589 -34.36 67.82 -33.71
C ASN W 589 -34.65 67.86 -32.24
N ASP W 590 -35.77 68.50 -31.84
CA ASP W 590 -36.22 68.59 -30.47
C ASP W 590 -36.52 67.20 -29.95
N LEU W 591 -36.01 66.85 -28.76
CA LEU W 591 -36.12 65.53 -28.19
C LEU W 591 -37.09 65.57 -27.06
N ARG W 592 -38.02 66.55 -27.03
CA ARG W 592 -39.10 66.54 -26.08
C ARG W 592 -40.38 66.28 -26.82
N THR W 593 -40.36 66.43 -28.17
CA THR W 593 -41.52 66.20 -29.00
C THR W 593 -41.31 64.94 -29.79
N ASP W 594 -40.18 64.24 -29.56
CA ASP W 594 -39.78 63.09 -30.32
C ASP W 594 -39.39 62.08 -29.31
N GLY W 595 -40.35 61.66 -28.44
CA GLY W 595 -40.12 60.77 -27.32
C GLY W 595 -38.97 61.20 -26.46
N ALA W 596 -38.12 60.25 -26.04
CA ALA W 596 -36.91 60.44 -25.30
C ALA W 596 -37.15 60.84 -23.87
N SER W 597 -36.48 60.16 -22.93
CA SER W 597 -36.70 60.36 -21.53
C SER W 597 -35.44 59.88 -20.90
N ILE W 598 -35.21 60.28 -19.63
CA ILE W 598 -34.06 59.82 -18.89
C ILE W 598 -34.52 59.80 -17.48
N SER W 599 -34.02 58.83 -16.68
CA SER W 599 -34.32 58.75 -15.28
C SER W 599 -33.13 58.12 -14.66
N PHE W 600 -32.85 58.45 -13.38
CA PHE W 600 -31.66 57.99 -12.69
C PHE W 600 -32.11 57.12 -11.58
N THR W 601 -31.37 56.01 -11.36
CA THR W 601 -31.53 55.19 -10.21
C THR W 601 -30.14 55.07 -9.69
N SER W 602 -29.87 55.65 -8.49
CA SER W 602 -28.61 55.53 -7.83
C SER W 602 -27.52 56.33 -8.51
N ILE W 603 -27.02 57.39 -7.85
CA ILE W 603 -25.82 58.05 -8.30
C ILE W 603 -24.92 57.89 -7.12
N ASN W 604 -23.72 57.32 -7.36
CA ASN W 604 -22.69 57.07 -6.36
C ASN W 604 -21.58 58.01 -6.59
N LEU W 605 -20.70 58.17 -5.58
CA LEU W 605 -19.49 58.93 -5.61
C LEU W 605 -18.39 57.95 -5.30
N TYR W 606 -17.31 57.89 -6.12
CA TYR W 606 -16.17 57.04 -5.92
C TYR W 606 -14.98 57.92 -5.82
N ALA W 607 -14.21 57.79 -4.72
CA ALA W 607 -13.08 58.62 -4.37
C ALA W 607 -11.88 57.73 -4.19
N THR W 608 -10.77 57.98 -4.91
CA THR W 608 -9.62 57.08 -4.92
C THR W 608 -8.52 57.72 -4.13
N PHE W 609 -8.17 57.10 -2.98
CA PHE W 609 -7.18 57.55 -2.05
C PHE W 609 -5.92 56.78 -2.32
N PHE W 610 -4.76 57.48 -2.36
CA PHE W 610 -3.43 56.91 -2.37
C PHE W 610 -3.16 56.28 -1.01
N PRO W 611 -2.56 55.10 -0.85
CA PRO W 611 -2.36 54.52 0.47
C PRO W 611 -1.03 55.00 0.98
N MET W 612 -0.95 56.28 1.30
CA MET W 612 0.23 56.94 1.83
C MET W 612 0.54 56.45 3.24
N ALA W 613 1.81 56.29 3.60
CA ALA W 613 2.20 55.92 4.94
C ALA W 613 1.68 56.92 5.97
N HIS W 614 1.21 56.47 7.11
CA HIS W 614 0.56 57.31 8.08
C HIS W 614 1.38 58.44 8.61
N ASN W 615 2.65 58.24 8.91
CA ASN W 615 3.53 59.32 9.38
C ASN W 615 3.75 60.36 8.29
N THR W 616 3.99 59.92 7.07
CA THR W 616 4.13 60.76 5.89
C THR W 616 2.87 61.54 5.64
N ALA W 617 1.72 60.89 5.76
CA ALA W 617 0.45 61.53 5.59
C ALA W 617 0.23 62.66 6.53
N SER W 618 0.64 62.55 7.82
CA SER W 618 0.37 63.58 8.78
C SER W 618 1.50 64.54 8.89
N THR W 619 2.64 64.28 8.26
CA THR W 619 3.61 65.33 8.00
C THR W 619 3.05 66.29 6.97
N LEU W 620 2.37 65.77 5.96
CA LEU W 620 1.84 66.58 4.90
C LEU W 620 0.60 67.32 5.33
N GLU W 621 -0.13 66.82 6.36
CA GLU W 621 -1.25 67.51 6.97
C GLU W 621 -0.83 68.79 7.62
N ALA W 622 0.30 68.75 8.38
CA ALA W 622 0.83 69.86 9.11
C ALA W 622 1.25 70.97 8.21
N MET W 623 1.91 70.61 7.11
CA MET W 623 2.39 71.55 6.12
C MET W 623 1.25 72.25 5.40
N LEU W 624 0.16 71.56 5.09
CA LEU W 624 -0.89 72.13 4.29
C LEU W 624 -1.99 72.65 5.17
N ARG W 625 -1.76 72.73 6.50
CA ARG W 625 -2.60 73.46 7.41
C ARG W 625 -1.79 74.62 7.85
N ASN W 626 -1.38 75.45 6.88
CA ASN W 626 -0.64 76.64 7.17
C ASN W 626 -0.96 77.52 6.00
N ASP W 627 -0.89 78.85 6.21
CA ASP W 627 -1.40 79.84 5.30
C ASP W 627 -0.32 80.32 4.37
N THR W 628 0.89 79.73 4.42
CA THR W 628 1.92 80.00 3.44
C THR W 628 1.95 78.83 2.49
N ASN W 629 1.08 77.83 2.72
CA ASN W 629 1.02 76.63 1.95
C ASN W 629 -0.36 76.42 1.46
N ASP W 630 -1.15 77.50 1.32
CA ASP W 630 -2.53 77.42 0.93
C ASP W 630 -2.58 77.33 -0.56
N GLN W 631 -3.33 76.34 -1.06
CA GLN W 631 -3.50 75.97 -2.44
C GLN W 631 -4.17 77.01 -3.25
N SER W 632 -3.87 77.09 -4.56
CA SER W 632 -4.43 78.08 -5.43
C SER W 632 -4.62 77.48 -6.78
N PHE W 633 -5.73 77.85 -7.44
CA PHE W 633 -6.19 77.28 -8.68
C PHE W 633 -6.57 78.44 -9.53
N ASN W 634 -6.71 78.23 -10.85
CA ASN W 634 -7.23 79.23 -11.74
C ASN W 634 -7.91 78.51 -12.85
N ASP W 635 -8.85 79.21 -13.54
CA ASP W 635 -9.50 78.68 -14.71
C ASP W 635 -8.54 78.74 -15.86
N TYR W 636 -8.75 77.86 -16.86
CA TYR W 636 -7.92 77.81 -18.03
C TYR W 636 -8.43 78.90 -18.95
N LEU W 637 -9.73 79.25 -18.80
CA LEU W 637 -10.36 80.33 -19.47
C LEU W 637 -10.87 81.14 -18.34
N SER W 638 -10.15 82.23 -18.03
CA SER W 638 -10.50 83.11 -16.95
C SER W 638 -11.20 84.21 -17.66
N ALA W 639 -12.54 84.31 -17.52
CA ALA W 639 -13.24 85.31 -18.27
C ALA W 639 -14.60 85.58 -17.74
N ALA W 640 -15.08 86.81 -18.03
CA ALA W 640 -16.43 87.27 -17.92
C ALA W 640 -17.08 87.03 -19.23
N ASN W 641 -18.29 86.44 -19.24
CA ASN W 641 -18.92 85.91 -20.42
C ASN W 641 -20.21 86.64 -20.51
N MET W 642 -20.47 87.28 -21.68
CA MET W 642 -21.60 88.14 -21.86
C MET W 642 -22.13 87.81 -23.21
N LEU W 643 -23.46 87.72 -23.33
CA LEU W 643 -24.12 87.44 -24.58
C LEU W 643 -24.93 88.67 -24.84
N TYR W 644 -24.84 89.21 -26.08
CA TYR W 644 -25.50 90.43 -26.45
C TYR W 644 -26.33 90.02 -27.62
N PRO W 645 -27.51 90.57 -27.87
CA PRO W 645 -28.34 90.07 -28.95
C PRO W 645 -27.98 90.79 -30.20
N ILE W 646 -28.26 90.17 -31.36
CA ILE W 646 -28.15 90.79 -32.66
C ILE W 646 -29.56 90.56 -33.17
N PRO W 647 -30.34 91.56 -33.52
CA PRO W 647 -31.78 91.40 -33.75
C PRO W 647 -32.16 90.83 -35.09
N ALA W 648 -31.26 90.15 -35.84
CA ALA W 648 -31.54 89.53 -37.12
C ALA W 648 -31.57 90.57 -38.20
N ASN W 649 -30.56 90.51 -39.10
CA ASN W 649 -30.38 91.39 -40.24
C ASN W 649 -29.90 92.72 -39.75
N ALA W 650 -28.94 92.68 -38.79
CA ALA W 650 -28.33 93.85 -38.23
C ALA W 650 -26.89 93.65 -38.54
N THR W 651 -26.27 94.71 -39.09
CA THR W 651 -24.92 94.68 -39.59
C THR W 651 -24.02 95.42 -38.63
N ASN W 652 -24.53 95.92 -37.48
CA ASN W 652 -23.72 96.60 -36.52
C ASN W 652 -24.30 96.30 -35.17
N VAL W 653 -23.45 96.01 -34.16
CA VAL W 653 -23.85 95.71 -32.81
C VAL W 653 -23.10 96.68 -31.92
N PRO W 654 -23.68 97.71 -31.30
CA PRO W 654 -22.94 98.56 -30.40
C PRO W 654 -23.00 97.98 -29.01
N ILE W 655 -21.84 97.91 -28.32
CA ILE W 655 -21.70 97.35 -27.00
C ILE W 655 -20.97 98.40 -26.20
N SER W 656 -21.61 99.00 -25.18
CA SER W 656 -21.00 100.04 -24.39
C SER W 656 -20.96 99.52 -22.98
N ILE W 657 -19.84 99.76 -22.27
CA ILE W 657 -19.56 99.26 -20.95
C ILE W 657 -19.48 100.49 -20.07
N PRO W 658 -20.08 100.57 -18.87
CA PRO W 658 -19.78 101.58 -17.84
C PRO W 658 -18.31 101.72 -17.50
N SER W 659 -17.96 102.82 -16.80
CA SER W 659 -16.64 103.10 -16.26
C SER W 659 -16.20 102.12 -15.22
N ARG W 660 -15.12 101.34 -15.50
CA ARG W 660 -14.65 100.28 -14.62
C ARG W 660 -13.16 100.35 -14.66
N ASN W 661 -12.49 99.72 -13.67
CA ASN W 661 -11.06 99.54 -13.64
C ASN W 661 -10.71 98.45 -14.60
N TRP W 662 -9.52 98.57 -15.22
CA TRP W 662 -9.05 97.63 -16.21
C TRP W 662 -7.74 97.09 -15.76
N ALA W 663 -7.42 97.23 -14.45
CA ALA W 663 -6.22 96.68 -13.88
C ALA W 663 -6.25 95.18 -13.94
N ALA W 664 -5.16 94.59 -14.49
CA ALA W 664 -4.96 93.18 -14.64
C ALA W 664 -5.89 92.56 -15.64
N PHE W 665 -6.09 93.24 -16.78
CA PHE W 665 -7.00 92.85 -17.82
C PHE W 665 -6.14 92.18 -18.84
N ARG W 666 -6.72 91.27 -19.64
CA ARG W 666 -6.07 90.60 -20.73
C ARG W 666 -7.10 90.70 -21.80
N GLY W 667 -6.69 90.41 -23.05
CA GLY W 667 -7.45 90.51 -24.25
C GLY W 667 -8.88 90.04 -24.30
N TRP W 668 -9.68 90.78 -25.09
CA TRP W 668 -11.00 90.43 -25.58
C TRP W 668 -10.89 89.24 -26.49
N SER W 669 -11.93 88.40 -26.55
CA SER W 669 -12.00 87.30 -27.46
C SER W 669 -13.47 87.27 -27.79
N PHE W 670 -13.88 86.73 -28.96
CA PHE W 670 -15.27 86.80 -29.35
C PHE W 670 -15.61 85.81 -30.42
N THR W 671 -16.91 85.52 -30.58
CA THR W 671 -17.42 84.59 -31.55
C THR W 671 -18.88 84.93 -31.68
N ARG W 672 -19.57 84.40 -32.71
CA ARG W 672 -20.97 84.68 -32.95
C ARG W 672 -21.67 83.35 -32.81
N LEU W 673 -22.82 83.34 -32.10
CA LEU W 673 -23.59 82.16 -31.79
C LEU W 673 -24.94 82.36 -32.40
N LYS W 674 -25.95 81.59 -31.94
CA LYS W 674 -27.31 81.64 -32.41
C LYS W 674 -28.17 81.43 -31.22
N THR W 675 -29.35 82.09 -31.22
CA THR W 675 -30.30 82.08 -30.14
C THR W 675 -31.00 80.76 -30.01
N LYS W 676 -31.06 79.99 -31.12
CA LYS W 676 -31.75 78.72 -31.16
C LYS W 676 -30.81 77.59 -30.97
N GLU W 677 -29.65 77.86 -30.32
CA GLU W 677 -28.60 76.88 -30.20
C GLU W 677 -27.81 77.26 -28.98
N THR W 678 -28.30 78.24 -28.18
CA THR W 678 -27.65 78.66 -26.98
C THR W 678 -28.69 78.55 -25.90
N PRO W 679 -28.51 77.77 -24.85
CA PRO W 679 -29.47 77.67 -23.77
C PRO W 679 -29.07 78.70 -22.74
N SER W 680 -29.93 78.94 -21.75
CA SER W 680 -29.60 79.71 -20.58
C SER W 680 -29.27 78.75 -19.48
N LEU W 681 -28.22 79.08 -18.68
CA LEU W 681 -27.82 78.29 -17.55
C LEU W 681 -28.35 78.93 -16.30
N GLY W 682 -28.99 80.13 -16.44
CA GLY W 682 -29.53 80.88 -15.33
C GLY W 682 -30.86 80.29 -14.96
N SER W 683 -31.53 79.70 -15.96
CA SER W 683 -32.82 79.09 -15.81
C SER W 683 -32.51 77.62 -15.72
N GLY W 684 -33.18 76.92 -14.79
CA GLY W 684 -32.99 75.50 -14.58
C GLY W 684 -33.61 74.71 -15.69
N PHE W 685 -34.73 75.22 -16.25
CA PHE W 685 -35.39 74.58 -17.35
C PHE W 685 -35.74 75.69 -18.29
N ASP W 686 -35.50 75.47 -19.61
CA ASP W 686 -35.81 76.43 -20.63
C ASP W 686 -36.94 75.82 -21.41
N PRO W 687 -38.16 76.30 -21.39
CA PRO W 687 -39.23 75.73 -22.17
C PRO W 687 -39.14 76.20 -23.60
N TYR W 688 -38.23 77.15 -23.89
CA TYR W 688 -38.09 77.80 -25.17
C TYR W 688 -36.87 77.29 -25.87
N PHE W 689 -36.14 76.31 -25.28
CA PHE W 689 -34.97 75.72 -25.88
C PHE W 689 -35.49 74.43 -26.43
N VAL W 690 -35.54 74.32 -27.77
CA VAL W 690 -36.15 73.21 -28.47
C VAL W 690 -35.20 72.88 -29.58
N TYR W 691 -33.95 72.61 -29.17
CA TYR W 691 -32.89 72.22 -30.04
C TYR W 691 -32.12 71.21 -29.26
N SER W 692 -31.49 70.24 -29.95
CA SER W 692 -30.80 69.17 -29.29
C SER W 692 -29.58 68.84 -30.08
N GLY W 693 -29.16 69.69 -31.03
CA GLY W 693 -27.98 69.47 -31.81
C GLY W 693 -26.81 69.93 -31.01
N SER W 694 -25.60 69.97 -31.61
CA SER W 694 -24.39 70.41 -30.95
C SER W 694 -24.51 71.86 -30.55
N ILE W 695 -24.17 72.19 -29.29
CA ILE W 695 -24.36 73.49 -28.72
C ILE W 695 -22.98 74.08 -28.81
N PRO W 696 -22.70 75.09 -29.63
CA PRO W 696 -21.40 75.71 -29.72
C PRO W 696 -21.04 76.51 -28.50
N TYR W 697 -22.00 76.95 -27.67
CA TYR W 697 -21.75 77.73 -26.48
C TYR W 697 -20.91 76.99 -25.47
N LEU W 698 -21.20 75.69 -25.26
CA LEU W 698 -20.63 74.88 -24.21
C LEU W 698 -19.55 74.00 -24.76
N ASP W 699 -19.41 73.93 -26.09
CA ASP W 699 -18.40 73.16 -26.76
C ASP W 699 -17.40 74.14 -27.28
N GLY W 700 -16.19 73.67 -27.62
CA GLY W 700 -15.16 74.46 -28.24
C GLY W 700 -15.51 74.81 -29.66
N THR W 701 -16.52 74.12 -30.22
CA THR W 701 -16.98 74.28 -31.56
C THR W 701 -17.67 75.60 -31.72
N PHE W 702 -17.49 76.22 -32.89
CA PHE W 702 -18.05 77.47 -33.30
C PHE W 702 -17.98 77.33 -34.79
N TYR W 703 -18.68 78.19 -35.55
CA TYR W 703 -18.69 78.01 -36.96
C TYR W 703 -19.12 79.27 -37.64
N LEU W 704 -19.28 80.37 -36.87
CA LEU W 704 -19.67 81.64 -37.40
C LEU W 704 -18.59 82.52 -36.88
N ASN W 705 -17.66 82.88 -37.77
CA ASN W 705 -16.47 83.62 -37.43
C ASN W 705 -16.10 84.36 -38.67
N HIS W 706 -16.62 83.89 -39.82
CA HIS W 706 -16.34 84.44 -41.12
C HIS W 706 -17.39 85.49 -41.38
N THR W 707 -18.37 85.59 -40.45
CA THR W 707 -19.41 86.57 -40.42
C THR W 707 -18.89 87.93 -40.06
N PHE W 708 -17.92 88.01 -39.11
CA PHE W 708 -17.34 89.24 -38.62
C PHE W 708 -16.63 90.02 -39.67
N LYS W 709 -16.64 91.37 -39.54
CA LYS W 709 -16.14 92.20 -40.60
C LYS W 709 -15.44 93.42 -40.07
N LYS W 710 -15.71 93.86 -38.82
CA LYS W 710 -14.91 94.85 -38.14
C LYS W 710 -15.24 94.73 -36.68
N VAL W 711 -14.40 95.36 -35.84
CA VAL W 711 -14.64 95.52 -34.44
C VAL W 711 -13.91 96.79 -34.17
N SER W 712 -14.37 97.59 -33.18
CA SER W 712 -13.77 98.85 -32.82
C SER W 712 -13.59 98.75 -31.35
N ILE W 713 -12.66 99.55 -30.80
CA ILE W 713 -12.40 99.61 -29.39
C ILE W 713 -12.07 101.06 -29.15
N THR W 714 -12.68 101.70 -28.12
CA THR W 714 -12.33 103.05 -27.75
C THR W 714 -12.41 103.05 -26.26
N PHE W 715 -11.73 104.03 -25.63
CA PHE W 715 -11.78 104.29 -24.23
C PHE W 715 -12.07 105.74 -24.09
N ASP W 716 -13.19 106.07 -23.40
CA ASP W 716 -13.59 107.42 -23.06
C ASP W 716 -14.12 108.17 -24.24
N SER W 717 -14.51 107.43 -25.31
CA SER W 717 -15.10 107.93 -26.54
C SER W 717 -14.30 109.03 -27.17
N SER W 718 -12.98 108.77 -27.38
CA SER W 718 -12.08 109.79 -27.80
C SER W 718 -10.79 109.13 -28.17
N VAL W 719 -10.24 108.32 -27.25
CA VAL W 719 -9.07 107.53 -27.45
C VAL W 719 -9.48 106.29 -28.19
N SER W 720 -8.79 105.96 -29.30
CA SER W 720 -9.10 104.81 -30.10
C SER W 720 -7.96 103.90 -29.80
N TRP W 721 -8.25 102.74 -29.16
CA TRP W 721 -7.25 101.81 -28.69
C TRP W 721 -6.28 101.24 -29.72
N PRO W 722 -6.63 100.81 -30.94
CA PRO W 722 -5.63 100.33 -31.90
C PRO W 722 -4.90 101.51 -32.52
N GLY W 723 -5.08 102.74 -31.99
CA GLY W 723 -4.42 103.95 -32.37
C GLY W 723 -3.00 103.90 -31.91
N ASN W 724 -2.17 104.70 -32.61
CA ASN W 724 -0.75 104.93 -32.47
C ASN W 724 -0.17 104.43 -33.75
N ASP W 725 -1.03 104.30 -34.79
CA ASP W 725 -0.68 104.00 -36.15
C ASP W 725 -0.32 102.57 -36.33
N ARG W 726 -0.76 101.69 -35.41
CA ARG W 726 -0.40 100.29 -35.35
C ARG W 726 -0.83 99.55 -36.58
N LEU W 727 -2.06 99.78 -37.04
CA LEU W 727 -2.65 99.14 -38.18
C LEU W 727 -2.63 100.18 -39.27
N LEU W 728 -3.02 99.81 -40.52
CA LEU W 728 -3.08 100.79 -41.59
C LEU W 728 -4.46 101.40 -41.67
N THR W 729 -5.38 100.94 -40.79
CA THR W 729 -6.60 101.65 -40.50
C THR W 729 -6.57 101.59 -39.00
N PRO W 730 -6.17 102.60 -38.25
CA PRO W 730 -5.67 102.35 -36.91
C PRO W 730 -6.77 102.75 -35.97
N ASN W 731 -8.03 102.61 -36.42
CA ASN W 731 -9.16 103.17 -35.74
C ASN W 731 -10.14 102.06 -35.59
N GLU W 732 -10.02 101.01 -36.43
CA GLU W 732 -10.85 99.84 -36.38
C GLU W 732 -9.96 98.73 -36.82
N PHE W 733 -10.17 97.51 -36.28
CA PHE W 733 -9.57 96.31 -36.80
C PHE W 733 -10.53 95.86 -37.86
N GLU W 734 -10.04 95.58 -39.08
CA GLU W 734 -10.85 95.09 -40.16
C GLU W 734 -10.65 93.62 -40.25
N ILE W 735 -11.67 92.84 -39.83
CA ILE W 735 -11.61 91.41 -39.80
C ILE W 735 -11.57 90.81 -41.19
N LYS W 736 -12.32 91.42 -42.13
CA LYS W 736 -12.24 91.05 -43.52
C LYS W 736 -12.63 92.28 -44.26
N ARG W 737 -12.13 92.40 -45.51
CA ARG W 737 -12.46 93.49 -46.37
C ARG W 737 -12.87 92.86 -47.66
N THR W 738 -14.02 93.32 -48.20
CA THR W 738 -14.54 92.87 -49.46
C THR W 738 -14.47 94.13 -50.27
N VAL W 739 -13.85 94.04 -51.47
CA VAL W 739 -13.53 95.15 -52.35
C VAL W 739 -12.32 95.85 -51.79
N ASP W 740 -11.14 95.49 -52.33
CA ASP W 740 -9.86 95.90 -51.84
C ASP W 740 -9.13 96.49 -53.01
N GLY W 741 -8.51 97.69 -52.82
CA GLY W 741 -7.70 98.30 -53.84
C GLY W 741 -6.38 98.71 -53.28
N GLU W 742 -6.22 98.65 -51.94
CA GLU W 742 -4.97 98.95 -51.27
C GLU W 742 -4.02 97.79 -51.39
N GLY W 743 -4.55 96.55 -51.46
CA GLY W 743 -3.77 95.33 -51.45
C GLY W 743 -3.60 94.96 -50.01
N TYR W 744 -4.64 95.25 -49.21
CA TYR W 744 -4.72 95.08 -47.79
C TYR W 744 -5.30 93.73 -47.47
N ASN W 745 -5.45 92.84 -48.47
CA ASN W 745 -5.89 91.49 -48.27
C ASN W 745 -4.71 90.64 -48.57
N VAL W 746 -4.46 89.63 -47.72
CA VAL W 746 -3.37 88.72 -47.92
C VAL W 746 -3.89 87.36 -47.62
N ALA W 747 -3.18 86.34 -48.13
CA ALA W 747 -3.28 84.94 -47.78
C ALA W 747 -4.32 84.26 -48.61
N GLN W 748 -4.59 84.81 -49.82
CA GLN W 748 -5.43 84.24 -50.86
C GLN W 748 -6.90 84.26 -50.46
N CYS W 749 -7.36 85.32 -49.76
CA CYS W 749 -8.71 85.36 -49.26
C CYS W 749 -9.01 86.78 -48.86
N ASN W 750 -10.18 87.02 -48.22
CA ASN W 750 -10.62 88.31 -47.76
C ASN W 750 -9.94 88.80 -46.53
N MET W 751 -9.36 87.90 -45.71
CA MET W 751 -8.69 88.26 -44.48
C MET W 751 -7.59 89.24 -44.74
N THR W 752 -7.46 90.25 -43.87
CA THR W 752 -6.61 91.39 -44.11
C THR W 752 -5.24 91.10 -43.57
N LYS W 753 -4.25 91.90 -44.00
CA LYS W 753 -2.87 91.81 -43.58
C LYS W 753 -2.69 92.06 -42.12
N ASP W 754 -3.46 93.01 -41.56
CA ASP W 754 -3.30 93.54 -40.24
C ASP W 754 -4.38 92.98 -39.36
N TRP W 755 -4.91 91.80 -39.70
CA TRP W 755 -5.76 91.05 -38.83
C TRP W 755 -5.22 89.67 -38.84
N PHE W 756 -4.61 89.23 -39.95
CA PHE W 756 -3.87 88.01 -40.03
C PHE W 756 -2.67 88.06 -39.12
N LEU W 757 -1.99 89.24 -39.06
CA LEU W 757 -0.89 89.52 -38.19
C LEU W 757 -1.24 89.40 -36.73
N VAL W 758 -2.42 89.96 -36.34
CA VAL W 758 -2.94 89.98 -34.98
C VAL W 758 -3.19 88.59 -34.48
N GLN W 759 -3.74 87.71 -35.36
CA GLN W 759 -4.10 86.35 -35.02
C GLN W 759 -2.88 85.46 -34.96
N MET W 760 -1.77 85.84 -35.61
CA MET W 760 -0.56 85.07 -35.62
C MET W 760 0.37 85.56 -34.55
N LEU W 761 -0.04 86.58 -33.78
CA LEU W 761 0.69 87.03 -32.63
C LEU W 761 -0.05 86.58 -31.40
N ALA W 762 -1.22 85.94 -31.57
CA ALA W 762 -2.05 85.52 -30.48
C ALA W 762 -2.22 84.01 -30.53
N HIS W 763 -1.45 83.31 -31.40
CA HIS W 763 -1.60 81.89 -31.62
C HIS W 763 -0.31 81.37 -32.19
N TYR W 764 0.79 82.14 -31.96
CA TYR W 764 2.10 81.69 -32.30
C TYR W 764 2.95 82.61 -31.46
N ASN W 765 2.98 83.91 -31.80
CA ASN W 765 3.65 85.02 -31.16
C ASN W 765 4.73 85.46 -32.09
N ILE W 766 4.70 84.99 -33.36
CA ILE W 766 5.71 85.36 -34.30
C ILE W 766 4.96 85.74 -35.53
N GLY W 767 5.34 86.91 -36.07
CA GLY W 767 4.76 87.55 -37.21
C GLY W 767 5.60 88.77 -37.48
N TYR W 768 6.46 89.15 -36.51
CA TYR W 768 7.34 90.28 -36.59
C TYR W 768 8.68 89.88 -37.12
N GLN W 769 8.85 88.61 -37.53
CA GLN W 769 10.10 88.11 -38.03
C GLN W 769 9.75 87.09 -39.04
N GLY W 770 8.68 87.33 -39.83
CA GLY W 770 8.22 86.44 -40.86
C GLY W 770 7.10 85.62 -40.34
N PHE W 771 6.48 84.85 -41.26
CA PHE W 771 5.32 84.04 -40.99
C PHE W 771 5.75 82.64 -41.31
N TYR W 772 5.37 81.68 -40.46
CA TYR W 772 5.79 80.31 -40.55
C TYR W 772 4.65 79.53 -39.98
N VAL W 773 4.65 78.21 -40.25
CA VAL W 773 3.77 77.27 -39.60
C VAL W 773 4.14 77.22 -38.13
N PRO W 774 3.26 77.28 -37.14
CA PRO W 774 3.65 77.57 -35.77
C PRO W 774 4.40 76.45 -35.10
N GLU W 775 4.16 75.20 -35.55
CA GLU W 775 4.63 73.95 -34.99
C GLU W 775 3.43 73.30 -34.38
N GLY W 776 3.44 71.94 -34.36
CA GLY W 776 2.29 71.15 -34.04
C GLY W 776 1.96 71.14 -32.59
N TYR W 777 2.89 71.57 -31.71
CA TYR W 777 2.65 71.58 -30.29
C TYR W 777 2.14 72.93 -29.87
N LYS W 778 2.05 73.89 -30.83
CA LYS W 778 1.50 75.19 -30.59
C LYS W 778 0.20 75.32 -31.36
N ASP W 779 -0.17 74.26 -32.12
CA ASP W 779 -1.36 74.23 -32.94
C ASP W 779 -2.12 73.12 -32.34
N ARG W 780 -3.22 73.47 -31.66
CA ARG W 780 -4.09 72.53 -31.01
C ARG W 780 -5.29 72.50 -31.92
N MET W 781 -6.44 71.98 -31.43
CA MET W 781 -7.64 71.86 -32.21
C MET W 781 -8.35 73.18 -32.33
N TYR W 782 -8.08 74.12 -31.39
CA TYR W 782 -8.83 75.34 -31.28
C TYR W 782 -7.94 76.50 -31.61
N SER W 783 -6.76 76.25 -32.21
CA SER W 783 -5.82 77.28 -32.57
C SER W 783 -6.10 77.73 -33.98
N PHE W 784 -5.76 79.01 -34.26
CA PHE W 784 -6.10 79.72 -35.47
C PHE W 784 -5.60 79.09 -36.73
N PHE W 785 -4.32 78.66 -36.74
CA PHE W 785 -3.62 78.27 -37.94
C PHE W 785 -4.25 77.06 -38.57
N ARG W 786 -4.62 76.07 -37.72
CA ARG W 786 -5.12 74.78 -38.12
C ARG W 786 -6.42 74.84 -38.88
N ASN W 787 -7.33 75.75 -38.47
CA ASN W 787 -8.69 75.76 -38.93
C ASN W 787 -8.90 76.80 -39.97
N PHE W 788 -7.83 77.51 -40.39
CA PHE W 788 -7.87 78.57 -41.35
C PHE W 788 -7.81 78.02 -42.75
N GLN W 789 -8.89 78.28 -43.54
CA GLN W 789 -9.10 77.66 -44.83
C GLN W 789 -9.44 78.72 -45.87
N PRO W 790 -8.52 79.53 -46.39
CA PRO W 790 -8.65 80.24 -47.67
C PRO W 790 -9.25 79.43 -48.79
N MET W 791 -10.13 80.03 -49.61
CA MET W 791 -10.74 79.33 -50.70
C MET W 791 -11.17 80.33 -51.72
N SER W 792 -11.26 79.91 -53.00
CA SER W 792 -11.53 80.78 -54.11
C SER W 792 -12.23 79.93 -55.14
N ARG W 793 -13.20 80.53 -55.86
CA ARG W 793 -13.85 79.94 -57.00
C ARG W 793 -14.02 81.07 -57.95
N GLN W 794 -14.33 80.76 -59.24
CA GLN W 794 -14.71 81.74 -60.21
C GLN W 794 -16.13 81.43 -60.61
N VAL W 795 -16.95 82.49 -60.70
CA VAL W 795 -18.34 82.48 -61.07
C VAL W 795 -18.44 83.21 -62.36
N VAL W 796 -19.47 82.88 -63.18
CA VAL W 796 -19.74 83.55 -64.44
C VAL W 796 -20.03 85.00 -64.13
N ASP W 797 -19.44 85.93 -64.92
CA ASP W 797 -19.66 87.33 -64.76
C ASP W 797 -20.91 87.63 -65.50
N GLU W 798 -21.96 88.04 -64.77
CA GLU W 798 -23.31 88.12 -65.29
C GLU W 798 -23.61 89.49 -65.79
N VAL W 799 -22.60 90.38 -65.83
CA VAL W 799 -22.69 91.70 -66.37
C VAL W 799 -22.00 91.63 -67.69
N ASN W 800 -20.66 91.44 -67.68
CA ASN W 800 -19.81 91.49 -68.84
C ASN W 800 -20.10 90.42 -69.86
N TYR W 801 -20.37 89.16 -69.42
CA TYR W 801 -20.74 88.09 -70.32
C TYR W 801 -22.11 88.42 -70.88
N LYS W 802 -22.23 88.43 -72.22
CA LYS W 802 -23.33 89.04 -72.90
C LYS W 802 -24.31 88.01 -73.36
N ASP W 803 -24.00 86.71 -73.15
CA ASP W 803 -24.87 85.62 -73.53
C ASP W 803 -25.35 84.98 -72.26
N TYR W 804 -25.16 85.67 -71.11
CA TYR W 804 -25.61 85.25 -69.82
C TYR W 804 -27.10 85.24 -69.79
N GLN W 805 -27.69 84.13 -69.32
CA GLN W 805 -29.09 83.96 -69.07
C GLN W 805 -29.15 83.61 -67.62
N ALA W 806 -30.20 84.09 -66.92
CA ALA W 806 -30.38 83.82 -65.52
C ALA W 806 -31.30 82.65 -65.37
N VAL W 807 -30.91 81.48 -65.92
CA VAL W 807 -31.66 80.25 -65.86
C VAL W 807 -31.66 79.77 -64.43
N THR W 808 -32.86 79.54 -63.87
CA THR W 808 -33.05 79.14 -62.50
C THR W 808 -33.28 77.66 -62.54
N LEU W 809 -33.09 76.97 -61.39
CA LEU W 809 -33.29 75.54 -61.28
C LEU W 809 -34.74 75.24 -61.50
N ALA W 810 -35.02 74.23 -62.35
CA ALA W 810 -36.28 73.74 -62.82
C ALA W 810 -36.34 73.99 -64.29
N TYR W 811 -35.17 74.29 -64.89
CA TYR W 811 -35.02 74.70 -66.26
C TYR W 811 -33.60 74.38 -66.61
N GLN W 812 -32.79 74.06 -65.58
CA GLN W 812 -31.44 73.62 -65.69
C GLN W 812 -31.53 72.13 -65.86
N HIS W 813 -31.01 71.60 -66.98
CA HIS W 813 -31.01 70.20 -67.25
C HIS W 813 -29.60 69.84 -67.55
N ASN W 814 -29.17 68.65 -67.07
CA ASN W 814 -27.81 68.25 -67.06
C ASN W 814 -27.90 66.89 -66.46
N ASN W 815 -27.47 65.86 -67.24
CA ASN W 815 -27.66 64.45 -66.98
C ASN W 815 -29.08 64.09 -67.22
N SER W 816 -29.70 64.70 -68.26
CA SER W 816 -31.09 64.57 -68.56
C SER W 816 -31.34 63.23 -69.18
N GLY W 817 -32.29 62.47 -68.61
CA GLY W 817 -32.67 61.16 -69.09
C GLY W 817 -32.17 60.14 -68.14
N PHE W 818 -31.20 60.52 -67.27
CA PHE W 818 -30.46 59.58 -66.47
C PHE W 818 -30.64 59.92 -65.02
N VAL W 819 -31.41 60.98 -64.69
CA VAL W 819 -31.64 61.38 -63.33
C VAL W 819 -33.09 61.75 -63.23
N GLY W 820 -33.64 61.77 -61.99
CA GLY W 820 -34.99 62.19 -61.70
C GLY W 820 -35.12 63.68 -61.79
N TYR W 821 -36.37 64.17 -61.99
CA TYR W 821 -36.64 65.58 -62.10
C TYR W 821 -36.94 66.14 -60.73
N LEU W 822 -35.96 66.88 -60.18
CA LEU W 822 -36.00 67.59 -58.91
C LEU W 822 -36.32 66.73 -57.74
N ALA W 823 -35.92 65.45 -57.76
CA ALA W 823 -36.23 64.57 -56.68
C ALA W 823 -35.22 63.47 -56.78
N PRO W 824 -34.90 62.75 -55.71
CA PRO W 824 -34.08 61.56 -55.76
C PRO W 824 -34.82 60.36 -56.29
N THR W 825 -35.91 60.54 -57.07
CA THR W 825 -36.76 59.47 -57.54
C THR W 825 -36.20 58.97 -58.85
N MET W 826 -36.90 58.01 -59.49
CA MET W 826 -36.50 57.34 -60.70
C MET W 826 -36.27 58.23 -61.89
N ARG W 827 -35.32 57.80 -62.77
CA ARG W 827 -34.89 58.49 -63.96
C ARG W 827 -35.97 58.80 -64.93
N GLN W 828 -35.79 59.91 -65.68
CA GLN W 828 -36.79 60.35 -66.60
C GLN W 828 -36.16 61.34 -67.51
N GLY W 829 -36.72 61.51 -68.72
CA GLY W 829 -36.29 62.51 -69.66
C GLY W 829 -35.70 61.83 -70.84
N GLN W 830 -34.89 62.59 -71.61
CA GLN W 830 -34.24 62.13 -72.80
C GLN W 830 -32.84 62.66 -72.77
N PRO W 831 -31.83 62.00 -73.37
CA PRO W 831 -30.52 62.55 -73.59
C PRO W 831 -30.56 63.79 -74.44
N TYR W 832 -29.92 64.90 -73.97
CA TYR W 832 -29.97 66.14 -74.69
C TYR W 832 -28.81 66.92 -74.12
N PRO W 833 -28.14 67.85 -74.83
CA PRO W 833 -27.08 68.66 -74.28
C PRO W 833 -27.44 69.43 -73.04
N ALA W 834 -26.54 69.47 -72.04
CA ALA W 834 -26.66 70.24 -70.82
C ALA W 834 -26.69 71.71 -71.07
N ASN W 835 -26.83 72.51 -70.00
CA ASN W 835 -26.88 73.95 -70.10
C ASN W 835 -26.68 74.53 -68.73
N TYR W 836 -26.62 73.66 -67.69
CA TYR W 836 -26.56 74.06 -66.31
C TYR W 836 -25.30 74.81 -65.96
N PRO W 837 -24.07 74.28 -65.94
CA PRO W 837 -22.91 75.08 -65.60
C PRO W 837 -22.41 75.66 -66.89
N TYR W 838 -21.54 76.69 -66.82
CA TYR W 838 -20.99 77.35 -67.98
C TYR W 838 -19.56 76.89 -68.05
N PRO W 839 -18.97 76.58 -69.19
CA PRO W 839 -17.53 76.45 -69.36
C PRO W 839 -16.73 77.57 -68.79
N LEU W 840 -15.75 77.26 -67.93
CA LEU W 840 -14.86 78.22 -67.38
C LEU W 840 -13.47 77.84 -67.79
N ILE W 841 -13.29 76.78 -68.63
CA ILE W 841 -11.99 76.18 -68.82
C ILE W 841 -11.76 75.89 -70.28
N GLY W 842 -12.83 75.86 -71.10
CA GLY W 842 -12.79 75.42 -72.46
C GLY W 842 -11.92 76.21 -73.39
N LYS W 843 -12.02 75.85 -74.70
CA LYS W 843 -11.41 76.55 -75.80
C LYS W 843 -12.06 77.90 -75.89
N SER W 844 -13.39 77.91 -75.69
CA SER W 844 -14.19 79.10 -75.51
C SER W 844 -14.79 78.91 -74.15
N ALA W 845 -14.47 79.86 -73.25
CA ALA W 845 -14.91 79.87 -71.88
C ALA W 845 -15.51 81.22 -71.68
N VAL W 846 -16.41 81.33 -70.68
CA VAL W 846 -17.17 82.52 -70.42
C VAL W 846 -16.37 83.43 -69.54
N THR W 847 -16.70 84.74 -69.56
CA THR W 847 -16.12 85.79 -68.74
C THR W 847 -16.44 85.48 -67.30
N SER W 848 -15.52 85.79 -66.35
CA SER W 848 -15.71 85.34 -65.01
C SER W 848 -14.96 86.25 -64.08
N VAL W 849 -15.35 86.20 -62.79
CA VAL W 849 -14.81 87.03 -61.74
C VAL W 849 -14.56 86.11 -60.59
N THR W 850 -13.67 86.54 -59.67
CA THR W 850 -13.21 85.77 -58.54
C THR W 850 -14.10 86.11 -57.37
N GLN W 851 -14.45 85.12 -56.54
CA GLN W 851 -15.11 85.27 -55.27
C GLN W 851 -14.14 84.65 -54.31
N LYS W 852 -14.02 85.16 -53.06
CA LYS W 852 -13.15 84.52 -52.09
C LYS W 852 -13.84 84.58 -50.77
N LYS W 853 -13.49 83.61 -49.89
CA LYS W 853 -13.98 83.52 -48.55
C LYS W 853 -12.91 82.78 -47.84
N PHE W 854 -13.09 82.58 -46.52
CA PHE W 854 -12.22 81.77 -45.70
C PHE W 854 -13.19 81.16 -44.72
N LEU W 855 -12.74 80.16 -43.94
CA LEU W 855 -13.53 79.65 -42.84
C LEU W 855 -12.55 79.54 -41.72
N CYS W 856 -13.05 79.40 -40.47
CA CYS W 856 -12.17 79.43 -39.33
C CYS W 856 -12.85 78.77 -38.17
N ASP W 857 -13.61 77.68 -38.39
CA ASP W 857 -14.42 77.02 -37.39
C ASP W 857 -13.63 76.59 -36.19
N ARG W 858 -14.22 76.75 -34.98
CA ARG W 858 -13.73 76.30 -33.70
C ARG W 858 -12.73 77.23 -33.10
N VAL W 859 -12.59 78.46 -33.64
CA VAL W 859 -11.56 79.37 -33.26
C VAL W 859 -12.29 80.62 -32.89
N MET W 860 -12.10 81.10 -31.64
CA MET W 860 -12.54 82.42 -31.26
C MET W 860 -11.50 83.37 -31.73
N TRP W 861 -11.94 84.54 -32.23
CA TRP W 861 -11.11 85.68 -32.52
C TRP W 861 -10.56 86.23 -31.25
N ARG W 862 -9.34 86.78 -31.28
CA ARG W 862 -8.64 87.26 -30.11
C ARG W 862 -7.98 88.54 -30.46
N ILE W 863 -8.10 89.53 -29.58
CA ILE W 863 -7.37 90.76 -29.64
C ILE W 863 -6.71 90.79 -28.30
N PRO W 864 -5.43 90.51 -28.14
CA PRO W 864 -4.71 90.66 -26.89
C PRO W 864 -4.69 92.08 -26.43
N PHE W 865 -4.69 92.32 -25.12
CA PHE W 865 -4.64 93.64 -24.55
C PHE W 865 -3.19 93.91 -24.29
N SER W 866 -2.46 94.30 -25.35
CA SER W 866 -1.04 94.41 -25.32
C SER W 866 -0.73 95.38 -26.41
N SER W 867 0.45 96.02 -26.32
CA SER W 867 0.89 96.96 -27.31
C SER W 867 1.51 96.25 -28.50
N ASN W 868 1.92 94.99 -28.30
CA ASN W 868 2.53 94.20 -29.34
C ASN W 868 1.54 93.25 -29.92
N PHE W 869 0.42 93.00 -29.22
CA PHE W 869 -0.59 92.03 -29.59
C PHE W 869 -0.06 90.64 -29.38
N MET W 870 1.00 90.47 -28.55
CA MET W 870 1.57 89.17 -28.34
C MET W 870 1.86 89.05 -26.89
N SER W 871 1.58 87.85 -26.35
CA SER W 871 1.81 87.47 -24.97
C SER W 871 3.26 87.55 -24.61
N MET W 872 3.54 87.99 -23.37
CA MET W 872 4.87 88.13 -22.86
C MET W 872 4.83 87.76 -21.40
N GLY W 873 3.68 87.24 -20.94
CA GLY W 873 3.44 86.94 -19.56
C GLY W 873 1.97 86.84 -19.45
N ALA W 874 1.48 86.06 -18.46
CA ALA W 874 0.06 85.85 -18.24
C ALA W 874 -0.64 87.14 -17.91
N LEU W 875 -0.01 87.96 -17.04
CA LEU W 875 -0.42 89.30 -16.74
C LEU W 875 0.22 90.19 -17.75
N THR W 876 -0.60 90.92 -18.55
CA THR W 876 -0.13 91.68 -19.68
C THR W 876 0.52 92.96 -19.23
N ASP W 877 1.22 93.64 -20.17
CA ASP W 877 1.96 94.86 -19.94
C ASP W 877 1.06 96.04 -19.78
N LEU W 878 -0.19 96.03 -20.31
CA LEU W 878 -1.11 97.13 -20.17
C LEU W 878 -2.08 96.87 -19.06
N GLY W 879 -2.01 95.66 -18.45
CA GLY W 879 -2.70 95.38 -17.22
C GLY W 879 -1.93 95.97 -16.08
N GLN W 880 -0.62 96.20 -16.30
CA GLN W 880 0.28 96.76 -15.33
C GLN W 880 0.54 98.22 -15.60
N ASN W 881 0.02 98.75 -16.73
CA ASN W 881 0.09 100.15 -17.07
C ASN W 881 -1.27 100.73 -16.89
N MET W 882 -2.10 100.16 -15.99
CA MET W 882 -3.41 100.68 -15.66
C MET W 882 -3.71 100.25 -14.23
N LEU W 883 -2.66 100.02 -13.42
CA LEU W 883 -2.78 99.78 -12.00
C LEU W 883 -2.18 100.92 -11.24
N TYR W 884 -1.55 101.89 -11.95
CA TYR W 884 -1.03 103.11 -11.39
C TYR W 884 -2.15 103.95 -10.85
N ALA W 885 -3.27 103.93 -11.59
CA ALA W 885 -4.44 104.71 -11.34
C ALA W 885 -5.49 103.70 -11.05
N ASN W 886 -6.35 104.05 -10.08
CA ASN W 886 -7.60 103.37 -9.83
C ASN W 886 -8.69 104.07 -10.60
N SER W 887 -8.30 104.90 -11.60
CA SER W 887 -9.20 105.67 -12.43
C SER W 887 -9.95 104.72 -13.32
N ALA W 888 -11.21 105.06 -13.63
CA ALA W 888 -12.10 104.17 -14.32
C ALA W 888 -12.41 104.75 -15.66
N HIS W 889 -12.40 103.90 -16.70
CA HIS W 889 -12.63 104.30 -18.07
C HIS W 889 -13.78 103.54 -18.65
N ALA W 890 -14.65 104.23 -19.43
CA ALA W 890 -15.67 103.67 -20.27
C ALA W 890 -15.06 102.95 -21.45
N LEU W 891 -15.69 101.86 -21.94
CA LEU W 891 -15.28 101.15 -23.12
C LEU W 891 -16.44 101.19 -24.08
N ASP W 892 -16.23 101.46 -25.39
CA ASP W 892 -17.29 101.31 -26.36
C ASP W 892 -16.69 100.55 -27.51
N MET W 893 -17.29 99.40 -27.85
CA MET W 893 -16.87 98.54 -28.92
C MET W 893 -18.00 98.43 -29.89
N ASN W 894 -17.79 98.86 -31.14
CA ASN W 894 -18.81 98.84 -32.15
C ASN W 894 -18.36 97.78 -33.10
N PHE W 895 -19.16 96.70 -33.23
CA PHE W 895 -18.83 95.55 -34.05
C PHE W 895 -19.59 95.68 -35.32
N GLU W 896 -19.12 94.99 -36.38
CA GLU W 896 -19.76 94.91 -37.66
C GLU W 896 -19.76 93.47 -38.04
N VAL W 897 -20.95 92.92 -38.36
CA VAL W 897 -21.13 91.53 -38.65
C VAL W 897 -21.94 91.52 -39.91
N ASP W 898 -21.94 90.39 -40.64
CA ASP W 898 -22.71 90.24 -41.86
C ASP W 898 -24.12 89.96 -41.44
N PRO W 899 -25.17 90.45 -42.10
CA PRO W 899 -26.54 90.02 -41.90
C PRO W 899 -26.75 88.54 -41.92
N MET W 900 -27.66 88.04 -41.05
CA MET W 900 -28.09 86.68 -41.02
C MET W 900 -29.55 86.78 -40.74
N ASP W 901 -30.34 85.93 -41.41
CA ASP W 901 -31.79 85.93 -41.33
C ASP W 901 -32.30 85.52 -39.99
N GLU W 902 -31.53 84.68 -39.27
CA GLU W 902 -31.83 84.24 -37.94
C GLU W 902 -31.35 85.25 -36.94
N SER W 903 -31.99 85.25 -35.75
CA SER W 903 -31.50 85.97 -34.59
C SER W 903 -30.25 85.29 -34.13
N THR W 904 -29.26 86.08 -33.69
CA THR W 904 -27.94 85.60 -33.40
C THR W 904 -27.54 86.31 -32.16
N LEU W 905 -26.43 85.87 -31.55
CA LEU W 905 -25.89 86.42 -30.34
C LEU W 905 -24.48 86.74 -30.69
N LEU W 906 -23.87 87.62 -29.88
CA LEU W 906 -22.51 88.00 -30.01
C LEU W 906 -21.99 87.74 -28.65
N TYR W 907 -20.98 86.85 -28.58
CA TYR W 907 -20.44 86.37 -27.35
C TYR W 907 -19.09 87.01 -27.27
N VAL W 908 -18.91 87.91 -26.28
CA VAL W 908 -17.69 88.61 -26.02
C VAL W 908 -17.22 88.09 -24.70
N VAL W 909 -15.93 87.74 -24.65
CA VAL W 909 -15.26 87.13 -23.55
C VAL W 909 -14.29 88.21 -23.17
N PHE W 910 -14.27 88.63 -21.89
CA PHE W 910 -13.44 89.68 -21.38
C PHE W 910 -12.59 88.95 -20.42
N GLU W 911 -11.31 88.73 -20.76
CA GLU W 911 -10.44 87.81 -20.08
C GLU W 911 -9.80 88.46 -18.89
N VAL W 912 -9.92 87.79 -17.73
CA VAL W 912 -9.54 88.28 -16.43
C VAL W 912 -8.58 87.30 -15.80
N PHE W 913 -8.56 87.23 -14.45
CA PHE W 913 -7.93 86.20 -13.67
C PHE W 913 -8.99 85.70 -12.75
N ASP W 914 -9.35 84.41 -12.86
CA ASP W 914 -10.28 83.76 -11.96
C ASP W 914 -9.39 82.89 -11.16
N VAL W 915 -9.32 83.15 -9.85
CA VAL W 915 -8.34 82.57 -8.97
C VAL W 915 -9.07 82.31 -7.70
N VAL W 916 -8.82 81.14 -7.08
CA VAL W 916 -9.34 80.83 -5.78
C VAL W 916 -8.14 80.43 -5.00
N ARG W 917 -8.15 80.75 -3.70
CA ARG W 917 -7.13 80.44 -2.75
C ARG W 917 -7.86 79.66 -1.70
N VAL W 918 -7.52 78.37 -1.50
CA VAL W 918 -8.21 77.48 -0.62
C VAL W 918 -7.28 77.21 0.51
N HIS W 919 -7.70 77.53 1.75
CA HIS W 919 -6.92 77.27 2.93
C HIS W 919 -7.79 76.42 3.79
N GLN W 920 -7.18 75.40 4.40
CA GLN W 920 -7.83 74.49 5.31
C GLN W 920 -7.07 74.59 6.58
N PRO W 921 -7.57 75.11 7.68
CA PRO W 921 -6.69 75.39 8.81
C PRO W 921 -6.87 74.32 9.87
N HIS W 922 -7.93 73.48 9.78
CA HIS W 922 -8.28 72.57 10.83
C HIS W 922 -9.10 71.49 10.18
N ARG W 923 -9.31 70.35 10.88
CA ARG W 923 -10.13 69.27 10.37
C ARG W 923 -11.53 69.73 10.12
N GLY W 924 -12.08 69.38 8.94
CA GLY W 924 -13.44 69.66 8.56
C GLY W 924 -13.69 71.10 8.31
N VAL W 925 -12.64 71.86 7.94
CA VAL W 925 -12.75 73.27 7.66
C VAL W 925 -12.11 73.40 6.32
N ILE W 926 -12.79 74.11 5.42
CA ILE W 926 -12.31 74.43 4.11
C ILE W 926 -12.86 75.79 3.86
N GLU W 927 -12.06 76.67 3.22
CA GLU W 927 -12.37 78.05 3.04
C GLU W 927 -12.01 78.33 1.63
N ALA W 928 -12.51 79.45 1.10
CA ALA W 928 -12.21 79.86 -0.23
C ALA W 928 -12.23 81.35 -0.19
N VAL W 929 -11.28 81.97 -0.91
CA VAL W 929 -11.25 83.39 -1.10
C VAL W 929 -11.09 83.45 -2.58
N TYR W 930 -11.99 84.18 -3.25
CA TYR W 930 -12.12 84.18 -4.68
C TYR W 930 -11.87 85.59 -5.13
N LEU W 931 -11.25 85.76 -6.32
CA LEU W 931 -10.97 87.04 -6.91
C LEU W 931 -11.26 86.87 -8.38
N ARG W 932 -11.42 87.98 -9.13
CA ARG W 932 -11.87 87.94 -10.50
C ARG W 932 -11.33 89.14 -11.23
N THR W 933 -10.39 89.88 -10.62
CA THR W 933 -9.71 91.05 -11.15
C THR W 933 -10.58 92.13 -11.79
N PRO W 934 -10.52 92.64 -13.05
CA PRO W 934 -11.17 93.89 -13.43
C PRO W 934 -12.67 93.77 -13.47
N PHE W 935 -13.20 92.55 -13.70
CA PHE W 935 -14.62 92.32 -13.70
C PHE W 935 -14.80 91.52 -12.47
N SER W 936 -14.71 92.21 -11.30
CA SER W 936 -14.89 91.71 -9.96
C SER W 936 -16.15 90.89 -9.85
N ALA W 937 -16.22 90.00 -8.83
CA ALA W 937 -17.37 89.17 -8.56
C ALA W 937 -18.58 89.96 -8.16
N GLY W 938 -18.36 91.18 -7.60
CA GLY W 938 -19.43 92.05 -7.18
C GLY W 938 -19.96 92.85 -8.34
N ASN W 939 -19.10 93.17 -9.34
CA ASN W 939 -19.50 93.88 -10.55
C ASN W 939 -20.49 93.10 -11.37
N ALA W 940 -21.52 93.81 -11.85
CA ALA W 940 -22.66 93.26 -12.55
C ALA W 940 -22.91 94.24 -13.66
N THR W 941 -21.86 94.42 -14.48
CA THR W 941 -21.78 95.30 -15.62
C THR W 941 -22.83 95.02 -16.67
N THR W 942 -23.26 96.10 -17.37
CA THR W 942 -24.21 96.04 -18.46
C THR W 942 -23.40 95.71 -19.73
N MET X 1 -3.72 87.94 6.22
CA MET X 1 -4.14 88.98 5.25
C MET X 1 -5.11 89.94 5.86
N ALA X 2 -5.03 91.22 5.43
CA ALA X 2 -6.00 92.22 5.77
C ALA X 2 -6.17 93.05 4.54
N THR X 3 -7.29 93.81 4.47
CA THR X 3 -7.66 94.61 3.31
C THR X 3 -6.68 95.71 2.88
N PRO X 4 -6.02 96.58 3.68
CA PRO X 4 -5.40 97.80 3.15
C PRO X 4 -4.33 97.56 2.10
N SER X 5 -4.47 98.31 0.96
CA SER X 5 -3.76 98.34 -0.29
C SER X 5 -2.52 97.49 -0.55
N MET X 6 -2.44 97.02 -1.81
CA MET X 6 -1.32 96.42 -2.51
C MET X 6 -0.86 95.09 -1.95
N LEU X 7 -1.83 94.17 -1.69
CA LEU X 7 -1.52 92.87 -1.17
C LEU X 7 -2.67 91.99 -1.54
N PRO X 8 -3.92 92.09 -1.08
CA PRO X 8 -4.80 90.94 -1.00
C PRO X 8 -5.51 90.63 -2.29
N GLN X 9 -5.38 91.48 -3.33
CA GLN X 9 -6.19 91.30 -4.50
C GLN X 9 -5.31 91.03 -5.68
N TRP X 10 -4.02 90.65 -5.51
CA TRP X 10 -3.18 90.54 -6.69
C TRP X 10 -1.85 89.96 -6.34
N ALA X 11 -1.58 89.66 -5.05
CA ALA X 11 -0.27 89.23 -4.63
C ALA X 11 -0.47 88.47 -3.36
N TYR X 12 -1.51 87.64 -3.38
CA TYR X 12 -1.96 86.80 -2.33
C TYR X 12 -2.82 85.76 -3.00
N MET X 13 -3.15 86.01 -4.28
CA MET X 13 -3.88 85.11 -5.12
C MET X 13 -2.92 84.66 -6.18
N HIS X 14 -1.68 85.22 -6.18
CA HIS X 14 -0.55 84.74 -6.93
C HIS X 14 -0.64 85.09 -8.38
N ILE X 15 -0.81 86.40 -8.66
CA ILE X 15 -0.97 86.91 -9.99
C ILE X 15 0.32 87.62 -10.32
N ALA X 16 0.96 88.22 -9.30
CA ALA X 16 2.18 88.93 -9.47
C ALA X 16 2.71 89.10 -8.10
N GLY X 17 3.26 88.00 -7.57
CA GLY X 17 3.84 87.92 -6.25
C GLY X 17 5.19 87.33 -6.48
N GLN X 18 5.52 86.30 -5.67
CA GLN X 18 6.72 85.51 -5.78
C GLN X 18 6.31 84.13 -6.14
N ASP X 19 7.23 83.39 -6.79
CA ASP X 19 7.17 81.98 -7.16
C ASP X 19 6.66 81.07 -6.06
N ALA X 20 6.29 79.83 -6.44
CA ALA X 20 5.81 78.83 -5.52
C ALA X 20 6.95 78.01 -5.00
N SER X 21 8.19 78.44 -5.27
CA SER X 21 9.38 77.84 -4.73
C SER X 21 9.88 78.76 -3.66
N GLU X 22 9.12 79.84 -3.37
CA GLU X 22 9.53 80.89 -2.48
C GLU X 22 8.38 81.22 -1.58
N TYR X 23 7.14 80.83 -1.97
CA TYR X 23 5.96 81.13 -1.22
C TYR X 23 5.77 80.05 -0.19
N LEU X 24 6.08 78.79 -0.56
CA LEU X 24 5.88 77.63 0.27
C LEU X 24 6.89 77.58 1.36
N SER X 25 6.53 76.90 2.48
CA SER X 25 7.41 76.61 3.59
C SER X 25 8.53 75.74 3.08
N PRO X 26 9.75 75.82 3.59
CA PRO X 26 10.89 75.09 3.07
C PRO X 26 10.89 73.63 3.45
N GLY X 27 9.83 73.09 4.07
CA GLY X 27 9.62 71.67 4.31
C GLY X 27 8.71 71.05 3.28
N LEU X 28 7.74 71.81 2.76
CA LEU X 28 6.84 71.32 1.75
C LEU X 28 7.53 71.33 0.43
N VAL X 29 8.56 72.20 0.27
CA VAL X 29 9.47 72.19 -0.85
C VAL X 29 10.24 70.89 -0.89
N GLN X 30 10.72 70.38 0.24
CA GLN X 30 11.47 69.12 0.22
C GLN X 30 10.55 67.93 -0.05
N PHE X 31 9.38 67.91 0.60
CA PHE X 31 8.38 66.88 0.38
C PHE X 31 7.93 66.80 -1.08
N ALA X 32 7.71 67.93 -1.74
CA ALA X 32 7.23 67.98 -3.09
C ALA X 32 8.23 67.46 -4.08
N ARG X 33 9.52 67.77 -3.86
CA ARG X 33 10.69 67.29 -4.62
C ARG X 33 10.93 65.80 -4.42
N ALA X 34 10.81 65.29 -3.20
CA ALA X 34 10.98 63.87 -2.91
C ALA X 34 9.89 63.02 -3.59
N THR X 35 8.63 63.39 -3.40
CA THR X 35 7.46 62.59 -3.79
C THR X 35 7.06 62.77 -5.25
N ASP X 36 7.72 63.65 -6.01
CA ASP X 36 7.33 64.16 -7.33
C ASP X 36 7.01 63.10 -8.38
N THR X 37 7.62 61.92 -8.28
CA THR X 37 7.54 60.87 -9.30
C THR X 37 6.27 60.02 -9.19
N TYR X 38 5.52 60.12 -8.10
CA TYR X 38 4.32 59.31 -7.84
C TYR X 38 3.21 60.03 -7.07
N PHE X 39 3.34 61.32 -6.85
CA PHE X 39 2.36 62.15 -6.21
C PHE X 39 2.65 63.50 -6.79
N SER X 40 1.62 64.33 -7.01
CA SER X 40 1.76 65.62 -7.64
C SER X 40 1.31 66.66 -6.68
N LEU X 41 2.08 67.77 -6.62
CA LEU X 41 1.89 68.86 -5.72
C LEU X 41 2.31 70.06 -6.50
N GLY X 42 2.16 70.01 -7.84
CA GLY X 42 2.65 71.03 -8.74
C GLY X 42 1.52 71.78 -9.35
N ASN X 43 0.32 71.18 -9.34
CA ASN X 43 -0.85 71.77 -9.97
C ASN X 43 -1.67 72.41 -8.89
N LYS X 44 -1.17 72.37 -7.63
CA LYS X 44 -1.88 72.85 -6.49
C LYS X 44 -1.41 74.22 -6.14
N PHE X 45 -0.37 74.76 -6.83
CA PHE X 45 0.20 76.03 -6.47
C PHE X 45 0.50 76.76 -7.73
N ARG X 46 0.01 78.03 -7.83
CA ARG X 46 0.17 78.84 -9.01
C ARG X 46 1.38 79.69 -8.84
N ASN X 47 2.09 79.94 -9.96
CA ASN X 47 3.29 80.75 -9.98
C ASN X 47 2.88 81.98 -10.75
N PRO X 48 3.17 83.19 -10.31
CA PRO X 48 2.94 84.39 -11.08
C PRO X 48 3.73 84.40 -12.36
N THR X 49 3.19 85.05 -13.41
CA THR X 49 3.92 85.30 -14.62
C THR X 49 3.45 86.65 -15.03
N VAL X 50 4.38 87.55 -15.40
CA VAL X 50 4.08 88.93 -15.65
C VAL X 50 4.98 89.28 -16.79
N ALA X 51 4.51 90.22 -17.64
CA ALA X 51 5.21 90.73 -18.78
C ALA X 51 6.20 91.77 -18.32
N PRO X 52 7.28 92.06 -19.04
CA PRO X 52 8.04 93.30 -18.89
C PRO X 52 7.19 94.54 -18.92
N THR X 53 7.57 95.59 -18.17
CA THR X 53 6.95 96.88 -18.29
C THR X 53 8.02 97.77 -18.85
N HIS X 54 7.80 98.19 -20.12
CA HIS X 54 8.74 98.93 -20.94
C HIS X 54 10.01 98.16 -21.23
N ASP X 55 10.78 98.66 -22.23
CA ASP X 55 12.07 98.16 -22.66
C ASP X 55 11.84 97.07 -23.66
N VAL X 56 10.65 97.07 -24.30
CA VAL X 56 10.31 96.10 -25.30
C VAL X 56 9.09 96.64 -26.00
N THR X 57 8.53 97.76 -25.48
CA THR X 57 7.32 98.32 -26.00
C THR X 57 7.52 99.80 -26.01
N THR X 58 7.29 100.42 -27.18
CA THR X 58 7.22 101.85 -27.34
C THR X 58 5.78 102.22 -27.13
N ASP X 59 5.54 103.43 -26.58
CA ASP X 59 4.22 103.96 -26.35
C ASP X 59 4.02 105.16 -27.24
N ARG X 60 5.01 105.47 -28.12
CA ARG X 60 4.95 106.50 -29.11
C ARG X 60 4.26 105.92 -30.30
N SER X 61 3.89 106.78 -31.29
CA SER X 61 3.34 106.35 -32.54
C SER X 61 4.38 105.65 -33.34
N GLN X 62 4.05 104.41 -33.73
CA GLN X 62 4.97 103.49 -34.32
C GLN X 62 4.09 102.70 -35.23
N ARG X 63 4.54 102.52 -36.48
CA ARG X 63 3.87 101.74 -37.48
C ARG X 63 4.41 100.35 -37.33
N LEU X 64 3.52 99.33 -37.34
CA LEU X 64 3.95 97.96 -37.13
C LEU X 64 4.03 97.30 -38.47
N THR X 65 3.46 97.92 -39.51
CA THR X 65 3.48 97.36 -40.84
C THR X 65 3.41 98.56 -41.73
N LEU X 66 4.13 98.51 -42.85
CA LEU X 66 4.16 99.53 -43.85
C LEU X 66 4.15 98.83 -45.15
N ARG X 67 3.82 99.58 -46.22
CA ARG X 67 4.01 99.08 -47.55
C ARG X 67 4.63 100.23 -48.27
N PHE X 68 5.36 99.92 -49.35
CA PHE X 68 6.17 100.84 -50.09
C PHE X 68 5.80 100.62 -51.51
N VAL X 69 5.41 101.68 -52.24
CA VAL X 69 5.10 101.59 -53.64
C VAL X 69 6.42 101.67 -54.38
N PRO X 70 6.58 101.13 -55.58
CA PRO X 70 7.74 101.33 -56.43
C PRO X 70 8.09 102.77 -56.64
N VAL X 71 9.39 103.12 -56.75
CA VAL X 71 9.79 104.46 -57.06
C VAL X 71 10.17 104.52 -58.51
N ASP X 72 10.40 103.35 -59.15
CA ASP X 72 10.59 103.20 -60.57
C ASP X 72 10.15 101.81 -60.85
N ARG X 73 9.84 101.51 -62.12
CA ARG X 73 9.43 100.20 -62.55
C ARG X 73 9.84 100.13 -63.99
N GLU X 74 10.02 98.89 -64.52
CA GLU X 74 10.28 98.66 -65.92
C GLU X 74 9.34 97.58 -66.34
N ASP X 75 9.00 97.60 -67.64
CA ASP X 75 8.21 96.62 -68.34
C ASP X 75 9.08 96.14 -69.44
N ASN X 76 9.20 94.81 -69.59
CA ASN X 76 10.08 94.18 -70.52
C ASN X 76 9.34 92.91 -70.81
N THR X 77 9.68 92.25 -71.94
CA THR X 77 8.92 91.13 -72.42
C THR X 77 9.17 89.87 -71.60
N TYR X 78 10.29 89.83 -70.84
CA TYR X 78 10.63 88.64 -70.08
C TYR X 78 10.76 88.98 -68.63
N SER X 79 10.63 90.27 -68.24
CA SER X 79 10.82 90.64 -66.86
C SER X 79 10.09 91.91 -66.59
N TYR X 80 9.81 92.14 -65.31
CA TYR X 80 9.32 93.35 -64.73
C TYR X 80 10.36 93.63 -63.69
N LYS X 81 10.74 94.90 -63.47
CA LYS X 81 11.75 95.26 -62.51
C LYS X 81 11.10 96.32 -61.70
N VAL X 82 11.35 96.39 -60.38
CA VAL X 82 10.83 97.44 -59.55
C VAL X 82 11.87 97.80 -58.54
N ARG X 83 12.12 99.12 -58.38
CA ARG X 83 13.01 99.68 -57.41
C ARG X 83 12.10 100.19 -56.33
N TYR X 84 12.61 100.34 -55.11
CA TYR X 84 11.89 100.84 -53.96
C TYR X 84 12.84 101.70 -53.23
N THR X 85 12.33 102.52 -52.28
CA THR X 85 13.18 103.08 -51.27
C THR X 85 12.55 102.55 -50.04
N LEU X 86 13.30 101.67 -49.36
CA LEU X 86 12.99 101.05 -48.11
C LEU X 86 13.68 101.93 -47.12
N ALA X 87 12.92 102.55 -46.20
CA ALA X 87 13.45 103.45 -45.22
C ALA X 87 13.17 102.83 -43.91
N VAL X 88 14.18 102.87 -43.01
CA VAL X 88 14.09 102.33 -41.68
C VAL X 88 14.25 103.57 -40.88
N GLY X 89 13.23 103.88 -40.05
CA GLY X 89 13.18 105.06 -39.23
C GLY X 89 14.20 105.02 -38.14
N ASP X 90 14.23 106.09 -37.33
CA ASP X 90 15.19 106.27 -36.28
C ASP X 90 14.64 105.56 -35.07
N ASN X 91 15.49 104.71 -34.45
CA ASN X 91 15.19 103.99 -33.24
C ASN X 91 14.22 102.86 -33.48
N ARG X 92 14.34 102.18 -34.64
CA ARG X 92 13.58 101.01 -34.91
C ARG X 92 14.43 100.23 -35.84
N VAL X 93 14.45 98.89 -35.67
CA VAL X 93 15.23 97.99 -36.49
C VAL X 93 14.25 97.10 -37.19
N LEU X 94 14.60 96.76 -38.45
CA LEU X 94 13.78 96.01 -39.34
C LEU X 94 14.43 94.66 -39.46
N ASP X 95 13.66 93.57 -39.34
CA ASP X 95 14.14 92.26 -39.67
C ASP X 95 13.76 92.07 -41.11
N MET X 96 14.65 91.45 -41.92
CA MET X 96 14.42 91.27 -43.33
C MET X 96 13.76 89.95 -43.59
N ALA X 97 13.28 89.29 -42.52
CA ALA X 97 12.49 88.10 -42.63
C ALA X 97 11.05 88.49 -42.64
N SER X 98 10.76 89.80 -42.47
CA SER X 98 9.42 90.32 -42.50
C SER X 98 9.07 90.90 -43.83
N THR X 99 10.03 90.97 -44.77
CA THR X 99 9.77 91.49 -46.08
C THR X 99 9.16 90.46 -46.99
N TYR X 100 8.25 90.91 -47.87
CA TYR X 100 7.64 90.10 -48.88
C TYR X 100 7.12 91.08 -49.89
N PHE X 101 6.67 90.60 -51.06
CA PHE X 101 6.13 91.43 -52.11
C PHE X 101 4.75 90.95 -52.37
N ASP X 102 3.73 91.83 -52.33
CA ASP X 102 2.41 91.47 -52.77
C ASP X 102 2.40 91.85 -54.22
N ILE X 103 2.21 90.84 -55.11
CA ILE X 103 2.23 90.93 -56.54
C ILE X 103 0.81 90.70 -56.92
N ARG X 104 0.25 91.51 -57.85
CA ARG X 104 -1.13 91.42 -58.25
C ARG X 104 -1.13 91.56 -59.74
N GLY X 105 -2.24 91.21 -60.40
CA GLY X 105 -2.32 91.24 -61.83
C GLY X 105 -3.28 90.21 -62.26
N VAL X 106 -3.29 89.87 -63.57
CA VAL X 106 -4.23 88.92 -64.09
C VAL X 106 -3.43 87.80 -64.67
N LEU X 107 -3.73 86.56 -64.22
CA LEU X 107 -3.21 85.34 -64.76
C LEU X 107 -4.16 84.92 -65.83
N ASP X 108 -3.65 84.38 -66.96
CA ASP X 108 -4.46 83.71 -67.94
C ASP X 108 -3.84 82.36 -68.00
N ARG X 109 -4.66 81.31 -67.91
CA ARG X 109 -4.21 79.96 -68.07
C ARG X 109 -4.73 79.62 -69.43
N GLY X 110 -4.07 78.68 -70.13
CA GLY X 110 -4.46 78.33 -71.47
C GLY X 110 -5.80 77.64 -71.52
N PRO X 111 -6.25 77.28 -72.71
CA PRO X 111 -7.38 76.41 -72.91
C PRO X 111 -6.96 74.98 -72.71
N SER X 112 -5.72 74.73 -72.23
CA SER X 112 -5.24 73.44 -71.81
C SER X 112 -5.71 73.09 -70.42
N PHE X 113 -6.10 74.12 -69.62
CA PHE X 113 -6.47 74.00 -68.23
C PHE X 113 -7.72 73.17 -68.08
N LYS X 114 -7.81 72.35 -67.02
CA LYS X 114 -8.93 71.46 -66.81
C LYS X 114 -8.70 70.84 -65.46
N PRO X 115 -9.01 71.50 -64.36
CA PRO X 115 -8.79 70.98 -63.02
C PRO X 115 -9.85 69.97 -62.62
N TYR X 116 -10.63 69.40 -63.56
CA TYR X 116 -11.63 68.38 -63.33
C TYR X 116 -10.86 67.08 -63.46
N SER X 117 -11.53 66.00 -63.87
CA SER X 117 -10.87 64.78 -64.26
C SER X 117 -11.87 63.89 -64.95
N GLY X 118 -13.17 64.27 -64.94
CA GLY X 118 -14.20 63.62 -65.72
C GLY X 118 -14.69 64.60 -66.73
N THR X 119 -16.03 64.74 -66.81
CA THR X 119 -16.69 65.70 -67.65
C THR X 119 -17.70 66.29 -66.72
N ALA X 120 -18.25 67.48 -67.04
CA ALA X 120 -19.14 68.19 -66.17
C ALA X 120 -20.51 68.24 -66.76
N TYR X 121 -20.65 67.88 -68.06
CA TYR X 121 -21.88 67.98 -68.81
C TYR X 121 -22.20 66.58 -69.12
N ASN X 122 -23.38 66.10 -68.64
CA ASN X 122 -23.73 64.71 -68.52
C ASN X 122 -22.72 64.05 -67.62
N SER X 123 -22.44 62.73 -67.80
CA SER X 123 -21.43 61.97 -67.09
C SER X 123 -22.09 60.74 -66.54
N LEU X 124 -23.43 60.63 -66.66
CA LEU X 124 -24.16 59.43 -66.37
C LEU X 124 -24.58 58.84 -67.69
N ALA X 125 -24.18 59.47 -68.81
CA ALA X 125 -24.58 59.05 -70.12
C ALA X 125 -23.60 58.00 -70.54
N PRO X 126 -23.98 56.92 -71.21
CA PRO X 126 -23.10 56.06 -71.99
C PRO X 126 -22.22 56.87 -72.92
N LYS X 127 -20.96 56.41 -73.18
CA LYS X 127 -20.06 57.11 -74.05
C LYS X 127 -20.51 57.00 -75.49
N GLY X 128 -21.36 55.97 -75.78
CA GLY X 128 -21.88 55.70 -77.09
C GLY X 128 -23.13 56.44 -77.40
N ALA X 129 -23.88 56.93 -76.38
CA ALA X 129 -25.16 57.60 -76.55
C ALA X 129 -25.03 58.82 -77.44
N PRO X 130 -25.97 59.19 -78.32
CA PRO X 130 -25.69 60.22 -79.32
C PRO X 130 -26.40 61.54 -79.10
N ASN X 131 -27.50 61.61 -78.31
CA ASN X 131 -28.46 62.70 -78.29
C ASN X 131 -29.51 62.39 -79.30
N SER X 132 -30.76 62.86 -79.04
CA SER X 132 -31.83 62.85 -80.01
C SER X 132 -31.45 63.82 -81.10
N SER X 133 -31.52 63.38 -82.37
CA SER X 133 -30.88 64.07 -83.46
C SER X 133 -31.54 63.61 -84.71
N GLN X 134 -31.48 64.43 -85.77
CA GLN X 134 -31.91 64.05 -87.08
C GLN X 134 -30.79 64.44 -87.99
N TRP X 135 -30.80 63.83 -89.19
CA TRP X 135 -29.74 63.95 -90.14
C TRP X 135 -30.43 63.76 -91.45
N GLU X 136 -29.77 64.21 -92.53
CA GLU X 136 -30.28 64.10 -93.87
C GLU X 136 -29.22 63.52 -94.72
N GLN X 137 -29.57 62.40 -95.37
CA GLN X 137 -28.75 61.82 -96.39
C GLN X 137 -29.77 61.23 -97.31
N LYS X 138 -29.51 61.29 -98.63
CA LYS X 138 -30.41 60.77 -99.63
C LYS X 138 -30.38 59.28 -99.66
N LYS X 139 -31.57 58.69 -99.89
CA LYS X 139 -31.76 57.26 -99.89
C LYS X 139 -32.80 57.04 -100.93
N ALA X 140 -32.69 55.87 -101.62
CA ALA X 140 -33.56 55.46 -102.70
C ALA X 140 -34.95 55.22 -102.16
N GLY X 141 -35.98 55.58 -102.96
CA GLY X 141 -37.36 55.58 -102.55
C GLY X 141 -37.67 56.90 -101.91
N ASN X 142 -38.85 57.46 -102.27
CA ASN X 142 -39.41 58.68 -101.73
C ASN X 142 -38.74 59.87 -102.40
N GLY X 143 -38.17 59.61 -103.61
CA GLY X 143 -37.43 60.59 -104.39
C GLY X 143 -35.96 60.42 -104.15
N ASP X 144 -35.16 61.12 -104.98
CA ASP X 144 -33.72 61.24 -104.86
C ASP X 144 -33.44 62.53 -104.13
N THR X 145 -34.45 63.02 -103.37
CA THR X 145 -34.39 64.15 -102.49
C THR X 145 -33.76 63.65 -101.21
N MET X 146 -33.42 64.60 -100.30
CA MET X 146 -32.74 64.31 -99.08
C MET X 146 -33.73 63.82 -98.05
N GLU X 147 -33.58 62.53 -97.69
CA GLU X 147 -34.38 61.83 -96.73
C GLU X 147 -33.94 62.20 -95.34
N THR X 148 -34.88 62.72 -94.52
CA THR X 148 -34.63 63.11 -93.15
C THR X 148 -34.92 61.88 -92.34
N HIS X 149 -34.01 61.51 -91.41
CA HIS X 149 -34.18 60.36 -90.58
C HIS X 149 -33.84 60.86 -89.23
N THR X 150 -34.33 60.17 -88.17
CA THR X 150 -34.35 60.72 -86.85
C THR X 150 -34.07 59.55 -85.95
N PHE X 151 -33.38 59.83 -84.83
CA PHE X 151 -33.06 58.86 -83.83
C PHE X 151 -33.36 59.65 -82.58
N GLY X 152 -33.51 58.96 -81.44
CA GLY X 152 -33.70 59.61 -80.16
C GLY X 152 -34.94 59.07 -79.54
N VAL X 153 -35.50 59.83 -78.59
CA VAL X 153 -36.55 59.37 -77.71
C VAL X 153 -37.38 60.57 -77.38
N ALA X 154 -38.70 60.38 -77.21
CA ALA X 154 -39.65 61.41 -76.90
C ALA X 154 -40.31 61.01 -75.61
N PRO X 155 -40.18 61.69 -74.47
CA PRO X 155 -40.47 61.04 -73.20
C PRO X 155 -41.65 61.68 -72.52
N MET X 156 -42.05 62.93 -72.85
CA MET X 156 -43.07 63.64 -72.11
C MET X 156 -44.41 63.30 -72.67
N GLY X 157 -45.35 62.84 -71.80
CA GLY X 157 -46.72 62.52 -72.15
C GLY X 157 -47.51 63.73 -72.58
N GLY X 158 -48.69 63.50 -73.20
CA GLY X 158 -49.51 64.58 -73.69
C GLY X 158 -50.85 64.04 -74.08
N GLU X 159 -51.86 64.94 -74.13
CA GLU X 159 -53.24 64.59 -74.37
C GLU X 159 -53.54 64.40 -75.84
N ASN X 160 -52.89 65.15 -76.74
CA ASN X 160 -53.13 64.99 -78.16
C ASN X 160 -51.98 65.67 -78.85
N ILE X 161 -51.79 65.39 -80.17
CA ILE X 161 -50.86 66.07 -81.02
C ILE X 161 -51.69 66.68 -82.11
N THR X 162 -51.50 68.00 -82.36
CA THR X 162 -52.27 68.75 -83.32
C THR X 162 -51.28 69.47 -84.19
N ILE X 163 -51.72 70.58 -84.81
CA ILE X 163 -50.95 71.49 -85.63
C ILE X 163 -50.03 72.32 -84.76
N ASP X 164 -50.34 72.39 -83.43
CA ASP X 164 -49.60 73.16 -82.46
C ASP X 164 -48.78 72.21 -81.60
N GLY X 165 -48.70 70.92 -82.00
CA GLY X 165 -47.92 69.94 -81.31
C GLY X 165 -48.64 69.45 -80.09
N LEU X 166 -47.86 68.84 -79.18
CA LEU X 166 -48.23 68.18 -77.97
C LEU X 166 -48.95 69.10 -77.01
N GLN X 167 -49.98 68.59 -76.30
CA GLN X 167 -50.61 69.34 -75.24
C GLN X 167 -49.85 69.12 -73.96
N ILE X 168 -49.79 70.19 -73.13
CA ILE X 168 -49.17 70.18 -71.83
C ILE X 168 -50.27 70.11 -70.79
N GLY X 169 -51.55 70.01 -71.23
CA GLY X 169 -52.68 69.96 -70.34
C GLY X 169 -53.80 70.66 -71.04
N THR X 170 -55.00 70.66 -70.41
CA THR X 170 -56.15 71.38 -70.87
C THR X 170 -56.57 72.31 -69.76
N ASP X 171 -56.85 73.59 -70.10
CA ASP X 171 -57.32 74.61 -69.18
C ASP X 171 -58.68 74.16 -68.65
N ALA X 172 -58.94 74.39 -67.34
CA ALA X 172 -60.13 73.92 -66.67
C ALA X 172 -61.15 75.02 -66.57
N THR X 173 -60.96 76.11 -67.34
CA THR X 173 -61.80 77.29 -67.42
C THR X 173 -61.24 78.27 -66.45
N ALA X 174 -60.36 79.16 -66.95
CA ALA X 174 -59.90 80.32 -66.25
C ALA X 174 -60.48 81.52 -66.94
N ASP X 175 -61.18 81.27 -68.07
CA ASP X 175 -61.95 82.22 -68.84
C ASP X 175 -62.37 81.50 -70.11
N GLN X 176 -62.06 80.18 -70.24
CA GLN X 176 -62.36 79.39 -71.41
C GLN X 176 -61.71 78.05 -71.19
N ASP X 177 -62.48 76.97 -71.49
CA ASP X 177 -62.02 75.61 -71.53
C ASP X 177 -61.43 75.39 -72.90
N LYS X 178 -60.11 75.15 -72.96
CA LYS X 178 -59.42 75.04 -74.23
C LYS X 178 -58.18 74.25 -73.97
N PRO X 179 -57.65 73.51 -74.95
CA PRO X 179 -56.32 72.91 -74.87
C PRO X 179 -55.22 73.92 -74.69
N ILE X 180 -54.13 73.50 -74.03
CA ILE X 180 -52.96 74.30 -73.81
C ILE X 180 -51.91 73.49 -74.50
N TYR X 181 -51.07 74.16 -75.32
CA TYR X 181 -50.07 73.53 -76.13
C TYR X 181 -48.77 73.98 -75.60
N ALA X 182 -47.81 73.04 -75.50
CA ALA X 182 -46.46 73.27 -75.08
C ALA X 182 -45.78 74.26 -76.00
N ASP X 183 -45.09 75.27 -75.41
CA ASP X 183 -44.32 76.26 -76.13
C ASP X 183 -43.21 75.58 -76.87
N LYS X 184 -42.90 76.05 -78.09
CA LYS X 184 -41.81 75.52 -78.84
C LYS X 184 -40.50 75.80 -78.17
N THR X 185 -40.41 76.98 -77.52
CA THR X 185 -39.23 77.59 -76.98
C THR X 185 -38.53 76.76 -75.94
N PHE X 186 -39.26 76.11 -75.00
CA PHE X 186 -38.58 75.46 -73.92
C PHE X 186 -39.47 74.44 -73.28
N GLN X 187 -40.80 74.46 -73.55
CA GLN X 187 -41.76 73.71 -72.78
C GLN X 187 -41.58 72.22 -72.73
N PRO X 188 -41.19 71.45 -73.74
CA PRO X 188 -40.99 70.02 -73.55
C PRO X 188 -39.57 69.82 -73.11
N GLU X 189 -39.26 70.16 -71.83
CA GLU X 189 -37.94 70.15 -71.24
C GLU X 189 -37.41 68.74 -71.28
N PRO X 190 -36.14 68.50 -71.57
CA PRO X 190 -35.63 67.17 -71.78
C PRO X 190 -35.39 66.48 -70.48
N GLN X 191 -35.58 67.16 -69.33
CA GLN X 191 -35.39 66.57 -68.04
C GLN X 191 -36.68 65.94 -67.59
N VAL X 192 -37.82 66.30 -68.23
CA VAL X 192 -39.13 65.84 -67.85
C VAL X 192 -39.49 64.66 -68.70
N GLY X 193 -40.01 63.58 -68.06
CA GLY X 193 -40.42 62.38 -68.74
C GLY X 193 -41.58 61.85 -67.96
N GLU X 194 -41.66 60.51 -67.80
CA GLU X 194 -42.68 59.82 -67.07
C GLU X 194 -42.18 59.65 -65.65
N GLU X 195 -43.10 59.43 -64.69
CA GLU X 195 -42.74 59.23 -63.30
C GLU X 195 -43.13 57.84 -62.85
N ASN X 196 -43.71 57.02 -63.75
CA ASN X 196 -44.14 55.69 -63.40
C ASN X 196 -43.83 54.78 -64.54
N TRP X 197 -43.93 53.46 -64.27
CA TRP X 197 -43.80 52.43 -65.26
C TRP X 197 -45.22 51.98 -65.56
N GLN X 198 -46.22 52.65 -64.97
CA GLN X 198 -47.62 52.41 -65.16
C GLN X 198 -48.18 53.46 -66.08
N GLU X 199 -47.37 54.48 -66.45
CA GLU X 199 -47.71 55.39 -67.51
C GLU X 199 -47.61 54.69 -68.83
N THR X 200 -48.72 54.70 -69.58
CA THR X 200 -48.92 53.91 -70.76
C THR X 200 -48.88 54.87 -71.91
N GLU X 201 -48.56 54.34 -73.11
CA GLU X 201 -48.46 55.10 -74.34
C GLU X 201 -49.73 55.82 -74.71
N SER X 202 -49.56 57.06 -75.20
CA SER X 202 -50.64 57.92 -75.64
C SER X 202 -50.05 58.73 -76.77
N PHE X 203 -49.40 59.86 -76.43
CA PHE X 203 -48.84 60.81 -77.34
C PHE X 203 -47.61 61.32 -76.66
N TYR X 204 -46.53 61.61 -77.41
CA TYR X 204 -45.25 61.91 -76.84
C TYR X 204 -44.56 62.95 -77.63
N GLY X 205 -43.94 63.93 -76.95
CA GLY X 205 -43.18 64.98 -77.53
C GLY X 205 -41.81 64.92 -76.95
N GLY X 206 -40.81 65.40 -77.70
CA GLY X 206 -39.46 65.45 -77.23
C GLY X 206 -38.85 66.63 -77.89
N ARG X 207 -37.54 66.55 -78.17
CA ARG X 207 -36.76 67.54 -78.87
C ARG X 207 -35.80 66.74 -79.67
N ALA X 208 -35.17 67.34 -80.68
CA ALA X 208 -34.10 66.66 -81.37
C ALA X 208 -33.29 67.72 -82.04
N LEU X 209 -31.98 67.47 -82.22
CA LEU X 209 -31.11 68.33 -82.98
C LEU X 209 -31.46 68.27 -84.44
N LYS X 210 -31.23 69.36 -85.18
CA LYS X 210 -31.35 69.39 -86.61
C LYS X 210 -30.11 68.86 -87.27
N LYS X 211 -30.20 68.64 -88.60
CA LYS X 211 -29.16 68.17 -89.47
C LYS X 211 -28.16 69.26 -89.74
N ASP X 212 -28.55 70.53 -89.48
CA ASP X 212 -27.74 71.71 -89.64
C ASP X 212 -26.57 71.69 -88.69
N THR X 213 -26.83 71.30 -87.40
CA THR X 213 -25.83 71.12 -86.37
C THR X 213 -25.20 69.76 -86.54
N SER X 214 -23.96 69.57 -86.06
CA SER X 214 -23.26 68.31 -86.18
C SER X 214 -23.60 67.42 -85.02
N MET X 215 -23.17 66.15 -85.10
CA MET X 215 -23.36 65.16 -84.08
C MET X 215 -22.14 65.07 -83.21
N LYS X 216 -22.37 64.90 -81.90
CA LYS X 216 -21.36 64.67 -80.90
C LYS X 216 -22.07 63.79 -79.93
N PRO X 217 -21.45 62.83 -79.26
CA PRO X 217 -22.06 62.00 -78.22
C PRO X 217 -22.76 62.77 -77.14
N CYS X 218 -23.73 62.14 -76.46
CA CYS X 218 -24.43 62.72 -75.36
C CYS X 218 -23.48 63.03 -74.23
N TYR X 219 -22.51 62.14 -73.95
CA TYR X 219 -21.49 62.35 -72.96
C TYR X 219 -20.63 63.53 -73.37
N GLY X 220 -20.76 64.65 -72.64
CA GLY X 220 -19.89 65.80 -72.77
C GLY X 220 -20.55 66.93 -73.49
N SER X 221 -21.73 66.70 -74.13
CA SER X 221 -22.38 67.69 -74.95
C SER X 221 -22.96 68.80 -74.12
N TYR X 222 -22.92 70.05 -74.64
CA TYR X 222 -23.35 71.22 -73.95
C TYR X 222 -23.85 72.18 -74.97
N ALA X 223 -24.83 73.04 -74.62
CA ALA X 223 -25.21 74.14 -75.45
C ALA X 223 -25.63 75.23 -74.54
N ARG X 224 -25.39 76.50 -74.95
CA ARG X 224 -25.76 77.68 -74.18
C ARG X 224 -27.25 77.76 -74.05
N PRO X 225 -27.86 78.14 -72.94
CA PRO X 225 -29.23 78.61 -72.91
C PRO X 225 -29.35 79.91 -73.70
N THR X 226 -30.46 80.10 -74.43
CA THR X 226 -30.64 81.25 -75.30
C THR X 226 -31.77 82.10 -74.79
N ASN X 227 -32.41 81.69 -73.69
CA ASN X 227 -33.49 82.42 -73.09
C ASN X 227 -33.44 82.01 -71.64
N VAL X 228 -34.24 82.70 -70.80
CA VAL X 228 -34.15 82.59 -69.35
C VAL X 228 -35.00 81.45 -68.84
N LYS X 229 -35.64 80.71 -69.75
CA LYS X 229 -36.53 79.62 -69.40
C LYS X 229 -35.84 78.35 -69.79
N GLY X 230 -34.53 78.44 -70.12
CA GLY X 230 -33.64 77.32 -70.22
C GLY X 230 -33.74 76.61 -71.52
N GLY X 231 -34.47 77.19 -72.50
CA GLY X 231 -34.45 76.76 -73.88
C GLY X 231 -33.09 77.07 -74.41
N GLN X 232 -32.67 76.41 -75.50
CA GLN X 232 -31.31 76.54 -75.96
C GLN X 232 -31.28 76.51 -77.44
N ALA X 233 -32.44 76.83 -78.07
CA ALA X 233 -32.57 76.92 -79.49
C ALA X 233 -32.10 78.26 -79.93
N LYS X 234 -31.07 78.33 -80.81
CA LYS X 234 -30.53 79.59 -81.28
C LYS X 234 -31.50 80.35 -82.13
N LEU X 235 -31.40 81.70 -82.11
CA LEU X 235 -32.26 82.61 -82.83
C LEU X 235 -32.21 82.38 -84.31
N LYS X 236 -33.40 82.54 -84.94
CA LYS X 236 -33.60 82.56 -86.37
C LYS X 236 -32.94 83.77 -86.94
N VAL X 237 -32.46 83.67 -88.20
CA VAL X 237 -31.73 84.72 -88.86
C VAL X 237 -32.52 85.07 -90.08
N GLY X 238 -32.71 86.39 -90.30
CA GLY X 238 -33.30 86.95 -91.48
C GLY X 238 -32.12 87.31 -92.35
N ALA X 239 -31.68 88.59 -92.24
CA ALA X 239 -30.41 89.03 -92.76
C ALA X 239 -29.50 89.09 -91.57
N ASP X 240 -30.00 89.69 -90.47
CA ASP X 240 -29.40 89.69 -89.16
C ASP X 240 -30.37 88.92 -88.32
N GLY X 241 -29.84 88.33 -87.23
CA GLY X 241 -30.60 87.53 -86.30
C GLY X 241 -30.97 88.39 -85.14
N VAL X 242 -30.36 89.60 -85.04
CA VAL X 242 -30.62 90.58 -84.02
C VAL X 242 -32.07 91.08 -84.00
N PRO X 243 -32.75 91.49 -85.10
CA PRO X 243 -34.14 91.96 -85.00
C PRO X 243 -35.08 90.79 -85.13
N THR X 244 -34.57 89.57 -85.44
CA THR X 244 -35.38 88.39 -85.59
C THR X 244 -35.46 87.79 -84.22
N LYS X 245 -36.69 87.65 -83.69
CA LYS X 245 -36.90 87.24 -82.32
C LYS X 245 -37.51 85.88 -82.28
N GLU X 246 -37.63 85.20 -83.46
CA GLU X 246 -38.07 83.83 -83.54
C GLU X 246 -36.87 82.97 -83.28
N PHE X 247 -37.10 81.71 -82.86
CA PHE X 247 -36.07 80.72 -82.65
C PHE X 247 -36.22 79.74 -83.77
N ASP X 248 -35.16 78.92 -84.01
CA ASP X 248 -35.15 77.90 -85.03
C ASP X 248 -35.73 76.65 -84.44
N ILE X 249 -37.07 76.49 -84.49
CA ILE X 249 -37.71 75.34 -83.90
C ILE X 249 -38.83 75.02 -84.84
N ASP X 250 -38.95 73.75 -85.25
CA ASP X 250 -39.94 73.24 -86.17
C ASP X 250 -40.53 72.04 -85.48
N LEU X 251 -41.61 71.49 -86.04
CA LEU X 251 -42.29 70.34 -85.51
C LEU X 251 -42.15 69.30 -86.57
N ALA X 252 -41.77 68.06 -86.19
CA ALA X 252 -41.67 66.94 -87.08
C ALA X 252 -42.51 65.86 -86.49
N PHE X 253 -43.56 65.42 -87.20
CA PHE X 253 -44.50 64.46 -86.68
C PHE X 253 -44.16 63.13 -87.26
N PHE X 254 -44.58 62.05 -86.56
CA PHE X 254 -44.25 60.69 -86.89
C PHE X 254 -45.42 59.90 -86.44
N ASP X 255 -45.70 58.75 -87.08
CA ASP X 255 -46.80 57.90 -86.71
C ASP X 255 -46.31 56.52 -86.99
N THR X 256 -46.90 55.50 -86.33
CA THR X 256 -46.65 54.09 -86.54
C THR X 256 -47.06 53.75 -87.96
N PRO X 257 -46.46 52.83 -88.70
CA PRO X 257 -46.88 52.60 -90.08
C PRO X 257 -48.22 51.93 -90.12
N GLY X 258 -48.42 50.86 -89.32
CA GLY X 258 -49.64 50.09 -89.21
C GLY X 258 -50.20 49.58 -90.51
N GLY X 259 -51.46 49.10 -90.47
CA GLY X 259 -52.20 48.63 -91.62
C GLY X 259 -53.02 49.78 -92.11
N THR X 260 -54.37 49.64 -92.01
CA THR X 260 -55.31 50.70 -92.32
C THR X 260 -55.38 51.60 -91.09
N VAL X 261 -54.93 51.09 -89.92
CA VAL X 261 -54.78 51.84 -88.71
C VAL X 261 -53.42 52.49 -88.77
N ASN X 262 -53.27 53.64 -88.05
CA ASN X 262 -52.11 54.50 -88.03
C ASN X 262 -51.79 54.99 -89.44
N GLY X 263 -50.51 55.34 -89.69
CA GLY X 263 -50.03 55.93 -90.91
C GLY X 263 -50.86 57.09 -91.43
N GLN X 264 -51.00 57.14 -92.78
CA GLN X 264 -51.80 58.13 -93.45
C GLN X 264 -53.17 57.60 -93.74
N ASP X 265 -53.45 56.33 -93.36
CA ASP X 265 -54.74 55.70 -93.56
C ASP X 265 -55.55 55.86 -92.29
N GLU X 266 -55.00 56.58 -91.29
CA GLU X 266 -55.74 56.97 -90.12
C GLU X 266 -55.17 58.30 -89.73
N TYR X 267 -56.05 59.20 -89.21
CA TYR X 267 -55.72 60.56 -88.87
C TYR X 267 -55.18 60.51 -87.47
N LYS X 268 -53.87 60.86 -87.31
CA LYS X 268 -53.18 60.90 -86.05
C LYS X 268 -51.72 60.92 -86.34
N ALA X 269 -50.95 61.38 -85.33
CA ALA X 269 -49.53 61.20 -85.20
C ALA X 269 -49.34 60.83 -83.76
N ASP X 270 -48.18 60.21 -83.44
CA ASP X 270 -47.93 59.56 -82.17
C ASP X 270 -46.84 60.27 -81.46
N ILE X 271 -45.80 60.67 -82.21
CA ILE X 271 -44.63 61.33 -81.70
C ILE X 271 -44.53 62.61 -82.45
N VAL X 272 -44.14 63.69 -81.74
CA VAL X 272 -43.73 64.93 -82.34
C VAL X 272 -42.36 65.12 -81.75
N MET X 273 -41.44 65.75 -82.51
CA MET X 273 -40.17 66.18 -82.00
C MET X 273 -40.14 67.65 -82.31
N TYR X 274 -39.75 68.46 -81.31
CA TYR X 274 -39.52 69.87 -81.46
C TYR X 274 -38.09 70.04 -81.90
N THR X 275 -37.81 69.75 -83.19
CA THR X 275 -36.50 69.83 -83.79
C THR X 275 -35.96 71.24 -83.78
N GLU X 276 -34.66 71.44 -83.45
CA GLU X 276 -34.13 72.76 -83.22
C GLU X 276 -32.65 72.74 -83.42
N ASN X 277 -32.06 73.89 -83.79
CA ASN X 277 -30.63 74.15 -83.76
C ASN X 277 -30.24 74.55 -82.37
N THR X 278 -28.99 74.27 -81.97
CA THR X 278 -28.45 74.64 -80.67
C THR X 278 -27.02 75.04 -80.95
N TYR X 279 -26.33 75.61 -79.95
CA TYR X 279 -24.91 75.89 -80.00
C TYR X 279 -24.18 74.74 -79.37
N LEU X 280 -24.25 73.53 -79.98
CA LEU X 280 -23.60 72.34 -79.54
C LEU X 280 -22.10 72.51 -79.43
N GLU X 281 -21.50 71.96 -78.35
CA GLU X 281 -20.11 72.10 -77.99
C GLU X 281 -19.78 70.82 -77.29
N THR X 282 -18.46 70.54 -77.14
CA THR X 282 -17.96 69.54 -76.24
C THR X 282 -16.80 70.20 -75.53
N PRO X 283 -17.03 71.08 -74.54
CA PRO X 283 -16.02 71.98 -74.03
C PRO X 283 -15.04 71.35 -73.07
N ASP X 284 -14.93 70.00 -72.98
CA ASP X 284 -14.05 69.37 -72.03
C ASP X 284 -13.95 67.91 -72.35
N THR X 285 -14.25 67.51 -73.61
CA THR X 285 -14.35 66.12 -74.01
C THR X 285 -13.83 66.11 -75.42
N HIS X 286 -13.34 64.95 -75.91
CA HIS X 286 -12.93 64.76 -77.27
C HIS X 286 -13.51 63.47 -77.74
N VAL X 287 -13.59 63.26 -79.08
CA VAL X 287 -14.05 62.02 -79.68
C VAL X 287 -12.89 61.10 -79.89
N VAL X 288 -12.97 59.88 -79.32
CA VAL X 288 -11.87 58.94 -79.28
C VAL X 288 -12.13 57.87 -80.32
N TYR X 289 -13.35 57.83 -80.90
CA TYR X 289 -13.64 56.91 -81.98
C TYR X 289 -14.62 57.61 -82.86
N LYS X 290 -14.34 57.55 -84.18
CA LYS X 290 -15.19 58.08 -85.21
C LYS X 290 -15.14 57.00 -86.25
N PRO X 291 -16.23 56.40 -86.70
CA PRO X 291 -16.23 55.37 -87.72
C PRO X 291 -16.00 55.98 -89.06
N GLY X 292 -16.52 57.20 -89.28
CA GLY X 292 -16.38 57.96 -90.50
C GLY X 292 -15.03 58.60 -90.55
N LYS X 293 -14.98 59.77 -91.21
CA LYS X 293 -13.77 60.52 -91.36
C LYS X 293 -14.21 61.89 -91.82
N ASP X 294 -15.52 62.05 -92.04
CA ASP X 294 -16.17 63.27 -92.43
C ASP X 294 -17.08 63.55 -91.27
N ASP X 295 -17.08 64.82 -90.80
CA ASP X 295 -17.82 65.22 -89.63
C ASP X 295 -19.01 65.98 -90.13
N ALA X 296 -20.21 65.41 -89.94
CA ALA X 296 -21.43 66.04 -90.31
C ALA X 296 -22.46 65.31 -89.50
N SER X 297 -23.63 65.04 -90.11
CA SER X 297 -24.72 64.36 -89.47
C SER X 297 -24.96 63.20 -90.37
N SER X 298 -24.85 61.98 -89.81
CA SER X 298 -24.84 60.79 -90.61
C SER X 298 -25.49 59.76 -89.77
N GLU X 299 -25.82 58.61 -90.38
CA GLU X 299 -26.38 57.48 -89.70
C GLU X 299 -25.32 56.77 -88.91
N ILE X 300 -24.03 56.93 -89.32
CA ILE X 300 -22.93 56.27 -88.69
C ILE X 300 -22.30 57.15 -87.65
N ASN X 301 -22.70 58.43 -87.55
CA ASN X 301 -22.14 59.33 -86.57
C ASN X 301 -23.02 59.31 -85.36
N LEU X 302 -23.98 58.37 -85.31
CA LEU X 302 -24.73 58.04 -84.13
C LEU X 302 -23.84 57.18 -83.25
N VAL X 303 -22.82 56.54 -83.85
CA VAL X 303 -21.84 55.79 -83.12
C VAL X 303 -20.61 56.61 -83.19
N GLN X 304 -20.24 57.19 -82.05
CA GLN X 304 -18.99 57.84 -81.84
C GLN X 304 -18.82 57.60 -80.39
N GLN X 305 -17.56 57.55 -79.93
CA GLN X 305 -17.27 57.34 -78.53
C GLN X 305 -16.55 58.59 -78.22
N SER X 306 -16.73 59.09 -76.99
CA SER X 306 -16.02 60.22 -76.47
C SER X 306 -15.37 59.81 -75.20
N MET X 307 -14.10 60.22 -75.01
CA MET X 307 -13.35 60.02 -73.80
C MET X 307 -13.09 61.42 -73.32
N PRO X 308 -13.29 61.82 -72.06
CA PRO X 308 -12.96 63.15 -71.59
C PRO X 308 -11.51 63.50 -71.76
N ASN X 309 -11.22 64.81 -71.82
CA ASN X 309 -9.89 65.38 -71.85
C ASN X 309 -9.16 65.01 -70.60
N ARG X 310 -7.82 64.86 -70.67
CA ARG X 310 -7.00 64.51 -69.52
C ARG X 310 -6.99 65.64 -68.52
N PRO X 311 -7.02 65.41 -67.21
CA PRO X 311 -6.87 66.45 -66.21
C PRO X 311 -5.55 67.16 -66.32
N ASN X 312 -5.54 68.48 -66.04
CA ASN X 312 -4.39 69.30 -66.18
C ASN X 312 -4.58 70.34 -65.12
N TYR X 313 -3.60 70.53 -64.21
CA TYR X 313 -3.72 71.47 -63.11
C TYR X 313 -2.59 72.42 -63.26
N ILE X 314 -2.91 73.71 -63.45
CA ILE X 314 -1.96 74.74 -63.70
C ILE X 314 -2.12 75.68 -62.57
N GLY X 315 -1.08 75.86 -61.73
CA GLY X 315 -1.10 76.80 -60.65
C GLY X 315 0.29 77.33 -60.60
N PHE X 316 0.65 78.06 -59.53
CA PHE X 316 2.01 78.52 -59.31
C PHE X 316 2.86 77.39 -58.81
N ARG X 317 4.16 77.68 -58.67
CA ARG X 317 5.21 76.81 -58.21
C ARG X 317 5.13 76.55 -56.74
N ASP X 318 6.03 75.67 -56.24
CA ASP X 318 6.01 75.07 -54.92
C ASP X 318 6.09 76.08 -53.80
N ASN X 319 6.80 77.19 -54.01
CA ASN X 319 6.96 78.19 -52.99
C ASN X 319 7.16 79.50 -53.69
N PHE X 320 6.71 79.58 -54.96
CA PHE X 320 6.87 80.70 -55.86
C PHE X 320 8.25 80.64 -56.44
N ILE X 321 8.68 79.42 -56.82
CA ILE X 321 9.96 79.12 -57.40
C ILE X 321 10.05 79.81 -58.74
N GLY X 322 11.21 80.45 -59.03
CA GLY X 322 11.51 81.08 -60.29
C GLY X 322 10.53 82.14 -60.69
N LEU X 323 10.00 82.90 -59.70
CA LEU X 323 9.12 84.01 -59.93
C LEU X 323 9.91 85.26 -59.79
N MET X 324 11.20 85.14 -59.39
CA MET X 324 12.09 86.25 -59.34
C MET X 324 13.45 85.68 -59.50
N TYR X 325 14.38 86.48 -60.09
CA TYR X 325 15.65 85.99 -60.53
C TYR X 325 16.60 85.91 -59.39
N TYR X 326 17.18 84.72 -59.19
CA TYR X 326 18.29 84.52 -58.32
C TYR X 326 19.27 83.81 -59.17
N ASN X 327 20.56 83.94 -58.83
CA ASN X 327 21.63 83.21 -59.44
C ASN X 327 21.83 83.59 -60.88
N SER X 328 21.79 84.90 -61.18
CA SER X 328 21.86 85.41 -62.52
C SER X 328 22.59 86.70 -62.40
N THR X 329 23.17 87.17 -63.52
CA THR X 329 23.90 88.41 -63.59
C THR X 329 23.16 89.24 -64.59
N GLY X 330 22.98 90.54 -64.25
CA GLY X 330 22.25 91.50 -65.03
C GLY X 330 20.89 91.64 -64.42
N ASN X 331 20.40 90.56 -63.77
CA ASN X 331 19.05 90.48 -63.25
C ASN X 331 19.12 90.33 -61.77
N MET X 332 20.31 90.50 -61.13
CA MET X 332 20.39 90.30 -59.69
C MET X 332 19.85 91.53 -59.02
N GLY X 333 19.36 91.39 -57.77
CA GLY X 333 18.75 92.46 -57.03
C GLY X 333 19.79 93.36 -56.43
N VAL X 334 19.32 94.47 -55.82
CA VAL X 334 20.16 95.47 -55.24
C VAL X 334 19.69 95.56 -53.82
N LEU X 335 20.59 95.47 -52.83
CA LEU X 335 20.34 95.98 -51.51
C LEU X 335 21.57 96.77 -51.18
N ALA X 336 21.45 98.11 -51.05
CA ALA X 336 22.58 98.97 -50.90
C ALA X 336 22.05 100.21 -50.28
N GLY X 337 22.93 101.11 -49.80
CA GLY X 337 22.56 102.37 -49.19
C GLY X 337 22.14 103.33 -50.26
N GLN X 338 22.07 104.63 -49.93
CA GLN X 338 21.82 105.66 -50.93
C GLN X 338 22.98 106.59 -50.94
N ALA X 339 24.06 106.24 -50.23
CA ALA X 339 25.25 107.02 -50.12
C ALA X 339 26.40 106.15 -50.56
N SER X 340 26.10 104.92 -51.03
CA SER X 340 27.05 104.05 -51.65
C SER X 340 26.24 103.09 -52.46
N GLN X 341 26.87 102.48 -53.49
CA GLN X 341 26.21 101.61 -54.43
C GLN X 341 26.83 100.25 -54.33
N LEU X 342 27.50 99.96 -53.18
CA LEU X 342 28.02 98.66 -52.87
C LEU X 342 26.87 97.81 -52.43
N ASN X 343 26.66 96.67 -53.10
CA ASN X 343 25.54 95.79 -52.86
C ASN X 343 25.91 94.83 -51.76
N ALA X 344 24.87 94.22 -51.18
CA ALA X 344 24.98 93.18 -50.20
C ALA X 344 24.39 91.96 -50.87
N VAL X 345 24.27 92.00 -52.21
CA VAL X 345 23.83 90.91 -53.05
C VAL X 345 25.00 90.57 -53.90
N VAL X 346 25.39 89.28 -53.88
CA VAL X 346 26.42 88.72 -54.74
C VAL X 346 25.78 87.45 -55.22
N ASP X 347 25.53 87.35 -56.54
CA ASP X 347 24.88 86.19 -57.13
C ASP X 347 25.90 85.61 -58.05
N LEU X 348 25.97 84.27 -58.06
CA LEU X 348 26.93 83.49 -58.79
C LEU X 348 26.09 82.52 -59.55
N GLN X 349 26.64 81.97 -60.66
CA GLN X 349 25.95 80.98 -61.48
C GLN X 349 26.06 79.62 -60.84
N ASP X 350 27.04 79.45 -59.93
CA ASP X 350 27.32 78.18 -59.29
C ASP X 350 26.63 78.15 -57.95
N ARG X 351 25.77 79.14 -57.65
CA ARG X 351 24.99 79.16 -56.45
C ARG X 351 23.62 78.75 -56.92
N ASN X 352 22.81 78.18 -56.02
CA ASN X 352 21.43 77.87 -56.26
C ASN X 352 20.84 78.17 -54.92
N THR X 353 19.71 78.88 -54.87
CA THR X 353 19.12 79.37 -53.65
C THR X 353 17.68 79.03 -53.71
N GLU X 354 17.12 78.82 -54.92
CA GLU X 354 15.78 78.31 -55.06
C GLU X 354 15.68 76.91 -54.51
N LEU X 355 16.67 76.04 -54.84
CA LEU X 355 16.84 74.73 -54.25
C LEU X 355 17.16 74.77 -52.81
N SER X 356 18.06 75.68 -52.37
CA SER X 356 18.54 75.73 -51.01
C SER X 356 17.43 76.03 -50.05
N TYR X 357 16.50 76.90 -50.46
CA TYR X 357 15.35 77.30 -49.70
C TYR X 357 14.43 76.14 -49.44
N GLN X 358 14.22 75.24 -50.43
CA GLN X 358 13.36 74.09 -50.30
C GLN X 358 13.82 73.13 -49.24
N LEU X 359 15.15 72.87 -49.21
CA LEU X 359 15.81 72.04 -48.24
C LEU X 359 15.71 72.63 -46.85
N LEU X 360 15.86 73.97 -46.74
CA LEU X 360 15.82 74.71 -45.51
C LEU X 360 14.47 74.63 -44.83
N LEU X 361 13.36 74.70 -45.59
CA LEU X 361 12.01 74.63 -45.10
C LEU X 361 11.75 73.32 -44.41
N ASP X 362 12.25 72.22 -45.01
CA ASP X 362 12.09 70.86 -44.56
C ASP X 362 12.74 70.66 -43.20
N SER X 363 13.91 71.28 -42.99
CA SER X 363 14.68 71.25 -41.77
C SER X 363 13.95 71.84 -40.58
N LEU X 364 13.17 72.92 -40.82
CA LEU X 364 12.60 73.73 -39.78
C LEU X 364 11.20 73.29 -39.46
N GLY X 365 10.70 72.20 -40.06
CA GLY X 365 9.38 71.70 -39.75
C GLY X 365 8.82 71.08 -40.99
N ASP X 366 7.62 70.48 -40.83
CA ASP X 366 6.94 69.67 -41.83
C ASP X 366 6.55 70.46 -43.04
N ARG X 367 6.60 69.78 -44.21
CA ARG X 367 6.19 70.33 -45.47
C ARG X 367 4.87 69.73 -45.84
N THR X 368 4.36 68.79 -45.01
CA THR X 368 3.01 68.27 -45.15
C THR X 368 1.98 69.25 -44.65
N ARG X 369 2.38 70.22 -43.79
CA ARG X 369 1.54 71.32 -43.40
C ARG X 369 1.55 72.34 -44.50
N TYR X 370 0.36 72.64 -45.06
CA TYR X 370 0.22 73.56 -46.17
C TYR X 370 -0.02 74.91 -45.61
N PHE X 371 0.33 75.95 -46.40
CA PHE X 371 0.25 77.32 -45.99
C PHE X 371 -0.06 78.00 -47.29
N SER X 372 -1.02 78.95 -47.30
CA SER X 372 -1.54 79.49 -48.53
C SER X 372 -0.90 80.81 -48.82
N MET X 373 -0.16 81.37 -47.84
CA MET X 373 0.39 82.69 -47.94
C MET X 373 1.63 82.66 -48.76
N TRP X 374 2.60 81.82 -48.36
CA TRP X 374 3.87 81.68 -49.02
C TRP X 374 3.86 80.49 -49.91
N ASN X 375 2.71 79.79 -49.97
CA ASN X 375 2.35 78.87 -51.02
C ASN X 375 2.93 77.50 -50.82
N GLN X 376 3.28 77.17 -49.57
CA GLN X 376 3.86 75.91 -49.18
C GLN X 376 2.88 74.79 -49.41
N ALA X 377 3.38 73.72 -50.02
CA ALA X 377 2.62 72.59 -50.46
C ALA X 377 3.64 71.93 -51.30
N VAL X 378 4.21 70.81 -50.82
CA VAL X 378 5.32 70.17 -51.47
C VAL X 378 4.75 69.19 -52.43
N ASP X 379 5.39 69.05 -53.63
CA ASP X 379 5.01 68.09 -54.64
C ASP X 379 5.13 66.69 -54.10
N SER X 380 4.20 65.81 -54.53
CA SER X 380 4.04 64.52 -53.96
C SER X 380 3.41 63.63 -54.97
N TYR X 381 3.22 62.36 -54.59
CA TYR X 381 2.62 61.35 -55.41
C TYR X 381 1.98 60.42 -54.44
N ASP X 382 1.06 59.55 -54.93
CA ASP X 382 0.42 58.56 -54.10
C ASP X 382 1.33 57.37 -54.10
N PRO X 383 1.49 56.61 -53.03
CA PRO X 383 2.38 55.47 -52.99
C PRO X 383 1.79 54.26 -53.69
N ASP X 384 0.61 54.37 -54.35
CA ASP X 384 0.02 53.29 -55.10
C ASP X 384 0.08 53.60 -56.57
N VAL X 385 0.70 54.74 -56.94
CA VAL X 385 0.86 55.16 -58.30
C VAL X 385 2.30 54.89 -58.63
N ARG X 386 3.22 55.41 -57.80
CA ARG X 386 4.64 55.26 -57.99
C ARG X 386 5.10 53.83 -57.88
N ILE X 387 4.61 53.07 -56.86
CA ILE X 387 4.90 51.68 -56.69
C ILE X 387 3.54 51.09 -56.71
N ILE X 388 3.26 50.08 -57.57
CA ILE X 388 1.92 49.60 -57.71
C ILE X 388 1.86 48.36 -56.89
N GLU X 389 1.20 48.49 -55.74
CA GLU X 389 0.77 47.44 -54.86
C GLU X 389 -0.48 46.89 -55.44
N ASN X 390 -0.55 45.57 -55.62
CA ASN X 390 -1.60 44.95 -56.39
C ASN X 390 -1.78 43.73 -55.56
N HIS X 391 -3.06 43.38 -55.40
CA HIS X 391 -3.49 42.41 -54.46
C HIS X 391 -4.78 41.87 -54.97
N GLY X 392 -5.07 42.02 -56.29
CA GLY X 392 -6.35 41.71 -56.87
C GLY X 392 -7.47 42.48 -56.24
N VAL X 393 -8.71 42.02 -56.46
CA VAL X 393 -9.92 42.65 -55.99
C VAL X 393 -10.68 41.61 -55.22
N GLU X 394 -11.36 42.04 -54.13
CA GLU X 394 -12.15 41.16 -53.30
C GLU X 394 -13.52 41.11 -53.90
N ASP X 395 -13.73 40.14 -54.82
CA ASP X 395 -14.90 40.09 -55.67
C ASP X 395 -15.38 38.66 -55.62
N GLU X 396 -15.59 38.14 -54.40
CA GLU X 396 -15.95 36.76 -54.21
C GLU X 396 -17.45 36.62 -54.13
N LEU X 397 -18.20 37.73 -54.17
CA LEU X 397 -19.63 37.74 -54.06
C LEU X 397 -20.10 38.48 -55.29
N PRO X 398 -20.89 37.92 -56.21
CA PRO X 398 -21.44 38.60 -57.37
C PRO X 398 -22.35 39.74 -57.04
N ASN X 399 -22.45 40.73 -57.95
CA ASN X 399 -23.30 41.88 -57.79
C ASN X 399 -24.24 41.86 -58.96
N TYR X 400 -25.45 42.43 -58.82
CA TYR X 400 -26.51 42.24 -59.78
C TYR X 400 -27.30 43.50 -59.91
N CYS X 401 -27.69 43.84 -61.15
CA CYS X 401 -28.65 44.87 -61.43
C CYS X 401 -29.96 44.18 -61.55
N PHE X 402 -31.07 44.92 -61.38
CA PHE X 402 -32.39 44.36 -61.37
C PHE X 402 -33.28 45.36 -62.03
N PRO X 403 -34.25 44.97 -62.84
CA PRO X 403 -35.20 45.87 -63.50
C PRO X 403 -35.99 46.69 -62.52
N LEU X 404 -36.55 47.83 -62.98
CA LEU X 404 -37.30 48.76 -62.16
C LEU X 404 -38.67 48.23 -61.85
N ASP X 405 -39.14 47.23 -62.63
CA ASP X 405 -40.44 46.59 -62.42
C ASP X 405 -40.32 45.60 -61.29
N GLY X 406 -39.07 45.22 -60.94
CA GLY X 406 -38.74 44.33 -59.86
C GLY X 406 -39.19 42.93 -60.12
N SER X 407 -39.32 42.54 -61.41
CA SER X 407 -39.82 41.24 -61.78
C SER X 407 -39.36 40.92 -63.16
N GLY X 408 -38.91 41.94 -63.93
CA GLY X 408 -38.46 41.76 -65.29
C GLY X 408 -39.58 41.38 -66.19
N THR X 409 -39.42 40.23 -66.91
CA THR X 409 -40.40 39.65 -67.80
C THR X 409 -41.65 39.24 -67.05
N ASN X 410 -42.82 39.44 -67.68
CA ASN X 410 -44.09 39.13 -67.11
C ASN X 410 -44.95 38.73 -68.27
N ALA X 411 -46.07 38.04 -67.99
CA ALA X 411 -46.97 37.59 -69.02
C ALA X 411 -48.30 37.43 -68.35
N ALA X 412 -49.36 37.39 -69.18
CA ALA X 412 -50.75 37.19 -68.81
C ALA X 412 -51.00 35.83 -68.24
N TYR X 413 -51.84 35.75 -67.18
CA TYR X 413 -52.31 34.50 -66.66
C TYR X 413 -53.73 34.72 -66.23
N GLN X 414 -54.67 33.92 -66.80
CA GLN X 414 -56.05 33.82 -66.38
C GLN X 414 -56.09 33.23 -65.00
N GLY X 415 -57.03 33.67 -64.13
CA GLY X 415 -57.31 32.98 -62.89
C GLY X 415 -58.04 31.71 -63.22
N VAL X 416 -57.78 30.62 -62.46
CA VAL X 416 -58.46 29.36 -62.64
C VAL X 416 -58.75 28.85 -61.27
N LYS X 417 -59.63 27.84 -61.18
CA LYS X 417 -60.06 27.24 -59.94
C LYS X 417 -60.38 25.81 -60.24
N VAL X 418 -60.35 24.92 -59.22
CA VAL X 418 -60.80 23.55 -59.37
C VAL X 418 -62.29 23.51 -59.16
N LYS X 419 -62.92 22.41 -59.63
CA LYS X 419 -64.33 22.15 -59.44
C LYS X 419 -64.50 21.13 -58.34
N ASN X 420 -63.38 20.70 -57.73
CA ASN X 420 -63.30 19.74 -56.63
C ASN X 420 -63.42 18.34 -57.18
N GLY X 421 -62.80 18.10 -58.35
CA GLY X 421 -62.77 16.80 -58.99
C GLY X 421 -61.70 15.95 -58.36
N ASN X 422 -61.29 14.88 -59.07
CA ASN X 422 -60.17 14.03 -58.73
C ASN X 422 -58.92 14.86 -58.81
N ASP X 423 -57.96 14.69 -57.87
CA ASP X 423 -56.73 15.46 -57.84
C ASP X 423 -55.93 15.24 -59.09
N GLY X 424 -55.44 16.35 -59.68
CA GLY X 424 -54.72 16.30 -60.93
C GLY X 424 -54.58 17.71 -61.39
N ASP X 425 -53.73 17.91 -62.42
CA ASP X 425 -53.50 19.19 -63.06
C ASP X 425 -54.40 19.35 -64.25
N VAL X 426 -55.37 18.43 -64.47
CA VAL X 426 -56.22 18.44 -65.63
C VAL X 426 -57.40 17.56 -65.32
N GLU X 427 -57.34 16.82 -64.18
CA GLU X 427 -58.41 15.94 -63.77
C GLU X 427 -59.18 16.54 -62.62
N SER X 428 -58.72 17.66 -62.03
CA SER X 428 -59.51 18.38 -61.04
C SER X 428 -60.50 19.25 -61.75
N GLU X 429 -60.24 19.52 -63.05
CA GLU X 429 -61.03 20.32 -63.94
C GLU X 429 -60.82 21.74 -63.57
N TRP X 430 -60.15 22.48 -64.47
CA TRP X 430 -59.70 23.81 -64.20
C TRP X 430 -60.50 24.67 -65.10
N GLU X 431 -61.36 25.48 -64.47
CA GLU X 431 -62.35 26.30 -65.08
C GLU X 431 -61.97 27.67 -64.64
N ASN X 432 -62.18 28.69 -65.50
CA ASN X 432 -61.85 30.08 -65.22
C ASN X 432 -62.59 30.56 -64.00
N ASP X 433 -61.89 31.35 -63.17
CA ASP X 433 -62.40 31.91 -61.95
C ASP X 433 -62.64 33.34 -62.35
N ASP X 434 -63.88 33.83 -62.12
CA ASP X 434 -64.36 35.08 -62.65
C ASP X 434 -64.35 36.16 -61.61
N THR X 435 -63.83 35.85 -60.40
CA THR X 435 -63.63 36.84 -59.36
C THR X 435 -62.15 37.13 -59.29
N VAL X 436 -61.38 36.51 -60.21
CA VAL X 436 -59.96 36.69 -60.33
C VAL X 436 -59.81 37.21 -61.72
N ALA X 437 -59.05 38.32 -61.88
CA ALA X 437 -58.86 39.01 -63.12
C ALA X 437 -58.23 38.17 -64.19
N ALA X 438 -58.64 38.45 -65.44
CA ALA X 438 -57.98 38.01 -66.64
C ALA X 438 -56.65 38.71 -66.76
N ARG X 439 -55.61 37.98 -67.20
CA ARG X 439 -54.30 38.49 -67.53
C ARG X 439 -53.59 39.15 -66.38
N ASN X 440 -53.35 38.39 -65.29
CA ASN X 440 -52.45 38.73 -64.20
C ASN X 440 -51.03 38.74 -64.69
N GLN X 441 -50.23 39.73 -64.25
CA GLN X 441 -48.84 39.88 -64.66
C GLN X 441 -47.95 39.22 -63.66
N LEU X 442 -47.46 38.00 -63.98
CA LEU X 442 -46.72 37.19 -63.04
C LEU X 442 -45.50 36.75 -63.79
N CYS X 443 -44.45 36.35 -63.02
CA CYS X 443 -43.16 35.99 -63.56
C CYS X 443 -42.82 34.61 -63.08
N LYS X 444 -42.53 33.68 -64.01
CA LYS X 444 -42.04 32.36 -63.67
C LYS X 444 -40.56 32.43 -63.41
N GLY X 445 -40.06 31.54 -62.52
CA GLY X 445 -38.70 31.49 -62.07
C GLY X 445 -38.20 32.75 -61.44
N ASN X 446 -36.87 32.87 -61.34
CA ASN X 446 -36.14 34.01 -60.82
C ASN X 446 -36.36 35.23 -61.67
N ILE X 447 -36.29 36.43 -61.06
CA ILE X 447 -36.35 37.71 -61.72
C ILE X 447 -35.15 37.92 -62.61
N PHE X 448 -35.28 38.75 -63.67
CA PHE X 448 -34.23 39.12 -64.59
C PHE X 448 -33.10 39.85 -63.89
N ALA X 449 -31.84 39.70 -64.35
CA ALA X 449 -30.72 40.38 -63.76
C ALA X 449 -29.59 40.47 -64.76
N MET X 450 -28.69 41.46 -64.58
CA MET X 450 -27.46 41.62 -65.33
C MET X 450 -26.34 41.67 -64.33
N GLU X 451 -25.49 40.63 -64.29
CA GLU X 451 -24.33 40.48 -63.45
C GLU X 451 -23.23 41.47 -63.77
N ILE X 452 -22.49 41.94 -62.75
CA ILE X 452 -21.40 42.89 -62.88
C ILE X 452 -20.49 42.61 -61.72
N ASN X 453 -19.17 42.92 -61.83
CA ASN X 453 -18.25 42.84 -60.72
C ASN X 453 -17.77 44.23 -60.47
N LEU X 454 -18.31 44.89 -59.43
CA LEU X 454 -18.04 46.26 -59.11
C LEU X 454 -16.62 46.53 -58.69
N GLN X 455 -16.02 45.66 -57.85
CA GLN X 455 -14.66 45.81 -57.39
C GLN X 455 -13.65 45.75 -58.49
N ALA X 456 -13.87 44.81 -59.44
CA ALA X 456 -13.03 44.58 -60.58
C ALA X 456 -12.96 45.76 -61.48
N ASN X 457 -14.11 46.41 -61.76
CA ASN X 457 -14.23 47.62 -62.53
C ASN X 457 -13.54 48.80 -61.92
N LEU X 458 -13.68 49.00 -60.59
CA LEU X 458 -13.09 50.13 -59.89
C LEU X 458 -11.60 50.12 -59.94
N TRP X 459 -10.98 48.94 -59.74
CA TRP X 459 -9.56 48.75 -59.78
C TRP X 459 -9.00 48.95 -61.17
N ARG X 460 -9.71 48.47 -62.20
CA ARG X 460 -9.28 48.54 -63.58
C ARG X 460 -9.22 49.97 -64.05
N SER X 461 -10.24 50.79 -63.69
CA SER X 461 -10.36 52.16 -64.09
C SER X 461 -9.45 53.04 -63.29
N PHE X 462 -9.06 52.57 -62.08
CA PHE X 462 -8.12 53.22 -61.20
C PHE X 462 -6.77 53.34 -61.83
N LEU X 463 -6.30 52.27 -62.51
CA LEU X 463 -4.93 52.22 -62.97
C LEU X 463 -4.89 52.60 -64.40
N TYR X 464 -6.05 52.64 -65.10
CA TYR X 464 -6.08 53.22 -66.41
C TYR X 464 -5.80 54.71 -66.34
N SER X 465 -6.40 55.39 -65.33
CA SER X 465 -6.34 56.82 -65.23
C SER X 465 -5.08 57.31 -64.61
N ASN X 466 -4.44 56.44 -63.83
CA ASN X 466 -3.26 56.77 -63.09
C ASN X 466 -2.10 56.35 -63.93
N VAL X 467 -1.51 55.19 -63.63
CA VAL X 467 -0.28 54.73 -64.22
C VAL X 467 -0.29 54.52 -65.71
N ALA X 468 -1.40 54.01 -66.31
CA ALA X 468 -1.41 53.64 -67.72
C ALA X 468 -1.47 54.82 -68.64
N LEU X 469 -2.05 55.94 -68.17
CA LEU X 469 -2.30 57.12 -68.96
C LEU X 469 -1.03 57.92 -69.15
N TYR X 470 -0.02 57.70 -68.29
CA TYR X 470 1.17 58.51 -68.21
C TYR X 470 2.35 57.75 -68.75
N LEU X 471 2.13 56.59 -69.42
CA LEU X 471 3.15 55.92 -70.19
C LEU X 471 3.62 56.80 -71.31
N PRO X 472 4.90 56.80 -71.68
CA PRO X 472 5.45 57.46 -72.86
C PRO X 472 4.69 57.27 -74.16
N ASP X 473 4.96 58.15 -75.15
CA ASP X 473 4.32 58.24 -76.44
C ASP X 473 4.44 56.97 -77.23
N SER X 474 5.57 56.23 -77.07
CA SER X 474 5.84 55.00 -77.77
C SER X 474 4.77 53.95 -77.50
N TYR X 475 4.25 53.88 -76.26
CA TYR X 475 3.22 52.94 -75.88
C TYR X 475 1.86 53.38 -76.35
N LYS X 476 1.70 54.67 -76.68
CA LYS X 476 0.48 55.24 -77.19
C LYS X 476 0.47 55.14 -78.70
N TYR X 477 -0.67 55.50 -79.31
CA TYR X 477 -0.84 55.51 -80.75
C TYR X 477 -1.94 56.51 -81.02
N THR X 478 -2.00 57.05 -82.26
CA THR X 478 -3.03 57.97 -82.67
C THR X 478 -4.20 57.17 -83.18
N PRO X 479 -5.44 57.38 -82.73
CA PRO X 479 -6.68 56.88 -83.33
C PRO X 479 -6.79 57.01 -84.83
N ALA X 480 -7.68 56.21 -85.45
CA ALA X 480 -7.77 56.03 -86.88
C ALA X 480 -8.05 57.28 -87.69
N ASN X 481 -9.00 58.14 -87.25
CA ASN X 481 -9.48 59.24 -88.07
C ASN X 481 -9.38 60.52 -87.32
N ILE X 482 -8.49 60.59 -86.31
CA ILE X 482 -8.25 61.77 -85.51
C ILE X 482 -6.91 62.31 -85.93
N THR X 483 -6.82 63.66 -86.06
CA THR X 483 -5.64 64.38 -86.49
C THR X 483 -5.20 65.18 -85.31
N LEU X 484 -3.87 65.19 -85.03
CA LEU X 484 -3.29 65.81 -83.86
C LEU X 484 -2.17 66.70 -84.32
N PRO X 485 -1.71 67.68 -83.54
CA PRO X 485 -0.57 68.53 -83.85
C PRO X 485 0.71 67.81 -84.16
N THR X 486 1.63 68.47 -84.91
CA THR X 486 2.93 67.95 -85.22
C THR X 486 3.87 68.21 -84.06
N ASN X 487 3.50 69.16 -83.17
CA ASN X 487 4.25 69.50 -81.98
C ASN X 487 3.77 68.60 -80.89
N THR X 488 4.71 67.96 -80.17
CA THR X 488 4.41 66.91 -79.24
C THR X 488 4.32 67.43 -77.82
N ASN X 489 4.63 68.74 -77.59
CA ASN X 489 4.62 69.30 -76.27
C ASN X 489 3.32 70.02 -76.04
N THR X 490 2.45 70.11 -77.06
CA THR X 490 1.11 70.64 -76.94
C THR X 490 0.26 69.78 -76.04
N TYR X 491 -0.74 70.40 -75.39
CA TYR X 491 -1.77 69.72 -74.65
C TYR X 491 -2.56 68.82 -75.55
N ASP X 492 -2.91 69.32 -76.75
CA ASP X 492 -3.74 68.63 -77.69
C ASP X 492 -3.15 67.31 -78.15
N TYR X 493 -1.82 67.29 -78.43
CA TYR X 493 -1.12 66.10 -78.82
C TYR X 493 -1.13 65.04 -77.75
N MET X 494 -0.83 65.43 -76.50
CA MET X 494 -0.73 64.53 -75.36
C MET X 494 -2.05 63.90 -75.07
N ASN X 495 -3.10 64.74 -75.08
CA ASN X 495 -4.46 64.43 -74.78
C ASN X 495 -5.04 63.42 -75.76
N GLY X 496 -4.78 63.64 -77.07
CA GLY X 496 -5.38 62.91 -78.16
C GLY X 496 -4.79 61.56 -78.39
N ARG X 497 -3.48 61.37 -78.09
CA ARG X 497 -2.83 60.08 -78.12
C ARG X 497 -3.44 59.20 -77.06
N VAL X 498 -3.67 57.90 -77.35
CA VAL X 498 -4.34 57.01 -76.45
C VAL X 498 -3.51 55.79 -76.30
N VAL X 499 -3.65 55.11 -75.15
CA VAL X 499 -2.86 53.97 -74.76
C VAL X 499 -3.84 52.83 -74.77
N PRO X 500 -3.50 51.61 -75.18
CA PRO X 500 -4.31 50.44 -74.94
C PRO X 500 -4.49 50.20 -73.46
N PRO X 501 -5.64 49.87 -72.89
CA PRO X 501 -5.78 49.56 -71.47
C PRO X 501 -5.29 48.15 -71.18
N SER X 502 -4.53 47.54 -72.11
CA SER X 502 -4.01 46.20 -72.00
C SER X 502 -2.55 46.27 -71.65
N LEU X 503 -1.98 47.49 -71.52
CA LEU X 503 -0.64 47.69 -70.98
C LEU X 503 -0.70 47.58 -69.49
N VAL X 504 -1.91 47.71 -68.90
CA VAL X 504 -2.12 47.77 -67.49
C VAL X 504 -3.49 47.19 -67.35
N ASP X 505 -3.61 45.84 -67.42
CA ASP X 505 -4.86 45.11 -67.31
C ASP X 505 -5.47 45.34 -65.95
N ALA X 506 -4.57 45.51 -64.95
CA ALA X 506 -4.78 45.60 -63.54
C ALA X 506 -4.71 44.21 -62.98
N TYR X 507 -4.15 43.30 -63.81
CA TYR X 507 -3.96 41.91 -63.52
C TYR X 507 -2.60 41.64 -64.11
N ILE X 508 -1.67 42.61 -63.92
CA ILE X 508 -0.30 42.56 -64.38
C ILE X 508 0.52 42.86 -63.17
N ASN X 509 1.48 41.95 -62.85
CA ASN X 509 2.34 41.93 -61.68
C ASN X 509 1.49 41.83 -60.46
N ILE X 510 0.47 40.95 -60.56
CA ILE X 510 -0.52 40.78 -59.56
C ILE X 510 0.06 40.07 -58.38
N GLY X 511 -0.09 40.71 -57.19
CA GLY X 511 0.38 40.21 -55.94
C GLY X 511 1.81 40.54 -55.65
N ALA X 512 2.31 41.68 -56.16
CA ALA X 512 3.67 42.10 -55.95
C ALA X 512 3.60 43.58 -55.79
N ARG X 513 4.68 44.19 -55.23
CA ARG X 513 4.73 45.62 -55.14
C ARG X 513 5.92 45.93 -56.00
N TRP X 514 5.61 46.55 -57.14
CA TRP X 514 6.55 46.71 -58.21
C TRP X 514 6.15 47.98 -58.90
N SER X 515 7.14 48.81 -59.27
CA SER X 515 6.93 49.98 -60.09
C SER X 515 7.11 49.50 -61.50
N LEU X 516 6.34 50.04 -62.47
CA LEU X 516 6.47 49.66 -63.86
C LEU X 516 7.82 50.10 -64.37
N ASP X 517 8.45 49.29 -65.24
CA ASP X 517 9.73 49.61 -65.85
C ASP X 517 9.72 50.86 -66.70
N PRO X 518 8.78 51.19 -67.60
CA PRO X 518 8.81 52.46 -68.31
C PRO X 518 8.34 53.63 -67.49
N MET X 519 8.05 53.47 -66.19
CA MET X 519 7.62 54.55 -65.33
C MET X 519 8.69 54.96 -64.38
N ASP X 520 9.88 54.35 -64.48
CA ASP X 520 11.02 54.69 -63.68
C ASP X 520 11.67 55.96 -64.15
N ASN X 521 11.42 56.34 -65.42
CA ASN X 521 12.04 57.47 -66.06
C ASN X 521 10.97 58.48 -66.35
N VAL X 522 9.79 58.35 -65.72
CA VAL X 522 8.70 59.28 -65.87
C VAL X 522 8.62 59.95 -64.55
N ASN X 523 8.55 61.30 -64.56
CA ASN X 523 8.50 62.16 -63.41
C ASN X 523 7.20 61.90 -62.68
N PRO X 524 7.15 61.38 -61.46
CA PRO X 524 5.91 61.04 -60.80
C PRO X 524 5.26 62.24 -60.16
N PHE X 525 5.85 63.45 -60.32
CA PHE X 525 5.31 64.66 -59.75
C PHE X 525 4.54 65.37 -60.81
N ASN X 526 4.59 64.87 -62.06
CA ASN X 526 3.65 65.25 -63.08
C ASN X 526 2.57 64.24 -62.96
N HIS X 527 1.51 64.56 -62.20
CA HIS X 527 0.43 63.64 -62.02
C HIS X 527 -0.69 64.47 -61.51
N HIS X 528 -1.91 63.93 -61.60
CA HIS X 528 -3.11 64.64 -61.23
C HIS X 528 -3.51 64.27 -59.84
N ARG X 529 -2.78 63.35 -59.17
CA ARG X 529 -3.03 62.95 -57.81
C ARG X 529 -1.99 63.58 -56.96
N ASN X 530 -1.15 64.48 -57.55
CA ASN X 530 -0.19 65.28 -56.85
C ASN X 530 -0.97 66.20 -55.96
N ALA X 531 -0.85 66.00 -54.63
CA ALA X 531 -1.69 66.66 -53.68
C ALA X 531 -1.19 68.03 -53.40
N GLY X 532 0.11 68.28 -53.69
CA GLY X 532 0.70 69.58 -53.53
C GLY X 532 0.35 70.48 -54.66
N LEU X 533 0.40 69.98 -55.92
CA LEU X 533 0.04 70.72 -57.11
C LEU X 533 -1.41 71.07 -57.16
N ARG X 534 -2.30 70.13 -56.77
CA ARG X 534 -3.72 70.34 -56.75
C ARG X 534 -4.13 71.43 -55.83
N TYR X 535 -3.47 71.54 -54.67
CA TYR X 535 -3.76 72.54 -53.70
C TYR X 535 -3.58 73.93 -54.25
N ARG X 536 -2.44 74.17 -54.95
CA ARG X 536 -2.09 75.42 -55.55
C ARG X 536 -2.99 75.86 -56.65
N SER X 537 -3.41 74.92 -57.51
CA SER X 537 -4.29 75.12 -58.63
C SER X 537 -5.65 75.63 -58.21
N MET X 538 -6.22 75.09 -57.12
CA MET X 538 -7.60 75.27 -56.74
C MET X 538 -7.70 76.35 -55.71
N LEU X 539 -6.54 76.92 -55.31
CA LEU X 539 -6.43 78.01 -54.38
C LEU X 539 -6.49 79.29 -55.16
N LEU X 540 -6.64 79.17 -56.49
CA LEU X 540 -6.86 80.23 -57.42
C LEU X 540 -8.17 80.04 -58.15
N GLY X 541 -8.99 79.04 -57.76
CA GLY X 541 -10.29 78.81 -58.36
C GLY X 541 -10.20 77.97 -59.61
N ASN X 542 -11.36 77.74 -60.25
CA ASN X 542 -11.52 76.81 -61.32
C ASN X 542 -11.57 77.45 -62.69
N GLY X 543 -11.48 78.79 -62.78
CA GLY X 543 -11.51 79.47 -64.06
C GLY X 543 -10.15 79.53 -64.64
N ARG X 544 -10.04 80.00 -65.90
CA ARG X 544 -8.77 80.20 -66.56
C ARG X 544 -8.45 81.67 -66.54
N TYR X 545 -9.33 82.52 -65.96
CA TYR X 545 -9.13 83.95 -65.82
C TYR X 545 -9.08 84.22 -64.36
N VAL X 546 -7.88 84.52 -63.78
CA VAL X 546 -7.71 84.64 -62.36
C VAL X 546 -6.98 85.92 -62.01
N PRO X 547 -7.64 86.97 -61.56
CA PRO X 547 -7.09 88.00 -60.68
C PRO X 547 -6.44 87.45 -59.43
N PHE X 548 -5.21 87.86 -59.04
CA PHE X 548 -4.52 87.19 -57.96
C PHE X 548 -3.85 88.20 -57.05
N HIS X 549 -3.59 87.79 -55.79
CA HIS X 549 -2.77 88.50 -54.84
C HIS X 549 -1.94 87.41 -54.21
N ILE X 550 -0.61 87.52 -54.28
CA ILE X 550 0.34 86.51 -53.89
C ILE X 550 1.45 87.19 -53.16
N GLN X 551 1.94 86.60 -52.04
CA GLN X 551 2.95 87.21 -51.21
C GLN X 551 4.18 86.35 -51.36
N VAL X 552 5.31 86.95 -51.81
CA VAL X 552 6.48 86.27 -52.30
C VAL X 552 7.64 86.57 -51.39
N PRO X 553 8.26 85.67 -50.62
CA PRO X 553 9.30 86.03 -49.68
C PRO X 553 10.68 85.99 -50.33
N GLN X 554 11.67 86.68 -49.72
CA GLN X 554 13.08 86.62 -50.06
C GLN X 554 13.67 85.28 -49.74
N LYS X 555 14.57 84.77 -50.62
CA LYS X 555 15.15 83.45 -50.49
C LYS X 555 16.64 83.56 -50.45
N PHE X 556 17.20 84.79 -50.52
CA PHE X 556 18.61 84.99 -50.68
C PHE X 556 19.16 84.91 -49.28
N PHE X 557 20.34 84.27 -49.08
CA PHE X 557 20.79 83.91 -47.75
C PHE X 557 21.33 85.07 -46.95
N ALA X 558 21.71 86.19 -47.61
CA ALA X 558 22.21 87.35 -46.91
C ALA X 558 21.10 88.31 -46.63
N ILE X 559 19.91 88.10 -47.24
CA ILE X 559 18.76 88.95 -47.10
C ILE X 559 17.64 87.99 -46.84
N LYS X 560 17.41 87.69 -45.56
CA LYS X 560 16.43 86.77 -45.07
C LYS X 560 16.97 86.50 -43.72
N SER X 561 16.52 87.28 -42.72
CA SER X 561 17.13 87.41 -41.43
C SER X 561 18.34 88.28 -41.61
N LEU X 562 18.31 89.46 -41.01
CA LEU X 562 19.28 90.48 -41.18
C LEU X 562 18.61 91.60 -40.49
N LEU X 563 19.29 92.17 -39.46
CA LEU X 563 18.80 93.32 -38.74
C LEU X 563 19.32 94.50 -39.46
N LEU X 564 18.45 95.06 -40.33
CA LEU X 564 18.77 96.20 -41.12
C LEU X 564 18.47 97.35 -40.19
N LEU X 565 19.49 98.20 -39.95
CA LEU X 565 19.48 99.21 -38.92
C LEU X 565 18.93 100.48 -39.52
N PRO X 566 18.66 101.57 -38.79
CA PRO X 566 18.38 102.90 -39.34
C PRO X 566 19.21 103.31 -40.51
N GLY X 567 18.57 103.91 -41.53
CA GLY X 567 19.20 104.33 -42.75
C GLY X 567 18.15 104.15 -43.80
N SER X 568 18.27 104.91 -44.88
CA SER X 568 17.54 104.72 -46.11
C SER X 568 18.33 103.80 -46.99
N TYR X 569 17.66 102.97 -47.82
CA TYR X 569 18.34 101.99 -48.63
C TYR X 569 17.59 101.94 -49.92
N THR X 570 18.33 101.76 -51.01
CA THR X 570 17.89 101.47 -52.36
C THR X 570 17.73 100.00 -52.44
N TYR X 571 16.62 99.49 -52.98
CA TYR X 571 16.34 98.08 -52.96
C TYR X 571 15.70 97.87 -54.30
N GLU X 572 15.88 96.67 -54.91
CA GLU X 572 15.34 96.42 -56.22
C GLU X 572 15.33 94.93 -56.37
N TRP X 573 14.48 94.37 -57.27
CA TRP X 573 14.56 92.99 -57.64
C TRP X 573 13.84 92.86 -58.95
N ASN X 574 14.08 91.74 -59.67
CA ASN X 574 13.56 91.48 -60.99
C ASN X 574 12.68 90.27 -60.86
N PHE X 575 11.56 90.25 -61.59
CA PHE X 575 10.50 89.28 -61.51
C PHE X 575 10.40 88.65 -62.86
N ARG X 576 10.10 87.33 -62.99
CA ARG X 576 10.04 86.67 -64.27
C ARG X 576 8.62 86.71 -64.72
N LYS X 577 8.41 86.94 -66.03
CA LYS X 577 7.11 86.91 -66.66
C LYS X 577 7.07 85.74 -67.59
N ASP X 578 8.00 84.77 -67.42
CA ASP X 578 8.13 83.60 -68.25
C ASP X 578 7.13 82.60 -67.73
N VAL X 579 6.18 82.17 -68.58
CA VAL X 579 5.05 81.39 -68.10
C VAL X 579 5.40 79.97 -67.80
N ASN X 580 6.51 79.42 -68.36
CA ASN X 580 6.95 78.08 -68.06
C ASN X 580 7.64 78.03 -66.74
N MET X 581 8.21 79.16 -66.24
CA MET X 581 9.00 79.16 -65.05
C MET X 581 8.16 79.36 -63.83
N ILE X 582 6.98 80.00 -63.98
CA ILE X 582 6.22 80.47 -62.84
C ILE X 582 4.98 79.66 -62.68
N LEU X 583 4.61 78.83 -63.68
CA LEU X 583 3.44 77.99 -63.60
C LEU X 583 3.90 76.58 -63.74
N GLN X 584 3.23 75.67 -63.02
CA GLN X 584 3.54 74.27 -63.02
C GLN X 584 2.32 73.59 -63.53
N SER X 585 2.46 72.83 -64.64
CA SER X 585 1.43 72.05 -65.27
C SER X 585 1.52 70.67 -64.70
N SER X 586 0.46 69.87 -64.93
CA SER X 586 0.35 68.54 -64.39
C SER X 586 0.75 67.56 -65.45
N LEU X 587 0.85 68.00 -66.73
CA LEU X 587 1.32 67.15 -67.79
C LEU X 587 2.69 67.58 -68.17
N GLY X 588 3.02 68.87 -67.93
CA GLY X 588 4.29 69.43 -68.28
C GLY X 588 4.32 69.89 -69.70
N ASN X 589 3.14 70.21 -70.26
CA ASN X 589 2.98 70.76 -71.58
C ASN X 589 3.55 72.15 -71.65
N ASP X 590 4.05 72.58 -72.83
CA ASP X 590 4.56 73.91 -73.06
C ASP X 590 3.39 74.88 -73.00
N LEU X 591 3.52 75.95 -72.18
CA LEU X 591 2.46 76.90 -71.97
C LEU X 591 2.66 78.15 -72.79
N ARG X 592 3.70 78.18 -73.64
CA ARG X 592 3.93 79.29 -74.54
C ARG X 592 3.30 78.97 -75.86
N THR X 593 3.04 77.67 -76.14
CA THR X 593 2.42 77.24 -77.38
C THR X 593 1.00 76.85 -77.12
N ASP X 594 0.59 76.74 -75.84
CA ASP X 594 -0.78 76.46 -75.48
C ASP X 594 -1.42 77.77 -75.16
N GLY X 595 -0.62 78.81 -74.83
CA GLY X 595 -1.11 80.11 -74.48
C GLY X 595 -1.24 80.15 -72.99
N ALA X 596 -1.05 81.34 -72.42
CA ALA X 596 -0.98 81.63 -71.02
C ALA X 596 -0.29 82.95 -71.05
N SER X 597 -0.61 83.80 -70.07
CA SER X 597 -0.20 85.17 -70.08
C SER X 597 -0.17 85.55 -68.64
N ILE X 598 0.61 86.59 -68.33
CA ILE X 598 0.60 87.12 -66.99
C ILE X 598 0.97 88.55 -67.20
N SER X 599 0.48 89.40 -66.31
CA SER X 599 0.75 90.81 -66.35
C SER X 599 0.81 91.15 -64.91
N PHE X 600 1.76 92.02 -64.52
CA PHE X 600 1.94 92.46 -63.17
C PHE X 600 1.48 93.88 -63.10
N THR X 601 0.42 94.14 -62.32
CA THR X 601 -0.10 95.45 -62.08
C THR X 601 0.07 95.60 -60.59
N SER X 602 0.99 96.48 -60.17
CA SER X 602 1.30 96.74 -58.79
C SER X 602 2.02 95.62 -58.09
N ILE X 603 3.30 95.86 -57.75
CA ILE X 603 4.03 95.01 -56.85
C ILE X 603 4.40 95.98 -55.79
N ASN X 604 4.06 95.69 -54.51
CA ASN X 604 4.39 96.54 -53.39
C ASN X 604 5.26 95.72 -52.49
N LEU X 605 6.19 96.37 -51.79
CA LEU X 605 7.04 95.81 -50.76
C LEU X 605 6.36 95.98 -49.44
N TYR X 606 6.37 94.97 -48.56
CA TYR X 606 5.78 95.00 -47.24
C TYR X 606 6.89 94.74 -46.30
N ALA X 607 6.85 95.33 -45.10
CA ALA X 607 7.88 95.18 -44.11
C ALA X 607 7.16 95.30 -42.80
N THR X 608 7.47 94.45 -41.81
CA THR X 608 6.79 94.42 -40.53
C THR X 608 7.85 94.76 -39.52
N PHE X 609 7.73 95.94 -38.87
CA PHE X 609 8.71 96.45 -37.94
C PHE X 609 8.24 96.11 -36.55
N PHE X 610 9.11 95.44 -35.74
CA PHE X 610 8.84 95.14 -34.34
C PHE X 610 8.82 96.44 -33.56
N PRO X 611 7.90 96.69 -32.63
CA PRO X 611 7.78 98.01 -32.01
C PRO X 611 8.64 98.07 -30.78
N MET X 612 9.98 98.02 -30.95
CA MET X 612 10.99 98.05 -29.91
C MET X 612 10.90 99.37 -29.20
N ALA X 613 11.08 99.38 -27.85
CA ALA X 613 11.16 100.59 -27.06
C ALA X 613 12.32 101.41 -27.51
N HIS X 614 12.13 102.73 -27.68
CA HIS X 614 13.07 103.63 -28.31
C HIS X 614 14.40 103.70 -27.62
N ASN X 615 14.40 103.71 -26.28
CA ASN X 615 15.58 103.79 -25.45
C ASN X 615 16.49 102.62 -25.64
N THR X 616 15.93 101.40 -25.81
CA THR X 616 16.70 100.19 -25.83
C THR X 616 16.87 99.73 -27.25
N ALA X 617 16.14 100.35 -28.20
CA ALA X 617 16.37 100.22 -29.62
C ALA X 617 17.67 100.86 -29.95
N SER X 618 17.92 102.05 -29.37
CA SER X 618 19.11 102.85 -29.53
C SER X 618 20.35 102.17 -29.01
N THR X 619 20.22 101.43 -27.88
CA THR X 619 21.26 100.65 -27.26
C THR X 619 21.76 99.57 -28.16
N LEU X 620 20.81 98.83 -28.79
CA LEU X 620 21.05 97.73 -29.69
C LEU X 620 21.74 98.19 -30.94
N GLU X 621 21.31 99.33 -31.49
CA GLU X 621 21.85 99.94 -32.68
C GLU X 621 23.28 100.33 -32.51
N ALA X 622 23.64 100.94 -31.35
CA ALA X 622 24.98 101.34 -31.02
C ALA X 622 25.93 100.16 -30.97
N MET X 623 25.47 99.03 -30.39
CA MET X 623 26.16 97.76 -30.32
C MET X 623 26.45 97.17 -31.67
N LEU X 624 25.49 97.24 -32.61
CA LEU X 624 25.57 96.51 -33.85
C LEU X 624 26.17 97.35 -34.94
N ARG X 625 26.74 98.52 -34.56
CA ARG X 625 27.49 99.36 -35.46
C ARG X 625 28.95 99.11 -35.20
N ASN X 626 29.26 98.25 -34.20
CA ASN X 626 30.59 97.85 -33.84
C ASN X 626 30.94 96.73 -34.78
N ASP X 627 32.24 96.60 -35.12
CA ASP X 627 32.68 95.80 -36.23
C ASP X 627 33.07 94.41 -35.79
N THR X 628 32.79 94.05 -34.52
CA THR X 628 32.97 92.69 -34.04
C THR X 628 31.62 92.13 -33.69
N ASN X 629 30.55 92.91 -33.92
CA ASN X 629 29.19 92.52 -33.67
C ASN X 629 28.52 92.49 -35.01
N ASP X 630 29.32 92.49 -36.10
CA ASP X 630 28.87 92.32 -37.46
C ASP X 630 28.26 90.96 -37.65
N GLN X 631 27.18 90.89 -38.45
CA GLN X 631 26.29 89.76 -38.51
C GLN X 631 26.78 88.80 -39.53
N SER X 632 26.66 87.49 -39.24
CA SER X 632 27.15 86.45 -40.10
C SER X 632 25.98 85.61 -40.47
N PHE X 633 26.02 85.01 -41.68
CA PHE X 633 24.94 84.22 -42.22
C PHE X 633 25.62 83.19 -43.04
N ASN X 634 24.97 82.05 -43.29
CA ASN X 634 25.48 81.06 -44.19
C ASN X 634 24.34 80.61 -45.04
N ASP X 635 24.64 79.97 -46.19
CA ASP X 635 23.66 79.42 -47.08
C ASP X 635 23.37 78.05 -46.52
N TYR X 636 22.10 77.60 -46.50
CA TYR X 636 21.73 76.35 -45.87
C TYR X 636 22.37 75.18 -46.57
N LEU X 637 22.26 75.21 -47.91
CA LEU X 637 22.91 74.30 -48.79
C LEU X 637 23.99 75.17 -49.33
N SER X 638 25.22 74.96 -48.85
CA SER X 638 26.35 75.73 -49.29
C SER X 638 26.95 74.88 -50.34
N ALA X 639 27.01 75.35 -51.60
CA ALA X 639 27.54 74.51 -52.61
C ALA X 639 27.92 75.31 -53.81
N ALA X 640 28.87 74.72 -54.59
CA ALA X 640 29.22 75.09 -55.94
C ALA X 640 28.52 74.07 -56.80
N ASN X 641 27.65 74.49 -57.72
CA ASN X 641 26.70 73.63 -58.37
C ASN X 641 27.08 73.62 -59.81
N MET X 642 27.13 72.41 -60.41
CA MET X 642 27.73 72.20 -61.69
C MET X 642 26.84 71.20 -62.34
N LEU X 643 26.59 71.36 -63.65
CA LEU X 643 25.80 70.45 -64.42
C LEU X 643 26.73 69.94 -65.48
N TYR X 644 26.63 68.65 -65.83
CA TYR X 644 27.52 68.03 -66.79
C TYR X 644 26.62 67.27 -67.70
N PRO X 645 26.97 67.01 -68.95
CA PRO X 645 26.06 66.37 -69.88
C PRO X 645 26.26 64.89 -69.80
N ILE X 646 25.21 64.13 -70.16
CA ILE X 646 25.27 62.71 -70.40
C ILE X 646 24.68 62.67 -71.78
N PRO X 647 25.27 62.07 -72.81
CA PRO X 647 24.78 62.29 -74.15
C PRO X 647 23.46 61.63 -74.48
N ALA X 648 23.35 60.29 -74.35
CA ALA X 648 22.16 59.53 -74.62
C ALA X 648 22.71 58.17 -74.90
N ASN X 649 22.41 57.21 -74.00
CA ASN X 649 22.80 55.82 -74.06
C ASN X 649 24.23 55.69 -73.63
N ALA X 650 24.81 56.77 -73.04
CA ALA X 650 26.13 56.77 -72.48
C ALA X 650 26.02 56.13 -71.14
N THR X 651 27.07 55.38 -70.76
CA THR X 651 27.10 54.68 -69.51
C THR X 651 28.20 55.20 -68.63
N ASN X 652 28.93 56.28 -69.02
CA ASN X 652 29.98 56.79 -68.19
C ASN X 652 30.01 58.26 -68.40
N VAL X 653 30.27 59.01 -67.30
CA VAL X 653 30.40 60.43 -67.33
C VAL X 653 31.75 60.71 -66.72
N PRO X 654 32.78 61.13 -67.43
CA PRO X 654 34.03 61.50 -66.80
C PRO X 654 33.93 62.97 -66.47
N ILE X 655 34.26 63.36 -65.22
CA ILE X 655 34.13 64.71 -64.72
C ILE X 655 35.44 65.07 -64.13
N SER X 656 36.16 66.08 -64.67
CA SER X 656 37.46 66.48 -64.20
C SER X 656 37.33 67.91 -63.78
N ILE X 657 37.98 68.28 -62.65
CA ILE X 657 37.93 69.58 -62.05
C ILE X 657 39.38 70.04 -62.10
N PRO X 658 39.71 71.27 -62.50
CA PRO X 658 41.01 71.90 -62.32
C PRO X 658 41.57 71.86 -60.91
N SER X 659 42.89 72.12 -60.75
CA SER X 659 43.55 72.20 -59.47
C SER X 659 43.10 73.39 -58.65
N ARG X 660 42.55 73.14 -57.46
CA ARG X 660 41.93 74.15 -56.63
C ARG X 660 42.23 73.73 -55.24
N ASN X 661 42.29 74.70 -54.30
CA ASN X 661 42.37 74.41 -52.88
C ASN X 661 41.11 73.70 -52.47
N TRP X 662 41.21 72.78 -51.49
CA TRP X 662 40.07 72.05 -50.99
C TRP X 662 40.00 72.33 -49.53
N ALA X 663 40.41 73.56 -49.12
CA ALA X 663 40.39 74.03 -47.77
C ALA X 663 38.97 74.19 -47.34
N ALA X 664 38.57 73.42 -46.31
CA ALA X 664 37.28 73.46 -45.68
C ALA X 664 36.23 72.86 -46.56
N PHE X 665 36.59 71.76 -47.27
CA PHE X 665 35.68 71.08 -48.16
C PHE X 665 34.86 70.14 -47.30
N ARG X 666 33.62 69.85 -47.76
CA ARG X 666 32.69 68.99 -47.09
C ARG X 666 32.38 67.98 -48.15
N GLY X 667 31.22 67.33 -48.07
CA GLY X 667 30.85 66.24 -48.95
C GLY X 667 30.61 66.58 -50.39
N TRP X 668 29.85 65.69 -51.04
CA TRP X 668 29.40 65.75 -52.38
C TRP X 668 27.99 65.32 -52.28
N SER X 669 27.16 65.66 -53.29
CA SER X 669 25.89 65.04 -53.46
C SER X 669 25.75 64.97 -54.94
N PHE X 670 24.86 64.10 -55.45
CA PHE X 670 24.70 63.97 -56.85
C PHE X 670 23.36 63.39 -57.13
N THR X 671 22.84 63.70 -58.31
CA THR X 671 21.54 63.28 -58.73
C THR X 671 21.60 63.44 -60.21
N ARG X 672 20.61 62.87 -60.93
CA ARG X 672 20.56 62.87 -62.36
C ARG X 672 19.30 63.61 -62.67
N LEU X 673 19.34 64.52 -63.66
CA LEU X 673 18.22 65.35 -64.05
C LEU X 673 17.95 64.94 -65.47
N LYS X 674 17.29 65.80 -66.26
CA LYS X 674 17.05 65.55 -67.65
C LYS X 674 17.14 66.90 -68.25
N THR X 675 17.69 66.96 -69.48
CA THR X 675 17.96 68.18 -70.21
C THR X 675 16.72 68.98 -70.47
N LYS X 676 15.61 68.27 -70.81
CA LYS X 676 14.33 68.84 -71.11
C LYS X 676 13.76 69.59 -69.94
N GLU X 677 13.97 69.08 -68.71
CA GLU X 677 13.28 69.55 -67.55
C GLU X 677 14.14 70.53 -66.80
N THR X 678 15.35 70.85 -67.30
CA THR X 678 16.26 71.75 -66.62
C THR X 678 16.37 72.98 -67.50
N PRO X 679 16.02 74.17 -67.03
CA PRO X 679 16.18 75.40 -67.79
C PRO X 679 17.56 75.95 -67.56
N SER X 680 17.96 76.94 -68.39
CA SER X 680 19.20 77.66 -68.20
C SER X 680 18.87 78.83 -67.32
N LEU X 681 19.64 79.00 -66.22
CA LEU X 681 19.54 80.13 -65.34
C LEU X 681 20.79 80.90 -65.58
N GLY X 682 20.62 82.20 -65.88
CA GLY X 682 21.71 83.11 -66.09
C GLY X 682 21.30 84.05 -67.17
N SER X 683 20.27 83.65 -67.95
CA SER X 683 19.70 84.42 -69.02
C SER X 683 18.33 84.82 -68.57
N GLY X 684 17.78 85.86 -69.22
CA GLY X 684 16.49 86.42 -68.88
C GLY X 684 15.39 85.54 -69.41
N PHE X 685 15.67 84.82 -70.50
CA PHE X 685 14.70 84.01 -71.17
C PHE X 685 15.53 82.89 -71.71
N ASP X 686 15.02 81.64 -71.63
CA ASP X 686 15.62 80.49 -72.27
C ASP X 686 14.59 80.07 -73.29
N PRO X 687 14.80 80.21 -74.59
CA PRO X 687 13.77 79.99 -75.58
C PRO X 687 13.63 78.52 -75.90
N TYR X 688 14.52 77.66 -75.35
CA TYR X 688 14.57 76.26 -75.68
C TYR X 688 13.86 75.48 -74.62
N PHE X 689 13.35 76.16 -73.57
CA PHE X 689 12.67 75.53 -72.46
C PHE X 689 11.23 75.45 -72.85
N VAL X 690 10.69 74.22 -72.98
CA VAL X 690 9.37 73.96 -73.49
C VAL X 690 8.63 73.06 -72.54
N TYR X 691 9.08 73.02 -71.28
CA TYR X 691 8.56 72.11 -70.28
C TYR X 691 8.05 72.97 -69.17
N SER X 692 6.88 72.61 -68.60
CA SER X 692 6.26 73.35 -67.53
C SER X 692 5.95 72.46 -66.36
N GLY X 693 6.39 71.19 -66.35
CA GLY X 693 6.17 70.32 -65.22
C GLY X 693 7.13 70.63 -64.12
N SER X 694 7.17 69.77 -63.08
CA SER X 694 8.04 69.95 -61.93
C SER X 694 9.47 69.93 -62.36
N ILE X 695 10.26 70.93 -61.92
CA ILE X 695 11.63 71.11 -62.32
C ILE X 695 12.38 70.50 -61.17
N PRO X 696 13.13 69.41 -61.28
CA PRO X 696 13.74 68.78 -60.13
C PRO X 696 14.87 69.61 -59.61
N TYR X 697 15.51 70.39 -60.48
CA TYR X 697 16.65 71.23 -60.18
C TYR X 697 16.34 72.23 -59.10
N LEU X 698 15.14 72.86 -59.16
CA LEU X 698 14.83 74.02 -58.36
C LEU X 698 13.77 73.72 -57.35
N ASP X 699 12.99 72.62 -57.53
CA ASP X 699 11.93 72.23 -56.64
C ASP X 699 12.41 71.14 -55.73
N GLY X 700 13.47 70.40 -56.15
CA GLY X 700 14.06 69.36 -55.36
C GLY X 700 13.36 68.05 -55.50
N THR X 701 12.69 67.81 -56.65
CA THR X 701 11.82 66.68 -56.86
C THR X 701 12.56 65.68 -57.72
N PHE X 702 13.74 65.23 -57.25
CA PHE X 702 14.61 64.25 -57.88
C PHE X 702 13.94 62.90 -58.00
N TYR X 703 14.30 62.11 -59.05
CA TYR X 703 13.59 60.87 -59.26
C TYR X 703 14.39 59.90 -60.09
N LEU X 704 15.73 60.07 -60.17
CA LEU X 704 16.57 59.27 -61.04
C LEU X 704 17.77 58.92 -60.24
N ASN X 705 17.56 58.48 -58.99
CA ASN X 705 18.61 58.10 -58.07
C ASN X 705 18.44 56.65 -57.86
N HIS X 706 18.80 55.87 -58.90
CA HIS X 706 18.56 54.45 -58.97
C HIS X 706 18.99 54.09 -60.36
N THR X 707 19.88 54.90 -60.97
CA THR X 707 20.38 54.66 -62.29
C THR X 707 21.88 54.69 -62.21
N PHE X 708 22.46 55.23 -61.12
CA PHE X 708 23.87 55.21 -60.83
C PHE X 708 24.29 53.81 -60.47
N LYS X 709 25.55 53.44 -60.76
CA LYS X 709 26.02 52.10 -60.54
C LYS X 709 27.42 52.10 -60.00
N LYS X 710 28.19 53.20 -60.15
CA LYS X 710 29.44 53.31 -59.44
C LYS X 710 29.76 54.77 -59.46
N VAL X 711 30.72 55.17 -58.61
CA VAL X 711 31.33 56.46 -58.66
C VAL X 711 32.73 56.24 -58.18
N SER X 712 33.70 56.96 -58.78
CA SER X 712 35.10 56.87 -58.43
C SER X 712 35.41 58.27 -58.02
N ILE X 713 36.33 58.41 -57.06
CA ILE X 713 36.79 59.65 -56.51
C ILE X 713 38.28 59.54 -56.42
N THR X 714 39.05 60.42 -57.05
CA THR X 714 40.49 60.33 -57.08
C THR X 714 40.95 61.75 -57.07
N PHE X 715 42.19 62.01 -56.59
CA PHE X 715 42.78 63.31 -56.59
C PHE X 715 44.11 63.12 -57.24
N ASP X 716 44.27 63.76 -58.42
CA ASP X 716 45.45 63.80 -59.26
C ASP X 716 45.55 62.53 -60.08
N SER X 717 44.55 61.62 -59.91
CA SER X 717 44.50 60.28 -60.45
C SER X 717 45.65 59.50 -59.90
N SER X 718 45.79 59.56 -58.55
CA SER X 718 46.94 59.07 -57.85
C SER X 718 46.39 58.44 -56.61
N VAL X 719 45.76 59.29 -55.77
CA VAL X 719 45.12 58.93 -54.55
C VAL X 719 43.75 58.49 -54.95
N SER X 720 43.26 57.34 -54.43
CA SER X 720 41.92 56.90 -54.70
C SER X 720 41.26 56.99 -53.36
N TRP X 721 40.35 57.97 -53.26
CA TRP X 721 39.64 58.35 -52.07
C TRP X 721 38.71 57.28 -51.49
N PRO X 722 37.99 56.41 -52.23
CA PRO X 722 37.14 55.39 -51.65
C PRO X 722 38.04 54.35 -51.03
N GLY X 723 39.27 54.24 -51.58
CA GLY X 723 40.35 53.39 -51.11
C GLY X 723 40.88 53.89 -49.79
N ASN X 724 41.73 53.04 -49.20
CA ASN X 724 42.41 53.12 -47.92
C ASN X 724 41.83 51.96 -47.15
N ASP X 725 41.31 50.96 -47.92
CA ASP X 725 40.80 49.69 -47.49
C ASP X 725 39.53 49.89 -46.72
N ARG X 726 38.60 50.74 -47.22
CA ARG X 726 37.45 51.12 -46.46
C ARG X 726 36.21 50.43 -46.95
N LEU X 727 36.26 49.73 -48.10
CA LEU X 727 35.07 49.21 -48.71
C LEU X 727 35.35 47.78 -49.12
N LEU X 728 34.27 47.01 -49.40
CA LEU X 728 34.35 45.63 -49.83
C LEU X 728 34.70 45.57 -51.30
N THR X 729 34.44 46.67 -52.05
CA THR X 729 34.98 46.88 -53.37
C THR X 729 35.84 48.09 -53.13
N PRO X 730 37.16 48.01 -53.05
CA PRO X 730 37.93 48.95 -52.25
C PRO X 730 38.05 50.30 -52.88
N ASN X 731 38.27 50.37 -54.20
CA ASN X 731 38.75 51.58 -54.83
C ASN X 731 37.63 52.31 -55.50
N GLU X 732 36.38 51.79 -55.42
CA GLU X 732 35.26 52.45 -56.04
C GLU X 732 34.09 52.14 -55.16
N PHE X 733 33.21 53.16 -54.95
CA PHE X 733 31.87 52.98 -54.45
C PHE X 733 31.08 52.25 -55.50
N GLU X 734 30.12 51.41 -55.10
CA GLU X 734 29.25 50.70 -56.00
C GLU X 734 27.91 51.05 -55.49
N ILE X 735 27.11 51.80 -56.27
CA ILE X 735 25.78 52.21 -55.88
C ILE X 735 24.88 51.02 -55.82
N LYS X 736 24.88 50.19 -56.88
CA LYS X 736 24.04 49.03 -56.94
C LYS X 736 24.78 48.07 -57.78
N ARG X 737 24.61 46.77 -57.45
CA ARG X 737 25.29 45.67 -58.09
C ARG X 737 24.22 44.78 -58.61
N THR X 738 24.34 44.42 -59.90
CA THR X 738 23.47 43.48 -60.56
C THR X 738 24.39 42.36 -60.92
N VAL X 739 24.01 41.11 -60.53
CA VAL X 739 24.80 39.90 -60.60
C VAL X 739 25.77 39.93 -59.46
N ASP X 740 25.49 39.11 -58.43
CA ASP X 740 26.14 39.22 -57.15
C ASP X 740 26.56 37.84 -56.76
N GLY X 741 27.85 37.67 -56.42
CA GLY X 741 28.42 36.40 -56.05
C GLY X 741 28.86 36.41 -54.62
N GLU X 742 29.24 37.60 -54.08
CA GLU X 742 29.71 37.70 -52.71
C GLU X 742 28.58 37.63 -51.71
N GLY X 743 27.38 38.09 -52.11
CA GLY X 743 26.28 38.28 -51.21
C GLY X 743 26.36 39.68 -50.68
N TYR X 744 26.87 40.60 -51.52
CA TYR X 744 27.15 41.98 -51.21
C TYR X 744 25.91 42.82 -51.21
N ASN X 745 24.78 42.34 -51.78
CA ASN X 745 23.51 43.02 -51.77
C ASN X 745 22.86 43.00 -50.40
N VAL X 746 22.00 44.01 -50.11
CA VAL X 746 21.32 44.13 -48.84
C VAL X 746 19.93 44.64 -49.10
N ALA X 747 19.01 44.28 -48.18
CA ALA X 747 17.69 44.84 -47.99
C ALA X 747 16.72 44.36 -49.02
N GLN X 748 17.03 43.23 -49.69
CA GLN X 748 16.20 42.60 -50.69
C GLN X 748 16.12 43.45 -51.93
N CYS X 749 17.28 43.95 -52.41
CA CYS X 749 17.34 44.80 -53.57
C CYS X 749 18.77 44.82 -54.06
N ASN X 750 19.00 45.53 -55.18
CA ASN X 750 20.30 45.67 -55.79
C ASN X 750 21.26 46.57 -55.06
N MET X 751 20.80 47.50 -54.21
CA MET X 751 21.71 48.32 -53.42
C MET X 751 22.66 47.49 -52.59
N THR X 752 23.95 47.87 -52.59
CA THR X 752 25.01 47.11 -51.98
C THR X 752 25.13 47.51 -50.54
N LYS X 753 25.79 46.62 -49.77
CA LYS X 753 26.02 46.68 -48.37
C LYS X 753 26.79 47.87 -47.91
N ASP X 754 27.83 48.26 -48.66
CA ASP X 754 28.76 49.30 -48.25
C ASP X 754 28.43 50.57 -48.98
N TRP X 755 27.17 50.71 -49.43
CA TRP X 755 26.65 51.94 -49.95
C TRP X 755 25.40 52.20 -49.19
N PHE X 756 24.80 51.16 -48.56
CA PHE X 756 23.72 51.33 -47.65
C PHE X 756 24.28 51.78 -46.33
N LEU X 757 25.55 51.40 -46.05
CA LEU X 757 26.33 51.85 -44.93
C LEU X 757 26.58 53.34 -44.97
N VAL X 758 26.97 53.85 -46.16
CA VAL X 758 27.32 55.22 -46.45
C VAL X 758 26.15 56.13 -46.23
N GLN X 759 24.93 55.67 -46.61
CA GLN X 759 23.74 56.49 -46.63
C GLN X 759 22.98 56.31 -45.35
N MET X 760 23.52 55.53 -44.39
CA MET X 760 23.02 55.46 -43.04
C MET X 760 24.02 56.14 -42.14
N LEU X 761 25.13 56.64 -42.68
CA LEU X 761 26.11 57.41 -41.95
C LEU X 761 26.07 58.82 -42.48
N ALA X 762 24.96 59.21 -43.14
CA ALA X 762 24.85 60.52 -43.71
C ALA X 762 23.41 60.94 -43.61
N HIS X 763 22.61 60.27 -42.75
CA HIS X 763 21.19 60.46 -42.71
C HIS X 763 20.68 59.78 -41.45
N TYR X 764 21.57 59.63 -40.46
CA TYR X 764 21.26 58.95 -39.24
C TYR X 764 22.53 59.13 -38.45
N ASN X 765 23.68 58.78 -39.08
CA ASN X 765 25.01 58.96 -38.57
C ASN X 765 25.35 57.83 -37.65
N ILE X 766 24.67 56.67 -37.82
CA ILE X 766 24.91 55.48 -37.04
C ILE X 766 24.73 54.35 -38.01
N GLY X 767 25.65 53.36 -37.93
CA GLY X 767 25.72 52.25 -38.83
C GLY X 767 26.78 51.32 -38.33
N TYR X 768 27.58 51.77 -37.33
CA TYR X 768 28.58 50.96 -36.69
C TYR X 768 28.06 50.36 -35.42
N GLN X 769 26.83 50.72 -35.01
CA GLN X 769 26.24 50.26 -33.78
C GLN X 769 25.01 49.47 -34.15
N GLY X 770 24.87 49.11 -35.44
CA GLY X 770 23.76 48.36 -35.96
C GLY X 770 22.93 49.28 -36.76
N PHE X 771 21.91 48.73 -37.43
CA PHE X 771 21.05 49.47 -38.32
C PHE X 771 19.69 49.42 -37.72
N TYR X 772 19.03 50.59 -37.64
CA TYR X 772 17.76 50.78 -36.99
C TYR X 772 17.06 51.78 -37.82
N VAL X 773 15.77 52.03 -37.54
CA VAL X 773 15.04 53.14 -38.10
C VAL X 773 15.62 54.41 -37.48
N PRO X 774 15.93 55.46 -38.23
CA PRO X 774 16.64 56.62 -37.76
C PRO X 774 15.76 57.61 -37.06
N GLU X 775 14.76 57.16 -36.27
CA GLU X 775 13.82 58.00 -35.56
C GLU X 775 13.02 58.83 -36.54
N GLY X 776 12.52 60.02 -36.12
CA GLY X 776 11.55 60.77 -36.86
C GLY X 776 11.96 62.20 -36.98
N TYR X 777 13.02 62.62 -36.26
CA TYR X 777 13.45 63.99 -36.26
C TYR X 777 14.72 64.11 -37.05
N LYS X 778 15.32 62.97 -37.46
CA LYS X 778 16.44 62.94 -38.37
C LYS X 778 15.97 62.32 -39.64
N ASP X 779 14.69 61.91 -39.69
CA ASP X 779 14.08 61.35 -40.86
C ASP X 779 13.13 62.41 -41.30
N ARG X 780 13.44 63.07 -42.43
CA ARG X 780 12.71 64.20 -42.93
C ARG X 780 12.21 63.70 -44.26
N MET X 781 11.78 64.62 -45.14
CA MET X 781 11.13 64.27 -46.37
C MET X 781 12.10 64.26 -47.51
N TYR X 782 13.38 64.61 -47.24
CA TYR X 782 14.46 64.56 -48.19
C TYR X 782 15.55 63.73 -47.56
N SER X 783 15.18 62.69 -46.78
CA SER X 783 16.10 61.84 -46.08
C SER X 783 16.06 60.50 -46.77
N PHE X 784 17.20 59.76 -46.73
CA PHE X 784 17.38 58.48 -47.38
C PHE X 784 16.38 57.44 -46.94
N PHE X 785 16.19 57.27 -45.63
CA PHE X 785 15.37 56.21 -45.08
C PHE X 785 13.92 56.35 -45.45
N ARG X 786 13.42 57.60 -45.47
CA ARG X 786 12.05 57.93 -45.78
C ARG X 786 11.64 57.47 -47.16
N ASN X 787 12.57 57.60 -48.13
CA ASN X 787 12.26 57.53 -49.53
C ASN X 787 12.86 56.30 -50.16
N PHE X 788 13.53 55.43 -49.38
CA PHE X 788 14.12 54.19 -49.84
C PHE X 788 13.04 53.14 -49.95
N GLN X 789 12.90 52.53 -51.15
CA GLN X 789 11.80 51.68 -51.55
C GLN X 789 12.28 50.40 -52.19
N PRO X 790 12.93 49.43 -51.57
CA PRO X 790 13.24 48.14 -52.16
C PRO X 790 12.03 47.37 -52.63
N MET X 791 12.13 46.60 -53.74
CA MET X 791 10.99 45.96 -54.35
C MET X 791 11.46 44.78 -55.16
N SER X 792 10.54 43.84 -55.48
CA SER X 792 10.90 42.60 -56.15
C SER X 792 9.66 42.10 -56.85
N ARG X 793 9.86 41.32 -57.94
CA ARG X 793 8.81 40.60 -58.61
C ARG X 793 9.47 39.43 -59.25
N GLN X 794 8.67 38.46 -59.74
CA GLN X 794 9.16 37.34 -60.52
C GLN X 794 8.47 37.45 -61.83
N VAL X 795 9.19 37.08 -62.90
CA VAL X 795 8.70 37.09 -64.24
C VAL X 795 9.12 35.76 -64.79
N VAL X 796 8.47 35.28 -65.87
CA VAL X 796 8.69 34.01 -66.51
C VAL X 796 10.09 33.92 -67.05
N ASP X 797 10.77 32.75 -66.84
CA ASP X 797 12.08 32.49 -67.40
C ASP X 797 11.85 32.16 -68.85
N GLU X 798 12.52 32.88 -69.76
CA GLU X 798 12.25 32.80 -71.16
C GLU X 798 13.16 31.80 -71.81
N VAL X 799 13.98 31.10 -71.01
CA VAL X 799 14.93 30.14 -71.51
C VAL X 799 14.60 28.80 -70.92
N ASN X 800 14.31 28.73 -69.60
CA ASN X 800 14.18 27.46 -68.92
C ASN X 800 12.73 27.09 -68.78
N TYR X 801 11.80 27.94 -69.25
CA TYR X 801 10.42 27.54 -69.39
C TYR X 801 10.37 27.16 -70.83
N LYS X 802 10.02 25.89 -71.10
CA LYS X 802 10.28 25.27 -72.38
C LYS X 802 9.04 25.33 -73.21
N ASP X 803 7.94 25.88 -72.65
CA ASP X 803 6.68 26.04 -73.32
C ASP X 803 6.44 27.52 -73.47
N TYR X 804 7.49 28.35 -73.25
CA TYR X 804 7.44 29.78 -73.40
C TYR X 804 7.16 30.17 -74.82
N GLN X 805 6.22 31.12 -74.99
CA GLN X 805 5.84 31.72 -76.24
C GLN X 805 5.98 33.18 -75.95
N ALA X 806 6.57 33.93 -76.90
CA ALA X 806 6.73 35.36 -76.76
C ALA X 806 5.57 35.99 -77.49
N VAL X 807 4.40 36.06 -76.81
CA VAL X 807 3.19 36.61 -77.37
C VAL X 807 3.27 38.09 -77.16
N THR X 808 3.33 38.88 -78.26
CA THR X 808 3.35 40.31 -78.23
C THR X 808 1.95 40.81 -77.99
N LEU X 809 1.83 42.03 -77.42
CA LEU X 809 0.57 42.65 -77.12
C LEU X 809 -0.14 42.98 -78.40
N ALA X 810 -1.38 42.47 -78.51
CA ALA X 810 -2.35 42.61 -79.58
C ALA X 810 -2.85 41.23 -79.87
N TYR X 811 -2.20 40.21 -79.26
CA TYR X 811 -2.53 38.82 -79.41
C TYR X 811 -2.71 38.29 -78.02
N GLN X 812 -2.74 39.21 -77.04
CA GLN X 812 -2.98 38.97 -75.65
C GLN X 812 -4.43 39.12 -75.36
N HIS X 813 -5.04 38.08 -74.75
CA HIS X 813 -6.46 37.97 -74.50
C HIS X 813 -6.52 37.81 -73.02
N ASN X 814 -7.50 38.47 -72.38
CA ASN X 814 -7.74 38.39 -70.97
C ASN X 814 -8.80 39.44 -70.82
N ASN X 815 -9.99 39.04 -70.33
CA ASN X 815 -11.15 39.86 -70.17
C ASN X 815 -11.87 40.00 -71.47
N SER X 816 -11.64 39.03 -72.39
CA SER X 816 -12.16 39.03 -73.73
C SER X 816 -13.65 39.00 -73.76
N GLY X 817 -14.25 39.86 -74.62
CA GLY X 817 -15.67 39.93 -74.81
C GLY X 817 -16.28 40.84 -73.82
N PHE X 818 -15.46 41.64 -73.10
CA PHE X 818 -15.92 42.42 -71.97
C PHE X 818 -15.02 43.62 -71.91
N VAL X 819 -14.08 43.80 -72.86
CA VAL X 819 -13.18 44.92 -72.90
C VAL X 819 -12.97 45.20 -74.36
N GLY X 820 -12.77 46.48 -74.72
CA GLY X 820 -12.46 46.94 -76.05
C GLY X 820 -11.13 46.42 -76.50
N TYR X 821 -10.91 46.41 -77.83
CA TYR X 821 -9.71 45.89 -78.41
C TYR X 821 -8.76 47.05 -78.57
N LEU X 822 -7.82 47.20 -77.61
CA LEU X 822 -6.72 48.13 -77.66
C LEU X 822 -7.14 49.55 -77.43
N ALA X 823 -8.31 49.77 -76.80
CA ALA X 823 -8.83 51.11 -76.66
C ALA X 823 -9.80 51.07 -75.53
N PRO X 824 -10.09 52.19 -74.87
CA PRO X 824 -11.18 52.30 -73.92
C PRO X 824 -12.44 52.67 -74.65
N THR X 825 -13.03 51.70 -75.37
CA THR X 825 -14.22 51.88 -76.15
C THR X 825 -15.12 50.76 -75.72
N MET X 826 -16.26 50.56 -76.41
CA MET X 826 -17.16 49.46 -76.16
C MET X 826 -16.53 48.13 -76.41
N ARG X 827 -17.06 47.11 -75.70
CA ARG X 827 -16.58 45.76 -75.65
C ARG X 827 -16.51 45.09 -77.00
N GLN X 828 -15.57 44.16 -77.14
CA GLN X 828 -15.28 43.48 -78.37
C GLN X 828 -14.90 42.11 -77.97
N GLY X 829 -15.26 41.10 -78.80
CA GLY X 829 -14.74 39.76 -78.67
C GLY X 829 -15.80 38.88 -78.10
N GLN X 830 -15.35 37.73 -77.57
CA GLN X 830 -16.22 36.72 -77.00
C GLN X 830 -15.59 36.23 -75.73
N PRO X 831 -16.37 35.70 -74.78
CA PRO X 831 -15.89 34.86 -73.69
C PRO X 831 -14.99 33.73 -74.13
N TYR X 832 -13.76 33.62 -73.58
CA TYR X 832 -12.86 32.58 -74.00
C TYR X 832 -11.81 32.54 -72.90
N PRO X 833 -11.06 31.47 -72.65
CA PRO X 833 -9.87 31.47 -71.81
C PRO X 833 -8.88 32.56 -72.12
N ALA X 834 -8.21 33.12 -71.09
CA ALA X 834 -7.16 34.08 -71.24
C ALA X 834 -5.91 33.35 -71.64
N ASN X 835 -4.85 34.06 -72.05
CA ASN X 835 -3.66 33.41 -72.53
C ASN X 835 -2.52 34.35 -72.34
N TYR X 836 -2.73 35.49 -71.67
CA TYR X 836 -1.71 36.47 -71.50
C TYR X 836 -0.89 36.16 -70.28
N PRO X 837 -1.19 36.60 -69.05
CA PRO X 837 -0.30 36.37 -67.92
C PRO X 837 -0.09 34.91 -67.68
N TYR X 838 1.14 34.49 -67.35
CA TYR X 838 1.45 33.12 -67.07
C TYR X 838 1.23 32.96 -65.59
N PRO X 839 0.59 31.93 -65.06
CA PRO X 839 0.59 31.61 -63.64
C PRO X 839 1.98 31.46 -63.10
N LEU X 840 2.24 32.04 -61.92
CA LEU X 840 3.50 31.94 -61.26
C LEU X 840 3.24 31.37 -59.90
N ILE X 841 1.97 31.05 -59.52
CA ILE X 841 1.63 30.72 -58.15
C ILE X 841 0.81 29.48 -58.05
N GLY X 842 0.23 28.98 -59.16
CA GLY X 842 -0.67 27.84 -59.12
C GLY X 842 0.06 26.55 -58.93
N LYS X 843 -0.55 25.44 -59.38
CA LYS X 843 0.08 24.14 -59.41
C LYS X 843 0.54 23.95 -60.84
N SER X 844 0.30 24.97 -61.69
CA SER X 844 0.67 25.03 -63.08
C SER X 844 1.63 26.18 -63.23
N ALA X 845 2.29 26.59 -62.13
CA ALA X 845 3.22 27.69 -62.10
C ALA X 845 4.39 27.42 -62.99
N VAL X 846 4.85 28.47 -63.70
CA VAL X 846 5.88 28.36 -64.70
C VAL X 846 7.20 28.60 -64.03
N THR X 847 8.31 28.30 -64.73
CA THR X 847 9.68 28.57 -64.31
C THR X 847 9.85 30.05 -64.20
N SER X 848 10.63 30.55 -63.20
CA SER X 848 10.67 31.97 -62.96
C SER X 848 12.08 32.36 -62.68
N VAL X 849 12.32 33.67 -62.87
CA VAL X 849 13.52 34.41 -62.58
C VAL X 849 13.06 35.60 -61.80
N THR X 850 13.97 36.27 -61.06
CA THR X 850 13.65 37.28 -60.09
C THR X 850 14.31 38.54 -60.54
N GLN X 851 13.59 39.67 -60.45
CA GLN X 851 14.08 41.00 -60.74
C GLN X 851 13.96 41.69 -59.43
N LYS X 852 14.95 42.55 -59.09
CA LYS X 852 14.90 43.34 -57.90
C LYS X 852 15.47 44.66 -58.24
N LYS X 853 14.82 45.75 -57.78
CA LYS X 853 15.31 47.08 -57.93
C LYS X 853 14.96 47.81 -56.66
N PHE X 854 15.07 49.14 -56.70
CA PHE X 854 14.67 50.01 -55.63
C PHE X 854 14.41 51.31 -56.34
N LEU X 855 13.84 52.30 -55.61
CA LEU X 855 13.71 53.64 -56.11
C LEU X 855 14.13 54.50 -54.97
N CYS X 856 14.55 55.74 -55.28
CA CYS X 856 14.86 56.69 -54.26
C CYS X 856 14.53 57.98 -54.94
N ASP X 857 13.61 58.76 -54.34
CA ASP X 857 13.11 59.96 -54.92
C ASP X 857 13.23 61.01 -53.87
N ARG X 858 13.55 62.25 -54.31
CA ARG X 858 13.58 63.43 -53.50
C ARG X 858 14.78 63.46 -52.60
N VAL X 859 15.79 62.63 -52.89
CA VAL X 859 16.93 62.53 -52.05
C VAL X 859 18.05 62.41 -53.01
N MET X 860 19.08 63.26 -52.83
CA MET X 860 20.30 63.18 -53.58
C MET X 860 21.15 62.18 -52.86
N TRP X 861 21.96 61.42 -53.61
CA TRP X 861 23.03 60.61 -53.08
C TRP X 861 24.04 61.49 -52.44
N ARG X 862 24.72 60.99 -51.39
CA ARG X 862 25.59 61.79 -50.56
C ARG X 862 26.80 60.97 -50.26
N ILE X 863 27.99 61.59 -50.32
CA ILE X 863 29.19 60.95 -49.87
C ILE X 863 29.78 62.08 -49.07
N PRO X 864 30.10 61.93 -47.80
CA PRO X 864 30.63 63.01 -47.00
C PRO X 864 32.12 62.93 -47.10
N PHE X 865 32.84 64.00 -46.72
CA PHE X 865 34.27 64.07 -46.84
C PHE X 865 34.84 63.91 -45.46
N SER X 866 34.67 62.70 -44.89
CA SER X 866 35.07 62.36 -43.55
C SER X 866 35.75 61.04 -43.71
N SER X 867 36.60 60.68 -42.73
CA SER X 867 37.33 59.43 -42.73
C SER X 867 36.50 58.25 -42.28
N ASN X 868 35.45 58.50 -41.48
CA ASN X 868 34.57 57.48 -40.98
C ASN X 868 33.22 57.60 -41.62
N PHE X 869 33.10 58.49 -42.63
CA PHE X 869 31.92 58.75 -43.41
C PHE X 869 30.77 59.26 -42.60
N MET X 870 30.99 59.90 -41.43
CA MET X 870 29.90 60.49 -40.69
C MET X 870 30.33 61.79 -40.13
N SER X 871 29.41 62.77 -40.26
CA SER X 871 29.50 64.10 -39.74
C SER X 871 29.45 64.11 -38.24
N MET X 872 30.11 65.13 -37.65
CA MET X 872 30.30 65.28 -36.25
C MET X 872 30.97 66.61 -36.08
N GLY X 873 30.60 67.55 -36.98
CA GLY X 873 31.06 68.90 -37.02
C GLY X 873 30.99 69.24 -38.47
N ALA X 874 30.55 70.49 -38.78
CA ALA X 874 30.40 71.00 -40.13
C ALA X 874 31.70 71.04 -40.87
N LEU X 875 32.77 71.48 -40.19
CA LEU X 875 34.10 71.47 -40.70
C LEU X 875 34.64 70.10 -40.41
N THR X 876 34.86 69.30 -41.48
CA THR X 876 35.19 67.90 -41.40
C THR X 876 36.64 67.73 -41.11
N ASP X 877 37.08 66.48 -40.83
CA ASP X 877 38.40 66.16 -40.34
C ASP X 877 39.40 66.24 -41.47
N LEU X 878 38.92 66.12 -42.72
CA LEU X 878 39.74 66.20 -43.91
C LEU X 878 39.60 67.55 -44.56
N GLY X 879 38.78 68.46 -43.99
CA GLY X 879 38.72 69.84 -44.40
C GLY X 879 39.65 70.66 -43.58
N GLN X 880 40.31 70.03 -42.58
CA GLN X 880 41.25 70.67 -41.71
C GLN X 880 42.64 70.20 -42.03
N ASN X 881 42.82 69.54 -43.19
CA ASN X 881 44.12 69.11 -43.66
C ASN X 881 44.63 70.03 -44.74
N MET X 882 43.89 71.10 -45.11
CA MET X 882 44.38 72.10 -46.02
C MET X 882 43.98 73.41 -45.42
N LEU X 883 43.82 73.44 -44.08
CA LEU X 883 43.46 74.61 -43.34
C LEU X 883 44.55 74.81 -42.34
N TYR X 884 45.75 75.11 -42.87
CA TYR X 884 46.89 75.49 -42.07
C TYR X 884 47.97 75.93 -43.03
N ALA X 885 47.73 75.75 -44.33
CA ALA X 885 48.69 75.97 -45.38
C ALA X 885 48.04 75.29 -46.53
N ASN X 886 47.68 76.08 -47.56
CA ASN X 886 46.97 75.65 -48.74
C ASN X 886 47.73 74.64 -49.56
N SER X 887 46.97 73.68 -50.13
CA SER X 887 47.43 72.61 -50.96
C SER X 887 46.40 72.53 -52.04
N ALA X 888 46.84 72.31 -53.30
CA ALA X 888 46.00 72.27 -54.45
C ALA X 888 46.07 70.93 -55.09
N HIS X 889 44.93 70.39 -55.55
CA HIS X 889 44.92 69.09 -56.19
C HIS X 889 43.79 69.20 -57.17
N ALA X 890 43.82 68.32 -58.20
CA ALA X 890 42.76 68.07 -59.14
C ALA X 890 41.83 67.06 -58.56
N LEU X 891 40.53 67.14 -58.87
CA LEU X 891 39.57 66.15 -58.44
C LEU X 891 39.03 65.57 -59.72
N ASP X 892 38.95 64.23 -59.82
CA ASP X 892 38.41 63.54 -60.96
C ASP X 892 37.41 62.55 -60.42
N MET X 893 36.16 62.56 -60.91
CA MET X 893 35.12 61.66 -60.53
C MET X 893 34.60 61.00 -61.77
N ASN X 894 34.55 59.65 -61.82
CA ASN X 894 34.09 58.93 -62.98
C ASN X 894 32.87 58.19 -62.54
N PHE X 895 31.70 58.49 -63.13
CA PHE X 895 30.45 57.91 -62.76
C PHE X 895 30.14 56.88 -63.80
N GLU X 896 29.27 55.92 -63.43
CA GLU X 896 28.74 54.91 -64.29
C GLU X 896 27.27 54.98 -64.05
N VAL X 897 26.47 55.11 -65.12
CA VAL X 897 25.06 55.30 -65.05
C VAL X 897 24.48 54.32 -66.01
N ASP X 898 23.17 54.06 -65.89
CA ASP X 898 22.41 53.19 -66.76
C ASP X 898 22.22 53.98 -68.02
N PRO X 899 22.15 53.40 -69.21
CA PRO X 899 21.75 54.11 -70.41
C PRO X 899 20.33 54.63 -70.31
N MET X 900 20.06 55.77 -70.99
CA MET X 900 18.74 56.32 -71.10
C MET X 900 18.68 56.93 -72.46
N ASP X 901 17.54 56.76 -73.16
CA ASP X 901 17.30 57.26 -74.50
C ASP X 901 17.38 58.77 -74.54
N GLU X 902 16.77 59.43 -73.52
CA GLU X 902 16.78 60.85 -73.34
C GLU X 902 18.16 61.34 -73.01
N SER X 903 18.50 62.57 -73.47
CA SER X 903 19.69 63.27 -73.02
C SER X 903 19.42 63.71 -71.62
N THR X 904 20.43 63.61 -70.73
CA THR X 904 20.24 63.82 -69.32
C THR X 904 21.40 64.61 -68.86
N LEU X 905 21.33 65.13 -67.62
CA LEU X 905 22.35 65.90 -66.99
C LEU X 905 22.72 65.18 -65.74
N LEU X 906 23.92 65.46 -65.22
CA LEU X 906 24.38 64.94 -63.97
C LEU X 906 24.71 66.15 -63.18
N TYR X 907 24.01 66.32 -62.05
CA TYR X 907 24.10 67.45 -61.18
C TYR X 907 24.94 67.00 -60.04
N VAL X 908 26.17 67.53 -59.92
CA VAL X 908 27.08 67.25 -58.85
C VAL X 908 27.12 68.53 -58.08
N VAL X 909 26.72 68.40 -56.81
CA VAL X 909 26.72 69.42 -55.79
C VAL X 909 28.05 69.21 -55.10
N PHE X 910 28.83 70.27 -54.88
CA PHE X 910 30.08 70.21 -54.16
C PHE X 910 29.81 71.02 -52.94
N GLU X 911 29.75 70.39 -51.75
CA GLU X 911 29.38 71.07 -50.54
C GLU X 911 30.57 71.76 -49.96
N VAL X 912 30.45 73.09 -49.79
CA VAL X 912 31.52 73.98 -49.43
C VAL X 912 31.03 74.78 -48.25
N PHE X 913 31.62 75.96 -48.00
CA PHE X 913 31.17 76.95 -47.06
C PHE X 913 30.87 78.17 -47.86
N ASP X 914 29.63 78.70 -47.75
CA ASP X 914 29.16 79.94 -48.34
C ASP X 914 28.83 80.75 -47.15
N VAL X 915 29.58 81.84 -46.89
CA VAL X 915 29.43 82.59 -45.67
C VAL X 915 29.57 84.01 -46.08
N VAL X 916 28.63 84.87 -45.64
CA VAL X 916 28.60 86.28 -45.92
C VAL X 916 28.61 86.91 -44.56
N ARG X 917 29.29 88.05 -44.40
CA ARG X 917 29.34 88.74 -43.13
C ARG X 917 29.03 90.15 -43.48
N VAL X 918 27.86 90.63 -43.01
CA VAL X 918 27.29 91.91 -43.32
C VAL X 918 27.63 92.82 -42.19
N HIS X 919 28.30 93.95 -42.52
CA HIS X 919 28.73 94.93 -41.57
C HIS X 919 28.07 96.21 -41.93
N GLN X 920 27.54 96.96 -40.93
CA GLN X 920 27.03 98.28 -41.15
C GLN X 920 27.88 99.13 -40.24
N PRO X 921 28.81 99.95 -40.73
CA PRO X 921 29.65 100.77 -39.91
C PRO X 921 28.91 101.97 -39.42
N HIS X 922 27.97 102.48 -40.24
CA HIS X 922 27.41 103.79 -40.12
C HIS X 922 26.02 103.64 -40.69
N ARG X 923 25.13 104.63 -40.47
CA ARG X 923 23.79 104.53 -40.97
C ARG X 923 23.70 104.91 -42.41
N GLY X 924 22.94 104.09 -43.17
CA GLY X 924 22.72 104.25 -44.58
C GLY X 924 23.90 103.73 -45.33
N VAL X 925 24.70 102.86 -44.66
CA VAL X 925 25.89 102.28 -45.23
C VAL X 925 25.76 100.87 -44.79
N ILE X 926 25.95 99.94 -45.74
CA ILE X 926 25.83 98.54 -45.52
C ILE X 926 26.81 97.97 -46.49
N GLU X 927 27.47 96.88 -46.10
CA GLU X 927 28.55 96.33 -46.85
C GLU X 927 28.46 94.87 -46.52
N ALA X 928 29.20 94.04 -47.27
CA ALA X 928 29.26 92.65 -46.98
C ALA X 928 30.56 92.19 -47.50
N VAL X 929 31.08 91.12 -46.88
CA VAL X 929 32.28 90.46 -47.27
C VAL X 929 31.68 89.13 -47.58
N TYR X 930 32.09 88.47 -48.68
CA TYR X 930 31.57 87.18 -49.00
C TYR X 930 32.79 86.31 -49.11
N LEU X 931 32.61 85.00 -48.85
CA LEU X 931 33.65 84.02 -48.91
C LEU X 931 33.03 82.77 -49.41
N ARG X 932 33.75 82.07 -50.30
CA ARG X 932 33.46 80.70 -50.60
C ARG X 932 34.86 80.19 -50.72
N THR X 933 35.14 78.98 -50.17
CA THR X 933 36.53 78.61 -49.90
C THR X 933 37.04 77.66 -50.95
N PRO X 934 36.48 76.49 -51.29
CA PRO X 934 37.10 75.57 -52.23
C PRO X 934 36.99 76.09 -53.63
N PHE X 935 35.92 76.87 -53.92
CA PHE X 935 35.76 77.55 -55.18
C PHE X 935 35.72 78.99 -54.80
N SER X 936 36.82 79.73 -55.06
CA SER X 936 37.05 81.05 -54.51
C SER X 936 36.08 82.06 -55.05
N ALA X 937 35.60 82.97 -54.17
CA ALA X 937 34.59 83.92 -54.55
C ALA X 937 34.53 84.98 -53.49
N GLY X 938 33.79 86.07 -53.78
CA GLY X 938 33.53 87.19 -52.90
C GLY X 938 34.71 88.02 -52.52
N ASN X 939 34.50 88.77 -51.40
CA ASN X 939 35.37 89.70 -50.75
C ASN X 939 34.97 91.09 -51.13
N ALA X 940 33.63 91.34 -51.15
CA ALA X 940 33.00 92.59 -51.52
C ALA X 940 33.10 92.81 -53.00
N THR X 941 32.53 91.86 -53.79
CA THR X 941 32.73 91.78 -55.21
C THR X 941 31.59 92.45 -55.94
N THR X 942 30.59 93.01 -55.20
CA THR X 942 29.47 93.77 -55.70
C THR X 942 28.62 92.93 -56.69
N ILE Y 51 45.97 89.76 -50.96
CA ILE Y 51 46.36 89.22 -52.30
C ILE Y 51 45.41 89.68 -53.37
N ARG Y 52 45.78 89.44 -54.66
CA ARG Y 52 45.00 89.90 -55.79
C ARG Y 52 44.31 88.74 -56.47
N TYR Y 53 44.74 87.50 -56.20
CA TYR Y 53 43.97 86.34 -56.60
C TYR Y 53 44.52 85.23 -55.74
N SER Y 54 43.76 84.13 -55.58
CA SER Y 54 44.08 83.05 -54.66
C SER Y 54 44.45 81.82 -55.44
N GLU Y 55 44.38 81.87 -56.79
CA GLU Y 55 44.75 80.77 -57.65
C GLU Y 55 45.84 81.24 -58.58
N LEU Y 56 46.46 82.40 -58.28
CA LEU Y 56 47.57 82.91 -59.04
C LEU Y 56 48.30 83.78 -58.05
N ALA Y 57 49.61 84.05 -58.30
CA ALA Y 57 50.43 84.93 -57.49
C ALA Y 57 49.88 86.33 -57.50
N PRO Y 58 49.90 87.10 -56.41
CA PRO Y 58 49.59 88.53 -56.41
C PRO Y 58 50.50 89.31 -57.33
N LEU Y 59 49.94 90.35 -57.99
CA LEU Y 59 50.67 91.19 -58.90
C LEU Y 59 50.54 92.57 -58.34
N TYR Y 60 51.56 93.41 -58.59
CA TYR Y 60 51.67 94.73 -58.03
C TYR Y 60 51.93 95.63 -59.18
N ASP Y 61 51.63 96.93 -59.00
CA ASP Y 61 51.63 97.96 -60.04
C ASP Y 61 50.59 97.64 -61.10
N THR Y 62 50.77 98.18 -62.33
CA THR Y 62 49.85 98.10 -63.44
C THR Y 62 49.67 96.66 -63.88
N THR Y 63 48.42 96.30 -64.25
CA THR Y 63 48.05 94.98 -64.68
C THR Y 63 46.94 95.24 -65.67
N ARG Y 64 46.53 94.20 -66.43
CA ARG Y 64 45.61 94.34 -67.53
C ARG Y 64 44.42 93.50 -67.18
N LEU Y 65 43.24 93.88 -67.73
CA LEU Y 65 42.03 93.12 -67.72
C LEU Y 65 41.48 93.30 -69.10
N TYR Y 66 40.58 92.38 -69.55
CA TYR Y 66 40.01 92.48 -70.87
C TYR Y 66 38.59 91.99 -70.78
N LEU Y 67 37.71 92.66 -71.55
CA LEU Y 67 36.35 92.28 -71.81
C LEU Y 67 36.35 92.09 -73.30
N VAL Y 68 36.15 90.83 -73.76
CA VAL Y 68 36.27 90.49 -75.15
C VAL Y 68 34.94 89.95 -75.53
N ASP Y 69 34.48 90.29 -76.76
CA ASP Y 69 33.17 89.95 -77.27
C ASP Y 69 33.26 88.68 -78.08
N ASN Y 70 34.37 87.92 -77.89
CA ASN Y 70 34.72 86.75 -78.63
C ASN Y 70 34.31 85.53 -77.84
N LYS Y 71 33.64 85.74 -76.67
CA LYS Y 71 33.11 84.68 -75.86
C LYS Y 71 31.65 84.66 -76.24
N SER Y 72 31.27 83.60 -77.00
CA SER Y 72 29.93 83.46 -77.53
C SER Y 72 29.54 82.01 -77.45
N ALA Y 73 30.11 81.29 -76.47
CA ALA Y 73 29.91 79.88 -76.31
C ALA Y 73 30.52 79.49 -74.99
N ASP Y 74 31.12 80.47 -74.27
CA ASP Y 74 31.67 80.29 -72.95
C ASP Y 74 30.90 81.14 -71.98
N ILE Y 75 29.87 81.90 -72.46
CA ILE Y 75 29.18 82.85 -71.62
C ILE Y 75 27.88 83.19 -72.31
N ALA Y 76 27.54 82.47 -73.40
CA ALA Y 76 26.38 82.74 -74.21
C ALA Y 76 25.19 81.93 -73.79
N SER Y 77 25.25 81.29 -72.61
CA SER Y 77 24.10 80.69 -71.99
C SER Y 77 23.56 81.66 -70.96
N LEU Y 78 24.22 82.84 -70.84
CA LEU Y 78 23.76 83.93 -70.03
C LEU Y 78 23.23 84.99 -70.97
N ASN Y 79 23.45 84.81 -72.30
CA ASN Y 79 23.01 85.75 -73.32
C ASN Y 79 22.12 84.98 -74.24
N TYR Y 80 20.81 85.33 -74.24
CA TYR Y 80 19.77 84.71 -75.03
C TYR Y 80 18.69 85.77 -75.15
N GLN Y 81 19.08 87.03 -74.88
CA GLN Y 81 18.22 88.18 -74.85
C GLN Y 81 19.10 89.38 -74.63
N ASN Y 82 20.44 89.16 -74.58
CA ASN Y 82 21.44 90.18 -74.49
C ASN Y 82 22.05 90.26 -75.84
N ASP Y 83 21.84 91.40 -76.52
CA ASP Y 83 22.42 91.70 -77.81
C ASP Y 83 23.80 92.24 -77.57
N HIS Y 84 24.55 92.54 -78.65
CA HIS Y 84 25.89 93.03 -78.54
C HIS Y 84 25.83 94.54 -78.41
N SER Y 85 25.64 95.00 -77.16
CA SER Y 85 25.48 96.38 -76.75
C SER Y 85 24.88 96.30 -75.36
N ASN Y 86 24.96 95.12 -74.71
CA ASN Y 86 24.33 94.87 -73.43
C ASN Y 86 24.87 93.55 -72.93
N PHE Y 87 25.85 92.97 -73.66
CA PHE Y 87 26.42 91.66 -73.48
C PHE Y 87 27.15 91.50 -72.17
N LEU Y 88 27.03 90.30 -71.57
CA LEU Y 88 27.77 89.85 -70.41
C LEU Y 88 28.97 89.11 -70.93
N THR Y 89 30.19 89.40 -70.41
CA THR Y 89 31.37 88.64 -70.79
C THR Y 89 32.34 88.63 -69.62
N THR Y 90 33.09 87.51 -69.51
CA THR Y 90 34.06 87.25 -68.48
C THR Y 90 35.22 88.21 -68.52
N VAL Y 91 35.78 88.50 -67.32
CA VAL Y 91 36.98 89.28 -67.16
C VAL Y 91 38.05 88.31 -66.69
N VAL Y 92 37.65 87.07 -66.31
CA VAL Y 92 38.52 85.99 -65.91
C VAL Y 92 38.78 85.22 -67.17
N GLN Y 93 40.06 84.94 -67.47
CA GLN Y 93 40.46 84.38 -68.73
C GLN Y 93 41.51 83.34 -68.46
N ASN Y 94 41.20 82.38 -67.55
CA ASN Y 94 42.11 81.35 -67.11
C ASN Y 94 42.29 80.34 -68.22
N ASN Y 95 43.54 80.22 -68.72
CA ASN Y 95 43.92 79.37 -69.82
C ASN Y 95 43.73 77.91 -69.50
N ASP Y 96 44.02 77.50 -68.25
CA ASP Y 96 44.16 76.11 -67.88
C ASP Y 96 43.05 75.69 -66.93
N PHE Y 97 41.96 76.48 -66.86
CA PHE Y 97 40.78 76.15 -66.09
C PHE Y 97 39.63 76.16 -67.06
N THR Y 98 38.62 75.28 -66.83
CA THR Y 98 37.40 75.19 -67.60
C THR Y 98 36.61 76.49 -67.52
N PRO Y 99 36.14 77.08 -68.62
CA PRO Y 99 35.55 78.42 -68.64
C PRO Y 99 34.21 78.48 -67.94
N THR Y 100 33.46 77.36 -67.93
CA THR Y 100 32.16 77.19 -67.33
C THR Y 100 32.18 77.39 -65.84
N GLU Y 101 33.23 76.87 -65.18
CA GLU Y 101 33.36 76.84 -63.75
C GLU Y 101 34.22 77.99 -63.28
N ALA Y 102 34.72 78.83 -64.22
CA ALA Y 102 35.63 79.90 -63.94
C ALA Y 102 35.03 81.25 -64.23
N SER Y 103 33.68 81.35 -64.30
CA SER Y 103 33.01 82.61 -64.53
C SER Y 103 32.52 83.16 -63.20
N THR Y 104 32.87 82.50 -62.07
CA THR Y 104 32.40 82.84 -60.76
C THR Y 104 33.58 83.17 -59.87
N GLN Y 105 34.80 83.27 -60.45
CA GLN Y 105 36.02 83.60 -59.75
C GLN Y 105 36.11 85.10 -59.61
N THR Y 106 36.87 85.59 -58.60
CA THR Y 106 36.90 87.00 -58.26
C THR Y 106 38.32 87.49 -58.29
N ILE Y 107 38.52 88.72 -58.82
CA ILE Y 107 39.80 89.38 -58.90
C ILE Y 107 39.79 90.38 -57.78
N ASN Y 108 40.60 90.11 -56.74
CA ASN Y 108 40.73 90.91 -55.55
C ASN Y 108 41.69 92.05 -55.79
N PHE Y 109 41.48 93.19 -55.09
CA PHE Y 109 42.37 94.32 -55.11
C PHE Y 109 42.44 94.75 -53.69
N ASP Y 110 43.67 94.87 -53.13
CA ASP Y 110 43.88 95.22 -51.74
C ASP Y 110 43.57 96.68 -51.55
N GLU Y 111 43.21 97.04 -50.30
CA GLU Y 111 42.84 98.39 -49.92
C GLU Y 111 44.05 99.12 -49.37
N ARG Y 112 45.27 98.76 -49.84
CA ARG Y 112 46.47 99.52 -49.67
C ARG Y 112 46.35 100.88 -50.32
N SER Y 113 45.84 100.88 -51.58
CA SER Y 113 45.60 102.08 -52.35
C SER Y 113 44.31 101.90 -53.04
N ARG Y 114 43.69 103.04 -53.47
CA ARG Y 114 42.58 103.05 -54.39
C ARG Y 114 43.07 102.64 -55.73
N TRP Y 115 42.21 101.98 -56.52
CA TRP Y 115 42.51 101.45 -57.82
C TRP Y 115 41.49 102.02 -58.75
N GLY Y 116 41.91 102.33 -60.00
CA GLY Y 116 41.00 102.78 -61.01
C GLY Y 116 41.58 102.33 -62.30
N GLY Y 117 40.69 101.70 -63.11
CA GLY Y 117 40.92 101.20 -64.43
C GLY Y 117 41.10 102.31 -65.39
N GLN Y 118 41.68 102.03 -66.58
CA GLN Y 118 41.82 103.02 -67.62
C GLN Y 118 41.09 102.43 -68.77
N LEU Y 119 39.91 103.03 -69.05
CA LEU Y 119 39.01 102.63 -70.10
C LEU Y 119 39.61 102.94 -71.44
N LYS Y 120 39.42 102.03 -72.41
CA LYS Y 120 39.81 102.21 -73.78
C LYS Y 120 38.76 101.39 -74.45
N THR Y 121 38.28 101.86 -75.62
CA THR Y 121 37.20 101.22 -76.30
C THR Y 121 37.56 101.25 -77.74
N ILE Y 122 37.40 100.09 -78.41
CA ILE Y 122 37.58 99.96 -79.83
C ILE Y 122 36.25 99.53 -80.34
N MET Y 123 35.57 100.41 -81.12
CA MET Y 123 34.23 100.18 -81.59
C MET Y 123 34.24 100.30 -83.08
N HIS Y 124 33.64 99.30 -83.77
CA HIS Y 124 33.39 99.32 -85.19
C HIS Y 124 31.92 99.06 -85.37
N THR Y 125 31.22 99.96 -86.10
CA THR Y 125 29.80 99.86 -86.37
C THR Y 125 29.64 99.80 -87.87
N ASN Y 126 28.65 99.00 -88.33
CA ASN Y 126 28.23 98.97 -89.70
C ASN Y 126 26.75 99.18 -89.60
N MET Y 127 26.23 100.26 -90.22
CA MET Y 127 24.82 100.57 -90.19
C MET Y 127 24.51 101.20 -91.52
N PRO Y 128 23.25 101.17 -91.99
CA PRO Y 128 22.87 101.84 -93.22
C PRO Y 128 22.48 103.25 -92.85
N ASN Y 129 22.22 104.13 -93.84
CA ASN Y 129 21.93 105.52 -93.59
C ASN Y 129 20.44 105.77 -93.61
N VAL Y 130 19.62 104.71 -93.82
CA VAL Y 130 18.18 104.80 -93.74
C VAL Y 130 17.84 103.75 -92.73
N ASN Y 131 17.32 104.16 -91.54
CA ASN Y 131 17.23 103.26 -90.43
C ASN Y 131 16.25 103.79 -89.43
N GLU Y 132 15.89 102.91 -88.46
CA GLU Y 132 15.03 103.22 -87.34
C GLU Y 132 15.80 103.95 -86.27
N PHE Y 133 17.15 103.87 -86.29
CA PHE Y 133 18.06 104.40 -85.29
C PHE Y 133 17.94 105.90 -85.16
N MET Y 134 17.84 106.59 -86.32
CA MET Y 134 17.77 108.04 -86.38
C MET Y 134 16.36 108.46 -86.67
N TYR Y 135 15.50 107.53 -87.13
CA TYR Y 135 14.11 107.75 -87.45
C TYR Y 135 14.09 108.35 -88.84
N SER Y 136 15.14 108.04 -89.64
CA SER Y 136 15.42 108.63 -90.92
C SER Y 136 14.89 107.73 -92.02
N ASN Y 137 14.02 106.77 -91.66
CA ASN Y 137 13.38 105.88 -92.60
C ASN Y 137 11.98 106.34 -92.81
N LYS Y 138 11.56 107.47 -92.19
CA LYS Y 138 10.23 107.97 -92.32
C LYS Y 138 10.29 109.46 -92.25
N PHE Y 139 9.44 110.13 -93.07
CA PHE Y 139 9.22 111.55 -92.98
C PHE Y 139 7.75 111.70 -93.20
N LYS Y 140 7.17 112.83 -92.75
CA LYS Y 140 5.75 113.04 -92.75
C LYS Y 140 5.57 114.28 -93.54
N ALA Y 141 4.62 114.28 -94.50
CA ALA Y 141 4.49 115.36 -95.43
C ALA Y 141 3.06 115.50 -95.78
N ARG Y 142 2.60 116.76 -95.90
CA ARG Y 142 1.25 117.08 -96.26
C ARG Y 142 1.14 117.10 -97.75
N VAL Y 143 0.22 116.27 -98.27
CA VAL Y 143 0.08 116.02 -99.68
C VAL Y 143 -1.40 116.17 -99.93
N MET Y 144 -1.78 116.31 -101.23
CA MET Y 144 -3.17 116.29 -101.64
C MET Y 144 -3.66 114.87 -101.57
N VAL Y 145 -4.69 114.60 -100.74
CA VAL Y 145 -5.15 113.25 -100.51
C VAL Y 145 -6.45 112.98 -101.22
N SER Y 146 -7.10 114.01 -101.81
CA SER Y 146 -8.25 113.75 -102.63
C SER Y 146 -8.41 114.97 -103.49
N ARG Y 147 -8.93 114.76 -104.70
CA ARG Y 147 -9.38 115.78 -105.59
C ARG Y 147 -10.56 115.20 -106.30
N LYS Y 148 -11.66 115.97 -106.43
CA LYS Y 148 -12.87 115.48 -107.05
C LYS Y 148 -13.05 116.38 -108.25
N GLN Y 160 -15.49 122.07 -111.17
CA GLN Y 160 -15.59 122.25 -109.75
C GLN Y 160 -14.66 121.26 -109.11
N ASP Y 161 -13.71 121.80 -108.32
CA ASP Y 161 -12.67 121.05 -107.68
C ASP Y 161 -12.85 121.30 -106.21
N ILE Y 162 -12.70 120.21 -105.41
CA ILE Y 162 -12.72 120.30 -103.98
C ILE Y 162 -11.41 119.64 -103.67
N LEU Y 163 -10.61 120.25 -102.78
CA LEU Y 163 -9.26 119.82 -102.51
C LEU Y 163 -9.20 119.43 -101.07
N GLU Y 164 -8.51 118.31 -100.79
CA GLU Y 164 -8.29 117.86 -99.44
C GLU Y 164 -6.81 117.72 -99.32
N TYR Y 165 -6.31 117.90 -98.08
CA TYR Y 165 -4.91 117.82 -97.78
C TYR Y 165 -4.87 117.23 -96.41
N GLU Y 166 -3.87 116.37 -96.14
CA GLU Y 166 -3.71 115.73 -94.86
C GLU Y 166 -2.26 115.35 -94.77
N TRP Y 167 -1.76 115.28 -93.51
CA TRP Y 167 -0.44 114.79 -93.19
C TRP Y 167 -0.45 113.31 -93.35
N VAL Y 168 0.42 112.80 -94.26
CA VAL Y 168 0.48 111.40 -94.62
C VAL Y 168 1.93 111.08 -94.44
N GLU Y 169 2.22 110.15 -93.49
CA GLU Y 169 3.54 109.63 -93.23
C GLU Y 169 3.95 108.77 -94.40
N PHE Y 170 5.28 108.72 -94.66
CA PHE Y 170 5.87 107.99 -95.75
C PHE Y 170 7.01 107.24 -95.15
N GLU Y 171 7.45 106.17 -95.83
CA GLU Y 171 8.52 105.34 -95.36
C GLU Y 171 9.36 104.93 -96.52
N LEU Y 172 10.70 105.09 -96.34
CA LEU Y 172 11.72 104.73 -97.28
C LEU Y 172 12.10 103.32 -96.89
N PRO Y 173 12.30 102.37 -97.79
CA PRO Y 173 12.95 101.11 -97.47
C PRO Y 173 14.34 101.31 -96.92
N GLU Y 174 14.63 100.67 -95.75
CA GLU Y 174 15.90 100.71 -95.08
C GLU Y 174 16.95 100.06 -95.93
N GLY Y 175 18.18 100.60 -95.87
CA GLY Y 175 19.29 100.13 -96.65
C GLY Y 175 19.33 100.92 -97.90
N ASN Y 176 20.40 101.73 -98.06
CA ASN Y 176 20.48 102.67 -99.15
C ASN Y 176 21.93 103.05 -99.21
N PHE Y 177 22.35 103.64 -100.35
CA PHE Y 177 23.72 104.01 -100.60
C PHE Y 177 23.77 105.52 -100.69
N SER Y 178 23.82 106.07 -101.94
CA SER Y 178 24.12 107.45 -102.20
C SER Y 178 23.11 108.44 -101.65
N VAL Y 179 23.58 109.69 -101.47
CA VAL Y 179 22.77 110.85 -101.14
C VAL Y 179 21.78 111.11 -102.25
N THR Y 180 22.19 110.91 -103.53
CA THR Y 180 21.39 111.10 -104.73
C THR Y 180 20.22 110.15 -104.74
N MET Y 181 20.44 108.88 -104.32
CA MET Y 181 19.41 107.87 -104.19
C MET Y 181 18.36 108.22 -103.19
N THR Y 182 18.75 108.80 -102.02
CA THR Y 182 17.83 109.11 -100.95
C THR Y 182 16.77 110.10 -101.38
N ILE Y 183 17.19 111.17 -102.11
CA ILE Y 183 16.32 112.20 -102.62
C ILE Y 183 15.36 111.64 -103.62
N ASP Y 184 15.84 110.73 -104.51
CA ASP Y 184 15.05 110.06 -105.52
C ASP Y 184 13.98 109.18 -104.94
N LEU Y 185 14.27 108.43 -103.84
CA LEU Y 185 13.29 107.54 -103.25
C LEU Y 185 12.28 108.28 -102.42
N MET Y 186 12.63 109.49 -101.91
CA MET Y 186 11.70 110.39 -101.27
C MET Y 186 10.65 110.91 -102.20
N ASN Y 187 11.04 111.25 -103.46
CA ASN Y 187 10.16 111.63 -104.55
C ASN Y 187 9.26 110.49 -104.93
N ASN Y 188 9.82 109.26 -104.99
CA ASN Y 188 9.15 108.08 -105.51
C ASN Y 188 8.13 107.58 -104.53
N ALA Y 189 8.25 107.94 -103.23
CA ALA Y 189 7.29 107.67 -102.20
C ALA Y 189 5.98 108.38 -102.48
N ILE Y 190 6.07 109.63 -102.98
CA ILE Y 190 4.93 110.47 -103.25
C ILE Y 190 4.26 110.05 -104.55
N ILE Y 191 5.00 109.35 -105.46
CA ILE Y 191 4.51 109.01 -106.78
C ILE Y 191 3.99 107.59 -106.69
N ASP Y 192 4.20 106.92 -105.53
CA ASP Y 192 3.59 105.65 -105.21
C ASP Y 192 2.41 105.90 -104.32
N ASN Y 193 2.17 107.19 -103.97
CA ASN Y 193 0.97 107.62 -103.30
C ASN Y 193 0.06 108.23 -104.35
N TYR Y 194 0.55 108.47 -105.57
CA TYR Y 194 -0.29 108.72 -106.72
C TYR Y 194 -0.89 107.39 -107.22
N LEU Y 195 -0.21 106.25 -107.02
CA LEU Y 195 -0.68 104.96 -107.46
C LEU Y 195 -1.62 104.44 -106.39
N ALA Y 196 -1.75 105.18 -105.26
CA ALA Y 196 -2.64 104.86 -104.19
C ALA Y 196 -3.89 105.68 -104.37
N VAL Y 197 -3.90 106.93 -103.85
CA VAL Y 197 -5.10 107.74 -103.78
C VAL Y 197 -5.16 108.72 -104.92
N GLY Y 198 -4.14 108.73 -105.81
CA GLY Y 198 -4.09 109.65 -106.92
C GLY Y 198 -4.86 109.14 -108.10
N ARG Y 199 -4.87 107.80 -108.30
CA ARG Y 199 -5.52 107.17 -109.44
C ARG Y 199 -6.82 106.55 -109.01
N GLN Y 200 -7.16 106.64 -107.69
CA GLN Y 200 -8.42 106.20 -107.17
C GLN Y 200 -9.28 107.38 -106.81
N ASN Y 201 -8.83 108.63 -107.11
CA ASN Y 201 -9.63 109.82 -106.94
C ASN Y 201 -9.56 110.56 -108.25
N GLY Y 202 -8.88 111.72 -108.28
CA GLY Y 202 -8.82 112.53 -109.47
C GLY Y 202 -7.78 113.59 -109.31
N VAL Y 203 -6.70 113.33 -108.55
CA VAL Y 203 -5.59 114.26 -108.35
C VAL Y 203 -4.85 114.50 -109.67
N LEU Y 204 -4.58 115.74 -110.04
CA LEU Y 204 -3.92 116.08 -111.31
C LEU Y 204 -2.40 115.90 -111.20
N GLU Y 205 -1.73 115.41 -112.25
CA GLU Y 205 -0.27 115.17 -112.21
C GLU Y 205 0.58 116.46 -112.15
N SER Y 206 -0.05 117.64 -112.23
CA SER Y 206 0.56 118.94 -111.86
C SER Y 206 0.76 119.11 -110.35
N ASP Y 207 0.12 118.27 -109.53
CA ASP Y 207 0.03 118.40 -108.08
C ASP Y 207 0.50 117.09 -107.43
N ILE Y 208 1.16 117.20 -106.27
CA ILE Y 208 1.93 116.09 -105.75
C ILE Y 208 2.18 116.40 -104.30
N GLY Y 209 1.99 117.67 -103.86
CA GLY Y 209 2.19 118.09 -102.49
C GLY Y 209 3.60 118.52 -102.25
N VAL Y 210 4.53 117.54 -102.20
CA VAL Y 210 5.92 117.76 -101.87
C VAL Y 210 6.75 117.18 -102.96
N LYS Y 211 7.86 117.87 -103.29
CA LYS Y 211 8.79 117.45 -104.30
C LYS Y 211 10.10 117.95 -103.77
N PHE Y 212 11.19 117.18 -104.01
CA PHE Y 212 12.51 117.53 -103.56
C PHE Y 212 13.40 117.57 -104.75
N ASP Y 213 13.97 118.77 -105.02
CA ASP Y 213 14.79 119.03 -106.18
C ASP Y 213 16.14 119.44 -105.64
N THR Y 214 17.02 119.98 -106.51
CA THR Y 214 18.30 120.54 -106.13
C THR Y 214 18.51 121.80 -106.95
N ARG Y 215 17.63 122.01 -107.96
CA ARG Y 215 17.67 123.06 -108.95
C ARG Y 215 17.57 124.46 -108.41
N ASN Y 216 18.17 125.40 -109.18
CA ASN Y 216 18.12 126.83 -108.97
C ASN Y 216 17.46 127.32 -110.23
N PHE Y 217 16.46 128.22 -110.10
CA PHE Y 217 15.56 128.54 -111.18
C PHE Y 217 15.70 129.98 -111.60
N ARG Y 218 16.77 130.70 -111.25
CA ARG Y 218 16.99 132.11 -111.65
C ARG Y 218 18.33 132.31 -112.36
N LEU Y 219 18.69 131.37 -113.25
CA LEU Y 219 19.89 131.49 -114.06
C LEU Y 219 19.40 131.70 -115.45
N GLY Y 220 19.97 132.71 -116.15
CA GLY Y 220 19.51 133.15 -117.44
C GLY Y 220 18.20 133.86 -117.30
N TRP Y 221 18.06 134.63 -116.21
CA TRP Y 221 16.82 135.23 -115.78
C TRP Y 221 17.05 136.72 -115.77
N ASP Y 222 16.09 137.44 -116.37
CA ASP Y 222 16.06 138.89 -116.52
C ASP Y 222 15.26 139.52 -115.35
N PRO Y 223 15.84 140.44 -114.54
CA PRO Y 223 15.12 140.96 -113.40
C PRO Y 223 13.90 141.74 -113.80
N VAL Y 224 13.95 142.45 -114.93
CA VAL Y 224 12.90 143.37 -115.41
C VAL Y 224 11.71 142.61 -116.00
N THR Y 225 11.96 141.41 -116.54
CA THR Y 225 10.98 140.55 -117.20
C THR Y 225 11.20 139.11 -116.71
N GLU Y 226 10.59 138.75 -115.57
CA GLU Y 226 10.89 137.53 -114.79
C GLU Y 226 10.52 136.18 -115.43
N LEU Y 227 10.74 136.00 -116.73
CA LEU Y 227 10.77 134.70 -117.38
C LEU Y 227 12.19 134.13 -117.36
N VAL Y 228 12.30 132.80 -117.31
CA VAL Y 228 13.55 132.13 -117.54
C VAL Y 228 13.74 132.12 -119.03
N MET Y 229 14.68 132.94 -119.51
CA MET Y 229 14.90 133.22 -120.92
C MET Y 229 15.38 132.04 -121.79
N PRO Y 230 16.17 131.03 -121.34
CA PRO Y 230 16.43 129.90 -122.22
C PRO Y 230 15.23 128.99 -122.38
N GLY Y 231 14.17 129.17 -121.57
CA GLY Y 231 12.95 128.39 -121.64
C GLY Y 231 13.08 126.99 -121.09
N VAL Y 232 14.12 126.77 -120.25
CA VAL Y 232 14.40 125.50 -119.63
C VAL Y 232 15.17 125.87 -118.40
N TYR Y 233 15.08 125.03 -117.37
CA TYR Y 233 15.84 125.20 -116.13
C TYR Y 233 17.19 124.48 -116.23
N THR Y 234 18.24 125.05 -115.63
CA THR Y 234 19.58 124.51 -115.59
C THR Y 234 19.54 123.15 -114.92
N ASN Y 235 20.28 122.18 -115.48
CA ASN Y 235 20.34 120.82 -114.96
C ASN Y 235 21.64 120.65 -114.24
N GLU Y 236 21.75 121.35 -113.10
CA GLU Y 236 22.87 121.27 -112.20
C GLU Y 236 22.27 121.46 -110.85
N ALA Y 237 22.82 120.74 -109.85
CA ALA Y 237 22.49 120.91 -108.47
C ALA Y 237 23.18 122.15 -107.97
N PHE Y 238 22.55 122.85 -107.01
CA PHE Y 238 23.12 124.02 -106.38
C PHE Y 238 22.92 123.91 -104.89
N HIS Y 239 22.15 122.88 -104.45
CA HIS Y 239 21.91 122.46 -103.10
C HIS Y 239 20.45 122.04 -103.06
N PRO Y 240 20.07 120.97 -102.32
CA PRO Y 240 18.71 120.56 -102.05
C PRO Y 240 17.66 121.62 -101.81
N ASP Y 241 16.43 121.32 -102.23
CA ASP Y 241 15.41 122.30 -102.41
C ASP Y 241 14.15 121.56 -102.06
N ILE Y 242 13.17 122.27 -101.45
CA ILE Y 242 11.86 121.73 -101.20
C ILE Y 242 10.98 122.57 -102.08
N VAL Y 243 10.50 121.94 -103.17
CA VAL Y 243 9.56 122.50 -104.11
C VAL Y 243 8.21 122.12 -103.58
N LEU Y 244 7.50 123.13 -103.02
CA LEU Y 244 6.41 122.91 -102.13
C LEU Y 244 5.22 123.56 -102.78
N LEU Y 245 4.13 122.79 -102.92
CA LEU Y 245 2.88 123.19 -103.58
C LEU Y 245 2.02 124.12 -102.72
N PRO Y 246 1.08 124.88 -103.33
CA PRO Y 246 0.03 125.60 -102.62
C PRO Y 246 -0.68 124.75 -101.58
N GLY Y 247 -0.75 125.29 -100.36
CA GLY Y 247 -1.47 124.76 -99.23
C GLY Y 247 -0.92 123.46 -98.70
N CYS Y 248 0.42 123.30 -98.68
CA CYS Y 248 1.06 122.08 -98.26
C CYS Y 248 2.28 122.46 -97.49
N GLY Y 249 2.60 121.65 -96.45
CA GLY Y 249 3.81 121.75 -95.68
C GLY Y 249 4.58 120.47 -95.81
N VAL Y 250 5.71 120.38 -95.07
CA VAL Y 250 6.48 119.18 -94.93
C VAL Y 250 6.97 119.21 -93.50
N ASP Y 251 6.98 118.05 -92.81
CA ASP Y 251 7.30 117.92 -91.41
C ASP Y 251 8.52 117.03 -91.27
N PHE Y 252 9.59 117.51 -90.60
CA PHE Y 252 10.80 116.75 -90.37
C PHE Y 252 11.21 116.88 -88.92
N THR Y 253 10.26 117.17 -87.99
CA THR Y 253 10.50 117.21 -86.55
C THR Y 253 10.95 115.87 -86.02
N GLU Y 254 10.29 114.80 -86.51
CA GLU Y 254 10.38 113.47 -85.97
C GLU Y 254 11.43 112.65 -86.66
N SER Y 255 12.26 113.28 -87.51
CA SER Y 255 13.16 112.56 -88.37
C SER Y 255 14.42 113.35 -88.49
N ARG Y 256 15.44 112.73 -89.11
CA ARG Y 256 16.74 113.30 -89.35
C ARG Y 256 16.98 113.38 -90.84
N LEU Y 257 15.89 113.27 -91.64
CA LEU Y 257 15.92 113.42 -93.08
C LEU Y 257 15.98 114.88 -93.47
N SER Y 258 15.70 115.78 -92.50
CA SER Y 258 16.00 117.20 -92.57
C SER Y 258 17.47 117.46 -92.71
N ASN Y 259 18.31 116.73 -91.95
CA ASN Y 259 19.73 116.94 -91.89
C ASN Y 259 20.37 116.37 -93.13
N LEU Y 260 19.72 115.37 -93.77
CA LEU Y 260 20.15 114.82 -95.05
C LEU Y 260 20.06 115.83 -96.15
N LEU Y 261 18.94 116.59 -96.22
CA LEU Y 261 18.76 117.70 -97.14
C LEU Y 261 19.75 118.80 -96.87
N GLY Y 262 19.98 119.09 -95.58
CA GLY Y 262 20.88 120.11 -95.13
C GLY Y 262 20.07 121.33 -94.79
N ILE Y 263 18.78 121.13 -94.46
CA ILE Y 263 17.90 122.21 -94.07
C ILE Y 263 17.75 122.06 -92.58
N ARG Y 264 18.06 123.12 -91.82
CA ARG Y 264 18.16 123.04 -90.37
C ARG Y 264 17.41 124.22 -89.86
N LYS Y 265 17.12 124.25 -88.54
CA LYS Y 265 16.56 125.38 -87.86
C LYS Y 265 17.69 126.24 -87.35
N ARG Y 266 17.41 127.54 -87.14
CA ARG Y 266 18.37 128.50 -86.65
C ARG Y 266 18.17 128.65 -85.16
N GLN Y 267 17.03 128.18 -84.63
CA GLN Y 267 16.82 128.03 -83.21
C GLN Y 267 16.48 126.57 -83.06
N PRO Y 268 17.34 125.69 -82.53
CA PRO Y 268 17.17 124.27 -82.75
C PRO Y 268 16.51 123.70 -81.53
N PHE Y 269 16.33 124.52 -80.48
CA PHE Y 269 15.72 124.14 -79.22
C PHE Y 269 14.28 124.61 -79.24
N GLN Y 270 13.85 125.20 -80.37
CA GLN Y 270 12.46 125.49 -80.68
C GLN Y 270 11.83 124.16 -80.96
N GLU Y 271 10.56 123.96 -80.55
CA GLU Y 271 9.87 122.71 -80.74
C GLU Y 271 9.05 122.86 -81.99
N GLY Y 272 8.96 121.76 -82.77
CA GLY Y 272 8.30 121.73 -84.06
C GLY Y 272 9.32 122.03 -85.12
N PHE Y 273 9.07 121.55 -86.36
CA PHE Y 273 9.93 121.82 -87.47
C PHE Y 273 9.14 121.39 -88.67
N GLN Y 274 8.10 122.18 -89.00
CA GLN Y 274 7.30 122.03 -90.18
C GLN Y 274 7.47 123.30 -90.95
N ILE Y 275 7.62 123.18 -92.29
CA ILE Y 275 7.86 124.29 -93.17
C ILE Y 275 6.61 124.31 -94.00
N MET Y 276 5.93 125.47 -94.02
CA MET Y 276 4.68 125.68 -94.72
C MET Y 276 4.94 126.41 -96.00
N TYR Y 277 3.97 126.33 -96.91
CA TYR Y 277 3.94 127.13 -98.14
C TYR Y 277 3.96 128.63 -97.85
N GLU Y 278 3.35 129.04 -96.73
CA GLU Y 278 3.30 130.38 -96.20
C GLU Y 278 4.65 130.93 -95.83
N ASP Y 279 5.54 130.06 -95.27
CA ASP Y 279 6.88 130.39 -94.82
C ASP Y 279 7.74 130.90 -95.95
N LEU Y 280 7.63 130.23 -97.11
CA LEU Y 280 8.35 130.54 -98.31
C LEU Y 280 7.72 131.76 -98.92
N GLU Y 281 8.52 132.83 -99.08
CA GLU Y 281 8.09 134.08 -99.64
C GLU Y 281 9.24 134.54 -100.48
N GLY Y 282 8.92 135.02 -101.71
CA GLY Y 282 9.91 135.38 -102.70
C GLY Y 282 10.54 134.12 -103.24
N GLY Y 283 9.70 133.07 -103.40
CA GLY Y 283 10.14 131.73 -103.65
C GLY Y 283 9.41 131.19 -104.83
N ASN Y 284 8.44 131.93 -105.42
CA ASN Y 284 7.73 131.50 -106.63
C ASN Y 284 8.74 131.36 -107.77
N ILE Y 285 8.56 130.31 -108.55
CA ILE Y 285 9.51 129.86 -109.53
C ILE Y 285 9.10 130.58 -110.79
N PRO Y 286 9.93 131.43 -111.42
CA PRO Y 286 9.58 132.11 -112.66
C PRO Y 286 9.27 131.15 -113.78
N ALA Y 287 8.21 131.44 -114.52
CA ALA Y 287 7.82 130.63 -115.66
C ALA Y 287 8.88 130.64 -116.78
N LEU Y 288 8.92 129.58 -117.55
CA LEU Y 288 9.79 129.46 -118.70
C LEU Y 288 9.33 130.42 -119.81
N LEU Y 289 10.25 131.05 -120.52
CA LEU Y 289 9.94 131.77 -121.76
C LEU Y 289 9.45 130.78 -122.84
N ASP Y 290 8.32 131.07 -123.48
CA ASP Y 290 7.89 130.35 -124.66
C ASP Y 290 8.77 130.75 -125.85
N VAL Y 291 9.77 129.92 -126.18
CA VAL Y 291 10.74 130.23 -127.23
C VAL Y 291 10.14 130.25 -128.64
N ASP Y 292 8.89 129.82 -128.81
CA ASP Y 292 8.15 130.08 -130.05
C ASP Y 292 7.92 131.58 -130.26
N ALA Y 293 7.49 132.30 -129.22
CA ALA Y 293 7.31 133.76 -129.29
C ALA Y 293 8.66 134.48 -129.54
N TYR Y 294 9.72 133.97 -128.92
CA TYR Y 294 11.09 134.44 -129.09
C TYR Y 294 11.62 134.27 -130.53
N GLU Y 295 11.32 133.18 -131.25
CA GLU Y 295 11.73 132.94 -132.61
C GLU Y 295 11.04 133.81 -133.63
N LYS Y 296 9.71 133.99 -133.47
CA LYS Y 296 8.88 134.58 -134.50
C LYS Y 296 8.63 136.05 -134.26
N SER Y 297 9.27 136.64 -133.23
CA SER Y 297 9.47 138.08 -133.09
C SER Y 297 10.73 138.58 -133.79
N LYS Y 298 11.73 137.71 -133.99
CA LYS Y 298 12.94 138.00 -134.78
C LYS Y 298 12.67 138.16 -136.28
N GLU Y 299 11.44 137.95 -136.74
CA GLU Y 299 11.19 137.93 -138.16
C GLU Y 299 10.29 139.09 -138.46
N GLU Y 300 10.01 139.93 -137.42
CA GLU Y 300 9.19 141.09 -137.52
C GLU Y 300 9.98 142.27 -137.00
N SER Y 301 11.18 142.03 -136.43
CA SER Y 301 12.09 143.07 -136.00
C SER Y 301 13.32 142.99 -136.88
N ALA Y 302 13.23 142.19 -137.97
CA ALA Y 302 14.24 142.08 -138.98
C ALA Y 302 13.48 141.75 -140.23
N ILE Y 339 7.11 140.40 -132.70
CA ILE Y 339 7.31 141.32 -131.57
C ILE Y 339 6.95 140.68 -130.21
N VAL Y 340 6.25 139.54 -130.24
CA VAL Y 340 5.60 138.88 -129.10
C VAL Y 340 6.54 138.18 -128.12
N ILE Y 341 6.13 138.08 -126.85
CA ILE Y 341 6.81 137.37 -125.75
C ILE Y 341 5.77 136.80 -124.77
N GLN Y 342 5.94 135.57 -124.31
CA GLN Y 342 4.88 134.81 -123.61
C GLN Y 342 5.44 133.76 -122.61
N PRO Y 343 4.75 133.43 -121.50
CA PRO Y 343 5.11 132.31 -120.62
C PRO Y 343 4.71 130.94 -121.19
N VAL Y 344 5.50 129.89 -120.92
CA VAL Y 344 5.07 128.50 -121.11
C VAL Y 344 4.05 128.12 -120.04
N GLU Y 345 2.76 128.27 -120.34
CA GLU Y 345 1.67 127.74 -119.51
C GLU Y 345 1.25 126.31 -119.92
N LYS Y 346 1.51 125.94 -121.17
CA LYS Y 346 1.30 124.63 -121.80
C LYS Y 346 2.20 123.50 -121.26
N ASP Y 347 1.79 122.25 -121.48
CA ASP Y 347 2.71 121.10 -121.61
C ASP Y 347 2.05 120.05 -122.54
N SER Y 348 2.85 119.20 -123.21
CA SER Y 348 2.35 118.23 -124.19
C SER Y 348 1.57 117.07 -123.55
N LYS Y 349 1.88 116.70 -122.30
CA LYS Y 349 1.06 115.82 -121.44
C LYS Y 349 -0.14 116.55 -120.79
N ASP Y 350 -0.44 117.76 -121.22
CA ASP Y 350 -1.51 118.66 -120.76
C ASP Y 350 -1.36 119.20 -119.32
N ARG Y 351 -0.23 118.90 -118.64
CA ARG Y 351 0.03 119.30 -117.25
C ARG Y 351 0.66 120.68 -117.16
N SER Y 352 -0.19 121.71 -117.16
CA SER Y 352 0.18 123.12 -117.01
C SER Y 352 0.90 123.43 -115.70
N TYR Y 353 1.78 124.43 -115.70
CA TYR Y 353 2.65 124.81 -114.58
C TYR Y 353 1.98 125.68 -113.50
N ASN Y 354 0.67 125.57 -113.30
CA ASN Y 354 -0.06 126.30 -112.25
C ASN Y 354 0.30 127.81 -112.21
N VAL Y 355 0.29 128.50 -113.36
CA VAL Y 355 0.79 129.88 -113.43
C VAL Y 355 -0.14 130.83 -112.66
N LEU Y 356 0.39 131.70 -111.79
CA LEU Y 356 -0.40 132.70 -111.06
C LEU Y 356 -0.94 133.73 -112.05
N PRO Y 357 -2.26 133.96 -112.11
CA PRO Y 357 -2.92 134.45 -113.32
C PRO Y 357 -2.56 135.88 -113.73
N ASP Y 358 -2.37 136.79 -112.78
CA ASP Y 358 -1.92 138.17 -113.01
C ASP Y 358 -0.39 138.32 -112.99
N LYS Y 359 0.35 137.22 -113.11
CA LYS Y 359 1.82 137.16 -113.00
C LYS Y 359 2.44 136.30 -114.12
N ILE Y 360 3.77 136.38 -114.21
CA ILE Y 360 4.64 135.50 -115.01
C ILE Y 360 5.42 134.50 -114.14
N ASN Y 361 4.84 134.13 -113.00
CA ASN Y 361 5.41 133.31 -111.95
C ASN Y 361 4.50 132.10 -111.70
N THR Y 362 5.08 130.92 -111.53
CA THR Y 362 4.30 129.73 -111.20
C THR Y 362 3.84 129.75 -109.74
N ALA Y 363 2.78 129.02 -109.39
CA ALA Y 363 2.30 128.92 -108.01
C ALA Y 363 3.16 127.99 -107.14
N TYR Y 364 4.06 127.19 -107.73
CA TYR Y 364 5.06 126.41 -107.02
C TYR Y 364 6.03 127.34 -106.27
N ARG Y 365 6.35 126.98 -105.03
CA ARG Y 365 7.35 127.64 -104.23
C ARG Y 365 8.59 126.80 -104.31
N SER Y 366 9.75 127.44 -104.10
CA SER Y 366 11.05 126.83 -104.03
C SER Y 366 11.64 127.33 -102.76
N TRP Y 367 12.09 126.42 -101.87
CA TRP Y 367 12.76 126.72 -100.63
C TRP Y 367 14.09 127.40 -100.89
N TYR Y 368 14.84 126.93 -101.92
CA TYR Y 368 16.13 127.43 -102.28
C TYR Y 368 16.06 128.88 -102.73
N LEU Y 369 15.04 129.22 -103.57
CA LEU Y 369 14.77 130.58 -103.99
C LEU Y 369 14.36 131.47 -102.85
N ALA Y 370 13.53 130.96 -101.91
CA ALA Y 370 13.03 131.69 -100.77
C ALA Y 370 14.14 132.11 -99.85
N TYR Y 371 15.12 131.21 -99.64
CA TYR Y 371 16.27 131.43 -98.79
C TYR Y 371 17.18 132.50 -99.38
N ASN Y 372 17.46 132.46 -100.70
CA ASN Y 372 18.52 133.26 -101.28
C ASN Y 372 17.96 134.56 -101.81
N TYR Y 373 17.00 134.45 -102.76
CA TYR Y 373 16.49 135.55 -103.54
C TYR Y 373 15.23 136.11 -102.97
N GLY Y 374 14.71 135.50 -101.87
CA GLY Y 374 13.49 135.94 -101.24
C GLY Y 374 13.76 137.10 -100.33
N ASP Y 375 12.80 137.37 -99.42
CA ASP Y 375 12.90 138.43 -98.44
C ASP Y 375 14.03 138.10 -97.46
N PRO Y 376 14.80 139.05 -96.98
CA PRO Y 376 15.95 138.80 -96.11
C PRO Y 376 15.55 138.38 -94.73
N GLU Y 377 14.44 138.93 -94.16
CA GLU Y 377 14.10 138.73 -92.78
C GLU Y 377 12.69 138.23 -92.69
N LYS Y 378 11.97 138.17 -93.83
CA LYS Y 378 10.58 137.77 -93.86
C LYS Y 378 10.45 136.59 -94.78
N GLY Y 379 11.60 136.04 -95.26
CA GLY Y 379 11.63 134.87 -96.10
C GLY Y 379 11.61 133.67 -95.21
N VAL Y 380 12.04 132.50 -95.76
CA VAL Y 380 12.19 131.29 -94.99
C VAL Y 380 13.47 131.40 -94.17
N ARG Y 381 14.36 132.34 -94.61
CA ARG Y 381 15.66 132.59 -94.02
C ARG Y 381 15.47 133.61 -92.95
N SER Y 382 15.35 133.13 -91.69
CA SER Y 382 15.20 133.94 -90.51
C SER Y 382 14.89 132.99 -89.37
N TRP Y 383 14.88 131.67 -89.66
CA TRP Y 383 14.52 130.65 -88.72
C TRP Y 383 15.02 129.34 -89.29
N THR Y 384 15.72 129.39 -90.45
CA THR Y 384 16.31 128.21 -91.04
C THR Y 384 17.71 128.59 -91.41
N LEU Y 385 18.54 127.55 -91.62
CA LEU Y 385 19.91 127.65 -92.04
C LEU Y 385 20.04 126.68 -93.17
N LEU Y 386 21.08 126.91 -94.00
CA LEU Y 386 21.34 126.16 -95.19
C LEU Y 386 22.72 125.66 -94.94
N THR Y 387 22.90 124.32 -95.03
CA THR Y 387 24.10 123.65 -94.68
C THR Y 387 24.32 122.57 -95.70
N THR Y 388 25.57 122.06 -95.78
CA THR Y 388 25.93 120.90 -96.54
C THR Y 388 25.21 119.65 -96.08
N SER Y 389 24.81 118.82 -97.07
CA SER Y 389 24.14 117.56 -96.89
C SER Y 389 25.04 116.57 -96.18
N ASP Y 390 24.44 115.73 -95.31
CA ASP Y 390 25.12 114.66 -94.64
C ASP Y 390 24.34 113.47 -95.03
N VAL Y 391 25.00 112.46 -95.63
CA VAL Y 391 24.35 111.22 -95.99
C VAL Y 391 24.15 110.44 -94.72
N THR Y 392 24.98 110.70 -93.68
CA THR Y 392 24.98 110.03 -92.41
C THR Y 392 23.84 110.55 -91.55
N CYS Y 393 23.33 111.76 -91.86
CA CYS Y 393 22.19 112.42 -91.26
C CYS Y 393 22.60 113.11 -89.99
N GLY Y 394 23.89 113.50 -89.90
CA GLY Y 394 24.51 113.95 -88.67
C GLY Y 394 25.17 112.77 -88.01
N VAL Y 395 26.06 113.05 -87.04
CA VAL Y 395 26.85 112.05 -86.36
C VAL Y 395 26.47 112.18 -84.91
N GLU Y 396 26.06 111.05 -84.29
CA GLU Y 396 25.60 110.95 -82.93
C GLU Y 396 26.78 110.63 -82.05
N GLN Y 397 26.52 110.47 -80.72
CA GLN Y 397 27.51 110.08 -79.74
C GLN Y 397 27.02 108.75 -79.24
N VAL Y 398 27.97 107.84 -78.96
CA VAL Y 398 27.73 106.56 -78.36
C VAL Y 398 28.57 106.46 -77.12
N TYR Y 399 27.88 106.15 -76.01
CA TYR Y 399 28.38 106.12 -74.67
C TYR Y 399 28.79 104.71 -74.36
N TRP Y 400 29.66 104.57 -73.33
CA TRP Y 400 30.16 103.33 -72.84
C TRP Y 400 29.61 103.31 -71.45
N SER Y 401 29.34 102.12 -70.89
CA SER Y 401 28.92 102.00 -69.52
C SER Y 401 29.39 100.64 -69.11
N LEU Y 402 29.89 100.55 -67.85
CA LEU Y 402 30.21 99.29 -67.22
C LEU Y 402 29.75 99.49 -65.78
N PRO Y 403 28.46 99.39 -65.48
CA PRO Y 403 27.87 100.02 -64.31
C PRO Y 403 28.21 99.31 -63.02
N ASP Y 404 28.39 97.97 -63.05
CA ASP Y 404 28.54 97.16 -61.86
C ASP Y 404 29.98 96.72 -61.70
N MET Y 405 30.88 97.15 -62.64
CA MET Y 405 32.26 96.75 -62.63
C MET Y 405 33.11 97.85 -62.06
N MET Y 406 32.54 99.06 -61.89
CA MET Y 406 33.29 100.14 -61.30
C MET Y 406 32.32 101.11 -60.71
N GLN Y 407 32.82 101.94 -59.76
CA GLN Y 407 32.17 103.14 -59.30
C GLN Y 407 32.04 104.13 -60.43
N ASP Y 408 30.85 104.76 -60.52
CA ASP Y 408 30.46 105.62 -61.61
C ASP Y 408 30.98 107.00 -61.31
N PRO Y 409 31.24 107.86 -62.30
CA PRO Y 409 31.56 109.28 -62.12
C PRO Y 409 30.53 110.01 -61.28
N VAL Y 410 30.87 111.18 -60.71
CA VAL Y 410 29.95 111.96 -59.90
C VAL Y 410 28.77 112.42 -60.73
N THR Y 411 27.59 112.48 -60.06
CA THR Y 411 26.29 112.81 -60.60
C THR Y 411 25.74 111.66 -61.43
N PHE Y 412 25.91 110.42 -60.92
CA PHE Y 412 25.35 109.22 -61.49
C PHE Y 412 25.18 108.29 -60.35
N ARG Y 413 24.31 107.27 -60.53
CA ARG Y 413 24.15 106.24 -59.54
C ARG Y 413 23.75 105.03 -60.32
N SER Y 414 24.08 103.83 -59.79
CA SER Y 414 23.83 102.56 -60.42
C SER Y 414 22.34 102.32 -60.55
N THR Y 415 21.91 101.86 -61.75
CA THR Y 415 20.53 101.58 -62.04
C THR Y 415 20.57 100.38 -62.95
N ARG Y 416 19.70 99.37 -62.68
CA ARG Y 416 19.55 98.20 -63.50
C ARG Y 416 18.30 98.39 -64.33
N GLN Y 417 17.55 99.49 -64.05
CA GLN Y 417 16.46 99.98 -64.85
C GLN Y 417 16.98 100.33 -66.22
N VAL Y 418 16.16 100.07 -67.26
CA VAL Y 418 16.61 100.12 -68.64
C VAL Y 418 16.60 101.53 -69.16
N SER Y 419 15.72 102.40 -68.59
CA SER Y 419 15.55 103.77 -69.04
C SER Y 419 16.75 104.64 -68.85
N ASN Y 420 17.44 104.52 -67.68
CA ASN Y 420 18.56 105.35 -67.31
C ASN Y 420 19.76 104.47 -67.11
N TYR Y 421 20.97 105.02 -67.38
CA TYR Y 421 22.24 104.36 -67.17
C TYR Y 421 23.29 105.43 -67.00
N PRO Y 422 24.42 105.14 -66.34
CA PRO Y 422 25.65 105.94 -66.36
C PRO Y 422 26.19 106.24 -67.75
N VAL Y 423 26.97 107.33 -67.90
CA VAL Y 423 27.67 107.71 -69.12
C VAL Y 423 29.13 107.68 -68.79
N VAL Y 424 29.94 107.06 -69.69
CA VAL Y 424 31.38 107.01 -69.58
C VAL Y 424 31.87 107.18 -71.01
N GLY Y 425 32.93 107.99 -71.21
CA GLY Y 425 33.48 108.27 -72.52
C GLY Y 425 32.83 109.46 -73.16
N ALA Y 426 31.65 109.26 -73.80
CA ALA Y 426 30.92 110.30 -74.50
C ALA Y 426 31.53 110.57 -75.85
N GLU Y 427 31.91 109.49 -76.56
CA GLU Y 427 32.71 109.54 -77.75
C GLU Y 427 31.89 109.35 -78.99
N LEU Y 428 32.51 109.68 -80.15
CA LEU Y 428 31.92 109.70 -81.48
C LEU Y 428 31.40 108.35 -81.90
N LEU Y 429 30.33 108.37 -82.71
CA LEU Y 429 29.84 107.25 -83.46
C LEU Y 429 30.85 106.94 -84.56
N PRO Y 430 31.24 105.68 -84.86
CA PRO Y 430 32.24 105.40 -85.88
C PRO Y 430 31.75 105.57 -87.31
N VAL Y 431 30.59 106.22 -87.54
CA VAL Y 431 30.10 106.51 -88.86
C VAL Y 431 30.54 107.92 -89.16
N TYR Y 432 31.17 108.11 -90.34
CA TYR Y 432 31.73 109.37 -90.77
C TYR Y 432 31.36 109.53 -92.21
N SER Y 433 31.51 110.75 -92.76
CA SER Y 433 31.18 111.09 -94.12
C SER Y 433 32.46 111.43 -94.84
N LYS Y 434 32.64 110.86 -96.06
CA LYS Y 434 33.77 111.13 -96.92
C LYS Y 434 33.24 111.65 -98.22
N SER Y 435 33.56 112.93 -98.54
CA SER Y 435 33.20 113.58 -99.77
C SER Y 435 33.94 113.00 -100.95
N PHE Y 436 33.25 112.95 -102.13
CA PHE Y 436 33.85 112.53 -103.38
C PHE Y 436 33.28 113.45 -104.42
N PHE Y 437 33.93 113.52 -105.60
CA PHE Y 437 33.65 114.53 -106.59
C PHE Y 437 33.44 113.83 -107.90
N ASN Y 438 32.34 114.18 -108.62
CA ASN Y 438 32.08 113.71 -109.95
C ASN Y 438 31.61 114.92 -110.71
N GLU Y 439 32.21 115.20 -111.89
CA GLU Y 439 31.90 116.33 -112.73
C GLU Y 439 31.02 115.86 -113.87
N GLN Y 440 30.72 114.55 -113.91
CA GLN Y 440 29.82 113.91 -114.82
C GLN Y 440 28.68 113.40 -113.99
N ALA Y 441 28.45 113.97 -112.78
CA ALA Y 441 27.40 113.57 -111.85
C ALA Y 441 26.04 113.72 -112.46
N VAL Y 442 25.84 114.83 -113.19
CA VAL Y 442 24.60 115.20 -113.83
C VAL Y 442 24.41 114.40 -115.10
N TYR Y 443 25.51 113.82 -115.64
CA TYR Y 443 25.55 113.12 -116.91
C TYR Y 443 25.48 111.63 -116.66
N SER Y 444 25.55 111.18 -115.39
CA SER Y 444 25.61 109.78 -115.04
C SER Y 444 24.22 109.33 -114.67
N GLN Y 445 23.23 110.24 -114.88
CA GLN Y 445 21.82 109.98 -114.69
C GLN Y 445 21.25 109.74 -116.07
N GLN Y 446 22.12 109.75 -117.10
CA GLN Y 446 21.79 109.35 -118.45
C GLN Y 446 22.37 107.98 -118.66
N LEU Y 447 23.18 107.48 -117.69
CA LEU Y 447 23.81 106.19 -117.73
C LEU Y 447 23.19 105.30 -116.69
N ARG Y 448 22.23 105.82 -115.90
CA ARG Y 448 21.41 105.02 -115.04
C ARG Y 448 20.07 104.94 -115.72
N ALA Y 449 19.80 105.90 -116.65
CA ALA Y 449 18.73 105.79 -117.60
C ALA Y 449 19.01 104.70 -118.62
N PHE Y 450 20.27 104.57 -119.08
CA PHE Y 450 20.66 103.53 -120.01
C PHE Y 450 20.52 102.14 -119.43
N THR Y 451 21.02 101.96 -118.18
CA THR Y 451 21.02 100.72 -117.44
C THR Y 451 19.63 100.24 -117.12
N SER Y 452 18.77 101.17 -116.64
CA SER Y 452 17.44 100.88 -116.22
C SER Y 452 16.58 101.66 -117.15
N LEU Y 453 15.87 100.95 -118.06
CA LEU Y 453 14.97 101.57 -119.01
C LEU Y 453 13.60 101.66 -118.38
N THR Y 454 13.52 101.17 -117.11
CA THR Y 454 12.34 101.00 -116.31
C THR Y 454 11.72 102.36 -116.05
N HIS Y 455 12.57 103.36 -115.71
CA HIS Y 455 12.22 104.73 -115.41
C HIS Y 455 11.15 104.86 -114.35
N VAL Y 456 11.45 104.28 -113.17
CA VAL Y 456 10.64 104.38 -111.97
C VAL Y 456 11.57 104.84 -110.87
N PHE Y 457 12.83 105.14 -111.25
CA PHE Y 457 13.85 105.65 -110.41
C PHE Y 457 14.21 106.95 -111.06
N ASN Y 458 14.35 106.91 -112.42
CA ASN Y 458 14.59 108.06 -113.24
C ASN Y 458 13.26 108.75 -113.51
N ARG Y 459 12.15 107.99 -113.37
CA ARG Y 459 10.79 108.50 -113.31
C ARG Y 459 10.22 109.09 -114.57
N PHE Y 460 8.93 108.87 -114.79
CA PHE Y 460 8.17 109.50 -115.87
C PHE Y 460 7.93 110.98 -115.54
N PRO Y 461 8.26 111.94 -116.42
CA PRO Y 461 8.08 113.36 -116.14
C PRO Y 461 6.63 113.70 -115.86
N GLU Y 462 6.31 114.10 -114.62
CA GLU Y 462 4.92 114.41 -114.25
C GLU Y 462 4.52 115.79 -114.82
N ASN Y 463 5.41 116.76 -114.62
CA ASN Y 463 5.46 118.10 -115.22
C ASN Y 463 6.96 118.50 -115.23
N GLN Y 464 7.43 119.42 -116.07
CA GLN Y 464 8.89 119.65 -116.18
C GLN Y 464 9.53 120.35 -114.94
N ILE Y 465 8.77 120.80 -113.95
CA ILE Y 465 9.25 121.10 -112.58
C ILE Y 465 9.29 119.80 -111.73
N LEU Y 466 8.20 119.03 -111.74
CA LEU Y 466 8.02 117.77 -111.06
C LEU Y 466 8.66 116.66 -111.83
N VAL Y 467 9.95 116.42 -111.49
CA VAL Y 467 10.86 115.52 -112.13
C VAL Y 467 11.89 115.33 -111.08
N ARG Y 468 12.63 114.19 -111.12
CA ARG Y 468 13.76 113.95 -110.26
C ARG Y 468 14.89 114.93 -110.52
N PRO Y 469 15.72 115.29 -109.54
CA PRO Y 469 16.71 116.31 -109.75
C PRO Y 469 17.98 115.68 -110.28
N PRO Y 470 18.80 116.39 -111.07
CA PRO Y 470 20.16 115.98 -111.41
C PRO Y 470 21.01 115.79 -110.18
N ALA Y 471 21.98 114.84 -110.20
CA ALA Y 471 22.75 114.48 -109.03
C ALA Y 471 23.66 115.62 -108.60
N PRO Y 472 23.86 115.90 -107.31
CA PRO Y 472 24.95 116.71 -106.80
C PRO Y 472 26.31 116.36 -107.36
N THR Y 473 27.10 117.38 -107.76
CA THR Y 473 28.47 117.24 -108.23
C THR Y 473 29.37 116.74 -107.12
N ILE Y 474 29.20 117.27 -105.88
CA ILE Y 474 29.90 116.85 -104.70
C ILE Y 474 28.87 116.09 -103.93
N THR Y 475 29.23 114.88 -103.45
CA THR Y 475 28.34 113.98 -102.78
C THR Y 475 29.06 113.62 -101.51
N THR Y 476 28.29 113.06 -100.55
CA THR Y 476 28.80 112.55 -99.30
C THR Y 476 28.44 111.09 -99.31
N VAL Y 477 29.42 110.26 -98.91
CA VAL Y 477 29.38 108.82 -99.04
C VAL Y 477 29.71 108.30 -97.68
N SER Y 478 28.87 107.37 -97.15
CA SER Y 478 29.03 106.74 -95.86
C SER Y 478 30.32 105.95 -95.79
N GLU Y 479 30.95 105.98 -94.60
CA GLU Y 479 32.24 105.38 -94.38
C GLU Y 479 32.17 104.78 -93.01
N ASN Y 480 32.62 103.53 -92.89
CA ASN Y 480 32.67 102.81 -91.64
C ASN Y 480 34.11 102.47 -91.45
N VAL Y 481 34.70 103.04 -90.39
CA VAL Y 481 36.07 102.83 -90.00
C VAL Y 481 35.98 102.78 -88.49
N PRO Y 482 36.70 101.89 -87.80
CA PRO Y 482 36.75 101.85 -86.34
C PRO Y 482 37.19 103.14 -85.71
N ALA Y 483 36.78 103.36 -84.44
CA ALA Y 483 37.18 104.50 -83.67
C ALA Y 483 37.82 103.92 -82.44
N LEU Y 484 39.00 104.45 -82.07
CA LEU Y 484 39.78 104.00 -80.96
C LEU Y 484 39.87 105.20 -80.07
N THR Y 485 39.74 104.99 -78.74
CA THR Y 485 39.72 106.08 -77.81
C THR Y 485 40.28 105.56 -76.51
N ASP Y 486 40.97 106.45 -75.77
CA ASP Y 486 41.56 106.19 -74.48
C ASP Y 486 40.95 107.20 -73.56
N HIS Y 487 40.79 106.83 -72.26
CA HIS Y 487 40.15 107.67 -71.29
C HIS Y 487 40.92 107.56 -70.01
N GLY Y 488 40.64 108.51 -69.07
CA GLY Y 488 41.21 108.66 -67.74
C GLY Y 488 40.88 107.51 -66.83
N THR Y 489 41.12 107.70 -65.50
CA THR Y 489 40.90 106.65 -64.53
C THR Y 489 39.49 106.78 -64.03
N LEU Y 490 38.80 105.61 -63.91
CA LEU Y 490 37.51 105.48 -63.28
C LEU Y 490 37.75 104.55 -62.11
N PRO Y 491 37.62 104.95 -60.84
CA PRO Y 491 37.74 104.08 -59.67
C PRO Y 491 36.93 102.80 -59.75
N LEU Y 492 37.58 101.64 -59.51
CA LEU Y 492 37.01 100.32 -59.59
C LEU Y 492 36.40 99.92 -58.27
N ARG Y 493 35.56 98.84 -58.32
CA ARG Y 493 35.06 98.12 -57.17
C ARG Y 493 36.19 97.41 -56.47
N SER Y 494 36.01 97.13 -55.15
CA SER Y 494 37.00 96.54 -54.28
C SER Y 494 37.44 95.17 -54.77
N SER Y 495 36.47 94.34 -55.23
CA SER Y 495 36.78 93.14 -55.96
C SER Y 495 35.82 93.14 -57.12
N ILE Y 496 36.18 92.42 -58.21
CA ILE Y 496 35.48 92.46 -59.48
C ILE Y 496 34.94 91.06 -59.67
N ARG Y 497 33.65 90.96 -60.09
CA ARG Y 497 32.97 89.72 -60.43
C ARG Y 497 33.62 89.01 -61.59
N GLY Y 498 33.39 87.69 -61.69
CA GLY Y 498 33.96 86.86 -62.73
C GLY Y 498 33.41 87.17 -64.09
N VAL Y 499 32.12 87.60 -64.15
CA VAL Y 499 31.45 88.01 -65.35
C VAL Y 499 30.94 89.38 -65.06
N GLN Y 500 31.10 90.32 -66.01
CA GLN Y 500 30.74 91.70 -65.84
C GLN Y 500 30.09 92.20 -67.10
N ARG Y 501 28.96 92.92 -66.89
CA ARG Y 501 28.17 93.58 -67.91
C ARG Y 501 28.94 94.68 -68.61
N VAL Y 502 28.75 94.78 -69.95
CA VAL Y 502 29.27 95.82 -70.79
C VAL Y 502 28.05 96.25 -71.56
N THR Y 503 27.84 97.57 -71.72
CA THR Y 503 26.63 98.11 -72.31
C THR Y 503 27.08 99.32 -73.07
N VAL Y 504 26.52 99.54 -74.28
CA VAL Y 504 26.70 100.78 -75.01
C VAL Y 504 25.29 101.28 -75.20
N THR Y 505 25.11 102.61 -75.13
CA THR Y 505 23.84 103.29 -75.15
C THR Y 505 24.11 104.59 -75.84
N ASP Y 506 23.12 105.10 -76.61
CA ASP Y 506 23.26 106.27 -77.43
C ASP Y 506 22.87 107.48 -76.60
N ALA Y 507 22.70 108.65 -77.24
CA ALA Y 507 22.36 109.91 -76.62
C ALA Y 507 20.92 109.98 -76.22
N ARG Y 508 20.10 108.98 -76.64
CA ARG Y 508 18.71 108.84 -76.26
C ARG Y 508 18.62 107.89 -75.09
N ARG Y 509 19.78 107.36 -74.62
CA ARG Y 509 19.93 106.46 -73.50
C ARG Y 509 19.21 105.15 -73.68
N ARG Y 510 19.47 104.47 -74.81
CA ARG Y 510 18.91 103.17 -75.06
C ARG Y 510 19.85 102.41 -75.93
N THR Y 511 19.77 101.05 -75.83
CA THR Y 511 20.64 100.09 -76.45
C THR Y 511 20.66 100.21 -77.95
N CYS Y 512 21.81 99.87 -78.57
CA CYS Y 512 22.12 100.27 -79.93
C CYS Y 512 22.21 99.03 -80.79
N PRO Y 513 21.27 98.76 -81.70
CA PRO Y 513 21.49 97.98 -82.89
C PRO Y 513 22.63 98.49 -83.72
N TYR Y 514 23.26 97.60 -84.50
CA TYR Y 514 24.21 97.94 -85.54
C TYR Y 514 25.62 98.05 -85.01
N VAL Y 515 25.90 97.43 -83.84
CA VAL Y 515 27.20 97.46 -83.21
C VAL Y 515 27.59 96.01 -83.22
N TYR Y 516 28.81 95.70 -83.74
CA TYR Y 516 29.25 94.34 -83.91
C TYR Y 516 30.60 94.15 -83.28
N LYS Y 517 31.24 95.26 -82.85
CA LYS Y 517 32.45 95.21 -82.08
C LYS Y 517 32.40 96.35 -81.13
N ALA Y 518 32.53 96.05 -79.82
CA ALA Y 518 32.79 97.02 -78.81
C ALA Y 518 33.66 96.24 -77.89
N LEU Y 519 34.90 96.71 -77.64
CA LEU Y 519 35.88 95.93 -76.94
C LEU Y 519 36.34 96.76 -75.77
N GLY Y 520 36.05 96.29 -74.54
CA GLY Y 520 36.48 96.91 -73.32
C GLY Y 520 37.90 96.51 -73.02
N ILE Y 521 38.75 97.50 -72.68
CA ILE Y 521 40.11 97.26 -72.25
C ILE Y 521 40.21 98.12 -71.04
N VAL Y 522 40.54 97.51 -69.88
CA VAL Y 522 40.63 98.20 -68.62
C VAL Y 522 41.99 97.83 -68.08
N ALA Y 523 42.79 98.81 -67.60
CA ALA Y 523 44.05 98.54 -66.94
C ALA Y 523 43.99 99.13 -65.55
N PRO Y 524 43.81 98.36 -64.48
CA PRO Y 524 43.94 98.81 -63.10
C PRO Y 524 45.31 99.36 -62.76
N ARG Y 525 45.35 100.46 -61.97
CA ARG Y 525 46.58 101.00 -61.45
C ARG Y 525 46.27 101.75 -60.17
N VAL Y 526 47.25 101.82 -59.25
CA VAL Y 526 47.18 102.57 -58.01
C VAL Y 526 47.01 104.05 -58.24
N LEU Y 527 46.17 104.71 -57.41
CA LEU Y 527 45.76 106.08 -57.62
C LEU Y 527 46.29 106.91 -56.48
N SER Y 528 46.17 106.41 -55.23
CA SER Y 528 46.42 107.19 -54.04
C SER Y 528 45.99 106.35 -52.87
N SER Y 529 46.82 106.34 -51.82
CA SER Y 529 46.68 105.55 -50.61
C SER Y 529 45.44 105.79 -49.79
N ARG Y 530 44.92 104.68 -49.22
CA ARG Y 530 43.79 104.66 -48.32
C ARG Y 530 44.14 103.60 -47.31
N THR Y 531 43.49 103.64 -46.12
CA THR Y 531 43.76 102.71 -45.03
C THR Y 531 43.41 101.28 -45.40
N PHE Y 532 44.26 100.32 -44.99
CA PHE Y 532 44.16 98.93 -45.36
C PHE Y 532 43.63 98.18 -44.13
N MET Z 1 -71.40 59.92 34.74
CA MET Z 1 -71.13 58.52 34.35
C MET Z 1 -72.26 57.66 34.80
N SER Z 2 -72.31 57.41 36.13
CA SER Z 2 -73.23 56.49 36.75
C SER Z 2 -73.56 57.12 38.09
N GLY Z 3 -74.63 56.65 38.80
CA GLY Z 3 -75.22 57.44 39.87
C GLY Z 3 -76.66 57.22 40.26
N SER Z 4 -77.51 58.20 39.86
CA SER Z 4 -78.91 58.46 40.13
C SER Z 4 -79.81 57.29 40.38
N GLY Z 5 -80.85 57.59 41.19
CA GLY Z 5 -81.63 56.65 41.93
C GLY Z 5 -81.97 57.36 43.21
N SER Z 6 -81.21 58.44 43.51
CA SER Z 6 -81.34 59.26 44.68
C SER Z 6 -80.28 60.32 44.53
N PHE Z 7 -79.97 60.74 43.28
CA PHE Z 7 -78.84 61.62 43.02
C PHE Z 7 -79.09 62.30 41.69
N GLU Z 8 -78.12 63.14 41.22
CA GLU Z 8 -78.39 64.25 40.31
C GLU Z 8 -77.28 64.32 39.27
N GLY Z 9 -75.99 64.59 39.64
CA GLY Z 9 -74.91 64.43 38.68
C GLY Z 9 -73.54 64.87 39.16
N GLY Z 10 -72.50 64.00 38.98
CA GLY Z 10 -71.11 64.33 39.13
C GLY Z 10 -70.37 63.73 40.31
N VAL Z 11 -70.02 62.43 40.19
CA VAL Z 11 -69.09 61.60 40.96
C VAL Z 11 -69.05 61.71 42.49
N PHE Z 12 -68.08 61.02 43.17
CA PHE Z 12 -67.69 61.08 44.58
C PHE Z 12 -67.55 59.64 45.10
N SER Z 13 -66.52 59.36 45.98
CA SER Z 13 -66.30 58.12 46.74
C SER Z 13 -65.17 57.23 46.17
N PRO Z 14 -65.13 55.91 45.85
CA PRO Z 14 -63.89 55.25 45.45
C PRO Z 14 -63.65 55.27 43.94
N TYR Z 15 -62.51 55.84 43.47
CA TYR Z 15 -62.13 55.93 42.07
C TYR Z 15 -61.83 54.60 41.43
N LEU Z 16 -62.15 54.51 40.13
CA LEU Z 16 -61.71 53.48 39.23
C LEU Z 16 -60.72 54.16 38.32
N THR Z 17 -59.41 53.97 38.59
CA THR Z 17 -58.28 54.66 38.00
C THR Z 17 -58.14 54.25 36.58
N GLY Z 18 -57.62 55.16 35.73
CA GLY Z 18 -57.14 54.86 34.41
C GLY Z 18 -57.11 56.23 33.84
N ARG Z 19 -55.88 56.78 33.62
CA ARG Z 19 -55.68 58.21 33.64
C ARG Z 19 -56.39 58.99 32.58
N LEU Z 20 -57.42 59.72 33.07
CA LEU Z 20 -58.42 60.44 32.36
C LEU Z 20 -59.33 59.42 31.70
N PRO Z 21 -60.43 58.93 32.33
CA PRO Z 21 -61.31 57.89 31.80
C PRO Z 21 -61.67 58.01 30.35
N SER Z 22 -61.41 56.93 29.58
CA SER Z 22 -61.57 56.80 28.15
C SER Z 22 -60.24 57.15 27.53
N TRP Z 23 -59.14 56.72 28.21
CA TRP Z 23 -57.75 56.87 27.84
C TRP Z 23 -57.47 56.20 26.51
N ALA Z 24 -56.73 56.91 25.62
CA ALA Z 24 -56.23 56.39 24.37
C ALA Z 24 -55.17 55.33 24.58
N GLY Z 25 -55.18 54.32 23.69
CA GLY Z 25 -54.30 53.19 23.75
C GLY Z 25 -55.08 52.00 23.27
N VAL Z 26 -56.42 52.14 23.27
CA VAL Z 26 -57.40 51.14 22.94
C VAL Z 26 -58.67 51.85 23.36
N ARG Z 27 -59.58 52.09 22.39
CA ARG Z 27 -60.86 52.70 22.70
C ARG Z 27 -61.89 52.07 21.82
N GLN Z 28 -63.04 51.77 22.45
CA GLN Z 28 -64.23 51.26 21.83
C GLN Z 28 -65.25 52.38 21.95
N ASN Z 29 -64.92 53.44 22.74
CA ASN Z 29 -65.77 54.56 23.06
C ASN Z 29 -66.16 55.39 21.87
N VAL Z 30 -65.18 55.72 20.98
CA VAL Z 30 -65.40 56.63 19.90
C VAL Z 30 -64.49 56.21 18.79
N MET Z 31 -64.95 56.37 17.53
CA MET Z 31 -64.23 56.01 16.33
C MET Z 31 -62.96 56.79 16.12
N GLY Z 32 -61.95 56.15 15.49
CA GLY Z 32 -60.65 56.70 15.24
C GLY Z 32 -60.62 57.39 13.91
N SER Z 33 -59.41 57.54 13.33
CA SER Z 33 -59.17 58.14 12.04
C SER Z 33 -57.67 58.10 11.93
N THR Z 34 -57.14 57.40 10.91
CA THR Z 34 -55.73 57.14 10.74
C THR Z 34 -55.08 58.32 10.04
N VAL Z 35 -53.77 58.52 10.27
CA VAL Z 35 -53.00 59.64 9.77
C VAL Z 35 -52.93 59.68 8.26
N ASP Z 36 -53.67 60.63 7.66
CA ASP Z 36 -53.78 60.90 6.25
C ASP Z 36 -54.21 59.69 5.44
N GLY Z 37 -54.97 58.76 6.08
CA GLY Z 37 -55.47 57.57 5.45
C GLY Z 37 -54.38 56.55 5.21
N ARG Z 38 -53.35 56.54 6.10
CA ARG Z 38 -52.23 55.62 6.03
C ARG Z 38 -52.36 54.79 7.28
N PRO Z 39 -52.30 53.45 7.25
CA PRO Z 39 -52.64 52.64 8.40
C PRO Z 39 -51.41 52.40 9.25
N VAL Z 40 -50.89 53.46 9.91
CA VAL Z 40 -49.86 53.36 10.91
C VAL Z 40 -50.33 54.20 12.07
N GLN Z 41 -50.48 53.56 13.26
CA GLN Z 41 -50.87 54.23 14.47
C GLN Z 41 -50.24 53.36 15.54
N PRO Z 42 -49.82 53.87 16.68
CA PRO Z 42 -49.32 53.06 17.78
C PRO Z 42 -50.47 52.49 18.61
N ALA Z 43 -51.74 52.63 18.15
CA ALA Z 43 -52.91 52.29 18.93
C ALA Z 43 -53.95 51.69 18.02
N ASN Z 44 -55.04 51.17 18.63
CA ASN Z 44 -56.22 50.60 18.00
C ASN Z 44 -56.91 51.63 17.12
N SER Z 45 -57.64 51.17 16.07
CA SER Z 45 -58.31 52.03 15.11
C SER Z 45 -59.80 52.14 15.40
N SER Z 46 -60.26 51.42 16.46
CA SER Z 46 -61.63 51.32 16.94
C SER Z 46 -62.28 50.14 16.28
N THR Z 47 -61.50 49.08 16.00
CA THR Z 47 -62.01 47.85 15.44
C THR Z 47 -62.27 46.93 16.61
N LEU Z 48 -63.19 45.95 16.42
CA LEU Z 48 -63.50 44.96 17.43
C LEU Z 48 -62.52 43.85 17.23
N THR Z 49 -61.37 43.95 17.93
CA THR Z 49 -60.39 42.90 18.02
C THR Z 49 -60.22 42.56 19.48
N TYR Z 50 -60.95 43.25 20.39
CA TYR Z 50 -60.88 42.99 21.80
C TYR Z 50 -62.24 42.62 22.32
N ALA Z 51 -63.22 42.41 21.40
CA ALA Z 51 -64.49 41.77 21.72
C ALA Z 51 -64.24 40.34 22.14
N THR Z 52 -63.34 39.67 21.37
CA THR Z 52 -62.68 38.46 21.75
C THR Z 52 -61.24 38.77 21.48
N LEU Z 53 -60.38 38.66 22.52
CA LEU Z 53 -59.05 39.22 22.57
C LEU Z 53 -58.12 38.70 21.51
N SER Z 54 -57.25 39.62 21.02
CA SER Z 54 -56.25 39.42 20.01
C SER Z 54 -55.82 40.79 19.60
N SER Z 55 -54.49 41.04 19.59
CA SER Z 55 -53.92 42.27 19.10
C SER Z 55 -53.68 42.07 17.64
N SER Z 56 -53.19 43.12 16.94
CA SER Z 56 -52.79 42.98 15.57
C SER Z 56 -51.75 44.00 15.29
N SER Z 57 -51.04 43.85 14.16
CA SER Z 57 -49.90 44.67 13.85
C SER Z 57 -49.42 44.19 12.52
N VAL Z 58 -49.43 45.12 11.55
CA VAL Z 58 -48.95 44.92 10.20
C VAL Z 58 -47.72 45.77 10.21
N GLU Z 101 -12.42 -6.67 -25.45
CA GLU Z 101 -12.63 -8.09 -25.57
C GLU Z 101 -11.74 -8.88 -24.64
N GLU Z 102 -10.50 -8.39 -24.45
CA GLU Z 102 -9.47 -8.95 -23.60
C GLU Z 102 -9.88 -9.06 -22.15
N LYS Z 103 -10.64 -8.06 -21.63
CA LYS Z 103 -11.04 -7.95 -20.24
C LYS Z 103 -12.16 -8.88 -19.88
N LEU Z 104 -12.93 -9.34 -20.87
CA LEU Z 104 -13.99 -10.34 -20.71
C LEU Z 104 -13.37 -11.73 -20.55
N LEU Z 105 -12.16 -11.94 -21.08
CA LEU Z 105 -11.48 -13.21 -21.05
C LEU Z 105 -10.62 -13.26 -19.82
N LEU Z 106 -10.70 -12.21 -18.96
CA LEU Z 106 -10.08 -12.18 -17.65
C LEU Z 106 -11.19 -12.18 -16.64
N LEU Z 107 -12.44 -12.36 -17.04
CA LEU Z 107 -13.59 -12.56 -16.15
C LEU Z 107 -14.13 -13.97 -16.37
N MET Z 108 -14.48 -14.30 -17.61
CA MET Z 108 -15.05 -15.59 -17.92
C MET Z 108 -14.14 -16.76 -17.61
N ALA Z 109 -12.83 -16.60 -17.92
CA ALA Z 109 -11.84 -17.64 -17.75
C ALA Z 109 -11.43 -17.81 -16.31
N GLN Z 110 -11.67 -16.80 -15.45
CA GLN Z 110 -11.23 -16.81 -14.08
C GLN Z 110 -12.36 -17.24 -13.18
N LEU Z 111 -13.62 -17.11 -13.66
CA LEU Z 111 -14.79 -17.68 -13.02
C LEU Z 111 -14.71 -19.18 -13.05
N GLU Z 112 -14.29 -19.75 -14.21
CA GLU Z 112 -14.25 -21.17 -14.42
C GLU Z 112 -12.97 -21.77 -13.89
N ALA Z 113 -11.91 -20.95 -13.71
CA ALA Z 113 -10.65 -21.37 -13.10
C ALA Z 113 -10.84 -21.72 -11.65
N LEU Z 114 -11.57 -20.85 -10.92
CA LEU Z 114 -11.60 -20.88 -9.49
C LEU Z 114 -12.81 -21.63 -9.01
N THR Z 115 -13.66 -22.13 -9.94
CA THR Z 115 -14.66 -23.15 -9.65
C THR Z 115 -13.97 -24.44 -9.27
N GLN Z 116 -12.93 -24.83 -10.03
CA GLN Z 116 -12.12 -26.01 -9.79
C GLN Z 116 -11.32 -25.92 -8.53
N ARG Z 117 -10.67 -24.75 -8.29
CA ARG Z 117 -9.83 -24.50 -7.14
C ARG Z 117 -10.61 -24.56 -5.86
N LEU Z 118 -11.80 -23.92 -5.84
CA LEU Z 118 -12.69 -23.82 -4.72
C LEU Z 118 -13.23 -25.16 -4.32
N GLY Z 119 -13.59 -26.00 -5.32
CA GLY Z 119 -14.23 -27.28 -5.18
C GLY Z 119 -13.30 -28.29 -4.57
N GLU Z 120 -12.00 -28.24 -4.90
CA GLU Z 120 -11.05 -29.22 -4.42
C GLU Z 120 -10.60 -28.89 -3.02
N LEU Z 121 -10.78 -27.63 -2.57
CA LEU Z 121 -10.33 -27.20 -1.26
C LEU Z 121 -11.41 -27.30 -0.22
N THR Z 122 -12.71 -27.33 -0.65
CA THR Z 122 -13.84 -27.68 0.19
C THR Z 122 -13.75 -29.13 0.60
N GLN Z 123 -13.35 -30.02 -0.36
CA GLN Z 123 -13.11 -31.42 -0.12
C GLN Z 123 -11.99 -31.66 0.87
N GLN Z 124 -10.90 -30.86 0.81
CA GLN Z 124 -9.80 -30.92 1.74
C GLN Z 124 -10.19 -30.66 3.17
N VAL Z 125 -11.11 -29.69 3.40
CA VAL Z 125 -11.69 -29.37 4.69
C VAL Z 125 -12.44 -30.54 5.26
N ALA Z 126 -13.17 -31.30 4.40
CA ALA Z 126 -14.04 -32.38 4.81
C ALA Z 126 -13.30 -33.62 5.23
N GLN Z 127 -12.02 -33.78 4.83
CA GLN Z 127 -11.25 -34.96 5.13
C GLN Z 127 -10.22 -34.65 6.18
N LEU Z 128 -10.06 -33.36 6.56
CA LEU Z 128 -9.07 -32.92 7.54
C LEU Z 128 -9.79 -32.38 8.75
N GLN Z 129 -11.12 -32.63 8.82
CA GLN Z 129 -11.91 -32.40 10.01
C GLN Z 129 -12.19 -33.76 10.60
N GLU Z 130 -11.54 -34.81 10.04
CA GLU Z 130 -11.66 -36.18 10.47
C GLU Z 130 -10.28 -36.67 10.89
N GLN Z 131 -9.24 -35.83 10.71
CA GLN Z 131 -7.87 -36.12 11.07
C GLN Z 131 -7.48 -35.26 12.24
N MET AA 1 94.78 -49.20 -10.96
CA MET AA 1 95.48 -50.12 -10.01
C MET AA 1 95.74 -49.46 -8.69
N SER AA 2 96.23 -50.24 -7.71
CA SER AA 2 96.70 -49.70 -6.47
C SER AA 2 97.71 -50.68 -5.97
N GLY AA 3 98.70 -50.16 -5.20
CA GLY AA 3 99.74 -50.89 -4.51
C GLY AA 3 100.52 -51.88 -5.33
N SER AA 4 101.09 -52.90 -4.64
CA SER AA 4 101.99 -53.89 -5.19
C SER AA 4 101.30 -54.71 -6.26
N GLY AA 5 102.00 -54.90 -7.40
CA GLY AA 5 101.47 -55.54 -8.58
C GLY AA 5 101.31 -57.01 -8.44
N SER AA 6 100.65 -57.62 -9.45
CA SER AA 6 100.47 -59.04 -9.55
C SER AA 6 100.09 -59.23 -11.00
N PHE AA 7 98.89 -59.79 -11.26
CA PHE AA 7 98.46 -60.18 -12.58
C PHE AA 7 97.49 -59.12 -13.07
N GLU AA 8 96.24 -59.13 -12.57
CA GLU AA 8 95.20 -58.24 -13.04
C GLU AA 8 94.33 -57.86 -11.88
N GLY AA 9 93.84 -56.59 -11.84
CA GLY AA 9 92.86 -56.16 -10.87
C GLY AA 9 93.04 -54.73 -10.48
N GLY AA 10 92.68 -53.79 -11.39
CA GLY AA 10 92.88 -52.37 -11.22
C GLY AA 10 91.82 -51.65 -12.01
N VAL AA 11 91.79 -50.30 -11.90
CA VAL AA 11 90.83 -49.40 -12.51
C VAL AA 11 89.62 -49.26 -11.61
N PHE AA 12 89.87 -48.68 -10.42
CA PHE AA 12 88.89 -48.08 -9.52
C PHE AA 12 87.90 -48.94 -8.75
N SER AA 13 87.45 -48.42 -7.58
CA SER AA 13 86.44 -48.87 -6.63
C SER AA 13 86.84 -49.78 -5.44
N PRO AA 14 86.72 -51.12 -5.29
CA PRO AA 14 86.66 -51.90 -4.04
C PRO AA 14 87.37 -51.54 -2.75
N TYR AA 15 86.69 -51.83 -1.60
CA TYR AA 15 87.06 -51.46 -0.25
C TYR AA 15 86.46 -52.47 0.72
N LEU AA 16 86.79 -52.37 2.04
CA LEU AA 16 86.14 -53.12 3.10
C LEU AA 16 84.67 -52.81 3.21
N THR AA 17 83.88 -53.87 3.47
CA THR AA 17 82.44 -53.85 3.63
C THR AA 17 82.16 -54.75 4.79
N GLY AA 18 80.92 -54.67 5.35
CA GLY AA 18 80.54 -55.48 6.46
C GLY AA 18 79.19 -55.09 6.99
N ARG AA 19 78.26 -54.61 6.13
CA ARG AA 19 76.92 -54.26 6.57
C ARG AA 19 75.94 -54.70 5.54
N LEU AA 20 74.66 -54.65 5.96
CA LEU AA 20 73.55 -55.35 5.38
C LEU AA 20 73.01 -54.48 4.26
N PRO AA 21 72.41 -54.99 3.18
CA PRO AA 21 72.57 -54.35 1.88
C PRO AA 21 71.31 -53.58 1.59
N SER AA 22 70.92 -52.67 2.52
CA SER AA 22 69.97 -51.59 2.41
C SER AA 22 69.74 -51.02 1.04
N TRP AA 23 68.46 -50.81 0.74
CA TRP AA 23 67.95 -50.24 -0.50
C TRP AA 23 68.27 -51.10 -1.74
N ALA AA 24 67.85 -50.64 -2.91
CA ALA AA 24 67.90 -51.40 -4.13
C ALA AA 24 69.22 -51.19 -4.81
N GLY AA 25 69.57 -52.14 -5.71
CA GLY AA 25 70.81 -52.15 -6.46
C GLY AA 25 71.41 -53.53 -6.35
N VAL AA 26 70.62 -54.46 -5.75
CA VAL AA 26 71.02 -55.76 -5.29
C VAL AA 26 69.90 -56.67 -5.71
N ARG AA 27 68.71 -56.06 -6.01
CA ARG AA 27 67.48 -56.65 -6.45
C ARG AA 27 67.64 -57.65 -7.56
N GLN AA 28 67.02 -58.85 -7.37
CA GLN AA 28 67.09 -59.97 -8.30
C GLN AA 28 66.37 -61.10 -7.61
N ASN AA 29 66.33 -62.29 -8.27
CA ASN AA 29 65.73 -63.51 -7.78
C ASN AA 29 66.39 -64.00 -6.52
N VAL AA 30 65.56 -64.62 -5.64
CA VAL AA 30 65.89 -65.23 -4.38
C VAL AA 30 65.65 -64.11 -3.42
N MET AA 31 64.38 -64.07 -2.98
CA MET AA 31 63.77 -62.98 -2.29
C MET AA 31 63.94 -63.09 -0.80
N GLY AA 32 63.55 -61.99 -0.12
CA GLY AA 32 63.61 -61.81 1.30
C GLY AA 32 62.30 -61.20 1.64
N SER AA 33 61.99 -61.11 2.95
CA SER AA 33 60.76 -60.58 3.51
C SER AA 33 59.51 -61.33 3.12
N THR AA 34 58.37 -60.87 3.68
CA THR AA 34 57.08 -61.50 3.53
C THR AA 34 56.33 -60.52 2.69
N THR AA 49 65.77 -49.98 -11.06
CA THR AA 49 65.29 -50.08 -9.70
C THR AA 49 64.76 -48.72 -9.31
N TYR AA 50 64.42 -47.88 -10.32
CA TYR AA 50 63.86 -46.56 -10.18
C TYR AA 50 62.54 -46.59 -9.44
N ALA AA 51 61.68 -47.57 -9.80
CA ALA AA 51 60.35 -47.69 -9.25
C ALA AA 51 60.32 -48.65 -8.10
N THR AA 52 61.46 -49.12 -7.61
CA THR AA 52 61.57 -49.73 -6.27
C THR AA 52 61.61 -48.66 -5.17
N LEU AA 53 61.84 -47.39 -5.52
CA LEU AA 53 62.19 -46.28 -4.63
C LEU AA 53 61.35 -45.03 -4.92
N SER AA 54 61.23 -44.63 -6.18
CA SER AA 54 60.05 -43.88 -6.61
C SER AA 54 58.85 -44.83 -6.60
N SER AA 55 57.66 -44.31 -6.30
CA SER AA 55 56.52 -45.09 -5.80
C SER AA 55 56.74 -45.65 -4.39
N SER AA 56 55.63 -45.94 -3.71
CA SER AA 56 55.54 -46.60 -2.41
C SER AA 56 54.19 -47.30 -2.34
N SER AA 57 54.10 -48.52 -1.81
CA SER AA 57 52.86 -49.31 -1.78
C SER AA 57 52.42 -49.67 -0.37
N GLU AA 101 -0.36 -29.12 12.26
CA GLU AA 101 -0.28 -27.77 12.79
C GLU AA 101 -0.25 -26.71 11.73
N GLU AA 102 0.55 -26.91 10.66
CA GLU AA 102 0.75 -25.91 9.65
C GLU AA 102 0.05 -26.34 8.38
N LYS AA 103 -0.44 -27.59 8.33
CA LYS AA 103 -1.33 -28.05 7.29
C LYS AA 103 -2.66 -27.33 7.32
N LEU AA 104 -3.23 -27.18 8.54
CA LEU AA 104 -4.55 -26.61 8.74
C LEU AA 104 -4.51 -25.11 8.74
N LEU AA 105 -3.32 -24.52 9.08
CA LEU AA 105 -3.10 -23.10 8.98
C LEU AA 105 -3.16 -22.64 7.55
N LEU AA 106 -2.53 -23.43 6.64
CA LEU AA 106 -2.43 -23.12 5.24
C LEU AA 106 -3.71 -23.46 4.51
N LEU AA 107 -4.50 -24.43 5.05
CA LEU AA 107 -5.70 -24.96 4.43
C LEU AA 107 -6.79 -23.93 4.24
N MET AA 108 -7.01 -23.09 5.28
CA MET AA 108 -8.08 -22.13 5.30
C MET AA 108 -7.55 -20.75 4.99
N ALA AA 109 -6.22 -20.66 4.72
CA ALA AA 109 -5.57 -19.44 4.31
C ALA AA 109 -5.37 -19.47 2.82
N GLN AA 110 -5.77 -20.59 2.16
CA GLN AA 110 -5.72 -20.75 0.73
C GLN AA 110 -7.15 -20.64 0.23
N LEU AA 111 -8.10 -20.37 1.15
CA LEU AA 111 -9.48 -20.09 0.83
C LEU AA 111 -9.77 -18.68 1.22
N GLU AA 112 -8.78 -17.96 1.80
CA GLU AA 112 -8.86 -16.54 2.05
C GLU AA 112 -7.94 -15.84 1.07
N ALA AA 113 -7.25 -16.63 0.21
CA ALA AA 113 -6.38 -16.13 -0.83
C ALA AA 113 -7.01 -16.43 -2.16
N LEU AA 114 -8.18 -17.09 -2.16
CA LEU AA 114 -8.87 -17.48 -3.37
C LEU AA 114 -10.07 -16.58 -3.54
N THR AA 115 -10.37 -15.76 -2.51
CA THR AA 115 -11.49 -14.84 -2.50
C THR AA 115 -10.98 -13.45 -2.80
N GLN AA 116 -9.65 -13.32 -3.03
CA GLN AA 116 -9.02 -12.10 -3.47
C GLN AA 116 -8.72 -12.24 -4.94
N ARG AA 117 -9.03 -13.43 -5.51
CA ARG AA 117 -8.93 -13.71 -6.92
C ARG AA 117 -10.33 -13.76 -7.47
N LEU AA 118 -11.35 -13.64 -6.58
CA LEU AA 118 -12.73 -13.41 -6.92
C LEU AA 118 -13.04 -12.00 -6.49
N GLY AA 119 -12.07 -11.33 -5.82
CA GLY AA 119 -12.20 -9.99 -5.33
C GLY AA 119 -11.94 -8.97 -6.39
N GLU AA 120 -11.15 -9.32 -7.44
CA GLU AA 120 -10.89 -8.38 -8.51
C GLU AA 120 -11.73 -8.73 -9.71
N LEU AA 121 -12.55 -9.79 -9.69
CA LEU AA 121 -13.56 -10.05 -10.71
C LEU AA 121 -14.81 -9.17 -10.54
N THR AA 122 -15.17 -8.75 -9.31
CA THR AA 122 -16.14 -7.68 -9.08
C THR AA 122 -15.72 -6.38 -9.79
N GLN AA 123 -14.41 -6.07 -9.83
CA GLN AA 123 -13.90 -4.94 -10.61
C GLN AA 123 -13.98 -5.18 -12.14
N GLN AA 124 -13.85 -6.41 -12.60
CA GLN AA 124 -14.11 -6.78 -14.01
C GLN AA 124 -15.60 -6.76 -14.39
N VAL AA 125 -16.53 -6.90 -13.43
CA VAL AA 125 -17.96 -6.60 -13.66
C VAL AA 125 -18.22 -5.10 -13.63
N ALA AA 126 -17.60 -4.37 -12.68
CA ALA AA 126 -17.81 -2.92 -12.49
C ALA AA 126 -17.57 -2.06 -13.74
N GLN AA 127 -16.85 -2.59 -14.74
CA GLN AA 127 -16.73 -1.99 -16.07
C GLN AA 127 -18.09 -1.75 -16.77
N LEU AA 128 -19.13 -2.54 -16.45
CA LEU AA 128 -20.51 -2.36 -16.91
C LEU AA 128 -21.20 -1.13 -16.29
N GLN AA 129 -20.89 -0.79 -15.04
CA GLN AA 129 -21.39 0.40 -14.34
C GLN AA 129 -20.49 1.64 -14.53
N GLU AA 130 -19.24 1.44 -14.94
CA GLU AA 130 -18.16 2.42 -15.00
C GLU AA 130 -17.80 3.05 -13.64
N GLN AA 131 -16.72 3.83 -13.64
CA GLN AA 131 -16.14 4.47 -12.45
C GLN AA 131 -15.62 5.87 -12.77
N THR AA 132 -15.61 6.75 -11.76
CA THR AA 132 -15.23 8.18 -11.84
C THR AA 132 -15.90 8.98 -12.99
N ARG AA 133 -17.22 8.81 -13.17
CA ARG AA 133 -18.03 9.25 -14.34
C ARG AA 133 -18.20 10.77 -14.55
N ALA AA 134 -17.38 11.61 -13.94
CA ALA AA 134 -17.29 13.05 -14.19
C ALA AA 134 -16.73 13.38 -15.60
N ALA AA 135 -17.00 14.59 -16.11
CA ALA AA 135 -16.51 15.09 -17.40
C ALA AA 135 -16.10 16.56 -17.35
N VAL AA 136 -15.25 16.98 -18.29
CA VAL AA 136 -14.64 18.33 -18.32
C VAL AA 136 -15.63 19.40 -18.80
N MET BA 1 -35.08 -87.49 90.64
CA MET BA 1 -36.11 -87.01 91.60
C MET BA 1 -37.46 -86.97 90.92
N SER BA 2 -38.42 -86.25 91.52
CA SER BA 2 -39.73 -86.01 91.00
C SER BA 2 -40.10 -84.64 91.51
N GLY BA 3 -41.35 -84.21 91.24
CA GLY BA 3 -41.81 -82.88 91.55
C GLY BA 3 -43.11 -82.92 92.30
N SER BA 4 -43.69 -84.11 92.54
CA SER BA 4 -44.99 -84.23 93.18
C SER BA 4 -44.81 -85.10 94.39
N GLY BA 5 -45.17 -84.56 95.57
CA GLY BA 5 -44.85 -85.15 96.85
C GLY BA 5 -45.08 -84.10 97.88
N SER BA 6 -44.27 -84.10 98.96
CA SER BA 6 -44.58 -83.35 100.16
C SER BA 6 -43.59 -82.26 100.41
N PHE BA 7 -44.13 -81.02 100.52
CA PHE BA 7 -43.57 -79.79 101.03
C PHE BA 7 -44.13 -78.74 100.11
N GLU BA 8 -44.41 -77.52 100.61
CA GLU BA 8 -44.91 -76.47 99.75
C GLU BA 8 -44.53 -75.16 100.38
N GLY BA 9 -44.31 -74.15 99.51
CA GLY BA 9 -43.90 -72.80 99.81
C GLY BA 9 -44.73 -72.06 100.83
N GLY BA 10 -44.11 -71.01 101.42
CA GLY BA 10 -44.69 -70.18 102.44
C GLY BA 10 -44.97 -68.83 101.88
N VAL BA 11 -44.97 -67.82 102.77
CA VAL BA 11 -45.38 -66.46 102.49
C VAL BA 11 -44.20 -65.57 102.76
N PHE BA 12 -42.97 -66.15 102.69
CA PHE BA 12 -41.77 -65.62 103.31
C PHE BA 12 -40.78 -65.25 102.23
N SER BA 13 -39.71 -64.54 102.66
CA SER BA 13 -38.54 -64.12 101.92
C SER BA 13 -38.77 -62.79 101.27
N PRO BA 14 -38.35 -61.66 101.84
CA PRO BA 14 -38.22 -60.41 101.14
C PRO BA 14 -37.20 -60.51 100.02
N TYR BA 15 -37.57 -60.11 98.78
CA TYR BA 15 -36.66 -60.04 97.67
C TYR BA 15 -36.39 -58.59 97.54
N LEU BA 16 -35.09 -58.18 97.55
CA LEU BA 16 -34.71 -56.79 97.38
C LEU BA 16 -34.29 -56.61 95.94
N THR BA 17 -34.64 -55.43 95.36
CA THR BA 17 -34.59 -55.19 93.94
C THR BA 17 -33.49 -54.18 93.75
N GLY BA 18 -32.78 -54.26 92.60
CA GLY BA 18 -31.44 -53.75 92.44
C GLY BA 18 -31.57 -52.36 91.89
N ARG BA 19 -30.48 -51.83 91.30
CA ARG BA 19 -30.51 -50.55 90.62
C ARG BA 19 -31.47 -50.54 89.45
N LEU BA 20 -31.40 -51.60 88.60
CA LEU BA 20 -32.27 -51.88 87.49
C LEU BA 20 -32.31 -50.80 86.41
N PRO BA 21 -31.60 -50.92 85.29
CA PRO BA 21 -31.87 -50.21 84.04
C PRO BA 21 -33.30 -50.15 83.58
N SER BA 22 -33.72 -48.96 83.06
CA SER BA 22 -35.03 -48.68 82.50
C SER BA 22 -35.25 -49.47 81.23
N TRP BA 23 -36.54 -49.79 80.92
CA TRP BA 23 -36.89 -50.55 79.73
C TRP BA 23 -38.17 -49.97 79.19
N ALA BA 24 -38.21 -49.84 77.84
CA ALA BA 24 -39.29 -49.16 77.16
C ALA BA 24 -39.27 -49.57 75.71
N GLY BA 25 -40.29 -49.14 74.94
CA GLY BA 25 -40.48 -49.43 73.54
C GLY BA 25 -41.70 -50.28 73.38
N VAL BA 26 -42.63 -50.15 74.37
CA VAL BA 26 -43.90 -50.80 74.56
C VAL BA 26 -44.83 -50.67 73.40
N ARG BA 27 -45.70 -51.69 73.20
CA ARG BA 27 -46.63 -51.77 72.11
C ARG BA 27 -47.06 -53.20 72.07
N GLN BA 28 -48.38 -53.46 72.10
CA GLN BA 28 -48.86 -54.82 71.97
C GLN BA 28 -50.31 -54.72 71.61
N ASN BA 29 -50.83 -55.80 70.96
CA ASN BA 29 -52.22 -55.97 70.62
C ASN BA 29 -52.35 -57.45 70.39
N VAL BA 30 -53.58 -58.02 70.48
CA VAL BA 30 -53.81 -59.44 70.36
C VAL BA 30 -54.19 -59.84 68.95
N MET BA 31 -54.17 -58.86 68.02
CA MET BA 31 -54.51 -59.02 66.64
C MET BA 31 -53.36 -58.37 65.91
N GLY BA 32 -52.44 -57.69 66.65
CA GLY BA 32 -51.18 -57.20 66.16
C GLY BA 32 -50.17 -58.30 66.32
N SER BA 33 -48.86 -57.97 66.29
CA SER BA 33 -47.80 -58.97 66.32
C SER BA 33 -46.51 -58.34 66.80
N THR BA 34 -46.59 -57.12 67.40
CA THR BA 34 -45.50 -56.35 68.00
C THR BA 34 -44.88 -55.54 66.88
N VAL BA 35 -45.69 -55.27 65.82
CA VAL BA 35 -45.30 -54.55 64.62
C VAL BA 35 -44.90 -53.13 64.98
N ASP BA 36 -43.58 -52.86 64.82
CA ASP BA 36 -42.96 -51.58 65.09
C ASP BA 36 -42.30 -51.17 63.80
N GLY BA 37 -42.61 -51.92 62.72
CA GLY BA 37 -42.13 -51.75 61.38
C GLY BA 37 -41.95 -53.14 60.84
N ARG BA 38 -41.85 -54.13 61.76
CA ARG BA 38 -41.71 -55.52 61.45
C ARG BA 38 -42.16 -56.20 62.73
N PRO BA 39 -42.75 -57.38 62.73
CA PRO BA 39 -43.28 -58.01 63.94
C PRO BA 39 -42.16 -58.53 64.81
N VAL BA 40 -41.17 -59.25 64.22
CA VAL BA 40 -39.94 -59.60 64.88
C VAL BA 40 -39.08 -58.37 64.75
N GLN BA 41 -38.84 -57.69 65.89
CA GLN BA 41 -38.04 -56.50 65.93
C GLN BA 41 -36.99 -56.86 66.97
N PRO BA 42 -35.72 -57.14 66.65
CA PRO BA 42 -34.68 -57.34 67.64
C PRO BA 42 -34.38 -56.06 68.39
N ALA BA 43 -34.15 -56.21 69.72
CA ALA BA 43 -33.84 -55.19 70.69
C ALA BA 43 -34.31 -55.84 71.95
N ASN BA 44 -33.62 -55.54 73.08
CA ASN BA 44 -33.76 -56.25 74.34
C ASN BA 44 -35.17 -56.27 74.90
N SER BA 45 -35.54 -57.46 75.45
CA SER BA 45 -36.67 -57.70 76.31
C SER BA 45 -38.00 -57.80 75.58
N SER BA 46 -38.92 -58.58 76.21
CA SER BA 46 -40.34 -58.69 75.95
C SER BA 46 -40.69 -59.62 74.81
N THR BA 47 -41.83 -60.34 74.97
CA THR BA 47 -42.54 -61.07 73.94
C THR BA 47 -41.98 -62.46 73.83
N LEU BA 48 -41.10 -62.72 72.84
CA LEU BA 48 -40.51 -64.02 72.65
C LEU BA 48 -39.21 -63.79 71.93
N THR BA 49 -38.20 -64.63 72.25
CA THR BA 49 -36.82 -64.64 71.76
C THR BA 49 -36.60 -64.33 70.29
N TYR BA 50 -35.56 -63.52 70.02
CA TYR BA 50 -35.09 -63.16 68.70
C TYR BA 50 -34.02 -64.16 68.32
N ALA BA 51 -33.44 -64.00 67.11
CA ALA BA 51 -32.37 -64.82 66.61
C ALA BA 51 -31.77 -64.13 65.43
N THR BA 52 -32.19 -62.87 65.16
CA THR BA 52 -31.80 -62.09 64.02
C THR BA 52 -31.11 -60.87 64.58
N LEU BA 53 -30.01 -60.46 63.91
CA LEU BA 53 -29.22 -59.30 64.27
C LEU BA 53 -29.40 -58.36 63.12
N SER BA 54 -30.68 -58.00 62.84
CA SER BA 54 -31.08 -57.02 61.85
C SER BA 54 -30.53 -55.67 62.18
N SER BA 55 -30.11 -54.94 61.13
CA SER BA 55 -29.48 -53.67 61.29
C SER BA 55 -30.05 -52.83 60.18
N SER BA 56 -29.88 -51.49 60.31
CA SER BA 56 -30.40 -50.40 59.50
C SER BA 56 -30.70 -50.68 58.04
N SER BA 57 -31.92 -50.27 57.60
CA SER BA 57 -32.42 -50.43 56.25
C SER BA 57 -32.19 -49.14 55.51
N VAL BA 58 -32.36 -49.18 54.16
CA VAL BA 58 -32.26 -48.05 53.28
C VAL BA 58 -33.64 -47.45 53.08
N LEU BA 99 -4.47 -21.11 17.43
CA LEU BA 99 -4.08 -20.32 16.30
C LEU BA 99 -4.92 -20.68 15.09
N ASN BA 100 -5.54 -21.88 15.09
CA ASN BA 100 -6.38 -22.35 14.01
C ASN BA 100 -7.83 -22.09 14.36
N GLU BA 101 -8.10 -21.45 15.52
CA GLU BA 101 -9.42 -21.02 15.93
C GLU BA 101 -9.56 -19.54 15.79
N GLU BA 102 -8.46 -18.81 15.46
CA GLU BA 102 -8.51 -17.39 15.23
C GLU BA 102 -8.40 -17.16 13.74
N LYS BA 103 -8.31 -18.26 12.96
CA LYS BA 103 -8.28 -18.25 11.51
C LYS BA 103 -9.65 -18.68 11.01
N LEU BA 104 -10.59 -18.99 11.94
CA LEU BA 104 -11.95 -19.34 11.64
C LEU BA 104 -12.84 -18.15 11.86
N LEU BA 105 -13.96 -18.14 11.08
CA LEU BA 105 -15.03 -17.16 11.07
C LEU BA 105 -14.67 -16.06 10.10
N LEU BA 106 -13.50 -16.18 9.42
CA LEU BA 106 -12.96 -15.14 8.59
C LEU BA 106 -13.32 -15.41 7.16
N LEU BA 107 -14.06 -16.52 6.92
CA LEU BA 107 -14.58 -16.89 5.62
C LEU BA 107 -16.07 -16.80 5.68
N MET BA 108 -16.64 -16.37 6.82
CA MET BA 108 -18.07 -16.31 7.01
C MET BA 108 -18.52 -14.87 7.01
N ALA BA 109 -17.59 -13.89 6.82
CA ALA BA 109 -17.97 -12.49 6.74
C ALA BA 109 -17.30 -11.86 5.55
N GLN BA 110 -16.28 -12.54 4.96
CA GLN BA 110 -15.86 -12.31 3.59
C GLN BA 110 -16.95 -12.69 2.63
N LEU BA 111 -17.63 -13.81 2.96
CA LEU BA 111 -18.72 -14.40 2.22
C LEU BA 111 -19.90 -13.48 2.10
N GLU BA 112 -20.28 -12.80 3.22
CA GLU BA 112 -21.42 -11.91 3.31
C GLU BA 112 -21.31 -10.74 2.39
N ALA BA 113 -20.10 -10.10 2.37
CA ALA BA 113 -19.78 -9.00 1.50
C ALA BA 113 -19.78 -9.39 0.05
N LEU BA 114 -19.22 -10.59 -0.26
CA LEU BA 114 -19.11 -11.15 -1.58
C LEU BA 114 -20.44 -11.43 -2.22
N THR BA 115 -21.41 -11.92 -1.43
CA THR BA 115 -22.75 -12.31 -1.84
C THR BA 115 -23.53 -11.13 -2.41
N GLN BA 116 -23.33 -9.92 -1.83
CA GLN BA 116 -24.04 -8.72 -2.23
C GLN BA 116 -23.26 -7.99 -3.30
N ARG BA 117 -22.22 -8.65 -3.84
CA ARG BA 117 -21.39 -8.17 -4.93
C ARG BA 117 -21.29 -9.34 -5.89
N LEU BA 118 -22.31 -10.23 -5.87
CA LEU BA 118 -22.33 -11.44 -6.65
C LEU BA 118 -23.78 -11.84 -6.65
N GLY BA 119 -24.69 -10.85 -6.64
CA GLY BA 119 -26.11 -11.08 -6.60
C GLY BA 119 -26.78 -9.75 -6.75
N GLU BA 120 -26.00 -8.66 -6.59
CA GLU BA 120 -26.43 -7.33 -6.95
C GLU BA 120 -25.63 -6.94 -8.16
N LEU BA 121 -24.58 -7.70 -8.52
CA LEU BA 121 -23.85 -7.61 -9.77
C LEU BA 121 -23.94 -8.95 -10.53
N THR BA 122 -24.99 -9.77 -10.27
CA THR BA 122 -25.18 -11.00 -11.01
C THR BA 122 -26.64 -11.12 -11.29
N GLN BA 123 -27.50 -11.08 -10.25
CA GLN BA 123 -28.91 -11.38 -10.39
C GLN BA 123 -29.71 -10.13 -10.66
N GLN BA 124 -29.06 -8.95 -10.71
CA GLN BA 124 -29.69 -7.71 -11.10
C GLN BA 124 -29.06 -7.27 -12.40
N VAL BA 125 -28.05 -7.96 -12.94
CA VAL BA 125 -27.62 -7.88 -14.35
C VAL BA 125 -28.46 -8.87 -15.18
N ALA BA 126 -29.26 -9.73 -14.52
CA ALA BA 126 -30.09 -10.69 -15.20
C ALA BA 126 -31.43 -10.06 -15.50
N GLN BA 127 -31.61 -8.80 -15.05
CA GLN BA 127 -32.79 -8.00 -15.30
C GLN BA 127 -32.40 -6.92 -16.28
N LEU BA 128 -31.12 -6.88 -16.70
CA LEU BA 128 -30.56 -5.97 -17.70
C LEU BA 128 -30.44 -6.72 -19.05
N GLN BA 129 -31.22 -7.79 -19.25
CA GLN BA 129 -31.20 -8.58 -20.46
C GLN BA 129 -32.57 -8.44 -21.10
N GLU BA 130 -33.41 -7.52 -20.56
CA GLU BA 130 -34.80 -7.42 -20.95
C GLU BA 130 -35.02 -6.23 -21.85
N GLN BA 131 -33.95 -5.46 -22.16
CA GLN BA 131 -34.10 -4.20 -22.86
C GLN BA 131 -32.75 -3.71 -23.28
N THR BA 132 -31.66 -4.39 -22.85
CA THR BA 132 -30.30 -4.01 -23.13
C THR BA 132 -29.71 -5.31 -23.58
N ARG BA 133 -29.17 -5.34 -24.82
CA ARG BA 133 -28.60 -6.54 -25.37
C ARG BA 133 -27.80 -6.18 -26.60
N ALA BA 134 -27.57 -4.87 -26.85
CA ALA BA 134 -26.95 -4.45 -28.08
C ALA BA 134 -26.49 -3.03 -27.91
N ALA BA 135 -26.54 -2.51 -26.66
CA ALA BA 135 -26.22 -1.14 -26.34
C ALA BA 135 -25.29 -1.19 -25.17
N VAL BA 136 -24.53 -0.08 -24.99
CA VAL BA 136 -23.63 0.10 -23.87
C VAL BA 136 -24.41 0.93 -22.82
N MET CA 1 42.28 -111.22 63.15
CA MET CA 1 41.83 -110.67 64.45
C MET CA 1 42.39 -109.26 64.68
N SER CA 2 41.95 -108.54 65.71
CA SER CA 2 42.47 -107.20 66.06
C SER CA 2 42.33 -106.85 67.54
N GLY CA 3 41.12 -107.01 68.11
CA GLY CA 3 40.83 -106.86 69.54
C GLY CA 3 39.35 -106.84 69.95
N SER CA 4 39.06 -107.35 71.15
CA SER CA 4 37.72 -107.41 71.80
C SER CA 4 37.77 -107.11 73.33
N GLY CA 5 38.56 -106.12 73.76
CA GLY CA 5 38.58 -105.64 75.14
C GLY CA 5 39.78 -104.76 75.53
N SER CA 6 41.00 -105.11 75.11
CA SER CA 6 42.29 -104.69 75.74
C SER CA 6 42.66 -103.18 75.77
N PHE CA 7 42.00 -102.27 75.04
CA PHE CA 7 42.23 -100.82 75.09
C PHE CA 7 41.06 -100.04 74.46
N GLU CA 8 41.13 -98.70 74.43
CA GLU CA 8 40.10 -97.79 73.87
C GLU CA 8 40.36 -97.42 72.38
N GLY CA 9 40.29 -98.41 71.48
CA GLY CA 9 40.56 -98.26 70.05
C GLY CA 9 39.33 -98.01 69.15
N GLY CA 10 39.52 -98.04 67.83
CA GLY CA 10 38.47 -97.86 66.80
C GLY CA 10 38.97 -98.13 65.37
N VAL CA 11 38.09 -98.63 64.50
CA VAL CA 11 38.43 -99.16 63.17
C VAL CA 11 37.93 -98.26 62.04
N PHE CA 12 38.80 -97.86 61.13
CA PHE CA 12 38.52 -97.32 59.78
C PHE CA 12 39.74 -97.57 58.85
N SER CA 13 39.55 -97.58 57.52
CA SER CA 13 40.55 -98.15 56.59
C SER CA 13 41.78 -97.27 56.31
N PRO CA 14 41.74 -96.16 55.53
CA PRO CA 14 42.89 -95.26 55.36
C PRO CA 14 43.03 -94.23 56.50
N TYR CA 15 44.10 -94.29 57.30
CA TYR CA 15 44.36 -93.29 58.35
C TYR CA 15 44.81 -91.96 57.71
N LEU CA 16 44.04 -90.90 57.91
CA LEU CA 16 44.38 -89.53 57.49
C LEU CA 16 43.98 -88.47 58.54
N THR CA 17 44.79 -87.43 58.55
CA THR CA 17 44.74 -86.24 59.39
C THR CA 17 45.63 -85.24 58.65
N GLY CA 18 45.16 -84.02 58.35
CA GLY CA 18 45.99 -83.12 57.63
C GLY CA 18 45.52 -81.75 57.94
N ARG CA 19 45.00 -81.05 56.92
CA ARG CA 19 44.31 -79.78 57.02
C ARG CA 19 44.11 -79.36 55.57
N LEU CA 20 44.03 -78.03 55.31
CA LEU CA 20 43.73 -77.45 54.02
C LEU CA 20 45.01 -76.99 53.34
N PRO CA 21 45.45 -77.55 52.21
CA PRO CA 21 46.49 -76.96 51.38
C PRO CA 21 45.84 -76.06 50.36
N SER CA 22 46.59 -75.09 49.81
CA SER CA 22 46.08 -74.11 48.86
C SER CA 22 46.29 -74.56 47.43
N TRP CA 23 45.77 -73.72 46.51
CA TRP CA 23 45.95 -73.63 45.07
C TRP CA 23 45.59 -74.87 44.27
N ALA CA 24 45.81 -74.77 42.94
CA ALA CA 24 45.40 -75.69 41.92
C ALA CA 24 46.31 -76.88 41.84
N GLY CA 25 45.80 -77.97 41.22
CA GLY CA 25 46.47 -79.24 41.06
C GLY CA 25 45.72 -80.24 41.86
N VAL CA 26 44.42 -79.95 42.13
CA VAL CA 26 43.59 -80.70 43.04
C VAL CA 26 43.07 -81.94 42.33
N ARG CA 27 42.96 -81.91 40.98
CA ARG CA 27 42.43 -83.01 40.21
C ARG CA 27 43.48 -83.54 39.28
N GLN CA 28 43.57 -84.89 39.25
CA GLN CA 28 44.35 -85.66 38.33
C GLN CA 28 43.53 -86.92 38.19
N ASN CA 29 43.55 -87.53 36.98
CA ASN CA 29 42.86 -88.77 36.67
C ASN CA 29 41.41 -88.49 36.36
N VAL CA 30 41.09 -87.22 36.04
CA VAL CA 30 39.76 -86.74 35.73
C VAL CA 30 39.85 -86.35 34.28
N MET CA 31 38.69 -86.26 33.58
CA MET CA 31 38.57 -85.92 32.17
C MET CA 31 39.26 -84.60 31.85
N GLY CA 32 39.90 -84.56 30.66
CA GLY CA 32 40.90 -83.60 30.27
C GLY CA 32 40.51 -82.16 30.23
N SER CA 33 41.53 -81.32 29.91
CA SER CA 33 41.49 -79.89 29.81
C SER CA 33 40.48 -79.43 28.77
N THR CA 34 39.84 -78.29 29.06
CA THR CA 34 38.63 -77.87 28.39
C THR CA 34 38.70 -76.38 28.32
N VAL CA 35 39.45 -75.75 29.27
CA VAL CA 35 39.78 -74.34 29.38
C VAL CA 35 38.56 -73.48 29.61
N ASP CA 36 37.84 -73.11 28.52
CA ASP CA 36 36.70 -72.21 28.57
C ASP CA 36 35.44 -73.01 28.47
N GLY CA 37 35.57 -74.35 28.36
CA GLY CA 37 34.50 -75.30 28.55
C GLY CA 37 33.84 -75.73 27.29
N ARG CA 38 33.68 -77.07 27.17
CA ARG CA 38 33.07 -77.75 26.06
C ARG CA 38 32.72 -79.12 26.56
N PRO CA 39 31.73 -79.82 26.00
CA PRO CA 39 31.24 -81.09 26.53
C PRO CA 39 32.14 -82.25 26.12
N LYS CA 103 -16.99 -26.13 13.12
CA LYS CA 103 -16.78 -24.85 12.48
C LYS CA 103 -16.18 -25.08 11.11
N LEU CA 104 -15.93 -26.36 10.75
CA LEU CA 104 -15.36 -26.73 9.47
C LEU CA 104 -16.42 -27.27 8.56
N LEU CA 105 -17.64 -27.53 9.10
CA LEU CA 105 -18.78 -27.95 8.32
C LEU CA 105 -19.35 -26.75 7.60
N LEU CA 106 -19.21 -25.55 8.20
CA LEU CA 106 -19.61 -24.28 7.65
C LEU CA 106 -18.85 -23.95 6.38
N LEU CA 107 -17.51 -24.16 6.40
CA LEU CA 107 -16.62 -23.84 5.31
C LEU CA 107 -16.91 -24.66 4.07
N MET CA 108 -17.15 -25.98 4.26
CA MET CA 108 -17.27 -26.90 3.15
C MET CA 108 -18.62 -26.85 2.47
N ALA CA 109 -19.65 -26.25 3.11
CA ALA CA 109 -21.01 -26.35 2.64
C ALA CA 109 -21.54 -25.05 2.11
N GLN CA 110 -20.91 -23.91 2.48
CA GLN CA 110 -21.38 -22.60 2.09
C GLN CA 110 -20.47 -22.01 1.05
N LEU CA 111 -19.39 -22.74 0.69
CA LEU CA 111 -18.51 -22.38 -0.38
C LEU CA 111 -18.64 -23.40 -1.49
N GLU CA 112 -19.55 -24.38 -1.31
CA GLU CA 112 -20.04 -25.20 -2.41
C GLU CA 112 -21.38 -24.66 -2.81
N ALA CA 113 -21.82 -23.55 -2.16
CA ALA CA 113 -23.04 -22.86 -2.47
C ALA CA 113 -22.67 -21.59 -3.19
N LEU CA 114 -21.41 -21.12 -3.01
CA LEU CA 114 -20.83 -19.95 -3.62
C LEU CA 114 -20.77 -20.05 -5.12
N THR CA 115 -20.52 -21.28 -5.63
CA THR CA 115 -20.20 -21.59 -7.01
C THR CA 115 -21.40 -21.50 -7.91
N GLN CA 116 -22.63 -21.50 -7.34
CA GLN CA 116 -23.88 -21.49 -8.04
C GLN CA 116 -24.02 -20.25 -8.89
N ARG CA 117 -23.64 -19.06 -8.35
CA ARG CA 117 -23.73 -17.81 -9.06
C ARG CA 117 -22.41 -17.38 -9.63
N LEU CA 118 -21.31 -18.16 -9.43
CA LEU CA 118 -20.08 -18.02 -10.19
C LEU CA 118 -20.32 -18.42 -11.63
N GLY CA 119 -21.11 -19.50 -11.85
CA GLY CA 119 -21.35 -20.03 -13.17
C GLY CA 119 -22.46 -19.30 -13.88
N GLU CA 120 -23.36 -18.64 -13.11
CA GLU CA 120 -24.44 -17.84 -13.67
C GLU CA 120 -23.94 -16.49 -14.12
N LEU CA 121 -22.81 -16.01 -13.55
CA LEU CA 121 -22.22 -14.75 -13.90
C LEU CA 121 -21.47 -14.88 -15.20
N THR CA 122 -20.98 -16.10 -15.51
CA THR CA 122 -20.36 -16.45 -16.78
C THR CA 122 -21.38 -16.31 -17.89
N GLN CA 123 -22.61 -16.81 -17.63
CA GLN CA 123 -23.75 -16.74 -18.54
C GLN CA 123 -24.22 -15.32 -18.81
N GLN CA 124 -24.29 -14.44 -17.78
CA GLN CA 124 -24.80 -13.09 -17.89
C GLN CA 124 -24.01 -12.20 -18.82
N VAL CA 125 -22.68 -12.27 -18.74
CA VAL CA 125 -21.78 -11.48 -19.60
C VAL CA 125 -21.80 -12.02 -21.03
N ALA CA 126 -22.15 -13.31 -21.21
CA ALA CA 126 -22.15 -13.98 -22.48
C ALA CA 126 -23.46 -13.71 -23.20
N GLN CA 127 -24.41 -13.03 -22.51
CA GLN CA 127 -25.68 -12.63 -23.06
C GLN CA 127 -25.80 -11.13 -22.98
N LEU CA 128 -24.72 -10.38 -22.68
CA LEU CA 128 -24.70 -8.90 -22.74
C LEU CA 128 -23.49 -8.42 -23.54
N GLN CA 129 -22.30 -8.55 -22.98
CA GLN CA 129 -21.06 -8.14 -23.65
C GLN CA 129 -20.67 -9.05 -24.82
N GLU CA 130 -21.38 -10.14 -25.16
CA GLU CA 130 -21.03 -10.94 -26.32
C GLU CA 130 -22.18 -10.80 -27.28
N GLN CA 131 -23.16 -9.94 -26.95
CA GLN CA 131 -24.30 -9.61 -27.79
C GLN CA 131 -24.12 -8.19 -28.27
N THR CA 132 -22.95 -7.57 -27.94
CA THR CA 132 -22.52 -6.29 -28.45
C THR CA 132 -21.45 -6.56 -29.47
N ARG CA 133 -21.00 -7.83 -29.54
CA ARG CA 133 -20.01 -8.35 -30.47
C ARG CA 133 -20.73 -9.10 -31.55
N ALA CA 134 -22.07 -8.92 -31.60
CA ALA CA 134 -22.98 -9.64 -32.42
C ALA CA 134 -24.28 -9.00 -32.04
N ALA CA 135 -24.50 -7.77 -32.58
CA ALA CA 135 -25.63 -6.92 -32.28
C ALA CA 135 -26.95 -7.58 -32.55
N VAL CA 136 -27.90 -7.38 -31.62
CA VAL CA 136 -29.23 -7.93 -31.70
C VAL CA 136 -30.14 -6.80 -32.18
N ALA DA 13 67.64 76.19 -33.28
CA ALA DA 13 67.04 76.65 -34.51
C ALA DA 13 68.06 77.45 -35.26
N ALA DA 14 69.27 77.60 -34.67
CA ALA DA 14 70.42 78.20 -35.30
C ALA DA 14 71.32 77.08 -35.78
N LEU DA 15 70.88 75.82 -35.59
CA LEU DA 15 71.57 74.64 -36.05
C LEU DA 15 70.76 74.10 -37.20
N GLN DA 16 69.89 74.94 -37.80
CA GLN DA 16 68.90 74.52 -38.76
C GLN DA 16 68.63 75.68 -39.69
N SER DA 17 69.27 76.85 -39.47
CA SER DA 17 69.07 77.98 -40.34
C SER DA 17 70.29 78.86 -40.42
N GLN DA 18 71.40 78.49 -39.73
CA GLN DA 18 72.66 79.20 -39.88
C GLN DA 18 73.64 78.21 -40.43
N PRO DA 19 74.57 78.58 -41.31
CA PRO DA 19 75.52 77.67 -41.90
C PRO DA 19 76.71 77.56 -41.00
N SER DA 20 77.71 76.76 -41.42
CA SER DA 20 78.93 76.54 -40.69
C SER DA 20 80.05 77.27 -41.39
N GLY DA 21 79.74 78.07 -42.45
CA GLY DA 21 80.76 78.66 -43.26
C GLY DA 21 80.14 79.65 -44.20
N ILE DA 22 80.95 80.13 -45.16
CA ILE DA 22 80.58 81.18 -46.10
C ILE DA 22 80.07 80.54 -47.37
N ASN DA 23 78.96 81.11 -47.89
CA ASN DA 23 78.29 80.67 -49.09
C ASN DA 23 77.20 81.67 -49.37
N SER DA 24 77.14 82.76 -48.58
CA SER DA 24 76.23 83.85 -48.83
C SER DA 24 76.74 85.10 -48.13
N SER DA 25 77.91 84.99 -47.44
CA SER DA 25 78.58 86.03 -46.70
C SER DA 25 78.09 86.04 -45.26
N ASP DA 26 77.57 84.89 -44.78
CA ASP DA 26 77.18 84.70 -43.41
C ASP DA 26 78.41 84.24 -42.68
N ASP DA 27 78.67 84.87 -41.50
CA ASP DA 27 79.80 84.64 -40.61
C ASP DA 27 80.90 85.57 -41.05
N TRP DA 28 80.51 86.81 -41.42
CA TRP DA 28 81.36 87.89 -41.87
C TRP DA 28 82.34 88.34 -40.82
N THR DA 29 81.91 88.32 -39.53
CA THR DA 29 82.66 88.75 -38.38
C THR DA 29 83.91 87.94 -38.16
N GLN DA 30 83.83 86.62 -38.43
CA GLN DA 30 84.91 85.68 -38.23
C GLN DA 30 85.68 85.48 -39.51
N ALA DA 31 85.28 86.17 -40.61
CA ALA DA 31 85.96 86.12 -41.88
C ALA DA 31 86.86 87.33 -42.02
N MET DA 32 86.67 88.35 -41.14
CA MET DA 32 87.45 89.56 -41.11
C MET DA 32 88.71 89.26 -40.33
N GLN DA 33 88.62 88.35 -39.34
CA GLN DA 33 89.72 87.84 -38.55
C GLN DA 33 90.72 87.14 -39.41
N ARG DA 34 90.24 86.37 -40.43
CA ARG DA 34 91.06 85.59 -41.33
C ARG DA 34 92.02 86.46 -42.10
N ILE DA 35 91.54 87.63 -42.56
CA ILE DA 35 92.28 88.50 -43.44
C ILE DA 35 93.08 89.50 -42.64
N MET DA 36 93.09 89.34 -41.29
CA MET DA 36 93.91 90.08 -40.37
C MET DA 36 95.04 89.17 -39.96
N ALA DA 37 94.90 87.87 -40.27
CA ALA DA 37 95.87 86.84 -40.03
C ALA DA 37 96.28 86.74 -38.59
N LEU DA 38 95.31 86.46 -37.70
CA LEU DA 38 95.55 86.43 -36.27
C LEU DA 38 94.68 85.32 -35.74
N THR DA 39 94.18 84.44 -36.64
CA THR DA 39 93.34 83.31 -36.34
C THR DA 39 94.03 82.31 -35.46
N THR DA 40 93.23 81.59 -34.64
CA THR DA 40 93.71 80.64 -33.66
C THR DA 40 93.83 79.25 -34.25
N ARG DA 41 93.61 79.14 -35.58
CA ARG DA 41 93.76 77.90 -36.32
C ARG DA 41 95.00 78.04 -37.18
N ASN DA 42 95.85 79.04 -36.82
CA ASN DA 42 97.14 79.40 -37.35
C ASN DA 42 96.94 80.40 -38.47
N PRO DA 43 97.63 81.55 -38.48
CA PRO DA 43 97.51 82.52 -39.53
C PRO DA 43 98.37 82.12 -40.72
N GLU DA 44 99.12 81.00 -40.62
CA GLU DA 44 100.00 80.53 -41.65
C GLU DA 44 99.33 79.44 -42.42
N ALA DA 45 98.01 79.25 -42.19
CA ALA DA 45 97.21 78.29 -42.90
C ALA DA 45 96.35 79.00 -43.89
N PHE DA 46 96.35 80.36 -43.88
CA PHE DA 46 95.50 81.15 -44.74
C PHE DA 46 96.35 81.71 -45.85
N ARG DA 47 97.69 81.61 -45.75
CA ARG DA 47 98.59 82.05 -46.78
C ARG DA 47 98.95 80.89 -47.65
N GLN DA 48 98.30 79.72 -47.42
CA GLN DA 48 98.58 78.50 -48.10
C GLN DA 48 97.27 77.96 -48.55
N GLN DA 49 96.58 78.71 -49.43
CA GLN DA 49 95.34 78.27 -50.01
C GLN DA 49 95.39 78.74 -51.44
N PRO DA 50 94.60 78.19 -52.35
CA PRO DA 50 94.51 78.64 -53.73
C PRO DA 50 94.11 80.08 -53.90
N GLN DA 51 94.30 80.67 -55.11
CA GLN DA 51 93.77 81.97 -55.47
C GLN DA 51 92.34 81.87 -55.89
N ALA DA 52 91.46 81.54 -54.93
CA ALA DA 52 90.07 81.38 -55.19
C ALA DA 52 89.42 81.16 -53.86
N ASN DA 53 90.25 80.99 -52.80
CA ASN DA 53 89.79 80.73 -51.46
C ASN DA 53 90.23 81.89 -50.62
N ARG DA 54 91.01 82.82 -51.19
CA ARG DA 54 91.48 83.99 -50.50
C ARG DA 54 90.95 85.18 -51.26
N LEU DA 55 90.13 84.93 -52.30
CA LEU DA 55 89.55 85.92 -53.17
C LEU DA 55 88.07 85.77 -52.99
N SER DA 56 87.66 85.23 -51.84
CA SER DA 56 86.27 85.01 -51.54
C SER DA 56 86.16 84.98 -50.05
N ALA DA 57 87.30 85.16 -49.35
CA ALA DA 57 87.34 85.26 -47.91
C ALA DA 57 87.81 86.65 -47.61
N ILE DA 58 87.92 87.52 -48.65
CA ILE DA 58 88.35 88.88 -48.52
C ILE DA 58 87.30 89.72 -49.19
N LEU DA 59 86.40 89.13 -50.00
CA LEU DA 59 85.34 89.87 -50.65
C LEU DA 59 84.07 89.69 -49.87
N GLU DA 60 84.09 88.77 -48.88
CA GLU DA 60 82.97 88.42 -48.05
C GLU DA 60 83.38 88.77 -46.66
N ALA DA 61 84.23 89.81 -46.52
CA ALA DA 61 84.88 90.11 -45.28
C ALA DA 61 85.30 91.55 -45.33
N VAL DA 62 84.89 92.25 -46.42
CA VAL DA 62 85.06 93.68 -46.54
C VAL DA 62 83.67 94.22 -46.75
N VAL DA 63 82.86 93.54 -47.58
CA VAL DA 63 81.51 93.97 -47.88
C VAL DA 63 80.59 92.89 -47.34
N PRO DA 64 79.85 93.08 -46.24
CA PRO DA 64 78.82 92.15 -45.79
C PRO DA 64 77.67 92.05 -46.76
N SER DA 65 77.03 90.86 -46.82
CA SER DA 65 75.87 90.64 -47.64
C SER DA 65 75.04 89.61 -46.91
N ARG DA 66 74.64 89.93 -45.66
CA ARG DA 66 73.90 89.04 -44.79
C ARG DA 66 72.55 88.63 -45.32
N SER DA 67 72.16 87.37 -45.02
CA SER DA 67 70.84 86.80 -45.23
C SER DA 67 69.82 87.37 -44.26
N ASN DA 68 68.53 87.07 -44.51
CA ASN DA 68 67.42 87.47 -43.66
C ASN DA 68 67.35 86.52 -42.48
N PRO DA 69 67.27 86.98 -41.24
CA PRO DA 69 67.16 86.14 -40.06
C PRO DA 69 65.74 85.64 -39.87
N THR DA 70 64.82 85.85 -40.84
CA THR DA 70 63.45 85.39 -40.76
C THR DA 70 63.33 83.88 -40.70
N HIS DA 71 64.15 83.13 -41.49
CA HIS DA 71 64.12 81.68 -41.45
C HIS DA 71 64.45 81.14 -40.07
N GLU DA 72 65.48 81.73 -39.41
CA GLU DA 72 65.89 81.39 -38.07
C GLU DA 72 64.85 81.67 -37.02
N LYS DA 73 64.17 82.83 -37.16
CA LYS DA 73 63.37 83.42 -36.11
C LYS DA 73 61.92 83.08 -36.23
N VAL DA 74 61.55 82.25 -37.22
CA VAL DA 74 60.23 81.67 -37.34
C VAL DA 74 60.44 80.19 -37.08
N LEU DA 75 61.71 79.75 -36.97
CA LEU DA 75 62.04 78.38 -36.70
C LEU DA 75 62.38 78.28 -35.25
N ALA DA 76 62.34 79.41 -34.52
CA ALA DA 76 62.60 79.45 -33.10
C ALA DA 76 61.32 79.59 -32.35
N ILE DA 77 60.20 79.81 -33.09
CA ILE DA 77 58.88 79.93 -32.53
C ILE DA 77 58.24 78.58 -32.64
N VAL DA 78 58.57 77.82 -33.71
CA VAL DA 78 57.83 76.62 -34.06
C VAL DA 78 58.60 75.45 -33.52
N ASN DA 79 59.79 75.72 -32.93
CA ASN DA 79 60.61 74.73 -32.29
C ASN DA 79 60.45 74.92 -30.80
N ALA DA 80 59.59 75.87 -30.38
CA ALA DA 80 59.29 76.14 -29.01
C ALA DA 80 57.82 75.92 -28.80
N LEU DA 81 57.13 75.40 -29.83
CA LEU DA 81 55.71 75.17 -29.83
C LEU DA 81 55.51 73.67 -29.83
N VAL DA 82 56.57 72.91 -30.13
CA VAL DA 82 56.54 71.47 -30.16
C VAL DA 82 57.24 70.94 -28.94
N GLU DA 83 57.71 71.86 -28.07
CA GLU DA 83 58.27 71.52 -26.79
C GLU DA 83 57.29 72.00 -25.75
N ASN DA 84 56.04 72.27 -26.19
CA ASN DA 84 54.94 72.63 -25.33
C ASN DA 84 53.85 71.65 -25.58
N LYS DA 85 53.86 71.09 -26.81
CA LYS DA 85 52.94 70.10 -27.30
C LYS DA 85 51.70 70.78 -27.79
N ALA DA 86 51.86 72.10 -28.10
CA ALA DA 86 50.83 73.00 -28.55
C ALA DA 86 50.29 72.54 -29.87
N ILE DA 87 51.21 72.04 -30.72
CA ILE DA 87 50.92 71.46 -32.00
C ILE DA 87 51.74 70.21 -32.01
N ARG DA 88 51.35 69.24 -32.88
CA ARG DA 88 52.03 67.98 -33.10
C ARG DA 88 53.43 68.21 -33.61
N GLY DA 89 54.18 67.09 -33.80
CA GLY DA 89 55.54 67.12 -34.27
C GLY DA 89 55.54 66.96 -35.77
N ASP DA 90 54.35 66.72 -36.37
CA ASP DA 90 54.18 66.53 -37.78
C ASP DA 90 53.72 67.84 -38.37
N GLU DA 91 53.50 68.86 -37.52
CA GLU DA 91 53.04 70.16 -37.90
C GLU DA 91 54.13 71.16 -37.66
N ALA DA 92 55.39 70.69 -37.56
CA ALA DA 92 56.52 71.55 -37.32
C ALA DA 92 57.14 72.00 -38.62
N GLY DA 93 56.52 71.65 -39.75
CA GLY DA 93 56.98 71.98 -41.07
C GLY DA 93 55.85 72.55 -41.85
N LEU DA 94 54.62 72.48 -41.28
CA LEU DA 94 53.41 72.81 -41.97
C LEU DA 94 52.88 74.09 -41.39
N VAL DA 95 53.45 74.53 -40.25
CA VAL DA 95 53.14 75.77 -39.61
C VAL DA 95 54.38 76.63 -39.72
N TYR DA 96 55.51 76.05 -40.18
CA TYR DA 96 56.65 76.78 -40.65
C TYR DA 96 56.27 77.59 -41.88
N ASN DA 97 55.50 76.95 -42.80
CA ASN DA 97 54.92 77.54 -43.98
C ASN DA 97 53.96 78.64 -43.63
N ALA DA 98 53.12 78.42 -42.60
CA ALA DA 98 52.00 79.27 -42.33
C ALA DA 98 52.40 80.55 -41.66
N LEU DA 99 53.59 80.59 -41.04
CA LEU DA 99 54.14 81.77 -40.41
C LEU DA 99 55.16 82.40 -41.30
N LEU DA 100 55.38 81.85 -42.52
CA LEU DA 100 56.19 82.45 -43.55
C LEU DA 100 55.29 82.80 -44.70
N GLU DA 101 54.00 83.07 -44.41
CA GLU DA 101 53.10 83.55 -45.41
C GLU DA 101 52.04 84.30 -44.65
N ARG DA 102 52.27 84.58 -43.36
CA ARG DA 102 51.37 85.34 -42.53
C ARG DA 102 52.13 86.56 -42.11
N VAL DA 103 53.48 86.45 -41.99
CA VAL DA 103 54.30 87.56 -41.60
C VAL DA 103 54.93 88.12 -42.84
N ALA DA 104 54.75 87.41 -44.00
CA ALA DA 104 55.42 87.75 -45.22
C ALA DA 104 54.45 88.42 -46.14
N ARG DA 105 53.15 88.04 -46.07
CA ARG DA 105 52.13 88.62 -46.90
C ARG DA 105 51.46 89.76 -46.20
N TYR DA 106 51.88 90.07 -44.96
CA TYR DA 106 51.39 91.21 -44.23
C TYR DA 106 52.59 91.74 -43.49
N ASN DA 107 53.72 91.94 -44.22
CA ASN DA 107 54.95 92.36 -43.62
C ASN DA 107 54.96 93.86 -43.54
N SER DA 108 55.61 94.38 -42.48
CA SER DA 108 55.78 95.80 -42.27
C SER DA 108 56.93 95.91 -41.30
N THR DA 109 57.31 97.16 -40.97
CA THR DA 109 58.34 97.49 -40.02
C THR DA 109 58.02 96.96 -38.65
N ASN DA 110 56.74 97.07 -38.24
CA ASN DA 110 56.27 96.70 -36.91
C ASN DA 110 56.06 95.21 -36.80
N VAL DA 111 55.73 94.51 -37.92
CA VAL DA 111 55.61 93.07 -37.94
C VAL DA 111 56.94 92.41 -37.69
N GLN DA 112 58.03 92.95 -38.28
CA GLN DA 112 59.39 92.51 -38.08
C GLN DA 112 59.88 92.68 -36.66
N THR DA 113 59.51 93.81 -36.01
CA THR DA 113 59.84 94.14 -34.64
C THR DA 113 59.25 93.13 -33.68
N ASN DA 114 57.99 92.74 -33.94
CA ASN DA 114 57.19 91.95 -33.05
C ASN DA 114 57.38 90.50 -33.37
N LEU DA 115 58.24 90.17 -34.36
CA LEU DA 115 58.65 88.83 -34.66
C LEU DA 115 59.75 88.46 -33.70
N ASP DA 116 60.46 89.49 -33.17
CA ASP DA 116 61.64 89.30 -32.36
C ASP DA 116 61.25 89.32 -30.91
N ARG DA 117 59.93 89.41 -30.62
CA ARG DA 117 59.40 89.38 -29.30
C ARG DA 117 58.93 87.99 -29.03
N MET DA 118 59.11 87.06 -29.99
CA MET DA 118 58.64 85.70 -29.90
C MET DA 118 59.86 84.83 -29.96
N VAL DA 119 61.05 85.46 -29.84
CA VAL DA 119 62.33 84.83 -29.91
C VAL DA 119 62.73 84.62 -28.47
N THR DA 120 62.16 85.43 -27.55
CA THR DA 120 62.54 85.36 -26.16
C THR DA 120 61.31 85.00 -25.37
N ASP DA 121 60.11 85.54 -25.71
CA ASP DA 121 58.90 85.23 -24.98
C ASP DA 121 58.47 83.78 -25.07
N VAL DA 122 58.50 83.22 -26.31
CA VAL DA 122 58.01 81.89 -26.58
C VAL DA 122 59.04 80.88 -26.20
N ARG DA 123 60.34 81.27 -26.28
CA ARG DA 123 61.47 80.46 -25.89
C ARG DA 123 61.43 80.11 -24.43
N GLU DA 124 61.01 81.07 -23.57
CA GLU DA 124 61.07 80.94 -22.14
C GLU DA 124 59.72 80.51 -21.60
N ALA DA 125 58.72 80.32 -22.51
CA ALA DA 125 57.41 79.80 -22.17
C ALA DA 125 57.45 78.30 -22.15
N VAL DA 126 58.54 77.71 -22.72
CA VAL DA 126 58.84 76.31 -22.74
C VAL DA 126 59.05 75.77 -21.34
N MET EA 1 4.70 11.50 56.84
CA MET EA 1 6.11 11.07 56.76
C MET EA 1 6.23 9.58 56.87
N SER EA 2 6.23 9.07 58.13
CA SER EA 2 6.33 7.66 58.44
C SER EA 2 5.09 6.95 58.03
N LYS EA 3 5.25 5.94 57.14
CA LYS EA 3 4.18 5.09 56.73
C LYS EA 3 4.74 3.76 57.11
N GLU EA 4 4.13 3.13 58.14
CA GLU EA 4 4.57 1.93 58.82
C GLU EA 4 6.03 1.94 59.26
N ILE EA 5 6.50 0.73 59.65
CA ILE EA 5 7.87 0.34 59.74
C ILE EA 5 7.93 -0.67 58.60
N PRO EA 6 8.51 -0.44 57.43
CA PRO EA 6 8.15 -1.28 56.29
C PRO EA 6 9.06 -2.45 56.18
N THR EA 7 8.71 -3.42 55.30
CA THR EA 7 9.53 -4.58 55.03
C THR EA 7 10.80 -4.10 54.36
N PRO EA 8 11.98 -4.65 54.63
CA PRO EA 8 13.16 -4.42 53.83
C PRO EA 8 13.04 -4.69 52.34
N TYR EA 9 14.01 -4.14 51.59
CA TYR EA 9 14.18 -4.25 50.17
C TYR EA 9 15.31 -5.19 49.94
N MET EA 10 15.05 -6.31 49.24
CA MET EA 10 16.00 -7.35 48.98
C MET EA 10 16.59 -7.07 47.63
N TRP EA 11 17.94 -7.01 47.54
CA TRP EA 11 18.59 -6.77 46.27
C TRP EA 11 18.72 -8.06 45.54
N SER EA 12 18.59 -8.01 44.21
CA SER EA 12 18.79 -9.13 43.33
C SER EA 12 20.25 -9.23 43.02
N TYR EA 13 20.60 -10.19 42.16
CA TYR EA 13 21.94 -10.59 41.84
C TYR EA 13 22.01 -10.46 40.33
N GLN EA 14 23.23 -10.36 39.74
CA GLN EA 14 23.37 -10.42 38.30
C GLN EA 14 24.80 -10.71 37.95
N PRO EA 15 25.14 -11.05 36.68
CA PRO EA 15 26.52 -11.39 36.30
C PRO EA 15 27.41 -10.17 36.17
N GLN EA 16 27.02 -9.02 36.75
CA GLN EA 16 27.88 -7.93 37.11
C GLN EA 16 28.37 -7.12 35.96
N MET EA 17 27.74 -5.95 35.78
CA MET EA 17 28.30 -4.81 35.09
C MET EA 17 28.71 -3.87 36.19
N GLY EA 18 28.19 -4.12 37.42
CA GLY EA 18 28.44 -3.37 38.62
C GLY EA 18 27.13 -2.99 39.22
N LEU EA 19 26.01 -3.46 38.62
CA LEU EA 19 24.67 -3.26 39.13
C LEU EA 19 24.34 -4.42 40.04
N ALA EA 20 23.28 -4.24 40.85
CA ALA EA 20 22.75 -5.19 41.77
C ALA EA 20 21.39 -5.62 41.28
N ALA EA 21 21.04 -5.31 40.01
CA ALA EA 21 19.78 -5.63 39.39
C ALA EA 21 18.54 -5.20 40.14
N GLY EA 22 18.51 -3.95 40.65
CA GLY EA 22 17.45 -3.42 41.47
C GLY EA 22 17.15 -4.20 42.72
N ALA EA 23 16.11 -3.77 43.45
CA ALA EA 23 15.66 -4.40 44.67
C ALA EA 23 14.16 -4.40 44.64
N ALA EA 24 13.52 -5.16 45.54
CA ALA EA 24 12.09 -5.20 45.61
C ALA EA 24 11.74 -5.65 46.99
N GLN EA 25 10.52 -5.30 47.45
CA GLN EA 25 9.97 -5.63 48.77
C GLN EA 25 10.02 -7.09 49.04
N ASP EA 26 10.13 -7.46 50.34
CA ASP EA 26 10.25 -8.84 50.75
C ASP EA 26 8.85 -9.34 50.90
N TYR EA 27 8.51 -10.45 50.22
CA TYR EA 27 7.19 -11.02 50.20
C TYR EA 27 7.37 -12.48 50.44
N SER EA 28 8.37 -12.82 51.27
CA SER EA 28 8.63 -14.14 51.75
C SER EA 28 8.66 -14.00 53.24
N THR EA 29 7.75 -13.14 53.77
CA THR EA 29 7.66 -12.78 55.15
C THR EA 29 6.24 -12.33 55.33
N ARG EA 30 5.74 -12.48 56.58
CA ARG EA 30 4.44 -12.03 57.00
C ARG EA 30 4.58 -10.60 57.48
N MET EA 31 3.76 -10.21 58.49
CA MET EA 31 3.90 -9.03 59.32
C MET EA 31 3.19 -7.90 58.69
N ASN EA 32 2.25 -8.19 57.76
CA ASN EA 32 1.55 -7.13 57.07
C ASN EA 32 0.38 -7.73 56.36
N TRP EA 33 -0.15 -8.90 56.83
CA TRP EA 33 -1.29 -9.57 56.26
C TRP EA 33 -2.44 -9.39 57.23
N LEU EA 34 -3.18 -10.46 57.63
CA LEU EA 34 -4.25 -10.34 58.61
C LEU EA 34 -4.54 -11.67 59.25
N SER EA 35 -5.38 -11.67 60.33
CA SER EA 35 -5.91 -12.82 61.03
C SER EA 35 -4.97 -13.20 62.12
N ALA EA 36 -5.36 -12.86 63.37
CA ALA EA 36 -4.71 -13.18 64.59
C ALA EA 36 -5.60 -12.48 65.57
N GLY EA 37 -5.05 -11.71 66.53
CA GLY EA 37 -5.83 -10.98 67.50
C GLY EA 37 -5.21 -9.63 67.66
N PRO EA 38 -5.87 -8.70 68.34
CA PRO EA 38 -5.39 -7.34 68.52
C PRO EA 38 -4.39 -7.23 69.63
N ALA EA 39 -3.99 -8.36 70.27
CA ALA EA 39 -3.03 -8.35 71.35
C ALA EA 39 -1.69 -8.72 70.79
N MET EA 40 -1.64 -8.98 69.47
CA MET EA 40 -0.46 -9.39 68.75
C MET EA 40 0.09 -8.19 68.02
N ILE EA 41 -0.44 -6.97 68.28
CA ILE EA 41 0.06 -5.74 67.70
C ILE EA 41 1.42 -5.38 68.23
N SER EA 42 1.79 -5.93 69.40
CA SER EA 42 3.05 -5.66 70.01
C SER EA 42 3.57 -7.02 70.35
N ARG EA 43 3.68 -7.87 69.31
CA ARG EA 43 4.13 -9.21 69.52
C ARG EA 43 4.46 -9.72 68.14
N VAL EA 44 4.18 -8.94 67.07
CA VAL EA 44 4.28 -9.37 65.70
C VAL EA 44 4.79 -8.17 64.94
N ASN EA 45 4.59 -6.95 65.48
CA ASN EA 45 5.19 -5.77 64.92
C ASN EA 45 6.28 -5.33 65.84
N ASP EA 46 6.51 -6.05 66.97
CA ASP EA 46 7.73 -5.92 67.72
C ASP EA 46 8.77 -6.77 67.06
N ILE EA 47 8.36 -7.87 66.39
CA ILE EA 47 9.19 -8.73 65.59
C ILE EA 47 9.72 -7.98 64.42
N ARG EA 48 8.87 -7.17 63.76
CA ARG EA 48 9.13 -6.51 62.51
C ARG EA 48 10.00 -5.33 62.80
N ALA EA 49 9.85 -4.72 64.01
CA ALA EA 49 10.69 -3.70 64.56
C ALA EA 49 12.08 -4.22 64.79
N HIS EA 50 12.19 -5.43 65.37
CA HIS EA 50 13.44 -6.08 65.69
C HIS EA 50 14.20 -6.43 64.44
N ARG EA 51 13.52 -6.94 63.38
CA ARG EA 51 14.15 -7.29 62.13
C ARG EA 51 14.79 -6.10 61.50
N ASN EA 52 14.08 -4.95 61.48
CA ASN EA 52 14.56 -3.73 60.89
C ASN EA 52 15.72 -3.16 61.65
N GLN EA 53 15.69 -3.21 62.99
CA GLN EA 53 16.75 -2.72 63.81
C GLN EA 53 18.04 -3.48 63.62
N ILE EA 54 17.97 -4.82 63.48
CA ILE EA 54 19.12 -5.67 63.22
C ILE EA 54 19.73 -5.32 61.89
N LEU EA 55 18.90 -5.01 60.87
CA LEU EA 55 19.30 -4.55 59.58
C LEU EA 55 20.06 -3.26 59.55
N LEU EA 56 19.65 -2.22 60.32
CA LEU EA 56 20.36 -0.96 60.34
C LEU EA 56 21.74 -1.10 60.92
N GLU EA 57 21.85 -1.88 62.02
CA GLU EA 57 23.11 -2.17 62.66
C GLU EA 57 24.03 -2.94 61.77
N GLN EA 58 23.48 -3.97 61.09
CA GLN EA 58 24.19 -4.89 60.25
C GLN EA 58 24.78 -4.23 59.05
N SER EA 59 24.00 -3.34 58.39
CA SER EA 59 24.42 -2.59 57.23
C SER EA 59 25.54 -1.66 57.57
N ALA EA 60 25.43 -0.94 58.71
CA ALA EA 60 26.41 0.05 59.10
C ALA EA 60 27.77 -0.54 59.36
N LEU EA 61 27.84 -1.71 60.06
CA LEU EA 61 29.10 -2.37 60.33
C LEU EA 61 29.85 -2.85 59.11
N THR EA 62 29.13 -3.47 58.14
CA THR EA 62 29.75 -4.25 57.09
C THR EA 62 29.85 -3.58 55.75
N ALA EA 63 29.36 -2.34 55.58
CA ALA EA 63 29.24 -1.76 54.25
C ALA EA 63 30.09 -0.54 54.21
N THR EA 64 30.88 -0.40 53.12
CA THR EA 64 31.67 0.79 52.85
C THR EA 64 30.77 1.98 52.62
N PRO EA 65 31.13 3.20 53.00
CA PRO EA 65 30.43 4.41 52.60
C PRO EA 65 30.34 4.55 51.10
N ARG EA 66 29.21 5.06 50.59
CA ARG EA 66 28.99 5.22 49.17
C ARG EA 66 28.01 6.34 49.06
N ASN EA 67 27.97 6.97 47.87
CA ASN EA 67 27.08 8.06 47.57
C ASN EA 67 25.94 7.53 46.76
N HIS EA 68 25.92 6.20 46.47
CA HIS EA 68 24.99 5.58 45.57
C HIS EA 68 24.73 4.23 46.13
N LEU EA 69 23.49 3.71 45.96
CA LEU EA 69 23.14 2.35 46.28
C LEU EA 69 23.94 1.39 45.43
N ASN EA 70 24.03 1.67 44.11
CA ASN EA 70 24.72 0.82 43.17
C ASN EA 70 25.72 1.72 42.52
N PRO EA 71 27.02 1.60 42.70
CA PRO EA 71 27.95 2.56 42.15
C PRO EA 71 28.23 2.30 40.70
N ARG EA 72 27.91 1.08 40.18
CA ARG EA 72 28.04 0.71 38.78
C ARG EA 72 29.46 0.32 38.43
N ASN EA 73 30.38 0.38 39.43
CA ASN EA 73 31.78 0.11 39.25
C ASN EA 73 32.36 0.48 40.58
N TRP EA 74 32.94 -0.51 41.31
CA TRP EA 74 33.66 -0.26 42.54
C TRP EA 74 35.07 0.06 42.13
N PRO EA 75 35.78 1.01 42.77
CA PRO EA 75 37.21 1.20 42.66
C PRO EA 75 38.03 -0.04 42.89
N ALA EA 76 39.29 -0.02 42.43
CA ALA EA 76 40.23 -1.11 42.56
C ALA EA 76 40.56 -1.43 43.99
N ALA EA 77 40.50 -0.43 44.89
CA ALA EA 77 40.75 -0.63 46.30
C ALA EA 77 39.63 -1.35 46.99
N LEU EA 78 38.38 -1.26 46.45
CA LEU EA 78 37.20 -1.63 47.18
C LEU EA 78 36.54 -2.82 46.55
N VAL EA 79 37.20 -3.53 45.60
CA VAL EA 79 36.69 -4.80 45.11
C VAL EA 79 37.02 -5.94 46.03
N TYR EA 80 38.04 -5.77 46.91
CA TYR EA 80 38.58 -6.79 47.77
C TYR EA 80 39.44 -7.74 46.97
N GLN EA 81 40.77 -7.71 47.22
CA GLN EA 81 41.76 -8.42 46.45
C GLN EA 81 41.92 -9.80 47.02
N GLU EA 82 41.77 -10.81 46.14
CA GLU EA 82 41.90 -12.21 46.47
C GLU EA 82 42.96 -12.80 45.56
N ILE EA 83 43.72 -11.94 44.83
CA ILE EA 83 44.84 -12.33 44.00
C ILE EA 83 46.01 -12.96 44.77
N PRO EA 84 46.80 -13.88 44.18
CA PRO EA 84 47.83 -14.67 44.86
C PRO EA 84 48.96 -13.84 45.43
N GLN EA 85 49.91 -14.51 46.13
CA GLN EA 85 51.10 -13.90 46.65
C GLN EA 85 52.28 -14.49 45.88
N PRO EA 86 53.50 -13.90 46.02
CA PRO EA 86 54.78 -14.42 45.52
C PRO EA 86 55.13 -15.88 45.80
N THR EA 87 56.02 -16.41 44.96
CA THR EA 87 56.40 -17.82 44.81
C THR EA 87 57.86 -17.95 44.33
N THR EA 88 58.53 -19.08 44.55
CA THR EA 88 59.94 -19.29 44.16
C THR EA 88 60.15 -20.55 43.32
N VAL EA 89 60.91 -20.41 42.24
CA VAL EA 89 61.32 -21.49 41.35
C VAL EA 89 62.76 -21.86 41.62
N LEU EA 90 63.08 -23.13 41.88
CA LEU EA 90 64.47 -23.61 41.86
C LEU EA 90 64.79 -24.06 40.44
N LEU EA 91 65.60 -23.31 39.72
CA LEU EA 91 65.90 -23.56 38.31
C LEU EA 91 66.81 -24.80 38.20
N PRO EA 92 66.50 -25.76 37.32
CA PRO EA 92 67.08 -27.09 37.39
C PRO EA 92 68.48 -27.25 36.77
N ARG EA 93 69.02 -26.27 36.05
CA ARG EA 93 70.21 -26.44 35.21
C ARG EA 93 71.18 -25.27 35.25
N ASP EA 94 72.46 -25.51 35.00
CA ASP EA 94 73.39 -24.51 34.44
C ASP EA 94 73.35 -24.56 32.92
N ALA EA 95 73.38 -23.40 32.26
CA ALA EA 95 73.37 -23.29 30.83
C ALA EA 95 74.38 -22.22 30.54
N GLN EA 96 75.51 -22.26 31.29
CA GLN EA 96 76.57 -21.31 31.16
C GLN EA 96 77.78 -21.86 31.86
N ALA EA 97 77.74 -23.11 32.34
CA ALA EA 97 78.81 -23.86 32.97
C ALA EA 97 78.57 -25.39 32.89
N GLU EA 98 77.52 -25.82 32.19
CA GLU EA 98 77.28 -27.20 31.76
C GLU EA 98 76.84 -27.23 30.29
N VAL EA 99 77.53 -26.42 29.47
CA VAL EA 99 77.38 -26.34 28.00
C VAL EA 99 78.74 -26.37 27.31
N GLN EA 100 79.77 -25.78 27.89
CA GLN EA 100 81.15 -26.08 27.57
C GLN EA 100 81.49 -27.55 27.80
N LEU EA 101 80.81 -28.26 28.70
CA LEU EA 101 80.92 -29.73 28.79
C LEU EA 101 80.41 -30.43 27.53
N THR EA 102 79.28 -30.02 26.96
CA THR EA 102 78.77 -30.69 25.77
C THR EA 102 79.56 -30.31 24.52
N ASN EA 103 80.10 -29.09 24.43
CA ASN EA 103 81.12 -28.74 23.44
C ASN EA 103 82.40 -29.57 23.58
N SER EA 104 82.79 -29.92 24.80
CA SER EA 104 83.89 -30.83 25.13
C SER EA 104 83.58 -32.32 24.89
N GLY EA 105 82.49 -32.67 24.20
CA GLY EA 105 82.15 -34.02 23.78
C GLY EA 105 81.25 -34.83 24.70
N VAL EA 106 80.79 -34.28 25.82
CA VAL EA 106 79.93 -34.98 26.78
C VAL EA 106 78.48 -34.99 26.30
N GLN EA 107 77.88 -36.16 26.15
CA GLN EA 107 76.43 -36.33 26.00
C GLN EA 107 75.71 -36.35 27.35
N LEU EA 108 74.47 -35.89 27.44
CA LEU EA 108 73.67 -35.77 28.66
C LEU EA 108 72.28 -36.39 28.49
N ALA EA 109 71.74 -37.05 29.51
CA ALA EA 109 70.43 -37.69 29.47
C ALA EA 109 69.82 -37.90 30.85
N PHE EA 162 73.81 -32.66 38.08
CA PHE EA 162 74.23 -32.34 39.44
C PHE EA 162 75.63 -32.83 39.79
N THR EA 163 76.31 -33.54 38.89
CA THR EA 163 77.71 -33.99 39.08
C THR EA 163 78.75 -32.86 38.97
N PRO EA 164 78.64 -31.89 38.02
CA PRO EA 164 79.39 -30.64 38.03
C PRO EA 164 79.08 -29.71 39.24
N ARG EA 165 79.75 -28.55 39.33
CA ARG EA 165 79.78 -27.67 40.52
C ARG EA 165 78.39 -27.25 41.01
N GLN EA 166 78.25 -27.00 42.32
CA GLN EA 166 76.97 -26.86 43.02
C GLN EA 166 76.29 -25.49 42.85
N ALA EA 167 76.30 -24.93 41.64
CA ALA EA 167 75.54 -23.73 41.31
C ALA EA 167 74.06 -24.10 41.10
N VAL EA 168 73.18 -23.56 41.93
CA VAL EA 168 71.73 -23.68 41.78
C VAL EA 168 71.08 -22.31 41.94
N LEU EA 169 70.17 -21.94 41.06
CA LEU EA 169 69.57 -20.61 40.99
C LEU EA 169 68.14 -20.64 41.50
N THR EA 170 67.78 -19.70 42.36
CA THR EA 170 66.41 -19.45 42.81
C THR EA 170 65.85 -18.22 42.11
N LEU EA 171 64.67 -18.29 41.54
CA LEU EA 171 63.97 -17.16 40.93
C LEU EA 171 62.66 -16.85 41.68
N GLU EA 172 62.44 -15.60 42.04
CA GLU EA 172 61.17 -15.06 42.55
C GLU EA 172 60.18 -14.72 41.44
N SER EA 173 58.90 -14.59 41.77
CA SER EA 173 57.84 -14.13 40.86
C SER EA 173 56.67 -13.52 41.64
N SER EA 174 55.86 -12.66 41.04
CA SER EA 174 54.75 -11.91 41.68
C SER EA 174 53.35 -12.28 41.13
N SER EA 175 52.37 -11.37 41.14
CA SER EA 175 50.98 -11.55 40.63
C SER EA 175 50.32 -10.23 40.16
N SER EA 176 49.22 -10.35 39.41
CA SER EA 176 48.53 -9.33 38.62
C SER EA 176 48.27 -7.98 39.24
N GLN EA 177 47.90 -7.02 38.36
CA GLN EA 177 47.54 -5.65 38.64
C GLN EA 177 46.15 -5.58 39.25
N PRO EA 178 45.80 -4.60 40.09
CA PRO EA 178 44.44 -4.36 40.59
C PRO EA 178 43.38 -4.35 39.54
N ARG EA 179 42.17 -4.88 39.84
CA ARG EA 179 41.05 -4.87 38.91
C ARG EA 179 39.91 -4.12 39.51
N SER EA 180 39.16 -3.41 38.66
CA SER EA 180 38.01 -2.63 39.03
C SER EA 180 36.91 -3.20 38.21
N GLY EA 181 35.73 -3.41 38.82
CA GLY EA 181 34.63 -3.97 38.09
C GLY EA 181 33.54 -4.09 39.06
N GLY EA 182 32.65 -5.08 38.84
CA GLY EA 182 31.62 -5.45 39.77
C GLY EA 182 32.21 -6.08 40.99
N ILE EA 183 31.41 -6.13 42.08
CA ILE EA 183 31.82 -6.68 43.35
C ILE EA 183 31.66 -8.17 43.28
N GLY EA 184 32.47 -8.92 44.07
CA GLY EA 184 32.40 -10.36 44.19
C GLY EA 184 31.12 -10.82 44.82
N THR EA 185 30.88 -12.15 44.91
CA THR EA 185 29.64 -12.68 45.42
C THR EA 185 29.72 -12.83 46.93
N LEU EA 186 30.96 -12.93 47.47
CA LEU EA 186 31.18 -13.02 48.89
C LEU EA 186 31.05 -11.67 49.51
N GLN EA 187 31.29 -10.63 48.69
CA GLN EA 187 31.37 -9.26 49.14
C GLN EA 187 30.17 -8.55 48.64
N PHE EA 188 29.21 -9.26 47.99
CA PHE EA 188 27.96 -8.69 47.58
C PHE EA 188 27.10 -8.64 48.80
N VAL EA 189 27.17 -9.69 49.65
CA VAL EA 189 26.38 -9.86 50.84
C VAL EA 189 26.64 -8.75 51.84
N GLU EA 190 27.92 -8.36 52.00
CA GLU EA 190 28.34 -7.32 52.90
C GLU EA 190 28.10 -5.94 52.37
N GLU EA 191 28.04 -5.75 51.04
CA GLU EA 191 27.76 -4.46 50.45
C GLU EA 191 26.29 -4.22 50.24
N PHE EA 192 25.45 -5.25 50.35
CA PHE EA 192 24.05 -5.14 50.02
C PHE EA 192 23.25 -5.86 51.04
N THR EA 193 23.40 -5.42 52.32
CA THR EA 193 22.51 -5.75 53.41
C THR EA 193 21.19 -5.10 53.09
N PRO EA 194 20.01 -5.70 53.25
CA PRO EA 194 18.72 -5.10 52.90
C PRO EA 194 18.47 -3.76 53.52
N SER EA 195 17.84 -2.84 52.77
CA SER EA 195 17.66 -1.46 53.17
C SER EA 195 16.25 -1.28 53.61
N VAL EA 196 16.05 -0.43 54.65
CA VAL EA 196 14.75 -0.09 55.14
C VAL EA 196 14.58 1.37 54.84
N TYR EA 197 13.51 1.69 54.07
CA TYR EA 197 13.14 3.03 53.69
C TYR EA 197 11.98 3.31 54.61
N PHE EA 198 12.11 4.34 55.48
CA PHE EA 198 11.19 4.55 56.57
C PHE EA 198 10.12 5.55 56.30
N ASN EA 199 10.24 6.34 55.22
CA ASN EA 199 9.23 7.33 54.90
C ASN EA 199 9.07 7.14 53.43
N PRO EA 200 8.52 6.02 52.93
CA PRO EA 200 8.33 5.76 51.51
C PRO EA 200 7.87 6.93 50.70
N PHE EA 201 8.63 7.25 49.63
CA PHE EA 201 8.32 8.20 48.59
C PHE EA 201 7.83 9.52 49.11
N SER EA 202 8.56 10.09 50.09
CA SER EA 202 8.22 11.32 50.76
C SER EA 202 9.30 12.27 50.34
N GLY EA 203 8.93 13.53 50.04
CA GLY EA 203 9.86 14.55 49.63
C GLY EA 203 9.81 14.61 48.14
N SER EA 204 10.69 15.45 47.53
CA SER EA 204 10.79 15.59 46.10
C SER EA 204 11.38 14.36 45.47
N PRO EA 205 11.00 13.98 44.25
CA PRO EA 205 11.75 13.07 43.42
C PRO EA 205 13.13 13.61 43.17
N GLY EA 206 14.18 12.81 43.43
CA GLY EA 206 15.55 13.23 43.32
C GLY EA 206 16.19 12.89 44.63
N HIS EA 207 15.42 12.27 45.53
CA HIS EA 207 15.89 11.70 46.76
C HIS EA 207 15.20 10.39 46.88
N TYR EA 208 14.30 10.04 45.94
CA TYR EA 208 13.69 8.73 45.89
C TYR EA 208 14.75 7.74 45.49
N PRO EA 209 14.86 6.55 46.08
CA PRO EA 209 15.63 5.47 45.51
C PRO EA 209 15.08 5.04 44.18
N ASP EA 210 15.88 5.23 43.11
CA ASP EA 210 15.54 4.85 41.77
C ASP EA 210 16.41 3.68 41.44
N GLU EA 211 17.20 3.20 42.43
CA GLU EA 211 18.14 2.14 42.32
C GLU EA 211 17.52 0.89 42.89
N PHE EA 212 16.19 0.89 43.09
CA PHE EA 212 15.42 -0.27 43.45
C PHE EA 212 14.62 -0.64 42.23
N ILE EA 213 14.95 -0.06 41.05
CA ILE EA 213 14.20 -0.29 39.85
C ILE EA 213 15.13 -1.13 39.01
N PRO EA 214 14.75 -2.30 38.50
CA PRO EA 214 15.68 -3.19 37.82
C PRO EA 214 15.58 -2.92 36.33
N ASN EA 215 15.75 -1.65 35.91
CA ASN EA 215 15.60 -1.19 34.55
C ASN EA 215 16.26 0.15 34.48
N PHE EA 216 16.72 0.70 35.63
CA PHE EA 216 17.21 2.04 35.75
C PHE EA 216 18.70 2.01 35.54
N ASP EA 217 19.26 3.10 34.96
CA ASP EA 217 20.67 3.27 34.78
C ASP EA 217 20.95 4.63 35.34
N ALA EA 218 21.97 4.71 36.22
CA ALA EA 218 22.26 5.87 37.00
C ALA EA 218 23.36 6.67 36.39
N ILE EA 219 23.91 6.22 35.24
CA ILE EA 219 24.94 6.93 34.51
C ILE EA 219 24.32 7.40 33.22
N SER EA 220 23.00 7.62 33.24
CA SER EA 220 22.28 8.30 32.18
C SER EA 220 20.98 8.79 32.74
N GLU EA 221 20.63 8.35 33.98
CA GLU EA 221 19.49 8.76 34.78
C GLU EA 221 18.18 8.65 34.04
N SER EA 222 17.99 7.50 33.36
CA SER EA 222 16.86 7.22 32.53
C SER EA 222 16.59 5.77 32.77
N VAL EA 223 15.37 5.33 32.44
CA VAL EA 223 14.95 3.98 32.60
C VAL EA 223 14.57 3.58 31.20
N ASP EA 224 15.31 2.61 30.63
CA ASP EA 224 15.12 2.16 29.26
C ASP EA 224 15.29 0.69 29.36
N GLY EA 225 14.31 -0.06 28.82
CA GLY EA 225 14.29 -1.50 28.91
C GLY EA 225 14.05 -2.08 27.55
N TYR EA 226 13.78 -1.22 26.54
CA TYR EA 226 13.46 -1.56 25.18
C TYR EA 226 12.24 -2.43 25.07
N ASP EA 227 11.20 -2.07 25.87
CA ASP EA 227 9.89 -2.66 25.87
C ASP EA 227 8.94 -1.45 25.94
N MET FA 1 30.76 56.18 -4.48
CA MET FA 1 31.83 55.68 -5.38
C MET FA 1 32.64 54.66 -4.64
N SER FA 2 32.78 53.45 -5.24
CA SER FA 2 33.52 52.36 -4.65
C SER FA 2 34.10 51.55 -5.76
N LYS FA 3 35.30 50.98 -5.52
CA LYS FA 3 36.08 50.24 -6.50
C LYS FA 3 36.70 49.07 -5.79
N GLU FA 4 36.67 49.10 -4.43
CA GLU FA 4 37.25 48.12 -3.54
C GLU FA 4 38.74 48.08 -3.76
N ILE FA 5 39.35 46.87 -3.81
CA ILE FA 5 40.74 46.73 -4.17
C ILE FA 5 40.66 45.78 -5.34
N PRO FA 6 40.91 46.22 -6.57
CA PRO FA 6 41.00 45.38 -7.76
C PRO FA 6 42.00 44.27 -7.71
N THR FA 7 41.80 43.31 -8.65
CA THR FA 7 42.62 42.15 -8.90
C THR FA 7 43.96 42.65 -9.38
N PRO FA 8 45.10 42.11 -8.98
CA PRO FA 8 46.35 42.77 -9.26
C PRO FA 8 46.85 42.34 -10.60
N TYR FA 9 47.32 43.32 -11.39
CA TYR FA 9 47.90 43.16 -12.69
C TYR FA 9 49.17 42.40 -12.52
N MET FA 10 49.53 41.55 -13.49
CA MET FA 10 50.81 40.92 -13.45
C MET FA 10 51.28 40.92 -14.85
N TRP FA 11 52.54 41.41 -15.01
CA TRP FA 11 53.21 41.55 -16.26
C TRP FA 11 53.46 40.23 -16.89
N SER FA 12 53.25 40.17 -18.21
CA SER FA 12 53.45 38.99 -18.98
C SER FA 12 54.90 38.66 -19.01
N TYR FA 13 55.17 37.35 -18.99
CA TYR FA 13 56.46 36.78 -19.22
C TYR FA 13 56.33 36.52 -20.68
N GLN FA 14 57.24 37.13 -21.44
CA GLN FA 14 57.20 37.17 -22.86
C GLN FA 14 58.59 36.70 -23.14
N PRO FA 15 58.94 36.08 -24.26
CA PRO FA 15 59.82 34.93 -24.20
C PRO FA 15 61.23 35.33 -23.91
N GLN FA 16 61.87 36.00 -24.87
CA GLN FA 16 63.26 36.33 -24.83
C GLN FA 16 63.44 37.38 -25.88
N MET FA 17 62.50 37.38 -26.83
CA MET FA 17 62.51 38.20 -28.00
C MET FA 17 61.80 39.49 -27.69
N GLY FA 18 62.59 40.58 -27.46
CA GLY FA 18 62.06 41.87 -27.08
C GLY FA 18 62.42 42.20 -25.66
N LEU FA 19 61.53 43.04 -25.04
CA LEU FA 19 61.61 43.67 -23.74
C LEU FA 19 60.28 43.46 -23.06
N ALA FA 20 60.27 43.19 -21.72
CA ALA FA 20 59.06 42.84 -20.98
C ALA FA 20 58.05 43.96 -20.95
N ALA FA 21 56.79 43.67 -21.32
CA ALA FA 21 55.74 44.66 -21.34
C ALA FA 21 54.39 44.00 -21.40
N GLY FA 22 53.32 44.78 -21.11
CA GLY FA 22 51.96 44.28 -21.07
C GLY FA 22 51.68 43.63 -19.75
N ALA FA 23 50.40 43.63 -19.32
CA ALA FA 23 50.01 42.95 -18.11
C ALA FA 23 48.53 42.74 -18.17
N ALA FA 24 48.02 41.84 -17.31
CA ALA FA 24 46.62 41.52 -17.25
C ALA FA 24 46.33 41.08 -15.85
N GLN FA 25 45.08 41.31 -15.39
CA GLN FA 25 44.57 40.82 -14.13
C GLN FA 25 44.49 39.30 -14.08
N ASP FA 26 44.75 38.71 -12.89
CA ASP FA 26 44.79 37.29 -12.56
C ASP FA 26 43.66 36.38 -13.06
N TYR FA 27 43.96 35.05 -13.00
CA TYR FA 27 43.18 33.95 -13.50
C TYR FA 27 43.40 32.83 -12.52
N SER FA 28 43.35 33.15 -11.23
CA SER FA 28 43.59 32.23 -10.16
C SER FA 28 42.96 32.90 -9.00
N THR FA 29 41.73 33.42 -9.25
CA THR FA 29 41.06 34.31 -8.35
C THR FA 29 39.62 34.36 -8.76
N ARG FA 30 39.25 33.83 -9.95
CA ARG FA 30 37.90 33.98 -10.49
C ARG FA 30 37.16 32.77 -9.99
N MET FA 31 35.82 32.90 -9.78
CA MET FA 31 35.13 31.89 -9.01
C MET FA 31 33.71 31.77 -9.46
N ASN FA 32 33.08 30.68 -8.96
CA ASN FA 32 31.68 30.42 -9.06
C ASN FA 32 31.16 31.10 -7.84
N TRP FA 33 29.97 31.72 -7.96
CA TRP FA 33 29.33 32.42 -6.87
C TRP FA 33 27.88 32.33 -7.16
N LEU FA 34 27.07 32.84 -6.19
CA LEU FA 34 25.66 32.58 -6.02
C LEU FA 34 25.66 31.35 -5.18
N SER FA 35 26.66 31.26 -4.26
CA SER FA 35 26.84 30.10 -3.45
C SER FA 35 27.23 30.51 -2.09
N ALA FA 36 27.95 31.63 -1.92
CA ALA FA 36 28.50 31.96 -0.63
C ALA FA 36 27.75 33.06 0.00
N GLY FA 37 27.04 32.75 1.12
CA GLY FA 37 26.30 33.68 1.94
C GLY FA 37 27.20 34.73 2.55
N PRO FA 38 26.67 35.74 3.20
CA PRO FA 38 27.42 36.92 3.58
C PRO FA 38 28.48 36.73 4.63
N ALA FA 39 28.44 35.65 5.43
CA ALA FA 39 29.50 35.34 6.36
C ALA FA 39 30.80 35.08 5.67
N MET FA 40 30.77 34.28 4.57
CA MET FA 40 31.94 33.87 3.86
C MET FA 40 32.50 34.94 2.96
N ILE FA 41 31.69 35.96 2.58
CA ILE FA 41 32.13 37.10 1.79
C ILE FA 41 33.16 37.91 2.51
N SER FA 42 32.98 38.12 3.83
CA SER FA 42 33.85 38.88 4.68
C SER FA 42 35.22 38.29 4.70
N ARG FA 43 35.30 36.94 4.84
CA ARG FA 43 36.54 36.19 4.78
C ARG FA 43 37.19 36.30 3.42
N VAL FA 44 36.41 36.13 2.33
CA VAL FA 44 36.85 36.11 0.95
C VAL FA 44 37.49 37.42 0.57
N ASN FA 45 36.94 38.57 1.04
CA ASN FA 45 37.36 39.87 0.59
C ASN FA 45 38.10 40.53 1.72
N ASP FA 46 38.78 39.74 2.57
CA ASP FA 46 39.77 40.28 3.47
C ASP FA 46 40.95 39.37 3.38
N ILE FA 47 40.78 38.16 2.80
CA ILE FA 47 41.85 37.36 2.25
C ILE FA 47 42.45 38.06 1.08
N ARG FA 48 41.60 38.63 0.18
CA ARG FA 48 42.03 39.37 -0.99
C ARG FA 48 42.80 40.60 -0.59
N ALA FA 49 42.33 41.30 0.46
CA ALA FA 49 42.88 42.52 0.99
C ALA FA 49 44.26 42.33 1.51
N HIS FA 50 44.45 41.19 2.22
CA HIS FA 50 45.68 40.76 2.82
C HIS FA 50 46.72 40.51 1.77
N ARG FA 51 46.31 39.93 0.62
CA ARG FA 51 47.16 39.62 -0.48
C ARG FA 51 47.80 40.84 -1.04
N ASN FA 52 47.03 41.95 -1.16
CA ASN FA 52 47.50 43.21 -1.67
C ASN FA 52 48.61 43.78 -0.82
N GLN FA 53 48.53 43.62 0.53
CA GLN FA 53 49.56 44.02 1.46
C GLN FA 53 50.87 43.34 1.21
N ILE FA 54 50.84 42.03 0.90
CA ILE FA 54 51.97 41.19 0.58
C ILE FA 54 52.68 41.72 -0.65
N LEU FA 55 51.91 42.14 -1.68
CA LEU FA 55 52.41 42.59 -2.96
C LEU FA 55 53.02 43.95 -2.87
N LEU FA 56 52.59 44.75 -1.87
CA LEU FA 56 52.96 46.13 -1.74
C LEU FA 56 54.15 46.22 -0.83
N GLU FA 57 54.65 45.05 -0.37
CA GLU FA 57 55.88 44.99 0.35
C GLU FA 57 56.79 44.02 -0.36
N GLN FA 58 56.41 43.53 -1.56
CA GLN FA 58 57.36 42.90 -2.46
C GLN FA 58 57.69 43.87 -3.56
N SER FA 59 57.15 45.11 -3.49
CA SER FA 59 57.45 46.17 -4.40
C SER FA 59 58.32 47.15 -3.70
N ALA FA 60 59.02 46.70 -2.64
CA ALA FA 60 59.76 47.58 -1.80
C ALA FA 60 60.87 46.80 -1.17
N LEU FA 61 60.88 45.45 -1.32
CA LEU FA 61 61.96 44.64 -0.82
C LEU FA 61 62.59 43.85 -1.95
N THR FA 62 62.17 44.05 -3.22
CA THR FA 62 62.79 43.32 -4.31
C THR FA 62 62.80 44.19 -5.54
N ALA FA 63 61.93 45.22 -5.62
CA ALA FA 63 61.81 46.03 -6.81
C ALA FA 63 62.70 47.21 -6.60
N THR FA 64 63.52 47.55 -7.62
CA THR FA 64 64.37 48.73 -7.57
C THR FA 64 63.58 49.93 -8.05
N PRO FA 65 63.79 51.15 -7.55
CA PRO FA 65 63.13 52.37 -8.00
C PRO FA 65 63.20 52.63 -9.48
N ARG FA 66 62.10 53.12 -10.09
CA ARG FA 66 62.04 53.45 -11.49
C ARG FA 66 61.00 54.52 -11.60
N ASN FA 67 61.04 55.31 -12.70
CA ASN FA 67 60.03 56.29 -13.03
C ASN FA 67 59.19 55.76 -14.16
N HIS FA 68 59.42 54.51 -14.59
CA HIS FA 68 58.79 53.88 -15.70
C HIS FA 68 58.58 52.48 -15.24
N LEU FA 69 57.39 51.90 -15.52
CA LEU FA 69 57.12 50.52 -15.29
C LEU FA 69 58.03 49.65 -16.12
N ASN FA 70 58.19 49.99 -17.43
CA ASN FA 70 59.00 49.21 -18.33
C ASN FA 70 59.93 50.21 -18.96
N PRO FA 71 61.20 50.32 -18.56
CA PRO FA 71 62.05 51.41 -19.00
C PRO FA 71 62.54 51.19 -20.41
N ARG FA 72 62.54 49.92 -20.88
CA ARG FA 72 62.84 49.51 -22.24
C ARG FA 72 64.32 49.47 -22.48
N ASN FA 73 65.13 49.52 -21.41
CA ASN FA 73 66.56 49.46 -21.45
C ASN FA 73 66.90 49.74 -20.02
N TRP FA 74 67.62 48.81 -19.38
CA TRP FA 74 68.02 48.92 -18.00
C TRP FA 74 69.49 49.17 -18.03
N PRO FA 75 70.05 50.18 -17.35
CA PRO FA 75 71.47 50.43 -17.22
C PRO FA 75 72.30 49.28 -16.72
N ALA FA 76 73.64 49.43 -16.82
CA ALA FA 76 74.64 48.50 -16.34
C ALA FA 76 74.57 48.26 -14.87
N ALA FA 77 74.27 49.32 -14.08
CA ALA FA 77 74.19 49.26 -12.65
C ALA FA 77 72.96 48.56 -12.16
N LEU FA 78 71.94 48.39 -13.03
CA LEU FA 78 70.63 47.96 -12.62
C LEU FA 78 70.31 46.62 -13.23
N VAL FA 79 71.33 45.90 -13.76
CA VAL FA 79 71.19 44.54 -14.21
C VAL FA 79 72.33 43.80 -13.58
N TYR FA 80 72.09 42.53 -13.21
CA TYR FA 80 73.12 41.68 -12.64
C TYR FA 80 74.11 41.31 -13.69
N GLN FA 81 75.40 41.63 -13.43
CA GLN FA 81 76.49 41.28 -14.30
C GLN FA 81 76.95 39.96 -13.81
N GLU FA 82 76.93 38.92 -14.69
CA GLU FA 82 77.37 37.59 -14.38
C GLU FA 82 78.85 37.63 -14.60
N ILE FA 83 79.62 37.81 -13.49
CA ILE FA 83 81.05 37.96 -13.53
C ILE FA 83 81.67 36.87 -12.68
N PRO FA 84 82.48 35.95 -13.23
CA PRO FA 84 83.09 34.88 -12.47
C PRO FA 84 84.43 35.38 -11.99
N GLN FA 85 85.15 34.55 -11.20
CA GLN FA 85 86.48 34.83 -10.68
C GLN FA 85 87.50 34.85 -11.81
N PRO FA 86 88.61 35.60 -11.72
CA PRO FA 86 89.74 35.55 -12.65
C PRO FA 86 90.25 34.14 -12.89
N THR FA 87 90.80 33.88 -14.09
CA THR FA 87 91.25 32.58 -14.47
C THR FA 87 92.72 32.75 -14.68
N THR FA 88 93.52 31.86 -14.04
CA THR FA 88 94.94 31.85 -14.11
C THR FA 88 95.26 30.47 -14.63
N VAL FA 89 96.07 30.43 -15.71
CA VAL FA 89 96.52 29.21 -16.32
C VAL FA 89 97.99 29.38 -16.46
N LEU FA 90 98.76 28.42 -15.88
CA LEU FA 90 100.21 28.39 -15.92
C LEU FA 90 100.71 28.22 -17.32
N LEU FA 91 101.92 28.76 -17.56
CA LEU FA 91 102.61 28.74 -18.82
C LEU FA 91 103.70 27.73 -18.61
N PRO FA 92 103.65 26.58 -19.32
CA PRO FA 92 104.44 25.39 -19.02
C PRO FA 92 105.86 25.42 -19.61
N ARG FA 93 106.01 25.84 -20.87
CA ARG FA 93 107.30 25.95 -21.55
C ARG FA 93 108.12 27.11 -21.02
N ASP FA 94 109.43 27.07 -21.25
CA ASP FA 94 110.31 28.23 -21.13
C ASP FA 94 110.80 28.61 -22.54
N ALA FA 95 110.38 29.78 -23.03
CA ALA FA 95 110.48 30.12 -24.42
C ALA FA 95 111.89 30.45 -24.81
N GLN FA 96 112.75 30.73 -23.81
CA GLN FA 96 114.11 31.17 -24.06
C GLN FA 96 115.06 30.01 -23.87
N ALA FA 97 114.58 28.86 -23.36
CA ALA FA 97 115.42 27.71 -23.14
C ALA FA 97 115.17 26.70 -24.20
N GLU FA 98 114.11 26.75 -25.00
CA GLU FA 98 113.98 25.86 -26.16
C GLU FA 98 114.90 26.34 -27.27
N VAL FA 99 115.18 27.65 -27.38
CA VAL FA 99 115.91 28.15 -28.51
C VAL FA 99 117.38 28.05 -28.18
N GLN FA 100 117.71 27.49 -27.01
CA GLN FA 100 119.06 27.27 -26.56
C GLN FA 100 119.27 25.79 -26.43
N LEU FA 101 118.31 24.94 -26.80
CA LEU FA 101 118.49 23.51 -26.79
C LEU FA 101 118.23 22.94 -28.15
N THR FA 102 117.33 23.54 -28.93
CA THR FA 102 117.03 23.13 -30.31
C THR FA 102 118.20 23.30 -31.30
N ASN FA 103 119.38 23.62 -30.79
CA ASN FA 103 120.62 23.81 -31.50
C ASN FA 103 121.27 22.49 -31.77
N SER FA 104 120.93 21.47 -30.98
CA SER FA 104 121.41 20.10 -31.12
C SER FA 104 120.53 19.12 -30.36
N GLY FA 105 119.89 19.51 -29.25
CA GLY FA 105 118.78 18.79 -28.65
C GLY FA 105 117.55 18.73 -29.56
N VAL FA 106 116.77 17.66 -29.48
CA VAL FA 106 115.45 17.50 -30.10
C VAL FA 106 114.50 16.97 -29.04
N GLN FA 107 113.22 17.37 -29.09
CA GLN FA 107 112.28 17.20 -27.98
C GLN FA 107 110.91 16.62 -28.40
N LEU FA 108 110.46 15.55 -27.73
CA LEU FA 108 109.09 15.03 -27.72
C LEU FA 108 108.32 15.63 -26.54
N ALA FA 109 107.02 15.84 -26.68
CA ALA FA 109 106.19 16.53 -25.69
C ALA FA 109 106.15 16.18 -24.20
N SER FA 160 110.26 19.77 -18.22
CA SER FA 160 110.47 20.42 -16.92
C SER FA 160 111.84 20.09 -16.30
N SER FA 161 112.71 19.38 -17.01
CA SER FA 161 113.98 18.86 -16.48
C SER FA 161 115.17 19.81 -16.61
N PHE FA 162 115.25 20.60 -17.68
CA PHE FA 162 116.38 21.47 -18.00
C PHE FA 162 116.21 22.93 -17.58
N THR FA 163 115.07 23.32 -16.99
CA THR FA 163 114.83 24.68 -16.47
C THR FA 163 114.08 24.65 -15.14
N PRO FA 164 114.42 25.50 -14.16
CA PRO FA 164 113.62 25.68 -12.95
C PRO FA 164 112.42 26.59 -13.16
N ARG FA 165 112.36 27.38 -14.24
CA ARG FA 165 111.37 28.45 -14.40
C ARG FA 165 109.96 27.92 -14.60
N GLN FA 166 108.97 28.58 -14.01
CA GLN FA 166 107.54 28.47 -14.35
C GLN FA 166 106.92 29.86 -14.28
N ALA FA 167 105.84 30.09 -15.02
CA ALA FA 167 105.19 31.39 -15.11
C ALA FA 167 103.65 31.23 -15.11
N VAL FA 168 102.91 32.32 -14.90
CA VAL FA 168 101.48 32.31 -14.85
C VAL FA 168 101.04 33.49 -15.67
N LEU FA 169 99.74 33.46 -16.04
CA LEU FA 169 99.13 34.36 -16.97
C LEU FA 169 97.76 34.52 -16.41
N THR FA 170 97.22 35.76 -16.30
CA THR FA 170 95.90 35.92 -15.73
C THR FA 170 95.19 36.91 -16.62
N LEU FA 171 95.52 38.22 -16.54
CA LEU FA 171 95.00 39.29 -17.37
C LEU FA 171 93.59 39.69 -16.97
N GLU FA 172 93.10 39.15 -15.82
CA GLU FA 172 91.72 39.19 -15.37
C GLU FA 172 90.78 38.69 -16.44
N SER FA 173 90.77 37.36 -16.65
CA SER FA 173 89.99 36.70 -17.69
C SER FA 173 88.59 36.40 -17.22
N SER FA 174 87.75 37.44 -17.09
CA SER FA 174 86.38 37.30 -16.65
C SER FA 174 85.67 38.60 -16.87
N SER FA 175 86.41 39.63 -17.32
CA SER FA 175 85.91 40.95 -17.61
C SER FA 175 85.23 40.98 -18.96
N SER FA 176 84.74 42.19 -19.32
CA SER FA 176 83.92 42.49 -20.45
C SER FA 176 83.26 43.78 -20.07
N GLN FA 177 82.93 44.59 -21.09
CA GLN FA 177 82.35 45.91 -20.96
C GLN FA 177 80.88 45.75 -20.65
N PRO FA 178 80.28 46.37 -19.62
CA PRO FA 178 78.98 46.00 -19.06
C PRO FA 178 77.85 45.89 -20.05
N ARG FA 179 77.02 44.83 -19.89
CA ARG FA 179 75.83 44.57 -20.66
C ARG FA 179 74.75 45.39 -20.04
N SER FA 180 73.91 46.03 -20.87
CA SER FA 180 73.05 47.10 -20.41
C SER FA 180 71.82 47.12 -21.24
N GLY FA 181 71.35 45.95 -21.73
CA GLY FA 181 70.12 45.82 -22.47
C GLY FA 181 68.95 45.72 -21.52
N GLY FA 182 67.91 44.97 -21.93
CA GLY FA 182 66.69 44.73 -21.21
C GLY FA 182 66.90 44.00 -19.91
N ILE FA 183 65.79 43.82 -19.15
CA ILE FA 183 65.66 43.20 -17.83
C ILE FA 183 66.71 42.18 -17.50
N GLY FA 184 67.31 42.26 -16.29
CA GLY FA 184 68.36 41.39 -15.79
C GLY FA 184 68.10 39.91 -15.88
N THR FA 185 69.17 39.11 -15.65
CA THR FA 185 69.14 37.67 -15.74
C THR FA 185 68.24 37.02 -14.71
N LEU FA 186 68.32 37.46 -13.43
CA LEU FA 186 67.50 36.89 -12.39
C LEU FA 186 66.44 37.88 -11.95
N GLN FA 187 66.33 39.03 -12.66
CA GLN FA 187 65.52 40.13 -12.18
C GLN FA 187 64.15 40.32 -12.72
N PHE FA 188 63.60 39.47 -13.61
CA PHE FA 188 62.21 39.66 -13.97
C PHE FA 188 61.26 39.49 -12.81
N VAL FA 189 61.46 38.43 -12.00
CA VAL FA 189 60.62 38.15 -10.87
C VAL FA 189 60.71 39.20 -9.80
N GLU FA 190 61.94 39.70 -9.54
CA GLU FA 190 62.22 40.71 -8.56
C GLU FA 190 61.56 42.03 -8.79
N GLU FA 191 61.57 42.51 -10.05
CA GLU FA 191 61.21 43.87 -10.36
C GLU FA 191 59.82 43.98 -10.88
N PHE FA 192 59.17 42.85 -11.18
CA PHE FA 192 57.82 42.83 -11.67
C PHE FA 192 57.07 41.86 -10.83
N THR FA 193 56.88 42.21 -9.54
CA THR FA 193 55.97 41.50 -8.68
C THR FA 193 54.65 42.19 -8.92
N PRO FA 194 53.49 41.54 -8.92
CA PRO FA 194 52.20 42.11 -9.32
C PRO FA 194 51.89 43.47 -8.77
N SER FA 195 51.27 44.35 -9.56
CA SER FA 195 51.01 45.72 -9.19
C SER FA 195 49.54 45.88 -9.09
N VAL FA 196 49.08 46.65 -8.10
CA VAL FA 196 47.71 46.70 -7.71
C VAL FA 196 47.31 48.13 -7.92
N TYR FA 197 46.16 48.34 -8.61
CA TYR FA 197 45.76 49.63 -9.12
C TYR FA 197 44.48 49.91 -8.40
N PHE FA 198 44.60 50.61 -7.26
CA PHE FA 198 43.55 50.85 -6.29
C PHE FA 198 42.33 51.57 -6.78
N ASN FA 199 42.52 52.66 -7.53
CA ASN FA 199 41.42 53.42 -8.07
C ASN FA 199 41.80 53.43 -9.52
N PRO FA 200 41.26 52.56 -10.36
CA PRO FA 200 41.75 52.42 -11.69
C PRO FA 200 41.12 53.42 -12.61
N PHE FA 201 41.94 53.98 -13.51
CA PHE FA 201 41.58 54.93 -14.54
C PHE FA 201 40.90 56.16 -14.03
N SER FA 202 41.55 56.85 -13.08
CA SER FA 202 41.06 58.05 -12.48
C SER FA 202 42.16 59.04 -12.66
N GLY FA 203 41.84 60.16 -13.35
CA GLY FA 203 42.80 61.14 -13.80
C GLY FA 203 42.61 61.20 -15.27
N SER FA 204 43.51 61.90 -15.98
CA SER FA 204 43.49 61.99 -17.42
C SER FA 204 44.69 61.24 -17.92
N PRO FA 205 44.73 60.74 -19.15
CA PRO FA 205 45.95 60.28 -19.83
C PRO FA 205 47.20 61.08 -19.55
N GLY FA 206 48.32 60.38 -19.30
CA GLY FA 206 49.54 61.00 -18.84
C GLY FA 206 49.65 60.74 -17.38
N HIS FA 207 48.90 59.73 -16.89
CA HIS FA 207 48.87 59.37 -15.51
C HIS FA 207 48.25 58.00 -15.45
N TYR FA 208 47.68 57.52 -16.58
CA TYR FA 208 47.35 56.13 -16.79
C TYR FA 208 48.60 55.31 -16.98
N PRO FA 209 48.61 54.04 -16.61
CA PRO FA 209 49.70 53.12 -16.91
C PRO FA 209 49.35 52.54 -18.26
N ASP FA 210 49.93 53.12 -19.34
CA ASP FA 210 49.77 52.63 -20.68
C ASP FA 210 50.81 51.61 -21.00
N GLU FA 211 51.62 51.23 -20.00
CA GLU FA 211 52.65 50.24 -20.12
C GLU FA 211 52.12 48.91 -19.62
N PHE FA 212 50.78 48.81 -19.40
CA PHE FA 212 50.07 47.58 -19.17
C PHE FA 212 49.49 47.11 -20.47
N ILE FA 213 49.72 47.83 -21.57
CA ILE FA 213 49.15 47.53 -22.86
C ILE FA 213 50.28 46.89 -23.61
N PRO FA 214 50.18 45.68 -24.16
CA PRO FA 214 51.29 44.99 -24.78
C PRO FA 214 51.66 45.58 -26.12
N ASN FA 215 50.74 46.30 -26.79
CA ASN FA 215 50.95 46.80 -28.14
C ASN FA 215 51.43 48.23 -28.05
N PHE FA 216 51.82 48.69 -26.84
CA PHE FA 216 52.31 50.02 -26.62
C PHE FA 216 53.78 50.06 -26.88
N ASP FA 217 54.25 51.21 -27.36
CA ASP FA 217 55.62 51.56 -27.56
C ASP FA 217 55.77 52.77 -26.69
N ALA FA 218 56.80 52.79 -25.82
CA ALA FA 218 56.98 53.82 -24.84
C ALA FA 218 58.10 54.73 -25.24
N ILE FA 219 58.69 54.47 -26.44
CA ILE FA 219 59.79 55.21 -26.98
C ILE FA 219 59.21 56.13 -28.04
N SER FA 220 57.88 56.02 -28.30
CA SER FA 220 57.20 56.90 -29.21
C SER FA 220 55.91 57.34 -28.58
N GLU FA 221 55.44 56.60 -27.53
CA GLU FA 221 54.18 56.85 -26.84
C GLU FA 221 53.05 56.75 -27.81
N SER FA 222 52.96 55.56 -28.43
CA SER FA 222 52.16 55.31 -29.58
C SER FA 222 51.82 53.86 -29.49
N VAL FA 223 50.67 53.49 -30.07
CA VAL FA 223 50.22 52.13 -30.12
C VAL FA 223 50.13 51.94 -31.59
N ASP FA 224 50.71 50.81 -32.04
CA ASP FA 224 50.89 50.47 -33.43
C ASP FA 224 50.20 49.21 -33.76
N GLY FA 225 49.89 49.05 -35.07
CA GLY FA 225 49.08 48.00 -35.63
C GLY FA 225 49.99 46.86 -35.85
N TYR FA 226 49.83 45.81 -35.00
CA TYR FA 226 50.68 44.66 -35.00
C TYR FA 226 50.69 43.91 -36.29
N ASP FA 227 51.94 43.65 -36.71
CA ASP FA 227 52.31 42.94 -37.89
C ASP FA 227 53.16 41.83 -37.28
#